data_7AEK
#
_entry.id   7AEK
#
_entity_poly.entity_id   1
_entity_poly.type   'polypeptide(L)'
_entity_poly.pdbx_seq_one_letter_code
;MATYKTPGVYIEEITKFPPSVAQVETAIPAFIGYTQFARTKPSVDSDDLILKPKRISSLLDFTTYYGGAQNEQGITVKLT
DTLIEGAENRTINVPEPTFKSPYLMFYSLQMYFANGGGPCYIVSTGVYDDWSDSETPPTINFSDLESGLAVIRKEDEPTL
LLFPDATNLPTDDEFYSLYNSALMQCNDLQDRFTILDTYSDQTYNDGVEDLDPIPALRNGINLTKDYLKYGAAYYPFVQT
ILNYQYSADEIVIQHLSYNPNAIATALDNLNAVNGPTFIDAILDDLRDLSLPDISGEISDAVGFMYDDVDGFDIDGTFTT
NSVKVANFASLVESVLSTLNELIDAKEEINKDVNSAIASSEEDNAIKTAISDALDVFNEDFEGADKIESVAKNLSDLLIK
IKQADTNTKVENVLSINALNFSAEFEKLLTYDVNTGLTASVTLDLFANIGTRLDDIIAAVSAAEPIDVNNGKLNGRLLSD
IEPLDNATYNTILLEINSHKVTLPPSSSMAGAYARVDNDRGVWKSPANIGLNYVSKPSVTVSHEEQESMNVHGTGKSVNA
IRSFVGKGTLVWGARTLAGNDNEWRYISVRRFFNMAEESIKKATEQFVFEPNDGNTWVRVRAMIENFLILQWRAGALAGA
KPEHAFYVKVGLGQTMTAQDILEGNMNVEIGLAVVRPAEFIILKFSHKMQES
;
_entity_poly.pdbx_strand_id   3A,3B,3C,3D,3E,3F,4A,4B,4C,4D,4E,4F,5A,5B,5C,5D,5E,5F
#
# COMPACT_ATOMS: atom_id res chain seq x y z
N ALA A 2 23.39 25.94 -66.39
CA ALA A 2 23.04 24.90 -65.44
C ALA A 2 23.20 23.51 -66.04
N THR A 3 23.36 23.45 -67.36
CA THR A 3 23.55 22.21 -68.09
C THR A 3 24.92 22.21 -68.74
N TYR A 4 25.69 21.15 -68.51
CA TYR A 4 27.05 21.05 -69.01
C TYR A 4 27.24 19.76 -69.79
N LYS A 5 27.71 19.87 -71.02
CA LYS A 5 27.95 18.75 -71.91
C LYS A 5 29.40 18.56 -72.31
N THR A 6 30.15 19.63 -72.50
CA THR A 6 31.56 19.45 -72.80
C THR A 6 32.41 19.51 -71.53
N PRO A 7 33.45 18.68 -71.43
CA PRO A 7 34.25 18.64 -70.21
C PRO A 7 35.08 19.90 -69.95
N GLY A 8 35.22 20.24 -68.68
CA GLY A 8 36.06 21.36 -68.28
C GLY A 8 35.66 21.89 -66.92
N VAL A 9 36.03 23.15 -66.68
CA VAL A 9 35.75 23.87 -65.44
C VAL A 9 34.76 24.99 -65.77
N TYR A 10 33.81 25.23 -64.86
CA TYR A 10 32.79 26.26 -65.05
C TYR A 10 32.68 27.11 -63.79
N ILE A 11 32.16 28.32 -63.97
CA ILE A 11 32.06 29.33 -62.90
C ILE A 11 30.60 29.75 -62.78
N GLU A 12 30.07 29.68 -61.55
CA GLU A 12 28.70 30.09 -61.23
C GLU A 12 28.73 31.14 -60.12
N GLU A 13 27.86 32.14 -60.22
CA GLU A 13 27.69 33.14 -59.16
C GLU A 13 26.30 33.01 -58.56
N ILE A 14 26.23 33.02 -57.23
CA ILE A 14 24.99 32.85 -56.49
C ILE A 14 24.67 34.16 -55.77
N THR A 15 23.42 34.61 -55.90
CA THR A 15 22.97 35.88 -55.32
C THR A 15 22.37 35.66 -53.95
N LYS A 16 22.91 36.36 -52.94
CA LYS A 16 22.45 36.20 -51.57
C LYS A 16 21.98 37.50 -50.94
N PHE A 17 22.70 38.61 -51.14
CA PHE A 17 22.37 39.84 -50.44
C PHE A 17 21.16 40.51 -51.10
N PRO A 18 20.29 41.15 -50.31
CA PRO A 18 19.20 41.95 -50.89
C PRO A 18 19.72 43.27 -51.43
N PRO A 19 19.01 43.89 -52.37
CA PRO A 19 19.36 45.26 -52.77
C PRO A 19 18.88 46.27 -51.73
N SER A 20 19.23 47.53 -51.95
CA SER A 20 18.87 48.60 -51.03
C SER A 20 17.95 49.62 -51.70
N VAL A 21 17.15 50.28 -50.87
CA VAL A 21 16.20 51.29 -51.31
C VAL A 21 16.88 52.65 -51.38
N ALA A 22 16.53 53.44 -52.40
CA ALA A 22 17.07 54.77 -52.60
C ALA A 22 16.00 55.82 -52.30
N GLN A 23 16.31 56.77 -51.43
CA GLN A 23 15.32 57.72 -50.92
C GLN A 23 15.08 58.86 -51.89
N VAL A 24 13.81 59.28 -52.00
CA VAL A 24 13.39 60.33 -52.93
C VAL A 24 13.36 61.69 -52.23
N GLU A 25 13.36 62.75 -53.03
CA GLU A 25 13.24 64.11 -52.53
C GLU A 25 11.85 64.35 -51.96
N THR A 26 11.75 65.26 -50.98
CA THR A 26 10.49 65.47 -50.27
C THR A 26 9.82 66.81 -50.54
N ALA A 27 10.56 67.87 -50.88
CA ALA A 27 9.97 69.19 -51.08
C ALA A 27 10.50 69.83 -52.36
N ILE A 28 9.84 69.53 -53.47
CA ILE A 28 10.05 70.19 -54.76
C ILE A 28 8.70 70.75 -55.21
N PRO A 29 8.49 72.06 -55.15
CA PRO A 29 7.21 72.63 -55.59
C PRO A 29 7.14 72.95 -57.08
N ALA A 30 5.93 73.24 -57.53
CA ALA A 30 5.66 73.66 -58.90
C ALA A 30 4.79 74.91 -58.88
N PHE A 31 5.21 75.95 -59.59
CA PHE A 31 4.49 77.22 -59.66
C PHE A 31 3.85 77.36 -61.03
N ILE A 32 2.55 77.63 -61.05
CA ILE A 32 1.73 77.64 -62.27
C ILE A 32 1.05 79.00 -62.39
N GLY A 33 1.43 79.77 -63.42
CA GLY A 33 0.88 81.10 -63.59
C GLY A 33 1.51 81.82 -64.77
N TYR A 34 1.31 83.14 -64.80
CA TYR A 34 1.71 83.99 -65.92
C TYR A 34 3.10 84.58 -65.72
N THR A 35 3.86 84.68 -66.81
CA THR A 35 5.20 85.26 -66.78
C THR A 35 5.30 86.40 -67.78
N GLN A 36 6.48 87.01 -67.87
CA GLN A 36 6.69 88.11 -68.80
C GLN A 36 6.98 87.63 -70.22
N PHE A 37 7.96 86.74 -70.42
CA PHE A 37 8.14 86.25 -71.79
C PHE A 37 8.29 84.73 -72.01
N ALA A 38 8.94 83.98 -71.13
CA ALA A 38 9.11 82.51 -71.23
C ALA A 38 9.85 82.07 -72.50
N ARG A 39 11.15 82.37 -72.55
CA ARG A 39 11.97 82.07 -73.72
C ARG A 39 13.10 81.09 -73.39
N THR A 40 13.41 80.17 -74.30
CA THR A 40 14.56 79.28 -74.11
C THR A 40 15.87 80.00 -74.39
N LYS A 41 15.92 80.79 -75.45
CA LYS A 41 17.08 81.63 -75.73
C LYS A 41 16.69 83.07 -75.49
N PRO A 42 17.33 83.76 -74.53
CA PRO A 42 16.84 85.08 -74.12
C PRO A 42 17.01 86.17 -75.16
N SER A 43 17.94 86.02 -76.10
CA SER A 43 18.13 87.05 -77.11
C SER A 43 17.09 86.92 -78.23
N VAL A 44 16.77 85.69 -78.63
CA VAL A 44 15.80 85.45 -79.70
C VAL A 44 14.39 85.55 -79.14
N ASP A 45 13.55 86.38 -79.77
CA ASP A 45 12.23 86.75 -79.25
C ASP A 45 11.19 85.74 -79.71
N SER A 46 11.08 84.64 -78.98
CA SER A 46 10.08 83.61 -79.28
C SER A 46 9.68 82.91 -77.99
N ASP A 47 8.38 82.90 -77.70
CA ASP A 47 7.85 82.30 -76.48
C ASP A 47 7.59 80.82 -76.74
N ASP A 48 8.65 80.02 -76.71
CA ASP A 48 8.52 78.57 -76.91
C ASP A 48 8.50 77.78 -75.61
N LEU A 49 8.44 78.45 -74.46
CA LEU A 49 8.29 77.80 -73.17
C LEU A 49 6.91 77.98 -72.56
N ILE A 50 5.86 78.05 -73.38
CA ILE A 50 4.54 78.48 -72.90
C ILE A 50 3.93 77.43 -71.96
N LEU A 51 3.81 76.18 -72.42
CA LEU A 51 3.27 75.14 -71.56
C LEU A 51 4.25 73.97 -71.38
N LYS A 52 5.53 74.28 -71.15
CA LYS A 52 6.56 73.27 -70.92
C LYS A 52 7.13 73.45 -69.52
N PRO A 53 7.12 72.41 -68.68
CA PRO A 53 7.73 72.54 -67.34
C PRO A 53 9.25 72.58 -67.42
N LYS A 54 9.83 73.49 -66.65
CA LYS A 54 11.28 73.69 -66.62
C LYS A 54 11.77 73.80 -65.18
N ARG A 55 12.89 73.16 -64.90
CA ARG A 55 13.48 73.13 -63.57
C ARG A 55 14.55 74.21 -63.44
N ILE A 56 14.37 75.13 -62.50
CA ILE A 56 15.30 76.22 -62.22
C ILE A 56 15.89 76.00 -60.83
N SER A 57 16.85 76.84 -60.46
CA SER A 57 17.58 76.66 -59.21
C SER A 57 17.69 77.92 -58.35
N SER A 58 17.48 79.10 -58.91
CA SER A 58 17.62 80.33 -58.14
C SER A 58 16.74 81.41 -58.77
N LEU A 59 16.72 82.57 -58.13
CA LEU A 59 15.95 83.70 -58.66
C LEU A 59 16.62 84.28 -59.90
N LEU A 60 17.95 84.13 -60.02
CA LEU A 60 18.64 84.63 -61.20
C LEU A 60 18.36 83.74 -62.42
N ASP A 61 18.09 82.45 -62.20
CA ASP A 61 17.68 81.58 -63.28
C ASP A 61 16.28 81.93 -63.78
N PHE A 62 15.42 82.46 -62.90
CA PHE A 62 14.06 82.77 -63.32
C PHE A 62 14.02 83.97 -64.24
N THR A 63 14.75 85.04 -63.92
CA THR A 63 14.66 86.27 -64.69
C THR A 63 15.38 86.14 -66.03
N THR A 64 16.28 85.16 -66.16
CA THR A 64 16.92 84.88 -67.44
C THR A 64 15.91 84.36 -68.46
N TYR A 65 15.08 83.40 -68.07
CA TYR A 65 14.15 82.76 -68.98
C TYR A 65 12.76 83.39 -68.97
N TYR A 66 12.36 84.02 -67.86
CA TYR A 66 10.99 84.48 -67.72
C TYR A 66 10.83 85.96 -67.44
N GLY A 67 11.85 86.65 -66.94
CA GLY A 67 11.75 88.08 -66.69
C GLY A 67 11.32 88.44 -65.28
N GLY A 68 10.77 89.63 -65.15
CA GLY A 68 10.32 90.14 -63.85
C GLY A 68 8.85 90.48 -63.77
N ALA A 69 8.49 91.42 -62.90
CA ALA A 69 7.10 91.79 -62.67
C ALA A 69 6.64 92.84 -63.70
N GLN A 70 5.34 93.16 -63.63
CA GLN A 70 4.75 94.17 -64.49
C GLN A 70 4.76 95.53 -63.79
N ASN A 71 5.06 96.58 -64.56
CA ASN A 71 5.04 97.93 -64.04
C ASN A 71 3.62 98.36 -63.68
N GLU A 72 3.47 98.99 -62.52
CA GLU A 72 2.16 99.44 -62.08
C GLU A 72 1.72 100.69 -62.83
N GLN A 73 0.41 100.80 -63.07
CA GLN A 73 -0.15 101.91 -63.82
C GLN A 73 -1.04 102.82 -62.99
N GLY A 74 -1.22 102.55 -61.70
CA GLY A 74 -2.11 103.31 -60.86
C GLY A 74 -1.49 104.24 -59.85
N ILE A 75 -0.31 104.78 -60.13
CA ILE A 75 0.38 105.69 -59.15
C ILE A 75 0.20 107.16 -59.57
N THR A 76 -0.20 108.02 -58.64
CA THR A 76 -0.38 109.45 -58.88
C THR A 76 0.42 110.25 -57.86
N VAL A 77 0.98 111.38 -58.30
CA VAL A 77 1.78 112.27 -57.46
C VAL A 77 1.16 113.66 -57.49
N LYS A 78 1.02 114.27 -56.32
CA LYS A 78 0.43 115.59 -56.14
C LYS A 78 1.41 116.50 -55.43
N LEU A 79 1.55 117.74 -55.93
CA LEU A 79 2.41 118.76 -55.32
C LEU A 79 1.59 120.01 -55.05
N THR A 80 1.79 120.61 -53.87
CA THR A 80 1.07 121.82 -53.47
C THR A 80 2.01 122.79 -52.76
N ASP A 81 2.04 124.03 -53.22
CA ASP A 81 2.79 125.10 -52.60
C ASP A 81 1.83 126.04 -51.89
N THR A 82 2.15 126.40 -50.64
CA THR A 82 1.24 127.15 -49.79
C THR A 82 2.06 128.21 -49.07
N LEU A 83 1.39 129.26 -48.57
CA LEU A 83 2.00 130.27 -47.72
C LEU A 83 1.24 130.34 -46.41
N ILE A 84 1.95 130.13 -45.30
CA ILE A 84 1.35 130.16 -43.96
C ILE A 84 2.03 131.26 -43.17
N GLU A 85 1.32 132.39 -43.03
CA GLU A 85 1.77 133.65 -42.40
C GLU A 85 3.18 134.06 -42.86
N GLY A 86 3.39 134.03 -44.17
CA GLY A 86 4.66 134.42 -44.75
C GLY A 86 5.72 133.34 -44.80
N ALA A 87 5.40 132.12 -44.39
CA ALA A 87 6.34 131.00 -44.41
C ALA A 87 5.90 129.99 -45.44
N GLU A 88 6.86 129.44 -46.19
CA GLU A 88 6.54 128.51 -47.26
C GLU A 88 6.24 127.13 -46.70
N ASN A 89 5.34 126.41 -47.36
CA ASN A 89 4.99 125.04 -47.00
C ASN A 89 4.75 124.25 -48.28
N ARG A 90 5.44 123.12 -48.40
CA ARG A 90 5.31 122.23 -49.56
C ARG A 90 4.75 120.88 -49.10
N THR A 91 3.73 120.40 -49.80
CA THR A 91 3.06 119.15 -49.47
C THR A 91 3.19 118.17 -50.65
N ILE A 92 3.62 116.94 -50.35
CA ILE A 92 3.72 115.88 -51.34
C ILE A 92 2.78 114.76 -50.92
N ASN A 93 1.87 114.36 -51.82
CA ASN A 93 0.84 113.38 -51.51
C ASN A 93 0.87 112.26 -52.54
N VAL A 94 1.25 111.07 -52.10
CA VAL A 94 1.17 109.86 -52.92
C VAL A 94 0.25 108.87 -52.20
N PRO A 95 -0.99 108.71 -52.63
CA PRO A 95 -1.87 107.72 -51.99
C PRO A 95 -1.52 106.31 -52.45
N GLU A 96 -1.95 105.34 -51.65
CA GLU A 96 -1.77 103.95 -52.05
C GLU A 96 -2.75 103.61 -53.18
N PRO A 97 -2.30 102.88 -54.19
CA PRO A 97 -3.15 102.67 -55.38
C PRO A 97 -4.30 101.71 -55.11
N THR A 98 -5.48 102.06 -55.63
CA THR A 98 -6.64 101.20 -55.53
C THR A 98 -6.76 100.21 -56.68
N PHE A 99 -6.01 100.40 -57.76
CA PHE A 99 -6.00 99.48 -58.89
C PHE A 99 -4.58 98.93 -59.03
N LYS A 100 -4.43 97.63 -58.82
CA LYS A 100 -3.14 96.96 -58.85
C LYS A 100 -3.09 95.96 -59.99
N SER A 101 -1.87 95.50 -60.30
CA SER A 101 -1.70 94.46 -61.30
C SER A 101 -2.11 93.10 -60.72
N PRO A 102 -2.76 92.24 -61.49
CA PRO A 102 -3.23 90.96 -60.93
C PRO A 102 -2.18 89.86 -60.92
N TYR A 103 -0.95 90.15 -61.35
CA TYR A 103 0.09 89.15 -61.48
C TYR A 103 0.98 89.16 -60.24
N LEU A 104 1.22 87.99 -59.66
CA LEU A 104 1.90 87.87 -58.37
C LEU A 104 3.01 86.84 -58.36
N MET A 105 3.45 86.35 -59.52
CA MET A 105 4.34 85.20 -59.56
C MET A 105 5.78 85.58 -59.19
N PHE A 106 6.27 86.72 -59.68
CA PHE A 106 7.63 87.16 -59.38
C PHE A 106 7.77 87.54 -57.91
N TYR A 107 6.71 88.10 -57.31
CA TYR A 107 6.75 88.44 -55.89
C TYR A 107 6.77 87.19 -55.02
N SER A 108 6.04 86.15 -55.43
CA SER A 108 5.95 84.93 -54.63
C SER A 108 7.24 84.13 -54.67
N LEU A 109 7.99 84.22 -55.76
CA LEU A 109 9.27 83.52 -55.84
C LEU A 109 10.34 84.24 -55.02
N GLN A 110 10.19 85.55 -54.82
CA GLN A 110 11.06 86.27 -53.92
C GLN A 110 10.83 85.84 -52.48
N MET A 111 9.58 85.56 -52.11
CA MET A 111 9.28 85.11 -50.76
C MET A 111 9.74 83.68 -50.52
N TYR A 112 9.73 82.85 -51.57
CA TYR A 112 10.10 81.45 -51.48
C TYR A 112 11.59 81.28 -51.24
N PHE A 113 12.43 82.00 -52.00
CA PHE A 113 13.87 81.88 -51.84
C PHE A 113 14.36 82.58 -50.58
N ALA A 114 13.59 83.54 -50.06
CA ALA A 114 14.00 84.23 -48.84
C ALA A 114 13.71 83.40 -47.58
N ASN A 115 12.88 82.37 -47.71
CA ASN A 115 12.51 81.55 -46.57
C ASN A 115 13.16 80.16 -46.60
N GLY A 116 14.06 79.92 -47.54
CA GLY A 116 14.84 78.70 -47.56
C GLY A 116 14.53 77.71 -48.65
N GLY A 117 13.96 78.15 -49.77
CA GLY A 117 13.62 77.22 -50.83
C GLY A 117 14.81 76.84 -51.69
N GLY A 118 14.67 75.68 -52.34
CA GLY A 118 15.67 75.19 -53.25
C GLY A 118 15.18 75.10 -54.68
N PRO A 119 15.49 74.01 -55.37
CA PRO A 119 15.05 73.85 -56.76
C PRO A 119 13.56 73.61 -56.88
N CYS A 120 12.96 74.17 -57.94
CA CYS A 120 11.52 74.10 -58.16
C CYS A 120 11.24 74.08 -59.66
N TYR A 121 9.98 73.82 -60.00
CA TYR A 121 9.55 73.75 -61.38
C TYR A 121 8.64 74.92 -61.73
N ILE A 122 8.78 75.44 -62.95
CA ILE A 122 8.00 76.57 -63.43
C ILE A 122 7.13 76.09 -64.58
N VAL A 123 5.83 76.35 -64.49
CA VAL A 123 4.88 76.09 -65.57
C VAL A 123 4.20 77.41 -65.92
N SER A 124 4.61 78.02 -67.03
CA SER A 124 3.95 79.21 -67.53
C SER A 124 2.57 78.87 -68.06
N THR A 125 1.67 79.84 -68.08
CA THR A 125 0.35 79.65 -68.68
C THR A 125 0.03 80.71 -69.73
N GLY A 126 0.98 81.55 -70.09
CA GLY A 126 0.75 82.66 -70.97
C GLY A 126 1.59 83.85 -70.52
N VAL A 127 1.44 84.95 -71.25
CA VAL A 127 2.20 86.16 -70.97
C VAL A 127 1.24 87.24 -70.48
N TYR A 128 1.81 88.37 -70.08
CA TYR A 128 1.04 89.47 -69.53
C TYR A 128 0.19 90.13 -70.61
N ASP A 129 -0.99 90.61 -70.22
CA ASP A 129 -1.80 91.47 -71.05
C ASP A 129 -1.62 92.92 -70.61
N ASP A 130 -1.92 93.85 -71.52
CA ASP A 130 -1.75 95.27 -71.28
C ASP A 130 -2.97 95.87 -70.59
N TRP A 131 -2.73 96.96 -69.87
CA TRP A 131 -3.83 97.73 -69.29
C TRP A 131 -4.55 98.52 -70.38
N SER A 132 -5.87 98.53 -70.31
CA SER A 132 -6.63 99.33 -71.27
C SER A 132 -6.56 100.82 -70.96
N ASP A 133 -6.68 101.20 -69.70
CA ASP A 133 -6.35 102.55 -69.24
C ASP A 133 -5.90 102.45 -67.79
N SER A 134 -5.88 103.61 -67.11
CA SER A 134 -5.24 103.68 -65.80
C SER A 134 -6.10 103.08 -64.69
N GLU A 135 -7.36 102.75 -64.99
CA GLU A 135 -8.25 102.18 -63.98
C GLU A 135 -8.87 100.86 -64.40
N THR A 136 -8.30 100.17 -65.40
CA THR A 136 -8.79 98.85 -65.80
C THR A 136 -7.59 97.91 -65.95
N PRO A 137 -7.25 97.16 -64.91
CA PRO A 137 -6.20 96.14 -65.04
C PRO A 137 -6.69 94.94 -65.82
N PRO A 138 -5.79 94.12 -66.36
CA PRO A 138 -6.23 92.90 -67.08
C PRO A 138 -6.82 91.85 -66.16
N THR A 139 -7.40 90.82 -66.77
CA THR A 139 -8.11 89.77 -66.06
C THR A 139 -7.37 88.44 -66.17
N ILE A 140 -7.72 87.53 -65.26
CA ILE A 140 -7.12 86.20 -65.18
C ILE A 140 -8.18 85.17 -65.57
N ASN A 141 -7.82 84.25 -66.46
CA ASN A 141 -8.78 83.31 -67.03
C ASN A 141 -8.67 81.96 -66.34
N PHE A 142 -9.82 81.33 -66.08
CA PHE A 142 -9.86 80.01 -65.45
C PHE A 142 -9.33 78.93 -66.37
N SER A 143 -9.53 79.08 -67.68
CA SER A 143 -9.17 78.02 -68.62
C SER A 143 -7.67 77.90 -68.84
N ASP A 144 -6.91 78.96 -68.55
CA ASP A 144 -5.45 78.89 -68.64
C ASP A 144 -4.83 78.15 -67.47
N LEU A 145 -5.34 78.38 -66.25
CA LEU A 145 -4.78 77.74 -65.06
C LEU A 145 -5.09 76.25 -65.00
N GLU A 146 -6.25 75.84 -65.52
CA GLU A 146 -6.57 74.41 -65.52
C GLU A 146 -5.79 73.69 -66.61
N SER A 147 -5.43 74.40 -67.69
CA SER A 147 -4.58 73.82 -68.72
C SER A 147 -3.16 73.60 -68.21
N GLY A 148 -2.72 74.41 -67.26
CA GLY A 148 -1.40 74.21 -66.68
C GLY A 148 -1.36 73.02 -65.73
N LEU A 149 -2.50 72.71 -65.10
CA LEU A 149 -2.56 71.56 -64.19
C LEU A 149 -2.53 70.24 -64.96
N ALA A 150 -2.94 70.24 -66.23
CA ALA A 150 -2.96 69.01 -67.01
C ALA A 150 -1.56 68.60 -67.46
N VAL A 151 -0.65 69.56 -67.64
CA VAL A 151 0.69 69.21 -68.10
C VAL A 151 1.58 68.82 -66.92
N ILE A 152 1.22 69.24 -65.71
CA ILE A 152 2.04 68.87 -64.55
C ILE A 152 1.72 67.46 -64.08
N ARG A 153 0.62 66.88 -64.56
CA ARG A 153 0.26 65.50 -64.29
C ARG A 153 1.24 64.52 -64.90
N LYS A 154 1.90 64.92 -65.98
CA LYS A 154 2.86 64.08 -66.69
C LYS A 154 4.27 64.16 -66.13
N GLU A 155 4.53 65.03 -65.16
CA GLU A 155 5.85 65.12 -64.55
C GLU A 155 5.92 64.30 -63.28
N ASP A 156 7.09 63.72 -63.01
CA ASP A 156 7.29 62.78 -61.93
C ASP A 156 7.81 63.42 -60.64
N GLU A 157 8.74 64.36 -60.75
CA GLU A 157 9.51 64.87 -59.63
C GLU A 157 8.84 65.85 -58.63
N PRO A 158 7.95 66.79 -59.02
CA PRO A 158 7.38 67.70 -58.00
C PRO A 158 6.51 67.01 -56.95
N THR A 159 6.54 67.57 -55.74
CA THR A 159 5.77 67.06 -54.60
C THR A 159 4.74 68.05 -54.07
N LEU A 160 4.70 69.27 -54.58
CA LEU A 160 3.83 70.32 -54.06
C LEU A 160 3.25 71.16 -55.20
N LEU A 161 1.96 71.50 -55.09
CA LEU A 161 1.22 72.22 -56.13
C LEU A 161 0.76 73.58 -55.62
N LEU A 162 1.04 74.64 -56.39
CA LEU A 162 0.69 76.01 -56.01
C LEU A 162 0.21 76.80 -57.23
N PHE A 163 -0.69 77.76 -56.98
CA PHE A 163 -1.23 78.67 -57.98
C PHE A 163 -1.14 80.10 -57.46
N PRO A 164 -0.08 80.84 -57.80
CA PRO A 164 0.13 82.15 -57.16
C PRO A 164 -0.80 83.27 -57.59
N ASP A 165 -1.53 83.13 -58.70
CA ASP A 165 -2.38 84.20 -59.22
C ASP A 165 -3.85 83.97 -58.91
N ALA A 166 -4.16 82.91 -58.19
CA ALA A 166 -5.52 82.39 -58.11
C ALA A 166 -6.49 83.25 -57.30
N THR A 167 -6.01 84.05 -56.35
CA THR A 167 -6.91 84.89 -55.57
C THR A 167 -7.48 86.07 -56.36
N ASN A 168 -6.94 86.36 -57.54
CA ASN A 168 -7.45 87.43 -58.39
C ASN A 168 -8.37 86.90 -59.49
N LEU A 169 -8.91 85.70 -59.32
CA LEU A 169 -9.87 85.12 -60.23
C LEU A 169 -11.21 85.86 -60.10
N PRO A 170 -12.04 85.89 -61.17
CA PRO A 170 -13.24 86.75 -61.13
C PRO A 170 -14.32 86.35 -60.13
N THR A 171 -14.66 85.07 -60.03
CA THR A 171 -15.65 84.62 -59.04
C THR A 171 -14.99 83.66 -58.05
N ASP A 172 -15.64 83.51 -56.90
CA ASP A 172 -15.12 82.59 -55.90
C ASP A 172 -15.42 81.14 -56.24
N ASP A 173 -16.47 80.89 -57.04
CA ASP A 173 -16.79 79.53 -57.46
C ASP A 173 -15.72 78.97 -58.39
N GLU A 174 -15.08 79.83 -59.20
CA GLU A 174 -13.96 79.39 -60.01
C GLU A 174 -12.74 79.07 -59.14
N PHE A 175 -12.57 79.82 -58.05
CA PHE A 175 -11.45 79.62 -57.14
C PHE A 175 -11.54 78.27 -56.43
N TYR A 176 -12.72 77.91 -55.93
CA TYR A 176 -12.87 76.64 -55.21
C TYR A 176 -12.84 75.45 -56.16
N SER A 177 -13.36 75.63 -57.38
CA SER A 177 -13.38 74.56 -58.37
C SER A 177 -11.97 74.21 -58.87
N LEU A 178 -11.07 75.19 -58.87
CA LEU A 178 -9.69 74.93 -59.25
C LEU A 178 -8.98 74.10 -58.20
N TYR A 179 -9.27 74.35 -56.92
CA TYR A 179 -8.60 73.61 -55.86
C TYR A 179 -9.24 72.24 -55.63
N ASN A 180 -10.47 72.04 -56.11
CA ASN A 180 -11.06 70.70 -56.08
C ASN A 180 -10.39 69.81 -57.13
N SER A 181 -9.88 70.40 -58.21
CA SER A 181 -9.22 69.62 -59.25
C SER A 181 -7.81 69.21 -58.84
N ALA A 182 -7.16 70.03 -58.02
CA ALA A 182 -5.82 69.69 -57.56
C ALA A 182 -5.84 68.55 -56.54
N LEU A 183 -6.88 68.48 -55.71
CA LEU A 183 -6.99 67.40 -54.73
C LEU A 183 -7.37 66.08 -55.39
N MET A 184 -8.05 66.12 -56.54
CA MET A 184 -8.34 64.89 -57.26
C MET A 184 -7.09 64.35 -57.95
N GLN A 185 -6.19 65.24 -58.39
CA GLN A 185 -4.91 64.79 -58.94
C GLN A 185 -4.01 64.21 -57.85
N CYS A 186 -4.09 64.75 -56.63
CA CYS A 186 -3.26 64.23 -55.54
C CYS A 186 -3.78 62.88 -55.05
N ASN A 187 -5.07 62.61 -55.23
CA ASN A 187 -5.61 61.30 -54.91
C ASN A 187 -5.17 60.26 -55.93
N ASP A 188 -5.15 60.62 -57.21
CA ASP A 188 -4.86 59.66 -58.27
C ASP A 188 -3.37 59.29 -58.30
N LEU A 189 -2.49 60.28 -58.30
CA LEU A 189 -1.06 60.00 -58.39
C LEU A 189 -0.50 59.55 -57.06
N GLN A 190 -1.23 59.82 -55.97
CA GLN A 190 -0.95 59.47 -54.56
C GLN A 190 0.48 59.74 -54.11
N ASP A 191 1.11 60.82 -54.59
CA ASP A 191 2.47 61.18 -54.20
C ASP A 191 2.69 62.68 -54.03
N ARG A 192 1.63 63.49 -53.95
CA ARG A 192 1.75 64.95 -53.90
C ARG A 192 0.90 65.52 -52.77
N PHE A 193 1.01 66.84 -52.58
CA PHE A 193 0.34 67.56 -51.51
C PHE A 193 0.06 68.98 -51.99
N THR A 194 -1.06 69.56 -51.54
CA THR A 194 -1.52 70.88 -51.99
C THR A 194 -1.56 71.87 -50.84
N ILE A 195 -1.16 73.12 -51.10
CA ILE A 195 -1.21 74.19 -50.12
C ILE A 195 -2.25 75.22 -50.58
N LEU A 196 -3.22 75.52 -49.71
CA LEU A 196 -4.37 76.35 -50.04
C LEU A 196 -4.35 77.67 -49.28
N ASP A 197 -5.06 78.66 -49.81
CA ASP A 197 -5.38 79.89 -49.10
C ASP A 197 -6.89 80.11 -49.15
N THR A 198 -7.34 81.19 -48.51
CA THR A 198 -8.71 81.65 -48.65
C THR A 198 -8.81 82.59 -49.84
N TYR A 199 -10.05 82.91 -50.20
CA TYR A 199 -10.31 83.78 -51.34
C TYR A 199 -9.94 85.22 -51.01
N SER A 200 -10.16 85.64 -49.77
CA SER A 200 -9.83 86.97 -49.31
C SER A 200 -9.43 86.89 -47.85
N ASP A 201 -8.84 87.97 -47.34
CA ASP A 201 -8.53 88.07 -45.93
C ASP A 201 -9.59 88.83 -45.15
N GLN A 202 -10.55 89.46 -45.84
CA GLN A 202 -11.65 90.16 -45.21
C GLN A 202 -12.97 89.67 -45.79
N THR A 203 -14.07 90.19 -45.24
CA THR A 203 -15.40 89.91 -45.77
C THR A 203 -15.55 90.46 -47.17
N TYR A 204 -15.96 89.59 -48.11
CA TYR A 204 -16.07 89.96 -49.51
C TYR A 204 -17.51 89.82 -49.98
N ASN A 205 -17.83 90.54 -51.06
CA ASN A 205 -19.15 90.51 -51.66
C ASN A 205 -19.22 89.47 -52.77
N ASP A 206 -20.26 88.66 -52.76
CA ASP A 206 -20.48 87.60 -53.73
C ASP A 206 -21.37 88.03 -54.89
N GLY A 207 -21.93 89.24 -54.84
CA GLY A 207 -22.94 89.66 -55.78
C GLY A 207 -24.35 89.62 -55.23
N VAL A 208 -24.66 88.62 -54.41
CA VAL A 208 -25.93 88.57 -53.69
C VAL A 208 -25.78 88.80 -52.19
N GLU A 209 -24.71 88.31 -51.57
CA GLU A 209 -24.55 88.35 -50.12
C GLU A 209 -23.13 88.75 -49.77
N ASP A 210 -22.91 88.99 -48.49
CA ASP A 210 -21.57 89.21 -47.94
C ASP A 210 -21.15 87.96 -47.16
N LEU A 211 -19.93 87.50 -47.38
CA LEU A 211 -19.48 86.22 -46.83
C LEU A 211 -18.20 86.41 -46.04
N ASP A 212 -18.07 85.65 -44.96
CA ASP A 212 -16.85 85.58 -44.19
C ASP A 212 -15.89 84.59 -44.83
N PRO A 213 -14.56 84.81 -44.78
CA PRO A 213 -13.63 83.97 -45.55
C PRO A 213 -13.50 82.52 -45.10
N ILE A 214 -13.47 82.29 -43.79
CA ILE A 214 -13.30 80.92 -43.24
C ILE A 214 -14.54 80.06 -43.53
N PRO A 215 -15.80 80.43 -43.21
CA PRO A 215 -16.94 79.56 -43.56
C PRO A 215 -17.21 79.42 -45.06
N ALA A 216 -16.72 80.34 -45.89
CA ALA A 216 -16.92 80.22 -47.33
C ALA A 216 -15.97 79.19 -47.93
N LEU A 217 -14.77 79.04 -47.35
CA LEU A 217 -13.85 78.00 -47.81
C LEU A 217 -14.33 76.61 -47.39
N ARG A 218 -15.06 76.53 -46.26
CA ARG A 218 -15.56 75.23 -45.82
C ARG A 218 -16.75 74.77 -46.67
N ASN A 219 -17.45 75.71 -47.31
CA ASN A 219 -18.51 75.34 -48.24
C ASN A 219 -17.99 74.97 -49.62
N GLY A 220 -16.96 75.66 -50.10
CA GLY A 220 -16.51 75.47 -51.47
C GLY A 220 -15.79 74.17 -51.72
N ILE A 221 -15.09 73.66 -50.71
CA ILE A 221 -14.38 72.39 -50.81
C ILE A 221 -15.31 71.30 -50.28
N ASN A 222 -15.88 70.50 -51.19
CA ASN A 222 -16.98 69.60 -50.82
C ASN A 222 -16.68 68.13 -51.11
N LEU A 223 -15.47 67.66 -50.81
CA LEU A 223 -15.12 66.26 -51.02
C LEU A 223 -14.98 65.52 -49.69
N THR A 224 -14.88 64.19 -49.78
CA THR A 224 -14.75 63.36 -48.59
C THR A 224 -13.29 63.28 -48.12
N LYS A 225 -13.08 62.55 -47.04
CA LYS A 225 -11.78 62.49 -46.38
C LYS A 225 -10.66 61.96 -47.28
N ASP A 226 -10.96 61.00 -48.15
CA ASP A 226 -9.93 60.42 -49.01
C ASP A 226 -9.33 61.45 -49.96
N TYR A 227 -9.92 62.63 -50.07
CA TYR A 227 -9.38 63.76 -50.81
C TYR A 227 -8.85 64.86 -49.91
N LEU A 228 -9.48 65.07 -48.75
CA LEU A 228 -9.13 66.18 -47.87
C LEU A 228 -7.81 65.96 -47.15
N LYS A 229 -7.33 64.72 -47.09
CA LYS A 229 -6.07 64.42 -46.42
C LYS A 229 -4.84 64.88 -47.20
N TYR A 230 -5.00 65.33 -48.45
CA TYR A 230 -3.90 65.77 -49.28
C TYR A 230 -3.72 67.29 -49.33
N GLY A 231 -4.39 68.04 -48.46
CA GLY A 231 -4.25 69.48 -48.49
C GLY A 231 -4.23 70.13 -47.12
N ALA A 232 -3.74 71.38 -47.10
CA ALA A 232 -3.66 72.20 -45.89
C ALA A 232 -3.90 73.66 -46.25
N ALA A 233 -4.52 74.41 -45.33
CA ALA A 233 -4.95 75.77 -45.57
C ALA A 233 -4.44 76.71 -44.48
N TYR A 234 -4.09 77.93 -44.89
CA TYR A 234 -3.49 78.91 -44.00
C TYR A 234 -4.23 80.24 -44.08
N TYR A 235 -4.19 80.99 -43.00
CA TYR A 235 -4.93 82.23 -42.84
C TYR A 235 -4.24 83.07 -41.77
N PRO A 236 -4.23 84.41 -41.89
CA PRO A 236 -4.60 85.36 -42.96
C PRO A 236 -3.47 85.69 -43.93
N PHE A 237 -3.53 86.84 -44.59
CA PHE A 237 -2.49 87.25 -45.52
C PHE A 237 -1.29 87.85 -44.75
N VAL A 238 -0.20 88.11 -45.47
CA VAL A 238 1.02 88.63 -44.85
C VAL A 238 1.48 89.91 -45.56
N GLN A 239 1.99 90.86 -44.79
CA GLN A 239 2.54 92.15 -45.28
C GLN A 239 4.07 91.98 -45.38
N THR A 240 4.67 92.33 -46.51
CA THR A 240 6.06 92.05 -46.81
C THR A 240 6.87 93.36 -46.79
N ILE A 241 8.18 93.24 -47.04
CA ILE A 241 9.11 94.35 -47.11
C ILE A 241 9.39 94.78 -48.54
N LEU A 242 8.71 94.20 -49.52
CA LEU A 242 9.01 94.43 -50.92
C LEU A 242 8.33 95.69 -51.45
N ASN A 243 8.95 96.30 -52.46
CA ASN A 243 8.39 97.45 -53.14
C ASN A 243 7.75 97.01 -54.46
N TYR A 244 6.79 97.82 -54.93
CA TYR A 244 6.15 97.61 -56.22
C TYR A 244 7.12 97.92 -57.36
N GLN A 245 6.95 97.23 -58.48
CA GLN A 245 7.71 97.47 -59.69
C GLN A 245 7.02 98.55 -60.52
N TYR A 246 7.77 99.57 -60.90
CA TYR A 246 7.21 100.67 -61.67
C TYR A 246 8.30 101.30 -62.52
N SER A 247 7.87 102.11 -63.49
CA SER A 247 8.76 102.82 -64.38
C SER A 247 8.57 104.33 -64.22
N ALA A 248 9.68 105.07 -64.16
CA ALA A 248 9.60 106.52 -63.96
C ALA A 248 9.21 107.26 -65.22
N ASP A 249 9.24 106.61 -66.39
CA ASP A 249 8.83 107.22 -67.64
C ASP A 249 7.32 107.37 -67.77
N GLU A 250 6.53 106.77 -66.87
CA GLU A 250 5.08 106.76 -66.98
C GLU A 250 4.38 107.47 -65.83
N ILE A 251 5.13 108.15 -64.96
CA ILE A 251 4.56 108.88 -63.84
C ILE A 251 4.41 110.33 -64.25
N VAL A 252 3.22 110.89 -64.09
CA VAL A 252 2.94 112.28 -64.44
C VAL A 252 2.69 113.07 -63.17
N ILE A 253 3.28 114.26 -63.08
CA ILE A 253 3.17 115.14 -61.92
C ILE A 253 2.06 116.15 -62.17
N GLN A 254 1.28 116.44 -61.13
CA GLN A 254 0.36 117.57 -61.13
C GLN A 254 0.76 118.54 -60.01
N HIS A 255 1.06 119.77 -60.39
CA HIS A 255 1.70 120.76 -59.51
C HIS A 255 0.80 121.99 -59.40
N LEU A 256 0.37 122.29 -58.19
CA LEU A 256 -0.41 123.49 -57.89
C LEU A 256 0.45 124.44 -57.07
N SER A 257 0.67 125.65 -57.61
CA SER A 257 1.55 126.62 -56.97
C SER A 257 0.88 127.98 -56.94
N TYR A 258 1.29 128.80 -55.97
CA TYR A 258 0.76 130.16 -55.88
C TYR A 258 1.39 131.05 -56.95
N ASN A 259 2.61 130.72 -57.39
CA ASN A 259 3.28 131.46 -58.45
C ASN A 259 3.13 130.68 -59.75
N PRO A 260 2.18 131.01 -60.62
CA PRO A 260 2.02 130.24 -61.84
C PRO A 260 2.97 130.68 -62.95
N ASN A 261 3.91 129.81 -63.30
CA ASN A 261 4.81 130.05 -64.43
C ASN A 261 4.88 128.83 -65.35
N ALA A 262 3.77 128.10 -65.49
CA ALA A 262 3.75 126.92 -66.35
C ALA A 262 3.83 127.30 -67.82
N ILE A 263 3.04 128.30 -68.23
CA ILE A 263 3.02 128.70 -69.63
C ILE A 263 4.28 129.50 -69.96
N ALA A 264 4.78 130.27 -68.99
CA ALA A 264 5.97 131.09 -69.22
C ALA A 264 7.23 130.21 -69.37
N THR A 265 7.32 129.12 -68.60
CA THR A 265 8.44 128.22 -68.74
C THR A 265 8.32 127.40 -70.01
N ALA A 266 7.08 127.13 -70.44
CA ALA A 266 6.87 126.43 -71.72
C ALA A 266 7.18 127.35 -72.89
N LEU A 267 7.02 128.67 -72.70
CA LEU A 267 7.35 129.61 -73.77
C LEU A 267 8.85 129.76 -73.95
N ASP A 268 9.60 129.76 -72.84
CA ASP A 268 11.03 130.04 -72.90
C ASP A 268 11.79 128.91 -73.59
N ASN A 269 11.34 127.68 -73.43
CA ASN A 269 11.97 126.57 -74.13
C ASN A 269 11.63 126.60 -75.62
N LEU A 270 10.39 126.93 -75.95
CA LEU A 270 9.96 126.89 -77.34
C LEU A 270 10.43 128.12 -78.12
N ASN A 271 10.66 129.24 -77.42
CA ASN A 271 11.22 130.40 -78.08
C ASN A 271 12.71 130.20 -78.36
N ALA A 272 13.38 129.44 -77.50
CA ALA A 272 14.81 129.22 -77.66
C ALA A 272 15.10 128.24 -78.79
N VAL A 273 14.22 127.26 -79.00
CA VAL A 273 14.45 126.26 -80.04
C VAL A 273 14.12 126.85 -81.41
N ASN A 274 13.32 127.92 -81.45
CA ASN A 274 12.97 128.59 -82.70
C ASN A 274 14.01 129.67 -83.00
N GLY A 275 15.21 129.21 -83.37
CA GLY A 275 16.30 130.09 -83.65
C GLY A 275 17.10 129.68 -84.87
N PRO A 276 17.94 130.59 -85.38
CA PRO A 276 18.76 130.24 -86.55
C PRO A 276 19.87 129.25 -86.26
N THR A 277 20.49 129.32 -85.09
CA THR A 277 21.56 128.37 -84.78
C THR A 277 20.99 127.02 -84.36
N PHE A 278 19.73 126.99 -83.92
CA PHE A 278 19.19 125.79 -83.29
C PHE A 278 18.55 124.86 -84.31
N ILE A 279 17.51 125.30 -85.01
CA ILE A 279 16.72 124.44 -85.88
C ILE A 279 16.95 124.75 -87.35
N ASP A 280 17.42 125.96 -87.67
CA ASP A 280 17.72 126.29 -89.06
C ASP A 280 19.05 125.68 -89.49
N ALA A 281 19.94 125.43 -88.51
CA ALA A 281 21.23 124.82 -88.83
C ALA A 281 21.10 123.33 -89.10
N ILE A 282 19.98 122.73 -88.69
CA ILE A 282 19.74 121.33 -89.01
C ILE A 282 19.29 121.18 -90.46
N LEU A 283 18.57 122.18 -90.96
CA LEU A 283 17.86 122.00 -92.23
C LEU A 283 18.74 122.30 -93.44
N ASP A 284 19.62 123.29 -93.33
CA ASP A 284 20.45 123.66 -94.47
C ASP A 284 21.56 122.64 -94.69
N ASP A 285 21.93 121.90 -93.63
CA ASP A 285 22.89 120.81 -93.78
C ASP A 285 22.32 119.67 -94.61
N LEU A 286 21.01 119.41 -94.45
CA LEU A 286 20.37 118.33 -95.18
C LEU A 286 20.25 118.65 -96.67
N ARG A 287 20.01 119.91 -97.01
CA ARG A 287 19.95 120.33 -98.41
C ARG A 287 21.19 121.14 -98.79
N ASN A 321 35.08 98.54 -104.96
CA ASN A 321 36.04 97.84 -104.10
C ASN A 321 35.83 98.18 -102.64
N SER A 322 36.82 97.86 -101.81
CA SER A 322 36.69 98.10 -100.37
C SER A 322 36.90 99.56 -100.02
N VAL A 323 37.62 100.30 -100.86
CA VAL A 323 37.88 101.71 -100.57
C VAL A 323 36.68 102.56 -100.99
N LYS A 324 35.86 102.06 -101.90
CA LYS A 324 34.66 102.80 -102.30
C LYS A 324 33.53 102.60 -101.29
N VAL A 325 33.47 101.43 -100.66
CA VAL A 325 32.44 101.17 -99.67
C VAL A 325 32.76 101.91 -98.37
N ALA A 326 34.05 101.99 -98.03
CA ALA A 326 34.46 102.67 -96.79
C ALA A 326 34.29 104.18 -96.90
N ASN A 327 34.46 104.74 -98.09
CA ASN A 327 34.20 106.17 -98.27
C ASN A 327 32.71 106.46 -98.29
N PHE A 328 31.92 105.55 -98.85
CA PHE A 328 30.49 105.77 -98.97
C PHE A 328 29.79 105.65 -97.61
N ALA A 329 30.37 104.88 -96.69
CA ALA A 329 29.78 104.74 -95.36
C ALA A 329 29.99 105.99 -94.52
N SER A 330 31.03 106.78 -94.86
CA SER A 330 31.26 108.03 -94.15
C SER A 330 30.23 109.09 -94.55
N LEU A 331 29.73 109.01 -95.79
CA LEU A 331 28.74 109.97 -96.25
C LEU A 331 27.37 109.68 -95.63
N VAL A 332 27.05 108.41 -95.40
CA VAL A 332 25.76 108.05 -94.82
C VAL A 332 25.74 108.36 -93.33
N GLU A 333 26.89 108.23 -92.66
CA GLU A 333 26.94 108.46 -91.22
C GLU A 333 26.80 109.94 -90.88
N SER A 334 27.15 110.82 -91.82
CA SER A 334 26.96 112.25 -91.59
C SER A 334 25.51 112.65 -91.79
N VAL A 335 24.82 112.01 -92.74
CA VAL A 335 23.41 112.28 -92.98
C VAL A 335 22.56 111.71 -91.84
N LEU A 336 22.94 110.54 -91.35
CA LEU A 336 22.18 109.89 -90.28
C LEU A 336 22.38 110.62 -88.95
N SER A 337 23.54 111.25 -88.76
CA SER A 337 23.76 112.03 -87.54
C SER A 337 22.95 113.33 -87.56
N THR A 338 22.64 113.85 -88.75
CA THR A 338 21.83 115.06 -88.84
C THR A 338 20.37 114.76 -88.55
N LEU A 339 19.89 113.58 -88.97
CA LEU A 339 18.50 113.21 -88.75
C LEU A 339 18.21 112.97 -87.26
N ASN A 340 19.20 112.48 -86.52
CA ASN A 340 18.95 112.10 -85.12
C ASN A 340 18.77 113.33 -84.23
N GLU A 341 19.50 114.41 -84.51
CA GLU A 341 19.31 115.63 -83.71
C GLU A 341 18.02 116.35 -84.08
N LEU A 342 17.50 116.09 -85.29
CA LEU A 342 16.17 116.58 -85.63
C LEU A 342 15.09 115.79 -84.88
N ILE A 343 15.29 114.48 -84.71
CA ILE A 343 14.35 113.66 -83.96
C ILE A 343 14.44 113.97 -82.47
N ASP A 344 15.64 114.28 -81.97
CA ASP A 344 15.79 114.71 -80.58
C ASP A 344 15.17 116.08 -80.35
N ALA A 345 15.14 116.93 -81.38
CA ALA A 345 14.45 118.21 -81.26
C ALA A 345 12.95 118.01 -81.23
N LYS A 346 12.45 116.96 -81.89
CA LYS A 346 11.02 116.66 -81.87
C LYS A 346 10.57 116.18 -80.49
N GLU A 347 11.46 115.52 -79.75
CA GLU A 347 11.10 114.97 -78.46
C GLU A 347 10.92 116.07 -77.41
N GLU A 348 11.78 117.10 -77.45
CA GLU A 348 11.75 118.12 -76.42
C GLU A 348 10.62 119.12 -76.66
N ILE A 349 10.14 119.21 -77.90
CA ILE A 349 9.01 120.09 -78.20
C ILE A 349 7.73 119.52 -77.61
N ASN A 350 7.56 118.20 -77.66
CA ASN A 350 6.33 117.57 -77.20
C ASN A 350 6.19 117.63 -75.68
N LYS A 351 7.32 117.67 -74.96
CA LYS A 351 7.25 117.76 -73.51
C LYS A 351 6.84 119.16 -73.05
N ASP A 352 7.10 120.17 -73.89
CA ASP A 352 6.73 121.53 -73.53
C ASP A 352 5.25 121.81 -73.78
N VAL A 353 4.72 121.28 -74.87
CA VAL A 353 3.32 121.53 -75.22
C VAL A 353 2.39 120.72 -74.33
N ASN A 354 2.83 119.52 -73.91
CA ASN A 354 2.00 118.68 -73.04
C ASN A 354 1.85 119.29 -71.66
N SER A 355 2.85 120.03 -71.20
CA SER A 355 2.74 120.70 -69.91
C SER A 355 1.85 121.94 -70.00
N ALA A 356 1.66 122.47 -71.20
CA ALA A 356 0.78 123.63 -71.37
C ALA A 356 -0.66 123.20 -71.67
N ILE A 357 -0.84 122.03 -72.28
CA ILE A 357 -2.17 121.47 -72.47
C ILE A 357 -2.79 121.11 -71.13
N ALA A 358 -2.01 120.49 -70.24
CA ALA A 358 -2.54 120.04 -68.96
C ALA A 358 -2.75 121.20 -67.99
N SER A 359 -2.06 122.33 -68.21
CA SER A 359 -2.15 123.44 -67.27
C SER A 359 -3.35 124.33 -67.57
N SER A 360 -3.81 124.35 -68.82
CA SER A 360 -4.92 125.21 -69.23
C SER A 360 -6.22 124.42 -69.28
N GLU A 361 -6.64 123.94 -68.09
CA GLU A 361 -7.94 123.28 -68.01
C GLU A 361 -9.08 124.29 -68.09
N GLU A 362 -8.81 125.55 -67.74
CA GLU A 362 -9.76 126.62 -68.00
C GLU A 362 -9.78 126.94 -69.49
N ASP A 363 -10.97 127.35 -69.97
CA ASP A 363 -11.21 127.83 -71.33
C ASP A 363 -10.85 126.77 -72.38
N ASN A 364 -11.70 125.73 -72.42
CA ASN A 364 -11.49 124.52 -73.23
C ASN A 364 -11.30 124.80 -74.72
N ALA A 365 -11.75 125.94 -75.22
CA ALA A 365 -11.50 126.31 -76.61
C ALA A 365 -10.02 126.58 -76.87
N ILE A 366 -9.31 127.10 -75.87
CA ILE A 366 -7.88 127.37 -76.04
C ILE A 366 -7.09 126.07 -76.00
N LYS A 367 -7.52 125.11 -75.17
CA LYS A 367 -6.87 123.80 -75.11
C LYS A 367 -7.03 123.04 -76.42
N THR A 368 -8.17 123.23 -77.09
CA THR A 368 -8.39 122.57 -78.38
C THR A 368 -7.48 123.16 -79.46
N ALA A 369 -7.22 124.47 -79.38
CA ALA A 369 -6.35 125.11 -80.36
C ALA A 369 -4.88 124.70 -80.16
N ILE A 370 -4.46 124.53 -78.92
CA ILE A 370 -3.10 124.09 -78.62
C ILE A 370 -2.92 122.64 -79.02
N SER A 371 -3.95 121.82 -78.83
CA SER A 371 -3.88 120.42 -79.20
C SER A 371 -3.91 120.25 -80.73
N ASP A 372 -4.64 121.13 -81.42
CA ASP A 372 -4.73 121.04 -82.88
C ASP A 372 -3.43 121.47 -83.54
N ALA A 373 -2.73 122.44 -82.94
CA ALA A 373 -1.46 122.90 -83.49
C ALA A 373 -0.36 121.86 -83.30
N LEU A 374 -0.54 120.95 -82.34
CA LEU A 374 0.52 120.00 -82.03
C LEU A 374 0.50 118.80 -82.99
N ASP A 375 -0.68 118.34 -83.38
CA ASP A 375 -0.76 117.18 -84.26
C ASP A 375 -0.43 117.56 -85.71
N VAL A 376 -0.63 118.82 -86.08
CA VAL A 376 -0.28 119.24 -87.43
C VAL A 376 1.23 119.40 -87.55
N PHE A 377 1.91 119.69 -86.43
CA PHE A 377 3.37 119.70 -86.44
C PHE A 377 3.91 118.27 -86.44
N ASN A 378 3.17 117.34 -85.86
CA ASN A 378 3.61 115.95 -85.81
C ASN A 378 3.22 115.15 -87.04
N GLU A 379 2.80 115.81 -88.13
CA GLU A 379 2.37 115.08 -89.32
C GLU A 379 3.55 114.44 -90.04
N ASP A 380 4.56 115.24 -90.39
CA ASP A 380 5.66 114.75 -91.22
C ASP A 380 6.56 113.79 -90.45
N PHE A 381 6.59 113.92 -89.12
CA PHE A 381 7.46 113.06 -88.32
C PHE A 381 6.91 111.63 -88.22
N GLU A 382 5.59 111.49 -88.06
CA GLU A 382 5.02 110.16 -87.94
C GLU A 382 3.92 109.89 -88.96
N GLY A 383 2.95 110.80 -89.09
CA GLY A 383 1.73 110.47 -89.81
C GLY A 383 1.85 110.63 -91.31
N ALA A 384 2.38 111.77 -91.76
CA ALA A 384 2.42 112.05 -93.19
C ALA A 384 3.56 111.30 -93.87
N ASP A 385 4.81 111.59 -93.50
CA ASP A 385 5.96 110.98 -94.13
C ASP A 385 6.69 110.13 -93.11
N LYS A 386 7.56 109.25 -93.58
CA LYS A 386 8.23 108.27 -92.74
C LYS A 386 9.60 108.78 -92.28
N ILE A 387 9.61 109.92 -91.57
CA ILE A 387 10.88 110.50 -91.14
C ILE A 387 11.53 109.67 -90.04
N GLU A 388 10.75 109.24 -89.06
CA GLU A 388 11.31 108.41 -88.00
C GLU A 388 11.48 106.96 -88.44
N SER A 389 10.96 106.61 -89.63
CA SER A 389 11.08 105.23 -90.12
C SER A 389 12.30 105.07 -91.03
N VAL A 390 12.71 106.12 -91.74
CA VAL A 390 13.86 105.97 -92.62
C VAL A 390 15.15 106.02 -91.83
N ALA A 391 15.13 106.64 -90.66
CA ALA A 391 16.32 106.68 -89.81
C ALA A 391 16.64 105.32 -89.21
N LYS A 392 15.67 104.41 -89.14
CA LYS A 392 15.89 103.07 -88.61
C LYS A 392 16.37 102.12 -89.70
N ASN A 393 15.81 102.23 -90.91
CA ASN A 393 16.18 101.31 -91.98
C ASN A 393 17.54 101.64 -92.58
N LEU A 394 17.95 102.91 -92.53
CA LEU A 394 19.27 103.28 -93.04
C LEU A 394 20.37 102.75 -92.14
N SER A 395 20.09 102.62 -90.84
CA SER A 395 21.10 102.12 -89.91
C SER A 395 21.31 100.62 -90.09
N ASP A 396 20.25 99.87 -90.38
CA ASP A 396 20.43 98.44 -90.63
C ASP A 396 20.95 98.18 -92.04
N LEU A 397 20.64 99.07 -92.99
CA LEU A 397 21.24 98.96 -94.32
C LEU A 397 22.72 99.32 -94.29
N LEU A 398 23.12 100.17 -93.33
CA LEU A 398 24.53 100.53 -93.21
C LEU A 398 25.37 99.37 -92.70
N ILE A 399 24.81 98.58 -91.78
CA ILE A 399 25.52 97.42 -91.25
C ILE A 399 25.63 96.33 -92.31
N LYS A 400 24.60 96.22 -93.16
CA LYS A 400 24.54 95.15 -94.15
C LYS A 400 25.59 95.32 -95.24
N ILE A 401 25.91 96.57 -95.60
CA ILE A 401 26.86 96.79 -96.68
C ILE A 401 28.30 96.56 -96.22
N LYS A 402 28.53 96.60 -94.90
CA LYS A 402 29.89 96.39 -94.41
C LYS A 402 30.20 94.90 -94.26
N GLN A 403 29.17 94.07 -94.09
CA GLN A 403 29.39 92.62 -94.05
C GLN A 403 29.36 92.02 -95.46
N ALA A 404 28.76 92.72 -96.42
CA ALA A 404 28.54 92.13 -97.75
C ALA A 404 29.81 92.15 -98.59
N ASP A 405 30.85 92.84 -98.12
CA ASP A 405 32.08 92.98 -98.89
C ASP A 405 32.96 91.72 -98.84
N THR A 406 32.52 90.67 -98.15
CA THR A 406 33.36 89.47 -98.01
C THR A 406 33.31 88.60 -99.25
N ASN A 407 32.22 88.66 -100.03
CA ASN A 407 32.06 87.71 -101.12
C ASN A 407 31.63 88.32 -102.45
N THR A 408 30.70 89.27 -102.46
CA THR A 408 30.05 89.58 -103.72
C THR A 408 30.00 91.09 -103.91
N LYS A 409 30.31 91.53 -105.13
CA LYS A 409 30.10 92.93 -105.48
C LYS A 409 28.68 93.17 -105.95
N VAL A 410 28.00 92.13 -106.45
CA VAL A 410 26.61 92.25 -106.86
C VAL A 410 25.72 92.50 -105.64
N GLU A 411 26.14 91.97 -104.49
CA GLU A 411 25.47 92.23 -103.22
C GLU A 411 25.56 93.72 -102.95
N ASN A 412 26.73 94.30 -103.22
CA ASN A 412 26.91 95.75 -103.04
C ASN A 412 26.28 96.56 -104.17
N VAL A 413 25.69 95.91 -105.16
CA VAL A 413 25.02 96.59 -106.27
C VAL A 413 23.51 96.40 -106.17
N LEU A 414 23.07 95.21 -105.73
CA LEU A 414 21.64 94.90 -105.61
C LEU A 414 20.97 95.78 -104.57
N SER A 415 21.71 96.15 -103.52
CA SER A 415 21.12 96.96 -102.47
C SER A 415 21.05 98.43 -102.85
N ILE A 416 22.14 99.00 -103.38
CA ILE A 416 22.26 100.44 -103.45
C ILE A 416 21.53 101.01 -104.66
N ASN A 417 21.18 100.16 -105.62
CA ASN A 417 20.50 100.63 -106.83
C ASN A 417 19.11 100.02 -106.99
N ALA A 418 19.00 98.69 -106.94
CA ALA A 418 17.72 98.06 -107.21
C ALA A 418 16.84 97.99 -105.97
N LEU A 419 17.40 97.54 -104.85
CA LEU A 419 16.64 97.37 -103.63
C LEU A 419 16.70 98.65 -102.79
N ASN A 420 16.36 98.51 -101.50
CA ASN A 420 15.84 99.53 -100.59
C ASN A 420 16.67 100.80 -100.48
N PHE A 421 17.97 100.77 -100.80
CA PHE A 421 18.82 101.89 -100.42
C PHE A 421 18.65 103.07 -101.37
N SER A 422 18.35 102.83 -102.64
CA SER A 422 18.08 103.92 -103.56
C SER A 422 16.68 104.49 -103.35
N ALA A 423 15.78 103.69 -102.79
CA ALA A 423 14.40 104.14 -102.60
C ALA A 423 14.25 104.98 -101.33
N GLU A 424 15.09 104.75 -100.33
CA GLU A 424 14.90 105.42 -99.04
C GLU A 424 15.37 106.87 -99.09
N PHE A 425 16.32 107.19 -99.97
CA PHE A 425 16.80 108.56 -100.08
C PHE A 425 15.83 109.49 -100.79
N GLU A 426 14.80 108.95 -101.45
CA GLU A 426 13.95 109.79 -102.29
C GLU A 426 12.91 110.55 -101.49
N LYS A 427 12.63 110.11 -100.26
CA LYS A 427 11.50 110.66 -99.52
C LYS A 427 11.79 112.04 -98.95
N LEU A 428 13.06 112.38 -98.77
CA LEU A 428 13.37 113.73 -98.34
C LEU A 428 13.64 114.63 -99.54
N LEU A 429 14.32 114.11 -100.56
CA LEU A 429 14.56 114.83 -101.81
C LEU A 429 14.36 113.86 -102.96
N THR A 430 13.38 114.16 -103.82
CA THR A 430 13.00 113.21 -104.86
C THR A 430 13.91 113.32 -106.08
N TYR A 431 14.14 114.53 -106.58
CA TYR A 431 14.94 114.72 -107.77
C TYR A 431 15.92 115.87 -107.57
N ASP A 432 16.68 115.83 -106.48
CA ASP A 432 17.62 116.91 -106.17
C ASP A 432 18.87 116.85 -107.04
N VAL A 433 19.08 115.75 -107.76
CA VAL A 433 20.31 115.56 -108.54
C VAL A 433 20.28 116.26 -109.89
N ASN A 434 19.30 117.14 -110.15
CA ASN A 434 19.23 117.81 -111.44
C ASN A 434 20.34 118.83 -111.63
N THR A 435 20.91 119.33 -110.54
CA THR A 435 22.02 120.28 -110.60
C THR A 435 22.99 119.96 -109.48
N GLY A 436 23.98 120.84 -109.31
CA GLY A 436 24.91 120.72 -108.19
C GLY A 436 24.20 121.01 -106.87
N LEU A 437 23.25 121.95 -106.89
CA LEU A 437 22.44 122.26 -105.72
C LEU A 437 21.11 121.51 -105.79
N THR A 438 20.45 121.38 -104.64
CA THR A 438 19.15 120.73 -104.59
C THR A 438 18.08 121.60 -105.23
N ALA A 439 17.63 121.19 -106.43
CA ALA A 439 16.58 121.90 -107.14
C ALA A 439 15.55 120.87 -107.61
N SER A 440 14.55 121.36 -108.36
CA SER A 440 13.39 120.58 -108.81
C SER A 440 12.70 119.88 -107.64
N VAL A 441 12.32 120.67 -106.63
CA VAL A 441 11.84 120.14 -105.35
C VAL A 441 10.41 119.61 -105.50
N THR A 442 10.33 118.38 -106.03
CA THR A 442 9.04 117.72 -106.17
C THR A 442 8.49 117.23 -104.83
N LEU A 443 9.37 116.72 -103.97
CA LEU A 443 8.96 116.19 -102.69
C LEU A 443 9.90 116.73 -101.61
N ASP A 444 9.31 117.28 -100.55
CA ASP A 444 10.10 117.90 -99.50
C ASP A 444 9.41 117.70 -98.17
N LEU A 445 10.02 116.90 -97.31
CA LEU A 445 9.50 116.62 -95.98
C LEU A 445 9.90 117.69 -94.97
N PHE A 446 10.85 118.54 -95.32
CA PHE A 446 11.30 119.62 -94.46
C PHE A 446 10.68 120.95 -94.91
N ALA A 447 11.13 122.03 -94.27
CA ALA A 447 10.75 123.43 -94.51
C ALA A 447 9.27 123.73 -94.20
N ASN A 448 8.56 122.77 -93.62
CA ASN A 448 7.27 123.01 -93.00
C ASN A 448 7.38 123.11 -91.49
N ILE A 449 8.60 123.03 -90.96
CA ILE A 449 8.81 123.00 -89.51
C ILE A 449 8.54 124.37 -88.91
N GLY A 450 9.23 125.40 -89.41
CA GLY A 450 9.12 126.75 -88.89
C GLY A 450 7.77 127.40 -89.10
N THR A 451 7.04 126.94 -90.12
CA THR A 451 5.66 127.40 -90.31
C THR A 451 4.74 126.82 -89.23
N ARG A 452 4.96 125.55 -88.88
CA ARG A 452 4.12 124.93 -87.85
C ARG A 452 4.59 125.30 -86.45
N LEU A 453 5.83 125.77 -86.31
CA LEU A 453 6.32 126.11 -84.97
C LEU A 453 5.78 127.44 -84.47
N ASP A 454 5.84 128.49 -85.29
CA ASP A 454 5.41 129.81 -84.81
C ASP A 454 3.90 129.90 -84.71
N ASP A 455 3.18 128.96 -85.34
CA ASP A 455 1.75 128.80 -85.06
C ASP A 455 1.53 128.34 -83.61
N ILE A 456 2.41 127.45 -83.13
CA ILE A 456 2.30 126.95 -81.76
C ILE A 456 2.66 128.04 -80.76
N ILE A 457 3.62 128.92 -81.12
CA ILE A 457 4.07 129.99 -80.23
C ILE A 457 2.95 130.99 -79.98
N ALA A 458 2.11 131.24 -80.99
CA ALA A 458 0.98 132.14 -80.82
C ALA A 458 -0.19 131.43 -80.16
N ALA A 459 -0.32 130.12 -80.40
CA ALA A 459 -1.47 129.38 -79.85
C ALA A 459 -1.34 129.19 -78.35
N VAL A 460 -0.13 128.96 -77.85
CA VAL A 460 0.06 128.85 -76.40
C VAL A 460 0.23 130.23 -75.78
N SER A 461 0.29 131.28 -76.60
CA SER A 461 0.36 132.64 -76.08
C SER A 461 -1.00 133.10 -75.55
N ALA A 462 -2.08 132.49 -76.03
CA ALA A 462 -3.40 132.81 -75.50
C ALA A 462 -3.65 132.11 -74.17
N ALA A 463 -2.85 131.10 -73.84
CA ALA A 463 -3.07 130.33 -72.62
C ALA A 463 -2.45 130.96 -71.38
N GLU A 464 -1.58 131.95 -71.52
CA GLU A 464 -0.96 132.54 -70.34
C GLU A 464 -1.84 133.47 -69.49
N PRO A 465 -2.89 134.17 -69.98
CA PRO A 465 -3.76 134.85 -69.02
C PRO A 465 -4.89 134.01 -68.45
N ILE A 466 -5.02 132.73 -68.79
CA ILE A 466 -6.14 131.92 -68.31
C ILE A 466 -5.70 130.87 -67.30
N ASP A 467 -4.40 130.74 -67.04
CA ASP A 467 -3.89 129.80 -66.07
C ASP A 467 -3.52 130.54 -64.78
N VAL A 468 -4.06 130.07 -63.65
CA VAL A 468 -3.95 130.82 -62.41
C VAL A 468 -3.40 129.99 -61.25
N ASN A 469 -3.24 128.68 -61.44
CA ASN A 469 -2.92 127.81 -60.31
C ASN A 469 -1.77 126.83 -60.53
N ASN A 470 -1.30 126.66 -61.76
CA ASN A 470 -0.38 125.56 -62.07
C ASN A 470 1.07 126.04 -62.11
N GLY A 471 1.95 125.30 -61.47
CA GLY A 471 3.35 125.67 -61.33
C GLY A 471 4.27 125.04 -62.37
N LYS A 472 5.55 124.96 -62.01
CA LYS A 472 6.62 124.63 -62.96
C LYS A 472 6.55 123.20 -63.49
N LEU A 473 6.27 122.22 -62.63
CA LEU A 473 6.40 120.82 -62.98
C LEU A 473 5.07 120.15 -63.29
N ASN A 474 4.03 120.93 -63.59
CA ASN A 474 2.73 120.36 -63.90
C ASN A 474 2.74 119.73 -65.29
N GLY A 475 2.33 118.46 -65.36
CA GLY A 475 2.27 117.74 -66.61
C GLY A 475 3.57 117.15 -67.09
N ARG A 476 4.59 117.06 -66.24
CA ARG A 476 5.89 116.55 -66.63
C ARG A 476 6.07 115.11 -66.16
N LEU A 477 6.90 114.37 -66.90
CA LEU A 477 7.27 113.03 -66.47
C LEU A 477 8.24 113.08 -65.31
N LEU A 478 8.24 112.03 -64.50
CA LEU A 478 9.08 112.00 -63.31
C LEU A 478 10.55 111.85 -63.67
N SER A 479 10.85 111.12 -64.75
CA SER A 479 12.23 110.95 -65.18
C SER A 479 12.81 112.23 -65.75
N ASP A 480 11.96 113.12 -66.27
CA ASP A 480 12.45 114.33 -66.91
C ASP A 480 12.70 115.48 -65.93
N ILE A 481 12.31 115.33 -64.65
CA ILE A 481 12.57 116.41 -63.69
C ILE A 481 13.86 116.21 -62.93
N GLU A 482 14.54 115.07 -63.11
CA GLU A 482 15.81 114.84 -62.42
C GLU A 482 16.93 115.81 -62.81
N PRO A 483 17.11 116.23 -64.07
CA PRO A 483 18.05 117.36 -64.29
C PRO A 483 17.50 118.71 -63.86
N LEU A 484 16.17 118.86 -63.81
CA LEU A 484 15.59 120.17 -63.53
C LEU A 484 15.66 120.49 -62.04
N ASP A 485 15.13 119.61 -61.20
CA ASP A 485 15.17 119.80 -59.74
C ASP A 485 15.48 118.43 -59.14
N ASN A 486 16.74 118.24 -58.74
CA ASN A 486 17.19 116.93 -58.25
C ASN A 486 16.67 116.65 -56.84
N ALA A 487 16.48 117.69 -56.03
CA ALA A 487 16.06 117.48 -54.65
C ALA A 487 14.59 117.11 -54.56
N THR A 488 13.77 117.61 -55.49
CA THR A 488 12.36 117.24 -55.52
C THR A 488 12.17 115.82 -56.02
N TYR A 489 12.98 115.41 -57.01
CA TYR A 489 12.91 114.08 -57.58
C TYR A 489 13.26 113.00 -56.55
N ASN A 490 14.23 113.28 -55.68
CA ASN A 490 14.61 112.29 -54.68
C ASN A 490 13.57 112.19 -53.56
N THR A 491 12.82 113.27 -53.33
CA THR A 491 11.82 113.25 -52.27
C THR A 491 10.58 112.47 -52.71
N ILE A 492 10.26 112.52 -54.00
CA ILE A 492 9.11 111.77 -54.52
C ILE A 492 9.40 110.28 -54.52
N LEU A 493 10.67 109.90 -54.70
CA LEU A 493 11.05 108.49 -54.71
C LEU A 493 10.89 107.83 -53.35
N LEU A 494 11.09 108.60 -52.26
CA LEU A 494 10.89 108.05 -50.93
C LEU A 494 9.42 107.81 -50.63
N GLU A 495 8.55 108.70 -51.12
CA GLU A 495 7.12 108.56 -50.83
C GLU A 495 6.51 107.41 -51.63
N ILE A 496 7.07 107.09 -52.80
CA ILE A 496 6.57 105.98 -53.59
C ILE A 496 6.96 104.65 -52.94
N ASN A 497 8.19 104.56 -52.41
CA ASN A 497 8.70 103.33 -51.83
C ASN A 497 8.15 103.05 -50.43
N SER A 498 7.29 103.90 -49.89
CA SER A 498 6.73 103.64 -48.56
C SER A 498 5.55 102.69 -48.59
N HIS A 499 5.05 102.32 -49.77
CA HIS A 499 3.94 101.38 -49.91
C HIS A 499 4.48 99.97 -50.16
N LYS A 500 3.92 99.00 -49.45
CA LYS A 500 4.42 97.63 -49.48
C LYS A 500 3.40 96.69 -50.07
N VAL A 501 3.87 95.49 -50.44
CA VAL A 501 3.05 94.47 -51.07
C VAL A 501 2.47 93.55 -50.01
N THR A 502 1.20 93.19 -50.16
CA THR A 502 0.56 92.16 -49.35
C THR A 502 0.33 90.93 -50.23
N LEU A 503 0.73 89.76 -49.73
CA LEU A 503 0.65 88.50 -50.46
C LEU A 503 -0.14 87.46 -49.68
N PRO A 504 -0.76 86.51 -50.39
CA PRO A 504 -1.22 85.30 -49.71
C PRO A 504 -0.05 84.47 -49.24
N PRO A 505 -0.22 83.72 -48.16
CA PRO A 505 0.93 83.12 -47.47
C PRO A 505 1.42 81.78 -48.00
N SER A 506 0.96 81.30 -49.16
CA SER A 506 1.23 79.91 -49.53
C SER A 506 2.65 79.71 -50.06
N SER A 507 3.27 80.74 -50.62
CA SER A 507 4.63 80.56 -51.15
C SER A 507 5.70 80.72 -50.07
N SER A 508 5.41 81.47 -49.01
CA SER A 508 6.31 81.51 -47.87
C SER A 508 6.26 80.20 -47.09
N MET A 509 5.11 79.54 -47.08
CA MET A 509 4.97 78.25 -46.41
C MET A 509 5.77 77.18 -47.13
N ALA A 510 5.82 77.23 -48.47
CA ALA A 510 6.57 76.25 -49.24
C ALA A 510 8.08 76.35 -48.97
N GLY A 511 8.58 77.57 -48.79
CA GLY A 511 9.97 77.74 -48.43
C GLY A 511 10.28 77.20 -47.04
N ALA A 512 9.34 77.36 -46.12
CA ALA A 512 9.52 76.85 -44.77
C ALA A 512 9.38 75.33 -44.70
N TYR A 513 8.64 74.73 -45.63
CA TYR A 513 8.59 73.27 -45.71
C TYR A 513 9.95 72.70 -46.09
N ALA A 514 10.67 73.38 -46.99
CA ALA A 514 11.97 72.86 -47.44
C ALA A 514 13.06 73.16 -46.43
N ARG A 515 12.90 74.21 -45.62
CA ARG A 515 13.89 74.56 -44.61
C ARG A 515 13.86 73.58 -43.44
N VAL A 516 12.66 73.14 -43.03
CA VAL A 516 12.53 72.27 -41.87
C VAL A 516 12.89 70.83 -42.23
N ASP A 517 12.56 70.41 -43.46
CA ASP A 517 12.88 69.05 -43.90
C ASP A 517 14.39 68.84 -44.04
N ASN A 518 15.11 69.91 -44.38
CA ASN A 518 16.56 69.80 -44.48
C ASN A 518 17.21 69.83 -43.10
N ASP A 519 16.60 70.54 -42.15
CA ASP A 519 17.19 70.70 -40.82
C ASP A 519 16.87 69.52 -39.93
N ARG A 520 15.61 69.07 -39.91
CA ARG A 520 15.15 68.12 -38.90
C ARG A 520 14.45 66.90 -39.49
N GLY A 521 14.19 66.86 -40.79
CA GLY A 521 13.53 65.74 -41.40
C GLY A 521 12.08 66.04 -41.77
N VAL A 522 11.49 65.09 -42.50
CA VAL A 522 10.13 65.26 -43.00
C VAL A 522 9.08 64.86 -41.97
N TRP A 523 9.46 64.16 -40.91
CA TRP A 523 8.54 63.77 -39.85
C TRP A 523 8.38 64.85 -38.76
N LYS A 524 8.99 66.01 -38.93
CA LYS A 524 8.86 67.11 -37.99
C LYS A 524 7.80 68.08 -38.48
N SER A 525 6.87 68.45 -37.58
CA SER A 525 5.76 69.33 -37.93
C SER A 525 6.28 70.73 -38.28
N PRO A 526 5.78 71.34 -39.35
CA PRO A 526 6.20 72.73 -39.70
C PRO A 526 5.40 73.79 -38.98
N ALA A 527 5.49 73.80 -37.65
CA ALA A 527 4.86 74.81 -36.81
C ALA A 527 5.84 75.17 -35.70
N ASN A 528 5.48 76.24 -34.96
CA ASN A 528 6.36 76.90 -33.99
C ASN A 528 7.66 77.36 -34.65
N ILE A 529 7.52 78.07 -35.77
CA ILE A 529 8.62 78.53 -36.59
C ILE A 529 8.30 79.94 -37.09
N GLY A 530 9.34 80.64 -37.56
CA GLY A 530 9.19 82.01 -38.01
C GLY A 530 9.25 82.16 -39.53
N LEU A 531 8.78 83.31 -40.00
CA LEU A 531 8.78 83.64 -41.42
C LEU A 531 9.66 84.87 -41.67
N ASN A 532 10.51 84.79 -42.69
CA ASN A 532 11.38 85.91 -43.06
C ASN A 532 10.67 86.83 -44.04
N TYR A 533 11.15 88.09 -44.09
CA TYR A 533 10.64 89.19 -44.95
C TYR A 533 9.21 89.60 -44.63
N VAL A 534 8.72 89.30 -43.42
CA VAL A 534 7.33 89.54 -43.06
C VAL A 534 7.31 90.51 -41.88
N SER A 535 6.54 91.59 -42.02
CA SER A 535 6.45 92.57 -40.92
C SER A 535 5.37 92.20 -39.91
N LYS A 536 4.19 91.80 -40.38
CA LYS A 536 3.07 91.45 -39.51
C LYS A 536 2.07 90.64 -40.33
N PRO A 537 1.16 89.91 -39.67
CA PRO A 537 -0.05 89.44 -40.36
C PRO A 537 -0.98 90.60 -40.68
N SER A 538 -1.84 90.39 -41.67
CA SER A 538 -2.77 91.44 -42.09
C SER A 538 -3.96 91.56 -41.16
N VAL A 539 -4.35 90.48 -40.49
CA VAL A 539 -5.47 90.47 -39.56
C VAL A 539 -4.94 89.92 -38.24
N THR A 540 -5.44 90.46 -37.13
CA THR A 540 -5.11 89.96 -35.80
C THR A 540 -6.07 88.82 -35.45
N VAL A 541 -5.51 87.69 -35.02
CA VAL A 541 -6.26 86.53 -34.57
C VAL A 541 -5.89 86.29 -33.11
N SER A 542 -6.88 86.31 -32.24
CA SER A 542 -6.63 86.13 -30.81
C SER A 542 -6.63 84.67 -30.42
N HIS A 543 -6.47 84.42 -29.12
CA HIS A 543 -6.50 83.06 -28.58
C HIS A 543 -7.89 82.45 -28.73
N GLU A 544 -8.92 83.24 -28.48
CA GLU A 544 -10.29 82.73 -28.40
C GLU A 544 -10.89 82.41 -29.74
N GLU A 545 -10.50 83.09 -30.83
CA GLU A 545 -11.06 82.81 -32.14
C GLU A 545 -10.23 81.81 -32.95
N GLN A 546 -9.10 81.33 -32.43
CA GLN A 546 -8.40 80.23 -33.09
C GLN A 546 -8.97 78.87 -32.71
N GLU A 547 -9.84 78.81 -31.69
CA GLU A 547 -10.38 77.53 -31.22
C GLU A 547 -11.29 76.89 -32.26
N SER A 548 -12.15 77.68 -32.92
CA SER A 548 -12.99 77.12 -33.97
C SER A 548 -12.24 77.00 -35.29
N MET A 549 -11.04 77.57 -35.39
CA MET A 549 -10.18 77.31 -36.53
C MET A 549 -9.50 75.95 -36.42
N ASN A 550 -8.99 75.60 -35.24
CA ASN A 550 -8.19 74.39 -35.09
C ASN A 550 -9.07 73.15 -34.98
N VAL A 551 -10.15 73.23 -34.20
CA VAL A 551 -11.04 72.09 -33.94
C VAL A 551 -12.46 72.48 -34.32
N HIS A 552 -13.09 71.67 -35.15
CA HIS A 552 -14.40 72.00 -35.71
C HIS A 552 -15.18 70.71 -35.95
N GLY A 553 -16.51 70.85 -36.05
CA GLY A 553 -17.38 69.70 -36.23
C GLY A 553 -17.31 69.10 -37.63
N THR A 554 -16.96 69.92 -38.63
CA THR A 554 -16.76 69.39 -39.97
C THR A 554 -15.42 68.66 -40.08
N GLY A 555 -14.47 68.98 -39.21
CA GLY A 555 -13.13 68.48 -39.32
C GLY A 555 -12.22 69.26 -40.24
N LYS A 556 -12.70 70.35 -40.84
CA LYS A 556 -11.89 71.14 -41.78
C LYS A 556 -11.15 72.24 -41.02
N SER A 557 -9.89 71.95 -40.72
CA SER A 557 -9.06 72.82 -39.88
C SER A 557 -8.31 73.85 -40.72
N VAL A 558 -8.14 75.04 -40.16
CA VAL A 558 -7.38 76.12 -40.79
C VAL A 558 -6.26 76.54 -39.86
N ASN A 559 -5.04 76.59 -40.38
CA ASN A 559 -3.87 76.95 -39.59
C ASN A 559 -3.69 78.47 -39.57
N ALA A 560 -3.37 78.99 -38.38
CA ALA A 560 -3.34 80.44 -38.13
C ALA A 560 -1.92 80.98 -38.05
N ILE A 561 -1.71 82.16 -38.62
CA ILE A 561 -0.45 82.91 -38.47
C ILE A 561 -0.68 84.01 -37.44
N ARG A 562 0.11 83.99 -36.37
CA ARG A 562 -0.14 84.85 -35.22
C ARG A 562 1.14 85.56 -34.76
N SER A 563 0.95 86.56 -33.89
CA SER A 563 2.04 87.30 -33.28
C SER A 563 2.02 87.10 -31.77
N PHE A 564 3.20 87.04 -31.17
CA PHE A 564 3.36 86.85 -29.73
C PHE A 564 4.41 87.84 -29.23
N VAL A 565 4.18 88.37 -28.03
CA VAL A 565 5.08 89.37 -27.46
C VAL A 565 6.40 88.72 -27.09
N GLY A 566 7.50 89.26 -27.62
CA GLY A 566 8.82 88.73 -27.39
C GLY A 566 9.27 87.68 -28.38
N LYS A 567 8.43 87.30 -29.34
CA LYS A 567 8.70 86.19 -30.22
C LYS A 567 8.48 86.49 -31.71
N GLY A 568 7.71 87.51 -32.05
CA GLY A 568 7.46 87.84 -33.43
C GLY A 568 6.32 87.04 -34.05
N THR A 569 6.30 87.05 -35.38
CA THR A 569 5.26 86.39 -36.15
C THR A 569 5.63 84.92 -36.38
N LEU A 570 4.71 84.02 -36.03
CA LEU A 570 4.97 82.59 -36.11
C LEU A 570 3.83 81.87 -36.84
N VAL A 571 4.16 80.67 -37.34
CA VAL A 571 3.14 79.72 -37.78
C VAL A 571 2.68 78.91 -36.58
N TRP A 572 1.38 78.92 -36.31
CA TRP A 572 0.81 78.24 -35.14
C TRP A 572 -0.34 77.37 -35.59
N GLY A 573 -0.04 76.15 -36.03
CA GLY A 573 -0.99 75.18 -36.52
C GLY A 573 -0.35 74.25 -37.54
N ALA A 574 -0.63 72.95 -37.40
CA ALA A 574 -0.01 71.93 -38.28
C ALA A 574 -1.00 70.82 -38.63
N ARG A 575 -2.23 71.16 -39.02
CA ARG A 575 -3.23 70.15 -39.35
C ARG A 575 -3.55 70.15 -40.85
N THR A 576 -4.05 69.01 -41.34
CA THR A 576 -4.63 68.92 -42.66
C THR A 576 -6.14 69.21 -42.60
N LEU A 577 -6.81 69.10 -43.75
CA LEU A 577 -8.25 69.32 -43.85
C LEU A 577 -9.08 68.07 -43.49
N ALA A 578 -8.44 67.04 -42.94
CA ALA A 578 -9.11 65.87 -42.38
C ALA A 578 -8.79 65.82 -40.88
N GLY A 579 -8.99 66.94 -40.22
CA GLY A 579 -8.55 67.24 -38.87
C GLY A 579 -9.18 66.45 -37.74
N ASN A 580 -10.20 65.62 -37.98
CA ASN A 580 -10.71 64.71 -36.97
C ASN A 580 -10.36 63.25 -37.23
N ASP A 581 -9.40 62.98 -38.11
CA ASP A 581 -8.99 61.62 -38.48
C ASP A 581 -7.83 61.19 -37.59
N ASN A 582 -7.93 60.00 -37.00
CA ASN A 582 -6.87 59.55 -36.11
C ASN A 582 -5.63 59.07 -36.89
N GLU A 583 -5.78 58.83 -38.18
CA GLU A 583 -4.63 58.42 -38.98
C GLU A 583 -4.01 59.59 -39.73
N TRP A 584 -4.83 60.56 -40.16
CA TRP A 584 -4.37 61.53 -41.15
C TRP A 584 -4.58 62.99 -40.77
N ARG A 585 -4.53 63.35 -39.48
CA ARG A 585 -4.82 64.74 -39.13
C ARG A 585 -3.58 65.63 -39.14
N TYR A 586 -2.39 65.06 -39.12
CA TYR A 586 -1.16 65.85 -39.06
C TYR A 586 -0.46 65.86 -40.41
N ILE A 587 0.10 67.02 -40.75
CA ILE A 587 0.77 67.23 -42.03
C ILE A 587 2.01 66.33 -42.15
N SER A 588 2.75 66.19 -41.06
CA SER A 588 4.03 65.49 -41.11
C SER A 588 3.86 63.98 -41.22
N VAL A 589 2.75 63.44 -40.70
CA VAL A 589 2.46 62.02 -40.85
C VAL A 589 2.13 61.70 -42.30
N ARG A 590 1.28 62.51 -42.93
CA ARG A 590 0.89 62.32 -44.33
C ARG A 590 2.08 62.46 -45.29
N ARG A 591 3.00 63.39 -45.00
CA ARG A 591 4.10 63.61 -45.93
C ARG A 591 5.21 62.58 -45.74
N PHE A 592 5.29 61.95 -44.56
CA PHE A 592 6.22 60.83 -44.38
C PHE A 592 5.73 59.57 -45.07
N PHE A 593 4.41 59.33 -45.07
CA PHE A 593 3.84 58.21 -45.83
C PHE A 593 4.01 58.40 -47.33
N ASN A 594 3.97 59.65 -47.81
CA ASN A 594 4.20 59.91 -49.22
C ASN A 594 5.64 59.61 -49.62
N MET A 595 6.59 59.85 -48.72
CA MET A 595 7.99 59.57 -49.03
C MET A 595 8.27 58.08 -49.02
N ALA A 596 7.83 57.39 -47.97
CA ALA A 596 8.19 56.00 -47.74
C ALA A 596 7.54 55.07 -48.77
N GLU A 597 6.32 55.39 -49.22
CA GLU A 597 5.62 54.52 -50.16
C GLU A 597 6.22 54.62 -51.56
N GLU A 598 6.64 55.82 -51.96
CA GLU A 598 7.21 55.99 -53.29
C GLU A 598 8.61 55.39 -53.40
N SER A 599 9.40 55.47 -52.33
CA SER A 599 10.75 54.92 -52.34
C SER A 599 10.72 53.40 -52.41
N ILE A 600 9.76 52.77 -51.74
CA ILE A 600 9.63 51.32 -51.76
C ILE A 600 9.07 50.85 -53.10
N LYS A 601 8.19 51.63 -53.71
CA LYS A 601 7.58 51.26 -54.99
C LYS A 601 8.59 51.27 -56.13
N LYS A 602 9.50 52.25 -56.14
CA LYS A 602 10.51 52.30 -57.17
C LYS A 602 11.54 51.17 -57.04
N ALA A 603 11.84 50.76 -55.80
CA ALA A 603 12.81 49.70 -55.59
C ALA A 603 12.25 48.32 -55.93
N THR A 604 10.93 48.20 -56.07
CA THR A 604 10.24 46.93 -56.26
C THR A 604 10.06 46.55 -57.74
N GLU A 605 10.27 47.47 -58.70
CA GLU A 605 10.04 47.11 -60.10
C GLU A 605 11.10 46.18 -60.68
N GLN A 606 12.19 45.92 -59.95
CA GLN A 606 13.15 44.93 -60.42
C GLN A 606 12.68 43.50 -60.16
N PHE A 607 11.54 43.32 -59.50
CA PHE A 607 11.02 42.01 -59.11
C PHE A 607 9.77 41.58 -59.86
N VAL A 608 9.40 42.26 -60.96
CA VAL A 608 8.04 42.12 -61.52
C VAL A 608 7.81 40.75 -62.14
N PHE A 609 8.70 40.29 -63.02
CA PHE A 609 8.53 38.98 -63.64
C PHE A 609 9.45 37.91 -63.06
N GLU A 610 9.85 38.08 -61.79
CA GLU A 610 10.71 37.14 -61.10
C GLU A 610 9.91 35.88 -60.70
N PRO A 611 10.59 34.78 -60.36
CA PRO A 611 9.89 33.62 -59.81
C PRO A 611 9.23 33.92 -58.46
N ASN A 612 7.96 33.55 -58.35
CA ASN A 612 7.16 33.85 -57.16
C ASN A 612 7.22 32.68 -56.18
N ASP A 613 8.41 32.51 -55.59
CA ASP A 613 8.68 31.38 -54.70
C ASP A 613 9.39 31.86 -53.44
N GLY A 614 9.84 30.90 -52.63
CA GLY A 614 10.37 31.21 -51.31
C GLY A 614 11.71 31.92 -51.33
N ASN A 615 12.46 31.77 -52.43
CA ASN A 615 13.74 32.47 -52.55
C ASN A 615 13.54 33.97 -52.77
N THR A 616 12.49 34.34 -53.51
CA THR A 616 12.18 35.74 -53.74
C THR A 616 11.62 36.40 -52.49
N TRP A 617 10.79 35.68 -51.73
CA TRP A 617 10.08 36.27 -50.59
C TRP A 617 11.03 36.60 -49.44
N VAL A 618 12.16 35.88 -49.35
CA VAL A 618 13.15 36.17 -48.32
C VAL A 618 13.90 37.46 -48.63
N ARG A 619 14.23 37.67 -49.91
CA ARG A 619 15.00 38.86 -50.27
C ARG A 619 14.13 40.10 -50.35
N VAL A 620 12.84 39.95 -50.66
CA VAL A 620 11.93 41.08 -50.68
C VAL A 620 11.68 41.60 -49.26
N ARG A 621 11.53 40.68 -48.32
CA ARG A 621 11.30 41.05 -46.92
C ARG A 621 12.51 41.75 -46.32
N ALA A 622 13.73 41.31 -46.67
CA ALA A 622 14.93 41.87 -46.07
C ALA A 622 15.27 43.23 -46.66
N MET A 623 14.87 43.50 -47.91
CA MET A 623 15.09 44.82 -48.51
C MET A 623 14.23 45.89 -47.83
N ILE A 624 12.97 45.55 -47.52
CA ILE A 624 12.07 46.52 -46.90
C ILE A 624 12.43 46.70 -45.42
N GLU A 625 12.88 45.62 -44.77
CA GLU A 625 13.22 45.69 -43.36
C GLU A 625 14.48 46.50 -43.10
N ASN A 626 15.45 46.43 -44.02
CA ASN A 626 16.68 47.21 -43.86
C ASN A 626 16.42 48.70 -44.02
N PHE A 627 15.45 49.06 -44.85
CA PHE A 627 15.11 50.47 -45.06
C PHE A 627 14.40 51.05 -43.84
N LEU A 628 13.48 50.29 -43.23
CA LEU A 628 12.70 50.81 -42.12
C LEU A 628 13.50 50.86 -40.82
N ILE A 629 14.58 50.08 -40.73
CA ILE A 629 15.46 50.10 -39.57
C ILE A 629 16.24 51.42 -39.51
N LEU A 630 16.59 51.97 -40.67
CA LEU A 630 17.23 53.28 -40.72
C LEU A 630 16.27 54.39 -40.32
N GLN A 631 14.98 54.25 -40.63
CA GLN A 631 14.00 55.27 -40.26
C GLN A 631 13.73 55.26 -38.76
N TRP A 632 13.78 54.08 -38.15
CA TRP A 632 13.63 53.97 -36.70
C TRP A 632 14.82 54.59 -35.97
N ARG A 633 16.01 54.45 -36.51
CA ARG A 633 17.19 54.96 -35.82
C ARG A 633 17.31 56.47 -35.95
N ALA A 634 16.76 57.05 -37.02
CA ALA A 634 16.76 58.50 -37.17
C ALA A 634 15.68 59.19 -36.34
N GLY A 635 14.74 58.46 -35.78
CA GLY A 635 13.71 59.03 -34.93
C GLY A 635 12.33 59.19 -35.55
N ALA A 636 12.10 58.64 -36.75
CA ALA A 636 10.80 58.81 -37.38
C ALA A 636 9.78 57.78 -36.87
N LEU A 637 10.25 56.67 -36.34
CA LEU A 637 9.39 55.63 -35.80
C LEU A 637 9.63 55.49 -34.31
N ALA A 638 8.55 55.43 -33.54
CA ALA A 638 8.61 55.36 -32.09
C ALA A 638 8.68 53.90 -31.63
N GLY A 639 9.61 53.60 -30.74
CA GLY A 639 9.72 52.26 -30.20
C GLY A 639 11.03 52.08 -29.47
N ALA A 640 10.99 51.23 -28.45
CA ALA A 640 12.21 50.90 -27.71
C ALA A 640 13.02 49.84 -28.43
N LYS A 641 12.37 49.07 -29.30
CA LYS A 641 13.02 47.98 -30.02
C LYS A 641 12.39 47.92 -31.42
N PRO A 642 13.06 47.32 -32.42
CA PRO A 642 12.53 47.39 -33.80
C PRO A 642 11.20 46.69 -34.05
N GLU A 643 10.85 45.67 -33.26
CA GLU A 643 9.59 44.97 -33.52
C GLU A 643 8.40 45.72 -32.91
N HIS A 644 8.68 46.76 -32.12
CA HIS A 644 7.61 47.64 -31.67
C HIS A 644 7.28 48.70 -32.71
N ALA A 645 8.19 48.90 -33.68
CA ALA A 645 8.04 50.02 -34.59
C ALA A 645 7.38 49.62 -35.90
N PHE A 646 7.62 48.40 -36.38
CA PHE A 646 7.08 47.99 -37.69
C PHE A 646 6.93 46.47 -37.74
N TYR A 647 6.32 46.01 -38.82
CA TYR A 647 6.31 44.60 -39.21
C TYR A 647 6.22 44.49 -40.73
N VAL A 648 6.72 43.37 -41.27
CA VAL A 648 6.65 43.06 -42.70
C VAL A 648 6.28 41.58 -42.84
N LYS A 649 5.27 41.30 -43.65
CA LYS A 649 4.80 39.92 -43.89
C LYS A 649 4.62 39.67 -45.39
N VAL A 650 5.18 38.57 -45.87
CA VAL A 650 4.99 38.12 -47.25
C VAL A 650 5.25 36.61 -47.32
N GLY A 651 4.38 35.88 -47.99
CA GLY A 651 4.60 34.46 -48.20
C GLY A 651 3.31 33.70 -48.39
N LEU A 652 3.47 32.43 -48.81
CA LEU A 652 2.36 31.50 -48.95
C LEU A 652 1.94 30.99 -47.58
N GLY A 653 0.64 31.07 -47.30
CA GLY A 653 0.13 30.78 -45.98
C GLY A 653 0.21 31.92 -45.00
N GLN A 654 0.75 33.07 -45.40
CA GLN A 654 0.79 34.27 -44.58
C GLN A 654 0.00 35.41 -45.21
N THR A 655 0.26 35.72 -46.48
CA THR A 655 -0.48 36.74 -47.20
C THR A 655 -1.13 36.22 -48.48
N MET A 656 -0.86 34.98 -48.89
CA MET A 656 -1.24 34.49 -50.21
C MET A 656 -1.82 33.08 -50.11
N THR A 657 -2.67 32.73 -51.07
CA THR A 657 -3.14 31.36 -51.28
C THR A 657 -2.47 30.76 -52.51
N ALA A 658 -2.72 29.46 -52.71
CA ALA A 658 -2.18 28.78 -53.88
C ALA A 658 -2.88 29.21 -55.16
N GLN A 659 -4.15 29.58 -55.04
CA GLN A 659 -4.88 30.16 -56.18
C GLN A 659 -4.31 31.53 -56.55
N ASP A 660 -3.76 32.25 -55.57
CA ASP A 660 -3.14 33.55 -55.85
C ASP A 660 -1.86 33.39 -56.68
N ILE A 661 -1.12 32.30 -56.46
CA ILE A 661 0.14 32.06 -57.17
C ILE A 661 -0.13 31.79 -58.64
N LEU A 662 -1.18 31.01 -58.95
CA LEU A 662 -1.51 30.70 -60.33
C LEU A 662 -1.96 31.93 -61.11
N GLU A 663 -2.58 32.90 -60.44
CA GLU A 663 -2.97 34.14 -61.10
C GLU A 663 -1.83 35.13 -61.27
N GLY A 664 -0.71 34.94 -60.58
CA GLY A 664 0.40 35.85 -60.68
C GLY A 664 0.43 36.98 -59.67
N ASN A 665 -0.12 36.78 -58.48
CA ASN A 665 -0.20 37.82 -57.45
C ASN A 665 0.82 37.54 -56.34
N MET A 666 1.46 38.60 -55.87
CA MET A 666 2.30 38.58 -54.68
C MET A 666 1.90 39.72 -53.76
N ASN A 667 1.53 39.40 -52.52
CA ASN A 667 1.00 40.36 -51.56
C ASN A 667 2.03 40.62 -50.45
N VAL A 668 2.32 41.90 -50.19
CA VAL A 668 3.20 42.32 -49.11
C VAL A 668 2.43 43.26 -48.19
N GLU A 669 2.51 43.02 -46.88
CA GLU A 669 1.80 43.79 -45.88
C GLU A 669 2.78 44.48 -44.94
N ILE A 670 2.59 45.78 -44.72
CA ILE A 670 3.53 46.64 -44.00
C ILE A 670 2.75 47.51 -43.01
N GLY A 671 3.10 47.42 -41.73
CA GLY A 671 2.49 48.27 -40.71
C GLY A 671 3.49 49.19 -39.99
N LEU A 672 3.11 50.44 -39.75
CA LEU A 672 4.05 51.45 -39.26
C LEU A 672 3.51 52.15 -38.02
N ALA A 673 4.43 52.64 -37.17
CA ALA A 673 4.11 53.41 -35.97
C ALA A 673 4.90 54.72 -36.03
N VAL A 674 4.28 55.76 -36.56
CA VAL A 674 4.95 57.03 -36.85
C VAL A 674 4.75 57.99 -35.68
N VAL A 675 5.78 58.79 -35.38
CA VAL A 675 5.75 59.70 -34.23
C VAL A 675 4.82 60.89 -34.48
N ARG A 676 4.03 61.22 -33.46
CA ARG A 676 3.07 62.32 -33.50
C ARG A 676 3.61 63.54 -32.77
N PRO A 677 3.17 64.74 -33.12
CA PRO A 677 3.60 65.93 -32.37
C PRO A 677 2.90 66.08 -31.03
N ALA A 678 3.49 66.92 -30.18
CA ALA A 678 2.94 67.25 -28.86
C ALA A 678 2.26 68.62 -28.95
N GLU A 679 0.96 68.58 -29.19
CA GLU A 679 0.20 69.79 -29.51
C GLU A 679 -0.29 70.51 -28.26
N PHE A 680 -0.72 69.76 -27.25
CA PHE A 680 -1.20 70.32 -25.99
C PHE A 680 -0.39 69.75 -24.84
N ILE A 681 0.18 70.62 -24.01
CA ILE A 681 0.99 70.22 -22.86
C ILE A 681 0.26 70.68 -21.60
N ILE A 682 -0.08 69.73 -20.73
CA ILE A 682 -0.93 69.98 -19.57
C ILE A 682 -0.13 69.72 -18.30
N LEU A 683 0.11 70.78 -17.53
CA LEU A 683 0.84 70.69 -16.26
C LEU A 683 -0.14 70.57 -15.10
N LYS A 684 0.02 69.51 -14.30
CA LYS A 684 -0.89 69.23 -13.19
C LYS A 684 -0.15 69.35 -11.85
N PHE A 685 -0.52 70.35 -11.06
CA PHE A 685 0.15 70.67 -9.81
C PHE A 685 -0.70 70.22 -8.62
N SER A 686 -0.02 69.73 -7.57
CA SER A 686 -0.69 69.26 -6.36
C SER A 686 0.25 69.33 -5.17
N HIS A 687 -0.35 69.35 -3.98
CA HIS A 687 0.38 69.32 -2.72
C HIS A 687 0.68 67.88 -2.32
N LYS A 688 1.86 67.66 -1.72
CA LYS A 688 2.18 66.38 -1.12
C LYS A 688 2.50 66.56 0.36
N MET A 689 2.26 65.51 1.15
CA MET A 689 2.43 65.59 2.59
C MET A 689 3.90 65.62 2.98
N GLN A 690 4.21 66.35 4.05
CA GLN A 690 5.57 66.51 4.54
C GLN A 690 6.09 65.24 5.18
N ALA B 2 -10.96 71.74 -19.03
CA ALA B 2 -10.75 70.31 -19.30
C ALA B 2 -10.72 70.03 -20.79
N THR B 3 -11.16 71.01 -21.58
CA THR B 3 -11.20 70.91 -23.04
C THR B 3 -10.25 71.94 -23.63
N TYR B 4 -9.36 71.50 -24.51
CA TYR B 4 -8.36 72.37 -25.11
C TYR B 4 -8.41 72.27 -26.63
N LYS B 5 -8.54 73.42 -27.29
CA LYS B 5 -8.62 73.51 -28.73
C LYS B 5 -7.48 74.28 -29.37
N THR B 6 -7.00 75.35 -28.73
CA THR B 6 -5.85 76.04 -29.30
C THR B 6 -4.54 75.52 -28.69
N PRO B 7 -3.50 75.42 -29.51
CA PRO B 7 -2.23 74.85 -29.03
C PRO B 7 -1.51 75.72 -28.00
N GLY B 8 -0.85 75.06 -27.05
CA GLY B 8 -0.04 75.76 -26.07
C GLY B 8 0.14 74.91 -24.82
N VAL B 9 0.47 75.61 -23.73
CA VAL B 9 0.69 75.02 -22.42
C VAL B 9 -0.44 75.48 -21.49
N TYR B 10 -0.91 74.56 -20.63
CA TYR B 10 -2.00 74.86 -19.71
C TYR B 10 -1.64 74.39 -18.31
N ILE B 11 -2.30 75.00 -17.32
CA ILE B 11 -2.01 74.75 -15.90
C ILE B 11 -3.30 74.29 -15.22
N GLU B 12 -3.23 73.17 -14.51
CA GLU B 12 -4.34 72.60 -13.76
C GLU B 12 -3.93 72.41 -12.30
N GLU B 13 -4.85 72.68 -11.38
CA GLU B 13 -4.62 72.42 -9.97
C GLU B 13 -5.59 71.34 -9.48
N ILE B 14 -5.07 70.36 -8.74
CA ILE B 14 -5.84 69.23 -8.25
C ILE B 14 -5.93 69.32 -6.74
N THR B 15 -7.15 69.15 -6.20
CA THR B 15 -7.43 69.27 -4.78
C THR B 15 -7.33 67.91 -4.10
N LYS B 16 -6.46 67.81 -3.09
CA LYS B 16 -6.26 66.55 -2.38
C LYS B 16 -6.52 66.64 -0.88
N PHE B 17 -6.08 67.71 -0.22
CA PHE B 17 -6.18 67.77 1.23
C PHE B 17 -7.62 68.10 1.65
N PRO B 18 -8.12 67.55 2.75
CA PRO B 18 -9.42 67.97 3.28
C PRO B 18 -9.33 69.31 3.98
N PRO B 19 -10.43 70.04 4.10
CA PRO B 19 -10.43 71.24 4.95
C PRO B 19 -10.49 70.86 6.43
N SER B 20 -10.41 71.88 7.28
CA SER B 20 -10.43 71.68 8.72
C SER B 20 -11.64 72.34 9.35
N VAL B 21 -12.06 71.79 10.49
CA VAL B 21 -13.20 72.28 11.26
C VAL B 21 -12.75 73.39 12.20
N ALA B 22 -13.59 74.42 12.37
CA ALA B 22 -13.32 75.55 13.25
C ALA B 22 -14.26 75.47 14.46
N GLN B 23 -13.68 75.51 15.66
CA GLN B 23 -14.43 75.27 16.88
C GLN B 23 -15.19 76.51 17.35
N VAL B 24 -16.42 76.29 17.86
CA VAL B 24 -17.30 77.37 18.28
C VAL B 24 -17.14 77.62 19.78
N GLU B 25 -17.61 78.81 20.21
CA GLU B 25 -17.62 79.16 21.63
C GLU B 25 -18.64 78.30 22.39
N THR B 26 -18.38 78.08 23.68
CA THR B 26 -19.22 77.17 24.47
C THR B 26 -20.06 77.84 25.54
N ALA B 27 -19.65 79.00 26.09
CA ALA B 27 -20.41 79.63 27.18
C ALA B 27 -20.56 81.13 26.91
N ILE B 28 -21.60 81.48 26.16
CA ILE B 28 -22.05 82.86 25.97
C ILE B 28 -23.51 82.93 26.43
N PRO B 29 -23.80 83.55 27.57
CA PRO B 29 -25.19 83.64 28.03
C PRO B 29 -25.94 84.86 27.50
N ALA B 30 -27.25 84.84 27.70
CA ALA B 30 -28.13 85.95 27.35
C ALA B 30 -29.02 86.27 28.54
N PHE B 31 -29.06 87.55 28.94
CA PHE B 31 -29.85 88.01 30.07
C PHE B 31 -31.05 88.80 29.55
N ILE B 32 -32.25 88.43 30.00
CA ILE B 32 -33.51 88.97 29.48
C ILE B 32 -34.30 89.55 30.65
N GLY B 33 -34.50 90.86 30.66
CA GLY B 33 -35.19 91.51 31.75
C GLY B 33 -35.22 93.02 31.59
N TYR B 34 -35.55 93.69 32.70
CA TYR B 34 -35.76 95.15 32.71
C TYR B 34 -34.49 95.91 33.05
N THR B 35 -34.30 97.06 32.41
CA THR B 35 -33.16 97.93 32.67
C THR B 35 -33.62 99.33 33.04
N GLN B 36 -32.66 100.22 33.27
CA GLN B 36 -33.00 101.60 33.64
C GLN B 36 -33.31 102.46 32.41
N PHE B 37 -32.44 102.50 31.39
CA PHE B 37 -32.83 103.28 30.23
C PHE B 37 -32.66 102.65 28.83
N ALA B 38 -31.61 101.86 28.58
CA ALA B 38 -31.36 101.17 27.28
C ALA B 38 -31.22 102.14 26.09
N ARG B 39 -30.11 102.89 26.09
CA ARG B 39 -29.86 103.89 25.05
C ARG B 39 -28.61 103.57 24.24
N THR B 40 -28.66 103.84 22.92
CA THR B 40 -27.46 103.68 22.10
C THR B 40 -26.47 104.82 22.29
N LYS B 41 -26.98 106.05 22.36
CA LYS B 41 -26.15 107.20 22.68
C LYS B 41 -26.53 107.68 24.08
N PRO B 42 -25.60 107.64 25.04
CA PRO B 42 -25.99 107.89 26.44
C PRO B 42 -26.40 109.32 26.74
N SER B 43 -25.97 110.29 25.93
CA SER B 43 -26.35 111.67 26.19
C SER B 43 -27.75 111.97 25.67
N VAL B 44 -28.11 111.43 24.50
CA VAL B 44 -29.42 111.66 23.89
C VAL B 44 -30.43 110.73 24.53
N ASP B 45 -31.54 111.29 25.02
CA ASP B 45 -32.53 110.60 25.84
C ASP B 45 -33.56 109.92 24.95
N SER B 46 -33.23 108.72 24.47
CA SER B 46 -34.15 107.95 23.63
C SER B 46 -33.87 106.46 23.84
N ASP B 47 -34.90 105.71 24.22
CA ASP B 47 -34.77 104.28 24.48
C ASP B 47 -34.98 103.53 23.18
N ASP B 48 -33.94 103.50 22.33
CA ASP B 48 -34.01 102.77 21.07
C ASP B 48 -33.38 101.38 21.14
N LEU B 49 -32.99 100.91 22.32
CA LEU B 49 -32.48 99.57 22.52
C LEU B 49 -33.46 98.66 23.24
N ILE B 50 -34.77 98.85 23.04
CA ILE B 50 -35.78 98.20 23.89
C ILE B 50 -35.81 96.69 23.65
N LEU B 51 -36.00 96.26 22.40
CA LEU B 51 -35.99 94.84 22.10
C LEU B 51 -34.93 94.45 21.08
N LYS B 52 -33.71 94.99 21.22
CA LYS B 52 -32.59 94.68 20.34
C LYS B 52 -31.49 94.02 21.14
N PRO B 53 -31.02 92.83 20.75
CA PRO B 53 -29.90 92.21 21.47
C PRO B 53 -28.58 92.92 21.19
N LYS B 54 -27.81 93.12 22.25
CA LYS B 54 -26.54 93.82 22.18
C LYS B 54 -25.47 93.04 22.96
N ARG B 55 -24.28 92.95 22.38
CA ARG B 55 -23.17 92.23 22.98
C ARG B 55 -22.25 93.19 23.74
N ILE B 56 -22.10 92.96 25.04
CA ILE B 56 -21.25 93.77 25.91
C ILE B 56 -20.09 92.89 26.39
N SER B 57 -19.15 93.51 27.11
CA SER B 57 -17.93 92.81 27.51
C SER B 57 -17.57 92.95 28.99
N SER B 58 -18.13 93.93 29.69
CA SER B 58 -17.78 94.12 31.10
C SER B 58 -18.95 94.82 31.79
N LEU B 59 -18.80 95.01 33.09
CA LEU B 59 -19.82 95.71 33.86
C LEU B 59 -19.83 97.21 33.55
N LEU B 60 -18.69 97.75 33.13
CA LEU B 60 -18.64 99.16 32.76
C LEU B 60 -19.35 99.42 31.43
N ASP B 61 -19.36 98.42 30.55
CA ASP B 61 -20.12 98.53 29.31
C ASP B 61 -21.62 98.52 29.58
N PHE B 62 -22.05 97.82 30.64
CA PHE B 62 -23.48 97.72 30.91
C PHE B 62 -24.05 99.05 31.41
N THR B 63 -23.33 99.72 32.32
CA THR B 63 -23.89 100.93 32.93
C THR B 63 -23.83 102.11 31.96
N THR B 64 -22.99 102.02 30.94
CA THR B 64 -22.95 103.04 29.89
C THR B 64 -24.25 103.07 29.10
N TYR B 65 -24.72 101.89 28.67
CA TYR B 65 -25.90 101.81 27.81
C TYR B 65 -27.19 101.57 28.58
N TYR B 66 -27.12 100.97 29.77
CA TYR B 66 -28.33 100.55 30.48
C TYR B 66 -28.50 101.13 31.87
N GLY B 67 -27.43 101.57 32.53
CA GLY B 67 -27.55 102.17 33.85
C GLY B 67 -27.35 101.18 34.99
N GLY B 68 -27.89 101.54 36.14
CA GLY B 68 -27.77 100.72 37.34
C GLY B 68 -29.08 100.24 37.92
N ALA B 69 -29.11 100.00 39.23
CA ALA B 69 -30.28 99.47 39.90
C ALA B 69 -31.25 100.59 40.29
N GLN B 70 -32.41 100.20 40.82
CA GLN B 70 -33.42 101.14 41.29
C GLN B 70 -33.23 101.40 42.78
N ASN B 71 -33.40 102.67 43.17
CA ASN B 71 -33.33 103.06 44.57
C ASN B 71 -34.48 102.45 45.37
N GLU B 72 -34.16 101.91 46.54
CA GLU B 72 -35.18 101.31 47.39
C GLU B 72 -36.03 102.37 48.08
N GLN B 73 -37.31 102.06 48.27
CA GLN B 73 -38.25 102.99 48.88
C GLN B 73 -38.77 102.54 50.23
N GLY B 74 -38.33 101.39 50.74
CA GLY B 74 -38.83 100.85 51.98
C GLY B 74 -37.93 100.91 53.20
N ILE B 75 -37.03 101.91 53.27
CA ILE B 75 -36.09 102.01 54.42
C ILE B 75 -36.57 103.06 55.42
N THR B 76 -36.60 102.72 56.71
CA THR B 76 -37.01 103.62 57.78
C THR B 76 -35.93 103.67 58.86
N VAL B 77 -35.74 104.85 59.45
CA VAL B 77 -34.73 105.08 60.48
C VAL B 77 -35.43 105.64 61.71
N LYS B 78 -35.11 105.09 62.88
CA LYS B 78 -35.69 105.46 64.17
C LYS B 78 -34.59 105.88 65.13
N LEU B 79 -34.80 106.99 65.84
CA LEU B 79 -33.87 107.48 66.85
C LEU B 79 -34.60 107.66 68.18
N THR B 80 -33.96 107.24 69.27
CA THR B 80 -34.54 107.33 70.61
C THR B 80 -33.48 107.75 71.62
N ASP B 81 -33.79 108.81 72.38
CA ASP B 81 -32.94 109.28 73.47
C ASP B 81 -33.59 108.90 74.80
N THR B 82 -32.79 108.35 75.72
CA THR B 82 -33.29 107.79 76.96
C THR B 82 -32.33 108.21 78.07
N LEU B 83 -32.82 108.16 79.32
CA LEU B 83 -32.00 108.38 80.50
C LEU B 83 -32.11 107.17 81.41
N ILE B 84 -30.97 106.55 81.72
CA ILE B 84 -30.91 105.36 82.57
C ILE B 84 -30.07 105.71 83.78
N GLU B 85 -30.74 105.94 84.91
CA GLU B 85 -30.20 106.40 86.21
C GLU B 85 -29.19 107.54 86.05
N GLY B 86 -29.57 108.54 85.27
CA GLY B 86 -28.72 109.71 85.04
C GLY B 86 -27.69 109.57 83.95
N ALA B 87 -27.68 108.46 83.21
CA ALA B 87 -26.74 108.23 82.13
C ALA B 87 -27.49 108.21 80.81
N GLU B 88 -26.92 108.84 79.79
CA GLU B 88 -27.58 108.94 78.49
C GLU B 88 -27.47 107.63 77.72
N ASN B 89 -28.49 107.34 76.93
CA ASN B 89 -28.51 106.16 76.07
C ASN B 89 -29.21 106.53 74.77
N ARG B 90 -28.54 106.26 73.65
CA ARG B 90 -29.07 106.52 72.32
C ARG B 90 -29.24 105.21 71.57
N THR B 91 -30.41 105.02 70.96
CA THR B 91 -30.74 103.80 70.24
C THR B 91 -31.05 104.14 68.78
N ILE B 92 -30.42 103.41 67.86
CA ILE B 92 -30.66 103.56 66.42
C ILE B 92 -31.20 102.24 65.90
N ASN B 93 -32.36 102.29 65.26
CA ASN B 93 -33.06 101.08 64.80
C ASN B 93 -33.38 101.20 63.31
N VAL B 94 -32.72 100.37 62.51
CA VAL B 94 -33.05 100.24 61.09
C VAL B 94 -33.44 98.79 60.83
N PRO B 95 -34.73 98.48 60.70
CA PRO B 95 -35.13 97.11 60.38
C PRO B 95 -34.88 96.78 58.91
N GLU B 96 -34.82 95.49 58.63
CA GLU B 96 -34.70 95.06 57.24
C GLU B 96 -36.04 95.27 56.53
N PRO B 97 -36.02 95.77 55.30
CA PRO B 97 -37.28 96.14 54.63
C PRO B 97 -38.08 94.94 54.19
N THR B 98 -39.40 95.02 54.41
CA THR B 98 -40.32 93.97 53.97
C THR B 98 -40.83 94.19 52.55
N PHE B 99 -40.66 95.38 51.99
CA PHE B 99 -41.04 95.67 50.61
C PHE B 99 -39.80 96.05 49.83
N LYS B 100 -39.44 95.23 48.85
CA LYS B 100 -38.24 95.40 48.06
C LYS B 100 -38.60 95.68 46.61
N SER B 101 -37.61 96.15 45.85
CA SER B 101 -37.79 96.35 44.42
C SER B 101 -37.77 95.00 43.70
N PRO B 102 -38.61 94.79 42.68
CA PRO B 102 -38.65 93.47 42.03
C PRO B 102 -37.60 93.27 40.94
N TYR B 103 -36.73 94.26 40.73
CA TYR B 103 -35.75 94.22 39.64
C TYR B 103 -34.41 93.70 40.18
N LEU B 104 -33.83 92.73 39.47
CA LEU B 104 -32.65 92.03 39.96
C LEU B 104 -31.55 91.90 38.93
N MET B 105 -31.62 92.63 37.82
CA MET B 105 -30.73 92.39 36.69
C MET B 105 -29.31 92.92 36.95
N PHE B 106 -29.22 94.13 37.52
CA PHE B 106 -27.91 94.72 37.80
C PHE B 106 -27.17 93.95 38.90
N TYR B 107 -27.90 93.39 39.86
CA TYR B 107 -27.28 92.58 40.90
C TYR B 107 -26.76 91.26 40.36
N SER B 108 -27.49 90.67 39.40
CA SER B 108 -27.09 89.37 38.86
C SER B 108 -25.88 89.49 37.96
N LEU B 109 -25.70 90.63 37.29
CA LEU B 109 -24.53 90.82 36.45
C LEU B 109 -23.28 91.09 37.30
N GLN B 110 -23.46 91.63 38.50
CA GLN B 110 -22.35 91.75 39.44
C GLN B 110 -21.87 90.38 39.90
N MET B 111 -22.80 89.44 40.09
CA MET B 111 -22.43 88.10 40.52
C MET B 111 -21.78 87.31 39.39
N TYR B 112 -22.18 87.60 38.15
CA TYR B 112 -21.66 86.89 36.99
C TYR B 112 -20.21 87.24 36.71
N PHE B 113 -19.87 88.54 36.73
CA PHE B 113 -18.50 88.95 36.46
C PHE B 113 -17.57 88.64 37.63
N ALA B 114 -18.12 88.50 38.84
CA ALA B 114 -17.29 88.19 40.00
C ALA B 114 -16.91 86.71 40.05
N ASN B 115 -17.60 85.87 39.29
CA ASN B 115 -17.35 84.43 39.29
C ASN B 115 -16.65 83.94 38.03
N GLY B 116 -16.24 84.85 37.16
CA GLY B 116 -15.44 84.50 36.01
C GLY B 116 -16.09 84.60 34.66
N GLY B 117 -17.13 85.41 34.51
CA GLY B 117 -17.83 85.50 33.24
C GLY B 117 -17.11 86.40 32.25
N GLY B 118 -17.40 86.15 30.97
CA GLY B 118 -16.86 86.93 29.88
C GLY B 118 -17.93 87.70 29.12
N PRO B 119 -17.84 87.70 27.79
CA PRO B 119 -18.83 88.43 26.99
C PRO B 119 -20.19 87.76 26.99
N CYS B 120 -21.24 88.58 26.98
CA CYS B 120 -22.62 88.11 27.06
C CYS B 120 -23.53 89.05 26.28
N TYR B 121 -24.78 88.62 26.10
CA TYR B 121 -25.77 89.39 25.37
C TYR B 121 -26.85 89.91 26.31
N ILE B 122 -27.31 91.14 26.05
CA ILE B 122 -28.33 91.80 26.85
C ILE B 122 -29.57 92.00 25.99
N VAL B 123 -30.71 91.53 26.49
CA VAL B 123 -32.01 91.77 25.86
C VAL B 123 -32.90 92.48 26.87
N SER B 124 -33.08 93.77 26.69
CA SER B 124 -34.00 94.54 27.52
C SER B 124 -35.44 94.14 27.19
N THR B 125 -36.35 94.33 28.15
CA THR B 125 -37.77 94.11 27.90
C THR B 125 -38.62 95.33 28.25
N GLY B 126 -38.00 96.44 28.58
CA GLY B 126 -38.72 97.61 29.05
C GLY B 126 -37.89 98.31 30.12
N VAL B 127 -38.45 99.39 30.65
CA VAL B 127 -37.76 100.18 31.65
C VAL B 127 -38.51 100.05 32.98
N TYR B 128 -37.93 100.64 34.03
CA TYR B 128 -38.49 100.54 35.37
C TYR B 128 -39.78 101.33 35.47
N ASP B 129 -40.72 100.84 36.29
CA ASP B 129 -41.90 101.59 36.68
C ASP B 129 -41.68 102.16 38.08
N ASP B 130 -42.44 103.20 38.40
CA ASP B 130 -42.32 103.90 39.67
C ASP B 130 -43.15 103.23 40.75
N TRP B 131 -42.74 103.44 42.00
CA TRP B 131 -43.53 103.01 43.13
C TRP B 131 -44.73 103.94 43.31
N SER B 132 -45.89 103.35 43.60
CA SER B 132 -47.07 104.16 43.87
C SER B 132 -47.01 104.81 45.25
N ASP B 133 -46.60 104.08 46.27
CA ASP B 133 -46.24 104.65 47.56
C ASP B 133 -45.18 103.75 48.19
N SER B 134 -44.98 103.92 49.51
CA SER B 134 -43.84 103.29 50.16
C SER B 134 -44.06 101.80 50.43
N GLU B 135 -45.28 101.30 50.23
CA GLU B 135 -45.57 99.89 50.46
C GLU B 135 -46.18 99.19 49.26
N THR B 136 -46.05 99.75 48.06
CA THR B 136 -46.53 99.08 46.84
C THR B 136 -45.44 99.17 45.78
N PRO B 137 -44.59 98.15 45.66
CA PRO B 137 -43.62 98.10 44.57
C PRO B 137 -44.29 97.77 43.25
N PRO B 138 -43.64 98.06 42.11
CA PRO B 138 -44.23 97.71 40.82
C PRO B 138 -44.25 96.21 40.56
N THR B 139 -44.93 95.83 39.48
CA THR B 139 -45.16 94.44 39.13
C THR B 139 -44.41 94.07 37.85
N ILE B 140 -44.24 92.77 37.66
CA ILE B 140 -43.53 92.20 36.52
C ILE B 140 -44.55 91.48 35.64
N ASN B 141 -44.53 91.72 34.33
CA ASN B 141 -45.55 91.21 33.43
C ASN B 141 -45.01 90.00 32.67
N PHE B 142 -45.86 88.99 32.50
CA PHE B 142 -45.49 87.77 31.78
C PHE B 142 -45.31 88.03 30.29
N SER B 143 -46.08 88.98 29.73
CA SER B 143 -46.08 89.20 28.29
C SER B 143 -44.82 89.92 27.81
N ASP B 144 -44.11 90.62 28.70
CA ASP B 144 -42.85 91.24 28.32
C ASP B 144 -41.71 90.24 28.25
N LEU B 145 -41.64 89.30 29.20
CA LEU B 145 -40.56 88.32 29.22
C LEU B 145 -40.67 87.31 28.08
N GLU B 146 -41.89 86.96 27.67
CA GLU B 146 -42.03 86.03 26.55
C GLU B 146 -41.75 86.73 25.22
N SER B 147 -41.98 88.03 25.16
CA SER B 147 -41.62 88.80 23.98
C SER B 147 -40.10 88.91 23.81
N GLY B 148 -39.36 88.87 24.93
CA GLY B 148 -37.92 88.89 24.83
C GLY B 148 -37.35 87.56 24.37
N LEU B 149 -38.05 86.46 24.66
CA LEU B 149 -37.60 85.14 24.22
C LEU B 149 -37.78 84.95 22.72
N ALA B 150 -38.71 85.70 22.11
CA ALA B 150 -38.94 85.54 20.67
C ALA B 150 -37.86 86.21 19.84
N VAL B 151 -37.22 87.26 20.36
CA VAL B 151 -36.19 87.95 19.59
C VAL B 151 -34.84 87.26 19.75
N ILE B 152 -34.66 86.48 20.81
CA ILE B 152 -33.39 85.79 21.01
C ILE B 152 -33.33 84.52 20.16
N ARG B 153 -34.47 84.08 19.62
CA ARG B 153 -34.53 82.95 18.70
C ARG B 153 -33.83 83.25 17.38
N LYS B 154 -33.75 84.52 17.01
CA LYS B 154 -33.13 84.94 15.76
C LYS B 154 -31.63 85.17 15.88
N GLU B 155 -31.05 85.08 17.07
CA GLU B 155 -29.62 85.25 17.25
C GLU B 155 -28.92 83.90 17.25
N ASP B 156 -27.70 83.88 16.71
CA ASP B 156 -26.95 82.65 16.49
C ASP B 156 -25.99 82.31 17.63
N GLU B 157 -25.29 83.30 18.17
CA GLU B 157 -24.16 83.11 19.06
C GLU B 157 -24.41 82.67 20.52
N PRO B 158 -25.48 83.11 21.25
CA PRO B 158 -25.62 82.66 22.64
C PRO B 158 -25.86 81.16 22.81
N THR B 159 -25.36 80.62 23.92
CA THR B 159 -25.49 79.20 24.25
C THR B 159 -26.27 78.95 25.54
N LEU B 160 -26.64 80.00 26.28
CA LEU B 160 -27.30 79.86 27.58
C LEU B 160 -28.40 80.90 27.75
N LEU B 161 -29.54 80.48 28.31
CA LEU B 161 -30.73 81.32 28.47
C LEU B 161 -31.05 81.54 29.95
N LEU B 162 -31.25 82.79 30.35
CA LEU B 162 -31.53 83.16 31.73
C LEU B 162 -32.57 84.27 31.81
N PHE B 163 -33.36 84.26 32.90
CA PHE B 163 -34.37 85.26 33.19
C PHE B 163 -34.19 85.73 34.63
N PRO B 164 -33.47 86.83 34.86
CA PRO B 164 -33.12 87.20 36.25
C PRO B 164 -34.26 87.76 37.09
N ASP B 165 -35.38 88.16 36.51
CA ASP B 165 -36.48 88.79 37.26
C ASP B 165 -37.64 87.84 37.50
N ALA B 166 -37.49 86.58 37.08
CA ALA B 166 -38.62 85.67 36.94
C ALA B 166 -39.20 85.18 38.26
N THR B 167 -38.43 85.15 39.35
CA THR B 167 -38.97 84.69 40.63
C THR B 167 -39.94 85.68 41.26
N ASN B 168 -40.01 86.91 40.76
CA ASN B 168 -40.95 87.91 41.25
C ASN B 168 -42.20 88.02 40.39
N LEU B 169 -42.49 87.00 39.61
CA LEU B 169 -43.70 86.92 38.80
C LEU B 169 -44.91 86.69 39.73
N PRO B 170 -46.11 87.13 39.32
CA PRO B 170 -47.26 87.10 40.25
C PRO B 170 -47.75 85.70 40.66
N THR B 171 -47.88 84.76 39.73
CA THR B 171 -48.28 83.40 40.07
C THR B 171 -47.17 82.42 39.71
N ASP B 172 -47.22 81.25 40.32
CA ASP B 172 -46.22 80.22 40.03
C ASP B 172 -46.50 79.52 38.70
N ASP B 173 -47.77 79.52 38.26
CA ASP B 173 -48.10 78.93 36.96
C ASP B 173 -47.50 79.72 35.81
N GLU B 174 -47.37 81.04 35.96
CA GLU B 174 -46.68 81.83 34.95
C GLU B 174 -45.18 81.53 34.95
N PHE B 175 -44.63 81.25 36.13
CA PHE B 175 -43.20 80.95 36.25
C PHE B 175 -42.84 79.64 35.56
N TYR B 176 -43.64 78.60 35.74
CA TYR B 176 -43.33 77.31 35.12
C TYR B 176 -43.60 77.33 33.62
N SER B 177 -44.63 78.09 33.19
CA SER B 177 -44.97 78.17 31.78
C SER B 177 -43.90 78.92 30.98
N LEU B 178 -43.20 79.86 31.62
CA LEU B 178 -42.11 80.55 30.96
C LEU B 178 -40.93 79.62 30.71
N TYR B 179 -40.64 78.74 31.67
CA TYR B 179 -39.51 77.84 31.51
C TYR B 179 -39.85 76.64 30.63
N ASN B 180 -41.14 76.35 30.44
CA ASN B 180 -41.51 75.34 29.45
C ASN B 180 -41.29 75.85 28.02
N SER B 181 -41.38 77.17 27.83
CA SER B 181 -41.17 77.75 26.51
C SER B 181 -39.69 77.81 26.15
N ALA B 182 -38.83 77.96 27.14
CA ALA B 182 -37.38 77.99 26.88
C ALA B 182 -36.86 76.62 26.50
N LEU B 183 -37.41 75.55 27.10
CA LEU B 183 -36.96 74.20 26.75
C LEU B 183 -37.47 73.77 25.38
N MET B 184 -38.58 74.32 24.91
CA MET B 184 -39.04 74.02 23.56
C MET B 184 -38.18 74.74 22.51
N GLN B 185 -37.65 75.92 22.85
CA GLN B 185 -36.72 76.59 21.95
C GLN B 185 -35.37 75.85 21.90
N CYS B 186 -34.96 75.26 23.02
CA CYS B 186 -33.69 74.53 23.04
C CYS B 186 -33.79 73.21 22.29
N ASN B 187 -35.01 72.65 22.21
CA ASN B 187 -35.21 71.45 21.41
C ASN B 187 -35.17 71.77 19.91
N ASP B 188 -35.76 72.91 19.51
CA ASP B 188 -35.87 73.24 18.09
C ASP B 188 -34.52 73.67 17.51
N LEU B 189 -33.84 74.60 18.17
CA LEU B 189 -32.57 75.10 17.64
C LEU B 189 -31.43 74.12 17.88
N GLN B 190 -31.63 73.19 18.82
CA GLN B 190 -30.73 72.11 19.27
C GLN B 190 -29.28 72.53 19.47
N ASP B 191 -29.04 73.75 19.98
CA ASP B 191 -27.68 74.23 20.25
C ASP B 191 -27.56 75.05 21.53
N ARG B 192 -28.55 75.01 22.43
CA ARG B 192 -28.56 75.85 23.62
C ARG B 192 -28.87 75.01 24.86
N PHE B 193 -28.82 75.66 26.02
CA PHE B 193 -29.03 75.03 27.32
C PHE B 193 -29.63 76.06 28.28
N THR B 194 -30.47 75.60 29.20
CA THR B 194 -31.22 76.47 30.11
C THR B 194 -30.84 76.19 31.56
N ILE B 195 -30.73 77.25 32.36
CA ILE B 195 -30.45 77.14 33.80
C ILE B 195 -31.67 77.61 34.58
N LEU B 196 -32.18 76.76 35.46
CA LEU B 196 -33.43 76.99 36.17
C LEU B 196 -33.21 77.18 37.66
N ASP B 197 -34.17 77.83 38.32
CA ASP B 197 -34.27 77.89 39.76
C ASP B 197 -35.67 77.42 40.20
N THR B 198 -35.88 77.38 41.50
CA THR B 198 -37.21 77.18 42.05
C THR B 198 -37.92 78.52 42.19
N TYR B 199 -39.22 78.44 42.48
CA TYR B 199 -40.03 79.65 42.62
C TYR B 199 -39.70 80.37 43.92
N SER B 200 -39.39 79.63 44.97
CA SER B 200 -39.02 80.18 46.25
C SER B 200 -38.01 79.26 46.90
N ASP B 201 -37.37 79.75 47.96
CA ASP B 201 -36.47 78.94 48.77
C ASP B 201 -37.16 78.36 50.00
N GLN B 202 -38.37 78.81 50.32
CA GLN B 202 -39.15 78.30 51.43
C GLN B 202 -40.54 77.89 50.94
N THR B 203 -41.32 77.34 51.86
CA THR B 203 -42.72 76.99 51.58
C THR B 203 -43.52 78.25 51.30
N TYR B 204 -44.22 78.26 50.16
CA TYR B 204 -44.97 79.43 49.72
C TYR B 204 -46.46 79.09 49.60
N ASN B 205 -47.28 80.13 49.66
CA ASN B 205 -48.73 80.00 49.55
C ASN B 205 -49.17 80.18 48.10
N ASP B 206 -50.02 79.27 47.63
CA ASP B 206 -50.54 79.29 46.27
C ASP B 206 -51.89 79.98 46.16
N GLY B 207 -52.48 80.38 47.27
CA GLY B 207 -53.84 80.88 47.29
C GLY B 207 -54.85 79.88 47.81
N VAL B 208 -54.67 78.60 47.49
CA VAL B 208 -55.48 77.53 48.07
C VAL B 208 -54.70 76.65 49.03
N GLU B 209 -53.43 76.39 48.79
CA GLU B 209 -52.66 75.44 49.58
C GLU B 209 -51.26 76.00 49.84
N ASP B 210 -50.52 75.31 50.69
CA ASP B 210 -49.12 75.60 50.93
C ASP B 210 -48.28 74.51 50.27
N LEU B 211 -47.24 74.92 49.54
CA LEU B 211 -46.46 73.99 48.72
C LEU B 211 -44.99 74.07 49.07
N ASP B 212 -44.33 72.91 49.01
CA ASP B 212 -42.88 72.84 49.16
C ASP B 212 -42.22 73.13 47.81
N PRO B 213 -41.03 73.76 47.79
CA PRO B 213 -40.46 74.23 46.51
C PRO B 213 -40.00 73.14 45.55
N ILE B 214 -39.38 72.10 46.07
CA ILE B 214 -38.85 71.00 45.21
C ILE B 214 -39.99 70.21 44.57
N PRO B 215 -41.02 69.67 45.27
CA PRO B 215 -42.10 68.95 44.58
C PRO B 215 -42.99 69.83 43.70
N ALA B 216 -43.01 71.14 43.91
CA ALA B 216 -43.81 72.02 43.06
C ALA B 216 -43.13 72.27 41.71
N LEU B 217 -41.79 72.27 41.70
CA LEU B 217 -41.07 72.38 40.44
C LEU B 217 -41.18 71.10 39.62
N ARG B 218 -41.32 69.95 40.28
CA ARG B 218 -41.45 68.69 39.55
C ARG B 218 -42.84 68.54 38.92
N ASN B 219 -43.83 69.24 39.46
CA ASN B 219 -45.16 69.25 38.86
C ASN B 219 -45.27 70.25 37.70
N GLY B 220 -44.63 71.41 37.82
CA GLY B 220 -44.82 72.47 36.85
C GLY B 220 -44.15 72.21 35.51
N ILE B 221 -43.03 71.50 35.52
CA ILE B 221 -42.31 71.15 34.30
C ILE B 221 -42.81 69.77 33.86
N ASN B 222 -43.64 69.72 32.81
CA ASN B 222 -44.37 68.50 32.47
C ASN B 222 -44.09 68.00 31.05
N LEU B 223 -42.83 68.01 30.61
CA LEU B 223 -42.48 67.54 29.28
C LEU B 223 -41.69 66.22 29.37
N THR B 224 -41.51 65.58 28.22
CA THR B 224 -40.78 64.31 28.16
C THR B 224 -39.28 64.55 28.09
N LYS B 225 -38.53 63.45 28.04
CA LYS B 225 -37.08 63.48 28.11
C LYS B 225 -36.42 64.28 27.00
N ASP B 226 -36.99 64.25 25.80
CA ASP B 226 -36.39 64.96 24.67
C ASP B 226 -36.37 66.46 24.89
N TYR B 227 -37.06 66.96 25.90
CA TYR B 227 -37.02 68.35 26.32
C TYR B 227 -36.26 68.55 27.63
N LEU B 228 -36.32 67.58 28.53
CA LEU B 228 -35.73 67.73 29.86
C LEU B 228 -34.22 67.63 29.84
N LYS B 229 -33.64 67.09 28.77
CA LYS B 229 -32.19 66.97 28.66
C LYS B 229 -31.48 68.29 28.39
N TYR B 230 -32.22 69.36 28.11
CA TYR B 230 -31.64 70.67 27.82
C TYR B 230 -31.66 71.63 29.01
N GLY B 231 -31.94 71.15 30.22
CA GLY B 231 -31.97 72.05 31.36
C GLY B 231 -31.42 71.44 32.63
N ALA B 232 -31.09 72.33 33.58
CA ALA B 232 -30.57 71.96 34.90
C ALA B 232 -31.08 72.95 35.95
N ALA B 233 -31.30 72.46 37.16
CA ALA B 233 -31.93 73.23 38.23
C ALA B 233 -31.09 73.18 39.50
N TYR B 234 -31.07 74.31 40.22
CA TYR B 234 -30.24 74.49 41.40
C TYR B 234 -31.07 74.99 42.57
N TYR B 235 -30.62 74.66 43.78
CA TYR B 235 -31.33 74.93 45.01
C TYR B 235 -30.33 74.93 46.15
N PRO B 236 -30.51 75.78 47.19
CA PRO B 236 -31.41 76.91 47.46
C PRO B 236 -30.84 78.26 46.98
N PHE B 237 -31.30 79.35 47.59
CA PHE B 237 -30.82 80.69 47.23
C PHE B 237 -29.48 80.97 47.92
N VAL B 238 -28.84 82.08 47.56
CA VAL B 238 -27.53 82.45 48.10
C VAL B 238 -27.57 83.86 48.68
N GLN B 239 -26.87 84.05 49.79
CA GLN B 239 -26.72 85.36 50.47
C GLN B 239 -25.38 85.96 50.01
N THR B 240 -25.38 87.23 49.57
CA THR B 240 -24.24 87.86 48.94
C THR B 240 -23.64 88.92 49.87
N ILE B 241 -22.57 89.57 49.40
CA ILE B 241 -21.87 90.63 50.12
C ILE B 241 -22.29 92.01 49.64
N LEU B 242 -23.28 92.10 48.75
CA LEU B 242 -23.66 93.36 48.12
C LEU B 242 -24.63 94.17 48.99
N ASN B 243 -24.57 95.48 48.82
CA ASN B 243 -25.48 96.40 49.49
C ASN B 243 -26.60 96.82 48.54
N TYR B 244 -27.74 97.21 49.12
CA TYR B 244 -28.86 97.75 48.35
C TYR B 244 -28.52 99.15 47.83
N GLN B 245 -29.11 99.48 46.68
CA GLN B 245 -28.98 100.79 46.08
C GLN B 245 -30.07 101.71 46.63
N TYR B 246 -29.66 102.88 47.13
CA TYR B 246 -30.62 103.80 47.73
C TYR B 246 -30.08 105.22 47.58
N SER B 247 -30.97 106.19 47.79
CA SER B 247 -30.63 107.61 47.73
C SER B 247 -30.88 108.25 49.09
N ALA B 248 -29.93 109.09 49.53
CA ALA B 248 -30.06 109.73 50.83
C ALA B 248 -31.04 110.89 50.83
N ASP B 249 -31.46 111.37 49.66
CA ASP B 249 -32.45 112.44 49.55
C ASP B 249 -33.87 111.99 49.88
N GLU B 250 -34.12 110.68 50.01
CA GLU B 250 -35.46 110.15 50.20
C GLU B 250 -35.64 109.44 51.53
N ILE B 251 -34.66 109.51 52.43
CA ILE B 251 -34.74 108.88 53.75
C ILE B 251 -35.18 109.94 54.74
N VAL B 252 -36.24 109.65 55.50
CA VAL B 252 -36.79 110.56 56.49
C VAL B 252 -36.52 110.00 57.88
N ILE B 253 -36.07 110.85 58.79
CA ILE B 253 -35.74 110.48 60.16
C ILE B 253 -36.94 110.75 61.06
N GLN B 254 -37.21 109.85 62.00
CA GLN B 254 -38.14 110.12 63.09
C GLN B 254 -37.38 110.02 64.42
N HIS B 255 -37.40 111.12 65.18
CA HIS B 255 -36.54 111.31 66.34
C HIS B 255 -37.42 111.56 67.57
N LEU B 256 -37.30 110.68 68.56
CA LEU B 256 -37.98 110.81 69.85
C LEU B 256 -36.94 111.14 70.92
N SER B 257 -37.09 112.29 71.58
CA SER B 257 -36.13 112.74 72.56
C SER B 257 -36.84 113.21 73.82
N TYR B 258 -36.13 113.14 74.94
CA TYR B 258 -36.69 113.64 76.20
C TYR B 258 -36.70 115.16 76.23
N ASN B 259 -35.77 115.79 75.51
CA ASN B 259 -35.72 117.24 75.42
C ASN B 259 -36.34 117.66 74.09
N PRO B 260 -37.60 118.09 74.06
CA PRO B 260 -38.21 118.46 72.78
C PRO B 260 -37.89 119.89 72.38
N ASN B 261 -37.11 120.04 71.31
CA ASN B 261 -36.85 121.35 70.73
C ASN B 261 -37.07 121.36 69.22
N ALA B 262 -38.05 120.58 68.74
CA ALA B 262 -38.33 120.52 67.31
C ALA B 262 -38.95 121.81 66.81
N ILE B 263 -39.93 122.35 67.55
CA ILE B 263 -40.60 123.56 67.11
C ILE B 263 -39.71 124.78 67.37
N ALA B 264 -38.91 124.73 68.44
CA ALA B 264 -38.02 125.84 68.76
C ALA B 264 -36.89 125.98 67.75
N THR B 265 -36.36 124.84 67.26
CA THR B 265 -35.32 124.90 66.24
C THR B 265 -35.92 125.30 64.89
N ALA B 266 -37.18 124.94 64.65
CA ALA B 266 -37.87 125.37 63.45
C ALA B 266 -38.21 126.85 63.50
N LEU B 267 -38.38 127.40 64.71
CA LEU B 267 -38.66 128.83 64.84
C LEU B 267 -37.41 129.66 64.60
N ASP B 268 -36.25 129.19 65.07
CA ASP B 268 -35.03 129.98 65.01
C ASP B 268 -34.54 130.16 63.58
N ASN B 269 -34.75 129.15 62.73
CA ASN B 269 -34.40 129.29 61.32
C ASN B 269 -35.36 130.22 60.60
N LEU B 270 -36.64 130.13 60.91
CA LEU B 270 -37.64 130.93 60.19
C LEU B 270 -37.68 132.36 60.70
N ASN B 271 -37.28 132.59 61.95
CA ASN B 271 -37.18 133.96 62.45
C ASN B 271 -35.96 134.66 61.87
N ALA B 272 -34.89 133.90 61.59
CA ALA B 272 -33.67 134.49 61.06
C ALA B 272 -33.82 134.86 59.60
N VAL B 273 -34.60 134.08 58.83
CA VAL B 273 -34.76 134.36 57.42
C VAL B 273 -35.72 135.54 57.20
N ASN B 274 -36.55 135.83 58.20
CA ASN B 274 -37.48 136.96 58.14
C ASN B 274 -36.80 138.22 58.68
N GLY B 275 -35.84 138.71 57.88
CA GLY B 275 -35.07 139.88 58.27
C GLY B 275 -34.86 140.84 57.11
N PRO B 276 -34.42 142.06 57.43
CA PRO B 276 -34.18 143.05 56.36
C PRO B 276 -32.97 142.74 55.51
N THR B 277 -31.89 142.19 56.09
CA THR B 277 -30.72 141.88 55.29
C THR B 277 -30.91 140.59 54.51
N PHE B 278 -31.84 139.73 54.96
CA PHE B 278 -31.92 138.39 54.41
C PHE B 278 -32.85 138.32 53.19
N ILE B 279 -34.13 138.64 53.38
CA ILE B 279 -35.14 138.44 52.34
C ILE B 279 -35.62 139.77 51.75
N ASP B 280 -35.44 140.87 52.48
CA ASP B 280 -35.83 142.17 51.94
C ASP B 280 -34.77 142.68 50.97
N ALA B 281 -33.52 142.23 51.13
CA ALA B 281 -32.45 142.64 50.25
C ALA B 281 -32.54 141.94 48.89
N ILE B 282 -33.30 140.85 48.82
CA ILE B 282 -33.51 140.17 47.54
C ILE B 282 -34.54 140.94 46.71
N LEU B 283 -35.50 141.57 47.38
CA LEU B 283 -36.68 142.07 46.68
C LEU B 283 -36.46 143.47 46.11
N ASP B 284 -35.72 144.32 46.82
CA ASP B 284 -35.51 145.69 46.35
C ASP B 284 -34.52 145.73 45.20
N ASP B 285 -33.66 144.71 45.10
CA ASP B 285 -32.76 144.59 43.96
C ASP B 285 -33.52 144.30 42.68
N LEU B 286 -34.60 143.51 42.79
CA LEU B 286 -35.38 143.15 41.61
C LEU B 286 -36.17 144.35 41.09
N ARG B 287 -36.66 145.20 41.98
CA ARG B 287 -37.37 146.41 41.57
C ARG B 287 -36.52 147.65 41.82
N ASN B 321 -24.62 145.07 17.44
CA ASN B 321 -23.33 144.47 17.15
C ASN B 321 -22.91 143.52 18.27
N SER B 322 -21.61 143.17 18.29
CA SER B 322 -21.13 142.21 19.28
C SER B 322 -20.93 142.88 20.64
N VAL B 323 -20.74 144.20 20.66
CA VAL B 323 -20.51 144.88 21.92
C VAL B 323 -21.85 145.17 22.61
N LYS B 324 -22.94 145.20 21.85
CA LYS B 324 -24.25 145.41 22.46
C LYS B 324 -24.80 144.10 23.04
N VAL B 325 -24.46 142.97 22.44
CA VAL B 325 -24.91 141.68 22.95
C VAL B 325 -24.13 141.31 24.21
N ALA B 326 -22.84 141.64 24.23
CA ALA B 326 -21.99 141.31 25.38
C ALA B 326 -22.34 142.16 26.59
N ASN B 327 -22.77 143.41 26.37
CA ASN B 327 -23.22 144.24 27.49
C ASN B 327 -24.58 143.79 27.99
N PHE B 328 -25.44 143.35 27.08
CA PHE B 328 -26.79 142.96 27.44
C PHE B 328 -26.81 141.64 28.21
N ALA B 329 -25.81 140.79 27.97
CA ALA B 329 -25.74 139.52 28.70
C ALA B 329 -25.30 139.72 30.14
N SER B 330 -24.60 140.83 30.41
CA SER B 330 -24.20 141.12 31.79
C SER B 330 -25.40 141.58 32.61
N LEU B 331 -26.39 142.21 31.96
CA LEU B 331 -27.57 142.67 32.68
C LEU B 331 -28.49 141.50 33.03
N VAL B 332 -28.55 140.49 32.17
CA VAL B 332 -29.41 139.34 32.42
C VAL B 332 -28.80 138.43 33.49
N GLU B 333 -27.46 138.36 33.53
CA GLU B 333 -26.80 137.48 34.50
C GLU B 333 -26.93 138.02 35.92
N SER B 334 -27.12 139.33 36.08
CA SER B 334 -27.32 139.89 37.41
C SER B 334 -28.74 139.65 37.88
N VAL B 335 -29.71 139.69 36.96
CA VAL B 335 -31.11 139.43 37.32
C VAL B 335 -31.30 137.95 37.61
N LEU B 336 -30.63 137.08 36.84
CA LEU B 336 -30.78 135.64 37.04
C LEU B 336 -30.09 135.18 38.33
N SER B 337 -29.03 135.88 38.73
CA SER B 337 -28.37 135.56 40.00
C SER B 337 -29.22 135.96 41.19
N THR B 338 -30.08 136.97 41.03
CA THR B 338 -30.96 137.38 42.12
C THR B 338 -32.11 136.40 42.29
N LEU B 339 -32.61 135.84 41.18
CA LEU B 339 -33.71 134.89 41.25
C LEU B 339 -33.29 133.58 41.91
N ASN B 340 -32.03 133.18 41.73
CA ASN B 340 -31.60 131.87 42.23
C ASN B 340 -31.49 131.85 43.76
N GLU B 341 -31.07 132.96 44.36
CA GLU B 341 -31.00 133.01 45.82
C GLU B 341 -32.39 133.14 46.44
N LEU B 342 -33.36 133.63 45.67
CA LEU B 342 -34.74 133.60 46.13
C LEU B 342 -35.30 132.18 46.08
N ILE B 343 -34.92 131.40 45.06
CA ILE B 343 -35.34 130.01 44.96
C ILE B 343 -34.64 129.16 46.02
N ASP B 344 -33.37 129.49 46.33
CA ASP B 344 -32.67 128.80 47.40
C ASP B 344 -33.25 129.14 48.77
N ALA B 345 -33.82 130.34 48.90
CA ALA B 345 -34.51 130.69 50.15
C ALA B 345 -35.82 129.93 50.27
N LYS B 346 -36.45 129.60 49.14
CA LYS B 346 -37.69 128.83 49.15
C LYS B 346 -37.44 127.40 49.59
N GLU B 347 -36.24 126.86 49.30
CA GLU B 347 -35.95 125.48 49.62
C GLU B 347 -35.75 125.28 51.11
N GLU B 348 -35.10 126.23 51.78
CA GLU B 348 -34.78 126.06 53.20
C GLU B 348 -35.99 126.33 54.08
N ILE B 349 -36.97 127.08 53.56
CA ILE B 349 -38.20 127.31 54.32
C ILE B 349 -39.02 126.02 54.41
N ASN B 350 -39.07 125.25 53.33
CA ASN B 350 -39.91 124.06 53.29
C ASN B 350 -39.36 122.95 54.17
N LYS B 351 -38.04 122.93 54.40
CA LYS B 351 -37.47 121.91 55.28
C LYS B 351 -37.77 122.21 56.75
N ASP B 352 -38.02 123.49 57.08
CA ASP B 352 -38.31 123.84 58.46
C ASP B 352 -39.77 123.56 58.82
N VAL B 353 -40.68 123.83 57.87
CA VAL B 353 -42.11 123.63 58.15
C VAL B 353 -42.46 122.15 58.13
N ASN B 354 -41.76 121.36 57.30
CA ASN B 354 -42.04 119.92 57.22
C ASN B 354 -41.62 119.21 58.51
N SER B 355 -40.59 119.72 59.19
CA SER B 355 -40.20 119.13 60.46
C SER B 355 -41.15 119.52 61.58
N ALA B 356 -41.90 120.61 61.41
CA ALA B 356 -42.88 121.02 62.41
C ALA B 356 -44.24 120.39 62.16
N ILE B 357 -44.56 120.08 60.89
CA ILE B 357 -45.78 119.36 60.57
C ILE B 357 -45.71 117.94 61.13
N ALA B 358 -44.56 117.28 60.95
CA ALA B 358 -44.43 115.89 61.39
C ALA B 358 -44.30 115.77 62.90
N SER B 359 -43.88 116.85 63.57
CA SER B 359 -43.66 116.76 65.01
C SER B 359 -44.95 116.98 65.80
N SER B 360 -45.91 117.70 65.21
CA SER B 360 -47.17 118.02 65.90
C SER B 360 -48.27 117.06 65.45
N GLU B 361 -48.08 115.77 65.78
CA GLU B 361 -49.14 114.81 65.52
C GLU B 361 -50.29 114.97 66.50
N GLU B 362 -50.02 115.53 67.67
CA GLU B 362 -51.07 115.93 68.58
C GLU B 362 -51.79 117.16 68.04
N ASP B 363 -53.10 117.24 68.33
CA ASP B 363 -53.96 118.38 68.02
C ASP B 363 -54.00 118.68 66.52
N ASN B 364 -54.68 117.77 65.80
CA ASN B 364 -54.72 117.75 64.34
C ASN B 364 -55.24 119.05 63.71
N ALA B 365 -55.97 119.88 64.47
CA ALA B 365 -56.40 121.17 63.96
C ALA B 365 -55.22 122.12 63.78
N ILE B 366 -54.20 122.00 64.62
CA ILE B 366 -53.03 122.86 64.49
C ILE B 366 -52.17 122.43 63.30
N LYS B 367 -52.10 121.12 63.05
CA LYS B 367 -51.36 120.61 61.90
C LYS B 367 -52.01 121.05 60.58
N THR B 368 -53.34 121.16 60.57
CA THR B 368 -54.04 121.62 59.37
C THR B 368 -53.77 123.10 59.12
N ALA B 369 -53.62 123.90 60.18
CA ALA B 369 -53.34 125.32 60.01
C ALA B 369 -51.91 125.55 59.52
N ILE B 370 -50.96 124.73 59.99
CA ILE B 370 -49.58 124.86 59.54
C ILE B 370 -49.45 124.39 58.10
N SER B 371 -50.21 123.36 57.73
CA SER B 371 -50.17 122.87 56.35
C SER B 371 -50.86 123.84 55.39
N ASP B 372 -51.90 124.53 55.87
CA ASP B 372 -52.61 125.48 55.01
C ASP B 372 -51.78 126.74 54.78
N ALA B 373 -51.00 127.14 55.77
CA ALA B 373 -50.15 128.33 55.63
C ALA B 373 -48.97 128.06 54.69
N LEU B 374 -48.62 126.78 54.49
CA LEU B 374 -47.45 126.47 53.68
C LEU B 374 -47.78 126.47 52.19
N ASP B 375 -48.96 126.00 51.81
CA ASP B 375 -49.30 125.95 50.39
C ASP B 375 -49.68 127.33 49.86
N VAL B 376 -50.15 128.22 50.73
CA VAL B 376 -50.48 129.57 50.27
C VAL B 376 -49.20 130.38 50.07
N PHE B 377 -48.12 130.02 50.80
CA PHE B 377 -46.82 130.62 50.54
C PHE B 377 -46.20 130.06 49.26
N ASN B 378 -46.52 128.81 48.94
CA ASN B 378 -45.95 128.17 47.76
C ASN B 378 -46.78 128.44 46.50
N GLU B 379 -47.70 129.40 46.53
CA GLU B 379 -48.54 129.67 45.36
C GLU B 379 -47.74 130.31 44.23
N ASP B 380 -47.07 131.44 44.51
CA ASP B 380 -46.41 132.20 43.47
C ASP B 380 -45.17 131.48 42.94
N PHE B 381 -44.57 130.61 43.76
CA PHE B 381 -43.36 129.93 43.33
C PHE B 381 -43.66 128.82 42.32
N GLU B 382 -44.75 128.08 42.52
CA GLU B 382 -45.09 127.00 41.61
C GLU B 382 -46.49 127.13 41.01
N GLY B 383 -47.50 127.32 41.87
CA GLY B 383 -48.87 127.15 41.43
C GLY B 383 -49.44 128.37 40.72
N ALA B 384 -49.29 129.55 41.32
CA ALA B 384 -49.91 130.75 40.76
C ALA B 384 -49.12 131.28 39.57
N ASP B 385 -47.86 131.69 39.79
CA ASP B 385 -47.06 132.29 38.74
C ASP B 385 -45.87 131.37 38.46
N LYS B 386 -45.21 131.58 37.33
CA LYS B 386 -44.15 130.69 36.86
C LYS B 386 -42.77 131.22 37.29
N ILE B 387 -42.56 131.37 38.61
CA ILE B 387 -41.30 131.92 39.10
C ILE B 387 -40.15 130.93 38.89
N GLU B 388 -40.37 129.66 39.22
CA GLU B 388 -39.32 128.67 39.01
C GLU B 388 -39.23 128.24 37.55
N SER B 389 -40.18 128.67 36.71
CA SER B 389 -40.16 128.30 35.29
C SER B 389 -39.45 129.35 34.44
N VAL B 390 -39.50 130.63 34.85
CA VAL B 390 -38.86 131.66 34.04
C VAL B 390 -37.36 131.65 34.27
N ALA B 391 -36.92 131.15 35.43
CA ALA B 391 -35.49 131.06 35.71
C ALA B 391 -34.80 130.00 34.87
N LYS B 392 -35.55 129.04 34.33
CA LYS B 392 -34.99 128.00 33.47
C LYS B 392 -34.95 128.44 32.02
N ASN B 393 -35.99 129.13 31.55
CA ASN B 393 -36.04 129.53 30.15
C ASN B 393 -35.13 130.71 29.86
N LEU B 394 -34.87 131.57 30.85
CA LEU B 394 -33.95 132.68 30.64
C LEU B 394 -32.51 132.19 30.49
N SER B 395 -32.19 131.08 31.15
CA SER B 395 -30.82 130.55 31.06
C SER B 395 -30.56 129.91 29.70
N ASP B 396 -31.56 129.26 29.11
CA ASP B 396 -31.38 128.71 27.78
C ASP B 396 -31.51 129.78 26.70
N LEU B 397 -32.29 130.83 26.97
CA LEU B 397 -32.33 131.97 26.05
C LEU B 397 -31.03 132.76 26.10
N LEU B 398 -30.33 132.72 27.23
CA LEU B 398 -29.07 133.44 27.35
C LEU B 398 -27.98 132.76 26.53
N ILE B 399 -27.99 131.43 26.48
CA ILE B 399 -27.01 130.69 25.69
C ILE B 399 -27.27 130.87 24.20
N LYS B 400 -28.55 130.99 23.83
CA LYS B 400 -28.94 131.07 22.42
C LYS B 400 -28.50 132.39 21.79
N ILE B 401 -28.50 133.48 22.55
CA ILE B 401 -28.15 134.77 21.98
C ILE B 401 -26.64 134.91 21.78
N LYS B 402 -25.85 134.08 22.49
CA LYS B 402 -24.41 134.18 22.34
C LYS B 402 -23.91 133.36 21.14
N GLN B 403 -24.68 132.34 20.74
CA GLN B 403 -24.32 131.59 19.54
C GLN B 403 -24.91 132.24 18.29
N ALA B 404 -25.94 133.06 18.45
CA ALA B 404 -26.66 133.60 17.28
C ALA B 404 -25.90 134.74 16.62
N ASP B 405 -24.83 135.22 17.25
CA ASP B 405 -24.08 136.36 16.71
C ASP B 405 -23.16 135.98 15.56
N THR B 406 -23.14 134.71 15.14
CA THR B 406 -22.21 134.28 14.10
C THR B 406 -22.72 134.66 12.70
N ASN B 407 -24.04 134.79 12.53
CA ASN B 407 -24.58 134.97 11.19
C ASN B 407 -25.61 136.09 11.05
N THR B 408 -26.53 136.25 11.98
CA THR B 408 -27.71 137.06 11.67
C THR B 408 -27.98 138.02 12.81
N LYS B 409 -28.28 139.26 12.45
CA LYS B 409 -28.76 140.22 13.45
C LYS B 409 -30.26 140.10 13.64
N VAL B 410 -30.98 139.58 12.64
CA VAL B 410 -32.41 139.36 12.76
C VAL B 410 -32.69 138.27 13.79
N GLU B 411 -31.76 137.33 13.91
CA GLU B 411 -31.83 136.29 14.93
C GLU B 411 -31.77 136.97 16.29
N ASN B 412 -30.91 137.99 16.41
CA ASN B 412 -30.81 138.75 17.65
C ASN B 412 -31.94 139.74 17.82
N VAL B 413 -32.84 139.84 16.85
CA VAL B 413 -34.00 140.73 16.93
C VAL B 413 -35.28 139.93 17.08
N LEU B 414 -35.36 138.76 16.43
CA LEU B 414 -36.55 137.91 16.50
C LEU B 414 -36.78 137.39 17.92
N SER B 415 -35.69 137.15 18.65
CA SER B 415 -35.83 136.61 20.00
C SER B 415 -36.21 137.69 21.01
N ILE B 416 -35.53 138.84 20.98
CA ILE B 416 -35.59 139.75 22.12
C ILE B 416 -36.83 140.63 22.06
N ASN B 417 -37.49 140.70 20.90
CA ASN B 417 -38.67 141.54 20.75
C ASN B 417 -39.92 140.73 20.40
N ALA B 418 -39.87 139.90 19.36
CA ALA B 418 -41.07 139.21 18.92
C ALA B 418 -41.30 137.92 19.70
N LEU B 419 -40.26 137.09 19.84
CA LEU B 419 -40.39 135.81 20.52
C LEU B 419 -40.09 135.96 22.00
N ASN B 420 -39.81 134.82 22.64
CA ASN B 420 -39.98 134.53 24.07
C ASN B 420 -39.30 135.52 25.02
N PHE B 421 -38.29 136.27 24.58
CA PHE B 421 -37.47 136.98 25.56
C PHE B 421 -38.16 138.25 26.05
N SER B 422 -38.96 138.90 25.21
CA SER B 422 -39.71 140.06 25.65
C SER B 422 -40.92 139.65 26.49
N ALA B 423 -41.40 138.42 26.29
CA ALA B 423 -42.59 137.98 27.02
C ALA B 423 -42.25 137.48 28.42
N GLU B 424 -41.03 136.98 28.63
CA GLU B 424 -40.70 136.36 29.91
C GLU B 424 -40.45 137.41 30.99
N PHE B 425 -40.01 138.61 30.60
CA PHE B 425 -39.77 139.67 31.58
C PHE B 425 -41.04 140.28 32.13
N GLU B 426 -42.20 140.03 31.52
CA GLU B 426 -43.41 140.76 31.89
C GLU B 426 -44.06 140.18 33.14
N LYS B 427 -43.72 138.94 33.50
CA LYS B 427 -44.46 138.25 34.55
C LYS B 427 -44.09 138.73 35.95
N LEU B 428 -42.90 139.32 36.09
CA LEU B 428 -42.57 139.91 37.39
C LEU B 428 -42.95 141.39 37.41
N LEU B 429 -42.73 142.10 36.31
CA LEU B 429 -43.14 143.49 36.18
C LEU B 429 -43.74 143.69 34.80
N THR B 430 -45.02 144.06 34.75
CA THR B 430 -45.73 144.12 33.47
C THR B 430 -45.46 145.43 32.73
N TYR B 431 -45.59 146.56 33.41
CA TYR B 431 -45.43 147.86 32.78
C TYR B 431 -44.58 148.77 33.65
N ASP B 432 -43.42 148.28 34.09
CA ASP B 432 -42.55 149.06 34.97
C ASP B 432 -41.81 150.16 34.23
N VAL B 433 -41.83 150.15 32.89
CA VAL B 433 -41.06 151.10 32.09
C VAL B 433 -41.75 152.45 31.93
N ASN B 434 -42.82 152.73 32.69
CA ASN B 434 -43.52 154.00 32.55
C ASN B 434 -42.72 155.17 33.09
N THR B 435 -41.77 154.90 33.98
CA THR B 435 -40.90 155.94 34.54
C THR B 435 -39.51 155.36 34.71
N GLY B 436 -38.64 156.16 35.35
CA GLY B 436 -37.31 155.67 35.69
C GLY B 436 -37.38 154.60 36.77
N LEU B 437 -38.33 154.74 37.70
CA LEU B 437 -38.56 153.74 38.74
C LEU B 437 -39.71 152.83 38.33
N THR B 438 -39.78 151.66 38.96
CA THR B 438 -40.86 150.72 38.68
C THR B 438 -42.18 151.23 39.23
N ALA B 439 -43.06 151.66 38.34
CA ALA B 439 -44.39 152.14 38.71
C ALA B 439 -45.41 151.46 37.81
N SER B 440 -46.68 151.85 37.98
CA SER B 440 -47.84 151.25 37.30
C SER B 440 -47.88 149.75 37.49
N VAL B 441 -47.84 149.31 38.75
CA VAL B 441 -47.66 147.89 39.10
C VAL B 441 -48.94 147.11 38.83
N THR B 442 -49.13 146.76 37.56
CA THR B 442 -50.28 145.96 37.17
C THR B 442 -50.12 144.50 37.59
N LEU B 443 -48.91 143.96 37.48
CA LEU B 443 -48.66 142.57 37.83
C LEU B 443 -47.40 142.50 38.68
N ASP B 444 -47.51 141.81 39.81
CA ASP B 444 -46.40 141.73 40.74
C ASP B 444 -46.42 140.39 41.44
N LEU B 445 -45.41 139.57 41.14
CA LEU B 445 -45.27 138.25 41.72
C LEU B 445 -44.57 138.30 43.08
N PHE B 446 -43.96 139.42 43.42
CA PHE B 446 -43.29 139.61 44.70
C PHE B 446 -44.17 140.41 45.64
N ALA B 447 -43.58 140.76 46.80
CA ALA B 447 -44.17 141.57 47.88
C ALA B 447 -45.38 140.89 48.55
N ASN B 448 -45.66 139.64 48.21
CA ASN B 448 -46.57 138.81 48.99
C ASN B 448 -45.81 137.83 49.87
N ILE B 449 -44.48 137.91 49.87
CA ILE B 449 -43.65 136.95 50.60
C ILE B 449 -43.76 137.18 52.10
N GLY B 450 -43.47 138.40 52.55
CA GLY B 450 -43.47 138.75 53.95
C GLY B 450 -44.84 138.70 54.62
N THR B 451 -45.89 138.86 53.82
CA THR B 451 -47.25 138.69 54.34
C THR B 451 -47.53 137.21 54.61
N ARG B 452 -47.06 136.33 53.72
CA ARG B 452 -47.29 134.91 53.92
C ARG B 452 -46.29 134.30 54.91
N LEU B 453 -45.17 134.97 55.15
CA LEU B 453 -44.17 134.42 56.06
C LEU B 453 -44.56 134.59 57.51
N ASP B 454 -44.98 135.80 57.92
CA ASP B 454 -45.28 136.02 59.34
C ASP B 454 -46.59 135.37 59.74
N ASP B 455 -47.42 134.99 58.76
CA ASP B 455 -48.55 134.11 59.03
C ASP B 455 -48.07 132.73 59.48
N ILE B 456 -46.98 132.24 58.86
CA ILE B 456 -46.43 130.93 59.21
C ILE B 456 -45.77 130.99 60.60
N ILE B 457 -45.17 132.14 60.94
CA ILE B 457 -44.47 132.29 62.21
C ILE B 457 -45.46 132.21 63.38
N ALA B 458 -46.67 132.73 63.19
CA ALA B 458 -47.70 132.65 64.21
C ALA B 458 -48.38 131.29 64.20
N ALA B 459 -48.47 130.66 63.03
CA ALA B 459 -49.18 129.38 62.93
C ALA B 459 -48.38 128.26 63.58
N VAL B 460 -47.06 128.27 63.43
CA VAL B 460 -46.24 127.26 64.09
C VAL B 460 -45.95 127.65 65.53
N SER B 461 -46.36 128.87 65.93
CA SER B 461 -46.20 129.29 67.31
C SER B 461 -47.22 128.60 68.22
N ALA B 462 -48.34 128.16 67.66
CA ALA B 462 -49.32 127.41 68.44
C ALA B 462 -48.89 125.96 68.65
N ALA B 463 -47.93 125.49 67.85
CA ALA B 463 -47.52 124.09 67.91
C ALA B 463 -46.48 123.81 69.00
N GLU B 464 -45.86 124.84 69.58
CA GLU B 464 -44.84 124.59 70.59
C GLU B 464 -45.35 124.14 71.97
N PRO B 465 -46.55 124.45 72.46
CA PRO B 465 -46.98 123.78 73.70
C PRO B 465 -47.67 122.43 73.53
N ILE B 466 -47.80 121.90 72.32
CA ILE B 466 -48.51 120.64 72.11
C ILE B 466 -47.56 119.51 71.73
N ASP B 467 -46.27 119.79 71.53
CA ASP B 467 -45.29 118.77 71.20
C ASP B 467 -44.48 118.42 72.43
N VAL B 468 -44.41 117.13 72.75
CA VAL B 468 -43.85 116.71 74.03
C VAL B 468 -42.77 115.64 73.88
N ASN B 469 -42.58 115.11 72.67
CA ASN B 469 -41.70 113.94 72.52
C ASN B 469 -40.69 114.03 71.39
N ASN B 470 -40.78 115.00 70.50
CA ASN B 470 -40.00 114.99 69.26
C ASN B 470 -38.78 115.89 69.38
N GLY B 471 -37.61 115.37 68.95
CA GLY B 471 -36.36 116.07 69.08
C GLY B 471 -35.94 116.84 67.84
N LYS B 472 -34.63 117.07 67.74
CA LYS B 472 -34.06 118.00 66.76
C LYS B 472 -34.21 117.54 65.31
N LEU B 473 -33.99 116.26 65.03
CA LEU B 473 -33.88 115.77 63.66
C LEU B 473 -35.14 115.06 63.19
N ASN B 474 -36.28 115.29 63.86
CA ASN B 474 -37.52 114.64 63.45
C ASN B 474 -38.06 115.28 62.17
N GLY B 475 -38.33 114.45 61.16
CA GLY B 475 -38.88 114.91 59.91
C GLY B 475 -37.87 115.47 58.93
N ARG B 476 -36.57 115.22 59.14
CA ARG B 476 -35.53 115.75 58.28
C ARG B 476 -35.03 114.68 57.32
N LEU B 477 -34.54 115.13 56.17
CA LEU B 477 -33.90 114.24 55.22
C LEU B 477 -32.51 113.84 55.72
N LEU B 478 -32.06 112.66 55.30
CA LEU B 478 -30.77 112.15 55.79
C LEU B 478 -29.60 112.94 55.19
N SER B 479 -29.75 113.41 53.96
CA SER B 479 -28.69 114.19 53.33
C SER B 479 -28.54 115.57 53.98
N ASP B 480 -29.63 116.08 54.57
CA ASP B 480 -29.59 117.43 55.13
C ASP B 480 -29.05 117.48 56.56
N ILE B 481 -28.82 116.32 57.21
CA ILE B 481 -28.27 116.35 58.56
C ILE B 481 -26.76 116.23 58.58
N GLU B 482 -26.12 116.01 57.43
CA GLU B 482 -24.66 115.90 57.39
C GLU B 482 -23.93 117.19 57.77
N PRO B 483 -24.36 118.41 57.39
CA PRO B 483 -23.73 119.58 58.03
C PRO B 483 -24.17 119.81 59.47
N LEU B 484 -25.35 119.32 59.86
CA LEU B 484 -25.87 119.61 61.19
C LEU B 484 -25.17 118.76 62.25
N ASP B 485 -25.18 117.43 62.08
CA ASP B 485 -24.53 116.52 63.02
C ASP B 485 -23.86 115.44 62.17
N ASN B 486 -22.53 115.57 62.01
CA ASN B 486 -21.80 114.68 61.13
C ASN B 486 -21.61 113.30 61.75
N ALA B 487 -21.52 113.22 63.08
CA ALA B 487 -21.27 111.94 63.73
C ALA B 487 -22.51 111.06 63.74
N THR B 488 -23.70 111.67 63.78
CA THR B 488 -24.93 110.90 63.72
C THR B 488 -25.18 110.38 62.32
N TYR B 489 -24.84 111.20 61.31
CA TYR B 489 -25.03 110.81 59.91
C TYR B 489 -24.16 109.62 59.52
N ASN B 490 -22.94 109.55 60.05
CA ASN B 490 -22.07 108.44 59.72
C ASN B 490 -22.49 107.16 60.43
N THR B 491 -23.16 107.29 61.57
CA THR B 491 -23.59 106.11 62.32
C THR B 491 -24.80 105.47 61.65
N ILE B 492 -25.68 106.28 61.06
CA ILE B 492 -26.86 105.76 60.36
C ILE B 492 -26.44 105.03 59.09
N LEU B 493 -25.36 105.47 58.45
CA LEU B 493 -24.89 104.85 57.22
C LEU B 493 -24.36 103.43 57.46
N LEU B 494 -23.78 103.18 58.64
CA LEU B 494 -23.31 101.82 58.94
C LEU B 494 -24.48 100.87 59.18
N GLU B 495 -25.56 101.36 59.80
CA GLU B 495 -26.68 100.47 60.09
C GLU B 495 -27.47 100.14 58.83
N ILE B 496 -27.46 101.04 57.84
CA ILE B 496 -28.14 100.77 56.57
C ILE B 496 -27.36 99.71 55.78
N ASN B 497 -26.04 99.80 55.77
CA ASN B 497 -25.21 98.90 54.98
C ASN B 497 -25.05 97.52 55.60
N SER B 498 -25.67 97.25 56.76
CA SER B 498 -25.55 95.93 57.36
C SER B 498 -26.53 94.91 56.78
N HIS B 499 -27.45 95.34 55.92
CA HIS B 499 -28.42 94.45 55.28
C HIS B 499 -27.91 94.06 53.90
N LYS B 500 -27.98 92.77 53.59
CA LYS B 500 -27.43 92.23 52.35
C LYS B 500 -28.51 91.70 51.44
N VAL B 501 -28.13 91.48 50.18
CA VAL B 501 -29.05 91.01 49.14
C VAL B 501 -29.01 89.50 49.07
N THR B 502 -30.18 88.87 48.92
CA THR B 502 -30.28 87.45 48.62
C THR B 502 -30.75 87.29 47.18
N LEU B 503 -30.06 86.43 46.43
CA LEU B 503 -30.34 86.22 45.01
C LEU B 503 -30.60 84.75 44.72
N PRO B 504 -31.36 84.46 43.67
CA PRO B 504 -31.36 83.11 43.13
C PRO B 504 -30.03 82.78 42.50
N PRO B 505 -29.62 81.50 42.50
CA PRO B 505 -28.23 81.17 42.17
C PRO B 505 -27.90 80.98 40.70
N SER B 506 -28.77 81.36 39.76
CA SER B 506 -28.56 80.95 38.37
C SER B 506 -27.50 81.80 37.65
N SER B 507 -27.30 83.05 38.08
CA SER B 507 -26.31 83.88 37.41
C SER B 507 -24.90 83.65 37.94
N SER B 508 -24.76 83.20 39.18
CA SER B 508 -23.46 82.77 39.67
C SER B 508 -23.03 81.46 39.03
N MET B 509 -24.00 80.60 38.70
CA MET B 509 -23.68 79.34 38.03
C MET B 509 -23.18 79.57 36.61
N ALA B 510 -23.74 80.58 35.93
CA ALA B 510 -23.31 80.90 34.56
C ALA B 510 -21.86 81.39 34.53
N GLY B 511 -21.45 82.15 35.54
CA GLY B 511 -20.06 82.56 35.61
C GLY B 511 -19.13 81.41 35.88
N ALA B 512 -19.58 80.44 36.68
CA ALA B 512 -18.77 79.26 36.97
C ALA B 512 -18.71 78.30 35.78
N TYR B 513 -19.72 78.31 34.91
CA TYR B 513 -19.66 77.53 33.68
C TYR B 513 -18.56 78.04 32.76
N ALA B 514 -18.38 79.36 32.69
CA ALA B 514 -17.38 79.94 31.80
C ALA B 514 -15.98 79.83 32.41
N ARG B 515 -15.87 79.79 33.73
CA ARG B 515 -14.58 79.67 34.38
C ARG B 515 -13.99 78.27 34.22
N VAL B 516 -14.84 77.24 34.30
CA VAL B 516 -14.35 75.86 34.24
C VAL B 516 -14.06 75.46 32.80
N ASP B 517 -14.85 75.96 31.85
CA ASP B 517 -14.63 75.64 30.43
C ASP B 517 -13.32 76.24 29.92
N ASN B 518 -12.93 77.38 30.47
CA ASN B 518 -11.67 78.00 30.08
C ASN B 518 -10.49 77.29 30.74
N ASP B 519 -10.68 76.77 31.96
CA ASP B 519 -9.58 76.16 32.68
C ASP B 519 -9.36 74.71 32.27
N ARG B 520 -10.43 73.93 32.14
CA ARG B 520 -10.31 72.49 31.99
C ARG B 520 -11.07 71.93 30.80
N GLY B 521 -11.87 72.73 30.11
CA GLY B 521 -12.62 72.26 28.96
C GLY B 521 -14.09 72.09 29.27
N VAL B 522 -14.86 71.82 28.21
CA VAL B 522 -16.31 71.71 28.32
C VAL B 522 -16.76 70.31 28.74
N TRP B 523 -15.88 69.32 28.67
CA TRP B 523 -16.19 67.96 29.09
C TRP B 523 -15.96 67.73 30.59
N LYS B 524 -15.61 68.77 31.34
CA LYS B 524 -15.41 68.66 32.78
C LYS B 524 -16.67 69.11 33.50
N SER B 525 -17.14 68.29 34.46
CA SER B 525 -18.37 68.58 35.19
C SER B 525 -18.20 69.82 36.06
N PRO B 526 -19.18 70.74 36.06
CA PRO B 526 -19.09 71.94 36.92
C PRO B 526 -19.60 71.69 38.34
N ALA B 527 -18.92 70.79 39.05
CA ALA B 527 -19.21 70.50 40.44
C ALA B 527 -17.89 70.30 41.17
N ASN B 528 -17.98 70.23 42.51
CA ASN B 528 -16.84 70.28 43.44
C ASN B 528 -16.01 71.55 43.21
N ILE B 529 -16.71 72.69 43.22
CA ILE B 529 -16.13 74.00 42.95
C ILE B 529 -16.77 75.02 43.88
N GLY B 530 -16.12 76.17 44.02
CA GLY B 530 -16.58 77.21 44.91
C GLY B 530 -17.22 78.40 44.21
N LEU B 531 -17.96 79.20 44.99
CA LEU B 531 -18.62 80.40 44.48
C LEU B 531 -18.07 81.63 45.20
N ASN B 532 -17.74 82.67 44.43
CA ASN B 532 -17.24 83.92 44.99
C ASN B 532 -18.40 84.85 45.33
N TYR B 533 -18.12 85.79 46.26
CA TYR B 533 -19.05 86.82 46.77
C TYR B 533 -20.23 86.22 47.54
N VAL B 534 -20.11 85.00 48.04
CA VAL B 534 -21.21 84.29 48.69
C VAL B 534 -20.81 83.99 50.13
N SER B 535 -21.65 84.37 51.09
CA SER B 535 -21.35 84.11 52.48
C SER B 535 -21.83 82.73 52.92
N LYS B 536 -23.05 82.35 52.56
CA LYS B 536 -23.63 81.07 52.94
C LYS B 536 -24.81 80.77 52.02
N PRO B 537 -25.26 79.51 51.94
CA PRO B 537 -26.59 79.24 51.39
C PRO B 537 -27.68 79.75 52.34
N SER B 538 -28.86 79.97 51.77
CA SER B 538 -29.98 80.49 52.57
C SER B 538 -30.64 79.39 53.41
N VAL B 539 -30.59 78.14 52.95
CA VAL B 539 -31.17 77.00 53.64
C VAL B 539 -30.07 75.97 53.82
N THR B 540 -30.07 75.28 54.95
CA THR B 540 -29.15 74.18 55.21
C THR B 540 -29.73 72.90 54.63
N VAL B 541 -28.93 72.18 53.85
CA VAL B 541 -29.30 70.89 53.27
C VAL B 541 -28.30 69.87 53.79
N SER B 542 -28.80 68.84 54.46
CA SER B 542 -27.93 67.84 55.05
C SER B 542 -27.62 66.73 54.06
N HIS B 543 -26.88 65.72 54.54
CA HIS B 543 -26.53 64.56 53.73
C HIS B 543 -27.77 63.75 53.40
N GLU B 544 -28.66 63.58 54.37
CA GLU B 544 -29.79 62.67 54.24
C GLU B 544 -30.90 63.20 53.35
N GLU B 545 -31.10 64.52 53.25
CA GLU B 545 -32.14 65.07 52.39
C GLU B 545 -31.66 65.43 50.99
N GLN B 546 -30.38 65.26 50.68
CA GLN B 546 -29.94 65.40 49.29
C GLN B 546 -30.14 64.12 48.49
N GLU B 547 -30.47 63.00 49.15
CA GLU B 547 -30.61 61.73 48.46
C GLU B 547 -31.82 61.72 47.52
N SER B 548 -32.95 62.28 47.97
CA SER B 548 -34.11 62.36 47.09
C SER B 548 -34.02 63.55 46.13
N MET B 549 -33.05 64.44 46.34
CA MET B 549 -32.76 65.47 45.35
C MET B 549 -31.96 64.91 44.16
N ASN B 550 -30.96 64.07 44.44
CA ASN B 550 -30.06 63.62 43.38
C ASN B 550 -30.68 62.48 42.58
N VAL B 551 -31.30 61.51 43.25
CA VAL B 551 -31.87 60.32 42.63
C VAL B 551 -33.34 60.22 43.00
N HIS B 552 -34.19 60.09 41.99
CA HIS B 552 -35.64 60.13 42.19
C HIS B 552 -36.32 59.26 41.14
N GLY B 553 -37.56 58.86 41.45
CA GLY B 553 -38.30 57.98 40.56
C GLY B 553 -38.80 58.66 39.30
N THR B 554 -39.00 59.98 39.36
CA THR B 554 -39.37 60.73 38.15
C THR B 554 -38.15 60.95 37.26
N GLY B 555 -36.96 60.90 37.83
CA GLY B 555 -35.75 61.25 37.11
C GLY B 555 -35.42 62.73 37.09
N LYS B 556 -36.22 63.57 37.75
CA LYS B 556 -36.00 65.02 37.74
C LYS B 556 -35.10 65.41 38.92
N SER B 557 -33.81 65.55 38.62
CA SER B 557 -32.80 65.79 39.64
C SER B 557 -32.59 67.29 39.89
N VAL B 558 -32.31 67.62 41.14
CA VAL B 558 -32.02 69.00 41.56
C VAL B 558 -30.65 69.03 42.21
N ASN B 559 -29.80 69.94 41.73
CA ASN B 559 -28.44 70.07 42.27
C ASN B 559 -28.42 70.99 43.49
N ALA B 560 -27.67 70.57 44.50
CA ALA B 560 -27.67 71.21 45.81
C ALA B 560 -26.41 72.05 46.04
N ILE B 561 -26.60 73.21 46.67
CA ILE B 561 -25.49 74.05 47.14
C ILE B 561 -25.33 73.84 48.64
N ARG B 562 -24.15 73.39 49.07
CA ARG B 562 -23.95 72.95 50.44
C ARG B 562 -22.68 73.55 51.04
N SER B 563 -22.56 73.41 52.36
CA SER B 563 -21.40 73.86 53.11
C SER B 563 -20.73 72.66 53.78
N PHE B 564 -19.40 72.69 53.85
CA PHE B 564 -18.61 71.61 54.43
C PHE B 564 -17.55 72.24 55.33
N VAL B 565 -17.28 71.59 56.47
CA VAL B 565 -16.32 72.12 57.44
C VAL B 565 -14.90 72.04 56.86
N GLY B 566 -14.22 73.18 56.82
CA GLY B 566 -12.89 73.26 56.27
C GLY B 566 -12.82 73.56 54.79
N LYS B 567 -13.96 73.69 54.12
CA LYS B 567 -14.00 73.80 52.67
C LYS B 567 -14.87 74.93 52.16
N GLY B 568 -15.82 75.44 52.94
CA GLY B 568 -16.68 76.51 52.50
C GLY B 568 -17.89 76.03 51.72
N THR B 569 -18.50 76.98 51.01
CA THR B 569 -19.71 76.72 50.24
C THR B 569 -19.33 76.21 48.84
N LEU B 570 -19.90 75.07 48.45
CA LEU B 570 -19.57 74.42 47.19
C LEU B 570 -20.83 74.07 46.41
N VAL B 571 -20.65 73.89 45.10
CA VAL B 571 -21.66 73.24 44.26
C VAL B 571 -21.46 71.73 44.33
N TRP B 572 -22.50 71.02 44.71
CA TRP B 572 -22.43 69.57 44.90
C TRP B 572 -23.57 68.91 44.14
N GLY B 573 -23.37 68.66 42.86
CA GLY B 573 -24.34 68.07 41.95
C GLY B 573 -24.13 68.54 40.52
N ALA B 574 -24.19 67.60 39.58
CA ALA B 574 -23.94 67.90 38.18
C ALA B 574 -24.86 67.11 37.23
N ARG B 575 -26.15 67.07 37.53
CA ARG B 575 -27.09 66.33 36.69
C ARG B 575 -28.04 67.26 35.94
N THR B 576 -28.59 66.76 34.83
CA THR B 576 -29.69 67.41 34.13
C THR B 576 -31.03 66.90 34.67
N LEU B 577 -32.13 67.39 34.09
CA LEU B 577 -33.48 66.98 34.47
C LEU B 577 -33.93 65.68 33.79
N ALA B 578 -33.02 64.98 33.12
CA ALA B 578 -33.25 63.64 32.59
C ALA B 578 -32.30 62.67 33.30
N GLY B 579 -32.31 62.75 34.63
CA GLY B 579 -31.34 62.14 35.52
C GLY B 579 -31.34 60.62 35.61
N ASN B 580 -32.26 59.90 34.96
CA ASN B 580 -32.19 58.44 34.87
C ASN B 580 -31.85 57.97 33.47
N ASP B 581 -31.36 58.84 32.59
CA ASP B 581 -31.01 58.51 31.21
C ASP B 581 -29.55 58.10 31.13
N ASN B 582 -29.26 56.97 30.49
CA ASN B 582 -27.88 56.52 30.42
C ASN B 582 -27.07 57.31 29.38
N GLU B 583 -27.75 58.04 28.50
CA GLU B 583 -27.03 58.86 27.53
C GLU B 583 -26.94 60.32 27.98
N TRP B 584 -27.93 60.84 28.68
CA TRP B 584 -28.06 62.28 28.85
C TRP B 584 -28.23 62.74 30.30
N ARG B 585 -27.66 62.05 31.28
CA ARG B 585 -27.89 62.47 32.67
C ARG B 585 -26.88 63.49 33.16
N TYR B 586 -25.74 63.65 32.50
CA TYR B 586 -24.70 64.55 32.96
C TYR B 586 -24.68 65.81 32.11
N ILE B 587 -24.44 66.94 32.77
CA ILE B 587 -24.43 68.25 32.13
C ILE B 587 -23.29 68.34 31.11
N SER B 588 -22.13 67.79 31.45
CA SER B 588 -20.94 67.97 30.62
C SER B 588 -21.00 67.12 29.35
N VAL B 589 -21.71 65.99 29.39
CA VAL B 589 -21.89 65.17 28.19
C VAL B 589 -22.79 65.88 27.20
N ARG B 590 -23.91 66.45 27.68
CA ARG B 590 -24.85 67.18 26.83
C ARG B 590 -24.23 68.44 26.21
N ARG B 591 -23.37 69.13 26.96
CA ARG B 591 -22.82 70.38 26.44
C ARG B 591 -21.64 70.11 25.51
N PHE B 592 -20.99 68.94 25.61
CA PHE B 592 -19.98 68.58 24.64
C PHE B 592 -20.60 68.17 23.31
N PHE B 593 -21.74 67.47 23.35
CA PHE B 593 -22.48 67.15 22.12
C PHE B 593 -23.01 68.40 21.43
N ASN B 594 -23.38 69.42 22.20
CA ASN B 594 -23.82 70.68 21.60
C ASN B 594 -22.68 71.40 20.88
N MET B 595 -21.46 71.28 21.40
CA MET B 595 -20.33 71.93 20.76
C MET B 595 -19.91 71.19 19.49
N ALA B 596 -19.79 69.87 19.58
CA ALA B 596 -19.23 69.08 18.49
C ALA B 596 -20.17 69.01 17.29
N GLU B 597 -21.49 69.00 17.52
CA GLU B 597 -22.43 68.90 16.41
C GLU B 597 -22.54 70.20 15.63
N GLU B 598 -22.44 71.34 16.33
CA GLU B 598 -22.55 72.63 15.64
C GLU B 598 -21.29 72.94 14.83
N SER B 599 -20.12 72.55 15.35
CA SER B 599 -18.87 72.81 14.64
C SER B 599 -18.77 71.99 13.36
N ILE B 600 -19.28 70.76 13.39
CA ILE B 600 -19.26 69.90 12.20
C ILE B 600 -20.30 70.36 11.19
N LYS B 601 -21.43 70.87 11.66
CA LYS B 601 -22.50 71.31 10.78
C LYS B 601 -22.11 72.56 9.98
N LYS B 602 -21.40 73.49 10.61
CA LYS B 602 -20.96 74.68 9.91
C LYS B 602 -19.87 74.38 8.88
N ALA B 603 -19.02 73.38 9.16
CA ALA B 603 -17.96 73.04 8.22
C ALA B 603 -18.47 72.26 7.01
N THR B 604 -19.69 71.76 7.07
CA THR B 604 -20.27 70.89 6.05
C THR B 604 -21.05 71.66 4.97
N GLU B 605 -21.37 72.95 5.16
CA GLU B 605 -22.16 73.66 4.15
C GLU B 605 -21.38 73.97 2.88
N GLN B 606 -20.06 73.76 2.87
CA GLN B 606 -19.31 73.94 1.63
C GLN B 606 -19.48 72.75 0.69
N PHE B 607 -20.18 71.71 1.10
CA PHE B 607 -20.35 70.48 0.34
C PHE B 607 -21.76 70.25 -0.21
N VAL B 608 -22.65 71.26 -0.18
CA VAL B 608 -24.08 71.02 -0.36
C VAL B 608 -24.43 70.59 -1.78
N PHE B 609 -23.97 71.33 -2.79
CA PHE B 609 -24.28 70.97 -4.17
C PHE B 609 -23.09 70.33 -4.90
N GLU B 610 -22.19 69.69 -4.14
CA GLU B 610 -21.02 69.02 -4.69
C GLU B 610 -21.44 67.69 -5.35
N PRO B 611 -20.57 67.11 -6.20
CA PRO B 611 -20.85 65.76 -6.73
C PRO B 611 -20.86 64.71 -5.64
N ASN B 612 -21.92 63.89 -5.65
CA ASN B 612 -22.14 62.88 -4.61
C ASN B 612 -21.53 61.54 -5.05
N ASP B 613 -20.20 61.51 -5.08
CA ASP B 613 -19.45 60.35 -5.57
C ASP B 613 -18.31 60.03 -4.61
N GLY B 614 -17.46 59.09 -5.04
CA GLY B 614 -16.44 58.54 -4.16
C GLY B 614 -15.31 59.51 -3.84
N ASN B 615 -15.12 60.52 -4.68
CA ASN B 615 -14.09 61.53 -4.42
C ASN B 615 -14.52 62.46 -3.27
N THR B 616 -15.81 62.76 -3.19
CA THR B 616 -16.33 63.59 -2.10
C THR B 616 -16.35 62.83 -0.77
N TRP B 617 -16.68 61.54 -0.81
CA TRP B 617 -16.86 60.77 0.42
C TRP B 617 -15.55 60.53 1.15
N VAL B 618 -14.43 60.52 0.41
CA VAL B 618 -13.11 60.36 1.02
C VAL B 618 -12.71 61.62 1.77
N ARG B 619 -13.00 62.79 1.20
CA ARG B 619 -12.59 64.04 1.84
C ARG B 619 -13.52 64.43 2.98
N VAL B 620 -14.80 64.03 2.91
CA VAL B 620 -15.73 64.31 3.99
C VAL B 620 -15.37 63.49 5.22
N ARG B 621 -15.00 62.23 5.01
CA ARG B 621 -14.63 61.34 6.12
C ARG B 621 -13.35 61.81 6.81
N ALA B 622 -12.38 62.31 6.04
CA ALA B 622 -11.10 62.70 6.60
C ALA B 622 -11.19 64.04 7.34
N MET B 623 -12.12 64.91 6.94
CA MET B 623 -12.32 66.17 7.67
C MET B 623 -12.89 65.93 9.06
N ILE B 624 -13.85 65.01 9.19
CA ILE B 624 -14.46 64.74 10.47
C ILE B 624 -13.52 63.92 11.37
N GLU B 625 -12.71 63.04 10.76
CA GLU B 625 -11.80 62.20 11.52
C GLU B 625 -10.63 63.00 12.10
N ASN B 626 -10.17 64.03 11.37
CA ASN B 626 -9.08 64.86 11.87
C ASN B 626 -9.53 65.71 13.06
N PHE B 627 -10.80 66.10 13.07
CA PHE B 627 -11.33 66.90 14.17
C PHE B 627 -11.49 66.07 15.44
N LEU B 628 -11.96 64.83 15.31
CA LEU B 628 -12.21 64.00 16.48
C LEU B 628 -10.94 63.43 17.09
N ILE B 629 -9.85 63.38 16.30
CA ILE B 629 -8.55 62.92 16.79
C ILE B 629 -7.96 63.95 17.76
N LEU B 630 -8.22 65.24 17.52
CA LEU B 630 -7.80 66.27 18.46
C LEU B 630 -8.59 66.22 19.76
N GLN B 631 -9.86 65.82 19.70
CA GLN B 631 -10.67 65.74 20.93
C GLN B 631 -10.26 64.55 21.78
N TRP B 632 -9.82 63.45 21.13
CA TRP B 632 -9.31 62.30 21.86
C TRP B 632 -7.99 62.62 22.55
N ARG B 633 -7.15 63.43 21.92
CA ARG B 633 -5.83 63.72 22.51
C ARG B 633 -5.94 64.71 23.66
N ALA B 634 -6.95 65.56 23.65
CA ALA B 634 -7.17 66.49 24.75
C ALA B 634 -7.83 65.85 25.96
N GLY B 635 -8.35 64.63 25.84
CA GLY B 635 -8.96 63.93 26.95
C GLY B 635 -10.47 63.89 26.99
N ALA B 636 -11.15 64.34 25.93
CA ALA B 636 -12.61 64.34 25.95
C ALA B 636 -13.20 62.98 25.58
N LEU B 637 -12.42 62.16 24.87
CA LEU B 637 -12.86 60.83 24.46
C LEU B 637 -11.97 59.79 25.12
N ALA B 638 -12.58 58.75 25.68
CA ALA B 638 -11.88 57.70 26.40
C ALA B 638 -11.48 56.59 25.44
N GLY B 639 -10.23 56.16 25.52
CA GLY B 639 -9.76 55.07 24.70
C GLY B 639 -8.25 54.99 24.70
N ALA B 640 -7.76 53.77 24.57
CA ALA B 640 -6.31 53.56 24.48
C ALA B 640 -5.80 53.81 23.07
N LYS B 641 -6.68 53.72 22.08
CA LYS B 641 -6.32 53.90 20.68
C LYS B 641 -7.49 54.60 19.99
N PRO B 642 -7.28 55.26 18.83
CA PRO B 642 -8.36 56.06 18.23
C PRO B 642 -9.59 55.29 17.77
N GLU B 643 -9.46 54.01 17.41
CA GLU B 643 -10.63 53.29 16.93
C GLU B 643 -11.49 52.77 18.09
N HIS B 644 -11.00 52.91 19.32
CA HIS B 644 -11.84 52.63 20.48
C HIS B 644 -12.70 53.85 20.83
N ALA B 645 -12.33 55.02 20.32
CA ALA B 645 -12.98 56.24 20.77
C ALA B 645 -14.10 56.69 19.84
N PHE B 646 -13.98 56.44 18.53
CA PHE B 646 -14.99 56.92 17.59
C PHE B 646 -15.01 56.05 16.34
N TYR B 647 -15.98 56.30 15.47
CA TYR B 647 -16.02 55.77 14.11
C TYR B 647 -16.77 56.75 13.22
N VAL B 648 -16.45 56.72 11.92
CA VAL B 648 -17.11 57.53 10.89
C VAL B 648 -17.36 56.65 9.67
N LYS B 649 -18.59 56.64 9.18
CA LYS B 649 -18.98 55.85 8.00
C LYS B 649 -19.77 56.70 7.02
N VAL B 650 -19.37 56.66 5.75
CA VAL B 650 -20.12 57.31 4.66
C VAL B 650 -19.77 56.62 3.35
N GLY B 651 -20.77 56.32 2.54
CA GLY B 651 -20.52 55.76 1.22
C GLY B 651 -21.68 54.93 0.72
N LEU B 652 -21.60 54.59 -0.57
CA LEU B 652 -22.57 53.71 -1.22
C LEU B 652 -22.29 52.26 -0.82
N GLY B 653 -23.33 51.56 -0.36
CA GLY B 653 -23.17 50.24 0.21
C GLY B 653 -22.78 50.22 1.67
N GLN B 654 -22.58 51.39 2.29
CA GLN B 654 -22.31 51.49 3.71
C GLN B 654 -23.40 52.25 4.45
N THR B 655 -23.76 53.44 3.96
CA THR B 655 -24.84 54.23 4.53
C THR B 655 -25.93 54.58 3.53
N MET B 656 -25.75 54.28 2.24
CA MET B 656 -26.62 54.78 1.19
C MET B 656 -26.96 53.68 0.20
N THR B 657 -28.11 53.83 -0.46
CA THR B 657 -28.48 53.01 -1.60
C THR B 657 -28.38 53.81 -2.89
N ALA B 658 -28.55 53.13 -4.03
CA ALA B 658 -28.51 53.81 -5.32
C ALA B 658 -29.75 54.67 -5.53
N GLN B 659 -30.88 54.27 -4.93
CA GLN B 659 -32.08 55.09 -4.95
C GLN B 659 -31.87 56.37 -4.13
N ASP B 660 -31.02 56.32 -3.10
CA ASP B 660 -30.72 57.50 -2.30
C ASP B 660 -29.92 58.53 -3.10
N ILE B 661 -29.06 58.06 -4.01
CA ILE B 661 -28.23 58.96 -4.82
C ILE B 661 -29.09 59.75 -5.81
N LEU B 662 -30.09 59.09 -6.42
CA LEU B 662 -30.96 59.77 -7.36
C LEU B 662 -31.82 60.83 -6.70
N GLU B 663 -32.17 60.64 -5.43
CA GLU B 663 -32.94 61.65 -4.69
C GLU B 663 -32.09 62.79 -4.19
N GLY B 664 -30.77 62.66 -4.17
CA GLY B 664 -29.91 63.71 -3.68
C GLY B 664 -29.55 63.64 -2.21
N ASN B 665 -29.50 62.45 -1.62
CA ASN B 665 -29.22 62.27 -0.20
C ASN B 665 -27.79 61.74 0.00
N MET B 666 -27.12 62.28 1.01
CA MET B 666 -25.84 61.76 1.49
C MET B 666 -25.90 61.58 2.99
N ASN B 667 -25.65 60.36 3.47
CA ASN B 667 -25.79 60.00 4.87
C ASN B 667 -24.41 59.78 5.51
N VAL B 668 -24.16 60.43 6.64
CA VAL B 668 -22.95 60.27 7.42
C VAL B 668 -23.31 59.82 8.83
N GLU B 669 -22.64 58.77 9.33
CA GLU B 669 -22.90 58.20 10.64
C GLU B 669 -21.69 58.33 11.53
N ILE B 670 -21.89 58.84 12.75
CA ILE B 670 -20.82 59.18 13.68
C ILE B 670 -21.17 58.65 15.07
N GLY B 671 -20.28 57.83 15.64
CA GLY B 671 -20.45 57.33 17.00
C GLY B 671 -19.34 57.74 17.96
N LEU B 672 -19.69 58.13 19.18
CA LEU B 672 -18.73 58.74 20.11
C LEU B 672 -18.74 58.03 21.45
N ALA B 673 -17.60 58.07 22.15
CA ALA B 673 -17.42 57.53 23.50
C ALA B 673 -16.87 58.63 24.40
N VAL B 674 -17.77 59.34 25.07
CA VAL B 674 -17.42 60.54 25.83
C VAL B 674 -17.17 60.16 27.29
N VAL B 675 -16.20 60.83 27.93
CA VAL B 675 -15.80 60.50 29.30
C VAL B 675 -16.85 60.96 30.32
N ARG B 676 -17.15 60.09 31.28
CA ARG B 676 -18.13 60.35 32.32
C ARG B 676 -17.44 60.74 33.63
N PRO B 677 -18.12 61.48 34.51
CA PRO B 677 -17.51 61.79 35.81
C PRO B 677 -17.55 60.63 36.78
N ALA B 678 -16.74 60.74 37.83
CA ALA B 678 -16.68 59.76 38.91
C ALA B 678 -17.45 60.32 40.11
N GLU B 679 -18.73 59.92 40.19
CA GLU B 679 -19.65 60.53 41.13
C GLU B 679 -19.62 59.82 42.49
N PHE B 680 -19.48 58.50 42.51
CA PHE B 680 -19.41 57.73 43.73
C PHE B 680 -18.13 56.91 43.75
N ILE B 681 -17.33 57.05 44.81
CA ILE B 681 -16.07 56.34 44.97
C ILE B 681 -16.21 55.40 46.15
N ILE B 682 -16.03 54.10 45.92
CA ILE B 682 -16.31 53.06 46.89
C ILE B 682 -15.01 52.34 47.23
N LEU B 683 -14.55 52.48 48.48
CA LEU B 683 -13.34 51.84 48.96
C LEU B 683 -13.68 50.53 49.67
N LYS B 684 -13.09 49.42 49.22
CA LYS B 684 -13.38 48.10 49.74
C LYS B 684 -12.15 47.52 50.43
N PHE B 685 -12.23 47.37 51.75
CA PHE B 685 -11.11 46.93 52.59
C PHE B 685 -11.29 45.47 53.01
N SER B 686 -10.18 44.73 53.06
CA SER B 686 -10.20 43.33 53.44
C SER B 686 -8.84 42.90 53.99
N HIS B 687 -8.85 41.82 54.76
CA HIS B 687 -7.64 41.20 55.29
C HIS B 687 -7.04 40.24 54.27
N LYS B 688 -5.72 40.17 54.21
CA LYS B 688 -5.04 39.14 53.43
C LYS B 688 -4.11 38.33 54.33
N MET B 689 -3.89 37.08 53.94
CA MET B 689 -3.10 36.15 54.75
C MET B 689 -1.62 36.51 54.73
N GLN B 690 -0.95 36.29 55.84
CA GLN B 690 0.47 36.59 56.00
C GLN B 690 1.34 35.63 55.21
N ALA C 2 -25.18 49.50 50.43
CA ALA C 2 -24.97 48.98 49.09
C ALA C 2 -25.59 49.90 48.03
N THR C 3 -26.42 50.84 48.48
CA THR C 3 -27.08 51.80 47.61
C THR C 3 -26.61 53.20 47.97
N TYR C 4 -26.16 53.95 46.97
CA TYR C 4 -25.61 55.28 47.17
C TYR C 4 -26.32 56.29 46.28
N LYS C 5 -26.84 57.35 46.89
CA LYS C 5 -27.55 58.40 46.19
C LYS C 5 -26.89 59.77 46.28
N THR C 6 -26.29 60.11 47.41
CA THR C 6 -25.58 61.38 47.46
C THR C 6 -24.09 61.20 47.13
N PRO C 7 -23.51 62.16 46.41
CA PRO C 7 -22.11 62.02 45.98
C PRO C 7 -21.11 62.08 47.13
N GLY C 8 -20.04 61.30 46.99
CA GLY C 8 -18.94 61.33 47.95
C GLY C 8 -18.14 60.04 47.90
N VAL C 9 -17.44 59.78 49.00
CA VAL C 9 -16.60 58.60 49.20
C VAL C 9 -17.25 57.73 50.27
N TYR C 10 -17.21 56.42 50.08
CA TYR C 10 -17.80 55.47 51.02
C TYR C 10 -16.81 54.36 51.34
N ILE C 11 -17.02 53.71 52.48
CA ILE C 11 -16.12 52.68 53.00
C ILE C 11 -16.92 51.40 53.23
N GLU C 12 -16.44 50.30 52.67
CA GLU C 12 -17.05 48.97 52.82
C GLU C 12 -16.02 48.00 53.38
N GLU C 13 -16.45 47.11 54.27
CA GLU C 13 -15.61 46.04 54.79
C GLU C 13 -16.15 44.69 54.34
N ILE C 14 -15.27 43.83 53.85
CA ILE C 14 -15.62 42.52 53.32
C ILE C 14 -15.04 41.45 54.23
N THR C 15 -15.87 40.47 54.60
CA THR C 15 -15.50 39.40 55.53
C THR C 15 -14.99 38.20 54.76
N LYS C 16 -13.76 37.78 55.08
CA LYS C 16 -13.14 36.64 54.39
C LYS C 16 -12.73 35.52 55.33
N PHE C 17 -12.15 35.83 56.49
CA PHE C 17 -11.61 34.79 57.35
C PHE C 17 -12.74 34.08 58.10
N PRO C 18 -12.63 32.77 58.33
CA PRO C 18 -13.61 32.09 59.20
C PRO C 18 -13.34 32.38 60.66
N PRO C 19 -14.35 32.25 61.52
CA PRO C 19 -14.09 32.32 62.97
C PRO C 19 -13.46 31.03 63.48
N SER C 20 -13.11 31.03 64.76
CA SER C 20 -12.46 29.88 65.37
C SER C 20 -13.34 29.31 66.49
N VAL C 21 -13.15 28.00 66.73
CA VAL C 21 -13.88 27.25 67.75
C VAL C 21 -13.17 27.39 69.09
N ALA C 22 -13.94 27.51 70.17
CA ALA C 22 -13.43 27.62 71.53
C ALA C 22 -13.73 26.33 72.29
N GLN C 23 -12.69 25.74 72.88
CA GLN C 23 -12.79 24.41 73.48
C GLN C 23 -13.39 24.47 74.89
N VAL C 24 -14.23 23.48 75.20
CA VAL C 24 -14.94 23.41 76.48
C VAL C 24 -14.17 22.55 77.47
N GLU C 25 -14.50 22.72 78.76
CA GLU C 25 -13.93 21.90 79.82
C GLU C 25 -14.41 20.45 79.71
N THR C 26 -13.59 19.51 80.19
CA THR C 26 -13.90 18.10 80.02
C THR C 26 -14.24 17.35 81.31
N ALA C 27 -13.75 17.78 82.47
CA ALA C 27 -14.00 17.05 83.72
C ALA C 27 -14.41 18.02 84.83
N ILE C 28 -15.71 18.32 84.91
CA ILE C 28 -16.32 19.05 86.01
C ILE C 28 -17.42 18.16 86.57
N PRO C 29 -17.25 17.57 87.75
CA PRO C 29 -18.29 16.72 88.33
C PRO C 29 -19.31 17.48 89.17
N ALA C 30 -20.39 16.78 89.50
CA ALA C 30 -21.44 17.28 90.38
C ALA C 30 -21.74 16.24 91.46
N PHE C 31 -21.73 16.67 92.72
CA PHE C 31 -21.98 15.79 93.86
C PHE C 31 -23.35 16.11 94.44
N ILE C 32 -24.19 15.09 94.60
CA ILE C 32 -25.59 15.23 94.98
C ILE C 32 -25.84 14.40 96.23
N GLY C 33 -26.14 15.05 97.35
CA GLY C 33 -26.34 14.35 98.60
C GLY C 33 -26.58 15.30 99.76
N TYR C 34 -26.45 14.76 100.97
CA TYR C 34 -26.78 15.47 102.20
C TYR C 34 -25.58 16.19 102.79
N THR C 35 -25.80 17.38 103.34
CA THR C 35 -24.75 18.17 103.99
C THR C 35 -25.15 18.50 105.42
N GLN C 36 -24.26 19.24 106.11
CA GLN C 36 -24.54 19.61 107.50
C GLN C 36 -25.45 20.83 107.60
N PHE C 37 -25.11 21.95 106.93
CA PHE C 37 -26.06 23.06 106.99
C PHE C 37 -26.46 23.77 105.69
N ALA C 38 -25.56 23.94 104.71
CA ALA C 38 -25.83 24.59 103.40
C ALA C 38 -26.33 26.03 103.53
N ARG C 39 -25.42 26.92 103.93
CA ARG C 39 -25.75 28.33 104.15
C ARG C 39 -24.96 29.25 103.22
N THR C 40 -25.60 30.32 102.73
CA THR C 40 -24.89 31.32 101.93
C THR C 40 -24.04 32.23 102.81
N LYS C 41 -24.57 32.66 103.94
CA LYS C 41 -23.81 33.43 104.90
C LYS C 41 -23.59 32.55 106.13
N PRO C 42 -22.32 32.23 106.46
CA PRO C 42 -22.07 31.20 107.50
C PRO C 42 -22.45 31.63 108.91
N SER C 43 -22.52 32.93 109.18
CA SER C 43 -22.89 33.37 110.52
C SER C 43 -24.39 33.32 110.73
N VAL C 44 -25.17 33.71 109.72
CA VAL C 44 -26.62 33.72 109.81
C VAL C 44 -27.16 32.31 109.58
N ASP C 45 -27.99 31.84 110.51
CA ASP C 45 -28.44 30.44 110.55
C ASP C 45 -29.69 30.27 109.69
N SER C 46 -29.49 30.07 108.39
CA SER C 46 -30.61 29.85 107.47
C SER C 46 -30.12 28.99 106.31
N ASP C 47 -30.79 27.86 106.10
CA ASP C 47 -30.42 26.91 105.03
C ASP C 47 -31.11 27.34 103.75
N ASP C 48 -30.55 28.35 103.07
CA ASP C 48 -31.09 28.81 101.80
C ASP C 48 -30.37 28.25 100.60
N LEU C 49 -29.46 27.30 100.79
CA LEU C 49 -28.78 26.61 99.69
C LEU C 49 -29.25 25.18 99.52
N ILE C 50 -30.52 24.89 99.81
CA ILE C 50 -30.98 23.50 99.90
C ILE C 50 -30.97 22.81 98.54
N LEU C 51 -31.65 23.38 97.55
CA LEU C 51 -31.63 22.78 96.21
C LEU C 51 -31.10 23.74 95.16
N LYS C 52 -30.01 24.45 95.45
CA LYS C 52 -29.37 25.37 94.52
C LYS C 52 -27.96 24.88 94.22
N PRO C 53 -27.60 24.68 92.95
CA PRO C 53 -26.23 24.28 92.62
C PRO C 53 -25.25 25.43 92.82
N LYS C 54 -24.10 25.11 93.43
CA LYS C 54 -23.06 26.08 93.73
C LYS C 54 -21.70 25.53 93.33
N ARG C 55 -20.88 26.39 92.73
CA ARG C 55 -19.55 26.01 92.26
C ARG C 55 -18.50 26.39 93.29
N ILE C 56 -17.76 25.39 93.79
CA ILE C 56 -16.70 25.58 94.77
C ILE C 56 -15.36 25.23 94.11
N SER C 57 -14.27 25.44 94.84
CA SER C 57 -12.94 25.28 94.27
C SER C 57 -11.99 24.45 95.11
N SER C 58 -12.26 24.26 96.40
CA SER C 58 -11.36 23.51 97.27
C SER C 58 -12.16 22.93 98.42
N LEU C 59 -11.47 22.16 99.26
CA LEU C 59 -12.11 21.59 100.44
C LEU C 59 -12.40 22.65 101.49
N LEU C 60 -11.62 23.73 101.51
CA LEU C 60 -11.88 24.81 102.46
C LEU C 60 -13.11 25.61 102.07
N ASP C 61 -13.41 25.68 100.77
CA ASP C 61 -14.66 26.31 100.33
C ASP C 61 -15.87 25.49 100.73
N PHE C 62 -15.73 24.16 100.82
CA PHE C 62 -16.87 23.31 101.14
C PHE C 62 -17.28 23.47 102.59
N THR C 63 -16.32 23.49 103.52
CA THR C 63 -16.65 23.52 104.94
C THR C 63 -17.15 24.89 105.38
N THR C 64 -16.85 25.93 104.59
CA THR C 64 -17.37 27.26 104.85
C THR C 64 -18.88 27.29 104.67
N TYR C 65 -19.38 26.76 103.56
CA TYR C 65 -20.79 26.83 103.24
C TYR C 65 -21.58 25.61 103.69
N TYR C 66 -20.94 24.44 103.83
CA TYR C 66 -21.67 23.21 104.09
C TYR C 66 -21.25 22.47 105.36
N GLY C 67 -20.06 22.70 105.88
CA GLY C 67 -19.63 22.04 107.11
C GLY C 67 -18.86 20.75 106.88
N GLY C 68 -18.87 19.90 107.91
CA GLY C 68 -18.16 18.64 107.86
C GLY C 68 -19.03 17.40 108.01
N ALA C 69 -18.45 16.32 108.53
CA ALA C 69 -19.15 15.05 108.68
C ALA C 69 -19.94 15.02 109.98
N GLN C 70 -20.70 13.93 110.16
CA GLN C 70 -21.49 13.71 111.36
C GLN C 70 -20.70 12.87 112.35
N ASN C 71 -20.80 13.24 113.63
CA ASN C 71 -20.16 12.48 114.70
C ASN C 71 -20.77 11.10 114.84
N GLU C 72 -19.92 10.09 114.99
CA GLU C 72 -20.39 8.72 115.13
C GLU C 72 -20.94 8.47 116.53
N GLN C 73 -21.97 7.63 116.60
CA GLN C 73 -22.64 7.33 117.87
C GLN C 73 -22.46 5.90 118.32
N GLY C 74 -21.73 5.07 117.59
CA GLY C 74 -21.58 3.66 117.90
C GLY C 74 -20.24 3.21 118.45
N ILE C 75 -19.51 4.09 119.15
CA ILE C 75 -18.17 3.72 119.69
C ILE C 75 -18.26 3.39 121.18
N THR C 76 -17.68 2.27 121.61
CA THR C 76 -17.66 1.84 123.01
C THR C 76 -16.23 1.55 123.44
N VAL C 77 -15.91 1.88 124.70
CA VAL C 77 -14.59 1.68 125.26
C VAL C 77 -14.72 0.83 126.52
N LYS C 78 -13.86 -0.18 126.64
CA LYS C 78 -13.85 -1.13 127.75
C LYS C 78 -12.48 -1.12 128.42
N LEU C 79 -12.46 -1.09 129.76
CA LEU C 79 -11.23 -1.15 130.55
C LEU C 79 -11.32 -2.30 131.54
N THR C 80 -10.23 -3.06 131.67
CA THR C 80 -10.17 -4.19 132.58
C THR C 80 -8.82 -4.24 133.29
N ASP C 81 -8.86 -4.32 134.62
CA ASP C 81 -7.66 -4.48 135.44
C ASP C 81 -7.61 -5.90 135.97
N THR C 82 -6.45 -6.53 135.88
CA THR C 82 -6.29 -7.95 136.18
C THR C 82 -5.00 -8.12 136.97
N LEU C 83 -4.88 -9.23 137.69
CA LEU C 83 -3.64 -9.62 138.37
C LEU C 83 -3.23 -10.99 137.89
N ILE C 84 -2.01 -11.09 137.34
CA ILE C 84 -1.47 -12.34 136.82
C ILE C 84 -0.20 -12.66 137.61
N GLU C 85 -0.34 -13.62 138.55
CA GLU C 85 0.68 -14.06 139.53
C GLU C 85 1.40 -12.88 140.18
N GLY C 86 0.62 -11.91 140.66
CA GLY C 86 1.16 -10.75 141.34
C GLY C 86 1.60 -9.61 140.44
N ALA C 87 1.41 -9.71 139.13
CA ALA C 87 1.78 -8.67 138.19
C ALA C 87 0.53 -8.06 137.59
N GLU C 88 0.54 -6.73 137.44
CA GLU C 88 -0.63 -6.02 136.95
C GLU C 88 -0.75 -6.16 135.43
N ASN C 89 -1.99 -6.21 134.94
CA ASN C 89 -2.27 -6.26 133.51
C ASN C 89 -3.49 -5.41 133.24
N ARG C 90 -3.38 -4.48 132.28
CA ARG C 90 -4.46 -3.60 131.87
C ARG C 90 -4.81 -3.88 130.42
N THR C 91 -6.10 -4.04 130.13
CA THR C 91 -6.60 -4.35 128.80
C THR C 91 -7.54 -3.24 128.35
N ILE C 92 -7.32 -2.73 127.14
CA ILE C 92 -8.18 -1.73 126.52
C ILE C 92 -8.77 -2.32 125.25
N ASN C 93 -10.10 -2.32 125.15
CA ASN C 93 -10.80 -2.96 124.04
C ASN C 93 -11.75 -1.96 123.38
N VAL C 94 -11.45 -1.59 122.15
CA VAL C 94 -12.34 -0.78 121.32
C VAL C 94 -12.66 -1.58 120.07
N PRO C 95 -13.84 -2.20 119.97
CA PRO C 95 -14.20 -2.90 118.74
C PRO C 95 -14.61 -1.94 117.64
N GLU C 96 -14.54 -2.43 116.41
CA GLU C 96 -15.01 -1.64 115.28
C GLU C 96 -16.54 -1.57 115.31
N PRO C 97 -17.12 -0.40 115.04
CA PRO C 97 -18.56 -0.23 115.21
C PRO C 97 -19.36 -0.94 114.13
N THR C 98 -20.45 -1.59 114.55
CA THR C 98 -21.35 -2.25 113.62
C THR C 98 -22.46 -1.33 113.10
N PHE C 99 -22.67 -0.18 113.75
CA PHE C 99 -23.66 0.80 113.32
C PHE C 99 -22.92 2.10 112.97
N LYS C 100 -22.96 2.47 111.71
CA LYS C 100 -22.25 3.65 111.20
C LYS C 100 -23.23 4.68 110.70
N SER C 101 -22.74 5.90 110.50
CA SER C 101 -23.55 6.96 109.91
C SER C 101 -23.72 6.72 108.41
N PRO C 102 -24.89 6.98 107.83
CA PRO C 102 -25.08 6.70 106.41
C PRO C 102 -24.60 7.79 105.47
N TYR C 103 -24.02 8.85 106.00
CA TYR C 103 -23.62 10.01 105.21
C TYR C 103 -22.15 9.90 104.83
N LEU C 104 -21.84 10.09 103.55
CA LEU C 104 -20.50 9.83 103.03
C LEU C 104 -19.96 10.97 102.16
N MET C 105 -20.58 12.14 102.18
CA MET C 105 -20.26 13.17 101.20
C MET C 105 -18.95 13.88 101.53
N PHE C 106 -18.72 14.19 102.81
CA PHE C 106 -17.49 14.86 103.21
C PHE C 106 -16.27 13.96 103.05
N TYR C 107 -16.45 12.65 103.24
CA TYR C 107 -15.35 11.71 103.04
C TYR C 107 -15.00 11.57 101.56
N SER C 108 -16.01 11.60 100.69
CA SER C 108 -15.77 11.42 99.26
C SER C 108 -15.09 12.64 98.64
N LEU C 109 -15.35 13.83 99.20
CA LEU C 109 -14.68 15.03 98.68
C LEU C 109 -13.23 15.09 99.13
N GLN C 110 -12.91 14.47 100.26
CA GLN C 110 -11.51 14.32 100.67
C GLN C 110 -10.75 13.42 99.72
N MET C 111 -11.41 12.37 99.22
CA MET C 111 -10.75 11.46 98.28
C MET C 111 -10.60 12.10 96.90
N TYR C 112 -11.53 12.98 96.53
CA TYR C 112 -11.51 13.62 95.22
C TYR C 112 -10.36 14.62 95.11
N PHE C 113 -10.19 15.48 96.12
CA PHE C 113 -9.12 16.47 96.07
C PHE C 113 -7.75 15.85 96.29
N ALA C 114 -7.69 14.67 96.93
CA ALA C 114 -6.40 14.01 97.15
C ALA C 114 -5.90 13.30 95.90
N ASN C 115 -6.77 13.08 94.92
CA ASN C 115 -6.41 12.37 93.71
C ASN C 115 -6.29 13.29 92.49
N GLY C 116 -6.40 14.60 92.68
CA GLY C 116 -6.14 15.55 91.63
C GLY C 116 -7.34 16.30 91.09
N GLY C 117 -8.42 16.43 91.86
CA GLY C 117 -9.60 17.11 91.37
C GLY C 117 -9.50 18.62 91.44
N GLY C 118 -10.29 19.27 90.58
CA GLY C 118 -10.36 20.71 90.55
C GLY C 118 -11.73 21.24 90.95
N PRO C 119 -12.24 22.22 90.21
CA PRO C 119 -13.55 22.80 90.56
C PRO C 119 -14.69 21.85 90.24
N CYS C 120 -15.72 21.89 91.10
CA CYS C 120 -16.86 20.99 91.00
C CYS C 120 -18.10 21.70 91.50
N TYR C 121 -19.26 21.07 91.29
CA TYR C 121 -20.54 21.62 91.70
C TYR C 121 -21.15 20.80 92.84
N ILE C 122 -21.78 21.49 93.78
CA ILE C 122 -22.41 20.87 94.94
C ILE C 122 -23.91 21.07 94.86
N VAL C 123 -24.67 19.98 94.95
CA VAL C 123 -26.12 20.02 95.03
C VAL C 123 -26.55 19.33 96.32
N SER C 124 -26.92 20.11 97.32
CA SER C 124 -27.44 19.57 98.57
C SER C 124 -28.83 19.00 98.32
N THR C 125 -29.24 18.04 99.16
CA THR C 125 -30.60 17.50 99.10
C THR C 125 -31.31 17.58 100.43
N GLY C 126 -30.73 18.24 101.42
CA GLY C 126 -31.28 18.25 102.76
C GLY C 126 -30.13 18.23 103.76
N VAL C 127 -30.51 18.24 105.04
CA VAL C 127 -29.53 18.24 106.11
C VAL C 127 -29.60 16.92 106.86
N TYR C 128 -28.67 16.74 107.81
CA TYR C 128 -28.58 15.49 108.55
C TYR C 128 -29.77 15.33 109.50
N ASP C 129 -30.18 14.09 109.70
CA ASP C 129 -31.13 13.73 110.73
C ASP C 129 -30.38 13.15 111.93
N ASP C 130 -31.01 13.19 113.09
CA ASP C 130 -30.41 12.74 114.33
C ASP C 130 -30.63 11.24 114.53
N TRP C 131 -29.73 10.64 115.30
CA TRP C 131 -29.89 9.25 115.71
C TRP C 131 -30.97 9.15 116.77
N SER C 132 -31.82 8.13 116.65
CA SER C 132 -32.83 7.90 117.68
C SER C 132 -32.24 7.32 118.96
N ASP C 133 -31.35 6.33 118.84
CA ASP C 133 -30.51 5.89 119.94
C ASP C 133 -29.20 5.37 119.36
N SER C 134 -28.46 4.61 120.18
CA SER C 134 -27.09 4.27 119.81
C SER C 134 -27.03 3.14 118.78
N GLU C 135 -28.14 2.50 118.48
CA GLU C 135 -28.17 1.41 117.51
C GLU C 135 -29.18 1.62 116.39
N THR C 136 -29.65 2.85 116.16
CA THR C 136 -30.54 3.15 115.05
C THR C 136 -30.04 4.40 114.33
N PRO C 137 -29.24 4.27 113.28
CA PRO C 137 -28.85 5.43 112.48
C PRO C 137 -30.00 5.91 111.61
N PRO C 138 -29.96 7.15 111.11
CA PRO C 138 -31.02 7.63 110.22
C PRO C 138 -30.99 6.97 108.85
N THR C 139 -32.04 7.23 108.09
CA THR C 139 -32.27 6.60 106.79
C THR C 139 -32.13 7.62 105.66
N ILE C 140 -31.93 7.09 104.46
CA ILE C 140 -31.76 7.89 103.24
C ILE C 140 -32.97 7.67 102.36
N ASN C 141 -33.55 8.76 101.85
CA ASN C 141 -34.81 8.69 101.12
C ASN C 141 -34.55 8.77 99.62
N PHE C 142 -35.28 7.96 98.85
CA PHE C 142 -35.15 7.95 97.40
C PHE C 142 -35.68 9.23 96.76
N SER C 143 -36.71 9.84 97.37
CA SER C 143 -37.36 11.00 96.77
C SER C 143 -36.51 12.27 96.87
N ASP C 144 -35.56 12.32 97.80
CA ASP C 144 -34.66 13.47 97.88
C ASP C 144 -33.57 13.44 96.82
N LEU C 145 -33.01 12.26 96.54
CA LEU C 145 -31.94 12.14 95.57
C LEU C 145 -32.44 12.32 94.14
N GLU C 146 -33.68 11.92 93.85
CA GLU C 146 -34.21 12.13 92.50
C GLU C 146 -34.60 13.59 92.30
N SER C 147 -34.96 14.28 93.38
CA SER C 147 -35.24 15.71 93.30
C SER C 147 -33.97 16.51 93.02
N GLY C 148 -32.82 16.00 93.47
CA GLY C 148 -31.57 16.67 93.16
C GLY C 148 -31.13 16.50 91.72
N LEU C 149 -31.53 15.38 91.10
CA LEU C 149 -31.19 15.13 89.71
C LEU C 149 -31.99 16.03 88.76
N ALA C 150 -33.16 16.50 89.21
CA ALA C 150 -33.99 17.34 88.35
C ALA C 150 -33.46 18.76 88.25
N VAL C 151 -32.76 19.24 89.28
CA VAL C 151 -32.25 20.61 89.24
C VAL C 151 -30.89 20.67 88.52
N ILE C 152 -30.19 19.54 88.42
CA ILE C 152 -28.91 19.54 87.73
C ILE C 152 -29.11 19.45 86.22
N ARG C 153 -30.32 19.13 85.78
CA ARG C 153 -30.66 19.11 84.37
C ARG C 153 -30.66 20.52 83.76
N LYS C 154 -30.88 21.53 84.58
CA LYS C 154 -30.92 22.91 84.15
C LYS C 154 -29.54 23.58 84.13
N GLU C 155 -28.50 22.92 84.60
CA GLU C 155 -27.15 23.49 84.58
C GLU C 155 -26.40 23.01 83.35
N ASP C 156 -25.55 23.89 82.82
CA ASP C 156 -24.86 23.66 81.56
C ASP C 156 -23.46 23.06 81.72
N GLU C 157 -22.70 23.52 82.70
CA GLU C 157 -21.27 23.25 82.83
C GLU C 157 -20.82 21.86 83.31
N PRO C 158 -21.49 21.15 84.25
CA PRO C 158 -20.95 19.83 84.67
C PRO C 158 -20.96 18.77 83.58
N THR C 159 -19.96 17.88 83.65
CA THR C 159 -19.79 16.79 82.69
C THR C 159 -19.89 15.41 83.33
N LEU C 160 -20.01 15.31 84.65
CA LEU C 160 -20.01 14.03 85.36
C LEU C 160 -21.01 14.03 86.51
N LEU C 161 -21.74 12.92 86.67
CA LEU C 161 -22.82 12.80 87.65
C LEU C 161 -22.46 11.73 88.69
N LEU C 162 -22.59 12.07 89.98
CA LEU C 162 -22.26 11.17 91.08
C LEU C 162 -23.27 11.31 92.22
N PHE C 163 -23.49 10.21 92.94
CA PHE C 163 -24.37 10.14 94.12
C PHE C 163 -23.61 9.45 95.24
N PRO C 164 -22.98 10.20 96.14
CA PRO C 164 -22.09 9.57 97.14
C PRO C 164 -22.79 8.81 98.27
N ASP C 165 -24.09 8.98 98.48
CA ASP C 165 -24.79 8.36 99.59
C ASP C 165 -25.62 7.16 99.14
N ALA C 166 -25.56 6.81 97.86
CA ALA C 166 -26.54 5.93 97.24
C ALA C 166 -26.43 4.47 97.66
N THR C 167 -25.26 4.00 98.09
CA THR C 167 -25.14 2.60 98.50
C THR C 167 -25.81 2.31 99.84
N ASN C 168 -26.23 3.32 100.59
CA ASN C 168 -26.93 3.14 101.85
C ASN C 168 -28.44 3.31 101.69
N LEU C 169 -28.95 3.17 100.48
CA LEU C 169 -30.37 3.19 100.19
C LEU C 169 -31.03 1.91 100.72
N PRO C 170 -32.32 1.95 101.07
CA PRO C 170 -32.93 0.78 101.76
C PRO C 170 -33.04 -0.49 100.93
N THR C 171 -33.47 -0.42 99.67
CA THR C 171 -33.55 -1.60 98.82
C THR C 171 -32.63 -1.43 97.62
N ASP C 172 -32.28 -2.55 96.99
CA ASP C 172 -31.42 -2.51 95.82
C ASP C 172 -32.19 -2.05 94.58
N ASP C 173 -33.52 -2.27 94.55
CA ASP C 173 -34.33 -1.82 93.42
C ASP C 173 -34.39 -0.30 93.34
N GLU C 174 -34.33 0.39 94.48
CA GLU C 174 -34.23 1.84 94.46
C GLU C 174 -32.87 2.30 93.94
N PHE C 175 -31.83 1.53 94.25
CA PHE C 175 -30.46 1.86 93.83
C PHE C 175 -30.32 1.78 92.31
N TYR C 176 -30.86 0.71 91.69
CA TYR C 176 -30.73 0.56 90.24
C TYR C 176 -31.64 1.53 89.49
N SER C 177 -32.80 1.84 90.07
CA SER C 177 -33.75 2.76 89.43
C SER C 177 -33.23 4.19 89.42
N LEU C 178 -32.41 4.55 90.40
CA LEU C 178 -31.79 5.87 90.41
C LEU C 178 -30.76 6.01 89.31
N TYR C 179 -29.99 4.95 89.05
CA TYR C 179 -28.96 5.02 88.03
C TYR C 179 -29.54 4.83 86.62
N ASN C 180 -30.75 4.28 86.52
CA ASN C 180 -31.41 4.25 85.22
C ASN C 180 -31.89 5.65 84.82
N SER C 181 -32.19 6.49 85.81
CA SER C 181 -32.64 7.85 85.54
C SER C 181 -31.49 8.75 85.11
N ALA C 182 -30.29 8.49 85.63
CA ALA C 182 -29.12 9.29 85.26
C ALA C 182 -28.69 9.01 83.83
N LEU C 183 -28.81 7.75 83.37
CA LEU C 183 -28.43 7.42 82.00
C LEU C 183 -29.45 7.95 80.99
N MET C 184 -30.70 8.13 81.38
CA MET C 184 -31.68 8.74 80.49
C MET C 184 -31.44 10.25 80.35
N GLN C 185 -30.94 10.90 81.41
CA GLN C 185 -30.56 12.30 81.30
C GLN C 185 -29.32 12.47 80.44
N CYS C 186 -28.39 11.52 80.48
CA CYS C 186 -27.18 11.61 79.67
C CYS C 186 -27.48 11.36 78.20
N ASN C 187 -28.54 10.60 77.91
CA ASN C 187 -28.96 10.41 76.53
C ASN C 187 -29.62 11.68 75.97
N ASP C 188 -30.43 12.36 76.79
CA ASP C 188 -31.18 13.52 76.31
C ASP C 188 -30.27 14.73 76.09
N LEU C 189 -29.47 15.07 77.10
CA LEU C 189 -28.62 16.26 76.99
C LEU C 189 -27.41 16.00 76.12
N GLN C 190 -27.08 14.72 75.91
CA GLN C 190 -25.97 14.17 75.09
C GLN C 190 -24.63 14.87 75.30
N ASP C 191 -24.30 15.28 76.53
CA ASP C 191 -23.03 15.93 76.82
C ASP C 191 -22.43 15.52 78.17
N ARG C 192 -22.91 14.45 78.81
CA ARG C 192 -22.48 14.06 80.15
C ARG C 192 -22.13 12.58 80.19
N PHE C 193 -21.64 12.14 81.34
CA PHE C 193 -21.18 10.77 81.57
C PHE C 193 -21.40 10.42 83.04
N THR C 194 -21.70 9.15 83.32
CA THR C 194 -22.05 8.69 84.66
C THR C 194 -21.05 7.64 85.15
N ILE C 195 -20.70 7.72 86.44
CA ILE C 195 -19.80 6.75 87.07
C ILE C 195 -20.60 5.95 88.11
N LEU C 196 -20.57 4.63 87.98
CA LEU C 196 -21.40 3.73 88.78
C LEU C 196 -20.56 2.87 89.71
N ASP C 197 -21.20 2.38 90.77
CA ASP C 197 -20.66 1.33 91.62
C ASP C 197 -21.66 0.18 91.72
N THR C 198 -21.27 -0.86 92.44
CA THR C 198 -22.19 -1.92 92.81
C THR C 198 -22.91 -1.56 94.10
N TYR C 199 -23.93 -2.35 94.43
CA TYR C 199 -24.71 -2.10 95.65
C TYR C 199 -23.90 -2.49 96.89
N SER C 200 -23.10 -3.53 96.79
CA SER C 200 -22.25 -3.98 97.88
C SER C 200 -20.97 -4.55 97.29
N ASP C 201 -19.99 -4.76 98.16
CA ASP C 201 -18.75 -5.42 97.77
C ASP C 201 -18.77 -6.91 98.09
N GLN C 202 -19.75 -7.38 98.84
CA GLN C 202 -19.91 -8.79 99.18
C GLN C 202 -21.31 -9.24 98.82
N THR C 203 -21.56 -10.55 99.01
CA THR C 203 -22.88 -11.11 98.83
C THR C 203 -23.86 -10.54 99.84
N TYR C 204 -24.98 -10.01 99.36
CA TYR C 204 -25.96 -9.35 100.21
C TYR C 204 -27.30 -10.07 100.13
N ASN C 205 -28.12 -9.87 101.16
CA ASN C 205 -29.44 -10.46 101.25
C ASN C 205 -30.49 -9.51 100.70
N ASP C 206 -31.37 -10.05 99.85
CA ASP C 206 -32.43 -9.27 99.21
C ASP C 206 -33.75 -9.36 99.96
N GLY C 207 -33.84 -10.17 101.01
CA GLY C 207 -35.09 -10.47 101.67
C GLY C 207 -35.65 -11.83 101.31
N VAL C 208 -35.51 -12.25 100.05
CA VAL C 208 -35.88 -13.60 99.64
C VAL C 208 -34.68 -14.46 99.31
N GLU C 209 -33.61 -13.91 98.72
CA GLU C 209 -32.49 -14.69 98.24
C GLU C 209 -31.19 -13.98 98.59
N ASP C 210 -30.08 -14.67 98.37
CA ASP C 210 -28.74 -14.10 98.47
C ASP C 210 -28.19 -13.88 97.07
N LEU C 211 -27.62 -12.71 96.82
CA LEU C 211 -27.20 -12.32 95.48
C LEU C 211 -25.74 -11.91 95.46
N ASP C 212 -25.06 -12.26 94.37
CA ASP C 212 -23.70 -11.80 94.13
C ASP C 212 -23.73 -10.40 93.52
N PRO C 213 -22.75 -9.53 93.81
CA PRO C 213 -22.84 -8.12 93.39
C PRO C 213 -22.76 -7.85 91.90
N ILE C 214 -21.87 -8.56 91.21
CA ILE C 214 -21.67 -8.35 89.75
C ILE C 214 -22.89 -8.81 88.96
N PRO C 215 -23.45 -10.04 89.09
CA PRO C 215 -24.65 -10.40 88.31
C PRO C 215 -25.91 -9.65 88.72
N ALA C 216 -25.96 -9.05 89.91
CA ALA C 216 -27.14 -8.29 90.31
C ALA C 216 -27.14 -6.91 89.66
N LEU C 217 -25.96 -6.34 89.41
CA LEU C 217 -25.89 -5.08 88.69
C LEU C 217 -26.22 -5.26 87.21
N ARG C 218 -25.94 -6.43 86.65
CA ARG C 218 -26.26 -6.68 85.25
C ARG C 218 -27.75 -6.90 85.04
N ASN C 219 -28.48 -7.30 86.08
CA ASN C 219 -29.93 -7.41 85.99
C ASN C 219 -30.63 -6.07 86.20
N GLY C 220 -30.12 -5.24 87.11
CA GLY C 220 -30.82 -4.02 87.48
C GLY C 220 -30.78 -2.94 86.42
N ILE C 221 -29.72 -2.88 85.63
CA ILE C 221 -29.58 -1.90 84.56
C ILE C 221 -30.08 -2.57 83.28
N ASN C 222 -31.29 -2.20 82.82
CA ASN C 222 -31.97 -2.94 81.76
C ASN C 222 -32.29 -2.10 80.52
N LEU C 223 -31.36 -1.26 80.08
CA LEU C 223 -31.59 -0.43 78.90
C LEU C 223 -30.71 -0.92 77.73
N THR C 224 -31.00 -0.38 76.54
CA THR C 224 -30.25 -0.75 75.34
C THR C 224 -28.96 0.06 75.23
N LYS C 225 -28.21 -0.23 74.17
CA LYS C 225 -26.89 0.35 73.97
C LYS C 225 -26.86 1.88 73.91
N ASP C 226 -27.89 2.48 73.32
CA ASP C 226 -27.94 3.94 73.19
C ASP C 226 -27.97 4.63 74.53
N TYR C 227 -28.19 3.90 75.62
CA TYR C 227 -28.10 4.41 76.98
C TYR C 227 -26.87 3.91 77.71
N LEU C 228 -26.43 2.68 77.43
CA LEU C 228 -25.33 2.05 78.16
C LEU C 228 -23.97 2.66 77.80
N LYS C 229 -23.88 3.35 76.67
CA LYS C 229 -22.62 3.95 76.26
C LYS C 229 -22.25 5.19 77.07
N TYR C 230 -23.13 5.69 77.92
CA TYR C 230 -22.87 6.88 78.74
C TYR C 230 -22.46 6.56 80.17
N GLY C 231 -22.13 5.31 80.50
CA GLY C 231 -21.74 5.00 81.86
C GLY C 231 -20.62 3.96 81.95
N ALA C 232 -20.00 3.93 83.13
CA ALA C 232 -18.92 3.00 83.45
C ALA C 232 -19.01 2.60 84.92
N ALA C 233 -18.62 1.36 85.22
CA ALA C 233 -18.79 0.77 86.54
C ALA C 233 -17.46 0.19 87.05
N TYR C 234 -17.25 0.31 88.36
CA TYR C 234 -16.01 -0.08 89.00
C TYR C 234 -16.28 -0.98 90.20
N TYR C 235 -15.31 -1.84 90.49
CA TYR C 235 -15.43 -2.87 91.52
C TYR C 235 -14.04 -3.27 91.96
N PRO C 236 -13.82 -3.60 93.24
CA PRO C 236 -14.61 -3.52 94.49
C PRO C 236 -14.45 -2.20 95.24
N PHE C 237 -14.70 -2.20 96.54
CA PHE C 237 -14.56 -1.00 97.36
C PHE C 237 -13.08 -0.78 97.72
N VAL C 238 -12.78 0.39 98.32
CA VAL C 238 -11.41 0.74 98.69
C VAL C 238 -11.33 1.11 100.17
N GLN C 239 -10.23 0.72 100.80
CA GLN C 239 -9.93 1.03 102.21
C GLN C 239 -8.99 2.25 102.23
N THR C 240 -9.31 3.28 103.01
CA THR C 240 -8.62 4.56 102.99
C THR C 240 -7.79 4.76 104.25
N ILE C 241 -7.11 5.89 104.35
CA ILE C 241 -6.27 6.27 105.47
C ILE C 241 -7.00 7.22 106.43
N LEU C 242 -8.28 7.48 106.19
CA LEU C 242 -9.02 8.49 106.95
C LEU C 242 -9.57 7.93 108.26
N ASN C 243 -9.73 8.81 109.23
CA ASN C 243 -10.33 8.46 110.51
C ASN C 243 -11.79 8.92 110.54
N TYR C 244 -12.59 8.26 111.37
CA TYR C 244 -13.98 8.64 111.61
C TYR C 244 -14.05 9.94 112.41
N GLN C 245 -15.11 10.71 112.15
CA GLN C 245 -15.40 11.93 112.89
C GLN C 245 -16.21 11.61 114.13
N TYR C 246 -15.74 12.08 115.29
CA TYR C 246 -16.41 11.79 116.54
C TYR C 246 -16.15 12.91 117.53
N SER C 247 -16.93 12.93 118.60
CA SER C 247 -16.80 13.91 119.66
C SER C 247 -16.49 13.21 120.98
N ALA C 248 -15.53 13.75 121.74
CA ALA C 248 -15.13 13.13 123.00
C ALA C 248 -16.12 13.38 124.12
N ASP C 249 -17.06 14.31 123.95
CA ASP C 249 -18.09 14.58 124.95
C ASP C 249 -19.17 13.51 125.01
N GLU C 250 -19.20 12.57 124.05
CA GLU C 250 -20.26 11.59 123.96
C GLU C 250 -19.76 10.16 124.13
N ILE C 251 -18.51 9.96 124.50
CA ILE C 251 -17.94 8.64 124.71
C ILE C 251 -18.00 8.34 126.20
N VAL C 252 -18.58 7.19 126.56
CA VAL C 252 -18.72 6.77 127.96
C VAL C 252 -17.82 5.57 128.20
N ILE C 253 -17.09 5.59 129.31
CA ILE C 253 -16.16 4.53 129.68
C ILE C 253 -16.86 3.56 130.62
N GLN C 254 -16.60 2.26 130.45
CA GLN C 254 -16.97 1.24 131.42
C GLN C 254 -15.70 0.57 131.93
N HIS C 255 -15.49 0.63 133.25
CA HIS C 255 -14.23 0.26 133.88
C HIS C 255 -14.48 -0.84 134.91
N LEU C 256 -13.86 -1.99 134.71
CA LEU C 256 -13.92 -3.11 135.64
C LEU C 256 -12.55 -3.27 136.30
N SER C 257 -12.51 -3.15 137.63
CA SER C 257 -11.25 -3.19 138.36
C SER C 257 -11.38 -4.13 139.55
N TYR C 258 -10.25 -4.67 139.99
CA TYR C 258 -10.25 -5.52 141.18
C TYR C 258 -10.37 -4.69 142.45
N ASN C 259 -9.94 -3.43 142.40
CA ASN C 259 -10.07 -2.53 143.53
C ASN C 259 -11.25 -1.60 143.27
N PRO C 260 -12.43 -1.86 143.83
CA PRO C 260 -13.57 -1.00 143.55
C PRO C 260 -13.61 0.23 144.43
N ASN C 261 -13.40 1.41 143.84
CA ASN C 261 -13.55 2.66 144.55
C ASN C 261 -14.41 3.66 143.77
N ALA C 262 -15.42 3.15 143.06
CA ALA C 262 -16.29 4.02 142.28
C ALA C 262 -17.20 4.86 143.18
N ILE C 263 -17.79 4.22 144.20
CA ILE C 263 -18.70 4.94 145.07
C ILE C 263 -17.92 5.81 146.05
N ALA C 264 -16.72 5.35 146.44
CA ALA C 264 -15.89 6.11 147.38
C ALA C 264 -15.35 7.38 146.73
N THR C 265 -14.98 7.31 145.45
CA THR C 265 -14.51 8.51 144.75
C THR C 265 -15.68 9.45 144.45
N ALA C 266 -16.88 8.88 144.26
CA ALA C 266 -18.06 9.71 144.07
C ALA C 266 -18.49 10.37 145.38
N LEU C 267 -18.16 9.74 146.51
CA LEU C 267 -18.50 10.34 147.80
C LEU C 267 -17.56 11.50 148.14
N ASP C 268 -16.28 11.38 147.79
CA ASP C 268 -15.29 12.37 148.19
C ASP C 268 -15.51 13.70 147.47
N ASN C 269 -15.97 13.65 146.22
CA ASN C 269 -16.29 14.88 145.50
C ASN C 269 -17.56 15.53 146.05
N LEU C 270 -18.56 14.71 146.38
CA LEU C 270 -19.83 15.26 146.82
C LEU C 270 -19.79 15.69 148.27
N ASN C 271 -18.90 15.09 149.07
CA ASN C 271 -18.73 15.55 150.45
C ASN C 271 -17.97 16.87 150.49
N ALA C 272 -17.06 17.08 149.53
CA ALA C 272 -16.26 18.29 149.50
C ALA C 272 -17.08 19.49 149.03
N VAL C 273 -18.03 19.27 148.12
CA VAL C 273 -18.83 20.38 147.61
C VAL C 273 -19.88 20.80 148.63
N ASN C 274 -20.22 19.90 149.57
CA ASN C 274 -21.19 20.19 150.62
C ASN C 274 -20.47 20.82 151.82
N GLY C 275 -20.01 22.05 151.63
CA GLY C 275 -19.27 22.75 152.64
C GLY C 275 -19.68 24.20 152.77
N PRO C 276 -19.27 24.85 153.87
CA PRO C 276 -19.63 26.27 154.05
C PRO C 276 -18.88 27.22 153.12
N THR C 277 -17.62 26.93 152.80
CA THR C 277 -16.89 27.81 151.90
C THR C 277 -17.28 27.56 150.44
N PHE C 278 -17.83 26.39 150.15
CA PHE C 278 -18.01 25.97 148.77
C PHE C 278 -19.37 26.42 148.22
N ILE C 279 -20.47 25.93 148.81
CA ILE C 279 -21.80 26.15 148.26
C ILE C 279 -22.62 27.11 149.11
N ASP C 280 -22.25 27.28 150.38
CA ASP C 280 -22.96 28.25 151.23
C ASP C 280 -22.49 29.67 150.93
N ALA C 281 -21.27 29.81 150.42
CA ALA C 281 -20.74 31.13 150.08
C ALA C 281 -21.35 31.66 148.79
N ILE C 282 -21.95 30.78 147.99
CA ILE C 282 -22.64 31.23 146.78
C ILE C 282 -24.00 31.82 147.14
N LEU C 283 -24.62 31.30 148.19
CA LEU C 283 -26.03 31.60 148.42
C LEU C 283 -26.22 32.88 149.23
N ASP C 284 -25.33 33.16 150.19
CA ASP C 284 -25.49 34.35 151.02
C ASP C 284 -25.11 35.61 150.24
N ASP C 285 -24.29 35.46 149.20
CA ASP C 285 -23.97 36.59 148.33
C ASP C 285 -25.20 37.02 147.53
N LEU C 286 -26.03 36.06 147.13
CA LEU C 286 -27.21 36.37 146.33
C LEU C 286 -28.27 37.08 147.17
N ARG C 287 -28.39 36.73 148.45
CA ARG C 287 -29.32 37.40 149.34
C ARG C 287 -28.58 38.28 150.34
N ASN C 321 -28.47 59.17 132.83
CA ASN C 321 -27.38 59.57 131.95
C ASN C 321 -26.42 58.41 131.71
N SER C 322 -25.22 58.73 131.20
CA SER C 322 -24.26 57.69 130.87
C SER C 322 -23.55 57.18 132.12
N VAL C 323 -23.49 57.99 133.17
CA VAL C 323 -22.80 57.56 134.39
C VAL C 323 -23.71 56.68 135.23
N LYS C 324 -25.03 56.78 135.04
CA LYS C 324 -25.95 55.92 135.77
C LYS C 324 -26.05 54.55 135.13
N VAL C 325 -25.91 54.49 133.80
CA VAL C 325 -25.96 53.20 133.10
C VAL C 325 -24.68 52.42 133.34
N ALA C 326 -23.54 53.13 133.40
CA ALA C 326 -22.25 52.47 133.60
C ALA C 326 -22.11 51.94 135.02
N ASN C 327 -22.71 52.62 136.00
CA ASN C 327 -22.70 52.11 137.36
C ASN C 327 -23.65 50.93 137.51
N PHE C 328 -24.78 50.98 136.81
CA PHE C 328 -25.78 49.93 136.94
C PHE C 328 -25.33 48.64 136.28
N ALA C 329 -24.46 48.73 135.26
CA ALA C 329 -23.96 47.54 134.60
C ALA C 329 -22.94 46.80 135.47
N SER C 330 -22.31 47.52 136.41
CA SER C 330 -21.38 46.86 137.33
C SER C 330 -22.12 46.04 138.36
N LEU C 331 -23.34 46.45 138.71
CA LEU C 331 -24.13 45.70 139.68
C LEU C 331 -24.69 44.42 139.08
N VAL C 332 -25.02 44.44 137.79
CA VAL C 332 -25.57 43.25 137.14
C VAL C 332 -24.46 42.23 136.87
N GLU C 333 -23.25 42.71 136.59
CA GLU C 333 -22.14 41.80 136.28
C GLU C 333 -21.67 41.04 137.52
N SER C 334 -21.90 41.59 138.71
CA SER C 334 -21.55 40.87 139.93
C SER C 334 -22.60 39.80 140.25
N VAL C 335 -23.86 40.08 139.95
CA VAL C 335 -24.93 39.10 140.17
C VAL C 335 -24.82 37.97 139.16
N LEU C 336 -24.48 38.31 137.91
CA LEU C 336 -24.38 37.30 136.87
C LEU C 336 -23.16 36.41 137.07
N SER C 337 -22.10 36.95 137.68
CA SER C 337 -20.93 36.14 137.97
C SER C 337 -21.21 35.16 139.10
N THR C 338 -22.13 35.49 140.00
CA THR C 338 -22.47 34.58 141.09
C THR C 338 -23.33 33.43 140.58
N LEU C 339 -24.21 33.70 139.62
CA LEU C 339 -25.08 32.65 139.07
C LEU C 339 -24.28 31.62 138.27
N ASN C 340 -23.20 32.03 137.62
CA ASN C 340 -22.46 31.13 136.74
C ASN C 340 -21.70 30.08 137.53
N GLU C 341 -21.15 30.44 138.70
CA GLU C 341 -20.45 29.46 139.52
C GLU C 341 -21.43 28.51 140.21
N LEU C 342 -22.69 28.93 140.37
CA LEU C 342 -23.71 28.01 140.84
C LEU C 342 -24.09 27.02 139.75
N ILE C 343 -24.12 27.46 138.49
CA ILE C 343 -24.42 26.57 137.38
C ILE C 343 -23.24 25.63 137.12
N ASP C 344 -22.01 26.12 137.33
CA ASP C 344 -20.83 25.25 137.23
C ASP C 344 -20.78 24.23 138.36
N ALA C 345 -21.35 24.58 139.52
CA ALA C 345 -21.45 23.61 140.60
C ALA C 345 -22.49 22.54 140.28
N LYS C 346 -23.52 22.92 139.51
CA LYS C 346 -24.54 21.95 139.11
C LYS C 346 -23.99 20.92 138.12
N GLU C 347 -23.00 21.33 137.31
CA GLU C 347 -22.45 20.45 136.29
C GLU C 347 -21.60 19.34 136.91
N GLU C 348 -20.81 19.67 137.94
CA GLU C 348 -19.90 18.70 138.51
C GLU C 348 -20.61 17.72 139.43
N ILE C 349 -21.79 18.09 139.94
CA ILE C 349 -22.57 17.17 140.76
C ILE C 349 -23.14 16.06 139.91
N ASN C 350 -23.58 16.37 138.69
CA ASN C 350 -24.24 15.38 137.83
C ASN C 350 -23.24 14.35 137.32
N LYS C 351 -21.97 14.72 137.18
CA LYS C 351 -20.96 13.76 136.73
C LYS C 351 -20.62 12.75 137.82
N ASP C 352 -20.82 13.13 139.09
CA ASP C 352 -20.51 12.22 140.19
C ASP C 352 -21.62 11.22 140.41
N VAL C 353 -22.88 11.65 140.28
CA VAL C 353 -24.00 10.76 140.53
C VAL C 353 -24.19 9.79 139.36
N ASN C 354 -23.85 10.23 138.14
CA ASN C 354 -23.99 9.35 136.98
C ASN C 354 -22.98 8.21 137.01
N SER C 355 -21.82 8.44 137.61
CA SER C 355 -20.84 7.36 137.75
C SER C 355 -21.24 6.38 138.86
N ALA C 356 -22.10 6.81 139.78
CA ALA C 356 -22.57 5.92 140.84
C ALA C 356 -23.84 5.17 140.43
N ILE C 357 -24.64 5.78 139.55
CA ILE C 357 -25.80 5.09 138.99
C ILE C 357 -25.36 3.92 138.12
N ALA C 358 -24.35 4.15 137.28
CA ALA C 358 -23.90 3.11 136.35
C ALA C 358 -23.09 2.03 137.05
N SER C 359 -22.54 2.31 138.23
CA SER C 359 -21.69 1.34 138.90
C SER C 359 -22.52 0.37 139.74
N SER C 360 -23.71 0.79 140.19
CA SER C 360 -24.55 -0.04 141.04
C SER C 360 -25.64 -0.73 140.21
N GLU C 361 -25.20 -1.60 139.31
CA GLU C 361 -26.17 -2.41 138.54
C GLU C 361 -26.78 -3.49 139.42
N GLU C 362 -26.07 -3.90 140.47
CA GLU C 362 -26.65 -4.76 141.48
C GLU C 362 -27.65 -3.98 142.34
N ASP C 363 -28.70 -4.68 142.79
CA ASP C 363 -29.72 -4.17 143.71
C ASP C 363 -30.44 -2.95 143.14
N ASN C 364 -31.28 -3.23 142.13
CA ASN C 364 -31.95 -2.21 141.32
C ASN C 364 -32.83 -1.25 142.14
N ALA C 365 -33.22 -1.63 143.36
CA ALA C 365 -33.96 -0.71 144.23
C ALA C 365 -33.08 0.45 144.70
N ILE C 366 -31.78 0.20 144.88
CA ILE C 366 -30.87 1.27 145.30
C ILE C 366 -30.59 2.23 144.14
N LYS C 367 -30.52 1.69 142.91
CA LYS C 367 -30.32 2.54 141.74
C LYS C 367 -31.52 3.45 141.51
N THR C 368 -32.72 2.97 141.82
CA THR C 368 -33.92 3.79 141.68
C THR C 368 -33.93 4.93 142.70
N ALA C 369 -33.41 4.68 143.90
CA ALA C 369 -33.37 5.72 144.93
C ALA C 369 -32.34 6.78 144.60
N ILE C 370 -31.20 6.39 144.01
CA ILE C 370 -30.17 7.35 143.62
C ILE C 370 -30.65 8.17 142.43
N SER C 371 -31.39 7.54 141.52
CA SER C 371 -31.93 8.26 140.37
C SER C 371 -33.05 9.21 140.77
N ASP C 372 -33.84 8.83 141.78
CA ASP C 372 -34.94 9.68 142.22
C ASP C 372 -34.43 10.90 142.97
N ALA C 373 -33.33 10.75 143.70
CA ALA C 373 -32.76 11.87 144.44
C ALA C 373 -32.10 12.88 143.50
N LEU C 374 -31.74 12.45 142.28
CA LEU C 374 -31.02 13.34 141.38
C LEU C 374 -31.97 14.27 140.63
N ASP C 375 -33.16 13.77 140.25
CA ASP C 375 -34.08 14.62 139.49
C ASP C 375 -34.79 15.62 140.39
N VAL C 376 -34.91 15.30 141.69
CA VAL C 376 -35.53 16.25 142.60
C VAL C 376 -34.55 17.39 142.92
N PHE C 377 -33.25 17.11 142.84
CA PHE C 377 -32.26 18.17 142.96
C PHE C 377 -32.21 19.02 141.70
N ASN C 378 -32.51 18.41 140.55
CA ASN C 378 -32.47 19.13 139.28
C ASN C 378 -33.78 19.85 138.96
N GLU C 379 -34.69 19.99 139.94
CA GLU C 379 -35.98 20.63 139.67
C GLU C 379 -35.83 22.12 139.44
N ASP C 380 -35.22 22.83 140.40
CA ASP C 380 -35.16 24.28 140.34
C ASP C 380 -34.23 24.77 139.24
N PHE C 381 -33.24 23.95 138.87
CA PHE C 381 -32.28 24.37 137.85
C PHE C 381 -32.88 24.34 136.45
N GLU C 382 -33.69 23.32 136.15
CA GLU C 382 -34.29 23.23 134.82
C GLU C 382 -35.82 23.14 134.86
N GLY C 383 -36.36 22.23 135.66
CA GLY C 383 -37.77 21.88 135.53
C GLY C 383 -38.70 22.83 136.25
N ALA C 384 -38.41 23.13 137.51
CA ALA C 384 -39.33 23.95 138.30
C ALA C 384 -39.21 25.42 137.94
N ASP C 385 -38.03 26.02 138.17
CA ASP C 385 -37.83 27.45 137.96
C ASP C 385 -36.81 27.61 136.84
N LYS C 386 -36.74 28.81 136.27
CA LYS C 386 -35.90 29.09 135.11
C LYS C 386 -34.54 29.65 135.52
N ILE C 387 -33.80 28.88 136.32
CA ILE C 387 -32.50 29.37 136.82
C ILE C 387 -31.47 29.43 135.69
N GLU C 388 -31.40 28.39 134.86
CA GLU C 388 -30.45 28.41 133.74
C GLU C 388 -30.98 29.26 132.58
N SER C 389 -32.25 29.70 132.66
CA SER C 389 -32.80 30.51 131.57
C SER C 389 -32.66 32.01 131.85
N VAL C 390 -32.65 32.41 133.12
CA VAL C 390 -32.54 33.85 133.40
C VAL C 390 -31.08 34.30 133.28
N ALA C 391 -30.13 33.37 133.41
CA ALA C 391 -28.73 33.71 133.23
C ALA C 391 -28.38 34.01 131.78
N LYS C 392 -29.19 33.53 130.83
CA LYS C 392 -28.97 33.79 129.42
C LYS C 392 -29.62 35.09 128.97
N ASN C 393 -30.82 35.38 129.47
CA ASN C 393 -31.53 36.59 129.05
C ASN C 393 -30.95 37.84 129.69
N LEU C 394 -30.37 37.72 130.89
CA LEU C 394 -29.75 38.88 131.52
C LEU C 394 -28.48 39.30 130.78
N SER C 395 -27.78 38.35 130.17
CA SER C 395 -26.57 38.68 129.44
C SER C 395 -26.87 39.40 128.14
N ASP C 396 -27.96 39.04 127.46
CA ASP C 396 -28.33 39.75 126.25
C ASP C 396 -29.03 41.08 126.57
N LEU C 397 -29.70 41.15 127.72
CA LEU C 397 -30.26 42.42 128.15
C LEU C 397 -29.16 43.38 128.60
N LEU C 398 -28.02 42.84 129.06
CA LEU C 398 -26.92 43.69 129.48
C LEU C 398 -26.25 44.34 128.29
N ILE C 399 -26.14 43.62 127.17
CA ILE C 399 -25.55 44.17 125.96
C ILE C 399 -26.46 45.23 125.34
N LYS C 400 -27.78 45.03 125.47
CA LYS C 400 -28.75 45.92 124.84
C LYS C 400 -28.77 47.30 125.49
N ILE C 401 -28.53 47.37 126.80
CA ILE C 401 -28.61 48.65 127.49
C ILE C 401 -27.35 49.49 127.22
N LYS C 402 -26.26 48.86 126.79
CA LYS C 402 -25.04 49.62 126.53
C LYS C 402 -25.05 50.20 125.12
N GLN C 403 -25.82 49.61 124.21
CA GLN C 403 -25.95 50.19 122.87
C GLN C 403 -27.09 51.21 122.83
N ALA C 404 -28.02 51.13 123.77
CA ALA C 404 -29.23 51.96 123.70
C ALA C 404 -28.96 53.40 124.15
N ASP C 405 -27.77 53.66 124.69
CA ASP C 405 -27.45 54.99 125.20
C ASP C 405 -27.09 55.99 124.10
N THR C 406 -27.13 55.57 122.83
CA THR C 406 -26.74 56.47 121.75
C THR C 406 -27.83 57.47 121.39
N ASN C 407 -29.10 57.12 121.65
CA ASN C 407 -30.20 57.95 121.14
C ASN C 407 -31.28 58.25 122.17
N THR C 408 -31.72 57.29 122.97
CA THR C 408 -32.98 57.49 123.67
C THR C 408 -32.80 57.10 125.14
N LYS C 409 -33.35 57.93 126.02
CA LYS C 409 -33.44 57.56 127.43
C LYS C 409 -34.68 56.73 127.70
N VAL C 410 -35.71 56.87 126.87
CA VAL C 410 -36.92 56.05 127.01
C VAL C 410 -36.61 54.59 126.72
N GLU C 411 -35.62 54.36 125.84
CA GLU C 411 -35.14 53.02 125.56
C GLU C 411 -34.55 52.46 126.85
N ASN C 412 -33.82 53.29 127.59
CA ASN C 412 -33.27 52.88 128.87
C ASN C 412 -34.30 52.86 129.99
N VAL C 413 -35.55 53.22 129.70
CA VAL C 413 -36.63 53.20 130.67
C VAL C 413 -37.63 52.09 130.34
N LEU C 414 -37.88 51.87 129.04
CA LEU C 414 -38.83 50.85 128.60
C LEU C 414 -38.34 49.45 128.97
N SER C 415 -37.03 49.23 128.98
CA SER C 415 -36.50 47.91 129.29
C SER C 415 -36.49 47.64 130.79
N ILE C 416 -36.02 48.59 131.60
CA ILE C 416 -35.66 48.27 132.99
C ILE C 416 -36.89 48.30 133.89
N ASN C 417 -37.99 48.89 133.43
CA ASN C 417 -39.20 48.98 134.25
C ASN C 417 -40.38 48.26 133.63
N ALA C 418 -40.71 48.55 132.38
CA ALA C 418 -41.91 47.98 131.78
C ALA C 418 -41.64 46.60 131.19
N LEU C 419 -40.58 46.47 130.40
CA LEU C 419 -40.27 45.21 129.74
C LEU C 419 -39.36 44.35 130.62
N ASN C 420 -38.72 43.37 129.98
CA ASN C 420 -38.21 42.12 130.54
C ASN C 420 -37.29 42.27 131.75
N PHE C 421 -36.64 43.42 131.95
CA PHE C 421 -35.55 43.48 132.92
C PHE C 421 -36.06 43.55 134.35
N SER C 422 -37.23 44.19 134.56
CA SER C 422 -37.81 44.22 135.90
C SER C 422 -38.48 42.89 136.23
N ALA C 423 -38.88 42.13 135.20
CA ALA C 423 -39.58 40.87 135.43
C ALA C 423 -38.60 39.73 135.74
N GLU C 424 -37.37 39.81 135.22
CA GLU C 424 -36.45 38.68 135.35
C GLU C 424 -35.85 38.61 136.76
N PHE C 425 -35.76 39.73 137.45
CA PHE C 425 -35.22 39.74 138.80
C PHE C 425 -36.17 39.16 139.84
N GLU C 426 -37.45 38.98 139.50
CA GLU C 426 -38.42 38.63 140.52
C GLU C 426 -38.40 37.13 140.83
N LYS C 427 -37.81 36.31 139.96
CA LYS C 427 -37.95 34.87 140.10
C LYS C 427 -37.05 34.31 141.19
N LEU C 428 -35.98 35.02 141.54
CA LEU C 428 -35.17 34.57 142.67
C LEU C 428 -35.65 35.22 143.96
N LEU C 429 -36.01 36.51 143.90
CA LEU C 429 -36.56 37.22 145.05
C LEU C 429 -37.73 38.06 144.56
N THR C 430 -38.93 37.78 145.08
CA THR C 430 -40.12 38.43 144.55
C THR C 430 -40.34 39.80 145.17
N TYR C 431 -40.27 39.90 146.50
CA TYR C 431 -40.54 41.16 147.19
C TYR C 431 -39.47 41.40 148.26
N ASP C 432 -38.20 41.30 147.88
CA ASP C 432 -37.12 41.47 148.85
C ASP C 432 -36.89 42.93 149.20
N VAL C 433 -37.50 43.86 148.47
CA VAL C 433 -37.25 45.28 148.69
C VAL C 433 -38.08 45.87 149.83
N ASN C 434 -38.72 45.04 150.66
CA ASN C 434 -39.53 45.57 151.75
C ASN C 434 -38.68 46.18 152.86
N THR C 435 -37.42 45.79 152.97
CA THR C 435 -36.51 46.34 153.95
C THR C 435 -35.13 46.47 153.34
N GLY C 436 -34.15 46.82 154.18
CA GLY C 436 -32.77 46.85 153.72
C GLY C 436 -32.26 45.44 153.45
N LEU C 437 -32.70 44.47 154.24
CA LEU C 437 -32.36 43.07 154.02
C LEU C 437 -33.47 42.37 153.26
N THR C 438 -33.14 41.23 152.65
CA THR C 438 -34.13 40.45 151.93
C THR C 438 -35.11 39.79 152.88
N ALA C 439 -36.34 40.31 152.91
CA ALA C 439 -37.41 39.76 153.74
C ALA C 439 -38.65 39.60 152.87
N SER C 440 -39.75 39.17 153.51
CA SER C 440 -41.02 38.84 152.86
C SER C 440 -40.82 37.84 151.72
N VAL C 441 -40.19 36.71 152.05
CA VAL C 441 -39.74 35.75 151.05
C VAL C 441 -40.93 34.96 150.49
N THR C 442 -41.62 35.59 149.54
CA THR C 442 -42.75 34.94 148.88
C THR C 442 -42.27 33.88 147.89
N LEU C 443 -41.19 34.16 147.17
CA LEU C 443 -40.67 33.23 146.17
C LEU C 443 -39.17 33.10 146.35
N ASP C 444 -38.70 31.86 146.42
CA ASP C 444 -37.29 31.61 146.68
C ASP C 444 -36.87 30.35 145.94
N LEU C 445 -36.02 30.53 144.94
CA LEU C 445 -35.50 29.42 144.15
C LEU C 445 -34.29 28.76 144.79
N PHE C 446 -33.70 29.41 145.80
CA PHE C 446 -32.55 28.88 146.51
C PHE C 446 -33.00 28.30 147.85
N ALA C 447 -32.01 27.91 148.66
CA ALA C 447 -32.14 27.35 150.01
C ALA C 447 -32.84 25.99 150.04
N ASN C 448 -33.13 25.40 148.89
CA ASN C 448 -33.51 24.00 148.78
C ASN C 448 -32.35 23.14 148.32
N ILE C 449 -31.16 23.73 148.16
CA ILE C 449 -30.02 23.01 147.61
C ILE C 449 -29.47 22.03 148.64
N GLY C 450 -29.14 22.52 149.83
CA GLY C 450 -28.56 21.71 150.88
C GLY C 450 -29.47 20.64 151.44
N THR C 451 -30.79 20.87 151.33
CA THR C 451 -31.74 19.84 151.72
C THR C 451 -31.73 18.70 150.70
N ARG C 452 -31.62 19.02 149.41
CA ARG C 452 -31.61 17.98 148.39
C ARG C 452 -30.22 17.35 148.26
N LEU C 453 -29.18 18.03 148.74
CA LEU C 453 -27.83 17.48 148.61
C LEU C 453 -27.55 16.37 149.61
N ASP C 454 -27.87 16.59 150.89
CA ASP C 454 -27.53 15.58 151.90
C ASP C 454 -28.46 14.37 151.82
N ASP C 455 -29.58 14.52 151.12
CA ASP C 455 -30.39 13.36 150.75
C ASP C 455 -29.62 12.47 149.77
N ILE C 456 -28.89 13.07 148.84
CA ILE C 456 -28.10 12.32 147.86
C ILE C 456 -26.92 11.63 148.54
N ILE C 457 -26.34 12.29 149.56
CA ILE C 457 -25.17 11.75 150.26
C ILE C 457 -25.53 10.47 151.01
N ALA C 458 -26.75 10.40 151.54
CA ALA C 458 -27.20 9.19 152.22
C ALA C 458 -27.69 8.15 151.22
N ALA C 459 -28.23 8.59 150.08
CA ALA C 459 -28.78 7.66 149.10
C ALA C 459 -27.67 6.89 148.39
N VAL C 460 -26.55 7.55 148.08
CA VAL C 460 -25.44 6.84 147.46
C VAL C 460 -24.58 6.16 148.53
N SER C 461 -24.89 6.39 149.81
CA SER C 461 -24.17 5.70 150.88
C SER C 461 -24.62 4.24 150.99
N ALA C 462 -25.82 3.93 150.52
CA ALA C 462 -26.28 2.54 150.51
C ALA C 462 -25.67 1.76 149.36
N ALA C 463 -25.11 2.46 148.36
CA ALA C 463 -24.57 1.80 147.18
C ALA C 463 -23.14 1.30 147.36
N GLU C 464 -22.44 1.72 148.40
CA GLU C 464 -21.05 1.28 148.56
C GLU C 464 -20.85 -0.17 149.04
N PRO C 465 -21.75 -0.84 149.78
CA PRO C 465 -21.52 -2.29 149.98
C PRO C 465 -22.06 -3.21 148.90
N ILE C 466 -22.66 -2.70 147.83
CA ILE C 466 -23.26 -3.56 146.81
C ILE C 466 -22.48 -3.54 145.50
N ASP C 467 -21.45 -2.70 145.40
CA ASP C 467 -20.62 -2.62 144.20
C ASP C 467 -19.32 -3.37 144.45
N VAL C 468 -19.00 -4.30 143.55
CA VAL C 468 -17.88 -5.22 143.79
C VAL C 468 -16.88 -5.26 142.65
N ASN C 469 -17.19 -4.62 141.52
CA ASN C 469 -16.37 -4.81 140.33
C ASN C 469 -15.96 -3.53 139.60
N ASN C 470 -16.54 -2.38 139.93
CA ASN C 470 -16.38 -1.18 139.10
C ASN C 470 -15.33 -0.25 139.69
N GLY C 471 -14.43 0.25 138.82
CA GLY C 471 -13.31 1.07 139.24
C GLY C 471 -13.57 2.56 139.12
N LYS C 472 -12.46 3.31 139.02
CA LYS C 472 -12.48 4.77 139.15
C LYS C 472 -13.20 5.48 138.01
N LEU C 473 -13.01 5.05 136.77
CA LEU C 473 -13.47 5.79 135.61
C LEU C 473 -14.74 5.21 134.99
N ASN C 474 -15.48 4.39 135.74
CA ASN C 474 -16.71 3.80 135.22
C ASN C 474 -17.81 4.85 135.14
N GLY C 475 -18.41 4.98 133.96
CA GLY C 475 -19.49 5.92 133.76
C GLY C 475 -19.09 7.35 133.49
N ARG C 476 -17.82 7.60 133.17
CA ARG C 476 -17.31 8.95 132.96
C ARG C 476 -17.18 9.24 131.48
N LEU C 477 -17.30 10.52 131.12
CA LEU C 477 -17.06 10.94 129.75
C LEU C 477 -15.57 10.94 129.46
N LEU C 478 -15.23 10.77 128.18
CA LEU C 478 -13.82 10.67 127.80
C LEU C 478 -13.11 12.01 127.91
N SER C 479 -13.83 13.11 127.66
CA SER C 479 -13.24 14.43 127.76
C SER C 479 -12.96 14.81 129.22
N ASP C 480 -13.72 14.23 130.15
CA ASP C 480 -13.56 14.60 131.56
C ASP C 480 -12.46 13.83 132.27
N ILE C 481 -11.85 12.82 131.64
CA ILE C 481 -10.77 12.10 132.30
C ILE C 481 -9.39 12.64 131.94
N GLU C 482 -9.32 13.60 131.02
CA GLU C 482 -8.03 14.18 130.65
C GLU C 482 -7.33 14.95 131.79
N PRO C 483 -7.99 15.71 132.66
CA PRO C 483 -7.27 16.18 133.85
C PRO C 483 -7.05 15.10 134.89
N LEU C 484 -7.88 14.05 134.92
CA LEU C 484 -7.78 13.05 135.97
C LEU C 484 -6.62 12.11 135.73
N ASP C 485 -6.57 11.47 134.55
CA ASP C 485 -5.48 10.56 134.21
C ASP C 485 -5.15 10.84 132.73
N ASN C 486 -4.06 11.56 132.52
CA ASN C 486 -3.70 12.00 131.17
C ASN C 486 -3.12 10.86 130.33
N ALA C 487 -2.45 9.91 130.99
CA ALA C 487 -1.81 8.82 130.24
C ALA C 487 -2.83 7.80 129.75
N THR C 488 -3.92 7.63 130.49
CA THR C 488 -4.98 6.72 130.05
C THR C 488 -5.77 7.32 128.90
N TYR C 489 -6.00 8.65 128.95
CA TYR C 489 -6.75 9.35 127.92
C TYR C 489 -6.02 9.31 126.57
N ASN C 490 -4.69 9.40 126.58
CA ASN C 490 -3.94 9.38 125.33
C ASN C 490 -3.89 7.98 124.75
N THR C 491 -3.99 6.95 125.59
CA THR C 491 -3.94 5.58 125.11
C THR C 491 -5.25 5.18 124.44
N ILE C 492 -6.37 5.71 124.94
CA ILE C 492 -7.67 5.41 124.35
C ILE C 492 -7.80 6.08 122.98
N LEU C 493 -7.15 7.25 122.80
CA LEU C 493 -7.22 7.96 121.53
C LEU C 493 -6.51 7.21 120.41
N LEU C 494 -5.44 6.47 120.74
CA LEU C 494 -4.76 5.68 119.71
C LEU C 494 -5.60 4.49 119.26
N GLU C 495 -6.34 3.88 120.19
CA GLU C 495 -7.14 2.71 119.84
C GLU C 495 -8.36 3.09 119.02
N ILE C 496 -8.86 4.31 119.21
CA ILE C 496 -10.00 4.77 118.42
C ILE C 496 -9.57 5.07 116.98
N ASN C 497 -8.39 5.68 116.82
CA ASN C 497 -7.91 6.08 115.50
C ASN C 497 -7.36 4.91 114.67
N SER C 498 -7.37 3.68 115.19
CA SER C 498 -6.87 2.56 114.42
C SER C 498 -7.91 2.00 113.45
N HIS C 499 -9.15 2.47 113.50
CA HIS C 499 -10.20 2.03 112.59
C HIS C 499 -10.32 3.00 111.42
N LYS C 500 -10.40 2.47 110.21
CA LYS C 500 -10.39 3.27 109.00
C LYS C 500 -11.72 3.18 108.26
N VAL C 501 -11.91 4.12 107.32
CA VAL C 501 -13.15 4.20 106.55
C VAL C 501 -12.99 3.42 105.25
N THR C 502 -14.04 2.69 104.87
CA THR C 502 -14.13 2.06 103.56
C THR C 502 -15.16 2.80 102.73
N LEU C 503 -14.79 3.15 101.50
CA LEU C 503 -15.64 3.91 100.60
C LEU C 503 -15.86 3.18 99.28
N PRO C 504 -16.98 3.46 98.60
CA PRO C 504 -17.09 3.08 97.21
C PRO C 504 -16.14 3.90 96.35
N PRO C 505 -15.66 3.35 95.23
CA PRO C 505 -14.52 3.96 94.53
C PRO C 505 -14.86 5.06 93.53
N SER C 506 -16.09 5.57 93.47
CA SER C 506 -16.47 6.43 92.35
C SER C 506 -15.93 7.84 92.47
N SER C 507 -15.68 8.32 93.69
CA SER C 507 -15.18 9.69 93.83
C SER C 507 -13.67 9.77 93.67
N SER C 508 -12.95 8.68 93.95
CA SER C 508 -11.52 8.64 93.64
C SER C 508 -11.30 8.53 92.14
N MET C 509 -12.22 7.88 91.42
CA MET C 509 -12.11 7.78 89.97
C MET C 509 -12.32 9.13 89.31
N ALA C 510 -13.21 9.96 89.86
CA ALA C 510 -13.46 11.29 89.29
C ALA C 510 -12.24 12.19 89.42
N GLY C 511 -11.50 12.07 90.51
CA GLY C 511 -10.26 12.82 90.66
C GLY C 511 -9.19 12.36 89.68
N ALA C 512 -9.16 11.06 89.41
CA ALA C 512 -8.19 10.53 88.45
C ALA C 512 -8.56 10.86 87.00
N TYR C 513 -9.86 11.07 86.73
CA TYR C 513 -10.27 11.53 85.40
C TYR C 513 -9.73 12.93 85.13
N ALA C 514 -9.74 13.80 86.14
CA ALA C 514 -9.29 15.17 85.95
C ALA C 514 -7.76 15.28 85.93
N ARG C 515 -7.09 14.34 86.60
CA ARG C 515 -5.62 14.35 86.63
C ARG C 515 -5.04 13.91 85.28
N VAL C 516 -5.66 12.92 84.64
CA VAL C 516 -5.12 12.39 83.39
C VAL C 516 -5.45 13.31 82.22
N ASP C 517 -6.63 13.94 82.25
CA ASP C 517 -7.02 14.87 81.18
C ASP C 517 -6.15 16.12 81.16
N ASN C 518 -5.67 16.53 82.33
CA ASN C 518 -4.78 17.68 82.40
C ASN C 518 -3.36 17.31 81.97
N ASP C 519 -2.95 16.06 82.23
CA ASP C 519 -1.58 15.65 81.93
C ASP C 519 -1.42 15.22 80.48
N ARG C 520 -2.36 14.44 79.96
CA ARG C 520 -2.18 13.77 78.67
C ARG C 520 -3.33 13.99 77.70
N GLY C 521 -4.42 14.60 78.12
CA GLY C 521 -5.55 14.84 77.24
C GLY C 521 -6.71 13.91 77.54
N VAL C 522 -7.84 14.21 76.89
CA VAL C 522 -9.08 13.47 77.12
C VAL C 522 -9.15 12.19 76.28
N TRP C 523 -8.30 12.05 75.26
CA TRP C 523 -8.26 10.84 74.44
C TRP C 523 -7.37 9.75 75.02
N LYS C 524 -6.82 9.94 76.22
CA LYS C 524 -6.00 8.93 76.88
C LYS C 524 -6.86 8.15 77.86
N SER C 525 -6.77 6.82 77.80
CA SER C 525 -7.57 5.94 78.65
C SER C 525 -7.17 6.10 80.11
N PRO C 526 -8.12 6.20 81.04
CA PRO C 526 -7.78 6.30 82.48
C PRO C 526 -7.59 4.94 83.14
N ALA C 527 -6.58 4.20 82.66
CA ALA C 527 -6.20 2.91 83.24
C ALA C 527 -4.68 2.84 83.24
N ASN C 528 -4.16 1.81 83.92
CA ASN C 528 -2.73 1.65 84.25
C ASN C 528 -2.23 2.86 85.03
N ILE C 529 -2.95 3.21 86.10
CA ILE C 529 -2.68 4.39 86.91
C ILE C 529 -2.95 4.03 88.37
N GLY C 530 -2.42 4.85 89.27
CA GLY C 530 -2.53 4.60 90.70
C GLY C 530 -3.53 5.51 91.41
N LEU C 531 -3.92 5.11 92.62
CA LEU C 531 -4.85 5.87 93.45
C LEU C 531 -4.17 6.29 94.74
N ASN C 532 -4.31 7.55 95.12
CA ASN C 532 -3.75 8.07 96.36
C ASN C 532 -4.71 7.87 97.52
N TYR C 533 -4.15 7.85 98.75
CA TYR C 533 -4.86 7.67 100.03
C TYR C 533 -5.51 6.30 100.16
N VAL C 534 -5.06 5.31 99.41
CA VAL C 534 -5.69 3.99 99.38
C VAL C 534 -4.66 2.96 99.86
N SER C 535 -5.04 2.13 100.83
CA SER C 535 -4.12 1.12 101.33
C SER C 535 -4.22 -0.18 100.52
N LYS C 536 -5.43 -0.63 100.23
CA LYS C 536 -5.66 -1.87 99.49
C LYS C 536 -7.09 -1.87 98.96
N PRO C 537 -7.39 -2.71 97.96
CA PRO C 537 -8.81 -3.03 97.68
C PRO C 537 -9.41 -3.87 98.80
N SER C 538 -10.74 -3.83 98.90
CA SER C 538 -11.43 -4.57 99.94
C SER C 538 -11.55 -6.06 99.61
N VAL C 539 -11.59 -6.42 98.34
CA VAL C 539 -11.68 -7.80 97.89
C VAL C 539 -10.51 -8.04 96.94
N THR C 540 -9.96 -9.24 96.99
CA THR C 540 -8.91 -9.66 96.06
C THR C 540 -9.55 -10.23 94.80
N VAL C 541 -9.12 -9.73 93.64
CA VAL C 541 -9.57 -10.20 92.33
C VAL C 541 -8.35 -10.73 91.60
N SER C 542 -8.40 -11.99 91.22
CA SER C 542 -7.26 -12.63 90.56
C SER C 542 -7.31 -12.41 89.05
N HIS C 543 -6.34 -13.01 88.36
CA HIS C 543 -6.29 -12.95 86.90
C HIS C 543 -7.46 -13.68 86.28
N GLU C 544 -7.81 -14.84 86.82
CA GLU C 544 -8.78 -15.73 86.21
C GLU C 544 -10.22 -15.25 86.36
N GLU C 545 -10.56 -14.52 87.42
CA GLU C 545 -11.92 -14.03 87.60
C GLU C 545 -12.15 -12.63 87.04
N GLN C 546 -11.13 -11.96 86.51
CA GLN C 546 -11.36 -10.72 85.78
C GLN C 546 -11.78 -10.95 84.34
N GLU C 547 -11.67 -12.19 83.84
CA GLU C 547 -11.98 -12.47 82.44
C GLU C 547 -13.47 -12.31 82.14
N SER C 548 -14.33 -12.79 83.04
CA SER C 548 -15.77 -12.59 82.84
C SER C 548 -16.22 -11.20 83.28
N MET C 549 -15.35 -10.44 83.95
CA MET C 549 -15.63 -9.03 84.20
C MET C 549 -15.39 -8.18 82.95
N ASN C 550 -14.29 -8.43 82.23
CA ASN C 550 -13.91 -7.56 81.13
C ASN C 550 -14.70 -7.88 79.86
N VAL C 551 -14.87 -9.17 79.56
CA VAL C 551 -15.53 -9.63 78.34
C VAL C 551 -16.67 -10.55 78.72
N HIS C 552 -17.87 -10.26 78.22
CA HIS C 552 -19.06 -10.99 78.63
C HIS C 552 -20.05 -11.02 77.47
N GLY C 553 -20.98 -11.98 77.52
CA GLY C 553 -21.96 -12.14 76.45
C GLY C 553 -23.01 -11.06 76.41
N THR C 554 -23.31 -10.45 77.56
CA THR C 554 -24.23 -9.32 77.58
C THR C 554 -23.56 -8.05 77.06
N GLY C 555 -22.24 -7.99 77.12
CA GLY C 555 -21.52 -6.77 76.81
C GLY C 555 -21.38 -5.79 77.95
N LYS C 556 -21.89 -6.11 79.13
CA LYS C 556 -21.83 -5.20 80.28
C LYS C 556 -20.55 -5.45 81.08
N SER C 557 -19.55 -4.63 80.80
CA SER C 557 -18.21 -4.80 81.37
C SER C 557 -18.07 -4.04 82.69
N VAL C 558 -17.30 -4.63 83.60
CA VAL C 558 -16.99 -4.03 84.90
C VAL C 558 -15.48 -3.89 85.04
N ASN C 559 -15.01 -2.70 85.38
CA ASN C 559 -13.59 -2.44 85.53
C ASN C 559 -13.12 -2.79 86.94
N ALA C 560 -11.95 -3.44 87.01
CA ALA C 560 -11.44 -4.01 88.25
C ALA C 560 -10.29 -3.19 88.84
N ILE C 561 -10.29 -3.05 90.16
CA ILE C 561 -9.19 -2.46 90.90
C ILE C 561 -8.36 -3.59 91.52
N ARG C 562 -7.08 -3.66 91.18
CA ARG C 562 -6.25 -4.80 91.53
C ARG C 562 -4.92 -4.37 92.12
N SER C 563 -4.21 -5.33 92.70
CA SER C 563 -2.88 -5.13 93.27
C SER C 563 -1.88 -6.01 92.52
N PHE C 564 -0.67 -5.49 92.35
CA PHE C 564 0.41 -6.18 91.65
C PHE C 564 1.68 -6.04 92.46
N VAL C 565 2.50 -7.10 92.50
CA VAL C 565 3.72 -7.09 93.29
C VAL C 565 4.74 -6.15 92.65
N GLY C 566 5.21 -5.19 93.45
CA GLY C 566 6.15 -4.20 92.98
C GLY C 566 5.53 -2.94 92.40
N LYS C 567 4.21 -2.87 92.34
CA LYS C 567 3.52 -1.78 91.66
C LYS C 567 2.40 -1.14 92.46
N GLY C 568 1.87 -1.80 93.47
CA GLY C 568 0.79 -1.25 94.27
C GLY C 568 -0.59 -1.46 93.67
N THR C 569 -1.54 -0.67 94.16
CA THR C 569 -2.93 -0.76 93.74
C THR C 569 -3.16 0.10 92.50
N LEU C 570 -3.73 -0.50 91.46
CA LEU C 570 -3.93 0.17 90.18
C LEU C 570 -5.36 0.01 89.70
N VAL C 571 -5.76 0.90 88.80
CA VAL C 571 -6.96 0.74 88.01
C VAL C 571 -6.61 -0.08 86.77
N TRP C 572 -7.30 -1.20 86.57
CA TRP C 572 -7.00 -2.12 85.47
C TRP C 572 -8.30 -2.43 84.72
N GLY C 573 -8.66 -1.56 83.79
CA GLY C 573 -9.87 -1.65 82.98
C GLY C 573 -10.36 -0.28 82.55
N ALA C 574 -10.74 -0.17 81.27
CA ALA C 574 -11.16 1.11 80.71
C ALA C 574 -12.32 0.96 79.73
N ARG C 575 -13.34 0.20 80.08
CA ARG C 575 -14.47 -0.02 79.19
C ARG C 575 -15.74 0.65 79.71
N THR C 576 -16.67 0.93 78.80
CA THR C 576 -18.03 1.34 79.15
C THR C 576 -18.94 0.10 79.26
N LEU C 577 -20.22 0.35 79.54
CA LEU C 577 -21.22 -0.72 79.65
C LEU C 577 -21.79 -1.15 78.31
N ALA C 578 -21.21 -0.70 77.19
CA ALA C 578 -21.52 -1.16 75.85
C ALA C 578 -20.26 -1.82 75.28
N GLY C 579 -19.69 -2.74 76.06
CA GLY C 579 -18.37 -3.32 75.87
C GLY C 579 -18.18 -4.23 74.68
N ASN C 580 -19.21 -4.55 73.90
CA ASN C 580 -19.05 -5.28 72.65
C ASN C 580 -19.33 -4.41 71.43
N ASP C 581 -19.36 -3.09 71.58
CA ASP C 581 -19.63 -2.15 70.50
C ASP C 581 -18.31 -1.71 69.86
N ASN C 582 -18.23 -1.77 68.53
CA ASN C 582 -16.97 -1.39 67.87
C ASN C 582 -16.80 0.12 67.81
N GLU C 583 -17.87 0.88 68.06
CA GLU C 583 -17.73 2.33 68.07
C GLU C 583 -17.58 2.88 69.49
N TRP C 584 -18.22 2.25 70.47
CA TRP C 584 -18.40 2.89 71.77
C TRP C 584 -17.96 2.06 72.97
N ARG C 585 -16.94 1.19 72.83
CA ARG C 585 -16.59 0.35 73.97
C ARG C 585 -15.56 0.98 74.90
N TYR C 586 -14.86 2.02 74.46
CA TYR C 586 -13.81 2.63 75.27
C TYR C 586 -14.29 3.96 75.84
N ILE C 587 -13.89 4.22 77.09
CA ILE C 587 -14.30 5.43 77.80
C ILE C 587 -13.74 6.68 77.12
N SER C 588 -12.50 6.61 76.64
CA SER C 588 -11.83 7.79 76.13
C SER C 588 -12.36 8.20 74.75
N VAL C 589 -12.85 7.24 73.97
CA VAL C 589 -13.47 7.55 72.68
C VAL C 589 -14.78 8.29 72.88
N ARG C 590 -15.62 7.80 73.81
CA ARG C 590 -16.90 8.43 74.12
C ARG C 590 -16.75 9.83 74.69
N ARG C 591 -15.73 10.05 75.53
CA ARG C 591 -15.58 11.35 76.17
C ARG C 591 -14.92 12.37 75.23
N PHE C 592 -14.18 11.90 74.21
CA PHE C 592 -13.66 12.81 73.21
C PHE C 592 -14.76 13.26 72.25
N PHE C 593 -15.70 12.37 71.92
CA PHE C 593 -16.87 12.76 71.11
C PHE C 593 -17.77 13.73 71.85
N ASN C 594 -17.85 13.61 73.18
CA ASN C 594 -18.64 14.56 73.96
C ASN C 594 -18.01 15.95 73.95
N MET C 595 -16.68 16.02 73.93
CA MET C 595 -16.02 17.33 73.90
C MET C 595 -16.13 17.98 72.53
N ALA C 596 -15.85 17.22 71.47
CA ALA C 596 -15.76 17.78 70.13
C ALA C 596 -17.12 18.22 69.59
N GLU C 597 -18.19 17.50 69.95
CA GLU C 597 -19.51 17.84 69.43
C GLU C 597 -20.08 19.09 70.10
N GLU C 598 -19.79 19.27 71.39
CA GLU C 598 -20.32 20.44 72.09
C GLU C 598 -19.58 21.72 71.68
N SER C 599 -18.27 21.62 71.43
CA SER C 599 -17.49 22.79 71.03
C SER C 599 -17.89 23.28 69.64
N ILE C 600 -18.22 22.36 68.74
CA ILE C 600 -18.64 22.72 67.40
C ILE C 600 -20.06 23.28 67.40
N LYS C 601 -20.91 22.75 68.28
CA LYS C 601 -22.30 23.19 68.36
C LYS C 601 -22.42 24.64 68.87
N LYS C 602 -21.60 25.00 69.85
CA LYS C 602 -21.62 26.37 70.37
C LYS C 602 -21.09 27.38 69.37
N ALA C 603 -20.11 26.97 68.55
CA ALA C 603 -19.53 27.88 67.57
C ALA C 603 -20.45 28.11 66.37
N THR C 604 -21.47 27.26 66.20
CA THR C 604 -22.35 27.26 65.04
C THR C 604 -23.60 28.15 65.22
N GLU C 605 -23.92 28.60 66.44
CA GLU C 605 -25.15 29.39 66.62
C GLU C 605 -25.03 30.80 66.04
N GLN C 606 -23.85 31.24 65.63
CA GLN C 606 -23.74 32.53 64.97
C GLN C 606 -24.19 32.47 63.50
N PHE C 607 -24.53 31.28 63.00
CA PHE C 607 -24.90 31.08 61.60
C PHE C 607 -26.37 30.75 61.38
N VAL C 608 -27.24 30.93 62.38
CA VAL C 608 -28.59 30.32 62.34
C VAL C 608 -29.49 30.96 61.28
N PHE C 609 -29.60 32.29 61.25
CA PHE C 609 -30.43 32.94 60.27
C PHE C 609 -29.63 33.59 59.13
N GLU C 610 -28.44 33.06 58.86
CA GLU C 610 -27.58 33.56 57.80
C GLU C 610 -28.10 33.11 56.42
N PRO C 611 -27.65 33.75 55.33
CA PRO C 611 -28.00 33.25 53.99
C PRO C 611 -27.43 31.87 53.72
N ASN C 612 -28.29 30.97 53.23
CA ASN C 612 -27.93 29.58 53.01
C ASN C 612 -27.45 29.39 51.57
N ASP C 613 -26.27 29.95 51.29
CA ASP C 613 -25.71 29.95 49.94
C ASP C 613 -24.24 29.57 49.98
N GLY C 614 -23.58 29.69 48.83
CA GLY C 614 -22.22 29.18 48.68
C GLY C 614 -21.18 29.96 49.45
N ASN C 615 -21.47 31.21 49.77
CA ASN C 615 -20.54 32.02 50.57
C ASN C 615 -20.51 31.54 52.02
N THR C 616 -21.65 31.11 52.55
CA THR C 616 -21.72 30.59 53.91
C THR C 616 -21.07 29.22 54.03
N TRP C 617 -21.26 28.37 53.01
CA TRP C 617 -20.80 26.98 53.08
C TRP C 617 -19.29 26.88 53.03
N VAL C 618 -18.61 27.86 52.43
CA VAL C 618 -17.15 27.87 52.39
C VAL C 618 -16.58 28.22 53.76
N ARG C 619 -17.21 29.16 54.46
CA ARG C 619 -16.69 29.59 55.76
C ARG C 619 -17.06 28.61 56.86
N VAL C 620 -18.18 27.91 56.73
CA VAL C 620 -18.57 26.89 57.72
C VAL C 620 -17.62 25.70 57.64
N ARG C 621 -17.25 25.29 56.43
CA ARG C 621 -16.35 24.17 56.25
C ARG C 621 -14.95 24.46 56.77
N ALA C 622 -14.48 25.71 56.59
CA ALA C 622 -13.13 26.05 56.99
C ALA C 622 -13.01 26.24 58.50
N MET C 623 -14.10 26.63 59.17
CA MET C 623 -14.08 26.74 60.63
C MET C 623 -13.96 25.38 61.30
N ILE C 624 -14.66 24.36 60.78
CA ILE C 624 -14.61 23.04 61.36
C ILE C 624 -13.30 22.34 61.02
N GLU C 625 -12.76 22.61 59.81
CA GLU C 625 -11.53 21.97 59.37
C GLU C 625 -10.32 22.49 60.15
N ASN C 626 -10.32 23.77 60.50
CA ASN C 626 -9.20 24.34 61.26
C ASN C 626 -9.17 23.80 62.68
N PHE C 627 -10.34 23.47 63.24
CA PHE C 627 -10.40 22.92 64.58
C PHE C 627 -9.90 21.48 64.63
N LEU C 628 -10.25 20.68 63.62
CA LEU C 628 -9.88 19.27 63.62
C LEU C 628 -8.42 19.04 63.25
N ILE C 629 -7.80 20.03 62.59
CA ILE C 629 -6.38 19.96 62.26
C ILE C 629 -5.52 20.08 63.52
N LEU C 630 -5.99 20.88 64.49
CA LEU C 630 -5.29 20.98 65.77
C LEU C 630 -5.43 19.68 66.58
N GLN C 631 -6.55 18.96 66.44
CA GLN C 631 -6.72 17.72 67.19
C GLN C 631 -5.86 16.60 66.59
N TRP C 632 -5.65 16.63 65.28
CA TRP C 632 -4.76 15.67 64.63
C TRP C 632 -3.30 15.91 65.04
N ARG C 633 -2.90 17.17 65.21
CA ARG C 633 -1.51 17.45 65.52
C ARG C 633 -1.19 17.14 66.98
N ALA C 634 -2.19 17.21 67.86
CA ALA C 634 -1.98 16.86 69.26
C ALA C 634 -1.98 15.36 69.50
N GLY C 635 -2.38 14.55 68.54
CA GLY C 635 -2.34 13.10 68.67
C GLY C 635 -3.68 12.42 68.93
N ALA C 636 -4.81 13.15 68.84
CA ALA C 636 -6.09 12.53 69.12
C ALA C 636 -6.64 11.80 67.91
N LEU C 637 -6.20 12.15 66.71
CA LEU C 637 -6.63 11.51 65.48
C LEU C 637 -5.45 10.83 64.82
N ALA C 638 -5.65 9.59 64.39
CA ALA C 638 -4.60 8.77 63.80
C ALA C 638 -4.56 8.99 62.29
N GLY C 639 -3.37 9.22 61.76
CA GLY C 639 -3.20 9.38 60.33
C GLY C 639 -1.85 9.97 60.00
N ALA C 640 -1.34 9.57 58.82
CA ALA C 640 -0.07 10.12 58.36
C ALA C 640 -0.26 11.47 57.70
N LYS C 641 -1.47 11.77 57.25
CA LYS C 641 -1.79 13.02 56.57
C LYS C 641 -3.21 13.43 56.98
N PRO C 642 -3.59 14.71 56.85
CA PRO C 642 -4.90 15.14 57.37
C PRO C 642 -6.13 14.52 56.71
N GLU C 643 -6.04 14.11 55.44
CA GLU C 643 -7.23 13.55 54.80
C GLU C 643 -7.43 12.09 55.15
N HIS C 644 -6.46 11.49 55.85
CA HIS C 644 -6.68 10.15 56.41
C HIS C 644 -7.39 10.23 57.75
N ALA C 645 -7.42 11.42 58.37
CA ALA C 645 -7.92 11.51 59.74
C ALA C 645 -9.37 11.96 59.79
N PHE C 646 -9.82 12.80 58.85
CA PHE C 646 -11.18 13.32 58.92
C PHE C 646 -11.65 13.72 57.52
N TYR C 647 -12.94 14.08 57.43
CA TYR C 647 -13.52 14.73 56.27
C TYR C 647 -14.68 15.62 56.72
N VAL C 648 -14.96 16.66 55.93
CA VAL C 648 -16.08 17.58 56.16
C VAL C 648 -16.75 17.85 54.82
N LYS C 649 -18.08 17.69 54.76
CA LYS C 649 -18.87 17.90 53.54
C LYS C 649 -20.09 18.77 53.85
N VAL C 650 -20.29 19.82 53.05
CA VAL C 650 -21.49 20.65 53.13
C VAL C 650 -21.70 21.34 51.78
N GLY C 651 -22.92 21.34 51.28
CA GLY C 651 -23.22 22.07 50.05
C GLY C 651 -24.40 21.48 49.31
N LEU C 652 -24.87 22.24 48.31
CA LEU C 652 -25.92 21.80 47.41
C LEU C 652 -25.35 20.81 46.39
N GLY C 653 -26.02 19.67 46.25
CA GLY C 653 -25.50 18.59 45.46
C GLY C 653 -24.50 17.69 46.16
N GLN C 654 -24.16 17.99 47.42
CA GLN C 654 -23.30 17.13 48.23
C GLN C 654 -24.02 16.59 49.45
N THR C 655 -24.68 17.46 50.22
CA THR C 655 -25.46 17.05 51.37
C THR C 655 -26.91 17.50 51.31
N MET C 656 -27.29 18.33 50.33
CA MET C 656 -28.58 19.01 50.33
C MET C 656 -29.22 18.96 48.95
N THR C 657 -30.54 19.03 48.91
CA THR C 657 -31.30 19.23 47.69
C THR C 657 -31.86 20.65 47.63
N ALA C 658 -32.45 20.99 46.49
CA ALA C 658 -33.05 22.32 46.33
C ALA C 658 -34.33 22.44 47.15
N GLN C 659 -35.03 21.32 47.34
CA GLN C 659 -36.19 21.30 48.23
C GLN C 659 -35.77 21.52 49.68
N ASP C 660 -34.55 21.11 50.03
CA ASP C 660 -34.05 21.34 51.39
C ASP C 660 -33.79 22.82 51.65
N ILE C 661 -33.38 23.56 50.61
CA ILE C 661 -33.08 24.99 50.78
C ILE C 661 -34.36 25.78 51.04
N LEU C 662 -35.45 25.43 50.35
CA LEU C 662 -36.71 26.13 50.54
C LEU C 662 -37.30 25.90 51.93
N GLU C 663 -37.03 24.74 52.53
CA GLU C 663 -37.49 24.46 53.88
C GLU C 663 -36.62 25.09 54.96
N GLY C 664 -35.42 25.56 54.61
CA GLY C 664 -34.53 26.16 55.59
C GLY C 664 -33.56 25.21 56.27
N ASN C 665 -33.13 24.15 55.60
CA ASN C 665 -32.24 23.15 56.18
C ASN C 665 -30.84 23.30 55.60
N MET C 666 -29.84 23.16 56.47
CA MET C 666 -28.43 23.06 56.07
C MET C 666 -27.81 21.85 56.76
N ASN C 667 -27.26 20.93 55.97
CA ASN C 667 -26.73 19.66 56.46
C ASN C 667 -25.20 19.66 56.38
N VAL C 668 -24.54 19.32 57.49
CA VAL C 668 -23.09 19.18 57.56
C VAL C 668 -22.76 17.77 58.02
N GLU C 669 -21.84 17.11 57.31
CA GLU C 669 -21.43 15.73 57.60
C GLU C 669 -19.96 15.67 57.98
N ILE C 670 -19.66 15.00 59.09
CA ILE C 670 -18.33 14.98 59.69
C ILE C 670 -17.98 13.54 60.07
N GLY C 671 -16.85 13.04 59.54
CA GLY C 671 -16.36 11.71 59.91
C GLY C 671 -14.98 11.73 60.57
N LEU C 672 -14.78 10.93 61.62
CA LEU C 672 -13.59 11.00 62.44
C LEU C 672 -12.93 9.64 62.60
N ALA C 673 -11.61 9.65 62.80
CA ALA C 673 -10.80 8.44 63.06
C ALA C 673 -10.02 8.65 64.35
N VAL C 674 -10.59 8.20 65.47
CA VAL C 674 -10.07 8.47 66.80
C VAL C 674 -9.16 7.33 67.24
N VAL C 675 -8.08 7.64 67.96
CA VAL C 675 -7.09 6.65 68.37
C VAL C 675 -7.63 5.76 69.48
N ARG C 676 -7.39 4.45 69.35
CA ARG C 676 -7.81 3.43 70.30
C ARG C 676 -6.66 3.02 71.21
N PRO C 677 -6.95 2.52 72.41
CA PRO C 677 -5.88 2.03 73.27
C PRO C 677 -5.36 0.65 72.86
N ALA C 678 -4.19 0.31 73.36
CA ALA C 678 -3.55 -0.99 73.15
C ALA C 678 -3.78 -1.86 74.39
N GLU C 679 -4.85 -2.66 74.33
CA GLU C 679 -5.31 -3.38 75.51
C GLU C 679 -4.61 -4.73 75.67
N PHE C 680 -4.35 -5.43 74.57
CA PHE C 680 -3.67 -6.72 74.59
C PHE C 680 -2.43 -6.64 73.69
N ILE C 681 -1.28 -7.00 74.25
CA ILE C 681 -0.01 -7.00 73.52
C ILE C 681 0.48 -8.43 73.42
N ILE C 682 0.66 -8.91 72.20
CA ILE C 682 0.94 -10.32 71.92
C ILE C 682 2.33 -10.42 71.28
N LEU C 683 3.27 -11.03 72.00
CA LEU C 683 4.63 -11.25 71.51
C LEU C 683 4.77 -12.64 70.89
N LYS C 684 5.19 -12.69 69.64
CA LYS C 684 5.30 -13.94 68.88
C LYS C 684 6.76 -14.25 68.56
N PHE C 685 7.29 -15.30 69.17
CA PHE C 685 8.70 -15.68 69.05
C PHE C 685 8.86 -16.88 68.12
N SER C 686 9.94 -16.88 67.35
CA SER C 686 10.24 -17.95 66.41
C SER C 686 11.73 -18.01 66.11
N HIS C 687 12.17 -19.18 65.65
CA HIS C 687 13.54 -19.40 65.22
C HIS C 687 13.72 -18.98 63.76
N LYS C 688 14.88 -18.42 63.43
CA LYS C 688 15.24 -18.15 62.05
C LYS C 688 16.54 -18.87 61.71
N MET C 689 16.69 -19.21 60.43
CA MET C 689 17.84 -19.98 59.97
C MET C 689 19.12 -19.14 59.98
N GLN C 690 20.23 -19.80 60.30
CA GLN C 690 21.54 -19.15 60.37
C GLN C 690 22.07 -18.76 59.00
N ALA D 2 -5.06 -18.53 72.52
CA ALA D 2 -5.42 -17.77 71.33
C ALA D 2 -6.52 -16.76 71.61
N THR D 3 -7.16 -16.90 72.77
CA THR D 3 -8.23 -16.01 73.21
C THR D 3 -7.78 -15.28 74.47
N TYR D 4 -7.90 -13.95 74.46
CA TYR D 4 -7.44 -13.12 75.57
C TYR D 4 -8.58 -12.21 76.03
N LYS D 5 -8.88 -12.26 77.32
CA LYS D 5 -9.92 -11.46 77.93
C LYS D 5 -9.43 -10.48 78.98
N THR D 6 -8.42 -10.85 79.77
CA THR D 6 -7.89 -9.88 80.71
C THR D 6 -6.70 -9.12 80.11
N PRO D 7 -6.58 -7.82 80.42
CA PRO D 7 -5.51 -7.02 79.81
C PRO D 7 -4.11 -7.38 80.31
N GLY D 8 -3.15 -7.28 79.40
CA GLY D 8 -1.75 -7.49 79.75
C GLY D 8 -0.93 -7.86 78.53
N VAL D 9 0.21 -8.50 78.79
CA VAL D 9 1.16 -8.96 77.78
C VAL D 9 1.14 -10.48 77.76
N TYR D 10 1.22 -11.07 76.57
CA TYR D 10 1.19 -12.52 76.41
C TYR D 10 2.33 -12.96 75.49
N ILE D 11 2.72 -14.23 75.63
CA ILE D 11 3.84 -14.82 74.90
C ILE D 11 3.35 -16.03 74.12
N GLU D 12 3.65 -16.05 72.82
CA GLU D 12 3.30 -17.16 71.93
C GLU D 12 4.57 -17.67 71.26
N GLU D 13 4.65 -19.00 71.08
CA GLU D 13 5.75 -19.62 70.34
C GLU D 13 5.19 -20.28 69.09
N ILE D 14 5.84 -20.05 67.95
CA ILE D 14 5.42 -20.56 66.66
C ILE D 14 6.44 -21.58 66.17
N THR D 15 5.97 -22.73 65.71
CA THR D 15 6.80 -23.85 65.28
C THR D 15 7.05 -23.77 63.78
N LYS D 16 8.32 -23.72 63.38
CA LYS D 16 8.68 -23.62 61.97
C LYS D 16 9.57 -24.75 61.49
N PHE D 17 10.57 -25.16 62.27
CA PHE D 17 11.54 -26.14 61.78
C PHE D 17 10.93 -27.54 61.82
N PRO D 18 11.25 -28.39 60.85
CA PRO D 18 10.83 -29.81 60.93
C PRO D 18 11.69 -30.58 61.93
N PRO D 19 11.18 -31.68 62.47
CA PRO D 19 12.04 -32.57 63.27
C PRO D 19 12.96 -33.40 62.37
N SER D 20 13.84 -34.16 63.01
CA SER D 20 14.80 -34.99 62.28
C SER D 20 14.56 -36.46 62.56
N VAL D 21 14.96 -37.30 61.61
CA VAL D 21 14.83 -38.75 61.67
C VAL D 21 16.05 -39.34 62.39
N ALA D 22 15.82 -40.36 63.21
CA ALA D 22 16.86 -41.05 63.95
C ALA D 22 17.06 -42.45 63.36
N GLN D 23 18.32 -42.77 63.00
CA GLN D 23 18.62 -44.00 62.26
C GLN D 23 18.69 -45.22 63.17
N VAL D 24 18.18 -46.34 62.69
CA VAL D 24 18.11 -47.59 63.46
C VAL D 24 19.32 -48.46 63.16
N GLU D 25 19.58 -49.43 64.04
CA GLU D 25 20.64 -50.42 63.84
C GLU D 25 20.29 -51.36 62.70
N THR D 26 21.33 -51.89 62.04
CA THR D 26 21.12 -52.69 60.84
C THR D 26 21.46 -54.17 61.00
N ALA D 27 22.37 -54.55 61.89
CA ALA D 27 22.77 -55.96 62.01
C ALA D 27 22.79 -56.37 63.49
N ILE D 28 21.64 -56.80 64.00
CA ILE D 28 21.51 -57.43 65.31
C ILE D 28 20.87 -58.80 65.09
N PRO D 29 21.60 -59.89 65.21
CA PRO D 29 21.00 -61.22 65.02
C PRO D 29 20.39 -61.81 66.28
N ALA D 30 19.64 -62.90 66.08
CA ALA D 30 19.05 -63.66 67.16
C ALA D 30 19.35 -65.15 66.95
N PHE D 31 19.88 -65.81 67.97
CA PHE D 31 20.24 -67.22 67.93
C PHE D 31 19.24 -68.02 68.74
N ILE D 32 18.66 -69.06 68.14
CA ILE D 32 17.57 -69.83 68.72
C ILE D 32 17.99 -71.30 68.76
N GLY D 33 18.15 -71.85 69.96
CA GLY D 33 18.58 -73.23 70.10
C GLY D 33 18.79 -73.61 71.56
N TYR D 34 19.49 -74.73 71.74
CA TYR D 34 19.66 -75.35 73.06
C TYR D 34 20.94 -74.86 73.75
N THR D 35 20.87 -74.68 75.07
CA THR D 35 22.01 -74.26 75.87
C THR D 35 22.26 -75.26 77.00
N GLN D 36 23.28 -74.98 77.81
CA GLN D 36 23.60 -75.86 78.93
C GLN D 36 22.71 -75.62 80.15
N PHE D 37 22.61 -74.38 80.64
CA PHE D 37 21.68 -74.19 81.76
C PHE D 37 20.68 -73.02 81.70
N ALA D 38 21.04 -71.85 81.14
CA ALA D 38 20.16 -70.68 81.01
C ALA D 38 19.63 -70.15 82.36
N ARG D 39 20.53 -69.56 83.14
CA ARG D 39 20.20 -69.06 84.47
C ARG D 39 20.40 -67.55 84.58
N THR D 40 19.51 -66.86 85.30
CA THR D 40 19.69 -65.43 85.56
C THR D 40 20.75 -65.19 86.63
N LYS D 41 20.73 -65.98 87.70
CA LYS D 41 21.77 -65.92 88.72
C LYS D 41 22.59 -67.19 88.62
N PRO D 42 23.89 -67.10 88.31
CA PRO D 42 24.67 -68.31 87.99
C PRO D 42 24.92 -69.23 89.16
N SER D 43 24.84 -68.72 90.40
CA SER D 43 25.07 -69.59 91.55
C SER D 43 23.81 -70.38 91.90
N VAL D 44 22.65 -69.76 91.81
CA VAL D 44 21.38 -70.42 92.13
C VAL D 44 20.94 -71.27 90.95
N ASP D 45 20.66 -72.55 91.21
CA ASP D 45 20.42 -73.56 90.17
C ASP D 45 18.93 -73.56 89.78
N SER D 46 18.55 -72.66 88.88
CA SER D 46 17.19 -72.59 88.39
C SER D 46 17.18 -72.05 86.97
N ASP D 47 16.60 -72.81 86.05
CA ASP D 47 16.55 -72.43 84.63
C ASP D 47 15.32 -71.55 84.40
N ASP D 48 15.43 -70.28 84.77
CA ASP D 48 14.34 -69.33 84.55
C ASP D 48 14.51 -68.48 83.30
N LEU D 49 15.50 -68.77 82.46
CA LEU D 49 15.69 -68.10 81.19
C LEU D 49 15.34 -68.98 80.00
N ILE D 50 14.35 -69.88 80.14
CA ILE D 50 14.13 -70.93 79.14
C ILE D 50 13.61 -70.34 77.83
N LEU D 51 12.50 -69.59 77.88
CA LEU D 51 11.99 -68.97 76.66
C LEU D 51 11.90 -67.45 76.78
N LYS D 52 12.94 -66.81 77.33
CA LYS D 52 13.00 -65.36 77.46
C LYS D 52 14.18 -64.82 76.64
N PRO D 53 13.95 -63.89 75.72
CA PRO D 53 15.08 -63.32 74.97
C PRO D 53 15.93 -62.40 75.84
N LYS D 54 17.25 -62.53 75.70
CA LYS D 54 18.22 -61.77 76.48
C LYS D 54 19.31 -61.24 75.57
N ARG D 55 19.69 -59.99 75.79
CA ARG D 55 20.71 -59.31 74.99
C ARG D 55 22.08 -59.40 75.68
N ILE D 56 23.04 -60.01 75.00
CA ILE D 56 24.41 -60.16 75.49
C ILE D 56 25.33 -59.34 74.61
N SER D 57 26.61 -59.27 74.99
CA SER D 57 27.56 -58.41 74.30
C SER D 57 28.87 -59.09 73.91
N SER D 58 29.20 -60.23 74.51
CA SER D 58 30.47 -60.89 74.21
C SER D 58 30.32 -62.38 74.49
N LEU D 59 31.38 -63.13 74.20
CA LEU D 59 31.39 -64.55 74.48
C LEU D 59 31.49 -64.83 75.98
N LEU D 60 32.08 -63.91 76.74
CA LEU D 60 32.17 -64.08 78.18
C LEU D 60 30.81 -63.86 78.85
N ASP D 61 29.96 -63.03 78.26
CA ASP D 61 28.60 -62.87 78.75
C ASP D 61 27.77 -64.12 78.51
N PHE D 62 28.07 -64.87 77.44
CA PHE D 62 27.27 -66.06 77.13
C PHE D 62 27.53 -67.18 78.13
N THR D 63 28.80 -67.43 78.48
CA THR D 63 29.12 -68.57 79.33
C THR D 63 28.75 -68.30 80.78
N THR D 64 28.56 -67.03 81.15
CA THR D 64 28.08 -66.69 82.48
C THR D 64 26.65 -67.16 82.68
N TYR D 65 25.77 -66.88 81.71
CA TYR D 65 24.36 -67.19 81.85
C TYR D 65 23.98 -68.54 81.25
N TYR D 66 24.72 -69.03 80.26
CA TYR D 66 24.31 -70.21 79.50
C TYR D 66 25.31 -71.36 79.52
N GLY D 67 26.59 -71.11 79.79
CA GLY D 67 27.57 -72.18 79.83
C GLY D 67 28.28 -72.43 78.51
N GLY D 68 28.81 -73.64 78.37
CA GLY D 68 29.55 -74.03 77.18
C GLY D 68 28.97 -75.19 76.41
N ALA D 69 29.82 -75.93 75.70
CA ALA D 69 29.39 -77.04 74.87
C ALA D 69 29.25 -78.32 75.69
N GLN D 70 28.75 -79.38 75.03
CA GLN D 70 28.60 -80.69 75.64
C GLN D 70 29.84 -81.54 75.35
N ASN D 71 30.26 -82.30 76.37
CA ASN D 71 31.38 -83.21 76.22
C ASN D 71 31.04 -84.35 75.27
N GLU D 72 31.96 -84.67 74.36
CA GLU D 72 31.73 -85.73 73.40
C GLU D 72 31.88 -87.10 74.06
N GLN D 73 31.08 -88.06 73.60
CA GLN D 73 31.07 -89.41 74.16
C GLN D 73 31.57 -90.48 73.20
N GLY D 74 31.98 -90.11 71.99
CA GLY D 74 32.39 -91.06 70.98
C GLY D 74 33.87 -91.15 70.67
N ILE D 75 34.74 -90.86 71.64
CA ILE D 75 36.22 -90.89 71.38
C ILE D 75 36.82 -92.18 71.95
N THR D 76 37.64 -92.88 71.15
CA THR D 76 38.32 -94.10 71.56
C THR D 76 39.81 -93.99 71.30
N VAL D 77 40.61 -94.57 72.20
CA VAL D 77 42.07 -94.54 72.11
C VAL D 77 42.59 -95.97 72.11
N LYS D 78 43.50 -96.27 71.19
CA LYS D 78 44.09 -97.59 71.02
C LYS D 78 45.62 -97.49 71.15
N LEU D 79 46.22 -98.42 71.90
CA LEU D 79 47.67 -98.51 72.06
C LEU D 79 48.14 -99.90 71.67
N THR D 80 49.25 -99.97 70.92
CA THR D 80 49.82 -101.24 70.48
C THR D 80 51.33 -101.22 70.58
N ASP D 81 51.90 -102.22 71.25
CA ASP D 81 53.33 -102.40 71.36
C ASP D 81 53.75 -103.57 70.47
N THR D 82 54.82 -103.37 69.68
CA THR D 82 55.23 -104.32 68.66
C THR D 82 56.75 -104.44 68.72
N LEU D 83 57.28 -105.53 68.18
CA LEU D 83 58.72 -105.73 68.01
C LEU D 83 59.01 -105.99 66.54
N ILE D 84 59.87 -105.15 65.95
CA ILE D 84 60.24 -105.25 64.55
C ILE D 84 61.75 -105.48 64.49
N GLU D 85 62.13 -106.74 64.24
CA GLU D 85 63.52 -107.26 64.22
C GLU D 85 64.34 -106.77 65.42
N GLY D 86 63.76 -106.88 66.61
CA GLY D 86 64.42 -106.49 67.84
C GLY D 86 64.31 -105.03 68.20
N ALA D 87 63.57 -104.24 67.44
CA ALA D 87 63.39 -102.82 67.72
C ALA D 87 61.94 -102.55 68.11
N GLU D 88 61.76 -101.70 69.13
CA GLU D 88 60.43 -101.44 69.64
C GLU D 88 59.67 -100.49 68.72
N ASN D 89 58.35 -100.66 68.65
CA ASN D 89 57.48 -99.78 67.88
C ASN D 89 56.18 -99.63 68.64
N ARG D 90 55.77 -98.37 68.86
CA ARG D 90 54.53 -98.04 69.56
C ARG D 90 53.61 -97.30 68.59
N THR D 91 52.35 -97.72 68.55
CA THR D 91 51.35 -97.16 67.66
C THR D 91 50.20 -96.59 68.48
N ILE D 92 49.81 -95.35 68.21
CA ILE D 92 48.68 -94.70 68.85
C ILE D 92 47.65 -94.36 67.77
N ASN D 93 46.42 -94.85 67.96
CA ASN D 93 45.37 -94.70 66.95
C ASN D 93 44.13 -94.07 67.58
N VAL D 94 43.83 -92.85 67.17
CA VAL D 94 42.57 -92.18 67.54
C VAL D 94 41.81 -91.86 66.26
N PRO D 95 40.78 -92.63 65.92
CA PRO D 95 39.99 -92.31 64.73
C PRO D 95 39.05 -91.14 65.00
N GLU D 96 38.61 -90.52 63.91
CA GLU D 96 37.61 -89.46 64.03
C GLU D 96 36.25 -90.07 64.38
N PRO D 97 35.52 -89.46 65.30
CA PRO D 97 34.27 -90.09 65.78
C PRO D 97 33.15 -90.04 64.76
N THR D 98 32.43 -91.15 64.64
CA THR D 98 31.28 -91.24 63.77
C THR D 98 29.98 -90.82 64.44
N PHE D 99 29.96 -90.72 65.77
CA PHE D 99 28.80 -90.26 66.51
C PHE D 99 29.17 -88.99 67.25
N LYS D 100 28.54 -87.88 66.88
CA LYS D 100 28.84 -86.57 67.44
C LYS D 100 27.64 -86.03 68.20
N SER D 101 27.87 -85.00 69.00
CA SER D 101 26.79 -84.32 69.69
C SER D 101 26.00 -83.45 68.71
N PRO D 102 24.68 -83.38 68.82
CA PRO D 102 23.90 -82.60 67.84
C PRO D 102 23.81 -81.11 68.15
N TYR D 103 24.46 -80.65 69.21
CA TYR D 103 24.35 -79.27 69.65
C TYR D 103 25.51 -78.45 69.09
N LEU D 104 25.20 -77.30 68.48
CA LEU D 104 26.19 -76.52 67.76
C LEU D 104 26.18 -75.03 68.12
N MET D 105 25.51 -74.64 69.20
CA MET D 105 25.27 -73.23 69.46
C MET D 105 26.52 -72.52 69.98
N PHE D 106 27.26 -73.17 70.89
CA PHE D 106 28.46 -72.56 71.44
C PHE D 106 29.57 -72.45 70.39
N TYR D 107 29.63 -73.40 69.46
CA TYR D 107 30.61 -73.33 68.38
C TYR D 107 30.29 -72.20 67.40
N SER D 108 28.99 -71.98 67.13
CA SER D 108 28.58 -70.96 66.17
C SER D 108 28.80 -69.55 66.71
N LEU D 109 28.71 -69.38 68.03
CA LEU D 109 28.96 -68.07 68.61
C LEU D 109 30.44 -67.75 68.65
N GLN D 110 31.30 -68.78 68.69
CA GLN D 110 32.73 -68.57 68.55
C GLN D 110 33.07 -68.08 67.15
N MET D 111 32.38 -68.59 66.14
CA MET D 111 32.63 -68.17 64.77
C MET D 111 32.11 -66.76 64.51
N TYR D 112 31.03 -66.38 65.20
CA TYR D 112 30.40 -65.08 65.00
C TYR D 112 31.27 -63.95 65.57
N PHE D 113 31.79 -64.13 66.78
CA PHE D 113 32.62 -63.09 67.38
C PHE D 113 34.00 -63.02 66.74
N ALA D 114 34.45 -64.12 66.12
CA ALA D 114 35.76 -64.12 65.46
C ALA D 114 35.73 -63.42 64.11
N ASN D 115 34.54 -63.20 63.56
CA ASN D 115 34.40 -62.58 62.25
C ASN D 115 33.88 -61.15 62.32
N GLY D 116 33.74 -60.59 63.51
CA GLY D 116 33.41 -59.19 63.68
C GLY D 116 32.03 -58.89 64.22
N GLY D 117 31.40 -59.80 64.93
CA GLY D 117 30.06 -59.57 65.43
C GLY D 117 30.04 -58.72 66.68
N GLY D 118 28.89 -58.07 66.90
CA GLY D 118 28.67 -57.27 68.07
C GLY D 118 27.58 -57.82 68.97
N PRO D 119 26.70 -56.95 69.47
CA PRO D 119 25.62 -57.41 70.36
C PRO D 119 24.55 -58.20 69.62
N CYS D 120 24.01 -59.21 70.29
CA CYS D 120 23.04 -60.12 69.71
C CYS D 120 22.08 -60.61 70.80
N TYR D 121 21.02 -61.28 70.36
CA TYR D 121 20.01 -61.80 71.26
C TYR D 121 20.05 -63.33 71.32
N ILE D 122 19.83 -63.88 72.52
CA ILE D 122 19.85 -65.31 72.74
C ILE D 122 18.44 -65.76 73.13
N VAL D 123 17.92 -66.75 72.43
CA VAL D 123 16.65 -67.39 72.77
C VAL D 123 16.91 -68.87 72.97
N SER D 124 16.94 -69.30 74.23
CA SER D 124 17.07 -70.71 74.56
C SER D 124 15.78 -71.44 74.20
N THR D 125 15.89 -72.75 73.94
CA THR D 125 14.70 -73.57 73.71
C THR D 125 14.64 -74.78 74.64
N GLY D 126 15.53 -74.87 75.60
CA GLY D 126 15.64 -76.04 76.45
C GLY D 126 17.09 -76.30 76.77
N VAL D 127 17.33 -77.36 77.53
CA VAL D 127 18.67 -77.72 77.95
C VAL D 127 19.07 -79.03 77.27
N TYR D 128 20.33 -79.42 77.48
CA TYR D 128 20.86 -80.61 76.85
C TYR D 128 20.24 -81.87 77.44
N ASP D 129 20.08 -82.89 76.60
CA ASP D 129 19.72 -84.22 77.05
C ASP D 129 20.97 -85.10 77.08
N ASP D 130 20.92 -86.17 77.87
CA ASP D 130 22.05 -87.06 78.06
C ASP D 130 22.09 -88.14 76.97
N TRP D 131 23.29 -88.65 76.74
CA TRP D 131 23.46 -89.79 75.85
C TRP D 131 22.99 -91.06 76.55
N SER D 132 22.27 -91.90 75.79
CA SER D 132 21.84 -93.18 76.35
C SER D 132 23.00 -94.17 76.46
N ASP D 133 23.83 -94.26 75.43
CA ASP D 133 25.10 -94.97 75.51
C ASP D 133 26.07 -94.30 74.54
N SER D 134 27.17 -94.99 74.23
CA SER D 134 28.26 -94.37 73.49
C SER D 134 27.98 -94.24 72.01
N GLU D 135 26.90 -94.86 71.51
CA GLU D 135 26.57 -94.78 70.10
C GLU D 135 25.15 -94.28 69.84
N THR D 136 24.51 -93.63 70.81
CA THR D 136 23.19 -93.03 70.61
C THR D 136 23.20 -91.60 71.17
N PRO D 137 23.46 -90.60 70.33
CA PRO D 137 23.34 -89.21 70.78
C PRO D 137 21.88 -88.79 70.89
N PRO D 138 21.59 -87.73 71.64
CA PRO D 138 20.20 -87.26 71.74
C PRO D 138 19.68 -86.65 70.45
N THR D 139 18.38 -86.38 70.44
CA THR D 139 17.68 -85.90 69.26
C THR D 139 17.20 -84.47 69.45
N ILE D 140 16.89 -83.82 68.33
CA ILE D 140 16.44 -82.44 68.29
C ILE D 140 14.98 -82.43 67.85
N ASN D 141 14.13 -81.69 68.57
CA ASN D 141 12.69 -81.73 68.34
C ASN D 141 12.26 -80.51 67.54
N PHE D 142 11.34 -80.71 66.59
CA PHE D 142 10.82 -79.63 65.76
C PHE D 142 9.94 -78.68 66.58
N SER D 143 9.25 -79.18 67.59
CA SER D 143 8.28 -78.38 68.33
C SER D 143 8.95 -77.38 69.27
N ASP D 144 10.20 -77.62 69.66
CA ASP D 144 10.93 -76.67 70.48
C ASP D 144 11.44 -75.48 69.68
N LEU D 145 11.93 -75.71 68.45
CA LEU D 145 12.47 -74.63 67.63
C LEU D 145 11.37 -73.71 67.10
N GLU D 146 10.19 -74.24 66.84
CA GLU D 146 9.10 -73.38 66.37
C GLU D 146 8.52 -72.58 67.53
N SER D 147 8.60 -73.12 68.75
CA SER D 147 8.17 -72.37 69.92
C SER D 147 9.11 -71.20 70.20
N GLY D 148 10.38 -71.32 69.82
CA GLY D 148 11.30 -70.20 69.98
C GLY D 148 11.07 -69.10 68.98
N LEU D 149 10.56 -69.45 67.80
CA LEU D 149 10.26 -68.45 66.77
C LEU D 149 9.04 -67.60 67.13
N ALA D 150 8.15 -68.14 67.97
CA ALA D 150 6.95 -67.39 68.35
C ALA D 150 7.24 -66.30 69.36
N VAL D 151 8.27 -66.48 70.19
CA VAL D 151 8.58 -65.46 71.20
C VAL D 151 9.46 -64.36 70.61
N ILE D 152 10.15 -64.63 69.51
CA ILE D 152 10.99 -63.61 68.90
C ILE D 152 10.16 -62.66 68.05
N ARG D 153 8.92 -63.03 67.75
CA ARG D 153 7.99 -62.17 67.03
C ARG D 153 7.59 -60.95 67.86
N LYS D 154 7.65 -61.06 69.17
CA LYS D 154 7.29 -59.98 70.08
C LYS D 154 8.44 -59.01 70.37
N GLU D 155 9.65 -59.29 69.90
CA GLU D 155 10.78 -58.40 70.12
C GLU D 155 10.96 -57.46 68.92
N ASP D 156 11.40 -56.24 69.19
CA ASP D 156 11.48 -55.19 68.19
C ASP D 156 12.86 -55.07 67.55
N GLU D 157 13.92 -55.19 68.33
CA GLU D 157 15.29 -54.84 67.92
C GLU D 157 16.05 -55.79 66.95
N PRO D 158 15.92 -57.14 67.00
CA PRO D 158 16.72 -57.96 66.06
C PRO D 158 16.33 -57.77 64.59
N THR D 159 17.33 -57.92 63.72
CA THR D 159 17.18 -57.78 62.27
C THR D 159 17.50 -59.05 61.50
N LEU D 160 17.99 -60.10 62.17
CA LEU D 160 18.42 -61.32 61.50
C LEU D 160 18.03 -62.56 62.31
N LEU D 161 17.58 -63.60 61.62
CA LEU D 161 17.06 -64.83 62.25
C LEU D 161 17.93 -66.02 61.86
N LEU D 162 18.35 -66.80 62.87
CA LEU D 162 19.21 -67.96 62.67
C LEU D 162 18.81 -69.11 63.58
N PHE D 163 19.05 -70.34 63.12
CA PHE D 163 18.78 -71.58 63.85
C PHE D 163 20.02 -72.46 63.77
N PRO D 164 20.91 -72.41 64.76
CA PRO D 164 22.20 -73.11 64.62
C PRO D 164 22.15 -74.64 64.73
N ASP D 165 21.07 -75.23 65.23
CA ASP D 165 20.99 -76.67 65.45
C ASP D 165 20.17 -77.37 64.37
N ALA D 166 19.69 -76.62 63.38
CA ALA D 166 18.63 -77.09 62.49
C ALA D 166 19.06 -78.17 61.50
N THR D 167 20.34 -78.26 61.14
CA THR D 167 20.77 -79.29 60.20
C THR D 167 20.78 -80.68 60.80
N ASN D 168 20.65 -80.82 62.12
CA ASN D 168 20.58 -82.11 62.78
C ASN D 168 19.16 -82.53 63.10
N LEU D 169 18.18 -81.95 62.42
CA LEU D 169 16.78 -82.32 62.54
C LEU D 169 16.55 -83.70 61.89
N PRO D 170 15.55 -84.47 62.34
CA PRO D 170 15.43 -85.87 61.87
C PRO D 170 15.09 -86.04 60.39
N THR D 171 14.14 -85.28 59.85
CA THR D 171 13.81 -85.36 58.43
C THR D 171 14.09 -84.03 57.75
N ASP D 172 14.23 -84.08 56.43
CA ASP D 172 14.47 -82.85 55.67
C ASP D 172 13.20 -82.04 55.50
N ASP D 173 12.03 -82.69 55.55
CA ASP D 173 10.77 -81.97 55.45
C ASP D 173 10.53 -81.07 56.66
N GLU D 174 11.00 -81.48 57.84
CA GLU D 174 10.94 -80.60 59.00
C GLU D 174 11.89 -79.42 58.85
N PHE D 175 13.03 -79.63 58.20
CA PHE D 175 14.02 -78.58 58.00
C PHE D 175 13.49 -77.47 57.08
N TYR D 176 12.84 -77.86 55.97
CA TYR D 176 12.33 -76.85 55.03
C TYR D 176 11.09 -76.15 55.59
N SER D 177 10.28 -76.87 56.36
CA SER D 177 9.06 -76.29 56.92
C SER D 177 9.39 -75.26 58.00
N LEU D 178 10.52 -75.42 58.69
CA LEU D 178 10.94 -74.43 59.67
C LEU D 178 11.37 -73.13 58.99
N TYR D 179 12.04 -73.23 57.85
CA TYR D 179 12.50 -72.03 57.16
C TYR D 179 11.38 -71.38 56.35
N ASN D 180 10.31 -72.11 56.05
CA ASN D 180 9.15 -71.47 55.45
C ASN D 180 8.41 -70.60 56.46
N SER D 181 8.50 -70.95 57.75
CA SER D 181 7.83 -70.18 58.79
C SER D 181 8.59 -68.90 59.09
N ALA D 182 9.91 -68.91 58.94
CA ALA D 182 10.71 -67.71 59.19
C ALA D 182 10.50 -66.66 58.10
N LEU D 183 10.31 -67.10 56.85
CA LEU D 183 10.07 -66.15 55.77
C LEU D 183 8.68 -65.55 55.83
N MET D 184 7.71 -66.26 56.42
CA MET D 184 6.39 -65.67 56.61
C MET D 184 6.39 -64.63 57.72
N GLN D 185 7.24 -64.82 58.74
CA GLN D 185 7.40 -63.79 59.77
C GLN D 185 8.11 -62.55 59.22
N CYS D 186 9.05 -62.74 58.29
CA CYS D 186 9.75 -61.60 57.71
C CYS D 186 8.87 -60.82 56.75
N ASN D 187 7.87 -61.48 56.17
CA ASN D 187 6.89 -60.77 55.34
C ASN D 187 5.94 -59.93 56.19
N ASP D 188 5.51 -60.47 57.33
CA ASP D 188 4.52 -59.79 58.16
C ASP D 188 5.11 -58.58 58.88
N LEU D 189 6.25 -58.76 59.56
CA LEU D 189 6.84 -57.67 60.32
C LEU D 189 7.57 -56.69 59.42
N GLN D 190 7.89 -57.11 58.19
CA GLN D 190 8.56 -56.40 57.11
C GLN D 190 9.79 -55.59 57.54
N ASP D 191 10.57 -56.10 58.50
CA ASP D 191 11.78 -55.42 58.96
C ASP D 191 12.95 -56.35 59.26
N ARG D 192 12.91 -57.62 58.80
CA ARG D 192 13.92 -58.61 59.14
C ARG D 192 14.39 -59.33 57.88
N PHE D 193 15.39 -60.19 58.06
CA PHE D 193 16.02 -60.95 56.98
C PHE D 193 16.51 -62.28 57.53
N THR D 194 16.49 -63.32 56.70
CA THR D 194 16.82 -64.69 57.11
C THR D 194 18.03 -65.21 56.34
N ILE D 195 18.91 -65.94 57.03
CA ILE D 195 20.08 -66.57 56.43
C ILE D 195 19.90 -68.09 56.48
N LEU D 196 20.00 -68.74 55.32
CA LEU D 196 19.69 -70.15 55.17
C LEU D 196 20.94 -70.96 54.82
N ASP D 197 20.88 -72.26 55.10
CA ASP D 197 21.85 -73.24 54.61
C ASP D 197 21.11 -74.37 53.90
N THR D 198 21.88 -75.31 53.36
CA THR D 198 21.32 -76.55 52.86
C THR D 198 21.22 -77.58 53.99
N TYR D 199 20.53 -78.68 53.70
CA TYR D 199 20.35 -79.72 54.70
C TYR D 199 21.65 -80.49 54.92
N SER D 200 22.43 -80.68 53.87
CA SER D 200 23.71 -81.36 53.94
C SER D 200 24.65 -80.73 52.93
N ASP D 201 25.93 -81.06 53.06
CA ASP D 201 26.92 -80.64 52.08
C ASP D 201 27.19 -81.71 51.03
N GLN D 202 26.71 -82.93 51.23
CA GLN D 202 26.84 -84.02 50.28
C GLN D 202 25.48 -84.61 49.97
N THR D 203 25.47 -85.58 49.05
CA THR D 203 24.26 -86.32 48.72
C THR D 203 23.78 -87.13 49.93
N TYR D 204 22.51 -86.95 50.29
CA TYR D 204 21.95 -87.58 51.47
C TYR D 204 20.79 -88.49 51.08
N ASN D 205 20.51 -89.46 51.96
CA ASN D 205 19.42 -90.40 51.75
C ASN D 205 18.14 -89.90 52.41
N ASP D 206 17.03 -89.96 51.68
CA ASP D 206 15.74 -89.52 52.15
C ASP D 206 14.90 -90.65 52.72
N GLY D 207 15.36 -91.89 52.65
CA GLY D 207 14.57 -93.05 52.98
C GLY D 207 14.03 -93.79 51.78
N VAL D 208 13.65 -93.07 50.73
CA VAL D 208 13.26 -93.69 49.46
C VAL D 208 14.28 -93.44 48.35
N GLU D 209 14.92 -92.27 48.30
CA GLU D 209 15.78 -91.90 47.19
C GLU D 209 17.03 -91.21 47.74
N ASP D 210 17.99 -90.98 46.84
CA ASP D 210 19.17 -90.18 47.13
C ASP D 210 19.02 -88.82 46.45
N LEU D 211 19.30 -87.75 47.17
CA LEU D 211 19.04 -86.40 46.69
C LEU D 211 20.31 -85.55 46.74
N ASP D 212 20.46 -84.68 45.76
CA ASP D 212 21.53 -83.69 45.75
C ASP D 212 21.09 -82.49 46.57
N PRO D 213 22.02 -81.78 47.27
CA PRO D 213 21.61 -80.73 48.21
C PRO D 213 21.00 -79.48 47.61
N ILE D 214 21.56 -79.03 46.48
CA ILE D 214 21.08 -77.77 45.84
C ILE D 214 19.68 -77.98 45.25
N PRO D 215 19.36 -78.99 44.41
CA PRO D 215 17.97 -79.14 43.91
C PRO D 215 16.95 -79.53 44.98
N ALA D 216 17.38 -80.07 46.11
CA ALA D 216 16.43 -80.41 47.17
C ALA D 216 16.01 -79.17 47.95
N LEU D 217 16.89 -78.18 48.06
CA LEU D 217 16.52 -76.92 48.69
C LEU D 217 15.58 -76.10 47.81
N ARG D 218 15.71 -76.26 46.48
CA ARG D 218 14.83 -75.52 45.57
C ARG D 218 13.42 -76.11 45.56
N ASN D 219 13.28 -77.40 45.92
CA ASN D 219 11.95 -77.99 46.05
C ASN D 219 11.29 -77.68 47.38
N GLY D 220 12.07 -77.64 48.47
CA GLY D 220 11.48 -77.51 49.79
C GLY D 220 10.94 -76.13 50.10
N ILE D 221 11.54 -75.10 49.53
CA ILE D 221 11.09 -73.71 49.71
C ILE D 221 10.15 -73.39 48.56
N ASN D 222 8.84 -73.34 48.83
CA ASN D 222 7.83 -73.30 47.77
C ASN D 222 6.91 -72.07 47.85
N LEU D 223 7.46 -70.89 48.13
CA LEU D 223 6.68 -69.68 48.20
C LEU D 223 6.97 -68.75 47.02
N THR D 224 6.14 -67.72 46.86
CA THR D 224 6.31 -66.76 45.77
C THR D 224 7.35 -65.69 46.14
N LYS D 225 7.56 -64.78 45.20
CA LYS D 225 8.60 -63.77 45.32
C LYS D 225 8.45 -62.85 46.54
N ASP D 226 7.21 -62.52 46.89
CA ASP D 226 6.98 -61.62 48.02
C ASP D 226 7.47 -62.20 49.35
N TYR D 227 7.83 -63.48 49.36
CA TYR D 227 8.45 -64.13 50.50
C TYR D 227 9.93 -64.43 50.27
N LEU D 228 10.31 -64.73 49.03
CA LEU D 228 11.67 -65.15 48.72
C LEU D 228 12.67 -64.00 48.78
N LYS D 229 12.19 -62.76 48.72
CA LYS D 229 13.07 -61.59 48.75
C LYS D 229 13.63 -61.32 50.14
N TYR D 230 13.18 -62.01 51.18
CA TYR D 230 13.65 -61.82 52.54
C TYR D 230 14.69 -62.86 52.99
N GLY D 231 15.24 -63.66 52.08
CA GLY D 231 16.22 -64.64 52.49
C GLY D 231 17.36 -64.82 51.51
N ALA D 232 18.44 -65.44 52.00
CA ALA D 232 19.63 -65.73 51.22
C ALA D 232 20.24 -67.06 51.71
N ALA D 233 20.84 -67.80 50.78
CA ALA D 233 21.33 -69.15 51.04
C ALA D 233 22.79 -69.29 50.62
N TYR D 234 23.55 -70.06 51.39
CA TYR D 234 24.98 -70.22 51.19
C TYR D 234 25.35 -71.70 51.15
N TYR D 235 26.44 -72.00 50.44
CA TYR D 235 26.88 -73.36 50.18
C TYR D 235 28.37 -73.32 49.84
N PRO D 236 29.15 -74.34 50.22
CA PRO D 236 28.99 -75.51 51.11
C PRO D 236 29.33 -75.23 52.58
N PHE D 237 29.69 -76.27 53.33
CA PHE D 237 30.05 -76.11 54.73
C PHE D 237 31.50 -75.64 54.85
N VAL D 238 31.92 -75.28 56.07
CA VAL D 238 33.27 -74.77 56.32
C VAL D 238 33.96 -75.59 57.40
N GLN D 239 35.27 -75.81 57.23
CA GLN D 239 36.12 -76.52 58.20
C GLN D 239 36.84 -75.44 59.05
N THR D 240 36.81 -75.57 60.37
CA THR D 240 37.28 -74.53 61.29
C THR D 240 38.57 -74.99 61.98
N ILE D 241 39.10 -74.12 62.85
CA ILE D 241 40.31 -74.37 63.62
C ILE D 241 39.99 -74.82 65.05
N LEU D 242 38.72 -75.02 65.37
CA LEU D 242 38.29 -75.31 66.73
C LEU D 242 38.44 -76.78 67.08
N ASN D 243 38.64 -77.06 68.36
CA ASN D 243 38.70 -78.41 68.88
C ASN D 243 37.36 -78.78 69.53
N TYR D 244 37.08 -80.08 69.59
CA TYR D 244 35.91 -80.60 70.28
C TYR D 244 36.07 -80.47 71.79
N GLN D 245 34.95 -80.30 72.47
CA GLN D 245 34.90 -80.25 73.92
C GLN D 245 34.75 -81.66 74.48
N TYR D 246 35.63 -82.03 75.41
CA TYR D 246 35.60 -83.37 75.98
C TYR D 246 36.17 -83.33 77.39
N SER D 247 35.94 -84.41 78.13
CA SER D 247 36.43 -84.56 79.49
C SER D 247 37.35 -85.77 79.57
N ALA D 248 38.49 -85.60 80.25
CA ALA D 248 39.47 -86.68 80.36
C ALA D 248 39.06 -87.75 81.36
N ASP D 249 38.04 -87.50 82.19
CA ASP D 249 37.54 -88.48 83.14
C ASP D 249 36.71 -89.58 82.48
N GLU D 250 36.35 -89.43 81.21
CA GLU D 250 35.47 -90.37 80.53
C GLU D 250 36.13 -91.10 79.37
N ILE D 251 37.44 -90.94 79.19
CA ILE D 251 38.16 -91.60 78.11
C ILE D 251 38.79 -92.87 78.69
N VAL D 252 38.54 -94.01 78.05
CA VAL D 252 39.07 -95.30 78.49
C VAL D 252 40.10 -95.78 77.47
N ILE D 253 41.24 -96.27 77.96
CA ILE D 253 42.34 -96.74 77.14
C ILE D 253 42.23 -98.25 76.97
N GLN D 254 42.50 -98.74 75.76
CA GLN D 254 42.70 -100.16 75.52
C GLN D 254 44.13 -100.38 75.01
N HIS D 255 44.89 -101.20 75.75
CA HIS D 255 46.33 -101.35 75.57
C HIS D 255 46.67 -102.80 75.27
N LEU D 256 47.24 -103.05 74.10
CA LEU D 256 47.72 -104.36 73.70
C LEU D 256 49.24 -104.36 73.68
N SER D 257 49.85 -105.23 74.50
CA SER D 257 51.30 -105.25 74.64
C SER D 257 51.80 -106.69 74.55
N TYR D 258 53.06 -106.83 74.13
CA TYR D 258 53.67 -108.16 74.08
C TYR D 258 54.03 -108.65 75.48
N ASN D 259 54.28 -107.73 76.40
CA ASN D 259 54.57 -108.07 77.79
C ASN D 259 53.31 -107.86 78.61
N PRO D 260 52.53 -108.89 78.91
CA PRO D 260 51.30 -108.68 79.67
C PRO D 260 51.55 -108.64 81.17
N ASN D 261 51.35 -107.46 81.77
CA ASN D 261 51.40 -107.32 83.22
C ASN D 261 50.20 -106.57 83.76
N ALA D 262 49.03 -106.76 83.14
CA ALA D 262 47.82 -106.06 83.59
C ALA D 262 47.34 -106.62 84.92
N ILE D 263 47.32 -107.95 85.06
CA ILE D 263 46.82 -108.55 86.29
C ILE D 263 47.86 -108.43 87.39
N ALA D 264 49.14 -108.48 87.02
CA ALA D 264 50.23 -108.36 88.00
C ALA D 264 50.30 -106.96 88.59
N THR D 265 50.07 -105.93 87.78
CA THR D 265 50.06 -104.57 88.29
C THR D 265 48.80 -104.31 89.10
N ALA D 266 47.69 -104.98 88.75
CA ALA D 266 46.48 -104.87 89.54
C ALA D 266 46.61 -105.61 90.87
N LEU D 267 47.46 -106.64 90.91
CA LEU D 267 47.68 -107.37 92.16
C LEU D 267 48.54 -106.56 93.13
N ASP D 268 49.55 -105.85 92.61
CA ASP D 268 50.51 -105.17 93.47
C ASP D 268 49.86 -103.99 94.20
N ASN D 269 48.91 -103.33 93.57
CA ASN D 269 48.19 -102.25 94.24
C ASN D 269 47.25 -102.80 95.29
N LEU D 270 46.57 -103.91 94.99
CA LEU D 270 45.57 -104.44 95.90
C LEU D 270 46.22 -105.22 97.04
N ASN D 271 47.41 -105.75 96.82
CA ASN D 271 48.13 -106.41 97.92
C ASN D 271 48.70 -105.38 98.89
N ALA D 272 49.06 -104.20 98.36
CA ALA D 272 49.64 -103.16 99.21
C ALA D 272 48.59 -102.49 100.08
N VAL D 273 47.35 -102.37 99.58
CA VAL D 273 46.31 -101.70 100.35
C VAL D 273 45.78 -102.63 101.44
N ASN D 274 45.98 -103.95 101.27
CA ASN D 274 45.56 -104.94 102.26
C ASN D 274 46.66 -105.14 103.28
N GLY D 275 46.87 -104.12 104.11
CA GLY D 275 47.90 -104.14 105.11
C GLY D 275 47.45 -103.59 106.45
N PRO D 276 48.24 -103.83 107.50
CA PRO D 276 47.87 -103.31 108.82
C PRO D 276 48.03 -101.81 108.96
N THR D 277 49.03 -101.21 108.32
CA THR D 277 49.20 -99.76 108.43
C THR D 277 48.24 -99.04 107.50
N PHE D 278 47.74 -99.72 106.47
CA PHE D 278 47.00 -99.03 105.42
C PHE D 278 45.52 -98.96 105.73
N ILE D 279 44.84 -100.10 105.85
CA ILE D 279 43.38 -100.14 105.97
C ILE D 279 42.93 -100.55 107.37
N ASP D 280 43.81 -101.21 108.14
CA ASP D 280 43.45 -101.56 109.51
C ASP D 280 43.60 -100.35 110.43
N ALA D 281 44.46 -99.40 110.04
CA ALA D 281 44.65 -98.20 110.84
C ALA D 281 43.48 -97.23 110.69
N ILE D 282 42.68 -97.40 109.64
CA ILE D 282 41.49 -96.57 109.47
C ILE D 282 40.37 -97.06 110.40
N LEU D 283 40.33 -98.37 110.65
CA LEU D 283 39.15 -98.95 111.28
C LEU D 283 39.21 -98.87 112.81
N ASP D 284 40.40 -99.03 113.39
CA ASP D 284 40.51 -99.02 114.85
C ASP D 284 40.38 -97.60 115.40
N ASP D 285 40.67 -96.59 114.56
CA ASP D 285 40.45 -95.21 114.95
C ASP D 285 38.97 -94.90 115.08
N LEU D 286 38.15 -95.50 114.23
CA LEU D 286 36.71 -95.26 114.26
C LEU D 286 36.06 -95.88 115.49
N ARG D 287 36.55 -97.05 115.91
CA ARG D 287 36.05 -97.69 117.13
C ARG D 287 37.06 -97.59 118.26
N ASN D 321 27.40 -73.27 125.84
CA ASN D 321 27.94 -71.97 125.49
C ASN D 321 28.81 -72.05 124.24
N SER D 322 29.62 -71.00 124.01
CA SER D 322 30.44 -70.96 122.81
C SER D 322 31.67 -71.85 122.94
N VAL D 323 32.10 -72.11 124.17
CA VAL D 323 33.30 -72.94 124.36
C VAL D 323 32.95 -74.42 124.26
N LYS D 324 31.67 -74.76 124.47
CA LYS D 324 31.26 -76.15 124.33
C LYS D 324 31.02 -76.51 122.87
N VAL D 325 30.57 -75.54 122.07
CA VAL D 325 30.34 -75.79 120.64
C VAL D 325 31.68 -75.86 119.91
N ALA D 326 32.64 -75.03 120.32
CA ALA D 326 33.94 -75.01 119.65
C ALA D 326 34.75 -76.27 119.97
N ASN D 327 34.58 -76.83 121.16
CA ASN D 327 35.25 -78.09 121.48
C ASN D 327 34.57 -79.26 120.77
N PHE D 328 33.25 -79.20 120.63
CA PHE D 328 32.51 -80.30 120.02
C PHE D 328 32.76 -80.37 118.51
N ALA D 329 33.07 -79.23 117.89
CA ALA D 329 33.34 -79.23 116.46
C ALA D 329 34.71 -79.84 116.15
N SER D 330 35.61 -79.84 117.13
CA SER D 330 36.91 -80.48 116.92
C SER D 330 36.79 -81.99 116.95
N LEU D 331 35.81 -82.52 117.69
CA LEU D 331 35.60 -83.96 117.75
C LEU D 331 34.98 -84.48 116.47
N VAL D 332 34.10 -83.69 115.84
CA VAL D 332 33.44 -84.12 114.61
C VAL D 332 34.41 -84.04 113.44
N GLU D 333 35.33 -83.07 113.46
CA GLU D 333 36.27 -82.90 112.35
C GLU D 333 37.30 -84.02 112.30
N SER D 334 37.57 -84.66 113.45
CA SER D 334 38.49 -85.79 113.47
C SER D 334 37.81 -87.06 112.95
N VAL D 335 36.52 -87.21 113.24
CA VAL D 335 35.77 -88.36 112.76
C VAL D 335 35.52 -88.23 111.26
N LEU D 336 35.24 -87.02 110.79
CA LEU D 336 34.96 -86.79 109.37
C LEU D 336 36.23 -86.92 108.54
N SER D 337 37.39 -86.62 109.12
CA SER D 337 38.65 -86.80 108.40
C SER D 337 39.00 -88.27 108.27
N THR D 338 38.54 -89.12 109.20
CA THR D 338 38.80 -90.55 109.10
C THR D 338 37.93 -91.19 108.03
N LEU D 339 36.69 -90.71 107.88
CA LEU D 339 35.77 -91.26 106.88
C LEU D 339 36.23 -90.97 105.46
N ASN D 340 36.87 -89.81 105.26
CA ASN D 340 37.23 -89.39 103.90
C ASN D 340 38.36 -90.23 103.33
N GLU D 341 39.33 -90.63 104.17
CA GLU D 341 40.41 -91.49 103.68
C GLU D 341 39.94 -92.92 103.46
N LEU D 342 38.84 -93.31 104.12
CA LEU D 342 38.22 -94.59 103.79
C LEU D 342 37.50 -94.53 102.45
N ILE D 343 36.87 -93.39 102.15
CA ILE D 343 36.21 -93.22 100.86
C ILE D 343 37.25 -93.08 99.74
N ASP D 344 38.38 -92.45 100.03
CA ASP D 344 39.47 -92.37 99.06
C ASP D 344 40.11 -93.74 98.83
N ALA D 345 40.09 -94.61 99.84
CA ALA D 345 40.56 -95.96 99.65
C ALA D 345 39.60 -96.76 98.80
N LYS D 346 38.31 -96.44 98.86
CA LYS D 346 37.32 -97.12 98.03
C LYS D 346 37.48 -96.76 96.56
N GLU D 347 37.96 -95.55 96.27
CA GLU D 347 38.09 -95.09 94.89
C GLU D 347 39.22 -95.80 94.17
N GLU D 348 40.34 -96.02 94.87
CA GLU D 348 41.52 -96.60 94.21
C GLU D 348 41.37 -98.10 94.04
N ILE D 349 40.52 -98.74 94.83
CA ILE D 349 40.27 -100.16 94.67
C ILE D 349 39.50 -100.43 93.39
N ASN D 350 38.53 -99.57 93.07
CA ASN D 350 37.68 -99.78 91.90
C ASN D 350 38.43 -99.58 90.59
N LYS D 351 39.47 -98.75 90.60
CA LYS D 351 40.26 -98.56 89.38
C LYS D 351 41.14 -99.76 89.09
N ASP D 352 41.49 -100.53 90.12
CA ASP D 352 42.34 -101.70 89.93
C ASP D 352 41.54 -102.89 89.42
N VAL D 353 40.32 -103.07 89.93
CA VAL D 353 39.52 -104.22 89.53
C VAL D 353 38.94 -104.00 88.13
N ASN D 354 38.65 -102.75 87.77
CA ASN D 354 38.10 -102.47 86.45
C ASN D 354 39.12 -102.72 85.35
N SER D 355 40.41 -102.54 85.65
CA SER D 355 41.44 -102.84 84.67
C SER D 355 41.67 -104.35 84.54
N ALA D 356 41.27 -105.12 85.54
CA ALA D 356 41.41 -106.58 85.47
C ALA D 356 40.16 -107.23 84.87
N ILE D 357 39.00 -106.59 85.04
CA ILE D 357 37.79 -107.07 84.37
C ILE D 357 37.91 -106.92 82.86
N ALA D 358 38.43 -105.77 82.42
CA ALA D 358 38.51 -105.50 80.98
C ALA D 358 39.65 -106.29 80.32
N SER D 359 40.63 -106.74 81.10
CA SER D 359 41.78 -107.42 80.52
C SER D 359 41.50 -108.91 80.33
N SER D 360 40.60 -109.47 81.12
CA SER D 360 40.31 -110.90 81.06
C SER D 360 39.03 -111.15 80.24
N GLU D 361 39.11 -110.82 78.95
CA GLU D 361 38.00 -111.12 78.06
C GLU D 361 37.94 -112.62 77.74
N GLU D 362 39.08 -113.30 77.86
CA GLU D 362 39.09 -114.76 77.80
C GLU D 362 38.50 -115.34 79.08
N ASP D 363 37.83 -116.49 78.95
CA ASP D 363 37.28 -117.29 80.05
C ASP D 363 36.27 -116.49 80.87
N ASN D 364 35.10 -116.27 80.24
CA ASN D 364 34.04 -115.41 80.76
C ASN D 364 33.53 -115.80 82.15
N ALA D 365 33.75 -117.05 82.56
CA ALA D 365 33.38 -117.46 83.92
C ALA D 365 34.26 -116.77 84.97
N ILE D 366 35.53 -116.50 84.63
CA ILE D 366 36.42 -115.83 85.58
C ILE D 366 36.07 -114.35 85.69
N LYS D 367 35.65 -113.74 84.56
CA LYS D 367 35.21 -112.34 84.59
C LYS D 367 33.96 -112.16 85.43
N THR D 368 33.07 -113.16 85.42
CA THR D 368 31.86 -113.08 86.23
C THR D 368 32.18 -113.18 87.71
N ALA D 369 33.20 -113.96 88.07
CA ALA D 369 33.59 -114.09 89.47
C ALA D 369 34.26 -112.82 89.98
N ILE D 370 35.05 -112.16 89.14
CA ILE D 370 35.71 -110.91 89.52
C ILE D 370 34.68 -109.80 89.64
N SER D 371 33.67 -109.80 88.76
CA SER D 371 32.62 -108.80 88.81
C SER D 371 31.70 -109.02 90.01
N ASP D 372 31.48 -110.28 90.39
CA ASP D 372 30.61 -110.57 91.52
C ASP D 372 31.28 -110.21 92.85
N ALA D 373 32.60 -110.37 92.93
CA ALA D 373 33.32 -110.02 94.14
C ALA D 373 33.40 -108.51 94.34
N LEU D 374 33.22 -107.74 93.26
CA LEU D 374 33.38 -106.29 93.37
C LEU D 374 32.11 -105.62 93.89
N ASP D 375 30.93 -106.11 93.49
CA ASP D 375 29.70 -105.48 93.94
C ASP D 375 29.36 -105.86 95.38
N VAL D 376 29.85 -107.01 95.85
CA VAL D 376 29.61 -107.38 97.24
C VAL D 376 30.51 -106.56 98.16
N PHE D 377 31.66 -106.12 97.66
CA PHE D 377 32.50 -105.20 98.42
C PHE D 377 31.90 -103.79 98.41
N ASN D 378 31.18 -103.44 97.34
CA ASN D 378 30.59 -102.12 97.24
C ASN D 378 29.21 -102.04 97.88
N GLU D 379 28.81 -103.03 98.69
CA GLU D 379 27.48 -103.01 99.30
C GLU D 379 27.38 -101.94 100.38
N ASP D 380 28.27 -101.97 101.36
CA ASP D 380 28.15 -101.09 102.52
C ASP D 380 28.45 -99.63 102.15
N PHE D 381 29.25 -99.43 101.10
CA PHE D 381 29.62 -98.07 100.71
C PHE D 381 28.46 -97.33 100.04
N GLU D 382 27.71 -98.03 99.19
CA GLU D 382 26.59 -97.38 98.50
C GLU D 382 25.26 -98.09 98.72
N GLY D 383 25.23 -99.40 98.51
CA GLY D 383 23.94 -100.09 98.39
C GLY D 383 23.34 -100.45 99.73
N ALA D 384 24.12 -101.06 100.62
CA ALA D 384 23.57 -101.54 101.88
C ALA D 384 23.38 -100.41 102.88
N ASP D 385 24.47 -99.76 103.27
CA ASP D 385 24.42 -98.70 104.29
C ASP D 385 24.82 -97.39 103.64
N LYS D 386 24.52 -96.28 104.30
CA LYS D 386 24.71 -94.95 103.75
C LYS D 386 26.06 -94.36 104.18
N ILE D 387 27.15 -95.06 103.86
CA ILE D 387 28.47 -94.59 104.30
C ILE D 387 28.89 -93.33 103.55
N GLU D 388 28.68 -93.29 102.23
CA GLU D 388 29.04 -92.10 101.49
C GLU D 388 27.98 -91.01 101.63
N SER D 389 26.84 -91.33 102.26
CA SER D 389 25.79 -90.34 102.43
C SER D 389 25.88 -89.62 103.78
N VAL D 390 26.41 -90.30 104.81
CA VAL D 390 26.50 -89.65 106.11
C VAL D 390 27.70 -88.70 106.15
N ALA D 391 28.70 -88.93 105.30
CA ALA D 391 29.83 -88.03 105.23
C ALA D 391 29.48 -86.68 104.62
N LYS D 392 28.38 -86.60 103.87
CA LYS D 392 27.93 -85.35 103.26
C LYS D 392 27.03 -84.57 104.21
N ASN D 393 26.14 -85.27 104.93
CA ASN D 393 25.22 -84.58 105.82
C ASN D 393 25.88 -84.09 107.09
N LEU D 394 26.94 -84.77 107.54
CA LEU D 394 27.66 -84.31 108.72
C LEU D 394 28.43 -83.01 108.44
N SER D 395 28.87 -82.83 107.20
CA SER D 395 29.61 -81.62 106.86
C SER D 395 28.69 -80.41 106.80
N ASP D 396 27.45 -80.59 106.33
CA ASP D 396 26.52 -79.46 106.32
C ASP D 396 25.91 -79.24 107.70
N LEU D 397 25.81 -80.30 108.51
CA LEU D 397 25.37 -80.11 109.89
C LEU D 397 26.46 -79.44 110.72
N LEU D 398 27.73 -79.60 110.32
CA LEU D 398 28.82 -78.97 111.05
C LEU D 398 28.82 -77.46 110.82
N ILE D 399 28.49 -77.03 109.59
CA ILE D 399 28.45 -75.60 109.29
C ILE D 399 27.25 -74.95 109.98
N LYS D 400 26.15 -75.70 110.12
CA LYS D 400 24.92 -75.15 110.69
C LYS D 400 25.06 -74.85 112.17
N ILE D 401 25.85 -75.65 112.90
CA ILE D 401 25.95 -75.45 114.34
C ILE D 401 26.87 -74.26 114.66
N LYS D 402 27.72 -73.87 113.71
CA LYS D 402 28.62 -72.74 113.97
C LYS D 402 27.92 -71.41 113.69
N GLN D 403 26.90 -71.41 112.83
CA GLN D 403 26.13 -70.18 112.61
C GLN D 403 25.00 -70.04 113.63
N ALA D 404 24.58 -71.15 114.25
CA ALA D 404 23.40 -71.14 115.11
C ALA D 404 23.70 -70.52 116.47
N ASP D 405 24.98 -70.28 116.78
CA ASP D 405 25.36 -69.76 118.09
C ASP D 405 25.09 -68.26 118.24
N THR D 406 24.53 -67.60 117.22
CA THR D 406 24.32 -66.16 117.29
C THR D 406 23.09 -65.80 118.10
N ASN D 407 22.10 -66.70 118.19
CA ASN D 407 20.82 -66.33 118.80
C ASN D 407 20.28 -67.34 119.79
N THR D 408 20.35 -68.64 119.53
CA THR D 408 19.51 -69.55 120.29
C THR D 408 20.34 -70.74 120.74
N LYS D 409 20.16 -71.13 122.00
CA LYS D 409 20.74 -72.38 122.47
C LYS D 409 19.83 -73.57 122.17
N VAL D 410 18.53 -73.32 122.00
CA VAL D 410 17.59 -74.38 121.63
C VAL D 410 17.89 -74.87 120.22
N GLU D 411 18.40 -73.96 119.38
CA GLU D 411 18.84 -74.31 118.03
C GLU D 411 19.99 -75.31 118.18
N ASN D 412 20.88 -75.06 119.14
CA ASN D 412 21.99 -75.98 119.38
C ASN D 412 21.56 -77.22 120.16
N VAL D 413 20.28 -77.33 120.53
CA VAL D 413 19.75 -78.49 121.23
C VAL D 413 18.82 -79.28 120.32
N LEU D 414 18.05 -78.59 119.48
CA LEU D 414 17.11 -79.23 118.57
C LEU D 414 17.84 -80.09 117.54
N SER D 415 19.03 -79.67 117.14
CA SER D 415 19.78 -80.43 116.13
C SER D 415 20.47 -81.65 116.73
N ILE D 416 21.16 -81.48 117.85
CA ILE D 416 22.12 -82.51 118.27
C ILE D 416 21.42 -83.66 119.01
N ASN D 417 20.18 -83.44 119.44
CA ASN D 417 19.46 -84.49 120.18
C ASN D 417 18.19 -84.94 119.46
N ALA D 418 17.32 -84.01 119.08
CA ALA D 418 16.04 -84.41 118.50
C ALA D 418 16.15 -84.65 117.00
N LEU D 419 16.77 -83.72 116.27
CA LEU D 419 16.88 -83.82 114.83
C LEU D 419 18.16 -84.57 114.43
N ASN D 420 18.54 -84.40 113.17
CA ASN D 420 19.38 -85.29 112.36
C ASN D 420 20.71 -85.69 112.98
N PHE D 421 21.26 -84.91 113.91
CA PHE D 421 22.65 -85.13 114.29
C PHE D 421 22.82 -86.31 115.23
N SER D 422 21.82 -86.59 116.07
CA SER D 422 21.88 -87.77 116.92
C SER D 422 21.56 -89.03 116.13
N ALA D 423 20.84 -88.90 115.02
CA ALA D 423 20.44 -90.06 114.25
C ALA D 423 21.55 -90.51 113.30
N GLU D 424 22.41 -89.59 112.86
CA GLU D 424 23.40 -89.94 111.84
C GLU D 424 24.56 -90.73 112.43
N PHE D 425 24.83 -90.55 113.73
CA PHE D 425 25.92 -91.29 114.37
C PHE D 425 25.58 -92.76 114.62
N GLU D 426 24.31 -93.14 114.52
CA GLU D 426 23.92 -94.48 114.95
C GLU D 426 24.23 -95.54 113.90
N LYS D 427 24.44 -95.12 112.65
CA LYS D 427 24.52 -96.10 111.56
C LYS D 427 25.86 -96.82 111.53
N LEU D 428 26.90 -96.22 112.12
CA LEU D 428 28.16 -96.94 112.23
C LEU D 428 28.25 -97.70 113.54
N LEU D 429 27.78 -97.09 114.63
CA LEU D 429 27.72 -97.74 115.94
C LEU D 429 26.39 -97.39 116.58
N THR D 430 25.56 -98.41 116.83
CA THR D 430 24.20 -98.18 117.30
C THR D 430 24.15 -97.93 118.80
N TYR D 431 24.78 -98.79 119.59
CA TYR D 431 24.74 -98.68 121.04
C TYR D 431 26.13 -98.87 121.63
N ASP D 432 27.11 -98.13 121.11
CA ASP D 432 28.49 -98.27 121.58
C ASP D 432 28.71 -97.62 122.94
N VAL D 433 27.75 -96.82 123.41
CA VAL D 433 27.92 -96.07 124.65
C VAL D 433 27.63 -96.89 125.90
N ASN D 434 27.50 -98.22 125.79
CA ASN D 434 27.20 -99.04 126.96
C ASN D 434 28.39 -99.13 127.92
N THR D 435 29.61 -98.91 127.41
CA THR D 435 30.79 -98.92 128.24
C THR D 435 31.74 -97.84 127.78
N GLY D 436 32.95 -97.83 128.34
CA GLY D 436 33.98 -96.92 127.87
C GLY D 436 34.46 -97.30 126.47
N LEU D 437 34.50 -98.60 126.19
CA LEU D 437 34.85 -99.10 124.86
C LEU D 437 33.59 -99.40 124.07
N THR D 438 33.73 -99.48 122.75
CA THR D 438 32.61 -99.81 121.89
C THR D 438 32.21 -101.27 122.04
N ALA D 439 31.08 -101.50 122.71
CA ALA D 439 30.54 -102.85 122.89
C ALA D 439 29.07 -102.83 122.52
N SER D 440 28.42 -103.99 122.72
CA SER D 440 27.02 -104.24 122.31
C SER D 440 26.80 -103.92 120.84
N VAL D 441 27.62 -104.53 119.97
CA VAL D 441 27.67 -104.17 118.56
C VAL D 441 26.44 -104.71 117.82
N THR D 442 25.35 -103.96 117.95
CA THR D 442 24.11 -104.32 117.25
C THR D 442 24.21 -104.02 115.77
N LEU D 443 24.83 -102.89 115.41
CA LEU D 443 24.94 -102.49 114.01
C LEU D 443 26.38 -102.06 113.73
N ASP D 444 26.95 -102.62 112.67
CA ASP D 444 28.34 -102.36 112.35
C ASP D 444 28.51 -102.38 110.84
N LEU D 445 28.81 -101.21 110.29
CA LEU D 445 29.03 -101.05 108.86
C LEU D 445 30.47 -101.37 108.46
N PHE D 446 31.36 -101.48 109.43
CA PHE D 446 32.75 -101.81 109.18
C PHE D 446 33.00 -103.29 109.51
N ALA D 447 34.29 -103.67 109.45
CA ALA D 447 34.83 -105.01 109.75
C ALA D 447 34.34 -106.10 108.78
N ASN D 448 33.62 -105.72 107.72
CA ASN D 448 33.37 -106.58 106.58
C ASN D 448 34.30 -106.27 105.42
N ILE D 449 35.22 -105.32 105.61
CA ILE D 449 36.07 -104.86 104.51
C ILE D 449 37.11 -105.92 104.16
N GLY D 450 37.89 -106.36 105.16
CA GLY D 450 38.95 -107.32 104.95
C GLY D 450 38.49 -108.70 104.55
N THR D 451 37.25 -109.04 104.91
CA THR D 451 36.66 -110.30 104.45
C THR D 451 36.33 -110.22 102.96
N ARG D 452 35.82 -109.06 102.51
CA ARG D 452 35.50 -108.92 101.10
C ARG D 452 36.74 -108.60 100.26
N LEU D 453 37.82 -108.13 100.89
CA LEU D 453 39.01 -107.78 100.12
C LEU D 453 39.80 -109.01 99.70
N ASP D 454 40.07 -109.93 100.64
CA ASP D 454 40.91 -111.08 100.30
C ASP D 454 40.16 -112.09 99.44
N ASP D 455 38.84 -111.97 99.38
CA ASP D 455 38.07 -112.70 98.37
C ASP D 455 38.41 -112.19 96.97
N ILE D 456 38.59 -110.88 96.83
CA ILE D 456 38.94 -110.28 95.54
C ILE D 456 40.37 -110.65 95.14
N ILE D 457 41.27 -110.77 96.13
CA ILE D 457 42.66 -111.09 95.86
C ILE D 457 42.80 -112.49 95.28
N ALA D 458 41.96 -113.42 95.72
CA ALA D 458 41.97 -114.77 95.18
C ALA D 458 41.20 -114.85 93.87
N ALA D 459 40.17 -114.01 93.72
CA ALA D 459 39.34 -114.07 92.51
C ALA D 459 40.09 -113.53 91.29
N VAL D 460 40.89 -112.48 91.47
CA VAL D 460 41.69 -111.97 90.35
C VAL D 460 42.98 -112.76 90.21
N SER D 461 43.25 -113.68 91.16
CA SER D 461 44.42 -114.54 91.05
C SER D 461 44.22 -115.62 89.99
N ALA D 462 42.97 -115.97 89.70
CA ALA D 462 42.70 -116.93 88.64
C ALA D 462 42.81 -116.28 87.26
N ALA D 463 42.80 -114.96 87.19
CA ALA D 463 42.82 -114.26 85.91
C ALA D 463 44.22 -114.07 85.34
N GLU D 464 45.27 -114.29 86.12
CA GLU D 464 46.62 -114.08 85.61
C GLU D 464 47.15 -115.16 84.64
N PRO D 465 46.74 -116.43 84.64
CA PRO D 465 47.18 -117.30 83.53
C PRO D 465 46.31 -117.27 82.29
N ILE D 466 45.25 -116.47 82.23
CA ILE D 466 44.35 -116.48 81.08
C ILE D 466 44.46 -115.20 80.25
N ASP D 467 45.25 -114.23 80.70
CA ASP D 467 45.46 -112.99 79.95
C ASP D 467 46.80 -113.04 79.25
N VAL D 468 46.80 -112.79 77.94
CA VAL D 468 47.98 -113.02 77.12
C VAL D 468 48.38 -111.81 76.29
N ASN D 469 47.54 -110.77 76.25
CA ASN D 469 47.76 -109.69 75.29
C ASN D 469 47.68 -108.27 75.88
N ASN D 470 47.19 -108.10 77.10
CA ASN D 470 46.85 -106.77 77.61
C ASN D 470 47.96 -106.22 78.50
N GLY D 471 48.33 -104.96 78.28
CA GLY D 471 49.43 -104.33 78.98
C GLY D 471 49.01 -103.51 80.18
N LYS D 472 49.88 -102.55 80.54
CA LYS D 472 49.77 -101.83 81.81
C LYS D 472 48.56 -100.92 81.91
N LEU D 473 48.23 -100.19 80.84
CA LEU D 473 47.22 -99.14 80.90
C LEU D 473 45.88 -99.56 80.32
N ASN D 474 45.63 -100.86 80.19
CA ASN D 474 44.36 -101.33 79.64
C ASN D 474 43.25 -101.14 80.66
N GLY D 475 42.17 -100.47 80.23
CA GLY D 475 41.02 -100.24 81.08
C GLY D 475 41.14 -99.08 82.04
N ARG D 476 42.10 -98.19 81.84
CA ARG D 476 42.33 -97.06 82.73
C ARG D 476 41.76 -95.78 82.14
N LEU D 477 41.36 -94.87 83.03
CA LEU D 477 40.94 -93.54 82.59
C LEU D 477 42.14 -92.72 82.16
N LEU D 478 41.91 -91.76 81.26
CA LEU D 478 43.00 -90.95 80.71
C LEU D 478 43.54 -89.98 81.76
N SER D 479 42.68 -89.49 82.64
CA SER D 479 43.13 -88.57 83.68
C SER D 479 43.98 -89.28 84.73
N ASP D 480 43.79 -90.59 84.90
CA ASP D 480 44.50 -91.31 85.95
C ASP D 480 45.87 -91.81 85.50
N ILE D 481 46.23 -91.67 84.21
CA ILE D 481 47.56 -92.10 83.78
C ILE D 481 48.58 -90.97 83.79
N GLU D 482 48.15 -89.74 84.07
CA GLU D 482 49.08 -88.61 84.11
C GLU D 482 50.13 -88.70 85.23
N PRO D 483 49.84 -89.17 86.45
CA PRO D 483 50.98 -89.46 87.36
C PRO D 483 51.73 -90.71 87.00
N LEU D 484 51.10 -91.66 86.30
CA LEU D 484 51.75 -92.94 86.03
C LEU D 484 52.78 -92.82 84.91
N ASP D 485 52.36 -92.32 83.75
CA ASP D 485 53.27 -92.13 82.62
C ASP D 485 52.89 -90.79 81.99
N ASN D 486 53.71 -89.77 82.27
CA ASN D 486 53.37 -88.41 81.83
C ASN D 486 53.64 -88.22 80.34
N ALA D 487 54.62 -88.95 79.79
CA ALA D 487 54.97 -88.76 78.39
C ALA D 487 53.94 -89.41 77.46
N THR D 488 53.31 -90.49 77.91
CA THR D 488 52.26 -91.12 77.12
C THR D 488 50.99 -90.29 77.13
N TYR D 489 50.68 -89.68 78.29
CA TYR D 489 49.48 -88.86 78.43
C TYR D 489 49.54 -87.62 77.54
N ASN D 490 50.73 -87.02 77.39
CA ASN D 490 50.84 -85.83 76.55
C ASN D 490 50.77 -86.18 75.07
N THR D 491 51.15 -87.41 74.71
CA THR D 491 51.13 -87.81 73.31
C THR D 491 49.69 -88.10 72.85
N ILE D 492 48.86 -88.63 73.76
CA ILE D 492 47.47 -88.90 73.44
C ILE D 492 46.68 -87.60 73.26
N LEU D 493 47.07 -86.56 74.00
CA LEU D 493 46.38 -85.27 73.91
C LEU D 493 46.59 -84.60 72.56
N LEU D 494 47.77 -84.81 71.94
CA LEU D 494 48.00 -84.24 70.61
C LEU D 494 47.18 -84.94 69.54
N GLU D 495 46.97 -86.25 69.68
CA GLU D 495 46.22 -86.99 68.66
C GLU D 495 44.73 -86.70 68.76
N ILE D 496 44.25 -86.35 69.95
CA ILE D 496 42.85 -86.00 70.10
C ILE D 496 42.56 -84.63 69.49
N ASN D 497 43.48 -83.68 69.69
CA ASN D 497 43.29 -82.31 69.20
C ASN D 497 43.53 -82.16 67.70
N SER D 498 43.87 -83.22 66.99
CA SER D 498 44.09 -83.10 65.54
C SER D 498 42.79 -83.15 64.74
N HIS D 499 41.66 -83.44 65.39
CA HIS D 499 40.36 -83.47 64.71
C HIS D 499 39.65 -82.14 64.90
N LYS D 500 39.09 -81.61 63.81
CA LYS D 500 38.48 -80.29 63.82
C LYS D 500 36.98 -80.37 63.57
N VAL D 501 36.30 -79.25 63.87
CA VAL D 501 34.86 -79.15 63.73
C VAL D 501 34.49 -78.61 62.37
N THR D 502 33.47 -79.17 61.74
CA THR D 502 32.88 -78.64 60.52
C THR D 502 31.51 -78.05 60.87
N LEU D 503 31.26 -76.82 60.42
CA LEU D 503 30.03 -76.10 60.72
C LEU D 503 29.33 -75.67 59.44
N PRO D 504 28.01 -75.50 59.49
CA PRO D 504 27.32 -74.75 58.44
C PRO D 504 27.71 -73.29 58.49
N PRO D 505 27.70 -72.60 57.34
CA PRO D 505 28.35 -71.29 57.25
C PRO D 505 27.50 -70.09 57.67
N SER D 506 26.33 -70.27 58.27
CA SER D 506 25.41 -69.14 58.44
C SER D 506 25.80 -68.21 59.57
N SER D 507 26.52 -68.70 60.58
CA SER D 507 26.89 -67.82 61.69
C SER D 507 28.16 -67.03 61.39
N SER D 508 29.03 -67.55 60.53
CA SER D 508 30.18 -66.76 60.07
C SER D 508 29.73 -65.65 59.12
N MET D 509 28.65 -65.89 58.37
CA MET D 509 28.12 -64.88 57.47
C MET D 509 27.50 -63.72 58.25
N ALA D 510 26.87 -64.01 59.39
CA ALA D 510 26.27 -62.97 60.22
C ALA D 510 27.32 -62.04 60.81
N GLY D 511 28.48 -62.59 61.18
CA GLY D 511 29.58 -61.75 61.65
C GLY D 511 30.14 -60.86 60.55
N ALA D 512 30.17 -61.39 59.33
CA ALA D 512 30.68 -60.61 58.20
C ALA D 512 29.67 -59.55 57.75
N TYR D 513 28.37 -59.76 58.00
CA TYR D 513 27.37 -58.73 57.73
C TYR D 513 27.60 -57.51 58.63
N ALA D 514 27.95 -57.76 59.90
CA ALA D 514 28.13 -56.65 60.84
C ALA D 514 29.48 -55.96 60.65
N ARG D 515 30.47 -56.68 60.12
CA ARG D 515 31.79 -56.09 59.88
C ARG D 515 31.76 -55.13 58.68
N VAL D 516 31.02 -55.48 57.63
CA VAL D 516 30.99 -54.67 56.42
C VAL D 516 30.09 -53.46 56.60
N ASP D 517 29.00 -53.60 57.34
CA ASP D 517 28.08 -52.49 57.58
C ASP D 517 28.74 -51.41 58.45
N ASN D 518 29.64 -51.82 59.34
CA ASN D 518 30.35 -50.84 60.16
C ASN D 518 31.47 -50.16 59.37
N ASP D 519 32.07 -50.87 58.42
CA ASP D 519 33.19 -50.33 57.66
C ASP D 519 32.74 -49.46 56.49
N ARG D 520 31.75 -49.92 55.74
CA ARG D 520 31.41 -49.30 54.46
C ARG D 520 29.93 -48.96 54.32
N GLY D 521 29.08 -49.37 55.25
CA GLY D 521 27.66 -49.09 55.17
C GLY D 521 26.85 -50.30 54.78
N VAL D 522 25.52 -50.13 54.87
CA VAL D 522 24.60 -51.23 54.61
C VAL D 522 24.29 -51.38 53.11
N TRP D 523 24.61 -50.38 52.29
CA TRP D 523 24.41 -50.46 50.85
C TRP D 523 25.56 -51.13 50.11
N LYS D 524 26.56 -51.64 50.82
CA LYS D 524 27.68 -52.34 50.21
C LYS D 524 27.43 -53.84 50.25
N SER D 525 27.61 -54.52 49.10
CA SER D 525 27.35 -55.94 49.00
C SER D 525 28.35 -56.74 49.85
N PRO D 526 27.90 -57.73 50.60
CA PRO D 526 28.82 -58.57 51.41
C PRO D 526 29.42 -59.72 50.62
N ALA D 527 30.17 -59.38 49.57
CA ALA D 527 30.89 -60.35 48.76
C ALA D 527 32.26 -59.77 48.44
N ASN D 528 33.12 -60.63 47.86
CA ASN D 528 34.56 -60.36 47.65
C ASN D 528 35.24 -60.01 48.98
N ILE D 529 35.03 -60.88 49.98
CA ILE D 529 35.51 -60.69 51.35
C ILE D 529 35.95 -62.05 51.89
N GLY D 530 36.74 -62.01 52.96
CA GLY D 530 37.29 -63.21 53.54
C GLY D 530 36.63 -63.61 54.86
N LEU D 531 36.85 -64.87 55.25
CA LEU D 531 36.32 -65.41 56.49
C LEU D 531 37.46 -65.82 57.42
N ASN D 532 37.37 -65.44 58.69
CA ASN D 532 38.36 -65.79 59.69
C ASN D 532 38.04 -67.14 60.33
N TYR D 533 39.08 -67.79 60.88
CA TYR D 533 39.03 -69.11 61.56
C TYR D 533 38.64 -70.25 60.62
N VAL D 534 38.81 -70.09 59.31
CA VAL D 534 38.37 -71.07 58.33
C VAL D 534 39.59 -71.55 57.56
N SER D 535 39.77 -72.88 57.48
CA SER D 535 40.90 -73.43 56.75
C SER D 535 40.58 -73.61 55.27
N LYS D 536 39.42 -74.16 54.96
CA LYS D 536 39.01 -74.42 53.58
C LYS D 536 37.50 -74.65 53.54
N PRO D 537 36.87 -74.54 52.38
CA PRO D 537 35.53 -75.10 52.22
C PRO D 537 35.56 -76.62 52.24
N SER D 538 34.41 -77.21 52.55
CA SER D 538 34.33 -78.68 52.64
C SER D 538 34.22 -79.33 51.28
N VAL D 539 33.67 -78.63 50.29
CA VAL D 539 33.51 -79.13 48.93
C VAL D 539 34.16 -78.10 48.01
N THR D 540 34.80 -78.59 46.94
CA THR D 540 35.37 -77.73 45.92
C THR D 540 34.29 -77.41 44.88
N VAL D 541 34.12 -76.12 44.58
CA VAL D 541 33.18 -75.65 43.57
C VAL D 541 34.00 -74.91 42.51
N SER D 542 33.91 -75.37 41.27
CA SER D 542 34.69 -74.79 40.19
C SER D 542 33.96 -73.61 39.55
N HIS D 543 34.58 -73.05 38.52
CA HIS D 543 33.98 -71.95 37.77
C HIS D 543 32.73 -72.41 37.03
N GLU D 544 32.78 -73.60 36.44
CA GLU D 544 31.72 -74.07 35.56
C GLU D 544 30.46 -74.50 36.29
N GLU D 545 30.56 -74.99 37.52
CA GLU D 545 29.37 -75.40 38.26
C GLU D 545 28.78 -74.31 39.15
N GLN D 546 29.40 -73.12 39.22
CA GLN D 546 28.75 -72.00 39.89
C GLN D 546 27.76 -71.27 38.99
N GLU D 547 27.76 -71.57 37.68
CA GLU D 547 26.89 -70.86 36.74
C GLU D 547 25.42 -71.18 36.99
N SER D 548 25.09 -72.45 37.24
CA SER D 548 23.70 -72.78 37.55
C SER D 548 23.36 -72.51 39.01
N MET D 549 24.35 -72.19 39.84
CA MET D 549 24.08 -71.69 41.18
C MET D 549 23.66 -70.23 41.16
N ASN D 550 24.35 -69.40 40.36
CA ASN D 550 24.11 -67.96 40.41
C ASN D 550 22.88 -67.57 39.60
N VAL D 551 22.72 -68.14 38.40
CA VAL D 551 21.65 -67.80 37.48
C VAL D 551 20.89 -69.07 37.14
N HIS D 552 19.57 -69.05 37.32
CA HIS D 552 18.75 -70.24 37.16
C HIS D 552 17.36 -69.84 36.67
N GLY D 553 16.64 -70.80 36.09
CA GLY D 553 15.33 -70.53 35.54
C GLY D 553 14.25 -70.34 36.61
N THR D 554 14.44 -70.94 37.79
CA THR D 554 13.52 -70.70 38.89
C THR D 554 13.75 -69.34 39.52
N GLY D 555 14.96 -68.78 39.37
CA GLY D 555 15.34 -67.58 40.06
C GLY D 555 15.87 -67.78 41.47
N LYS D 556 15.98 -69.02 41.94
CA LYS D 556 16.44 -69.31 43.29
C LYS D 556 17.96 -69.48 43.29
N SER D 557 18.66 -68.40 43.65
CA SER D 557 20.11 -68.36 43.57
C SER D 557 20.76 -68.81 44.88
N VAL D 558 21.90 -69.47 44.76
CA VAL D 558 22.68 -69.93 45.91
C VAL D 558 24.08 -69.33 45.81
N ASN D 559 24.53 -68.71 46.90
CA ASN D 559 25.84 -68.07 46.93
C ASN D 559 26.92 -69.08 47.33
N ALA D 560 28.05 -69.02 46.63
CA ALA D 560 29.11 -70.02 46.75
C ALA D 560 30.31 -69.50 47.54
N ILE D 561 30.88 -70.37 48.37
CA ILE D 561 32.14 -70.10 49.06
C ILE D 561 33.25 -70.83 48.32
N ARG D 562 34.26 -70.10 47.85
CA ARG D 562 35.26 -70.65 46.96
C ARG D 562 36.67 -70.27 47.40
N SER D 563 37.65 -70.94 46.79
CA SER D 563 39.07 -70.69 47.03
C SER D 563 39.72 -70.23 45.72
N PHE D 564 40.67 -69.31 45.83
CA PHE D 564 41.40 -68.76 44.70
C PHE D 564 42.87 -68.72 45.02
N VAL D 565 43.72 -69.01 44.04
CA VAL D 565 45.16 -69.06 44.25
C VAL D 565 45.69 -67.65 44.50
N GLY D 566 46.37 -67.47 45.63
CA GLY D 566 46.91 -66.20 46.02
C GLY D 566 45.98 -65.33 46.84
N LYS D 567 44.76 -65.79 47.12
CA LYS D 567 43.75 -64.99 47.76
C LYS D 567 43.04 -65.65 48.92
N GLY D 568 43.07 -66.98 49.02
CA GLY D 568 42.41 -67.68 50.10
C GLY D 568 40.93 -67.94 49.84
N THR D 569 40.23 -68.24 50.93
CA THR D 569 38.81 -68.57 50.88
C THR D 569 37.97 -67.30 50.95
N LEU D 570 37.06 -67.13 49.99
CA LEU D 570 36.26 -65.93 49.89
C LEU D 570 34.78 -66.26 49.74
N VAL D 571 33.95 -65.27 50.06
CA VAL D 571 32.53 -65.30 49.70
C VAL D 571 32.39 -64.73 48.30
N TRP D 572 31.78 -65.50 47.40
CA TRP D 572 31.65 -65.12 46.00
C TRP D 572 30.20 -65.29 45.57
N GLY D 573 29.38 -64.29 45.83
CA GLY D 573 27.96 -64.27 45.54
C GLY D 573 27.20 -63.38 46.52
N ALA D 574 26.29 -62.57 45.98
CA ALA D 574 25.53 -61.62 46.81
C ALA D 574 24.08 -61.49 46.34
N ARG D 575 23.40 -62.60 46.10
CA ARG D 575 22.02 -62.55 45.64
C ARG D 575 21.05 -63.08 46.70
N THR D 576 19.79 -62.65 46.60
CA THR D 576 18.69 -63.23 47.36
C THR D 576 18.06 -64.39 46.58
N LEU D 577 17.01 -64.98 47.16
CA LEU D 577 16.27 -66.07 46.53
C LEU D 577 15.21 -65.60 45.53
N ALA D 578 15.20 -64.31 45.20
CA ALA D 578 14.37 -63.74 44.15
C ALA D 578 15.31 -63.18 43.07
N GLY D 579 16.25 -64.01 42.64
CA GLY D 579 17.40 -63.66 41.83
C GLY D 579 17.13 -63.24 40.39
N ASN D 580 15.90 -63.30 39.89
CA ASN D 580 15.57 -62.75 38.58
C ASN D 580 14.69 -61.50 38.68
N ASP D 581 14.60 -60.88 39.85
CA ASP D 581 13.79 -59.68 40.09
C ASP D 581 14.64 -58.44 39.87
N ASN D 582 14.14 -57.49 39.08
CA ASN D 582 14.93 -56.29 38.80
C ASN D 582 14.91 -55.31 39.98
N GLU D 583 13.99 -55.51 40.93
CA GLU D 583 13.97 -54.64 42.10
C GLU D 583 14.68 -55.28 43.29
N TRP D 584 14.61 -56.61 43.43
CA TRP D 584 14.95 -57.25 44.69
C TRP D 584 15.96 -58.38 44.57
N ARG D 585 16.89 -58.35 43.62
CA ARG D 585 17.79 -59.50 43.47
C ARG D 585 19.05 -59.37 44.32
N TYR D 586 19.39 -58.19 44.80
CA TYR D 586 20.62 -57.99 45.56
C TYR D 586 20.31 -57.84 47.05
N ILE D 587 21.19 -58.41 47.87
CA ILE D 587 21.02 -58.41 49.32
C ILE D 587 21.10 -56.99 49.88
N SER D 588 22.00 -56.18 49.33
CA SER D 588 22.26 -54.86 49.90
C SER D 588 21.14 -53.87 49.58
N VAL D 589 20.45 -54.06 48.46
CA VAL D 589 19.30 -53.22 48.13
C VAL D 589 18.14 -53.49 49.08
N ARG D 590 17.86 -54.78 49.33
CA ARG D 590 16.79 -55.18 50.24
C ARG D 590 17.05 -54.72 51.69
N ARG D 591 18.30 -54.78 52.13
CA ARG D 591 18.58 -54.43 53.51
C ARG D 591 18.67 -52.92 53.72
N PHE D 592 18.92 -52.15 52.65
CA PHE D 592 18.85 -50.70 52.76
C PHE D 592 17.40 -50.22 52.80
N PHE D 593 16.50 -50.88 52.06
CA PHE D 593 15.08 -50.56 52.16
C PHE D 593 14.49 -50.92 53.52
N ASN D 594 15.02 -51.97 54.16
CA ASN D 594 14.57 -52.32 55.49
C ASN D 594 14.98 -51.27 56.52
N MET D 595 16.16 -50.66 56.33
CA MET D 595 16.62 -49.63 57.25
C MET D 595 15.84 -48.33 57.07
N ALA D 596 15.70 -47.89 55.82
CA ALA D 596 15.13 -46.58 55.54
C ALA D 596 13.64 -46.51 55.85
N GLU D 597 12.91 -47.62 55.65
CA GLU D 597 11.47 -47.61 55.87
C GLU D 597 11.14 -47.61 57.36
N GLU D 598 11.94 -48.31 58.16
CA GLU D 598 11.67 -48.36 59.60
C GLU D 598 12.02 -47.04 60.29
N SER D 599 13.09 -46.38 59.84
CA SER D 599 13.49 -45.11 60.44
C SER D 599 12.47 -44.01 60.16
N ILE D 600 11.88 -44.02 58.97
CA ILE D 600 10.88 -43.03 58.61
C ILE D 600 9.56 -43.31 59.34
N LYS D 601 9.23 -44.59 59.54
CA LYS D 601 7.98 -44.97 60.19
C LYS D 601 7.96 -44.57 61.66
N LYS D 602 9.10 -44.73 62.36
CA LYS D 602 9.17 -44.34 63.75
C LYS D 602 9.11 -42.83 63.94
N ALA D 603 9.66 -42.07 62.99
CA ALA D 603 9.65 -40.62 63.10
C ALA D 603 8.29 -40.02 62.79
N THR D 604 7.38 -40.80 62.20
CA THR D 604 6.08 -40.33 61.72
C THR D 604 4.97 -40.48 62.77
N GLU D 605 5.17 -41.22 63.86
CA GLU D 605 4.08 -41.40 64.82
C GLU D 605 3.78 -40.16 65.65
N GLN D 606 4.62 -39.13 65.57
CA GLN D 606 4.29 -37.88 66.26
C GLN D 606 3.26 -37.05 65.49
N PHE D 607 2.84 -37.51 64.30
CA PHE D 607 1.92 -36.78 63.43
C PHE D 607 0.53 -37.42 63.31
N VAL D 608 0.18 -38.39 64.16
CA VAL D 608 -0.97 -39.26 63.88
C VAL D 608 -2.31 -38.52 63.99
N PHE D 609 -2.54 -37.79 65.08
CA PHE D 609 -3.80 -37.06 65.23
C PHE D 609 -3.64 -35.56 65.00
N GLU D 610 -2.65 -35.17 64.20
CA GLU D 610 -2.39 -33.77 63.88
C GLU D 610 -3.43 -33.26 62.87
N PRO D 611 -3.57 -31.94 62.71
CA PRO D 611 -4.42 -31.41 61.64
C PRO D 611 -3.89 -31.76 60.25
N ASN D 612 -4.78 -32.27 59.41
CA ASN D 612 -4.44 -32.75 58.07
C ASN D 612 -4.62 -31.63 57.06
N ASP D 613 -3.74 -30.62 57.15
CA ASP D 613 -3.85 -29.42 56.31
C ASP D 613 -2.47 -29.06 55.76
N GLY D 614 -2.40 -27.90 55.11
CA GLY D 614 -1.20 -27.51 54.37
C GLY D 614 -0.01 -27.19 55.24
N ASN D 615 -0.25 -26.84 56.50
CA ASN D 615 0.85 -26.57 57.43
C ASN D 615 1.57 -27.86 57.82
N THR D 616 0.82 -28.95 57.96
CA THR D 616 1.42 -30.24 58.29
C THR D 616 2.17 -30.83 57.10
N TRP D 617 1.64 -30.66 55.88
CA TRP D 617 2.22 -31.30 54.70
C TRP D 617 3.57 -30.70 54.32
N VAL D 618 3.79 -29.43 54.68
CA VAL D 618 5.08 -28.80 54.41
C VAL D 618 6.17 -29.34 55.34
N ARG D 619 5.81 -29.57 56.61
CA ARG D 619 6.81 -30.04 57.57
C ARG D 619 7.07 -31.54 57.43
N VAL D 620 6.07 -32.30 56.99
CA VAL D 620 6.26 -33.73 56.76
C VAL D 620 7.19 -33.97 55.57
N ARG D 621 7.02 -33.17 54.51
CA ARG D 621 7.85 -33.30 53.32
C ARG D 621 9.31 -32.92 53.61
N ALA D 622 9.52 -31.91 54.44
CA ALA D 622 10.88 -31.43 54.70
C ALA D 622 11.63 -32.36 55.66
N MET D 623 10.91 -33.08 56.53
CA MET D 623 11.56 -34.04 57.42
C MET D 623 12.11 -35.24 56.63
N ILE D 624 11.35 -35.72 55.66
CA ILE D 624 11.78 -36.88 54.87
C ILE D 624 12.86 -36.48 53.88
N GLU D 625 12.79 -35.25 53.35
CA GLU D 625 13.75 -34.78 52.36
C GLU D 625 15.12 -34.53 52.99
N ASN D 626 15.15 -34.06 54.24
CA ASN D 626 16.43 -33.82 54.92
C ASN D 626 17.14 -35.14 55.24
N PHE D 627 16.38 -36.19 55.49
CA PHE D 627 16.96 -37.50 55.78
C PHE D 627 17.57 -38.13 54.53
N LEU D 628 16.89 -38.00 53.38
CA LEU D 628 17.37 -38.66 52.16
C LEU D 628 18.53 -37.91 51.53
N ILE D 629 18.69 -36.62 51.85
CA ILE D 629 19.82 -35.85 51.36
C ILE D 629 21.12 -36.31 52.00
N LEU D 630 21.06 -36.75 53.26
CA LEU D 630 22.24 -37.32 53.91
C LEU D 630 22.60 -38.68 53.31
N GLN D 631 21.61 -39.46 52.86
CA GLN D 631 21.90 -40.76 52.26
C GLN D 631 22.52 -40.60 50.88
N TRP D 632 22.12 -39.57 50.14
CA TRP D 632 22.73 -39.28 48.85
C TRP D 632 24.18 -38.83 49.00
N ARG D 633 24.50 -38.08 50.06
CA ARG D 633 25.85 -37.56 50.21
C ARG D 633 26.81 -38.64 50.70
N ALA D 634 26.29 -39.65 51.41
CA ALA D 634 27.14 -40.76 51.84
C ALA D 634 27.39 -41.78 50.74
N GLY D 635 26.69 -41.72 49.62
CA GLY D 635 26.91 -42.61 48.51
C GLY D 635 25.90 -43.73 48.33
N ALA D 636 24.80 -43.73 49.08
CA ALA D 636 23.82 -44.81 48.96
C ALA D 636 22.87 -44.58 47.79
N LEU D 637 22.70 -43.34 47.36
CA LEU D 637 21.84 -43.01 46.24
C LEU D 637 22.67 -42.43 45.10
N ALA D 638 22.43 -42.91 43.89
CA ALA D 638 23.18 -42.51 42.70
C ALA D 638 22.52 -41.29 42.06
N GLY D 639 23.34 -40.28 41.75
CA GLY D 639 22.83 -39.11 41.08
C GLY D 639 23.84 -37.98 41.13
N ALA D 640 23.81 -37.16 40.08
CA ALA D 640 24.69 -35.99 40.04
C ALA D 640 24.10 -34.83 40.83
N LYS D 641 22.79 -34.84 41.05
CA LYS D 641 22.08 -33.79 41.76
C LYS D 641 20.95 -34.44 42.57
N PRO D 642 20.43 -33.78 43.61
CA PRO D 642 19.45 -34.46 44.49
C PRO D 642 18.13 -34.84 43.84
N GLU D 643 17.68 -34.14 42.80
CA GLU D 643 16.39 -34.47 42.20
C GLU D 643 16.52 -35.64 41.24
N HIS D 644 17.74 -36.08 40.95
CA HIS D 644 17.93 -37.32 40.20
C HIS D 644 17.87 -38.53 41.12
N ALA D 645 18.00 -38.31 42.43
CA ALA D 645 18.16 -39.43 43.35
C ALA D 645 16.84 -39.83 44.00
N PHE D 646 15.94 -38.87 44.26
CA PHE D 646 14.71 -39.19 44.97
C PHE D 646 13.63 -38.16 44.61
N TYR D 647 12.41 -38.43 45.09
CA TYR D 647 11.32 -37.47 45.10
C TYR D 647 10.40 -37.77 46.28
N VAL D 648 9.69 -36.74 46.76
CA VAL D 648 8.71 -36.85 47.83
C VAL D 648 7.48 -36.01 47.44
N LYS D 649 6.29 -36.62 47.51
CA LYS D 649 5.03 -35.95 47.17
C LYS D 649 4.00 -36.19 48.26
N VAL D 650 3.36 -35.11 48.73
CA VAL D 650 2.24 -35.20 49.67
C VAL D 650 1.39 -33.93 49.54
N GLY D 651 0.08 -34.07 49.48
CA GLY D 651 -0.80 -32.91 49.47
C GLY D 651 -2.12 -33.21 48.79
N LEU D 652 -3.04 -32.26 48.95
CA LEU D 652 -4.35 -32.30 48.29
C LEU D 652 -4.19 -31.90 46.83
N GLY D 653 -4.73 -32.72 45.94
CA GLY D 653 -4.51 -32.54 44.51
C GLY D 653 -3.23 -33.14 43.99
N GLN D 654 -2.40 -33.73 44.85
CA GLN D 654 -1.19 -34.44 44.43
C GLN D 654 -1.25 -35.91 44.79
N THR D 655 -1.57 -36.24 46.04
CA THR D 655 -1.72 -37.63 46.47
C THR D 655 -3.09 -37.93 47.07
N MET D 656 -3.94 -36.92 47.29
CA MET D 656 -5.16 -37.07 48.07
C MET D 656 -6.33 -36.37 47.39
N THR D 657 -7.54 -36.85 47.66
CA THR D 657 -8.78 -36.18 47.30
C THR D 657 -9.43 -35.57 48.53
N ALA D 658 -10.50 -34.80 48.29
CA ALA D 658 -11.23 -34.19 49.40
C ALA D 658 -12.03 -35.24 50.18
N GLN D 659 -12.47 -36.29 49.49
CA GLN D 659 -13.10 -37.42 50.17
C GLN D 659 -12.10 -38.16 51.06
N ASP D 660 -10.82 -38.14 50.70
CA ASP D 660 -9.79 -38.77 51.53
C ASP D 660 -9.59 -38.02 52.85
N ILE D 661 -9.75 -36.69 52.82
CA ILE D 661 -9.57 -35.87 54.02
C ILE D 661 -10.66 -36.15 55.04
N LEU D 662 -11.91 -36.30 54.57
CA LEU D 662 -13.02 -36.57 55.48
C LEU D 662 -12.90 -37.94 56.15
N GLU D 663 -12.29 -38.91 55.47
CA GLU D 663 -12.07 -40.22 56.07
C GLU D 663 -10.89 -40.27 57.02
N GLY D 664 -10.01 -39.27 57.00
CA GLY D 664 -8.85 -39.26 57.86
C GLY D 664 -7.58 -39.87 57.28
N ASN D 665 -7.40 -39.82 55.96
CA ASN D 665 -6.25 -40.42 55.30
C ASN D 665 -5.27 -39.34 54.86
N MET D 666 -3.97 -39.62 55.03
CA MET D 666 -2.89 -38.81 54.49
C MET D 666 -1.91 -39.73 53.76
N ASN D 667 -1.68 -39.46 52.47
CA ASN D 667 -0.86 -40.30 51.61
C ASN D 667 0.46 -39.61 51.29
N VAL D 668 1.57 -40.32 51.49
CA VAL D 668 2.91 -39.85 51.16
C VAL D 668 3.55 -40.84 50.19
N GLU D 669 4.12 -40.33 49.10
CA GLU D 669 4.74 -41.14 48.05
C GLU D 669 6.23 -40.83 47.95
N ILE D 670 7.06 -41.88 47.95
CA ILE D 670 8.52 -41.76 48.03
C ILE D 670 9.13 -42.71 46.98
N GLY D 671 9.95 -42.15 46.08
CA GLY D 671 10.69 -42.94 45.11
C GLY D 671 12.20 -42.84 45.24
N LEU D 672 12.92 -43.96 45.11
CA LEU D 672 14.34 -44.01 45.41
C LEU D 672 15.13 -44.62 44.25
N ALA D 673 16.40 -44.22 44.14
CA ALA D 673 17.34 -44.74 43.15
C ALA D 673 18.59 -45.22 43.88
N VAL D 674 18.63 -46.50 44.22
CA VAL D 674 19.66 -47.08 45.08
C VAL D 674 20.76 -47.68 44.21
N VAL D 675 22.02 -47.56 44.67
CA VAL D 675 23.18 -48.00 43.90
C VAL D 675 23.28 -49.53 43.87
N ARG D 676 23.56 -50.07 42.68
CA ARG D 676 23.70 -51.49 42.45
C ARG D 676 25.17 -51.91 42.39
N PRO D 677 25.48 -53.16 42.70
CA PRO D 677 26.88 -53.61 42.56
C PRO D 677 27.28 -53.87 41.12
N ALA D 678 28.60 -53.95 40.91
CA ALA D 678 29.19 -54.26 39.60
C ALA D 678 29.62 -55.73 39.61
N GLU D 679 28.72 -56.58 39.11
CA GLU D 679 28.90 -58.03 39.24
C GLU D 679 29.72 -58.60 38.09
N PHE D 680 29.54 -58.11 36.88
CA PHE D 680 30.28 -58.57 35.71
C PHE D 680 30.98 -57.38 35.06
N ILE D 681 32.29 -57.49 34.87
CA ILE D 681 33.10 -56.44 34.25
C ILE D 681 33.64 -56.98 32.93
N ILE D 682 33.31 -56.30 31.83
CA ILE D 682 33.57 -56.78 30.48
C ILE D 682 34.54 -55.81 29.80
N LEU D 683 35.76 -56.28 29.52
CA LEU D 683 36.77 -55.48 28.84
C LEU D 683 36.75 -55.77 27.34
N LYS D 684 36.59 -54.72 26.53
CA LYS D 684 36.47 -54.84 25.08
C LYS D 684 37.66 -54.18 24.39
N PHE D 685 38.51 -55.00 23.76
CA PHE D 685 39.75 -54.54 23.14
C PHE D 685 39.60 -54.49 21.62
N SER D 686 40.23 -53.48 21.00
CA SER D 686 40.18 -53.30 19.57
C SER D 686 41.39 -52.50 19.09
N HIS D 687 41.68 -52.64 17.79
CA HIS D 687 42.74 -51.89 17.13
C HIS D 687 42.22 -50.54 16.66
N LYS D 688 43.05 -49.51 16.73
CA LYS D 688 42.73 -48.22 16.13
C LYS D 688 43.82 -47.83 15.12
N MET D 689 43.42 -47.05 14.12
CA MET D 689 44.32 -46.69 13.04
C MET D 689 45.38 -45.70 13.50
N GLN D 690 46.58 -45.82 12.93
CA GLN D 690 47.71 -44.97 13.28
C GLN D 690 47.54 -43.56 12.74
N ALA E 2 29.28 -64.32 25.15
CA ALA E 2 28.36 -63.20 25.18
C ALA E 2 27.40 -63.29 26.37
N THR E 3 27.36 -64.46 27.00
CA THR E 3 26.51 -64.72 28.16
C THR E 3 27.39 -65.01 29.36
N TYR E 4 27.16 -64.31 30.46
CA TYR E 4 27.97 -64.44 31.67
C TYR E 4 27.07 -64.72 32.87
N LYS E 5 27.38 -65.80 33.59
CA LYS E 5 26.64 -66.22 34.76
C LYS E 5 27.45 -66.21 36.05
N THR E 6 28.74 -66.56 36.00
CA THR E 6 29.52 -66.46 37.21
C THR E 6 30.25 -65.12 37.28
N PRO E 7 30.37 -64.55 38.49
CA PRO E 7 30.97 -63.22 38.64
C PRO E 7 32.47 -63.20 38.35
N GLY E 8 32.92 -62.10 37.77
CA GLY E 8 34.34 -61.89 37.53
C GLY E 8 34.57 -60.88 36.42
N VAL E 9 35.76 -60.96 35.84
CA VAL E 9 36.21 -60.11 34.74
C VAL E 9 36.33 -60.96 33.48
N TYR E 10 35.94 -60.41 32.34
CA TYR E 10 35.99 -61.12 31.07
C TYR E 10 36.64 -60.24 30.01
N ILE E 11 37.17 -60.89 28.97
CA ILE E 11 37.91 -60.24 27.90
C ILE E 11 37.25 -60.57 26.57
N GLU E 12 36.95 -59.54 25.78
CA GLU E 12 36.35 -59.67 24.45
C GLU E 12 37.23 -58.95 23.44
N GLU E 13 37.36 -59.54 22.25
CA GLU E 13 38.07 -58.90 21.14
C GLU E 13 37.09 -58.61 20.01
N ILE E 14 37.14 -57.40 19.46
CA ILE E 14 36.24 -56.94 18.41
C ILE E 14 37.04 -56.74 17.14
N THR E 15 36.53 -57.27 16.03
CA THR E 15 37.19 -57.24 14.73
C THR E 15 36.75 -56.02 13.93
N LYS E 16 37.70 -55.18 13.53
CA LYS E 16 37.39 -53.97 12.78
C LYS E 16 38.08 -53.89 11.43
N PHE E 17 39.36 -54.26 11.34
CA PHE E 17 40.10 -54.06 10.10
C PHE E 17 39.71 -55.13 9.07
N PRO E 18 39.65 -54.79 7.79
CA PRO E 18 39.46 -55.83 6.76
C PRO E 18 40.73 -56.61 6.52
N PRO E 19 40.62 -57.83 5.99
CA PRO E 19 41.83 -58.55 5.54
C PRO E 19 42.34 -58.00 4.21
N SER E 20 43.47 -58.52 3.77
CA SER E 20 44.10 -58.07 2.53
C SER E 20 44.15 -59.20 1.51
N VAL E 21 44.16 -58.82 0.24
CA VAL E 21 44.22 -59.74 -0.89
C VAL E 21 45.67 -60.08 -1.20
N ALA E 22 45.94 -61.34 -1.55
CA ALA E 22 47.27 -61.82 -1.91
C ALA E 22 47.32 -62.10 -3.41
N GLN E 23 48.31 -61.51 -4.08
CA GLN E 23 48.38 -61.55 -5.55
C GLN E 23 48.96 -62.85 -6.06
N VAL E 24 48.41 -63.36 -7.17
CA VAL E 24 48.80 -64.64 -7.75
C VAL E 24 49.83 -64.41 -8.85
N GLU E 25 50.55 -65.49 -9.21
CA GLU E 25 51.50 -65.46 -10.30
C GLU E 25 50.78 -65.31 -11.65
N THR E 26 51.47 -64.71 -12.63
CA THR E 26 50.83 -64.39 -13.90
C THR E 26 51.35 -65.20 -15.09
N ALA E 27 52.59 -65.68 -15.08
CA ALA E 27 53.14 -66.40 -16.23
C ALA E 27 53.85 -67.68 -15.78
N ILE E 28 53.09 -68.75 -15.64
CA ILE E 28 53.61 -70.10 -15.42
C ILE E 28 53.07 -70.98 -16.55
N PRO E 29 53.89 -71.38 -17.51
CA PRO E 29 53.40 -72.24 -18.60
C PRO E 29 53.47 -73.73 -18.29
N ALA E 30 52.82 -74.50 -19.15
CA ALA E 30 52.85 -75.96 -19.09
C ALA E 30 53.16 -76.52 -20.48
N PHE E 31 54.15 -77.40 -20.55
CA PHE E 31 54.59 -78.01 -21.80
C PHE E 31 54.14 -79.47 -21.83
N ILE E 32 53.46 -79.86 -22.91
CA ILE E 32 52.81 -81.17 -23.03
C ILE E 32 53.34 -81.84 -24.29
N GLY E 33 54.08 -82.95 -24.12
CA GLY E 33 54.65 -83.65 -25.25
C GLY E 33 55.52 -84.81 -24.81
N TYR E 34 56.34 -85.29 -25.75
CA TYR E 34 57.14 -86.51 -25.56
C TYR E 34 58.52 -86.20 -25.02
N THR E 35 59.02 -87.07 -24.15
CA THR E 35 60.37 -86.93 -23.57
C THR E 35 61.18 -88.19 -23.82
N GLN E 36 62.42 -88.19 -23.33
CA GLN E 36 63.29 -89.35 -23.51
C GLN E 36 63.01 -90.45 -22.49
N PHE E 37 63.01 -90.14 -21.17
CA PHE E 37 62.65 -91.22 -20.26
C PHE E 37 61.63 -90.94 -19.15
N ALA E 38 61.59 -89.74 -18.55
CA ALA E 38 60.62 -89.34 -17.50
C ALA E 38 60.70 -90.23 -16.25
N ARG E 39 61.79 -90.08 -15.50
CA ARG E 39 62.03 -90.89 -14.30
C ARG E 39 62.11 -90.02 -13.04
N THR E 40 61.57 -90.53 -11.92
CA THR E 40 61.70 -89.83 -10.65
C THR E 40 63.09 -90.01 -10.05
N LYS E 41 63.63 -91.23 -10.11
CA LYS E 41 64.99 -91.51 -9.70
C LYS E 41 65.81 -91.81 -10.94
N PRO E 42 66.82 -90.98 -11.27
CA PRO E 42 67.49 -91.12 -12.57
C PRO E 42 68.33 -92.38 -12.73
N SER E 43 68.75 -92.99 -11.63
CA SER E 43 69.55 -94.21 -11.75
C SER E 43 68.66 -95.43 -11.99
N VAL E 44 67.51 -95.51 -11.33
CA VAL E 44 66.60 -96.63 -11.46
C VAL E 44 65.76 -96.45 -12.73
N ASP E 45 65.75 -97.47 -13.58
CA ASP E 45 65.17 -97.40 -14.93
C ASP E 45 63.68 -97.74 -14.88
N SER E 46 62.86 -96.74 -14.56
CA SER E 46 61.42 -96.93 -14.53
C SER E 46 60.73 -95.60 -14.86
N ASP E 47 59.88 -95.62 -15.87
CA ASP E 47 59.17 -94.41 -16.32
C ASP E 47 57.90 -94.26 -15.52
N ASP E 48 58.03 -93.76 -14.28
CA ASP E 48 56.87 -93.52 -13.44
C ASP E 48 56.38 -92.08 -13.45
N LEU E 49 56.93 -91.24 -14.33
CA LEU E 49 56.47 -89.87 -14.50
C LEU E 49 55.71 -89.66 -15.80
N ILE E 50 54.99 -90.68 -16.28
CA ILE E 50 54.45 -90.65 -17.65
C ILE E 50 53.35 -89.60 -17.78
N LEU E 51 52.31 -89.67 -16.95
CA LEU E 51 51.25 -88.67 -17.00
C LEU E 51 51.07 -87.93 -15.68
N LYS E 52 52.18 -87.53 -15.04
CA LYS E 52 52.16 -86.77 -13.80
C LYS E 52 52.79 -85.41 -14.02
N PRO E 53 52.09 -84.31 -13.70
CA PRO E 53 52.71 -82.99 -13.84
C PRO E 53 53.76 -82.73 -12.77
N LYS E 54 54.90 -82.17 -13.20
CA LYS E 54 56.03 -81.89 -12.33
C LYS E 54 56.55 -80.48 -12.57
N ARG E 55 56.86 -79.78 -11.49
CA ARG E 55 57.36 -78.41 -11.55
C ARG E 55 58.88 -78.38 -11.49
N ILE E 56 59.50 -77.84 -12.54
CA ILE E 56 60.96 -77.71 -12.64
C ILE E 56 61.31 -76.23 -12.61
N SER E 57 62.62 -75.94 -12.58
CA SER E 57 63.07 -74.56 -12.42
C SER E 57 64.13 -74.13 -13.42
N SER E 58 64.81 -75.05 -14.09
CA SER E 58 65.86 -74.69 -15.02
C SER E 58 66.00 -75.79 -16.06
N LEU E 59 66.90 -75.57 -17.02
CA LEU E 59 67.17 -76.57 -18.04
C LEU E 59 67.94 -77.76 -17.47
N LEU E 60 68.72 -77.53 -16.40
CA LEU E 60 69.45 -78.63 -15.78
C LEU E 60 68.52 -79.54 -15.00
N ASP E 61 67.41 -78.99 -14.48
CA ASP E 61 66.40 -79.83 -13.85
C ASP E 61 65.67 -80.70 -14.85
N PHE E 62 65.54 -80.24 -16.10
CA PHE E 62 64.81 -81.02 -17.09
C PHE E 62 65.59 -82.26 -17.53
N THR E 63 66.90 -82.11 -17.76
CA THR E 63 67.68 -83.23 -18.29
C THR E 63 67.95 -84.28 -17.22
N THR E 64 67.83 -83.90 -15.95
CA THR E 64 67.95 -84.85 -14.85
C THR E 64 66.81 -85.86 -14.87
N TYR E 65 65.58 -85.38 -15.02
CA TYR E 65 64.41 -86.24 -14.94
C TYR E 65 63.93 -86.72 -16.30
N TYR E 66 64.21 -85.98 -17.39
CA TYR E 66 63.62 -86.29 -18.68
C TYR E 66 64.63 -86.53 -19.79
N GLY E 67 65.86 -86.04 -19.69
CA GLY E 67 66.87 -86.28 -20.71
C GLY E 67 66.94 -85.18 -21.75
N GLY E 68 67.47 -85.55 -22.91
CA GLY E 68 67.65 -84.60 -24.01
C GLY E 68 66.90 -84.95 -25.29
N ALA E 69 67.41 -84.52 -26.43
CA ALA E 69 66.77 -84.72 -27.72
C ALA E 69 67.14 -86.09 -28.30
N GLN E 70 66.51 -86.42 -29.42
CA GLN E 70 66.78 -87.65 -30.15
C GLN E 70 67.83 -87.42 -31.22
N ASN E 71 68.73 -88.38 -31.36
CA ASN E 71 69.75 -88.33 -32.40
C ASN E 71 69.13 -88.44 -33.79
N GLU E 72 69.60 -87.59 -34.71
CA GLU E 72 69.07 -87.61 -36.06
C GLU E 72 69.63 -88.78 -36.84
N GLN E 73 68.80 -89.33 -37.74
CA GLN E 73 69.17 -90.49 -38.54
C GLN E 73 69.30 -90.20 -40.02
N GLY E 74 69.10 -88.95 -40.46
CA GLY E 74 69.11 -88.61 -41.86
C GLY E 74 70.31 -87.82 -42.38
N ILE E 75 71.48 -87.98 -41.76
CA ILE E 75 72.69 -87.21 -42.19
C ILE E 75 73.60 -88.09 -43.04
N THR E 76 74.05 -87.58 -44.20
CA THR E 76 74.95 -88.28 -45.10
C THR E 76 76.16 -87.41 -45.42
N VAL E 77 77.33 -88.04 -45.55
CA VAL E 77 78.58 -87.36 -45.83
C VAL E 77 79.19 -87.95 -47.09
N LYS E 78 79.63 -87.08 -48.00
CA LYS E 78 80.21 -87.47 -49.29
C LYS E 78 81.61 -86.87 -49.41
N LEU E 79 82.57 -87.68 -49.88
CA LEU E 79 83.93 -87.25 -50.12
C LEU E 79 84.34 -87.55 -51.56
N THR E 80 85.00 -86.61 -52.22
CA THR E 80 85.42 -86.76 -53.60
C THR E 80 86.82 -86.19 -53.79
N ASP E 81 87.72 -87.01 -54.35
CA ASP E 81 89.08 -86.59 -54.71
C ASP E 81 89.16 -86.44 -56.22
N THR E 82 89.74 -85.32 -56.68
CA THR E 82 89.76 -84.96 -58.08
C THR E 82 91.15 -84.44 -58.41
N LEU E 83 91.49 -84.45 -59.71
CA LEU E 83 92.71 -83.84 -60.21
C LEU E 83 92.36 -82.81 -61.27
N ILE E 84 92.78 -81.57 -61.07
CA ILE E 84 92.51 -80.46 -61.98
C ILE E 84 93.85 -79.93 -62.47
N GLU E 85 94.20 -80.29 -63.71
CA GLU E 85 95.48 -80.01 -64.39
C GLU E 85 96.69 -80.25 -63.48
N GLY E 86 96.71 -81.40 -62.82
CA GLY E 86 97.81 -81.78 -61.95
C GLY E 86 97.74 -81.26 -60.54
N ALA E 87 96.64 -80.58 -60.17
CA ALA E 87 96.48 -80.05 -58.82
C ALA E 87 95.34 -80.79 -58.13
N GLU E 88 95.54 -81.10 -56.85
CA GLU E 88 94.55 -81.87 -56.11
C GLU E 88 93.38 -80.99 -55.69
N ASN E 89 92.18 -81.58 -55.65
CA ASN E 89 90.97 -80.91 -55.20
C ASN E 89 90.13 -81.90 -54.41
N ARG E 90 89.75 -81.52 -53.19
CA ARG E 90 88.92 -82.33 -52.32
C ARG E 90 87.60 -81.62 -52.07
N THR E 91 86.49 -82.35 -52.22
CA THR E 91 85.15 -81.81 -52.06
C THR E 91 84.44 -82.56 -50.94
N ILE E 92 83.85 -81.82 -50.00
CA ILE E 92 83.05 -82.39 -48.91
C ILE E 92 81.63 -81.85 -49.04
N ASN E 93 80.66 -82.76 -49.12
CA ASN E 93 79.26 -82.41 -49.36
C ASN E 93 78.38 -83.01 -48.27
N VAL E 94 77.80 -82.15 -47.44
CA VAL E 94 76.79 -82.56 -46.47
C VAL E 94 75.50 -81.78 -46.77
N PRO E 95 74.52 -82.39 -47.40
CA PRO E 95 73.25 -81.70 -47.64
C PRO E 95 72.41 -81.62 -46.37
N GLU E 96 71.48 -80.66 -46.37
CA GLU E 96 70.55 -80.57 -45.26
C GLU E 96 69.55 -81.73 -45.33
N PRO E 97 69.23 -82.35 -44.20
CA PRO E 97 68.40 -83.56 -44.23
C PRO E 97 66.94 -83.27 -44.54
N THR E 98 66.37 -84.12 -45.39
CA THR E 98 64.95 -84.02 -45.73
C THR E 98 64.05 -84.81 -44.79
N PHE E 99 64.61 -85.70 -43.98
CA PHE E 99 63.85 -86.46 -42.98
C PHE E 99 64.39 -86.11 -41.61
N LYS E 100 63.56 -85.48 -40.79
CA LYS E 100 63.95 -85.01 -39.47
C LYS E 100 63.16 -85.76 -38.40
N SER E 101 63.61 -85.64 -37.16
CA SER E 101 62.88 -86.21 -36.03
C SER E 101 61.66 -85.34 -35.71
N PRO E 102 60.52 -85.93 -35.35
CA PRO E 102 59.33 -85.12 -35.11
C PRO E 102 59.23 -84.53 -33.71
N TYR E 103 60.23 -84.75 -32.87
CA TYR E 103 60.20 -84.34 -31.47
C TYR E 103 60.90 -83.00 -31.32
N LEU E 104 60.25 -82.05 -30.64
CA LEU E 104 60.73 -80.67 -30.58
C LEU E 104 60.74 -80.10 -29.17
N MET E 105 60.58 -80.93 -28.14
CA MET E 105 60.35 -80.42 -26.79
C MET E 105 61.62 -79.87 -26.16
N PHE E 106 62.74 -80.58 -26.32
CA PHE E 106 64.00 -80.13 -25.75
C PHE E 106 64.51 -78.86 -26.41
N TYR E 107 64.24 -78.71 -27.71
CA TYR E 107 64.64 -77.48 -28.42
C TYR E 107 63.80 -76.29 -27.97
N SER E 108 62.51 -76.50 -27.70
CA SER E 108 61.63 -75.41 -27.31
C SER E 108 61.93 -74.92 -25.91
N LEU E 109 62.40 -75.80 -25.03
CA LEU E 109 62.75 -75.37 -23.68
C LEU E 109 64.07 -74.61 -23.67
N GLN E 110 64.94 -74.87 -24.64
CA GLN E 110 66.14 -74.05 -24.81
C GLN E 110 65.78 -72.63 -25.22
N MET E 111 64.75 -72.48 -26.07
CA MET E 111 64.34 -71.15 -26.51
C MET E 111 63.62 -70.40 -25.40
N TYR E 112 62.93 -71.13 -24.52
CA TYR E 112 62.16 -70.51 -23.45
C TYR E 112 63.07 -69.91 -22.38
N PHE E 113 64.09 -70.66 -21.95
CA PHE E 113 64.99 -70.16 -20.92
C PHE E 113 65.93 -69.09 -21.46
N ALA E 114 66.17 -69.08 -22.78
CA ALA E 114 67.05 -68.07 -23.37
C ALA E 114 66.36 -66.72 -23.52
N ASN E 115 65.03 -66.70 -23.44
CA ASN E 115 64.27 -65.47 -23.62
C ASN E 115 63.69 -64.93 -22.32
N GLY E 116 64.04 -65.53 -21.18
CA GLY E 116 63.69 -65.00 -19.89
C GLY E 116 62.66 -65.77 -19.09
N GLY E 117 62.50 -67.07 -19.34
CA GLY E 117 61.51 -67.85 -18.64
C GLY E 117 61.95 -68.27 -17.26
N GLY E 118 60.96 -68.54 -16.40
CA GLY E 118 61.20 -69.01 -15.06
C GLY E 118 60.67 -70.41 -14.83
N PRO E 119 60.03 -70.65 -13.69
CA PRO E 119 59.51 -71.99 -13.40
C PRO E 119 58.30 -72.35 -14.25
N CYS E 120 58.22 -73.63 -14.62
CA CYS E 120 57.18 -74.12 -15.51
C CYS E 120 56.86 -75.57 -15.14
N TYR E 121 55.78 -76.09 -15.74
CA TYR E 121 55.32 -77.44 -15.49
C TYR E 121 55.53 -78.32 -16.72
N ILE E 122 55.92 -79.57 -16.49
CA ILE E 122 56.18 -80.54 -17.54
C ILE E 122 55.14 -81.66 -17.45
N VAL E 123 54.46 -81.93 -18.55
CA VAL E 123 53.54 -83.06 -18.66
C VAL E 123 54.01 -83.94 -19.81
N SER E 124 54.63 -85.06 -19.48
CA SER E 124 55.03 -86.03 -20.49
C SER E 124 53.79 -86.72 -21.05
N THR E 125 53.90 -87.24 -22.28
CA THR E 125 52.82 -88.03 -22.86
C THR E 125 53.29 -89.40 -23.34
N GLY E 126 54.52 -89.76 -23.05
CA GLY E 126 55.10 -90.99 -23.57
C GLY E 126 56.57 -90.75 -23.87
N VAL E 127 57.22 -91.80 -24.38
CA VAL E 127 58.64 -91.74 -24.67
C VAL E 127 58.82 -91.84 -26.19
N TYR E 128 60.08 -91.68 -26.62
CA TYR E 128 60.40 -91.69 -28.04
C TYR E 128 60.22 -93.08 -28.64
N ASP E 129 59.81 -93.12 -29.90
CA ASP E 129 59.81 -94.34 -30.69
C ASP E 129 61.03 -94.33 -31.61
N ASP E 130 61.43 -95.52 -32.05
CA ASP E 130 62.62 -95.70 -32.88
C ASP E 130 62.28 -95.50 -34.35
N TRP E 131 63.30 -95.13 -35.12
CA TRP E 131 63.17 -95.07 -36.57
C TRP E 131 63.17 -96.48 -37.15
N SER E 132 62.29 -96.72 -38.11
CA SER E 132 62.27 -98.01 -38.79
C SER E 132 63.44 -98.17 -39.75
N ASP E 133 63.74 -97.15 -40.54
CA ASP E 133 64.99 -97.07 -41.29
C ASP E 133 65.35 -95.60 -41.45
N SER E 134 66.26 -95.32 -42.39
CA SER E 134 66.86 -93.98 -42.47
C SER E 134 65.93 -92.96 -43.12
N GLU E 135 64.82 -93.40 -43.70
CA GLU E 135 63.88 -92.49 -44.34
C GLU E 135 62.45 -92.61 -43.81
N THR E 136 62.26 -93.20 -42.65
CA THR E 136 60.93 -93.26 -42.03
C THR E 136 61.04 -92.86 -40.57
N PRO E 137 60.81 -91.59 -40.23
CA PRO E 137 60.77 -91.17 -38.84
C PRO E 137 59.48 -91.63 -38.17
N PRO E 138 59.44 -91.68 -36.83
CA PRO E 138 58.20 -92.06 -36.15
C PRO E 138 57.11 -91.01 -36.25
N THR E 139 55.91 -91.39 -35.80
CA THR E 139 54.72 -90.57 -35.93
C THR E 139 54.24 -90.11 -34.56
N ILE E 140 53.41 -89.06 -34.59
CA ILE E 140 52.84 -88.44 -33.40
C ILE E 140 51.35 -88.73 -33.37
N ASN E 141 50.84 -89.17 -32.22
CA ASN E 141 49.46 -89.63 -32.12
C ASN E 141 48.60 -88.55 -31.47
N PHE E 142 47.38 -88.38 -31.99
CA PHE E 142 46.45 -87.38 -31.46
C PHE E 142 45.93 -87.78 -30.08
N SER E 143 45.80 -89.10 -29.83
CA SER E 143 45.19 -89.56 -28.59
C SER E 143 46.11 -89.40 -27.38
N ASP E 144 47.41 -89.28 -27.59
CA ASP E 144 48.34 -89.03 -26.49
C ASP E 144 48.32 -87.57 -26.04
N LEU E 145 48.24 -86.63 -26.99
CA LEU E 145 48.26 -85.21 -26.65
C LEU E 145 46.95 -84.77 -25.98
N GLU E 146 45.82 -85.38 -26.35
CA GLU E 146 44.56 -85.00 -25.71
C GLU E 146 44.47 -85.63 -24.32
N SER E 147 45.14 -86.75 -24.10
CA SER E 147 45.21 -87.35 -22.78
C SER E 147 46.05 -86.50 -21.82
N GLY E 148 47.03 -85.77 -22.36
CA GLY E 148 47.81 -84.88 -21.52
C GLY E 148 47.06 -83.63 -21.12
N LEU E 149 46.11 -83.20 -21.96
CA LEU E 149 45.30 -82.03 -21.65
C LEU E 149 44.29 -82.31 -20.54
N ALA E 150 43.92 -83.59 -20.36
CA ALA E 150 42.94 -83.93 -19.34
C ALA E 150 43.54 -83.91 -17.94
N VAL E 151 44.84 -84.18 -17.81
CA VAL E 151 45.46 -84.20 -16.49
C VAL E 151 45.87 -82.79 -16.06
N ILE E 152 46.04 -81.88 -17.01
CA ILE E 152 46.42 -80.52 -16.65
C ILE E 152 45.21 -79.72 -16.18
N ARG E 153 44.00 -80.23 -16.43
CA ARG E 153 42.77 -79.61 -15.95
C ARG E 153 42.66 -79.68 -14.43
N LYS E 154 43.31 -80.65 -13.81
CA LYS E 154 43.28 -80.84 -12.37
C LYS E 154 44.34 -80.03 -11.63
N GLU E 155 45.23 -79.35 -12.33
CA GLU E 155 46.25 -78.52 -11.68
C GLU E 155 45.80 -77.08 -11.60
N ASP E 156 46.20 -76.40 -10.53
CA ASP E 156 45.72 -75.06 -10.22
C ASP E 156 46.65 -73.95 -10.72
N GLU E 157 47.96 -74.14 -10.59
CA GLU E 157 48.95 -73.08 -10.77
C GLU E 157 49.30 -72.61 -12.20
N PRO E 158 49.34 -73.45 -13.27
CA PRO E 158 49.72 -72.92 -14.59
C PRO E 158 48.71 -71.93 -15.17
N THR E 159 49.23 -70.97 -15.94
CA THR E 159 48.44 -69.93 -16.58
C THR E 159 48.52 -69.96 -18.10
N LEU E 160 49.35 -70.82 -18.69
CA LEU E 160 49.56 -70.86 -20.14
C LEU E 160 49.69 -72.29 -20.64
N LEU E 161 49.07 -72.58 -21.79
CA LEU E 161 49.01 -73.93 -22.35
C LEU E 161 49.74 -73.98 -23.70
N LEU E 162 50.63 -74.95 -23.87
CA LEU E 162 51.43 -75.11 -25.08
C LEU E 162 51.58 -76.58 -25.45
N PHE E 163 51.71 -76.84 -26.76
CA PHE E 163 51.92 -78.17 -27.33
C PHE E 163 53.08 -78.10 -28.32
N PRO E 164 54.30 -78.41 -27.90
CA PRO E 164 55.46 -78.17 -28.78
C PRO E 164 55.61 -79.13 -29.96
N ASP E 165 54.93 -80.26 -29.99
CA ASP E 165 55.10 -81.27 -31.03
C ASP E 165 53.95 -81.24 -32.04
N ALA E 166 53.01 -80.30 -31.88
CA ALA E 166 51.72 -80.37 -32.56
C ALA E 166 51.77 -80.10 -34.06
N THR E 167 52.77 -79.35 -34.56
CA THR E 167 52.84 -79.09 -35.99
C THR E 167 53.25 -80.30 -36.82
N ASN E 168 53.72 -81.37 -36.17
CA ASN E 168 54.09 -82.61 -36.87
C ASN E 168 52.99 -83.66 -36.79
N LEU E 169 51.77 -83.25 -36.51
CA LEU E 169 50.61 -84.13 -36.50
C LEU E 169 50.25 -84.53 -37.94
N PRO E 170 49.63 -85.70 -38.14
CA PRO E 170 49.45 -86.21 -39.53
C PRO E 170 48.51 -85.39 -40.40
N THR E 171 47.35 -84.97 -39.90
CA THR E 171 46.44 -84.14 -40.68
C THR E 171 46.27 -82.79 -40.01
N ASP E 172 45.81 -81.82 -40.79
CA ASP E 172 45.57 -80.48 -40.24
C ASP E 172 44.28 -80.43 -39.44
N ASP E 173 43.32 -81.32 -39.74
CA ASP E 173 42.08 -81.36 -38.97
C ASP E 173 42.31 -81.82 -37.54
N GLU E 174 43.30 -82.69 -37.33
CA GLU E 174 43.67 -83.05 -35.96
C GLU E 174 44.33 -81.89 -35.23
N PHE E 175 45.08 -81.07 -35.98
CA PHE E 175 45.78 -79.91 -35.39
C PHE E 175 44.79 -78.86 -34.90
N TYR E 176 43.76 -78.55 -35.70
CA TYR E 176 42.79 -77.53 -35.29
C TYR E 176 41.86 -78.04 -34.19
N SER E 177 41.55 -79.34 -34.22
CA SER E 177 40.66 -79.92 -33.22
C SER E 177 41.31 -79.97 -31.84
N LEU E 178 42.65 -80.08 -31.81
CA LEU E 178 43.36 -80.04 -30.54
C LEU E 178 43.31 -78.66 -29.91
N TYR E 179 43.41 -77.62 -30.74
CA TYR E 179 43.41 -76.26 -30.20
C TYR E 179 41.99 -75.78 -29.91
N ASN E 180 40.97 -76.42 -30.49
CA ASN E 180 39.61 -76.11 -30.09
C ASN E 180 39.31 -76.64 -28.69
N SER E 181 40.00 -77.73 -28.29
CA SER E 181 39.79 -78.31 -26.97
C SER E 181 40.47 -77.49 -25.89
N ALA E 182 41.58 -76.85 -26.22
CA ALA E 182 42.29 -76.01 -25.24
C ALA E 182 41.51 -74.74 -24.94
N LEU E 183 40.84 -74.17 -25.95
CA LEU E 183 40.05 -72.95 -25.71
C LEU E 183 38.78 -73.24 -24.93
N MET E 184 38.24 -74.46 -25.02
CA MET E 184 37.09 -74.81 -24.21
C MET E 184 37.48 -75.02 -22.74
N GLN E 185 38.71 -75.49 -22.49
CA GLN E 185 39.20 -75.58 -21.12
C GLN E 185 39.46 -74.20 -20.53
N CYS E 186 39.92 -73.26 -21.36
CA CYS E 186 40.18 -71.91 -20.88
C CYS E 186 38.89 -71.15 -20.60
N ASN E 187 37.80 -71.52 -21.27
CA ASN E 187 36.50 -70.93 -20.97
C ASN E 187 35.94 -71.46 -19.65
N ASP E 188 36.12 -72.76 -19.39
CA ASP E 188 35.53 -73.37 -18.20
C ASP E 188 36.26 -72.96 -16.93
N LEU E 189 37.59 -73.08 -16.91
CA LEU E 189 38.35 -72.76 -15.70
C LEU E 189 38.50 -71.26 -15.52
N GLN E 190 38.29 -70.49 -16.60
CA GLN E 190 38.34 -69.02 -16.72
C GLN E 190 39.55 -68.38 -16.04
N ASP E 191 40.72 -69.03 -16.08
CA ASP E 191 41.94 -68.47 -15.49
C ASP E 191 43.20 -68.72 -16.30
N ARG E 192 43.08 -69.13 -17.57
CA ARG E 192 44.23 -69.51 -18.39
C ARG E 192 44.17 -68.82 -19.74
N PHE E 193 45.23 -69.02 -20.53
CA PHE E 193 45.39 -68.42 -21.85
C PHE E 193 46.20 -69.36 -22.74
N THR E 194 45.92 -69.36 -24.04
CA THR E 194 46.52 -70.29 -24.99
C THR E 194 47.31 -69.53 -26.05
N ILE E 195 48.47 -70.07 -26.43
CA ILE E 195 49.32 -69.51 -27.49
C ILE E 195 49.33 -70.48 -28.67
N LEU E 196 48.96 -69.97 -29.85
CA LEU E 196 48.77 -70.80 -31.04
C LEU E 196 49.80 -70.48 -32.12
N ASP E 197 50.00 -71.43 -33.02
CA ASP E 197 50.74 -71.23 -34.26
C ASP E 197 49.88 -71.68 -35.45
N THR E 198 50.43 -71.50 -36.64
CA THR E 198 49.83 -72.08 -37.83
C THR E 198 50.33 -73.50 -38.04
N TYR E 199 49.70 -74.20 -38.98
CA TYR E 199 50.08 -75.58 -39.26
C TYR E 199 51.42 -75.64 -40.01
N SER E 200 51.66 -74.67 -40.87
CA SER E 200 52.90 -74.58 -41.62
C SER E 200 53.23 -73.11 -41.81
N ASP E 201 54.46 -72.85 -42.25
CA ASP E 201 54.87 -71.50 -42.62
C ASP E 201 54.76 -71.25 -44.11
N GLN E 202 54.52 -72.28 -44.92
CA GLN E 202 54.35 -72.16 -46.36
C GLN E 202 53.04 -72.83 -46.76
N THR E 203 52.73 -72.73 -48.05
CA THR E 203 51.58 -73.41 -48.63
C THR E 203 51.76 -74.92 -48.54
N TYR E 204 50.77 -75.61 -47.97
CA TYR E 204 50.85 -77.05 -47.75
C TYR E 204 49.74 -77.76 -48.50
N ASN E 205 49.95 -79.05 -48.76
CA ASN E 205 48.99 -79.89 -49.46
C ASN E 205 48.10 -80.61 -48.46
N ASP E 206 46.79 -80.57 -48.71
CA ASP E 206 45.80 -81.20 -47.85
C ASP E 206 45.41 -82.60 -48.32
N GLY E 207 45.91 -83.05 -49.46
CA GLY E 207 45.46 -84.27 -50.09
C GLY E 207 44.53 -84.05 -51.26
N VAL E 208 43.65 -83.05 -51.17
CA VAL E 208 42.81 -82.65 -52.30
C VAL E 208 43.20 -81.31 -52.87
N GLU E 209 43.64 -80.34 -52.06
CA GLU E 209 43.88 -78.99 -52.51
C GLU E 209 45.17 -78.47 -51.87
N ASP E 210 45.60 -77.30 -52.33
CA ASP E 210 46.71 -76.56 -51.74
C ASP E 210 46.15 -75.37 -50.98
N LEU E 211 46.61 -75.17 -49.75
CA LEU E 211 46.04 -74.17 -48.87
C LEU E 211 47.10 -73.21 -48.36
N ASP E 212 46.71 -71.94 -48.21
CA ASP E 212 47.57 -70.94 -47.60
C ASP E 212 47.43 -71.03 -46.07
N PRO E 213 48.49 -70.75 -45.30
CA PRO E 213 48.44 -71.00 -43.84
C PRO E 213 47.51 -70.12 -43.03
N ILE E 214 47.47 -68.83 -43.37
CA ILE E 214 46.63 -67.85 -42.61
C ILE E 214 45.14 -68.13 -42.85
N PRO E 215 44.59 -68.23 -44.09
CA PRO E 215 43.14 -68.53 -44.23
C PRO E 215 42.74 -69.93 -43.78
N ALA E 216 43.67 -70.87 -43.69
CA ALA E 216 43.33 -72.22 -43.22
C ALA E 216 43.17 -72.25 -41.70
N LEU E 217 43.91 -71.41 -40.99
CA LEU E 217 43.74 -71.31 -39.54
C LEU E 217 42.43 -70.59 -39.20
N ARG E 218 41.97 -69.69 -40.06
CA ARG E 218 40.72 -68.99 -39.80
C ARG E 218 39.51 -69.88 -40.03
N ASN E 219 39.67 -70.93 -40.86
CA ASN E 219 38.60 -71.90 -41.05
C ASN E 219 38.57 -72.96 -39.94
N GLY E 220 39.74 -73.39 -39.46
CA GLY E 220 39.78 -74.51 -38.53
C GLY E 220 39.30 -74.17 -37.13
N ILE E 221 39.48 -72.93 -36.70
CA ILE E 221 39.03 -72.47 -35.39
C ILE E 221 37.65 -71.86 -35.58
N ASN E 222 36.60 -72.57 -35.17
CA ASN E 222 35.23 -72.21 -35.52
C ASN E 222 34.32 -71.95 -34.31
N LEU E 223 34.82 -71.26 -33.29
CA LEU E 223 34.02 -70.95 -32.11
C LEU E 223 33.68 -69.46 -32.06
N THR E 224 32.77 -69.10 -31.15
CA THR E 224 32.35 -67.72 -30.97
C THR E 224 33.33 -66.95 -30.08
N LYS E 225 33.02 -65.67 -29.88
CA LYS E 225 33.91 -64.76 -29.18
C LYS E 225 34.21 -65.18 -27.73
N ASP E 226 33.23 -65.76 -27.05
CA ASP E 226 33.43 -66.15 -25.66
C ASP E 226 34.50 -67.21 -25.51
N TYR E 227 34.96 -67.81 -26.61
CA TYR E 227 36.09 -68.73 -26.63
C TYR E 227 37.33 -68.12 -27.27
N LEU E 228 37.15 -67.24 -28.26
CA LEU E 228 38.28 -66.70 -29.01
C LEU E 228 39.07 -65.66 -28.22
N LYS E 229 38.50 -65.12 -27.14
CA LYS E 229 39.18 -64.13 -26.33
C LYS E 229 40.28 -64.73 -25.45
N TYR E 230 40.39 -66.06 -25.37
CA TYR E 230 41.39 -66.72 -24.56
C TYR E 230 42.62 -67.20 -25.35
N GLY E 231 42.79 -66.76 -26.59
CA GLY E 231 43.95 -67.21 -27.36
C GLY E 231 44.54 -66.14 -28.25
N ALA E 232 45.79 -66.40 -28.67
CA ALA E 232 46.54 -65.51 -29.55
C ALA E 232 47.42 -66.35 -30.48
N ALA E 233 47.62 -65.86 -31.71
CA ALA E 233 48.31 -66.59 -32.76
C ALA E 233 49.44 -65.76 -33.36
N TYR E 234 50.53 -66.44 -33.72
CA TYR E 234 51.73 -65.80 -34.22
C TYR E 234 52.19 -66.45 -35.50
N TYR E 235 52.88 -65.66 -36.34
CA TYR E 235 53.29 -66.06 -37.67
C TYR E 235 54.45 -65.18 -38.09
N PRO E 236 55.43 -65.70 -38.86
CA PRO E 236 55.79 -67.06 -39.31
C PRO E 236 56.72 -67.81 -38.34
N PHE E 237 57.46 -68.78 -38.84
CA PHE E 237 58.39 -69.54 -38.02
C PHE E 237 59.69 -68.76 -37.83
N VAL E 238 60.57 -69.25 -36.95
CA VAL E 238 61.83 -68.58 -36.64
C VAL E 238 63.01 -69.53 -36.84
N GLN E 239 64.12 -69.00 -37.34
CA GLN E 239 65.38 -69.72 -37.55
C GLN E 239 66.29 -69.43 -36.35
N THR E 240 66.86 -70.46 -35.71
CA THR E 240 67.59 -70.34 -34.46
C THR E 240 69.08 -70.56 -34.68
N ILE E 241 69.85 -70.46 -33.60
CA ILE E 241 71.30 -70.65 -33.60
C ILE E 241 71.68 -72.05 -33.13
N LEU E 242 70.71 -72.93 -32.90
CA LEU E 242 70.96 -74.24 -32.31
C LEU E 242 71.39 -75.27 -33.36
N ASN E 243 72.16 -76.25 -32.93
CA ASN E 243 72.57 -77.36 -33.75
C ASN E 243 71.71 -78.59 -33.46
N TYR E 244 71.61 -79.48 -34.45
CA TYR E 244 70.92 -80.75 -34.29
C TYR E 244 71.72 -81.69 -33.39
N GLN E 245 70.99 -82.55 -32.68
CA GLN E 245 71.58 -83.57 -31.84
C GLN E 245 71.83 -84.83 -32.67
N TYR E 246 73.07 -85.33 -32.62
CA TYR E 246 73.43 -86.50 -33.41
C TYR E 246 74.55 -87.25 -32.71
N SER E 247 74.78 -88.48 -33.15
CA SER E 247 75.83 -89.34 -32.63
C SER E 247 76.81 -89.69 -33.74
N ALA E 248 78.11 -89.62 -33.43
CA ALA E 248 79.13 -89.90 -34.43
C ALA E 248 79.30 -91.38 -34.70
N ASP E 249 78.75 -92.25 -33.85
CA ASP E 249 78.81 -93.70 -34.06
C ASP E 249 77.89 -94.19 -35.16
N GLU E 250 77.00 -93.35 -35.68
CA GLU E 250 76.00 -93.76 -36.65
C GLU E 250 76.15 -93.06 -38.00
N ILE E 251 77.21 -92.31 -38.21
CA ILE E 251 77.45 -91.61 -39.47
C ILE E 251 78.40 -92.47 -40.31
N VAL E 252 78.00 -92.77 -41.54
CA VAL E 252 78.79 -93.58 -42.45
C VAL E 252 79.31 -92.70 -43.57
N ILE E 253 80.59 -92.85 -43.91
CA ILE E 253 81.25 -92.07 -44.95
C ILE E 253 81.22 -92.85 -46.26
N GLN E 254 80.99 -92.16 -47.37
CA GLN E 254 81.20 -92.70 -48.70
C GLN E 254 82.27 -91.88 -49.41
N HIS E 255 83.36 -92.54 -49.82
CA HIS E 255 84.57 -91.90 -50.29
C HIS E 255 84.89 -92.37 -51.70
N LEU E 256 84.90 -91.44 -52.65
CA LEU E 256 85.28 -91.69 -54.04
C LEU E 256 86.64 -91.05 -54.31
N SER E 257 87.62 -91.86 -54.69
CA SER E 257 88.98 -91.38 -54.89
C SER E 257 89.53 -91.92 -56.21
N TYR E 258 90.48 -91.17 -56.77
CA TYR E 258 91.13 -91.63 -58.00
C TYR E 258 92.12 -92.76 -57.71
N ASN E 259 92.66 -92.80 -56.49
CA ASN E 259 93.56 -93.86 -56.09
C ASN E 259 92.78 -94.85 -55.22
N PRO E 260 92.32 -95.97 -55.78
CA PRO E 260 91.54 -96.91 -54.97
C PRO E 260 92.40 -97.85 -54.16
N ASN E 261 92.39 -97.70 -52.84
CA ASN E 261 93.06 -98.63 -51.94
C ASN E 261 92.15 -99.09 -50.81
N ALA E 262 90.85 -99.23 -51.09
CA ALA E 262 89.91 -99.67 -50.07
C ALA E 262 90.11 -101.13 -49.71
N ILE E 263 90.29 -101.99 -50.72
CA ILE E 263 90.45 -103.41 -50.45
C ILE E 263 91.85 -103.71 -49.95
N ALA E 264 92.84 -102.93 -50.42
CA ALA E 264 94.22 -103.12 -49.98
C ALA E 264 94.41 -102.71 -48.53
N THR E 265 93.74 -101.65 -48.09
CA THR E 265 93.83 -101.25 -46.68
C THR E 265 93.04 -102.21 -45.80
N ALA E 266 91.96 -102.80 -46.35
CA ALA E 266 91.21 -103.81 -45.62
C ALA E 266 91.99 -105.11 -45.53
N LEU E 267 92.87 -105.37 -46.49
CA LEU E 267 93.68 -106.58 -46.45
C LEU E 267 94.80 -106.47 -45.42
N ASP E 268 95.41 -105.28 -45.30
CA ASP E 268 96.57 -105.10 -44.44
C ASP E 268 96.21 -105.23 -42.97
N ASN E 269 95.00 -104.79 -42.59
CA ASN E 269 94.56 -104.96 -41.21
C ASN E 269 94.22 -106.43 -40.92
N LEU E 270 93.60 -107.11 -41.87
CA LEU E 270 93.16 -108.48 -41.64
C LEU E 270 94.32 -109.47 -41.77
N ASN E 271 95.35 -109.12 -42.54
CA ASN E 271 96.53 -109.97 -42.61
C ASN E 271 97.36 -109.84 -41.34
N ALA E 272 97.34 -108.66 -40.72
CA ALA E 272 98.13 -108.43 -39.52
C ALA E 272 97.51 -109.11 -38.31
N VAL E 273 96.18 -109.19 -38.26
CA VAL E 273 95.52 -109.80 -37.11
C VAL E 273 95.62 -111.32 -37.18
N ASN E 274 95.85 -111.86 -38.38
CA ASN E 274 96.00 -113.30 -38.58
C ASN E 274 97.47 -113.70 -38.40
N GLY E 275 97.92 -113.62 -37.14
CA GLY E 275 99.29 -113.92 -36.80
C GLY E 275 99.41 -114.74 -35.54
N PRO E 276 100.60 -115.31 -35.31
CA PRO E 276 100.81 -116.12 -34.09
C PRO E 276 100.86 -115.29 -32.82
N THR E 277 101.43 -114.09 -32.86
CA THR E 277 101.48 -113.28 -31.64
C THR E 277 100.14 -112.60 -31.38
N PHE E 278 99.31 -112.46 -32.41
CA PHE E 278 98.12 -111.63 -32.28
C PHE E 278 96.91 -112.43 -31.78
N ILE E 279 96.47 -113.44 -32.54
CA ILE E 279 95.24 -114.14 -32.26
C ILE E 279 95.49 -115.56 -31.74
N ASP E 280 96.67 -116.12 -32.03
CA ASP E 280 97.00 -117.44 -31.50
C ASP E 280 97.42 -117.35 -30.03
N ALA E 281 97.91 -116.19 -29.61
CA ALA E 281 98.33 -116.01 -28.23
C ALA E 281 97.12 -115.83 -27.30
N ILE E 282 95.96 -115.52 -27.88
CA ILE E 282 94.74 -115.42 -27.07
C ILE E 282 94.20 -116.82 -26.77
N LEU E 283 94.41 -117.76 -27.69
CA LEU E 283 93.69 -119.02 -27.62
C LEU E 283 94.40 -120.04 -26.74
N ASP E 284 95.74 -120.06 -26.76
CA ASP E 284 96.47 -121.05 -25.97
C ASP E 284 96.47 -120.69 -24.50
N ASP E 285 96.26 -119.40 -24.18
CA ASP E 285 96.10 -118.99 -22.79
C ASP E 285 94.81 -119.53 -22.20
N LEU E 286 93.75 -119.60 -23.02
CA LEU E 286 92.46 -120.08 -22.53
C LEU E 286 92.49 -121.58 -22.27
N ARG E 287 93.23 -122.34 -23.08
CA ARG E 287 93.38 -123.77 -22.85
C ARG E 287 94.77 -124.11 -22.35
N ASN E 321 87.12 -119.81 3.45
CA ASN E 321 87.32 -118.60 4.24
C ASN E 321 87.55 -117.39 3.33
N SER E 322 88.06 -116.31 3.92
CA SER E 322 88.26 -115.08 3.16
C SER E 322 89.50 -115.16 2.28
N VAL E 323 90.46 -116.02 2.65
CA VAL E 323 91.69 -116.11 1.87
C VAL E 323 91.48 -117.02 0.66
N LYS E 324 90.47 -117.90 0.72
CA LYS E 324 90.18 -118.76 -0.43
C LYS E 324 89.35 -118.01 -1.47
N VAL E 325 88.50 -117.09 -1.03
CA VAL E 325 87.69 -116.30 -1.97
C VAL E 325 88.57 -115.26 -2.67
N ALA E 326 89.53 -114.69 -1.94
CA ALA E 326 90.39 -113.66 -2.52
C ALA E 326 91.37 -114.26 -3.52
N ASN E 327 91.80 -115.51 -3.29
CA ASN E 327 92.67 -116.17 -4.28
C ASN E 327 91.86 -116.60 -5.50
N PHE E 328 90.61 -117.01 -5.29
CA PHE E 328 89.79 -117.50 -6.39
C PHE E 328 89.35 -116.35 -7.30
N ALA E 329 89.25 -115.14 -6.77
CA ALA E 329 88.87 -114.00 -7.59
C ALA E 329 90.00 -113.56 -8.51
N SER E 330 91.24 -113.89 -8.14
CA SER E 330 92.37 -113.57 -9.00
C SER E 330 92.43 -114.49 -10.21
N LEU E 331 91.92 -115.72 -10.06
CA LEU E 331 91.91 -116.66 -11.17
C LEU E 331 90.84 -116.30 -12.19
N VAL E 332 89.70 -115.77 -11.73
CA VAL E 332 88.62 -115.41 -12.63
C VAL E 332 88.96 -114.12 -13.39
N GLU E 333 89.69 -113.21 -12.74
CA GLU E 333 90.02 -111.93 -13.38
C GLU E 333 91.03 -112.11 -14.49
N SER E 334 91.84 -113.17 -14.44
CA SER E 334 92.77 -113.43 -15.53
C SER E 334 92.06 -114.06 -16.72
N VAL E 335 91.05 -114.89 -16.46
CA VAL E 335 90.28 -115.51 -17.54
C VAL E 335 89.38 -114.47 -18.20
N LEU E 336 88.81 -113.57 -17.41
CA LEU E 336 87.92 -112.54 -17.94
C LEU E 336 88.69 -111.50 -18.74
N SER E 337 89.96 -111.25 -18.37
CA SER E 337 90.78 -110.33 -19.14
C SER E 337 91.18 -110.91 -20.48
N THR E 338 91.26 -112.24 -20.58
CA THR E 338 91.59 -112.88 -21.85
C THR E 338 90.40 -112.83 -22.81
N LEU E 339 89.18 -112.97 -22.27
CA LEU E 339 87.99 -112.95 -23.11
C LEU E 339 87.73 -111.58 -23.72
N ASN E 340 88.10 -110.51 -22.99
CA ASN E 340 87.78 -109.16 -23.45
C ASN E 340 88.62 -108.76 -24.66
N GLU E 341 89.89 -109.18 -24.70
CA GLU E 341 90.73 -108.86 -25.87
C GLU E 341 90.34 -109.70 -27.07
N LEU E 342 89.69 -110.86 -26.84
CA LEU E 342 89.13 -111.61 -27.95
C LEU E 342 87.89 -110.92 -28.51
N ILE E 343 87.09 -110.31 -27.63
CA ILE E 343 85.91 -109.58 -28.07
C ILE E 343 86.32 -108.27 -28.75
N ASP E 344 87.41 -107.65 -28.27
CA ASP E 344 87.94 -106.46 -28.93
C ASP E 344 88.54 -106.79 -30.29
N ALA E 345 89.05 -108.02 -30.44
CA ALA E 345 89.53 -108.45 -31.76
C ALA E 345 88.36 -108.69 -32.70
N LYS E 346 87.21 -109.08 -32.17
CA LYS E 346 86.03 -109.29 -33.00
C LYS E 346 85.48 -107.97 -33.53
N GLU E 347 85.67 -106.88 -32.78
CA GLU E 347 85.13 -105.58 -33.18
C GLU E 347 85.90 -105.01 -34.35
N GLU E 348 87.23 -105.16 -34.35
CA GLU E 348 88.03 -104.53 -35.40
C GLU E 348 87.98 -105.31 -36.70
N ILE E 349 87.63 -106.60 -36.63
CA ILE E 349 87.47 -107.39 -37.85
C ILE E 349 86.24 -106.94 -38.63
N ASN E 350 85.16 -106.62 -37.92
CA ASN E 350 83.90 -106.27 -38.58
C ASN E 350 83.98 -104.91 -39.26
N LYS E 351 84.83 -104.02 -38.76
CA LYS E 351 84.98 -102.71 -39.40
C LYS E 351 85.76 -102.81 -40.71
N ASP E 352 86.59 -103.85 -40.84
CA ASP E 352 87.38 -104.00 -42.06
C ASP E 352 86.57 -104.65 -43.17
N VAL E 353 85.71 -105.62 -42.82
CA VAL E 353 84.93 -106.33 -43.83
C VAL E 353 83.77 -105.44 -44.32
N ASN E 354 83.25 -104.59 -43.43
CA ASN E 354 82.13 -103.72 -43.82
C ASN E 354 82.59 -102.66 -44.81
N SER E 355 83.85 -102.23 -44.73
CA SER E 355 84.37 -101.27 -45.69
C SER E 355 84.67 -101.93 -47.04
N ALA E 356 84.83 -103.26 -47.06
CA ALA E 356 85.06 -103.96 -48.31
C ALA E 356 83.75 -104.42 -48.95
N ILE E 357 82.72 -104.66 -48.14
CA ILE E 357 81.40 -104.96 -48.67
C ILE E 357 80.83 -103.74 -49.39
N ALA E 358 80.97 -102.56 -48.78
CA ALA E 358 80.39 -101.35 -49.36
C ALA E 358 81.19 -100.85 -50.56
N SER E 359 82.45 -101.25 -50.68
CA SER E 359 83.28 -100.75 -51.77
C SER E 359 83.11 -101.56 -53.04
N SER E 360 82.71 -102.83 -52.91
CA SER E 360 82.56 -103.71 -54.06
C SER E 360 81.09 -103.80 -54.49
N GLU E 361 80.56 -102.65 -54.93
CA GLU E 361 79.19 -102.66 -55.47
C GLU E 361 79.16 -103.30 -56.86
N GLU E 362 80.28 -103.29 -57.55
CA GLU E 362 80.41 -104.06 -58.78
C GLU E 362 80.51 -105.55 -58.44
N ASP E 363 79.96 -106.38 -59.35
CA ASP E 363 80.03 -107.85 -59.30
C ASP E 363 79.42 -108.40 -58.02
N ASN E 364 78.07 -108.32 -57.98
CA ASN E 364 77.27 -108.64 -56.79
C ASN E 364 77.47 -110.07 -56.28
N ALA E 365 77.98 -110.98 -57.11
CA ALA E 365 78.28 -112.32 -56.64
C ALA E 365 79.46 -112.32 -55.67
N ILE E 366 80.42 -111.40 -55.86
CA ILE E 366 81.57 -111.33 -54.96
C ILE E 366 81.14 -110.72 -53.61
N LYS E 367 80.22 -109.75 -53.64
CA LYS E 367 79.71 -109.15 -52.42
C LYS E 367 78.93 -110.17 -51.58
N THR E 368 78.24 -111.10 -52.25
CA THR E 368 77.51 -112.14 -51.54
C THR E 368 78.47 -113.11 -50.86
N ALA E 369 79.61 -113.39 -51.49
CA ALA E 369 80.59 -114.31 -50.90
C ALA E 369 81.29 -113.68 -49.70
N ILE E 370 81.56 -112.37 -49.77
CA ILE E 370 82.19 -111.67 -48.64
C ILE E 370 81.21 -111.55 -47.48
N SER E 371 79.92 -111.34 -47.79
CA SER E 371 78.92 -111.25 -46.75
C SER E 371 78.64 -112.61 -46.11
N ASP E 372 78.73 -113.68 -46.90
CA ASP E 372 78.49 -115.02 -46.36
C ASP E 372 79.63 -115.48 -45.47
N ALA E 373 80.86 -115.07 -45.79
CA ALA E 373 82.01 -115.45 -44.98
C ALA E 373 82.01 -114.70 -43.64
N LEU E 374 81.31 -113.57 -43.56
CA LEU E 374 81.35 -112.76 -42.35
C LEU E 374 80.39 -113.29 -41.29
N ASP E 375 79.21 -113.77 -41.70
CA ASP E 375 78.24 -114.25 -40.72
C ASP E 375 78.62 -115.63 -40.18
N VAL E 376 79.37 -116.41 -40.96
CA VAL E 376 79.80 -117.71 -40.47
C VAL E 376 80.94 -117.54 -39.46
N PHE E 377 81.70 -116.45 -39.57
CA PHE E 377 82.68 -116.12 -38.55
C PHE E 377 82.02 -115.58 -37.30
N ASN E 378 80.87 -114.92 -37.46
CA ASN E 378 80.17 -114.34 -36.32
C ASN E 378 79.21 -115.32 -35.65
N GLU E 379 79.31 -116.62 -35.96
CA GLU E 379 78.40 -117.60 -35.38
C GLU E 379 78.66 -117.81 -33.89
N ASP E 380 79.91 -118.17 -33.55
CA ASP E 380 80.22 -118.54 -32.17
C ASP E 380 80.19 -117.33 -31.24
N PHE E 381 80.41 -116.13 -31.77
CA PHE E 381 80.44 -114.94 -30.94
C PHE E 381 79.04 -114.52 -30.50
N GLU E 382 78.06 -114.62 -31.39
CA GLU E 382 76.70 -114.22 -31.05
C GLU E 382 75.67 -115.33 -31.27
N GLY E 383 75.68 -115.93 -32.45
CA GLY E 383 74.55 -116.78 -32.84
C GLY E 383 74.63 -118.19 -32.30
N ALA E 384 75.79 -118.84 -32.46
CA ALA E 384 75.90 -120.25 -32.07
C ALA E 384 76.05 -120.39 -30.57
N ASP E 385 77.14 -119.86 -30.01
CA ASP E 385 77.44 -120.01 -28.59
C ASP E 385 77.37 -118.64 -27.93
N LYS E 386 77.29 -118.61 -26.61
CA LYS E 386 77.09 -117.37 -25.85
C LYS E 386 78.43 -116.81 -25.37
N ILE E 387 79.33 -116.51 -26.32
CA ILE E 387 80.66 -116.01 -25.94
C ILE E 387 80.58 -114.59 -25.38
N GLU E 388 79.81 -113.71 -26.03
CA GLU E 388 79.67 -112.35 -25.52
C GLU E 388 78.68 -112.29 -24.36
N SER E 389 77.97 -113.39 -24.08
CA SER E 389 77.02 -113.40 -22.97
C SER E 389 77.63 -113.92 -21.68
N VAL E 390 78.62 -114.81 -21.77
CA VAL E 390 79.22 -115.34 -20.54
C VAL E 390 80.20 -114.33 -19.95
N ALA E 391 80.74 -113.44 -20.78
CA ALA E 391 81.64 -112.41 -20.29
C ALA E 391 80.92 -111.36 -19.45
N LYS E 392 79.61 -111.24 -19.61
CA LYS E 392 78.82 -110.29 -18.83
C LYS E 392 78.35 -110.89 -17.51
N ASN E 393 77.94 -112.17 -17.53
CA ASN E 393 77.44 -112.80 -16.32
C ASN E 393 78.55 -113.15 -15.35
N LEU E 394 79.76 -113.42 -15.85
CA LEU E 394 80.88 -113.71 -14.95
C LEU E 394 81.31 -112.46 -14.18
N SER E 395 81.14 -111.28 -14.78
CA SER E 395 81.52 -110.05 -14.11
C SER E 395 80.56 -109.70 -12.98
N ASP E 396 79.27 -109.98 -13.16
CA ASP E 396 78.32 -109.73 -12.08
C ASP E 396 78.37 -110.84 -11.04
N LEU E 397 78.73 -112.06 -11.44
CA LEU E 397 78.95 -113.12 -10.47
C LEU E 397 80.21 -112.88 -9.67
N LEU E 398 81.19 -112.17 -10.24
CA LEU E 398 82.42 -111.87 -9.52
C LEU E 398 82.17 -110.85 -8.41
N ILE E 399 81.29 -109.87 -8.66
CA ILE E 399 80.98 -108.87 -7.65
C ILE E 399 80.15 -109.49 -6.52
N LYS E 400 79.31 -110.48 -6.86
CA LYS E 400 78.40 -111.08 -5.89
C LYS E 400 79.15 -111.91 -4.86
N ILE E 401 80.25 -112.55 -5.25
CA ILE E 401 80.97 -113.42 -4.33
C ILE E 401 81.80 -112.61 -3.34
N LYS E 402 82.11 -111.34 -3.69
CA LYS E 402 82.91 -110.53 -2.79
C LYS E 402 82.05 -109.86 -1.71
N GLN E 403 80.75 -109.68 -2.00
CA GLN E 403 79.84 -109.15 -0.98
C GLN E 403 79.27 -110.26 -0.12
N ALA E 404 79.28 -111.50 -0.62
CA ALA E 404 78.61 -112.61 0.08
C ALA E 404 79.41 -113.11 1.27
N ASP E 405 80.66 -112.65 1.41
CA ASP E 405 81.53 -113.14 2.49
C ASP E 405 81.21 -112.51 3.84
N THR E 406 80.19 -111.65 3.93
CA THR E 406 79.90 -110.97 5.18
C THR E 406 79.12 -111.86 6.15
N ASN E 407 78.37 -112.84 5.62
CA ASN E 407 77.46 -113.60 6.49
C ASN E 407 77.51 -115.10 6.30
N THR E 408 77.58 -115.61 5.08
CA THR E 408 77.27 -117.02 4.90
C THR E 408 78.32 -117.67 4.02
N LYS E 409 78.75 -118.86 4.42
CA LYS E 409 79.60 -119.67 3.54
C LYS E 409 78.77 -120.49 2.57
N VAL E 410 77.52 -120.77 2.91
CA VAL E 410 76.62 -121.49 2.00
C VAL E 410 76.31 -120.64 0.78
N GLU E 411 76.31 -119.32 0.98
CA GLU E 411 76.14 -118.38 -0.12
C GLU E 411 77.33 -118.56 -1.06
N ASN E 412 78.52 -118.73 -0.50
CA ASN E 412 79.70 -118.98 -1.32
C ASN E 412 79.79 -120.41 -1.83
N VAL E 413 78.82 -121.26 -1.49
CA VAL E 413 78.77 -122.63 -1.96
C VAL E 413 77.61 -122.82 -2.93
N LEU E 414 76.48 -122.14 -2.69
CA LEU E 414 75.31 -122.24 -3.54
C LEU E 414 75.59 -121.70 -4.94
N SER E 415 76.44 -120.68 -5.04
CA SER E 415 76.73 -120.08 -6.33
C SER E 415 77.73 -120.90 -7.14
N ILE E 416 78.83 -121.33 -6.51
CA ILE E 416 79.97 -121.81 -7.29
C ILE E 416 79.78 -123.27 -7.71
N ASN E 417 78.85 -123.98 -7.07
CA ASN E 417 78.62 -125.39 -7.39
C ASN E 417 77.23 -125.65 -7.93
N ALA E 418 76.19 -125.22 -7.22
CA ALA E 418 74.83 -125.57 -7.64
C ALA E 418 74.29 -124.59 -8.67
N LEU E 419 74.43 -123.28 -8.42
CA LEU E 419 73.90 -122.26 -9.31
C LEU E 419 74.94 -121.87 -10.36
N ASN E 420 74.71 -120.71 -10.98
CA ASN E 420 75.19 -120.30 -12.30
C ASN E 420 76.69 -120.40 -12.52
N PHE E 421 77.51 -120.40 -11.48
CA PHE E 421 78.94 -120.21 -11.70
C PHE E 421 79.62 -121.49 -12.19
N SER E 422 79.12 -122.66 -11.78
CA SER E 422 79.67 -123.90 -12.30
C SER E 422 79.17 -124.19 -13.70
N ALA E 423 78.01 -123.62 -14.05
CA ALA E 423 77.43 -123.88 -15.38
C ALA E 423 78.05 -123.01 -16.45
N GLU E 424 78.53 -121.82 -16.09
CA GLU E 424 79.00 -120.88 -17.11
C GLU E 424 80.37 -121.27 -17.64
N PHE E 425 81.17 -121.97 -16.84
CA PHE E 425 82.50 -122.40 -17.29
C PHE E 425 82.45 -123.55 -18.30
N GLU E 426 81.31 -124.22 -18.44
CA GLU E 426 81.28 -125.45 -19.23
C GLU E 426 81.20 -125.16 -20.73
N LYS E 427 80.80 -123.94 -21.11
CA LYS E 427 80.48 -123.69 -22.51
C LYS E 427 81.73 -123.51 -23.35
N LEU E 428 82.86 -123.16 -22.73
CA LEU E 428 84.11 -123.12 -23.50
C LEU E 428 84.83 -124.46 -23.41
N LEU E 429 84.83 -125.09 -22.25
CA LEU E 429 85.42 -126.40 -22.05
C LEU E 429 84.47 -127.23 -21.18
N THR E 430 83.96 -128.32 -21.74
CA THR E 430 82.93 -129.08 -21.04
C THR E 430 83.52 -130.05 -20.01
N TYR E 431 84.52 -130.83 -20.41
CA TYR E 431 85.11 -131.82 -19.52
C TYR E 431 86.63 -131.77 -19.60
N ASP E 432 87.20 -130.58 -19.45
CA ASP E 432 88.65 -130.43 -19.56
C ASP E 432 89.38 -130.93 -18.33
N VAL E 433 88.65 -131.22 -17.24
CA VAL E 433 89.28 -131.60 -15.98
C VAL E 433 89.66 -133.09 -15.92
N ASN E 434 89.62 -133.80 -17.05
CA ASN E 434 89.96 -135.23 -17.03
C ASN E 434 91.44 -135.46 -16.81
N THR E 435 92.28 -134.48 -17.10
CA THR E 435 93.71 -134.59 -16.88
C THR E 435 94.24 -133.24 -16.42
N GLY E 436 95.57 -133.15 -16.32
CA GLY E 436 96.19 -131.87 -16.01
C GLY E 436 96.04 -130.89 -17.18
N LEU E 437 96.08 -131.39 -18.40
CA LEU E 437 95.85 -130.58 -19.59
C LEU E 437 94.41 -130.72 -20.04
N THR E 438 93.97 -129.76 -20.85
CA THR E 438 92.61 -129.79 -21.38
C THR E 438 92.47 -130.90 -22.43
N ALA E 439 91.78 -131.97 -22.06
CA ALA E 439 91.51 -133.09 -22.96
C ALA E 439 90.03 -133.42 -22.89
N SER E 440 89.65 -134.48 -23.61
CA SER E 440 88.25 -134.92 -23.79
C SER E 440 87.37 -133.78 -24.29
N VAL E 441 87.78 -133.17 -25.40
CA VAL E 441 87.17 -131.92 -25.89
C VAL E 441 85.80 -132.21 -26.51
N THR E 442 84.81 -132.34 -25.63
CA THR E 442 83.43 -132.55 -26.09
C THR E 442 82.82 -131.28 -26.66
N LEU E 443 83.12 -130.14 -26.05
CA LEU E 443 82.56 -128.86 -26.50
C LEU E 443 83.67 -127.84 -26.55
N ASP E 444 83.77 -127.16 -27.69
CA ASP E 444 84.85 -126.20 -27.90
C ASP E 444 84.34 -125.06 -28.77
N LEU E 445 84.24 -123.87 -28.16
CA LEU E 445 83.80 -122.68 -28.85
C LEU E 445 84.93 -121.98 -29.58
N PHE E 446 86.17 -122.36 -29.31
CA PHE E 446 87.34 -121.79 -29.98
C PHE E 446 87.84 -122.75 -31.04
N ALA E 447 89.00 -122.40 -31.61
CA ALA E 447 89.74 -123.15 -32.65
C ALA E 447 88.99 -123.27 -33.97
N ASN E 448 87.85 -122.59 -34.12
CA ASN E 448 87.21 -122.38 -35.41
C ASN E 448 87.48 -120.98 -35.94
N ILE E 449 88.30 -120.20 -35.23
CA ILE E 449 88.53 -118.81 -35.60
C ILE E 449 89.41 -118.73 -36.84
N GLY E 450 90.58 -119.35 -36.80
CA GLY E 450 91.53 -119.32 -37.89
C GLY E 450 91.08 -120.01 -39.16
N THR E 451 90.16 -120.97 -39.02
CA THR E 451 89.56 -121.58 -40.20
C THR E 451 88.60 -120.60 -40.88
N ARG E 452 87.84 -119.85 -40.09
CA ARG E 452 86.91 -118.90 -40.68
C ARG E 452 87.61 -117.60 -41.10
N LEU E 453 88.81 -117.34 -40.57
CA LEU E 453 89.50 -116.10 -40.91
C LEU E 453 90.15 -116.17 -42.29
N ASP E 454 90.88 -117.24 -42.58
CA ASP E 454 91.60 -117.29 -43.85
C ASP E 454 90.65 -117.56 -45.02
N ASP E 455 89.43 -118.01 -44.71
CA ASP E 455 88.37 -118.01 -45.72
C ASP E 455 88.01 -116.58 -46.13
N ILE E 456 87.98 -115.67 -45.15
CA ILE E 456 87.67 -114.27 -45.44
C ILE E 456 88.79 -113.60 -46.22
N ILE E 457 90.04 -114.00 -45.94
CA ILE E 457 91.21 -113.40 -46.60
C ILE E 457 91.20 -113.72 -48.09
N ALA E 458 90.74 -114.92 -48.45
CA ALA E 458 90.65 -115.29 -49.86
C ALA E 458 89.39 -114.72 -50.50
N ALA E 459 88.32 -114.55 -49.71
CA ALA E 459 87.06 -114.07 -50.26
C ALA E 459 87.13 -112.59 -50.62
N VAL E 460 87.81 -111.80 -49.81
CA VAL E 460 87.98 -110.37 -50.14
C VAL E 460 89.16 -110.19 -51.09
N SER E 461 89.91 -111.27 -51.37
CA SER E 461 90.99 -111.18 -52.34
C SER E 461 90.45 -111.13 -53.77
N ALA E 462 89.23 -111.63 -53.99
CA ALA E 462 88.62 -111.53 -55.31
C ALA E 462 88.05 -110.13 -55.56
N ALA E 463 87.88 -109.34 -54.50
CA ALA E 463 87.27 -108.02 -54.63
C ALA E 463 88.25 -106.93 -55.04
N GLU E 464 89.55 -107.19 -54.97
CA GLU E 464 90.51 -106.12 -55.33
C GLU E 464 90.66 -105.82 -56.83
N PRO E 465 90.42 -106.72 -57.80
CA PRO E 465 90.40 -106.23 -59.19
C PRO E 465 89.08 -105.69 -59.69
N ILE E 466 88.03 -105.64 -58.88
CA ILE E 466 86.72 -105.19 -59.35
C ILE E 466 86.33 -103.84 -58.77
N ASP E 467 87.13 -103.27 -57.87
CA ASP E 467 86.87 -101.96 -57.30
C ASP E 467 87.76 -100.93 -57.97
N VAL E 468 87.15 -99.86 -58.48
CA VAL E 468 87.87 -98.91 -59.32
C VAL E 468 87.73 -97.47 -58.85
N ASN E 469 86.87 -97.21 -57.87
CA ASN E 469 86.55 -95.82 -57.54
C ASN E 469 86.59 -95.48 -56.05
N ASN E 470 86.68 -96.45 -55.15
CA ASN E 470 86.47 -96.20 -53.72
C ASN E 470 87.80 -96.07 -53.00
N GLY E 471 87.91 -95.05 -52.15
CA GLY E 471 89.14 -94.73 -51.44
C GLY E 471 89.21 -95.31 -50.04
N LYS E 472 90.05 -94.66 -49.21
CA LYS E 472 90.44 -95.20 -47.92
C LYS E 472 89.32 -95.27 -46.90
N LEU E 473 88.48 -94.23 -46.82
CA LEU E 473 87.51 -94.10 -45.74
C LEU E 473 86.09 -94.47 -46.16
N ASN E 474 85.94 -95.21 -47.26
CA ASN E 474 84.61 -95.61 -47.71
C ASN E 474 84.04 -96.69 -46.80
N GLY E 475 82.84 -96.46 -46.30
CA GLY E 475 82.17 -97.41 -45.44
C GLY E 475 82.57 -97.40 -43.99
N ARG E 476 83.26 -96.35 -43.53
CA ARG E 476 83.74 -96.26 -42.16
C ARG E 476 82.85 -95.35 -41.34
N LEU E 477 82.80 -95.62 -40.04
CA LEU E 477 82.10 -94.75 -39.10
C LEU E 477 82.90 -93.47 -38.88
N LEU E 478 82.19 -92.39 -38.55
CA LEU E 478 82.85 -91.09 -38.38
C LEU E 478 83.71 -91.07 -37.11
N SER E 479 83.28 -91.77 -36.07
CA SER E 479 84.04 -91.81 -34.83
C SER E 479 85.34 -92.61 -34.99
N ASP E 480 85.36 -93.55 -35.94
CA ASP E 480 86.54 -94.41 -36.10
C ASP E 480 87.61 -93.79 -36.99
N ILE E 481 87.36 -92.66 -37.63
CA ILE E 481 88.39 -92.04 -38.47
C ILE E 481 89.19 -90.99 -37.71
N GLU E 482 88.81 -90.67 -36.48
CA GLU E 482 89.55 -89.67 -35.70
C GLU E 482 90.99 -90.09 -35.35
N PRO E 483 91.32 -91.34 -35.02
CA PRO E 483 92.75 -91.68 -34.97
C PRO E 483 93.40 -91.83 -36.33
N LEU E 484 92.62 -92.13 -37.37
CA LEU E 484 93.21 -92.38 -38.68
C LEU E 484 93.62 -91.09 -39.37
N ASP E 485 92.68 -90.15 -39.52
CA ASP E 485 92.97 -88.86 -40.14
C ASP E 485 92.23 -87.81 -39.32
N ASN E 486 92.97 -87.10 -38.47
CA ASN E 486 92.36 -86.15 -37.55
C ASN E 486 91.92 -84.88 -38.25
N ALA E 487 92.62 -84.48 -39.31
CA ALA E 487 92.29 -83.23 -39.99
C ALA E 487 91.03 -83.36 -40.84
N THR E 488 90.77 -84.56 -41.36
CA THR E 488 89.55 -84.78 -42.13
C THR E 488 88.33 -84.85 -41.21
N TYR E 489 88.51 -85.46 -40.02
CA TYR E 489 87.43 -85.59 -39.05
C TYR E 489 86.97 -84.24 -38.54
N ASN E 490 87.90 -83.30 -38.35
CA ASN E 490 87.51 -81.98 -37.84
C ASN E 490 86.83 -81.15 -38.93
N THR E 491 87.14 -81.42 -40.19
CA THR E 491 86.53 -80.66 -41.28
C THR E 491 85.08 -81.10 -41.50
N ILE E 492 84.79 -82.39 -41.30
CA ILE E 492 83.44 -82.89 -41.46
C ILE E 492 82.53 -82.35 -40.34
N LEU E 493 83.10 -82.13 -39.15
CA LEU E 493 82.32 -81.63 -38.02
C LEU E 493 81.85 -80.19 -38.24
N LEU E 494 82.64 -79.38 -38.96
CA LEU E 494 82.20 -78.02 -39.26
C LEU E 494 81.06 -78.00 -40.27
N GLU E 495 81.08 -78.91 -41.24
CA GLU E 495 80.03 -78.91 -42.26
C GLU E 495 78.71 -79.43 -41.70
N ILE E 496 78.77 -80.29 -40.68
CA ILE E 496 77.55 -80.79 -40.06
C ILE E 496 76.90 -79.69 -39.22
N ASN E 497 77.71 -78.92 -38.49
CA ASN E 497 77.19 -77.89 -37.61
C ASN E 497 76.73 -76.63 -38.33
N SER E 498 76.82 -76.57 -39.66
CA SER E 498 76.37 -75.39 -40.38
C SER E 498 74.86 -75.38 -40.62
N HIS E 499 74.15 -76.47 -40.31
CA HIS E 499 72.72 -76.55 -40.47
C HIS E 499 72.02 -76.22 -39.15
N LYS E 500 71.00 -75.39 -39.21
CA LYS E 500 70.33 -74.89 -38.01
C LYS E 500 68.89 -75.38 -37.94
N VAL E 501 68.31 -75.24 -36.75
CA VAL E 501 66.95 -75.69 -36.48
C VAL E 501 65.97 -74.56 -36.71
N THR E 502 64.83 -74.86 -37.33
CA THR E 502 63.72 -73.93 -37.45
C THR E 502 62.60 -74.41 -36.53
N LEU E 503 62.05 -73.50 -35.73
CA LEU E 503 61.02 -73.82 -34.76
C LEU E 503 59.78 -72.95 -34.97
N PRO E 504 58.61 -73.44 -34.56
CA PRO E 504 57.46 -72.56 -34.40
C PRO E 504 57.69 -71.60 -33.25
N PRO E 505 57.11 -70.39 -33.31
CA PRO E 505 57.52 -69.33 -32.38
C PRO E 505 56.82 -69.29 -31.03
N SER E 506 56.06 -70.32 -30.64
CA SER E 506 55.20 -70.17 -29.46
C SER E 506 55.97 -70.30 -28.15
N SER E 507 57.10 -71.00 -28.12
CA SER E 507 57.83 -71.14 -26.87
C SER E 507 58.76 -69.96 -26.62
N SER E 508 59.20 -69.26 -27.67
CA SER E 508 59.95 -68.02 -27.47
C SER E 508 59.01 -66.91 -27.00
N MET E 509 57.75 -66.96 -27.42
CA MET E 509 56.78 -65.96 -26.96
C MET E 509 56.46 -66.13 -25.49
N ALA E 510 56.43 -67.36 -25.00
CA ALA E 510 56.16 -67.62 -23.58
C ALA E 510 57.27 -67.08 -22.69
N GLY E 511 58.52 -67.17 -23.15
CA GLY E 511 59.62 -66.58 -22.39
C GLY E 511 59.55 -65.07 -22.37
N ALA E 512 59.09 -64.47 -23.47
CA ALA E 512 58.96 -63.01 -23.53
C ALA E 512 57.77 -62.52 -22.73
N TYR E 513 56.74 -63.35 -22.54
CA TYR E 513 55.63 -62.99 -21.66
C TYR E 513 56.11 -62.85 -20.21
N ALA E 514 57.00 -63.75 -19.78
CA ALA E 514 57.47 -63.73 -18.40
C ALA E 514 58.52 -62.63 -18.18
N ARG E 515 59.24 -62.26 -19.23
CA ARG E 515 60.26 -61.20 -19.11
C ARG E 515 59.61 -59.83 -18.97
N VAL E 516 58.52 -59.58 -19.70
CA VAL E 516 57.88 -58.26 -19.69
C VAL E 516 57.04 -58.07 -18.44
N ASP E 517 56.41 -59.15 -17.95
CA ASP E 517 55.59 -59.07 -16.74
C ASP E 517 56.45 -58.81 -15.51
N ASN E 518 57.69 -59.29 -15.52
CA ASN E 518 58.58 -59.04 -14.40
C ASN E 518 59.16 -57.62 -14.47
N ASP E 519 59.35 -57.10 -15.69
CA ASP E 519 59.97 -55.79 -15.84
C ASP E 519 58.96 -54.66 -15.69
N ARG E 520 57.80 -54.78 -16.30
CA ARG E 520 56.87 -53.67 -16.43
C ARG E 520 55.45 -53.99 -15.96
N GLY E 521 55.15 -55.24 -15.64
CA GLY E 521 53.81 -55.60 -15.19
C GLY E 521 53.03 -56.34 -16.26
N VAL E 522 51.87 -56.86 -15.84
CA VAL E 522 51.04 -57.67 -16.71
C VAL E 522 50.12 -56.83 -17.59
N TRP E 523 49.95 -55.54 -17.28
CA TRP E 523 49.13 -54.65 -18.08
C TRP E 523 49.90 -54.01 -19.24
N LYS E 524 51.16 -54.39 -19.46
CA LYS E 524 51.96 -53.88 -20.57
C LYS E 524 51.90 -54.87 -21.72
N SER E 525 51.61 -54.35 -22.93
CA SER E 525 51.48 -55.19 -24.12
C SER E 525 52.82 -55.83 -24.49
N PRO E 526 52.85 -57.13 -24.80
CA PRO E 526 54.11 -57.78 -25.21
C PRO E 526 54.41 -57.62 -26.70
N ALA E 527 54.59 -56.37 -27.13
CA ALA E 527 54.97 -56.04 -28.50
C ALA E 527 55.99 -54.92 -28.44
N ASN E 528 56.59 -54.63 -29.61
CA ASN E 528 57.76 -53.74 -29.76
C ASN E 528 58.91 -54.21 -28.87
N ILE E 529 59.24 -55.49 -29.00
CA ILE E 529 60.26 -56.16 -28.20
C ILE E 529 61.03 -57.13 -29.08
N GLY E 530 62.20 -57.54 -28.62
CA GLY E 530 63.07 -58.42 -29.38
C GLY E 530 63.10 -59.85 -28.88
N LEU E 531 63.59 -60.75 -29.74
CA LEU E 531 63.71 -62.17 -29.41
C LEU E 531 65.19 -62.59 -29.45
N ASN E 532 65.62 -63.31 -28.43
CA ASN E 532 66.99 -63.81 -28.36
C ASN E 532 67.11 -65.16 -29.06
N TYR E 533 68.34 -65.49 -29.47
CA TYR E 533 68.73 -66.73 -30.17
C TYR E 533 68.08 -66.88 -31.55
N VAL E 534 67.64 -65.78 -32.16
CA VAL E 534 66.91 -65.82 -33.41
C VAL E 534 67.71 -65.03 -34.45
N SER E 535 67.96 -65.65 -35.61
CA SER E 535 68.70 -64.96 -36.66
C SER E 535 67.78 -64.15 -37.56
N LYS E 536 66.66 -64.72 -37.98
CA LYS E 536 65.72 -64.05 -38.88
C LYS E 536 64.37 -64.78 -38.79
N PRO E 537 63.29 -64.14 -39.23
CA PRO E 537 62.07 -64.90 -39.53
C PRO E 537 62.26 -65.76 -40.78
N SER E 538 61.43 -66.81 -40.89
CA SER E 538 61.54 -67.73 -42.02
C SER E 538 60.91 -67.16 -43.29
N VAL E 539 59.90 -66.29 -43.15
CA VAL E 539 59.22 -65.67 -44.27
C VAL E 539 59.29 -64.16 -44.05
N THR E 540 59.43 -63.41 -45.13
CA THR E 540 59.40 -61.96 -45.10
C THR E 540 57.96 -61.49 -45.21
N VAL E 541 57.54 -60.61 -44.28
CA VAL E 541 56.21 -60.01 -44.28
C VAL E 541 56.41 -58.50 -44.39
N SER E 542 55.82 -57.91 -45.43
CA SER E 542 55.99 -56.49 -45.69
C SER E 542 54.95 -55.68 -44.92
N HIS E 543 54.99 -54.35 -45.15
CA HIS E 543 54.01 -53.45 -44.55
C HIS E 543 52.62 -53.70 -45.09
N GLU E 544 52.52 -53.94 -46.39
CA GLU E 544 51.23 -54.00 -47.07
C GLU E 544 50.47 -55.29 -46.81
N GLU E 545 51.15 -56.42 -46.54
CA GLU E 545 50.45 -57.66 -46.27
C GLU E 545 50.21 -57.93 -44.79
N GLN E 546 50.67 -57.06 -43.89
CA GLN E 546 50.28 -57.17 -42.49
C GLN E 546 48.93 -56.52 -42.21
N GLU E 547 48.38 -55.76 -43.16
CA GLU E 547 47.13 -55.05 -42.93
C GLU E 547 45.95 -56.01 -42.79
N SER E 548 45.90 -57.05 -43.64
CA SER E 548 44.82 -58.04 -43.50
C SER E 548 45.14 -59.06 -42.42
N MET E 549 46.36 -59.06 -41.88
CA MET E 549 46.66 -59.85 -40.70
C MET E 549 46.13 -59.18 -39.43
N ASN E 550 46.31 -57.87 -39.30
CA ASN E 550 45.98 -57.18 -38.06
C ASN E 550 44.48 -56.88 -37.96
N VAL E 551 43.87 -56.43 -39.05
CA VAL E 551 42.47 -56.03 -39.08
C VAL E 551 41.77 -56.82 -40.18
N HIS E 552 40.67 -57.47 -39.82
CA HIS E 552 39.98 -58.37 -40.74
C HIS E 552 38.49 -58.38 -40.42
N GLY E 553 37.70 -58.81 -41.41
CA GLY E 553 36.24 -58.81 -41.24
C GLY E 553 35.74 -59.90 -40.32
N THR E 554 36.48 -61.00 -40.20
CA THR E 554 36.13 -62.04 -39.23
C THR E 554 36.48 -61.62 -37.81
N GLY E 555 37.44 -60.71 -37.67
CA GLY E 555 37.96 -60.36 -36.37
C GLY E 555 39.08 -61.25 -35.87
N LYS E 556 39.50 -62.25 -36.65
CA LYS E 556 40.54 -63.18 -36.22
C LYS E 556 41.92 -62.65 -36.65
N SER E 557 42.59 -62.00 -35.69
CA SER E 557 43.85 -61.32 -35.95
C SER E 557 45.05 -62.25 -35.73
N VAL E 558 46.08 -62.06 -36.54
CA VAL E 558 47.32 -62.81 -36.44
C VAL E 558 48.47 -61.84 -36.24
N ASN E 559 49.29 -62.06 -35.22
CA ASN E 559 50.41 -61.19 -34.92
C ASN E 559 51.65 -61.60 -35.72
N ALA E 560 52.34 -60.60 -36.25
CA ALA E 560 53.43 -60.80 -37.19
C ALA E 560 54.81 -60.57 -36.55
N ILE E 561 55.77 -61.42 -36.92
CA ILE E 561 57.17 -61.24 -36.55
C ILE E 561 57.91 -60.67 -37.75
N ARG E 562 58.52 -59.50 -37.58
CA ARG E 562 59.08 -58.75 -38.70
C ARG E 562 60.49 -58.27 -38.41
N SER E 563 61.17 -57.80 -39.46
CA SER E 563 62.51 -57.23 -39.38
C SER E 563 62.47 -55.79 -39.82
N PHE E 564 63.28 -54.95 -39.18
CA PHE E 564 63.37 -53.52 -39.48
C PHE E 564 64.83 -53.12 -39.53
N VAL E 565 65.18 -52.23 -40.47
CA VAL E 565 66.56 -51.81 -40.65
C VAL E 565 67.01 -50.98 -39.45
N GLY E 566 68.10 -51.41 -38.82
CA GLY E 566 68.62 -50.74 -37.65
C GLY E 566 68.07 -51.22 -36.32
N LYS E 567 67.16 -52.18 -36.34
CA LYS E 567 66.44 -52.60 -35.14
C LYS E 567 66.40 -54.11 -34.93
N GLY E 568 66.60 -54.91 -35.97
CA GLY E 568 66.55 -56.35 -35.83
C GLY E 568 65.14 -56.93 -35.93
N THR E 569 65.02 -58.17 -35.46
CA THR E 569 63.78 -58.90 -35.50
C THR E 569 62.93 -58.59 -34.27
N LEU E 570 61.68 -58.18 -34.48
CA LEU E 570 60.80 -57.76 -33.41
C LEU E 570 59.45 -58.46 -33.50
N VAL E 571 58.75 -58.48 -32.37
CA VAL E 571 57.33 -58.82 -32.33
C VAL E 571 56.52 -57.57 -32.61
N TRP E 572 55.67 -57.61 -33.62
CA TRP E 572 54.90 -56.43 -34.05
C TRP E 572 53.43 -56.84 -34.16
N GLY E 573 52.71 -56.80 -33.05
CA GLY E 573 51.32 -57.17 -32.93
C GLY E 573 50.98 -57.68 -31.55
N ALA E 574 49.85 -57.22 -31.01
CA ALA E 574 49.45 -57.59 -29.65
C ALA E 574 47.93 -57.79 -29.52
N ARG E 575 47.33 -58.51 -30.45
CA ARG E 575 45.89 -58.74 -30.41
C ARG E 575 45.55 -60.19 -30.08
N THR E 576 44.33 -60.40 -29.57
CA THR E 576 43.75 -61.73 -29.43
C THR E 576 42.95 -62.09 -30.69
N LEU E 577 42.33 -63.26 -30.68
CA LEU E 577 41.50 -63.74 -31.78
C LEU E 577 40.07 -63.20 -31.74
N ALA E 578 39.78 -62.24 -30.86
CA ALA E 578 38.53 -61.51 -30.83
C ALA E 578 38.83 -60.03 -31.12
N GLY E 579 39.57 -59.82 -32.21
CA GLY E 579 40.19 -58.56 -32.56
C GLY E 579 39.28 -57.40 -32.96
N ASN E 580 37.97 -57.59 -33.06
CA ASN E 580 37.04 -56.48 -33.25
C ASN E 580 36.19 -56.21 -32.02
N ASP E 581 36.56 -56.74 -30.85
CA ASP E 581 35.83 -56.57 -29.60
C ASP E 581 36.36 -55.35 -28.85
N ASN E 582 35.47 -54.46 -28.41
CA ASN E 582 35.94 -53.26 -27.72
C ASN E 582 36.35 -53.57 -26.28
N GLU E 583 35.97 -54.73 -25.75
CA GLU E 583 36.38 -55.09 -24.40
C GLU E 583 37.60 -56.01 -24.41
N TRP E 584 37.72 -56.88 -25.41
CA TRP E 584 38.65 -58.00 -25.31
C TRP E 584 39.61 -58.14 -26.49
N ARG E 585 40.01 -57.06 -27.15
CA ARG E 585 40.87 -57.22 -28.33
C ARG E 585 42.35 -57.23 -27.99
N TYR E 586 42.76 -56.77 -26.82
CA TYR E 586 44.16 -56.69 -26.45
C TYR E 586 44.53 -57.79 -25.47
N ILE E 587 45.73 -58.33 -25.65
CA ILE E 587 46.22 -59.44 -24.84
C ILE E 587 46.40 -59.00 -23.39
N SER E 588 46.88 -57.78 -23.17
CA SER E 588 47.24 -57.34 -21.83
C SER E 588 46.00 -57.02 -20.99
N VAL E 589 44.91 -56.60 -21.63
CA VAL E 589 43.65 -56.37 -20.91
C VAL E 589 43.07 -57.68 -20.42
N ARG E 590 43.05 -58.71 -21.28
CA ARG E 590 42.53 -60.03 -20.92
C ARG E 590 43.36 -60.69 -19.82
N ARG E 591 44.68 -60.52 -19.85
CA ARG E 591 45.50 -61.21 -18.85
C ARG E 591 45.51 -60.46 -17.53
N PHE E 592 45.20 -59.16 -17.53
CA PHE E 592 45.04 -58.44 -16.26
C PHE E 592 43.72 -58.81 -15.58
N PHE E 593 42.66 -59.02 -16.36
CA PHE E 593 41.39 -59.50 -15.80
C PHE E 593 41.52 -60.92 -15.25
N ASN E 594 42.37 -61.75 -15.85
CA ASN E 594 42.59 -63.10 -15.33
C ASN E 594 43.31 -63.06 -13.98
N MET E 595 44.21 -62.08 -13.80
CA MET E 595 44.93 -61.98 -12.53
C MET E 595 44.03 -61.44 -11.42
N ALA E 596 43.30 -60.36 -11.72
CA ALA E 596 42.55 -59.65 -10.70
C ALA E 596 41.35 -60.44 -10.21
N GLU E 597 40.71 -61.23 -11.09
CA GLU E 597 39.53 -61.98 -10.69
C GLU E 597 39.89 -63.19 -9.84
N GLU E 598 41.03 -63.83 -10.12
CA GLU E 598 41.43 -64.99 -9.33
C GLU E 598 41.92 -64.60 -7.94
N SER E 599 42.60 -63.46 -7.83
CA SER E 599 43.11 -63.01 -6.54
C SER E 599 41.97 -62.61 -5.61
N ILE E 600 40.92 -62.01 -6.15
CA ILE E 600 39.76 -61.60 -5.35
C ILE E 600 38.94 -62.83 -4.96
N LYS E 601 38.86 -63.83 -5.84
CA LYS E 601 38.07 -65.02 -5.57
C LYS E 601 38.66 -65.86 -4.44
N LYS E 602 39.99 -65.97 -4.40
CA LYS E 602 40.64 -66.73 -3.33
C LYS E 602 40.51 -66.03 -1.98
N ALA E 603 40.51 -64.69 -1.97
CA ALA E 603 40.42 -63.96 -0.71
C ALA E 603 39.00 -63.96 -0.15
N THR E 604 38.00 -64.36 -0.95
CA THR E 604 36.59 -64.29 -0.59
C THR E 604 36.06 -65.58 0.05
N GLU E 605 36.82 -66.70 0.00
CA GLU E 605 36.28 -67.95 0.57
C GLU E 605 36.26 -67.96 2.09
N GLN E 606 36.86 -66.97 2.75
CA GLN E 606 36.75 -66.89 4.20
C GLN E 606 35.41 -66.31 4.64
N PHE E 607 34.56 -65.89 3.71
CA PHE E 607 33.29 -65.24 3.99
C PHE E 607 32.06 -66.09 3.65
N VAL E 608 32.21 -67.38 3.38
CA VAL E 608 31.15 -68.16 2.72
C VAL E 608 29.93 -68.37 3.62
N PHE E 609 30.14 -68.84 4.86
CA PHE E 609 29.01 -69.05 5.76
C PHE E 609 28.90 -67.98 6.83
N GLU E 610 29.40 -66.78 6.55
CA GLU E 610 29.34 -65.65 7.47
C GLU E 610 27.93 -65.06 7.52
N PRO E 611 27.60 -64.27 8.55
CA PRO E 611 26.31 -63.55 8.56
C PRO E 611 26.21 -62.54 7.42
N ASN E 612 25.09 -62.61 6.70
CA ASN E 612 24.86 -61.77 5.52
C ASN E 612 24.14 -60.49 5.92
N ASP E 613 24.86 -59.63 6.64
CA ASP E 613 24.29 -58.40 7.18
C ASP E 613 25.24 -57.22 6.93
N GLY E 614 24.89 -56.08 7.53
CA GLY E 614 25.60 -54.84 7.23
C GLY E 614 27.01 -54.78 7.75
N ASN E 615 27.33 -55.59 8.77
CA ASN E 615 28.68 -55.63 9.30
C ASN E 615 29.62 -56.34 8.32
N THR E 616 29.13 -57.37 7.64
CA THR E 616 29.93 -58.09 6.64
C THR E 616 30.14 -57.26 5.38
N TRP E 617 29.11 -56.51 4.96
CA TRP E 617 29.16 -55.79 3.69
C TRP E 617 30.14 -54.62 3.73
N VAL E 618 30.38 -54.07 4.92
CA VAL E 618 31.35 -52.98 5.07
C VAL E 618 32.77 -53.51 4.94
N ARG E 619 33.04 -54.68 5.50
CA ARG E 619 34.40 -55.22 5.46
C ARG E 619 34.72 -55.86 4.11
N VAL E 620 33.71 -56.39 3.42
CA VAL E 620 33.92 -56.96 2.08
C VAL E 620 34.25 -55.85 1.08
N ARG E 621 33.55 -54.72 1.18
CA ARG E 621 33.78 -53.59 0.28
C ARG E 621 35.17 -52.99 0.49
N ALA E 622 35.63 -52.92 1.74
CA ALA E 622 36.90 -52.27 2.02
C ALA E 622 38.09 -53.17 1.65
N MET E 623 37.90 -54.49 1.68
CA MET E 623 38.97 -55.40 1.24
C MET E 623 39.22 -55.29 -0.26
N ILE E 624 38.17 -55.18 -1.06
CA ILE E 624 38.31 -55.09 -2.51
C ILE E 624 38.80 -53.70 -2.91
N GLU E 625 38.39 -52.67 -2.18
CA GLU E 625 38.77 -51.30 -2.51
C GLU E 625 40.24 -51.03 -2.21
N ASN E 626 40.77 -51.65 -1.14
CA ASN E 626 42.19 -51.48 -0.81
C ASN E 626 43.09 -52.14 -1.84
N PHE E 627 42.62 -53.24 -2.44
CA PHE E 627 43.40 -53.94 -3.45
C PHE E 627 43.45 -53.15 -4.76
N LEU E 628 42.34 -52.55 -5.16
CA LEU E 628 42.28 -51.85 -6.43
C LEU E 628 42.95 -50.48 -6.39
N ILE E 629 43.13 -49.93 -5.17
CA ILE E 629 43.83 -48.66 -5.00
C ILE E 629 45.33 -48.85 -5.28
N LEU E 630 45.87 -50.02 -4.94
CA LEU E 630 47.26 -50.32 -5.26
C LEU E 630 47.46 -50.51 -6.77
N GLN E 631 46.45 -51.03 -7.47
CA GLN E 631 46.58 -51.22 -8.92
C GLN E 631 46.51 -49.89 -9.66
N TRP E 632 45.72 -48.94 -9.13
CA TRP E 632 45.66 -47.60 -9.71
C TRP E 632 46.98 -46.86 -9.52
N ARG E 633 47.66 -47.06 -8.38
CA ARG E 633 48.88 -46.31 -8.12
C ARG E 633 50.06 -46.87 -8.91
N ALA E 634 50.01 -48.15 -9.26
CA ALA E 634 51.05 -48.75 -10.08
C ALA E 634 50.90 -48.44 -11.57
N GLY E 635 49.77 -47.88 -11.99
CA GLY E 635 49.57 -47.51 -13.38
C GLY E 635 48.70 -48.43 -14.21
N ALA E 636 48.05 -49.43 -13.60
CA ALA E 636 47.23 -50.35 -14.38
C ALA E 636 45.84 -49.78 -14.67
N LEU E 637 45.38 -48.84 -13.85
CA LEU E 637 44.08 -48.21 -14.03
C LEU E 637 44.27 -46.73 -14.32
N ALA E 638 43.56 -46.23 -15.33
CA ALA E 638 43.67 -44.85 -15.78
C ALA E 638 42.69 -43.98 -15.01
N GLY E 639 43.17 -42.85 -14.51
CA GLY E 639 42.31 -41.91 -13.82
C GLY E 639 43.12 -40.89 -13.04
N ALA E 640 42.55 -39.70 -12.93
CA ALA E 640 43.21 -38.65 -12.15
C ALA E 640 42.91 -38.81 -10.66
N LYS E 641 41.84 -39.51 -10.33
CA LYS E 641 41.42 -39.72 -8.95
C LYS E 641 40.84 -41.12 -8.84
N PRO E 642 40.76 -41.72 -7.64
CA PRO E 642 40.34 -43.13 -7.54
C PRO E 642 38.92 -43.44 -7.96
N GLU E 643 37.99 -42.48 -7.88
CA GLU E 643 36.61 -42.78 -8.25
C GLU E 643 36.40 -42.70 -9.76
N HIS E 644 37.41 -42.22 -10.49
CA HIS E 644 37.38 -42.31 -11.95
C HIS E 644 37.85 -43.68 -12.42
N ALA E 645 38.52 -44.43 -11.56
CA ALA E 645 39.18 -45.65 -12.01
C ALA E 645 38.32 -46.90 -11.74
N PHE E 646 37.55 -46.91 -10.65
CA PHE E 646 36.79 -48.11 -10.31
C PHE E 646 35.57 -47.72 -9.47
N TYR E 647 34.72 -48.73 -9.21
CA TYR E 647 33.65 -48.64 -8.22
C TYR E 647 33.39 -50.04 -7.66
N VAL E 648 32.86 -50.09 -6.43
CA VAL E 648 32.47 -51.32 -5.76
C VAL E 648 31.12 -51.08 -5.07
N LYS E 649 30.15 -51.97 -5.32
CA LYS E 649 28.81 -51.87 -4.73
C LYS E 649 28.39 -53.21 -4.14
N VAL E 650 27.92 -53.21 -2.89
CA VAL E 650 27.35 -54.39 -2.25
C VAL E 650 26.41 -53.92 -1.13
N GLY E 651 25.23 -54.52 -1.05
CA GLY E 651 24.32 -54.22 0.05
C GLY E 651 22.88 -54.45 -0.32
N LEU E 652 22.03 -54.41 0.72
CA LEU E 652 20.58 -54.51 0.55
C LEU E 652 20.04 -53.17 0.06
N GLY E 653 19.23 -53.22 -1.00
CA GLY E 653 18.79 -52.01 -1.67
C GLY E 653 19.76 -51.44 -2.67
N GLN E 654 20.94 -52.05 -2.84
CA GLN E 654 21.91 -51.66 -3.86
C GLN E 654 22.15 -52.75 -4.86
N THR E 655 22.45 -53.97 -4.40
CA THR E 655 22.64 -55.12 -5.27
C THR E 655 21.71 -56.28 -4.94
N MET E 656 20.95 -56.22 -3.86
CA MET E 656 20.22 -57.37 -3.33
C MET E 656 18.81 -56.98 -2.92
N THR E 657 17.90 -57.95 -2.95
CA THR E 657 16.57 -57.82 -2.38
C THR E 657 16.47 -58.62 -1.09
N ALA E 658 15.34 -58.47 -0.40
CA ALA E 658 15.12 -59.22 0.84
C ALA E 658 14.85 -60.69 0.55
N GLN E 659 14.26 -60.98 -0.62
CA GLN E 659 14.10 -62.36 -1.05
C GLN E 659 15.45 -63.01 -1.35
N ASP E 660 16.44 -62.21 -1.77
CA ASP E 660 17.78 -62.73 -2.02
C ASP E 660 18.47 -63.16 -0.72
N ILE E 661 18.19 -62.45 0.38
CA ILE E 661 18.80 -62.77 1.67
C ILE E 661 18.30 -64.11 2.20
N LEU E 662 16.99 -64.38 2.04
CA LEU E 662 16.43 -65.65 2.51
C LEU E 662 16.97 -66.84 1.74
N GLU E 663 17.31 -66.65 0.46
CA GLU E 663 17.90 -67.72 -0.33
C GLU E 663 19.37 -67.94 -0.07
N GLY E 664 20.05 -66.99 0.59
CA GLY E 664 21.47 -67.12 0.86
C GLY E 664 22.39 -66.54 -0.19
N ASN E 665 21.98 -65.49 -0.89
CA ASN E 665 22.77 -64.87 -1.95
C ASN E 665 23.34 -63.54 -1.48
N MET E 666 24.60 -63.29 -1.85
CA MET E 666 25.25 -61.99 -1.68
C MET E 666 25.88 -61.58 -3.00
N ASN E 667 25.50 -60.42 -3.52
CA ASN E 667 25.94 -59.94 -4.82
C ASN E 667 26.90 -58.77 -4.67
N VAL E 668 28.06 -58.86 -5.35
CA VAL E 668 29.06 -57.79 -5.37
C VAL E 668 29.30 -57.40 -6.83
N GLU E 669 29.28 -56.09 -7.11
CA GLU E 669 29.45 -55.55 -8.45
C GLU E 669 30.70 -54.68 -8.52
N ILE E 670 31.54 -54.94 -9.53
CA ILE E 670 32.87 -54.31 -9.65
C ILE E 670 33.05 -53.85 -11.10
N GLY E 671 33.33 -52.55 -11.28
CA GLY E 671 33.63 -52.00 -12.59
C GLY E 671 35.03 -51.40 -12.71
N LEU E 672 35.72 -51.65 -13.82
CA LEU E 672 37.13 -51.30 -13.96
C LEU E 672 37.38 -50.49 -15.23
N ALA E 673 38.42 -49.66 -15.19
CA ALA E 673 38.88 -48.85 -16.32
C ALA E 673 40.37 -49.13 -16.54
N VAL E 674 40.67 -50.07 -17.42
CA VAL E 674 42.03 -50.60 -17.61
C VAL E 674 42.69 -49.85 -18.76
N VAL E 675 44.00 -49.59 -18.64
CA VAL E 675 44.74 -48.81 -19.64
C VAL E 675 44.96 -49.60 -20.92
N ARG E 676 44.74 -48.94 -22.06
CA ARG E 676 44.90 -49.52 -23.39
C ARG E 676 46.23 -49.10 -24.01
N PRO E 677 46.77 -49.89 -24.94
CA PRO E 677 47.99 -49.47 -25.62
C PRO E 677 47.74 -48.43 -26.69
N ALA E 678 48.82 -47.77 -27.10
CA ALA E 678 48.81 -46.77 -28.17
C ALA E 678 49.34 -47.42 -29.45
N GLU E 679 48.41 -47.92 -30.26
CA GLU E 679 48.76 -48.75 -31.41
C GLU E 679 49.05 -47.92 -32.65
N PHE E 680 48.30 -46.85 -32.87
CA PHE E 680 48.49 -45.98 -34.02
C PHE E 680 48.71 -44.55 -33.53
N ILE E 681 49.81 -43.92 -33.95
CA ILE E 681 50.16 -42.56 -33.58
C ILE E 681 50.10 -41.70 -34.82
N ILE E 682 49.26 -40.67 -34.81
CA ILE E 682 48.95 -39.87 -35.99
C ILE E 682 49.41 -38.43 -35.73
N LEU E 683 50.41 -37.99 -36.49
CA LEU E 683 50.95 -36.63 -36.39
C LEU E 683 50.30 -35.72 -37.43
N LYS E 684 49.69 -34.63 -36.99
CA LYS E 684 48.96 -33.71 -37.85
C LYS E 684 49.66 -32.36 -37.90
N PHE E 685 50.21 -32.01 -39.06
CA PHE E 685 51.00 -30.80 -39.25
C PHE E 685 50.20 -29.74 -40.00
N SER E 686 50.39 -28.48 -39.63
CA SER E 686 49.69 -27.37 -40.25
C SER E 686 50.47 -26.07 -40.08
N HIS E 687 50.19 -25.11 -40.94
CA HIS E 687 50.76 -23.76 -40.88
C HIS E 687 49.95 -22.89 -39.93
N LYS E 688 50.63 -22.01 -39.21
CA LYS E 688 49.95 -20.99 -38.42
C LYS E 688 50.44 -19.60 -38.84
N MET E 689 49.56 -18.61 -38.67
CA MET E 689 49.86 -17.25 -39.12
C MET E 689 50.91 -16.58 -38.25
N GLN E 690 51.74 -15.76 -38.88
CA GLN E 690 52.83 -15.06 -38.20
C GLN E 690 52.29 -13.95 -37.29
N ALA F 2 43.50 -42.09 -44.30
CA ALA F 2 42.59 -41.86 -43.20
C ALA F 2 42.27 -43.16 -42.46
N THR F 3 42.62 -44.29 -43.07
CA THR F 3 42.40 -45.61 -42.49
C THR F 3 43.75 -46.27 -42.24
N TYR F 4 43.95 -46.76 -41.02
CA TYR F 4 45.22 -47.36 -40.62
C TYR F 4 44.98 -48.75 -40.04
N LYS F 5 45.68 -49.73 -40.60
CA LYS F 5 45.58 -51.12 -40.16
C LYS F 5 46.86 -51.69 -39.60
N THR F 6 48.02 -51.33 -40.15
CA THR F 6 49.26 -51.81 -39.55
C THR F 6 49.81 -50.80 -38.53
N PRO F 7 50.38 -51.29 -37.43
CA PRO F 7 50.85 -50.40 -36.37
C PRO F 7 52.07 -49.56 -36.78
N GLY F 8 52.11 -48.34 -36.27
CA GLY F 8 53.25 -47.47 -36.48
C GLY F 8 52.86 -46.00 -36.29
N VAL F 9 53.67 -45.14 -36.89
CA VAL F 9 53.51 -43.68 -36.86
C VAL F 9 53.15 -43.22 -38.28
N TYR F 10 52.24 -42.26 -38.37
CA TYR F 10 51.79 -41.73 -39.66
C TYR F 10 51.82 -40.21 -39.64
N ILE F 11 51.90 -39.61 -40.83
CA ILE F 11 52.02 -38.17 -41.00
C ILE F 11 50.87 -37.68 -41.88
N GLU F 12 50.15 -36.67 -41.40
CA GLU F 12 49.05 -36.04 -42.13
C GLU F 12 49.31 -34.54 -42.26
N GLU F 13 48.97 -33.97 -43.40
CA GLU F 13 49.04 -32.53 -43.61
C GLU F 13 47.64 -31.97 -43.81
N ILE F 14 47.34 -30.87 -43.13
CA ILE F 14 46.03 -30.23 -43.16
C ILE F 14 46.16 -28.87 -43.83
N THR F 15 45.27 -28.59 -44.78
CA THR F 15 45.28 -27.38 -45.57
C THR F 15 44.40 -26.31 -44.93
N LYS F 16 45.00 -25.14 -44.64
CA LYS F 16 44.28 -24.06 -43.99
C LYS F 16 44.29 -22.76 -44.78
N PHE F 17 45.42 -22.38 -45.37
CA PHE F 17 45.52 -21.08 -46.02
C PHE F 17 44.82 -21.11 -47.37
N PRO F 18 44.17 -20.02 -47.78
CA PRO F 18 43.64 -19.95 -49.16
C PRO F 18 44.75 -19.69 -50.16
N PRO F 19 44.54 -20.04 -51.43
CA PRO F 19 45.49 -19.63 -52.48
C PRO F 19 45.30 -18.16 -52.83
N SER F 20 46.17 -17.67 -53.71
CA SER F 20 46.14 -16.27 -54.12
C SER F 20 45.85 -16.16 -55.62
N VAL F 21 45.26 -15.02 -56.00
CA VAL F 21 44.90 -14.71 -57.37
C VAL F 21 46.09 -14.08 -58.08
N ALA F 22 46.30 -14.43 -59.36
CA ALA F 22 47.38 -13.90 -60.18
C ALA F 22 46.79 -12.97 -61.24
N GLN F 23 47.31 -11.74 -61.30
CA GLN F 23 46.72 -10.70 -62.14
C GLN F 23 47.16 -10.82 -63.60
N VAL F 24 46.22 -10.55 -64.51
CA VAL F 24 46.44 -10.68 -65.95
C VAL F 24 46.86 -9.34 -66.54
N GLU F 25 47.44 -9.40 -67.75
CA GLU F 25 47.80 -8.20 -68.49
C GLU F 25 46.55 -7.45 -68.97
N THR F 26 46.67 -6.14 -69.13
CA THR F 26 45.51 -5.32 -69.45
C THR F 26 45.52 -4.71 -70.85
N ALA F 27 46.68 -4.47 -71.47
CA ALA F 27 46.73 -3.82 -72.78
C ALA F 27 47.70 -4.57 -73.70
N ILE F 28 47.19 -5.59 -74.38
CA ILE F 28 47.88 -6.29 -75.46
C ILE F 28 46.98 -6.21 -76.69
N PRO F 29 47.33 -5.41 -77.69
CA PRO F 29 46.50 -5.31 -78.90
C PRO F 29 46.85 -6.35 -79.97
N ALA F 30 45.96 -6.44 -80.95
CA ALA F 30 46.14 -7.30 -82.12
C ALA F 30 45.88 -6.49 -83.38
N PHE F 31 46.82 -6.52 -84.33
CA PHE F 31 46.72 -5.79 -85.59
C PHE F 31 46.44 -6.78 -86.72
N ILE F 32 45.40 -6.51 -87.50
CA ILE F 32 44.89 -7.43 -88.52
C ILE F 32 44.88 -6.70 -89.87
N GLY F 33 45.71 -7.14 -90.81
CA GLY F 33 45.80 -6.48 -92.09
C GLY F 33 46.88 -7.10 -92.97
N TYR F 34 47.24 -6.35 -94.02
CA TYR F 34 48.16 -6.83 -95.06
C TYR F 34 49.60 -6.47 -94.75
N THR F 35 50.53 -7.39 -95.09
CA THR F 35 51.95 -7.17 -94.90
C THR F 35 52.70 -7.37 -96.21
N GLN F 36 54.02 -7.21 -96.16
CA GLN F 36 54.83 -7.37 -97.37
C GLN F 36 55.15 -8.83 -97.67
N PHE F 37 55.68 -9.59 -96.71
CA PHE F 37 55.88 -11.00 -97.02
C PHE F 37 55.43 -12.06 -96.00
N ALA F 38 55.54 -11.83 -94.69
CA ALA F 38 55.10 -12.76 -93.62
C ALA F 38 55.80 -14.12 -93.68
N ARG F 39 57.10 -14.11 -93.34
CA ARG F 39 57.92 -15.33 -93.40
C ARG F 39 58.46 -15.70 -92.02
N THR F 40 58.52 -17.02 -91.74
CA THR F 40 59.14 -17.47 -90.49
C THR F 40 60.66 -17.43 -90.57
N LYS F 41 61.22 -17.86 -91.69
CA LYS F 41 62.65 -17.73 -91.92
C LYS F 41 62.86 -16.68 -93.00
N PRO F 42 63.55 -15.56 -92.68
CA PRO F 42 63.57 -14.42 -93.62
C PRO F 42 64.37 -14.68 -94.89
N SER F 43 65.31 -15.63 -94.88
CA SER F 43 66.08 -15.91 -96.08
C SER F 43 65.30 -16.78 -97.06
N VAL F 44 64.57 -17.78 -96.55
CA VAL F 44 63.80 -18.69 -97.38
C VAL F 44 62.49 -18.03 -97.77
N ASP F 45 62.20 -18.00 -99.07
CA ASP F 45 61.08 -17.25 -99.65
C ASP F 45 59.81 -18.08 -99.63
N SER F 46 59.12 -18.09 -98.49
CA SER F 46 57.86 -18.83 -98.36
C SER F 46 56.98 -18.13 -97.33
N ASP F 47 55.77 -17.76 -97.75
CA ASP F 47 54.83 -17.05 -96.88
C ASP F 47 54.03 -18.07 -96.09
N ASP F 48 54.64 -18.62 -95.03
CA ASP F 48 53.96 -19.57 -94.17
C ASP F 48 53.37 -18.95 -92.91
N LEU F 49 53.40 -17.62 -92.78
CA LEU F 49 52.77 -16.91 -91.67
C LEU F 49 51.50 -16.18 -92.08
N ILE F 50 50.73 -16.71 -93.05
CA ILE F 50 49.65 -15.95 -93.67
C ILE F 50 48.51 -15.72 -92.68
N LEU F 51 47.96 -16.78 -92.10
CA LEU F 51 46.89 -16.61 -91.11
C LEU F 51 47.25 -17.22 -89.76
N LYS F 52 48.48 -16.98 -89.28
CA LYS F 52 48.94 -17.46 -87.98
C LYS F 52 49.27 -16.27 -87.09
N PRO F 53 48.68 -16.16 -85.90
CA PRO F 53 49.04 -15.06 -85.00
C PRO F 53 50.43 -15.25 -84.40
N LYS F 54 51.18 -14.16 -84.37
CA LYS F 54 52.55 -14.16 -83.87
C LYS F 54 52.78 -12.96 -82.95
N ARG F 55 53.47 -13.21 -81.83
CA ARG F 55 53.73 -12.19 -80.83
C ARG F 55 55.12 -11.58 -81.05
N ILE F 56 55.17 -10.27 -81.29
CA ILE F 56 56.40 -9.53 -81.50
C ILE F 56 56.59 -8.57 -80.34
N SER F 57 57.73 -7.88 -80.31
CA SER F 57 58.08 -7.03 -79.18
C SER F 57 58.54 -5.63 -79.55
N SER F 58 58.94 -5.39 -80.80
CA SER F 58 59.44 -4.08 -81.20
C SER F 58 59.22 -3.91 -82.70
N LEU F 59 59.57 -2.72 -83.18
CA LEU F 59 59.45 -2.45 -84.62
C LEU F 59 60.52 -3.20 -85.41
N LEU F 60 61.65 -3.51 -84.78
CA LEU F 60 62.68 -4.27 -85.47
C LEU F 60 62.28 -5.73 -85.64
N ASP F 61 61.47 -6.25 -84.71
CA ASP F 61 60.94 -7.60 -84.86
C ASP F 61 59.93 -7.68 -86.00
N PHE F 62 59.22 -6.58 -86.28
CA PHE F 62 58.21 -6.60 -87.33
C PHE F 62 58.83 -6.67 -88.72
N THR F 63 59.88 -5.88 -88.95
CA THR F 63 60.44 -5.82 -90.30
C THR F 63 61.27 -7.06 -90.63
N THR F 64 61.69 -7.80 -89.60
CA THR F 64 62.37 -9.07 -89.80
C THR F 64 61.44 -10.09 -90.45
N TYR F 65 60.23 -10.24 -89.90
CA TYR F 65 59.31 -11.26 -90.36
C TYR F 65 58.31 -10.76 -91.41
N TYR F 66 58.02 -9.45 -91.44
CA TYR F 66 56.96 -8.94 -92.29
C TYR F 66 57.39 -7.87 -93.28
N GLY F 67 58.49 -7.16 -93.04
CA GLY F 67 58.95 -6.14 -93.97
C GLY F 67 58.46 -4.74 -93.64
N GLY F 68 58.45 -3.90 -94.68
CA GLY F 68 58.03 -2.52 -94.54
C GLY F 68 56.84 -2.12 -95.38
N ALA F 69 56.75 -0.84 -95.73
CA ALA F 69 55.63 -0.30 -96.49
C ALA F 69 55.83 -0.51 -97.99
N GLN F 70 54.80 -0.15 -98.76
CA GLN F 70 54.84 -0.23 -100.21
C GLN F 70 55.29 1.11 -100.79
N ASN F 71 56.13 1.04 -101.82
CA ASN F 71 56.58 2.24 -102.53
C ASN F 71 55.43 2.91 -103.26
N GLU F 72 55.35 4.24 -103.14
CA GLU F 72 54.29 4.99 -103.80
C GLU F 72 54.54 5.11 -105.29
N GLN F 73 53.47 5.10 -106.08
CA GLN F 73 53.56 5.16 -107.53
C GLN F 73 52.99 6.44 -108.12
N GLY F 74 52.49 7.37 -107.30
CA GLY F 74 51.86 8.58 -107.79
C GLY F 74 52.62 9.88 -107.63
N ILE F 75 53.96 9.83 -107.64
CA ILE F 75 54.76 11.08 -107.45
C ILE F 75 55.30 11.58 -108.81
N THR F 76 55.13 12.87 -109.09
CA THR F 76 55.60 13.49 -110.32
C THR F 76 56.46 14.71 -110.00
N VAL F 77 57.50 14.93 -110.80
CA VAL F 77 58.44 16.04 -110.61
C VAL F 77 58.47 16.86 -111.90
N LYS F 78 58.39 18.18 -111.76
CA LYS F 78 58.38 19.13 -112.87
C LYS F 78 59.50 20.14 -112.70
N LEU F 79 60.24 20.40 -113.79
CA LEU F 79 61.31 21.39 -113.81
C LEU F 79 61.06 22.40 -114.92
N THR F 80 61.27 23.69 -114.61
CA THR F 80 61.05 24.77 -115.58
C THR F 80 62.17 25.80 -115.46
N ASP F 81 62.79 26.12 -116.59
CA ASP F 81 63.80 27.16 -116.69
C ASP F 81 63.20 28.37 -117.39
N THR F 82 63.41 29.56 -116.84
CA THR F 82 62.76 30.78 -117.30
C THR F 82 63.81 31.89 -117.31
N LEU F 83 63.55 32.95 -118.08
CA LEU F 83 64.36 34.16 -118.07
C LEU F 83 63.48 35.35 -117.75
N ILE F 84 63.82 36.07 -116.69
CA ILE F 84 63.06 37.24 -116.23
C ILE F 84 63.99 38.45 -116.29
N GLU F 85 63.80 39.27 -117.34
CA GLU F 85 64.61 40.45 -117.71
C GLU F 85 66.11 40.17 -117.62
N GLY F 86 66.53 39.05 -118.21
CA GLY F 86 67.93 38.68 -118.24
C GLY F 86 68.44 37.94 -117.04
N ALA F 87 67.57 37.60 -116.08
CA ALA F 87 67.95 36.86 -114.88
C ALA F 87 67.32 35.49 -114.91
N GLU F 88 68.08 34.47 -114.50
CA GLU F 88 67.60 33.10 -114.57
C GLU F 88 66.65 32.81 -113.40
N ASN F 89 65.67 31.95 -113.65
CA ASN F 89 64.73 31.50 -112.63
C ASN F 89 64.42 30.04 -112.87
N ARG F 90 64.58 29.23 -111.82
CA ARG F 90 64.31 27.79 -111.87
C ARG F 90 63.17 27.47 -110.91
N THR F 91 62.18 26.70 -111.39
CA THR F 91 61.01 26.35 -110.63
C THR F 91 60.93 24.82 -110.50
N ILE F 92 60.74 24.33 -109.29
CA ILE F 92 60.57 22.91 -109.01
C ILE F 92 59.19 22.70 -108.39
N ASN F 93 58.39 21.84 -109.00
CA ASN F 93 57.01 21.64 -108.59
C ASN F 93 56.75 20.16 -108.34
N VAL F 94 56.52 19.81 -107.08
CA VAL F 94 56.09 18.46 -106.70
C VAL F 94 54.73 18.59 -106.00
N PRO F 95 53.62 18.28 -106.67
CA PRO F 95 52.33 18.32 -106.00
C PRO F 95 52.13 17.11 -105.09
N GLU F 96 51.21 17.25 -104.15
CA GLU F 96 50.86 16.13 -103.30
C GLU F 96 50.05 15.11 -104.11
N PRO F 97 50.32 13.82 -103.94
CA PRO F 97 49.69 12.81 -104.81
C PRO F 97 48.23 12.60 -104.48
N THR F 98 47.41 12.49 -105.53
CA THR F 98 45.99 12.21 -105.38
C THR F 98 45.68 10.71 -105.35
N PHE F 99 46.62 9.86 -105.74
CA PHE F 99 46.46 8.42 -105.70
C PHE F 99 47.52 7.85 -104.75
N LYS F 100 47.07 7.28 -103.65
CA LYS F 100 47.96 6.75 -102.61
C LYS F 100 47.79 5.24 -102.50
N SER F 101 48.74 4.61 -101.81
CA SER F 101 48.64 3.18 -101.52
C SER F 101 47.61 2.94 -100.43
N PRO F 102 46.80 1.88 -100.51
CA PRO F 102 45.76 1.66 -99.50
C PRO F 102 46.24 0.95 -98.23
N TYR F 103 47.52 0.64 -98.15
CA TYR F 103 48.07 -0.13 -97.03
C TYR F 103 48.64 0.81 -95.98
N LEU F 104 48.26 0.59 -94.72
CA LEU F 104 48.59 1.52 -93.64
C LEU F 104 49.15 0.83 -92.40
N MET F 105 49.56 -0.43 -92.49
CA MET F 105 49.88 -1.20 -91.30
C MET F 105 51.25 -0.82 -90.73
N PHE F 106 52.24 -0.64 -91.60
CA PHE F 106 53.59 -0.27 -91.15
C PHE F 106 53.61 1.14 -90.56
N TYR F 107 52.79 2.05 -91.10
CA TYR F 107 52.71 3.40 -90.55
C TYR F 107 52.05 3.40 -89.18
N SER F 108 51.04 2.56 -88.98
CA SER F 108 50.31 2.53 -87.72
C SER F 108 51.14 1.93 -86.60
N LEU F 109 52.04 1.00 -86.93
CA LEU F 109 52.90 0.43 -85.91
C LEU F 109 54.01 1.40 -85.50
N GLN F 110 54.39 2.31 -86.40
CA GLN F 110 55.31 3.38 -86.04
C GLN F 110 54.66 4.33 -85.04
N MET F 111 53.37 4.59 -85.19
CA MET F 111 52.67 5.48 -84.27
C MET F 111 52.44 4.82 -82.92
N TYR F 112 52.28 3.50 -82.91
CA TYR F 112 52.01 2.75 -81.69
C TYR F 112 53.23 2.70 -80.78
N PHE F 113 54.41 2.40 -81.34
CA PHE F 113 55.61 2.33 -80.53
C PHE F 113 56.12 3.70 -80.12
N ALA F 114 55.74 4.75 -80.87
CA ALA F 114 56.17 6.10 -80.52
C ALA F 114 55.34 6.68 -79.38
N ASN F 115 54.20 6.09 -79.07
CA ASN F 115 53.32 6.59 -78.03
C ASN F 115 53.33 5.72 -76.77
N GLY F 116 54.20 4.72 -76.71
CA GLY F 116 54.40 3.95 -75.51
C GLY F 116 53.91 2.52 -75.53
N GLY F 117 53.78 1.91 -76.70
CA GLY F 117 53.28 0.55 -76.77
C GLY F 117 54.34 -0.49 -76.45
N GLY F 118 53.86 -1.66 -76.03
CA GLY F 118 54.70 -2.79 -75.73
C GLY F 118 54.48 -3.96 -76.66
N PRO F 119 54.43 -5.17 -76.12
CA PRO F 119 54.22 -6.36 -76.96
C PRO F 119 52.81 -6.45 -77.51
N CYS F 120 52.70 -6.94 -78.74
CA CYS F 120 51.43 -7.02 -79.45
C CYS F 120 51.44 -8.23 -80.37
N TYR F 121 50.27 -8.54 -80.93
CA TYR F 121 50.10 -9.67 -81.82
C TYR F 121 49.83 -9.20 -83.25
N ILE F 122 50.39 -9.92 -84.22
CA ILE F 122 50.25 -9.61 -85.63
C ILE F 122 49.48 -10.73 -86.31
N VAL F 123 48.41 -10.38 -87.01
CA VAL F 123 47.66 -11.32 -87.83
C VAL F 123 47.65 -10.80 -89.26
N SER F 124 48.46 -11.40 -90.11
CA SER F 124 48.48 -11.07 -91.53
C SER F 124 47.18 -11.58 -92.18
N THR F 125 46.79 -10.94 -93.29
CA THR F 125 45.65 -11.42 -94.07
C THR F 125 45.98 -11.65 -95.53
N GLY F 126 47.25 -11.56 -95.90
CA GLY F 126 47.66 -11.63 -97.28
C GLY F 126 48.82 -10.68 -97.51
N VAL F 127 49.27 -10.65 -98.75
CA VAL F 127 50.40 -9.81 -99.13
C VAL F 127 49.91 -8.71 -100.07
N TYR F 128 50.83 -7.79 -100.40
CA TYR F 128 50.48 -6.64 -101.23
C TYR F 128 50.20 -7.07 -102.67
N ASP F 129 49.27 -6.37 -103.31
CA ASP F 129 49.05 -6.49 -104.74
C ASP F 129 49.73 -5.32 -105.46
N ASP F 130 50.01 -5.51 -106.74
CA ASP F 130 50.72 -4.53 -107.55
C ASP F 130 49.75 -3.50 -108.14
N TRP F 131 50.28 -2.33 -108.43
CA TRP F 131 49.52 -1.31 -109.14
C TRP F 131 49.40 -1.70 -110.61
N SER F 132 48.21 -1.51 -111.17
CA SER F 132 48.04 -1.75 -112.59
C SER F 132 48.67 -0.67 -113.46
N ASP F 133 48.49 0.60 -113.11
CA ASP F 133 49.26 1.69 -113.67
C ASP F 133 49.37 2.79 -112.62
N SER F 134 49.74 3.99 -113.06
CA SER F 134 50.11 5.04 -112.12
C SER F 134 48.89 5.70 -111.47
N GLU F 135 47.68 5.40 -111.95
CA GLU F 135 46.48 5.99 -111.39
C GLU F 135 45.45 4.96 -110.95
N THR F 136 45.85 3.70 -110.75
CA THR F 136 44.94 2.67 -110.23
C THR F 136 45.64 1.90 -109.12
N PRO F 137 45.46 2.29 -107.85
CA PRO F 137 46.00 1.50 -106.74
C PRO F 137 45.19 0.24 -106.53
N PRO F 138 45.75 -0.77 -105.84
CA PRO F 138 44.98 -1.98 -105.55
C PRO F 138 43.85 -1.76 -104.55
N THR F 139 43.02 -2.79 -104.41
CA THR F 139 41.82 -2.74 -103.60
C THR F 139 41.95 -3.65 -102.37
N ILE F 140 41.10 -3.39 -101.39
CA ILE F 140 41.07 -4.12 -100.13
C ILE F 140 39.77 -4.92 -100.08
N ASN F 141 39.87 -6.20 -99.74
CA ASN F 141 38.72 -7.11 -99.81
C ASN F 141 38.14 -7.32 -98.41
N PHE F 142 36.80 -7.35 -98.34
CA PHE F 142 36.11 -7.56 -97.07
C PHE F 142 36.29 -8.99 -96.55
N SER F 143 36.42 -9.96 -97.47
CA SER F 143 36.46 -11.36 -97.06
C SER F 143 37.80 -11.75 -96.43
N ASP F 144 38.86 -10.99 -96.69
CA ASP F 144 40.14 -11.25 -96.05
C ASP F 144 40.18 -10.76 -94.61
N LEU F 145 39.61 -9.59 -94.34
CA LEU F 145 39.63 -9.02 -92.99
C LEU F 145 38.72 -9.79 -92.03
N GLU F 146 37.61 -10.33 -92.54
CA GLU F 146 36.73 -11.11 -91.66
C GLU F 146 37.33 -12.49 -91.39
N SER F 147 38.13 -13.00 -92.32
CA SER F 147 38.83 -14.26 -92.09
C SER F 147 39.92 -14.10 -91.03
N GLY F 148 40.48 -12.90 -90.90
CA GLY F 148 41.46 -12.67 -89.86
C GLY F 148 40.84 -12.57 -88.48
N LEU F 149 39.58 -12.12 -88.41
CA LEU F 149 38.89 -12.02 -87.14
C LEU F 149 38.50 -13.39 -86.59
N ALA F 150 38.37 -14.40 -87.46
CA ALA F 150 37.97 -15.73 -87.01
C ALA F 150 39.14 -16.46 -86.35
N VAL F 151 40.37 -16.17 -86.73
CA VAL F 151 41.51 -16.87 -86.14
C VAL F 151 41.94 -16.21 -84.83
N ILE F 152 41.57 -14.94 -84.63
CA ILE F 152 41.94 -14.27 -83.38
C ILE F 152 40.98 -14.65 -82.25
N ARG F 153 39.85 -15.27 -82.59
CA ARG F 153 38.90 -15.78 -81.61
C ARG F 153 39.49 -16.95 -80.81
N LYS F 154 40.44 -17.67 -81.39
CA LYS F 154 41.06 -18.81 -80.75
C LYS F 154 42.26 -18.44 -79.88
N GLU F 155 42.68 -17.19 -79.86
CA GLU F 155 43.78 -16.76 -79.02
C GLU F 155 43.27 -16.19 -77.71
N ASP F 156 44.04 -16.42 -76.64
CA ASP F 156 43.63 -16.08 -75.28
C ASP F 156 44.12 -14.71 -74.81
N GLU F 157 45.36 -14.36 -75.12
CA GLU F 157 46.06 -13.23 -74.54
C GLU F 157 45.70 -11.80 -75.00
N PRO F 158 45.36 -11.50 -76.27
CA PRO F 158 45.04 -10.09 -76.62
C PRO F 158 43.80 -9.54 -75.94
N THR F 159 43.83 -8.23 -75.67
CA THR F 159 42.74 -7.51 -75.02
C THR F 159 42.14 -6.42 -75.89
N LEU F 160 42.71 -6.14 -77.06
CA LEU F 160 42.25 -5.04 -77.91
C LEU F 160 42.30 -5.43 -79.39
N LEU F 161 41.27 -5.03 -80.14
CA LEU F 161 41.09 -5.41 -81.54
C LEU F 161 41.16 -4.17 -82.44
N LEU F 162 41.98 -4.23 -83.50
CA LEU F 162 42.17 -3.12 -84.42
C LEU F 162 42.29 -3.63 -85.86
N PHE F 163 41.84 -2.79 -86.81
CA PHE F 163 41.91 -3.04 -88.24
C PHE F 163 42.49 -1.82 -88.93
N PRO F 164 43.80 -1.78 -89.18
CA PRO F 164 44.42 -0.54 -89.67
C PRO F 164 44.14 -0.17 -91.13
N ASP F 165 43.62 -1.09 -91.94
CA ASP F 165 43.41 -0.83 -93.37
C ASP F 165 41.94 -0.57 -93.69
N ALA F 166 41.09 -0.54 -92.67
CA ALA F 166 39.64 -0.63 -92.86
C ALA F 166 39.00 0.61 -93.46
N THR F 167 39.59 1.80 -93.30
CA THR F 167 39.00 3.00 -93.87
C THR F 167 39.12 3.07 -95.38
N ASN F 168 39.93 2.22 -96.01
CA ASN F 168 40.07 2.17 -97.46
C ASN F 168 39.24 1.06 -98.08
N LEU F 169 38.22 0.58 -97.38
CA LEU F 169 37.28 -0.40 -97.88
C LEU F 169 36.37 0.25 -98.93
N PRO F 170 35.84 -0.52 -99.90
CA PRO F 170 35.12 0.11 -101.02
C PRO F 170 33.80 0.80 -100.67
N THR F 171 32.94 0.20 -99.84
CA THR F 171 31.71 0.85 -99.42
C THR F 171 31.72 1.06 -97.92
N ASP F 172 30.87 1.98 -97.46
CA ASP F 172 30.77 2.24 -96.03
C ASP F 172 29.97 1.16 -95.32
N ASP F 173 29.07 0.47 -96.03
CA ASP F 173 28.30 -0.61 -95.44
C ASP F 173 29.19 -1.80 -95.07
N GLU F 174 30.25 -2.03 -95.84
CA GLU F 174 31.22 -3.06 -95.46
C GLU F 174 32.02 -2.64 -94.23
N PHE F 175 32.28 -1.34 -94.10
CA PHE F 175 33.03 -0.82 -92.96
C PHE F 175 32.28 -0.98 -91.65
N TYR F 176 30.97 -0.66 -91.65
CA TYR F 176 30.19 -0.78 -90.41
C TYR F 176 29.90 -2.23 -90.07
N SER F 177 29.73 -3.08 -91.09
CA SER F 177 29.44 -4.50 -90.87
C SER F 177 30.64 -5.23 -90.28
N LEU F 178 31.85 -4.77 -90.59
CA LEU F 178 33.04 -5.36 -89.99
C LEU F 178 33.14 -5.04 -88.51
N TYR F 179 32.77 -3.82 -88.12
CA TYR F 179 32.86 -3.44 -86.72
C TYR F 179 31.68 -3.97 -85.91
N ASN F 180 30.58 -4.34 -86.57
CA ASN F 180 29.50 -5.02 -85.86
C ASN F 180 29.91 -6.45 -85.48
N SER F 181 30.80 -7.05 -86.28
CA SER F 181 31.25 -8.41 -86.00
C SER F 181 32.27 -8.44 -84.86
N ALA F 182 33.05 -7.37 -84.70
CA ALA F 182 34.02 -7.31 -83.62
C ALA F 182 33.34 -7.12 -82.27
N LEU F 183 32.24 -6.37 -82.22
CA LEU F 183 31.52 -6.18 -80.97
C LEU F 183 30.75 -7.42 -80.55
N MET F 184 30.36 -8.27 -81.50
CA MET F 184 29.73 -9.53 -81.14
C MET F 184 30.75 -10.53 -80.59
N GLN F 185 32.00 -10.47 -81.06
CA GLN F 185 33.04 -11.29 -80.47
C GLN F 185 33.40 -10.82 -79.07
N CYS F 186 33.35 -9.51 -78.82
CA CYS F 186 33.67 -8.99 -77.50
C CYS F 186 32.56 -9.30 -76.50
N ASN F 187 31.33 -9.47 -76.97
CA ASN F 187 30.25 -9.89 -76.10
C ASN F 187 30.39 -11.37 -75.71
N ASP F 188 30.79 -12.21 -76.66
CA ASP F 188 30.84 -13.65 -76.42
C ASP F 188 32.02 -14.03 -75.51
N LEU F 189 33.22 -13.55 -75.84
CA LEU F 189 34.39 -13.93 -75.06
C LEU F 189 34.47 -13.14 -73.76
N GLN F 190 33.73 -12.03 -73.68
CA GLN F 190 33.59 -11.10 -72.55
C GLN F 190 34.89 -10.71 -71.86
N ASP F 191 35.99 -10.56 -72.62
CA ASP F 191 37.28 -10.17 -72.06
C ASP F 191 38.07 -9.21 -72.94
N ARG F 192 37.45 -8.58 -73.95
CA ARG F 192 38.15 -7.73 -74.91
C ARG F 192 37.42 -6.40 -75.08
N PHE F 193 38.03 -5.52 -75.85
CA PHE F 193 37.55 -4.16 -76.10
C PHE F 193 37.97 -3.72 -77.50
N THR F 194 37.13 -2.91 -78.16
CA THR F 194 37.35 -2.50 -79.54
C THR F 194 37.52 -0.99 -79.64
N ILE F 195 38.44 -0.55 -80.50
CA ILE F 195 38.66 0.88 -80.77
C ILE F 195 38.25 1.18 -82.20
N LEU F 196 37.36 2.16 -82.37
CA LEU F 196 36.74 2.47 -83.65
C LEU F 196 37.15 3.84 -84.17
N ASP F 197 37.03 4.02 -85.47
CA ASP F 197 37.12 5.33 -86.12
C ASP F 197 35.88 5.57 -86.97
N THR F 198 35.81 6.74 -87.58
CA THR F 198 34.80 7.02 -88.59
C THR F 198 35.32 6.58 -89.95
N TYR F 199 34.41 6.59 -90.93
CA TYR F 199 34.76 6.17 -92.28
C TYR F 199 35.61 7.22 -92.97
N SER F 200 35.37 8.49 -92.69
CA SER F 200 36.13 9.59 -93.24
C SER F 200 36.19 10.70 -92.22
N ASP F 201 37.08 11.67 -92.45
CA ASP F 201 37.15 12.86 -91.62
C ASP F 201 36.37 14.03 -92.20
N GLN F 202 35.90 13.91 -93.45
CA GLN F 202 35.10 14.93 -94.10
C GLN F 202 33.82 14.30 -94.64
N THR F 203 32.96 15.16 -95.20
CA THR F 203 31.74 14.69 -95.86
C THR F 203 32.09 13.87 -97.09
N TYR F 204 31.53 12.65 -97.16
CA TYR F 204 31.84 11.73 -98.24
C TYR F 204 30.58 11.39 -99.03
N ASN F 205 30.79 10.95 -100.27
CA ASN F 205 29.70 10.57 -101.16
C ASN F 205 29.41 9.08 -101.05
N ASP F 206 28.14 8.74 -100.93
CA ASP F 206 27.68 7.36 -100.80
C ASP F 206 27.27 6.74 -102.12
N GLY F 207 27.26 7.51 -103.20
CA GLY F 207 26.70 7.08 -104.46
C GLY F 207 25.33 7.66 -104.75
N VAL F 208 24.49 7.79 -103.74
CA VAL F 208 23.21 8.47 -103.86
C VAL F 208 23.18 9.81 -103.15
N GLU F 209 23.82 9.95 -101.99
CA GLU F 209 23.71 11.15 -101.17
C GLU F 209 25.09 11.51 -100.63
N ASP F 210 25.16 12.68 -100.01
CA ASP F 210 26.34 13.12 -99.27
C ASP F 210 26.06 13.02 -97.78
N LEU F 211 26.99 12.46 -97.03
CA LEU F 211 26.77 12.15 -95.62
C LEU F 211 27.86 12.77 -94.75
N ASP F 212 27.45 13.22 -93.57
CA ASP F 212 28.39 13.69 -92.56
C ASP F 212 28.93 12.51 -91.78
N PRO F 213 30.20 12.54 -91.32
CA PRO F 213 30.82 11.35 -90.72
C PRO F 213 30.26 10.88 -89.39
N ILE F 214 29.95 11.84 -88.51
CA ILE F 214 29.44 11.49 -87.15
C ILE F 214 28.04 10.89 -87.24
N PRO F 215 27.00 11.48 -87.90
CA PRO F 215 25.69 10.82 -87.96
C PRO F 215 25.66 9.54 -88.80
N ALA F 216 26.62 9.32 -89.69
CA ALA F 216 26.65 8.10 -90.47
C ALA F 216 27.18 6.92 -89.65
N LEU F 217 28.08 7.20 -88.70
CA LEU F 217 28.55 6.15 -87.79
C LEU F 217 27.47 5.77 -86.79
N ARG F 218 26.59 6.71 -86.43
CA ARG F 218 25.52 6.39 -85.49
C ARG F 218 24.42 5.56 -86.15
N ASN F 219 24.31 5.62 -87.47
CA ASN F 219 23.37 4.76 -88.18
C ASN F 219 23.93 3.36 -88.44
N GLY F 220 25.22 3.26 -88.75
CA GLY F 220 25.79 1.98 -89.17
C GLY F 220 25.93 0.98 -88.04
N ILE F 221 26.17 1.44 -86.82
CA ILE F 221 26.30 0.58 -85.65
C ILE F 221 24.92 0.49 -85.00
N ASN F 222 24.23 -0.65 -85.17
CA ASN F 222 22.82 -0.76 -84.81
C ASN F 222 22.52 -1.85 -83.79
N LEU F 223 23.35 -1.98 -82.75
CA LEU F 223 23.13 -2.99 -81.73
C LEU F 223 22.70 -2.32 -80.40
N THR F 224 22.26 -3.15 -79.46
CA THR F 224 21.82 -2.66 -78.16
C THR F 224 23.01 -2.47 -77.22
N LYS F 225 22.70 -2.01 -76.00
CA LYS F 225 23.71 -1.64 -75.03
C LYS F 225 24.65 -2.77 -74.65
N ASP F 226 24.14 -4.00 -74.57
CA ASP F 226 24.98 -5.13 -74.17
C ASP F 226 26.11 -5.39 -75.15
N TYR F 227 26.09 -4.75 -76.32
CA TYR F 227 27.17 -4.78 -77.29
C TYR F 227 27.94 -3.47 -77.36
N LEU F 228 27.26 -2.34 -77.15
CA LEU F 228 27.88 -1.03 -77.31
C LEU F 228 28.83 -0.69 -76.18
N LYS F 229 28.73 -1.39 -75.05
CA LYS F 229 29.62 -1.13 -73.91
C LYS F 229 31.04 -1.63 -74.12
N TYR F 230 31.31 -2.38 -75.20
CA TYR F 230 32.63 -2.93 -75.47
C TYR F 230 33.42 -2.13 -76.50
N GLY F 231 32.98 -0.92 -76.86
CA GLY F 231 33.71 -0.15 -77.84
C GLY F 231 33.74 1.34 -77.56
N ALA F 232 34.70 2.01 -78.22
CA ALA F 232 34.89 3.46 -78.11
C ALA F 232 35.36 4.01 -79.46
N ALA F 233 34.95 5.24 -79.76
CA ALA F 233 35.17 5.86 -81.06
C ALA F 233 35.82 7.23 -80.92
N TYR F 234 36.71 7.55 -81.85
CA TYR F 234 37.50 8.77 -81.81
C TYR F 234 37.40 9.52 -83.13
N TYR F 235 37.57 10.84 -83.05
CA TYR F 235 37.39 11.74 -84.18
C TYR F 235 38.15 13.02 -83.90
N PRO F 236 38.74 13.68 -84.92
CA PRO F 236 38.99 13.38 -86.33
C PRO F 236 40.32 12.66 -86.59
N PHE F 237 40.86 12.78 -87.80
CA PHE F 237 42.13 12.14 -88.14
C PHE F 237 43.30 12.99 -87.63
N VAL F 238 44.52 12.44 -87.72
CA VAL F 238 45.71 13.12 -87.22
C VAL F 238 46.77 13.21 -88.32
N GLN F 239 47.48 14.34 -88.35
CA GLN F 239 48.59 14.60 -89.29
C GLN F 239 49.90 14.29 -88.55
N THR F 240 50.79 13.49 -89.15
CA THR F 240 51.97 12.96 -88.50
C THR F 240 53.24 13.61 -89.06
N ILE F 241 54.39 13.22 -88.54
CA ILE F 241 55.70 13.71 -88.95
C ILE F 241 56.39 12.76 -89.92
N LEU F 242 55.71 11.69 -90.34
CA LEU F 242 56.32 10.63 -91.14
C LEU F 242 56.33 10.98 -92.63
N ASN F 243 57.31 10.44 -93.33
CA ASN F 243 57.42 10.57 -94.77
C ASN F 243 56.90 9.31 -95.47
N TYR F 244 56.46 9.47 -96.71
CA TYR F 244 56.04 8.36 -97.55
C TYR F 244 57.24 7.52 -97.97
N GLN F 245 56.99 6.23 -98.15
CA GLN F 245 57.99 5.29 -98.65
C GLN F 245 57.97 5.28 -100.17
N TYR F 246 59.15 5.47 -100.78
CA TYR F 246 59.24 5.52 -102.24
C TYR F 246 60.62 5.07 -102.67
N SER F 247 60.74 4.77 -103.96
CA SER F 247 62.00 4.36 -104.55
C SER F 247 62.42 5.36 -105.63
N ALA F 248 63.70 5.72 -105.64
CA ALA F 248 64.19 6.70 -106.60
C ALA F 248 64.38 6.13 -107.99
N ASP F 249 64.35 4.80 -108.14
CA ASP F 249 64.45 4.16 -109.45
C ASP F 249 63.20 4.29 -110.29
N GLU F 250 62.08 4.75 -109.72
CA GLU F 250 60.80 4.80 -110.41
C GLU F 250 60.27 6.21 -110.59
N ILE F 251 61.06 7.24 -110.28
CA ILE F 251 60.65 8.63 -110.43
C ILE F 251 61.21 9.14 -111.76
N VAL F 252 60.34 9.69 -112.61
CA VAL F 252 60.73 10.21 -113.92
C VAL F 252 60.61 11.72 -113.90
N ILE F 253 61.61 12.41 -114.43
CA ILE F 253 61.67 13.87 -114.47
C ILE F 253 61.14 14.34 -115.82
N GLN F 254 60.38 15.43 -115.81
CA GLN F 254 60.03 16.17 -117.03
C GLN F 254 60.59 17.58 -116.92
N HIS F 255 61.43 17.94 -117.89
CA HIS F 255 62.26 19.16 -117.83
C HIS F 255 61.95 20.03 -119.04
N LEU F 256 61.47 21.24 -118.79
CA LEU F 256 61.22 22.23 -119.83
C LEU F 256 62.24 23.35 -119.69
N SER F 257 63.03 23.58 -120.74
CA SER F 257 64.10 24.56 -120.69
C SER F 257 64.06 25.42 -121.95
N TYR F 258 64.60 26.64 -121.83
CA TYR F 258 64.68 27.52 -122.99
C TYR F 258 65.80 27.09 -123.93
N ASN F 259 66.82 26.43 -123.39
CA ASN F 259 67.91 25.91 -124.20
C ASN F 259 67.69 24.42 -124.40
N PRO F 260 67.14 23.98 -125.54
CA PRO F 260 66.90 22.55 -125.72
C PRO F 260 68.12 21.81 -126.21
N ASN F 261 68.67 20.94 -125.37
CA ASN F 261 69.76 20.06 -125.76
C ASN F 261 69.49 18.61 -125.36
N ALA F 262 68.22 18.19 -125.41
CA ALA F 262 67.87 16.83 -125.04
C ALA F 262 68.36 15.82 -126.07
N ILE F 263 68.15 16.13 -127.36
CA ILE F 263 68.54 15.21 -128.42
C ILE F 263 70.06 15.27 -128.62
N ALA F 264 70.65 16.45 -128.41
CA ALA F 264 72.09 16.60 -128.59
C ALA F 264 72.87 15.87 -127.50
N THR F 265 72.36 15.88 -126.27
CA THR F 265 73.02 15.14 -125.20
C THR F 265 72.80 13.64 -125.36
N ALA F 266 71.66 13.26 -125.95
CA ALA F 266 71.41 11.85 -126.24
C ALA F 266 72.27 11.37 -127.40
N LEU F 267 72.64 12.28 -128.30
CA LEU F 267 73.52 11.91 -129.41
C LEU F 267 74.95 11.70 -128.96
N ASP F 268 75.42 12.53 -128.03
CA ASP F 268 76.83 12.50 -127.62
C ASP F 268 77.17 11.23 -126.86
N ASN F 269 76.22 10.70 -126.08
CA ASN F 269 76.45 9.43 -125.40
C ASN F 269 76.42 8.27 -126.38
N LEU F 270 75.51 8.31 -127.34
CA LEU F 270 75.36 7.18 -128.26
C LEU F 270 76.43 7.20 -129.35
N ASN F 271 76.97 8.38 -129.66
CA ASN F 271 78.08 8.44 -130.61
C ASN F 271 79.37 7.95 -129.96
N ALA F 272 79.51 8.16 -128.66
CA ALA F 272 80.72 7.76 -127.96
C ALA F 272 80.77 6.25 -127.74
N VAL F 273 79.62 5.62 -127.55
CA VAL F 273 79.60 4.18 -127.30
C VAL F 273 79.80 3.42 -128.61
N ASN F 274 79.52 4.07 -129.75
CA ASN F 274 79.71 3.46 -131.06
C ASN F 274 81.14 3.72 -131.54
N GLY F 275 82.09 3.04 -130.88
CA GLY F 275 83.48 3.21 -131.18
C GLY F 275 84.24 1.89 -131.20
N PRO F 276 85.46 1.90 -131.76
CA PRO F 276 86.25 0.66 -131.78
C PRO F 276 86.77 0.23 -130.43
N THR F 277 87.15 1.18 -129.56
CA THR F 277 87.65 0.79 -128.25
C THR F 277 86.51 0.43 -127.31
N PHE F 278 85.30 0.90 -127.60
CA PHE F 278 84.20 0.78 -126.64
C PHE F 278 83.43 -0.52 -126.81
N ILE F 279 82.81 -0.73 -127.97
CA ILE F 279 81.91 -1.85 -128.17
C ILE F 279 82.50 -2.91 -129.11
N ASP F 280 83.48 -2.53 -129.92
CA ASP F 280 84.13 -3.52 -130.78
C ASP F 280 85.14 -4.34 -129.99
N ALA F 281 85.66 -3.78 -128.90
CA ALA F 281 86.62 -4.50 -128.06
C ALA F 281 85.93 -5.55 -127.20
N ILE F 282 84.61 -5.45 -127.04
CA ILE F 282 83.86 -6.47 -126.32
C ILE F 282 83.66 -7.70 -127.20
N LEU F 283 83.53 -7.49 -128.51
CA LEU F 283 83.04 -8.56 -129.38
C LEU F 283 84.17 -9.46 -129.86
N ASP F 284 85.35 -8.89 -130.13
CA ASP F 284 86.45 -9.71 -130.64
C ASP F 284 87.06 -10.57 -129.54
N ASP F 285 86.88 -10.16 -128.28
CA ASP F 285 87.32 -10.98 -127.15
C ASP F 285 86.48 -12.25 -127.04
N LEU F 286 85.19 -12.15 -127.36
CA LEU F 286 84.30 -13.30 -127.26
C LEU F 286 84.59 -14.32 -128.35
N ARG F 287 84.96 -13.85 -129.54
CA ARG F 287 85.32 -14.76 -130.62
C ARG F 287 86.83 -14.73 -130.87
N ASN F 321 90.96 -33.91 -111.94
CA ASN F 321 91.37 -33.70 -110.56
C ASN F 321 91.06 -32.28 -110.11
N SER F 322 91.67 -31.87 -108.99
CA SER F 322 91.39 -30.56 -108.44
C SER F 322 92.12 -29.46 -109.20
N VAL F 323 93.22 -29.81 -109.86
CA VAL F 323 93.98 -28.79 -110.60
C VAL F 323 93.34 -28.54 -111.96
N LYS F 324 92.56 -29.49 -112.47
CA LYS F 324 91.87 -29.28 -113.74
C LYS F 324 90.61 -28.46 -113.55
N VAL F 325 89.95 -28.60 -112.40
CA VAL F 325 88.74 -27.82 -112.12
C VAL F 325 89.11 -26.38 -111.81
N ALA F 326 90.23 -26.17 -111.11
CA ALA F 326 90.65 -24.82 -110.74
C ALA F 326 91.14 -24.03 -111.95
N ASN F 327 91.74 -24.71 -112.92
CA ASN F 327 92.14 -24.03 -114.15
C ASN F 327 90.94 -23.74 -115.03
N PHE F 328 89.95 -24.64 -115.03
CA PHE F 328 88.78 -24.46 -115.88
C PHE F 328 87.88 -23.36 -115.37
N ALA F 329 87.90 -23.09 -114.06
CA ALA F 329 87.08 -22.02 -113.51
C ALA F 329 87.65 -20.64 -113.84
N SER F 330 88.95 -20.57 -114.14
CA SER F 330 89.55 -19.31 -114.54
C SER F 330 89.14 -18.95 -115.97
N LEU F 331 88.89 -19.96 -116.80
CA LEU F 331 88.48 -19.69 -118.18
C LEU F 331 87.03 -19.22 -118.24
N VAL F 332 86.18 -19.72 -117.35
CA VAL F 332 84.77 -19.31 -117.35
C VAL F 332 84.62 -17.92 -116.77
N GLU F 333 85.46 -17.55 -115.80
CA GLU F 333 85.35 -16.25 -115.15
C GLU F 333 85.79 -15.12 -116.09
N SER F 334 86.62 -15.43 -117.08
CA SER F 334 87.01 -14.41 -118.05
C SER F 334 85.91 -14.21 -119.10
N VAL F 335 85.20 -15.29 -119.45
CA VAL F 335 84.10 -15.19 -120.40
C VAL F 335 82.92 -14.50 -119.75
N LEU F 336 82.66 -14.79 -118.47
CA LEU F 336 81.53 -14.20 -117.77
C LEU F 336 81.77 -12.72 -117.48
N SER F 337 83.04 -12.32 -117.31
CA SER F 337 83.34 -10.91 -117.11
C SER F 337 83.15 -10.11 -118.40
N THR F 338 83.31 -10.76 -119.56
CA THR F 338 83.10 -10.07 -120.83
C THR F 338 81.62 -9.87 -121.10
N LEU F 339 80.78 -10.83 -120.71
CA LEU F 339 79.34 -10.71 -120.93
C LEU F 339 78.72 -9.61 -120.08
N ASN F 340 79.27 -9.37 -118.88
CA ASN F 340 78.65 -8.42 -117.97
C ASN F 340 78.83 -6.97 -118.44
N GLU F 341 79.99 -6.66 -119.04
CA GLU F 341 80.18 -5.31 -119.56
C GLU F 341 79.39 -5.08 -120.85
N LEU F 342 79.03 -6.16 -121.54
CA LEU F 342 78.11 -6.02 -122.67
C LEU F 342 76.68 -5.76 -122.17
N ILE F 343 76.30 -6.38 -121.06
CA ILE F 343 74.98 -6.13 -120.48
C ILE F 343 74.92 -4.74 -119.85
N ASP F 344 76.04 -4.27 -119.27
CA ASP F 344 76.10 -2.91 -118.75
C ASP F 344 76.07 -1.88 -119.88
N ALA F 345 76.58 -2.25 -121.06
CA ALA F 345 76.48 -1.36 -122.21
C ALA F 345 75.04 -1.30 -122.72
N LYS F 346 74.28 -2.39 -122.54
CA LYS F 346 72.88 -2.41 -122.95
C LYS F 346 72.03 -1.50 -122.06
N GLU F 347 72.43 -1.35 -120.79
CA GLU F 347 71.64 -0.56 -119.86
C GLU F 347 71.75 0.92 -120.16
N GLU F 348 72.94 1.40 -120.51
CA GLU F 348 73.15 2.83 -120.70
C GLU F 348 72.61 3.30 -122.05
N ILE F 349 72.44 2.38 -123.01
CA ILE F 349 71.84 2.74 -124.29
C ILE F 349 70.36 3.03 -124.12
N ASN F 350 69.67 2.26 -123.28
CA ASN F 350 68.23 2.40 -123.13
C ASN F 350 67.86 3.69 -122.41
N LYS F 351 68.76 4.19 -121.54
CA LYS F 351 68.47 5.45 -120.85
C LYS F 351 68.61 6.65 -121.78
N ASP F 352 69.40 6.51 -122.85
CA ASP F 352 69.58 7.61 -123.79
C ASP F 352 68.42 7.70 -124.77
N VAL F 353 67.92 6.55 -125.23
CA VAL F 353 66.83 6.56 -126.21
C VAL F 353 65.51 6.91 -125.55
N ASN F 354 65.33 6.54 -124.28
CA ASN F 354 64.09 6.86 -123.58
C ASN F 354 63.95 8.35 -123.32
N SER F 355 65.08 9.05 -123.15
CA SER F 355 65.02 10.50 -122.98
C SER F 355 64.76 11.21 -124.31
N ALA F 356 65.03 10.55 -125.43
CA ALA F 356 64.75 11.14 -126.74
C ALA F 356 63.34 10.80 -127.22
N ILE F 357 62.81 9.65 -126.79
CA ILE F 357 61.42 9.31 -127.09
C ILE F 357 60.48 10.27 -126.39
N ALA F 358 60.76 10.57 -125.11
CA ALA F 358 59.87 11.42 -124.33
C ALA F 358 59.99 12.89 -124.72
N SER F 359 61.11 13.28 -125.33
CA SER F 359 61.32 14.68 -125.66
C SER F 359 60.68 15.05 -126.99
N SER F 360 60.51 14.09 -127.88
CA SER F 360 59.94 14.35 -129.21
C SER F 360 58.46 13.99 -129.24
N GLU F 361 57.67 14.72 -128.45
CA GLU F 361 56.23 14.55 -128.51
C GLU F 361 55.65 15.16 -129.77
N GLU F 362 56.34 16.13 -130.36
CA GLU F 362 55.99 16.62 -131.67
C GLU F 362 56.36 15.59 -132.74
N ASP F 363 55.57 15.54 -133.81
CA ASP F 363 55.79 14.71 -135.00
C ASP F 363 55.86 13.22 -134.65
N ASN F 364 54.67 12.68 -134.31
CA ASN F 364 54.51 11.32 -133.79
C ASN F 364 55.05 10.24 -134.71
N ALA F 365 55.23 10.53 -136.00
CA ALA F 365 55.85 9.56 -136.91
C ALA F 365 57.33 9.35 -136.59
N ILE F 366 58.00 10.40 -136.11
CA ILE F 366 59.41 10.26 -135.77
C ILE F 366 59.57 9.49 -134.46
N LYS F 367 58.64 9.68 -133.51
CA LYS F 367 58.66 8.92 -132.26
C LYS F 367 58.44 7.43 -132.50
N THR F 368 57.63 7.09 -133.51
CA THR F 368 57.39 5.69 -133.83
C THR F 368 58.64 5.06 -134.44
N ALA F 369 59.41 5.83 -135.22
CA ALA F 369 60.63 5.30 -135.82
C ALA F 369 61.72 5.09 -134.78
N ILE F 370 61.81 5.98 -133.79
CA ILE F 370 62.78 5.84 -132.72
C ILE F 370 62.41 4.67 -131.82
N SER F 371 61.11 4.47 -131.59
CA SER F 371 60.67 3.36 -130.76
C SER F 371 60.84 2.02 -131.48
N ASP F 372 60.67 2.02 -132.81
CA ASP F 372 60.82 0.78 -133.57
C ASP F 372 62.27 0.36 -133.66
N ALA F 373 63.19 1.32 -133.72
CA ALA F 373 64.62 1.01 -133.79
C ALA F 373 65.13 0.48 -132.46
N LEU F 374 64.42 0.77 -131.36
CA LEU F 374 64.92 0.37 -130.05
C LEU F 374 64.58 -1.08 -129.73
N ASP F 375 63.40 -1.54 -130.14
CA ASP F 375 63.01 -2.92 -129.82
C ASP F 375 63.72 -3.92 -130.73
N VAL F 376 64.13 -3.49 -131.92
CA VAL F 376 64.86 -4.40 -132.80
C VAL F 376 66.30 -4.56 -132.32
N PHE F 377 66.83 -3.54 -131.62
CA PHE F 377 68.12 -3.67 -130.97
C PHE F 377 68.02 -4.54 -129.73
N ASN F 378 66.87 -4.53 -129.07
CA ASN F 378 66.68 -5.30 -127.84
C ASN F 378 66.21 -6.73 -128.12
N GLU F 379 66.30 -7.21 -129.37
CA GLU F 379 65.84 -8.56 -129.69
C GLU F 379 66.75 -9.63 -129.11
N ASP F 380 68.05 -9.56 -129.43
CA ASP F 380 68.97 -10.62 -129.04
C ASP F 380 69.24 -10.62 -127.53
N PHE F 381 69.08 -9.46 -126.89
CA PHE F 381 69.36 -9.38 -125.45
C PHE F 381 68.26 -10.03 -124.62
N GLU F 382 67.00 -9.86 -125.01
CA GLU F 382 65.90 -10.45 -124.25
C GLU F 382 65.00 -11.34 -125.10
N GLY F 383 64.54 -10.84 -126.24
CA GLY F 383 63.44 -11.50 -126.94
C GLY F 383 63.89 -12.65 -127.83
N ALA F 384 64.91 -12.42 -128.66
CA ALA F 384 65.32 -13.44 -129.61
C ALA F 384 66.14 -14.54 -128.94
N ASP F 385 67.30 -14.18 -128.39
CA ASP F 385 68.21 -15.16 -127.80
C ASP F 385 68.31 -14.87 -126.31
N LYS F 386 68.81 -15.85 -125.55
CA LYS F 386 68.86 -15.77 -124.09
C LYS F 386 70.21 -15.24 -123.60
N ILE F 387 70.56 -14.02 -124.03
CA ILE F 387 71.86 -13.46 -123.67
C ILE F 387 71.90 -13.09 -122.18
N GLU F 388 70.84 -12.45 -121.67
CA GLU F 388 70.82 -12.10 -120.26
C GLU F 388 70.44 -13.31 -119.39
N SER F 389 70.04 -14.42 -120.02
CA SER F 389 69.67 -15.61 -119.25
C SER F 389 70.84 -16.57 -119.09
N VAL F 390 71.77 -16.60 -120.05
CA VAL F 390 72.89 -17.53 -119.91
C VAL F 390 73.94 -16.98 -118.95
N ALA F 391 73.95 -15.65 -118.76
CA ALA F 391 74.88 -15.05 -117.81
C ALA F 391 74.50 -15.36 -116.36
N LYS F 392 73.25 -15.72 -116.11
CA LYS F 392 72.80 -16.08 -114.77
C LYS F 392 73.01 -17.55 -114.47
N ASN F 393 72.78 -18.43 -115.45
CA ASN F 393 72.92 -19.86 -115.22
C ASN F 393 74.38 -20.29 -115.18
N LEU F 394 75.26 -19.57 -115.88
CA LEU F 394 76.68 -19.91 -115.83
C LEU F 394 77.28 -19.58 -114.48
N SER F 395 76.75 -18.55 -113.80
CA SER F 395 77.27 -18.18 -112.49
C SER F 395 76.88 -19.19 -111.42
N ASP F 396 75.67 -19.76 -111.52
CA ASP F 396 75.28 -20.78 -110.56
C ASP F 396 75.89 -22.13 -110.90
N LEU F 397 76.15 -22.38 -112.20
CA LEU F 397 76.87 -23.58 -112.57
C LEU F 397 78.34 -23.50 -112.17
N LEU F 398 78.87 -22.28 -112.06
CA LEU F 398 80.27 -22.12 -111.65
C LEU F 398 80.44 -22.44 -110.17
N ILE F 399 79.45 -22.07 -109.35
CA ILE F 399 79.51 -22.36 -107.92
C ILE F 399 79.34 -23.85 -107.67
N LYS F 400 78.53 -24.52 -108.50
CA LYS F 400 78.21 -25.93 -108.30
C LYS F 400 79.42 -26.83 -108.56
N ILE F 401 80.28 -26.45 -109.51
CA ILE F 401 81.42 -27.31 -109.84
C ILE F 401 82.52 -27.19 -108.78
N LYS F 402 82.51 -26.11 -108.00
CA LYS F 402 83.54 -25.97 -106.98
C LYS F 402 83.18 -26.71 -105.69
N GLN F 403 81.89 -26.94 -105.47
CA GLN F 403 81.48 -27.75 -104.32
C GLN F 403 81.45 -29.23 -104.66
N ALA F 404 81.37 -29.56 -105.94
CA ALA F 404 81.17 -30.97 -106.34
C ALA F 404 82.47 -31.77 -106.26
N ASP F 405 83.60 -31.10 -106.04
CA ASP F 405 84.89 -31.77 -106.00
C ASP F 405 85.14 -32.53 -104.70
N THR F 406 84.20 -32.51 -103.75
CA THR F 406 84.42 -33.15 -102.47
C THR F 406 84.23 -34.67 -102.54
N ASN F 407 83.44 -35.16 -103.48
CA ASN F 407 83.08 -36.58 -103.47
C ASN F 407 83.19 -37.27 -104.82
N THR F 408 82.75 -36.66 -105.91
CA THR F 408 82.53 -37.46 -107.11
C THR F 408 83.15 -36.75 -108.31
N LYS F 409 83.83 -37.53 -109.15
CA LYS F 409 84.28 -37.01 -110.43
C LYS F 409 83.19 -37.12 -111.49
N VAL F 410 82.25 -38.05 -111.32
CA VAL F 410 81.12 -38.18 -112.23
C VAL F 410 80.22 -36.96 -112.14
N GLU F 411 80.18 -36.35 -110.95
CA GLU F 411 79.45 -35.10 -110.75
C GLU F 411 80.11 -34.04 -111.62
N ASN F 412 81.45 -34.05 -111.68
CA ASN F 412 82.17 -33.11 -112.53
C ASN F 412 82.14 -33.52 -113.99
N VAL F 413 81.52 -34.64 -114.34
CA VAL F 413 81.40 -35.11 -115.71
C VAL F 413 79.96 -34.98 -116.19
N LEU F 414 79.00 -35.25 -115.30
CA LEU F 414 77.57 -35.18 -115.64
C LEU F 414 77.15 -33.77 -116.00
N SER F 415 77.78 -32.76 -115.37
CA SER F 415 77.41 -31.38 -115.63
C SER F 415 78.03 -30.86 -116.92
N ILE F 416 79.32 -31.09 -117.13
CA ILE F 416 80.04 -30.33 -118.15
C ILE F 416 79.84 -30.94 -119.53
N ASN F 417 79.35 -32.18 -119.62
CA ASN F 417 79.15 -32.83 -120.90
C ASN F 417 77.69 -33.17 -121.16
N ALA F 418 77.03 -33.87 -120.24
CA ALA F 418 75.67 -34.33 -120.49
C ALA F 418 74.64 -33.26 -120.17
N LEU F 419 74.74 -32.66 -118.98
CA LEU F 419 73.78 -31.67 -118.54
C LEU F 419 74.21 -30.26 -118.97
N ASN F 420 73.62 -29.26 -118.31
CA ASN F 420 73.41 -27.89 -118.78
C ASN F 420 74.67 -27.16 -119.26
N PHE F 421 75.87 -27.57 -118.84
CA PHE F 421 77.03 -26.71 -119.05
C PHE F 421 77.54 -26.79 -120.49
N SER F 422 77.39 -27.95 -121.14
CA SER F 422 77.78 -28.06 -122.54
C SER F 422 76.73 -27.43 -123.45
N ALA F 423 75.48 -27.33 -122.97
CA ALA F 423 74.41 -26.79 -123.80
C ALA F 423 74.39 -25.26 -123.77
N GLU F 424 74.88 -24.65 -122.69
CA GLU F 424 74.76 -23.19 -122.56
C GLU F 424 75.78 -22.46 -123.41
N PHE F 425 76.92 -23.10 -123.70
CA PHE F 425 77.94 -22.47 -124.53
C PHE F 425 77.57 -22.42 -126.00
N GLU F 426 76.55 -23.17 -126.43
CA GLU F 426 76.30 -23.31 -127.85
C GLU F 426 75.54 -22.12 -128.43
N LYS F 427 74.89 -21.32 -127.56
CA LYS F 427 73.97 -20.31 -128.05
C LYS F 427 74.70 -19.09 -128.60
N LEU F 428 75.94 -18.87 -128.18
CA LEU F 428 76.70 -17.78 -128.78
C LEU F 428 77.53 -18.29 -129.96
N LEU F 429 78.10 -19.48 -129.84
CA LEU F 429 78.85 -20.12 -130.91
C LEU F 429 78.46 -21.60 -130.95
N THR F 430 77.87 -22.04 -132.06
CA THR F 430 77.32 -23.39 -132.12
C THR F 430 78.40 -24.42 -132.45
N TYR F 431 79.20 -24.17 -133.48
CA TYR F 431 80.20 -25.12 -133.92
C TYR F 431 81.53 -24.40 -134.21
N ASP F 432 81.98 -23.59 -133.25
CA ASP F 432 83.21 -22.83 -133.44
C ASP F 432 84.46 -23.69 -133.32
N VAL F 433 84.32 -24.93 -132.82
CA VAL F 433 85.48 -25.79 -132.57
C VAL F 433 85.98 -26.51 -133.82
N ASN F 434 85.52 -26.12 -135.02
CA ASN F 434 85.97 -26.80 -136.23
C ASN F 434 87.42 -26.48 -136.58
N THR F 435 87.93 -25.37 -136.08
CA THR F 435 89.33 -24.99 -136.30
C THR F 435 89.87 -24.34 -135.04
N GLY F 436 91.08 -23.81 -135.15
CA GLY F 436 91.66 -23.04 -134.04
C GLY F 436 90.91 -21.73 -133.85
N LEU F 437 90.45 -21.13 -134.93
CA LEU F 437 89.65 -19.92 -134.88
C LEU F 437 88.17 -20.26 -134.98
N THR F 438 87.32 -19.34 -134.55
CA THR F 438 85.88 -19.53 -134.63
C THR F 438 85.40 -19.45 -136.07
N ALA F 439 85.05 -20.62 -136.63
CA ALA F 439 84.53 -20.71 -137.98
C ALA F 439 83.27 -21.56 -137.95
N SER F 440 82.71 -21.81 -139.15
CA SER F 440 81.43 -22.51 -139.35
C SER F 440 80.32 -21.88 -138.52
N VAL F 441 80.13 -20.56 -138.71
CA VAL F 441 79.25 -19.77 -137.85
C VAL F 441 77.79 -20.06 -138.18
N THR F 442 77.29 -21.17 -137.63
CA THR F 442 75.90 -21.54 -137.80
C THR F 442 74.98 -20.66 -136.96
N LEU F 443 75.38 -20.32 -135.74
CA LEU F 443 74.57 -19.53 -134.84
C LEU F 443 75.44 -18.43 -134.23
N ASP F 444 74.95 -17.20 -134.31
CA ASP F 444 75.73 -16.07 -133.83
C ASP F 444 74.78 -15.02 -133.27
N LEU F 445 74.85 -14.83 -131.96
CA LEU F 445 74.03 -13.84 -131.27
C LEU F 445 74.65 -12.45 -131.30
N PHE F 446 75.92 -12.34 -131.69
CA PHE F 446 76.60 -11.07 -131.79
C PHE F 446 76.69 -10.64 -133.25
N ALA F 447 77.43 -9.54 -133.48
CA ALA F 447 77.70 -8.92 -134.78
C ALA F 447 76.46 -8.35 -135.47
N ASN F 448 75.32 -8.35 -134.79
CA ASN F 448 74.15 -7.57 -135.19
C ASN F 448 74.02 -6.29 -134.39
N ILE F 449 74.99 -6.02 -133.51
CA ILE F 449 74.90 -4.87 -132.61
C ILE F 449 75.13 -3.58 -133.38
N GLY F 450 76.25 -3.48 -134.09
CA GLY F 450 76.62 -2.28 -134.82
C GLY F 450 75.72 -1.95 -135.99
N THR F 451 75.06 -2.97 -136.53
CA THR F 451 74.06 -2.73 -137.57
C THR F 451 72.82 -2.08 -136.98
N ARG F 452 72.41 -2.54 -135.78
CA ARG F 452 71.22 -1.96 -135.15
C ARG F 452 71.54 -0.65 -134.45
N LEU F 453 72.81 -0.38 -134.16
CA LEU F 453 73.16 0.85 -133.45
C LEU F 453 73.14 2.06 -134.37
N ASP F 454 73.77 1.97 -135.54
CA ASP F 454 73.85 3.15 -136.41
C ASP F 454 72.52 3.44 -137.09
N ASP F 455 71.60 2.46 -137.08
CA ASP F 455 70.22 2.74 -137.44
C ASP F 455 69.57 3.68 -136.42
N ILE F 456 69.89 3.50 -135.14
CA ILE F 456 69.34 4.35 -134.08
C ILE F 456 69.94 5.76 -134.17
N ILE F 457 71.22 5.85 -134.56
CA ILE F 457 71.91 7.14 -134.64
C ILE F 457 71.28 8.02 -135.72
N ALA F 458 70.82 7.41 -136.81
CA ALA F 458 70.15 8.17 -137.86
C ALA F 458 68.69 8.43 -137.52
N ALA F 459 68.07 7.51 -136.76
CA ALA F 459 66.65 7.65 -136.43
C ALA F 459 66.41 8.77 -135.44
N VAL F 460 67.31 8.93 -134.46
CA VAL F 460 67.18 10.03 -133.51
C VAL F 460 67.79 11.30 -134.08
N SER F 461 68.42 11.21 -135.25
CA SER F 461 68.96 12.41 -135.91
C SER F 461 67.85 13.23 -136.55
N ALA F 462 66.71 12.60 -136.86
CA ALA F 462 65.57 13.35 -137.38
C ALA F 462 64.82 14.07 -136.27
N ALA F 463 65.06 13.70 -135.01
CA ALA F 463 64.32 14.27 -133.89
C ALA F 463 64.91 15.58 -133.40
N GLU F 464 66.13 15.94 -133.80
CA GLU F 464 66.71 17.19 -133.31
C GLU F 464 66.16 18.49 -133.89
N PRO F 465 65.61 18.58 -135.11
CA PRO F 465 64.94 19.84 -135.47
C PRO F 465 63.47 19.95 -135.06
N ILE F 466 62.89 18.96 -134.39
CA ILE F 466 61.47 19.01 -134.04
C ILE F 466 61.25 19.20 -132.55
N ASP F 467 62.31 19.21 -131.74
CA ASP F 467 62.20 19.42 -130.31
C ASP F 467 62.60 20.86 -129.98
N VAL F 468 61.73 21.58 -129.27
CA VAL F 468 61.91 23.01 -129.08
C VAL F 468 61.85 23.44 -127.62
N ASN F 469 61.48 22.52 -126.71
CA ASN F 469 61.21 22.93 -125.34
C ASN F 469 61.87 22.09 -124.26
N ASN F 470 62.43 20.93 -124.59
CA ASN F 470 62.85 19.96 -123.56
C ASN F 470 64.35 20.07 -123.30
N GLY F 471 64.73 20.08 -122.01
CA GLY F 471 66.10 20.27 -121.60
C GLY F 471 66.84 18.97 -121.31
N LYS F 472 67.88 19.09 -120.49
CA LYS F 472 68.87 18.03 -120.30
C LYS F 472 68.31 16.79 -119.60
N LEU F 473 67.50 16.98 -118.55
CA LEU F 473 67.10 15.89 -117.69
C LEU F 473 65.69 15.39 -117.96
N ASN F 474 65.14 15.68 -119.14
CA ASN F 474 63.80 15.23 -119.48
C ASN F 474 63.79 13.73 -119.77
N GLY F 475 62.92 13.01 -119.08
CA GLY F 475 62.78 11.58 -119.29
C GLY F 475 63.79 10.71 -118.55
N ARG F 476 64.50 11.27 -117.58
CA ARG F 476 65.52 10.54 -116.85
C ARG F 476 65.00 10.10 -115.49
N LEU F 477 65.57 8.99 -115.00
CA LEU F 477 65.26 8.54 -113.65
C LEU F 477 65.95 9.43 -112.62
N LEU F 478 65.36 9.51 -111.42
CA LEU F 478 65.90 10.39 -110.39
C LEU F 478 67.21 9.86 -109.83
N SER F 479 67.36 8.53 -109.77
CA SER F 479 68.60 7.95 -109.26
C SER F 479 69.76 8.15 -110.23
N ASP F 480 69.45 8.30 -111.53
CA ASP F 480 70.51 8.41 -112.53
C ASP F 480 71.03 9.84 -112.70
N ILE F 481 70.39 10.84 -112.08
CA ILE F 481 70.90 12.21 -112.20
C ILE F 481 71.83 12.59 -111.08
N GLU F 482 72.01 11.75 -110.07
CA GLU F 482 72.92 12.05 -108.96
C GLU F 482 74.38 12.17 -109.38
N PRO F 483 74.95 11.36 -110.28
CA PRO F 483 76.29 11.71 -110.78
C PRO F 483 76.28 12.89 -111.76
N LEU F 484 75.15 13.14 -112.43
CA LEU F 484 75.12 14.17 -113.47
C LEU F 484 75.05 15.57 -112.86
N ASP F 485 74.07 15.82 -112.00
CA ASP F 485 73.92 17.11 -111.33
C ASP F 485 73.52 16.80 -109.88
N ASN F 486 74.49 16.91 -108.98
CA ASN F 486 74.26 16.52 -107.58
C ASN F 486 73.44 17.56 -106.84
N ALA F 487 73.55 18.83 -107.22
CA ALA F 487 72.83 19.89 -106.50
C ALA F 487 71.35 19.89 -106.85
N THR F 488 71.00 19.49 -108.07
CA THR F 488 69.59 19.41 -108.45
C THR F 488 68.93 18.20 -107.79
N TYR F 489 69.67 17.10 -107.67
CA TYR F 489 69.14 15.87 -107.06
C TYR F 489 68.83 16.07 -105.59
N ASN F 490 69.64 16.85 -104.87
CA ASN F 490 69.40 17.08 -103.46
C ASN F 490 68.24 18.03 -103.24
N THR F 491 67.97 18.91 -104.21
CA THR F 491 66.88 19.87 -104.07
C THR F 491 65.53 19.19 -104.29
N ILE F 492 65.49 18.19 -105.18
CA ILE F 492 64.25 17.45 -105.44
C ILE F 492 63.89 16.59 -104.23
N LEU F 493 64.90 16.09 -103.50
CA LEU F 493 64.65 15.25 -102.33
C LEU F 493 64.00 16.02 -101.20
N LEU F 494 64.30 17.32 -101.06
CA LEU F 494 63.65 18.12 -100.03
C LEU F 494 62.18 18.38 -100.35
N GLU F 495 61.86 18.56 -101.63
CA GLU F 495 60.48 18.85 -102.01
C GLU F 495 59.60 17.62 -101.89
N ILE F 496 60.18 16.43 -102.06
CA ILE F 496 59.41 15.20 -101.90
C ILE F 496 59.10 14.95 -100.43
N ASN F 497 60.06 15.20 -99.55
CA ASN F 497 59.90 14.94 -98.12
C ASN F 497 59.04 15.98 -97.40
N SER F 498 58.52 17.00 -98.09
CA SER F 498 57.69 17.98 -97.43
C SER F 498 56.24 17.54 -97.29
N HIS F 499 55.86 16.41 -97.89
CA HIS F 499 54.50 15.88 -97.78
C HIS F 499 54.44 14.83 -96.67
N LYS F 500 53.42 14.92 -95.83
CA LYS F 500 53.30 14.07 -94.66
C LYS F 500 52.10 13.15 -94.76
N VAL F 501 52.09 12.13 -93.90
CA VAL F 501 51.05 11.12 -93.88
C VAL F 501 49.96 11.52 -92.90
N THR F 502 48.70 11.32 -93.28
CA THR F 502 47.56 11.47 -92.39
C THR F 502 47.00 10.08 -92.08
N LEU F 503 46.78 9.79 -90.81
CA LEU F 503 46.32 8.49 -90.35
C LEU F 503 45.04 8.61 -89.52
N PRO F 504 44.23 7.56 -89.50
CA PRO F 504 43.19 7.48 -88.47
C PRO F 504 43.81 7.28 -87.11
N PRO F 505 43.14 7.76 -86.05
CA PRO F 505 43.81 7.88 -84.75
C PRO F 505 43.78 6.63 -83.86
N SER F 506 43.38 5.46 -84.35
CA SER F 506 43.11 4.34 -83.44
C SER F 506 44.39 3.66 -82.95
N SER F 507 45.47 3.71 -83.73
CA SER F 507 46.70 3.05 -83.29
C SER F 507 47.53 3.92 -82.35
N SER F 508 47.39 5.25 -82.44
CA SER F 508 48.01 6.11 -81.44
C SER F 508 47.28 6.01 -80.10
N MET F 509 45.97 5.76 -80.14
CA MET F 509 45.20 5.60 -78.91
C MET F 509 45.60 4.32 -78.18
N ALA F 510 45.90 3.26 -78.93
CA ALA F 510 46.31 1.99 -78.31
C ALA F 510 47.64 2.12 -77.58
N GLY F 511 48.56 2.91 -78.12
CA GLY F 511 49.81 3.16 -77.44
C GLY F 511 49.62 3.98 -76.17
N ALA F 512 48.67 4.91 -76.20
CA ALA F 512 48.38 5.72 -75.02
C ALA F 512 47.62 4.92 -73.96
N TYR F 513 46.87 3.89 -74.35
CA TYR F 513 46.24 3.01 -73.37
C TYR F 513 47.28 2.25 -72.58
N ALA F 514 48.37 1.82 -73.23
CA ALA F 514 49.39 1.04 -72.54
C ALA F 514 50.31 1.92 -71.72
N ARG F 515 50.46 3.19 -72.11
CA ARG F 515 51.30 4.12 -71.36
C ARG F 515 50.66 4.54 -70.03
N VAL F 516 49.34 4.73 -70.04
CA VAL F 516 48.65 5.21 -68.84
C VAL F 516 48.44 4.06 -67.85
N ASP F 517 48.19 2.86 -68.36
CA ASP F 517 47.99 1.69 -67.49
C ASP F 517 49.27 1.31 -66.76
N ASN F 518 50.42 1.56 -67.38
CA ASN F 518 51.69 1.29 -66.72
C ASN F 518 52.03 2.37 -65.71
N ASP F 519 51.61 3.61 -65.96
CA ASP F 519 51.97 4.72 -65.10
C ASP F 519 51.03 4.83 -63.90
N ARG F 520 49.72 4.71 -64.13
CA ARG F 520 48.74 5.05 -63.12
C ARG F 520 47.71 3.95 -62.87
N GLY F 521 47.70 2.89 -63.67
CA GLY F 521 46.75 1.81 -63.48
C GLY F 521 45.65 1.83 -64.53
N VAL F 522 44.86 0.75 -64.52
CA VAL F 522 43.80 0.57 -65.51
C VAL F 522 42.51 1.30 -65.13
N TRP F 523 42.37 1.72 -63.87
CA TRP F 523 41.20 2.47 -63.43
C TRP F 523 41.32 3.97 -63.68
N LYS F 524 42.37 4.43 -64.34
CA LYS F 524 42.54 5.84 -64.67
C LYS F 524 42.08 6.09 -66.09
N SER F 525 41.25 7.12 -66.27
CA SER F 525 40.69 7.45 -67.58
C SER F 525 41.79 7.90 -68.54
N PRO F 526 41.79 7.41 -69.78
CA PRO F 526 42.81 7.86 -70.77
C PRO F 526 42.40 9.14 -71.50
N ALA F 527 42.25 10.22 -70.74
CA ALA F 527 41.96 11.54 -71.28
C ALA F 527 42.77 12.56 -70.51
N ASN F 528 42.77 13.80 -71.01
CA ASN F 528 43.66 14.89 -70.57
C ASN F 528 45.12 14.48 -70.69
N ILE F 529 45.49 13.98 -71.88
CA ILE F 529 46.81 13.46 -72.16
C ILE F 529 47.20 13.86 -73.58
N GLY F 530 48.50 13.78 -73.87
CA GLY F 530 49.02 14.19 -75.16
C GLY F 530 49.40 13.03 -76.07
N LEU F 531 49.55 13.34 -77.36
CA LEU F 531 49.94 12.36 -78.37
C LEU F 531 51.28 12.76 -78.99
N ASN F 532 52.20 11.81 -79.11
CA ASN F 532 53.50 12.04 -79.73
C ASN F 532 53.42 11.82 -81.24
N TYR F 533 54.38 12.45 -81.96
CA TYR F 533 54.53 12.41 -83.43
C TYR F 533 53.37 13.04 -84.17
N VAL F 534 52.60 13.91 -83.52
CA VAL F 534 51.38 14.48 -84.11
C VAL F 534 51.56 16.00 -84.18
N SER F 535 51.35 16.58 -85.36
CA SER F 535 51.48 18.02 -85.50
C SER F 535 50.18 18.75 -85.15
N LYS F 536 49.04 18.26 -85.65
CA LYS F 536 47.74 18.88 -85.42
C LYS F 536 46.66 17.86 -85.73
N PRO F 537 45.42 18.08 -85.25
CA PRO F 537 44.28 17.36 -85.82
C PRO F 537 44.00 17.84 -87.24
N SER F 538 43.31 17.00 -88.01
CA SER F 538 42.99 17.33 -89.39
C SER F 538 41.81 18.29 -89.50
N VAL F 539 40.89 18.27 -88.54
CA VAL F 539 39.73 19.14 -88.51
C VAL F 539 39.74 19.85 -87.17
N THR F 540 39.32 21.11 -87.17
CA THR F 540 39.16 21.89 -85.95
C THR F 540 37.78 21.64 -85.37
N VAL F 541 37.74 21.30 -84.08
CA VAL F 541 36.50 21.08 -83.34
C VAL F 541 36.46 22.10 -82.20
N SER F 542 35.43 22.92 -82.18
CA SER F 542 35.32 23.97 -81.18
C SER F 542 34.65 23.46 -79.91
N HIS F 543 34.45 24.38 -78.97
CA HIS F 543 33.77 24.06 -77.71
C HIS F 543 32.31 23.73 -77.97
N GLU F 544 31.66 24.49 -78.85
CA GLU F 544 30.23 24.39 -79.04
C GLU F 544 29.79 23.16 -79.82
N GLU F 545 30.61 22.62 -80.71
CA GLU F 545 30.24 21.44 -81.47
C GLU F 545 30.71 20.13 -80.84
N GLN F 546 31.43 20.17 -79.72
CA GLN F 546 31.71 18.94 -78.98
C GLN F 546 30.57 18.55 -78.06
N GLU F 547 29.59 19.43 -77.85
CA GLU F 547 28.50 19.15 -76.91
C GLU F 547 27.60 18.02 -77.42
N SER F 548 27.27 18.02 -78.71
CA SER F 548 26.48 16.92 -79.26
C SER F 548 27.34 15.69 -79.57
N MET F 549 28.66 15.82 -79.50
CA MET F 549 29.53 14.65 -79.56
C MET F 549 29.56 13.90 -78.23
N ASN F 550 29.64 14.63 -77.11
CA ASN F 550 29.83 14.00 -75.81
C ASN F 550 28.51 13.47 -75.24
N VAL F 551 27.44 14.25 -75.36
CA VAL F 551 26.13 13.92 -74.79
C VAL F 551 25.10 13.96 -75.90
N HIS F 552 24.34 12.88 -76.06
CA HIS F 552 23.40 12.74 -77.17
C HIS F 552 22.22 11.89 -76.73
N GLY F 553 21.12 12.03 -77.48
CA GLY F 553 19.89 11.31 -77.13
C GLY F 553 19.96 9.83 -77.43
N THR F 554 20.78 9.43 -78.40
CA THR F 554 20.99 8.01 -78.67
C THR F 554 21.89 7.38 -77.62
N GLY F 555 22.72 8.17 -76.95
CA GLY F 555 23.73 7.67 -76.07
C GLY F 555 25.04 7.27 -76.72
N LYS F 556 25.16 7.44 -78.04
CA LYS F 556 26.38 7.04 -78.76
C LYS F 556 27.36 8.20 -78.80
N SER F 557 28.31 8.16 -77.87
CA SER F 557 29.26 9.27 -77.68
C SER F 557 30.51 9.08 -78.53
N VAL F 558 31.05 10.20 -79.00
CA VAL F 558 32.29 10.21 -79.79
C VAL F 558 33.30 11.11 -79.08
N ASN F 559 34.50 10.58 -78.86
CA ASN F 559 35.56 11.32 -78.18
C ASN F 559 36.35 12.18 -79.17
N ALA F 560 36.63 13.42 -78.76
CA ALA F 560 37.21 14.43 -79.64
C ALA F 560 38.69 14.67 -79.34
N ILE F 561 39.47 14.85 -80.41
CA ILE F 561 40.87 15.26 -80.31
C ILE F 561 40.95 16.76 -80.63
N ARG F 562 41.45 17.55 -79.69
CA ARG F 562 41.37 19.00 -79.79
C ARG F 562 42.73 19.65 -79.48
N SER F 563 42.82 20.94 -79.80
CA SER F 563 43.99 21.76 -79.53
C SER F 563 43.62 22.89 -78.57
N PHE F 564 44.55 23.23 -77.68
CA PHE F 564 44.35 24.27 -76.69
C PHE F 564 45.60 25.15 -76.66
N VAL F 565 45.41 26.46 -76.49
CA VAL F 565 46.52 27.40 -76.49
C VAL F 565 47.37 27.20 -75.25
N GLY F 566 48.66 26.97 -75.44
CA GLY F 566 49.58 26.73 -74.35
C GLY F 566 49.72 25.28 -73.94
N LYS F 567 48.98 24.37 -74.56
CA LYS F 567 48.92 22.97 -74.13
C LYS F 567 49.11 21.96 -75.24
N GLY F 568 48.91 22.33 -76.50
CA GLY F 568 49.08 21.40 -77.61
C GLY F 568 47.84 20.56 -77.88
N THR F 569 48.06 19.47 -78.62
CA THR F 569 46.99 18.58 -79.01
C THR F 569 46.76 17.52 -77.93
N LEU F 570 45.51 17.39 -77.50
CA LEU F 570 45.16 16.49 -76.41
C LEU F 570 43.97 15.60 -76.79
N VAL F 571 43.85 14.49 -76.06
CA VAL F 571 42.63 13.68 -76.08
C VAL F 571 41.67 14.25 -75.05
N TRP F 572 40.47 14.61 -75.48
CA TRP F 572 39.48 15.25 -74.62
C TRP F 572 38.15 14.50 -74.74
N GLY F 573 38.01 13.42 -73.98
CA GLY F 573 36.84 12.56 -73.96
C GLY F 573 37.21 11.13 -73.58
N ALA F 574 36.40 10.54 -72.71
CA ALA F 574 36.67 9.20 -72.18
C ALA F 574 35.40 8.37 -72.01
N ARG F 575 34.52 8.37 -73.00
CA ARG F 575 33.27 7.61 -72.91
C ARG F 575 33.24 6.43 -73.86
N THR F 576 32.41 5.44 -73.53
CA THR F 576 32.09 4.34 -74.45
C THR F 576 30.85 4.71 -75.28
N LEU F 577 30.41 3.78 -76.12
CA LEU F 577 29.24 3.95 -76.96
C LEU F 577 27.93 3.63 -76.25
N ALA F 578 27.97 3.43 -74.94
CA ALA F 578 26.79 3.30 -74.09
C ALA F 578 26.79 4.46 -73.10
N GLY F 579 26.94 5.67 -73.63
CA GLY F 579 27.22 6.90 -72.91
C GLY F 579 26.13 7.44 -72.02
N ASN F 580 24.92 6.86 -72.00
CA ASN F 580 23.90 7.24 -71.03
C ASN F 580 23.66 6.16 -69.97
N ASP F 581 24.56 5.19 -69.84
CA ASP F 581 24.44 4.09 -68.89
C ASP F 581 25.12 4.47 -67.58
N ASN F 582 24.44 4.29 -66.45
CA ASN F 582 25.04 4.65 -65.18
C ASN F 582 26.07 3.63 -64.71
N GLU F 583 26.08 2.44 -65.31
CA GLU F 583 27.08 1.44 -64.94
C GLU F 583 28.25 1.43 -65.92
N TRP F 584 28.01 1.71 -67.20
CA TRP F 584 28.99 1.39 -68.23
C TRP F 584 29.34 2.54 -69.16
N ARG F 585 29.30 3.80 -68.70
CA ARG F 585 29.57 4.90 -69.63
C ARG F 585 31.04 5.28 -69.72
N TYR F 586 31.87 4.86 -68.78
CA TYR F 586 33.27 5.23 -68.76
C TYR F 586 34.14 4.06 -69.20
N ILE F 587 35.18 4.38 -69.97
CA ILE F 587 36.10 3.38 -70.52
C ILE F 587 36.85 2.66 -69.40
N SER F 588 37.26 3.40 -68.37
CA SER F 588 38.12 2.84 -67.34
C SER F 588 37.36 1.91 -66.39
N VAL F 589 36.05 2.14 -66.21
CA VAL F 589 35.23 1.25 -65.40
C VAL F 589 35.06 -0.10 -66.11
N ARG F 590 34.76 -0.07 -67.41
CA ARG F 590 34.59 -1.28 -68.21
C ARG F 590 35.87 -2.10 -68.30
N ARG F 591 37.03 -1.44 -68.41
CA ARG F 591 38.27 -2.18 -68.58
C ARG F 591 38.79 -2.72 -67.25
N PHE F 592 38.39 -2.11 -66.13
CA PHE F 592 38.72 -2.68 -64.83
C PHE F 592 37.89 -3.91 -64.52
N PHE F 593 36.61 -3.91 -64.92
CA PHE F 593 35.78 -5.11 -64.79
C PHE F 593 36.27 -6.25 -65.67
N ASN F 594 36.84 -5.93 -66.84
CA ASN F 594 37.41 -6.97 -67.69
C ASN F 594 38.64 -7.61 -67.06
N MET F 595 39.43 -6.83 -66.32
CA MET F 595 40.61 -7.38 -65.67
C MET F 595 40.25 -8.23 -64.47
N ALA F 596 39.37 -7.71 -63.61
CA ALA F 596 39.08 -8.36 -62.34
C ALA F 596 38.30 -9.66 -62.51
N GLU F 597 37.42 -9.72 -63.52
CA GLU F 597 36.61 -10.92 -63.71
C GLU F 597 37.43 -12.07 -64.30
N GLU F 598 38.39 -11.75 -65.18
CA GLU F 598 39.20 -12.81 -65.78
C GLU F 598 40.21 -13.38 -64.78
N SER F 599 40.76 -12.53 -63.91
CA SER F 599 41.74 -12.99 -62.93
C SER F 599 41.09 -13.90 -61.89
N ILE F 600 39.85 -13.61 -61.51
CA ILE F 600 39.14 -14.43 -60.54
C ILE F 600 38.70 -15.75 -61.17
N LYS F 601 38.33 -15.71 -62.46
CA LYS F 601 37.86 -16.90 -63.15
C LYS F 601 38.98 -17.94 -63.34
N LYS F 602 40.19 -17.48 -63.63
CA LYS F 602 41.31 -18.41 -63.79
C LYS F 602 41.73 -19.03 -62.47
N ALA F 603 41.60 -18.28 -61.37
CA ALA F 603 42.00 -18.80 -60.06
C ALA F 603 40.99 -19.80 -59.51
N THR F 604 39.78 -19.86 -60.08
CA THR F 604 38.67 -20.66 -59.58
C THR F 604 38.61 -22.08 -60.20
N GLU F 605 39.37 -22.36 -61.28
CA GLU F 605 39.26 -23.68 -61.89
C GLU F 605 39.92 -24.78 -61.07
N GLN F 606 40.65 -24.44 -60.01
CA GLN F 606 41.18 -25.48 -59.13
C GLN F 606 40.13 -26.03 -58.18
N PHE F 607 38.91 -25.48 -58.19
CA PHE F 607 37.84 -25.84 -57.27
C PHE F 607 36.68 -26.58 -57.94
N VAL F 608 36.82 -27.06 -59.18
CA VAL F 608 35.66 -27.46 -59.98
C VAL F 608 34.99 -28.73 -59.44
N PHE F 609 35.76 -29.79 -59.19
CA PHE F 609 35.17 -31.02 -58.68
C PHE F 609 35.45 -31.24 -57.18
N GLU F 610 35.64 -30.15 -56.44
CA GLU F 610 35.90 -30.20 -55.01
C GLU F 610 34.59 -30.49 -54.25
N PRO F 611 34.68 -30.91 -52.98
CA PRO F 611 33.46 -31.04 -52.16
C PRO F 611 32.77 -29.71 -51.93
N ASN F 612 31.46 -29.69 -52.17
CA ASN F 612 30.66 -28.47 -52.10
C ASN F 612 30.07 -28.34 -50.69
N ASP F 613 30.94 -28.06 -49.72
CA ASP F 613 30.54 -27.99 -48.32
C ASP F 613 31.16 -26.76 -47.67
N GLY F 614 31.01 -26.69 -46.34
CA GLY F 614 31.39 -25.47 -45.61
C GLY F 614 32.88 -25.23 -45.54
N ASN F 615 33.67 -26.28 -45.70
CA ASN F 615 35.13 -26.12 -45.69
C ASN F 615 35.61 -25.44 -46.97
N THR F 616 34.96 -25.73 -48.10
CA THR F 616 35.31 -25.10 -49.37
C THR F 616 34.86 -23.64 -49.41
N TRP F 617 33.69 -23.34 -48.85
CA TRP F 617 33.10 -22.01 -48.96
C TRP F 617 33.88 -20.98 -48.15
N VAL F 618 34.57 -21.41 -47.10
CA VAL F 618 35.38 -20.50 -46.29
C VAL F 618 36.65 -20.11 -47.06
N ARG F 619 37.25 -21.06 -47.76
CA ARG F 619 38.50 -20.77 -48.46
C ARG F 619 38.25 -20.04 -49.78
N VAL F 620 37.09 -20.26 -50.41
CA VAL F 620 36.75 -19.54 -51.64
C VAL F 620 36.49 -18.07 -51.33
N ARG F 621 35.81 -17.79 -50.22
CA ARG F 621 35.51 -16.42 -49.84
C ARG F 621 36.77 -15.64 -49.47
N ALA F 622 37.73 -16.31 -48.82
CA ALA F 622 38.93 -15.62 -48.37
C ALA F 622 39.91 -15.37 -49.51
N MET F 623 39.88 -16.21 -50.55
CA MET F 623 40.73 -15.96 -51.72
C MET F 623 40.29 -14.73 -52.50
N ILE F 624 38.98 -14.53 -52.65
CA ILE F 624 38.47 -13.40 -53.39
C ILE F 624 38.59 -12.12 -52.56
N GLU F 625 38.43 -12.23 -51.23
CA GLU F 625 38.50 -11.06 -50.36
C GLU F 625 39.93 -10.53 -50.25
N ASN F 626 40.92 -11.40 -50.27
CA ASN F 626 42.32 -10.95 -50.19
C ASN F 626 42.73 -10.23 -51.46
N PHE F 627 42.16 -10.61 -52.61
CA PHE F 627 42.47 -9.95 -53.87
C PHE F 627 41.87 -8.56 -53.94
N LEU F 628 40.63 -8.39 -53.46
CA LEU F 628 39.95 -7.11 -53.57
C LEU F 628 40.44 -6.10 -52.55
N ILE F 629 41.07 -6.58 -51.47
CA ILE F 629 41.66 -5.70 -50.47
C ILE F 629 42.89 -4.98 -51.03
N LEU F 630 43.64 -5.66 -51.90
CA LEU F 630 44.77 -5.02 -52.58
C LEU F 630 44.30 -3.97 -53.59
N GLN F 631 43.14 -4.18 -54.22
CA GLN F 631 42.63 -3.20 -55.18
C GLN F 631 42.11 -1.95 -54.48
N TRP F 632 41.55 -2.12 -53.28
CA TRP F 632 41.11 -0.98 -52.48
C TRP F 632 42.30 -0.15 -52.00
N ARG F 633 43.41 -0.79 -51.67
CA ARG F 633 44.56 -0.05 -51.13
C ARG F 633 45.31 0.69 -52.24
N ALA F 634 45.24 0.20 -53.47
CA ALA F 634 45.87 0.87 -54.59
C ALA F 634 45.05 2.05 -55.11
N GLY F 635 43.80 2.20 -54.69
CA GLY F 635 42.97 3.32 -55.10
C GLY F 635 41.92 3.02 -56.15
N ALA F 636 41.69 1.76 -56.51
CA ALA F 636 40.71 1.47 -57.55
C ALA F 636 39.29 1.40 -57.00
N LEU F 637 39.15 1.17 -55.69
CA LEU F 637 37.85 1.11 -55.04
C LEU F 637 37.75 2.23 -54.03
N ALA F 638 36.62 2.93 -54.04
CA ALA F 638 36.39 4.08 -53.18
C ALA F 638 35.76 3.62 -51.86
N GLY F 639 36.31 4.10 -50.75
CA GLY F 639 35.75 3.78 -49.45
C GLY F 639 36.72 4.13 -48.34
N ALA F 640 36.14 4.50 -47.20
CA ALA F 640 36.97 4.80 -46.03
C ALA F 640 37.38 3.53 -45.29
N LYS F 641 36.64 2.45 -45.49
CA LYS F 641 36.89 1.17 -44.84
C LYS F 641 36.55 0.06 -45.84
N PRO F 642 37.08 -1.17 -45.65
CA PRO F 642 36.89 -2.21 -46.68
C PRO F 642 35.45 -2.67 -46.90
N GLU F 643 34.57 -2.58 -45.91
CA GLU F 643 33.21 -3.05 -46.11
C GLU F 643 32.35 -2.01 -46.82
N HIS F 644 32.88 -0.81 -47.02
CA HIS F 644 32.21 0.17 -47.87
C HIS F 644 32.56 -0.06 -49.34
N ALA F 645 33.61 -0.83 -49.61
CA ALA F 645 34.11 -0.93 -50.98
C ALA F 645 33.60 -2.17 -51.69
N PHE F 646 33.39 -3.28 -50.98
CA PHE F 646 32.98 -4.51 -51.63
C PHE F 646 32.23 -5.40 -50.64
N TYR F 647 31.67 -6.51 -51.17
CA TYR F 647 31.15 -7.60 -50.38
C TYR F 647 31.29 -8.91 -51.17
N VAL F 648 31.38 -10.03 -50.45
CA VAL F 648 31.45 -11.37 -51.02
C VAL F 648 30.53 -12.28 -50.21
N LYS F 649 29.64 -13.01 -50.89
CA LYS F 649 28.69 -13.93 -50.26
C LYS F 649 28.71 -15.28 -50.96
N VAL F 650 28.84 -16.37 -50.19
CA VAL F 650 28.73 -17.73 -50.70
C VAL F 650 28.33 -18.65 -49.56
N GLY F 651 27.38 -19.54 -49.79
CA GLY F 651 27.03 -20.53 -48.78
C GLY F 651 25.59 -20.99 -48.91
N LEU F 652 25.29 -22.06 -48.16
CA LEU F 652 23.93 -22.60 -48.07
C LEU F 652 23.10 -21.72 -47.15
N GLY F 653 21.92 -21.32 -47.62
CA GLY F 653 21.11 -20.35 -46.91
C GLY F 653 21.48 -18.91 -47.17
N GLN F 654 22.52 -18.65 -47.96
CA GLN F 654 22.89 -17.29 -48.36
C GLN F 654 22.78 -17.09 -49.86
N THR F 655 23.36 -17.99 -50.65
CA THR F 655 23.26 -17.94 -52.11
C THR F 655 22.69 -19.21 -52.72
N MET F 656 22.49 -20.27 -51.93
CA MET F 656 22.18 -21.60 -52.47
C MET F 656 21.07 -22.26 -51.67
N THR F 657 20.34 -23.15 -52.32
CA THR F 657 19.39 -24.05 -51.66
C THR F 657 19.95 -25.46 -51.61
N ALA F 658 19.23 -26.33 -50.90
CA ALA F 658 19.65 -27.73 -50.81
C ALA F 658 19.43 -28.46 -52.12
N GLN F 659 18.41 -28.04 -52.89
CA GLN F 659 18.22 -28.57 -54.23
C GLN F 659 19.35 -28.16 -55.16
N ASP F 660 19.97 -27.00 -54.91
CA ASP F 660 21.11 -26.57 -55.71
C ASP F 660 22.34 -27.45 -55.47
N ILE F 661 22.51 -27.96 -54.25
CA ILE F 661 23.65 -28.80 -53.92
C ILE F 661 23.57 -30.14 -54.65
N LEU F 662 22.36 -30.73 -54.72
CA LEU F 662 22.18 -32.00 -55.39
C LEU F 662 22.44 -31.90 -56.89
N GLU F 663 22.16 -30.74 -57.49
CA GLU F 663 22.44 -30.54 -58.91
C GLU F 663 23.90 -30.24 -59.20
N GLY F 664 24.70 -29.90 -58.20
CA GLY F 664 26.09 -29.57 -58.41
C GLY F 664 26.40 -28.11 -58.66
N ASN F 665 25.62 -27.19 -58.11
CA ASN F 665 25.80 -25.75 -58.33
C ASN F 665 26.39 -25.10 -57.08
N MET F 666 27.33 -24.18 -57.30
CA MET F 666 27.85 -23.29 -56.26
C MET F 666 27.79 -21.86 -56.76
N ASN F 667 27.11 -20.99 -56.01
CA ASN F 667 26.87 -19.60 -56.41
C ASN F 667 27.69 -18.65 -55.54
N VAL F 668 28.43 -17.75 -56.19
CA VAL F 668 29.21 -16.71 -55.51
C VAL F 668 28.74 -15.35 -56.02
N GLU F 669 28.47 -14.42 -55.09
CA GLU F 669 27.98 -13.09 -55.42
C GLU F 669 28.98 -12.02 -54.96
N ILE F 670 29.31 -11.10 -55.86
CA ILE F 670 30.37 -10.12 -55.67
C ILE F 670 29.85 -8.74 -56.09
N GLY F 671 29.90 -7.77 -55.18
CA GLY F 671 29.53 -6.39 -55.50
C GLY F 671 30.67 -5.39 -55.32
N LEU F 672 30.82 -4.45 -56.26
CA LEU F 672 31.98 -3.56 -56.29
C LEU F 672 31.57 -2.10 -56.36
N ALA F 673 32.44 -1.23 -55.84
CA ALA F 673 32.27 0.23 -55.89
C ALA F 673 33.52 0.85 -56.50
N VAL F 674 33.49 1.06 -57.81
CA VAL F 674 34.67 1.47 -58.58
C VAL F 674 34.68 2.99 -58.71
N VAL F 675 35.88 3.60 -58.67
CA VAL F 675 36.03 5.05 -58.70
C VAL F 675 35.73 5.61 -60.08
N ARG F 676 34.98 6.70 -60.13
CA ARG F 676 34.59 7.39 -61.36
C ARG F 676 35.45 8.62 -61.59
N PRO F 677 35.61 9.05 -62.83
CA PRO F 677 36.35 10.30 -63.08
C PRO F 677 35.56 11.55 -62.76
N ALA F 678 36.28 12.65 -62.64
CA ALA F 678 35.69 13.98 -62.41
C ALA F 678 35.67 14.75 -63.73
N GLU F 679 34.53 14.66 -64.41
CA GLU F 679 34.42 15.15 -65.78
C GLU F 679 34.05 16.63 -65.83
N PHE F 680 33.17 17.08 -64.94
CA PHE F 680 32.75 18.47 -64.87
C PHE F 680 33.03 19.01 -63.48
N ILE F 681 33.76 20.13 -63.39
CA ILE F 681 34.10 20.77 -62.13
C ILE F 681 33.42 22.13 -62.09
N ILE F 682 32.57 22.35 -61.09
CA ILE F 682 31.70 23.51 -61.02
C ILE F 682 32.08 24.33 -59.78
N LEU F 683 32.60 25.54 -60.01
CA LEU F 683 32.99 26.45 -58.94
C LEU F 683 31.86 27.45 -58.65
N LYS F 684 31.41 27.49 -57.40
CA LYS F 684 30.28 28.32 -56.99
C LYS F 684 30.75 29.41 -56.03
N PHE F 685 30.70 30.66 -56.47
CA PHE F 685 31.20 31.82 -55.72
C PHE F 685 30.05 32.61 -55.12
N SER F 686 30.26 33.13 -53.92
CA SER F 686 29.25 33.91 -53.21
C SER F 686 29.90 34.84 -52.19
N HIS F 687 29.17 35.89 -51.83
CA HIS F 687 29.58 36.84 -50.81
C HIS F 687 29.19 36.32 -49.42
N LYS F 688 30.03 36.57 -48.42
CA LYS F 688 29.68 36.31 -47.04
C LYS F 688 29.79 37.59 -46.22
N MET F 689 28.98 37.67 -45.16
CA MET F 689 28.91 38.88 -44.34
C MET F 689 30.17 39.07 -43.51
N GLN F 690 30.56 40.33 -43.31
CA GLN F 690 31.75 40.70 -42.56
C GLN F 690 31.57 40.45 -41.08
N ALA G 2 21.98 -18.97 -68.83
CA ALA G 2 21.29 -19.36 -67.61
C ALA G 2 21.26 -20.88 -67.45
N THR G 3 21.60 -21.60 -68.53
CA THR G 3 21.63 -23.04 -68.54
C THR G 3 23.06 -23.51 -68.78
N TYR G 4 23.55 -24.40 -67.93
CA TYR G 4 24.92 -24.88 -68.00
C TYR G 4 24.95 -26.40 -68.03
N LYS G 5 25.62 -26.95 -69.04
CA LYS G 5 25.74 -28.39 -69.23
C LYS G 5 27.17 -28.90 -69.15
N THR G 6 28.15 -28.15 -69.64
CA THR G 6 29.52 -28.60 -69.48
C THR G 6 30.16 -28.02 -68.22
N PRO G 7 30.98 -28.80 -67.52
CA PRO G 7 31.56 -28.33 -66.26
C PRO G 7 32.58 -27.21 -66.43
N GLY G 8 32.59 -26.30 -65.46
CA GLY G 8 33.58 -25.24 -65.43
C GLY G 8 33.09 -24.06 -64.60
N VAL G 9 33.68 -22.90 -64.88
CA VAL G 9 33.37 -21.64 -64.21
C VAL G 9 32.70 -20.72 -65.22
N TYR G 10 31.69 -19.97 -64.78
CA TYR G 10 30.95 -19.06 -65.63
C TYR G 10 30.83 -17.69 -64.97
N ILE G 11 30.60 -16.67 -65.80
CA ILE G 11 30.55 -15.28 -65.36
C ILE G 11 29.20 -14.69 -65.79
N GLU G 12 28.50 -14.08 -64.83
CA GLU G 12 27.21 -13.43 -65.06
C GLU G 12 27.29 -11.99 -64.57
N GLU G 13 26.67 -11.07 -65.30
CA GLU G 13 26.55 -9.67 -64.89
C GLU G 13 25.09 -9.34 -64.64
N ILE G 14 24.82 -8.68 -63.51
CA ILE G 14 23.47 -8.33 -63.10
C ILE G 14 23.33 -6.80 -63.15
N THR G 15 22.24 -6.34 -63.75
CA THR G 15 21.98 -4.91 -63.95
C THR G 15 21.14 -4.36 -62.79
N LYS G 16 21.66 -3.33 -62.11
CA LYS G 16 20.98 -2.74 -60.97
C LYS G 16 20.70 -1.25 -61.14
N PHE G 17 21.65 -0.48 -61.65
CA PHE G 17 21.49 0.97 -61.69
C PHE G 17 20.54 1.37 -62.83
N PRO G 18 19.72 2.39 -62.65
CA PRO G 18 18.92 2.92 -63.76
C PRO G 18 19.77 3.74 -64.71
N PRO G 19 19.36 3.90 -65.96
CA PRO G 19 20.04 4.86 -66.85
C PRO G 19 19.63 6.29 -66.52
N SER G 20 20.26 7.23 -67.21
CA SER G 20 20.00 8.65 -66.99
C SER G 20 19.41 9.30 -68.24
N VAL G 21 18.65 10.36 -68.01
CA VAL G 21 18.00 11.13 -69.07
C VAL G 21 18.96 12.19 -69.59
N ALA G 22 18.93 12.42 -70.91
CA ALA G 22 19.77 13.42 -71.58
C ALA G 22 18.90 14.59 -72.04
N GLN G 23 19.27 15.80 -71.64
CA GLN G 23 18.43 16.98 -71.86
C GLN G 23 18.58 17.53 -73.28
N VAL G 24 17.45 17.97 -73.86
CA VAL G 24 17.40 18.47 -75.23
C VAL G 24 17.55 19.99 -75.25
N GLU G 25 17.89 20.51 -76.43
CA GLU G 25 17.98 21.96 -76.64
C GLU G 25 16.59 22.60 -76.58
N THR G 26 16.54 23.87 -76.18
CA THR G 26 15.26 24.54 -75.96
C THR G 26 14.94 25.64 -76.96
N ALA G 27 15.92 26.31 -77.57
CA ALA G 27 15.64 27.42 -78.47
C ALA G 27 16.49 27.29 -79.74
N ILE G 28 15.95 26.56 -80.71
CA ILE G 28 16.49 26.48 -82.07
C ILE G 28 15.36 26.89 -83.02
N PRO G 29 15.42 28.08 -83.63
CA PRO G 29 14.37 28.49 -84.55
C PRO G 29 14.59 28.06 -85.99
N ALA G 30 13.55 28.21 -86.79
CA ALA G 30 13.58 27.95 -88.23
C ALA G 30 12.99 29.13 -88.97
N PHE G 31 13.72 29.64 -89.96
CA PHE G 31 13.29 30.78 -90.77
C PHE G 31 12.91 30.29 -92.16
N ILE G 32 11.71 30.67 -92.61
CA ILE G 32 11.11 30.17 -93.83
C ILE G 32 10.76 31.36 -94.73
N GLY G 33 11.43 31.49 -95.87
CA GLY G 33 11.20 32.61 -96.76
C GLY G 33 12.14 32.60 -97.95
N TYR G 34 12.21 33.75 -98.62
CA TYR G 34 12.95 33.90 -99.88
C TYR G 34 14.38 34.35 -99.66
N THR G 35 15.31 33.82 -100.46
CA THR G 35 16.71 34.20 -100.40
C THR G 35 17.20 34.68 -101.76
N GLN G 36 18.48 35.03 -101.83
CA GLN G 36 19.05 35.51 -103.09
C GLN G 36 19.45 34.37 -104.02
N PHE G 37 20.24 33.39 -103.55
CA PHE G 37 20.52 32.28 -104.47
C PHE G 37 20.38 30.83 -103.94
N ALA G 38 20.72 30.55 -102.68
CA ALA G 38 20.60 29.21 -102.06
C ALA G 38 21.41 28.12 -102.78
N ARG G 39 22.74 28.22 -102.66
CA ARG G 39 23.65 27.29 -103.34
C ARG G 39 24.49 26.50 -102.35
N THR G 40 24.74 25.21 -102.65
CA THR G 40 25.64 24.40 -101.81
C THR G 40 27.10 24.75 -102.07
N LYS G 41 27.47 24.91 -103.33
CA LYS G 41 28.80 25.38 -103.69
C LYS G 41 28.69 26.78 -104.22
N PRO G 42 29.30 27.78 -103.57
CA PRO G 42 29.03 29.18 -103.93
C PRO G 42 29.58 29.60 -105.28
N SER G 43 30.60 28.90 -105.80
CA SER G 43 31.14 29.28 -107.10
C SER G 43 30.27 28.73 -108.24
N VAL G 44 29.77 27.52 -108.10
CA VAL G 44 28.94 26.89 -109.14
C VAL G 44 27.53 27.41 -109.03
N ASP G 45 26.97 27.91 -110.15
CA ASP G 45 25.70 28.62 -110.18
C ASP G 45 24.55 27.64 -110.34
N SER G 46 24.10 27.05 -109.23
CA SER G 46 22.97 26.13 -109.26
C SER G 46 22.25 26.19 -107.92
N ASP G 47 20.95 26.47 -107.97
CA ASP G 47 20.13 26.60 -106.76
C ASP G 47 19.61 25.22 -106.38
N ASP G 48 20.46 24.41 -105.74
CA ASP G 48 20.07 23.09 -105.29
C ASP G 48 19.69 23.05 -103.81
N LEU G 49 19.60 24.19 -103.14
CA LEU G 49 19.13 24.28 -101.77
C LEU G 49 17.74 24.87 -101.64
N ILE G 50 16.86 24.65 -102.63
CA ILE G 50 15.60 25.40 -102.71
C ILE G 50 14.66 25.01 -101.58
N LEU G 51 14.35 23.72 -101.43
CA LEU G 51 13.48 23.30 -100.33
C LEU G 51 14.16 22.27 -99.42
N LYS G 52 15.43 22.51 -99.07
CA LYS G 52 16.18 21.64 -98.17
C LYS G 52 16.56 22.41 -96.92
N PRO G 53 16.19 21.92 -95.72
CA PRO G 53 16.62 22.62 -94.50
C PRO G 53 18.10 22.45 -94.24
N LYS G 54 18.74 23.55 -93.84
CA LYS G 54 20.18 23.60 -93.59
C LYS G 54 20.45 24.32 -92.28
N ARG G 55 21.38 23.79 -91.48
CA ARG G 55 21.73 24.36 -90.19
C ARG G 55 22.98 25.23 -90.32
N ILE G 56 22.84 26.51 -89.98
CA ILE G 56 23.93 27.48 -90.02
C ILE G 56 24.24 27.91 -88.59
N SER G 57 25.30 28.72 -88.44
CA SER G 57 25.77 29.09 -87.11
C SER G 57 26.00 30.58 -86.92
N SER G 58 26.13 31.36 -87.98
CA SER G 58 26.40 32.79 -87.84
C SER G 58 25.87 33.50 -89.08
N LEU G 59 26.00 34.83 -89.07
CA LEU G 59 25.57 35.63 -90.22
C LEU G 59 26.53 35.44 -91.39
N LEU G 60 27.79 35.13 -91.12
CA LEU G 60 28.74 34.89 -92.20
C LEU G 60 28.47 33.58 -92.91
N ASP G 61 27.91 32.60 -92.19
CA ASP G 61 27.49 31.35 -92.82
C ASP G 61 26.29 31.56 -93.75
N PHE G 62 25.44 32.54 -93.42
CA PHE G 62 24.25 32.75 -94.23
C PHE G 62 24.59 33.36 -95.58
N THR G 63 25.48 34.35 -95.62
CA THR G 63 25.76 35.05 -96.87
C THR G 63 26.62 34.21 -97.80
N THR G 64 27.31 33.20 -97.25
CA THR G 64 28.07 32.26 -98.08
C THR G 64 27.13 31.43 -98.96
N TYR G 65 26.08 30.88 -98.37
CA TYR G 65 25.18 29.97 -99.08
C TYR G 65 23.97 30.68 -99.67
N TYR G 66 23.55 31.81 -99.10
CA TYR G 66 22.29 32.42 -99.50
C TYR G 66 22.40 33.86 -99.99
N GLY G 67 23.45 34.60 -99.62
CA GLY G 67 23.62 35.96 -100.09
C GLY G 67 23.05 37.00 -99.13
N GLY G 68 22.76 38.17 -99.69
CA GLY G 68 22.24 39.28 -98.93
C GLY G 68 20.87 39.78 -99.34
N ALA G 69 20.59 41.06 -99.10
CA ALA G 69 19.29 41.64 -99.40
C ALA G 69 19.21 42.10 -100.86
N GLN G 70 18.01 42.55 -101.25
CA GLN G 70 17.78 43.08 -102.60
C GLN G 70 17.96 44.59 -102.61
N ASN G 71 18.59 45.09 -103.67
CA ASN G 71 18.77 46.53 -103.85
C ASN G 71 17.43 47.22 -104.07
N GLU G 72 17.24 48.35 -103.38
CA GLU G 72 16.00 49.10 -103.51
C GLU G 72 15.95 49.85 -104.83
N GLN G 73 14.74 49.97 -105.39
CA GLN G 73 14.54 50.63 -106.68
C GLN G 73 13.73 51.92 -106.58
N GLY G 74 13.32 52.33 -105.39
CA GLY G 74 12.49 53.50 -105.22
C GLY G 74 13.12 54.74 -104.63
N ILE G 75 14.42 54.94 -104.85
CA ILE G 75 15.12 56.13 -104.26
C ILE G 75 15.32 57.20 -105.33
N THR G 76 14.98 58.46 -105.01
CA THR G 76 15.13 59.59 -105.91
C THR G 76 15.91 60.71 -105.22
N VAL G 77 16.75 61.40 -105.98
CA VAL G 77 17.59 62.49 -105.47
C VAL G 77 17.28 63.75 -106.28
N LYS G 78 17.09 64.87 -105.58
CA LYS G 78 16.77 66.16 -106.17
C LYS G 78 17.80 67.20 -105.75
N LEU G 79 18.27 68.01 -106.71
CA LEU G 79 19.21 69.09 -106.45
C LEU G 79 18.64 70.40 -106.97
N THR G 80 18.78 71.48 -106.19
CA THR G 80 18.27 72.79 -106.56
C THR G 80 19.28 73.87 -106.18
N ASP G 81 19.63 74.71 -107.14
CA ASP G 81 20.49 75.87 -106.91
C ASP G 81 19.64 77.13 -106.95
N THR G 82 19.84 78.02 -105.98
CA THR G 82 18.99 79.18 -105.79
C THR G 82 19.89 80.37 -105.47
N LEU G 83 19.39 81.59 -105.67
CA LEU G 83 20.05 82.81 -105.26
C LEU G 83 19.13 83.60 -104.34
N ILE G 84 19.60 83.89 -103.13
CA ILE G 84 18.84 84.62 -102.12
C ILE G 84 19.60 85.89 -101.79
N GLU G 85 19.12 87.02 -102.36
CA GLU G 85 19.73 88.36 -102.29
C GLU G 85 21.24 88.35 -102.54
N GLY G 86 21.64 87.66 -103.60
CA GLY G 86 23.03 87.57 -103.98
C GLY G 86 23.84 86.50 -103.28
N ALA G 87 23.22 85.67 -102.46
CA ALA G 87 23.90 84.60 -101.75
C ALA G 87 23.42 83.26 -102.26
N GLU G 88 24.35 82.31 -102.45
CA GLU G 88 24.01 81.02 -103.02
C GLU G 88 23.35 80.13 -101.97
N ASN G 89 22.43 79.28 -102.42
CA ASN G 89 21.75 78.32 -101.57
C ASN G 89 21.55 77.03 -102.36
N ARG G 90 22.00 75.91 -101.79
CA ARG G 90 21.86 74.60 -102.41
C ARG G 90 20.98 73.73 -101.53
N THR G 91 20.00 73.06 -102.15
CA THR G 91 19.04 72.21 -101.46
C THR G 91 19.14 70.79 -101.98
N ILE G 92 19.26 69.82 -101.08
CA ILE G 92 19.29 68.40 -101.42
C ILE G 92 18.08 67.73 -100.76
N ASN G 93 17.26 67.07 -101.56
CA ASN G 93 16.02 66.47 -101.09
C ASN G 93 15.96 64.99 -101.46
N VAL G 94 16.03 64.13 -100.45
CA VAL G 94 15.81 62.70 -100.62
C VAL G 94 14.62 62.28 -99.76
N PRO G 95 13.44 62.09 -100.34
CA PRO G 95 12.30 61.63 -99.54
C PRO G 95 12.42 60.14 -99.22
N GLU G 96 11.68 59.73 -98.18
CA GLU G 96 11.62 58.32 -97.86
C GLU G 96 10.78 57.58 -98.90
N PRO G 97 11.21 56.41 -99.34
CA PRO G 97 10.52 55.74 -100.46
C PRO G 97 9.18 55.16 -100.06
N THR G 98 8.19 55.34 -100.93
CA THR G 98 6.87 54.77 -100.72
C THR G 98 6.72 53.37 -101.29
N PHE G 99 7.64 52.93 -102.13
CA PHE G 99 7.64 51.57 -102.68
C PHE G 99 8.92 50.87 -102.22
N LYS G 100 8.76 49.84 -101.41
CA LYS G 100 9.88 49.10 -100.84
C LYS G 100 9.89 47.67 -101.35
N SER G 101 11.01 46.99 -101.13
CA SER G 101 11.12 45.58 -101.47
C SER G 101 10.36 44.74 -100.45
N PRO G 102 9.66 43.67 -100.87
CA PRO G 102 8.87 42.89 -99.91
C PRO G 102 9.65 41.84 -99.15
N TYR G 103 10.96 41.75 -99.37
CA TYR G 103 11.79 40.69 -98.79
C TYR G 103 12.46 41.22 -97.52
N LEU G 104 12.35 40.45 -96.43
CA LEU G 104 12.79 40.91 -95.12
C LEU G 104 13.66 39.90 -94.38
N MET G 105 14.16 38.87 -95.06
CA MET G 105 14.79 37.76 -94.36
C MET G 105 16.20 38.11 -93.88
N PHE G 106 16.97 38.80 -94.72
CA PHE G 106 18.34 39.18 -94.33
C PHE G 106 18.34 40.22 -93.22
N TYR G 107 17.34 41.10 -93.19
CA TYR G 107 17.23 42.08 -92.13
C TYR G 107 16.86 41.43 -90.80
N SER G 108 16.00 40.41 -90.84
CA SER G 108 15.54 39.75 -89.62
C SER G 108 16.63 38.90 -88.99
N LEU G 109 17.54 38.36 -89.81
CA LEU G 109 18.64 37.58 -89.25
C LEU G 109 19.70 38.49 -88.63
N GLN G 110 19.80 39.73 -89.10
CA GLN G 110 20.65 40.71 -88.44
C GLN G 110 20.13 41.05 -87.06
N MET G 111 18.81 41.13 -86.91
CA MET G 111 18.22 41.44 -85.61
C MET G 111 18.34 40.26 -84.65
N TYR G 112 18.31 39.03 -85.19
CA TYR G 112 18.37 37.83 -84.36
C TYR G 112 19.74 37.63 -83.74
N PHE G 113 20.80 37.79 -84.53
CA PHE G 113 22.15 37.61 -84.00
C PHE G 113 22.58 38.78 -83.12
N ALA G 114 21.96 39.95 -83.30
CA ALA G 114 22.32 41.10 -82.47
C ALA G 114 21.67 41.02 -81.09
N ASN G 115 20.67 40.16 -80.90
CA ASN G 115 19.97 40.04 -79.63
C ASN G 115 20.33 38.76 -78.88
N GLY G 116 21.29 37.99 -79.37
CA GLY G 116 21.79 36.85 -78.65
C GLY G 116 21.46 35.48 -79.21
N GLY G 117 21.16 35.37 -80.51
CA GLY G 117 20.80 34.10 -81.07
C GLY G 117 22.00 33.22 -81.37
N GLY G 118 21.73 31.91 -81.43
CA GLY G 118 22.73 30.92 -81.76
C GLY G 118 22.45 30.21 -83.06
N PRO G 119 22.62 28.89 -83.07
CA PRO G 119 22.38 28.13 -84.31
C PRO G 119 20.90 28.02 -84.65
N CYS G 120 20.60 28.05 -85.94
CA CYS G 120 19.23 28.04 -86.43
C CYS G 120 19.18 27.33 -87.77
N TYR G 121 17.96 27.07 -88.24
CA TYR G 121 17.73 26.38 -89.51
C TYR G 121 17.15 27.32 -90.54
N ILE G 122 17.57 27.16 -91.80
CA ILE G 122 17.13 27.99 -92.91
C ILE G 122 16.36 27.12 -93.89
N VAL G 123 15.15 27.52 -94.22
CA VAL G 123 14.34 26.87 -95.25
C VAL G 123 13.99 27.91 -96.31
N SER G 124 14.68 27.86 -97.44
CA SER G 124 14.38 28.72 -98.57
C SER G 124 13.04 28.31 -99.18
N THR G 125 12.38 29.25 -99.85
CA THR G 125 11.16 28.93 -100.59
C THR G 125 11.22 29.37 -102.06
N GLY G 126 12.37 29.82 -102.52
CA GLY G 126 12.51 30.38 -103.84
C GLY G 126 13.49 31.53 -103.80
N VAL G 127 13.69 32.15 -104.96
CA VAL G 127 14.63 33.25 -105.10
C VAL G 127 13.86 34.53 -105.40
N TYR G 128 14.58 35.64 -105.43
CA TYR G 128 13.98 36.95 -105.64
C TYR G 128 13.46 37.09 -107.06
N ASP G 129 12.36 37.82 -107.22
CA ASP G 129 11.87 38.24 -108.51
C ASP G 129 12.27 39.69 -108.76
N ASP G 130 12.32 40.08 -110.02
CA ASP G 130 12.74 41.42 -110.42
C ASP G 130 11.58 42.41 -110.38
N TRP G 131 11.92 43.68 -110.22
CA TRP G 131 10.94 44.74 -110.31
C TRP G 131 10.58 44.97 -111.78
N SER G 132 9.29 45.15 -112.04
CA SER G 132 8.86 45.47 -113.40
C SER G 132 9.19 46.89 -113.79
N ASP G 133 8.96 47.86 -112.91
CA ASP G 133 9.48 49.22 -113.06
C ASP G 133 9.69 49.79 -111.67
N SER G 134 9.85 51.12 -111.60
CA SER G 134 10.28 51.75 -110.36
C SER G 134 9.16 51.87 -109.33
N GLU G 135 7.92 51.58 -109.73
CA GLU G 135 6.79 51.67 -108.81
C GLU G 135 5.98 50.39 -108.70
N THR G 136 6.53 49.25 -109.12
CA THR G 136 5.85 47.96 -108.97
C THR G 136 6.84 46.95 -108.40
N PRO G 137 6.86 46.76 -107.09
CA PRO G 137 7.69 45.69 -106.49
C PRO G 137 7.08 44.33 -106.73
N PRO G 138 7.85 43.25 -106.62
CA PRO G 138 7.29 41.90 -106.78
C PRO G 138 6.36 41.51 -105.63
N THR G 139 5.69 40.38 -105.83
CA THR G 139 4.67 39.89 -104.91
C THR G 139 5.12 38.60 -104.22
N ILE G 140 4.47 38.30 -103.11
CA ILE G 140 4.76 37.13 -102.29
C ILE G 140 3.58 36.17 -102.41
N ASN G 141 3.87 34.89 -102.67
CA ASN G 141 2.84 33.91 -102.95
C ASN G 141 2.55 33.05 -101.72
N PHE G 142 1.27 32.76 -101.48
CA PHE G 142 0.87 31.94 -100.34
C PHE G 142 1.30 30.49 -100.51
N SER G 143 1.34 30.00 -101.76
CA SER G 143 1.61 28.59 -102.00
C SER G 143 3.06 28.21 -101.79
N ASP G 144 3.98 29.19 -101.84
CA ASP G 144 5.39 28.92 -101.54
C ASP G 144 5.65 28.79 -100.06
N LEU G 145 5.02 29.64 -99.23
CA LEU G 145 5.26 29.61 -97.79
C LEU G 145 4.64 28.38 -97.14
N GLU G 146 3.51 27.89 -97.66
CA GLU G 146 2.91 26.69 -97.08
C GLU G 146 3.68 25.44 -97.51
N SER G 147 4.32 25.50 -98.68
CA SER G 147 5.18 24.40 -99.12
C SER G 147 6.44 24.30 -98.25
N GLY G 148 6.89 25.42 -97.69
CA GLY G 148 8.03 25.39 -96.79
C GLY G 148 7.69 24.82 -95.43
N LEU G 149 6.44 24.97 -95.01
CA LEU G 149 5.99 24.44 -93.73
C LEU G 149 5.87 22.91 -93.77
N ALA G 150 5.66 22.35 -94.96
CA ALA G 150 5.51 20.90 -95.07
C ALA G 150 6.84 20.17 -94.94
N VAL G 151 7.95 20.81 -95.34
CA VAL G 151 9.24 20.13 -95.25
C VAL G 151 9.85 20.27 -93.86
N ILE G 152 9.40 21.27 -93.09
CA ILE G 152 9.95 21.43 -91.74
C ILE G 152 9.27 20.48 -90.77
N ARG G 153 8.16 19.86 -91.18
CA ARG G 153 7.48 18.84 -90.38
C ARG G 153 8.33 17.58 -90.24
N LYS G 154 9.21 17.33 -91.20
CA LYS G 154 10.06 16.15 -91.20
C LYS G 154 11.36 16.34 -90.43
N GLU G 155 11.65 17.54 -89.93
CA GLU G 155 12.85 17.77 -89.15
C GLU G 155 12.55 17.67 -87.66
N ASP G 156 13.53 17.18 -86.90
CA ASP G 156 13.36 16.87 -85.49
C ASP G 156 13.80 18.00 -84.56
N GLU G 157 14.92 18.65 -84.86
CA GLU G 157 15.60 19.56 -83.95
C GLU G 157 15.00 20.96 -83.70
N PRO G 158 14.39 21.68 -84.67
CA PRO G 158 13.87 23.03 -84.34
C PRO G 158 12.74 23.04 -83.32
N THR G 159 12.69 24.11 -82.53
CA THR G 159 11.68 24.31 -81.50
C THR G 159 10.81 25.54 -81.73
N LEU G 160 11.11 26.36 -82.73
CA LEU G 160 10.39 27.61 -82.97
C LEU G 160 10.18 27.86 -84.46
N LEU G 161 8.99 28.33 -84.82
CA LEU G 161 8.58 28.52 -86.21
C LEU G 161 8.33 30.01 -86.50
N LEU G 162 8.94 30.52 -87.58
CA LEU G 162 8.83 31.92 -87.97
C LEU G 162 8.71 32.07 -89.48
N PHE G 163 8.00 33.12 -89.91
CA PHE G 163 7.81 33.47 -91.32
C PHE G 163 8.12 34.96 -91.49
N PRO G 164 9.35 35.32 -91.88
CA PRO G 164 9.73 36.74 -91.87
C PRO G 164 9.12 37.60 -92.98
N ASP G 165 8.55 37.03 -94.03
CA ASP G 165 8.04 37.79 -95.16
C ASP G 165 6.52 37.89 -95.14
N ALA G 166 5.89 37.36 -94.09
CA ALA G 166 4.45 37.10 -94.11
C ALA G 166 3.57 38.35 -94.03
N THR G 167 4.06 39.46 -93.47
CA THR G 167 3.24 40.66 -93.39
C THR G 167 3.06 41.36 -94.73
N ASN G 168 3.82 40.98 -95.76
CA ASN G 168 3.67 41.53 -97.09
C ASN G 168 2.84 40.64 -98.01
N LEU G 169 2.04 39.76 -97.44
CA LEU G 169 1.13 38.92 -98.18
C LEU G 169 -0.03 39.76 -98.72
N PRO G 170 -0.66 39.35 -99.84
CA PRO G 170 -1.65 40.25 -100.48
C PRO G 170 -2.93 40.51 -99.69
N THR G 171 -3.54 39.48 -99.09
CA THR G 171 -4.74 39.68 -98.27
C THR G 171 -4.45 39.27 -96.84
N ASP G 172 -5.28 39.76 -95.92
CA ASP G 172 -5.12 39.41 -94.51
C ASP G 172 -5.66 38.01 -94.23
N ASP G 173 -6.60 37.53 -95.04
CA ASP G 173 -7.12 36.17 -94.86
C ASP G 173 -6.06 35.12 -95.15
N GLU G 174 -5.15 35.39 -96.09
CA GLU G 174 -4.03 34.49 -96.32
C GLU G 174 -3.05 34.51 -95.14
N PHE G 175 -2.90 35.67 -94.51
CA PHE G 175 -2.00 35.83 -93.38
C PHE G 175 -2.47 35.02 -92.18
N TYR G 176 -3.76 35.07 -91.85
CA TYR G 176 -4.27 34.34 -90.69
C TYR G 176 -4.34 32.84 -90.97
N SER G 177 -4.63 32.46 -92.22
CA SER G 177 -4.72 31.05 -92.58
C SER G 177 -3.36 30.36 -92.53
N LEU G 178 -2.28 31.11 -92.76
CA LEU G 178 -0.94 30.55 -92.66
C LEU G 178 -0.59 30.26 -91.21
N TYR G 179 -1.01 31.13 -90.30
CA TYR G 179 -0.68 30.93 -88.88
C TYR G 179 -1.61 29.93 -88.21
N ASN G 180 -2.78 29.67 -88.82
CA ASN G 180 -3.62 28.57 -88.32
C ASN G 180 -3.00 27.22 -88.65
N SER G 181 -2.22 27.15 -89.74
CA SER G 181 -1.59 25.89 -90.13
C SER G 181 -0.38 25.59 -89.26
N ALA G 182 0.31 26.63 -88.78
CA ALA G 182 1.47 26.42 -87.92
C ALA G 182 1.05 25.92 -86.54
N LEU G 183 -0.09 26.39 -86.02
CA LEU G 183 -0.57 25.94 -84.72
C LEU G 183 -1.10 24.51 -84.76
N MET G 184 -1.59 24.07 -85.93
CA MET G 184 -2.01 22.68 -86.05
C MET G 184 -0.80 21.73 -86.12
N GLN G 185 0.31 22.19 -86.69
CA GLN G 185 1.53 21.40 -86.66
C GLN G 185 2.12 21.33 -85.25
N CYS G 186 1.98 22.40 -84.47
CA CYS G 186 2.51 22.39 -83.11
C CYS G 186 1.65 21.51 -82.19
N ASN G 187 0.38 21.33 -82.52
CA ASN G 187 -0.47 20.42 -81.76
C ASN G 187 -0.10 18.96 -82.07
N ASP G 188 0.18 18.66 -83.33
CA ASP G 188 0.43 17.26 -83.73
C ASP G 188 1.79 16.77 -83.24
N LEU G 189 2.85 17.54 -83.50
CA LEU G 189 4.19 17.10 -83.12
C LEU G 189 4.44 17.29 -81.63
N GLN G 190 3.62 18.14 -80.98
CA GLN G 190 3.60 18.51 -79.56
C GLN G 190 4.98 18.80 -78.97
N ASP G 191 5.88 19.43 -79.73
CA ASP G 191 7.20 19.77 -79.24
C ASP G 191 7.71 21.14 -79.72
N ARG G 192 6.84 22.00 -80.27
CA ARG G 192 7.25 23.27 -80.86
C ARG G 192 6.37 24.40 -80.35
N PHE G 193 6.73 25.62 -80.75
CA PHE G 193 6.06 26.84 -80.33
C PHE G 193 6.16 27.88 -81.45
N THR G 194 5.13 28.73 -81.58
CA THR G 194 5.03 29.69 -82.69
C THR G 194 5.01 31.12 -82.14
N ILE G 195 5.70 32.02 -82.85
CA ILE G 195 5.72 33.44 -82.51
C ILE G 195 5.00 34.22 -83.62
N LEU G 196 4.00 35.01 -83.23
CA LEU G 196 3.11 35.69 -84.17
C LEU G 196 3.28 37.21 -84.09
N ASP G 197 2.89 37.88 -85.17
CA ASP G 197 2.71 39.32 -85.21
C ASP G 197 1.31 39.66 -85.69
N THR G 198 1.01 40.95 -85.73
CA THR G 198 -0.20 41.43 -86.38
C THR G 198 0.07 41.67 -87.85
N TYR G 199 -1.02 41.91 -88.60
CA TYR G 199 -0.90 42.13 -90.04
C TYR G 199 -0.30 43.51 -90.33
N SER G 200 -0.61 44.50 -89.49
CA SER G 200 -0.09 45.84 -89.63
C SER G 200 0.06 46.44 -88.24
N ASP G 201 0.78 47.55 -88.17
CA ASP G 201 0.88 48.31 -86.92
C ASP G 201 -0.10 49.46 -86.85
N GLN G 202 -0.79 49.77 -87.94
CA GLN G 202 -1.81 50.81 -87.98
C GLN G 202 -3.10 50.24 -88.55
N THR G 203 -4.13 51.07 -88.58
CA THR G 203 -5.40 50.72 -89.20
C THR G 203 -5.22 50.53 -90.70
N TYR G 204 -5.65 49.36 -91.21
CA TYR G 204 -5.48 49.02 -92.61
C TYR G 204 -6.83 48.81 -93.28
N ASN G 205 -6.82 48.94 -94.61
CA ASN G 205 -8.02 48.77 -95.42
C ASN G 205 -8.13 47.34 -95.92
N ASP G 206 -9.31 46.76 -95.77
CA ASP G 206 -9.59 45.38 -96.18
C ASP G 206 -10.19 45.29 -97.58
N GLY G 207 -10.50 46.41 -98.21
CA GLY G 207 -11.24 46.44 -99.45
C GLY G 207 -12.69 46.83 -99.27
N VAL G 208 -13.32 46.39 -98.19
CA VAL G 208 -14.67 46.84 -97.84
C VAL G 208 -14.70 47.75 -96.63
N GLU G 209 -13.86 47.52 -95.63
CA GLU G 209 -13.92 48.24 -94.36
C GLU G 209 -12.51 48.60 -93.91
N ASP G 210 -12.44 49.42 -92.87
CA ASP G 210 -11.19 49.72 -92.18
C ASP G 210 -11.16 48.99 -90.85
N LEU G 211 -10.04 48.34 -90.54
CA LEU G 211 -9.94 47.46 -89.39
C LEU G 211 -8.78 47.86 -88.49
N ASP G 212 -8.99 47.72 -87.20
CA ASP G 212 -7.92 47.91 -86.21
C ASP G 212 -7.11 46.62 -86.10
N PRO G 213 -5.79 46.69 -85.84
CA PRO G 213 -4.95 45.49 -85.90
C PRO G 213 -5.19 44.42 -84.83
N ILE G 214 -5.41 44.88 -83.59
CA ILE G 214 -5.61 43.94 -82.46
C ILE G 214 -6.94 43.18 -82.60
N PRO G 215 -8.13 43.81 -82.79
CA PRO G 215 -9.35 43.00 -82.95
C PRO G 215 -9.43 42.18 -84.24
N ALA G 216 -8.63 42.52 -85.27
CA ALA G 216 -8.64 41.73 -86.49
C ALA G 216 -7.84 40.44 -86.32
N LEU G 217 -6.80 40.46 -85.47
CA LEU G 217 -6.05 39.25 -85.17
C LEU G 217 -6.87 38.30 -84.30
N ARG G 218 -7.75 38.85 -83.46
CA ARG G 218 -8.58 38.00 -82.60
C ARG G 218 -9.70 37.32 -83.40
N ASN G 219 -10.08 37.90 -84.54
CA ASN G 219 -11.05 37.24 -85.41
C ASN G 219 -10.41 36.19 -86.31
N GLY G 220 -9.20 36.44 -86.80
CA GLY G 220 -8.60 35.56 -87.79
C GLY G 220 -8.13 34.23 -87.25
N ILE G 221 -7.71 34.20 -85.98
CA ILE G 221 -7.28 32.97 -85.32
C ILE G 221 -8.48 32.39 -84.59
N ASN G 222 -9.06 31.32 -85.14
CA ASN G 222 -10.37 30.84 -84.67
C ASN G 222 -10.33 29.39 -84.18
N LEU G 223 -9.31 29.00 -83.42
CA LEU G 223 -9.22 27.64 -82.89
C LEU G 223 -9.44 27.64 -81.37
N THR G 224 -9.61 26.44 -80.81
CA THR G 224 -9.83 26.28 -79.38
C THR G 224 -8.51 26.28 -78.62
N LYS G 225 -8.62 26.16 -77.30
CA LYS G 225 -7.47 26.28 -76.40
C LYS G 225 -6.36 25.27 -76.68
N ASP G 226 -6.72 24.04 -77.06
CA ASP G 226 -5.72 23.01 -77.29
C ASP G 226 -4.78 23.37 -78.44
N TYR G 227 -5.09 24.41 -79.21
CA TYR G 227 -4.22 24.95 -80.23
C TYR G 227 -3.63 26.30 -79.85
N LEU G 228 -4.36 27.11 -79.08
CA LEU G 228 -3.92 28.47 -78.75
C LEU G 228 -2.80 28.48 -77.73
N LYS G 229 -2.60 27.38 -77.00
CA LYS G 229 -1.55 27.32 -76.00
C LYS G 229 -0.14 27.19 -76.59
N TYR G 230 -0.02 26.99 -77.90
CA TYR G 230 1.27 26.85 -78.57
C TYR G 230 1.75 28.12 -79.26
N GLY G 231 1.13 29.27 -79.01
CA GLY G 231 1.57 30.49 -79.66
C GLY G 231 1.51 31.72 -78.78
N ALA G 232 2.23 32.75 -79.22
CA ALA G 232 2.31 34.05 -78.53
C ALA G 232 2.43 35.15 -79.56
N ALA G 233 1.86 36.32 -79.25
CA ALA G 233 1.75 37.44 -80.18
C ALA G 233 2.27 38.72 -79.56
N TYR G 234 2.92 39.54 -80.38
CA TYR G 234 3.58 40.77 -79.93
C TYR G 234 3.14 41.94 -80.78
N TYR G 235 3.19 43.13 -80.18
CA TYR G 235 2.70 44.36 -80.78
C TYR G 235 3.38 45.53 -80.08
N PRO G 236 3.68 46.64 -80.80
CA PRO G 236 3.68 46.99 -82.23
C PRO G 236 4.99 46.66 -82.95
N PHE G 237 5.27 47.34 -84.05
CA PHE G 237 6.50 47.14 -84.80
C PHE G 237 7.66 47.90 -84.14
N VAL G 238 8.88 47.65 -84.62
CA VAL G 238 10.08 48.28 -84.05
C VAL G 238 10.89 48.98 -85.14
N GLN G 239 11.46 50.13 -84.79
CA GLN G 239 12.33 50.94 -85.66
C GLN G 239 13.79 50.59 -85.32
N THR G 240 14.61 50.26 -86.32
CA THR G 240 15.95 49.73 -86.12
C THR G 240 17.00 50.77 -86.52
N ILE G 241 18.28 50.40 -86.37
CA ILE G 241 19.41 51.24 -86.72
C ILE G 241 19.99 50.88 -88.08
N LEU G 242 19.36 49.98 -88.82
CA LEU G 242 19.91 49.45 -90.06
C LEU G 242 19.59 50.36 -91.25
N ASN G 243 20.46 50.33 -92.24
CA ASN G 243 20.27 51.05 -93.49
C ASN G 243 19.74 50.10 -94.57
N TYR G 244 19.06 50.67 -95.56
CA TYR G 244 18.60 49.93 -96.72
C TYR G 244 19.77 49.55 -97.62
N GLN G 245 19.63 48.42 -98.30
CA GLN G 245 20.59 47.95 -99.29
C GLN G 245 20.28 48.55 -100.65
N TYR G 246 21.27 49.17 -101.27
CA TYR G 246 21.07 49.82 -102.56
C TYR G 246 22.39 49.82 -103.33
N SER G 247 22.28 50.10 -104.62
CA SER G 247 23.43 50.18 -105.52
C SER G 247 23.53 51.58 -106.11
N ALA G 248 24.75 52.13 -106.13
CA ALA G 248 24.94 53.48 -106.64
C ALA G 248 24.91 53.56 -108.16
N ASP G 249 24.98 52.43 -108.85
CA ASP G 249 24.89 52.39 -110.31
C ASP G 249 23.47 52.63 -110.84
N GLU G 250 22.46 52.62 -109.97
CA GLU G 250 21.07 52.72 -110.39
C GLU G 250 20.37 53.98 -109.89
N ILE G 251 21.10 54.90 -109.28
CA ILE G 251 20.53 56.15 -108.77
C ILE G 251 20.76 57.22 -109.83
N VAL G 252 19.69 57.91 -110.22
CA VAL G 252 19.76 58.98 -111.22
C VAL G 252 19.49 60.31 -110.55
N ILE G 253 20.30 61.31 -110.87
CA ILE G 253 20.20 62.65 -110.30
C ILE G 253 19.36 63.52 -111.23
N GLN G 254 18.52 64.37 -110.65
CA GLN G 254 17.86 65.46 -111.39
C GLN G 254 18.28 66.79 -110.76
N HIS G 255 18.88 67.64 -111.58
CA HIS G 255 19.57 68.86 -111.14
C HIS G 255 18.94 70.08 -111.81
N LEU G 256 18.40 70.98 -111.00
CA LEU G 256 17.85 72.24 -111.47
C LEU G 256 18.76 73.37 -111.01
N SER G 257 19.30 74.13 -111.96
CA SER G 257 20.26 75.18 -111.66
C SER G 257 19.88 76.45 -112.40
N TYR G 258 20.30 77.59 -111.85
CA TYR G 258 20.06 78.87 -112.52
C TYR G 258 21.02 79.05 -113.69
N ASN G 259 22.19 78.42 -113.64
CA ASN G 259 23.15 78.46 -114.73
C ASN G 259 23.04 77.17 -115.52
N PRO G 260 22.32 77.14 -116.64
CA PRO G 260 22.19 75.88 -117.38
C PRO G 260 23.37 75.62 -118.31
N ASN G 261 24.15 74.60 -118.00
CA ASN G 261 25.23 74.16 -118.87
C ASN G 261 25.18 72.64 -119.09
N ALA G 262 23.99 72.07 -119.14
CA ALA G 262 23.86 70.62 -119.34
C ALA G 262 24.23 70.23 -120.76
N ILE G 263 23.74 70.98 -121.75
CA ILE G 263 24.01 70.65 -123.14
C ILE G 263 25.44 71.05 -123.50
N ALA G 264 25.94 72.13 -122.91
CA ALA G 264 27.30 72.59 -123.19
C ALA G 264 28.35 71.62 -122.64
N THR G 265 28.10 71.06 -121.46
CA THR G 265 29.02 70.07 -120.90
C THR G 265 28.92 68.75 -121.65
N ALA G 266 27.74 68.44 -122.19
CA ALA G 266 27.58 67.25 -123.01
C ALA G 266 28.24 67.44 -124.37
N LEU G 267 28.33 68.68 -124.85
CA LEU G 267 29.00 68.95 -126.11
C LEU G 267 30.51 68.83 -125.99
N ASP G 268 31.07 69.28 -124.87
CA ASP G 268 32.52 69.33 -124.71
C ASP G 268 33.13 67.95 -124.62
N ASN G 269 32.41 67.00 -124.02
CA ASN G 269 32.89 65.62 -123.97
C ASN G 269 32.80 64.96 -125.34
N LEU G 270 31.71 65.23 -126.07
CA LEU G 270 31.50 64.56 -127.34
C LEU G 270 32.33 65.19 -128.46
N ASN G 271 32.67 66.47 -128.31
CA ASN G 271 33.56 67.10 -129.28
C ASN G 271 35.00 66.63 -129.08
N ALA G 272 35.37 66.31 -127.85
CA ALA G 272 36.73 65.88 -127.56
C ALA G 272 36.98 64.45 -128.02
N VAL G 273 35.95 63.60 -127.94
CA VAL G 273 36.13 62.21 -128.34
C VAL G 273 36.14 62.08 -129.86
N ASN G 274 35.58 63.07 -130.56
CA ASN G 274 35.57 63.09 -132.02
C ASN G 274 36.85 63.76 -132.54
N GLY G 275 37.96 63.05 -132.37
CA GLY G 275 39.25 63.56 -132.76
C GLY G 275 40.12 62.52 -133.44
N PRO G 276 41.20 62.97 -134.09
CA PRO G 276 42.10 62.00 -134.76
C PRO G 276 42.92 61.16 -133.80
N THR G 277 43.36 61.73 -132.68
CA THR G 277 44.14 60.94 -131.73
C THR G 277 43.25 60.04 -130.89
N PHE G 278 41.96 60.37 -130.79
CA PHE G 278 41.10 59.69 -129.82
C PHE G 278 40.44 58.45 -130.43
N ILE G 279 39.63 58.62 -131.47
CA ILE G 279 38.81 57.53 -132.00
C ILE G 279 39.32 57.06 -133.36
N ASP G 280 40.08 57.90 -134.08
CA ASP G 280 40.65 57.46 -135.34
C ASP G 280 41.87 56.59 -135.13
N ALA G 281 42.53 56.74 -133.98
CA ALA G 281 43.70 55.93 -133.67
C ALA G 281 43.31 54.52 -133.25
N ILE G 282 42.05 54.32 -132.89
CA ILE G 282 41.57 52.98 -132.58
C ILE G 282 41.32 52.19 -133.85
N LEU G 283 40.91 52.88 -134.92
CA LEU G 283 40.37 52.19 -136.08
C LEU G 283 41.46 51.76 -137.06
N ASP G 284 42.51 52.58 -137.21
CA ASP G 284 43.55 52.25 -138.17
C ASP G 284 44.46 51.14 -137.64
N ASP G 285 44.49 50.97 -136.31
CA ASP G 285 45.22 49.86 -135.71
C ASP G 285 44.56 48.54 -136.04
N LEU G 286 43.22 48.53 -136.10
CA LEU G 286 42.49 47.30 -136.38
C LEU G 286 42.66 46.86 -137.82
N ARG G 287 42.74 47.81 -138.74
CA ARG G 287 42.98 47.50 -140.15
C ARG G 287 44.40 47.88 -140.57
N ASN G 321 54.09 23.78 -132.35
CA ASN G 321 54.75 23.48 -131.08
C ASN G 321 54.39 24.53 -130.02
N SER G 322 55.17 24.55 -128.94
CA SER G 322 54.86 25.47 -127.84
C SER G 322 55.32 26.88 -128.16
N VAL G 323 56.30 27.04 -129.06
CA VAL G 323 56.79 28.37 -129.38
C VAL G 323 55.87 29.04 -130.40
N LYS G 324 55.11 28.24 -131.15
CA LYS G 324 54.17 28.83 -132.11
C LYS G 324 52.88 29.26 -131.42
N VAL G 325 52.48 28.56 -130.36
CA VAL G 325 51.29 28.94 -129.61
C VAL G 325 51.56 30.18 -128.77
N ALA G 326 52.76 30.27 -128.21
CA ALA G 326 53.11 31.41 -127.36
C ALA G 326 53.27 32.70 -128.18
N ASN G 327 53.73 32.58 -129.43
CA ASN G 327 53.82 33.75 -130.29
C ASN G 327 52.44 34.16 -130.78
N PHE G 328 51.56 33.18 -131.03
CA PHE G 328 50.24 33.47 -131.56
C PHE G 328 49.34 34.11 -130.51
N ALA G 329 49.60 33.82 -129.22
CA ALA G 329 48.80 34.42 -128.16
C ALA G 329 49.15 35.89 -127.96
N SER G 330 50.36 36.29 -128.36
CA SER G 330 50.73 37.71 -128.27
C SER G 330 50.02 38.53 -129.34
N LEU G 331 49.70 37.91 -130.48
CA LEU G 331 49.01 38.63 -131.54
C LEU G 331 47.54 38.83 -131.20
N VAL G 332 46.93 37.87 -130.50
CA VAL G 332 45.52 37.99 -130.14
C VAL G 332 45.34 38.99 -128.99
N GLU G 333 46.32 39.07 -128.09
CA GLU G 333 46.21 39.97 -126.94
C GLU G 333 46.32 41.43 -127.37
N SER G 334 46.99 41.70 -128.49
CA SER G 334 47.06 43.07 -128.99
C SER G 334 45.77 43.48 -129.68
N VAL G 335 45.12 42.53 -130.36
CA VAL G 335 43.85 42.81 -131.02
C VAL G 335 42.74 42.96 -129.97
N LEU G 336 42.79 42.14 -128.93
CA LEU G 336 41.75 42.19 -127.89
C LEU G 336 41.90 43.45 -127.03
N SER G 337 43.12 43.95 -126.89
CA SER G 337 43.32 45.20 -126.15
C SER G 337 42.80 46.41 -126.94
N THR G 338 42.79 46.31 -128.27
CA THR G 338 42.27 47.40 -129.08
C THR G 338 40.75 47.44 -129.04
N LEU G 339 40.11 46.28 -128.98
CA LEU G 339 38.65 46.21 -128.93
C LEU G 339 38.10 46.76 -127.63
N ASN G 340 38.85 46.58 -126.53
CA ASN G 340 38.32 46.97 -125.22
C ASN G 340 38.26 48.49 -125.05
N GLU G 341 39.23 49.22 -125.61
CA GLU G 341 39.18 50.67 -125.52
C GLU G 341 38.14 51.25 -126.47
N LEU G 342 37.76 50.50 -127.50
CA LEU G 342 36.63 50.91 -128.33
C LEU G 342 35.30 50.71 -127.58
N ILE G 343 35.21 49.64 -126.79
CA ILE G 343 34.02 49.40 -125.99
C ILE G 343 33.94 50.38 -124.83
N ASP G 344 35.10 50.76 -124.27
CA ASP G 344 35.12 51.79 -123.23
C ASP G 344 34.77 53.16 -123.79
N ALA G 345 35.07 53.39 -125.07
CA ALA G 345 34.64 54.63 -125.71
C ALA G 345 33.14 54.65 -125.94
N LYS G 346 32.55 53.46 -126.15
CA LYS G 346 31.10 53.37 -126.33
C LYS G 346 30.37 53.67 -125.04
N GLU G 347 30.97 53.37 -123.89
CA GLU G 347 30.32 53.58 -122.60
C GLU G 347 30.21 55.05 -122.25
N GLU G 348 31.26 55.82 -122.54
CA GLU G 348 31.28 57.23 -122.14
C GLU G 348 30.43 58.08 -123.06
N ILE G 349 30.18 57.62 -124.29
CA ILE G 349 29.31 58.35 -125.20
C ILE G 349 27.86 58.29 -124.72
N ASN G 350 27.44 57.13 -124.21
CA ASN G 350 26.05 56.95 -123.81
C ASN G 350 25.70 57.75 -122.56
N LYS G 351 26.68 58.02 -121.70
CA LYS G 351 26.42 58.82 -120.51
C LYS G 351 26.25 60.30 -120.85
N ASP G 352 26.82 60.73 -121.98
CA ASP G 352 26.70 62.13 -122.37
C ASP G 352 25.37 62.41 -123.06
N VAL G 353 24.90 61.47 -123.88
CA VAL G 353 23.66 61.68 -124.61
C VAL G 353 22.46 61.51 -123.69
N ASN G 354 22.58 60.64 -122.68
CA ASN G 354 21.47 60.42 -121.74
C ASN G 354 21.24 61.63 -120.86
N SER G 355 22.29 62.39 -120.57
CA SER G 355 22.12 63.62 -119.80
C SER G 355 21.54 64.74 -120.64
N ALA G 356 21.64 64.64 -121.97
CA ALA G 356 21.06 65.65 -122.85
C ALA G 356 19.63 65.29 -123.24
N ILE G 357 19.30 63.99 -123.27
CA ILE G 357 17.92 63.57 -123.49
C ILE G 357 17.05 63.98 -122.31
N ALA G 358 17.54 63.79 -121.09
CA ALA G 358 16.73 64.08 -119.91
C ALA G 358 16.64 65.59 -119.65
N SER G 359 17.57 66.38 -120.19
CA SER G 359 17.57 67.80 -119.90
C SER G 359 16.64 68.56 -120.85
N SER G 360 16.39 68.02 -122.05
CA SER G 360 15.56 68.69 -123.04
C SER G 360 14.13 68.12 -123.02
N GLU G 361 13.45 68.33 -121.89
CA GLU G 361 12.05 67.94 -121.82
C GLU G 361 11.17 68.89 -122.62
N GLU G 362 11.64 70.13 -122.82
CA GLU G 362 10.99 71.03 -123.74
C GLU G 362 11.25 70.59 -125.18
N ASP G 363 10.25 70.84 -126.05
CA ASP G 363 10.33 70.61 -127.50
C ASP G 363 10.62 69.14 -127.83
N ASN G 364 9.58 68.32 -127.60
CA ASN G 364 9.66 66.86 -127.68
C ASN G 364 10.12 66.34 -129.04
N ALA G 365 10.00 67.15 -130.10
CA ALA G 365 10.52 66.75 -131.41
C ALA G 365 12.06 66.69 -131.41
N ILE G 366 12.70 67.56 -130.63
CA ILE G 366 14.16 67.55 -130.57
C ILE G 366 14.65 66.35 -129.75
N LYS G 367 13.91 65.98 -128.70
CA LYS G 367 14.26 64.81 -127.91
C LYS G 367 14.14 63.53 -128.72
N THR G 368 13.19 63.48 -129.65
CA THR G 368 13.03 62.31 -130.51
C THR G 368 14.20 62.20 -131.49
N ALA G 369 14.71 63.33 -131.97
CA ALA G 369 15.83 63.31 -132.90
C ALA G 369 17.12 62.89 -132.21
N ILE G 370 17.31 63.32 -130.95
CA ILE G 370 18.50 62.93 -130.19
C ILE G 370 18.43 61.45 -129.83
N SER G 371 17.23 60.96 -129.53
CA SER G 371 17.06 59.55 -129.20
C SER G 371 17.23 58.67 -130.43
N ASP G 372 16.81 59.16 -131.60
CA ASP G 372 16.93 58.38 -132.82
C ASP G 372 18.37 58.30 -133.30
N ALA G 373 19.16 59.36 -133.07
CA ALA G 373 20.57 59.34 -133.45
C ALA G 373 21.39 58.42 -132.56
N LEU G 374 20.88 58.12 -131.35
CA LEU G 374 21.66 57.33 -130.41
C LEU G 374 21.54 55.83 -130.70
N ASP G 375 20.36 55.37 -131.10
CA ASP G 375 20.18 53.94 -131.35
C ASP G 375 20.79 53.52 -132.68
N VAL G 376 20.92 54.46 -133.63
CA VAL G 376 21.54 54.12 -134.89
C VAL G 376 23.06 54.04 -134.72
N PHE G 377 23.61 54.77 -133.74
CA PHE G 377 25.02 54.61 -133.40
C PHE G 377 25.25 53.31 -132.63
N ASN G 378 24.25 52.85 -131.88
CA ASN G 378 24.39 51.64 -131.11
C ASN G 378 24.03 50.38 -131.89
N GLU G 379 23.91 50.48 -133.22
CA GLU G 379 23.54 49.31 -134.01
C GLU G 379 24.65 48.28 -134.07
N ASP G 380 25.84 48.68 -134.50
CA ASP G 380 26.92 47.73 -134.74
C ASP G 380 27.48 47.18 -133.43
N PHE G 381 27.33 47.93 -132.34
CA PHE G 381 27.89 47.49 -131.05
C PHE G 381 27.04 46.37 -130.44
N GLU G 382 25.72 46.47 -130.55
CA GLU G 382 24.87 45.44 -129.97
C GLU G 382 23.90 44.81 -130.98
N GLY G 383 23.17 45.65 -131.72
CA GLY G 383 22.04 45.14 -132.48
C GLY G 383 22.42 44.54 -133.82
N ALA G 384 23.22 45.25 -134.60
CA ALA G 384 23.53 44.79 -135.95
C ALA G 384 24.59 43.68 -135.93
N ASP G 385 25.78 43.98 -135.45
CA ASP G 385 26.89 43.02 -135.46
C ASP G 385 27.26 42.70 -134.01
N LYS G 386 27.99 41.61 -133.81
CA LYS G 386 28.30 41.10 -132.48
C LYS G 386 29.67 41.62 -132.00
N ILE G 387 29.81 42.95 -131.92
CA ILE G 387 31.09 43.53 -131.53
C ILE G 387 31.38 43.28 -130.05
N GLU G 388 30.39 43.46 -129.18
CA GLU G 388 30.60 43.20 -127.76
C GLU G 388 30.52 41.71 -127.46
N SER G 389 30.13 40.89 -128.43
CA SER G 389 30.04 39.46 -128.19
C SER G 389 31.32 38.72 -128.62
N VAL G 390 32.04 39.24 -129.61
CA VAL G 390 33.25 38.55 -130.04
C VAL G 390 34.40 38.84 -129.10
N ALA G 391 34.32 39.96 -128.36
CA ALA G 391 35.36 40.28 -127.38
C ALA G 391 35.30 39.36 -126.17
N LYS G 392 34.16 38.71 -125.93
CA LYS G 392 34.03 37.78 -124.81
C LYS G 392 34.44 36.37 -125.19
N ASN G 393 34.11 35.94 -126.42
CA ASN G 393 34.44 34.58 -126.84
C ASN G 393 35.91 34.44 -127.18
N LEU G 394 36.57 35.51 -127.63
CA LEU G 394 38.00 35.43 -127.93
C LEU G 394 38.81 35.29 -126.65
N SER G 395 38.31 35.86 -125.54
CA SER G 395 39.05 35.76 -124.28
C SER G 395 38.97 34.35 -123.71
N ASP G 396 37.84 33.67 -123.86
CA ASP G 396 37.75 32.30 -123.38
C ASP G 396 38.42 31.32 -124.35
N LEU G 397 38.44 31.67 -125.64
CA LEU G 397 39.20 30.86 -126.60
C LEU G 397 40.70 31.03 -126.40
N LEU G 398 41.12 32.17 -125.86
CA LEU G 398 42.54 32.40 -125.61
C LEU G 398 43.03 31.55 -124.45
N ILE G 399 42.18 31.37 -123.43
CA ILE G 399 42.56 30.55 -122.27
C ILE G 399 42.58 29.08 -122.66
N LYS G 400 41.71 28.68 -123.58
CA LYS G 400 41.58 27.28 -123.95
C LYS G 400 42.80 26.78 -124.73
N ILE G 401 43.41 27.65 -125.54
CA ILE G 401 44.54 27.21 -126.36
C ILE G 401 45.81 27.09 -125.51
N LYS G 402 45.85 27.73 -124.34
CA LYS G 402 47.04 27.63 -123.51
C LYS G 402 47.02 26.39 -122.63
N GLN G 403 45.82 25.87 -122.34
CA GLN G 403 45.73 24.61 -121.60
C GLN G 403 45.78 23.41 -122.53
N ALA G 404 45.49 23.60 -123.83
CA ALA G 404 45.36 22.48 -124.75
C ALA G 404 46.72 21.95 -125.19
N ASP G 405 47.80 22.65 -124.86
CA ASP G 405 49.14 22.25 -125.29
C ASP G 405 49.71 21.10 -124.47
N THR G 406 48.97 20.58 -123.50
CA THR G 406 49.51 19.52 -122.64
C THR G 406 49.47 18.15 -123.34
N ASN G 407 48.55 17.95 -124.27
CA ASN G 407 48.36 16.62 -124.82
C ASN G 407 48.27 16.54 -126.34
N THR G 408 47.57 17.46 -127.01
CA THR G 408 47.19 17.18 -128.38
C THR G 408 47.48 18.41 -129.24
N LYS G 409 48.06 18.16 -130.42
CA LYS G 409 48.19 19.22 -131.40
C LYS G 409 46.94 19.35 -132.25
N VAL G 410 46.15 18.28 -132.35
CA VAL G 410 44.89 18.34 -133.08
C VAL G 410 43.90 19.25 -132.35
N GLU G 411 44.02 19.30 -131.02
CA GLU G 411 43.23 20.21 -130.20
C GLU G 411 43.59 21.63 -130.63
N ASN G 412 44.88 21.88 -130.87
CA ASN G 412 45.33 23.20 -131.33
C ASN G 412 45.06 23.42 -132.81
N VAL G 413 44.51 22.43 -133.51
CA VAL G 413 44.15 22.54 -134.92
C VAL G 413 42.64 22.59 -135.10
N LEU G 414 41.91 21.84 -134.28
CA LEU G 414 40.45 21.78 -134.37
C LEU G 414 39.82 23.13 -134.03
N SER G 415 40.46 23.87 -133.12
CA SER G 415 39.89 25.16 -132.71
C SER G 415 40.19 26.26 -133.73
N ILE G 416 41.44 26.36 -134.19
CA ILE G 416 41.86 27.57 -134.89
C ILE G 416 41.45 27.55 -136.35
N ASN G 417 41.09 26.38 -136.88
CA ASN G 417 40.71 26.27 -138.28
C ASN G 417 39.26 25.82 -138.47
N ALA G 418 38.87 24.70 -137.85
CA ALA G 418 37.55 24.16 -138.09
C ALA G 418 36.50 24.80 -137.19
N LEU G 419 36.78 24.90 -135.90
CA LEU G 419 35.82 25.44 -134.95
C LEU G 419 36.02 26.95 -134.79
N ASN G 420 35.47 27.49 -133.70
CA ASN G 420 35.03 28.88 -133.50
C ASN G 420 36.09 29.94 -133.80
N PHE G 421 37.39 29.61 -133.76
CA PHE G 421 38.39 30.67 -133.75
C PHE G 421 38.60 31.26 -135.14
N SER G 422 38.45 30.45 -136.18
CA SER G 422 38.56 30.98 -137.54
C SER G 422 37.29 31.73 -137.94
N ALA G 423 36.17 31.41 -137.30
CA ALA G 423 34.91 32.04 -137.66
C ALA G 423 34.74 33.41 -136.99
N GLU G 424 35.35 33.61 -135.82
CA GLU G 424 35.11 34.83 -135.07
C GLU G 424 35.87 36.02 -135.66
N PHE G 425 36.98 35.76 -136.35
CA PHE G 425 37.76 36.83 -136.96
C PHE G 425 37.11 37.41 -138.21
N GLU G 426 36.10 36.73 -138.77
CA GLU G 426 35.59 37.12 -140.07
C GLU G 426 34.61 38.30 -139.98
N LYS G 427 34.07 38.54 -138.78
CA LYS G 427 32.97 39.50 -138.66
C LYS G 427 33.45 40.94 -138.73
N LEU G 428 34.73 41.19 -138.43
CA LEU G 428 35.25 42.54 -138.61
C LEU G 428 35.87 42.70 -139.99
N LEU G 429 36.58 41.67 -140.47
CA LEU G 429 37.15 41.66 -141.81
C LEU G 429 36.92 40.29 -142.40
N THR G 430 36.16 40.24 -143.51
CA THR G 430 35.76 38.95 -144.06
C THR G 430 36.85 38.34 -144.95
N TYR G 431 37.39 39.12 -145.87
CA TYR G 431 38.39 38.61 -146.81
C TYR G 431 39.54 39.61 -146.94
N ASP G 432 40.10 40.02 -145.79
CA ASP G 432 41.19 41.01 -145.81
C ASP G 432 42.52 40.39 -146.23
N VAL G 433 42.60 39.06 -146.31
CA VAL G 433 43.86 38.39 -146.61
C VAL G 433 44.17 38.33 -148.10
N ASN G 434 43.47 39.08 -148.94
CA ASN G 434 43.72 39.03 -150.39
C ASN G 434 45.03 39.71 -150.75
N THR G 435 45.53 40.60 -149.89
CA THR G 435 46.79 41.27 -150.13
C THR G 435 47.51 41.45 -148.80
N GLY G 436 48.62 42.18 -148.83
CA GLY G 436 49.32 42.52 -147.60
C GLY G 436 48.49 43.50 -146.76
N LEU G 437 47.77 44.40 -147.42
CA LEU G 437 46.88 45.33 -146.74
C LEU G 437 45.45 44.80 -146.77
N THR G 438 44.62 45.32 -145.88
CA THR G 438 43.22 44.92 -145.84
C THR G 438 42.46 45.47 -147.04
N ALA G 439 42.12 44.59 -147.98
CA ALA G 439 41.36 44.95 -149.16
C ALA G 439 40.22 43.96 -149.32
N SER G 440 39.47 44.12 -150.42
CA SER G 440 38.25 43.36 -150.72
C SER G 440 37.25 43.39 -149.56
N VAL G 441 36.90 44.61 -149.14
CA VAL G 441 36.14 44.83 -147.91
C VAL G 441 34.67 44.45 -148.13
N THR G 442 34.42 43.14 -148.04
CA THR G 442 33.05 42.64 -148.17
C THR G 442 32.23 42.92 -146.92
N LEU G 443 32.84 42.81 -145.74
CA LEU G 443 32.14 43.03 -144.48
C LEU G 443 33.00 43.92 -143.59
N ASP G 444 32.39 44.98 -143.06
CA ASP G 444 33.12 45.93 -142.26
C ASP G 444 32.21 46.49 -141.19
N LEU G 445 32.51 46.15 -139.94
CA LEU G 445 31.74 46.61 -138.79
C LEU G 445 32.20 47.99 -138.32
N PHE G 446 33.35 48.45 -138.79
CA PHE G 446 33.87 49.77 -138.44
C PHE G 446 33.61 50.75 -139.56
N ALA G 447 34.18 51.95 -139.41
CA ALA G 447 34.14 53.09 -140.35
C ALA G 447 32.72 53.66 -140.55
N ASN G 448 31.75 53.19 -139.78
CA ASN G 448 30.46 53.85 -139.66
C ASN G 448 30.36 54.66 -138.38
N ILE G 449 31.45 54.72 -137.61
CA ILE G 449 31.41 55.37 -136.31
C ILE G 449 31.35 56.88 -136.46
N GLY G 450 32.30 57.46 -137.21
CA GLY G 450 32.40 58.89 -137.40
C GLY G 450 31.26 59.50 -138.19
N THR G 451 30.61 58.68 -139.03
CA THR G 451 29.40 59.14 -139.71
C THR G 451 28.24 59.26 -138.73
N ARG G 452 28.12 58.31 -137.81
CA ARG G 452 27.04 58.36 -136.84
C ARG G 452 27.35 59.33 -135.69
N LEU G 453 28.63 59.66 -135.50
CA LEU G 453 28.97 60.55 -134.38
C LEU G 453 28.65 62.00 -134.69
N ASP G 454 29.05 62.51 -135.86
CA ASP G 454 28.83 63.93 -136.15
C ASP G 454 27.37 64.23 -136.45
N ASP G 455 26.58 63.19 -136.72
CA ASP G 455 25.12 63.33 -136.74
C ASP G 455 24.60 63.66 -135.34
N ILE G 456 25.19 63.04 -134.32
CA ILE G 456 24.77 63.29 -132.94
C ILE G 456 25.20 64.69 -132.49
N ILE G 457 26.36 65.15 -132.98
CA ILE G 457 26.89 66.47 -132.59
C ILE G 457 25.97 67.58 -133.10
N ALA G 458 25.37 67.39 -134.28
CA ALA G 458 24.44 68.38 -134.80
C ALA G 458 23.05 68.21 -134.19
N ALA G 459 22.69 66.98 -133.82
CA ALA G 459 21.35 66.73 -133.27
C ALA G 459 21.20 67.30 -131.87
N VAL G 460 22.26 67.20 -131.05
CA VAL G 460 22.20 67.79 -129.71
C VAL G 460 22.55 69.27 -129.76
N SER G 461 22.96 69.77 -130.94
CA SER G 461 23.22 71.19 -131.09
C SER G 461 21.92 72.00 -131.16
N ALA G 462 20.83 71.35 -131.55
CA ALA G 462 19.54 72.04 -131.55
C ALA G 462 18.95 72.12 -130.15
N ALA G 463 19.46 71.31 -129.21
CA ALA G 463 18.91 71.25 -127.86
C ALA G 463 19.45 72.35 -126.94
N GLU G 464 20.52 73.04 -127.31
CA GLU G 464 21.07 74.06 -126.42
C GLU G 464 20.27 75.37 -126.32
N PRO G 465 19.49 75.85 -127.29
CA PRO G 465 18.63 77.00 -126.98
C PRO G 465 17.28 76.69 -126.37
N ILE G 466 16.94 75.43 -126.11
CA ILE G 466 15.62 75.08 -125.59
C ILE G 466 15.67 74.62 -124.14
N ASP G 467 16.86 74.49 -123.56
CA ASP G 467 17.02 74.09 -122.16
C ASP G 467 17.34 75.32 -121.32
N VAL G 468 16.55 75.52 -120.26
CA VAL G 468 16.62 76.77 -119.51
C VAL G 468 16.81 76.56 -118.02
N ASN G 469 16.72 75.31 -117.54
CA ASN G 469 16.68 75.08 -116.10
C ASN G 469 17.63 74.00 -115.59
N ASN G 470 18.23 73.18 -116.44
CA ASN G 470 18.94 71.99 -116.00
C ASN G 470 20.44 72.24 -115.93
N GLY G 471 21.05 71.79 -114.82
CA GLY G 471 22.45 72.04 -114.55
C GLY G 471 23.37 70.89 -114.95
N LYS G 472 24.54 70.85 -114.31
CA LYS G 472 25.64 69.98 -114.73
C LYS G 472 25.36 68.50 -114.54
N LEU G 473 24.76 68.11 -113.42
CA LEU G 473 24.65 66.70 -113.06
C LEU G 473 23.27 66.12 -113.32
N ASN G 474 22.47 66.76 -114.18
CA ASN G 474 21.15 66.25 -114.48
C ASN G 474 21.23 65.03 -115.38
N GLY G 475 20.59 63.94 -114.96
CA GLY G 475 20.56 62.71 -115.73
C GLY G 475 21.77 61.82 -115.57
N ARG G 476 22.61 62.06 -114.56
CA ARG G 476 23.83 61.28 -114.36
C ARG G 476 23.63 60.24 -113.27
N LEU G 477 24.38 59.16 -113.36
CA LEU G 477 24.40 58.15 -112.32
C LEU G 477 25.19 58.66 -111.11
N LEU G 478 24.84 58.15 -109.93
CA LEU G 478 25.47 58.62 -108.70
C LEU G 478 26.92 58.14 -108.61
N SER G 479 27.21 56.95 -109.13
CA SER G 479 28.58 56.45 -109.09
C SER G 479 29.49 57.22 -110.04
N ASP G 480 28.93 57.82 -111.09
CA ASP G 480 29.75 58.51 -112.07
C ASP G 480 30.08 59.95 -111.70
N ILE G 481 29.48 60.49 -110.63
CA ILE G 481 29.81 61.86 -110.23
C ILE G 481 30.90 61.92 -109.18
N GLU G 482 31.35 60.78 -108.67
CA GLU G 482 32.43 60.77 -107.67
C GLU G 482 33.77 61.30 -108.20
N PRO G 483 34.23 61.03 -109.43
CA PRO G 483 35.40 61.79 -109.90
C PRO G 483 35.08 63.23 -110.28
N LEU G 484 33.82 63.53 -110.62
CA LEU G 484 33.48 64.87 -111.10
C LEU G 484 33.39 65.87 -109.96
N ASP G 485 32.57 65.57 -108.95
CA ASP G 485 32.43 66.45 -107.78
C ASP G 485 32.36 65.52 -106.56
N ASN G 486 33.48 65.42 -105.84
CA ASN G 486 33.55 64.48 -104.73
C ASN G 486 32.80 64.97 -103.50
N ALA G 487 32.70 66.29 -103.32
CA ALA G 487 32.04 66.82 -102.14
C ALA G 487 30.53 66.71 -102.23
N THR G 488 29.98 66.77 -103.45
CA THR G 488 28.55 66.60 -103.64
C THR G 488 28.15 65.14 -103.46
N TYR G 489 29.00 64.22 -103.93
CA TYR G 489 28.74 62.79 -103.84
C TYR G 489 28.70 62.32 -102.38
N ASN G 490 29.56 62.88 -101.53
CA ASN G 490 29.57 62.47 -100.13
C ASN G 490 28.39 63.05 -99.37
N THR G 491 27.85 64.17 -99.83
CA THR G 491 26.72 64.79 -99.15
C THR G 491 25.42 64.03 -99.45
N ILE G 492 25.31 63.49 -100.67
CA ILE G 492 24.13 62.70 -101.04
C ILE G 492 24.09 61.38 -100.28
N LEU G 493 25.28 60.82 -99.97
CA LEU G 493 25.36 59.55 -99.25
C LEU G 493 24.86 59.68 -97.81
N LEU G 494 25.05 60.83 -97.19
CA LEU G 494 24.54 61.04 -95.83
C LEU G 494 23.02 61.14 -95.81
N GLU G 495 22.43 61.76 -96.84
CA GLU G 495 20.99 61.93 -96.86
C GLU G 495 20.27 60.62 -97.16
N ILE G 496 20.93 59.72 -97.90
CA ILE G 496 20.34 58.42 -98.17
C ILE G 496 20.34 57.54 -96.92
N ASN G 497 21.43 57.59 -96.15
CA ASN G 497 21.58 56.76 -94.97
C ASN G 497 20.78 57.25 -93.76
N SER G 498 20.04 58.35 -93.88
CA SER G 498 19.25 58.83 -92.75
C SER G 498 17.91 58.12 -92.61
N HIS G 499 17.53 57.28 -93.58
CA HIS G 499 16.29 56.52 -93.53
C HIS G 499 16.55 55.13 -92.97
N LYS G 500 15.71 54.68 -92.05
CA LYS G 500 15.91 53.43 -91.33
C LYS G 500 14.82 52.42 -91.66
N VAL G 501 15.08 51.17 -91.32
CA VAL G 501 14.17 50.08 -91.59
C VAL G 501 13.26 49.85 -90.39
N THR G 502 11.98 49.61 -90.64
CA THR G 502 11.03 49.17 -89.62
C THR G 502 10.69 47.71 -89.87
N LEU G 503 10.76 46.90 -88.81
CA LEU G 503 10.53 45.46 -88.89
C LEU G 503 9.43 45.02 -87.94
N PRO G 504 8.74 43.93 -88.25
CA PRO G 504 7.95 43.25 -87.22
C PRO G 504 8.84 42.65 -86.17
N PRO G 505 8.35 42.54 -84.93
CA PRO G 505 9.24 42.23 -83.80
C PRO G 505 9.52 40.76 -83.53
N SER G 506 9.14 39.82 -84.42
CA SER G 506 9.18 38.42 -84.04
C SER G 506 10.59 37.82 -84.08
N SER G 507 11.49 38.38 -84.89
CA SER G 507 12.84 37.81 -84.95
C SER G 507 13.75 38.36 -83.85
N SER G 508 13.46 39.56 -83.35
CA SER G 508 14.17 40.05 -82.17
C SER G 508 13.74 39.31 -80.91
N MET G 509 12.48 38.86 -80.88
CA MET G 509 11.98 38.09 -79.74
C MET G 509 12.64 36.71 -79.68
N ALA G 510 12.91 36.11 -80.84
CA ALA G 510 13.54 34.80 -80.89
C ALA G 510 14.98 34.85 -80.36
N GLY G 511 15.69 35.95 -80.64
CA GLY G 511 17.02 36.11 -80.08
C GLY G 511 17.00 36.30 -78.58
N ALA G 512 15.97 36.99 -78.07
CA ALA G 512 15.84 37.19 -76.65
C ALA G 512 15.39 35.92 -75.92
N TYR G 513 14.69 35.02 -76.61
CA TYR G 513 14.35 33.72 -76.03
C TYR G 513 15.61 32.90 -75.78
N ALA G 514 16.57 32.97 -76.69
CA ALA G 514 17.79 32.16 -76.55
C ALA G 514 18.76 32.79 -75.57
N ARG G 515 18.70 34.12 -75.39
CA ARG G 515 19.58 34.80 -74.45
C ARG G 515 19.16 34.53 -73.00
N VAL G 516 17.86 34.48 -72.74
CA VAL G 516 17.38 34.31 -71.37
C VAL G 516 17.48 32.84 -70.94
N ASP G 517 17.26 31.91 -71.87
CA ASP G 517 17.35 30.49 -71.56
C ASP G 517 18.77 30.08 -71.24
N ASN G 518 19.76 30.75 -71.85
CA ASN G 518 21.15 30.46 -71.56
C ASN G 518 21.58 31.08 -70.23
N ASP G 519 20.99 32.23 -69.88
CA ASP G 519 21.40 32.94 -68.67
C ASP G 519 20.71 32.40 -67.43
N ARG G 520 19.40 32.15 -67.51
CA ARG G 520 18.61 31.87 -66.33
C ARG G 520 17.76 30.61 -66.43
N GLY G 521 17.70 29.97 -67.59
CA GLY G 521 16.92 28.77 -67.75
C GLY G 521 15.64 29.01 -68.54
N VAL G 522 14.97 27.91 -68.87
CA VAL G 522 13.77 27.94 -69.70
C VAL G 522 12.51 28.22 -68.88
N TRP G 523 12.58 28.09 -67.55
CA TRP G 523 11.46 28.37 -66.67
C TRP G 523 11.36 29.85 -66.27
N LYS G 524 12.22 30.71 -66.80
CA LYS G 524 12.18 32.13 -66.52
C LYS G 524 11.42 32.85 -67.63
N SER G 525 10.47 33.71 -67.25
CA SER G 525 9.63 34.42 -68.20
C SER G 525 10.46 35.41 -69.02
N PRO G 526 10.28 35.47 -70.34
CA PRO G 526 11.02 36.45 -71.17
C PRO G 526 10.36 37.81 -71.23
N ALA G 527 10.25 38.46 -70.06
CA ALA G 527 9.72 39.81 -69.95
C ALA G 527 10.57 40.56 -68.93
N ASN G 528 10.34 41.88 -68.86
CA ASN G 528 11.17 42.84 -68.12
C ASN G 528 12.63 42.76 -68.60
N ILE G 529 12.81 42.86 -69.92
CA ILE G 529 14.09 42.73 -70.58
C ILE G 529 14.14 43.73 -71.73
N GLY G 530 15.36 44.01 -72.21
CA GLY G 530 15.58 44.98 -73.26
C GLY G 530 15.89 44.37 -74.62
N LEU G 531 15.75 45.19 -75.66
CA LEU G 531 16.03 44.78 -77.04
C LEU G 531 17.17 45.63 -77.61
N ASN G 532 18.13 44.97 -78.24
CA ASN G 532 19.26 45.65 -78.87
C ASN G 532 18.91 46.06 -80.30
N TYR G 533 19.64 47.08 -80.81
CA TYR G 533 19.51 47.66 -82.16
C TYR G 533 18.16 48.33 -82.40
N VAL G 534 17.44 48.70 -81.34
CA VAL G 534 16.09 49.25 -81.45
C VAL G 534 16.10 50.66 -80.89
N SER G 535 15.59 51.62 -81.68
CA SER G 535 15.55 53.00 -81.20
C SER G 535 14.28 53.29 -80.42
N LYS G 536 13.12 52.85 -80.91
CA LYS G 536 11.83 53.09 -80.26
C LYS G 536 10.81 52.11 -80.83
N PRO G 537 9.69 51.90 -80.13
CA PRO G 537 8.53 51.28 -80.79
C PRO G 537 7.91 52.23 -81.82
N SER G 538 7.19 51.65 -82.78
CA SER G 538 6.57 52.46 -83.83
C SER G 538 5.30 53.15 -83.37
N VAL G 539 4.60 52.59 -82.38
CA VAL G 539 3.38 53.15 -81.84
C VAL G 539 3.59 53.27 -80.33
N THR G 540 3.05 54.33 -79.74
CA THR G 540 3.06 54.51 -78.29
C THR G 540 1.84 53.80 -77.69
N VAL G 541 2.09 52.97 -76.67
CA VAL G 541 1.05 52.26 -75.93
C VAL G 541 1.14 52.72 -74.48
N SER G 542 0.05 53.28 -73.97
CA SER G 542 0.05 53.80 -72.61
C SER G 542 -0.31 52.71 -71.60
N HIS G 543 -0.41 53.12 -70.33
CA HIS G 543 -0.79 52.21 -69.26
C HIS G 543 -2.24 51.77 -69.43
N GLU G 544 -3.13 52.69 -69.81
CA GLU G 544 -4.56 52.44 -69.83
C GLU G 544 -5.00 51.56 -70.98
N GLU G 545 -4.33 51.58 -72.12
CA GLU G 545 -4.72 50.75 -73.25
C GLU G 545 -4.01 49.40 -73.31
N GLN G 546 -3.08 49.12 -72.38
CA GLN G 546 -2.54 47.76 -72.28
C GLN G 546 -3.43 46.84 -71.47
N GLU G 547 -4.43 47.38 -70.78
CA GLU G 547 -5.28 46.57 -69.91
C GLU G 547 -6.16 45.59 -70.72
N SER G 548 -6.72 46.06 -71.84
CA SER G 548 -7.49 45.15 -72.68
C SER G 548 -6.60 44.31 -73.60
N MET G 549 -5.29 44.63 -73.66
CA MET G 549 -4.34 43.75 -74.33
C MET G 549 -3.98 42.55 -73.46
N ASN G 550 -3.75 42.78 -72.16
CA ASN G 550 -3.24 41.71 -71.29
C ASN G 550 -4.37 40.78 -70.83
N VAL G 551 -5.51 41.35 -70.45
CA VAL G 551 -6.64 40.59 -69.91
C VAL G 551 -7.88 40.90 -70.75
N HIS G 552 -8.54 39.86 -71.24
CA HIS G 552 -9.65 40.01 -72.17
C HIS G 552 -10.64 38.87 -71.98
N GLY G 553 -11.86 39.09 -72.43
CA GLY G 553 -12.92 38.10 -72.26
C GLY G 553 -12.77 36.89 -73.18
N THR G 554 -12.11 37.07 -74.32
CA THR G 554 -11.82 35.93 -75.19
C THR G 554 -10.66 35.10 -74.65
N GLY G 555 -9.81 35.70 -73.82
CA GLY G 555 -8.60 35.06 -73.38
C GLY G 555 -7.41 35.20 -74.32
N LYS G 556 -7.57 35.90 -75.44
CA LYS G 556 -6.49 36.04 -76.42
C LYS G 556 -5.65 37.28 -76.09
N SER G 557 -4.54 37.04 -75.41
CA SER G 557 -3.69 38.11 -74.90
C SER G 557 -2.62 38.50 -75.91
N VAL G 558 -2.30 39.79 -75.93
CA VAL G 558 -1.25 40.34 -76.79
C VAL G 558 -0.21 41.03 -75.93
N ASN G 559 1.05 40.69 -76.12
CA ASN G 559 2.14 41.26 -75.34
C ASN G 559 2.62 42.57 -75.97
N ALA G 560 2.86 43.57 -75.11
CA ALA G 560 3.15 44.94 -75.54
C ALA G 560 4.63 45.29 -75.38
N ILE G 561 5.16 46.01 -76.37
CA ILE G 561 6.51 46.59 -76.30
C ILE G 561 6.36 48.07 -75.96
N ARG G 562 6.96 48.49 -74.84
CA ARG G 562 6.72 49.83 -74.30
C ARG G 562 8.04 50.53 -73.95
N SER G 563 7.93 51.83 -73.69
CA SER G 563 9.04 52.67 -73.26
C SER G 563 8.76 53.23 -71.87
N PHE G 564 9.80 53.34 -71.06
CA PHE G 564 9.70 53.85 -69.70
C PHE G 564 10.84 54.84 -69.47
N VAL G 565 10.54 55.92 -68.73
CA VAL G 565 11.54 56.97 -68.49
C VAL G 565 12.62 56.43 -67.57
N GLY G 566 13.87 56.52 -68.02
CA GLY G 566 15.00 56.02 -67.28
C GLY G 566 15.38 54.59 -67.54
N LYS G 567 14.63 53.89 -68.40
CA LYS G 567 14.79 52.45 -68.58
C LYS G 567 14.87 52.02 -70.04
N GLY G 568 14.38 52.82 -70.98
CA GLY G 568 14.42 52.45 -72.39
C GLY G 568 13.24 51.59 -72.82
N THR G 569 13.42 50.96 -73.96
CA THR G 569 12.39 50.11 -74.56
C THR G 569 12.48 48.69 -74.01
N LEU G 570 11.36 48.18 -73.51
CA LEU G 570 11.33 46.88 -72.87
C LEU G 570 10.19 46.02 -73.42
N VAL G 571 10.33 44.71 -73.23
CA VAL G 571 9.22 43.78 -73.42
C VAL G 571 8.43 43.72 -72.12
N TRP G 572 7.14 43.99 -72.19
CA TRP G 572 6.27 44.05 -71.02
C TRP G 572 5.03 43.19 -71.26
N GLY G 573 5.15 41.90 -71.02
CA GLY G 573 4.10 40.90 -71.21
C GLY G 573 4.68 39.53 -71.52
N ALA G 574 4.12 38.51 -70.88
CA ALA G 574 4.63 37.15 -71.03
C ALA G 574 3.50 36.11 -71.05
N ARG G 575 2.44 36.35 -71.82
CA ARG G 575 1.33 35.42 -71.88
C ARG G 575 1.24 34.72 -73.24
N THR G 576 0.58 33.56 -73.25
CA THR G 576 0.21 32.89 -74.49
C THR G 576 -1.20 33.33 -74.91
N LEU G 577 -1.70 32.76 -76.00
CA LEU G 577 -3.04 33.04 -76.52
C LEU G 577 -4.14 32.24 -75.83
N ALA G 578 -3.81 31.54 -74.75
CA ALA G 578 -4.79 30.87 -73.89
C ALA G 578 -4.72 31.52 -72.50
N GLY G 579 -4.79 32.86 -72.49
CA GLY G 579 -4.50 33.72 -71.36
C GLY G 579 -5.44 33.65 -70.18
N ASN G 580 -6.55 32.91 -70.24
CA ASN G 580 -7.40 32.70 -69.07
C ASN G 580 -7.32 31.26 -68.56
N ASP G 581 -6.31 30.49 -68.97
CA ASP G 581 -6.14 29.09 -68.58
C ASP G 581 -5.24 29.03 -67.34
N ASN G 582 -5.67 28.29 -66.32
CA ASN G 582 -4.87 28.22 -65.09
C ASN G 582 -3.67 27.28 -65.26
N GLU G 583 -3.66 26.46 -66.31
CA GLU G 583 -2.51 25.60 -66.53
C GLU G 583 -1.56 26.18 -67.57
N TRP G 584 -2.08 26.89 -68.57
CA TRP G 584 -1.30 27.19 -69.76
C TRP G 584 -1.25 28.67 -70.15
N ARG G 585 -1.32 29.61 -69.20
CA ARG G 585 -1.36 31.02 -69.60
C ARG G 585 0.02 31.65 -69.73
N TYR G 586 1.05 31.04 -69.17
CA TYR G 586 2.38 31.61 -69.19
C TYR G 586 3.27 30.89 -70.20
N ILE G 587 4.10 31.66 -70.89
CA ILE G 587 4.99 31.14 -71.93
C ILE G 587 6.01 30.18 -71.34
N SER G 588 6.54 30.50 -70.15
CA SER G 588 7.65 29.73 -69.59
C SER G 588 7.18 28.38 -69.04
N VAL G 589 5.92 28.30 -68.60
CA VAL G 589 5.37 27.02 -68.14
C VAL G 589 5.20 26.07 -69.32
N ARG G 590 4.65 26.57 -70.43
CA ARG G 590 4.44 25.76 -71.64
C ARG G 590 5.76 25.28 -72.25
N ARG G 591 6.79 26.12 -72.22
CA ARG G 591 8.05 25.74 -72.86
C ARG G 591 8.88 24.82 -71.96
N PHE G 592 8.63 24.84 -70.65
CA PHE G 592 9.28 23.88 -69.77
C PHE G 592 8.66 22.49 -69.90
N PHE G 593 7.34 22.42 -70.09
CA PHE G 593 6.67 21.15 -70.37
C PHE G 593 7.09 20.56 -71.71
N ASN G 594 7.38 21.41 -72.70
CA ASN G 594 7.86 20.92 -73.98
C ASN G 594 9.27 20.31 -73.86
N MET G 595 10.09 20.85 -72.97
CA MET G 595 11.44 20.32 -72.78
C MET G 595 11.40 18.99 -72.03
N ALA G 596 10.67 18.97 -70.91
CA ALA G 596 10.70 17.83 -70.00
C ALA G 596 10.03 16.59 -70.61
N GLU G 597 8.98 16.79 -71.42
CA GLU G 597 8.28 15.63 -72.00
C GLU G 597 9.07 14.98 -73.12
N GLU G 598 9.80 15.78 -73.90
CA GLU G 598 10.59 15.22 -74.99
C GLU G 598 11.83 14.49 -74.49
N SER G 599 12.46 15.00 -73.42
CA SER G 599 13.64 14.36 -72.86
C SER G 599 13.31 13.01 -72.24
N ILE G 600 12.14 12.90 -71.61
CA ILE G 600 11.73 11.65 -70.99
C ILE G 600 11.30 10.64 -72.06
N LYS G 601 10.68 11.13 -73.14
CA LYS G 601 10.21 10.25 -74.21
C LYS G 601 11.37 9.60 -74.96
N LYS G 602 12.45 10.34 -75.20
CA LYS G 602 13.60 9.76 -75.89
C LYS G 602 14.34 8.75 -75.02
N ALA G 603 14.36 8.96 -73.70
CA ALA G 603 15.05 8.03 -72.82
C ALA G 603 14.27 6.73 -72.60
N THR G 604 13.00 6.70 -72.98
CA THR G 604 12.10 5.58 -72.72
C THR G 604 12.06 4.55 -73.87
N GLU G 605 12.60 4.86 -75.04
CA GLU G 605 12.51 3.90 -76.15
C GLU G 605 13.43 2.69 -75.98
N GLN G 606 14.32 2.70 -74.98
CA GLN G 606 15.12 1.51 -74.71
C GLN G 606 14.33 0.44 -73.94
N PHE G 607 13.09 0.74 -73.55
CA PHE G 607 12.26 -0.14 -72.74
C PHE G 607 11.08 -0.76 -73.49
N VAL G 608 11.01 -0.66 -74.83
CA VAL G 608 9.76 -0.90 -75.56
C VAL G 608 9.35 -2.37 -75.52
N PHE G 609 10.25 -3.29 -75.86
CA PHE G 609 9.90 -4.71 -75.84
C PHE G 609 10.49 -5.45 -74.63
N GLU G 610 10.72 -4.73 -73.54
CA GLU G 610 11.26 -5.31 -72.31
C GLU G 610 10.16 -6.11 -71.57
N PRO G 611 10.54 -6.97 -70.62
CA PRO G 611 9.53 -7.63 -69.78
C PRO G 611 8.76 -6.64 -68.91
N ASN G 612 7.43 -6.77 -68.94
CA ASN G 612 6.55 -5.84 -68.25
C ASN G 612 6.22 -6.39 -66.86
N ASP G 613 7.24 -6.37 -65.99
CA ASP G 613 7.13 -6.94 -64.65
C ASP G 613 7.74 -5.99 -63.63
N GLY G 614 7.85 -6.48 -62.39
CA GLY G 614 8.22 -5.61 -61.27
C GLY G 614 9.67 -5.16 -61.30
N ASN G 615 10.52 -5.90 -62.00
CA ASN G 615 11.92 -5.50 -62.13
C ASN G 615 12.07 -4.29 -63.04
N THR G 616 11.25 -4.21 -64.09
CA THR G 616 11.28 -3.08 -65.01
C THR G 616 10.69 -1.83 -64.37
N TRP G 617 9.62 -2.00 -63.57
CA TRP G 617 8.88 -0.85 -63.03
C TRP G 617 9.70 -0.11 -61.97
N VAL G 618 10.63 -0.81 -61.30
CA VAL G 618 11.48 -0.17 -60.31
C VAL G 618 12.53 0.70 -60.99
N ARG G 619 13.08 0.24 -62.12
CA ARG G 619 14.13 1.00 -62.80
C ARG G 619 13.55 2.14 -63.62
N VAL G 620 12.32 2.00 -64.13
CA VAL G 620 11.67 3.07 -64.88
C VAL G 620 11.33 4.23 -63.94
N ARG G 621 10.85 3.91 -62.74
CA ARG G 621 10.50 4.95 -61.76
C ARG G 621 11.72 5.71 -61.28
N ALA G 622 12.86 5.02 -61.11
CA ALA G 622 14.05 5.67 -60.58
C ALA G 622 14.75 6.53 -61.63
N MET G 623 14.60 6.18 -62.91
CA MET G 623 15.17 7.02 -63.97
C MET G 623 14.46 8.36 -64.08
N ILE G 624 13.13 8.37 -63.95
CA ILE G 624 12.36 9.60 -64.06
C ILE G 624 12.53 10.44 -62.79
N GLU G 625 12.64 9.78 -61.63
CA GLU G 625 12.77 10.49 -60.37
C GLU G 625 14.12 11.18 -60.23
N ASN G 626 15.18 10.57 -60.76
CA ASN G 626 16.51 11.19 -60.69
C ASN G 626 16.59 12.43 -61.57
N PHE G 627 15.85 12.43 -62.67
CA PHE G 627 15.84 13.59 -63.57
C PHE G 627 15.09 14.77 -62.96
N LEU G 628 13.96 14.51 -62.30
CA LEU G 628 13.14 15.59 -61.76
C LEU G 628 13.73 16.17 -60.47
N ILE G 629 14.61 15.42 -59.80
CA ILE G 629 15.28 15.91 -58.60
C ILE G 629 16.30 17.00 -58.97
N LEU G 630 16.93 16.87 -60.15
CA LEU G 630 17.82 17.91 -60.64
C LEU G 630 17.07 19.18 -61.03
N GLN G 631 15.83 19.03 -61.52
CA GLN G 631 15.04 20.21 -61.90
C GLN G 631 14.55 20.97 -60.67
N TRP G 632 14.26 20.23 -59.59
CA TRP G 632 13.88 20.87 -58.33
C TRP G 632 15.04 21.64 -57.71
N ARG G 633 16.26 21.12 -57.84
CA ARG G 633 17.40 21.77 -57.21
C ARG G 633 17.84 23.00 -57.97
N ALA G 634 17.58 23.04 -59.28
CA ALA G 634 17.91 24.21 -60.07
C ALA G 634 16.89 25.34 -59.93
N GLY G 635 15.74 25.09 -59.32
CA GLY G 635 14.73 26.10 -59.10
C GLY G 635 13.53 26.09 -60.02
N ALA G 636 13.37 25.06 -60.86
CA ALA G 636 12.23 25.02 -61.78
C ALA G 636 10.97 24.50 -61.10
N LEU G 637 11.11 23.75 -60.02
CA LEU G 637 9.98 23.21 -59.29
C LEU G 637 9.96 23.79 -57.88
N ALA G 638 8.78 24.23 -57.45
CA ALA G 638 8.62 24.87 -56.16
C ALA G 638 8.32 23.82 -55.09
N GLY G 639 9.01 23.90 -53.96
CA GLY G 639 8.77 22.99 -52.87
C GLY G 639 9.89 23.04 -51.85
N ALA G 640 9.51 22.81 -50.59
CA ALA G 640 10.51 22.76 -49.54
C ALA G 640 11.19 21.39 -49.47
N LYS G 641 10.53 20.37 -50.02
CA LYS G 641 11.05 19.01 -50.00
C LYS G 641 10.64 18.35 -51.32
N PRO G 642 11.31 17.26 -51.75
CA PRO G 642 11.02 16.70 -53.09
C PRO G 642 9.63 16.13 -53.29
N GLU G 643 8.96 15.66 -52.23
CA GLU G 643 7.63 15.07 -52.43
C GLU G 643 6.55 16.14 -52.51
N HIS G 644 6.90 17.40 -52.25
CA HIS G 644 5.99 18.50 -52.51
C HIS G 644 6.05 18.94 -53.96
N ALA G 645 7.11 18.54 -54.68
CA ALA G 645 7.34 19.09 -56.01
C ALA G 645 6.82 18.17 -57.11
N PHE G 646 6.87 16.85 -56.90
CA PHE G 646 6.46 15.93 -57.97
C PHE G 646 6.02 14.60 -57.36
N TYR G 647 5.49 13.73 -58.22
CA TYR G 647 5.25 12.32 -57.90
C TYR G 647 5.36 11.49 -59.18
N VAL G 648 5.69 10.21 -59.03
CA VAL G 648 5.78 9.25 -60.12
C VAL G 648 5.14 7.95 -59.66
N LYS G 649 4.22 7.40 -60.46
CA LYS G 649 3.52 6.16 -60.15
C LYS G 649 3.52 5.23 -61.36
N VAL G 650 3.91 3.97 -61.14
CA VAL G 650 3.84 2.93 -62.17
C VAL G 650 3.79 1.57 -61.48
N GLY G 651 2.90 0.70 -61.93
CA GLY G 651 2.86 -0.66 -61.41
C GLY G 651 1.47 -1.27 -61.52
N LEU G 652 1.43 -2.59 -61.28
CA LEU G 652 0.19 -3.35 -61.23
C LEU G 652 -0.53 -3.07 -59.92
N GLY G 653 -1.81 -2.73 -60.00
CA GLY G 653 -2.56 -2.28 -58.85
C GLY G 653 -2.40 -0.81 -58.51
N GLN G 654 -1.58 -0.08 -59.25
CA GLN G 654 -1.42 1.37 -59.10
C GLN G 654 -1.86 2.13 -60.33
N THR G 655 -1.35 1.74 -61.50
CA THR G 655 -1.74 2.35 -62.76
C THR G 655 -2.28 1.35 -63.77
N MET G 656 -2.22 0.05 -63.50
CA MET G 656 -2.49 -0.98 -64.50
C MET G 656 -3.35 -2.09 -63.91
N THR G 657 -4.10 -2.77 -64.77
CA THR G 657 -4.81 -4.00 -64.43
C THR G 657 -4.11 -5.20 -65.06
N ALA G 658 -4.58 -6.39 -64.70
CA ALA G 658 -4.02 -7.61 -65.28
C ALA G 658 -4.42 -7.79 -66.73
N GLN G 659 -5.60 -7.27 -67.10
CA GLN G 659 -6.00 -7.24 -68.50
C GLN G 659 -5.12 -6.31 -69.31
N ASP G 660 -4.58 -5.26 -68.67
CA ASP G 660 -3.67 -4.34 -69.36
C ASP G 660 -2.35 -5.01 -69.70
N ILE G 661 -1.89 -5.93 -68.85
CA ILE G 661 -0.61 -6.62 -69.06
C ILE G 661 -0.71 -7.56 -70.26
N LEU G 662 -1.84 -8.26 -70.41
CA LEU G 662 -2.01 -9.18 -71.54
C LEU G 662 -2.07 -8.44 -72.87
N GLU G 663 -2.57 -7.20 -72.88
CA GLU G 663 -2.60 -6.40 -74.10
C GLU G 663 -1.26 -5.76 -74.44
N GLY G 664 -0.32 -5.71 -73.49
CA GLY G 664 0.95 -5.09 -73.74
C GLY G 664 1.07 -3.63 -73.39
N ASN G 665 0.31 -3.15 -72.40
CA ASN G 665 0.30 -1.75 -72.01
C ASN G 665 1.06 -1.56 -70.69
N MET G 666 1.83 -0.47 -70.62
CA MET G 666 2.46 -0.01 -69.39
C MET G 666 2.16 1.48 -69.21
N ASN G 667 1.55 1.84 -68.09
CA ASN G 667 1.10 3.20 -67.82
C ASN G 667 1.97 3.85 -66.75
N VAL G 668 2.48 5.06 -67.04
CA VAL G 668 3.26 5.85 -66.09
C VAL G 668 2.57 7.21 -65.91
N GLU G 669 2.40 7.62 -64.65
CA GLU G 669 1.72 8.86 -64.31
C GLU G 669 2.68 9.80 -63.59
N ILE G 670 2.72 11.06 -64.04
CA ILE G 670 3.70 12.05 -63.59
C ILE G 670 2.97 13.37 -63.33
N GLY G 671 3.10 13.89 -62.10
CA GLY G 671 2.54 15.19 -61.75
C GLY G 671 3.57 16.22 -61.32
N LEU G 672 3.44 17.47 -61.77
CA LEU G 672 4.49 18.48 -61.59
C LEU G 672 3.92 19.75 -60.98
N ALA G 673 4.78 20.48 -60.26
CA ALA G 673 4.45 21.77 -59.65
C ALA G 673 5.50 22.79 -60.11
N VAL G 674 5.19 23.51 -61.19
CA VAL G 674 6.14 24.39 -61.86
C VAL G 674 5.98 25.81 -61.34
N VAL G 675 7.09 26.55 -61.21
CA VAL G 675 7.07 27.89 -60.64
C VAL G 675 6.45 28.90 -61.61
N ARG G 676 5.61 29.77 -61.07
CA ARG G 676 4.91 30.80 -61.82
C ARG G 676 5.58 32.16 -61.62
N PRO G 677 5.45 33.09 -62.58
CA PRO G 677 6.00 34.43 -62.38
C PRO G 677 5.15 35.28 -61.45
N ALA G 678 5.78 36.36 -60.97
CA ALA G 678 5.11 37.36 -60.11
C ALA G 678 4.76 38.57 -60.97
N GLU G 679 3.52 38.56 -61.46
CA GLU G 679 3.10 39.54 -62.46
C GLU G 679 2.57 40.82 -61.82
N PHE G 680 1.84 40.72 -60.71
CA PHE G 680 1.31 41.87 -60.00
C PHE G 680 1.80 41.85 -58.56
N ILE G 681 2.40 42.94 -58.11
CA ILE G 681 2.93 43.07 -56.75
C ILE G 681 2.13 44.16 -56.05
N ILE G 682 1.48 43.81 -54.95
CA ILE G 682 0.53 44.67 -54.26
C ILE G 682 1.06 44.99 -52.87
N LEU G 683 1.40 46.26 -52.63
CA LEU G 683 1.90 46.71 -51.34
C LEU G 683 0.75 47.28 -50.51
N LYS G 684 0.56 46.76 -49.30
CA LYS G 684 -0.54 47.14 -48.43
C LYS G 684 -0.01 47.81 -47.17
N PHE G 685 -0.27 49.11 -47.03
CA PHE G 685 0.25 49.93 -45.94
C PHE G 685 -0.84 50.20 -44.90
N SER G 686 -0.45 50.22 -43.62
CA SER G 686 -1.38 50.48 -42.53
C SER G 686 -0.63 51.02 -41.32
N HIS G 687 -1.38 51.68 -40.44
CA HIS G 687 -0.87 52.20 -39.17
C HIS G 687 -0.94 51.11 -38.10
N LYS G 688 0.06 51.09 -37.22
CA LYS G 688 0.02 50.24 -36.05
C LYS G 688 0.15 51.07 -34.79
N MET G 689 -0.43 50.58 -33.69
CA MET G 689 -0.46 51.34 -32.43
C MET G 689 0.91 51.38 -31.78
N GLN G 690 1.19 52.51 -31.12
CA GLN G 690 2.48 52.75 -30.47
C GLN G 690 2.62 51.89 -29.21
N ALA H 2 -8.89 47.55 -56.91
CA ALA H 2 -8.93 46.18 -56.44
C ALA H 2 -8.74 45.20 -57.60
N THR H 3 -8.85 45.71 -58.83
CA THR H 3 -8.68 44.90 -60.04
C THR H 3 -7.47 45.42 -60.80
N TYR H 4 -6.56 44.50 -61.16
CA TYR H 4 -5.33 44.85 -61.83
C TYR H 4 -5.17 44.03 -63.10
N LYS H 5 -4.96 44.72 -64.23
CA LYS H 5 -4.80 44.10 -65.53
C LYS H 5 -3.43 44.34 -66.16
N THR H 6 -2.85 45.51 -65.98
CA THR H 6 -1.51 45.72 -66.52
C THR H 6 -0.44 45.41 -65.47
N PRO H 7 0.67 44.81 -65.88
CA PRO H 7 1.70 44.41 -64.91
C PRO H 7 2.42 45.59 -64.26
N GLY H 8 2.78 45.42 -63.00
CA GLY H 8 3.57 46.41 -62.28
C GLY H 8 3.38 46.27 -60.78
N VAL H 9 3.67 47.37 -60.09
CA VAL H 9 3.56 47.48 -58.63
C VAL H 9 2.43 48.44 -58.31
N TYR H 10 1.66 48.13 -57.27
CA TYR H 10 0.53 48.95 -56.86
C TYR H 10 0.58 49.20 -55.36
N ILE H 11 -0.09 50.27 -54.92
CA ILE H 11 -0.08 50.72 -53.53
C ILE H 11 -1.53 50.79 -53.04
N GLU H 12 -1.79 50.16 -51.90
CA GLU H 12 -3.10 50.16 -51.26
C GLU H 12 -2.96 50.66 -49.82
N GLU H 13 -3.93 51.44 -49.36
CA GLU H 13 -3.98 51.89 -47.97
C GLU H 13 -5.21 51.29 -47.29
N ILE H 14 -5.02 50.75 -46.09
CA ILE H 14 -6.08 50.09 -45.33
C ILE H 14 -6.37 50.92 -44.09
N THR H 15 -7.66 51.16 -43.84
CA THR H 15 -8.11 51.99 -42.73
C THR H 15 -8.41 51.14 -41.50
N LYS H 16 -7.74 51.45 -40.39
CA LYS H 16 -7.91 50.69 -39.15
C LYS H 16 -8.38 51.52 -37.97
N PHE H 17 -7.83 52.73 -37.79
CA PHE H 17 -8.13 53.50 -36.60
C PHE H 17 -9.51 54.15 -36.72
N PRO H 18 -10.27 54.26 -35.63
CA PRO H 18 -11.53 55.02 -35.67
C PRO H 18 -11.27 56.51 -35.66
N PRO H 19 -12.20 57.33 -36.14
CA PRO H 19 -12.09 58.78 -35.95
C PRO H 19 -12.44 59.19 -34.53
N SER H 20 -12.28 60.47 -34.24
CA SER H 20 -12.55 61.00 -32.92
C SER H 20 -13.68 62.01 -32.95
N VAL H 21 -14.37 62.14 -31.82
CA VAL H 21 -15.49 63.06 -31.65
C VAL H 21 -14.97 64.43 -31.24
N ALA H 22 -15.59 65.50 -31.76
CA ALA H 22 -15.25 66.88 -31.45
C ALA H 22 -16.34 67.50 -30.59
N GLN H 23 -15.95 68.06 -29.45
CA GLN H 23 -16.92 68.53 -28.46
C GLN H 23 -17.46 69.91 -28.80
N VAL H 24 -18.77 70.11 -28.55
CA VAL H 24 -19.46 71.35 -28.88
C VAL H 24 -19.49 72.28 -27.67
N GLU H 25 -19.75 73.56 -27.95
CA GLU H 25 -19.91 74.56 -26.89
C GLU H 25 -21.19 74.31 -26.08
N THR H 26 -21.18 74.72 -24.81
CA THR H 26 -22.28 74.40 -23.92
C THR H 26 -23.13 75.60 -23.49
N ALA H 27 -22.58 76.81 -23.46
CA ALA H 27 -23.34 77.99 -22.98
C ALA H 27 -23.13 79.17 -23.93
N ILE H 28 -23.96 79.23 -24.97
CA ILE H 28 -24.08 80.37 -25.87
C ILE H 28 -25.54 80.82 -25.84
N PRO H 29 -25.87 81.94 -25.21
CA PRO H 29 -27.26 82.39 -25.19
C PRO H 29 -27.65 83.28 -26.37
N ALA H 30 -28.95 83.50 -26.49
CA ALA H 30 -29.53 84.38 -27.50
C ALA H 30 -30.50 85.34 -26.82
N PHE H 31 -30.33 86.64 -27.08
CA PHE H 31 -31.18 87.68 -26.50
C PHE H 31 -32.10 88.24 -27.59
N ILE H 32 -33.39 88.28 -27.31
CA ILE H 32 -34.43 88.63 -28.28
C ILE H 32 -35.25 89.79 -27.72
N GLY H 33 -35.16 90.96 -28.36
CA GLY H 33 -35.87 92.12 -27.88
C GLY H 33 -35.56 93.35 -28.71
N TYR H 34 -35.90 94.51 -28.14
CA TYR H 34 -35.82 95.80 -28.84
C TYR H 34 -34.48 96.49 -28.60
N THR H 35 -33.96 97.15 -29.64
CA THR H 35 -32.71 97.90 -29.54
C THR H 35 -32.93 99.35 -29.98
N GLN H 36 -31.85 100.13 -29.96
CA GLN H 36 -31.95 101.53 -30.35
C GLN H 36 -31.89 101.71 -31.87
N PHE H 37 -30.88 101.16 -32.56
CA PHE H 37 -30.93 101.30 -34.01
C PHE H 37 -30.69 100.06 -34.88
N ALA H 38 -29.79 99.14 -34.50
CA ALA H 38 -29.50 97.89 -35.24
C ALA H 38 -28.98 98.13 -36.67
N ARG H 39 -27.75 98.64 -36.76
CA ARG H 39 -27.15 98.99 -38.05
C ARG H 39 -25.88 98.17 -38.31
N THR H 40 -25.67 97.77 -39.58
CA THR H 40 -24.42 97.09 -39.94
C THR H 40 -23.27 98.07 -40.05
N LYS H 41 -23.51 99.23 -40.68
CA LYS H 41 -22.52 100.29 -40.73
C LYS H 41 -22.99 101.42 -39.84
N PRO H 42 -22.26 101.76 -38.79
CA PRO H 42 -22.79 102.71 -37.79
C PRO H 42 -22.94 104.14 -38.27
N SER H 43 -22.20 104.54 -39.30
CA SER H 43 -22.32 105.90 -39.81
C SER H 43 -23.54 106.05 -40.71
N VAL H 44 -23.81 105.05 -41.55
CA VAL H 44 -24.94 105.09 -42.48
C VAL H 44 -26.21 104.72 -41.74
N ASP H 45 -27.24 105.57 -41.84
CA ASP H 45 -28.46 105.46 -41.04
C ASP H 45 -29.47 104.55 -41.73
N SER H 46 -29.32 103.24 -41.53
CA SER H 46 -30.25 102.27 -42.11
C SER H 46 -30.31 101.06 -41.19
N ASP H 47 -31.52 100.70 -40.76
CA ASP H 47 -31.73 99.58 -39.85
C ASP H 47 -31.89 98.31 -40.68
N ASP H 48 -30.78 97.76 -41.14
CA ASP H 48 -30.79 96.52 -41.91
C ASP H 48 -30.48 95.28 -41.08
N LEU H 49 -30.38 95.42 -39.76
CA LEU H 49 -30.19 94.28 -38.86
C LEU H 49 -31.44 93.96 -38.06
N ILE H 50 -32.64 94.17 -38.61
CA ILE H 50 -33.87 94.13 -37.83
C ILE H 50 -34.17 92.71 -37.35
N LEU H 51 -34.26 91.75 -38.26
CA LEU H 51 -34.50 90.37 -37.86
C LEU H 51 -33.40 89.42 -38.33
N LYS H 52 -32.13 89.83 -38.18
CA LYS H 52 -30.98 89.01 -38.54
C LYS H 52 -30.17 88.69 -37.29
N PRO H 53 -29.91 87.43 -36.97
CA PRO H 53 -29.06 87.12 -35.81
C PRO H 53 -27.60 87.46 -36.07
N LYS H 54 -26.97 88.06 -35.07
CA LYS H 54 -25.58 88.49 -35.15
C LYS H 54 -24.83 88.09 -33.89
N ARG H 55 -23.60 87.60 -34.07
CA ARG H 55 -22.77 87.14 -32.97
C ARG H 55 -21.80 88.24 -32.54
N ILE H 56 -21.90 88.67 -31.28
CA ILE H 56 -21.04 89.70 -30.70
C ILE H 56 -20.18 89.05 -29.63
N SER H 57 -19.24 89.83 -29.07
CA SER H 57 -18.27 89.29 -28.13
C SER H 57 -18.12 90.09 -26.84
N SER H 58 -18.56 91.35 -26.81
CA SER H 58 -18.40 92.16 -25.61
C SER H 58 -19.49 93.23 -25.60
N LEU H 59 -19.50 94.02 -24.53
CA LEU H 59 -20.46 95.11 -24.43
C LEU H 59 -20.11 96.25 -25.38
N LEU H 60 -18.83 96.39 -25.73
CA LEU H 60 -18.43 97.43 -26.67
C LEU H 60 -18.86 97.08 -28.09
N ASP H 61 -18.95 95.78 -28.40
CA ASP H 61 -19.48 95.35 -29.69
C ASP H 61 -20.98 95.64 -29.80
N PHE H 62 -21.69 95.61 -28.68
CA PHE H 62 -23.14 95.81 -28.72
C PHE H 62 -23.48 97.26 -29.03
N THR H 63 -22.81 98.21 -28.39
CA THR H 63 -23.17 99.62 -28.55
C THR H 63 -22.73 100.16 -29.90
N THR H 64 -21.78 99.49 -30.55
CA THR H 64 -21.37 99.86 -31.90
C THR H 64 -22.51 99.64 -32.90
N TYR H 65 -23.14 98.47 -32.84
CA TYR H 65 -24.15 98.09 -33.81
C TYR H 65 -25.57 98.41 -33.34
N TYR H 66 -25.81 98.46 -32.02
CA TYR H 66 -27.17 98.58 -31.51
C TYR H 66 -27.43 99.78 -30.61
N GLY H 67 -26.40 100.37 -30.01
CA GLY H 67 -26.59 101.54 -29.17
C GLY H 67 -26.78 101.21 -27.70
N GLY H 68 -27.40 102.15 -26.99
CA GLY H 68 -27.64 102.01 -25.56
C GLY H 68 -29.09 102.02 -25.14
N ALA H 69 -29.36 102.46 -23.91
CA ALA H 69 -30.71 102.46 -23.36
C ALA H 69 -31.47 103.72 -23.76
N GLN H 70 -32.75 103.77 -23.40
CA GLN H 70 -33.60 104.91 -23.66
C GLN H 70 -33.59 105.86 -22.45
N ASN H 71 -33.55 107.16 -22.74
CA ASN H 71 -33.61 108.17 -21.69
C ASN H 71 -34.97 108.16 -20.99
N GLU H 72 -34.94 108.24 -19.66
CA GLU H 72 -36.18 108.24 -18.90
C GLU H 72 -36.89 109.57 -18.99
N GLN H 73 -38.22 109.55 -18.98
CA GLN H 73 -39.03 110.75 -19.10
C GLN H 73 -39.83 111.08 -17.85
N GLY H 74 -39.71 110.29 -16.78
CA GLY H 74 -40.50 110.48 -15.58
C GLY H 74 -39.80 111.02 -14.36
N ILE H 75 -38.74 111.83 -14.54
CA ILE H 75 -37.98 112.37 -13.39
C ILE H 75 -38.38 113.83 -13.11
N THR H 76 -38.67 114.16 -11.85
CA THR H 76 -39.04 115.51 -11.44
C THR H 76 -38.15 115.96 -10.29
N VAL H 77 -37.80 117.25 -10.28
CA VAL H 77 -36.94 117.85 -9.26
C VAL H 77 -37.70 119.01 -8.62
N LYS H 78 -37.67 119.07 -7.29
CA LYS H 78 -38.34 120.08 -6.49
C LYS H 78 -37.34 120.80 -5.59
N LEU H 79 -37.42 122.12 -5.54
CA LEU H 79 -36.57 122.95 -4.67
C LEU H 79 -37.44 123.82 -3.79
N THR H 80 -37.07 123.92 -2.51
CA THR H 80 -37.82 124.72 -1.54
C THR H 80 -36.86 125.47 -0.61
N ASP H 81 -37.05 126.78 -0.51
CA ASP H 81 -36.29 127.63 0.41
C ASP H 81 -37.20 128.02 1.57
N THR H 82 -36.68 127.90 2.79
CA THR H 82 -37.47 128.07 4.00
C THR H 82 -36.63 128.89 4.99
N LEU H 83 -37.29 129.50 5.97
CA LEU H 83 -36.63 130.18 7.07
C LEU H 83 -37.13 129.59 8.39
N ILE H 84 -36.20 129.08 9.19
CA ILE H 84 -36.51 128.45 10.48
C ILE H 84 -35.81 129.26 11.57
N GLU H 85 -36.59 130.09 12.27
CA GLU H 85 -36.16 131.06 13.30
C GLU H 85 -34.92 131.85 12.88
N GLY H 86 -34.96 132.38 11.66
CA GLY H 86 -33.87 133.20 11.14
C GLY H 86 -32.74 132.43 10.49
N ALA H 87 -32.85 131.11 10.37
CA ALA H 87 -31.81 130.28 9.76
C ALA H 87 -32.35 129.69 8.46
N GLU H 88 -31.51 129.68 7.43
CA GLU H 88 -31.94 129.21 6.11
C GLU H 88 -31.98 127.68 6.07
N ASN H 89 -32.92 127.15 5.30
CA ASN H 89 -33.05 125.71 5.09
C ASN H 89 -33.45 125.47 3.64
N ARG H 90 -32.69 124.62 2.95
CA ARG H 90 -32.96 124.26 1.57
C ARG H 90 -33.28 122.78 1.48
N THR H 91 -34.36 122.44 0.77
CA THR H 91 -34.82 121.07 0.64
C THR H 91 -34.82 120.68 -0.85
N ILE H 92 -34.23 119.54 -1.17
CA ILE H 92 -34.22 118.99 -2.52
C ILE H 92 -34.93 117.65 -2.50
N ASN H 93 -35.95 117.50 -3.33
CA ASN H 93 -36.80 116.32 -3.34
C ASN H 93 -36.86 115.73 -4.74
N VAL H 94 -36.28 114.54 -4.91
CA VAL H 94 -36.40 113.77 -6.14
C VAL H 94 -37.05 112.43 -5.80
N PRO H 95 -38.34 112.24 -6.07
CA PRO H 95 -38.96 110.93 -5.81
C PRO H 95 -38.57 109.91 -6.86
N GLU H 96 -38.73 108.64 -6.51
CA GLU H 96 -38.50 107.59 -7.47
C GLU H 96 -39.64 107.57 -8.49
N PRO H 97 -39.33 107.39 -9.77
CA PRO H 97 -40.37 107.54 -10.81
C PRO H 97 -41.34 106.36 -10.83
N THR H 98 -42.62 106.67 -10.98
CA THR H 98 -43.65 105.66 -11.09
C THR H 98 -43.90 105.20 -12.52
N PHE H 99 -43.40 105.94 -13.51
CA PHE H 99 -43.51 105.57 -14.91
C PHE H 99 -42.10 105.38 -15.48
N LYS H 100 -41.78 104.15 -15.85
CA LYS H 100 -40.46 103.79 -16.34
C LYS H 100 -40.54 103.36 -17.80
N SER H 101 -39.37 103.28 -18.43
CA SER H 101 -39.30 102.77 -19.80
C SER H 101 -39.44 101.25 -19.79
N PRO H 102 -40.14 100.66 -20.76
CA PRO H 102 -40.35 99.21 -20.75
C PRO H 102 -39.21 98.39 -21.34
N TYR H 103 -38.13 99.04 -21.77
CA TYR H 103 -37.03 98.38 -22.46
C TYR H 103 -35.93 98.04 -21.46
N LEU H 104 -35.46 96.79 -21.48
CA LEU H 104 -34.53 96.29 -20.47
C LEU H 104 -33.34 95.56 -21.04
N MET H 105 -33.10 95.66 -22.35
CA MET H 105 -32.12 94.81 -23.00
C MET H 105 -30.67 95.24 -22.70
N PHE H 106 -30.42 96.55 -22.73
CA PHE H 106 -29.08 97.06 -22.45
C PHE H 106 -28.69 96.84 -21.00
N TYR H 107 -29.65 96.92 -20.08
CA TYR H 107 -29.38 96.66 -18.67
C TYR H 107 -29.06 95.19 -18.42
N SER H 108 -29.74 94.28 -19.13
CA SER H 108 -29.55 92.85 -18.92
C SER H 108 -28.22 92.38 -19.47
N LEU H 109 -27.71 93.03 -20.52
CA LEU H 109 -26.41 92.65 -21.06
C LEU H 109 -25.28 93.17 -20.16
N GLN H 110 -25.52 94.24 -19.42
CA GLN H 110 -24.56 94.67 -18.41
C GLN H 110 -24.45 93.66 -17.27
N MET H 111 -25.57 93.05 -16.91
CA MET H 111 -25.56 92.05 -15.84
C MET H 111 -24.91 90.75 -16.30
N TYR H 112 -25.05 90.44 -17.60
CA TYR H 112 -24.52 89.19 -18.14
C TYR H 112 -23.00 89.20 -18.21
N PHE H 113 -22.42 90.30 -18.70
CA PHE H 113 -20.97 90.38 -18.80
C PHE H 113 -20.31 90.59 -17.45
N ALA H 114 -21.05 91.11 -16.47
CA ALA H 114 -20.48 91.32 -15.14
C ALA H 114 -20.44 90.02 -14.33
N ASN H 115 -21.16 88.99 -14.76
CA ASN H 115 -21.22 87.73 -14.05
C ASN H 115 -20.45 86.61 -14.75
N GLY H 116 -19.73 86.93 -15.82
CA GLY H 116 -18.85 85.97 -16.46
C GLY H 116 -19.27 85.47 -17.82
N GLY H 117 -20.09 86.21 -18.56
CA GLY H 117 -20.54 85.74 -19.85
C GLY H 117 -19.52 85.96 -20.95
N GLY H 118 -19.65 85.16 -22.00
CA GLY H 118 -18.81 85.24 -23.17
C GLY H 118 -19.57 85.66 -24.41
N PRO H 119 -19.29 85.00 -25.54
CA PRO H 119 -19.97 85.34 -26.79
C PRO H 119 -21.42 84.90 -26.80
N CYS H 120 -22.27 85.72 -27.42
CA CYS H 120 -23.71 85.51 -27.45
C CYS H 120 -24.27 86.03 -28.76
N TYR H 121 -25.54 85.72 -29.01
CA TYR H 121 -26.23 86.14 -30.22
C TYR H 121 -27.31 87.17 -29.90
N ILE H 122 -27.47 88.16 -30.79
CA ILE H 122 -28.44 89.23 -30.64
C ILE H 122 -29.47 89.12 -31.75
N VAL H 123 -30.74 89.08 -31.37
CA VAL H 123 -31.85 89.11 -32.32
C VAL H 123 -32.72 90.31 -31.99
N SER H 124 -32.60 91.37 -32.78
CA SER H 124 -33.45 92.55 -32.62
C SER H 124 -34.88 92.20 -33.06
N THR H 125 -35.86 92.93 -32.53
CA THR H 125 -37.24 92.78 -32.97
C THR H 125 -37.87 94.08 -33.42
N GLY H 126 -37.09 95.15 -33.51
CA GLY H 126 -37.61 96.46 -33.79
C GLY H 126 -36.83 97.50 -33.00
N VAL H 127 -37.22 98.75 -33.18
CA VAL H 127 -36.56 99.86 -32.51
C VAL H 127 -37.50 100.47 -31.48
N TYR H 128 -36.97 101.43 -30.72
CA TYR H 128 -37.74 102.06 -29.65
C TYR H 128 -38.84 102.94 -30.22
N ASP H 129 -39.96 103.01 -29.51
CA ASP H 129 -41.01 103.97 -29.78
C ASP H 129 -40.89 105.13 -28.79
N ASP H 130 -41.45 106.27 -29.16
CA ASP H 130 -41.38 107.48 -28.37
C ASP H 130 -42.50 107.53 -27.33
N TRP H 131 -42.24 108.27 -26.26
CA TRP H 131 -43.27 108.54 -25.26
C TRP H 131 -44.27 109.56 -25.81
N SER H 132 -45.55 109.31 -25.56
CA SER H 132 -46.56 110.28 -25.97
C SER H 132 -46.58 111.51 -25.07
N ASP H 133 -46.49 111.34 -23.76
CA ASP H 133 -46.21 112.41 -22.83
C ASP H 133 -45.47 111.84 -21.63
N SER H 134 -45.44 112.60 -20.54
CA SER H 134 -44.56 112.25 -19.42
C SER H 134 -45.12 111.11 -18.56
N GLU H 135 -46.38 110.72 -18.79
CA GLU H 135 -46.98 109.64 -18.01
C GLU H 135 -47.54 108.52 -18.87
N THR H 136 -47.12 108.40 -20.13
CA THR H 136 -47.52 107.28 -20.97
C THR H 136 -46.30 106.71 -21.68
N PRO H 137 -45.68 105.68 -21.13
CA PRO H 137 -44.58 105.00 -21.81
C PRO H 137 -45.10 104.14 -22.96
N PRO H 138 -44.24 103.77 -23.91
CA PRO H 138 -44.69 102.90 -25.01
C PRO H 138 -44.98 101.48 -24.55
N THR H 139 -45.55 100.69 -25.46
CA THR H 139 -46.00 99.34 -25.18
C THR H 139 -45.17 98.32 -25.94
N ILE H 140 -45.24 97.07 -25.47
CA ILE H 140 -44.50 95.95 -26.03
C ILE H 140 -45.51 95.01 -26.68
N ASN H 141 -45.24 94.59 -27.91
CA ASN H 141 -46.19 93.81 -28.70
C ASN H 141 -45.81 92.33 -28.66
N PHE H 142 -46.82 91.47 -28.55
CA PHE H 142 -46.60 90.02 -28.53
C PHE H 142 -46.15 89.50 -29.89
N SER H 143 -46.62 90.13 -30.97
CA SER H 143 -46.35 89.62 -32.31
C SER H 143 -44.92 89.86 -32.77
N ASP H 144 -44.21 90.83 -32.16
CA ASP H 144 -42.81 91.05 -32.48
C ASP H 144 -41.90 90.02 -31.82
N LEU H 145 -42.18 89.65 -30.56
CA LEU H 145 -41.34 88.70 -29.85
C LEU H 145 -41.48 87.28 -30.38
N GLU H 146 -42.67 86.92 -30.87
CA GLU H 146 -42.84 85.59 -31.43
C GLU H 146 -42.21 85.50 -32.83
N SER H 147 -42.15 86.63 -33.53
CA SER H 147 -41.48 86.68 -34.82
C SER H 147 -39.97 86.52 -34.65
N GLY H 148 -39.42 86.95 -33.51
CA GLY H 148 -38.01 86.76 -33.26
C GLY H 148 -37.66 85.33 -32.92
N LEU H 149 -38.61 84.59 -32.34
CA LEU H 149 -38.39 83.19 -32.01
C LEU H 149 -38.36 82.31 -33.25
N ALA H 150 -39.02 82.75 -34.33
CA ALA H 150 -39.06 81.94 -35.55
C ALA H 150 -37.74 82.00 -36.32
N VAL H 151 -37.00 83.10 -36.20
CA VAL H 151 -35.74 83.19 -36.95
C VAL H 151 -34.60 82.53 -36.18
N ILE H 152 -34.75 82.37 -34.87
CA ILE H 152 -33.69 81.72 -34.10
C ILE H 152 -33.76 80.20 -34.23
N ARG H 153 -34.88 79.69 -34.75
CA ARG H 153 -35.03 78.26 -35.04
C ARG H 153 -34.09 77.79 -36.15
N LYS H 154 -33.70 78.71 -37.03
CA LYS H 154 -32.83 78.40 -38.15
C LYS H 154 -31.34 78.49 -37.81
N GLU H 155 -30.99 78.94 -36.61
CA GLU H 155 -29.59 79.00 -36.20
C GLU H 155 -29.19 77.77 -35.42
N ASP H 156 -27.94 77.35 -35.60
CA ASP H 156 -27.44 76.09 -35.05
C ASP H 156 -26.74 76.25 -33.70
N GLU H 157 -25.95 77.29 -33.52
CA GLU H 157 -25.02 77.44 -32.41
C GLU H 157 -25.58 77.81 -31.02
N PRO H 158 -26.63 78.65 -30.83
CA PRO H 158 -27.07 78.96 -29.46
C PRO H 158 -27.64 77.77 -28.70
N THR H 159 -27.43 77.79 -27.38
CA THR H 159 -27.90 76.74 -26.48
C THR H 159 -28.90 77.24 -25.44
N LEU H 160 -29.16 78.55 -25.37
CA LEU H 160 -30.02 79.12 -24.33
C LEU H 160 -30.89 80.23 -24.91
N LEU H 161 -32.17 80.27 -24.49
CA LEU H 161 -33.16 81.19 -25.03
C LEU H 161 -33.64 82.14 -23.92
N LEU H 162 -33.64 83.45 -24.20
CA LEU H 162 -34.05 84.47 -23.24
C LEU H 162 -34.84 85.59 -23.92
N PHE H 163 -35.76 86.20 -23.17
CA PHE H 163 -36.58 87.32 -23.61
C PHE H 163 -36.53 88.41 -22.53
N PRO H 164 -35.64 89.40 -22.67
CA PRO H 164 -35.43 90.35 -21.57
C PRO H 164 -36.54 91.38 -21.36
N ASP H 165 -37.46 91.57 -22.31
CA ASP H 165 -38.50 92.60 -22.21
C ASP H 165 -39.85 92.01 -21.84
N ALA H 166 -39.91 90.70 -21.59
CA ALA H 166 -41.17 89.96 -21.56
C ALA H 166 -42.03 90.25 -20.33
N THR H 167 -41.46 90.67 -19.20
CA THR H 167 -42.27 90.96 -18.01
C THR H 167 -43.09 92.23 -18.15
N ASN H 168 -42.83 93.06 -19.16
CA ASN H 168 -43.60 94.27 -19.40
C ASN H 168 -44.67 94.09 -20.48
N LEU H 169 -45.05 92.84 -20.76
CA LEU H 169 -46.10 92.51 -21.69
C LEU H 169 -47.46 92.90 -21.08
N PRO H 170 -48.48 93.21 -21.91
CA PRO H 170 -49.73 93.76 -21.34
C PRO H 170 -50.55 92.80 -20.47
N THR H 171 -50.73 91.55 -20.88
CA THR H 171 -51.45 90.58 -20.05
C THR H 171 -50.52 89.44 -19.67
N ASP H 172 -50.91 88.72 -18.60
CA ASP H 172 -50.11 87.58 -18.17
C ASP H 172 -50.32 86.37 -19.06
N ASP H 173 -51.48 86.28 -19.73
CA ASP H 173 -51.73 85.18 -20.65
C ASP H 173 -50.81 85.23 -21.86
N GLU H 174 -50.44 86.43 -22.30
CA GLU H 174 -49.45 86.55 -23.38
C GLU H 174 -48.07 86.13 -22.90
N PHE H 175 -47.76 86.40 -21.62
CA PHE H 175 -46.47 86.05 -21.05
C PHE H 175 -46.28 84.54 -20.97
N TYR H 176 -47.30 83.81 -20.52
CA TYR H 176 -47.17 82.36 -20.39
C TYR H 176 -47.21 81.67 -21.76
N SER H 177 -47.97 82.23 -22.70
CA SER H 177 -48.08 81.65 -24.03
C SER H 177 -46.78 81.80 -24.82
N LEU H 178 -46.00 82.83 -24.53
CA LEU H 178 -44.70 83.00 -25.17
C LEU H 178 -43.71 81.94 -24.68
N TYR H 179 -43.76 81.61 -23.39
CA TYR H 179 -42.83 80.62 -22.85
C TYR H 179 -43.27 79.20 -23.15
N ASN H 180 -44.55 79.00 -23.48
CA ASN H 180 -44.97 77.68 -23.96
C ASN H 180 -44.44 77.40 -25.35
N SER H 181 -44.22 78.46 -26.14
CA SER H 181 -43.70 78.30 -27.49
C SER H 181 -42.21 78.01 -27.49
N ALA H 182 -41.48 78.53 -26.50
CA ALA H 182 -40.05 78.28 -26.41
C ALA H 182 -39.77 76.84 -25.99
N LEU H 183 -40.60 76.27 -25.12
CA LEU H 183 -40.40 74.89 -24.70
C LEU H 183 -40.77 73.89 -25.80
N MET H 184 -41.67 74.26 -26.71
CA MET H 184 -41.96 73.39 -27.85
C MET H 184 -40.83 73.41 -28.87
N GLN H 185 -40.13 74.54 -29.00
CA GLN H 185 -38.95 74.58 -29.86
C GLN H 185 -37.80 73.77 -29.26
N CYS H 186 -37.68 73.76 -27.92
CA CYS H 186 -36.61 73.01 -27.28
C CYS H 186 -36.88 71.51 -27.34
N ASN H 187 -38.15 71.10 -27.45
CA ASN H 187 -38.47 69.70 -27.64
C ASN H 187 -38.15 69.25 -29.05
N ASP H 188 -38.42 70.10 -30.05
CA ASP H 188 -38.24 69.70 -31.45
C ASP H 188 -36.75 69.64 -31.83
N LEU H 189 -36.00 70.69 -31.53
CA LEU H 189 -34.60 70.72 -31.92
C LEU H 189 -33.74 69.88 -31.01
N GLN H 190 -34.26 69.55 -29.82
CA GLN H 190 -33.68 68.73 -28.73
C GLN H 190 -32.22 69.04 -28.42
N ASP H 191 -31.81 70.32 -28.48
CA ASP H 191 -30.46 70.72 -28.16
C ASP H 191 -30.35 72.04 -27.39
N ARG H 192 -31.45 72.55 -26.84
CA ARG H 192 -31.47 73.86 -26.20
C ARG H 192 -32.13 73.78 -24.83
N PHE H 193 -32.12 74.89 -24.11
CA PHE H 193 -32.64 75.01 -22.75
C PHE H 193 -33.16 76.43 -22.54
N THR H 194 -34.22 76.57 -21.73
CA THR H 194 -34.88 77.86 -21.52
C THR H 194 -34.80 78.28 -20.06
N ILE H 195 -34.59 79.58 -19.82
CA ILE H 195 -34.56 80.16 -18.47
C ILE H 195 -35.76 81.08 -18.30
N LEU H 196 -36.56 80.83 -17.27
CA LEU H 196 -37.83 81.51 -17.06
C LEU H 196 -37.80 82.38 -15.81
N ASP H 197 -38.69 83.36 -15.77
CA ASP H 197 -39.00 84.15 -14.57
C ASP H 197 -40.50 84.09 -14.31
N THR H 198 -40.92 84.72 -13.22
CA THR H 198 -42.32 84.96 -12.96
C THR H 198 -42.76 86.26 -13.62
N TYR H 199 -44.08 86.48 -13.63
CA TYR H 199 -44.64 87.68 -14.25
C TYR H 199 -44.36 88.91 -13.39
N SER H 200 -44.37 88.74 -12.07
CA SER H 200 -44.10 89.81 -11.13
C SER H 200 -43.41 89.22 -9.92
N ASP H 201 -42.84 90.09 -9.09
CA ASP H 201 -42.27 89.68 -7.81
C ASP H 201 -43.23 89.85 -6.65
N GLN H 202 -44.36 90.53 -6.87
CA GLN H 202 -45.39 90.73 -5.86
C GLN H 202 -46.73 90.27 -6.42
N THR H 203 -47.75 90.33 -5.55
CA THR H 203 -49.12 90.05 -5.95
C THR H 203 -49.60 91.09 -6.96
N TYR H 204 -50.10 90.61 -8.10
CA TYR H 204 -50.52 91.49 -9.19
C TYR H 204 -52.01 91.30 -9.48
N ASN H 205 -52.60 92.33 -10.10
CA ASN H 205 -54.01 92.31 -10.46
C ASN H 205 -54.18 91.80 -11.89
N ASP H 206 -55.12 90.88 -12.08
CA ASP H 206 -55.41 90.30 -13.37
C ASP H 206 -56.56 90.99 -14.10
N GLY H 207 -57.22 91.95 -13.46
CA GLY H 207 -58.43 92.54 -13.99
C GLY H 207 -59.69 92.03 -13.32
N VAL H 208 -59.73 90.74 -12.97
CA VAL H 208 -60.82 90.20 -12.17
C VAL H 208 -60.40 89.82 -10.77
N GLU H 209 -59.19 89.33 -10.55
CA GLU H 209 -58.75 88.81 -9.26
C GLU H 209 -57.33 89.28 -8.98
N ASP H 210 -56.89 89.01 -7.76
CA ASP H 210 -55.50 89.22 -7.36
C ASP H 210 -54.81 87.87 -7.24
N LEU H 211 -53.62 87.75 -7.81
CA LEU H 211 -52.94 86.47 -7.91
C LEU H 211 -51.54 86.53 -7.30
N ASP H 212 -51.14 85.44 -6.68
CA ASP H 212 -49.78 85.29 -6.18
C ASP H 212 -48.88 84.82 -7.32
N PRO H 213 -47.59 85.22 -7.36
CA PRO H 213 -46.75 84.94 -8.53
C PRO H 213 -46.38 83.47 -8.77
N ILE H 214 -46.08 82.76 -7.68
CA ILE H 214 -45.67 81.33 -7.81
C ILE H 214 -46.85 80.46 -8.26
N PRO H 215 -48.05 80.45 -7.65
CA PRO H 215 -49.14 79.60 -8.18
C PRO H 215 -49.68 80.03 -9.53
N ALA H 216 -49.46 81.27 -9.95
CA ALA H 216 -49.93 81.71 -11.27
C ALA H 216 -49.01 81.18 -12.38
N LEU H 217 -47.72 81.03 -12.08
CA LEU H 217 -46.81 80.44 -13.06
C LEU H 217 -47.05 78.94 -13.21
N ARG H 218 -47.53 78.29 -12.14
CA ARG H 218 -47.80 76.85 -12.22
C ARG H 218 -49.08 76.56 -13.01
N ASN H 219 -49.98 77.55 -13.10
CA ASN H 219 -51.17 77.41 -13.93
C ASN H 219 -50.89 77.72 -15.40
N GLY H 220 -50.05 78.71 -15.68
CA GLY H 220 -49.88 79.18 -17.04
C GLY H 220 -49.08 78.22 -17.92
N ILE H 221 -48.14 77.48 -17.34
CA ILE H 221 -47.34 76.50 -18.06
C ILE H 221 -48.03 75.15 -17.93
N ASN H 222 -48.70 74.69 -18.99
CA ASN H 222 -49.60 73.54 -18.90
C ASN H 222 -49.22 72.39 -19.83
N LEU H 223 -47.93 72.05 -19.92
CA LEU H 223 -47.49 70.95 -20.75
C LEU H 223 -47.02 69.77 -19.89
N THR H 224 -46.80 68.63 -20.55
CA THR H 224 -46.35 67.42 -19.86
C THR H 224 -44.84 67.43 -19.68
N LYS H 225 -44.33 66.37 -19.05
CA LYS H 225 -42.93 66.28 -18.67
C LYS H 225 -41.96 66.35 -19.85
N ASP H 226 -42.33 65.79 -20.99
CA ASP H 226 -41.44 65.79 -22.14
C ASP H 226 -41.14 67.21 -22.65
N TYR H 227 -41.86 68.21 -22.14
CA TYR H 227 -41.59 69.61 -22.41
C TYR H 227 -41.03 70.34 -21.21
N LEU H 228 -41.42 69.95 -20.00
CA LEU H 228 -41.02 70.66 -18.78
C LEU H 228 -39.57 70.40 -18.42
N LYS H 229 -38.96 69.35 -18.96
CA LYS H 229 -37.57 69.03 -18.66
C LYS H 229 -36.57 69.97 -19.33
N TYR H 230 -37.02 70.83 -20.23
CA TYR H 230 -36.15 71.77 -20.94
C TYR H 230 -36.15 73.18 -20.35
N GLY H 231 -36.70 73.39 -19.16
CA GLY H 231 -36.72 74.73 -18.60
C GLY H 231 -36.50 74.76 -17.11
N ALA H 232 -36.15 75.96 -16.62
CA ALA H 232 -35.91 76.22 -15.20
C ALA H 232 -36.36 77.64 -14.87
N ALA H 233 -36.85 77.84 -13.65
CA ALA H 233 -37.47 79.09 -13.22
C ALA H 233 -36.84 79.59 -11.92
N TYR H 234 -36.71 80.91 -11.81
CA TYR H 234 -36.04 81.55 -10.68
C TYR H 234 -36.92 82.64 -10.10
N TYR H 235 -36.73 82.89 -8.81
CA TYR H 235 -37.56 83.82 -8.03
C TYR H 235 -36.76 84.27 -6.82
N PRO H 236 -36.92 85.52 -6.36
CA PRO H 236 -37.58 86.74 -6.85
C PRO H 236 -36.70 87.61 -7.75
N PHE H 237 -37.00 88.90 -7.83
CA PHE H 237 -36.21 89.83 -8.62
C PHE H 237 -34.96 90.27 -7.85
N VAL H 238 -34.05 90.98 -8.53
CA VAL H 238 -32.79 91.42 -7.93
C VAL H 238 -32.63 92.92 -8.08
N GLN H 239 -32.08 93.56 -7.05
CA GLN H 239 -31.77 95.00 -7.02
C GLN H 239 -30.28 95.17 -7.38
N THR H 240 -29.95 96.04 -8.33
CA THR H 240 -28.62 96.16 -8.91
C THR H 240 -27.95 97.46 -8.46
N ILE H 241 -26.72 97.68 -8.90
CA ILE H 241 -25.94 98.87 -8.62
C ILE H 241 -25.98 99.89 -9.75
N LEU H 242 -26.79 99.63 -10.78
CA LEU H 242 -26.80 100.45 -11.99
C LEU H 242 -27.70 101.68 -11.82
N ASN H 243 -27.35 102.74 -12.56
CA ASN H 243 -28.14 103.95 -12.61
C ASN H 243 -28.99 103.98 -13.88
N TYR H 244 -30.09 104.71 -13.83
CA TYR H 244 -30.95 104.94 -14.98
C TYR H 244 -30.26 105.85 -16.00
N GLN H 245 -30.59 105.64 -17.27
CA GLN H 245 -30.11 106.47 -18.36
C GLN H 245 -31.05 107.65 -18.55
N TYR H 246 -30.49 108.86 -18.55
CA TYR H 246 -31.31 110.06 -18.70
C TYR H 246 -30.47 111.16 -19.35
N SER H 247 -31.17 112.20 -19.81
CA SER H 247 -30.54 113.36 -20.42
C SER H 247 -30.85 114.61 -19.62
N ALA H 248 -29.83 115.45 -19.39
CA ALA H 248 -30.02 116.65 -18.60
C ALA H 248 -30.72 117.76 -19.36
N ASP H 249 -30.85 117.64 -20.68
CA ASP H 249 -31.57 118.63 -21.48
C ASP H 249 -33.08 118.55 -21.32
N GLU H 250 -33.61 117.51 -20.67
CA GLU H 250 -35.05 117.29 -20.58
C GLU H 250 -35.57 117.35 -19.15
N ILE H 251 -34.74 117.74 -18.18
CA ILE H 251 -35.15 117.85 -16.79
C ILE H 251 -35.52 119.30 -16.52
N VAL H 252 -36.71 119.53 -15.98
CA VAL H 252 -37.20 120.87 -15.67
C VAL H 252 -37.27 121.03 -14.15
N ILE H 253 -36.79 122.17 -13.65
CA ILE H 253 -36.76 122.47 -12.22
C ILE H 253 -38.00 123.28 -11.86
N GLN H 254 -38.59 123.00 -10.70
CA GLN H 254 -39.59 123.85 -10.10
C GLN H 254 -39.07 124.34 -8.74
N HIS H 255 -38.98 125.66 -8.58
CA HIS H 255 -38.29 126.30 -7.48
C HIS H 255 -39.27 127.21 -6.73
N LEU H 256 -39.49 126.92 -5.46
CA LEU H 256 -40.30 127.73 -4.58
C LEU H 256 -39.40 128.43 -3.56
N SER H 257 -39.41 129.75 -3.55
CA SER H 257 -38.52 130.52 -2.70
C SER H 257 -39.30 131.62 -1.99
N TYR H 258 -38.80 132.04 -0.83
CA TYR H 258 -39.44 133.15 -0.11
C TYR H 258 -39.13 134.48 -0.77
N ASN H 259 -37.99 134.57 -1.47
CA ASN H 259 -37.63 135.77 -2.19
C ASN H 259 -37.94 135.57 -3.67
N PRO H 260 -39.07 136.05 -4.18
CA PRO H 260 -39.39 135.82 -5.59
C PRO H 260 -38.73 136.82 -6.51
N ASN H 261 -37.78 136.35 -7.32
CA ASN H 261 -37.17 137.17 -8.36
C ASN H 261 -37.16 136.45 -9.70
N ALA H 262 -38.19 135.66 -10.00
CA ALA H 262 -38.26 134.94 -11.25
C ALA H 262 -38.51 135.88 -12.42
N ILE H 263 -39.46 136.81 -12.26
CA ILE H 263 -39.80 137.73 -13.34
C ILE H 263 -38.73 138.81 -13.46
N ALA H 264 -38.12 139.20 -12.34
CA ALA H 264 -37.08 140.22 -12.36
C ALA H 264 -35.80 139.71 -13.03
N THR H 265 -35.45 138.45 -12.82
CA THR H 265 -34.29 137.88 -13.48
C THR H 265 -34.58 137.63 -14.96
N ALA H 266 -35.84 137.34 -15.29
CA ALA H 266 -36.23 137.20 -16.69
C ALA H 266 -36.26 138.55 -17.39
N LEU H 267 -36.49 139.63 -16.64
CA LEU H 267 -36.49 140.96 -17.24
C LEU H 267 -35.08 141.44 -17.54
N ASP H 268 -34.13 141.12 -16.65
CA ASP H 268 -32.76 141.64 -16.79
C ASP H 268 -32.04 141.05 -17.98
N ASN H 269 -32.33 139.78 -18.31
CA ASN H 269 -31.74 139.18 -19.49
C ASN H 269 -32.37 139.73 -20.77
N LEU H 270 -33.68 139.96 -20.75
CA LEU H 270 -34.37 140.40 -21.96
C LEU H 270 -34.19 141.90 -22.18
N ASN H 271 -33.94 142.66 -21.12
CA ASN H 271 -33.64 144.08 -21.30
C ASN H 271 -32.23 144.26 -21.83
N ALA H 272 -31.31 143.35 -21.47
CA ALA H 272 -29.94 143.48 -21.92
C ALA H 272 -29.78 143.10 -23.38
N VAL H 273 -30.58 142.14 -23.86
CA VAL H 273 -30.46 141.71 -25.25
C VAL H 273 -31.10 142.73 -26.18
N ASN H 274 -32.01 143.56 -25.65
CA ASN H 274 -32.67 144.60 -26.43
C ASN H 274 -31.82 145.88 -26.39
N GLY H 275 -30.68 145.82 -27.07
CA GLY H 275 -29.75 146.92 -27.10
C GLY H 275 -29.18 147.18 -28.48
N PRO H 276 -28.55 148.35 -28.66
CA PRO H 276 -27.95 148.65 -29.98
C PRO H 276 -26.71 147.83 -30.30
N THR H 277 -25.87 147.53 -29.30
CA THR H 277 -24.68 146.73 -29.57
C THR H 277 -25.01 145.26 -29.68
N PHE H 278 -26.16 144.84 -29.14
CA PHE H 278 -26.43 143.41 -29.01
C PHE H 278 -27.16 142.86 -30.23
N ILE H 279 -28.37 143.37 -30.52
CA ILE H 279 -29.21 142.81 -31.56
C ILE H 279 -29.32 143.71 -32.77
N ASP H 280 -29.04 145.01 -32.62
CA ASP H 280 -29.05 145.91 -33.75
C ASP H 280 -27.78 145.77 -34.58
N ALA H 281 -26.69 145.31 -33.95
CA ALA H 281 -25.43 145.12 -34.65
C ALA H 281 -25.47 143.85 -35.51
N ILE H 282 -26.41 142.96 -35.25
CA ILE H 282 -26.57 141.78 -36.09
C ILE H 282 -27.28 142.14 -37.39
N LEU H 283 -28.18 143.13 -37.33
CA LEU H 283 -29.11 143.35 -38.43
C LEU H 283 -28.52 144.25 -39.51
N ASP H 284 -27.73 145.25 -39.11
CA ASP H 284 -27.19 146.20 -40.09
C ASP H 284 -26.05 145.55 -40.87
N ASP H 285 -25.41 144.53 -40.29
CA ASP H 285 -24.39 143.78 -41.01
C ASP H 285 -25.00 142.98 -42.16
N LEU H 286 -26.21 142.47 -41.95
CA LEU H 286 -26.86 141.67 -42.99
C LEU H 286 -27.31 142.53 -44.16
N ARG H 287 -27.74 143.76 -43.89
CA ARG H 287 -28.11 144.68 -44.96
C ARG H 287 -27.07 145.79 -45.12
N ASN H 321 -12.44 130.35 -62.15
CA ASN H 321 -11.27 129.55 -61.82
C ASN H 321 -11.22 129.23 -60.33
N SER H 322 -10.05 128.79 -59.85
CA SER H 322 -9.93 128.40 -58.46
C SER H 322 -9.81 129.61 -57.54
N VAL H 323 -9.34 130.75 -58.09
CA VAL H 323 -9.17 131.93 -57.26
C VAL H 323 -10.51 132.66 -57.11
N LYS H 324 -11.45 132.44 -58.02
CA LYS H 324 -12.76 133.05 -57.90
C LYS H 324 -13.65 132.27 -56.93
N VAL H 325 -13.47 130.95 -56.86
CA VAL H 325 -14.24 130.13 -55.93
C VAL H 325 -13.75 130.34 -54.50
N ALA H 326 -12.43 130.50 -54.34
CA ALA H 326 -11.86 130.69 -53.01
C ALA H 326 -12.20 132.06 -52.43
N ASN H 327 -12.33 133.07 -53.28
CA ASN H 327 -12.76 134.38 -52.80
C ASN H 327 -14.24 134.39 -52.49
N PHE H 328 -15.03 133.65 -53.28
CA PHE H 328 -16.47 133.65 -53.08
C PHE H 328 -16.88 132.88 -51.83
N ALA H 329 -16.05 131.92 -51.41
CA ALA H 329 -16.35 131.16 -50.21
C ALA H 329 -16.10 131.99 -48.96
N SER H 330 -15.24 133.01 -49.06
CA SER H 330 -15.01 133.89 -47.91
C SER H 330 -16.19 134.83 -47.69
N LEU H 331 -16.91 135.16 -48.77
CA LEU H 331 -18.07 136.03 -48.63
C LEU H 331 -19.26 135.30 -48.02
N VAL H 332 -19.39 134.00 -48.31
CA VAL H 332 -20.50 133.23 -47.77
C VAL H 332 -20.26 132.89 -46.29
N GLU H 333 -18.99 132.70 -45.91
CA GLU H 333 -18.68 132.35 -44.53
C GLU H 333 -18.89 133.52 -43.58
N SER H 334 -18.83 134.75 -44.09
CA SER H 334 -19.12 135.91 -43.25
C SER H 334 -20.61 136.09 -43.06
N VAL H 335 -21.40 135.78 -44.09
CA VAL H 335 -22.85 135.88 -43.99
C VAL H 335 -23.40 134.76 -43.11
N LEU H 336 -22.81 133.56 -43.21
CA LEU H 336 -23.29 132.43 -42.42
C LEU H 336 -22.90 132.58 -40.96
N SER H 337 -21.79 133.27 -40.67
CA SER H 337 -21.42 133.54 -39.29
C SER H 337 -22.34 134.56 -38.64
N THR H 338 -22.93 135.46 -39.44
CA THR H 338 -23.86 136.44 -38.89
C THR H 338 -25.20 135.80 -38.56
N LEU H 339 -25.63 134.83 -39.38
CA LEU H 339 -26.91 134.16 -39.14
C LEU H 339 -26.87 133.30 -37.87
N ASN H 340 -25.71 132.73 -37.55
CA ASN H 340 -25.64 131.79 -36.44
C ASN H 340 -25.76 132.50 -35.09
N GLU H 341 -25.22 133.71 -34.98
CA GLU H 341 -25.36 134.46 -33.72
C GLU H 341 -26.77 135.02 -33.57
N LEU H 342 -27.49 135.18 -34.69
CA LEU H 342 -28.90 135.53 -34.59
C LEU H 342 -29.73 134.34 -34.11
N ILE H 343 -29.36 133.13 -34.55
CA ILE H 343 -30.05 131.92 -34.11
C ILE H 343 -29.70 131.62 -32.64
N ASP H 344 -28.46 131.92 -32.23
CA ASP H 344 -28.08 131.77 -30.83
C ASP H 344 -28.79 132.80 -29.95
N ALA H 345 -29.11 133.96 -30.51
CA ALA H 345 -29.87 134.95 -29.77
C ALA H 345 -31.32 134.49 -29.62
N LYS H 346 -31.83 133.73 -30.58
CA LYS H 346 -33.19 133.20 -30.51
C LYS H 346 -33.31 132.14 -29.42
N GLU H 347 -32.23 131.40 -29.15
CA GLU H 347 -32.27 130.33 -28.17
C GLU H 347 -32.35 130.87 -26.75
N GLU H 348 -31.62 131.95 -26.46
CA GLU H 348 -31.56 132.46 -25.09
C GLU H 348 -32.80 133.26 -24.74
N ILE H 349 -33.53 133.75 -25.74
CA ILE H 349 -34.78 134.46 -25.49
C ILE H 349 -35.85 133.49 -25.01
N ASN H 350 -35.89 132.29 -25.61
CA ASN H 350 -36.94 131.32 -25.29
C ASN H 350 -36.78 130.74 -23.90
N LYS H 351 -35.54 130.69 -23.38
CA LYS H 351 -35.33 130.18 -22.03
C LYS H 351 -35.78 131.19 -20.98
N ASP H 352 -35.80 132.47 -21.33
CA ASP H 352 -36.22 133.49 -20.38
C ASP H 352 -37.74 133.58 -20.28
N VAL H 353 -38.43 133.45 -21.42
CA VAL H 353 -39.89 133.57 -21.42
C VAL H 353 -40.53 132.31 -20.85
N ASN H 354 -39.90 131.16 -21.04
CA ASN H 354 -40.45 129.91 -20.52
C ASN H 354 -40.39 129.87 -19.00
N SER H 355 -39.39 130.53 -18.40
CA SER H 355 -39.32 130.60 -16.94
C SER H 355 -40.33 131.59 -16.38
N ALA H 356 -40.81 132.53 -17.20
CA ALA H 356 -41.82 133.47 -16.74
C ALA H 356 -43.23 132.95 -17.00
N ILE H 357 -43.40 132.11 -18.02
CA ILE H 357 -44.69 131.45 -18.24
C ILE H 357 -45.00 130.49 -17.11
N ALA H 358 -44.00 129.71 -16.68
CA ALA H 358 -44.22 128.70 -15.66
C ALA H 358 -44.34 129.32 -14.27
N SER H 359 -43.83 130.54 -14.08
CA SER H 359 -43.85 131.15 -12.76
C SER H 359 -45.16 131.86 -12.48
N SER H 360 -45.85 132.30 -13.53
CA SER H 360 -47.11 133.04 -13.37
C SER H 360 -48.30 132.12 -13.58
N GLU H 361 -48.44 131.15 -12.66
CA GLU H 361 -49.62 130.30 -12.69
C GLU H 361 -50.85 131.04 -12.18
N GLU H 362 -50.65 132.07 -11.37
CA GLU H 362 -51.72 132.97 -11.01
C GLU H 362 -52.08 133.85 -12.21
N ASP H 363 -53.37 134.20 -12.30
CA ASP H 363 -53.92 135.14 -13.28
C ASP H 363 -53.67 134.67 -14.73
N ASN H 364 -54.41 133.61 -15.09
CA ASN H 364 -54.23 132.88 -16.34
C ASN H 364 -54.37 133.75 -17.59
N ALA H 365 -55.02 134.92 -17.48
CA ALA H 365 -55.09 135.84 -18.61
C ALA H 365 -53.73 136.44 -18.93
N ILE H 366 -52.89 136.64 -17.92
CA ILE H 366 -51.56 137.20 -18.14
C ILE H 366 -50.64 136.14 -18.77
N LYS H 367 -50.81 134.88 -18.37
CA LYS H 367 -50.02 133.79 -18.97
C LYS H 367 -50.37 133.60 -20.44
N THR H 368 -51.63 133.84 -20.82
CA THR H 368 -52.03 133.73 -22.21
C THR H 368 -51.42 134.86 -23.04
N ALA H 369 -51.27 136.05 -22.46
CA ALA H 369 -50.68 137.16 -23.19
C ALA H 369 -49.18 136.98 -23.39
N ILE H 370 -48.51 136.39 -22.39
CA ILE H 370 -47.07 136.12 -22.50
C ILE H 370 -46.83 135.00 -23.51
N SER H 371 -47.72 134.01 -23.53
CA SER H 371 -47.58 132.91 -24.48
C SER H 371 -47.90 133.37 -25.90
N ASP H 372 -48.83 134.31 -26.06
CA ASP H 372 -49.19 134.79 -27.39
C ASP H 372 -48.10 135.67 -27.97
N ALA H 373 -47.40 136.43 -27.12
CA ALA H 373 -46.31 137.28 -27.60
C ALA H 373 -45.10 136.46 -28.01
N LEU H 374 -44.98 135.23 -27.51
CA LEU H 374 -43.80 134.43 -27.79
C LEU H 374 -43.89 133.74 -29.15
N ASP H 375 -45.07 133.28 -29.54
CA ASP H 375 -45.20 132.57 -30.81
C ASP H 375 -45.20 133.55 -31.99
N VAL H 376 -45.60 134.80 -31.76
CA VAL H 376 -45.57 135.77 -32.83
C VAL H 376 -44.14 136.23 -33.08
N PHE H 377 -43.28 136.17 -32.05
CA PHE H 377 -41.86 136.42 -32.25
C PHE H 377 -41.19 135.25 -32.94
N ASN H 378 -41.70 134.03 -32.72
CA ASN H 378 -41.11 132.85 -33.32
C ASN H 378 -41.66 132.55 -34.71
N GLU H 379 -42.36 133.50 -35.33
CA GLU H 379 -42.94 133.26 -36.66
C GLU H 379 -41.87 133.17 -37.73
N ASP H 380 -41.04 134.21 -37.85
CA ASP H 380 -40.07 134.29 -38.94
C ASP H 380 -38.95 133.28 -38.79
N PHE H 381 -38.66 132.86 -37.55
CA PHE H 381 -37.57 131.92 -37.32
C PHE H 381 -37.95 130.51 -37.75
N GLU H 382 -39.18 130.08 -37.49
CA GLU H 382 -39.59 128.74 -37.86
C GLU H 382 -40.84 128.71 -38.76
N GLY H 383 -41.89 129.41 -38.34
CA GLY H 383 -43.18 129.19 -38.97
C GLY H 383 -43.38 129.96 -40.26
N ALA H 384 -43.08 131.26 -40.24
CA ALA H 384 -43.35 132.09 -41.41
C ALA H 384 -42.29 131.89 -42.50
N ASP H 385 -41.04 132.21 -42.21
CA ASP H 385 -39.97 132.13 -43.20
C ASP H 385 -38.97 131.07 -42.74
N LYS H 386 -38.12 130.62 -43.66
CA LYS H 386 -37.20 129.51 -43.41
C LYS H 386 -35.82 130.03 -42.96
N ILE H 387 -35.79 130.78 -41.86
CA ILE H 387 -34.53 131.36 -41.39
C ILE H 387 -33.60 130.28 -40.85
N GLU H 388 -34.12 129.36 -40.05
CA GLU H 388 -33.28 128.28 -39.53
C GLU H 388 -33.06 127.19 -40.57
N SER H 389 -33.77 127.26 -41.70
CA SER H 389 -33.60 126.24 -42.73
C SER H 389 -32.57 126.66 -43.79
N VAL H 390 -32.42 127.97 -44.04
CA VAL H 390 -31.46 128.38 -45.06
C VAL H 390 -30.05 128.35 -44.51
N ALA H 391 -29.90 128.42 -43.18
CA ALA H 391 -28.58 128.33 -42.57
C ALA H 391 -28.00 126.92 -42.65
N LYS H 392 -28.85 125.91 -42.85
CA LYS H 392 -28.39 124.53 -42.97
C LYS H 392 -28.05 124.19 -44.42
N ASN H 393 -28.84 124.67 -45.37
CA ASN H 393 -28.60 124.34 -46.77
C ASN H 393 -27.42 125.12 -47.35
N LEU H 394 -27.14 126.32 -46.84
CA LEU H 394 -25.99 127.08 -47.31
C LEU H 394 -24.69 126.42 -46.88
N SER H 395 -24.69 125.75 -45.73
CA SER H 395 -23.48 125.10 -45.25
C SER H 395 -23.15 123.86 -46.08
N ASP H 396 -24.16 123.13 -46.52
CA ASP H 396 -23.90 121.97 -47.36
C ASP H 396 -23.64 122.38 -48.81
N LEU H 397 -24.22 123.51 -49.24
CA LEU H 397 -23.89 124.05 -50.56
C LEU H 397 -22.47 124.62 -50.58
N LEU H 398 -21.98 125.06 -49.42
CA LEU H 398 -20.62 125.60 -49.36
C LEU H 398 -19.58 124.49 -49.50
N ILE H 399 -19.87 123.32 -48.94
CA ILE H 399 -18.95 122.19 -49.06
C ILE H 399 -18.95 121.64 -50.48
N LYS H 400 -20.10 121.71 -51.15
CA LYS H 400 -20.25 121.13 -52.48
C LYS H 400 -19.45 121.91 -53.53
N ILE H 401 -19.34 123.23 -53.36
CA ILE H 401 -18.65 124.03 -54.37
C ILE H 401 -17.13 123.89 -54.25
N LYS H 402 -16.65 123.44 -53.09
CA LYS H 402 -15.21 123.29 -52.92
C LYS H 402 -14.72 121.94 -53.46
N GLN H 403 -15.61 120.95 -53.53
CA GLN H 403 -15.24 119.67 -54.13
C GLN H 403 -15.49 119.68 -55.64
N ALA H 404 -16.33 120.59 -56.12
CA ALA H 404 -16.75 120.56 -57.52
C ALA H 404 -15.68 121.15 -58.45
N ASP H 405 -14.64 121.76 -57.87
CA ASP H 405 -13.60 122.39 -58.67
C ASP H 405 -12.61 121.40 -59.28
N THR H 406 -12.80 120.09 -59.05
CA THR H 406 -11.83 119.12 -59.55
C THR H 406 -12.04 118.82 -61.04
N ASN H 407 -13.26 119.00 -61.55
CA ASN H 407 -13.54 118.55 -62.91
C ASN H 407 -14.28 119.55 -63.77
N THR H 408 -15.29 120.26 -63.26
CA THR H 408 -16.20 120.93 -64.16
C THR H 408 -16.44 122.35 -63.69
N LYS H 409 -16.41 123.28 -64.63
CA LYS H 409 -16.83 124.65 -64.32
C LYS H 409 -18.34 124.81 -64.45
N VAL H 410 -18.99 123.95 -65.25
CA VAL H 410 -20.44 123.98 -65.37
C VAL H 410 -21.09 123.56 -64.04
N GLU H 411 -20.40 122.70 -63.31
CA GLU H 411 -20.83 122.30 -61.97
C GLU H 411 -20.84 123.56 -61.10
N ASN H 412 -19.81 124.40 -61.25
CA ASN H 412 -19.75 125.65 -60.51
C ASN H 412 -20.67 126.72 -61.08
N VAL H 413 -21.37 126.43 -62.17
CA VAL H 413 -22.32 127.37 -62.78
C VAL H 413 -23.75 126.89 -62.57
N LEU H 414 -23.97 125.57 -62.63
CA LEU H 414 -25.31 125.00 -62.45
C LEU H 414 -25.85 125.26 -61.05
N SER H 415 -24.95 125.30 -60.05
CA SER H 415 -25.40 125.49 -58.68
C SER H 415 -25.69 126.97 -58.38
N ILE H 416 -24.79 127.87 -58.77
CA ILE H 416 -24.84 129.23 -58.23
C ILE H 416 -25.85 130.09 -58.98
N ASN H 417 -26.30 129.66 -60.15
CA ASN H 417 -27.25 130.44 -60.93
C ASN H 417 -28.57 129.71 -61.15
N ALA H 418 -28.52 128.47 -61.66
CA ALA H 418 -29.77 127.79 -62.01
C ALA H 418 -30.37 127.09 -60.80
N LEU H 419 -29.57 126.33 -60.07
CA LEU H 419 -30.05 125.56 -58.93
C LEU H 419 -29.95 126.38 -57.65
N ASN H 420 -30.02 125.67 -56.51
CA ASN H 420 -30.45 126.14 -55.19
C ASN H 420 -29.74 127.38 -54.67
N PHE H 421 -28.54 127.70 -55.15
CA PHE H 421 -27.74 128.71 -54.45
C PHE H 421 -28.22 130.12 -54.76
N SER H 422 -28.74 130.36 -55.97
CA SER H 422 -29.30 131.67 -56.29
C SER H 422 -30.67 131.85 -55.66
N ALA H 423 -31.36 130.75 -55.39
CA ALA H 423 -32.71 130.84 -54.83
C ALA H 423 -32.70 131.06 -53.32
N GLU H 424 -31.65 130.60 -52.64
CA GLU H 424 -31.66 130.65 -51.18
C GLU H 424 -31.36 132.06 -50.66
N PHE H 425 -30.63 132.86 -51.44
CA PHE H 425 -30.33 134.23 -51.03
C PHE H 425 -31.51 135.17 -51.13
N GLU H 426 -32.59 134.77 -51.81
CA GLU H 426 -33.66 135.71 -52.10
C GLU H 426 -34.60 135.90 -50.91
N LYS H 427 -34.57 134.97 -49.96
CA LYS H 427 -35.61 134.96 -48.92
C LYS H 427 -35.34 136.02 -47.85
N LEU H 428 -34.10 136.47 -47.72
CA LEU H 428 -33.85 137.58 -46.80
C LEU H 428 -33.92 138.91 -47.53
N LEU H 429 -33.40 138.97 -48.76
CA LEU H 429 -33.48 140.15 -49.60
C LEU H 429 -33.81 139.71 -51.01
N THR H 430 -34.97 140.16 -51.52
CA THR H 430 -35.45 139.66 -52.81
C THR H 430 -34.80 140.40 -53.98
N TYR H 431 -34.81 141.73 -53.94
CA TYR H 431 -34.28 142.52 -55.04
C TYR H 431 -33.40 143.65 -54.51
N ASP H 432 -32.44 143.30 -53.64
CA ASP H 432 -31.57 144.31 -53.04
C ASP H 432 -30.52 144.83 -54.01
N VAL H 433 -30.34 144.16 -55.15
CA VAL H 433 -29.29 144.52 -56.10
C VAL H 433 -29.66 145.68 -57.01
N ASN H 434 -30.74 146.41 -56.74
CA ASN H 434 -31.14 147.52 -57.60
C ASN H 434 -30.20 148.71 -57.48
N THR H 435 -29.47 148.81 -56.37
CA THR H 435 -28.50 149.89 -56.17
C THR H 435 -27.30 149.32 -55.43
N GLY H 436 -26.39 150.23 -55.05
CA GLY H 436 -25.26 149.83 -54.22
C GLY H 436 -25.71 149.43 -52.81
N LEU H 437 -26.74 150.11 -52.30
CA LEU H 437 -27.32 149.78 -51.02
C LEU H 437 -28.57 148.91 -51.21
N THR H 438 -28.97 148.22 -50.16
CA THR H 438 -30.16 147.38 -50.21
C THR H 438 -31.42 148.24 -50.27
N ALA H 439 -32.05 148.27 -51.44
CA ALA H 439 -33.28 149.01 -51.65
C ALA H 439 -34.27 148.09 -52.36
N SER H 440 -35.45 148.65 -52.68
CA SER H 440 -36.59 147.94 -53.26
C SER H 440 -36.96 146.72 -52.42
N VAL H 441 -37.21 146.96 -51.12
CA VAL H 441 -37.38 145.89 -50.14
C VAL H 441 -38.74 145.21 -50.32
N THR H 442 -38.80 144.30 -51.29
CA THR H 442 -40.03 143.55 -51.53
C THR H 442 -40.24 142.47 -50.46
N LEU H 443 -39.16 141.82 -50.03
CA LEU H 443 -39.25 140.76 -49.04
C LEU H 443 -38.18 140.97 -47.98
N ASP H 444 -38.60 140.95 -46.72
CA ASP H 444 -37.68 141.22 -45.62
C ASP H 444 -38.09 140.39 -44.42
N LEU H 445 -37.23 139.42 -44.08
CA LEU H 445 -37.45 138.56 -42.93
C LEU H 445 -36.97 139.18 -41.64
N PHE H 446 -36.20 140.25 -41.71
CA PHE H 446 -35.70 140.96 -40.54
C PHE H 446 -36.53 142.21 -40.30
N ALA H 447 -36.07 143.02 -39.32
CA ALA H 447 -36.64 144.31 -38.91
C ALA H 447 -38.04 144.19 -38.29
N ASN H 448 -38.53 142.97 -38.08
CA ASN H 448 -39.69 142.73 -37.24
C ASN H 448 -39.29 142.22 -35.87
N ILE H 449 -37.99 142.15 -35.59
CA ILE H 449 -37.50 141.58 -34.34
C ILE H 449 -37.78 142.53 -33.18
N GLY H 450 -37.31 143.77 -33.28
CA GLY H 450 -37.45 144.76 -32.23
C GLY H 450 -38.88 145.18 -31.96
N THR H 451 -39.75 145.06 -32.96
CA THR H 451 -41.17 145.30 -32.74
C THR H 451 -41.78 144.19 -31.91
N ARG H 452 -41.39 142.95 -32.16
CA ARG H 452 -41.94 141.83 -31.39
C ARG H 452 -41.25 141.68 -30.04
N LEU H 453 -40.06 142.27 -29.88
CA LEU H 453 -39.34 142.12 -28.62
C LEU H 453 -39.91 143.02 -27.53
N ASP H 454 -40.12 144.31 -27.82
CA ASP H 454 -40.57 145.23 -26.78
C ASP H 454 -42.04 145.00 -26.44
N ASP H 455 -42.77 144.28 -27.30
CA ASP H 455 -44.09 143.78 -26.92
C ASP H 455 -43.97 142.75 -25.80
N ILE H 456 -42.93 141.90 -25.86
CA ILE H 456 -42.72 140.89 -24.83
C ILE H 456 -42.28 141.54 -23.53
N ILE H 457 -41.51 142.63 -23.61
CA ILE H 457 -41.00 143.31 -22.42
C ILE H 457 -42.14 143.92 -21.62
N ALA H 458 -43.17 144.41 -22.30
CA ALA H 458 -44.34 144.95 -21.62
C ALA H 458 -45.29 143.84 -21.16
N ALA H 459 -45.33 142.73 -21.90
CA ALA H 459 -46.25 141.65 -21.58
C ALA H 459 -45.82 140.91 -20.32
N VAL H 460 -44.52 140.70 -20.15
CA VAL H 460 -44.03 140.05 -18.92
C VAL H 460 -43.88 141.08 -17.80
N SER H 461 -44.10 142.36 -18.11
CA SER H 461 -44.06 143.39 -17.07
C SER H 461 -45.32 143.35 -16.22
N ALA H 462 -46.42 142.81 -16.76
CA ALA H 462 -47.63 142.66 -15.96
C ALA H 462 -47.55 141.45 -15.03
N ALA H 463 -46.59 140.55 -15.28
CA ALA H 463 -46.50 139.33 -14.49
C ALA H 463 -45.72 139.51 -13.19
N GLU H 464 -44.99 140.60 -13.02
CA GLU H 464 -44.21 140.77 -11.79
C GLU H 464 -45.00 141.11 -10.52
N PRO H 465 -46.17 141.75 -10.52
CA PRO H 465 -46.91 141.83 -9.25
C PRO H 465 -47.82 140.65 -8.94
N ILE H 466 -47.88 139.61 -9.77
CA ILE H 466 -48.80 138.50 -9.53
C ILE H 466 -48.06 137.23 -9.13
N ASP H 467 -46.73 137.23 -9.14
CA ASP H 467 -45.94 136.07 -8.73
C ASP H 467 -45.41 136.30 -7.32
N VAL H 468 -45.66 135.33 -6.43
CA VAL H 468 -45.39 135.53 -5.02
C VAL H 468 -44.54 134.41 -4.41
N ASN H 469 -44.29 133.33 -5.17
CA ASN H 469 -43.67 132.17 -4.56
C ASN H 469 -42.49 131.57 -5.34
N ASN H 470 -42.25 131.98 -6.58
CA ASN H 470 -41.31 131.28 -7.45
C ASN H 470 -39.96 131.99 -7.47
N GLY H 471 -38.88 131.21 -7.33
CA GLY H 471 -37.54 131.74 -7.25
C GLY H 471 -36.79 131.75 -8.57
N LYS H 472 -35.46 131.76 -8.46
CA LYS H 472 -34.57 132.03 -9.59
C LYS H 472 -34.59 130.93 -10.66
N LEU H 473 -34.60 129.67 -10.27
CA LEU H 473 -34.39 128.57 -11.20
C LEU H 473 -35.69 127.86 -11.57
N ASN H 474 -36.84 128.49 -11.37
CA ASN H 474 -38.11 127.88 -11.72
C ASN H 474 -38.31 127.87 -13.22
N GLY H 475 -38.59 126.68 -13.77
CA GLY H 475 -38.83 126.53 -15.19
C GLY H 475 -37.59 126.42 -16.05
N ARG H 476 -36.43 126.18 -15.47
CA ARG H 476 -35.18 126.10 -16.21
C ARG H 476 -34.77 124.65 -16.42
N LEU H 477 -34.03 124.42 -17.51
CA LEU H 477 -33.45 123.11 -17.76
C LEU H 477 -32.28 122.87 -16.83
N LEU H 478 -32.01 121.59 -16.55
CA LEU H 478 -30.95 121.23 -15.61
C LEU H 478 -29.57 121.50 -16.20
N SER H 479 -29.43 121.33 -17.51
CA SER H 479 -28.14 121.58 -18.16
C SER H 479 -27.81 123.08 -18.20
N ASP H 480 -28.84 123.93 -18.18
CA ASP H 480 -28.62 125.36 -18.30
C ASP H 480 -28.30 126.04 -16.96
N ILE H 481 -28.41 125.33 -15.84
CA ILE H 481 -28.08 125.96 -14.55
C ILE H 481 -26.64 125.70 -14.13
N GLU H 482 -25.90 124.88 -14.87
CA GLU H 482 -24.50 124.61 -14.53
C GLU H 482 -23.59 125.83 -14.62
N PRO H 483 -23.70 126.75 -15.60
CA PRO H 483 -22.94 128.01 -15.43
C PRO H 483 -23.53 128.95 -14.40
N LEU H 484 -24.83 128.84 -14.12
CA LEU H 484 -25.48 129.80 -13.22
C LEU H 484 -25.14 129.50 -11.77
N ASP H 485 -25.41 128.28 -11.31
CA ASP H 485 -25.10 127.88 -9.94
C ASP H 485 -24.54 126.46 -10.01
N ASN H 486 -23.22 126.35 -9.90
CA ASN H 486 -22.55 125.06 -10.09
C ASN H 486 -22.74 124.15 -8.89
N ALA H 487 -22.87 124.73 -7.68
CA ALA H 487 -23.00 123.91 -6.49
C ALA H 487 -24.38 123.28 -6.36
N THR H 488 -25.40 123.97 -6.87
CA THR H 488 -26.76 123.41 -6.86
C THR H 488 -26.89 122.29 -7.89
N TYR H 489 -26.24 122.47 -9.05
CA TYR H 489 -26.30 121.47 -10.12
C TYR H 489 -25.64 120.16 -9.71
N ASN H 490 -24.56 120.22 -8.94
CA ASN H 490 -23.89 119.00 -8.52
C ASN H 490 -24.67 118.28 -7.42
N THR H 491 -25.46 119.02 -6.65
CA THR H 491 -26.23 118.42 -5.57
C THR H 491 -27.45 117.67 -6.14
N ILE H 492 -28.03 118.18 -7.22
CA ILE H 492 -29.18 117.52 -7.85
C ILE H 492 -28.73 116.22 -8.52
N LEU H 493 -27.49 116.17 -9.02
CA LEU H 493 -26.98 114.98 -9.68
C LEU H 493 -26.80 113.81 -8.71
N LEU H 494 -26.47 114.09 -7.45
CA LEU H 494 -26.35 113.03 -6.46
C LEU H 494 -27.70 112.44 -6.09
N GLU H 495 -28.73 113.28 -6.03
CA GLU H 495 -30.06 112.79 -5.64
C GLU H 495 -30.70 111.98 -6.76
N ILE H 496 -30.35 112.26 -8.02
CA ILE H 496 -30.87 111.48 -9.12
C ILE H 496 -30.23 110.09 -9.16
N ASN H 497 -28.92 110.03 -8.90
CA ASN H 497 -28.19 108.77 -8.97
C ASN H 497 -28.42 107.86 -7.76
N SER H 498 -29.24 108.26 -6.80
CA SER H 498 -29.49 107.40 -5.64
C SER H 498 -30.55 106.34 -5.91
N HIS H 499 -31.23 106.40 -7.06
CA HIS H 499 -32.25 105.42 -7.43
C HIS H 499 -31.63 104.35 -8.32
N LYS H 500 -31.93 103.08 -8.03
CA LYS H 500 -31.32 101.96 -8.70
C LYS H 500 -32.33 101.16 -9.50
N VAL H 501 -31.82 100.32 -10.39
CA VAL H 501 -32.65 99.51 -11.28
C VAL H 501 -32.91 98.15 -10.65
N THR H 502 -34.15 97.67 -10.76
CA THR H 502 -34.50 96.31 -10.39
C THR H 502 -34.77 95.51 -11.66
N LEU H 503 -34.15 94.33 -11.77
CA LEU H 503 -34.26 93.48 -12.95
C LEU H 503 -34.77 92.10 -12.59
N PRO H 504 -35.41 91.41 -13.54
CA PRO H 504 -35.61 89.97 -13.39
C PRO H 504 -34.29 89.24 -13.47
N PRO H 505 -34.16 88.09 -12.80
CA PRO H 505 -32.85 87.49 -12.59
C PRO H 505 -32.34 86.58 -13.70
N SER H 506 -32.97 86.53 -14.89
CA SER H 506 -32.63 85.48 -15.84
C SER H 506 -31.33 85.75 -16.60
N SER H 507 -30.94 87.02 -16.75
CA SER H 507 -29.71 87.31 -17.49
C SER H 507 -28.47 87.20 -16.60
N SER H 508 -28.62 87.41 -15.29
CA SER H 508 -27.52 87.14 -14.38
C SER H 508 -27.28 85.65 -14.23
N MET H 509 -28.34 84.84 -14.35
CA MET H 509 -28.20 83.39 -14.27
C MET H 509 -27.46 82.85 -15.49
N ALA H 510 -27.68 83.45 -16.67
CA ALA H 510 -27.00 83.00 -17.88
C ALA H 510 -25.49 83.25 -17.81
N GLY H 511 -25.08 84.36 -17.18
CA GLY H 511 -23.67 84.61 -16.98
C GLY H 511 -23.05 83.63 -16.01
N ALA H 512 -23.80 83.23 -14.98
CA ALA H 512 -23.31 82.27 -14.02
C ALA H 512 -23.27 80.85 -14.59
N TYR H 513 -24.11 80.55 -15.57
CA TYR H 513 -24.03 79.26 -16.26
C TYR H 513 -22.72 79.13 -17.02
N ALA H 514 -22.27 80.23 -17.65
CA ALA H 514 -21.04 80.17 -18.44
C ALA H 514 -19.80 80.23 -17.56
N ARG H 515 -19.91 80.83 -16.37
CA ARG H 515 -18.77 80.90 -15.46
C ARG H 515 -18.47 79.54 -14.82
N VAL H 516 -19.52 78.78 -14.48
CA VAL H 516 -19.33 77.51 -13.79
C VAL H 516 -18.91 76.42 -14.77
N ASP H 517 -19.42 76.48 -16.00
CA ASP H 517 -19.07 75.49 -17.03
C ASP H 517 -17.60 75.62 -17.45
N ASN H 518 -17.07 76.84 -17.39
CA ASN H 518 -15.67 77.04 -17.73
C ASN H 518 -14.77 76.63 -16.57
N ASP H 519 -15.25 76.78 -15.32
CA ASP H 519 -14.42 76.48 -14.17
C ASP H 519 -14.43 75.01 -13.81
N ARG H 520 -15.62 74.39 -13.82
CA ARG H 520 -15.77 73.06 -13.26
C ARG H 520 -16.45 72.06 -14.20
N GLY H 521 -16.94 72.51 -15.35
CA GLY H 521 -17.60 71.62 -16.29
C GLY H 521 -19.12 71.78 -16.28
N VAL H 522 -19.74 71.13 -17.26
CA VAL H 522 -21.19 71.24 -17.45
C VAL H 522 -21.97 70.28 -16.55
N TRP H 523 -21.31 69.29 -15.95
CA TRP H 523 -21.96 68.36 -15.04
C TRP H 523 -22.02 68.87 -13.60
N LYS H 524 -21.57 70.08 -13.34
CA LYS H 524 -21.62 70.67 -12.01
C LYS H 524 -22.86 71.56 -11.88
N SER H 525 -23.61 71.37 -10.81
CA SER H 525 -24.85 72.10 -10.58
C SER H 525 -24.57 73.59 -10.37
N PRO H 526 -25.33 74.49 -11.01
CA PRO H 526 -25.12 75.94 -10.79
C PRO H 526 -25.87 76.47 -9.58
N ALA H 527 -25.52 75.97 -8.40
CA ALA H 527 -26.07 76.42 -7.14
C ALA H 527 -24.94 76.47 -6.12
N ASN H 528 -25.24 77.08 -4.96
CA ASN H 528 -24.27 77.44 -3.92
C ASN H 528 -23.17 78.34 -4.50
N ILE H 529 -23.61 79.40 -5.16
CA ILE H 529 -22.74 80.34 -5.86
C ILE H 529 -23.30 81.75 -5.68
N GLY H 530 -22.44 82.75 -5.94
CA GLY H 530 -22.81 84.14 -5.74
C GLY H 530 -23.08 84.89 -7.04
N LEU H 531 -23.73 86.05 -6.91
CA LEU H 531 -24.06 86.91 -8.04
C LEU H 531 -23.37 88.26 -7.86
N ASN H 532 -22.73 88.75 -8.92
CA ASN H 532 -22.07 90.05 -8.90
C ASN H 532 -23.05 91.16 -9.29
N TYR H 533 -22.72 92.39 -8.86
CA TYR H 533 -23.49 93.63 -9.10
C TYR H 533 -24.87 93.62 -8.44
N VAL H 534 -25.08 92.78 -7.43
CA VAL H 534 -26.38 92.61 -6.79
C VAL H 534 -26.27 93.01 -5.34
N SER H 535 -27.16 93.90 -4.88
CA SER H 535 -27.13 94.33 -3.49
C SER H 535 -27.95 93.39 -2.58
N LYS H 536 -29.14 93.02 -3.01
CA LYS H 536 -30.03 92.16 -2.23
C LYS H 536 -31.10 91.59 -3.16
N PRO H 537 -31.78 90.50 -2.76
CA PRO H 537 -33.04 90.15 -3.42
C PRO H 537 -34.12 91.16 -3.09
N SER H 538 -35.15 91.21 -3.95
CA SER H 538 -36.24 92.16 -3.75
C SER H 538 -37.23 91.70 -2.69
N VAL H 539 -37.37 90.39 -2.50
CA VAL H 539 -38.28 89.80 -1.52
C VAL H 539 -37.43 88.88 -0.64
N THR H 540 -37.76 88.84 0.64
CA THR H 540 -37.14 87.92 1.57
C THR H 540 -37.87 86.58 1.54
N VAL H 541 -37.14 85.49 1.37
CA VAL H 541 -37.66 84.13 1.38
C VAL H 541 -36.99 83.39 2.52
N SER H 542 -37.78 82.88 3.45
CA SER H 542 -37.25 82.20 4.62
C SER H 542 -37.01 80.73 4.35
N HIS H 543 -36.58 80.01 5.38
CA HIS H 543 -36.37 78.57 5.29
C HIS H 543 -37.68 77.84 5.09
N GLU H 544 -38.73 78.27 5.80
CA GLU H 544 -39.99 77.53 5.84
C GLU H 544 -40.81 77.68 4.57
N GLU H 545 -40.71 78.79 3.85
CA GLU H 545 -41.48 78.96 2.62
C GLU H 545 -40.74 78.54 1.36
N GLN H 546 -39.48 78.10 1.46
CA GLN H 546 -38.82 77.50 0.31
C GLN H 546 -39.16 76.02 0.15
N GLU H 547 -39.81 75.42 1.16
CA GLU H 547 -40.10 73.99 1.10
C GLU H 547 -41.13 73.66 0.03
N SER H 548 -42.18 74.48 -0.11
CA SER H 548 -43.15 74.25 -1.16
C SER H 548 -42.67 74.80 -2.51
N MET H 549 -41.58 75.57 -2.51
CA MET H 549 -40.93 75.94 -3.77
C MET H 549 -40.11 74.80 -4.35
N ASN H 550 -39.35 74.10 -3.50
CA ASN H 550 -38.42 73.09 -3.99
C ASN H 550 -39.13 71.77 -4.30
N VAL H 551 -40.04 71.34 -3.42
CA VAL H 551 -40.73 70.05 -3.55
C VAL H 551 -42.23 70.31 -3.52
N HIS H 552 -42.94 69.80 -4.54
CA HIS H 552 -44.35 70.10 -4.72
C HIS H 552 -45.04 68.89 -5.37
N GLY H 553 -46.36 68.85 -5.21
CA GLY H 553 -47.13 67.72 -5.74
C GLY H 553 -47.28 67.75 -7.26
N THR H 554 -47.21 68.95 -7.85
CA THR H 554 -47.22 69.04 -9.31
C THR H 554 -45.87 68.67 -9.90
N GLY H 555 -44.81 68.77 -9.12
CA GLY H 555 -43.46 68.60 -9.62
C GLY H 555 -42.83 69.83 -10.23
N LYS H 556 -43.54 70.96 -10.23
CA LYS H 556 -43.02 72.20 -10.85
C LYS H 556 -42.25 73.01 -9.80
N SER H 557 -40.93 72.84 -9.83
CA SER H 557 -40.05 73.44 -8.83
C SER H 557 -39.58 74.83 -9.25
N VAL H 558 -39.43 75.71 -8.25
CA VAL H 558 -38.93 77.07 -8.47
C VAL H 558 -37.69 77.26 -7.60
N ASN H 559 -36.60 77.73 -8.22
CA ASN H 559 -35.36 77.95 -7.52
C ASN H 559 -35.32 79.34 -6.87
N ALA H 560 -34.83 79.39 -5.64
CA ALA H 560 -34.90 80.59 -4.81
C ALA H 560 -33.55 81.29 -4.69
N ILE H 561 -33.58 82.62 -4.73
CA ILE H 561 -32.41 83.45 -4.45
C ILE H 561 -32.52 83.99 -3.02
N ARG H 562 -31.55 83.68 -2.18
CA ARG H 562 -31.65 83.94 -0.75
C ARG H 562 -30.39 84.63 -0.22
N SER H 563 -30.49 85.14 1.00
CA SER H 563 -29.39 85.76 1.72
C SER H 563 -29.09 84.97 2.99
N PHE H 564 -27.82 84.88 3.34
CA PHE H 564 -27.36 84.16 4.52
C PHE H 564 -26.34 85.03 5.26
N VAL H 565 -26.38 84.99 6.59
CA VAL H 565 -25.49 85.82 7.39
C VAL H 565 -24.06 85.31 7.27
N GLY H 566 -23.15 86.21 6.87
CA GLY H 566 -21.76 85.86 6.67
C GLY H 566 -21.41 85.39 5.28
N LYS H 567 -22.39 85.29 4.37
CA LYS H 567 -22.18 84.69 3.07
C LYS H 567 -22.72 85.51 1.91
N GLY H 568 -23.64 86.44 2.13
CA GLY H 568 -24.19 87.25 1.07
C GLY H 568 -25.35 86.58 0.34
N THR H 569 -25.63 87.12 -0.84
CA THR H 569 -26.73 86.64 -1.67
C THR H 569 -26.26 85.49 -2.55
N LEU H 570 -26.99 84.37 -2.50
CA LEU H 570 -26.62 83.16 -3.21
C LEU H 570 -27.79 82.61 -4.01
N VAL H 571 -27.46 81.79 -5.01
CA VAL H 571 -28.44 80.94 -5.67
C VAL H 571 -28.56 79.65 -4.89
N TRP H 572 -29.78 79.32 -4.46
CA TRP H 572 -30.04 78.14 -3.62
C TRP H 572 -31.16 77.32 -4.24
N GLY H 573 -30.83 76.47 -5.19
CA GLY H 573 -31.75 75.62 -5.92
C GLY H 573 -31.24 75.31 -7.32
N ALA H 574 -31.35 74.04 -7.71
CA ALA H 574 -30.83 73.58 -9.00
C ALA H 574 -31.74 72.55 -9.66
N ARG H 575 -33.05 72.80 -9.68
CA ARG H 575 -33.98 71.84 -10.28
C ARG H 575 -34.59 72.39 -11.58
N THR H 576 -35.06 71.47 -12.42
CA THR H 576 -35.89 71.82 -13.58
C THR H 576 -37.37 71.78 -13.19
N LEU H 577 -38.24 72.04 -14.17
CA LEU H 577 -39.69 72.02 -13.97
C LEU H 577 -40.29 70.61 -14.07
N ALA H 578 -39.46 69.57 -14.10
CA ALA H 578 -39.88 68.18 -14.01
C ALA H 578 -39.26 67.59 -12.74
N GLY H 579 -39.46 68.31 -11.63
CA GLY H 579 -38.78 68.11 -10.36
C GLY H 579 -39.10 66.84 -9.60
N ASN H 580 -40.05 66.01 -10.04
CA ASN H 580 -40.26 64.69 -9.44
C ASN H 580 -39.82 63.55 -10.35
N ASP H 581 -39.04 63.82 -11.38
CA ASP H 581 -38.57 62.82 -12.34
C ASP H 581 -37.21 62.27 -11.88
N ASN H 582 -37.07 60.95 -11.85
CA ASN H 582 -35.82 60.38 -11.39
C ASN H 582 -34.72 60.46 -12.45
N GLU H 583 -35.09 60.74 -13.71
CA GLU H 583 -34.09 60.90 -14.75
C GLU H 583 -33.76 62.37 -15.00
N TRP H 584 -34.73 63.27 -14.87
CA TRP H 584 -34.59 64.62 -15.41
C TRP H 584 -34.86 65.74 -14.41
N ARG H 585 -34.59 65.56 -13.11
CA ARG H 585 -34.95 66.62 -12.17
C ARG H 585 -33.83 67.64 -11.97
N TYR H 586 -32.60 67.32 -12.36
CA TYR H 586 -31.47 68.22 -12.13
C TYR H 586 -31.06 68.89 -13.43
N ILE H 587 -30.70 70.17 -13.32
CA ILE H 587 -30.32 70.99 -14.47
C ILE H 587 -29.05 70.45 -15.12
N SER H 588 -28.09 70.00 -14.30
CA SER H 588 -26.78 69.63 -14.83
C SER H 588 -26.82 68.29 -15.55
N VAL H 589 -27.74 67.39 -15.16
CA VAL H 589 -27.91 66.12 -15.86
C VAL H 589 -28.49 66.36 -17.25
N ARG H 590 -29.52 67.20 -17.35
CA ARG H 590 -30.16 67.52 -18.63
C ARG H 590 -29.20 68.23 -19.59
N ARG H 591 -28.35 69.12 -19.07
CA ARG H 591 -27.47 69.87 -19.96
C ARG H 591 -26.25 69.06 -20.37
N PHE H 592 -25.89 68.03 -19.60
CA PHE H 592 -24.82 67.13 -20.03
C PHE H 592 -25.31 66.19 -21.12
N PHE H 593 -26.56 65.74 -21.05
CA PHE H 593 -27.16 64.93 -22.12
C PHE H 593 -27.31 65.73 -23.40
N ASN H 594 -27.57 67.04 -23.30
CA ASN H 594 -27.65 67.89 -24.48
C ASN H 594 -26.29 68.02 -25.17
N MET H 595 -25.22 68.05 -24.39
CA MET H 595 -23.89 68.17 -24.97
C MET H 595 -23.46 66.86 -25.63
N ALA H 596 -23.62 65.75 -24.92
CA ALA H 596 -23.07 64.47 -25.37
C ALA H 596 -23.81 63.94 -26.59
N GLU H 597 -25.12 64.18 -26.69
CA GLU H 597 -25.90 63.66 -27.81
C GLU H 597 -25.62 64.42 -29.10
N GLU H 598 -25.39 65.74 -29.00
CA GLU H 598 -25.12 66.52 -30.20
C GLU H 598 -23.71 66.26 -30.74
N SER H 599 -22.74 66.05 -29.85
CA SER H 599 -21.37 65.78 -30.29
C SER H 599 -21.26 64.44 -30.99
N ILE H 600 -22.01 63.44 -30.53
CA ILE H 600 -21.99 62.12 -31.15
C ILE H 600 -22.74 62.14 -32.48
N LYS H 601 -23.82 62.93 -32.56
CA LYS H 601 -24.62 63.00 -33.78
C LYS H 601 -23.86 63.65 -34.93
N LYS H 602 -23.07 64.68 -34.65
CA LYS H 602 -22.29 65.33 -35.70
C LYS H 602 -21.15 64.44 -36.19
N ALA H 603 -20.57 63.63 -35.31
CA ALA H 603 -19.47 62.76 -35.70
C ALA H 603 -19.95 61.55 -36.51
N THR H 604 -21.25 61.27 -36.52
CA THR H 604 -21.83 60.09 -37.13
C THR H 604 -22.27 60.31 -38.59
N GLU H 605 -22.33 61.55 -39.08
CA GLU H 605 -22.81 61.76 -40.45
C GLU H 605 -21.79 61.32 -41.51
N GLN H 606 -20.56 61.00 -41.13
CA GLN H 606 -19.61 60.47 -42.10
C GLN H 606 -19.87 58.99 -42.41
N PHE H 607 -20.84 58.36 -41.73
CA PHE H 607 -21.13 56.94 -41.86
C PHE H 607 -22.46 56.64 -42.56
N VAL H 608 -23.12 57.62 -43.20
CA VAL H 608 -24.53 57.48 -43.57
C VAL H 608 -24.73 56.46 -44.69
N PHE H 609 -23.99 56.55 -45.78
CA PHE H 609 -24.15 55.60 -46.88
C PHE H 609 -23.03 54.56 -46.93
N GLU H 610 -22.40 54.28 -45.78
CA GLU H 610 -21.33 53.30 -45.68
C GLU H 610 -21.91 51.87 -45.74
N PRO H 611 -21.07 50.87 -46.01
CA PRO H 611 -21.53 49.47 -45.91
C PRO H 611 -21.93 49.09 -44.49
N ASN H 612 -23.11 48.49 -44.36
CA ASN H 612 -23.69 48.15 -43.07
C ASN H 612 -23.31 46.71 -42.70
N ASP H 613 -22.02 46.52 -42.41
CA ASP H 613 -21.47 45.20 -42.12
C ASP H 613 -20.57 45.26 -40.89
N GLY H 614 -19.88 44.14 -40.64
CA GLY H 614 -19.14 43.99 -39.39
C GLY H 614 -17.90 44.87 -39.30
N ASN H 615 -17.38 45.30 -40.44
CA ASN H 615 -16.23 46.20 -40.43
C ASN H 615 -16.61 47.60 -39.97
N THR H 616 -17.81 48.05 -40.33
CA THR H 616 -18.31 49.36 -39.90
C THR H 616 -18.68 49.35 -38.41
N TRP H 617 -19.26 48.25 -37.93
CA TRP H 617 -19.79 48.20 -36.56
C TRP H 617 -18.67 48.20 -35.53
N VAL H 618 -17.48 47.72 -35.90
CA VAL H 618 -16.34 47.73 -34.99
C VAL H 618 -15.79 49.15 -34.83
N ARG H 619 -15.75 49.91 -35.92
CA ARG H 619 -15.19 51.26 -35.85
C ARG H 619 -16.18 52.26 -35.27
N VAL H 620 -17.48 52.02 -35.44
CA VAL H 620 -18.50 52.89 -34.85
C VAL H 620 -18.51 52.74 -33.33
N ARG H 621 -18.38 51.49 -32.84
CA ARG H 621 -18.36 51.23 -31.41
C ARG H 621 -17.13 51.83 -30.74
N ALA H 622 -15.98 51.80 -31.41
CA ALA H 622 -14.74 52.27 -30.81
C ALA H 622 -14.66 53.80 -30.80
N MET H 623 -15.32 54.46 -31.75
CA MET H 623 -15.37 55.93 -31.75
C MET H 623 -16.18 56.46 -30.57
N ILE H 624 -17.31 55.82 -30.27
CA ILE H 624 -18.16 56.28 -29.17
C ILE H 624 -17.54 55.92 -27.82
N GLU H 625 -16.85 54.77 -27.75
CA GLU H 625 -16.26 54.31 -26.51
C GLU H 625 -15.06 55.17 -26.11
N ASN H 626 -14.29 55.64 -27.09
CA ASN H 626 -13.14 56.49 -26.79
C ASN H 626 -13.57 57.85 -26.26
N PHE H 627 -14.72 58.34 -26.72
CA PHE H 627 -15.23 59.62 -26.27
C PHE H 627 -15.75 59.54 -24.83
N LEU H 628 -16.44 58.45 -24.48
CA LEU H 628 -17.04 58.33 -23.15
C LEU H 628 -16.01 57.99 -22.08
N ILE H 629 -14.85 57.46 -22.49
CA ILE H 629 -13.77 57.16 -21.56
C ILE H 629 -13.13 58.46 -21.05
N LEU H 630 -13.08 59.48 -21.90
CA LEU H 630 -12.60 60.78 -21.48
C LEU H 630 -13.56 61.47 -20.52
N GLN H 631 -14.87 61.23 -20.68
CA GLN H 631 -15.86 61.83 -19.78
C GLN H 631 -15.82 61.18 -18.40
N TRP H 632 -15.54 59.88 -18.36
CA TRP H 632 -15.39 59.17 -17.09
C TRP H 632 -14.15 59.65 -16.33
N ARG H 633 -13.07 59.95 -17.05
CA ARG H 633 -11.83 60.34 -16.37
C ARG H 633 -11.90 61.77 -15.86
N ALA H 634 -12.71 62.62 -16.49
CA ALA H 634 -12.89 63.98 -16.02
C ALA H 634 -13.84 64.09 -14.84
N GLY H 635 -14.58 63.02 -14.50
CA GLY H 635 -15.48 63.02 -13.37
C GLY H 635 -16.95 63.18 -13.67
N ALA H 636 -17.36 63.13 -14.94
CA ALA H 636 -18.78 63.30 -15.27
C ALA H 636 -19.56 62.00 -15.10
N LEU H 637 -18.88 60.86 -15.16
CA LEU H 637 -19.51 59.56 -15.00
C LEU H 637 -18.97 58.88 -13.75
N ALA H 638 -19.86 58.33 -12.95
CA ALA H 638 -19.51 57.70 -11.68
C ALA H 638 -19.21 56.22 -11.92
N GLY H 639 -18.10 55.75 -11.36
CA GLY H 639 -17.74 54.35 -11.46
C GLY H 639 -16.30 54.11 -11.07
N ALA H 640 -16.06 52.93 -10.51
CA ALA H 640 -14.69 52.56 -10.16
C ALA H 640 -13.93 52.03 -11.37
N LYS H 641 -14.65 51.57 -12.38
CA LYS H 641 -14.06 51.00 -13.58
C LYS H 641 -14.94 51.40 -14.77
N PRO H 642 -14.42 51.37 -16.01
CA PRO H 642 -15.22 51.90 -17.15
C PRO H 642 -16.49 51.14 -17.48
N GLU H 643 -16.58 49.84 -17.17
CA GLU H 643 -17.79 49.10 -17.52
C GLU H 643 -18.90 49.31 -16.49
N HIS H 644 -18.58 49.98 -15.38
CA HIS H 644 -19.62 50.41 -14.46
C HIS H 644 -20.26 51.73 -14.90
N ALA H 645 -19.58 52.45 -15.79
CA ALA H 645 -20.02 53.80 -16.12
C ALA H 645 -20.87 53.85 -17.38
N PHE H 646 -20.62 52.99 -18.35
CA PHE H 646 -21.35 53.05 -19.62
C PHE H 646 -21.36 51.68 -20.30
N TYR H 647 -22.12 51.59 -21.38
CA TYR H 647 -22.06 50.47 -22.33
C TYR H 647 -22.44 50.96 -23.72
N VAL H 648 -21.94 50.27 -24.74
CA VAL H 648 -22.26 50.54 -26.15
C VAL H 648 -22.51 49.21 -26.84
N LYS H 649 -23.63 49.09 -27.56
CA LYS H 649 -23.99 47.88 -28.29
C LYS H 649 -24.43 48.22 -29.71
N VAL H 650 -23.86 47.52 -30.69
CA VAL H 650 -24.28 47.64 -32.09
C VAL H 650 -23.89 46.35 -32.83
N GLY H 651 -24.79 45.81 -33.62
CA GLY H 651 -24.47 44.66 -34.44
C GLY H 651 -25.70 43.81 -34.77
N LEU H 652 -25.49 42.88 -35.70
CA LEU H 652 -26.51 41.91 -36.07
C LEU H 652 -26.60 40.83 -35.01
N GLY H 653 -27.82 40.55 -34.54
CA GLY H 653 -28.02 39.67 -33.41
C GLY H 653 -27.87 40.32 -32.06
N GLN H 654 -27.53 41.61 -32.01
CA GLN H 654 -27.47 42.37 -30.76
C GLN H 654 -28.48 43.51 -30.74
N THR H 655 -28.50 44.34 -31.77
CA THR H 655 -29.46 45.42 -31.89
C THR H 655 -30.30 45.35 -33.16
N MET H 656 -29.99 44.44 -34.09
CA MET H 656 -30.57 44.46 -35.42
C MET H 656 -30.97 43.06 -35.87
N THR H 657 -31.96 42.98 -36.75
CA THR H 657 -32.32 41.75 -37.45
C THR H 657 -31.85 41.82 -38.90
N ALA H 658 -32.00 40.69 -39.61
CA ALA H 658 -31.63 40.64 -41.01
C ALA H 658 -32.61 41.42 -41.88
N GLN H 659 -33.88 41.48 -41.44
CA GLN H 659 -34.86 42.33 -42.12
C GLN H 659 -34.52 43.81 -41.94
N ASP H 660 -33.86 44.17 -40.83
CA ASP H 660 -33.44 45.55 -40.62
C ASP H 660 -32.34 45.96 -41.60
N ILE H 661 -31.47 45.02 -41.97
CA ILE H 661 -30.36 45.32 -42.87
C ILE H 661 -30.89 45.61 -44.28
N LEU H 662 -31.89 44.85 -44.73
CA LEU H 662 -32.45 45.07 -46.07
C LEU H 662 -33.16 46.41 -46.18
N GLU H 663 -33.73 46.91 -45.07
CA GLU H 663 -34.37 48.21 -45.08
C GLU H 663 -33.40 49.37 -44.97
N GLY H 664 -32.14 49.11 -44.59
CA GLY H 664 -31.18 50.18 -44.45
C GLY H 664 -31.06 50.79 -43.06
N ASN H 665 -31.34 50.04 -42.01
CA ASN H 665 -31.32 50.55 -40.65
C ASN H 665 -30.09 50.04 -39.90
N MET H 666 -29.47 50.91 -39.11
CA MET H 666 -28.41 50.55 -38.17
C MET H 666 -28.75 51.15 -36.81
N ASN H 667 -28.82 50.30 -35.79
CA ASN H 667 -29.25 50.68 -34.44
C ASN H 667 -28.05 50.65 -33.49
N VAL H 668 -27.85 51.75 -32.75
CA VAL H 668 -26.82 51.85 -31.73
C VAL H 668 -27.48 52.19 -30.40
N GLU H 669 -27.12 51.45 -29.34
CA GLU H 669 -27.69 51.63 -28.01
C GLU H 669 -26.62 52.05 -27.02
N ILE H 670 -26.90 53.10 -26.24
CA ILE H 670 -25.93 53.74 -25.36
C ILE H 670 -26.58 53.99 -24.01
N GLY H 671 -25.98 53.46 -22.94
CA GLY H 671 -26.46 53.71 -21.58
C GLY H 671 -25.45 54.41 -20.68
N LEU H 672 -25.88 55.38 -19.88
CA LEU H 672 -24.97 56.25 -19.15
C LEU H 672 -25.32 56.30 -17.66
N ALA H 673 -24.32 56.56 -16.83
CA ALA H 673 -24.47 56.72 -15.38
C ALA H 673 -23.84 58.06 -14.98
N VAL H 674 -24.66 59.10 -14.94
CA VAL H 674 -24.19 60.47 -14.75
C VAL H 674 -24.25 60.83 -13.26
N VAL H 675 -23.26 61.62 -12.79
CA VAL H 675 -23.16 61.95 -11.37
C VAL H 675 -24.23 62.96 -10.95
N ARG H 676 -24.84 62.72 -9.80
CA ARG H 676 -25.90 63.55 -9.24
C ARG H 676 -25.34 64.45 -8.14
N PRO H 677 -25.98 65.60 -7.88
CA PRO H 677 -25.52 66.44 -6.77
C PRO H 677 -25.95 65.91 -5.40
N ALA H 678 -25.29 66.43 -4.37
CA ALA H 678 -25.60 66.11 -2.97
C ALA H 678 -26.42 67.26 -2.38
N GLU H 679 -27.74 67.09 -2.43
CA GLU H 679 -28.66 68.18 -2.09
C GLU H 679 -28.97 68.23 -0.60
N PHE H 680 -29.11 67.07 0.04
CA PHE H 680 -29.39 67.00 1.47
C PHE H 680 -28.32 66.16 2.14
N ILE H 681 -27.69 66.71 3.18
CA ILE H 681 -26.63 66.04 3.93
C ILE H 681 -27.14 65.81 5.35
N ILE H 682 -27.19 64.56 5.78
CA ILE H 682 -27.83 64.16 7.02
C ILE H 682 -26.77 63.57 7.95
N LEU H 683 -26.49 64.24 9.05
CA LEU H 683 -25.52 63.78 10.04
C LEU H 683 -26.24 63.04 11.18
N LYS H 684 -25.82 61.80 11.43
CA LYS H 684 -26.46 60.94 12.42
C LYS H 684 -25.49 60.64 13.56
N PHE H 685 -25.79 61.16 14.75
CA PHE H 685 -24.92 61.06 15.92
C PHE H 685 -25.46 60.03 16.89
N SER H 686 -24.56 59.30 17.54
CA SER H 686 -24.92 58.27 18.50
C SER H 686 -23.78 58.02 19.48
N HIS H 687 -24.13 57.45 20.64
CA HIS H 687 -23.16 57.05 21.65
C HIS H 687 -22.64 55.64 21.35
N LYS H 688 -21.36 55.41 21.64
CA LYS H 688 -20.80 54.07 21.58
C LYS H 688 -20.21 53.70 22.94
N MET H 689 -20.19 52.41 23.23
CA MET H 689 -19.74 51.92 24.54
C MET H 689 -18.23 52.05 24.69
N GLN H 690 -17.79 52.34 25.91
CA GLN H 690 -16.39 52.52 26.24
C GLN H 690 -15.63 51.21 26.20
N ALA I 2 -37.68 63.77 9.63
CA ALA I 2 -37.38 62.64 8.76
C ALA I 2 -37.62 62.99 7.30
N THR I 3 -38.31 64.11 7.07
CA THR I 3 -38.62 64.60 5.72
C THR I 3 -37.92 65.93 5.50
N TYR I 4 -37.18 66.05 4.41
CA TYR I 4 -36.41 67.24 4.11
C TYR I 4 -36.75 67.75 2.72
N LYS I 5 -37.12 69.02 2.63
CA LYS I 5 -37.50 69.66 1.38
C LYS I 5 -36.58 70.83 0.99
N THR I 6 -36.10 71.61 1.95
CA THR I 6 -35.16 72.65 1.58
C THR I 6 -33.71 72.17 1.72
N PRO I 7 -32.84 72.59 0.80
CA PRO I 7 -31.45 72.10 0.81
C PRO I 7 -30.64 72.61 2.00
N GLY I 8 -29.74 71.75 2.49
CA GLY I 8 -28.83 72.13 3.55
C GLY I 8 -28.32 70.90 4.28
N VAL I 9 -27.86 71.14 5.51
CA VAL I 9 -27.32 70.12 6.41
C VAL I 9 -28.28 69.96 7.58
N TYR I 10 -28.49 68.72 8.03
CA TYR I 10 -29.40 68.42 9.13
C TYR I 10 -28.71 67.51 10.13
N ILE I 11 -29.22 67.53 11.37
CA ILE I 11 -28.65 66.80 12.49
C ILE I 11 -29.72 65.88 13.08
N GLU I 12 -29.40 64.61 13.23
CA GLU I 12 -30.28 63.60 13.81
C GLU I 12 -29.57 62.92 14.98
N GLU I 13 -30.30 62.63 16.04
CA GLU I 13 -29.79 61.86 17.17
C GLU I 13 -30.53 60.54 17.27
N ILE I 14 -29.77 59.45 17.44
CA ILE I 14 -30.32 58.09 17.50
C ILE I 14 -30.11 57.56 18.92
N THR I 15 -31.17 56.97 19.49
CA THR I 15 -31.17 56.46 20.85
C THR I 15 -30.81 54.99 20.87
N LYS I 16 -29.75 54.64 21.62
CA LYS I 16 -29.29 53.26 21.68
C LYS I 16 -29.26 52.70 23.10
N PHE I 17 -28.81 53.48 24.08
CA PHE I 17 -28.63 52.93 25.42
C PHE I 17 -29.98 52.81 26.13
N PRO I 18 -30.19 51.78 26.94
CA PRO I 18 -31.40 51.71 27.78
C PRO I 18 -31.31 52.66 28.96
N PRO I 19 -32.43 53.08 29.54
CA PRO I 19 -32.39 53.81 30.80
C PRO I 19 -32.12 52.87 31.98
N SER I 20 -31.97 53.47 33.16
CA SER I 20 -31.68 52.70 34.36
C SER I 20 -32.81 52.84 35.38
N VAL I 21 -32.94 51.81 36.22
CA VAL I 21 -33.95 51.74 37.27
C VAL I 21 -33.44 52.43 38.52
N ALA I 22 -34.32 53.15 39.23
CA ALA I 22 -34.02 53.85 40.46
C ALA I 22 -34.67 53.14 41.63
N GLN I 23 -33.88 52.80 42.64
CA GLN I 23 -34.35 51.95 43.74
C GLN I 23 -35.12 52.76 44.79
N VAL I 24 -36.18 52.14 45.32
CA VAL I 24 -37.08 52.80 46.28
C VAL I 24 -36.66 52.44 47.70
N GLU I 25 -37.14 53.25 48.65
CA GLU I 25 -36.92 53.00 50.08
C GLU I 25 -37.67 51.75 50.53
N THR I 26 -37.15 51.08 51.56
CA THR I 26 -37.71 49.81 51.99
C THR I 26 -38.39 49.82 53.35
N ALA I 27 -38.00 50.72 54.27
CA ALA I 27 -38.58 50.71 55.61
C ALA I 27 -38.94 52.14 56.03
N ILE I 28 -40.14 52.58 55.67
CA ILE I 28 -40.75 53.81 56.14
C ILE I 28 -42.09 53.45 56.78
N PRO I 29 -42.21 53.49 58.10
CA PRO I 29 -43.49 53.14 58.74
C PRO I 29 -44.44 54.33 58.88
N ALA I 30 -45.68 54.00 59.24
CA ALA I 30 -46.72 54.98 59.53
C ALA I 30 -47.39 54.64 60.85
N PHE I 31 -47.48 55.62 61.75
CA PHE I 31 -48.07 55.44 63.07
C PHE I 31 -49.43 56.16 63.10
N ILE I 32 -50.47 55.44 63.51
CA ILE I 32 -51.85 55.90 63.45
C ILE I 32 -52.45 55.81 64.85
N GLY I 33 -52.77 56.97 65.44
CA GLY I 33 -53.31 56.98 66.79
C GLY I 33 -53.51 58.40 67.30
N TYR I 34 -53.68 58.51 68.62
CA TYR I 34 -54.04 59.77 69.27
C TYR I 34 -52.82 60.54 69.73
N THR I 35 -52.87 61.87 69.61
CA THR I 35 -51.78 62.75 70.06
C THR I 35 -52.32 63.79 71.05
N GLN I 36 -51.41 64.66 71.51
CA GLN I 36 -51.82 65.68 72.46
C GLN I 36 -52.45 66.90 71.77
N PHE I 37 -51.80 67.50 70.77
CA PHE I 37 -52.50 68.60 70.10
C PHE I 37 -52.54 68.62 68.56
N ALA I 38 -51.49 68.19 67.85
CA ALA I 38 -51.43 68.14 66.37
C ALA I 38 -51.62 69.51 65.70
N ARG I 39 -50.62 70.38 65.86
CA ARG I 39 -50.68 71.73 65.33
C ARG I 39 -49.60 71.99 64.29
N THR I 40 -49.92 72.75 63.24
CA THR I 40 -48.90 73.15 62.26
C THR I 40 -48.01 74.26 62.79
N LYS I 41 -48.62 75.26 63.44
CA LYS I 41 -47.87 76.31 64.11
C LYS I 41 -48.01 76.12 65.61
N PRO I 42 -46.92 75.87 66.33
CA PRO I 42 -47.04 75.45 67.74
C PRO I 42 -47.53 76.55 68.68
N SER I 43 -47.36 77.82 68.30
CA SER I 43 -47.83 78.90 69.17
C SER I 43 -49.33 79.12 69.03
N VAL I 44 -49.85 79.04 67.80
CA VAL I 44 -51.26 79.27 67.53
C VAL I 44 -52.04 78.00 67.85
N ASP I 45 -53.08 78.12 68.68
CA ASP I 45 -53.81 76.98 69.25
C ASP I 45 -54.92 76.55 68.30
N SER I 46 -54.58 75.73 67.32
CA SER I 46 -55.56 75.20 66.37
C SER I 46 -55.10 73.84 65.88
N ASP I 47 -55.95 72.83 66.05
CA ASP I 47 -55.63 71.46 65.65
C ASP I 47 -56.01 71.27 64.19
N ASP I 48 -55.16 71.76 63.29
CA ASP I 48 -55.40 71.60 61.86
C ASP I 48 -54.63 70.43 61.24
N LEU I 49 -53.97 69.60 62.06
CA LEU I 49 -53.29 68.41 61.58
C LEU I 49 -54.03 67.13 61.98
N ILE I 50 -55.36 67.15 62.05
CA ILE I 50 -56.10 66.05 62.67
C ILE I 50 -56.02 64.79 61.83
N LEU I 51 -56.42 64.86 60.55
CA LEU I 51 -56.32 63.70 59.67
C LEU I 51 -55.45 63.96 58.45
N LYS I 52 -54.29 64.59 58.64
CA LYS I 52 -53.34 64.87 57.57
C LYS I 52 -52.04 64.15 57.85
N PRO I 53 -51.54 63.31 56.94
CA PRO I 53 -50.24 62.65 57.16
C PRO I 53 -49.09 63.64 57.03
N LYS I 54 -48.14 63.52 57.96
CA LYS I 54 -46.98 64.41 58.01
C LYS I 54 -45.71 63.59 58.25
N ARG I 55 -44.66 63.94 57.52
CA ARG I 55 -43.37 63.25 57.60
C ARG I 55 -42.44 63.96 58.57
N ILE I 56 -42.01 63.26 59.61
CA ILE I 56 -41.09 63.79 60.62
C ILE I 56 -39.77 63.02 60.52
N SER I 57 -38.78 63.44 61.28
CA SER I 57 -37.44 62.87 61.18
C SER I 57 -36.82 62.46 62.52
N SER I 58 -37.32 62.96 63.64
CA SER I 58 -36.73 62.64 64.94
C SER I 58 -37.79 62.78 66.01
N LEU I 59 -37.41 62.46 67.24
CA LEU I 59 -38.33 62.60 68.36
C LEU I 59 -38.54 64.07 68.71
N LEU I 60 -37.57 64.93 68.41
CA LEU I 60 -37.74 66.35 68.68
C LEU I 60 -38.71 66.99 67.70
N ASP I 61 -38.80 66.45 66.49
CA ASP I 61 -39.80 66.90 65.53
C ASP I 61 -41.20 66.52 65.96
N PHE I 62 -41.35 65.41 66.68
CA PHE I 62 -42.68 64.96 67.08
C PHE I 62 -43.27 65.85 68.16
N THR I 63 -42.47 66.21 69.18
CA THR I 63 -43.01 66.96 70.30
C THR I 63 -43.26 68.42 69.94
N THR I 64 -42.64 68.90 68.86
CA THR I 64 -42.90 70.24 68.36
C THR I 64 -44.34 70.35 67.84
N TYR I 65 -44.75 69.38 67.01
CA TYR I 65 -46.05 69.45 66.37
C TYR I 65 -47.14 68.70 67.14
N TYR I 66 -46.78 67.70 67.93
CA TYR I 66 -47.78 66.83 68.56
C TYR I 66 -47.73 66.77 70.07
N GLY I 67 -46.60 67.09 70.70
CA GLY I 67 -46.51 67.07 72.16
C GLY I 67 -46.00 65.76 72.72
N GLY I 68 -46.34 65.52 73.99
CA GLY I 68 -45.90 64.33 74.69
C GLY I 68 -47.02 63.42 75.18
N ALA I 69 -46.76 62.68 76.25
CA ALA I 69 -47.72 61.73 76.80
C ALA I 69 -48.69 62.42 77.76
N GLN I 70 -49.68 61.65 78.22
CA GLN I 70 -50.67 62.13 79.17
C GLN I 70 -50.23 61.81 80.60
N ASN I 71 -50.44 62.76 81.50
CA ASN I 71 -50.13 62.56 82.91
C ASN I 71 -51.03 61.49 83.53
N GLU I 72 -50.43 60.59 84.30
CA GLU I 72 -51.20 59.53 84.94
C GLU I 72 -52.00 60.06 86.12
N GLN I 73 -53.18 59.48 86.34
CA GLN I 73 -54.07 59.91 87.40
C GLN I 73 -54.27 58.88 88.50
N GLY I 74 -53.62 57.73 88.41
CA GLY I 74 -53.81 56.64 89.36
C GLY I 74 -52.69 56.37 90.35
N ILE I 75 -51.91 57.39 90.71
CA ILE I 75 -50.78 57.18 91.65
C ILE I 75 -51.16 57.65 93.07
N THR I 76 -50.89 56.82 94.08
CA THR I 76 -51.17 57.12 95.47
C THR I 76 -49.91 56.93 96.31
N VAL I 77 -49.73 57.80 97.31
CA VAL I 77 -48.57 57.77 98.20
C VAL I 77 -49.06 57.65 99.64
N LYS I 78 -48.46 56.74 100.40
CA LYS I 78 -48.81 56.46 101.79
C LYS I 78 -47.59 56.64 102.68
N LEU I 79 -47.77 57.32 103.82
CA LEU I 79 -46.72 57.52 104.81
C LEU I 79 -47.18 57.01 106.17
N THR I 80 -46.30 56.31 106.87
CA THR I 80 -46.62 55.76 108.19
C THR I 80 -45.43 55.92 109.14
N ASP I 81 -45.67 56.52 110.30
CA ASP I 81 -44.68 56.64 111.36
C ASP I 81 -45.01 55.66 112.48
N THR I 82 -44.00 54.94 112.95
CA THR I 82 -44.18 53.85 113.89
C THR I 82 -43.08 53.94 114.94
N LEU I 83 -43.31 53.32 116.10
CA LEU I 83 -42.30 53.18 117.14
C LEU I 83 -42.10 51.71 117.46
N ILE I 84 -40.86 51.22 117.31
CA ILE I 84 -40.52 49.82 117.56
C ILE I 84 -39.48 49.80 118.68
N GLU I 85 -39.95 49.44 119.88
CA GLU I 85 -39.20 49.43 121.16
C GLU I 85 -38.37 50.70 121.36
N GLY I 86 -38.99 51.85 121.14
CA GLY I 86 -38.33 53.12 121.32
C GLY I 86 -37.53 53.63 120.14
N ALA I 87 -37.55 52.92 119.02
CA ALA I 87 -36.82 53.32 117.83
C ALA I 87 -37.82 53.69 116.73
N GLU I 88 -37.51 54.77 116.00
CA GLU I 88 -38.43 55.28 114.98
C GLU I 88 -38.34 54.42 113.72
N ASN I 89 -39.47 54.28 113.03
CA ASN I 89 -39.54 53.57 111.75
C ASN I 89 -40.51 54.30 110.85
N ARG I 90 -40.06 54.62 109.63
CA ARG I 90 -40.87 55.31 108.63
C ARG I 90 -41.04 54.39 107.43
N THR I 91 -42.28 54.26 106.96
CA THR I 91 -42.63 53.39 105.84
C THR I 91 -43.24 54.23 104.72
N ILE I 92 -42.75 54.06 103.50
CA ILE I 92 -43.28 54.72 102.32
C ILE I 92 -43.77 53.66 101.36
N ASN I 93 -45.03 53.74 100.96
CA ASN I 93 -45.68 52.73 100.13
C ASN I 93 -46.30 53.37 98.91
N VAL I 94 -45.74 53.06 97.74
CA VAL I 94 -46.31 53.46 96.45
C VAL I 94 -46.60 52.19 95.67
N PRO I 95 -47.85 51.74 95.59
CA PRO I 95 -48.16 50.56 94.78
C PRO I 95 -48.19 50.90 93.29
N GLU I 96 -48.04 49.86 92.48
CA GLU I 96 -48.16 50.05 91.03
C GLU I 96 -49.63 50.29 90.67
N PRO I 97 -49.90 51.24 89.77
CA PRO I 97 -51.30 51.63 89.52
C PRO I 97 -52.05 50.57 88.72
N THR I 98 -53.29 50.33 89.12
CA THR I 98 -54.18 49.41 88.41
C THR I 98 -54.98 50.07 87.30
N PHE I 99 -55.04 51.40 87.28
CA PHE I 99 -55.72 52.15 86.24
C PHE I 99 -54.69 53.02 85.52
N LYS I 100 -54.46 52.74 84.25
CA LYS I 100 -53.45 53.43 83.45
C LYS I 100 -54.12 54.19 82.32
N SER I 101 -53.35 55.08 81.70
CA SER I 101 -53.83 55.80 80.53
C SER I 101 -53.82 54.88 79.31
N PRO I 102 -54.81 54.96 78.42
CA PRO I 102 -54.85 54.03 77.28
C PRO I 102 -54.01 54.47 76.09
N TYR I 103 -53.31 55.59 76.19
CA TYR I 103 -52.56 56.17 75.08
C TYR I 103 -51.11 55.72 75.14
N LEU I 104 -50.58 55.22 74.03
CA LEU I 104 -49.26 54.61 74.01
C LEU I 104 -48.38 55.09 72.87
N MET I 105 -48.74 56.19 72.21
CA MET I 105 -48.07 56.58 70.96
C MET I 105 -46.70 57.21 71.23
N PHE I 106 -46.61 58.07 72.25
CA PHE I 106 -45.34 58.72 72.57
C PHE I 106 -44.32 57.71 73.11
N TYR I 107 -44.79 56.71 73.85
CA TYR I 107 -43.89 55.67 74.35
C TYR I 107 -43.36 54.79 73.23
N SER I 108 -44.20 54.50 72.23
CA SER I 108 -43.79 53.63 71.13
C SER I 108 -42.79 54.31 70.20
N LEU I 109 -42.87 55.63 70.08
CA LEU I 109 -41.90 56.35 69.24
C LEU I 109 -40.55 56.46 69.94
N GLN I 110 -40.55 56.44 71.28
CA GLN I 110 -39.29 56.36 72.02
C GLN I 110 -38.59 55.03 71.78
N MET I 111 -39.37 53.94 71.68
CA MET I 111 -38.78 52.63 71.44
C MET I 111 -38.29 52.49 70.00
N TYR I 112 -38.96 53.18 69.07
CA TYR I 112 -38.61 53.09 67.65
C TYR I 112 -37.27 53.78 67.36
N PHE I 113 -37.08 54.99 67.89
CA PHE I 113 -35.84 55.71 67.63
C PHE I 113 -34.67 55.13 68.42
N ALA I 114 -34.96 54.42 69.52
CA ALA I 114 -33.88 53.81 70.30
C ALA I 114 -33.36 52.54 69.67
N ASN I 115 -34.10 51.96 68.73
CA ASN I 115 -33.70 50.71 68.09
C ASN I 115 -33.22 50.90 66.65
N GLY I 116 -33.09 52.14 66.20
CA GLY I 116 -32.48 52.43 64.92
C GLY I 116 -33.41 52.94 63.84
N GLY I 117 -34.53 53.55 64.20
CA GLY I 117 -35.46 54.02 63.19
C GLY I 117 -35.06 55.35 62.58
N GLY I 118 -35.56 55.59 61.37
CA GLY I 118 -35.33 56.82 60.66
C GLY I 118 -36.60 57.63 60.45
N PRO I 119 -36.78 58.18 59.25
CA PRO I 119 -37.98 58.98 58.98
C PRO I 119 -39.24 58.13 58.88
N CYS I 120 -40.35 58.69 59.37
CA CYS I 120 -41.62 57.99 59.43
C CYS I 120 -42.76 58.99 59.25
N TYR I 121 -43.97 58.47 59.08
CA TYR I 121 -45.16 59.28 58.89
C TYR I 121 -46.08 59.18 60.10
N ILE I 122 -46.70 60.31 60.45
CA ILE I 122 -47.61 60.41 61.59
C ILE I 122 -49.01 60.71 61.07
N VAL I 123 -49.98 59.90 61.47
CA VAL I 123 -51.39 60.13 61.19
C VAL I 123 -52.13 60.21 62.51
N SER I 124 -52.47 61.41 62.93
CA SER I 124 -53.28 61.61 64.12
C SER I 124 -54.71 61.14 63.86
N THR I 125 -55.43 60.77 64.92
CA THR I 125 -56.84 60.42 64.80
C THR I 125 -57.73 61.22 65.74
N GLY I 126 -57.17 62.21 66.43
CA GLY I 126 -57.89 62.93 67.44
C GLY I 126 -56.95 63.28 68.58
N VAL I 127 -57.50 63.95 69.59
CA VAL I 127 -56.71 64.38 70.74
C VAL I 127 -57.17 63.60 71.97
N TYR I 128 -56.45 63.81 73.07
CA TYR I 128 -56.73 63.08 74.31
C TYR I 128 -58.05 63.53 74.92
N ASP I 129 -58.75 62.60 75.56
CA ASP I 129 -59.89 62.90 76.39
C ASP I 129 -59.46 62.89 77.86
N ASP I 130 -60.24 63.57 78.69
CA ASP I 130 -59.94 63.72 80.11
C ASP I 130 -60.48 62.53 80.91
N TRP I 131 -59.86 62.29 82.06
CA TRP I 131 -60.36 61.31 83.00
C TRP I 131 -61.59 61.86 83.71
N SER I 132 -62.60 61.02 83.88
CA SER I 132 -63.78 61.43 84.64
C SER I 132 -63.52 61.48 86.13
N ASP I 133 -62.84 60.48 86.68
CA ASP I 133 -62.29 60.54 88.03
C ASP I 133 -61.05 59.66 88.07
N SER I 134 -60.61 59.32 89.28
CA SER I 134 -59.30 58.69 89.45
C SER I 134 -59.32 57.21 89.09
N GLU I 135 -60.48 56.63 88.86
CA GLU I 135 -60.59 55.22 88.51
C GLU I 135 -61.35 54.96 87.21
N THR I 136 -61.52 55.97 86.36
CA THR I 136 -62.14 55.78 85.06
C THR I 136 -61.31 56.46 84.00
N PRO I 137 -60.40 55.74 83.34
CA PRO I 137 -59.66 56.31 82.20
C PRO I 137 -60.54 56.43 80.97
N PRO I 138 -60.17 57.25 80.00
CA PRO I 138 -60.96 57.36 78.77
C PRO I 138 -60.87 56.11 77.90
N THR I 139 -61.71 56.08 76.87
CA THR I 139 -61.87 54.93 76.00
C THR I 139 -61.35 55.24 74.60
N ILE I 140 -61.09 54.17 73.85
CA ILE I 140 -60.57 54.25 72.48
C ILE I 140 -61.66 53.75 71.53
N ASN I 141 -61.92 54.52 70.47
CA ASN I 141 -63.04 54.24 69.57
C ASN I 141 -62.54 53.54 68.31
N PHE I 142 -63.31 52.56 67.84
CA PHE I 142 -62.97 51.82 66.63
C PHE I 142 -63.11 52.68 65.38
N SER I 143 -64.07 53.62 65.39
CA SER I 143 -64.37 54.39 64.20
C SER I 143 -63.31 55.46 63.90
N ASP I 144 -62.51 55.85 64.89
CA ASP I 144 -61.42 56.78 64.66
C ASP I 144 -60.22 56.11 64.01
N LEU I 145 -59.87 54.89 64.44
CA LEU I 145 -58.71 54.20 63.90
C LEU I 145 -58.94 53.72 62.47
N GLU I 146 -60.19 53.36 62.12
CA GLU I 146 -60.45 52.95 60.74
C GLU I 146 -60.50 54.15 59.81
N SER I 147 -60.86 55.31 60.34
CA SER I 147 -60.83 56.55 59.56
C SER I 147 -59.40 56.97 59.25
N GLY I 148 -58.46 56.62 60.13
CA GLY I 148 -57.06 56.92 59.86
C GLY I 148 -56.46 56.01 58.79
N LEU I 149 -56.97 54.79 58.68
CA LEU I 149 -56.49 53.85 57.67
C LEU I 149 -56.94 54.25 56.27
N ALA I 150 -58.04 55.01 56.17
CA ALA I 150 -58.54 55.41 54.85
C ALA I 150 -57.71 56.53 54.23
N VAL I 151 -57.09 57.38 55.06
CA VAL I 151 -56.32 58.48 54.52
C VAL I 151 -54.89 58.03 54.19
N ILE I 152 -54.43 56.93 54.79
CA ILE I 152 -53.08 56.46 54.49
C ILE I 152 -53.06 55.67 53.19
N ARG I 153 -54.23 55.30 52.67
CA ARG I 153 -54.36 54.63 51.38
C ARG I 153 -53.96 55.54 50.23
N LYS I 154 -54.10 56.86 50.43
CA LYS I 154 -53.79 57.84 49.41
C LYS I 154 -52.32 58.26 49.40
N GLU I 155 -51.52 57.81 50.36
CA GLU I 155 -50.09 58.15 50.38
C GLU I 155 -49.28 57.05 49.71
N ASP I 156 -48.19 57.45 49.05
CA ASP I 156 -47.38 56.56 48.25
C ASP I 156 -46.18 55.98 48.98
N GLU I 157 -45.50 56.77 49.79
CA GLU I 157 -44.18 56.44 50.36
C GLU I 157 -44.10 55.42 51.51
N PRO I 158 -45.05 55.34 52.48
CA PRO I 158 -44.87 54.35 53.57
C PRO I 158 -44.92 52.89 53.11
N THR I 159 -44.16 52.05 53.80
CA THR I 159 -44.07 50.61 53.52
C THR I 159 -44.55 49.74 54.67
N LEU I 160 -44.88 50.32 55.82
CA LEU I 160 -45.25 49.55 57.02
C LEU I 160 -46.40 50.23 57.77
N LEU I 161 -47.35 49.43 58.25
CA LEU I 161 -48.56 49.91 58.91
C LEU I 161 -48.60 49.45 60.36
N LEU I 162 -48.85 50.39 61.29
CA LEU I 162 -48.89 50.12 62.72
C LEU I 162 -50.00 50.91 63.40
N PHE I 163 -50.54 50.33 64.47
CA PHE I 163 -51.59 50.94 65.31
C PHE I 163 -51.18 50.81 66.77
N PRO I 164 -50.53 51.83 67.35
CA PRO I 164 -49.96 51.67 68.70
C PRO I 164 -50.96 51.64 69.85
N ASP I 165 -52.22 52.04 69.65
CA ASP I 165 -53.19 52.11 70.73
C ASP I 165 -54.19 50.95 70.70
N ALA I 166 -53.99 50.02 69.77
CA ALA I 166 -55.03 49.05 69.41
C ALA I 166 -55.29 47.98 70.46
N THR I 167 -54.32 47.65 71.32
CA THR I 167 -54.55 46.64 72.34
C THR I 167 -55.46 47.10 73.47
N ASN I 168 -55.77 48.40 73.55
CA ASN I 168 -56.68 48.93 74.55
C ASN I 168 -58.08 49.16 74.00
N LEU I 169 -58.42 48.51 72.90
CA LEU I 169 -59.75 48.55 72.31
C LEU I 169 -60.72 47.77 73.20
N PRO I 170 -62.02 48.11 73.19
CA PRO I 170 -62.95 47.50 74.17
C PRO I 170 -63.20 46.01 74.01
N THR I 171 -63.41 45.50 72.79
CA THR I 171 -63.60 44.07 72.57
C THR I 171 -62.48 43.54 71.69
N ASP I 172 -62.30 42.22 71.74
CA ASP I 172 -61.27 41.59 70.90
C ASP I 172 -61.74 41.45 69.45
N ASP I 173 -63.07 41.40 69.23
CA ASP I 173 -63.59 41.33 67.87
C ASP I 173 -63.30 42.61 67.09
N GLU I 174 -63.29 43.76 67.76
CA GLU I 174 -62.89 44.99 67.10
C GLU I 174 -61.40 44.99 66.77
N PHE I 175 -60.60 44.36 67.63
CA PHE I 175 -59.15 44.29 67.42
C PHE I 175 -58.80 43.46 66.19
N TYR I 176 -59.44 42.30 66.02
CA TYR I 176 -59.14 41.44 64.88
C TYR I 176 -59.70 42.03 63.58
N SER I 177 -60.85 42.69 63.67
CA SER I 177 -61.48 43.27 62.48
C SER I 177 -60.68 44.46 61.94
N LEU I 178 -59.96 45.16 62.81
CA LEU I 178 -59.09 46.25 62.35
C LEU I 178 -57.90 45.71 61.59
N TYR I 179 -57.34 44.58 62.03
CA TYR I 179 -56.17 44.03 61.35
C TYR I 179 -56.56 43.24 60.10
N ASN I 180 -57.82 42.84 59.97
CA ASN I 180 -58.28 42.26 58.72
C ASN I 180 -58.39 43.33 57.63
N SER I 181 -58.66 44.58 58.03
CA SER I 181 -58.77 45.67 57.06
C SER I 181 -57.41 46.12 56.56
N ALA I 182 -56.38 46.01 57.40
CA ALA I 182 -55.03 46.40 56.99
C ALA I 182 -54.45 45.40 55.98
N LEU I 183 -54.76 44.11 56.14
CA LEU I 183 -54.26 43.12 55.20
C LEU I 183 -54.97 43.19 53.85
N MET I 184 -56.22 43.67 53.82
CA MET I 184 -56.90 43.88 52.55
C MET I 184 -56.34 45.09 51.80
N GLN I 185 -55.88 46.11 52.53
CA GLN I 185 -55.21 47.23 51.88
C GLN I 185 -53.84 46.82 51.35
N CYS I 186 -53.14 45.91 52.04
CA CYS I 186 -51.83 45.47 51.57
C CYS I 186 -51.95 44.55 50.36
N ASN I 187 -53.09 43.88 50.20
CA ASN I 187 -53.33 43.09 49.00
C ASN I 187 -53.62 43.98 47.80
N ASP I 188 -54.38 45.06 48.01
CA ASP I 188 -54.79 45.91 46.89
C ASP I 188 -53.64 46.76 46.37
N LEU I 189 -52.94 47.46 47.26
CA LEU I 189 -51.86 48.34 46.82
C LEU I 189 -50.61 47.55 46.47
N GLN I 190 -50.51 46.31 46.95
CA GLN I 190 -49.45 45.32 46.76
C GLN I 190 -48.03 45.87 46.93
N ASP I 191 -47.82 46.80 47.86
CA ASP I 191 -46.50 47.36 48.12
C ASP I 191 -46.21 47.61 49.60
N ARG I 192 -46.99 47.04 50.53
CA ARG I 192 -46.85 47.31 51.95
C ARG I 192 -46.83 46.00 52.75
N PHE I 193 -46.61 46.14 54.05
CA PHE I 193 -46.49 45.01 54.97
C PHE I 193 -47.00 45.45 56.35
N THR I 194 -47.59 44.52 57.10
CA THR I 194 -48.23 44.82 58.38
C THR I 194 -47.55 44.04 59.51
N ILE I 195 -47.39 44.69 60.66
CA ILE I 195 -46.81 44.07 61.87
C ILE I 195 -47.91 43.97 62.93
N LEU I 196 -48.14 42.76 63.43
CA LEU I 196 -49.25 42.46 64.33
C LEU I 196 -48.75 42.08 65.72
N ASP I 197 -49.63 42.23 66.71
CA ASP I 197 -49.45 41.69 68.04
C ASP I 197 -50.67 40.85 68.42
N THR I 198 -50.62 40.26 69.60
CA THR I 198 -51.78 39.62 70.19
C THR I 198 -52.59 40.64 70.98
N TYR I 199 -53.79 40.23 71.38
CA TYR I 199 -54.67 41.12 72.13
C TYR I 199 -54.17 41.31 73.55
N SER I 200 -53.59 40.27 74.14
CA SER I 200 -53.03 40.32 75.47
C SER I 200 -51.82 39.40 75.52
N ASP I 201 -51.04 39.53 76.59
CA ASP I 201 -49.92 38.63 76.84
C ASP I 201 -50.30 37.50 77.80
N GLN I 202 -51.45 37.57 78.43
CA GLN I 202 -51.95 36.53 79.32
C GLN I 202 -53.34 36.12 78.89
N THR I 203 -53.88 35.11 79.59
CA THR I 203 -55.25 34.67 79.39
C THR I 203 -56.24 35.78 79.78
N TYR I 204 -57.14 36.12 78.85
CA TYR I 204 -58.08 37.21 79.06
C TYR I 204 -59.50 36.70 79.01
N ASN I 205 -60.41 37.47 79.62
CA ASN I 205 -61.82 37.13 79.66
C ASN I 205 -62.56 37.80 78.51
N ASP I 206 -63.39 37.02 77.82
CA ASP I 206 -64.16 37.50 76.68
C ASP I 206 -65.58 37.93 77.05
N GLY I 207 -65.98 37.75 78.30
CA GLY I 207 -67.35 37.95 78.72
C GLY I 207 -68.12 36.66 78.90
N VAL I 208 -67.89 35.67 78.04
CA VAL I 208 -68.45 34.33 78.22
C VAL I 208 -67.42 33.30 78.61
N GLU I 209 -66.19 33.38 78.10
CA GLU I 209 -65.19 32.33 78.30
C GLU I 209 -63.84 32.98 78.58
N ASP I 210 -62.87 32.15 78.95
CA ASP I 210 -61.48 32.56 79.09
C ASP I 210 -60.69 31.99 77.91
N LEU I 211 -59.86 32.83 77.29
CA LEU I 211 -59.18 32.46 76.06
C LEU I 211 -57.67 32.65 76.21
N ASP I 212 -56.93 31.75 75.58
CA ASP I 212 -55.48 31.88 75.48
C ASP I 212 -55.13 32.79 74.31
N PRO I 213 -54.04 33.58 74.39
CA PRO I 213 -53.78 34.61 73.37
C PRO I 213 -53.41 34.11 71.97
N ILE I 214 -52.60 33.05 71.92
CA ILE I 214 -52.14 32.51 70.61
C ILE I 214 -53.30 31.86 69.86
N PRO I 215 -54.11 30.91 70.40
CA PRO I 215 -55.23 30.35 69.61
C PRO I 215 -56.36 31.34 69.33
N ALA I 216 -56.46 32.43 70.07
CA ALA I 216 -57.50 33.42 69.80
C ALA I 216 -57.14 34.31 68.61
N LEU I 217 -55.83 34.54 68.40
CA LEU I 217 -55.39 35.28 67.23
C LEU I 217 -55.52 34.44 65.96
N ARG I 218 -55.42 33.11 66.09
CA ARG I 218 -55.55 32.24 64.92
C ARG I 218 -57.01 32.12 64.49
N ASN I 219 -57.96 32.36 65.41
CA ASN I 219 -59.37 32.38 65.04
C ASN I 219 -59.80 33.72 64.46
N GLY I 220 -59.27 34.83 64.97
CA GLY I 220 -59.76 36.14 64.57
C GLY I 220 -59.33 36.56 63.18
N ILE I 221 -58.18 36.10 62.72
CA ILE I 221 -57.68 36.40 61.38
C ILE I 221 -58.11 35.26 60.47
N ASN I 222 -59.13 35.49 59.63
CA ASN I 222 -59.78 34.41 58.90
C ASN I 222 -59.74 34.57 57.38
N LEU I 223 -58.60 34.98 56.83
CA LEU I 223 -58.46 35.14 55.38
C LEU I 223 -57.54 34.05 54.80
N THR I 224 -57.53 33.96 53.47
CA THR I 224 -56.71 32.98 52.78
C THR I 224 -55.26 33.48 52.62
N LYS I 225 -54.45 32.65 51.99
CA LYS I 225 -53.02 32.90 51.87
C LYS I 225 -52.67 34.19 51.13
N ASP I 226 -53.45 34.54 50.11
CA ASP I 226 -53.17 35.73 49.32
C ASP I 226 -53.26 37.01 50.15
N TYR I 227 -53.79 36.92 51.37
CA TYR I 227 -53.80 38.01 52.33
C TYR I 227 -52.83 37.80 53.48
N LEU I 228 -52.62 36.55 53.90
CA LEU I 228 -51.79 36.25 55.06
C LEU I 228 -50.30 36.45 54.79
N LYS I 229 -49.89 36.49 53.52
CA LYS I 229 -48.50 36.67 53.17
C LYS I 229 -47.99 38.09 53.40
N TYR I 230 -48.87 39.04 53.71
CA TYR I 230 -48.50 40.43 53.92
C TYR I 230 -48.39 40.82 55.40
N GLY I 231 -48.37 39.85 56.32
CA GLY I 231 -48.26 40.21 57.73
C GLY I 231 -47.42 39.24 58.53
N ALA I 232 -47.00 39.72 59.71
CA ALA I 232 -46.20 38.96 60.66
C ALA I 232 -46.59 39.34 62.09
N ALA I 233 -46.51 38.36 62.99
CA ALA I 233 -46.99 38.51 64.36
C ALA I 233 -45.91 38.12 65.37
N TYR I 234 -45.87 38.84 66.49
CA TYR I 234 -44.84 38.67 67.50
C TYR I 234 -45.48 38.51 68.88
N TYR I 235 -44.76 37.81 69.76
CA TYR I 235 -45.25 37.44 71.08
C TYR I 235 -44.05 37.15 71.96
N PRO I 236 -44.11 37.46 73.27
CA PRO I 236 -45.03 38.22 74.11
C PRO I 236 -44.72 39.72 74.19
N PHE I 237 -45.16 40.38 75.26
CA PHE I 237 -44.89 41.81 75.44
C PHE I 237 -43.48 42.02 75.99
N VAL I 238 -43.04 43.28 76.04
CA VAL I 238 -41.69 43.62 76.51
C VAL I 238 -41.76 44.65 77.64
N GLN I 239 -40.87 44.50 78.62
CA GLN I 239 -40.73 45.43 79.77
C GLN I 239 -39.58 46.39 79.43
N THR I 240 -39.79 47.70 79.57
CA THR I 240 -38.86 48.72 79.13
C THR I 240 -38.20 49.41 80.31
N ILE I 241 -37.32 50.37 80.03
CA ILE I 241 -36.60 51.16 81.02
C ILE I 241 -37.25 52.53 81.24
N LEU I 242 -38.40 52.79 80.62
CA LEU I 242 -39.02 54.10 80.64
C LEU I 242 -39.87 54.31 81.89
N ASN I 243 -39.99 55.57 82.30
CA ASN I 243 -40.84 55.97 83.41
C ASN I 243 -42.16 56.53 82.90
N TYR I 244 -43.19 56.45 83.73
CA TYR I 244 -44.49 57.05 83.43
C TYR I 244 -44.40 58.57 83.51
N GLN I 245 -45.24 59.22 82.70
CA GLN I 245 -45.37 60.67 82.70
C GLN I 245 -46.41 61.09 83.74
N TYR I 246 -46.03 62.01 84.63
CA TYR I 246 -46.93 62.45 85.68
C TYR I 246 -46.59 63.88 86.08
N SER I 247 -47.52 64.50 86.80
CA SER I 247 -47.34 65.86 87.31
C SER I 247 -47.39 65.85 88.83
N ALA I 248 -46.46 66.59 89.45
CA ALA I 248 -46.38 66.62 90.91
C ALA I 248 -47.47 67.50 91.54
N ASP I 249 -48.15 68.32 90.74
CA ASP I 249 -49.24 69.15 91.23
C ASP I 249 -50.52 68.37 91.53
N GLU I 250 -50.59 67.11 91.13
CA GLU I 250 -51.81 66.31 91.26
C GLU I 250 -51.65 65.11 92.18
N ILE I 251 -50.53 64.99 92.87
CA ILE I 251 -50.28 63.88 93.79
C ILE I 251 -50.64 64.36 95.20
N VAL I 252 -51.49 63.60 95.89
CA VAL I 252 -51.92 63.93 97.24
C VAL I 252 -51.33 62.91 98.21
N ILE I 253 -50.79 63.40 99.33
CA ILE I 253 -50.16 62.56 100.34
C ILE I 253 -51.18 62.25 101.43
N GLN I 254 -51.17 61.01 101.93
CA GLN I 254 -51.89 60.65 103.15
C GLN I 254 -50.88 60.16 104.19
N HIS I 255 -50.86 60.84 105.33
CA HIS I 255 -49.81 60.69 106.35
C HIS I 255 -50.44 60.28 107.67
N LEU I 256 -50.05 59.11 108.16
CA LEU I 256 -50.47 58.61 109.46
C LEU I 256 -49.28 58.64 110.41
N SER I 257 -49.42 59.38 111.51
CA SER I 257 -48.32 59.57 112.45
C SER I 257 -48.82 59.36 113.87
N TYR I 258 -47.90 58.98 114.76
CA TYR I 258 -48.25 58.82 116.17
C TYR I 258 -48.40 60.17 116.85
N ASN I 259 -47.71 61.19 116.34
CA ASN I 259 -47.82 62.54 116.86
C ASN I 259 -48.73 63.35 115.94
N PRO I 260 -50.01 63.51 116.27
CA PRO I 260 -50.89 64.26 115.37
C PRO I 260 -50.81 65.76 115.57
N ASN I 261 -50.27 66.46 114.57
CA ASN I 261 -50.27 67.92 114.57
C ASN I 261 -50.78 68.49 113.26
N ALA I 262 -51.74 67.82 112.63
CA ALA I 262 -52.29 68.29 111.37
C ALA I 262 -53.13 69.53 111.55
N ILE I 263 -53.98 69.55 112.57
CA ILE I 263 -54.85 70.71 112.80
C ILE I 263 -54.06 71.85 113.42
N ALA I 264 -53.06 71.51 114.24
CA ALA I 264 -52.25 72.53 114.89
C ALA I 264 -51.36 73.26 113.88
N THR I 265 -50.82 72.53 112.89
CA THR I 265 -50.02 73.18 111.86
C THR I 265 -50.91 73.97 110.90
N ALA I 266 -52.15 73.52 110.71
CA ALA I 266 -53.09 74.27 109.91
C ALA I 266 -53.57 75.53 110.64
N LEU I 267 -53.55 75.50 111.96
CA LEU I 267 -53.95 76.68 112.73
C LEU I 267 -52.87 77.75 112.70
N ASP I 268 -51.59 77.34 112.75
CA ASP I 268 -50.49 78.29 112.87
C ASP I 268 -50.32 79.10 111.61
N ASN I 269 -50.59 78.51 110.44
CA ASN I 269 -50.53 79.25 109.19
C ASN I 269 -51.71 80.22 109.07
N LEU I 270 -52.89 79.78 109.49
CA LEU I 270 -54.08 80.61 109.33
C LEU I 270 -54.17 81.69 110.40
N ASN I 271 -53.55 81.47 111.56
CA ASN I 271 -53.50 82.52 112.57
C ASN I 271 -52.49 83.59 112.18
N ALA I 272 -51.43 83.20 111.47
CA ALA I 272 -50.40 84.16 111.08
C ALA I 272 -50.88 85.05 109.94
N VAL I 273 -51.71 84.52 109.05
CA VAL I 273 -52.17 85.33 107.91
C VAL I 273 -53.26 86.30 108.35
N ASN I 274 -53.90 86.02 109.49
CA ASN I 274 -54.95 86.89 110.03
C ASN I 274 -54.30 87.93 110.95
N GLY I 275 -53.57 88.85 110.33
CA GLY I 275 -52.86 89.88 111.05
C GLY I 275 -52.99 91.25 110.41
N PRO I 276 -52.62 92.30 111.15
CA PRO I 276 -52.69 93.66 110.58
C PRO I 276 -51.64 93.93 109.52
N THR I 277 -50.43 93.40 109.67
CA THR I 277 -49.40 93.64 108.65
C THR I 277 -49.62 92.75 107.43
N PHE I 278 -50.34 91.65 107.59
CA PHE I 278 -50.40 90.65 106.54
C PHE I 278 -51.54 90.91 105.55
N ILE I 279 -52.79 90.89 106.03
CA ILE I 279 -53.95 90.96 105.16
C ILE I 279 -54.67 92.30 105.26
N ASP I 280 -54.48 93.03 106.36
CA ASP I 280 -55.08 94.35 106.48
C ASP I 280 -54.29 95.39 105.69
N ALA I 281 -53.00 95.13 105.46
CA ALA I 281 -52.17 96.05 104.69
C ALA I 281 -52.45 95.94 103.21
N ILE I 282 -53.10 94.85 102.77
CA ILE I 282 -53.49 94.73 101.38
C ILE I 282 -54.73 95.56 101.09
N LEU I 283 -55.60 95.69 102.10
CA LEU I 283 -56.94 96.22 101.83
C LEU I 283 -56.97 97.74 101.89
N ASP I 284 -56.20 98.35 102.80
CA ASP I 284 -56.23 99.80 102.93
C ASP I 284 -55.49 100.48 101.78
N ASP I 285 -54.58 99.75 101.14
CA ASP I 285 -53.91 100.27 99.95
C ASP I 285 -54.88 100.38 98.79
N LEU I 286 -55.82 99.44 98.69
CA LEU I 286 -56.78 99.45 97.59
C LEU I 286 -57.78 100.60 97.74
N ARG I 287 -58.17 100.92 98.97
CA ARG I 287 -59.05 102.05 99.21
C ARG I 287 -58.31 103.22 99.84
N ASN I 321 -51.25 112.75 75.30
CA ASN I 321 -49.99 112.54 74.62
C ASN I 321 -49.26 111.31 75.16
N SER I 322 -47.96 111.22 74.85
CA SER I 322 -47.20 110.05 75.26
C SER I 322 -46.80 110.13 76.73
N VAL I 323 -46.74 111.34 77.28
CA VAL I 323 -46.34 111.49 78.68
C VAL I 323 -47.53 111.25 79.61
N LYS I 324 -48.75 111.38 79.07
CA LYS I 324 -49.94 111.09 79.89
C LYS I 324 -50.22 109.60 79.93
N VAL I 325 -49.90 108.88 78.86
CA VAL I 325 -50.10 107.44 78.83
C VAL I 325 -49.06 106.74 79.69
N ALA I 326 -47.83 107.25 79.67
CA ALA I 326 -46.74 106.64 80.45
C ALA I 326 -46.93 106.86 81.95
N ASN I 327 -47.51 107.99 82.34
CA ASN I 327 -47.81 108.21 83.75
C ASN I 327 -49.00 107.37 84.20
N PHE I 328 -49.97 107.19 83.30
CA PHE I 328 -51.19 106.45 83.67
C PHE I 328 -50.91 104.96 83.79
N ALA I 329 -49.90 104.45 83.07
CA ALA I 329 -49.56 103.04 83.16
C ALA I 329 -48.87 102.72 84.48
N SER I 330 -48.24 103.72 85.11
CA SER I 330 -47.61 103.50 86.41
C SER I 330 -48.67 103.38 87.51
N LEU I 331 -49.81 104.04 87.33
CA LEU I 331 -50.88 103.96 88.32
C LEU I 331 -51.59 102.61 88.27
N VAL I 332 -51.71 102.03 87.07
CA VAL I 332 -52.39 100.74 86.93
C VAL I 332 -51.48 99.62 87.41
N GLU I 333 -50.17 99.76 87.24
CA GLU I 333 -49.25 98.70 87.64
C GLU I 333 -49.14 98.59 89.17
N SER I 334 -49.42 99.68 89.88
CA SER I 334 -49.42 99.61 91.34
C SER I 334 -50.69 98.95 91.86
N VAL I 335 -51.82 99.20 91.18
CA VAL I 335 -53.08 98.57 91.58
C VAL I 335 -53.06 97.08 91.24
N LEU I 336 -52.48 96.73 90.10
CA LEU I 336 -52.43 95.33 89.68
C LEU I 336 -51.46 94.52 90.54
N SER I 337 -50.41 95.18 91.05
CA SER I 337 -49.50 94.49 91.96
C SER I 337 -50.13 94.22 93.31
N THR I 338 -51.10 95.05 93.72
CA THR I 338 -51.78 94.83 94.99
C THR I 338 -52.77 93.68 94.88
N LEU I 339 -53.41 93.53 93.72
CA LEU I 339 -54.38 92.45 93.53
C LEU I 339 -53.72 91.09 93.51
N ASN I 340 -52.48 91.01 93.00
CA ASN I 340 -51.82 89.72 92.84
C ASN I 340 -51.43 89.11 94.17
N GLU I 341 -50.99 89.93 95.13
CA GLU I 341 -50.65 89.40 96.45
C GLU I 341 -51.89 89.03 97.25
N LEU I 342 -53.05 89.61 96.90
CA LEU I 342 -54.30 89.16 97.49
C LEU I 342 -54.71 87.80 96.92
N ILE I 343 -54.46 87.59 95.62
CA ILE I 343 -54.75 86.29 94.99
C ILE I 343 -53.77 85.23 95.48
N ASP I 344 -52.51 85.62 95.72
CA ASP I 344 -51.54 84.69 96.30
C ASP I 344 -51.87 84.35 97.75
N ALA I 345 -52.52 85.28 98.46
CA ALA I 345 -52.98 84.98 99.81
C ALA I 345 -54.16 84.01 99.77
N LYS I 346 -54.97 84.07 98.71
CA LYS I 346 -56.09 83.15 98.56
C LYS I 346 -55.62 81.72 98.32
N GLU I 347 -54.46 81.57 97.66
CA GLU I 347 -53.95 80.25 97.32
C GLU I 347 -53.45 79.50 98.55
N GLU I 348 -52.78 80.21 99.46
CA GLU I 348 -52.18 79.54 100.61
C GLU I 348 -53.21 79.21 101.67
N ILE I 349 -54.35 79.92 101.67
CA ILE I 349 -55.42 79.61 102.61
C ILE I 349 -56.08 78.29 102.26
N ASN I 350 -56.26 78.02 100.96
CA ASN I 350 -56.96 76.81 100.54
C ASN I 350 -56.13 75.55 100.79
N LYS I 351 -54.80 75.67 100.80
CA LYS I 351 -53.96 74.50 101.08
C LYS I 351 -54.00 74.14 102.56
N ASP I 352 -54.31 75.10 103.43
CA ASP I 352 -54.36 74.82 104.86
C ASP I 352 -55.68 74.18 105.26
N VAL I 353 -56.78 74.62 104.65
CA VAL I 353 -58.09 74.10 105.01
C VAL I 353 -58.30 72.71 104.40
N ASN I 354 -57.70 72.45 103.23
CA ASN I 354 -57.83 71.15 102.60
C ASN I 354 -57.10 70.06 103.38
N SER I 355 -56.02 70.42 104.07
CA SER I 355 -55.32 69.45 104.90
C SER I 355 -56.07 69.19 106.20
N ALA I 356 -56.95 70.10 106.61
CA ALA I 356 -57.75 69.90 107.81
C ALA I 356 -59.07 69.20 107.50
N ILE I 357 -59.59 69.38 106.28
CA ILE I 357 -60.77 68.63 105.86
C ILE I 357 -60.45 67.15 105.74
N ALA I 358 -59.30 66.83 105.16
CA ALA I 358 -58.94 65.43 104.92
C ALA I 358 -58.49 64.73 106.21
N SER I 359 -58.08 65.51 107.22
CA SER I 359 -57.56 64.89 108.44
C SER I 359 -58.70 64.55 109.41
N SER I 360 -59.82 65.26 109.33
CA SER I 360 -60.93 65.06 110.24
C SER I 360 -62.01 64.18 109.59
N GLU I 361 -61.63 62.93 109.32
CA GLU I 361 -62.61 61.97 108.80
C GLU I 361 -63.56 61.52 109.91
N GLU I 362 -63.12 61.61 111.16
CA GLU I 362 -64.00 61.41 112.30
C GLU I 362 -64.94 62.61 112.43
N ASP I 363 -66.17 62.35 112.90
CA ASP I 363 -67.19 63.35 113.23
C ASP I 363 -67.55 64.21 112.02
N ASN I 364 -68.26 63.57 111.09
CA ASN I 364 -68.59 64.12 109.77
C ASN I 364 -69.35 65.45 109.83
N ALA I 365 -69.99 65.76 110.96
CA ALA I 365 -70.64 67.05 111.11
C ALA I 365 -69.63 68.19 111.19
N ILE I 366 -68.45 67.93 111.76
CA ILE I 366 -67.41 68.96 111.85
C ILE I 366 -66.77 69.20 110.49
N LYS I 367 -66.62 68.12 109.68
CA LYS I 367 -66.08 68.26 108.34
C LYS I 367 -67.01 69.06 107.44
N THR I 368 -68.33 68.94 107.66
CA THR I 368 -69.30 69.71 106.88
C THR I 368 -69.22 71.19 107.24
N ALA I 369 -68.95 71.50 108.51
CA ALA I 369 -68.85 72.90 108.92
C ALA I 369 -67.59 73.56 108.39
N ILE I 370 -66.48 72.80 108.33
CA ILE I 370 -65.24 73.32 107.80
C ILE I 370 -65.34 73.52 106.29
N SER I 371 -66.06 72.60 105.62
CA SER I 371 -66.24 72.71 104.18
C SER I 371 -67.20 73.85 103.83
N ASP I 372 -68.19 74.10 104.69
CA ASP I 372 -69.15 75.18 104.43
C ASP I 372 -68.51 76.55 104.63
N ALA I 373 -67.59 76.65 105.60
CA ALA I 373 -66.92 77.92 105.84
C ALA I 373 -65.93 78.26 104.73
N LEU I 374 -65.49 77.26 103.96
CA LEU I 374 -64.47 77.50 102.95
C LEU I 374 -65.08 78.04 101.66
N ASP I 375 -66.28 77.57 101.28
CA ASP I 375 -66.88 78.03 100.03
C ASP I 375 -67.50 79.41 100.19
N VAL I 376 -67.88 79.79 101.42
CA VAL I 376 -68.42 81.12 101.62
C VAL I 376 -67.28 82.16 101.61
N PHE I 377 -66.07 81.73 101.97
CA PHE I 377 -64.91 82.61 101.81
C PHE I 377 -64.50 82.71 100.35
N ASN I 378 -64.74 81.67 99.57
CA ASN I 378 -64.36 81.67 98.16
C ASN I 378 -65.44 82.27 97.27
N GLU I 379 -66.43 82.96 97.82
CA GLU I 379 -67.51 83.52 97.01
C GLU I 379 -67.02 84.69 96.17
N ASP I 380 -66.42 85.71 96.80
CA ASP I 380 -66.06 86.93 96.10
C ASP I 380 -64.89 86.71 95.15
N PHE I 381 -64.05 85.71 95.44
CA PHE I 381 -62.88 85.48 94.60
C PHE I 381 -63.26 84.83 93.27
N GLU I 382 -64.21 83.89 93.28
CA GLU I 382 -64.61 83.23 92.04
C GLU I 382 -66.11 83.33 91.77
N GLY I 383 -66.94 83.00 92.75
CA GLY I 383 -68.35 82.78 92.46
C GLY I 383 -69.17 84.05 92.43
N ALA I 384 -69.02 84.90 93.45
CA ALA I 384 -69.85 86.10 93.55
C ALA I 384 -69.38 87.19 92.60
N ASP I 385 -68.15 87.69 92.79
CA ASP I 385 -67.62 88.80 92.00
C ASP I 385 -66.44 88.29 91.20
N LYS I 386 -66.04 89.04 90.18
CA LYS I 386 -64.99 88.62 89.25
C LYS I 386 -63.62 89.16 89.66
N ILE I 387 -63.18 88.81 90.87
CA ILE I 387 -61.90 89.33 91.38
C ILE I 387 -60.73 88.72 90.61
N GLU I 388 -60.75 87.40 90.39
CA GLU I 388 -59.66 86.78 89.64
C GLU I 388 -59.82 87.00 88.14
N SER I 389 -60.96 87.55 87.71
CA SER I 389 -61.17 87.79 86.29
C SER I 389 -60.77 89.20 85.87
N VAL I 390 -60.87 90.17 86.78
CA VAL I 390 -60.50 91.53 86.39
C VAL I 390 -58.98 91.71 86.41
N ALA I 391 -58.27 90.86 87.17
CA ALA I 391 -56.83 90.93 87.19
C ALA I 391 -56.21 90.43 85.89
N LYS I 392 -56.95 89.65 85.10
CA LYS I 392 -56.46 89.15 83.82
C LYS I 392 -56.75 90.14 82.69
N ASN I 393 -57.94 90.76 82.71
CA ASN I 393 -58.31 91.67 81.63
C ASN I 393 -57.59 93.01 81.74
N LEU I 394 -57.23 93.43 82.96
CA LEU I 394 -56.49 94.68 83.12
C LEU I 394 -55.07 94.54 82.58
N SER I 395 -54.49 93.34 82.66
CA SER I 395 -53.14 93.13 82.16
C SER I 395 -53.08 93.16 80.65
N ASP I 396 -54.11 92.63 79.98
CA ASP I 396 -54.14 92.70 78.52
C ASP I 396 -54.59 94.08 78.04
N LEU I 397 -55.41 94.78 78.82
CA LEU I 397 -55.74 96.15 78.50
C LEU I 397 -54.55 97.08 78.70
N LEU I 398 -53.64 96.71 79.60
CA LEU I 398 -52.46 97.53 79.84
C LEU I 398 -51.48 97.44 78.66
N ILE I 399 -51.37 96.26 78.05
CA ILE I 399 -50.49 96.08 76.90
C ILE I 399 -51.07 96.80 75.69
N LYS I 400 -52.40 96.83 75.58
CA LYS I 400 -53.06 97.40 74.41
C LYS I 400 -52.89 98.91 74.33
N ILE I 401 -52.85 99.59 75.48
CA ILE I 401 -52.76 101.05 75.48
C ILE I 401 -51.33 101.50 75.14
N LYS I 402 -50.34 100.62 75.32
CA LYS I 402 -48.97 101.01 75.03
C LYS I 402 -48.64 100.85 73.55
N GLN I 403 -49.36 99.96 72.85
CA GLN I 403 -49.18 99.82 71.41
C GLN I 403 -50.06 100.81 70.65
N ALA I 404 -51.12 101.31 71.28
CA ALA I 404 -52.10 102.12 70.56
C ALA I 404 -51.62 103.55 70.35
N ASP I 405 -50.49 103.92 70.97
CA ASP I 405 -49.99 105.29 70.87
C ASP I 405 -49.28 105.57 69.56
N THR I 406 -49.21 104.59 68.64
CA THR I 406 -48.47 104.80 67.41
C THR I 406 -49.28 105.61 66.38
N ASN I 407 -50.61 105.57 66.46
CA ASN I 407 -51.42 106.17 65.41
C ASN I 407 -52.56 107.05 65.90
N THR I 408 -53.30 106.65 66.93
CA THR I 408 -54.58 107.30 67.15
C THR I 408 -54.71 107.66 68.63
N LYS I 409 -55.21 108.88 68.88
CA LYS I 409 -55.58 109.25 70.24
C LYS I 409 -57.00 108.80 70.57
N VAL I 410 -57.84 108.63 69.55
CA VAL I 410 -59.20 108.12 69.76
C VAL I 410 -59.15 106.68 70.26
N GLU I 411 -58.11 105.95 69.83
CA GLU I 411 -57.88 104.59 70.30
C GLU I 411 -57.62 104.67 71.81
N ASN I 412 -56.85 105.68 72.23
CA ASN I 412 -56.60 105.88 73.65
C ASN I 412 -57.77 106.52 74.39
N VAL I 413 -58.86 106.84 73.68
CA VAL I 413 -60.06 107.41 74.28
C VAL I 413 -61.20 106.39 74.26
N LEU I 414 -61.29 105.60 73.20
CA LEU I 414 -62.35 104.60 73.05
C LEU I 414 -62.24 103.52 74.13
N SER I 415 -61.00 103.20 74.54
CA SER I 415 -60.81 102.14 75.53
C SER I 415 -61.09 102.64 76.95
N ILE I 416 -60.55 103.81 77.32
CA ILE I 416 -60.48 104.17 78.73
C ILE I 416 -61.80 104.76 79.21
N ASN I 417 -62.68 105.18 78.30
CA ASN I 417 -63.94 105.78 78.68
C ASN I 417 -65.14 104.98 78.21
N ALA I 418 -65.21 104.66 76.91
CA ALA I 418 -66.41 104.00 76.39
C ALA I 418 -66.34 102.49 76.57
N LEU I 419 -65.23 101.88 76.21
CA LEU I 419 -65.09 100.43 76.28
C LEU I 419 -64.51 100.02 77.63
N ASN I 420 -64.00 98.78 77.68
CA ASN I 420 -63.85 97.92 78.85
C ASN I 420 -63.10 98.54 80.03
N PHE I 421 -62.27 99.56 79.83
CA PHE I 421 -61.36 99.97 80.89
C PHE I 421 -62.06 100.80 81.96
N SER I 422 -63.07 101.57 81.59
CA SER I 422 -63.83 102.31 82.59
C SER I 422 -64.81 101.40 83.33
N ALA I 423 -65.19 100.28 82.70
CA ALA I 423 -66.17 99.38 83.31
C ALA I 423 -65.51 98.43 84.32
N GLU I 424 -64.23 98.11 84.12
CA GLU I 424 -63.58 97.10 84.96
C GLU I 424 -63.23 97.65 86.34
N PHE I 425 -63.01 98.97 86.44
CA PHE I 425 -62.69 99.56 87.73
C PHE I 425 -63.88 99.68 88.67
N GLU I 426 -65.11 99.49 88.16
CA GLU I 426 -66.28 99.79 88.97
C GLU I 426 -66.61 98.65 89.93
N LYS I 427 -66.08 97.45 89.68
CA LYS I 427 -66.53 96.28 90.42
C LYS I 427 -65.94 96.23 91.83
N LEU I 428 -64.81 96.91 92.06
CA LEU I 428 -64.29 96.98 93.41
C LEU I 428 -64.81 98.22 94.12
N LEU I 429 -64.89 99.34 93.41
CA LEU I 429 -65.45 100.58 93.94
C LEU I 429 -66.33 101.20 92.86
N THR I 430 -67.63 101.34 93.16
CA THR I 430 -68.57 101.78 92.13
C THR I 430 -68.59 103.29 91.99
N TYR I 431 -68.70 104.01 93.10
CA TYR I 431 -68.80 105.47 93.06
C TYR I 431 -67.88 106.09 94.12
N ASP I 432 -66.61 105.68 94.13
CA ASP I 432 -65.68 106.17 95.14
C ASP I 432 -65.21 107.60 94.84
N VAL I 433 -65.50 108.10 93.64
CA VAL I 433 -65.00 109.42 93.23
C VAL I 433 -65.85 110.58 93.76
N ASN I 434 -66.77 110.34 94.69
CA ASN I 434 -67.61 111.42 95.21
C ASN I 434 -66.83 112.39 96.07
N THR I 435 -65.70 111.95 96.63
CA THR I 435 -64.86 112.83 97.44
C THR I 435 -63.40 112.48 97.18
N GLY I 436 -62.51 113.10 97.96
CA GLY I 436 -61.10 112.74 97.88
C GLY I 436 -60.85 111.34 98.40
N LEU I 437 -61.60 110.92 99.42
CA LEU I 437 -61.53 109.57 99.96
C LEU I 437 -62.63 108.72 99.36
N THR I 438 -62.46 107.40 99.43
CA THR I 438 -63.47 106.48 98.94
C THR I 438 -64.69 106.48 99.83
N ALA I 439 -65.77 107.07 99.33
CA ALA I 439 -67.05 107.12 100.05
C ALA I 439 -68.15 106.69 99.09
N SER I 440 -69.39 106.76 99.59
CA SER I 440 -70.60 106.29 98.88
C SER I 440 -70.45 104.85 98.40
N VAL I 441 -70.12 103.95 99.35
CA VAL I 441 -69.73 102.58 99.03
C VAL I 441 -70.96 101.76 98.64
N THR I 442 -71.35 101.93 97.37
CA THR I 442 -72.47 101.15 96.84
C THR I 442 -72.08 99.70 96.58
N LEU I 443 -70.87 99.47 96.09
CA LEU I 443 -70.41 98.13 95.77
C LEU I 443 -69.02 97.93 96.33
N ASP I 444 -68.83 96.85 97.07
CA ASP I 444 -67.55 96.60 97.72
C ASP I 444 -67.30 95.10 97.76
N LEU I 445 -66.30 94.67 97.01
CA LEU I 445 -65.90 93.28 96.97
C LEU I 445 -64.96 92.89 98.09
N PHE I 446 -64.41 93.88 98.80
CA PHE I 446 -63.51 93.64 99.92
C PHE I 446 -64.27 93.84 101.23
N ALA I 447 -63.51 93.79 102.33
CA ALA I 447 -63.96 93.98 103.73
C ALA I 447 -64.93 92.89 104.21
N ASN I 448 -65.15 91.85 103.41
CA ASN I 448 -65.79 90.63 103.88
C ASN I 448 -64.78 89.53 104.13
N ILE I 449 -63.49 89.84 104.01
CA ILE I 449 -62.45 88.82 104.12
C ILE I 449 -62.27 88.41 105.58
N GLY I 450 -62.03 89.38 106.46
CA GLY I 450 -61.79 89.13 107.87
C GLY I 450 -62.97 88.58 108.62
N THR I 451 -64.19 88.87 108.12
CA THR I 451 -65.39 88.26 108.69
C THR I 451 -65.46 86.78 108.36
N ARG I 452 -65.09 86.42 107.13
CA ARG I 452 -65.14 85.02 106.73
C ARG I 452 -63.91 84.25 107.21
N LEU I 453 -62.83 84.96 107.57
CA LEU I 453 -61.62 84.28 108.00
C LEU I 453 -61.73 83.77 109.44
N ASP I 454 -62.18 84.62 110.36
CA ASP I 454 -62.21 84.20 111.77
C ASP I 454 -63.35 83.23 112.04
N ASP I 455 -64.31 83.14 111.11
CA ASP I 455 -65.27 82.04 111.13
C ASP I 455 -64.57 80.71 110.89
N ILE I 456 -63.59 80.70 109.97
CA ILE I 456 -62.85 79.47 109.66
C ILE I 456 -61.94 79.09 110.83
N ILE I 457 -61.40 80.09 111.53
CA ILE I 457 -60.48 79.84 112.65
C ILE I 457 -61.21 79.13 113.79
N ALA I 458 -62.48 79.47 114.00
CA ALA I 458 -63.26 78.79 115.03
C ALA I 458 -63.80 77.46 114.54
N ALA I 459 -64.06 77.35 113.23
CA ALA I 459 -64.64 76.12 112.69
C ALA I 459 -63.62 74.98 112.68
N VAL I 460 -62.36 75.29 112.38
CA VAL I 460 -61.33 74.24 112.42
C VAL I 460 -60.80 74.08 113.84
N SER I 461 -61.25 74.94 114.77
CA SER I 461 -60.86 74.78 116.18
C SER I 461 -61.61 73.63 116.83
N ALA I 462 -62.77 73.27 116.29
CA ALA I 462 -63.49 72.10 116.82
C ALA I 462 -62.89 70.80 116.32
N ALA I 463 -62.05 70.86 115.28
CA ALA I 463 -61.49 69.65 114.68
C ALA I 463 -60.25 69.15 115.39
N GLU I 464 -59.63 69.95 116.26
CA GLU I 464 -58.41 69.49 116.91
C GLU I 464 -58.59 68.44 118.03
N PRO I 465 -59.70 68.31 118.77
CA PRO I 465 -59.80 67.15 119.65
C PRO I 465 -60.36 65.88 119.02
N ILE I 466 -60.68 65.86 117.73
CA ILE I 466 -61.28 64.69 117.11
C ILE I 466 -60.33 63.99 116.15
N ASP I 467 -59.14 64.55 115.91
CA ASP I 467 -58.14 63.94 115.05
C ASP I 467 -57.07 63.27 115.89
N VAL I 468 -56.82 61.99 115.63
CA VAL I 468 -55.96 61.19 116.51
C VAL I 468 -54.83 60.49 115.77
N ASN I 469 -54.83 60.52 114.44
CA ASN I 469 -53.90 59.69 113.70
C ASN I 469 -53.13 60.40 112.58
N ASN I 470 -53.50 61.62 112.20
CA ASN I 470 -52.98 62.23 110.99
C ASN I 470 -51.86 63.21 111.31
N GLY I 471 -50.75 63.12 110.55
CA GLY I 471 -49.56 63.92 110.79
C GLY I 471 -49.49 65.18 109.95
N LYS I 472 -48.25 65.65 109.77
CA LYS I 472 -47.98 66.98 109.22
C LYS I 472 -48.36 67.12 107.75
N LEU I 473 -48.08 66.12 106.92
CA LEU I 473 -48.20 66.25 105.48
C LEU I 473 -49.45 65.58 104.93
N ASN I 474 -50.45 65.32 105.77
CA ASN I 474 -51.67 64.68 105.30
C ASN I 474 -52.52 65.68 104.51
N GLY I 475 -52.89 65.28 103.29
CA GLY I 475 -53.71 66.12 102.44
C GLY I 475 -52.99 67.17 101.65
N ARG I 476 -51.66 67.10 101.56
CA ARG I 476 -50.86 68.11 100.88
C ARG I 476 -50.45 67.61 99.50
N LEU I 477 -50.25 68.56 98.58
CA LEU I 477 -49.72 68.24 97.27
C LEU I 477 -48.23 67.93 97.37
N LEU I 478 -47.75 67.11 96.43
CA LEU I 478 -46.35 66.69 96.46
C LEU I 478 -45.41 67.84 96.11
N SER I 479 -45.85 68.74 95.22
CA SER I 479 -45.01 69.87 94.85
C SER I 479 -44.88 70.88 95.99
N ASP I 480 -45.87 70.92 96.88
CA ASP I 480 -45.85 71.91 97.96
C ASP I 480 -45.06 71.47 99.19
N ILE I 481 -44.58 70.22 99.24
CA ILE I 481 -43.79 69.79 100.38
C ILE I 481 -42.29 69.94 100.15
N GLU I 482 -41.87 70.31 98.93
CA GLU I 482 -40.45 70.49 98.65
C GLU I 482 -39.79 71.63 99.44
N PRO I 483 -40.41 72.80 99.69
CA PRO I 483 -39.79 73.71 100.67
C PRO I 483 -39.96 73.25 102.10
N LEU I 484 -40.98 72.46 102.42
CA LEU I 484 -41.25 72.09 103.80
C LEU I 484 -40.28 71.02 104.29
N ASP I 485 -40.20 69.89 103.58
CA ASP I 485 -39.27 68.82 103.94
C ASP I 485 -38.68 68.31 102.64
N ASN I 486 -37.44 68.71 102.37
CA ASN I 486 -36.80 68.40 101.09
C ASN I 486 -36.35 66.94 101.03
N ALA I 487 -35.99 66.35 102.18
CA ALA I 487 -35.49 64.99 102.19
C ALA I 487 -36.62 63.97 101.99
N THR I 488 -37.82 64.29 102.45
CA THR I 488 -38.96 63.41 102.24
C THR I 488 -39.43 63.46 100.79
N TYR I 489 -39.38 64.65 100.19
CA TYR I 489 -39.81 64.84 98.79
C TYR I 489 -38.91 64.07 97.83
N ASN I 490 -37.61 64.01 98.10
CA ASN I 490 -36.70 63.30 97.21
C ASN I 490 -36.85 61.79 97.36
N THR I 491 -37.28 61.33 98.53
CA THR I 491 -37.44 59.89 98.75
C THR I 491 -38.69 59.37 98.05
N ILE I 492 -39.75 60.19 97.99
CA ILE I 492 -40.97 59.79 97.31
C ILE I 492 -40.75 59.72 95.80
N LEU I 493 -39.87 60.56 95.27
CA LEU I 493 -39.59 60.58 93.83
C LEU I 493 -38.88 59.30 93.38
N LEU I 494 -38.06 58.70 94.23
CA LEU I 494 -37.41 57.44 93.88
C LEU I 494 -38.40 56.28 93.84
N GLU I 495 -39.38 56.28 94.75
CA GLU I 495 -40.33 55.18 94.79
C GLU I 495 -41.32 55.25 93.63
N ILE I 496 -41.58 56.46 93.12
CA ILE I 496 -42.47 56.60 91.96
C ILE I 496 -41.77 56.11 90.70
N ASN I 497 -40.48 56.42 90.55
CA ASN I 497 -39.74 56.07 89.35
C ASN I 497 -39.32 54.59 89.30
N SER I 498 -39.66 53.79 90.30
CA SER I 498 -39.29 52.38 90.27
C SER I 498 -40.27 51.53 89.45
N HIS I 499 -41.37 52.10 88.99
CA HIS I 499 -42.35 51.39 88.17
C HIS I 499 -42.09 51.68 86.69
N LYS I 500 -42.10 50.63 85.88
CA LYS I 500 -41.74 50.73 84.46
C LYS I 500 -42.93 50.44 83.56
N VAL I 501 -42.78 50.82 82.29
CA VAL I 501 -43.84 50.65 81.30
C VAL I 501 -43.66 49.32 80.58
N THR I 502 -44.76 48.62 80.34
CA THR I 502 -44.78 47.43 79.48
C THR I 502 -45.50 47.78 78.18
N LEU I 503 -44.89 47.44 77.06
CA LEU I 503 -45.41 47.77 75.74
C LEU I 503 -45.58 46.51 74.89
N PRO I 504 -46.50 46.54 73.93
CA PRO I 504 -46.47 45.53 72.86
C PRO I 504 -45.27 45.73 71.98
N PRO I 505 -44.74 44.65 71.38
CA PRO I 505 -43.41 44.72 70.77
C PRO I 505 -43.36 45.21 69.32
N SER I 506 -44.44 45.76 68.76
CA SER I 506 -44.46 45.99 67.31
C SER I 506 -43.66 47.23 66.89
N SER I 507 -43.50 48.21 67.78
CA SER I 507 -42.76 49.41 67.39
C SER I 507 -41.26 49.23 67.57
N SER I 508 -40.83 48.35 68.47
CA SER I 508 -39.40 48.01 68.55
C SER I 508 -38.98 47.16 67.37
N MET I 509 -39.91 46.34 66.83
CA MET I 509 -39.61 45.53 65.66
C MET I 509 -39.43 46.39 64.42
N ALA I 510 -40.20 47.48 64.31
CA ALA I 510 -40.08 48.39 63.16
C ALA I 510 -38.73 49.09 63.14
N GLY I 511 -38.21 49.44 64.31
CA GLY I 511 -36.88 50.02 64.38
C GLY I 511 -35.79 49.05 63.99
N ALA I 512 -35.99 47.78 64.35
CA ALA I 512 -35.02 46.75 64.01
C ALA I 512 -35.09 46.37 62.53
N TYR I 513 -36.26 46.55 61.89
CA TYR I 513 -36.36 46.35 60.45
C TYR I 513 -35.51 47.37 59.69
N ALA I 514 -35.49 48.62 60.17
CA ALA I 514 -34.75 49.66 59.48
C ALA I 514 -33.25 49.58 59.77
N ARG I 515 -32.89 49.02 60.94
CA ARG I 515 -31.47 48.89 61.29
C ARG I 515 -30.80 47.78 60.48
N VAL I 516 -31.50 46.68 60.22
CA VAL I 516 -30.91 45.55 59.51
C VAL I 516 -30.86 45.81 58.01
N ASP I 517 -31.87 46.51 57.48
CA ASP I 517 -31.90 46.82 56.05
C ASP I 517 -30.80 47.81 55.67
N ASN I 518 -30.42 48.68 56.60
CA ASN I 518 -29.33 49.61 56.33
C ASN I 518 -27.97 48.92 56.46
N ASP I 519 -27.87 47.93 57.35
CA ASP I 519 -26.60 47.28 57.60
C ASP I 519 -26.31 46.18 56.58
N ARG I 520 -27.29 45.35 56.27
CA ARG I 520 -27.06 44.13 55.51
C ARG I 520 -27.99 43.97 54.31
N GLY I 521 -28.98 44.83 54.14
CA GLY I 521 -29.89 44.72 53.02
C GLY I 521 -31.25 44.19 53.43
N VAL I 522 -32.18 44.25 52.47
CA VAL I 522 -33.56 43.85 52.72
C VAL I 522 -33.77 42.35 52.56
N TRP I 523 -32.83 41.64 51.95
CA TRP I 523 -32.91 40.18 51.80
C TRP I 523 -32.37 39.43 53.01
N LYS I 524 -31.97 40.11 54.07
CA LYS I 524 -31.49 39.47 55.29
C LYS I 524 -32.63 39.37 56.29
N SER I 525 -32.81 38.17 56.87
CA SER I 525 -33.90 37.92 57.81
C SER I 525 -33.69 38.72 59.10
N PRO I 526 -34.73 39.37 59.63
CA PRO I 526 -34.59 40.12 60.89
C PRO I 526 -34.79 39.24 62.13
N ALA I 527 -33.90 38.26 62.28
CA ALA I 527 -33.88 37.39 63.45
C ALA I 527 -32.43 37.16 63.84
N ASN I 528 -32.25 36.54 65.02
CA ASN I 528 -30.95 36.41 65.71
C ASN I 528 -30.32 37.79 65.93
N ILE I 529 -31.11 38.69 66.52
CA ILE I 529 -30.73 40.08 66.75
C ILE I 529 -31.28 40.50 68.11
N GLY I 530 -30.74 41.61 68.64
CA GLY I 530 -31.11 42.09 69.94
C GLY I 530 -32.00 43.33 69.91
N LEU I 531 -32.63 43.61 71.04
CA LEU I 531 -33.51 44.78 71.19
C LEU I 531 -32.95 45.70 72.27
N ASN I 532 -32.89 47.00 71.99
CA ASN I 532 -32.42 47.99 72.95
C ASN I 532 -33.57 48.49 73.81
N TYR I 533 -33.22 49.02 75.00
CA TYR I 533 -34.13 49.56 76.03
C TYR I 533 -35.07 48.51 76.62
N VAL I 534 -34.72 47.24 76.53
CA VAL I 534 -35.59 46.15 76.96
C VAL I 534 -34.89 45.37 78.06
N SER I 535 -35.57 45.19 79.20
CA SER I 535 -34.97 44.44 80.30
C SER I 535 -35.21 42.94 80.17
N LYS I 536 -36.43 42.53 79.85
CA LYS I 536 -36.79 41.12 79.73
C LYS I 536 -38.10 41.02 78.94
N PRO I 537 -38.42 39.84 78.40
CA PRO I 537 -39.81 39.59 77.97
C PRO I 537 -40.72 39.46 79.17
N SER I 538 -42.02 39.69 78.94
CA SER I 538 -43.00 39.63 80.01
C SER I 538 -43.37 38.20 80.38
N VAL I 539 -43.28 37.27 79.44
CA VAL I 539 -43.60 35.86 79.66
C VAL I 539 -42.37 35.07 79.23
N THR I 540 -42.09 33.98 79.94
CA THR I 540 -41.04 33.06 79.58
C THR I 540 -41.58 32.02 78.61
N VAL I 541 -40.88 31.84 77.49
CA VAL I 541 -41.22 30.84 76.47
C VAL I 541 -40.04 29.89 76.37
N SER I 542 -40.28 28.62 76.59
CA SER I 542 -39.23 27.62 76.58
C SER I 542 -39.00 27.08 75.17
N HIS I 543 -38.08 26.11 75.08
CA HIS I 543 -37.80 25.46 73.82
C HIS I 543 -38.99 24.64 73.33
N GLU I 544 -39.64 23.94 74.25
CA GLU I 544 -40.68 22.98 73.91
C GLU I 544 -41.99 23.63 73.48
N GLU I 545 -42.32 24.81 73.99
CA GLU I 545 -43.57 25.46 73.59
C GLU I 545 -43.42 26.43 72.43
N GLN I 546 -42.22 26.63 71.90
CA GLN I 546 -42.07 27.39 70.66
C GLN I 546 -42.30 26.52 69.43
N GLU I 547 -42.38 25.20 69.59
CA GLU I 547 -42.53 24.31 68.44
C GLU I 547 -43.89 24.46 67.77
N SER I 548 -44.96 24.59 68.56
CA SER I 548 -46.28 24.81 67.97
C SER I 548 -46.49 26.28 67.61
N MET I 549 -45.59 27.17 68.04
CA MET I 549 -45.61 28.55 67.54
C MET I 549 -45.02 28.65 66.14
N ASN I 550 -43.90 27.97 65.89
CA ASN I 550 -43.18 28.13 64.63
C ASN I 550 -43.82 27.32 63.51
N VAL I 551 -44.21 26.08 63.80
CA VAL I 551 -44.75 25.15 62.80
C VAL I 551 -46.11 24.67 63.29
N HIS I 552 -47.12 24.80 62.45
CA HIS I 552 -48.50 24.51 62.85
C HIS I 552 -49.28 24.01 61.64
N GLY I 553 -50.39 23.32 61.91
CA GLY I 553 -51.20 22.75 60.84
C GLY I 553 -52.00 23.79 60.06
N THR I 554 -52.33 24.92 60.71
CA THR I 554 -52.99 26.00 59.99
C THR I 554 -52.01 26.77 59.13
N GLY I 555 -50.72 26.71 59.45
CA GLY I 555 -49.73 27.53 58.79
C GLY I 555 -49.56 28.92 59.36
N LYS I 556 -50.30 29.27 60.41
CA LYS I 556 -50.22 30.62 61.00
C LYS I 556 -49.16 30.65 62.09
N SER I 557 -47.98 31.12 61.71
CA SER I 557 -46.81 31.11 62.59
C SER I 557 -46.71 32.39 63.41
N VAL I 558 -46.22 32.24 64.64
CA VAL I 558 -46.00 33.37 65.55
C VAL I 558 -44.53 33.38 65.96
N ASN I 559 -43.89 34.54 65.82
CA ASN I 559 -42.47 34.68 66.15
C ASN I 559 -42.30 35.00 67.63
N ALA I 560 -41.32 34.35 68.26
CA ALA I 560 -41.14 34.41 69.71
C ALA I 560 -39.95 35.28 70.10
N ILE I 561 -40.11 36.05 71.18
CA ILE I 561 -39.03 36.81 71.79
C ILE I 561 -38.57 36.04 73.04
N ARG I 562 -37.28 35.67 73.07
CA ARG I 562 -36.77 34.76 74.08
C ARG I 562 -35.48 35.28 74.71
N SER I 563 -35.09 34.66 75.81
CA SER I 563 -33.85 34.95 76.51
C SER I 563 -32.95 33.73 76.50
N PHE I 564 -31.64 33.96 76.39
CA PHE I 564 -30.65 32.90 76.36
C PHE I 564 -29.49 33.28 77.28
N VAL I 565 -28.94 32.29 77.99
CA VAL I 565 -27.87 32.55 78.95
C VAL I 565 -26.60 32.96 78.21
N GLY I 566 -26.06 34.11 78.56
CA GLY I 566 -24.87 34.64 77.92
C GLY I 566 -25.13 35.52 76.72
N LYS I 567 -26.39 35.70 76.31
CA LYS I 567 -26.72 36.38 75.08
C LYS I 567 -27.79 37.45 75.21
N GLY I 568 -28.59 37.43 76.27
CA GLY I 568 -29.64 38.41 76.44
C GLY I 568 -30.93 38.08 75.71
N THR I 569 -31.76 39.11 75.56
CA THR I 569 -33.05 38.98 74.92
C THR I 569 -32.92 39.15 73.40
N LEU I 570 -33.43 38.18 72.65
CA LEU I 570 -33.29 38.16 71.20
C LEU I 570 -34.64 37.94 70.52
N VAL I 571 -34.70 38.32 69.26
CA VAL I 571 -35.78 37.91 68.37
C VAL I 571 -35.43 36.57 67.76
N TRP I 572 -36.29 35.58 67.93
CA TRP I 572 -36.04 34.21 67.48
C TRP I 572 -37.24 33.72 66.68
N GLY I 573 -37.27 34.05 65.39
CA GLY I 573 -38.33 33.71 64.46
C GLY I 573 -38.46 34.74 63.35
N ALA I 574 -38.61 34.26 62.12
CA ALA I 574 -38.67 35.14 60.96
C ALA I 574 -39.68 34.65 59.90
N ARG I 575 -40.87 34.27 60.33
CA ARG I 575 -41.88 33.77 59.39
C ARG I 575 -43.04 34.75 59.25
N THR I 576 -43.75 34.64 58.12
CA THR I 576 -45.03 35.32 57.93
C THR I 576 -46.18 34.41 58.38
N LEU I 577 -47.41 34.89 58.20
CA LEU I 577 -48.61 34.14 58.55
C LEU I 577 -49.05 33.16 57.46
N ALA I 578 -48.23 32.95 56.44
CA ALA I 578 -48.42 31.92 55.42
C ALA I 578 -47.26 30.94 55.52
N GLY I 579 -47.01 30.46 56.74
CA GLY I 579 -45.83 29.72 57.15
C GLY I 579 -45.65 28.33 56.58
N ASN I 580 -46.61 27.78 55.83
CA ASN I 580 -46.40 26.52 55.11
C ASN I 580 -46.31 26.71 53.60
N ASP I 581 -46.09 27.93 53.13
CA ASP I 581 -45.99 28.25 51.71
C ASP I 581 -44.53 28.17 51.26
N ASN I 582 -44.26 27.46 50.16
CA ASN I 582 -42.88 27.33 49.72
C ASN I 582 -42.39 28.59 49.02
N GLU I 583 -43.30 29.49 48.64
CA GLU I 583 -42.87 30.73 48.01
C GLU I 583 -42.83 31.88 49.02
N TRP I 584 -43.72 31.90 50.01
CA TRP I 584 -43.96 33.10 50.79
C TRP I 584 -43.88 32.91 52.30
N ARG I 585 -43.06 31.99 52.81
CA ARG I 585 -43.06 31.77 54.25
C ARG I 585 -42.08 32.66 55.01
N TYR I 586 -41.11 33.28 54.31
CA TYR I 586 -40.10 34.08 54.97
C TYR I 586 -40.38 35.57 54.75
N ILE I 587 -40.13 36.36 55.79
CA ILE I 587 -40.38 37.80 55.76
C ILE I 587 -39.48 38.49 54.74
N SER I 588 -38.22 38.05 54.64
CA SER I 588 -37.24 38.75 53.81
C SER I 588 -37.47 38.49 52.33
N VAL I 589 -38.03 37.33 51.98
CA VAL I 589 -38.36 37.04 50.58
C VAL I 589 -39.51 37.93 50.11
N ARG I 590 -40.56 38.05 50.95
CA ARG I 590 -41.72 38.88 50.62
C ARG I 590 -41.36 40.37 50.52
N ARG I 591 -40.45 40.84 51.37
CA ARG I 591 -40.15 42.27 51.36
C ARG I 591 -39.16 42.61 50.25
N PHE I 592 -38.38 41.63 49.76
CA PHE I 592 -37.55 41.86 48.59
C PHE I 592 -38.37 41.92 47.31
N PHE I 593 -39.41 41.08 47.21
CA PHE I 593 -40.34 41.15 46.08
C PHE I 593 -41.12 42.46 46.06
N ASN I 594 -41.43 43.01 47.24
CA ASN I 594 -42.11 44.30 47.30
C ASN I 594 -41.21 45.43 46.80
N MET I 595 -39.90 45.34 47.05
CA MET I 595 -38.98 46.37 46.59
C MET I 595 -38.77 46.29 45.08
N ALA I 596 -38.49 45.09 44.59
CA ALA I 596 -38.08 44.91 43.20
C ALA I 596 -39.23 45.17 42.22
N GLU I 597 -40.46 44.83 42.61
CA GLU I 597 -41.60 45.02 41.70
C GLU I 597 -41.99 46.49 41.57
N GLU I 598 -41.87 47.25 42.67
CA GLU I 598 -42.24 48.67 42.62
C GLU I 598 -41.20 49.48 41.85
N SER I 599 -39.92 49.14 41.99
CA SER I 599 -38.86 49.87 41.29
C SER I 599 -38.94 49.66 39.78
N ILE I 600 -39.31 48.45 39.35
CA ILE I 600 -39.43 48.16 37.93
C ILE I 600 -40.69 48.80 37.36
N LYS I 601 -41.76 48.87 38.16
CA LYS I 601 -43.02 49.44 37.70
C LYS I 601 -42.92 50.95 37.46
N LYS I 602 -42.19 51.66 38.32
CA LYS I 602 -42.01 53.09 38.14
C LYS I 602 -41.13 53.41 36.94
N ALA I 603 -40.15 52.56 36.65
CA ALA I 603 -39.25 52.81 35.53
C ALA I 603 -39.92 52.50 34.18
N THR I 604 -41.06 51.82 34.18
CA THR I 604 -41.73 51.35 32.99
C THR I 604 -42.78 52.33 32.45
N GLU I 605 -43.18 53.35 33.21
CA GLU I 605 -44.23 54.26 32.72
C GLU I 605 -43.75 55.19 31.61
N GLN I 606 -42.45 55.24 31.34
CA GLN I 606 -41.98 56.02 30.20
C GLN I 606 -42.20 55.31 28.86
N PHE I 607 -42.70 54.07 28.89
CA PHE I 607 -42.88 53.24 27.70
C PHE I 607 -44.35 53.02 27.32
N VAL I 608 -45.30 53.76 27.89
CA VAL I 608 -46.72 53.36 27.83
C VAL I 608 -47.30 53.49 26.42
N PHE I 609 -47.13 54.63 25.76
CA PHE I 609 -47.66 54.81 24.41
C PHE I 609 -46.58 54.72 23.34
N GLU I 610 -45.49 54.00 23.61
CA GLU I 610 -44.39 53.83 22.68
C GLU I 610 -44.79 52.83 21.58
N PRO I 611 -44.06 52.80 20.46
CA PRO I 611 -44.29 51.75 19.45
C PRO I 611 -43.99 50.36 19.98
N ASN I 612 -44.93 49.44 19.77
CA ASN I 612 -44.84 48.08 20.30
C ASN I 612 -44.20 47.17 19.25
N ASP I 613 -42.90 47.39 19.03
CA ASP I 613 -42.16 46.66 18.00
C ASP I 613 -40.82 46.19 18.55
N GLY I 614 -39.98 45.66 17.66
CA GLY I 614 -38.75 45.00 18.07
C GLY I 614 -37.69 45.94 18.63
N ASN I 615 -37.77 47.22 18.26
CA ASN I 615 -36.82 48.19 18.80
C ASN I 615 -37.11 48.49 20.28
N THR I 616 -38.38 48.51 20.65
CA THR I 616 -38.75 48.73 22.05
C THR I 616 -38.43 47.52 22.91
N TRP I 617 -38.63 46.30 22.38
CA TRP I 617 -38.49 45.08 23.19
C TRP I 617 -37.04 44.81 23.55
N VAL I 618 -36.10 45.30 22.74
CA VAL I 618 -34.68 45.13 23.02
C VAL I 618 -34.26 46.04 24.18
N ARG I 619 -34.77 47.26 24.21
CA ARG I 619 -34.37 48.21 25.25
C ARG I 619 -35.11 47.95 26.57
N VAL I 620 -36.32 47.39 26.51
CA VAL I 620 -37.05 47.04 27.73
C VAL I 620 -36.37 45.86 28.43
N ARG I 621 -35.92 44.87 27.65
CA ARG I 621 -35.25 43.71 28.22
C ARG I 621 -33.91 44.08 28.85
N ALA I 622 -33.17 45.02 28.25
CA ALA I 622 -31.85 45.36 28.75
C ALA I 622 -31.92 46.25 29.98
N MET I 623 -33.00 47.03 30.13
CA MET I 623 -33.19 47.84 31.33
C MET I 623 -33.44 46.97 32.56
N ILE I 624 -34.25 45.92 32.41
CA ILE I 624 -34.57 45.04 33.53
C ILE I 624 -33.39 44.13 33.86
N GLU I 625 -32.63 43.72 32.83
CA GLU I 625 -31.51 42.82 33.03
C GLU I 625 -30.34 43.51 33.73
N ASN I 626 -30.13 44.79 33.45
CA ASN I 626 -29.05 45.54 34.10
C ASN I 626 -29.35 45.76 35.58
N PHE I 627 -30.63 45.88 35.94
CA PHE I 627 -31.01 46.07 37.33
C PHE I 627 -30.83 44.78 38.14
N LEU I 628 -31.18 43.63 37.55
CA LEU I 628 -31.12 42.36 38.29
C LEU I 628 -29.69 41.84 38.41
N ILE I 629 -28.79 42.31 37.54
CA ILE I 629 -27.38 41.92 37.60
C ILE I 629 -26.72 42.56 38.83
N LEU I 630 -27.15 43.76 39.20
CA LEU I 630 -26.66 44.40 40.42
C LEU I 630 -27.16 43.69 41.67
N GLN I 631 -28.38 43.13 41.62
CA GLN I 631 -28.91 42.42 42.79
C GLN I 631 -28.22 41.08 42.99
N TRP I 632 -27.82 40.43 41.89
CA TRP I 632 -27.05 39.20 41.98
C TRP I 632 -25.66 39.44 42.56
N ARG I 633 -25.04 40.57 42.23
CA ARG I 633 -23.68 40.81 42.69
C ARG I 633 -23.65 41.23 44.15
N ALA I 634 -24.73 41.82 44.64
CA ALA I 634 -24.82 42.17 46.05
C ALA I 634 -25.17 41.00 46.96
N GLY I 635 -25.57 39.86 46.40
CA GLY I 635 -25.86 38.68 47.19
C GLY I 635 -27.33 38.37 47.40
N ALA I 636 -28.25 39.07 46.74
CA ALA I 636 -29.67 38.81 46.96
C ALA I 636 -30.17 37.64 46.13
N LEU I 637 -29.48 37.32 45.04
CA LEU I 637 -29.85 36.21 44.16
C LEU I 637 -28.75 35.16 44.19
N ALA I 638 -29.14 33.91 44.34
CA ALA I 638 -28.20 32.79 44.44
C ALA I 638 -27.89 32.25 43.05
N GLY I 639 -26.61 32.05 42.77
CA GLY I 639 -26.21 31.48 41.51
C GLY I 639 -24.72 31.67 41.27
N ALA I 640 -24.14 30.71 40.56
CA ALA I 640 -22.73 30.80 40.21
C ALA I 640 -22.53 31.68 38.98
N LYS I 641 -23.58 31.85 38.18
CA LYS I 641 -23.52 32.63 36.95
C LYS I 641 -24.87 33.34 36.79
N PRO I 642 -24.95 34.43 36.00
CA PRO I 642 -26.22 35.21 35.95
C PRO I 642 -27.42 34.48 35.37
N GLU I 643 -27.24 33.49 34.49
CA GLU I 643 -28.40 32.83 33.92
C GLU I 643 -28.96 31.75 34.85
N HIS I 644 -28.25 31.47 35.95
CA HIS I 644 -28.81 30.61 36.98
C HIS I 644 -29.69 31.41 37.94
N ALA I 645 -29.57 32.74 37.91
CA ALA I 645 -30.23 33.54 38.93
C ALA I 645 -31.55 34.12 38.44
N PHE I 646 -31.67 34.44 37.15
CA PHE I 646 -32.89 35.07 36.66
C PHE I 646 -33.06 34.78 35.16
N TYR I 647 -34.22 35.20 34.63
CA TYR I 647 -34.46 35.25 33.19
C TYR I 647 -35.47 36.37 32.90
N VAL I 648 -35.41 36.92 31.69
CA VAL I 648 -36.33 37.93 31.21
C VAL I 648 -36.73 37.58 29.77
N LYS I 649 -38.03 37.56 29.49
CA LYS I 649 -38.56 37.25 28.16
C LYS I 649 -39.61 38.28 27.75
N VAL I 650 -39.47 38.82 26.55
CA VAL I 650 -40.48 39.71 25.95
C VAL I 650 -40.33 39.67 24.43
N GLY I 651 -41.43 39.55 23.71
CA GLY I 651 -41.39 39.62 22.26
C GLY I 651 -42.55 38.87 21.62
N LEU I 652 -42.68 39.10 20.30
CA LEU I 652 -43.66 38.39 19.49
C LEU I 652 -43.16 36.98 19.20
N GLY I 653 -44.02 36.00 19.44
CA GLY I 653 -43.62 34.61 19.37
C GLY I 653 -42.94 34.07 20.62
N GLN I 654 -42.74 34.90 21.65
CA GLN I 654 -42.22 34.47 22.93
C GLN I 654 -43.21 34.67 24.06
N THR I 655 -43.78 35.88 24.17
CA THR I 655 -44.79 36.17 25.17
C THR I 655 -46.09 36.69 24.57
N MET I 656 -46.14 36.97 23.27
CA MET I 656 -47.25 37.69 22.66
C MET I 656 -47.66 37.04 21.34
N THR I 657 -48.93 37.23 20.98
CA THR I 657 -49.44 36.88 19.65
C THR I 657 -49.66 38.15 18.83
N ALA I 658 -49.99 37.95 17.56
CA ALA I 658 -50.28 39.09 16.67
C ALA I 658 -51.62 39.73 17.02
N GLN I 659 -52.56 38.93 17.53
CA GLN I 659 -53.81 39.49 18.04
C GLN I 659 -53.58 40.33 19.29
N ASP I 660 -52.54 40.02 20.07
CA ASP I 660 -52.21 40.83 21.24
C ASP I 660 -51.70 42.20 20.85
N ILE I 661 -50.99 42.30 19.73
CA ILE I 661 -50.43 43.58 19.28
C ILE I 661 -51.54 44.53 18.84
N LEU I 662 -52.56 44.01 18.16
CA LEU I 662 -53.67 44.84 17.71
C LEU I 662 -54.49 45.38 18.88
N GLU I 663 -54.56 44.65 19.99
CA GLU I 663 -55.26 45.12 21.18
C GLU I 663 -54.46 46.10 22.01
N GLY I 664 -53.15 46.21 21.77
CA GLY I 664 -52.32 47.10 22.55
C GLY I 664 -51.67 46.52 23.78
N ASN I 665 -51.38 45.22 23.80
CA ASN I 665 -50.81 44.54 24.95
C ASN I 665 -49.33 44.23 24.71
N MET I 666 -48.52 44.42 25.75
CA MET I 666 -47.13 43.98 25.78
C MET I 666 -46.88 43.21 27.06
N ASN I 667 -46.41 41.96 26.93
CA ASN I 667 -46.24 41.05 28.06
C ASN I 667 -44.75 40.84 28.34
N VAL I 668 -44.35 41.02 29.60
CA VAL I 668 -42.98 40.77 30.06
C VAL I 668 -43.03 39.74 31.17
N GLU I 669 -42.17 38.72 31.09
CA GLU I 669 -42.11 37.63 32.06
C GLU I 669 -40.75 37.60 32.74
N ILE I 670 -40.77 37.53 34.08
CA ILE I 670 -39.57 37.66 34.91
C ILE I 670 -39.59 36.56 35.97
N GLY I 671 -38.53 35.75 36.01
CA GLY I 671 -38.36 34.73 37.04
C GLY I 671 -37.14 34.91 37.93
N LEU I 672 -37.27 34.70 39.23
CA LEU I 672 -36.22 35.04 40.18
C LEU I 672 -35.89 33.86 41.09
N ALA I 673 -34.65 33.83 41.57
CA ALA I 673 -34.16 32.83 42.52
C ALA I 673 -33.55 33.55 43.73
N VAL I 674 -34.36 33.77 44.75
CA VAL I 674 -34.00 34.60 45.89
C VAL I 674 -33.43 33.72 47.00
N VAL I 675 -32.42 34.23 47.73
CA VAL I 675 -31.74 33.46 48.77
C VAL I 675 -32.61 33.28 50.01
N ARG I 676 -32.62 32.06 50.54
CA ARG I 676 -33.39 31.70 51.72
C ARG I 676 -32.50 31.66 52.96
N PRO I 677 -33.07 31.85 54.16
CA PRO I 677 -32.25 31.72 55.37
C PRO I 677 -31.98 30.27 55.75
N ALA I 678 -30.99 30.10 56.62
CA ALA I 678 -30.61 28.79 57.17
C ALA I 678 -31.20 28.68 58.58
N GLU I 679 -32.38 28.07 58.65
CA GLU I 679 -33.16 28.07 59.89
C GLU I 679 -32.79 26.90 60.79
N PHE I 680 -32.52 25.73 60.23
CA PHE I 680 -32.13 24.55 60.99
C PHE I 680 -30.79 24.04 60.48
N ILE I 681 -29.82 23.88 61.38
CA ILE I 681 -28.49 23.40 61.04
C ILE I 681 -28.29 22.05 61.73
N ILE I 682 -28.03 21.01 60.94
CA ILE I 682 -28.01 19.63 61.41
C ILE I 682 -26.60 19.07 61.23
N LEU I 683 -25.92 18.79 62.34
CA LEU I 683 -24.58 18.22 62.33
C LEU I 683 -24.64 16.70 62.46
N LYS I 684 -24.04 15.99 61.51
CA LYS I 684 -24.09 14.54 61.45
C LYS I 684 -22.69 13.95 61.65
N PHE I 685 -22.49 13.28 62.78
CA PHE I 685 -21.19 12.74 63.18
C PHE I 685 -21.14 11.23 62.96
N SER I 686 -19.97 10.73 62.55
CA SER I 686 -19.77 9.32 62.29
C SER I 686 -18.29 8.95 62.42
N HIS I 687 -18.04 7.67 62.65
CA HIS I 687 -16.69 7.11 62.70
C HIS I 687 -16.21 6.75 61.29
N LYS I 688 -14.93 6.95 61.03
CA LYS I 688 -14.32 6.47 59.80
C LYS I 688 -13.15 5.53 60.13
N MET I 689 -12.89 4.60 59.22
CA MET I 689 -11.87 3.58 59.45
C MET I 689 -10.46 4.17 59.37
N GLN I 690 -9.56 3.63 60.19
CA GLN I 690 -8.18 4.10 60.26
C GLN I 690 -7.39 3.69 59.03
N ALA J 2 -35.60 13.46 64.27
CA ALA J 2 -35.61 13.57 62.82
C ALA J 2 -36.51 14.71 62.35
N THR J 3 -37.33 15.23 63.27
CA THR J 3 -38.25 16.33 62.99
C THR J 3 -37.85 17.52 63.84
N TYR J 4 -37.69 18.69 63.20
CA TYR J 4 -37.24 19.90 63.88
C TYR J 4 -38.22 21.04 63.59
N LYS J 5 -38.71 21.65 64.67
CA LYS J 5 -39.65 22.76 64.59
C LYS J 5 -39.13 24.06 65.16
N THR J 6 -38.35 24.02 66.22
CA THR J 6 -37.78 25.27 66.72
C THR J 6 -36.38 25.50 66.14
N PRO J 7 -36.05 26.75 65.83
CA PRO J 7 -34.75 27.04 65.19
C PRO J 7 -33.55 26.81 66.11
N GLY J 8 -32.45 26.35 65.50
CA GLY J 8 -31.21 26.19 66.22
C GLY J 8 -30.30 25.19 65.52
N VAL J 9 -29.38 24.64 66.31
CA VAL J 9 -28.40 23.64 65.87
C VAL J 9 -28.73 22.32 66.55
N TYR J 10 -28.60 21.22 65.81
CA TYR J 10 -28.90 19.89 66.33
C TYR J 10 -27.75 18.94 66.00
N ILE J 11 -27.66 17.86 66.78
CA ILE J 11 -26.58 16.88 66.69
C ILE J 11 -27.19 15.50 66.45
N GLU J 12 -26.71 14.81 65.42
CA GLU J 12 -27.14 13.45 65.07
C GLU J 12 -25.92 12.53 65.03
N GLU J 13 -26.09 11.30 65.50
CA GLU J 13 -25.04 10.28 65.39
C GLU J 13 -25.54 9.15 64.49
N ILE J 14 -24.68 8.72 63.56
CA ILE J 14 -25.00 7.69 62.58
C ILE J 14 -24.15 6.47 62.87
N THR J 15 -24.78 5.30 62.90
CA THR J 15 -24.14 4.03 63.22
C THR J 15 -23.65 3.34 61.95
N LYS J 16 -22.36 3.05 61.88
CA LYS J 16 -21.77 2.41 60.70
C LYS J 16 -21.07 1.09 61.00
N PHE J 17 -20.31 1.02 62.09
CA PHE J 17 -19.51 -0.17 62.35
C PHE J 17 -20.39 -1.31 62.87
N PRO J 18 -20.11 -2.55 62.51
CA PRO J 18 -20.82 -3.69 63.13
C PRO J 18 -20.30 -3.96 64.52
N PRO J 19 -21.10 -4.61 65.38
CA PRO J 19 -20.57 -5.08 66.68
C PRO J 19 -19.72 -6.34 66.49
N SER J 20 -19.13 -6.78 67.59
CA SER J 20 -18.26 -7.94 67.57
C SER J 20 -18.84 -9.07 68.43
N VAL J 21 -18.47 -10.30 68.07
CA VAL J 21 -18.91 -11.51 68.76
C VAL J 21 -17.97 -11.80 69.92
N ALA J 22 -18.52 -12.26 71.05
CA ALA J 22 -17.76 -12.61 72.24
C ALA J 22 -17.77 -14.13 72.42
N GLN J 23 -16.57 -14.72 72.55
CA GLN J 23 -16.43 -16.17 72.53
C GLN J 23 -16.74 -16.80 73.90
N VAL J 24 -17.39 -17.95 73.88
CA VAL J 24 -17.83 -18.64 75.09
C VAL J 24 -16.80 -19.68 75.50
N GLU J 25 -16.89 -20.11 76.77
CA GLU J 25 -16.03 -21.18 77.29
C GLU J 25 -16.38 -22.52 76.65
N THR J 26 -15.39 -23.42 76.56
CA THR J 26 -15.59 -24.67 75.85
C THR J 26 -15.58 -25.91 76.74
N ALA J 27 -14.92 -25.91 77.89
CA ALA J 27 -14.84 -27.11 78.74
C ALA J 27 -15.12 -26.75 80.20
N ILE J 28 -16.40 -26.74 80.56
CA ILE J 28 -16.86 -26.63 81.94
C ILE J 28 -17.73 -27.85 82.23
N PRO J 29 -17.27 -28.82 83.01
CA PRO J 29 -18.09 -30.01 83.30
C PRO J 29 -18.99 -29.84 84.51
N ALA J 30 -19.91 -30.79 84.67
CA ALA J 30 -20.80 -30.87 85.81
C ALA J 30 -20.79 -32.29 86.37
N PHE J 31 -20.57 -32.41 87.68
CA PHE J 31 -20.50 -33.69 88.36
C PHE J 31 -21.76 -33.88 89.20
N ILE J 32 -22.44 -35.01 89.02
CA ILE J 32 -23.74 -35.29 89.62
C ILE J 32 -23.64 -36.58 90.41
N GLY J 33 -23.79 -36.48 91.74
CA GLY J 33 -23.67 -37.65 92.58
C GLY J 33 -23.77 -37.30 94.06
N TYR J 34 -23.35 -38.25 94.90
CA TYR J 34 -23.51 -38.16 96.35
C TYR J 34 -22.28 -37.54 97.02
N THR J 35 -22.52 -36.73 98.05
CA THR J 35 -21.43 -36.11 98.81
C THR J 35 -21.58 -36.45 100.29
N GLN J 36 -20.65 -35.91 101.10
CA GLN J 36 -20.69 -36.17 102.53
C GLN J 36 -21.68 -35.27 103.27
N PHE J 37 -21.60 -33.94 103.10
CA PHE J 37 -22.63 -33.13 103.76
C PHE J 37 -23.34 -32.05 102.95
N ALA J 38 -22.68 -31.34 102.03
CA ALA J 38 -23.27 -30.29 101.16
C ALA J 38 -23.87 -29.11 101.96
N ARG J 39 -22.99 -28.33 102.58
CA ARG J 39 -23.42 -27.20 103.42
C ARG J 39 -22.92 -25.87 102.87
N THR J 40 -23.76 -24.83 102.97
CA THR J 40 -23.32 -23.48 102.58
C THR J 40 -22.41 -22.86 103.63
N LYS J 41 -22.75 -23.01 104.91
CA LYS J 41 -21.90 -22.58 106.00
C LYS J 41 -21.33 -23.82 106.69
N PRO J 42 -20.01 -24.03 106.67
CA PRO J 42 -19.47 -25.31 107.13
C PRO J 42 -19.59 -25.57 108.62
N SER J 43 -19.74 -24.52 109.43
CA SER J 43 -19.88 -24.72 110.87
C SER J 43 -21.30 -25.12 111.24
N VAL J 44 -22.29 -24.49 110.61
CA VAL J 44 -23.70 -24.77 110.89
C VAL J 44 -24.13 -26.04 110.16
N ASP J 45 -24.70 -26.99 110.90
CA ASP J 45 -24.99 -28.34 110.41
C ASP J 45 -26.36 -28.37 109.73
N SER J 46 -26.41 -27.99 108.46
CA SER J 46 -27.64 -28.02 107.69
C SER J 46 -27.32 -28.24 106.23
N ASP J 47 -27.90 -29.28 105.65
CA ASP J 47 -27.66 -29.64 104.25
C ASP J 47 -28.63 -28.87 103.36
N ASP J 48 -28.32 -27.59 103.12
CA ASP J 48 -29.14 -26.76 102.25
C ASP J 48 -28.62 -26.66 100.83
N LEU J 49 -27.59 -27.42 100.48
CA LEU J 49 -27.08 -27.49 99.11
C LEU J 49 -27.42 -28.80 98.41
N ILE J 50 -28.59 -29.39 98.71
CA ILE J 50 -28.87 -30.76 98.28
C ILE J 50 -29.05 -30.84 96.77
N LEU J 51 -29.97 -30.05 96.21
CA LEU J 51 -30.16 -30.04 94.76
C LEU J 51 -29.95 -28.66 94.15
N LYS J 52 -28.89 -27.96 94.57
CA LYS J 52 -28.54 -26.64 94.04
C LYS J 52 -27.18 -26.71 93.36
N PRO J 53 -27.07 -26.31 92.09
CA PRO J 53 -25.74 -26.32 91.44
C PRO J 53 -24.86 -25.18 91.97
N LYS J 54 -23.59 -25.51 92.22
CA LYS J 54 -22.62 -24.58 92.76
C LYS J 54 -21.31 -24.68 91.99
N ARG J 55 -20.72 -23.52 91.69
CA ARG J 55 -19.47 -23.45 90.94
C ARG J 55 -18.28 -23.34 91.90
N ILE J 56 -17.37 -24.30 91.80
CA ILE J 56 -16.16 -24.34 92.61
C ILE J 56 -14.95 -24.16 91.70
N SER J 57 -13.77 -24.06 92.28
CA SER J 57 -12.57 -23.75 91.52
C SER J 57 -11.38 -24.67 91.79
N SER J 58 -11.38 -25.40 92.91
CA SER J 58 -10.25 -26.26 93.24
C SER J 58 -10.75 -27.40 94.14
N LEU J 59 -9.83 -28.29 94.47
CA LEU J 59 -10.16 -29.40 95.36
C LEU J 59 -10.35 -28.92 96.80
N LEU J 60 -9.70 -27.81 97.17
CA LEU J 60 -9.86 -27.28 98.50
C LEU J 60 -11.23 -26.61 98.67
N ASP J 61 -11.79 -26.08 97.58
CA ASP J 61 -13.15 -25.56 97.61
C ASP J 61 -14.17 -26.67 97.79
N PHE J 62 -13.88 -27.87 97.29
CA PHE J 62 -14.85 -28.95 97.37
C PHE J 62 -14.98 -29.48 98.80
N THR J 63 -13.85 -29.66 99.51
CA THR J 63 -13.91 -30.27 100.83
C THR J 63 -14.44 -29.29 101.87
N THR J 64 -14.40 -27.99 101.57
CA THR J 64 -15.00 -26.98 102.44
C THR J 64 -16.52 -27.14 102.51
N TYR J 65 -17.16 -27.27 101.34
CA TYR J 65 -18.61 -27.32 101.28
C TYR J 65 -19.16 -28.74 101.27
N TYR J 66 -18.40 -29.73 100.82
CA TYR J 66 -18.93 -31.07 100.63
C TYR J 66 -18.20 -32.17 101.39
N GLY J 67 -16.95 -31.97 101.79
CA GLY J 67 -16.23 -32.98 102.55
C GLY J 67 -15.39 -33.91 101.69
N GLY J 68 -15.12 -35.09 102.25
CA GLY J 68 -14.30 -36.08 101.57
C GLY J 68 -14.99 -37.41 101.30
N ALA J 69 -14.20 -38.48 101.23
CA ALA J 69 -14.74 -39.81 100.93
C ALA J 69 -15.25 -40.50 102.17
N GLN J 70 -15.85 -41.68 101.98
CA GLN J 70 -16.35 -42.50 103.06
C GLN J 70 -15.31 -43.52 103.50
N ASN J 71 -15.19 -43.72 104.81
CA ASN J 71 -14.28 -44.71 105.36
C ASN J 71 -14.69 -46.12 104.97
N GLU J 72 -13.74 -46.93 104.55
CA GLU J 72 -14.04 -48.30 104.17
C GLU J 72 -14.27 -49.18 105.39
N GLN J 73 -15.18 -50.15 105.24
CA GLN J 73 -15.56 -51.04 106.34
C GLN J 73 -15.14 -52.49 106.11
N GLY J 74 -14.49 -52.80 105.00
CA GLY J 74 -14.14 -54.17 104.67
C GLY J 74 -12.67 -54.56 104.78
N ILE J 75 -11.92 -53.93 105.68
CA ILE J 75 -10.46 -54.25 105.82
C ILE J 75 -10.23 -55.16 107.04
N THR J 76 -9.46 -56.23 106.85
CA THR J 76 -9.13 -57.17 107.92
C THR J 76 -7.62 -57.35 107.99
N VAL J 77 -7.10 -57.50 109.21
CA VAL J 77 -5.67 -57.69 109.46
C VAL J 77 -5.46 -58.98 110.24
N LYS J 78 -4.50 -59.79 109.79
CA LYS J 78 -4.18 -61.07 110.38
C LYS J 78 -2.70 -61.10 110.80
N LEU J 79 -2.43 -61.60 112.01
CA LEU J 79 -1.08 -61.76 112.51
C LEU J 79 -0.84 -63.21 112.93
N THR J 80 0.33 -63.75 112.58
CA THR J 80 0.68 -65.13 112.88
C THR J 80 2.14 -65.22 113.33
N ASP J 81 2.37 -65.82 114.49
CA ASP J 81 3.72 -66.09 114.99
C ASP J 81 4.01 -67.58 114.86
N THR J 82 5.18 -67.90 114.34
CA THR J 82 5.55 -69.28 113.99
C THR J 82 6.99 -69.51 114.44
N LEU J 83 7.36 -70.78 114.60
CA LEU J 83 8.73 -71.18 114.87
C LEU J 83 9.19 -72.16 113.80
N ILE J 84 10.27 -71.82 113.11
CA ILE J 84 10.83 -72.63 112.04
C ILE J 84 12.25 -73.02 112.43
N GLU J 85 12.39 -74.28 112.88
CA GLU J 85 13.63 -74.89 113.43
C GLU J 85 14.34 -73.97 114.42
N GLY J 86 13.58 -73.42 115.37
CA GLY J 86 14.11 -72.56 116.40
C GLY J 86 14.26 -71.10 116.02
N ALA J 87 13.82 -70.70 114.83
CA ALA J 87 13.90 -69.32 114.37
C ALA J 87 12.49 -68.74 114.27
N GLU J 88 12.34 -67.49 114.70
CA GLU J 88 11.02 -66.86 114.73
C GLU J 88 10.63 -66.40 113.32
N ASN J 89 9.33 -66.45 113.03
CA ASN J 89 8.78 -65.98 111.77
C ASN J 89 7.43 -65.31 112.05
N ARG J 90 7.27 -64.08 111.58
CA ARG J 90 6.05 -63.32 111.73
C ARG J 90 5.44 -63.05 110.36
N THR J 91 4.15 -63.30 110.22
CA THR J 91 3.43 -63.14 108.96
C THR J 91 2.31 -62.11 109.16
N ILE J 92 2.24 -61.14 108.26
CA ILE J 92 1.17 -60.13 108.25
C ILE J 92 0.41 -60.25 106.94
N ASN J 93 -0.90 -60.45 107.03
CA ASN J 93 -1.74 -60.70 105.86
C ASN J 93 -2.90 -59.71 105.83
N VAL J 94 -2.88 -58.83 104.84
CA VAL J 94 -4.01 -57.92 104.57
C VAL J 94 -4.48 -58.20 103.15
N PRO J 95 -5.59 -58.91 102.96
CA PRO J 95 -6.11 -59.13 101.61
C PRO J 95 -6.82 -57.88 101.09
N GLU J 96 -6.95 -57.83 99.77
CA GLU J 96 -7.71 -56.74 99.16
C GLU J 96 -9.20 -56.96 99.42
N PRO J 97 -9.93 -55.89 99.77
CA PRO J 97 -11.33 -56.07 100.19
C PRO J 97 -12.25 -56.40 99.02
N THR J 98 -13.16 -57.35 99.27
CA THR J 98 -14.16 -57.72 98.28
C THR J 98 -15.44 -56.90 98.37
N PHE J 99 -15.63 -56.15 99.46
CA PHE J 99 -16.78 -55.26 99.63
C PHE J 99 -16.26 -53.84 99.77
N LYS J 100 -16.58 -53.00 98.80
CA LYS J 100 -16.11 -51.62 98.75
C LYS J 100 -17.27 -50.66 98.89
N SER J 101 -16.96 -49.39 99.14
CA SER J 101 -17.97 -48.34 99.19
C SER J 101 -18.40 -48.00 97.76
N PRO J 102 -19.68 -47.73 97.52
CA PRO J 102 -20.13 -47.45 96.15
C PRO J 102 -19.96 -46.00 95.71
N TYR J 103 -19.40 -45.16 96.56
CA TYR J 103 -19.28 -43.73 96.29
C TYR J 103 -17.90 -43.42 95.69
N LEU J 104 -17.87 -42.69 94.59
CA LEU J 104 -16.64 -42.47 93.83
C LEU J 104 -16.40 -41.01 93.46
N MET J 105 -17.13 -40.07 94.06
CA MET J 105 -17.11 -38.69 93.59
C MET J 105 -15.84 -37.97 94.00
N PHE J 106 -15.39 -38.16 95.25
CA PHE J 106 -14.18 -37.50 95.72
C PHE J 106 -12.93 -38.03 95.02
N TYR J 107 -12.94 -39.32 94.67
CA TYR J 107 -11.80 -39.89 93.93
C TYR J 107 -11.74 -39.36 92.50
N SER J 108 -12.90 -39.16 91.88
CA SER J 108 -12.95 -38.70 90.49
C SER J 108 -12.52 -37.24 90.36
N LEU J 109 -12.78 -36.44 91.39
CA LEU J 109 -12.35 -35.04 91.36
C LEU J 109 -10.86 -34.91 91.59
N GLN J 110 -10.26 -35.88 92.29
CA GLN J 110 -8.80 -35.92 92.41
C GLN J 110 -8.15 -36.22 91.06
N MET J 111 -8.78 -37.08 90.25
CA MET J 111 -8.24 -37.41 88.94
C MET J 111 -8.42 -36.26 87.96
N TYR J 112 -9.49 -35.47 88.13
CA TYR J 112 -9.80 -34.37 87.23
C TYR J 112 -8.80 -33.22 87.39
N PHE J 113 -8.52 -32.83 88.64
CA PHE J 113 -7.60 -31.73 88.87
C PHE J 113 -6.15 -32.14 88.61
N ALA J 114 -5.85 -33.44 88.67
CA ALA J 114 -4.48 -33.90 88.42
C ALA J 114 -4.17 -33.95 86.93
N ASN J 115 -5.19 -33.91 86.09
CA ASN J 115 -5.00 -33.99 84.64
C ASN J 115 -5.22 -32.67 83.93
N GLY J 116 -5.42 -31.58 84.67
CA GLY J 116 -5.47 -30.25 84.10
C GLY J 116 -6.82 -29.57 84.11
N GLY J 117 -7.73 -29.96 84.99
CA GLY J 117 -9.05 -29.36 85.00
C GLY J 117 -9.09 -28.00 85.68
N GLY J 118 -10.10 -27.22 85.32
CA GLY J 118 -10.32 -25.92 85.90
C GLY J 118 -11.62 -25.85 86.67
N PRO J 119 -12.37 -24.76 86.50
CA PRO J 119 -13.64 -24.59 87.23
C PRO J 119 -14.72 -25.52 86.70
N CYS J 120 -15.56 -26.01 87.62
CA CYS J 120 -16.59 -26.99 87.32
C CYS J 120 -17.79 -26.76 88.24
N TYR J 121 -18.89 -27.45 87.94
CA TYR J 121 -20.11 -27.34 88.71
C TYR J 121 -20.39 -28.64 89.46
N ILE J 122 -20.90 -28.52 90.68
CA ILE J 122 -21.22 -29.65 91.54
C ILE J 122 -22.72 -29.69 91.76
N VAL J 123 -23.33 -30.84 91.49
CA VAL J 123 -24.74 -31.09 91.78
C VAL J 123 -24.83 -32.29 92.69
N SER J 124 -25.07 -32.06 93.97
CA SER J 124 -25.28 -33.13 94.92
C SER J 124 -26.62 -33.81 94.65
N THR J 125 -26.76 -35.07 95.05
CA THR J 125 -28.04 -35.77 94.96
C THR J 125 -28.49 -36.35 96.28
N GLY J 126 -27.79 -36.06 97.36
CA GLY J 126 -28.05 -36.67 98.64
C GLY J 126 -26.75 -36.89 99.37
N VAL J 127 -26.86 -37.47 100.57
CA VAL J 127 -25.69 -37.72 101.40
C VAL J 127 -25.48 -39.23 101.51
N TYR J 128 -24.37 -39.60 102.15
CA TYR J 128 -24.00 -41.01 102.28
C TYR J 128 -24.96 -41.74 103.22
N ASP J 129 -25.19 -43.01 102.92
CA ASP J 129 -25.89 -43.91 103.83
C ASP J 129 -24.86 -44.79 104.55
N ASP J 130 -25.25 -45.31 105.69
CA ASP J 130 -24.37 -46.12 106.53
C ASP J 130 -24.39 -47.59 106.10
N TRP J 131 -23.30 -48.28 106.41
CA TRP J 131 -23.24 -49.72 106.21
C TRP J 131 -24.07 -50.43 107.27
N SER J 132 -24.82 -51.44 106.84
CA SER J 132 -25.58 -52.23 107.80
C SER J 132 -24.69 -53.17 108.62
N ASP J 133 -23.74 -53.85 107.97
CA ASP J 133 -22.67 -54.55 108.66
C ASP J 133 -21.46 -54.55 107.74
N SER J 134 -20.49 -55.43 108.04
CA SER J 134 -19.19 -55.36 107.37
C SER J 134 -19.22 -55.94 105.97
N GLU J 135 -20.31 -56.59 105.58
CA GLU J 135 -20.41 -57.18 104.25
C GLU J 135 -21.63 -56.71 103.47
N THR J 136 -22.26 -55.62 103.86
CA THR J 136 -23.38 -55.04 103.11
C THR J 136 -23.17 -53.54 102.95
N PRO J 137 -22.58 -53.11 101.83
CA PRO J 137 -22.47 -51.68 101.55
C PRO J 137 -23.82 -51.10 101.13
N PRO J 138 -23.99 -49.78 101.22
CA PRO J 138 -25.25 -49.18 100.77
C PRO J 138 -25.43 -49.22 99.26
N THR J 139 -26.63 -48.85 98.83
CA THR J 139 -27.05 -48.94 97.43
C THR J 139 -27.24 -47.55 96.83
N ILE J 140 -27.23 -47.51 95.50
CA ILE J 140 -27.38 -46.28 94.73
C ILE J 140 -28.72 -46.33 94.01
N ASN J 141 -29.49 -45.25 94.10
CA ASN J 141 -30.86 -45.23 93.59
C ASN J 141 -30.91 -44.51 92.25
N PHE J 142 -31.70 -45.06 91.31
CA PHE J 142 -31.84 -44.47 89.99
C PHE J 142 -32.62 -43.15 90.05
N SER J 143 -33.56 -43.03 90.99
CA SER J 143 -34.43 -41.85 91.03
C SER J 143 -33.72 -40.60 91.54
N ASP J 144 -32.61 -40.76 92.27
CA ASP J 144 -31.83 -39.62 92.71
C ASP J 144 -30.97 -39.03 91.59
N LEU J 145 -30.37 -39.88 90.77
CA LEU J 145 -29.50 -39.40 89.69
C LEU J 145 -30.29 -38.76 88.57
N GLU J 146 -31.51 -39.22 88.30
CA GLU J 146 -32.32 -38.58 87.26
C GLU J 146 -32.89 -37.26 87.75
N SER J 147 -33.10 -37.13 89.06
CA SER J 147 -33.53 -35.86 89.64
C SER J 147 -32.43 -34.81 89.55
N GLY J 148 -31.17 -35.24 89.58
CA GLY J 148 -30.07 -34.30 89.43
C GLY J 148 -29.92 -33.80 88.00
N LEU J 149 -30.30 -34.63 87.03
CA LEU J 149 -30.23 -34.23 85.63
C LEU J 149 -31.29 -33.19 85.27
N ALA J 150 -32.39 -33.15 86.03
CA ALA J 150 -33.45 -32.20 85.73
C ALA J 150 -33.10 -30.78 86.17
N VAL J 151 -32.26 -30.63 87.20
CA VAL J 151 -31.92 -29.30 87.68
C VAL J 151 -30.75 -28.73 86.88
N ILE J 152 -29.96 -29.58 86.22
CA ILE J 152 -28.85 -29.08 85.43
C ILE J 152 -29.32 -28.59 84.06
N ARG J 153 -30.56 -28.92 83.69
CA ARG J 153 -31.18 -28.43 82.47
C ARG J 153 -31.42 -26.92 82.51
N LYS J 154 -31.59 -26.37 83.72
CA LYS J 154 -31.85 -24.96 83.92
C LYS J 154 -30.58 -24.11 84.00
N GLU J 155 -29.40 -24.71 83.99
CA GLU J 155 -28.15 -23.96 84.03
C GLU J 155 -27.62 -23.76 82.63
N ASP J 156 -26.97 -22.61 82.41
CA ASP J 156 -26.52 -22.19 81.09
C ASP J 156 -25.07 -22.55 80.80
N GLU J 157 -24.18 -22.39 81.76
CA GLU J 157 -22.73 -22.44 81.57
C GLU J 157 -22.05 -23.81 81.35
N PRO J 158 -22.46 -24.94 81.97
CA PRO J 158 -21.72 -26.20 81.72
C PRO J 158 -21.83 -26.72 80.29
N THR J 159 -20.76 -27.38 79.84
CA THR J 159 -20.67 -27.94 78.49
C THR J 159 -20.49 -29.46 78.49
N LEU J 160 -20.34 -30.09 79.65
CA LEU J 160 -20.07 -31.53 79.73
C LEU J 160 -20.83 -32.16 80.90
N LEU J 161 -21.39 -33.36 80.68
CA LEU J 161 -22.22 -34.05 81.65
C LEU J 161 -21.57 -35.36 82.07
N LEU J 162 -21.48 -35.59 83.38
CA LEU J 162 -20.86 -36.79 83.94
C LEU J 162 -21.62 -37.29 85.16
N PHE J 163 -21.58 -38.61 85.38
CA PHE J 163 -22.20 -39.30 86.51
C PHE J 163 -21.17 -40.24 87.12
N PRO J 164 -20.45 -39.81 88.17
CA PRO J 164 -19.32 -40.63 88.66
C PRO J 164 -19.71 -41.88 89.44
N ASP J 165 -20.96 -42.04 89.89
CA ASP J 165 -21.35 -43.17 90.71
C ASP J 165 -22.13 -44.21 89.92
N ALA J 166 -22.29 -44.00 88.61
CA ALA J 166 -23.28 -44.72 87.81
C ALA J 166 -22.94 -46.18 87.56
N THR J 167 -21.66 -46.57 87.58
CA THR J 167 -21.32 -47.98 87.35
C THR J 167 -21.69 -48.89 88.50
N ASN J 168 -22.04 -48.35 89.66
CA ASN J 168 -22.47 -49.14 90.81
C ASN J 168 -23.99 -49.19 90.95
N LEU J 169 -24.71 -48.92 89.87
CA LEU J 169 -26.16 -49.03 89.82
C LEU J 169 -26.56 -50.51 89.83
N PRO J 170 -27.76 -50.84 90.34
CA PRO J 170 -28.10 -52.27 90.55
C PRO J 170 -28.24 -53.10 89.28
N THR J 171 -28.92 -52.61 88.24
CA THR J 171 -29.04 -53.34 86.99
C THR J 171 -28.39 -52.54 85.86
N ASP J 172 -28.06 -53.25 84.78
CA ASP J 172 -27.46 -52.58 83.62
C ASP J 172 -28.50 -51.83 82.81
N ASP J 173 -29.78 -52.24 82.87
CA ASP J 173 -30.84 -51.52 82.17
C ASP J 173 -31.05 -50.13 82.75
N GLU J 174 -30.86 -49.96 84.05
CA GLU J 174 -30.92 -48.62 84.64
C GLU J 174 -29.73 -47.77 84.19
N PHE J 175 -28.57 -48.40 83.99
CA PHE J 175 -27.36 -47.70 83.57
C PHE J 175 -27.51 -47.14 82.15
N TYR J 176 -28.05 -47.94 81.23
CA TYR J 176 -28.20 -47.47 79.85
C TYR J 176 -29.33 -46.45 79.72
N SER J 177 -30.38 -46.62 80.52
CA SER J 177 -31.52 -45.70 80.46
C SER J 177 -31.17 -44.32 80.99
N LEU J 178 -30.20 -44.25 81.91
CA LEU J 178 -29.74 -42.95 82.40
C LEU J 178 -28.96 -42.21 81.33
N TYR J 179 -28.16 -42.92 80.54
CA TYR J 179 -27.36 -42.26 79.51
C TYR J 179 -28.18 -41.97 78.26
N ASN J 180 -29.33 -42.64 78.09
CA ASN J 180 -30.23 -42.26 77.01
C ASN J 180 -30.91 -40.93 77.31
N SER J 181 -31.08 -40.61 78.60
CA SER J 181 -31.73 -39.36 78.99
C SER J 181 -30.78 -38.18 78.84
N ALA J 182 -29.48 -38.42 79.03
CA ALA J 182 -28.50 -37.35 78.88
C ALA J 182 -28.32 -36.95 77.42
N LEU J 183 -28.41 -37.92 76.49
CA LEU J 183 -28.28 -37.60 75.08
C LEU J 183 -29.51 -36.89 74.54
N MET J 184 -30.69 -37.11 75.14
CA MET J 184 -31.88 -36.37 74.73
C MET J 184 -31.82 -34.92 75.21
N GLN J 185 -31.19 -34.68 76.37
CA GLN J 185 -30.99 -33.30 76.82
C GLN J 185 -29.95 -32.58 75.94
N CYS J 186 -28.94 -33.30 75.45
CA CYS J 186 -27.94 -32.68 74.60
C CYS J 186 -28.50 -32.36 73.22
N ASN J 187 -29.52 -33.12 72.78
CA ASN J 187 -30.18 -32.80 71.52
C ASN J 187 -31.05 -31.57 71.65
N ASP J 188 -31.75 -31.42 72.78
CA ASP J 188 -32.69 -30.32 72.95
C ASP J 188 -31.98 -28.98 73.15
N LEU J 189 -31.02 -28.94 74.08
CA LEU J 189 -30.34 -27.68 74.38
C LEU J 189 -29.30 -27.34 73.32
N GLN J 190 -28.89 -28.35 72.54
CA GLN J 190 -27.93 -28.34 71.43
C GLN J 190 -26.64 -27.55 71.72
N ASP J 191 -26.13 -27.62 72.95
CA ASP J 191 -24.89 -26.94 73.32
C ASP J 191 -24.00 -27.73 74.28
N ARG J 192 -24.24 -29.03 74.45
CA ARG J 192 -23.51 -29.84 75.42
C ARG J 192 -23.02 -31.13 74.78
N PHE J 193 -22.25 -31.90 75.57
CA PHE J 193 -21.64 -33.14 75.12
C PHE J 193 -21.52 -34.09 76.31
N THR J 194 -21.63 -35.39 76.07
CA THR J 194 -21.66 -36.41 77.12
C THR J 194 -20.48 -37.37 76.98
N ILE J 195 -19.89 -37.75 78.11
CA ILE J 195 -18.79 -38.73 78.15
C ILE J 195 -19.29 -40.00 78.85
N LEU J 196 -19.15 -41.13 78.16
CA LEU J 196 -19.71 -42.41 78.61
C LEU J 196 -18.63 -43.41 78.96
N ASP J 197 -18.99 -44.39 79.78
CA ASP J 197 -18.18 -45.58 80.03
C ASP J 197 -19.03 -46.83 79.76
N THR J 198 -18.39 -47.99 79.91
CA THR J 198 -19.11 -49.25 79.92
C THR J 198 -19.59 -49.57 81.33
N TYR J 199 -20.44 -50.59 81.43
CA TYR J 199 -20.98 -50.99 82.72
C TYR J 199 -19.92 -51.69 83.56
N SER J 200 -19.05 -52.45 82.92
CA SER J 200 -17.97 -53.14 83.59
C SER J 200 -16.77 -53.19 82.65
N ASP J 201 -15.62 -53.56 83.20
CA ASP J 201 -14.43 -53.78 82.39
C ASP J 201 -14.23 -55.25 82.05
N GLN J 202 -14.98 -56.15 82.66
CA GLN J 202 -14.94 -57.58 82.39
C GLN J 202 -16.33 -58.09 82.06
N THR J 203 -16.40 -59.37 81.71
CA THR J 203 -17.67 -60.04 81.49
C THR J 203 -18.48 -60.11 82.78
N TYR J 204 -19.73 -59.64 82.72
CA TYR J 204 -20.58 -59.55 83.89
C TYR J 204 -21.82 -60.40 83.70
N ASN J 205 -22.43 -60.77 84.83
CA ASN J 205 -23.65 -61.58 84.83
C ASN J 205 -24.88 -60.68 84.88
N ASP J 206 -25.85 -60.97 84.02
CA ASP J 206 -27.09 -60.21 83.92
C ASP J 206 -28.22 -60.82 84.74
N GLY J 207 -28.02 -61.99 85.35
CA GLY J 207 -29.08 -62.74 85.97
C GLY J 207 -29.56 -63.91 85.15
N VAL J 208 -29.63 -63.76 83.84
CA VAL J 208 -29.93 -64.87 82.94
C VAL J 208 -28.73 -65.31 82.11
N GLU J 209 -27.87 -64.39 81.67
CA GLU J 209 -26.79 -64.70 80.76
C GLU J 209 -25.52 -63.98 81.19
N ASP J 210 -24.41 -64.31 80.54
CA ASP J 210 -23.15 -63.60 80.71
C ASP J 210 -22.91 -62.76 79.47
N LEU J 211 -22.52 -61.50 79.67
CA LEU J 211 -22.42 -60.54 78.58
C LEU J 211 -21.03 -59.92 78.53
N ASP J 212 -20.56 -59.66 77.31
CA ASP J 212 -19.32 -58.92 77.11
C ASP J 212 -19.62 -57.43 77.17
N PRO J 213 -18.69 -56.59 77.66
CA PRO J 213 -19.00 -55.17 77.90
C PRO J 213 -19.24 -54.31 76.66
N ILE J 214 -18.44 -54.53 75.62
CA ILE J 214 -18.55 -53.71 74.37
C ILE J 214 -19.85 -54.02 73.64
N PRO J 215 -20.24 -55.27 73.31
CA PRO J 215 -21.54 -55.50 72.63
C PRO J 215 -22.77 -55.20 73.47
N ALA J 216 -22.64 -55.16 74.81
CA ALA J 216 -23.79 -54.84 75.65
C ALA J 216 -24.06 -53.33 75.66
N LEU J 217 -23.01 -52.52 75.51
CA LEU J 217 -23.21 -51.07 75.40
C LEU J 217 -23.81 -50.70 74.04
N ARG J 218 -23.53 -51.49 73.01
CA ARG J 218 -24.08 -51.21 71.68
C ARG J 218 -25.56 -51.57 71.61
N ASN J 219 -26.02 -52.49 72.47
CA ASN J 219 -27.44 -52.80 72.54
C ASN J 219 -28.22 -51.80 73.40
N GLY J 220 -27.63 -51.33 74.49
CA GLY J 220 -28.37 -50.50 75.44
C GLY J 220 -28.65 -49.10 74.95
N ILE J 221 -27.77 -48.55 74.12
CA ILE J 221 -27.95 -47.21 73.55
C ILE J 221 -28.62 -47.39 72.19
N ASN J 222 -29.92 -47.09 72.10
CA ASN J 222 -30.72 -47.45 70.94
C ASN J 222 -31.36 -46.25 70.23
N LEU J 223 -30.64 -45.15 70.07
CA LEU J 223 -31.16 -43.98 69.39
C LEU J 223 -30.50 -43.79 68.03
N THR J 224 -31.06 -42.88 67.22
CA THR J 224 -30.54 -42.60 65.89
C THR J 224 -29.38 -41.59 65.96
N LYS J 225 -28.83 -41.30 64.79
CA LYS J 225 -27.64 -40.47 64.67
C LYS J 225 -27.78 -39.07 65.27
N ASP J 226 -28.96 -38.47 65.14
CA ASP J 226 -29.18 -37.12 65.63
C ASP J 226 -29.01 -37.02 67.15
N TYR J 227 -28.94 -38.17 67.83
CA TYR J 227 -28.64 -38.24 69.25
C TYR J 227 -27.24 -38.77 69.54
N LEU J 228 -26.75 -39.68 68.69
CA LEU J 228 -25.47 -40.35 68.93
C LEU J 228 -24.27 -39.43 68.68
N LYS J 229 -24.48 -38.32 67.95
CA LYS J 229 -23.39 -37.40 67.66
C LYS J 229 -22.99 -36.55 68.86
N TYR J 230 -23.73 -36.59 69.97
CA TYR J 230 -23.45 -35.81 71.16
C TYR J 230 -22.73 -36.61 72.26
N GLY J 231 -22.21 -37.79 71.96
CA GLY J 231 -21.53 -38.56 72.99
C GLY J 231 -20.33 -39.32 72.49
N ALA J 232 -19.48 -39.73 73.45
CA ALA J 232 -18.27 -40.50 73.19
C ALA J 232 -18.03 -41.47 74.35
N ALA J 233 -17.47 -42.63 74.04
CA ALA J 233 -17.30 -43.72 74.98
C ALA J 233 -15.86 -44.21 75.02
N TYR J 234 -15.40 -44.60 76.22
CA TYR J 234 -14.02 -44.98 76.44
C TYR J 234 -13.96 -46.32 77.17
N TYR J 235 -12.87 -47.05 76.94
CA TYR J 235 -12.68 -48.40 77.44
C TYR J 235 -11.18 -48.70 77.47
N PRO J 236 -10.70 -49.48 78.45
CA PRO J 236 -11.23 -50.04 79.71
C PRO J 236 -11.06 -49.11 80.92
N PHE J 237 -11.05 -49.69 82.12
CA PHE J 237 -10.87 -48.90 83.34
C PHE J 237 -9.39 -48.59 83.57
N VAL J 238 -9.09 -47.73 84.55
CA VAL J 238 -7.72 -47.32 84.84
C VAL J 238 -7.38 -47.57 86.30
N GLN J 239 -6.14 -47.99 86.56
CA GLN J 239 -5.60 -48.23 87.92
C GLN J 239 -4.81 -46.96 88.32
N THR J 240 -5.07 -46.41 89.51
CA THR J 240 -4.54 -45.12 89.93
C THR J 240 -3.50 -45.31 91.03
N ILE J 241 -2.92 -44.21 91.50
CA ILE J 241 -1.92 -44.18 92.56
C ILE J 241 -2.54 -43.83 93.92
N LEU J 242 -3.86 -43.72 93.99
CA LEU J 242 -4.53 -43.25 95.19
C LEU J 242 -4.76 -44.37 96.20
N ASN J 243 -4.81 -44.00 97.48
CA ASN J 243 -5.11 -44.93 98.55
C ASN J 243 -6.58 -44.78 98.97
N TYR J 244 -7.13 -45.85 99.55
CA TYR J 244 -8.47 -45.85 100.11
C TYR J 244 -8.52 -45.00 101.39
N GLN J 245 -9.68 -44.40 101.63
CA GLN J 245 -9.92 -43.64 102.84
C GLN J 245 -10.45 -44.58 103.93
N TYR J 246 -9.81 -44.54 105.10
CA TYR J 246 -10.19 -45.42 106.20
C TYR J 246 -9.85 -44.75 107.52
N SER J 247 -10.41 -45.30 108.59
CA SER J 247 -10.17 -44.82 109.94
C SER J 247 -9.54 -45.93 110.78
N ALA J 248 -8.51 -45.57 111.55
CA ALA J 248 -7.80 -46.57 112.36
C ALA J 248 -8.57 -46.97 113.62
N ASP J 249 -9.62 -46.22 113.98
CA ASP J 249 -10.46 -46.56 115.12
C ASP J 249 -11.39 -47.74 114.88
N GLU J 250 -11.51 -48.20 113.62
CA GLU J 250 -12.46 -49.24 113.27
C GLU J 250 -11.79 -50.51 112.75
N ILE J 251 -10.48 -50.61 112.82
CA ILE J 251 -9.74 -51.79 112.38
C ILE J 251 -9.48 -52.67 113.59
N VAL J 252 -9.87 -53.95 113.51
CA VAL J 252 -9.68 -54.91 114.59
C VAL J 252 -8.63 -55.92 114.17
N ILE J 253 -7.71 -56.23 115.08
CA ILE J 253 -6.62 -57.16 114.84
C ILE J 253 -7.01 -58.54 115.36
N GLN J 254 -6.67 -59.59 114.61
CA GLN J 254 -6.73 -60.96 115.10
C GLN J 254 -5.32 -61.56 115.09
N HIS J 255 -4.86 -61.99 116.26
CA HIS J 255 -3.47 -62.36 116.51
C HIS J 255 -3.41 -63.79 117.00
N LEU J 256 -2.73 -64.64 116.23
CA LEU J 256 -2.48 -66.03 116.60
C LEU J 256 -1.00 -66.20 116.94
N SER J 257 -0.71 -66.62 118.17
CA SER J 257 0.67 -66.73 118.64
C SER J 257 0.86 -68.07 119.33
N TYR J 258 2.11 -68.54 119.33
CA TYR J 258 2.43 -69.78 120.04
C TYR J 258 2.47 -69.57 121.54
N ASN J 259 2.77 -68.34 121.97
CA ASN J 259 2.77 -68.00 123.39
C ASN J 259 1.47 -67.26 123.71
N PRO J 260 0.46 -67.93 124.26
CA PRO J 260 -0.80 -67.24 124.53
C PRO J 260 -0.79 -66.50 125.85
N ASN J 261 -0.82 -65.17 125.80
CA ASN J 261 -0.95 -64.34 126.99
C ASN J 261 -2.05 -63.29 126.82
N ALA J 262 -3.12 -63.63 126.11
CA ALA J 262 -4.21 -62.69 125.91
C ALA J 262 -5.00 -62.46 127.19
N ILE J 263 -5.31 -63.54 127.91
CA ILE J 263 -6.10 -63.41 129.13
C ILE J 263 -5.24 -62.88 130.26
N ALA J 264 -3.95 -63.24 130.25
CA ALA J 264 -3.04 -62.79 131.30
C ALA J 264 -2.76 -61.28 131.18
N THR J 265 -2.65 -60.77 129.96
CA THR J 265 -2.45 -59.33 129.78
C THR J 265 -3.74 -58.58 130.07
N ALA J 266 -4.89 -59.21 129.81
CA ALA J 266 -6.16 -58.59 130.17
C ALA J 266 -6.39 -58.61 131.67
N LEU J 267 -5.78 -59.57 132.38
CA LEU J 267 -5.91 -59.61 133.83
C LEU J 267 -5.06 -58.54 134.49
N ASP J 268 -3.86 -58.29 133.96
CA ASP J 268 -2.92 -57.38 134.61
C ASP J 268 -3.41 -55.93 134.56
N ASN J 269 -4.10 -55.55 133.48
CA ASN J 269 -4.68 -54.22 133.41
C ASN J 269 -5.86 -54.07 134.34
N LEU J 270 -6.70 -55.12 134.42
CA LEU J 270 -7.92 -55.02 135.23
C LEU J 270 -7.62 -55.21 136.71
N ASN J 271 -6.54 -55.91 137.05
CA ASN J 271 -6.14 -56.02 138.45
C ASN J 271 -5.53 -54.72 138.94
N ALA J 272 -4.86 -53.99 138.04
CA ALA J 272 -4.21 -52.74 138.43
C ALA J 272 -5.22 -51.63 138.63
N VAL J 273 -6.31 -51.62 137.85
CA VAL J 273 -7.30 -50.55 137.97
C VAL J 273 -8.16 -50.78 139.21
N ASN J 274 -8.22 -52.01 139.71
CA ASN J 274 -8.99 -52.34 140.91
C ASN J 274 -8.11 -52.14 142.15
N GLY J 275 -7.82 -50.88 142.44
CA GLY J 275 -6.97 -50.52 143.54
C GLY J 275 -7.50 -49.34 144.34
N PRO J 276 -6.95 -49.13 145.54
CA PRO J 276 -7.40 -47.98 146.35
C PRO J 276 -6.95 -46.63 145.81
N THR J 277 -5.76 -46.54 145.24
CA THR J 277 -5.31 -45.25 144.71
C THR J 277 -5.96 -44.96 143.35
N PHE J 278 -6.43 -46.00 142.67
CA PHE J 278 -6.84 -45.85 141.28
C PHE J 278 -8.32 -45.47 141.16
N ILE J 279 -9.22 -46.34 141.63
CA ILE J 279 -10.65 -46.15 141.42
C ILE J 279 -11.38 -45.77 142.70
N ASP J 280 -10.79 -46.06 143.86
CA ASP J 280 -11.41 -45.65 145.12
C ASP J 280 -11.15 -44.17 145.40
N ALA J 281 -10.07 -43.63 144.83
CA ALA J 281 -9.76 -42.22 145.01
C ALA J 281 -10.66 -41.32 144.17
N ILE J 282 -11.32 -41.90 143.16
CA ILE J 282 -12.27 -41.14 142.36
C ILE J 282 -13.59 -40.98 143.12
N LEU J 283 -13.94 -41.99 143.93
CA LEU J 283 -15.29 -42.06 144.46
C LEU J 283 -15.45 -41.25 145.74
N ASP J 284 -14.42 -41.24 146.60
CA ASP J 284 -14.54 -40.52 147.86
C ASP J 284 -14.44 -39.01 147.66
N ASP J 285 -13.84 -38.58 146.55
CA ASP J 285 -13.81 -37.17 146.21
C ASP J 285 -15.20 -36.67 145.85
N LEU J 286 -16.00 -37.53 145.19
CA LEU J 286 -17.34 -37.14 144.77
C LEU J 286 -18.28 -37.01 145.97
N ARG J 287 -18.11 -37.86 146.98
CA ARG J 287 -18.91 -37.77 148.19
C ARG J 287 -18.08 -37.26 149.36
N ASN J 321 -23.54 -11.43 142.56
CA ASN J 321 -22.70 -10.53 141.79
C ASN J 321 -21.68 -11.31 140.95
N SER J 322 -20.65 -10.61 140.47
CA SER J 322 -19.68 -11.24 139.60
C SER J 322 -18.68 -12.08 140.40
N VAL J 323 -18.51 -11.76 141.69
CA VAL J 323 -17.55 -12.51 142.50
C VAL J 323 -18.18 -13.80 143.00
N LYS J 324 -19.51 -13.87 143.05
CA LYS J 324 -20.18 -15.09 143.46
C LYS J 324 -20.27 -16.09 142.32
N VAL J 325 -20.38 -15.59 141.08
CA VAL J 325 -20.44 -16.47 139.93
C VAL J 325 -19.05 -17.04 139.63
N ALA J 326 -18.01 -16.23 139.83
CA ALA J 326 -16.65 -16.67 139.55
C ALA J 326 -16.17 -17.70 140.58
N ASN J 327 -16.64 -17.59 141.82
CA ASN J 327 -16.30 -18.60 142.82
C ASN J 327 -17.09 -19.88 142.59
N PHE J 328 -18.33 -19.75 142.13
CA PHE J 328 -19.18 -20.92 141.93
C PHE J 328 -18.73 -21.74 140.74
N ALA J 329 -18.10 -21.09 139.75
CA ALA J 329 -17.61 -21.81 138.58
C ALA J 329 -16.37 -22.64 138.91
N SER J 330 -15.65 -22.27 139.96
CA SER J 330 -14.49 -23.06 140.38
C SER J 330 -14.93 -24.36 141.06
N LEU J 331 -16.10 -24.33 141.72
CA LEU J 331 -16.60 -25.53 142.37
C LEU J 331 -17.12 -26.55 141.37
N VAL J 332 -17.71 -26.07 140.26
CA VAL J 332 -18.25 -26.97 139.25
C VAL J 332 -17.12 -27.58 138.43
N GLU J 333 -16.03 -26.82 138.22
CA GLU J 333 -14.93 -27.33 137.40
C GLU J 333 -14.15 -28.43 138.11
N SER J 334 -14.19 -28.45 139.44
CA SER J 334 -13.54 -29.53 140.18
C SER J 334 -14.39 -30.80 140.17
N VAL J 335 -15.71 -30.64 140.19
CA VAL J 335 -16.60 -31.80 140.12
C VAL J 335 -16.59 -32.39 138.72
N LEU J 336 -16.54 -31.54 137.70
CA LEU J 336 -16.55 -32.00 136.31
C LEU J 336 -15.23 -32.67 135.95
N SER J 337 -14.12 -32.24 136.58
CA SER J 337 -12.84 -32.89 136.34
C SER J 337 -12.79 -34.27 136.97
N THR J 338 -13.55 -34.50 138.05
CA THR J 338 -13.57 -35.81 138.68
C THR J 338 -14.39 -36.80 137.85
N LEU J 339 -15.46 -36.31 137.21
CA LEU J 339 -16.31 -37.18 136.40
C LEU J 339 -15.59 -37.66 135.14
N ASN J 340 -14.70 -36.84 134.59
CA ASN J 340 -14.07 -37.17 133.32
C ASN J 340 -13.06 -38.30 133.47
N GLU J 341 -12.34 -38.35 134.60
CA GLU J 341 -11.39 -39.44 134.82
C GLU J 341 -12.11 -40.74 135.16
N LEU J 342 -13.36 -40.64 135.66
CA LEU J 342 -14.17 -41.84 135.83
C LEU J 342 -14.65 -42.36 134.48
N ILE J 343 -14.97 -41.46 133.55
CA ILE J 343 -15.39 -41.87 132.21
C ILE J 343 -14.19 -42.40 131.43
N ASP J 344 -13.00 -41.84 131.66
CA ASP J 344 -11.79 -42.36 131.03
C ASP J 344 -11.42 -43.72 131.60
N ALA J 345 -11.77 -43.98 132.86
CA ALA J 345 -11.56 -45.31 133.43
C ALA J 345 -12.53 -46.32 132.83
N LYS J 346 -13.72 -45.86 132.45
CA LYS J 346 -14.70 -46.74 131.82
C LYS J 346 -14.24 -47.17 130.42
N GLU J 347 -13.49 -46.30 129.73
CA GLU J 347 -13.06 -46.60 128.37
C GLU J 347 -12.00 -47.69 128.34
N GLU J 348 -11.07 -47.67 129.30
CA GLU J 348 -9.95 -48.61 129.27
C GLU J 348 -10.37 -49.99 129.77
N ILE J 349 -11.45 -50.05 130.54
CA ILE J 349 -11.96 -51.35 131.00
C ILE J 349 -12.58 -52.12 129.83
N ASN J 350 -13.28 -51.41 128.94
CA ASN J 350 -13.99 -52.08 127.84
C ASN J 350 -13.01 -52.63 126.80
N LYS J 351 -11.84 -52.02 126.67
CA LYS J 351 -10.85 -52.53 125.71
C LYS J 351 -10.19 -53.81 126.21
N ASP J 352 -10.18 -54.01 127.53
CA ASP J 352 -9.57 -55.21 128.09
C ASP J 352 -10.50 -56.41 128.02
N VAL J 353 -11.80 -56.18 128.26
CA VAL J 353 -12.76 -57.28 128.25
C VAL J 353 -13.07 -57.72 126.82
N ASN J 354 -13.03 -56.77 125.87
CA ASN J 354 -13.30 -57.11 124.48
C ASN J 354 -12.20 -57.98 123.88
N SER J 355 -10.97 -57.82 124.36
CA SER J 355 -9.88 -58.67 123.89
C SER J 355 -9.94 -60.06 124.51
N ALA J 356 -10.65 -60.20 125.64
CA ALA J 356 -10.80 -61.51 126.27
C ALA J 356 -12.05 -62.23 125.77
N ILE J 357 -13.06 -61.47 125.35
CA ILE J 357 -14.24 -62.07 124.72
C ILE J 357 -13.86 -62.70 123.38
N ALA J 358 -13.05 -61.98 122.59
CA ALA J 358 -12.71 -62.46 121.26
C ALA J 358 -11.67 -63.58 121.31
N SER J 359 -10.93 -63.69 122.41
CA SER J 359 -9.87 -64.70 122.48
C SER J 359 -10.42 -66.05 122.93
N SER J 360 -11.53 -66.05 123.66
CA SER J 360 -12.10 -67.29 124.20
C SER J 360 -13.26 -67.76 123.32
N GLU J 361 -12.92 -68.11 122.07
CA GLU J 361 -13.93 -68.71 121.18
C GLU J 361 -14.24 -70.14 121.59
N GLU J 362 -13.31 -70.80 122.26
CA GLU J 362 -13.58 -72.08 122.87
C GLU J 362 -14.47 -71.89 124.11
N ASP J 363 -15.33 -72.89 124.35
CA ASP J 363 -16.20 -72.98 125.54
C ASP J 363 -17.13 -71.77 125.65
N ASN J 364 -18.12 -71.78 124.74
CA ASN J 364 -19.04 -70.65 124.54
C ASN J 364 -19.83 -70.26 125.80
N ALA J 365 -19.93 -71.17 126.78
CA ALA J 365 -20.58 -70.81 128.04
C ALA J 365 -19.75 -69.81 128.84
N ILE J 366 -18.42 -69.87 128.72
CA ILE J 366 -17.56 -68.92 129.43
C ILE J 366 -17.61 -67.55 128.77
N LYS J 367 -17.72 -67.52 127.43
CA LYS J 367 -17.85 -66.26 126.71
C LYS J 367 -19.15 -65.55 127.05
N THR J 368 -20.22 -66.33 127.29
CA THR J 368 -21.49 -65.74 127.69
C THR J 368 -21.42 -65.12 129.07
N ALA J 369 -20.65 -65.74 129.97
CA ALA J 369 -20.52 -65.21 131.33
C ALA J 369 -19.68 -63.94 131.35
N ILE J 370 -18.65 -63.87 130.51
CA ILE J 370 -17.82 -62.66 130.42
C ILE J 370 -18.60 -61.53 129.77
N SER J 371 -19.45 -61.86 128.78
CA SER J 371 -20.27 -60.84 128.13
C SER J 371 -21.38 -60.35 129.04
N ASP J 372 -21.91 -61.24 129.89
CA ASP J 372 -22.98 -60.83 130.80
C ASP J 372 -22.46 -59.95 131.92
N ALA J 373 -21.22 -60.19 132.37
CA ALA J 373 -20.64 -59.38 133.42
C ALA J 373 -20.28 -57.98 132.92
N LEU J 374 -20.13 -57.81 131.60
CA LEU J 374 -19.69 -56.53 131.07
C LEU J 374 -20.86 -55.56 130.93
N ASP J 375 -22.05 -56.05 130.54
CA ASP J 375 -23.18 -55.16 130.34
C ASP J 375 -23.80 -54.74 131.68
N VAL J 376 -23.63 -55.56 132.72
CA VAL J 376 -24.14 -55.17 134.03
C VAL J 376 -23.25 -54.11 134.66
N PHE J 377 -21.97 -54.10 134.29
CA PHE J 377 -21.08 -53.02 134.72
C PHE J 377 -21.37 -51.75 133.94
N ASN J 378 -21.83 -51.89 132.69
CA ASN J 378 -22.11 -50.72 131.86
C ASN J 378 -23.53 -50.18 132.05
N GLU J 379 -24.24 -50.60 133.11
CA GLU J 379 -25.61 -50.16 133.32
C GLU J 379 -25.66 -48.69 133.73
N ASP J 380 -24.95 -48.32 134.80
CA ASP J 380 -25.05 -46.98 135.36
C ASP J 380 -24.40 -45.95 134.45
N PHE J 381 -23.43 -46.36 133.63
CA PHE J 381 -22.74 -45.40 132.78
C PHE J 381 -23.60 -44.98 131.60
N GLU J 382 -24.35 -45.91 131.00
CA GLU J 382 -25.19 -45.57 129.86
C GLU J 382 -26.65 -45.93 130.06
N GLY J 383 -26.93 -47.17 130.47
CA GLY J 383 -28.30 -47.67 130.39
C GLY J 383 -29.15 -47.27 131.56
N ALA J 384 -28.65 -47.46 132.78
CA ALA J 384 -29.48 -47.20 133.96
C ALA J 384 -29.58 -45.71 134.26
N ASP J 385 -28.45 -45.06 134.55
CA ASP J 385 -28.44 -43.65 134.93
C ASP J 385 -27.68 -42.88 133.87
N LYS J 386 -27.84 -41.55 133.87
CA LYS J 386 -27.29 -40.69 132.82
C LYS J 386 -25.94 -40.12 133.24
N ILE J 387 -24.98 -41.00 133.54
CA ILE J 387 -23.66 -40.53 134.01
C ILE J 387 -22.89 -39.85 132.88
N GLU J 388 -22.88 -40.44 131.69
CA GLU J 388 -22.18 -39.80 130.58
C GLU J 388 -23.01 -38.68 129.96
N SER J 389 -24.27 -38.53 130.39
CA SER J 389 -25.11 -37.46 129.85
C SER J 389 -25.06 -36.21 130.70
N VAL J 390 -24.85 -36.34 132.01
CA VAL J 390 -24.83 -35.15 132.86
C VAL J 390 -23.48 -34.43 132.74
N ALA J 391 -22.43 -35.16 132.33
CA ALA J 391 -21.13 -34.53 132.13
C ALA J 391 -21.11 -33.63 130.91
N LYS J 392 -22.04 -33.81 129.97
CA LYS J 392 -22.12 -32.98 128.78
C LYS J 392 -22.98 -31.74 129.03
N ASN J 393 -24.09 -31.89 129.76
CA ASN J 393 -24.97 -30.76 129.99
C ASN J 393 -24.42 -29.79 131.03
N LEU J 394 -23.61 -30.27 131.96
CA LEU J 394 -22.99 -29.37 132.94
C LEU J 394 -21.94 -28.48 132.28
N SER J 395 -21.29 -28.97 131.23
CA SER J 395 -20.28 -28.17 130.55
C SER J 395 -20.90 -27.05 129.74
N ASP J 396 -22.06 -27.30 129.13
CA ASP J 396 -22.74 -26.23 128.40
C ASP J 396 -23.49 -25.30 129.34
N LEU J 397 -23.93 -25.80 130.49
CA LEU J 397 -24.51 -24.92 131.50
C LEU J 397 -23.45 -24.06 132.16
N LEU J 398 -22.19 -24.53 132.19
CA LEU J 398 -21.12 -23.74 132.76
C LEU J 398 -20.77 -22.56 131.88
N ILE J 399 -20.82 -22.74 130.56
CA ILE J 399 -20.53 -21.66 129.63
C ILE J 399 -21.64 -20.62 129.66
N LYS J 400 -22.88 -21.08 129.87
CA LYS J 400 -24.05 -20.19 129.81
C LYS J 400 -24.08 -19.21 130.98
N ILE J 401 -23.59 -19.64 132.16
CA ILE J 401 -23.65 -18.78 133.33
C ILE J 401 -22.58 -17.69 133.28
N LYS J 402 -21.52 -17.90 132.47
CA LYS J 402 -20.47 -16.90 132.39
C LYS J 402 -20.81 -15.81 131.39
N GLN J 403 -21.69 -16.11 130.41
CA GLN J 403 -22.14 -15.08 129.49
C GLN J 403 -23.36 -14.34 130.03
N ALA J 404 -24.08 -14.95 130.97
CA ALA J 404 -25.35 -14.39 131.43
C ALA J 404 -25.14 -13.23 132.40
N ASP J 405 -23.90 -13.00 132.84
CA ASP J 405 -23.62 -11.95 133.82
C ASP J 405 -23.60 -10.56 133.21
N THR J 406 -23.85 -10.42 131.90
CA THR J 406 -23.77 -9.11 131.25
C THR J 406 -25.01 -8.27 131.51
N ASN J 407 -26.16 -8.90 131.76
CA ASN J 407 -27.41 -8.15 131.82
C ASN J 407 -28.29 -8.48 133.01
N THR J 408 -28.45 -9.74 133.39
CA THR J 408 -29.57 -10.06 134.26
C THR J 408 -29.08 -10.97 135.39
N LYS J 409 -29.52 -10.67 136.60
CA LYS J 409 -29.29 -11.58 137.71
C LYS J 409 -30.37 -12.65 137.79
N VAL J 410 -31.55 -12.38 137.23
CA VAL J 410 -32.62 -13.38 137.17
C VAL J 410 -32.22 -14.52 136.26
N GLU J 411 -31.41 -14.20 135.24
CA GLU J 411 -30.86 -15.22 134.34
C GLU J 411 -29.97 -16.13 135.19
N ASN J 412 -29.20 -15.55 136.10
CA ASN J 412 -28.37 -16.34 137.00
C ASN J 412 -29.15 -16.99 138.13
N VAL J 413 -30.46 -16.76 138.20
CA VAL J 413 -31.32 -17.36 139.20
C VAL J 413 -32.25 -18.39 138.58
N LEU J 414 -32.72 -18.12 137.35
CA LEU J 414 -33.62 -19.02 136.65
C LEU J 414 -32.95 -20.35 136.32
N SER J 415 -31.64 -20.32 136.07
CA SER J 415 -30.93 -21.54 135.71
C SER J 415 -30.60 -22.38 136.94
N ILE J 416 -30.07 -21.77 138.00
CA ILE J 416 -29.42 -22.55 139.04
C ILE J 416 -30.44 -23.10 140.03
N ASN J 417 -31.67 -22.58 140.03
CA ASN J 417 -32.69 -23.04 140.97
C ASN J 417 -33.89 -23.65 140.26
N ALA J 418 -34.49 -22.93 139.31
CA ALA J 418 -35.73 -23.42 138.70
C ALA J 418 -35.44 -24.38 137.55
N LEU J 419 -34.55 -24.00 136.64
CA LEU J 419 -34.24 -24.81 135.47
C LEU J 419 -33.10 -25.77 135.77
N ASN J 420 -32.49 -26.29 134.69
CA ASN J 420 -31.75 -27.55 134.60
C ASN J 420 -30.64 -27.74 135.61
N PHE J 421 -30.09 -26.67 136.20
CA PHE J 421 -28.84 -26.82 136.93
C PHE J 421 -29.07 -27.41 138.33
N SER J 422 -30.22 -27.12 138.93
CA SER J 422 -30.53 -27.74 140.22
C SER J 422 -30.98 -29.18 140.05
N ALA J 423 -31.50 -29.52 138.87
CA ALA J 423 -32.00 -30.88 138.63
C ALA J 423 -30.88 -31.85 138.28
N GLU J 424 -29.78 -31.36 137.68
CA GLU J 424 -28.75 -32.27 137.20
C GLU J 424 -27.88 -32.79 138.33
N PHE J 425 -27.77 -32.03 139.43
CA PHE J 425 -26.96 -32.48 140.57
C PHE J 425 -27.64 -33.58 141.37
N GLU J 426 -28.92 -33.83 141.17
CA GLU J 426 -29.65 -34.73 142.06
C GLU J 426 -29.42 -36.20 141.71
N LYS J 427 -28.93 -36.47 140.50
CA LYS J 427 -28.89 -37.85 140.02
C LYS J 427 -27.74 -38.63 140.63
N LEU J 428 -26.70 -37.94 141.11
CA LEU J 428 -25.64 -38.66 141.81
C LEU J 428 -25.92 -38.68 143.31
N LEU J 429 -26.41 -37.58 143.86
CA LEU J 429 -26.79 -37.48 145.26
C LEU J 429 -28.11 -36.73 145.35
N THR J 430 -29.16 -37.40 145.85
CA THR J 430 -30.49 -36.82 145.82
C THR J 430 -30.71 -35.87 146.99
N TYR J 431 -30.40 -36.30 148.20
CA TYR J 431 -30.66 -35.49 149.40
C TYR J 431 -29.42 -35.52 150.31
N ASP J 432 -28.25 -35.24 149.76
CA ASP J 432 -27.02 -35.28 150.54
C ASP J 432 -26.87 -34.07 151.46
N VAL J 433 -27.70 -33.04 151.28
CA VAL J 433 -27.57 -31.81 152.05
C VAL J 433 -28.21 -31.88 153.44
N ASN J 434 -28.59 -33.07 153.91
CA ASN J 434 -29.22 -33.18 155.22
C ASN J 434 -28.24 -32.92 156.36
N THR J 435 -26.94 -33.10 156.11
CA THR J 435 -25.92 -32.84 157.10
C THR J 435 -24.71 -32.23 156.42
N GLY J 436 -23.63 -32.08 157.19
CA GLY J 436 -22.37 -31.64 156.60
C GLY J 436 -21.78 -32.70 155.69
N LEU J 437 -21.96 -33.97 156.04
CA LEU J 437 -21.52 -35.08 155.21
C LEU J 437 -22.69 -35.60 154.38
N THR J 438 -22.36 -36.32 153.31
CA THR J 438 -23.39 -36.90 152.47
C THR J 438 -24.10 -38.06 153.16
N ALA J 439 -25.34 -37.81 153.58
CA ALA J 439 -26.17 -38.83 154.23
C ALA J 439 -27.53 -38.83 153.56
N SER J 440 -28.43 -39.66 154.11
CA SER J 440 -29.77 -39.94 153.56
C SER J 440 -29.71 -40.34 152.09
N VAL J 441 -28.91 -41.38 151.81
CA VAL J 441 -28.56 -41.77 150.44
C VAL J 441 -29.76 -42.46 149.77
N THR J 442 -30.67 -41.63 149.29
CA THR J 442 -31.84 -42.15 148.57
C THR J 442 -31.47 -42.62 147.17
N LEU J 443 -30.57 -41.90 146.49
CA LEU J 443 -30.17 -42.23 145.14
C LEU J 443 -28.67 -42.16 145.04
N ASP J 444 -28.06 -43.23 144.51
CA ASP J 444 -26.62 -43.30 144.44
C ASP J 444 -26.23 -44.08 143.19
N LEU J 445 -25.61 -43.36 142.25
CA LEU J 445 -25.15 -43.95 141.00
C LEU J 445 -23.77 -44.58 141.13
N PHE J 446 -23.06 -44.31 142.22
CA PHE J 446 -21.75 -44.87 142.49
C PHE J 446 -21.87 -46.00 143.49
N ALA J 447 -20.70 -46.50 143.92
CA ALA J 447 -20.51 -47.58 144.91
C ALA J 447 -21.05 -48.94 144.46
N ASN J 448 -21.50 -49.05 143.21
CA ASN J 448 -21.75 -50.33 142.57
C ASN J 448 -20.62 -50.73 141.63
N ILE J 449 -19.55 -49.91 141.57
CA ILE J 449 -18.48 -50.14 140.63
C ILE J 449 -17.64 -51.35 141.05
N GLY J 450 -17.13 -51.33 142.28
CA GLY J 450 -16.26 -52.37 142.79
C GLY J 450 -16.94 -53.71 142.97
N THR J 451 -18.26 -53.70 143.15
CA THR J 451 -19.02 -54.95 143.19
C THR J 451 -19.09 -55.56 141.79
N ARG J 452 -19.28 -54.74 140.76
CA ARG J 452 -19.35 -55.27 139.40
C ARG J 452 -17.97 -55.53 138.82
N LEU J 453 -16.92 -54.93 139.40
CA LEU J 453 -15.58 -55.14 138.86
C LEU J 453 -15.00 -56.49 139.25
N ASP J 454 -15.08 -56.86 140.52
CA ASP J 454 -14.44 -58.11 140.96
C ASP J 454 -15.25 -59.33 140.50
N ASP J 455 -16.50 -59.11 140.09
CA ASP J 455 -17.24 -60.15 139.38
C ASP J 455 -16.59 -60.43 138.03
N ILE J 456 -16.12 -59.37 137.34
CA ILE J 456 -15.47 -59.53 136.04
C ILE J 456 -14.12 -60.21 136.20
N ILE J 457 -13.42 -59.93 137.31
CA ILE J 457 -12.08 -60.49 137.55
C ILE J 457 -12.15 -61.99 137.72
N ALA J 458 -13.23 -62.48 138.33
CA ALA J 458 -13.41 -63.92 138.48
C ALA J 458 -13.98 -64.55 137.21
N ALA J 459 -14.78 -63.79 136.46
CA ALA J 459 -15.41 -64.33 135.26
C ALA J 459 -14.39 -64.55 134.14
N VAL J 460 -13.43 -63.64 133.99
CA VAL J 460 -12.38 -63.82 132.99
C VAL J 460 -11.28 -64.71 133.53
N SER J 461 -11.35 -65.09 134.82
CA SER J 461 -10.37 -66.01 135.38
C SER J 461 -10.64 -67.43 134.94
N ALA J 462 -11.87 -67.74 134.54
CA ALA J 462 -12.16 -69.07 134.01
C ALA J 462 -11.72 -69.20 132.56
N ALA J 463 -11.45 -68.08 131.89
CA ALA J 463 -11.09 -68.10 130.48
C ALA J 463 -9.61 -68.37 130.22
N GLU J 464 -8.77 -68.29 131.24
CA GLU J 464 -7.33 -68.51 131.00
C GLU J 464 -6.90 -69.97 130.79
N PRO J 465 -7.56 -71.03 131.28
CA PRO J 465 -7.15 -72.37 130.83
C PRO J 465 -7.80 -72.85 129.54
N ILE J 466 -8.65 -72.07 128.89
CA ILE J 466 -9.35 -72.54 127.69
C ILE J 466 -8.85 -71.86 126.43
N ASP J 467 -7.95 -70.88 126.54
CA ASP J 467 -7.38 -70.20 125.39
C ASP J 467 -5.99 -70.74 125.11
N VAL J 468 -5.75 -71.16 123.87
CA VAL J 468 -4.53 -71.88 123.55
C VAL J 468 -3.77 -71.29 122.37
N ASN J 469 -4.37 -70.31 121.67
CA ASN J 469 -3.78 -69.86 120.41
C ASN J 469 -3.65 -68.35 120.25
N ASN J 470 -4.27 -67.55 121.11
CA ASN J 470 -4.40 -66.11 120.86
C ASN J 470 -3.34 -65.33 121.64
N GLY J 471 -2.69 -64.38 120.96
CA GLY J 471 -1.60 -63.62 121.53
C GLY J 471 -2.03 -62.27 122.09
N LYS J 472 -1.05 -61.35 122.16
CA LYS J 472 -1.19 -60.11 122.90
C LYS J 472 -2.19 -59.13 122.28
N LEU J 473 -2.20 -58.99 120.96
CA LEU J 473 -2.96 -57.94 120.30
C LEU J 473 -4.26 -58.43 119.68
N ASN J 474 -4.75 -59.60 120.10
CA ASN J 474 -5.99 -60.13 119.55
C ASN J 474 -7.19 -59.36 120.08
N GLY J 475 -8.02 -58.86 119.16
CA GLY J 475 -9.20 -58.13 119.53
C GLY J 475 -9.00 -56.66 119.84
N ARG J 476 -7.86 -56.10 119.49
CA ARG J 476 -7.54 -54.71 119.80
C ARG J 476 -7.73 -53.83 118.57
N LEU J 477 -8.06 -52.56 118.82
CA LEU J 477 -8.13 -51.58 117.75
C LEU J 477 -6.73 -51.21 117.28
N LEU J 478 -6.63 -50.79 116.01
CA LEU J 478 -5.33 -50.48 115.43
C LEU J 478 -4.75 -49.20 116.01
N SER J 479 -5.61 -48.24 116.35
CA SER J 479 -5.15 -46.98 116.93
C SER J 479 -4.63 -47.18 118.35
N ASP J 480 -5.13 -48.20 119.04
CA ASP J 480 -4.74 -48.40 120.44
C ASP J 480 -3.44 -49.20 120.59
N ILE J 481 -2.87 -49.74 119.52
CA ILE J 481 -1.61 -50.47 119.65
C ILE J 481 -0.40 -49.59 119.38
N GLU J 482 -0.60 -48.35 118.94
CA GLU J 482 0.52 -47.46 118.69
C GLU J 482 1.36 -47.10 119.93
N PRO J 483 0.79 -46.87 121.13
CA PRO J 483 1.69 -46.80 122.30
C PRO J 483 2.22 -48.16 122.74
N LEU J 484 1.52 -49.25 122.43
CA LEU J 484 1.93 -50.56 122.93
C LEU J 484 3.12 -51.11 122.15
N ASP J 485 2.99 -51.20 120.82
CA ASP J 485 4.08 -51.69 119.98
C ASP J 485 4.08 -50.79 118.74
N ASN J 486 5.02 -49.85 118.71
CA ASN J 486 5.06 -48.87 117.64
C ASN J 486 5.59 -49.45 116.33
N ALA J 487 6.47 -50.46 116.41
CA ALA J 487 7.05 -51.02 115.20
C ALA J 487 6.06 -51.93 114.47
N THR J 488 5.16 -52.58 115.20
CA THR J 488 4.13 -53.39 114.56
C THR J 488 3.07 -52.52 113.90
N TYR J 489 2.73 -51.40 114.54
CA TYR J 489 1.72 -50.48 114.01
C TYR J 489 2.17 -49.85 112.69
N ASN J 490 3.46 -49.54 112.56
CA ASN J 490 3.94 -48.92 111.33
C ASN J 490 4.02 -49.95 110.20
N THR J 491 4.20 -51.23 110.54
CA THR J 491 4.29 -52.26 109.50
C THR J 491 2.92 -52.57 108.92
N ILE J 492 1.87 -52.50 109.75
CA ILE J 492 0.51 -52.74 109.27
C ILE J 492 0.05 -51.62 108.35
N LEU J 493 0.54 -50.40 108.60
CA LEU J 493 0.14 -49.24 107.78
C LEU J 493 0.69 -49.35 106.36
N LEU J 494 1.88 -49.96 106.19
CA LEU J 494 2.41 -50.15 104.84
C LEU J 494 1.64 -51.18 104.05
N GLU J 495 1.15 -52.23 104.72
CA GLU J 495 0.43 -53.28 104.01
C GLU J 495 -0.97 -52.82 103.61
N ILE J 496 -1.55 -51.89 104.37
CA ILE J 496 -2.86 -51.36 104.01
C ILE J 496 -2.75 -50.44 102.80
N ASN J 497 -1.70 -49.62 102.75
CA ASN J 497 -1.53 -48.65 101.67
C ASN J 497 -1.04 -49.27 100.36
N SER J 498 -0.82 -50.58 100.31
CA SER J 498 -0.37 -51.21 99.07
C SER J 498 -1.52 -51.50 98.10
N HIS J 499 -2.76 -51.31 98.52
CA HIS J 499 -3.92 -51.53 97.66
C HIS J 499 -4.37 -50.21 97.05
N LYS J 500 -4.64 -50.22 95.75
CA LYS J 500 -4.95 -49.00 95.00
C LYS J 500 -6.37 -49.03 94.47
N VAL J 501 -6.84 -47.84 94.07
CA VAL J 501 -8.21 -47.67 93.58
C VAL J 501 -8.24 -47.82 92.06
N THR J 502 -9.25 -48.50 91.56
CA THR J 502 -9.53 -48.57 90.13
C THR J 502 -10.78 -47.75 89.83
N LEU J 503 -10.70 -46.88 88.83
CA LEU J 503 -11.78 -45.97 88.48
C LEU J 503 -12.19 -46.14 87.02
N PRO J 504 -13.44 -45.82 86.69
CA PRO J 504 -13.78 -45.62 85.28
C PRO J 504 -13.11 -44.37 84.74
N PRO J 505 -12.80 -44.34 83.44
CA PRO J 505 -11.89 -43.30 82.92
C PRO J 505 -12.54 -41.98 82.53
N SER J 506 -13.80 -41.71 82.87
CA SER J 506 -14.48 -40.56 82.27
C SER J 506 -14.07 -39.24 82.91
N SER J 507 -13.63 -39.24 84.17
CA SER J 507 -13.25 -37.99 84.81
C SER J 507 -11.82 -37.58 84.49
N SER J 508 -10.95 -38.55 84.18
CA SER J 508 -9.62 -38.21 83.69
C SER J 508 -9.68 -37.67 82.27
N MET J 509 -10.66 -38.14 81.48
CA MET J 509 -10.83 -37.62 80.13
C MET J 509 -11.30 -36.18 80.13
N ALA J 510 -12.15 -35.81 81.10
CA ALA J 510 -12.63 -34.43 81.19
C ALA J 510 -11.51 -33.46 81.52
N GLY J 511 -10.56 -33.88 82.35
CA GLY J 511 -9.41 -33.04 82.63
C GLY J 511 -8.51 -32.87 81.42
N ALA J 512 -8.40 -33.93 80.61
CA ALA J 512 -7.58 -33.85 79.40
C ALA J 512 -8.27 -33.04 78.30
N TYR J 513 -9.61 -32.98 78.32
CA TYR J 513 -10.32 -32.10 77.38
C TYR J 513 -9.99 -30.63 77.66
N ALA J 514 -9.88 -30.26 78.93
CA ALA J 514 -9.62 -28.87 79.28
C ALA J 514 -8.15 -28.51 79.10
N ARG J 515 -7.26 -29.50 79.22
CA ARG J 515 -5.83 -29.24 79.04
C ARG J 515 -5.48 -29.00 77.57
N VAL J 516 -6.11 -29.73 76.67
CA VAL J 516 -5.78 -29.62 75.24
C VAL J 516 -6.43 -28.39 74.63
N ASP J 517 -7.63 -28.02 75.09
CA ASP J 517 -8.32 -26.84 74.57
C ASP J 517 -7.60 -25.56 74.98
N ASN J 518 -6.94 -25.57 76.14
CA ASN J 518 -6.17 -24.41 76.56
C ASN J 518 -4.84 -24.32 75.82
N ASP J 519 -4.26 -25.47 75.47
CA ASP J 519 -2.95 -25.49 74.84
C ASP J 519 -3.03 -25.26 73.34
N ARG J 520 -3.96 -25.93 72.66
CA ARG J 520 -3.98 -25.97 71.21
C ARG J 520 -5.32 -25.58 70.59
N GLY J 521 -6.36 -25.39 71.38
CA GLY J 521 -7.66 -25.03 70.85
C GLY J 521 -8.63 -26.19 70.87
N VAL J 522 -9.90 -25.86 70.57
CA VAL J 522 -10.98 -26.83 70.63
C VAL J 522 -11.09 -27.65 69.34
N TRP J 523 -10.44 -27.23 68.26
CA TRP J 523 -10.45 -27.97 67.01
C TRP J 523 -9.35 -29.03 66.94
N LYS J 524 -8.60 -29.24 68.02
CA LYS J 524 -7.57 -30.28 68.07
C LYS J 524 -8.13 -31.52 68.74
N SER J 525 -7.92 -32.68 68.09
CA SER J 525 -8.45 -33.95 68.60
C SER J 525 -7.78 -34.33 69.92
N PRO J 526 -8.53 -34.77 70.93
CA PRO J 526 -7.93 -35.20 72.20
C PRO J 526 -7.47 -36.66 72.19
N ALA J 527 -6.52 -36.95 71.31
CA ALA J 527 -5.90 -38.26 71.22
C ALA J 527 -4.41 -38.07 70.99
N ASN J 528 -3.67 -39.18 71.09
CA ASN J 528 -2.19 -39.21 71.13
C ASN J 528 -1.67 -38.33 72.26
N ILE J 529 -2.20 -38.58 73.46
CA ILE J 529 -1.89 -37.81 74.66
C ILE J 529 -1.83 -38.76 75.85
N GLY J 530 -1.22 -38.29 76.94
CA GLY J 530 -1.03 -39.10 78.12
C GLY J 530 -1.95 -38.74 79.27
N LEU J 531 -2.05 -39.65 80.24
CA LEU J 531 -2.87 -39.46 81.42
C LEU J 531 -1.99 -39.50 82.67
N ASN J 532 -2.18 -38.53 83.57
CA ASN J 532 -1.44 -38.46 84.82
C ASN J 532 -2.13 -39.28 85.91
N TYR J 533 -1.35 -39.68 86.91
CA TYR J 533 -1.77 -40.49 88.09
C TYR J 533 -2.23 -41.89 87.72
N VAL J 534 -1.84 -42.40 86.56
CA VAL J 534 -2.32 -43.68 86.06
C VAL J 534 -1.13 -44.62 85.90
N SER J 535 -1.22 -45.81 86.49
CA SER J 535 -0.12 -46.78 86.36
C SER J 535 -0.25 -47.63 85.10
N LYS J 536 -1.44 -48.13 84.81
CA LYS J 536 -1.68 -48.99 83.65
C LYS J 536 -3.19 -49.02 83.38
N PRO J 537 -3.60 -49.44 82.17
CA PRO J 537 -4.99 -49.86 81.98
C PRO J 537 -5.27 -51.16 82.71
N SER J 538 -6.55 -51.40 82.98
CA SER J 538 -6.95 -52.61 83.70
C SER J 538 -6.98 -53.83 82.80
N VAL J 539 -7.22 -53.65 81.50
CA VAL J 539 -7.27 -54.73 80.53
C VAL J 539 -6.29 -54.36 79.42
N THR J 540 -5.62 -55.37 78.87
CA THR J 540 -4.74 -55.19 77.73
C THR J 540 -5.56 -55.31 76.44
N VAL J 541 -5.41 -54.32 75.56
CA VAL J 541 -6.07 -54.29 74.25
C VAL J 541 -4.96 -54.27 73.20
N SER J 542 -4.96 -55.26 72.33
CA SER J 542 -3.93 -55.38 71.31
C SER J 542 -4.28 -54.58 70.06
N HIS J 543 -3.41 -54.68 69.06
CA HIS J 543 -3.65 -54.02 67.77
C HIS J 543 -4.85 -54.64 67.06
N GLU J 544 -4.96 -55.96 67.11
CA GLU J 544 -5.94 -56.68 66.31
C GLU J 544 -7.36 -56.56 66.85
N GLU J 545 -7.56 -56.39 68.16
CA GLU J 545 -8.91 -56.26 68.69
C GLU J 545 -9.38 -54.81 68.84
N GLN J 546 -8.56 -53.82 68.49
CA GLN J 546 -9.04 -52.45 68.42
C GLN J 546 -9.72 -52.15 67.07
N GLU J 547 -9.58 -53.05 66.09
CA GLU J 547 -10.13 -52.80 64.76
C GLU J 547 -11.66 -52.79 64.76
N SER J 548 -12.28 -53.73 65.49
CA SER J 548 -13.73 -53.73 65.58
C SER J 548 -14.23 -52.73 66.63
N MET J 549 -13.33 -52.16 67.44
CA MET J 549 -13.69 -51.05 68.30
C MET J 549 -13.79 -49.74 67.51
N ASN J 550 -12.84 -49.48 66.62
CA ASN J 550 -12.77 -48.19 65.94
C ASN J 550 -13.76 -48.12 64.78
N VAL J 551 -13.85 -49.18 63.98
CA VAL J 551 -14.68 -49.21 62.78
C VAL J 551 -15.63 -50.40 62.90
N HIS J 552 -16.93 -50.15 62.73
CA HIS J 552 -17.94 -51.16 62.95
C HIS J 552 -19.13 -50.90 62.03
N GLY J 553 -19.93 -51.96 61.80
CA GLY J 553 -21.07 -51.84 60.90
C GLY J 553 -22.22 -51.04 61.48
N THR J 554 -22.34 -51.00 62.81
CA THR J 554 -23.36 -50.15 63.43
C THR J 554 -22.94 -48.69 63.41
N GLY J 555 -21.64 -48.42 63.31
CA GLY J 555 -21.13 -47.07 63.44
C GLY J 555 -20.86 -46.63 64.86
N LYS J 556 -21.09 -47.48 65.85
CA LYS J 556 -20.90 -47.12 67.26
C LYS J 556 -19.47 -47.43 67.70
N SER J 557 -18.62 -46.40 67.66
CA SER J 557 -17.20 -46.55 67.91
C SER J 557 -16.87 -46.38 69.40
N VAL J 558 -15.88 -47.14 69.86
CA VAL J 558 -15.39 -47.07 71.24
C VAL J 558 -13.90 -46.73 71.20
N ASN J 559 -13.50 -45.72 71.96
CA ASN J 559 -12.11 -45.29 72.01
C ASN J 559 -11.33 -46.09 73.05
N ALA J 560 -10.12 -46.50 72.69
CA ALA J 560 -9.32 -47.43 73.48
C ALA J 560 -8.18 -46.72 74.20
N ILE J 561 -7.92 -47.12 75.45
CA ILE J 561 -6.76 -46.69 76.21
C ILE J 561 -5.72 -47.81 76.17
N ARG J 562 -4.52 -47.52 75.66
CA ARG J 562 -3.53 -48.54 75.37
C ARG J 562 -2.16 -48.16 75.91
N SER J 563 -1.26 -49.14 75.91
CA SER J 563 0.13 -48.96 76.33
C SER J 563 1.05 -49.26 75.15
N PHE J 564 2.15 -48.51 75.04
CA PHE J 564 3.13 -48.67 73.99
C PHE J 564 4.51 -48.64 74.60
N VAL J 565 5.42 -49.48 74.07
CA VAL J 565 6.77 -49.57 74.61
C VAL J 565 7.54 -48.28 74.30
N GLY J 566 8.06 -47.65 75.35
CA GLY J 566 8.79 -46.42 75.23
C GLY J 566 7.94 -45.16 75.34
N LYS J 567 6.64 -45.29 75.49
CA LYS J 567 5.71 -44.17 75.44
C LYS J 567 4.72 -44.10 76.59
N GLY J 568 4.47 -45.21 77.29
CA GLY J 568 3.52 -45.21 78.37
C GLY J 568 2.07 -45.41 77.93
N THR J 569 1.16 -45.06 78.84
CA THR J 569 -0.25 -45.22 78.61
C THR J 569 -0.82 -43.98 77.90
N LEU J 570 -1.52 -44.21 76.79
CA LEU J 570 -2.03 -43.13 75.97
C LEU J 570 -3.51 -43.32 75.65
N VAL J 571 -4.16 -42.22 75.29
CA VAL J 571 -5.48 -42.27 74.67
C VAL J 571 -5.29 -42.45 73.17
N TRP J 572 -5.90 -43.49 72.60
CA TRP J 572 -5.73 -43.83 71.19
C TRP J 572 -7.11 -44.03 70.57
N GLY J 573 -7.74 -42.95 70.15
CA GLY J 573 -9.07 -42.91 69.55
C GLY J 573 -9.77 -41.59 69.82
N ALA J 574 -10.39 -41.04 68.78
CA ALA J 574 -11.05 -39.74 68.88
C ALA J 574 -12.36 -39.69 68.09
N ARG J 575 -13.21 -40.70 68.22
CA ARG J 575 -14.47 -40.73 67.49
C ARG J 575 -15.67 -40.56 68.42
N THR J 576 -16.78 -40.10 67.83
CA THR J 576 -18.08 -40.12 68.51
C THR J 576 -18.82 -41.42 68.22
N LEU J 577 -20.04 -41.54 68.74
CA LEU J 577 -20.88 -42.71 68.53
C LEU J 577 -21.66 -42.66 67.21
N ALA J 578 -21.36 -41.72 66.33
CA ALA J 578 -21.88 -41.65 64.97
C ALA J 578 -20.70 -41.79 64.01
N GLY J 579 -19.89 -42.83 64.25
CA GLY J 579 -18.59 -43.05 63.65
C GLY J 579 -18.54 -43.36 62.16
N ASN J 580 -19.67 -43.52 61.48
CA ASN J 580 -19.68 -43.64 60.03
C ASN J 580 -20.28 -42.41 59.34
N ASP J 581 -20.42 -41.30 60.04
CA ASP J 581 -20.99 -40.06 59.51
C ASP J 581 -19.87 -39.18 58.94
N ASN J 582 -20.05 -38.69 57.72
CA ASN J 582 -19.00 -37.87 57.12
C ASN J 582 -18.99 -36.45 57.69
N GLU J 583 -20.06 -36.06 58.38
CA GLU J 583 -20.08 -34.73 58.98
C GLU J 583 -19.71 -34.79 60.47
N TRP J 584 -20.07 -35.85 61.16
CA TRP J 584 -20.06 -35.83 62.62
C TRP J 584 -19.30 -36.98 63.27
N ARG J 585 -18.26 -37.52 62.66
CA ARG J 585 -17.59 -38.68 63.26
C ARG J 585 -16.47 -38.31 64.22
N TYR J 586 -15.98 -37.07 64.18
CA TYR J 586 -14.87 -36.66 65.02
C TYR J 586 -15.35 -35.77 66.15
N ILE J 587 -14.76 -35.97 67.33
CA ILE J 587 -15.13 -35.24 68.54
C ILE J 587 -14.84 -33.75 68.38
N SER J 588 -13.72 -33.40 67.76
CA SER J 588 -13.28 -32.02 67.70
C SER J 588 -14.11 -31.18 66.72
N VAL J 589 -14.65 -31.83 65.68
CA VAL J 589 -15.54 -31.13 64.75
C VAL J 589 -16.86 -30.78 65.42
N ARG J 590 -17.44 -31.74 66.16
CA ARG J 590 -18.69 -31.52 66.88
C ARG J 590 -18.56 -30.45 67.97
N ARG J 591 -17.43 -30.43 68.66
CA ARG J 591 -17.30 -29.48 69.76
C ARG J 591 -16.94 -28.08 69.27
N PHE J 592 -16.37 -27.97 68.07
CA PHE J 592 -16.15 -26.65 67.48
C PHE J 592 -17.47 -26.05 66.96
N PHE J 593 -18.36 -26.89 66.42
CA PHE J 593 -19.68 -26.41 66.02
C PHE J 593 -20.52 -26.00 67.22
N ASN J 594 -20.32 -26.65 68.36
CA ASN J 594 -21.04 -26.25 69.58
C ASN J 594 -20.57 -24.88 70.07
N MET J 595 -19.28 -24.57 69.90
CA MET J 595 -18.76 -23.28 70.34
C MET J 595 -19.22 -22.16 69.41
N ALA J 596 -19.09 -22.37 68.10
CA ALA J 596 -19.31 -21.31 67.13
C ALA J 596 -20.79 -20.94 67.01
N GLU J 597 -21.69 -21.92 67.17
CA GLU J 597 -23.11 -21.64 67.03
C GLU J 597 -23.66 -20.88 68.24
N GLU J 598 -23.15 -21.18 69.44
CA GLU J 598 -23.64 -20.50 70.64
C GLU J 598 -23.13 -19.06 70.71
N SER J 599 -21.90 -18.82 70.27
CA SER J 599 -21.33 -17.48 70.30
C SER J 599 -22.05 -16.54 69.32
N ILE J 600 -22.44 -17.07 68.16
CA ILE J 600 -23.16 -16.27 67.17
C ILE J 600 -24.60 -16.02 67.61
N LYS J 601 -25.20 -17.00 68.29
CA LYS J 601 -26.59 -16.88 68.73
C LYS J 601 -26.75 -15.81 69.82
N LYS J 602 -25.78 -15.73 70.75
CA LYS J 602 -25.86 -14.71 71.80
C LYS J 602 -25.63 -13.31 71.25
N ALA J 603 -24.79 -13.18 70.22
CA ALA J 603 -24.51 -11.87 69.65
C ALA J 603 -25.67 -11.34 68.79
N THR J 604 -26.62 -12.21 68.42
CA THR J 604 -27.70 -11.90 67.51
C THR J 604 -28.97 -11.40 68.21
N GLU J 605 -29.10 -11.53 69.54
CA GLU J 605 -30.33 -11.10 70.19
C GLU J 605 -30.48 -9.58 70.28
N GLN J 606 -29.45 -8.81 69.92
CA GLN J 606 -29.61 -7.37 69.86
C GLN J 606 -30.32 -6.92 68.60
N PHE J 607 -30.65 -7.84 67.69
CA PHE J 607 -31.25 -7.53 66.39
C PHE J 607 -32.70 -8.00 66.26
N VAL J 608 -33.38 -8.38 67.35
CA VAL J 608 -34.62 -9.14 67.25
C VAL J 608 -35.78 -8.31 66.68
N PHE J 609 -36.01 -7.12 67.24
CA PHE J 609 -37.10 -6.28 66.75
C PHE J 609 -36.61 -5.11 65.91
N GLU J 610 -35.45 -5.27 65.26
CA GLU J 610 -34.87 -4.25 64.41
C GLU J 610 -35.60 -4.19 63.07
N PRO J 611 -35.45 -3.10 62.31
CA PRO J 611 -36.00 -3.07 60.94
C PRO J 611 -35.36 -4.11 60.03
N ASN J 612 -36.20 -4.87 59.33
CA ASN J 612 -35.75 -5.97 58.48
C ASN J 612 -35.56 -5.47 57.05
N ASP J 613 -34.51 -4.65 56.88
CA ASP J 613 -34.23 -4.02 55.60
C ASP J 613 -32.75 -4.12 55.26
N GLY J 614 -32.34 -3.43 54.19
CA GLY J 614 -31.00 -3.60 53.65
C GLY J 614 -29.90 -3.03 54.54
N ASN J 615 -30.26 -2.07 55.40
CA ASN J 615 -29.27 -1.51 56.33
C ASN J 615 -28.91 -2.51 57.42
N THR J 616 -29.87 -3.31 57.87
CA THR J 616 -29.62 -4.33 58.88
C THR J 616 -28.82 -5.50 58.30
N TRP J 617 -29.12 -5.88 57.05
CA TRP J 617 -28.52 -7.09 56.47
C TRP J 617 -27.03 -6.90 56.18
N VAL J 618 -26.61 -5.65 55.96
CA VAL J 618 -25.20 -5.37 55.73
C VAL J 618 -24.40 -5.51 57.02
N ARG J 619 -24.97 -5.05 58.15
CA ARG J 619 -24.25 -5.10 59.41
C ARG J 619 -24.29 -6.48 60.04
N VAL J 620 -25.34 -7.26 59.77
CA VAL J 620 -25.42 -8.63 60.27
C VAL J 620 -24.39 -9.52 59.58
N ARG J 621 -24.24 -9.33 58.26
CA ARG J 621 -23.27 -10.11 57.49
C ARG J 621 -21.83 -9.80 57.90
N ALA J 622 -21.54 -8.53 58.21
CA ALA J 622 -20.17 -8.15 58.53
C ALA J 622 -19.78 -8.56 59.94
N MET J 623 -20.75 -8.68 60.85
CA MET J 623 -20.46 -9.15 62.21
C MET J 623 -20.06 -10.63 62.20
N ILE J 624 -20.75 -11.45 61.40
CA ILE J 624 -20.46 -12.87 61.36
C ILE J 624 -19.17 -13.13 60.57
N GLU J 625 -18.91 -12.31 59.54
CA GLU J 625 -17.73 -12.50 58.70
C GLU J 625 -16.45 -12.13 59.44
N ASN J 626 -16.51 -11.12 60.32
CA ASN J 626 -15.33 -10.71 61.08
C ASN J 626 -14.97 -11.77 62.12
N PHE J 627 -15.96 -12.49 62.64
CA PHE J 627 -15.70 -13.53 63.61
C PHE J 627 -15.06 -14.76 62.98
N LEU J 628 -15.51 -15.14 61.77
CA LEU J 628 -15.01 -16.35 61.13
C LEU J 628 -13.64 -16.14 60.51
N ILE J 629 -13.26 -14.88 60.24
CA ILE J 629 -11.94 -14.57 59.72
C ILE J 629 -10.87 -14.80 60.79
N LEU J 630 -11.21 -14.57 62.06
CA LEU J 630 -10.29 -14.87 63.16
C LEU J 630 -10.12 -16.38 63.34
N GLN J 631 -11.18 -17.16 63.07
CA GLN J 631 -11.07 -18.61 63.23
C GLN J 631 -10.23 -19.22 62.11
N TRP J 632 -10.30 -18.64 60.91
CA TRP J 632 -9.45 -19.08 59.80
C TRP J 632 -7.98 -18.79 60.07
N ARG J 633 -7.68 -17.65 60.70
CA ARG J 633 -6.29 -17.28 60.91
C ARG J 633 -5.66 -18.08 62.04
N ALA J 634 -6.47 -18.55 62.99
CA ALA J 634 -5.96 -19.39 64.07
C ALA J 634 -5.75 -20.84 63.65
N GLY J 635 -6.25 -21.25 62.49
CA GLY J 635 -6.05 -22.60 62.00
C GLY J 635 -7.23 -23.54 62.12
N ALA J 636 -8.42 -23.06 62.52
CA ALA J 636 -9.56 -23.94 62.67
C ALA J 636 -10.26 -24.21 61.35
N LEU J 637 -10.09 -23.33 60.37
CA LEU J 637 -10.69 -23.50 59.05
C LEU J 637 -9.60 -23.64 58.01
N ALA J 638 -9.75 -24.62 57.13
CA ALA J 638 -8.77 -24.93 56.10
C ALA J 638 -9.05 -24.12 54.85
N GLY J 639 -8.01 -23.50 54.30
CA GLY J 639 -8.15 -22.75 53.07
C GLY J 639 -6.95 -21.86 52.83
N ALA J 640 -6.65 -21.65 51.55
CA ALA J 640 -5.55 -20.75 51.20
C ALA J 640 -6.01 -19.30 51.21
N LYS J 641 -7.31 -19.07 51.09
CA LYS J 641 -7.88 -17.73 51.06
C LYS J 641 -9.23 -17.77 51.79
N PRO J 642 -9.76 -16.63 52.27
CA PRO J 642 -10.97 -16.69 53.10
C PRO J 642 -12.23 -17.18 52.41
N GLU J 643 -12.36 -17.03 51.10
CA GLU J 643 -13.59 -17.48 50.44
C GLU J 643 -13.57 -18.98 50.17
N HIS J 644 -12.42 -19.64 50.40
CA HIS J 644 -12.39 -21.09 50.37
C HIS J 644 -12.83 -21.68 51.70
N ALA J 645 -12.86 -20.87 52.76
CA ALA J 645 -13.08 -21.42 54.08
C ALA J 645 -14.53 -21.29 54.53
N PHE J 646 -15.24 -20.24 54.11
CA PHE J 646 -16.60 -20.03 54.57
C PHE J 646 -17.38 -19.19 53.55
N TYR J 647 -18.69 -19.07 53.81
CA TYR J 647 -19.55 -18.11 53.13
C TYR J 647 -20.68 -17.69 54.07
N VAL J 648 -21.22 -16.49 53.84
CA VAL J 648 -22.36 -15.95 54.59
C VAL J 648 -23.32 -15.29 53.59
N LYS J 649 -24.59 -15.65 53.65
CA LYS J 649 -25.63 -15.09 52.76
C LYS J 649 -26.84 -14.66 53.56
N VAL J 650 -27.30 -13.43 53.33
CA VAL J 650 -28.55 -12.92 53.92
C VAL J 650 -29.08 -11.79 53.02
N GLY J 651 -30.37 -11.81 52.75
CA GLY J 651 -30.98 -10.72 52.00
C GLY J 651 -32.22 -11.16 51.25
N LEU J 652 -32.93 -10.15 50.74
CA LEU J 652 -34.11 -10.38 49.89
C LEU J 652 -33.65 -10.76 48.49
N GLY J 653 -34.22 -11.84 47.97
CA GLY J 653 -33.75 -12.40 46.72
C GLY J 653 -32.55 -13.32 46.84
N GLN J 654 -32.00 -13.50 48.04
CA GLN J 654 -30.92 -14.44 48.28
C GLN J 654 -31.33 -15.54 49.24
N THR J 655 -31.90 -15.19 50.39
CA THR J 655 -32.40 -16.15 51.36
C THR J 655 -33.87 -15.97 51.70
N MET J 656 -34.52 -14.90 51.22
CA MET J 656 -35.84 -14.52 51.69
C MET J 656 -36.73 -14.11 50.51
N THR J 657 -38.04 -14.27 50.69
CA THR J 657 -39.05 -13.74 49.78
C THR J 657 -39.73 -12.54 50.41
N ALA J 658 -40.57 -11.86 49.61
CA ALA J 658 -41.32 -10.71 50.12
C ALA J 658 -42.43 -11.16 51.08
N GLN J 659 -42.96 -12.35 50.87
CA GLN J 659 -43.92 -12.93 51.82
C GLN J 659 -43.24 -13.25 53.15
N ASP J 660 -41.94 -13.55 53.13
CA ASP J 660 -41.20 -13.79 54.37
C ASP J 660 -41.05 -12.53 55.20
N ILE J 661 -40.92 -11.37 54.53
CA ILE J 661 -40.75 -10.10 55.24
C ILE J 661 -42.02 -9.71 55.98
N LEU J 662 -43.19 -9.95 55.37
CA LEU J 662 -44.46 -9.61 56.01
C LEU J 662 -44.73 -10.48 57.24
N GLU J 663 -44.23 -11.72 57.24
CA GLU J 663 -44.38 -12.59 58.40
C GLU J 663 -43.39 -12.29 59.51
N GLY J 664 -42.33 -11.53 59.24
CA GLY J 664 -41.33 -11.23 60.24
C GLY J 664 -40.16 -12.18 60.32
N ASN J 665 -39.76 -12.80 59.20
CA ASN J 665 -38.67 -13.77 59.17
C ASN J 665 -37.44 -13.16 58.53
N MET J 666 -36.28 -13.46 59.11
CA MET J 666 -34.98 -13.14 58.52
C MET J 666 -34.11 -14.39 58.53
N ASN J 667 -33.64 -14.81 57.36
CA ASN J 667 -32.90 -16.06 57.20
C ASN J 667 -31.42 -15.76 56.91
N VAL J 668 -30.52 -16.40 57.67
CA VAL J 668 -29.08 -16.30 57.47
C VAL J 668 -28.52 -17.69 57.23
N GLU J 669 -27.70 -17.85 56.20
CA GLU J 669 -27.11 -19.13 55.82
C GLU J 669 -25.59 -19.08 55.93
N ILE J 670 -25.00 -20.07 56.60
CA ILE J 670 -23.58 -20.10 56.95
C ILE J 670 -23.02 -21.48 56.62
N GLY J 671 -21.99 -21.52 55.79
CA GLY J 671 -21.29 -22.77 55.48
C GLY J 671 -19.83 -22.79 55.89
N LEU J 672 -19.34 -23.89 56.46
CA LEU J 672 -18.02 -23.95 57.07
C LEU J 672 -17.21 -25.12 56.54
N ALA J 673 -15.88 -24.98 56.54
CA ALA J 673 -14.93 -26.02 56.15
C ALA J 673 -13.93 -26.21 57.29
N VAL J 674 -14.21 -27.16 58.17
CA VAL J 674 -13.47 -27.35 59.41
C VAL J 674 -12.39 -28.41 59.19
N VAL J 675 -11.22 -28.22 59.83
CA VAL J 675 -10.07 -29.11 59.63
C VAL J 675 -10.29 -30.46 60.32
N ARG J 676 -9.95 -31.53 59.61
CA ARG J 676 -10.08 -32.90 60.10
C ARG J 676 -8.73 -33.43 60.57
N PRO J 677 -8.73 -34.42 61.48
CA PRO J 677 -7.46 -35.02 61.88
C PRO J 677 -6.90 -35.99 60.86
N ALA J 678 -5.61 -36.30 61.01
CA ALA J 678 -4.91 -37.27 60.18
C ALA J 678 -4.80 -38.59 60.96
N GLU J 679 -5.77 -39.48 60.70
CA GLU J 679 -5.91 -40.68 61.51
C GLU J 679 -5.07 -41.84 60.99
N PHE J 680 -4.96 -41.98 59.66
CA PHE J 680 -4.16 -43.03 59.05
C PHE J 680 -3.15 -42.39 58.11
N ILE J 681 -1.87 -42.72 58.29
CA ILE J 681 -0.77 -42.21 57.48
C ILE J 681 -0.17 -43.37 56.71
N ILE J 682 -0.18 -43.28 55.38
CA ILE J 682 0.18 -44.39 54.50
C ILE J 682 1.41 -43.99 53.70
N LEU J 683 2.54 -44.66 53.95
CA LEU J 683 3.79 -44.42 53.23
C LEU J 683 3.94 -45.40 52.07
N LYS J 684 4.11 -44.87 50.86
CA LYS J 684 4.19 -45.67 49.64
C LYS J 684 5.59 -45.57 49.03
N PHE J 685 6.33 -46.67 49.05
CA PHE J 685 7.72 -46.71 48.59
C PHE J 685 7.81 -47.39 47.24
N SER J 686 8.73 -46.89 46.40
CA SER J 686 8.93 -47.43 45.05
C SER J 686 10.33 -47.10 44.56
N HIS J 687 10.78 -47.89 43.58
CA HIS J 687 12.06 -47.68 42.91
C HIS J 687 11.90 -46.67 41.77
N LYS J 688 12.92 -45.85 41.55
CA LYS J 688 12.97 -44.99 40.38
C LYS J 688 14.24 -45.26 39.59
N MET J 689 14.17 -45.03 38.27
CA MET J 689 15.28 -45.35 37.39
C MET J 689 16.44 -44.37 37.58
N GLN J 690 17.66 -44.89 37.43
CA GLN J 690 18.88 -44.12 37.60
C GLN J 690 19.08 -43.13 36.45
N ALA K 2 -4.73 -53.06 52.36
CA ALA K 2 -5.39 -51.97 51.67
C ALA K 2 -6.51 -51.36 52.51
N THR K 3 -6.89 -52.07 53.57
CA THR K 3 -7.93 -51.63 54.48
C THR K 3 -7.33 -51.40 55.86
N TYR K 4 -7.58 -50.22 56.44
CA TYR K 4 -7.00 -49.83 57.72
C TYR K 4 -8.10 -49.40 58.67
N LYS K 5 -8.13 -50.01 59.84
CA LYS K 5 -9.12 -49.72 60.88
C LYS K 5 -8.52 -49.17 62.16
N THR K 6 -7.36 -49.64 62.58
CA THR K 6 -6.75 -49.05 63.76
C THR K 6 -5.78 -47.93 63.39
N PRO K 7 -5.74 -46.87 64.18
CA PRO K 7 -4.90 -45.70 63.84
C PRO K 7 -3.40 -45.98 63.94
N GLY K 8 -2.64 -45.37 63.04
CA GLY K 8 -1.20 -45.45 63.07
C GLY K 8 -0.59 -45.15 61.71
N VAL K 9 0.63 -45.64 61.52
CA VAL K 9 1.40 -45.47 60.28
C VAL K 9 1.53 -46.84 59.62
N TYR K 10 1.44 -46.88 58.30
CA TYR K 10 1.53 -48.12 57.54
C TYR K 10 2.50 -47.96 56.38
N ILE K 11 3.04 -49.08 55.91
CA ILE K 11 4.05 -49.12 54.85
C ILE K 11 3.54 -49.98 53.71
N GLU K 12 3.58 -49.44 52.50
CA GLU K 12 3.17 -50.14 51.28
C GLU K 12 4.33 -50.11 50.28
N GLU K 13 4.51 -51.22 49.55
CA GLU K 13 5.49 -51.28 48.48
C GLU K 13 4.77 -51.48 47.15
N ILE K 14 5.16 -50.70 46.14
CA ILE K 14 4.54 -50.71 44.82
C ILE K 14 5.55 -51.25 43.81
N THR K 15 5.11 -52.19 42.98
CA THR K 15 5.95 -52.88 42.01
C THR K 15 5.89 -52.15 40.66
N LYS K 16 7.05 -51.74 40.15
CA LYS K 16 7.11 -51.01 38.89
C LYS K 16 8.00 -51.68 37.85
N PHE K 17 9.17 -52.19 38.23
CA PHE K 17 10.11 -52.70 37.25
C PHE K 17 9.67 -54.09 36.77
N PRO K 18 9.88 -54.41 35.50
CA PRO K 18 9.63 -55.79 35.04
C PRO K 18 10.73 -56.73 35.47
N PRO K 19 10.46 -58.03 35.56
CA PRO K 19 11.55 -59.00 35.78
C PRO K 19 12.35 -59.23 34.50
N SER K 20 13.41 -60.01 34.62
CA SER K 20 14.29 -60.29 33.49
C SER K 20 14.26 -61.79 33.15
N VAL K 21 14.54 -62.07 31.88
CA VAL K 21 14.59 -63.43 31.34
C VAL K 21 15.96 -64.04 31.57
N ALA K 22 16.01 -65.33 31.90
CA ALA K 22 17.25 -66.07 32.11
C ALA K 22 17.47 -67.05 30.97
N GLN K 23 18.65 -66.98 30.35
CA GLN K 23 18.91 -67.72 29.13
C GLN K 23 19.30 -69.18 29.42
N VAL K 24 18.82 -70.09 28.57
CA VAL K 24 19.03 -71.52 28.74
C VAL K 24 20.25 -71.99 27.92
N GLU K 25 20.76 -73.16 28.27
CA GLU K 25 21.86 -73.78 27.53
C GLU K 25 21.39 -74.22 26.15
N THR K 26 22.33 -74.26 25.20
CA THR K 26 21.96 -74.54 23.81
C THR K 26 22.47 -75.87 23.28
N ALA K 27 23.58 -76.42 23.80
CA ALA K 27 24.13 -77.66 23.25
C ALA K 27 24.49 -78.62 24.39
N ILE K 28 23.52 -79.41 24.82
CA ILE K 28 23.71 -80.53 25.74
C ILE K 28 23.17 -81.77 25.05
N PRO K 29 24.02 -82.69 24.60
CA PRO K 29 23.54 -83.90 23.93
C PRO K 29 23.25 -85.05 24.90
N ALA K 30 22.59 -86.08 24.37
CA ALA K 30 22.31 -87.31 25.08
C ALA K 30 22.71 -88.50 24.22
N PHE K 31 23.49 -89.41 24.79
CA PHE K 31 23.98 -90.60 24.10
C PHE K 31 23.25 -91.82 24.62
N ILE K 32 22.67 -92.62 23.72
CA ILE K 32 21.79 -93.74 24.06
C ILE K 32 22.36 -95.00 23.41
N GLY K 33 22.81 -95.95 24.23
CA GLY K 33 23.40 -97.17 23.71
C GLY K 33 23.92 -98.06 24.82
N TYR K 34 24.77 -99.02 24.43
CA TYR K 34 25.25 -100.06 25.31
C TYR K 34 26.58 -99.68 25.96
N THR K 35 26.75 -100.07 27.23
CA THR K 35 27.98 -99.81 27.96
C THR K 35 28.55 -101.11 28.52
N GLN K 36 29.68 -101.01 29.23
CA GLN K 36 30.30 -102.20 29.80
C GLN K 36 29.66 -102.63 31.12
N PHE K 37 29.52 -101.72 32.11
CA PHE K 37 28.81 -102.16 33.31
C PHE K 37 27.71 -101.26 33.89
N ALA K 38 27.83 -99.93 33.85
CA ALA K 38 26.82 -98.97 34.34
C ALA K 38 26.53 -99.12 35.84
N ARG K 39 27.50 -98.76 36.67
CA ARG K 39 27.38 -98.89 38.13
C ARG K 39 27.45 -97.55 38.83
N THR K 40 26.64 -97.38 39.90
CA THR K 40 26.74 -96.16 40.71
C THR K 40 27.95 -96.18 41.62
N LYS K 41 28.23 -97.32 42.25
CA LYS K 41 29.42 -97.50 43.04
C LYS K 41 30.34 -98.46 42.31
N PRO K 42 31.54 -98.01 41.89
CA PRO K 42 32.36 -98.84 40.98
C PRO K 42 32.92 -100.10 41.61
N SER K 43 33.05 -100.15 42.93
CA SER K 43 33.58 -101.35 43.58
C SER K 43 32.51 -102.42 43.71
N VAL K 44 31.29 -102.03 44.05
CA VAL K 44 30.19 -102.98 44.24
C VAL K 44 29.61 -103.35 42.87
N ASP K 45 29.51 -104.65 42.60
CA ASP K 45 29.17 -105.19 41.27
C ASP K 45 27.66 -105.28 41.13
N SER K 46 27.02 -104.18 40.76
CA SER K 46 25.57 -104.17 40.54
C SER K 46 25.24 -103.11 39.50
N ASP K 47 24.56 -103.52 38.43
CA ASP K 47 24.20 -102.62 37.34
C ASP K 47 22.87 -101.95 37.66
N ASP K 48 22.92 -100.94 38.52
CA ASP K 48 21.72 -100.19 38.88
C ASP K 48 21.55 -98.90 38.09
N LEU K 49 22.38 -98.65 37.09
CA LEU K 49 22.25 -97.50 36.21
C LEU K 49 21.76 -97.88 34.82
N ILE K 50 20.91 -98.91 34.69
CA ILE K 50 20.60 -99.50 33.38
C ILE K 50 19.78 -98.53 32.54
N LEU K 51 18.63 -98.07 33.05
CA LEU K 51 17.83 -97.11 32.29
C LEU K 51 17.61 -95.80 33.06
N LYS K 52 18.67 -95.27 33.68
CA LYS K 52 18.61 -94.01 34.41
C LYS K 52 19.54 -93.00 33.74
N PRO K 53 19.05 -91.83 33.35
CA PRO K 53 19.94 -90.81 32.77
C PRO K 53 20.85 -90.18 33.81
N LYS K 54 22.12 -90.02 33.45
CA LYS K 54 23.14 -89.48 34.34
C LYS K 54 23.97 -88.44 33.60
N ARG K 55 24.26 -87.34 34.28
CA ARG K 55 25.03 -86.23 33.71
C ARG K 55 26.50 -86.35 34.11
N ILE K 56 27.37 -86.46 33.11
CA ILE K 56 28.81 -86.56 33.30
C ILE K 56 29.47 -85.30 32.73
N SER K 57 30.77 -85.17 32.93
CA SER K 57 31.48 -83.95 32.54
C SER K 57 32.75 -84.19 31.72
N SER K 58 33.31 -85.38 31.74
CA SER K 58 34.55 -85.64 31.01
C SER K 58 34.61 -87.12 30.66
N LEU K 59 35.66 -87.48 29.93
CA LEU K 59 35.87 -88.89 29.57
C LEU K 59 36.29 -89.71 30.78
N LEU K 60 36.92 -89.08 31.78
CA LEU K 60 37.31 -89.80 32.97
C LEU K 60 36.11 -90.11 33.84
N ASP K 61 35.07 -89.27 33.79
CA ASP K 61 33.82 -89.57 34.48
C ASP K 61 33.09 -90.74 33.85
N PHE K 62 33.25 -90.94 32.54
CA PHE K 62 32.53 -92.01 31.87
C PHE K 62 33.09 -93.38 32.24
N THR K 63 34.43 -93.51 32.28
CA THR K 63 35.02 -94.83 32.50
C THR K 63 34.91 -95.25 33.97
N THR K 64 34.68 -94.28 34.87
CA THR K 64 34.44 -94.58 36.26
C THR K 64 33.13 -95.34 36.44
N TYR K 65 32.06 -94.86 35.82
CA TYR K 65 30.74 -95.44 36.01
C TYR K 65 30.38 -96.47 34.94
N TYR K 66 30.97 -96.39 33.74
CA TYR K 66 30.53 -97.22 32.63
C TYR K 66 31.62 -98.09 32.02
N GLY K 67 32.90 -97.75 32.18
CA GLY K 67 33.98 -98.56 31.63
C GLY K 67 34.43 -98.12 30.26
N GLY K 68 35.05 -99.07 29.54
CA GLY K 68 35.57 -98.80 28.22
C GLY K 68 34.97 -99.65 27.10
N ALA K 69 35.73 -99.88 26.04
CA ALA K 69 35.25 -100.62 24.89
C ALA K 69 35.42 -102.13 25.09
N GLN K 70 34.91 -102.89 24.12
CA GLN K 70 35.02 -104.35 24.13
C GLN K 70 36.24 -104.79 23.34
N ASN K 71 36.95 -105.79 23.87
CA ASN K 71 38.11 -106.36 23.19
C ASN K 71 37.69 -107.06 21.90
N GLU K 72 38.45 -106.82 20.84
CA GLU K 72 38.14 -107.44 19.55
C GLU K 72 38.55 -108.91 19.54
N GLN K 73 37.77 -109.73 18.83
CA GLN K 73 38.02 -111.17 18.76
C GLN K 73 38.43 -111.65 17.38
N GLY K 74 38.55 -110.76 16.40
CA GLY K 74 38.85 -111.15 15.03
C GLY K 74 40.24 -110.84 14.51
N ILE K 75 41.25 -110.82 15.38
CA ILE K 75 42.63 -110.49 14.94
C ILE K 75 43.47 -111.77 14.82
N THR K 76 44.18 -111.93 13.69
CA THR K 76 45.04 -113.09 13.44
C THR K 76 46.45 -112.62 13.06
N VAL K 77 47.46 -113.35 13.50
CA VAL K 77 48.86 -113.04 13.25
C VAL K 77 49.51 -114.23 12.57
N LYS K 78 50.26 -113.98 11.49
CA LYS K 78 50.93 -115.00 10.69
C LYS K 78 52.42 -114.70 10.63
N LEU K 79 53.25 -115.73 10.83
CA LEU K 79 54.70 -115.62 10.74
C LEU K 79 55.23 -116.63 9.73
N THR K 80 56.18 -116.20 8.89
CA THR K 80 56.77 -117.06 7.86
C THR K 80 58.27 -116.82 7.77
N ASP K 81 59.05 -117.89 7.87
CA ASP K 81 60.50 -117.85 7.68
C ASP K 81 60.84 -118.46 6.33
N THR K 82 61.70 -117.79 5.58
CA THR K 82 62.00 -118.15 4.19
C THR K 82 63.51 -118.02 4.00
N LEU K 83 64.03 -118.70 2.97
CA LEU K 83 65.42 -118.56 2.54
C LEU K 83 65.45 -118.15 1.08
N ILE K 84 66.08 -117.01 0.79
CA ILE K 84 66.18 -116.46 -0.57
C ILE K 84 67.66 -116.38 -0.92
N GLU K 85 68.11 -117.36 -1.73
CA GLU K 85 69.51 -117.58 -2.16
C GLU K 85 70.49 -117.47 -0.99
N GLY K 86 70.17 -118.16 0.11
CA GLY K 86 71.03 -118.18 1.28
C GLY K 86 70.85 -117.02 2.24
N ALA K 87 69.88 -116.14 2.00
CA ALA K 87 69.63 -115.00 2.87
C ALA K 87 68.27 -115.18 3.55
N GLU K 88 68.20 -114.84 4.83
CA GLU K 88 66.97 -115.05 5.59
C GLU K 88 65.95 -113.96 5.27
N ASN K 89 64.67 -114.31 5.31
CA ASN K 89 63.58 -113.38 5.11
C ASN K 89 62.44 -113.76 6.05
N ARG K 90 61.97 -112.79 6.83
CA ARG K 90 60.86 -112.98 7.76
C ARG K 90 59.70 -112.10 7.35
N THR K 91 58.51 -112.68 7.30
CA THR K 91 57.29 -111.98 6.88
C THR K 91 56.28 -112.01 8.01
N ILE K 92 55.71 -110.86 8.34
CA ILE K 92 54.67 -110.72 9.35
C ILE K 92 53.43 -110.17 8.68
N ASN K 93 52.31 -110.89 8.80
CA ASN K 93 51.07 -110.55 8.11
C ASN K 93 49.93 -110.44 9.11
N VAL K 94 49.42 -109.23 9.30
CA VAL K 94 48.21 -108.99 10.08
C VAL K 94 47.18 -108.34 9.17
N PRO K 95 46.19 -109.06 8.69
CA PRO K 95 45.15 -108.43 7.87
C PRO K 95 44.16 -107.66 8.74
N GLU K 96 43.46 -106.73 8.08
CA GLU K 96 42.41 -106.01 8.78
C GLU K 96 41.21 -106.93 9.02
N PRO K 97 40.60 -106.88 10.20
CA PRO K 97 39.56 -107.86 10.54
C PRO K 97 38.26 -107.60 9.80
N THR K 98 37.65 -108.69 9.32
CA THR K 98 36.35 -108.61 8.65
C THR K 98 35.18 -108.73 9.61
N PHE K 99 35.41 -109.18 10.85
CA PHE K 99 34.38 -109.27 11.87
C PHE K 99 34.77 -108.35 13.02
N LYS K 100 33.97 -107.31 13.24
CA LYS K 100 34.24 -106.31 14.26
C LYS K 100 33.16 -106.34 15.33
N SER K 101 33.44 -105.69 16.45
CA SER K 101 32.44 -105.54 17.51
C SER K 101 31.39 -104.51 17.11
N PRO K 102 30.12 -104.72 17.42
CA PRO K 102 29.08 -103.76 16.98
C PRO K 102 28.91 -102.56 17.90
N TYR K 103 29.70 -102.45 18.96
CA TYR K 103 29.55 -101.41 19.96
C TYR K 103 30.48 -100.24 19.64
N LEU K 104 29.95 -99.02 19.63
CA LEU K 104 30.69 -97.86 19.18
C LEU K 104 30.59 -96.67 20.13
N MET K 105 30.11 -96.86 21.36
CA MET K 105 29.79 -95.75 22.23
C MET K 105 31.04 -95.09 22.82
N PHE K 106 32.01 -95.91 23.26
CA PHE K 106 33.23 -95.38 23.85
C PHE K 106 34.08 -94.66 22.80
N TYR K 107 34.06 -95.14 21.55
CA TYR K 107 34.80 -94.46 20.49
C TYR K 107 34.17 -93.12 20.13
N SER K 108 32.84 -93.04 20.17
CA SER K 108 32.15 -91.81 19.79
C SER K 108 32.32 -90.72 20.84
N LEU K 109 32.47 -91.11 22.11
CA LEU K 109 32.70 -90.12 23.16
C LEU K 109 34.13 -89.59 23.12
N GLN K 110 35.06 -90.38 22.61
CA GLN K 110 36.42 -89.89 22.38
C GLN K 110 36.42 -88.83 21.28
N MET K 111 35.59 -89.00 20.25
CA MET K 111 35.54 -88.03 19.17
C MET K 111 34.83 -86.74 19.61
N TYR K 112 33.87 -86.87 20.54
CA TYR K 112 33.09 -85.73 21.01
C TYR K 112 33.94 -84.79 21.87
N PHE K 113 34.71 -85.34 22.80
CA PHE K 113 35.52 -84.50 23.67
C PHE K 113 36.74 -83.95 22.93
N ALA K 114 37.17 -84.61 21.85
CA ALA K 114 38.31 -84.11 21.10
C ALA K 114 37.94 -82.94 20.18
N ASN K 115 36.65 -82.73 19.94
CA ASN K 115 36.20 -81.68 19.05
C ASN K 115 35.56 -80.52 19.80
N GLY K 116 35.60 -80.51 21.13
CA GLY K 116 35.17 -79.38 21.91
C GLY K 116 33.89 -79.56 22.71
N GLY K 117 33.52 -80.79 23.04
CA GLY K 117 32.29 -81.00 23.78
C GLY K 117 32.42 -80.74 25.26
N GLY K 118 31.29 -80.46 25.88
CA GLY K 118 31.22 -80.24 27.31
C GLY K 118 30.38 -81.28 28.03
N PRO K 119 29.53 -80.85 28.96
CA PRO K 119 28.71 -81.81 29.71
C PRO K 119 27.61 -82.41 28.86
N CYS K 120 27.31 -83.69 29.11
CA CYS K 120 26.34 -84.44 28.33
C CYS K 120 25.67 -85.48 29.22
N TYR K 121 24.62 -86.10 28.70
CA TYR K 121 23.86 -87.10 29.42
C TYR K 121 24.07 -88.49 28.81
N ILE K 122 24.13 -89.50 29.67
CA ILE K 122 24.34 -90.89 29.26
C ILE K 122 23.10 -91.69 29.62
N VAL K 123 22.55 -92.40 28.64
CA VAL K 123 21.45 -93.32 28.84
C VAL K 123 21.89 -94.70 28.36
N SER K 124 22.22 -95.57 29.30
CA SER K 124 22.55 -96.95 28.98
C SER K 124 21.30 -97.69 28.52
N THR K 125 21.47 -98.75 27.73
CA THR K 125 20.36 -99.60 27.33
C THR K 125 20.60 -101.07 27.65
N GLY K 126 21.67 -101.38 28.36
CA GLY K 126 22.06 -102.76 28.60
C GLY K 126 23.57 -102.85 28.57
N VAL K 127 24.06 -104.08 28.77
CA VAL K 127 25.49 -104.33 28.81
C VAL K 127 25.88 -105.17 27.60
N TYR K 128 27.19 -105.38 27.45
CA TYR K 128 27.71 -106.12 26.30
C TYR K 128 27.34 -107.59 26.38
N ASP K 129 27.12 -108.20 25.22
CA ASP K 129 26.99 -109.64 25.10
C ASP K 129 28.31 -110.22 24.59
N ASP K 130 28.52 -111.50 24.84
CA ASP K 130 29.75 -112.19 24.48
C ASP K 130 29.69 -112.71 23.04
N TRP K 131 30.87 -112.87 22.45
CA TRP K 131 30.97 -113.52 21.15
C TRP K 131 30.76 -115.01 21.30
N SER K 132 30.01 -115.60 20.37
CA SER K 132 29.84 -117.05 20.38
C SER K 132 31.07 -117.78 19.90
N ASP K 133 31.70 -117.31 18.82
CA ASP K 133 33.04 -117.75 18.42
C ASP K 133 33.71 -116.59 17.70
N SER K 134 34.79 -116.90 16.97
CA SER K 134 35.65 -115.85 16.44
C SER K 134 35.06 -115.19 15.21
N GLU K 135 33.98 -115.72 14.65
CA GLU K 135 33.36 -115.15 13.46
C GLU K 135 31.88 -114.85 13.64
N THR K 136 31.39 -114.77 14.87
CA THR K 136 30.00 -114.37 15.12
C THR K 136 29.97 -113.31 16.22
N PRO K 137 29.96 -112.03 15.87
CA PRO K 137 29.80 -110.98 16.87
C PRO K 137 28.36 -110.91 17.36
N PRO K 138 28.10 -110.31 18.52
CA PRO K 138 26.72 -110.16 19.00
C PRO K 138 25.90 -109.18 18.18
N THR K 139 24.60 -109.17 18.46
CA THR K 139 23.63 -108.39 17.69
C THR K 139 23.06 -107.26 18.54
N ILE K 140 22.48 -106.28 17.85
CA ILE K 140 21.88 -105.10 18.48
C ILE K 140 20.37 -105.17 18.28
N ASN K 141 19.62 -104.95 19.35
CA ASN K 141 18.17 -105.14 19.33
C ASN K 141 17.47 -103.79 19.20
N PHE K 142 16.40 -103.76 18.38
CA PHE K 142 15.62 -102.55 18.18
C PHE K 142 14.83 -102.16 19.42
N SER K 143 14.40 -103.16 20.21
CA SER K 143 13.52 -102.88 21.35
C SER K 143 14.27 -102.25 22.52
N ASP K 144 15.59 -102.40 22.59
CA ASP K 144 16.36 -101.74 23.63
C ASP K 144 16.57 -100.26 23.35
N LEU K 145 16.84 -99.89 22.09
CA LEU K 145 17.10 -98.50 21.74
C LEU K 145 15.83 -97.65 21.80
N GLU K 146 14.66 -98.24 21.51
CA GLU K 146 13.43 -97.47 21.61
C GLU K 146 13.00 -97.31 23.06
N SER K 147 13.39 -98.26 23.91
CA SER K 147 13.13 -98.14 25.34
C SER K 147 13.97 -97.03 25.96
N GLY K 148 15.15 -96.77 25.40
CA GLY K 148 15.97 -95.67 25.89
C GLY K 148 15.43 -94.31 25.49
N LEU K 149 14.73 -94.24 24.36
CA LEU K 149 14.14 -92.98 23.91
C LEU K 149 12.94 -92.59 24.76
N ALA K 150 12.29 -93.55 25.40
CA ALA K 150 11.12 -93.25 26.22
C ALA K 150 11.49 -92.61 27.54
N VAL K 151 12.68 -92.92 28.08
CA VAL K 151 13.06 -92.37 29.37
C VAL K 151 13.69 -90.98 29.19
N ILE K 152 14.20 -90.68 27.99
CA ILE K 152 14.79 -89.36 27.77
C ILE K 152 13.71 -88.31 27.52
N ARG K 153 12.48 -88.74 27.27
CA ARG K 153 11.33 -87.85 27.12
C ARG K 153 10.99 -87.13 28.43
N LYS K 154 11.33 -87.76 29.56
CA LYS K 154 11.04 -87.21 30.87
C LYS K 154 12.12 -86.27 31.39
N GLU K 155 13.23 -86.11 30.68
CA GLU K 155 14.30 -85.20 31.10
C GLU K 155 14.13 -83.85 30.39
N ASP K 156 14.50 -82.78 31.10
CA ASP K 156 14.27 -81.41 30.65
C ASP K 156 15.47 -80.81 29.94
N GLU K 157 16.68 -81.04 30.43
CA GLU K 157 17.89 -80.33 30.02
C GLU K 157 18.54 -80.66 28.67
N PRO K 158 18.56 -81.91 28.14
CA PRO K 158 19.23 -82.13 26.84
C PRO K 158 18.55 -81.45 25.66
N THR K 159 19.37 -81.05 24.68
CA THR K 159 18.92 -80.38 23.47
C THR K 159 19.21 -81.15 22.20
N LEU K 160 19.93 -82.28 22.28
CA LEU K 160 20.35 -83.04 21.10
C LEU K 160 20.24 -84.54 21.36
N LEU K 161 19.76 -85.28 20.35
CA LEU K 161 19.52 -86.72 20.46
C LEU K 161 20.41 -87.49 19.50
N LEU K 162 21.10 -88.53 20.01
CA LEU K 162 22.02 -89.34 19.22
C LEU K 162 21.92 -90.82 19.61
N PHE K 163 22.18 -91.69 18.63
CA PHE K 163 22.20 -93.15 18.80
C PHE K 163 23.47 -93.69 18.17
N PRO K 164 24.53 -93.89 18.96
CA PRO K 164 25.84 -94.23 18.36
C PRO K 164 25.96 -95.66 17.83
N ASP K 165 25.06 -96.58 18.16
CA ASP K 165 25.19 -97.98 17.75
C ASP K 165 24.23 -98.33 16.61
N ALA K 166 23.50 -97.33 16.11
CA ALA K 166 22.34 -97.58 15.26
C ALA K 166 22.67 -98.08 13.86
N THR K 167 23.85 -97.79 13.32
CA THR K 167 24.20 -98.27 11.98
C THR K 167 24.47 -99.77 11.92
N ASN K 168 24.61 -100.43 13.06
CA ASN K 168 24.81 -101.87 13.11
C ASN K 168 23.53 -102.63 13.41
N LEU K 169 22.38 -102.01 13.19
CA LEU K 169 21.07 -102.64 13.32
C LEU K 169 20.87 -103.65 12.19
N PRO K 170 20.06 -104.70 12.41
CA PRO K 170 19.98 -105.78 11.41
C PRO K 170 19.38 -105.41 10.06
N THR K 171 18.26 -104.67 10.03
CA THR K 171 17.67 -104.24 8.77
C THR K 171 17.68 -102.72 8.68
N ASP K 172 17.56 -102.21 7.47
CA ASP K 172 17.53 -100.76 7.27
C ASP K 172 16.16 -100.18 7.65
N ASP K 173 15.09 -101.00 7.57
CA ASP K 173 13.77 -100.53 7.96
C ASP K 173 13.69 -100.25 9.46
N GLU K 174 14.43 -101.00 10.27
CA GLU K 174 14.51 -100.68 11.69
C GLU K 174 15.28 -99.39 11.94
N PHE K 175 16.29 -99.12 11.10
CA PHE K 175 17.11 -97.92 11.23
C PHE K 175 16.30 -96.66 10.95
N TYR K 176 15.49 -96.67 9.88
CA TYR K 176 14.70 -95.48 9.54
C TYR K 176 13.54 -95.29 10.50
N SER K 177 12.96 -96.38 11.00
CA SER K 177 11.83 -96.30 11.92
C SER K 177 12.25 -95.75 13.28
N LEU K 178 13.51 -95.96 13.67
CA LEU K 178 14.01 -95.40 14.92
C LEU K 178 14.17 -93.89 14.80
N TYR K 179 14.60 -93.40 13.64
CA TYR K 179 14.80 -91.97 13.48
C TYR K 179 13.48 -91.25 13.19
N ASN K 180 12.45 -91.97 12.75
CA ASN K 180 11.13 -91.36 12.64
C ASN K 180 10.52 -91.11 14.02
N SER K 181 10.90 -91.93 15.01
CA SER K 181 10.38 -91.77 16.36
C SER K 181 11.05 -90.60 17.08
N ALA K 182 12.31 -90.32 16.75
CA ALA K 182 13.01 -89.20 17.38
C ALA K 182 12.48 -87.87 16.87
N LEU K 183 12.10 -87.79 15.60
CA LEU K 183 11.56 -86.55 15.06
C LEU K 183 10.15 -86.27 15.56
N MET K 184 9.39 -87.31 15.92
CA MET K 184 8.08 -87.10 16.52
C MET K 184 8.20 -86.60 17.96
N GLN K 185 9.25 -87.02 18.68
CA GLN K 185 9.49 -86.49 20.01
C GLN K 185 9.95 -85.03 19.94
N CYS K 186 10.71 -84.66 18.90
CA CYS K 186 11.17 -83.29 18.78
C CYS K 186 10.04 -82.35 18.37
N ASN K 187 9.01 -82.89 17.70
CA ASN K 187 7.83 -82.10 17.39
C ASN K 187 6.98 -81.84 18.64
N ASP K 188 6.85 -82.86 19.50
CA ASP K 188 5.97 -82.75 20.67
C ASP K 188 6.57 -81.84 21.74
N LEU K 189 7.83 -82.08 22.12
CA LEU K 189 8.44 -81.30 23.19
C LEU K 189 8.88 -79.93 22.69
N GLN K 190 9.00 -79.77 21.37
CA GLN K 190 9.36 -78.57 20.61
C GLN K 190 10.57 -77.80 21.18
N ASP K 191 11.57 -78.51 21.71
CA ASP K 191 12.77 -77.87 22.24
C ASP K 191 14.06 -78.63 21.95
N ARG K 192 14.05 -79.58 21.02
CA ARG K 192 15.21 -80.44 20.76
C ARG K 192 15.50 -80.51 19.26
N PHE K 193 16.60 -81.18 18.92
CA PHE K 193 17.07 -81.31 17.55
C PHE K 193 17.80 -82.64 17.40
N THR K 194 17.71 -83.25 16.22
CA THR K 194 18.25 -84.59 15.96
C THR K 194 19.33 -84.54 14.88
N ILE K 195 20.40 -85.31 15.07
CA ILE K 195 21.48 -85.44 14.10
C ILE K 195 21.48 -86.86 13.54
N LEU K 196 21.41 -86.96 12.20
CA LEU K 196 21.23 -88.23 11.51
C LEU K 196 22.46 -88.59 10.69
N ASP K 197 22.59 -89.88 10.39
CA ASP K 197 23.53 -90.40 9.40
C ASP K 197 22.79 -91.26 8.39
N THR K 198 23.52 -91.76 7.40
CA THR K 198 23.01 -92.77 6.50
C THR K 198 23.24 -94.15 7.09
N TYR K 199 22.63 -95.15 6.46
CA TYR K 199 22.75 -96.53 6.93
C TYR K 199 24.13 -97.08 6.63
N SER K 200 24.70 -96.69 5.50
CA SER K 200 26.04 -97.12 5.10
C SER K 200 26.68 -95.98 4.33
N ASP K 201 27.99 -96.09 4.13
CA ASP K 201 28.73 -95.15 3.29
C ASP K 201 28.90 -95.66 1.86
N GLN K 202 28.57 -96.91 1.60
CA GLN K 202 28.64 -97.49 0.26
C GLN K 202 27.31 -98.13 -0.08
N THR K 203 27.21 -98.63 -1.31
CA THR K 203 26.05 -99.38 -1.75
C THR K 203 25.90 -100.68 -0.96
N TYR K 204 24.72 -100.88 -0.38
CA TYR K 204 24.46 -102.03 0.48
C TYR K 204 23.34 -102.88 -0.09
N ASN K 205 23.33 -104.15 0.32
CA ASN K 205 22.33 -105.11 -0.12
C ASN K 205 21.18 -105.15 0.86
N ASP K 206 19.96 -105.11 0.32
CA ASP K 206 18.74 -105.13 1.12
C ASP K 206 18.14 -106.52 1.26
N GLY K 207 18.71 -107.52 0.60
CA GLY K 207 18.11 -108.83 0.52
C GLY K 207 17.43 -109.12 -0.80
N VAL K 208 16.78 -108.12 -1.39
CA VAL K 208 16.22 -108.22 -2.73
C VAL K 208 16.97 -107.38 -3.76
N GLU K 209 17.46 -106.20 -3.39
CA GLU K 209 18.05 -105.26 -4.34
C GLU K 209 19.30 -104.65 -3.73
N ASP K 210 20.03 -103.91 -4.56
CA ASP K 210 21.16 -103.11 -4.11
C ASP K 210 20.75 -101.64 -4.14
N LEU K 211 21.06 -100.91 -3.07
CA LEU K 211 20.58 -99.56 -2.90
C LEU K 211 21.73 -98.59 -2.66
N ASP K 212 21.59 -97.38 -3.19
CA ASP K 212 22.53 -96.30 -2.92
C ASP K 212 22.15 -95.62 -1.62
N PRO K 213 23.11 -95.12 -0.83
CA PRO K 213 22.80 -94.62 0.53
C PRO K 213 21.96 -93.36 0.61
N ILE K 214 22.24 -92.40 -0.28
CA ILE K 214 21.51 -91.10 -0.27
C ILE K 214 20.05 -91.29 -0.69
N PRO K 215 19.67 -91.92 -1.83
CA PRO K 215 18.25 -92.10 -2.15
C PRO K 215 17.49 -93.04 -1.22
N ALA K 216 18.19 -93.92 -0.49
CA ALA K 216 17.51 -94.81 0.43
C ALA K 216 17.12 -94.09 1.72
N LEU K 217 17.91 -93.09 2.12
CA LEU K 217 17.54 -92.27 3.27
C LEU K 217 16.37 -91.34 2.95
N ARG K 218 16.25 -90.93 1.69
CA ARG K 218 15.14 -90.06 1.31
C ARG K 218 13.82 -90.83 1.23
N ASN K 219 13.88 -92.14 1.03
CA ASN K 219 12.68 -92.97 1.07
C ASN K 219 12.26 -93.33 2.49
N GLY K 220 13.22 -93.59 3.37
CA GLY K 220 12.91 -94.12 4.69
C GLY K 220 12.30 -93.09 5.63
N ILE K 221 12.67 -91.82 5.47
CA ILE K 221 12.13 -90.74 6.28
C ILE K 221 10.94 -90.15 5.52
N ASN K 222 9.71 -90.45 5.96
CA ASN K 222 8.52 -90.16 5.17
C ASN K 222 7.52 -89.24 5.89
N LEU K 223 7.99 -88.20 6.57
CA LEU K 223 7.10 -87.28 7.26
C LEU K 223 7.07 -85.92 6.55
N THR K 224 6.13 -85.07 6.96
CA THR K 224 5.98 -83.74 6.37
C THR K 224 6.95 -82.74 7.02
N LYS K 225 6.89 -81.51 6.53
CA LYS K 225 7.82 -80.47 6.93
C LYS K 225 7.82 -80.16 8.43
N ASP K 226 6.65 -80.22 9.07
CA ASP K 226 6.55 -79.91 10.48
C ASP K 226 7.35 -80.87 11.34
N TYR K 227 7.83 -81.96 10.77
CA TYR K 227 8.74 -82.90 11.43
C TYR K 227 10.16 -82.81 10.90
N LEU K 228 10.32 -82.52 9.60
CA LEU K 228 11.63 -82.54 8.97
C LEU K 228 12.49 -81.35 9.37
N LYS K 229 11.88 -80.29 9.91
CA LYS K 229 12.63 -79.11 10.31
C LYS K 229 13.44 -79.32 11.59
N TYR K 230 13.26 -80.45 12.29
CA TYR K 230 13.97 -80.73 13.52
C TYR K 230 15.17 -81.66 13.35
N GLY K 231 15.62 -81.92 12.12
CA GLY K 231 16.76 -82.79 11.93
C GLY K 231 17.69 -82.37 10.82
N ALA K 232 18.90 -82.93 10.86
CA ALA K 232 19.95 -82.69 9.86
C ALA K 232 20.77 -83.96 9.66
N ALA K 233 21.24 -84.15 8.43
CA ALA K 233 21.91 -85.38 8.02
C ALA K 233 23.27 -85.07 7.38
N TYR K 234 24.24 -85.96 7.64
CA TYR K 234 25.61 -85.77 7.19
C TYR K 234 26.11 -87.02 6.48
N TYR K 235 27.06 -86.81 5.57
CA TYR K 235 27.58 -87.85 4.70
C TYR K 235 28.95 -87.42 4.21
N PRO K 236 29.90 -88.35 4.02
CA PRO K 236 30.03 -89.79 4.32
C PRO K 236 30.63 -90.06 5.72
N PHE K 237 31.22 -91.24 5.89
CA PHE K 237 31.85 -91.59 7.17
C PHE K 237 33.24 -90.96 7.28
N VAL K 238 33.85 -91.06 8.47
CA VAL K 238 35.16 -90.46 8.72
C VAL K 238 36.13 -91.52 9.25
N GLN K 239 37.39 -91.42 8.82
CA GLN K 239 38.49 -92.29 9.27
C GLN K 239 39.25 -91.54 10.38
N THR K 240 39.49 -92.19 11.53
CA THR K 240 40.02 -91.55 12.72
C THR K 240 41.47 -92.01 12.97
N ILE K 241 42.07 -91.48 14.04
CA ILE K 241 43.43 -91.80 14.46
C ILE K 241 43.45 -92.83 15.58
N LEU K 242 42.28 -93.38 15.96
CA LEU K 242 42.17 -94.24 17.12
C LEU K 242 42.52 -95.69 16.78
N ASN K 243 43.00 -96.42 17.79
CA ASN K 243 43.30 -97.83 17.67
C ASN K 243 42.16 -98.66 18.29
N TYR K 244 42.03 -99.90 17.82
CA TYR K 244 41.08 -100.84 18.37
C TYR K 244 41.52 -101.30 19.75
N GLN K 245 40.53 -101.62 20.59
CA GLN K 245 40.76 -102.17 21.92
C GLN K 245 40.87 -103.69 21.84
N TYR K 246 41.96 -104.23 22.39
CA TYR K 246 42.19 -105.67 22.33
C TYR K 246 43.01 -106.10 23.54
N SER K 247 43.03 -107.41 23.76
CA SER K 247 43.80 -108.01 24.85
C SER K 247 44.84 -108.96 24.29
N ALA K 248 46.07 -108.89 24.82
CA ALA K 248 47.15 -109.73 24.32
C ALA K 248 47.05 -111.17 24.81
N ASP K 249 46.21 -111.45 25.80
CA ASP K 249 46.00 -112.80 26.30
C ASP K 249 45.18 -113.67 25.36
N GLU K 250 44.57 -113.09 24.33
CA GLU K 250 43.65 -113.82 23.45
C GLU K 250 44.15 -113.89 22.01
N ILE K 251 45.36 -113.45 21.74
CA ILE K 251 45.93 -113.49 20.39
C ILE K 251 46.79 -114.74 20.29
N VAL K 252 46.54 -115.56 19.26
CA VAL K 252 47.27 -116.80 19.04
C VAL K 252 48.12 -116.64 17.78
N ILE K 253 49.38 -117.08 17.85
CA ILE K 253 50.34 -116.98 16.76
C ILE K 253 50.34 -118.30 15.99
N GLN K 254 50.43 -118.21 14.66
CA GLN K 254 50.73 -119.36 13.81
C GLN K 254 52.03 -119.10 13.07
N HIS K 255 53.00 -119.99 13.27
CA HIS K 255 54.39 -119.80 12.86
C HIS K 255 54.79 -120.93 11.92
N LEU K 256 55.16 -120.58 10.69
CA LEU K 256 55.68 -121.53 9.71
C LEU K 256 57.16 -121.25 9.50
N SER K 257 58.00 -122.25 9.77
CA SER K 257 59.44 -122.07 9.68
C SER K 257 60.06 -123.24 8.93
N TYR K 258 61.22 -122.99 8.32
CA TYR K 258 61.94 -124.05 7.63
C TYR K 258 62.61 -124.99 8.62
N ASN K 259 62.95 -124.49 9.80
CA ASN K 259 63.54 -125.31 10.86
C ASN K 259 62.45 -125.66 11.86
N PRO K 260 61.85 -126.85 11.79
CA PRO K 260 60.79 -127.18 12.73
C PRO K 260 61.31 -127.69 14.06
N ASN K 261 61.12 -126.91 15.12
CA ASN K 261 61.45 -127.35 16.47
C ASN K 261 60.30 -127.10 17.44
N ALA K 262 59.07 -127.23 16.97
CA ALA K 262 57.90 -127.00 17.82
C ALA K 262 57.75 -128.11 18.84
N ILE K 263 57.88 -129.37 18.40
CA ILE K 263 57.71 -130.49 19.33
C ILE K 263 58.93 -130.65 20.22
N ALA K 264 60.11 -130.31 19.68
CA ALA K 264 61.34 -130.42 20.46
C ALA K 264 61.39 -129.38 21.59
N THR K 265 60.90 -128.16 21.32
CA THR K 265 60.86 -127.14 22.37
C THR K 265 59.76 -127.45 23.37
N ALA K 266 58.69 -128.12 22.92
CA ALA K 266 57.64 -128.55 23.84
C ALA K 266 58.11 -129.73 24.70
N LEU K 267 59.05 -130.52 24.19
CA LEU K 267 59.58 -131.63 24.96
C LEU K 267 60.53 -131.15 26.05
N ASP K 268 61.34 -130.13 25.75
CA ASP K 268 62.38 -129.68 26.68
C ASP K 268 61.78 -129.03 27.93
N ASN K 269 60.64 -128.34 27.77
CA ASN K 269 59.97 -127.77 28.93
C ASN K 269 59.31 -128.86 29.77
N LEU K 270 58.70 -129.84 29.11
CA LEU K 270 57.96 -130.87 29.84
C LEU K 270 58.89 -131.91 30.44
N ASN K 271 60.08 -132.10 29.86
CA ASN K 271 61.06 -133.00 30.45
C ASN K 271 61.70 -132.36 31.68
N ALA K 272 61.83 -131.03 31.68
CA ALA K 272 62.46 -130.33 32.78
C ALA K 272 61.53 -130.26 33.99
N VAL K 273 60.22 -130.16 33.77
CA VAL K 273 59.29 -130.05 34.88
C VAL K 273 59.08 -131.42 35.54
N ASN K 274 59.38 -132.49 34.80
CA ASN K 274 59.25 -133.86 35.31
C ASN K 274 60.56 -134.26 36.00
N GLY K 275 60.82 -133.64 37.15
CA GLY K 275 62.03 -133.88 37.89
C GLY K 275 61.80 -133.99 39.38
N PRO K 276 62.80 -134.50 40.11
CA PRO K 276 62.64 -134.63 41.57
C PRO K 276 62.67 -133.30 42.31
N THR K 277 63.47 -132.34 41.86
CA THR K 277 63.51 -131.05 42.54
C THR K 277 62.31 -130.18 42.15
N PHE K 278 61.69 -130.48 41.00
CA PHE K 278 60.69 -129.57 40.47
C PHE K 278 59.29 -129.88 40.97
N ILE K 279 58.77 -131.08 40.68
CA ILE K 279 57.39 -131.42 40.97
C ILE K 279 57.26 -132.42 42.11
N ASP K 280 58.33 -133.17 42.40
CA ASP K 280 58.29 -134.10 43.53
C ASP K 280 58.50 -133.35 44.85
N ALA K 281 59.16 -132.19 44.79
CA ALA K 281 59.38 -131.40 45.99
C ALA K 281 58.12 -130.67 46.42
N ILE K 282 57.14 -130.54 45.52
CA ILE K 282 55.87 -129.94 45.89
C ILE K 282 55.01 -130.95 46.66
N LEU K 283 55.15 -132.23 46.34
CA LEU K 283 54.18 -133.21 46.82
C LEU K 283 54.53 -133.73 48.20
N ASP K 284 55.83 -133.91 48.49
CA ASP K 284 56.21 -134.46 49.79
C ASP K 284 56.05 -133.42 50.90
N ASP K 285 56.06 -132.14 50.54
CA ASP K 285 55.80 -131.09 51.51
C ASP K 285 54.34 -131.13 51.96
N LEU K 286 53.43 -131.47 51.05
CA LEU K 286 52.01 -131.51 51.38
C LEU K 286 51.69 -132.68 52.31
N ARG K 287 52.37 -133.81 52.13
CA ARG K 287 52.19 -134.96 53.01
C ARG K 287 53.38 -135.15 53.91
N ASN K 321 43.00 -118.00 72.37
CA ASN K 321 43.32 -116.59 72.54
C ASN K 321 43.93 -116.01 71.26
N SER K 322 44.56 -114.84 71.39
CA SER K 322 45.12 -114.18 70.22
C SER K 322 46.44 -114.80 69.79
N VAL K 323 47.13 -115.47 70.72
CA VAL K 323 48.42 -116.07 70.37
C VAL K 323 48.21 -117.43 69.70
N LYS K 324 47.04 -118.05 69.92
CA LYS K 324 46.75 -119.31 69.25
C LYS K 324 46.26 -119.09 67.83
N VAL K 325 45.57 -117.98 67.59
CA VAL K 325 45.09 -117.68 66.24
C VAL K 325 46.26 -117.21 65.37
N ALA K 326 47.19 -116.46 65.95
CA ALA K 326 48.33 -115.95 65.19
C ALA K 326 49.30 -117.06 64.83
N ASN K 327 49.43 -118.08 65.68
CA ASN K 327 50.27 -119.22 65.34
C ASN K 327 49.59 -120.10 64.30
N PHE K 328 48.27 -120.22 64.38
CA PHE K 328 47.54 -121.10 63.47
C PHE K 328 47.49 -120.51 62.06
N ALA K 329 47.56 -119.18 61.95
CA ALA K 329 47.54 -118.56 60.62
C ALA K 329 48.88 -118.75 59.90
N SER K 330 49.95 -118.98 60.65
CA SER K 330 51.24 -119.25 60.03
C SER K 330 51.28 -120.65 59.41
N LEU K 331 50.52 -121.58 59.99
CA LEU K 331 50.48 -122.94 59.46
C LEU K 331 49.66 -123.01 58.17
N VAL K 332 48.61 -122.19 58.07
CA VAL K 332 47.77 -122.21 56.87
C VAL K 332 48.48 -121.50 55.72
N GLU K 333 49.27 -120.47 56.04
CA GLU K 333 49.95 -119.71 54.98
C GLU K 333 51.07 -120.52 54.32
N SER K 334 51.62 -121.51 55.05
CA SER K 334 52.63 -122.36 54.45
C SER K 334 51.99 -123.42 53.55
N VAL K 335 50.81 -123.89 53.92
CA VAL K 335 50.09 -124.87 53.09
C VAL K 335 49.55 -124.19 51.84
N LEU K 336 49.06 -122.96 51.98
CA LEU K 336 48.49 -122.24 50.85
C LEU K 336 49.57 -121.81 49.87
N SER K 337 50.79 -121.55 50.36
CA SER K 337 51.90 -121.22 49.47
C SER K 337 52.36 -122.43 48.67
N THR K 338 52.17 -123.64 49.21
CA THR K 338 52.56 -124.84 48.48
C THR K 338 51.56 -125.14 47.37
N LEU K 339 50.27 -124.87 47.61
CA LEU K 339 49.25 -125.13 46.60
C LEU K 339 49.38 -124.20 45.40
N ASN K 340 49.85 -122.97 45.62
CA ASN K 340 49.89 -121.99 44.54
C ASN K 340 50.96 -122.32 43.52
N GLU K 341 52.11 -122.84 43.96
CA GLU K 341 53.16 -123.23 43.01
C GLU K 341 52.79 -124.50 42.27
N LEU K 342 51.90 -125.32 42.84
CA LEU K 342 51.36 -126.45 42.10
C LEU K 342 50.39 -125.99 41.02
N ILE K 343 49.60 -124.96 41.31
CA ILE K 343 48.68 -124.40 40.32
C ILE K 343 49.46 -123.64 39.25
N ASP K 344 50.56 -122.99 39.62
CA ASP K 344 51.42 -122.34 38.63
C ASP K 344 52.13 -123.36 37.76
N ALA K 345 52.40 -124.55 38.30
CA ALA K 345 52.97 -125.61 37.48
C ALA K 345 51.94 -126.17 36.50
N LYS K 346 50.66 -126.11 36.88
CA LYS K 346 49.60 -126.57 36.00
C LYS K 346 49.42 -125.63 34.80
N GLU K 347 49.72 -124.34 35.00
CA GLU K 347 49.52 -123.36 33.94
C GLU K 347 50.57 -123.51 32.83
N GLU K 348 51.82 -123.79 33.21
CA GLU K 348 52.89 -123.83 32.22
C GLU K 348 52.87 -125.15 31.44
N ILE K 349 52.24 -126.19 32.00
CA ILE K 349 52.11 -127.46 31.28
C ILE K 349 51.13 -127.32 30.13
N ASN K 350 50.04 -126.58 30.33
CA ASN K 350 49.00 -126.46 29.32
C ASN K 350 49.47 -125.62 28.13
N LYS K 351 50.40 -124.69 28.34
CA LYS K 351 50.91 -123.88 27.23
C LYS K 351 51.84 -124.70 26.34
N ASP K 352 52.45 -125.75 26.89
CA ASP K 352 53.36 -126.57 26.10
C ASP K 352 52.61 -127.58 25.26
N VAL K 353 51.53 -128.16 25.79
CA VAL K 353 50.78 -129.17 25.06
C VAL K 353 49.92 -128.53 23.99
N ASN K 354 49.44 -127.30 24.22
CA ASN K 354 48.62 -126.61 23.24
C ASN K 354 49.42 -126.22 22.01
N SER K 355 50.72 -125.95 22.18
CA SER K 355 51.57 -125.65 21.04
C SER K 355 51.91 -126.90 20.25
N ALA K 356 51.80 -128.08 20.87
CA ALA K 356 52.07 -129.33 20.17
C ALA K 356 50.81 -129.90 19.53
N ILE K 357 49.64 -129.60 20.10
CA ILE K 357 48.37 -129.96 19.47
C ILE K 357 48.18 -129.21 18.17
N ALA K 358 48.47 -127.90 18.18
CA ALA K 358 48.25 -127.07 17.01
C ALA K 358 49.30 -127.32 15.92
N SER K 359 50.46 -127.86 16.30
CA SER K 359 51.53 -128.04 15.32
C SER K 359 51.38 -129.35 14.56
N SER K 360 50.72 -130.33 15.15
CA SER K 360 50.56 -131.65 14.53
C SER K 360 49.19 -131.77 13.86
N GLU K 361 48.97 -130.94 12.84
CA GLU K 361 47.74 -131.05 12.07
C GLU K 361 47.78 -132.28 11.16
N GLU K 362 48.98 -132.75 10.82
CA GLU K 362 49.13 -134.02 10.15
C GLU K 362 48.85 -135.16 11.12
N ASP K 363 48.30 -136.26 10.60
CA ASP K 363 48.06 -137.52 11.33
C ASP K 363 47.15 -137.30 12.55
N ASN K 364 45.87 -137.06 12.23
CA ASN K 364 44.84 -136.67 13.21
C ASN K 364 44.66 -137.68 14.34
N ALA K 365 45.09 -138.93 14.16
CA ALA K 365 45.04 -139.91 15.26
C ALA K 365 46.04 -139.56 16.36
N ILE K 366 47.18 -138.95 16.00
CA ILE K 366 48.17 -138.58 17.01
C ILE K 366 47.68 -137.35 17.79
N LYS K 367 46.99 -136.42 17.10
CA LYS K 367 46.44 -135.24 17.77
C LYS K 367 45.35 -135.63 18.77
N THR K 368 44.59 -136.69 18.46
CA THR K 368 43.56 -137.16 19.38
C THR K 368 44.19 -137.78 20.63
N ALA K 369 45.33 -138.45 20.48
CA ALA K 369 46.00 -139.07 21.62
C ALA K 369 46.63 -138.01 22.53
N ILE K 370 47.17 -136.94 21.94
CA ILE K 370 47.74 -135.86 22.73
C ILE K 370 46.65 -135.07 23.45
N SER K 371 45.50 -134.91 22.79
CA SER K 371 44.38 -134.21 23.42
C SER K 371 43.75 -135.05 24.52
N ASP K 372 43.73 -136.37 24.35
CA ASP K 372 43.13 -137.24 25.37
C ASP K 372 44.02 -137.33 26.61
N ALA K 373 45.34 -137.26 26.43
CA ALA K 373 46.24 -137.31 27.57
C ALA K 373 46.20 -136.02 28.37
N LEU K 374 45.74 -134.92 27.76
CA LEU K 374 45.77 -133.63 28.45
C LEU K 374 44.57 -133.47 29.38
N ASP K 375 43.39 -133.96 28.98
CA ASP K 375 42.20 -133.79 29.81
C ASP K 375 42.20 -134.76 30.98
N VAL K 376 42.89 -135.90 30.85
CA VAL K 376 42.96 -136.84 31.97
C VAL K 376 43.94 -136.31 33.02
N PHE K 377 44.93 -135.51 32.60
CA PHE K 377 45.80 -134.83 33.56
C PHE K 377 45.07 -133.68 34.23
N ASN K 378 44.12 -133.06 33.52
CA ASN K 378 43.39 -131.93 34.08
C ASN K 378 42.16 -132.35 34.87
N GLU K 379 42.04 -133.64 35.23
CA GLU K 379 40.86 -134.10 35.97
C GLU K 379 40.85 -133.58 37.39
N ASP K 380 41.93 -133.85 38.14
CA ASP K 380 41.94 -133.54 39.58
C ASP K 380 42.02 -132.03 39.82
N PHE K 381 42.57 -131.28 38.85
CA PHE K 381 42.72 -129.84 39.04
C PHE K 381 41.39 -129.12 38.90
N GLU K 382 40.55 -129.53 37.95
CA GLU K 382 39.26 -128.87 37.76
C GLU K 382 38.08 -129.82 37.84
N GLY K 383 38.13 -130.93 37.09
CA GLY K 383 36.93 -131.72 36.88
C GLY K 383 36.64 -132.69 38.00
N ALA K 384 37.64 -133.46 38.43
CA ALA K 384 37.40 -134.50 39.43
C ALA K 384 37.29 -133.91 40.83
N ASP K 385 38.37 -133.29 41.31
CA ASP K 385 38.42 -132.77 42.67
C ASP K 385 38.54 -131.25 42.60
N LYS K 386 38.26 -130.57 43.70
CA LYS K 386 38.22 -129.11 43.75
C LYS K 386 39.55 -128.52 44.21
N ILE K 387 40.63 -128.83 43.47
CA ILE K 387 41.96 -128.36 43.88
C ILE K 387 42.09 -126.85 43.68
N GLU K 388 41.62 -126.33 42.55
CA GLU K 388 41.70 -124.88 42.35
C GLU K 388 40.58 -124.15 43.09
N SER K 389 39.62 -124.89 43.66
CA SER K 389 38.53 -124.25 44.39
C SER K 389 38.83 -124.13 45.87
N VAL K 390 39.61 -125.06 46.44
CA VAL K 390 39.89 -124.99 47.87
C VAL K 390 40.97 -123.94 48.15
N ALA K 391 41.79 -123.62 47.15
CA ALA K 391 42.80 -122.59 47.32
C ALA K 391 42.19 -121.20 47.39
N LYS K 392 40.97 -121.01 46.90
CA LYS K 392 40.29 -119.72 46.95
C LYS K 392 39.51 -119.56 48.26
N ASN K 393 38.86 -120.63 48.73
CA ASN K 393 38.05 -120.53 49.94
C ASN K 393 38.91 -120.48 51.20
N LEU K 394 40.11 -121.09 51.16
CA LEU K 394 40.99 -121.02 52.32
C LEU K 394 41.56 -119.62 52.51
N SER K 395 41.72 -118.87 51.42
CA SER K 395 42.25 -117.52 51.53
C SER K 395 41.22 -116.56 52.11
N ASP K 396 39.94 -116.75 51.79
CA ASP K 396 38.91 -115.90 52.38
C ASP K 396 38.57 -116.36 53.80
N LEU K 397 38.73 -117.65 54.09
CA LEU K 397 38.57 -118.12 55.46
C LEU K 397 39.72 -117.66 56.34
N LEU K 398 40.89 -117.42 55.74
CA LEU K 398 42.04 -116.95 56.51
C LEU K 398 41.85 -115.50 56.94
N ILE K 399 41.24 -114.68 56.08
CA ILE K 399 40.98 -113.29 56.41
C ILE K 399 39.89 -113.18 57.48
N LYS K 400 38.93 -114.11 57.43
CA LYS K 400 37.78 -114.05 58.34
C LYS K 400 38.17 -114.35 59.79
N ILE K 401 39.16 -115.22 59.99
CA ILE K 401 39.54 -115.60 61.34
C ILE K 401 40.37 -114.50 62.01
N LYS K 402 40.97 -113.61 61.21
CA LYS K 402 41.78 -112.55 61.80
C LYS K 402 40.92 -111.36 62.22
N GLN K 403 39.75 -111.20 61.60
CA GLN K 403 38.83 -110.14 62.02
C GLN K 403 37.92 -110.62 63.13
N ALA K 404 37.75 -111.94 63.28
CA ALA K 404 36.76 -112.47 64.21
C ALA K 404 37.25 -112.43 65.65
N ASP K 405 38.53 -112.10 65.86
CA ASP K 405 39.10 -112.09 67.20
C ASP K 405 38.72 -110.85 68.00
N THR K 406 37.92 -109.95 67.45
CA THR K 406 37.58 -108.71 68.15
C THR K 406 36.50 -108.93 69.21
N ASN K 407 35.65 -109.95 69.03
CA ASN K 407 34.48 -110.08 69.91
C ASN K 407 34.25 -111.49 70.45
N THR K 408 34.40 -112.53 69.65
CA THR K 408 33.82 -113.81 70.05
C THR K 408 34.84 -114.91 69.84
N LYS K 409 34.95 -115.80 70.83
CA LYS K 409 35.74 -117.00 70.64
C LYS K 409 34.92 -118.11 69.99
N VAL K 410 33.59 -118.05 70.12
CA VAL K 410 32.72 -119.02 69.46
C VAL K 410 32.77 -118.84 67.95
N GLU K 411 33.02 -117.60 67.52
CA GLU K 411 33.21 -117.30 66.10
C GLU K 411 34.46 -118.05 65.65
N ASN K 412 35.50 -118.05 66.49
CA ASN K 412 36.71 -118.80 66.18
C ASN K 412 36.58 -120.30 66.41
N VAL K 413 35.42 -120.76 66.87
CA VAL K 413 35.15 -122.18 67.07
C VAL K 413 34.14 -122.70 66.05
N LEU K 414 33.16 -121.86 65.69
CA LEU K 414 32.13 -122.24 64.73
C LEU K 414 32.72 -122.48 63.34
N SER K 415 33.77 -121.73 63.00
CA SER K 415 34.37 -121.87 61.67
C SER K 415 35.28 -123.09 61.59
N ILE K 416 36.17 -123.28 62.58
CA ILE K 416 37.28 -124.20 62.39
C ILE K 416 36.87 -125.65 62.66
N ASN K 417 35.72 -125.85 63.30
CA ASN K 417 35.27 -127.20 63.62
C ASN K 417 33.94 -127.54 62.95
N ALA K 418 32.92 -126.71 63.13
CA ALA K 418 31.59 -127.06 62.61
C ALA K 418 31.43 -126.66 61.15
N LEU K 419 31.79 -125.43 60.82
CA LEU K 419 31.62 -124.92 59.46
C LEU K 419 32.87 -125.19 58.62
N ASN K 420 32.99 -124.47 57.50
CA ASN K 420 33.73 -124.81 56.29
C ASN K 420 35.19 -125.18 56.49
N PHE K 421 35.83 -124.76 57.58
CA PHE K 421 37.29 -124.86 57.64
C PHE K 421 37.76 -126.28 57.95
N SER K 422 36.97 -127.03 58.72
CA SER K 422 37.32 -128.43 58.98
C SER K 422 36.98 -129.31 57.78
N ALA K 423 36.03 -128.86 56.94
CA ALA K 423 35.61 -129.67 55.80
C ALA K 423 36.55 -129.50 54.61
N GLU K 424 37.22 -128.35 54.49
CA GLU K 424 38.02 -128.08 53.30
C GLU K 424 39.35 -128.83 53.33
N PHE K 425 39.85 -129.14 54.53
CA PHE K 425 41.12 -129.86 54.64
C PHE K 425 40.98 -131.34 54.29
N GLU K 426 39.76 -131.87 54.21
CA GLU K 426 39.60 -133.32 54.08
C GLU K 426 39.80 -133.79 52.65
N LYS K 427 39.72 -132.88 51.68
CA LYS K 427 39.68 -133.31 50.28
C LYS K 427 41.06 -133.71 49.76
N LEU K 428 42.13 -133.23 50.40
CA LEU K 428 43.45 -133.70 50.01
C LEU K 428 43.87 -134.90 50.86
N LEU K 429 43.56 -134.87 52.16
CA LEU K 429 43.83 -135.98 53.06
C LEU K 429 42.61 -136.16 53.95
N THR K 430 41.97 -137.33 53.86
CA THR K 430 40.72 -137.53 54.56
C THR K 430 40.93 -137.92 56.02
N TYR K 431 41.79 -138.90 56.28
CA TYR K 431 42.02 -139.40 57.63
C TYR K 431 43.52 -139.56 57.88
N ASP K 432 44.30 -138.52 57.60
CA ASP K 432 45.74 -138.59 57.77
C ASP K 432 46.17 -138.51 59.23
N VAL K 433 45.24 -138.15 60.13
CA VAL K 433 45.57 -137.94 61.54
C VAL K 433 45.62 -139.23 62.35
N ASN K 434 45.61 -140.40 61.70
CA ASN K 434 45.64 -141.66 62.44
C ASN K 434 46.99 -141.92 63.09
N THR K 435 48.05 -141.30 62.58
CA THR K 435 49.38 -141.45 63.15
C THR K 435 50.10 -140.11 63.06
N GLY K 436 51.39 -140.12 63.41
CA GLY K 436 52.21 -138.93 63.22
C GLY K 436 52.44 -138.64 61.75
N LEU K 437 52.55 -139.68 60.93
CA LEU K 437 52.69 -139.54 59.49
C LEU K 437 51.33 -139.72 58.83
N THR K 438 51.21 -139.23 57.59
CA THR K 438 49.97 -139.37 56.83
C THR K 438 49.78 -140.82 56.41
N ALA K 439 48.82 -141.49 57.05
CA ALA K 439 48.48 -142.87 56.73
C ALA K 439 46.97 -142.97 56.60
N SER K 440 46.49 -144.20 56.37
CA SER K 440 45.07 -144.51 56.09
C SER K 440 44.53 -143.66 54.94
N VAL K 441 45.21 -143.72 53.80
CA VAL K 441 44.95 -142.82 52.67
C VAL K 441 43.67 -143.23 51.96
N THR K 442 42.55 -142.80 52.54
CA THR K 442 41.24 -143.06 51.93
C THR K 442 41.01 -142.17 50.72
N LEU K 443 41.44 -140.91 50.78
CA LEU K 443 41.23 -139.96 49.69
C LEU K 443 42.52 -139.23 49.43
N ASP K 444 42.92 -139.20 48.17
CA ASP K 444 44.19 -138.59 47.80
C ASP K 444 44.07 -137.97 46.42
N LEU K 445 44.13 -136.65 46.38
CA LEU K 445 44.05 -135.89 45.13
C LEU K 445 45.40 -135.77 44.45
N PHE K 446 46.49 -136.11 45.14
CA PHE K 446 47.83 -136.06 44.59
C PHE K 446 48.28 -137.47 44.23
N ALA K 447 49.56 -137.58 43.83
CA ALA K 447 50.27 -138.81 43.46
C ALA K 447 49.72 -139.47 42.20
N ASN K 448 48.78 -138.84 41.51
CA ASN K 448 48.40 -139.20 40.16
C ASN K 448 49.03 -138.29 39.12
N ILE K 449 49.88 -137.36 39.56
CA ILE K 449 50.45 -136.36 38.66
C ILE K 449 51.49 -136.98 37.77
N GLY K 450 52.49 -137.64 38.36
CA GLY K 450 53.58 -138.24 37.62
C GLY K 450 53.20 -139.40 36.74
N THR K 451 52.09 -140.07 37.08
CA THR K 451 51.55 -141.12 36.22
C THR K 451 50.94 -140.49 34.96
N ARG K 452 50.24 -139.37 35.12
CA ARG K 452 49.62 -138.73 33.97
C ARG K 452 50.63 -137.90 33.18
N LEU K 453 51.76 -137.54 33.80
CA LEU K 453 52.74 -136.71 33.10
C LEU K 453 53.56 -137.50 32.09
N ASP K 454 54.09 -138.66 32.49
CA ASP K 454 54.97 -139.41 31.59
C ASP K 454 54.17 -140.11 30.49
N ASP K 455 52.85 -140.21 30.67
CA ASP K 455 51.98 -140.60 29.56
C ASP K 455 51.98 -139.51 28.48
N ILE K 456 52.00 -138.24 28.89
CA ILE K 456 52.02 -137.13 27.94
C ILE K 456 53.37 -137.06 27.22
N ILE K 457 54.45 -137.40 27.94
CA ILE K 457 55.80 -137.34 27.36
C ILE K 457 55.96 -138.34 26.23
N ALA K 458 55.32 -139.50 26.36
CA ALA K 458 55.37 -140.50 25.29
C ALA K 458 54.36 -140.17 24.19
N ALA K 459 53.24 -139.54 24.55
CA ALA K 459 52.20 -139.26 23.56
C ALA K 459 52.64 -138.16 22.59
N VAL K 460 53.34 -137.14 23.09
CA VAL K 460 53.84 -136.10 22.21
C VAL K 460 55.16 -136.52 21.57
N SER K 461 55.71 -137.67 21.98
CA SER K 461 56.92 -138.20 21.36
C SER K 461 56.62 -138.79 19.99
N ALA K 462 55.37 -139.19 19.74
CA ALA K 462 55.00 -139.68 18.42
C ALA K 462 54.77 -138.54 17.45
N ALA K 463 54.61 -137.31 17.96
CA ALA K 463 54.31 -136.17 17.11
C ALA K 463 55.54 -135.54 16.48
N GLU K 464 56.74 -135.86 16.95
CA GLU K 464 57.93 -135.22 16.38
C GLU K 464 58.37 -135.72 14.99
N PRO K 465 58.11 -136.94 14.51
CA PRO K 465 58.40 -137.19 13.09
C PRO K 465 57.30 -136.82 12.10
N ILE K 466 56.17 -136.27 12.55
CA ILE K 466 55.08 -135.96 11.63
C ILE K 466 54.89 -134.47 11.42
N ASP K 467 55.65 -133.63 12.11
CA ASP K 467 55.59 -132.19 11.95
C ASP K 467 56.76 -131.71 11.11
N VAL K 468 56.46 -130.96 10.05
CA VAL K 468 57.49 -130.64 9.05
C VAL K 468 57.58 -129.15 8.77
N ASN K 469 56.65 -128.35 9.30
CA ASN K 469 56.57 -126.95 8.88
C ASN K 469 56.46 -125.93 10.00
N ASN K 470 56.21 -126.34 11.25
CA ASN K 470 55.85 -125.41 12.30
C ASN K 470 57.05 -125.09 13.18
N GLY K 471 57.24 -123.79 13.48
CA GLY K 471 58.39 -123.32 14.22
C GLY K 471 58.12 -123.13 15.71
N LYS K 472 58.94 -122.27 16.31
CA LYS K 472 59.02 -122.14 17.77
C LYS K 472 57.76 -121.58 18.40
N LEU K 473 57.16 -120.55 17.80
CA LEU K 473 56.09 -119.80 18.44
C LEU K 473 54.71 -120.18 17.94
N ASN K 474 54.56 -121.34 17.30
CA ASN K 474 53.27 -121.75 16.78
C ASN K 474 52.35 -122.19 17.92
N GLY K 475 51.16 -121.61 17.97
CA GLY K 475 50.19 -121.94 18.99
C GLY K 475 50.36 -121.26 20.32
N ARG K 476 51.18 -120.21 20.40
CA ARG K 476 51.46 -119.52 21.64
C ARG K 476 50.66 -118.23 21.74
N LEU K 477 50.36 -117.82 22.96
CA LEU K 477 49.73 -116.54 23.19
C LEU K 477 50.73 -115.41 23.00
N LEU K 478 50.22 -114.24 22.62
CA LEU K 478 51.10 -113.10 22.33
C LEU K 478 51.74 -112.55 23.60
N SER K 479 51.01 -112.61 24.73
CA SER K 479 51.57 -112.12 25.98
C SER K 479 52.68 -113.03 26.51
N ASP K 480 52.65 -114.31 26.13
CA ASP K 480 53.62 -115.26 26.65
C ASP K 480 54.93 -115.28 25.87
N ILE K 481 55.02 -114.58 24.73
CA ILE K 481 56.27 -114.57 23.98
C ILE K 481 57.15 -113.37 24.32
N GLU K 482 56.66 -112.44 25.15
CA GLU K 482 57.46 -111.29 25.54
C GLU K 482 58.72 -111.63 26.35
N PRO K 483 58.72 -112.60 27.29
CA PRO K 483 60.02 -113.02 27.83
C PRO K 483 60.83 -113.88 26.87
N LEU K 484 60.17 -114.57 25.92
CA LEU K 484 60.88 -115.49 25.05
C LEU K 484 61.65 -114.75 23.96
N ASP K 485 60.96 -113.91 23.19
CA ASP K 485 61.61 -113.13 22.13
C ASP K 485 60.97 -111.74 22.20
N ASN K 486 61.71 -110.79 22.77
CA ASN K 486 61.18 -109.45 23.00
C ASN K 486 61.12 -108.64 21.71
N ALA K 487 62.04 -108.89 20.78
CA ALA K 487 62.09 -108.11 19.55
C ALA K 487 60.97 -108.50 18.59
N THR K 488 60.55 -109.76 18.62
CA THR K 488 59.44 -110.19 17.78
C THR K 488 58.11 -109.68 18.33
N TYR K 489 57.98 -109.64 19.66
CA TYR K 489 56.76 -109.16 20.31
C TYR K 489 56.51 -107.68 20.02
N ASN K 490 57.57 -106.88 19.97
CA ASN K 490 57.41 -105.45 19.71
C ASN K 490 57.08 -105.19 18.26
N THR K 491 57.51 -106.08 17.37
CA THR K 491 57.24 -105.88 15.94
C THR K 491 55.79 -106.21 15.60
N ILE K 492 55.21 -107.20 16.30
CA ILE K 492 53.82 -107.56 16.08
C ILE K 492 52.89 -106.46 16.58
N LEU K 493 53.30 -105.75 17.64
CA LEU K 493 52.48 -104.67 18.20
C LEU K 493 52.35 -103.48 17.25
N LEU K 494 53.39 -103.22 16.44
CA LEU K 494 53.30 -102.14 15.47
C LEU K 494 52.35 -102.48 14.32
N GLU K 495 52.32 -103.75 13.91
CA GLU K 495 51.47 -104.14 12.80
C GLU K 495 50.00 -104.17 13.21
N ILE K 496 49.72 -104.43 14.49
CA ILE K 496 48.35 -104.42 14.97
C ILE K 496 47.82 -102.99 15.05
N ASN K 497 48.66 -102.05 15.50
CA ASN K 497 48.24 -100.67 15.66
C ASN K 497 48.16 -99.88 14.36
N SER K 498 48.45 -100.49 13.21
CA SER K 498 48.37 -99.76 11.96
C SER K 498 46.95 -99.72 11.39
N HIS K 499 46.00 -100.43 12.00
CA HIS K 499 44.62 -100.42 11.56
C HIS K 499 43.81 -99.42 12.39
N LYS K 500 43.01 -98.61 11.72
CA LYS K 500 42.28 -97.52 12.37
C LYS K 500 40.77 -97.75 12.33
N VAL K 501 40.07 -96.99 13.16
CA VAL K 501 38.62 -97.11 13.28
C VAL K 501 37.93 -96.12 12.33
N THR K 502 36.87 -96.57 11.67
CA THR K 502 36.00 -95.70 10.89
C THR K 502 34.67 -95.55 11.63
N LEU K 503 34.22 -94.30 11.78
CA LEU K 503 33.01 -93.98 12.53
C LEU K 503 32.02 -93.21 11.67
N PRO K 504 30.73 -93.31 11.98
CA PRO K 504 29.78 -92.33 11.44
C PRO K 504 30.02 -90.97 12.05
N PRO K 505 29.72 -89.90 11.32
CA PRO K 505 30.20 -88.57 11.71
C PRO K 505 29.32 -87.80 12.70
N SER K 506 28.32 -88.41 13.33
CA SER K 506 27.33 -87.62 14.07
C SER K 506 27.86 -87.17 15.44
N SER K 507 28.81 -87.89 16.04
CA SER K 507 29.30 -87.48 17.35
C SER K 507 30.40 -86.43 17.25
N SER K 508 31.13 -86.40 16.13
CA SER K 508 32.06 -85.31 15.91
C SER K 508 31.33 -84.01 15.58
N MET K 509 30.16 -84.10 14.96
CA MET K 509 29.36 -82.92 14.66
C MET K 509 28.80 -82.30 15.94
N ALA K 510 28.44 -83.14 16.91
CA ALA K 510 27.91 -82.63 18.18
C ALA K 510 28.96 -81.85 18.96
N GLY K 511 30.21 -82.28 18.90
CA GLY K 511 31.28 -81.53 19.52
C GLY K 511 31.54 -80.21 18.84
N ALA K 512 31.38 -80.18 17.52
CA ALA K 512 31.57 -78.93 16.77
C ALA K 512 30.39 -77.97 16.96
N TYR K 513 29.20 -78.50 17.27
CA TYR K 513 28.07 -77.63 17.61
C TYR K 513 28.34 -76.87 18.91
N ALA K 514 28.96 -77.53 19.88
CA ALA K 514 29.20 -76.88 21.17
C ALA K 514 30.40 -75.94 21.10
N ARG K 515 31.35 -76.20 20.19
CA ARG K 515 32.52 -75.35 20.05
C ARG K 515 32.17 -74.02 19.39
N VAL K 516 31.26 -74.05 18.40
CA VAL K 516 30.92 -72.82 17.67
C VAL K 516 29.96 -71.96 18.47
N ASP K 517 29.05 -72.58 19.22
CA ASP K 517 28.10 -71.84 20.04
C ASP K 517 28.79 -71.10 21.18
N ASN K 518 29.89 -71.66 21.68
CA ASN K 518 30.65 -70.99 22.73
C ASN K 518 31.50 -69.86 22.15
N ASP K 519 31.98 -70.02 20.92
CA ASP K 519 32.87 -69.04 20.33
C ASP K 519 32.11 -67.87 19.71
N ARG K 520 31.05 -68.15 18.97
CA ARG K 520 30.40 -67.14 18.15
C ARG K 520 28.89 -67.03 18.36
N GLY K 521 28.30 -67.92 19.13
CA GLY K 521 26.87 -67.88 19.37
C GLY K 521 26.12 -68.95 18.62
N VAL K 522 24.83 -69.08 18.95
CA VAL K 522 23.98 -70.11 18.38
C VAL K 522 23.40 -69.70 17.03
N TRP K 523 23.45 -68.43 16.67
CA TRP K 523 22.97 -67.95 15.37
C TRP K 523 24.02 -68.05 14.27
N LYS K 524 25.19 -68.63 14.55
CA LYS K 524 26.23 -68.82 13.55
C LYS K 524 26.15 -70.23 12.98
N SER K 525 26.16 -70.34 11.65
CA SER K 525 26.04 -71.63 10.98
C SER K 525 27.26 -72.51 11.27
N PRO K 526 27.07 -73.79 11.58
CA PRO K 526 28.21 -74.69 11.82
C PRO K 526 28.76 -75.32 10.54
N ALA K 527 29.25 -74.46 9.65
CA ALA K 527 29.89 -74.89 8.41
C ALA K 527 31.10 -73.99 8.18
N ASN K 528 31.92 -74.38 7.19
CA ASN K 528 33.25 -73.81 6.92
C ASN K 528 34.13 -73.91 8.16
N ILE K 529 34.21 -75.13 8.71
CA ILE K 529 34.94 -75.42 9.95
C ILE K 529 35.61 -76.77 9.80
N GLY K 530 36.59 -77.04 10.66
CA GLY K 530 37.36 -78.25 10.61
C GLY K 530 37.01 -79.26 11.69
N LEU K 531 37.44 -80.51 11.48
CA LEU K 531 37.21 -81.60 12.44
C LEU K 531 38.55 -82.13 12.93
N ASN K 532 38.68 -82.31 14.25
CA ASN K 532 39.88 -82.85 14.85
C ASN K 532 39.83 -84.38 14.89
N TYR K 533 41.02 -85.00 14.97
CA TYR K 533 41.24 -86.46 15.02
C TYR K 533 40.79 -87.19 13.75
N VAL K 534 40.68 -86.48 12.63
CA VAL K 534 40.15 -87.04 11.40
C VAL K 534 41.24 -86.97 10.33
N SER K 535 41.54 -88.10 9.68
CA SER K 535 42.55 -88.10 8.64
C SER K 535 41.97 -87.73 7.27
N LYS K 536 40.83 -88.30 6.91
CA LYS K 536 40.19 -88.06 5.62
C LYS K 536 38.73 -88.50 5.72
N PRO K 537 37.87 -88.05 4.79
CA PRO K 537 36.58 -88.73 4.60
C PRO K 537 36.78 -90.10 3.97
N SER K 538 35.78 -90.96 4.16
CA SER K 538 35.86 -92.32 3.63
C SER K 538 35.56 -92.38 2.14
N VAL K 539 34.75 -91.45 1.63
CA VAL K 539 34.39 -91.39 0.22
C VAL K 539 34.73 -89.97 -0.26
N THR K 540 35.19 -89.88 -1.50
CA THR K 540 35.45 -88.60 -2.14
C THR K 540 34.17 -88.09 -2.78
N VAL K 541 33.81 -86.83 -2.48
CA VAL K 541 32.65 -86.16 -3.05
C VAL K 541 33.16 -84.93 -3.80
N SER K 542 32.88 -84.87 -5.09
CA SER K 542 33.37 -83.78 -5.92
C SER K 542 32.42 -82.58 -5.88
N HIS K 543 32.76 -81.56 -6.67
CA HIS K 543 31.92 -80.37 -6.79
C HIS K 543 30.59 -80.70 -7.46
N GLU K 544 30.64 -81.53 -8.50
CA GLU K 544 29.48 -81.79 -9.35
C GLU K 544 28.44 -82.68 -8.70
N GLU K 545 28.83 -83.61 -7.82
CA GLU K 545 27.86 -84.47 -7.18
C GLU K 545 27.35 -83.96 -5.84
N GLN K 546 27.84 -82.81 -5.36
CA GLN K 546 27.23 -82.19 -4.19
C GLN K 546 26.02 -81.34 -4.55
N GLU K 547 25.79 -81.09 -5.84
CA GLU K 547 24.69 -80.22 -6.25
C GLU K 547 23.33 -80.85 -5.98
N SER K 548 23.19 -82.16 -6.25
CA SER K 548 21.93 -82.83 -5.93
C SER K 548 21.85 -83.22 -4.45
N MET K 549 22.96 -83.10 -3.71
CA MET K 549 22.90 -83.24 -2.25
C MET K 549 22.34 -81.98 -1.60
N ASN K 550 22.77 -80.80 -2.05
CA ASN K 550 22.40 -79.56 -1.36
C ASN K 550 21.00 -79.09 -1.76
N VAL K 551 20.67 -79.16 -3.05
CA VAL K 551 19.40 -78.68 -3.59
C VAL K 551 18.72 -79.82 -4.33
N HIS K 552 17.47 -80.09 -3.98
CA HIS K 552 16.76 -81.25 -4.50
C HIS K 552 15.27 -80.94 -4.58
N GLY K 553 14.56 -81.70 -5.41
CA GLY K 553 13.13 -81.47 -5.61
C GLY K 553 12.27 -81.90 -4.44
N THR K 554 12.76 -82.88 -3.66
CA THR K 554 12.04 -83.27 -2.44
C THR K 554 12.27 -82.25 -1.33
N GLY K 555 13.35 -81.49 -1.40
CA GLY K 555 13.74 -80.62 -0.32
C GLY K 555 14.56 -81.26 0.77
N LYS K 556 14.88 -82.56 0.66
CA LYS K 556 15.63 -83.27 1.69
C LYS K 556 17.13 -83.16 1.41
N SER K 557 17.77 -82.21 2.08
CA SER K 557 19.17 -81.89 1.84
C SER K 557 20.09 -82.71 2.73
N VAL K 558 21.25 -83.05 2.18
CA VAL K 558 22.29 -83.79 2.90
C VAL K 558 23.58 -82.97 2.89
N ASN K 559 24.17 -82.77 4.06
CA ASN K 559 25.39 -81.98 4.19
C ASN K 559 26.62 -82.85 3.96
N ALA K 560 27.58 -82.33 3.21
CA ALA K 560 28.73 -83.08 2.75
C ALA K 560 30.00 -82.72 3.51
N ILE K 561 30.81 -83.73 3.80
CA ILE K 561 32.15 -83.56 4.37
C ILE K 561 33.17 -83.72 3.24
N ARG K 562 33.98 -82.69 2.99
CA ARG K 562 34.83 -82.65 1.82
C ARG K 562 36.26 -82.25 2.18
N SER K 563 37.17 -82.44 1.22
CA SER K 563 38.56 -82.05 1.34
C SER K 563 38.90 -81.01 0.29
N PHE K 564 39.75 -80.06 0.65
CA PHE K 564 40.17 -78.98 -0.23
C PHE K 564 41.69 -78.82 -0.12
N VAL K 565 42.34 -78.54 -1.25
CA VAL K 565 43.80 -78.42 -1.28
C VAL K 565 44.21 -77.16 -0.53
N GLY K 566 45.09 -77.34 0.46
CA GLY K 566 45.56 -76.25 1.29
C GLY K 566 44.73 -75.97 2.51
N LYS K 567 43.64 -76.70 2.72
CA LYS K 567 42.69 -76.40 3.78
C LYS K 567 42.30 -77.61 4.64
N GLY K 568 42.48 -78.83 4.16
CA GLY K 568 42.12 -80.00 4.93
C GLY K 568 40.66 -80.39 4.78
N THR K 569 40.22 -81.22 5.72
CA THR K 569 38.86 -81.74 5.73
C THR K 569 37.93 -80.77 6.45
N LEU K 570 36.84 -80.40 5.79
CA LEU K 570 35.91 -79.41 6.32
C LEU K 570 34.47 -79.91 6.25
N VAL K 571 33.63 -79.30 7.07
CA VAL K 571 32.18 -79.42 6.92
C VAL K 571 31.70 -78.38 5.93
N TRP K 572 31.01 -78.82 4.88
CA TRP K 572 30.58 -77.93 3.81
C TRP K 572 29.09 -78.17 3.55
N GLY K 573 28.24 -77.52 4.32
CA GLY K 573 26.79 -77.63 4.26
C GLY K 573 26.15 -77.36 5.62
N ALA K 574 25.08 -76.58 5.61
CA ALA K 574 24.41 -76.18 6.85
C ALA K 574 22.89 -76.13 6.70
N ARG K 575 22.29 -77.15 6.09
CA ARG K 575 20.84 -77.17 5.90
C ARG K 575 20.16 -78.22 6.76
N THR K 576 18.87 -78.02 7.01
CA THR K 576 18.01 -79.05 7.60
C THR K 576 17.35 -79.88 6.50
N LEU K 577 16.50 -80.82 6.91
CA LEU K 577 15.77 -81.69 5.98
C LEU K 577 14.49 -81.04 5.45
N ALA K 578 14.29 -79.76 5.70
CA ALA K 578 13.22 -78.96 5.09
C ALA K 578 13.86 -77.87 4.25
N GLY K 579 14.78 -78.28 3.38
CA GLY K 579 15.70 -77.44 2.64
C GLY K 579 15.12 -76.53 1.58
N ASN K 580 13.81 -76.61 1.27
CA ASN K 580 13.19 -75.64 0.38
C ASN K 580 12.22 -74.70 1.13
N ASP K 581 12.31 -74.63 2.45
CA ASP K 581 11.43 -73.79 3.27
C ASP K 581 12.10 -72.44 3.49
N ASN K 582 11.35 -71.35 3.25
CA ASN K 582 11.94 -70.03 3.41
C ASN K 582 12.06 -69.63 4.89
N GLU K 583 11.38 -70.34 5.78
CA GLU K 583 11.50 -70.03 7.19
C GLU K 583 12.48 -70.97 7.89
N TRP K 584 12.57 -72.22 7.46
CA TRP K 584 13.23 -73.25 8.27
C TRP K 584 14.31 -74.04 7.54
N ARG K 585 15.02 -73.47 6.57
CA ARG K 585 15.99 -74.28 5.84
C ARG K 585 17.37 -74.29 6.47
N TYR K 586 17.68 -73.36 7.36
CA TYR K 586 19.00 -73.27 7.96
C TYR K 586 18.98 -73.79 9.40
N ILE K 587 20.05 -74.48 9.77
CA ILE K 587 20.18 -75.09 11.09
C ILE K 587 20.22 -74.02 12.18
N SER K 588 20.91 -72.91 11.91
CA SER K 588 21.14 -71.90 12.95
C SER K 588 19.89 -71.09 13.24
N VAL K 589 19.01 -70.93 12.25
CA VAL K 589 17.74 -70.23 12.46
C VAL K 589 16.83 -71.07 13.36
N ARG K 590 16.73 -72.37 13.08
CA ARG K 590 15.91 -73.28 13.86
C ARG K 590 16.40 -73.41 15.30
N ARG K 591 17.71 -73.42 15.51
CA ARG K 591 18.22 -73.62 16.86
C ARG K 591 18.18 -72.33 17.68
N PHE K 592 18.15 -71.16 17.01
CA PHE K 592 17.95 -69.91 17.72
C PHE K 592 16.50 -69.74 18.18
N PHE K 593 15.55 -70.20 17.36
CA PHE K 593 14.14 -70.20 17.76
C PHE K 593 13.88 -71.17 18.92
N ASN K 594 14.62 -72.28 18.96
CA ASN K 594 14.49 -73.21 20.08
C ASN K 594 14.99 -72.60 21.39
N MET K 595 16.03 -71.77 21.32
CA MET K 595 16.55 -71.14 22.52
C MET K 595 15.63 -70.04 23.02
N ALA K 596 15.20 -69.16 22.11
CA ALA K 596 14.46 -67.96 22.48
C ALA K 596 13.06 -68.28 22.99
N GLU K 597 12.42 -69.32 22.44
CA GLU K 597 11.06 -69.65 22.85
C GLU K 597 11.03 -70.32 24.22
N GLU K 598 12.04 -71.13 24.54
CA GLU K 598 12.06 -71.80 25.83
C GLU K 598 12.41 -70.83 26.97
N SER K 599 13.29 -69.87 26.70
CA SER K 599 13.68 -68.89 27.71
C SER K 599 12.52 -67.98 28.08
N ILE K 600 11.71 -67.61 27.09
CA ILE K 600 10.56 -66.74 27.33
C ILE K 600 9.44 -67.52 28.04
N LYS K 601 9.30 -68.80 27.71
CA LYS K 601 8.25 -69.63 28.30
C LYS K 601 8.48 -69.86 29.79
N LYS K 602 9.73 -70.08 30.19
CA LYS K 602 10.04 -70.29 31.61
C LYS K 602 9.86 -69.01 32.42
N ALA K 603 10.14 -67.85 31.81
CA ALA K 603 10.01 -66.59 32.54
C ALA K 603 8.54 -66.16 32.70
N THR K 604 7.63 -66.79 31.97
CA THR K 604 6.22 -66.40 31.91
C THR K 604 5.35 -67.15 32.93
N GLU K 605 5.84 -68.23 33.57
CA GLU K 605 4.98 -68.97 34.50
C GLU K 605 4.73 -68.23 35.81
N GLN K 606 5.43 -67.12 36.06
CA GLN K 606 5.12 -66.33 37.25
C GLN K 606 3.88 -65.46 37.06
N PHE K 607 3.28 -65.46 35.86
CA PHE K 607 2.14 -64.62 35.52
C PHE K 607 0.83 -65.39 35.33
N VAL K 608 0.75 -66.66 35.73
CA VAL K 608 -0.33 -67.54 35.27
C VAL K 608 -1.69 -67.14 35.85
N PHE K 609 -1.79 -66.97 37.17
CA PHE K 609 -3.05 -66.60 37.78
C PHE K 609 -3.09 -65.12 38.20
N GLU K 610 -2.33 -64.27 37.52
CA GLU K 610 -2.28 -62.85 37.78
C GLU K 610 -3.54 -62.16 37.24
N PRO K 611 -3.84 -60.94 37.68
CA PRO K 611 -4.94 -60.17 37.06
C PRO K 611 -4.66 -59.84 35.61
N ASN K 612 -5.65 -60.12 34.75
CA ASN K 612 -5.52 -59.95 33.30
C ASN K 612 -6.02 -58.56 32.90
N ASP K 613 -5.25 -57.55 33.29
CA ASP K 613 -5.63 -56.16 33.07
C ASP K 613 -4.44 -55.37 32.54
N GLY K 614 -4.62 -54.05 32.44
CA GLY K 614 -3.63 -53.19 31.78
C GLY K 614 -2.33 -53.05 32.53
N ASN K 615 -2.35 -53.28 33.85
CA ASN K 615 -1.13 -53.21 34.63
C ASN K 615 -0.21 -54.41 34.34
N THR K 616 -0.80 -55.58 34.11
CA THR K 616 -0.02 -56.77 33.76
C THR K 616 0.53 -56.69 32.35
N TRP K 617 -0.24 -56.14 31.40
CA TRP K 617 0.15 -56.14 30.00
C TRP K 617 1.33 -55.21 29.73
N VAL K 618 1.50 -54.19 30.56
CA VAL K 618 2.64 -53.27 30.42
C VAL K 618 3.92 -53.95 30.86
N ARG K 619 3.86 -54.72 31.94
CA ARG K 619 5.07 -55.35 32.47
C ARG K 619 5.44 -56.60 31.68
N VAL K 620 4.46 -57.28 31.08
CA VAL K 620 4.75 -58.45 30.25
C VAL K 620 5.45 -58.02 28.96
N ARG K 621 4.99 -56.91 28.37
CA ARG K 621 5.58 -56.41 27.14
C ARG K 621 7.02 -55.93 27.36
N ALA K 622 7.29 -55.31 28.51
CA ALA K 622 8.62 -54.75 28.75
C ALA K 622 9.63 -55.83 29.11
N MET K 623 9.17 -56.95 29.70
CA MET K 623 10.08 -58.06 29.98
C MET K 623 10.57 -58.73 28.70
N ILE K 624 9.69 -58.90 27.71
CA ILE K 624 10.06 -59.56 26.47
C ILE K 624 10.89 -58.60 25.60
N GLU K 625 10.60 -57.31 25.67
CA GLU K 625 11.29 -56.32 24.85
C GLU K 625 12.73 -56.11 25.32
N ASN K 626 12.95 -56.18 26.64
CA ASN K 626 14.31 -56.02 27.18
C ASN K 626 15.20 -57.20 26.80
N PHE K 627 14.61 -58.39 26.69
CA PHE K 627 15.37 -59.57 26.31
C PHE K 627 15.78 -59.54 24.84
N LEU K 628 14.88 -59.08 23.96
CA LEU K 628 15.17 -59.10 22.53
C LEU K 628 16.10 -57.97 22.11
N ILE K 629 16.19 -56.91 22.94
CA ILE K 629 17.11 -55.81 22.67
C ILE K 629 18.56 -56.26 22.86
N LEU K 630 18.79 -57.17 23.82
CA LEU K 630 20.12 -57.75 23.99
C LEU K 630 20.51 -58.66 22.83
N GLN K 631 19.53 -59.36 22.23
CA GLN K 631 19.83 -60.24 21.10
C GLN K 631 20.14 -59.43 19.84
N TRP K 632 19.50 -58.27 19.69
CA TRP K 632 19.81 -57.38 18.57
C TRP K 632 21.21 -56.79 18.69
N ARG K 633 21.65 -56.49 19.91
CA ARG K 633 22.95 -55.84 20.08
C ARG K 633 24.08 -56.84 19.93
N ALA K 634 23.83 -58.12 20.21
CA ALA K 634 24.84 -59.15 20.01
C ALA K 634 24.98 -59.59 18.55
N GLY K 635 24.07 -59.20 17.68
CA GLY K 635 24.16 -59.52 16.27
C GLY K 635 23.25 -60.64 15.78
N ALA K 636 22.32 -61.12 16.59
CA ALA K 636 21.46 -62.22 16.16
C ALA K 636 20.28 -61.71 15.34
N LEU K 637 19.91 -60.45 15.50
CA LEU K 637 18.80 -59.85 14.77
C LEU K 637 19.34 -58.73 13.88
N ALA K 638 18.90 -58.72 12.63
CA ALA K 638 19.36 -57.76 11.64
C ALA K 638 18.48 -56.52 11.66
N GLY K 639 19.11 -55.35 11.70
CA GLY K 639 18.36 -54.11 11.67
C GLY K 639 19.24 -52.94 12.05
N ALA K 640 18.92 -51.78 11.47
CA ALA K 640 19.65 -50.56 11.81
C ALA K 640 19.11 -49.94 13.09
N LYS K 641 17.88 -50.27 13.45
CA LYS K 641 17.22 -49.72 14.64
C LYS K 641 16.35 -50.83 15.24
N PRO K 642 15.98 -50.74 16.54
CA PRO K 642 15.26 -51.88 17.17
C PRO K 642 13.88 -52.19 16.61
N GLU K 643 13.17 -51.22 16.03
CA GLU K 643 11.83 -51.51 15.53
C GLU K 643 11.88 -52.15 14.15
N HIS K 644 13.07 -52.22 13.54
CA HIS K 644 13.22 -53.00 12.32
C HIS K 644 13.48 -54.47 12.63
N ALA K 645 13.84 -54.78 13.88
CA ALA K 645 14.28 -56.12 14.19
C ALA K 645 13.17 -56.97 14.80
N PHE K 646 12.25 -56.37 15.56
CA PHE K 646 11.22 -57.15 16.23
C PHE K 646 9.98 -56.28 16.50
N TYR K 647 8.92 -56.92 16.97
CA TYR K 647 7.76 -56.25 17.54
C TYR K 647 7.12 -57.16 18.60
N VAL K 648 6.43 -56.54 19.55
CA VAL K 648 5.68 -57.24 20.60
C VAL K 648 4.33 -56.56 20.77
N LYS K 649 3.25 -57.33 20.75
CA LYS K 649 1.88 -56.82 20.90
C LYS K 649 1.11 -57.65 21.92
N VAL K 650 0.48 -56.98 22.88
CA VAL K 650 -0.43 -57.62 23.83
C VAL K 650 -1.40 -56.58 24.37
N GLY K 651 -2.68 -56.92 24.44
CA GLY K 651 -3.66 -56.02 25.04
C GLY K 651 -5.04 -56.24 24.49
N LEU K 652 -6.01 -55.62 25.17
CA LEU K 652 -7.41 -55.62 24.73
C LEU K 652 -7.59 -54.65 23.57
N GLY K 653 -8.20 -55.11 22.50
CA GLY K 653 -8.29 -54.35 21.28
C GLY K 653 -7.08 -54.45 20.37
N GLN K 654 -6.04 -55.19 20.78
CA GLN K 654 -4.88 -55.45 19.95
C GLN K 654 -4.71 -56.92 19.65
N THR K 655 -4.74 -57.78 20.67
CA THR K 655 -4.67 -59.22 20.48
C THR K 655 -5.86 -59.96 21.08
N MET K 656 -6.75 -59.29 21.82
CA MET K 656 -7.76 -59.96 22.62
C MET K 656 -9.11 -59.27 22.47
N THR K 657 -10.18 -60.02 22.67
CA THR K 657 -11.53 -59.48 22.80
C THR K 657 -11.99 -59.54 24.25
N ALA K 658 -13.16 -58.94 24.52
CA ALA K 658 -13.71 -58.97 25.87
C ALA K 658 -14.23 -60.35 26.22
N GLN K 659 -14.68 -61.11 25.22
CA GLN K 659 -15.05 -62.50 25.44
C GLN K 659 -13.84 -63.35 25.78
N ASP K 660 -12.65 -62.97 25.29
CA ASP K 660 -11.42 -63.68 25.63
C ASP K 660 -11.05 -63.50 27.09
N ILE K 661 -11.34 -62.32 27.66
CA ILE K 661 -11.00 -62.04 29.05
C ILE K 661 -11.85 -62.89 30.00
N LEU K 662 -13.14 -63.06 29.69
CA LEU K 662 -14.02 -63.85 30.53
C LEU K 662 -13.63 -65.33 30.53
N GLU K 663 -13.07 -65.82 29.44
CA GLU K 663 -12.60 -67.21 29.38
C GLU K 663 -11.26 -67.42 30.04
N GLY K 664 -10.51 -66.36 30.34
CA GLY K 664 -9.20 -66.50 30.95
C GLY K 664 -8.03 -66.59 30.00
N ASN K 665 -8.11 -65.99 28.83
CA ASN K 665 -7.06 -66.06 27.81
C ASN K 665 -6.30 -64.74 27.74
N MET K 666 -4.98 -64.83 27.60
CA MET K 666 -4.11 -63.71 27.31
C MET K 666 -3.20 -64.06 26.13
N ASN K 667 -3.26 -63.26 25.07
CA ASN K 667 -2.55 -63.54 23.82
C ASN K 667 -1.39 -62.56 23.64
N VAL K 668 -0.19 -63.08 23.38
CA VAL K 668 1.00 -62.29 23.09
C VAL K 668 1.53 -62.68 21.72
N GLU K 669 1.83 -61.68 20.88
CA GLU K 669 2.31 -61.89 19.52
C GLU K 669 3.70 -61.31 19.36
N ILE K 670 4.61 -62.11 18.80
CA ILE K 670 6.04 -61.78 18.71
C ILE K 670 6.53 -62.10 17.30
N GLY K 671 7.10 -61.09 16.62
CA GLY K 671 7.70 -61.29 15.31
C GLY K 671 9.19 -60.99 15.26
N LEU K 672 9.98 -61.82 14.57
CA LEU K 672 11.44 -61.74 14.62
C LEU K 672 12.04 -61.68 13.23
N ALA K 673 13.21 -61.04 13.12
CA ALA K 673 13.99 -60.95 11.88
C ALA K 673 15.41 -61.47 12.15
N VAL K 674 15.63 -62.75 11.91
CA VAL K 674 16.85 -63.43 12.30
C VAL K 674 17.83 -63.42 11.12
N VAL K 675 19.13 -63.28 11.41
CA VAL K 675 20.15 -63.18 10.37
C VAL K 675 20.40 -64.51 9.67
N ARG K 676 20.50 -64.47 8.35
CA ARG K 676 20.73 -65.64 7.51
C ARG K 676 22.19 -65.73 7.08
N PRO K 677 22.69 -66.93 6.78
CA PRO K 677 24.07 -67.03 6.27
C PRO K 677 24.20 -66.63 4.81
N ALA K 678 25.45 -66.37 4.42
CA ALA K 678 25.80 -66.04 3.04
C ALA K 678 26.38 -67.27 2.37
N GLU K 679 25.49 -68.00 1.67
CA GLU K 679 25.84 -69.33 1.16
C GLU K 679 26.47 -69.25 -0.23
N PHE K 680 26.00 -68.34 -1.08
CA PHE K 680 26.54 -68.15 -2.42
C PHE K 680 26.97 -66.70 -2.59
N ILE K 681 28.23 -66.49 -3.00
CA ILE K 681 28.79 -65.16 -3.21
C ILE K 681 29.10 -65.02 -4.70
N ILE K 682 28.50 -64.03 -5.34
CA ILE K 682 28.54 -63.88 -6.79
C ILE K 682 29.25 -62.57 -7.12
N LEU K 683 30.42 -62.66 -7.74
CA LEU K 683 31.20 -61.49 -8.15
C LEU K 683 30.91 -61.15 -9.61
N LYS K 684 30.49 -59.91 -9.86
CA LYS K 684 30.10 -59.47 -11.20
C LYS K 684 31.06 -58.38 -11.70
N PHE K 685 31.84 -58.72 -12.72
CA PHE K 685 32.89 -57.85 -13.25
C PHE K 685 32.44 -57.21 -14.57
N SER K 686 32.82 -55.95 -14.77
CA SER K 686 32.48 -55.22 -15.98
C SER K 686 33.48 -54.10 -16.24
N HIS K 687 33.53 -53.66 -17.49
CA HIS K 687 34.36 -52.53 -17.92
C HIS K 687 33.60 -51.22 -17.69
N LYS K 688 34.34 -50.17 -17.31
CA LYS K 688 33.77 -48.83 -17.24
C LYS K 688 34.59 -47.90 -18.13
N MET K 689 33.93 -46.85 -18.63
CA MET K 689 34.56 -45.93 -19.58
C MET K 689 35.58 -45.04 -18.89
N GLN K 690 36.65 -44.72 -19.62
CA GLN K 690 37.74 -43.90 -19.10
C GLN K 690 37.32 -42.44 -18.95
N ALA L 2 24.07 -69.28 -14.18
CA ALA L 2 23.07 -68.44 -13.55
C ALA L 2 22.37 -69.16 -12.40
N THR L 3 22.57 -70.47 -12.32
CA THR L 3 22.00 -71.32 -11.28
C THR L 3 23.13 -71.91 -10.46
N TYR L 4 23.04 -71.76 -9.13
CA TYR L 4 24.09 -72.23 -8.22
C TYR L 4 23.48 -73.11 -7.15
N LYS L 5 24.03 -74.31 -7.00
CA LYS L 5 23.58 -75.30 -6.03
C LYS L 5 24.63 -75.66 -4.99
N THR L 6 25.89 -75.73 -5.36
CA THR L 6 26.90 -75.99 -4.35
C THR L 6 27.49 -74.69 -3.79
N PRO L 7 27.77 -74.64 -2.50
CA PRO L 7 28.26 -73.39 -1.89
C PRO L 7 29.66 -73.00 -2.33
N GLY L 8 29.88 -71.69 -2.44
CA GLY L 8 31.20 -71.17 -2.76
C GLY L 8 31.10 -69.77 -3.35
N VAL L 9 32.15 -69.40 -4.07
CA VAL L 9 32.29 -68.11 -4.75
C VAL L 9 32.25 -68.37 -6.26
N TYR L 10 31.58 -67.47 -6.99
CA TYR L 10 31.45 -67.60 -8.44
C TYR L 10 31.79 -66.27 -9.11
N ILE L 11 32.17 -66.34 -10.38
CA ILE L 11 32.61 -65.20 -11.17
C ILE L 11 31.73 -65.08 -12.40
N GLU L 12 31.18 -63.88 -12.63
CA GLU L 12 30.35 -63.58 -13.79
C GLU L 12 30.93 -62.38 -14.52
N GLU L 13 30.89 -62.40 -15.85
CA GLU L 13 31.29 -61.26 -16.67
C GLU L 13 30.08 -60.72 -17.42
N ILE L 14 29.91 -59.40 -17.40
CA ILE L 14 28.77 -58.72 -18.03
C ILE L 14 29.29 -57.89 -19.19
N THR L 15 28.62 -58.01 -20.33
CA THR L 15 29.01 -57.35 -21.57
C THR L 15 28.29 -56.01 -21.71
N LYS L 16 29.06 -54.93 -21.84
CA LYS L 16 28.49 -53.59 -21.96
C LYS L 16 28.89 -52.85 -23.22
N PHE L 17 30.15 -52.93 -23.63
CA PHE L 17 30.61 -52.14 -24.77
C PHE L 17 30.13 -52.75 -26.08
N PRO L 18 29.79 -51.94 -27.08
CA PRO L 18 29.50 -52.49 -28.42
C PRO L 18 30.77 -52.88 -29.14
N PRO L 19 30.70 -53.78 -30.12
CA PRO L 19 31.85 -54.03 -30.99
C PRO L 19 32.03 -52.91 -32.01
N SER L 20 33.10 -53.01 -32.78
CA SER L 20 33.42 -52.00 -33.78
C SER L 20 33.39 -52.60 -35.19
N VAL L 21 33.11 -51.75 -36.16
CA VAL L 21 33.04 -52.11 -37.57
C VAL L 21 34.43 -52.04 -38.20
N ALA L 22 34.74 -52.98 -39.08
CA ALA L 22 36.01 -53.05 -39.79
C ALA L 22 35.80 -52.68 -41.26
N GLN L 23 36.57 -51.72 -41.75
CA GLN L 23 36.34 -51.15 -43.07
C GLN L 23 36.96 -52.01 -44.17
N VAL L 24 36.24 -52.12 -45.30
CA VAL L 24 36.65 -52.97 -46.42
C VAL L 24 37.42 -52.14 -47.46
N GLU L 25 38.15 -52.85 -48.32
CA GLU L 25 38.86 -52.21 -49.43
C GLU L 25 37.88 -51.66 -50.46
N THR L 26 38.29 -50.61 -51.17
CA THR L 26 37.39 -49.94 -52.10
C THR L 26 37.73 -50.10 -53.57
N ALA L 27 38.99 -50.32 -53.94
CA ALA L 27 39.37 -50.39 -55.36
C ALA L 27 40.30 -51.60 -55.58
N ILE L 28 39.69 -52.76 -55.81
CA ILE L 28 40.38 -53.97 -56.27
C ILE L 28 39.71 -54.40 -57.57
N PRO L 29 40.37 -54.24 -58.72
CA PRO L 29 39.76 -54.65 -59.99
C PRO L 29 40.04 -56.11 -60.35
N ALA L 30 39.32 -56.57 -61.37
CA ALA L 30 39.49 -57.90 -61.94
C ALA L 30 39.59 -57.79 -63.45
N PHE L 31 40.64 -58.38 -64.03
CA PHE L 31 40.87 -58.36 -65.48
C PHE L 31 40.58 -59.74 -66.06
N ILE L 32 39.75 -59.77 -67.10
CA ILE L 32 39.23 -61.01 -67.67
C ILE L 32 39.56 -61.02 -69.16
N GLY L 33 40.41 -61.96 -69.58
CA GLY L 33 40.84 -62.03 -70.96
C GLY L 33 41.88 -63.11 -71.18
N TYR L 34 42.54 -63.02 -72.34
CA TYR L 34 43.48 -64.04 -72.80
C TYR L 34 44.91 -63.74 -72.37
N THR L 35 45.66 -64.79 -72.03
CA THR L 35 47.06 -64.67 -71.64
C THR L 35 47.94 -65.55 -72.51
N GLN L 36 49.24 -65.54 -72.23
CA GLN L 36 50.17 -66.36 -73.01
C GLN L 36 50.22 -67.81 -72.53
N PHE L 37 50.44 -68.05 -71.22
CA PHE L 37 50.39 -69.45 -70.80
C PHE L 37 49.57 -69.82 -69.56
N ALA L 38 49.53 -68.98 -68.50
CA ALA L 38 48.75 -69.22 -67.26
C ALA L 38 49.16 -70.51 -66.53
N ARG L 39 50.37 -70.48 -65.95
CA ARG L 39 50.91 -71.65 -65.25
C ARG L 39 51.15 -71.36 -63.77
N THR L 40 50.89 -72.37 -62.91
CA THR L 40 51.21 -72.21 -61.48
C THR L 40 52.70 -72.38 -61.22
N LYS L 41 53.33 -73.36 -61.87
CA LYS L 41 54.77 -73.52 -61.80
C LYS L 41 55.36 -73.15 -63.15
N PRO L 42 56.20 -72.12 -63.23
CA PRO L 42 56.60 -71.59 -64.54
C PRO L 42 57.51 -72.52 -65.34
N SER L 43 58.22 -73.44 -64.68
CA SER L 43 59.09 -74.35 -65.41
C SER L 43 58.31 -75.50 -66.02
N VAL L 44 57.32 -76.03 -65.30
CA VAL L 44 56.51 -77.15 -65.79
C VAL L 44 55.43 -76.63 -66.72
N ASP L 45 55.36 -77.20 -67.92
CA ASP L 45 54.52 -76.70 -69.02
C ASP L 45 53.11 -77.28 -68.91
N SER L 46 52.27 -76.66 -68.08
CA SER L 46 50.88 -77.10 -67.93
C SER L 46 50.02 -75.89 -67.57
N ASP L 47 48.99 -75.64 -68.37
CA ASP L 47 48.10 -74.50 -68.18
C ASP L 47 46.99 -74.91 -67.20
N ASP L 48 47.30 -74.94 -65.91
CA ASP L 48 46.33 -75.26 -64.89
C ASP L 48 45.70 -74.04 -64.22
N LEU L 49 45.98 -72.84 -64.72
CA LEU L 49 45.35 -71.62 -64.24
C LEU L 49 44.33 -71.05 -65.21
N ILE L 50 43.63 -71.90 -65.97
CA ILE L 50 42.83 -71.41 -67.11
C ILE L 50 41.63 -70.61 -66.63
N LEU L 51 40.79 -71.18 -65.78
CA LEU L 51 39.65 -70.44 -65.25
C LEU L 51 39.67 -70.34 -63.72
N LYS L 52 40.83 -70.04 -63.14
CA LYS L 52 40.98 -69.88 -61.70
C LYS L 52 41.41 -68.44 -61.40
N PRO L 53 40.68 -67.70 -60.57
CA PRO L 53 41.12 -66.35 -60.21
C PRO L 53 42.34 -66.37 -59.28
N LYS L 54 43.29 -65.49 -59.57
CA LYS L 54 44.54 -65.40 -58.84
C LYS L 54 44.86 -63.93 -58.53
N ARG L 55 45.31 -63.68 -57.31
CA ARG L 55 45.63 -62.33 -56.85
C ARG L 55 47.13 -62.07 -57.00
N ILE L 56 47.48 -61.06 -57.78
CA ILE L 56 48.86 -60.65 -58.02
C ILE L 56 49.06 -59.26 -57.41
N SER L 57 50.31 -58.79 -57.44
CA SER L 57 50.65 -57.53 -56.77
C SER L 57 51.44 -56.56 -57.63
N SER L 58 52.07 -57.01 -58.71
CA SER L 58 52.87 -56.11 -59.54
C SER L 58 52.92 -56.68 -60.95
N LEU L 59 53.58 -55.92 -61.84
CA LEU L 59 53.73 -56.38 -63.21
C LEU L 59 54.72 -57.54 -63.31
N LEU L 60 55.67 -57.62 -62.36
CA LEU L 60 56.62 -58.72 -62.37
C LEU L 60 55.95 -60.03 -61.94
N ASP L 61 54.92 -59.93 -61.10
CA ASP L 61 54.14 -61.11 -60.73
C ASP L 61 53.33 -61.63 -61.92
N PHE L 62 52.91 -60.73 -62.81
CA PHE L 62 52.08 -61.16 -63.93
C PHE L 62 52.88 -61.97 -64.96
N THR L 63 54.09 -61.51 -65.29
CA THR L 63 54.85 -62.17 -66.34
C THR L 63 55.45 -63.50 -65.87
N THR L 64 55.54 -63.68 -64.55
CA THR L 64 55.98 -64.97 -63.99
C THR L 64 54.96 -66.06 -64.29
N TYR L 65 53.68 -65.78 -64.04
CA TYR L 65 52.64 -66.79 -64.17
C TYR L 65 51.94 -66.76 -65.53
N TYR L 66 51.94 -65.62 -66.22
CA TYR L 66 51.14 -65.47 -67.43
C TYR L 66 51.93 -65.07 -68.67
N GLY L 67 53.10 -64.46 -68.53
CA GLY L 67 53.90 -64.09 -69.68
C GLY L 67 53.65 -62.67 -70.16
N GLY L 68 53.97 -62.44 -71.43
CA GLY L 68 53.84 -61.13 -72.04
C GLY L 68 52.90 -61.06 -73.22
N ALA L 69 53.13 -60.11 -74.12
CA ALA L 69 52.27 -59.89 -75.28
C ALA L 69 52.65 -60.83 -76.43
N GLN L 70 51.84 -60.78 -77.49
CA GLN L 70 52.09 -61.56 -78.70
C GLN L 70 52.88 -60.74 -79.71
N ASN L 71 53.84 -61.39 -80.37
CA ASN L 71 54.63 -60.74 -81.41
C ASN L 71 53.76 -60.40 -82.61
N GLU L 72 53.94 -59.18 -83.14
CA GLU L 72 53.16 -58.74 -84.29
C GLU L 72 53.66 -59.39 -85.57
N GLN L 73 52.74 -59.66 -86.49
CA GLN L 73 53.07 -60.33 -87.75
C GLN L 73 52.87 -59.45 -88.97
N GLY L 74 52.46 -58.19 -88.80
CA GLY L 74 52.16 -57.31 -89.92
C GLY L 74 53.14 -56.20 -90.19
N ILE L 75 54.43 -56.38 -89.88
CA ILE L 75 55.43 -55.31 -90.10
C ILE L 75 56.25 -55.59 -91.36
N THR L 76 56.40 -54.59 -92.24
CA THR L 76 57.18 -54.71 -93.47
C THR L 76 58.21 -53.59 -93.55
N VAL L 77 59.38 -53.90 -94.09
CA VAL L 77 60.49 -52.95 -94.22
C VAL L 77 60.88 -52.87 -95.69
N LYS L 78 61.05 -51.65 -96.19
CA LYS L 78 61.41 -51.38 -97.58
C LYS L 78 62.68 -50.54 -97.64
N LEU L 79 63.60 -50.93 -98.52
CA LEU L 79 64.85 -50.19 -98.75
C LEU L 79 64.98 -49.83 -100.21
N THR L 80 65.41 -48.58 -100.50
CA THR L 80 65.57 -48.10 -101.86
C THR L 80 66.84 -47.27 -101.98
N ASP L 81 67.68 -47.62 -102.94
CA ASP L 81 68.88 -46.86 -103.27
C ASP L 81 68.66 -46.11 -104.57
N THR L 82 69.02 -44.82 -104.59
CA THR L 82 68.72 -43.93 -105.69
C THR L 82 69.97 -43.09 -105.96
N LEU L 83 70.04 -42.51 -107.16
CA LEU L 83 71.08 -41.55 -107.52
C LEU L 83 70.42 -40.26 -107.99
N ILE L 84 70.74 -39.16 -107.33
CA ILE L 84 70.18 -37.85 -107.65
C ILE L 84 71.34 -36.94 -108.04
N GLU L 85 71.48 -36.70 -109.35
CA GLU L 85 72.56 -35.95 -110.01
C GLU L 85 73.95 -36.31 -109.47
N GLY L 86 74.21 -37.62 -109.38
CA GLY L 86 75.49 -38.12 -108.91
C GLY L 86 75.64 -38.23 -107.41
N ALA L 87 74.59 -37.95 -106.64
CA ALA L 87 74.63 -38.05 -105.19
C ALA L 87 73.74 -39.18 -104.73
N GLU L 88 74.20 -39.94 -103.74
CA GLU L 88 73.47 -41.12 -103.28
C GLU L 88 72.31 -40.70 -102.36
N ASN L 89 71.22 -41.45 -102.41
CA ASN L 89 70.07 -41.23 -101.56
C ASN L 89 69.50 -42.58 -101.16
N ARG L 90 69.33 -42.79 -99.85
CA ARG L 90 68.77 -44.03 -99.31
C ARG L 90 67.47 -43.72 -98.60
N THR L 91 66.43 -44.50 -98.89
CA THR L 91 65.09 -44.31 -98.34
C THR L 91 64.69 -45.56 -97.56
N ILE L 92 64.23 -45.37 -96.32
CA ILE L 92 63.73 -46.46 -95.48
C ILE L 92 62.26 -46.18 -95.17
N ASN L 93 61.40 -47.13 -95.50
CA ASN L 93 59.95 -46.96 -95.37
C ASN L 93 59.36 -48.10 -94.54
N VAL L 94 58.87 -47.75 -93.35
CA VAL L 94 58.12 -48.68 -92.51
C VAL L 94 56.74 -48.10 -92.27
N PRO L 95 55.70 -48.56 -92.96
CA PRO L 95 54.35 -48.06 -92.71
C PRO L 95 53.78 -48.64 -91.42
N GLU L 96 52.77 -47.96 -90.90
CA GLU L 96 52.08 -48.48 -89.73
C GLU L 96 51.20 -49.66 -90.15
N PRO L 97 51.18 -50.73 -89.36
CA PRO L 97 50.50 -51.96 -89.78
C PRO L 97 48.97 -51.83 -89.74
N THR L 98 48.32 -52.34 -90.78
CA THR L 98 46.87 -52.36 -90.85
C THR L 98 46.26 -53.60 -90.22
N PHE L 99 47.05 -54.64 -89.96
CA PHE L 99 46.60 -55.85 -89.29
C PHE L 99 47.36 -55.99 -87.98
N LYS L 100 46.64 -55.89 -86.86
CA LYS L 100 47.23 -55.94 -85.54
C LYS L 100 46.74 -57.18 -84.79
N SER L 101 47.42 -57.49 -83.69
CA SER L 101 46.98 -58.58 -82.82
C SER L 101 45.78 -58.14 -82.00
N PRO L 102 44.79 -59.01 -81.78
CA PRO L 102 43.59 -58.59 -81.05
C PRO L 102 43.71 -58.64 -79.53
N TYR L 103 44.88 -59.00 -79.01
CA TYR L 103 45.08 -59.19 -77.58
C TYR L 103 45.67 -57.92 -76.97
N LEU L 104 45.07 -57.46 -75.87
CA LEU L 104 45.41 -56.16 -75.29
C LEU L 104 45.63 -56.21 -73.79
N MET L 105 45.76 -57.39 -73.20
CA MET L 105 45.74 -57.52 -71.74
C MET L 105 47.07 -57.06 -71.12
N PHE L 106 48.20 -57.44 -71.71
CA PHE L 106 49.49 -57.04 -71.18
C PHE L 106 49.73 -55.54 -71.31
N TYR L 107 49.20 -54.92 -72.38
CA TYR L 107 49.32 -53.49 -72.54
C TYR L 107 48.47 -52.72 -71.52
N SER L 108 47.29 -53.25 -71.19
CA SER L 108 46.39 -52.58 -70.26
C SER L 108 46.90 -52.65 -68.83
N LEU L 109 47.63 -53.71 -68.49
CA LEU L 109 48.20 -53.81 -67.15
C LEU L 109 49.41 -52.89 -66.99
N GLN L 110 50.09 -52.58 -68.09
CA GLN L 110 51.14 -51.57 -68.05
C GLN L 110 50.57 -50.19 -67.78
N MET L 111 49.39 -49.90 -68.32
CA MET L 111 48.76 -48.60 -68.10
C MET L 111 48.21 -48.49 -66.69
N TYR L 112 47.78 -49.62 -66.12
CA TYR L 112 47.17 -49.63 -64.79
C TYR L 112 48.21 -49.37 -63.70
N PHE L 113 49.36 -50.03 -63.78
CA PHE L 113 50.40 -49.83 -62.77
C PHE L 113 51.10 -48.48 -62.93
N ALA L 114 51.07 -47.91 -64.13
CA ALA L 114 51.72 -46.62 -64.35
C ALA L 114 50.86 -45.46 -63.83
N ASN L 115 49.58 -45.70 -63.55
CA ASN L 115 48.69 -44.66 -63.09
C ASN L 115 48.33 -44.80 -61.61
N GLY L 116 48.95 -45.73 -60.90
CA GLY L 116 48.80 -45.83 -59.47
C GLY L 116 48.04 -47.04 -58.95
N GLY L 117 47.96 -48.12 -59.71
CA GLY L 117 47.20 -49.27 -59.26
C GLY L 117 47.96 -50.13 -58.26
N GLY L 118 47.19 -50.88 -57.48
CA GLY L 118 47.73 -51.81 -56.52
C GLY L 118 47.42 -53.26 -56.84
N PRO L 119 47.04 -54.03 -55.83
CA PRO L 119 46.72 -55.45 -56.06
C PRO L 119 45.41 -55.64 -56.82
N CYS L 120 45.39 -56.66 -57.68
CA CYS L 120 44.26 -56.93 -58.54
C CYS L 120 44.15 -58.43 -58.79
N TYR L 121 43.04 -58.84 -59.39
CA TYR L 121 42.78 -60.24 -59.68
C TYR L 121 42.84 -60.51 -61.19
N ILE L 122 43.37 -61.66 -61.57
CA ILE L 122 43.52 -62.06 -62.96
C ILE L 122 42.64 -63.28 -63.20
N VAL L 123 41.79 -63.21 -64.22
CA VAL L 123 40.99 -64.34 -64.66
C VAL L 123 41.30 -64.59 -66.14
N SER L 124 42.09 -65.62 -66.40
CA SER L 124 42.39 -66.02 -67.77
C SER L 124 41.13 -66.64 -68.39
N THR L 125 41.04 -66.58 -69.73
CA THR L 125 39.96 -67.25 -70.44
C THR L 125 40.46 -68.21 -71.52
N GLY L 126 41.76 -68.44 -71.59
CA GLY L 126 42.34 -69.23 -72.65
C GLY L 126 43.70 -68.64 -73.01
N VAL L 127 44.34 -69.27 -73.99
CA VAL L 127 45.65 -68.85 -74.44
C VAL L 127 45.55 -68.30 -75.86
N TYR L 128 46.67 -67.76 -76.35
CA TYR L 128 46.70 -67.14 -77.66
C TYR L 128 46.55 -68.18 -78.76
N ASP L 129 45.90 -67.79 -79.85
CA ASP L 129 45.87 -68.56 -81.08
C ASP L 129 46.89 -67.98 -82.07
N ASP L 130 47.31 -68.80 -83.02
CA ASP L 130 48.31 -68.43 -84.00
C ASP L 130 47.68 -67.72 -85.19
N TRP L 131 48.48 -66.89 -85.86
CA TRP L 131 48.06 -66.28 -87.11
C TRP L 131 48.09 -67.33 -88.23
N SER L 132 47.06 -67.30 -89.07
CA SER L 132 47.05 -68.19 -90.22
C SER L 132 48.02 -67.75 -91.31
N ASP L 133 48.05 -66.46 -91.63
CA ASP L 133 49.11 -65.87 -92.44
C ASP L 133 49.28 -64.42 -92.00
N SER L 134 49.96 -63.64 -92.84
CA SER L 134 50.39 -62.30 -92.43
C SER L 134 49.25 -61.29 -92.45
N GLU L 135 48.09 -61.64 -93.01
CA GLU L 135 46.96 -60.72 -93.07
C GLU L 135 45.69 -61.30 -92.46
N THR L 136 45.78 -62.33 -91.62
CA THR L 136 44.62 -62.86 -90.92
C THR L 136 44.97 -63.07 -89.45
N PRO L 137 44.68 -62.10 -88.59
CA PRO L 137 44.87 -62.29 -87.14
C PRO L 137 43.80 -63.20 -86.58
N PRO L 138 44.03 -63.79 -85.40
CA PRO L 138 43.00 -64.62 -84.77
C PRO L 138 41.80 -63.82 -84.27
N THR L 139 40.76 -64.55 -83.88
CA THR L 139 39.49 -63.97 -83.47
C THR L 139 39.24 -64.17 -81.98
N ILE L 140 38.32 -63.38 -81.45
CA ILE L 140 37.95 -63.39 -80.04
C ILE L 140 36.53 -63.92 -79.94
N ASN L 141 36.30 -64.87 -79.03
CA ASN L 141 35.02 -65.57 -78.94
C ASN L 141 34.20 -65.01 -77.78
N PHE L 142 32.89 -64.85 -78.01
CA PHE L 142 31.98 -64.34 -76.98
C PHE L 142 31.79 -65.34 -75.85
N SER L 143 31.85 -66.64 -76.16
CA SER L 143 31.54 -67.66 -75.17
C SER L 143 32.65 -67.84 -74.14
N ASP L 144 33.89 -67.42 -74.47
CA ASP L 144 34.98 -67.48 -73.49
C ASP L 144 34.89 -66.35 -72.47
N LEU L 145 34.54 -65.14 -72.91
CA LEU L 145 34.47 -64.00 -72.00
C LEU L 145 33.30 -64.09 -71.05
N GLU L 146 32.18 -64.68 -71.48
CA GLU L 146 31.04 -64.83 -70.57
C GLU L 146 31.29 -65.97 -69.57
N SER L 147 32.10 -66.95 -69.96
CA SER L 147 32.48 -68.01 -69.04
C SER L 147 33.40 -67.48 -67.93
N GLY L 148 34.18 -66.43 -68.24
CA GLY L 148 35.02 -65.82 -67.22
C GLY L 148 34.23 -65.00 -66.23
N LEU L 149 33.10 -64.44 -66.66
CA LEU L 149 32.25 -63.65 -65.78
C LEU L 149 31.52 -64.53 -64.77
N ALA L 150 31.32 -65.82 -65.09
CA ALA L 150 30.59 -66.70 -64.19
C ALA L 150 31.46 -67.14 -63.01
N VAL L 151 32.78 -67.21 -63.20
CA VAL L 151 33.64 -67.65 -62.10
C VAL L 151 33.99 -66.49 -61.18
N ILE L 152 33.87 -65.25 -61.67
CA ILE L 152 34.18 -64.10 -60.81
C ILE L 152 33.01 -63.77 -59.89
N ARG L 153 31.83 -64.35 -60.17
CA ARG L 153 30.67 -64.22 -59.31
C ARG L 153 30.87 -64.89 -57.95
N LYS L 154 31.72 -65.90 -57.91
CA LYS L 154 31.99 -66.65 -56.69
C LYS L 154 33.10 -66.04 -55.82
N GLU L 155 33.76 -64.99 -56.29
CA GLU L 155 34.79 -64.33 -55.50
C GLU L 155 34.22 -63.14 -54.75
N ASP L 156 34.75 -62.89 -53.56
CA ASP L 156 34.21 -61.88 -52.64
C ASP L 156 34.91 -60.54 -52.74
N GLU L 157 36.23 -60.52 -52.88
CA GLU L 157 37.05 -59.33 -52.73
C GLU L 157 37.06 -58.28 -53.87
N PRO L 158 36.99 -58.60 -55.18
CA PRO L 158 37.02 -57.52 -56.19
C PRO L 158 35.84 -56.57 -56.15
N THR L 159 36.10 -55.31 -56.50
CA THR L 159 35.09 -54.25 -56.52
C THR L 159 34.86 -53.66 -57.90
N LEU L 160 35.65 -54.05 -58.92
CA LEU L 160 35.57 -53.47 -60.25
C LEU L 160 35.75 -54.54 -61.32
N LEU L 161 34.95 -54.44 -62.39
CA LEU L 161 34.91 -55.43 -63.47
C LEU L 161 35.37 -54.81 -64.79
N LEU L 162 36.31 -55.47 -65.47
CA LEU L 162 36.86 -54.98 -66.74
C LEU L 162 37.09 -56.13 -67.72
N PHE L 163 36.96 -55.82 -69.02
CA PHE L 163 37.19 -56.76 -70.13
C PHE L 163 38.12 -56.09 -71.13
N PRO L 164 39.43 -56.32 -71.06
CA PRO L 164 40.36 -55.55 -71.90
C PRO L 164 40.38 -55.91 -73.38
N ASP L 165 39.82 -57.05 -73.80
CA ASP L 165 39.88 -57.50 -75.19
C ASP L 165 38.56 -57.27 -75.92
N ALA L 166 37.59 -56.65 -75.25
CA ALA L 166 36.20 -56.66 -75.70
C ALA L 166 35.92 -55.81 -76.93
N THR L 167 36.72 -54.77 -77.21
CA THR L 167 36.48 -53.95 -78.39
C THR L 167 36.85 -54.64 -79.69
N ASN L 168 37.54 -55.77 -79.64
CA ASN L 168 37.88 -56.54 -80.83
C ASN L 168 36.94 -57.72 -81.06
N LEU L 169 35.75 -57.67 -80.47
CA LEU L 169 34.72 -58.66 -80.68
C LEU L 169 34.13 -58.52 -82.09
N PRO L 170 33.60 -59.60 -82.68
CA PRO L 170 33.21 -59.52 -84.11
C PRO L 170 32.03 -58.61 -84.42
N THR L 171 30.95 -58.63 -83.64
CA THR L 171 29.82 -57.72 -83.86
C THR L 171 29.65 -56.81 -82.66
N ASP L 172 28.95 -55.70 -82.88
CA ASP L 172 28.69 -54.77 -81.80
C ASP L 172 27.58 -55.26 -80.88
N ASP L 173 26.69 -56.11 -81.39
CA ASP L 173 25.63 -56.68 -80.55
C ASP L 173 26.19 -57.62 -79.49
N GLU L 174 27.28 -58.32 -79.81
CA GLU L 174 27.95 -59.12 -78.79
C GLU L 174 28.62 -58.25 -77.73
N PHE L 175 29.12 -57.08 -78.15
CA PHE L 175 29.79 -56.16 -77.24
C PHE L 175 28.82 -55.58 -76.22
N TYR L 176 27.63 -55.16 -76.65
CA TYR L 176 26.67 -54.58 -75.72
C TYR L 176 26.03 -55.64 -74.83
N SER L 177 25.85 -56.85 -75.36
CA SER L 177 25.23 -57.92 -74.59
C SER L 177 26.15 -58.41 -73.48
N LEU L 178 27.47 -58.29 -73.66
CA LEU L 178 28.41 -58.65 -72.62
C LEU L 178 28.35 -57.65 -71.46
N TYR L 179 28.18 -56.36 -71.77
CA TYR L 179 28.13 -55.36 -70.72
C TYR L 179 26.77 -55.29 -70.05
N ASN L 180 25.73 -55.82 -70.70
CA ASN L 180 24.43 -55.94 -70.03
C ASN L 180 24.48 -57.04 -68.97
N SER L 181 25.33 -58.04 -69.16
CA SER L 181 25.46 -59.14 -68.20
C SER L 181 26.25 -58.72 -66.97
N ALA L 182 27.21 -57.81 -67.15
CA ALA L 182 28.00 -57.32 -66.02
C ALA L 182 27.18 -56.43 -65.11
N LEU L 183 26.26 -55.63 -65.66
CA LEU L 183 25.41 -54.78 -64.84
C LEU L 183 24.35 -55.57 -64.09
N MET L 184 23.94 -56.72 -64.61
CA MET L 184 23.01 -57.57 -63.87
C MET L 184 23.71 -58.27 -62.70
N GLN L 185 24.99 -58.59 -62.85
CA GLN L 185 25.75 -59.14 -61.73
C GLN L 185 25.99 -58.07 -60.65
N CYS L 186 26.17 -56.81 -61.05
CA CYS L 186 26.39 -55.75 -60.07
C CYS L 186 25.11 -55.42 -59.33
N ASN L 187 23.95 -55.66 -59.94
CA ASN L 187 22.69 -55.48 -59.25
C ASN L 187 22.46 -56.58 -58.21
N ASP L 188 22.81 -57.82 -58.55
CA ASP L 188 22.53 -58.95 -57.68
C ASP L 188 23.45 -58.97 -56.46
N LEU L 189 24.76 -58.85 -56.68
CA LEU L 189 25.70 -58.91 -55.56
C LEU L 189 25.74 -57.61 -54.79
N GLN L 190 25.25 -56.53 -55.39
CA GLN L 190 25.13 -55.15 -54.88
C GLN L 190 26.37 -54.63 -54.16
N ASP L 191 27.57 -54.98 -54.64
CA ASP L 191 28.81 -54.51 -54.03
C ASP L 191 29.91 -54.19 -55.05
N ARG L 192 29.59 -54.08 -56.33
CA ARG L 192 30.59 -53.89 -57.38
C ARG L 192 30.19 -52.74 -58.30
N PHE L 193 31.08 -52.42 -59.24
CA PHE L 193 30.91 -51.31 -60.18
C PHE L 193 31.64 -51.66 -61.48
N THR L 194 31.09 -51.19 -62.61
CA THR L 194 31.60 -51.54 -63.94
C THR L 194 32.08 -50.29 -64.68
N ILE L 195 33.19 -50.43 -65.40
CA ILE L 195 33.75 -49.36 -66.23
C ILE L 195 33.63 -49.74 -67.70
N LEU L 196 32.98 -48.89 -68.49
CA LEU L 196 32.64 -49.18 -69.88
C LEU L 196 33.41 -48.28 -70.84
N ASP L 197 33.53 -48.75 -72.08
CA ASP L 197 33.98 -47.94 -73.21
C ASP L 197 32.96 -48.02 -74.34
N THR L 198 33.23 -47.29 -75.41
CA THR L 198 32.46 -47.43 -76.64
C THR L 198 33.07 -48.54 -77.50
N TYR L 199 32.34 -48.90 -78.56
CA TYR L 199 32.79 -49.96 -79.44
C TYR L 199 33.95 -49.49 -80.32
N SER L 200 33.92 -48.22 -80.71
CA SER L 200 34.97 -47.62 -81.51
C SER L 200 35.11 -46.16 -81.12
N ASP L 201 36.19 -45.53 -81.55
CA ASP L 201 36.39 -44.11 -81.36
C ASP L 201 35.96 -43.30 -82.58
N GLN L 202 35.68 -43.95 -83.71
CA GLN L 202 35.21 -43.30 -84.92
C GLN L 202 33.92 -43.97 -85.39
N THR L 203 33.35 -43.41 -86.46
CA THR L 203 32.18 -44.00 -87.11
C THR L 203 32.53 -45.36 -87.70
N TYR L 204 31.75 -46.38 -87.35
CA TYR L 204 32.02 -47.75 -87.77
C TYR L 204 30.85 -48.28 -88.59
N ASN L 205 31.15 -49.29 -89.40
CA ASN L 205 30.16 -49.94 -90.25
C ASN L 205 29.55 -51.15 -89.54
N ASP L 206 28.23 -51.24 -89.57
CA ASP L 206 27.49 -52.32 -88.94
C ASP L 206 27.16 -53.47 -89.90
N GLY L 207 27.47 -53.31 -91.18
CA GLY L 207 27.03 -54.24 -92.19
C GLY L 207 25.86 -53.74 -93.02
N VAL L 208 24.93 -53.03 -92.39
CA VAL L 208 23.85 -52.37 -93.12
C VAL L 208 23.99 -50.85 -93.12
N GLU L 209 24.46 -50.24 -92.04
CA GLU L 209 24.48 -48.79 -91.90
C GLU L 209 25.81 -48.36 -91.28
N ASP L 210 26.02 -47.05 -91.26
CA ASP L 210 27.14 -46.44 -90.56
C ASP L 210 26.63 -45.76 -89.30
N LEU L 211 27.30 -45.99 -88.18
CA LEU L 211 26.82 -45.56 -86.88
C LEU L 211 27.86 -44.70 -86.17
N ASP L 212 27.38 -43.69 -85.45
CA ASP L 212 28.23 -42.89 -84.58
C ASP L 212 28.40 -43.60 -83.24
N PRO L 213 29.56 -43.48 -82.57
CA PRO L 213 29.83 -44.30 -81.37
C PRO L 213 28.99 -43.98 -80.14
N ILE L 214 28.75 -42.69 -79.89
CA ILE L 214 27.98 -42.27 -78.68
C ILE L 214 26.50 -42.68 -78.81
N PRO L 215 25.74 -42.38 -79.88
CA PRO L 215 24.34 -42.84 -79.95
C PRO L 215 24.16 -44.35 -80.08
N ALA L 216 25.19 -45.08 -80.53
CA ALA L 216 25.08 -46.54 -80.63
C ALA L 216 25.23 -47.20 -79.27
N LEU L 217 26.02 -46.59 -78.37
CA LEU L 217 26.12 -47.11 -77.01
C LEU L 217 24.84 -46.84 -76.21
N ARG L 218 24.13 -45.76 -76.54
CA ARG L 218 22.89 -45.45 -75.84
C ARG L 218 21.75 -46.38 -76.28
N ASN L 219 21.85 -46.95 -77.47
CA ASN L 219 20.87 -47.94 -77.91
C ASN L 219 21.17 -49.34 -77.37
N GLY L 220 22.44 -49.72 -77.27
CA GLY L 220 22.79 -51.08 -76.93
C GLY L 220 22.55 -51.43 -75.46
N ILE L 221 22.70 -50.45 -74.58
CA ILE L 221 22.47 -50.65 -73.15
C ILE L 221 21.02 -50.25 -72.87
N ASN L 222 20.14 -51.25 -72.66
CA ASN L 222 18.70 -51.02 -72.63
C ASN L 222 18.04 -51.42 -71.32
N LEU L 223 18.65 -51.12 -70.17
CA LEU L 223 18.08 -51.47 -68.88
C LEU L 223 17.60 -50.21 -68.15
N THR L 224 16.86 -50.41 -67.06
CA THR L 224 16.34 -49.31 -66.26
C THR L 224 17.38 -48.80 -65.27
N LYS L 225 17.00 -47.78 -64.51
CA LYS L 225 17.91 -47.09 -63.60
C LYS L 225 18.53 -48.00 -62.54
N ASP L 226 17.77 -48.96 -62.03
CA ASP L 226 18.28 -49.84 -60.99
C ASP L 226 19.47 -50.67 -61.45
N TYR L 227 19.76 -50.67 -62.74
CA TYR L 227 20.95 -51.30 -63.31
C TYR L 227 21.96 -50.28 -63.80
N LEU L 228 21.51 -49.13 -64.29
CA LEU L 228 22.40 -48.14 -64.88
C LEU L 228 23.22 -47.39 -63.84
N LYS L 229 22.82 -47.44 -62.57
CA LYS L 229 23.56 -46.75 -61.52
C LYS L 229 24.86 -47.45 -61.13
N TYR L 230 25.12 -48.65 -61.65
CA TYR L 230 26.33 -49.40 -61.34
C TYR L 230 27.41 -49.30 -62.41
N GLY L 231 27.29 -48.38 -63.37
CA GLY L 231 28.30 -48.27 -64.39
C GLY L 231 28.60 -46.85 -64.82
N ALA L 232 29.76 -46.69 -65.48
CA ALA L 232 30.23 -45.41 -65.99
C ALA L 232 30.99 -45.64 -67.30
N ALA L 233 30.90 -44.67 -68.20
CA ALA L 233 31.44 -44.79 -69.56
C ALA L 233 32.33 -43.61 -69.91
N TYR L 234 33.40 -43.89 -70.66
CA TYR L 234 34.41 -42.89 -71.00
C TYR L 234 34.67 -42.88 -72.49
N TYR L 235 35.09 -41.72 -72.99
CA TYR L 235 35.27 -41.47 -74.41
C TYR L 235 36.23 -40.31 -74.58
N PRO L 236 37.09 -40.30 -75.62
CA PRO L 236 37.49 -41.28 -76.64
C PRO L 236 38.65 -42.18 -76.22
N PHE L 237 39.38 -42.73 -77.19
CA PHE L 237 40.53 -43.57 -76.90
C PHE L 237 41.76 -42.72 -76.57
N VAL L 238 42.83 -43.38 -76.12
CA VAL L 238 44.06 -42.67 -75.73
C VAL L 238 45.27 -43.24 -76.47
N GLN L 239 46.19 -42.36 -76.85
CA GLN L 239 47.46 -42.71 -77.52
C GLN L 239 48.55 -42.77 -76.44
N THR L 240 49.33 -43.85 -76.38
CA THR L 240 50.27 -44.12 -75.31
C THR L 240 51.71 -43.96 -75.80
N ILE L 241 52.67 -44.17 -74.90
CA ILE L 241 54.09 -44.09 -75.18
C ILE L 241 54.71 -45.47 -75.41
N LEU L 242 53.90 -46.53 -75.45
CA LEU L 242 54.39 -47.89 -75.50
C LEU L 242 54.70 -48.33 -76.94
N ASN L 243 55.64 -49.25 -77.07
CA ASN L 243 55.99 -49.84 -78.35
C ASN L 243 55.33 -51.22 -78.50
N TYR L 244 55.13 -51.64 -79.73
CA TYR L 244 54.62 -52.96 -80.05
C TYR L 244 55.67 -54.03 -79.74
N GLN L 245 55.19 -55.21 -79.37
CA GLN L 245 56.03 -56.38 -79.14
C GLN L 245 56.24 -57.12 -80.45
N TYR L 246 57.51 -57.37 -80.79
CA TYR L 246 57.82 -58.05 -82.05
C TYR L 246 59.13 -58.81 -81.88
N SER L 247 59.38 -59.70 -82.84
CA SER L 247 60.60 -60.49 -82.87
C SER L 247 61.37 -60.20 -84.15
N ALA L 248 62.70 -60.04 -84.02
CA ALA L 248 63.53 -59.70 -85.18
C ALA L 248 63.79 -60.91 -86.07
N ASP L 249 63.51 -62.12 -85.61
CA ASP L 249 63.68 -63.32 -86.42
C ASP L 249 62.61 -63.49 -87.49
N GLU L 250 61.54 -62.68 -87.47
CA GLU L 250 60.42 -62.84 -88.38
C GLU L 250 60.23 -61.65 -89.30
N ILE L 251 61.15 -60.69 -89.32
CA ILE L 251 61.07 -59.52 -90.18
C ILE L 251 61.91 -59.80 -91.42
N VAL L 252 61.32 -59.64 -92.60
CA VAL L 252 61.99 -59.87 -93.87
C VAL L 252 62.18 -58.52 -94.58
N ILE L 253 63.38 -58.31 -95.12
CA ILE L 253 63.74 -57.07 -95.80
C ILE L 253 63.53 -57.26 -97.30
N GLN L 254 63.02 -56.22 -97.97
CA GLN L 254 63.02 -56.14 -99.42
C GLN L 254 63.83 -54.92 -99.85
N HIS L 255 64.87 -55.18 -100.66
CA HIS L 255 65.91 -54.20 -100.97
C HIS L 255 65.98 -54.00 -102.47
N LEU L 256 65.72 -52.77 -102.92
CA LEU L 256 65.84 -52.39 -104.32
C LEU L 256 67.03 -51.46 -104.49
N SER L 257 68.00 -51.87 -105.30
CA SER L 257 69.24 -51.11 -105.46
C SER L 257 69.57 -50.98 -106.93
N TYR L 258 70.31 -49.92 -107.28
CA TYR L 258 70.75 -49.73 -108.65
C TYR L 258 71.88 -50.68 -109.00
N ASN L 259 72.66 -51.11 -108.01
CA ASN L 259 73.73 -52.07 -108.21
C ASN L 259 73.24 -53.44 -107.76
N PRO L 260 72.79 -54.31 -108.67
CA PRO L 260 72.28 -55.62 -108.23
C PRO L 260 73.39 -56.63 -108.03
N ASN L 261 73.61 -57.04 -106.78
CA ASN L 261 74.54 -58.10 -106.46
C ASN L 261 73.92 -59.13 -105.52
N ALA L 262 72.61 -59.38 -105.66
CA ALA L 262 71.94 -60.34 -104.80
C ALA L 262 72.36 -61.77 -105.12
N ILE L 263 72.41 -62.10 -106.41
CA ILE L 263 72.76 -63.47 -106.81
C ILE L 263 74.27 -63.68 -106.67
N ALA L 264 75.06 -62.62 -106.89
CA ALA L 264 76.51 -62.74 -106.78
C ALA L 264 76.95 -62.92 -105.33
N THR L 265 76.27 -62.25 -104.39
CA THR L 265 76.59 -62.44 -102.97
C THR L 265 76.09 -63.79 -102.49
N ALA L 266 75.00 -64.29 -103.07
CA ALA L 266 74.51 -65.62 -102.74
C ALA L 266 75.43 -66.70 -103.33
N LEU L 267 76.11 -66.39 -104.43
CA LEU L 267 77.04 -67.35 -105.01
C LEU L 267 78.32 -67.47 -104.20
N ASP L 268 78.80 -66.34 -103.67
CA ASP L 268 80.10 -66.32 -102.98
C ASP L 268 80.05 -67.09 -101.66
N ASN L 269 78.91 -67.06 -100.98
CA ASN L 269 78.76 -67.85 -99.76
C ASN L 269 78.64 -69.34 -100.07
N LEU L 270 77.91 -69.67 -101.14
CA LEU L 270 77.67 -71.08 -101.44
C LEU L 270 78.87 -71.71 -102.14
N ASN L 271 79.69 -70.90 -102.83
CA ASN L 271 80.91 -71.44 -103.41
C ASN L 271 81.96 -71.68 -102.33
N ALA L 272 81.95 -70.88 -101.27
CA ALA L 272 82.92 -71.02 -100.20
C ALA L 272 82.63 -72.23 -99.33
N VAL L 273 81.35 -72.55 -99.13
CA VAL L 273 81.00 -73.67 -98.27
C VAL L 273 81.24 -74.99 -99.01
N ASN L 274 81.27 -74.95 -100.34
CA ASN L 274 81.53 -76.14 -101.16
C ASN L 274 83.04 -76.31 -101.34
N GLY L 275 83.72 -76.68 -100.26
CA GLY L 275 85.15 -76.83 -100.27
C GLY L 275 85.61 -78.06 -99.51
N PRO L 276 86.87 -78.46 -99.70
CA PRO L 276 87.39 -79.64 -98.99
C PRO L 276 87.60 -79.41 -97.51
N THR L 277 88.03 -78.20 -97.10
CA THR L 277 88.23 -77.95 -95.68
C THR L 277 86.92 -77.68 -94.97
N PHE L 278 85.88 -77.29 -95.72
CA PHE L 278 84.66 -76.80 -95.09
C PHE L 278 83.67 -77.92 -94.82
N ILE L 279 83.20 -78.61 -95.87
CA ILE L 279 82.12 -79.58 -95.74
C ILE L 279 82.62 -81.01 -95.92
N ASP L 280 83.76 -81.19 -96.57
CA ASP L 280 84.32 -82.54 -96.70
C ASP L 280 85.01 -82.97 -95.41
N ALA L 281 85.46 -82.01 -94.61
CA ALA L 281 86.12 -82.33 -93.35
C ALA L 281 85.10 -82.74 -92.29
N ILE L 282 83.83 -82.43 -92.51
CA ILE L 282 82.78 -82.89 -91.58
C ILE L 282 82.47 -84.36 -91.83
N LEU L 283 82.58 -84.79 -93.09
CA LEU L 283 82.02 -86.09 -93.46
C LEU L 283 82.99 -87.23 -93.20
N ASP L 284 84.29 -87.00 -93.41
CA ASP L 284 85.26 -88.08 -93.23
C ASP L 284 85.50 -88.36 -91.75
N ASP L 285 85.23 -87.36 -90.89
CA ASP L 285 85.32 -87.57 -89.45
C ASP L 285 84.23 -88.53 -88.97
N LEU L 286 83.04 -88.44 -89.60
CA LEU L 286 81.93 -89.29 -89.19
C LEU L 286 82.16 -90.74 -89.59
N ARG L 287 82.80 -90.97 -90.73
CA ARG L 287 83.13 -92.32 -91.17
C ARG L 287 84.63 -92.58 -91.04
N ASN L 321 81.82 -100.39 -65.09
CA ASN L 321 82.04 -99.58 -63.90
C ASN L 321 81.97 -98.09 -64.23
N SER L 322 82.48 -97.26 -63.31
CA SER L 322 82.39 -95.82 -63.50
C SER L 322 83.44 -95.32 -64.48
N VAL L 323 84.53 -96.07 -64.65
CA VAL L 323 85.59 -95.64 -65.57
C VAL L 323 85.23 -96.01 -67.01
N LYS L 324 84.35 -97.00 -67.18
CA LYS L 324 83.92 -97.35 -68.53
C LYS L 324 82.84 -96.42 -69.04
N VAL L 325 82.00 -95.91 -68.13
CA VAL L 325 80.96 -94.97 -68.53
C VAL L 325 81.55 -93.60 -68.83
N ALA L 326 82.58 -93.21 -68.07
CA ALA L 326 83.21 -91.91 -68.26
C ALA L 326 84.03 -91.86 -69.55
N ASN L 327 84.62 -92.99 -69.95
CA ASN L 327 85.33 -93.05 -71.22
C ASN L 327 84.35 -93.09 -72.38
N PHE L 328 83.21 -93.76 -72.20
CA PHE L 328 82.25 -93.90 -73.28
C PHE L 328 81.52 -92.59 -73.56
N ALA L 329 81.41 -91.73 -72.54
CA ALA L 329 80.75 -90.44 -72.75
C ALA L 329 81.63 -89.48 -73.53
N SER L 330 82.95 -89.70 -73.51
CA SER L 330 83.85 -88.86 -74.31
C SER L 330 83.75 -89.21 -75.78
N LEU L 331 83.42 -90.46 -76.11
CA LEU L 331 83.29 -90.86 -77.50
C LEU L 331 82.00 -90.32 -78.11
N VAL L 332 80.94 -90.23 -77.31
CA VAL L 332 79.66 -89.72 -77.81
C VAL L 332 79.71 -88.21 -77.99
N GLU L 333 80.45 -87.51 -77.12
CA GLU L 333 80.52 -86.06 -77.19
C GLU L 333 81.31 -85.58 -78.41
N SER L 334 82.21 -86.42 -78.93
CA SER L 334 82.93 -86.07 -80.14
C SER L 334 82.07 -86.28 -81.37
N VAL L 335 81.22 -87.31 -81.35
CA VAL L 335 80.32 -87.56 -82.47
C VAL L 335 79.21 -86.52 -82.51
N LEU L 336 78.72 -86.12 -81.33
CA LEU L 336 77.64 -85.14 -81.26
C LEU L 336 78.13 -83.74 -81.63
N SER L 337 79.41 -83.46 -81.37
CA SER L 337 79.97 -82.17 -81.77
C SER L 337 80.15 -82.09 -83.29
N THR L 338 80.34 -83.23 -83.95
CA THR L 338 80.47 -83.23 -85.40
C THR L 338 79.13 -83.03 -86.08
N LEU L 339 78.06 -83.57 -85.50
CA LEU L 339 76.72 -83.44 -86.07
C LEU L 339 76.22 -81.99 -85.98
N ASN L 340 76.62 -81.26 -84.94
CA ASN L 340 76.08 -79.92 -84.73
C ASN L 340 76.62 -78.92 -85.75
N GLU L 341 77.88 -79.06 -86.14
CA GLU L 341 78.44 -78.17 -87.16
C GLU L 341 77.91 -78.52 -88.54
N LEU L 342 77.45 -79.75 -88.74
CA LEU L 342 76.75 -80.08 -89.98
C LEU L 342 75.36 -79.45 -90.01
N ILE L 343 74.70 -79.40 -88.86
CA ILE L 343 73.38 -78.76 -88.78
C ILE L 343 73.52 -77.25 -88.89
N ASP L 344 74.61 -76.69 -88.34
CA ASP L 344 74.88 -75.26 -88.50
C ASP L 344 75.22 -74.92 -89.95
N ALA L 345 75.82 -75.87 -90.68
CA ALA L 345 76.08 -75.65 -92.09
C ALA L 345 74.78 -75.68 -92.89
N LYS L 346 73.79 -76.46 -92.42
CA LYS L 346 72.49 -76.52 -93.08
C LYS L 346 71.73 -75.21 -92.92
N GLU L 347 71.94 -74.50 -91.81
CA GLU L 347 71.21 -73.27 -91.55
C GLU L 347 71.67 -72.14 -92.46
N GLU L 348 72.98 -72.05 -92.71
CA GLU L 348 73.50 -70.92 -93.48
C GLU L 348 73.27 -71.11 -94.98
N ILE L 349 73.07 -72.35 -95.42
CA ILE L 349 72.76 -72.61 -96.82
C ILE L 349 71.36 -72.11 -97.15
N ASN L 350 70.40 -72.30 -96.23
CA ASN L 350 69.01 -71.93 -96.50
C ASN L 350 68.82 -70.43 -96.55
N LYS L 351 69.66 -69.67 -95.84
CA LYS L 351 69.53 -68.21 -95.87
C LYS L 351 70.05 -67.65 -97.19
N ASP L 352 70.95 -68.37 -97.86
CA ASP L 352 71.50 -67.89 -99.13
C ASP L 352 70.54 -68.17 -100.29
N VAL L 353 69.89 -69.33 -100.28
CA VAL L 353 68.99 -69.69 -101.37
C VAL L 353 67.68 -68.92 -101.27
N ASN L 354 67.25 -68.59 -100.05
CA ASN L 354 66.00 -67.85 -99.87
C ASN L 354 66.14 -66.41 -100.37
N SER L 355 67.34 -65.85 -100.28
CA SER L 355 67.56 -64.50 -100.81
C SER L 355 67.66 -64.51 -102.33
N ALA L 356 67.95 -65.66 -102.93
CA ALA L 356 68.00 -65.76 -104.39
C ALA L 356 66.65 -66.14 -104.98
N ILE L 357 65.82 -66.86 -104.21
CA ILE L 357 64.45 -67.15 -104.62
C ILE L 357 63.64 -65.87 -104.68
N ALA L 358 63.78 -65.02 -103.66
CA ALA L 358 62.98 -63.80 -103.57
C ALA L 358 63.46 -62.74 -104.55
N SER L 359 64.72 -62.83 -105.00
CA SER L 359 65.26 -61.78 -105.88
C SER L 359 64.91 -62.04 -107.33
N SER L 360 64.67 -63.30 -107.70
CA SER L 360 64.39 -63.66 -109.09
C SER L 360 62.88 -63.82 -109.30
N GLU L 361 62.16 -62.71 -109.14
CA GLU L 361 60.73 -62.73 -109.44
C GLU L 361 60.48 -62.76 -110.95
N GLU L 362 61.45 -62.28 -111.72
CA GLU L 362 61.42 -62.47 -113.16
C GLU L 362 61.72 -63.93 -113.51
N ASP L 363 61.08 -64.40 -114.60
CA ASP L 363 61.32 -65.72 -115.19
C ASP L 363 61.03 -66.85 -114.19
N ASN L 364 59.72 -67.02 -113.94
CA ASN L 364 59.20 -67.92 -112.90
C ASN L 364 59.64 -69.38 -113.08
N ALA L 365 60.06 -69.78 -114.28
CA ALA L 365 60.60 -71.12 -114.47
C ALA L 365 61.94 -71.30 -113.76
N ILE L 366 62.73 -70.23 -113.67
CA ILE L 366 64.02 -70.33 -112.99
C ILE L 366 63.82 -70.39 -111.47
N LYS L 367 62.81 -69.66 -110.97
CA LYS L 367 62.49 -69.71 -109.54
C LYS L 367 62.01 -71.10 -109.12
N THR L 368 61.30 -71.79 -110.01
CA THR L 368 60.83 -73.13 -109.71
C THR L 368 62.00 -74.12 -109.66
N ALA L 369 63.01 -73.92 -110.49
CA ALA L 369 64.18 -74.80 -110.50
C ALA L 369 65.03 -74.59 -109.25
N ILE L 370 65.14 -73.35 -108.79
CA ILE L 370 65.91 -73.06 -107.57
C ILE L 370 65.17 -73.59 -106.35
N SER L 371 63.84 -73.50 -106.36
CA SER L 371 63.05 -74.01 -105.24
C SER L 371 63.05 -75.53 -105.22
N ASP L 372 63.09 -76.17 -106.40
CA ASP L 372 63.09 -77.63 -106.45
C ASP L 372 64.43 -78.21 -106.01
N ALA L 373 65.52 -77.49 -106.29
CA ALA L 373 66.85 -77.96 -105.87
C ALA L 373 67.03 -77.82 -104.36
N LEU L 374 66.24 -76.96 -103.72
CA LEU L 374 66.44 -76.71 -102.29
C LEU L 374 65.77 -77.78 -101.44
N ASP L 375 64.59 -78.25 -101.84
CA ASP L 375 63.89 -79.24 -101.03
C ASP L 375 64.49 -80.63 -101.20
N VAL L 376 65.16 -80.89 -102.32
CA VAL L 376 65.81 -82.19 -102.49
C VAL L 376 67.09 -82.24 -101.67
N PHE L 377 67.71 -81.08 -101.41
CA PHE L 377 68.84 -81.02 -100.50
C PHE L 377 68.38 -81.15 -99.06
N ASN L 378 67.16 -80.69 -98.76
CA ASN L 378 66.65 -80.75 -97.41
C ASN L 378 65.93 -82.07 -97.10
N GLU L 379 66.11 -83.10 -97.93
CA GLU L 379 65.43 -84.37 -97.70
C GLU L 379 66.00 -85.11 -96.50
N ASP L 380 67.32 -85.34 -96.50
CA ASP L 380 67.94 -86.18 -95.48
C ASP L 380 67.97 -85.47 -94.13
N PHE L 381 67.96 -84.13 -94.13
CA PHE L 381 68.03 -83.39 -92.87
C PHE L 381 66.70 -83.45 -92.12
N GLU L 382 65.58 -83.34 -92.82
CA GLU L 382 64.29 -83.36 -92.15
C GLU L 382 63.36 -84.45 -92.68
N GLY L 383 63.18 -84.52 -94.00
CA GLY L 383 62.09 -85.31 -94.55
C GLY L 383 62.42 -86.79 -94.68
N ALA L 384 63.58 -87.11 -95.27
CA ALA L 384 63.91 -88.51 -95.53
C ALA L 384 64.38 -89.21 -94.27
N ASP L 385 65.49 -88.77 -93.68
CA ASP L 385 66.07 -89.42 -92.52
C ASP L 385 66.01 -88.46 -91.34
N LYS L 386 66.18 -88.98 -90.13
CA LYS L 386 66.01 -88.21 -88.91
C LYS L 386 67.36 -87.65 -88.42
N ILE L 387 68.02 -86.86 -89.26
CA ILE L 387 69.33 -86.32 -88.89
C ILE L 387 69.23 -85.29 -87.78
N GLU L 388 68.26 -84.37 -87.88
CA GLU L 388 68.08 -83.38 -86.83
C GLU L 388 67.35 -83.95 -85.62
N SER L 389 66.82 -85.19 -85.75
CA SER L 389 66.11 -85.80 -84.63
C SER L 389 67.02 -86.67 -83.78
N VAL L 390 68.05 -87.27 -84.37
CA VAL L 390 68.93 -88.14 -83.58
C VAL L 390 69.91 -87.30 -82.76
N ALA L 391 70.17 -86.06 -83.20
CA ALA L 391 71.04 -85.18 -82.43
C ALA L 391 70.40 -84.70 -81.14
N LYS L 392 69.08 -84.75 -81.05
CA LYS L 392 68.36 -84.34 -79.84
C LYS L 392 68.22 -85.51 -78.86
N ASN L 393 67.96 -86.72 -79.36
CA ASN L 393 67.76 -87.86 -78.47
C ASN L 393 69.08 -88.37 -77.91
N LEU L 394 70.19 -88.19 -78.63
CA LEU L 394 71.48 -88.61 -78.11
C LEU L 394 71.93 -87.73 -76.95
N SER L 395 71.52 -86.46 -76.97
CA SER L 395 71.91 -85.54 -75.90
C SER L 395 71.16 -85.86 -74.61
N ASP L 396 69.89 -86.26 -74.71
CA ASP L 396 69.16 -86.63 -73.51
C ASP L 396 69.52 -88.05 -73.05
N LEU L 397 69.91 -88.92 -73.98
CA LEU L 397 70.42 -90.23 -73.59
C LEU L 397 71.80 -90.12 -72.94
N LEU L 398 72.55 -89.07 -73.28
CA LEU L 398 73.86 -88.88 -72.68
C LEU L 398 73.74 -88.45 -71.22
N ILE L 399 72.74 -87.63 -70.92
CA ILE L 399 72.52 -87.18 -69.54
C ILE L 399 72.00 -88.34 -68.69
N LYS L 400 71.22 -89.23 -69.29
CA LYS L 400 70.59 -90.31 -68.55
C LYS L 400 71.61 -91.35 -68.07
N ILE L 401 72.66 -91.58 -68.86
CA ILE L 401 73.63 -92.61 -68.50
C ILE L 401 74.56 -92.11 -67.39
N LYS L 402 74.66 -90.79 -67.20
CA LYS L 402 75.54 -90.29 -66.15
C LYS L 402 74.84 -90.26 -64.80
N GLN L 403 73.50 -90.21 -64.79
CA GLN L 403 72.77 -90.30 -63.53
C GLN L 403 72.48 -91.75 -63.15
N ALA L 404 72.53 -92.66 -64.13
CA ALA L 404 72.12 -94.05 -63.88
C ALA L 404 73.19 -94.84 -63.14
N ASP L 405 74.38 -94.27 -62.98
CA ASP L 405 75.49 -94.98 -62.36
C ASP L 405 75.38 -95.02 -60.83
N THR L 406 74.32 -94.44 -60.26
CA THR L 406 74.22 -94.39 -58.80
C THR L 406 73.74 -95.72 -58.21
N ASN L 407 73.00 -96.52 -58.99
CA ASN L 407 72.37 -97.70 -58.41
C ASN L 407 72.53 -98.97 -59.23
N THR L 408 72.41 -98.94 -60.55
CA THR L 408 72.20 -100.18 -61.27
C THR L 408 73.12 -100.23 -62.47
N LYS L 409 73.75 -101.38 -62.68
CA LYS L 409 74.49 -101.61 -63.92
C LYS L 409 73.57 -102.10 -65.02
N VAL L 410 72.44 -102.72 -64.67
CA VAL L 410 71.46 -103.16 -65.66
C VAL L 410 70.84 -101.96 -66.35
N GLU L 411 70.73 -100.85 -65.62
CA GLU L 411 70.26 -99.59 -66.18
C GLU L 411 71.24 -99.16 -67.26
N ASN L 412 72.55 -99.35 -66.99
CA ASN L 412 73.56 -99.03 -67.98
C ASN L 412 73.68 -100.10 -69.06
N VAL L 413 72.90 -101.16 -68.99
CA VAL L 413 72.90 -102.22 -70.00
C VAL L 413 71.59 -102.20 -70.79
N LEU L 414 70.47 -101.88 -70.13
CA LEU L 414 69.17 -101.84 -70.78
C LEU L 414 69.10 -100.74 -71.83
N SER L 415 69.82 -99.63 -71.59
CA SER L 415 69.78 -98.53 -72.54
C SER L 415 70.69 -98.77 -73.74
N ILE L 416 71.92 -99.21 -73.52
CA ILE L 416 72.93 -99.14 -74.58
C ILE L 416 72.81 -100.31 -75.54
N ASN L 417 72.10 -101.37 -75.16
CA ASN L 417 71.96 -102.54 -76.01
C ASN L 417 70.51 -102.81 -76.41
N ALA L 418 69.60 -102.89 -75.45
CA ALA L 418 68.23 -103.27 -75.78
C ALA L 418 67.40 -102.07 -76.21
N LEU L 419 67.45 -100.98 -75.46
CA LEU L 419 66.66 -99.80 -75.75
C LEU L 419 67.43 -98.84 -76.65
N ASN L 420 66.97 -97.58 -76.69
CA ASN L 420 67.12 -96.60 -77.76
C ASN L 420 68.56 -96.34 -78.22
N PHE L 421 69.57 -96.63 -77.39
CA PHE L 421 70.90 -96.12 -77.70
C PHE L 421 71.59 -96.95 -78.78
N SER L 422 71.31 -98.25 -78.84
CA SER L 422 71.86 -99.07 -79.91
C SER L 422 71.12 -98.85 -81.22
N ALA L 423 69.87 -98.40 -81.14
CA ALA L 423 69.07 -98.21 -82.34
C ALA L 423 69.36 -96.87 -83.03
N GLU L 424 69.78 -95.87 -82.26
CA GLU L 424 69.95 -94.53 -82.84
C GLU L 424 71.22 -94.42 -83.67
N PHE L 425 72.23 -95.24 -83.36
CA PHE L 425 73.48 -95.22 -84.13
C PHE L 425 73.35 -95.85 -85.50
N GLU L 426 72.28 -96.59 -85.77
CA GLU L 426 72.22 -97.39 -86.99
C GLU L 426 71.82 -96.56 -88.19
N LYS L 427 71.23 -95.37 -87.96
CA LYS L 427 70.62 -94.63 -89.06
C LYS L 427 71.66 -93.92 -89.92
N LEU L 428 72.84 -93.66 -89.37
CA LEU L 428 73.89 -93.10 -90.20
C LEU L 428 74.77 -94.21 -90.79
N LEU L 429 75.06 -95.24 -90.02
CA LEU L 429 75.81 -96.40 -90.48
C LEU L 429 75.13 -97.65 -89.93
N THR L 430 74.64 -98.50 -90.81
CA THR L 430 73.84 -99.65 -90.38
C THR L 430 74.71 -100.82 -89.94
N TYR L 431 75.70 -101.20 -90.77
CA TYR L 431 76.54 -102.35 -90.48
C TYR L 431 78.00 -102.01 -90.73
N ASP L 432 78.47 -100.89 -90.18
CA ASP L 432 79.85 -100.45 -90.40
C ASP L 432 80.85 -101.27 -89.61
N VAL L 433 80.39 -102.09 -88.66
CA VAL L 433 81.28 -102.84 -87.79
C VAL L 433 81.81 -104.13 -88.42
N ASN L 434 81.64 -104.33 -89.73
CA ASN L 434 82.10 -105.56 -90.36
C ASN L 434 83.62 -105.61 -90.47
N THR L 435 84.28 -104.45 -90.43
CA THR L 435 85.74 -104.39 -90.46
C THR L 435 86.20 -103.27 -89.56
N GLY L 436 87.51 -103.00 -89.61
CA GLY L 436 88.05 -101.86 -88.87
C GLY L 436 87.58 -100.54 -89.47
N LEU L 437 87.43 -100.50 -90.79
CA LEU L 437 86.89 -99.33 -91.48
C LEU L 437 85.40 -99.52 -91.75
N THR L 438 84.70 -98.41 -92.01
CA THR L 438 83.29 -98.47 -92.31
C THR L 438 83.05 -99.06 -93.70
N ALA L 439 82.55 -100.29 -93.73
CA ALA L 439 82.24 -100.97 -94.97
C ALA L 439 80.85 -101.57 -94.85
N SER L 440 80.43 -102.31 -95.89
CA SER L 440 79.09 -102.87 -96.05
C SER L 440 78.01 -101.79 -95.89
N VAL L 441 78.12 -100.72 -96.68
CA VAL L 441 77.31 -99.52 -96.51
C VAL L 441 75.88 -99.77 -96.99
N THR L 442 75.09 -100.41 -96.12
CA THR L 442 73.69 -100.66 -96.44
C THR L 442 72.85 -99.39 -96.33
N LEU L 443 73.14 -98.56 -95.33
CA LEU L 443 72.38 -97.33 -95.11
C LEU L 443 73.35 -96.18 -94.89
N ASP L 444 73.15 -95.10 -95.63
CA ASP L 444 74.07 -93.98 -95.54
C ASP L 444 73.28 -92.68 -95.77
N LEU L 445 73.19 -91.89 -94.71
CA LEU L 445 72.50 -90.61 -94.76
C LEU L 445 73.39 -89.49 -95.28
N PHE L 446 74.68 -89.72 -95.36
CA PHE L 446 75.64 -88.75 -95.88
C PHE L 446 76.02 -89.09 -97.31
N ALA L 447 77.00 -88.34 -97.83
CA ALA L 447 77.59 -88.47 -99.17
C ALA L 447 76.61 -88.18 -100.30
N ASN L 448 75.40 -87.71 -99.98
CA ASN L 448 74.50 -87.11 -100.96
C ASN L 448 74.52 -85.60 -100.89
N ILE L 449 75.37 -85.03 -100.03
CA ILE L 449 75.40 -83.59 -99.81
C ILE L 449 75.99 -82.88 -101.00
N GLY L 450 77.21 -83.25 -101.39
CA GLY L 450 77.92 -82.60 -102.48
C GLY L 450 77.29 -82.80 -103.84
N THR L 451 76.53 -83.88 -104.01
CA THR L 451 75.77 -84.07 -105.23
C THR L 451 74.61 -83.08 -105.30
N ARG L 452 73.94 -82.85 -104.16
CA ARG L 452 72.82 -81.92 -104.16
C ARG L 452 73.29 -80.47 -104.08
N LEU L 453 74.54 -80.24 -103.66
CA LEU L 453 75.01 -78.87 -103.53
C LEU L 453 75.39 -78.26 -104.88
N ASP L 454 76.16 -78.98 -105.70
CA ASP L 454 76.61 -78.40 -106.96
C ASP L 454 75.48 -78.33 -107.98
N ASP L 455 74.39 -79.07 -107.75
CA ASP L 455 73.16 -78.85 -108.50
C ASP L 455 72.58 -77.47 -108.21
N ILE L 456 72.66 -77.03 -106.94
CA ILE L 456 72.14 -75.72 -106.55
C ILE L 456 73.03 -74.62 -107.12
N ILE L 457 74.34 -74.87 -107.21
CA ILE L 457 75.29 -73.86 -107.71
C ILE L 457 75.02 -73.55 -109.18
N ALA L 458 74.62 -74.57 -109.95
CA ALA L 458 74.29 -74.35 -111.35
C ALA L 458 72.88 -73.80 -111.51
N ALA L 459 71.98 -74.16 -110.58
CA ALA L 459 70.59 -73.72 -110.70
C ALA L 459 70.43 -72.23 -110.41
N VAL L 460 71.18 -71.72 -109.43
CA VAL L 460 71.14 -70.29 -109.15
C VAL L 460 72.07 -69.53 -110.08
N SER L 461 72.85 -70.25 -110.89
CA SER L 461 73.71 -69.60 -111.88
C SER L 461 72.90 -69.07 -113.06
N ALA L 462 71.72 -69.65 -113.30
CA ALA L 462 70.85 -69.13 -114.35
C ALA L 462 70.11 -67.88 -113.90
N ALA L 463 70.06 -67.62 -112.60
CA ALA L 463 69.31 -66.49 -112.07
C ALA L 463 70.07 -65.18 -112.10
N GLU L 464 71.39 -65.20 -112.33
CA GLU L 464 72.14 -63.94 -112.34
C GLU L 464 71.96 -63.04 -113.57
N PRO L 465 71.63 -63.50 -114.78
CA PRO L 465 71.29 -62.51 -115.82
C PRO L 465 69.84 -62.05 -115.86
N ILE L 466 68.97 -62.52 -114.95
CA ILE L 466 67.56 -62.16 -115.01
C ILE L 466 67.15 -61.23 -113.87
N ASP L 467 68.06 -60.95 -112.94
CA ASP L 467 67.78 -60.04 -111.83
C ASP L 467 68.42 -58.68 -112.10
N VAL L 468 67.61 -57.62 -112.02
CA VAL L 468 68.06 -56.31 -112.47
C VAL L 468 67.87 -55.23 -111.42
N ASN L 469 67.19 -55.54 -110.30
CA ASN L 469 66.80 -54.48 -109.38
C ASN L 469 67.10 -54.75 -107.91
N ASN L 470 67.46 -55.98 -107.54
CA ASN L 470 67.52 -56.36 -106.12
C ASN L 470 68.94 -56.30 -105.59
N GLY L 471 69.11 -55.71 -104.42
CA GLY L 471 70.42 -55.49 -103.83
C GLY L 471 70.83 -56.56 -102.82
N LYS L 472 71.73 -56.16 -101.92
CA LYS L 472 72.43 -57.11 -101.05
C LYS L 472 71.53 -57.75 -100.01
N LEU L 473 70.64 -57.00 -99.38
CA LEU L 473 69.89 -57.48 -98.23
C LEU L 473 68.47 -57.89 -98.57
N ASN L 474 68.18 -58.16 -99.84
CA ASN L 474 66.83 -58.56 -100.23
C ASN L 474 66.56 -60.00 -99.81
N GLY L 475 65.46 -60.21 -99.08
CA GLY L 475 65.07 -61.53 -98.65
C GLY L 475 65.75 -62.02 -97.38
N ARG L 476 66.41 -61.14 -96.63
CA ARG L 476 67.14 -61.53 -95.44
C ARG L 476 66.34 -61.19 -94.18
N LEU L 477 66.58 -61.97 -93.13
CA LEU L 477 65.99 -61.67 -91.84
C LEU L 477 66.69 -60.48 -91.20
N LEU L 478 65.95 -59.76 -90.34
CA LEU L 478 66.49 -58.55 -89.74
C LEU L 478 67.57 -58.88 -88.70
N SER L 479 67.43 -60.02 -88.01
CA SER L 479 68.43 -60.40 -87.02
C SER L 479 69.74 -60.83 -87.69
N ASP L 480 69.67 -61.30 -88.94
CA ASP L 480 70.87 -61.80 -89.61
C ASP L 480 71.69 -60.71 -90.28
N ILE L 481 71.19 -59.47 -90.35
CA ILE L 481 71.98 -58.40 -90.97
C ILE L 481 72.79 -57.61 -89.95
N GLU L 482 72.63 -57.89 -88.66
CA GLU L 482 73.41 -57.17 -87.64
C GLU L 482 74.92 -57.43 -87.71
N PRO L 483 75.43 -58.65 -87.99
CA PRO L 483 76.88 -58.72 -88.27
C PRO L 483 77.26 -58.18 -89.65
N LEU L 484 76.32 -58.17 -90.60
CA LEU L 484 76.66 -57.78 -91.97
C LEU L 484 76.79 -56.27 -92.09
N ASP L 485 75.75 -55.53 -91.70
CA ASP L 485 75.78 -54.06 -91.75
C ASP L 485 75.11 -53.58 -90.46
N ASN L 486 75.94 -53.15 -89.50
CA ASN L 486 75.43 -52.78 -88.18
C ASN L 486 74.73 -51.42 -88.20
N ALA L 487 75.17 -50.52 -89.09
CA ALA L 487 74.58 -49.18 -89.12
C ALA L 487 73.20 -49.18 -89.76
N THR L 488 72.97 -50.08 -90.70
CA THR L 488 71.64 -50.20 -91.33
C THR L 488 70.65 -50.84 -90.35
N TYR L 489 71.12 -51.82 -89.58
CA TYR L 489 70.27 -52.53 -88.62
C TYR L 489 69.78 -51.60 -87.52
N ASN L 490 70.63 -50.67 -87.08
CA ASN L 490 70.22 -49.75 -86.01
C ASN L 490 69.26 -48.69 -86.53
N THR L 491 69.33 -48.38 -87.83
CA THR L 491 68.45 -47.36 -88.39
C THR L 491 67.04 -47.91 -88.59
N ILE L 492 66.93 -49.20 -88.91
CA ILE L 492 65.62 -49.84 -89.07
C ILE L 492 64.91 -49.95 -87.73
N LEU L 493 65.67 -50.13 -86.64
CA LEU L 493 65.09 -50.27 -85.31
C LEU L 493 64.44 -48.98 -84.83
N LEU L 494 64.98 -47.82 -85.24
CA LEU L 494 64.36 -46.54 -84.87
C LEU L 494 63.05 -46.32 -85.61
N GLU L 495 62.96 -46.75 -86.86
CA GLU L 495 61.75 -46.53 -87.64
C GLU L 495 60.62 -47.45 -87.17
N ILE L 496 60.96 -48.63 -86.64
CA ILE L 496 59.95 -49.53 -86.13
C ILE L 496 59.36 -49.00 -84.83
N ASN L 497 60.22 -48.45 -83.95
CA ASN L 497 59.79 -47.96 -82.64
C ASN L 497 59.07 -46.62 -82.70
N SER L 498 58.88 -46.02 -83.88
CA SER L 498 58.18 -44.74 -83.95
C SER L 498 56.67 -44.91 -83.96
N HIS L 499 56.15 -46.13 -84.05
CA HIS L 499 54.72 -46.40 -84.03
C HIS L 499 54.27 -46.75 -82.62
N LYS L 500 53.17 -46.15 -82.17
CA LYS L 500 52.71 -46.30 -80.80
C LYS L 500 51.38 -47.03 -80.74
N VAL L 501 51.03 -47.48 -79.53
CA VAL L 501 49.81 -48.24 -79.31
C VAL L 501 48.68 -47.29 -78.90
N THR L 502 47.49 -47.51 -79.43
CA THR L 502 46.28 -46.83 -78.99
C THR L 502 45.41 -47.82 -78.22
N LEU L 503 44.95 -47.42 -77.04
CA LEU L 503 44.16 -48.27 -76.15
C LEU L 503 42.83 -47.63 -75.81
N PRO L 504 41.82 -48.43 -75.49
CA PRO L 504 40.65 -47.90 -74.82
C PRO L 504 40.99 -47.46 -73.41
N PRO L 505 40.30 -46.46 -72.87
CA PRO L 505 40.76 -45.79 -71.65
C PRO L 505 40.35 -46.44 -70.33
N SER L 506 39.79 -47.65 -70.31
CA SER L 506 39.17 -48.14 -69.07
C SER L 506 40.18 -48.63 -68.05
N SER L 507 41.36 -49.09 -68.50
CA SER L 507 42.35 -49.58 -67.54
C SER L 507 43.18 -48.45 -66.93
N SER L 508 43.34 -47.33 -67.64
CA SER L 508 43.96 -46.17 -67.03
C SER L 508 43.04 -45.51 -66.01
N MET L 509 41.73 -45.61 -66.23
CA MET L 509 40.76 -45.07 -65.27
C MET L 509 40.76 -45.87 -63.98
N ALA L 510 40.96 -47.19 -64.06
CA ALA L 510 40.99 -48.02 -62.86
C ALA L 510 42.21 -47.70 -61.98
N GLY L 511 43.34 -47.37 -62.60
CA GLY L 511 44.50 -46.96 -61.83
C GLY L 511 44.28 -45.62 -61.16
N ALA L 512 43.56 -44.71 -61.82
CA ALA L 512 43.27 -43.41 -61.25
C ALA L 512 42.22 -43.49 -60.15
N TYR L 513 41.34 -44.50 -60.20
CA TYR L 513 40.40 -44.72 -59.10
C TYR L 513 41.13 -45.10 -57.82
N ALA L 514 42.19 -45.91 -57.94
CA ALA L 514 42.91 -46.36 -56.76
C ALA L 514 43.86 -45.29 -56.23
N ARG L 515 44.33 -44.40 -57.11
CA ARG L 515 45.22 -43.33 -56.69
C ARG L 515 44.49 -42.26 -55.90
N VAL L 516 43.25 -41.94 -56.30
CA VAL L 516 42.50 -40.87 -55.64
C VAL L 516 41.91 -41.35 -54.32
N ASP L 517 41.50 -42.62 -54.26
CA ASP L 517 40.93 -43.17 -53.03
C ASP L 517 41.98 -43.28 -51.93
N ASN L 518 43.24 -43.50 -52.31
CA ASN L 518 44.31 -43.55 -51.33
C ASN L 518 44.71 -42.16 -50.87
N ASP L 519 44.61 -41.17 -51.76
CA ASP L 519 45.05 -39.82 -51.43
C ASP L 519 43.98 -39.04 -50.67
N ARG L 520 42.72 -39.11 -51.12
CA ARG L 520 41.69 -38.22 -50.63
C ARG L 520 40.43 -38.93 -50.15
N GLY L 521 40.33 -40.24 -50.35
CA GLY L 521 39.16 -40.98 -49.93
C GLY L 521 38.25 -41.36 -51.09
N VAL L 522 37.26 -42.20 -50.77
CA VAL L 522 36.35 -42.73 -51.79
C VAL L 522 35.20 -41.77 -52.08
N TRP L 523 34.97 -40.77 -51.24
CA TRP L 523 33.92 -39.78 -51.46
C TRP L 523 34.37 -38.61 -52.34
N LYS L 524 35.59 -38.65 -52.87
CA LYS L 524 36.10 -37.62 -53.75
C LYS L 524 35.92 -38.04 -55.20
N SER L 525 35.36 -37.14 -56.02
CA SER L 525 35.08 -37.45 -57.41
C SER L 525 36.38 -37.64 -58.20
N PRO L 526 36.47 -38.67 -59.04
CA PRO L 526 37.69 -38.88 -59.87
C PRO L 526 37.67 -38.08 -61.16
N ALA L 527 37.64 -36.76 -61.03
CA ALA L 527 37.71 -35.85 -62.17
C ALA L 527 38.59 -34.68 -61.78
N ASN L 528 38.92 -33.85 -62.78
CA ASN L 528 39.93 -32.79 -62.70
C ASN L 528 41.28 -33.36 -62.27
N ILE L 529 41.71 -34.40 -62.97
CA ILE L 529 42.93 -35.15 -62.67
C ILE L 529 43.61 -35.53 -63.99
N GLY L 530 44.88 -35.89 -63.91
CA GLY L 530 45.67 -36.21 -65.08
C GLY L 530 45.93 -37.70 -65.25
N LEU L 531 46.33 -38.09 -66.47
CA LEU L 531 46.66 -39.46 -66.80
C LEU L 531 48.13 -39.57 -67.21
N ASN L 532 48.83 -40.56 -66.66
CA ASN L 532 50.24 -40.80 -67.00
C ASN L 532 50.35 -41.71 -68.21
N TYR L 533 51.51 -41.62 -68.89
CA TYR L 533 51.87 -42.39 -70.10
C TYR L 533 50.99 -42.08 -71.30
N VAL L 534 50.32 -40.93 -71.31
CA VAL L 534 49.36 -40.59 -72.37
C VAL L 534 49.86 -39.33 -73.07
N SER L 535 49.94 -39.38 -74.39
CA SER L 535 50.39 -38.20 -75.15
C SER L 535 49.23 -37.27 -75.49
N LYS L 536 48.11 -37.81 -75.95
CA LYS L 536 46.94 -37.02 -76.33
C LYS L 536 45.73 -37.94 -76.39
N PRO L 537 44.51 -37.38 -76.36
CA PRO L 537 43.34 -38.15 -76.79
C PRO L 537 43.37 -38.41 -78.29
N SER L 538 42.65 -39.43 -78.72
CA SER L 538 42.62 -39.78 -80.14
C SER L 538 41.70 -38.88 -80.95
N VAL L 539 40.66 -38.33 -80.32
CA VAL L 539 39.71 -37.45 -80.96
C VAL L 539 39.67 -36.16 -80.14
N THR L 540 39.52 -35.02 -80.81
CA THR L 540 39.35 -33.74 -80.14
C THR L 540 37.87 -33.53 -79.84
N VAL L 541 37.56 -33.19 -78.59
CA VAL L 541 36.21 -32.88 -78.14
C VAL L 541 36.22 -31.45 -77.64
N SER L 542 35.39 -30.60 -78.24
CA SER L 542 35.35 -29.19 -77.88
C SER L 542 34.40 -28.94 -76.71
N HIS L 543 34.26 -27.66 -76.36
CA HIS L 543 33.35 -27.26 -75.30
C HIS L 543 31.90 -27.51 -75.70
N GLU L 544 31.57 -27.21 -76.96
CA GLU L 544 30.18 -27.23 -77.42
C GLU L 544 29.63 -28.63 -77.62
N GLU L 545 30.45 -29.62 -77.95
CA GLU L 545 29.95 -30.98 -78.15
C GLU L 545 30.04 -31.85 -76.91
N GLN L 546 30.58 -31.34 -75.79
CA GLN L 546 30.49 -32.08 -74.54
C GLN L 546 29.16 -31.84 -73.82
N GLU L 547 28.36 -30.87 -74.27
CA GLU L 547 27.11 -30.54 -73.59
C GLU L 547 26.08 -31.66 -73.72
N SER L 548 25.97 -32.27 -74.91
CA SER L 548 25.05 -33.39 -75.06
C SER L 548 25.67 -34.70 -74.56
N MET L 549 26.97 -34.70 -74.26
CA MET L 549 27.58 -35.85 -73.57
C MET L 549 27.24 -35.83 -72.08
N ASN L 550 27.31 -34.67 -71.43
CA ASN L 550 27.17 -34.61 -69.98
C ASN L 550 25.70 -34.64 -69.56
N VAL L 551 24.84 -33.90 -70.27
CA VAL L 551 23.43 -33.78 -69.93
C VAL L 551 22.60 -34.17 -71.15
N HIS L 552 21.67 -35.09 -70.96
CA HIS L 552 20.90 -35.66 -72.07
C HIS L 552 19.52 -36.05 -71.58
N GLY L 553 18.59 -36.18 -72.54
CA GLY L 553 17.21 -36.50 -72.19
C GLY L 553 17.01 -37.94 -71.77
N THR L 554 17.87 -38.84 -72.22
CA THR L 554 17.81 -40.23 -71.76
C THR L 554 18.40 -40.36 -70.35
N GLY L 555 19.26 -39.43 -69.96
CA GLY L 555 20.01 -39.55 -68.73
C GLY L 555 21.28 -40.35 -68.81
N LYS L 556 21.63 -40.87 -69.99
CA LYS L 556 22.84 -41.70 -70.15
C LYS L 556 24.04 -40.81 -70.49
N SER L 557 24.80 -40.49 -69.45
CA SER L 557 25.92 -39.56 -69.57
C SER L 557 27.22 -40.27 -69.93
N VAL L 558 28.05 -39.59 -70.71
CA VAL L 558 29.37 -40.09 -71.11
C VAL L 558 30.42 -39.09 -70.68
N ASN L 559 31.45 -39.56 -69.97
CA ASN L 559 32.51 -38.71 -69.49
C ASN L 559 33.60 -38.53 -70.54
N ALA L 560 34.08 -37.29 -70.69
CA ALA L 560 34.97 -36.90 -71.77
C ALA L 560 36.41 -36.72 -71.28
N ILE L 561 37.35 -37.17 -72.10
CA ILE L 561 38.79 -36.92 -71.89
C ILE L 561 39.21 -35.78 -72.82
N ARG L 562 39.72 -34.70 -72.26
CA ARG L 562 39.96 -33.48 -73.02
C ARG L 562 41.36 -32.92 -72.74
N SER L 563 41.76 -31.96 -73.58
CA SER L 563 43.03 -31.25 -73.45
C SER L 563 42.76 -29.76 -73.23
N PHE L 564 43.58 -29.13 -72.40
CA PHE L 564 43.46 -27.72 -72.08
C PHE L 564 44.85 -27.08 -72.15
N VAL L 565 44.90 -25.85 -72.65
CA VAL L 565 46.18 -25.15 -72.83
C VAL L 565 46.76 -24.81 -71.47
N GLY L 566 48.00 -25.24 -71.23
CA GLY L 566 48.67 -25.02 -69.97
C GLY L 566 48.45 -26.09 -68.92
N LYS L 567 47.64 -27.11 -69.22
CA LYS L 567 47.23 -28.09 -68.23
C LYS L 567 47.38 -29.54 -68.67
N GLY L 568 47.45 -29.81 -69.97
CA GLY L 568 47.58 -31.16 -70.46
C GLY L 568 46.25 -31.89 -70.60
N THR L 569 46.35 -33.22 -70.68
CA THR L 569 45.19 -34.08 -70.86
C THR L 569 44.59 -34.43 -69.51
N LEU L 570 43.28 -34.20 -69.36
CA LEU L 570 42.59 -34.41 -68.10
C LEU L 570 41.33 -35.24 -68.28
N VAL L 571 40.86 -35.83 -67.19
CA VAL L 571 39.52 -36.41 -67.11
C VAL L 571 38.56 -35.30 -66.71
N TRP L 572 37.53 -35.08 -67.52
CA TRP L 572 36.57 -34.00 -67.31
C TRP L 572 35.16 -34.56 -67.37
N GLY L 573 34.68 -35.10 -66.27
CA GLY L 573 33.37 -35.72 -66.12
C GLY L 573 33.37 -36.80 -65.05
N ALA L 574 32.34 -36.80 -64.22
CA ALA L 574 32.25 -37.74 -63.10
C ALA L 574 30.82 -38.23 -62.87
N ARG L 575 30.12 -38.62 -63.92
CA ARG L 575 28.74 -39.09 -63.79
C ARG L 575 28.61 -40.59 -64.07
N THR L 576 27.56 -41.19 -63.53
CA THR L 576 27.16 -42.55 -63.90
C THR L 576 26.16 -42.50 -65.06
N LEU L 577 25.67 -43.67 -65.46
CA LEU L 577 24.70 -43.80 -66.54
C LEU L 577 23.25 -43.59 -66.09
N ALA L 578 23.06 -43.13 -64.85
CA ALA L 578 21.75 -42.70 -64.33
C ALA L 578 21.85 -41.21 -64.01
N GLY L 579 22.33 -40.44 -64.99
CA GLY L 579 22.75 -39.05 -64.86
C GLY L 579 21.67 -38.03 -64.59
N ASN L 580 20.38 -38.38 -64.59
CA ASN L 580 19.32 -37.47 -64.17
C ASN L 580 18.71 -37.87 -62.82
N ASP L 581 19.36 -38.74 -62.06
CA ASP L 581 18.86 -39.21 -60.77
C ASP L 581 19.42 -38.33 -59.66
N ASN L 582 18.54 -37.86 -58.77
CA ASN L 582 19.01 -36.98 -57.70
C ASN L 582 19.73 -37.75 -56.59
N GLU L 583 19.58 -39.08 -56.56
CA GLU L 583 20.29 -39.87 -55.56
C GLU L 583 21.56 -40.49 -56.13
N TRP L 584 21.57 -40.85 -57.41
CA TRP L 584 22.60 -41.73 -57.92
C TRP L 584 23.33 -41.22 -59.17
N ARG L 585 23.49 -39.91 -59.35
CA ARG L 585 24.11 -39.44 -60.59
C ARG L 585 25.62 -39.32 -60.50
N TYR L 586 26.19 -39.31 -59.31
CA TYR L 586 27.63 -39.13 -59.15
C TYR L 586 28.29 -40.45 -58.78
N ILE L 587 29.48 -40.66 -59.35
CA ILE L 587 30.24 -41.90 -59.15
C ILE L 587 30.65 -42.05 -57.69
N SER L 588 31.04 -40.96 -57.04
CA SER L 588 31.61 -41.03 -55.70
C SER L 588 30.54 -41.30 -54.64
N VAL L 589 29.30 -40.87 -54.90
CA VAL L 589 28.19 -41.15 -53.99
C VAL L 589 27.86 -42.65 -54.02
N ARG L 590 27.77 -43.22 -55.22
CA ARG L 590 27.46 -44.64 -55.39
C ARG L 590 28.55 -45.54 -54.80
N ARG L 591 29.82 -45.15 -54.93
CA ARG L 591 30.89 -46.01 -54.45
C ARG L 591 31.09 -45.87 -52.94
N PHE L 592 30.65 -44.76 -52.34
CA PHE L 592 30.67 -44.64 -50.89
C PHE L 592 29.56 -45.48 -50.25
N PHE L 593 28.39 -45.54 -50.90
CA PHE L 593 27.31 -46.42 -50.43
C PHE L 593 27.69 -47.89 -50.55
N ASN L 594 28.48 -48.24 -51.56
CA ASN L 594 28.94 -49.63 -51.69
C ASN L 594 29.91 -50.00 -50.58
N MET L 595 30.72 -49.05 -50.13
CA MET L 595 31.66 -49.34 -49.04
C MET L 595 30.94 -49.45 -47.70
N ALA L 596 30.07 -48.49 -47.40
CA ALA L 596 29.47 -48.39 -46.08
C ALA L 596 28.47 -49.52 -45.82
N GLU L 597 27.76 -49.98 -46.86
CA GLU L 597 26.75 -51.02 -46.67
C GLU L 597 27.40 -52.39 -46.46
N GLU L 598 28.53 -52.65 -47.13
CA GLU L 598 29.18 -53.94 -46.98
C GLU L 598 29.90 -54.06 -45.63
N SER L 599 30.47 -52.96 -45.15
CA SER L 599 31.17 -52.98 -43.86
C SER L 599 30.20 -53.19 -42.71
N ILE L 600 29.00 -52.62 -42.80
CA ILE L 600 28.00 -52.78 -41.75
C ILE L 600 27.39 -54.19 -41.81
N LYS L 601 27.24 -54.74 -43.01
CA LYS L 601 26.64 -56.06 -43.17
C LYS L 601 27.54 -57.16 -42.60
N LYS L 602 28.85 -57.05 -42.78
CA LYS L 602 29.76 -58.05 -42.24
C LYS L 602 29.85 -57.98 -40.71
N ALA L 603 29.71 -56.78 -40.15
CA ALA L 603 29.80 -56.64 -38.69
C ALA L 603 28.51 -57.13 -38.00
N THR L 604 27.43 -57.33 -38.74
CA THR L 604 26.12 -57.66 -38.20
C THR L 604 25.86 -59.17 -38.10
N GLU L 605 26.69 -60.03 -38.73
CA GLU L 605 26.41 -61.47 -38.67
C GLU L 605 26.69 -62.09 -37.32
N GLN L 606 27.32 -61.36 -36.39
CA GLN L 606 27.48 -61.88 -35.04
C GLN L 606 26.20 -61.78 -34.21
N PHE L 607 25.15 -61.18 -34.75
CA PHE L 607 23.90 -60.93 -34.05
C PHE L 607 22.72 -61.76 -34.54
N VAL L 608 22.95 -62.79 -35.36
CA VAL L 608 21.86 -63.41 -36.13
C VAL L 608 20.87 -64.18 -35.25
N PHE L 609 21.35 -65.05 -34.38
CA PHE L 609 20.45 -65.81 -33.51
C PHE L 609 20.45 -65.30 -32.07
N GLU L 610 20.76 -64.01 -31.88
CA GLU L 610 20.78 -63.37 -30.57
C GLU L 610 19.34 -63.12 -30.08
N PRO L 611 19.15 -62.87 -28.78
CA PRO L 611 17.83 -62.45 -28.29
C PRO L 611 17.40 -61.11 -28.87
N ASN L 612 16.16 -61.07 -29.38
CA ASN L 612 15.63 -59.89 -30.06
C ASN L 612 14.87 -59.03 -29.06
N ASP L 613 15.63 -58.40 -28.14
CA ASP L 613 15.05 -57.62 -27.05
C ASP L 613 15.80 -56.30 -26.91
N GLY L 614 15.48 -55.57 -25.84
CA GLY L 614 15.97 -54.20 -25.69
C GLY L 614 17.46 -54.12 -25.39
N ASN L 615 18.03 -55.19 -24.86
CA ASN L 615 19.48 -55.21 -24.59
C ASN L 615 20.28 -55.30 -25.89
N THR L 616 19.76 -56.03 -26.87
CA THR L 616 20.42 -56.14 -28.17
C THR L 616 20.29 -54.85 -28.98
N TRP L 617 19.13 -54.19 -28.90
CA TRP L 617 18.86 -53.03 -29.74
C TRP L 617 19.70 -51.82 -29.33
N VAL L 618 20.12 -51.76 -28.07
CA VAL L 618 20.97 -50.67 -27.61
C VAL L 618 22.39 -50.84 -28.15
N ARG L 619 22.89 -52.08 -28.18
CA ARG L 619 24.26 -52.30 -28.63
C ARG L 619 24.37 -52.29 -30.16
N VAL L 620 23.29 -52.66 -30.86
CA VAL L 620 23.30 -52.60 -32.32
C VAL L 620 23.31 -51.15 -32.79
N ARG L 621 22.53 -50.30 -32.13
CA ARG L 621 22.47 -48.88 -32.49
C ARG L 621 23.80 -48.18 -32.24
N ALA L 622 24.49 -48.53 -31.15
CA ALA L 622 25.72 -47.84 -30.80
C ALA L 622 26.89 -48.29 -31.67
N MET L 623 26.85 -49.52 -32.19
CA MET L 623 27.89 -49.98 -33.11
C MET L 623 27.84 -49.23 -34.44
N ILE L 624 26.63 -49.00 -34.96
CA ILE L 624 26.48 -48.32 -36.24
C ILE L 624 26.74 -46.82 -36.07
N GLU L 625 26.38 -46.25 -34.92
CA GLU L 625 26.55 -44.82 -34.69
C GLU L 625 28.02 -44.45 -34.50
N ASN L 626 28.81 -45.34 -33.90
CA ASN L 626 30.22 -45.06 -33.71
C ASN L 626 30.97 -45.10 -35.04
N PHE L 627 30.51 -45.92 -35.98
CA PHE L 627 31.15 -46.01 -37.28
C PHE L 627 30.86 -44.77 -38.13
N LEU L 628 29.62 -44.26 -38.07
CA LEU L 628 29.24 -43.13 -38.92
C LEU L 628 29.78 -41.81 -38.39
N ILE L 629 30.13 -41.76 -37.09
CA ILE L 629 30.73 -40.57 -36.49
C ILE L 629 32.15 -40.36 -37.02
N LEU L 630 32.86 -41.46 -37.28
CA LEU L 630 34.18 -41.36 -37.90
C LEU L 630 34.10 -40.89 -39.35
N GLN L 631 33.03 -41.25 -40.06
CA GLN L 631 32.88 -40.82 -41.45
C GLN L 631 32.54 -39.34 -41.54
N TRP L 632 31.78 -38.84 -40.57
CA TRP L 632 31.47 -37.41 -40.50
C TRP L 632 32.72 -36.58 -40.19
N ARG L 633 33.61 -37.11 -39.36
CA ARG L 633 34.79 -36.32 -38.97
C ARG L 633 35.83 -36.30 -40.08
N ALA L 634 35.86 -37.33 -40.93
CA ALA L 634 36.77 -37.35 -42.06
C ALA L 634 36.30 -36.50 -43.23
N GLY L 635 35.06 -36.03 -43.23
CA GLY L 635 34.55 -35.18 -44.28
C GLY L 635 33.64 -35.82 -45.30
N ALA L 636 33.21 -37.08 -45.09
CA ALA L 636 32.35 -37.74 -46.07
C ALA L 636 30.88 -37.35 -45.89
N LEU L 637 30.51 -36.91 -44.69
CA LEU L 637 29.14 -36.50 -44.41
C LEU L 637 29.12 -35.02 -44.07
N ALA L 638 28.18 -34.30 -44.66
CA ALA L 638 28.06 -32.85 -44.50
C ALA L 638 27.16 -32.54 -43.30
N GLY L 639 27.62 -31.65 -42.44
CA GLY L 639 26.82 -31.23 -41.30
C GLY L 639 27.66 -30.48 -40.29
N ALA L 640 27.01 -29.55 -39.61
CA ALA L 640 27.68 -28.81 -38.54
C ALA L 640 27.71 -29.60 -37.24
N LYS L 641 26.80 -30.55 -37.10
CA LYS L 641 26.69 -31.35 -35.89
C LYS L 641 26.28 -32.77 -36.31
N PRO L 642 26.51 -33.81 -35.47
CA PRO L 642 26.26 -35.19 -35.94
C PRO L 642 24.82 -35.54 -36.25
N GLU L 643 23.84 -34.88 -35.63
CA GLU L 643 22.45 -35.23 -35.91
C GLU L 643 21.94 -34.59 -37.19
N HIS L 644 22.73 -33.70 -37.79
CA HIS L 644 22.41 -33.20 -39.12
C HIS L 644 22.91 -34.15 -40.20
N ALA L 645 23.83 -35.06 -39.84
CA ALA L 645 24.49 -35.86 -40.85
C ALA L 645 23.84 -37.24 -41.01
N PHE L 646 23.31 -37.83 -39.95
CA PHE L 646 22.75 -39.17 -40.04
C PHE L 646 21.69 -39.38 -38.96
N TYR L 647 21.01 -40.53 -39.04
CA TYR L 647 20.16 -41.04 -37.98
C TYR L 647 20.14 -42.56 -38.03
N VAL L 648 19.88 -43.19 -36.87
CA VAL L 648 19.76 -44.65 -36.75
C VAL L 648 18.56 -44.94 -35.85
N LYS L 649 17.65 -45.81 -36.31
CA LYS L 649 16.46 -46.19 -35.56
C LYS L 649 16.30 -47.70 -35.55
N VAL L 650 16.09 -48.27 -34.36
CA VAL L 650 15.77 -49.70 -34.21
C VAL L 650 15.03 -49.89 -32.88
N GLY L 651 13.96 -50.67 -32.90
CA GLY L 651 13.26 -51.00 -31.66
C GLY L 651 11.79 -51.31 -31.90
N LEU L 652 11.18 -51.84 -30.84
CA LEU L 652 9.74 -52.11 -30.83
C LEU L 652 8.97 -50.80 -30.62
N GLY L 653 7.99 -50.56 -31.49
CA GLY L 653 7.30 -49.29 -31.51
C GLY L 653 7.99 -48.20 -32.30
N GLN L 654 9.17 -48.47 -32.86
CA GLN L 654 9.87 -47.54 -33.74
C GLN L 654 10.02 -48.09 -35.14
N THR L 655 10.53 -49.31 -35.28
CA THR L 655 10.66 -49.96 -36.58
C THR L 655 9.94 -51.30 -36.65
N MET L 656 9.40 -51.82 -35.55
CA MET L 656 8.92 -53.19 -35.47
C MET L 656 7.58 -53.26 -34.74
N THR L 657 6.79 -54.27 -35.06
CA THR L 657 5.58 -54.61 -34.31
C THR L 657 5.82 -55.87 -33.49
N ALA L 658 4.84 -56.21 -32.64
CA ALA L 658 4.95 -57.42 -31.82
C ALA L 658 4.77 -58.67 -32.69
N GLN L 659 4.00 -58.57 -33.76
CA GLN L 659 3.90 -59.66 -34.72
C GLN L 659 5.22 -59.89 -35.45
N ASP L 660 6.02 -58.82 -35.62
CA ASP L 660 7.34 -58.96 -36.24
C ASP L 660 8.30 -59.75 -35.35
N ILE L 661 8.17 -59.61 -34.03
CA ILE L 661 9.06 -60.30 -33.10
C ILE L 661 8.81 -61.80 -33.12
N LEU L 662 7.54 -62.21 -33.20
CA LEU L 662 7.21 -63.64 -33.24
C LEU L 662 7.70 -64.31 -34.52
N GLU L 663 7.76 -63.57 -35.62
CA GLU L 663 8.29 -64.12 -36.87
C GLU L 663 9.80 -64.15 -36.92
N GLY L 664 10.49 -63.45 -36.03
CA GLY L 664 11.94 -63.43 -36.04
C GLY L 664 12.58 -62.32 -36.85
N ASN L 665 11.93 -61.16 -36.98
CA ASN L 665 12.42 -60.05 -37.77
C ASN L 665 12.95 -58.94 -36.86
N MET L 666 14.07 -58.35 -37.26
CA MET L 666 14.61 -57.14 -36.64
C MET L 666 14.93 -56.13 -37.75
N ASN L 667 14.34 -54.94 -37.66
CA ASN L 667 14.45 -53.90 -38.69
C ASN L 667 15.31 -52.75 -38.18
N VAL L 668 16.31 -52.36 -38.97
CA VAL L 668 17.16 -51.21 -38.69
C VAL L 668 17.08 -50.23 -39.85
N GLU L 669 16.87 -48.94 -39.54
CA GLU L 669 16.72 -47.89 -40.54
C GLU L 669 17.83 -46.87 -40.41
N ILE L 670 18.48 -46.54 -41.52
CA ILE L 670 19.68 -45.71 -41.56
C ILE L 670 19.53 -44.67 -42.67
N GLY L 671 19.64 -43.38 -42.32
CA GLY L 671 19.62 -42.31 -43.31
C GLY L 671 20.89 -41.48 -43.36
N LEU L 672 21.37 -41.14 -44.55
CA LEU L 672 22.69 -40.52 -44.71
C LEU L 672 22.61 -39.24 -45.53
N ALA L 673 23.54 -38.32 -45.29
CA ALA L 673 23.68 -37.07 -46.03
C ALA L 673 25.12 -36.96 -46.54
N VAL L 674 25.33 -37.42 -47.77
CA VAL L 674 26.67 -37.57 -48.35
C VAL L 674 27.02 -36.32 -49.15
N VAL L 675 28.29 -35.90 -49.11
CA VAL L 675 28.73 -34.68 -49.77
C VAL L 675 28.78 -34.84 -51.29
N ARG L 676 28.28 -33.83 -51.99
CA ARG L 676 28.22 -33.79 -53.45
C ARG L 676 29.35 -32.93 -54.01
N PRO L 677 29.78 -33.18 -55.25
CA PRO L 677 30.80 -32.31 -55.85
C PRO L 677 30.23 -30.98 -56.34
N ALA L 678 31.15 -30.04 -56.57
CA ALA L 678 30.81 -28.72 -57.10
C ALA L 678 31.16 -28.69 -58.59
N GLU L 679 30.13 -28.98 -59.40
CA GLU L 679 30.34 -29.21 -60.83
C GLU L 679 30.29 -27.91 -61.64
N PHE L 680 29.40 -26.99 -61.27
CA PHE L 680 29.27 -25.70 -61.95
C PHE L 680 29.44 -24.59 -60.93
N ILE L 681 30.36 -23.66 -61.20
CA ILE L 681 30.64 -22.53 -60.32
C ILE L 681 30.25 -21.25 -61.07
N ILE L 682 29.33 -20.48 -60.51
CA ILE L 682 28.71 -19.34 -61.17
C ILE L 682 29.07 -18.08 -60.40
N LEU L 683 29.85 -17.20 -61.02
CA LEU L 683 30.26 -15.93 -60.43
C LEU L 683 29.32 -14.81 -60.90
N LYS L 684 28.71 -14.11 -59.94
CA LYS L 684 27.73 -13.06 -60.23
C LYS L 684 28.26 -11.70 -59.79
N PHE L 685 28.54 -10.83 -60.76
CA PHE L 685 29.15 -9.52 -60.52
C PHE L 685 28.11 -8.42 -60.64
N SER L 686 28.24 -7.39 -59.79
CA SER L 686 27.32 -6.27 -59.78
C SER L 686 28.00 -5.04 -59.17
N HIS L 687 27.44 -3.87 -59.50
CA HIS L 687 27.88 -2.59 -58.95
C HIS L 687 27.19 -2.32 -57.63
N LYS L 688 27.91 -1.71 -56.69
CA LYS L 688 27.30 -1.22 -55.46
C LYS L 688 27.54 0.28 -55.32
N MET L 689 26.63 0.95 -54.62
CA MET L 689 26.69 2.40 -54.49
C MET L 689 27.82 2.84 -53.56
N GLN L 690 28.42 3.97 -53.89
CA GLN L 690 29.54 4.53 -53.13
C GLN L 690 29.09 5.07 -51.78
N ALA M 2 11.71 -58.88 -50.78
CA ALA M 2 10.77 -58.55 -49.71
C ALA M 2 10.40 -59.79 -48.90
N THR M 3 10.75 -60.97 -49.42
CA THR M 3 10.48 -62.24 -48.76
C THR M 3 11.80 -62.91 -48.43
N TYR M 4 11.96 -63.32 -47.17
CA TYR M 4 13.21 -63.92 -46.70
C TYR M 4 12.92 -65.26 -46.03
N LYS M 5 13.61 -66.30 -46.49
CA LYS M 5 13.46 -67.64 -45.98
C LYS M 5 14.72 -68.21 -45.34
N THR M 6 15.90 -67.90 -45.87
CA THR M 6 17.10 -68.37 -45.22
C THR M 6 17.65 -67.31 -44.26
N PRO M 7 18.18 -67.74 -43.10
CA PRO M 7 18.64 -66.79 -42.09
C PRO M 7 19.89 -66.00 -42.52
N GLY M 8 19.95 -64.75 -42.10
CA GLY M 8 21.11 -63.91 -42.33
C GLY M 8 20.76 -62.43 -42.26
N VAL M 9 21.60 -61.63 -42.89
CA VAL M 9 21.47 -60.18 -42.96
C VAL M 9 21.16 -59.81 -44.41
N TYR M 10 20.28 -58.83 -44.60
CA TYR M 10 19.88 -58.39 -45.93
C TYR M 10 19.94 -56.87 -46.01
N ILE M 11 20.06 -56.35 -47.23
CA ILE M 11 20.23 -54.93 -47.51
C ILE M 11 19.12 -54.48 -48.45
N GLU M 12 18.41 -53.42 -48.06
CA GLU M 12 17.34 -52.82 -48.86
C GLU M 12 17.65 -51.34 -49.07
N GLU M 13 17.35 -50.83 -50.27
CA GLU M 13 17.46 -49.41 -50.58
C GLU M 13 16.07 -48.84 -50.85
N ILE M 14 15.77 -47.68 -50.26
CA ILE M 14 14.49 -47.03 -50.36
C ILE M 14 14.66 -45.73 -51.12
N THR M 15 13.80 -45.49 -52.12
CA THR M 15 13.86 -44.33 -52.99
C THR M 15 13.00 -43.20 -52.45
N LYS M 16 13.61 -42.03 -52.22
CA LYS M 16 12.90 -40.89 -51.66
C LYS M 16 12.96 -39.65 -52.54
N PHE M 17 14.13 -39.33 -53.12
CA PHE M 17 14.27 -38.08 -53.85
C PHE M 17 13.61 -38.19 -55.23
N PRO M 18 12.99 -37.12 -55.72
CA PRO M 18 12.50 -37.13 -57.11
C PRO M 18 13.65 -36.96 -58.10
N PRO M 19 13.46 -37.40 -59.35
CA PRO M 19 14.45 -37.08 -60.39
C PRO M 19 14.30 -35.64 -60.85
N SER M 20 15.21 -35.22 -61.74
CA SER M 20 15.22 -33.86 -62.24
C SER M 20 14.97 -33.84 -63.75
N VAL M 21 14.42 -32.73 -64.23
CA VAL M 21 14.11 -32.50 -65.63
C VAL M 21 15.33 -31.95 -66.35
N ALA M 22 15.56 -32.39 -67.58
CA ALA M 22 16.68 -31.94 -68.42
C ALA M 22 16.14 -31.06 -69.55
N GLN M 23 16.70 -29.85 -69.68
CA GLN M 23 16.16 -28.85 -70.59
C GLN M 23 16.62 -29.09 -72.03
N VAL M 24 15.72 -28.86 -72.99
CA VAL M 24 15.98 -29.10 -74.41
C VAL M 24 16.43 -27.81 -75.08
N GLU M 25 17.05 -27.97 -76.26
CA GLU M 25 17.46 -26.82 -77.08
C GLU M 25 16.25 -26.09 -77.64
N THR M 26 16.40 -24.79 -77.89
CA THR M 26 15.27 -23.97 -78.30
C THR M 26 15.32 -23.45 -79.73
N ALA M 27 16.51 -23.29 -80.33
CA ALA M 27 16.61 -22.74 -81.68
C ALA M 27 17.59 -23.56 -82.52
N ILE M 28 17.07 -24.61 -83.14
CA ILE M 28 17.77 -25.40 -84.15
C ILE M 28 16.92 -25.38 -85.41
N PRO M 29 17.31 -24.67 -86.46
CA PRO M 29 16.51 -24.63 -87.68
C PRO M 29 16.85 -25.74 -88.67
N ALA M 30 15.99 -25.88 -89.68
CA ALA M 30 16.19 -26.82 -90.78
C ALA M 30 15.98 -26.10 -92.10
N PHE M 31 16.94 -26.22 -93.01
CA PHE M 31 16.89 -25.58 -94.32
C PHE M 31 16.63 -26.63 -95.39
N ILE M 32 15.61 -26.39 -96.22
CA ILE M 32 15.11 -27.37 -97.19
C ILE M 32 15.15 -26.72 -98.57
N GLY M 33 16.00 -27.25 -99.46
CA GLY M 33 16.14 -26.69 -100.79
C GLY M 33 17.23 -27.38 -101.59
N TYR M 34 17.64 -26.72 -102.67
CA TYR M 34 18.56 -27.30 -103.65
C TYR M 34 20.00 -26.94 -103.33
N THR M 35 20.91 -27.89 -103.57
CA THR M 35 22.34 -27.69 -103.36
C THR M 35 23.11 -28.00 -104.64
N GLN M 36 24.44 -27.86 -104.56
CA GLN M 36 25.27 -28.12 -105.74
C GLN M 36 25.56 -29.61 -105.93
N PHE M 37 26.07 -30.32 -104.89
CA PHE M 37 26.24 -31.76 -105.11
C PHE M 37 25.73 -32.73 -104.03
N ALA M 38 25.81 -32.41 -102.73
CA ALA M 38 25.31 -33.25 -101.62
C ALA M 38 25.99 -34.63 -101.57
N ARG M 39 27.28 -34.63 -101.20
CA ARG M 39 28.07 -35.86 -101.14
C ARG M 39 28.56 -36.15 -99.73
N THR M 40 28.58 -37.45 -99.35
CA THR M 40 29.15 -37.83 -98.06
C THR M 40 30.68 -37.82 -98.10
N LYS M 41 31.27 -38.34 -99.17
CA LYS M 41 32.70 -38.25 -99.39
C LYS M 41 32.96 -37.28 -100.52
N PRO M 42 33.67 -36.17 -100.26
CA PRO M 42 33.75 -35.10 -101.27
C PRO M 42 34.58 -35.45 -102.49
N SER M 43 35.48 -36.43 -102.39
CA SER M 43 36.28 -36.80 -103.55
C SER M 43 35.51 -37.73 -104.49
N VAL M 44 34.74 -38.67 -103.93
CA VAL M 44 33.98 -39.62 -104.73
C VAL M 44 32.69 -38.96 -105.19
N ASP M 45 32.43 -39.01 -106.50
CA ASP M 45 31.35 -38.26 -107.15
C ASP M 45 30.06 -39.08 -107.12
N SER M 46 29.34 -39.00 -106.00
CA SER M 46 28.06 -39.69 -105.85
C SER M 46 27.17 -38.91 -104.91
N ASP M 47 25.98 -38.55 -105.38
CA ASP M 47 25.03 -37.76 -104.59
C ASP M 47 24.18 -38.70 -103.74
N ASP M 48 24.75 -39.18 -102.64
CA ASP M 48 24.03 -40.06 -101.74
C ASP M 48 23.43 -39.34 -100.54
N LEU M 49 23.48 -38.01 -100.51
CA LEU M 49 22.84 -37.22 -99.46
C LEU M 49 21.59 -36.48 -99.95
N ILE M 50 20.84 -37.06 -100.91
CA ILE M 50 19.79 -36.32 -101.60
C ILE M 50 18.64 -36.00 -100.67
N LEU M 51 18.04 -37.00 -100.03
CA LEU M 51 16.96 -36.74 -99.09
C LEU M 51 17.27 -37.26 -97.69
N LYS M 52 18.48 -37.02 -97.19
CA LYS M 52 18.89 -37.42 -95.85
C LYS M 52 19.23 -36.18 -95.04
N PRO M 53 18.61 -35.98 -93.88
CA PRO M 53 18.97 -34.83 -93.04
C PRO M 53 20.34 -35.00 -92.39
N LYS M 54 21.12 -33.93 -92.40
CA LYS M 54 22.48 -33.92 -91.87
C LYS M 54 22.70 -32.68 -91.03
N ARG M 55 23.36 -32.86 -89.88
CA ARG M 55 23.63 -31.77 -88.95
C ARG M 55 25.03 -31.22 -89.17
N ILE M 56 25.11 -29.92 -89.49
CA ILE M 56 26.37 -29.23 -89.71
C ILE M 56 26.55 -28.19 -88.62
N SER M 57 27.71 -27.53 -88.60
CA SER M 57 28.05 -26.62 -87.52
C SER M 57 28.55 -25.25 -87.98
N SER M 58 28.99 -25.11 -89.22
CA SER M 58 29.53 -23.84 -89.70
C SER M 58 29.35 -23.77 -91.21
N LEU M 59 29.74 -22.62 -91.77
CA LEU M 59 29.67 -22.45 -93.22
C LEU M 59 30.74 -23.28 -93.92
N LEU M 60 31.85 -23.56 -93.25
CA LEU M 60 32.88 -24.40 -93.86
C LEU M 60 32.46 -25.85 -93.93
N ASP M 61 31.61 -26.29 -92.99
CA ASP M 61 31.03 -27.63 -93.07
C ASP M 61 30.07 -27.77 -94.23
N PHE M 62 29.39 -26.68 -94.60
CA PHE M 62 28.40 -26.75 -95.67
C PHE M 62 29.06 -26.93 -97.03
N THR M 63 30.14 -26.18 -97.30
CA THR M 63 30.73 -26.21 -98.64
C THR M 63 31.53 -27.49 -98.85
N THR M 64 31.91 -28.18 -97.77
CA THR M 64 32.57 -29.48 -97.86
C THR M 64 31.63 -30.52 -98.45
N TYR M 65 30.41 -30.59 -97.94
CA TYR M 65 29.47 -31.63 -98.35
C TYR M 65 28.52 -31.18 -99.46
N TYR M 66 28.26 -29.87 -99.58
CA TYR M 66 27.23 -29.39 -100.50
C TYR M 66 27.71 -28.40 -101.55
N GLY M 67 28.82 -27.71 -101.33
CA GLY M 67 29.34 -26.76 -102.31
C GLY M 67 28.86 -25.33 -102.09
N GLY M 68 28.90 -24.56 -103.17
CA GLY M 68 28.51 -23.17 -103.14
C GLY M 68 27.35 -22.80 -104.05
N ALA M 69 27.31 -21.54 -104.48
CA ALA M 69 26.22 -21.04 -105.31
C ALA M 69 26.45 -21.34 -106.79
N GLN M 70 25.45 -21.02 -107.61
CA GLN M 70 25.53 -21.19 -109.05
C GLN M 70 26.03 -19.91 -109.71
N ASN M 71 26.89 -20.07 -110.71
CA ASN M 71 27.40 -18.94 -111.48
C ASN M 71 26.28 -18.29 -112.29
N GLU M 72 26.22 -16.95 -112.26
CA GLU M 72 25.20 -16.24 -112.99
C GLU M 72 25.49 -16.22 -114.49
N GLN M 73 24.44 -16.26 -115.30
CA GLN M 73 24.58 -16.29 -116.75
C GLN M 73 24.05 -15.05 -117.44
N GLY M 74 23.57 -14.06 -116.70
CA GLY M 74 22.96 -12.87 -117.28
C GLY M 74 23.75 -11.58 -117.19
N ILE M 75 25.09 -11.65 -117.17
CA ILE M 75 25.91 -10.42 -117.04
C ILE M 75 26.50 -10.02 -118.42
N THR M 76 26.36 -8.75 -118.79
CA THR M 76 26.89 -8.22 -120.04
C THR M 76 27.76 -7.01 -119.78
N VAL M 77 28.83 -6.86 -120.55
CA VAL M 77 29.79 -5.76 -120.43
C VAL M 77 29.88 -5.04 -121.76
N LYS M 78 29.82 -3.71 -121.72
CA LYS M 78 29.86 -2.84 -122.89
C LYS M 78 31.01 -1.85 -122.76
N LEU M 79 31.78 -1.67 -123.84
CA LEU M 79 32.87 -0.71 -123.90
C LEU M 79 32.67 0.24 -125.08
N THR M 80 32.91 1.53 -124.85
CA THR M 80 32.74 2.55 -125.89
C THR M 80 33.88 3.57 -125.82
N ASP M 81 34.54 3.78 -126.96
CA ASP M 81 35.58 4.80 -127.09
C ASP M 81 35.02 5.96 -127.89
N THR M 82 35.25 7.19 -127.41
CA THR M 82 34.64 8.38 -127.97
C THR M 82 35.72 9.47 -128.02
N LEU M 83 35.50 10.48 -128.87
CA LEU M 83 36.34 11.66 -128.93
C LEU M 83 35.47 12.90 -128.71
N ILE M 84 35.81 13.69 -127.69
CA ILE M 84 35.07 14.89 -127.33
C ILE M 84 36.02 16.07 -127.45
N GLU M 85 35.88 16.83 -128.55
CA GLU M 85 36.72 17.96 -128.97
C GLU M 85 38.22 17.65 -128.83
N GLY M 86 38.63 16.49 -129.34
CA GLY M 86 40.02 16.09 -129.31
C GLY M 86 40.48 15.41 -128.03
N ALA M 87 39.57 15.16 -127.08
CA ALA M 87 39.91 14.51 -125.82
C ALA M 87 39.24 13.14 -125.78
N GLU M 88 39.97 12.15 -125.29
CA GLU M 88 39.46 10.78 -125.27
C GLU M 88 38.47 10.59 -124.12
N ASN M 89 37.48 9.74 -124.34
CA ASN M 89 36.50 9.39 -123.31
C ASN M 89 36.16 7.91 -123.45
N ARG M 90 36.27 7.17 -122.35
CA ARG M 90 35.96 5.75 -122.31
C ARG M 90 34.79 5.52 -121.37
N THR M 91 33.82 4.74 -121.82
CA THR M 91 32.60 4.46 -121.06
C THR M 91 32.48 2.95 -120.84
N ILE M 92 32.25 2.55 -119.59
CA ILE M 92 32.05 1.15 -119.24
C ILE M 92 30.64 1.02 -118.64
N ASN M 93 29.84 0.14 -119.22
CA ASN M 93 28.43 -0.01 -118.83
C ASN M 93 28.14 -1.47 -118.49
N VAL M 94 27.87 -1.73 -117.21
CA VAL M 94 27.39 -3.03 -116.75
C VAL M 94 26.02 -2.84 -116.10
N PRO M 95 24.93 -3.16 -116.78
CA PRO M 95 23.61 -3.05 -116.15
C PRO M 95 23.37 -4.18 -115.17
N GLU M 96 22.42 -3.95 -114.27
CA GLU M 96 22.02 -5.01 -113.36
C GLU M 96 21.21 -6.06 -114.11
N PRO M 97 21.45 -7.34 -113.86
CA PRO M 97 20.82 -8.39 -114.66
C PRO M 97 19.34 -8.55 -114.36
N THR M 98 18.55 -8.71 -115.43
CA THR M 98 17.12 -8.97 -115.30
C THR M 98 16.77 -10.44 -115.17
N PHE M 99 17.70 -11.34 -115.49
CA PHE M 99 17.51 -12.78 -115.34
C PHE M 99 18.53 -13.30 -114.33
N LYS M 100 18.04 -13.78 -113.20
CA LYS M 100 18.88 -14.25 -112.12
C LYS M 100 18.67 -15.75 -111.90
N SER M 101 19.58 -16.35 -111.14
CA SER M 101 19.45 -17.75 -110.76
C SER M 101 18.38 -17.90 -109.68
N PRO M 102 17.55 -18.95 -109.72
CA PRO M 102 16.48 -19.07 -108.73
C PRO M 102 16.91 -19.70 -107.40
N TYR M 103 18.18 -20.03 -107.25
CA TYR M 103 18.68 -20.74 -106.08
C TYR M 103 19.24 -19.74 -105.07
N LEU M 104 18.83 -19.87 -103.81
CA LEU M 104 19.15 -18.87 -102.79
C LEU M 104 19.66 -19.48 -101.50
N MET M 105 20.03 -20.76 -101.50
CA MET M 105 20.31 -21.46 -100.24
C MET M 105 21.67 -21.07 -99.66
N PHE M 106 22.70 -20.97 -100.51
CA PHE M 106 24.03 -20.60 -100.05
C PHE M 106 24.07 -19.15 -99.56
N TYR M 107 23.29 -18.26 -100.18
CA TYR M 107 23.22 -16.88 -99.72
C TYR M 107 22.53 -16.76 -98.37
N SER M 108 21.49 -17.57 -98.15
CA SER M 108 20.73 -17.50 -96.90
C SER M 108 21.53 -18.04 -95.72
N LEU M 109 22.41 -19.00 -95.96
CA LEU M 109 23.23 -19.53 -94.89
C LEU M 109 24.35 -18.56 -94.52
N GLN M 110 24.77 -17.72 -95.46
CA GLN M 110 25.71 -16.64 -95.15
C GLN M 110 25.06 -15.61 -94.24
N MET M 111 23.77 -15.33 -94.44
CA MET M 111 23.08 -14.37 -93.61
C MET M 111 22.79 -14.93 -92.22
N TYR M 112 22.59 -16.25 -92.12
CA TYR M 112 22.28 -16.90 -90.86
C TYR M 112 23.48 -16.91 -89.91
N PHE M 113 24.65 -17.27 -90.42
CA PHE M 113 25.84 -17.33 -89.58
C PHE M 113 26.36 -15.92 -89.25
N ALA M 114 26.03 -14.93 -90.07
CA ALA M 114 26.48 -13.57 -89.80
C ALA M 114 25.64 -12.89 -88.72
N ASN M 115 24.47 -13.43 -88.41
CA ASN M 115 23.58 -12.85 -87.43
C ASN M 115 23.54 -13.63 -86.12
N GLY M 116 24.38 -14.64 -85.97
CA GLY M 116 24.52 -15.33 -84.70
C GLY M 116 24.00 -16.76 -84.64
N GLY M 117 23.90 -17.44 -85.77
CA GLY M 117 23.37 -18.78 -85.77
C GLY M 117 24.38 -19.82 -85.34
N GLY M 118 23.87 -20.95 -84.86
CA GLY M 118 24.67 -22.07 -84.46
C GLY M 118 24.45 -23.30 -85.32
N PRO M 119 24.35 -24.47 -84.70
CA PRO M 119 24.15 -25.71 -85.46
C PRO M 119 22.74 -25.81 -86.04
N CYS M 120 22.65 -26.38 -87.24
CA CYS M 120 21.40 -26.47 -87.98
C CYS M 120 21.41 -27.75 -88.82
N TYR M 121 20.25 -28.07 -89.39
CA TYR M 121 20.07 -29.25 -90.20
C TYR M 121 19.86 -28.88 -91.66
N ILE M 122 20.42 -29.68 -92.57
CA ILE M 122 20.33 -29.45 -94.01
C ILE M 122 19.56 -30.61 -94.62
N VAL M 123 18.52 -30.29 -95.38
CA VAL M 123 17.76 -31.26 -96.16
C VAL M 123 17.80 -30.84 -97.61
N SER M 124 18.63 -31.52 -98.40
CA SER M 124 18.68 -31.29 -99.84
C SER M 124 17.39 -31.80 -100.49
N THR M 125 17.04 -31.24 -101.65
CA THR M 125 15.92 -31.75 -102.42
C THR M 125 16.28 -32.08 -103.86
N GLY M 126 17.56 -32.04 -104.20
CA GLY M 126 18.00 -32.22 -105.56
C GLY M 126 19.19 -31.31 -105.82
N VAL M 127 19.68 -31.37 -107.05
CA VAL M 127 20.84 -30.58 -107.46
C VAL M 127 20.40 -29.53 -108.47
N TYR M 128 21.35 -28.67 -108.84
CA TYR M 128 21.05 -27.57 -109.75
C TYR M 128 20.79 -28.09 -111.17
N ASP M 129 19.90 -27.42 -111.89
CA ASP M 129 19.72 -27.63 -113.31
C ASP M 129 20.45 -26.53 -114.08
N ASP M 130 20.76 -26.81 -115.34
CA ASP M 130 21.51 -25.90 -116.19
C ASP M 130 20.58 -24.91 -116.87
N TRP M 131 21.15 -23.76 -117.23
CA TRP M 131 20.43 -22.77 -118.04
C TRP M 131 20.34 -23.26 -119.47
N SER M 132 19.17 -23.08 -120.09
CA SER M 132 19.03 -23.42 -121.49
C SER M 132 19.71 -22.42 -122.41
N ASP M 133 19.55 -21.13 -122.15
CA ASP M 133 20.36 -20.08 -122.76
C ASP M 133 20.47 -18.93 -121.79
N SER M 134 20.88 -17.76 -122.29
CA SER M 134 21.24 -16.65 -121.41
C SER M 134 20.03 -15.93 -120.85
N GLU M 135 18.83 -16.23 -121.33
CA GLU M 135 17.62 -15.59 -120.85
C GLU M 135 16.56 -16.57 -120.37
N THR M 136 16.92 -17.81 -120.08
CA THR M 136 15.98 -18.78 -119.52
C THR M 136 16.63 -19.49 -118.33
N PRO M 137 16.42 -19.01 -117.12
CA PRO M 137 16.91 -19.72 -115.93
C PRO M 137 16.07 -20.96 -115.65
N PRO M 138 16.59 -21.92 -114.89
CA PRO M 138 15.78 -23.10 -114.54
C PRO M 138 14.63 -22.79 -113.60
N THR M 139 13.77 -23.79 -113.41
CA THR M 139 12.55 -23.65 -112.62
C THR M 139 12.63 -24.48 -111.34
N ILE M 140 11.75 -24.13 -110.40
CA ILE M 140 11.67 -24.78 -109.09
C ILE M 140 10.36 -25.54 -109.03
N ASN M 141 10.41 -26.80 -108.60
CA ASN M 141 9.25 -27.69 -108.64
C ASN M 141 8.62 -27.79 -107.24
N PHE M 142 7.29 -27.79 -107.21
CA PHE M 142 6.55 -27.89 -105.95
C PHE M 142 6.69 -29.28 -105.34
N SER M 143 6.81 -30.32 -106.18
CA SER M 143 6.82 -31.69 -105.68
C SER M 143 8.13 -32.06 -104.99
N ASP M 144 9.22 -31.35 -105.26
CA ASP M 144 10.47 -31.59 -104.57
C ASP M 144 10.48 -31.00 -103.17
N LEU M 145 9.93 -29.79 -102.99
CA LEU M 145 9.93 -29.14 -101.69
C LEU M 145 8.97 -29.82 -100.71
N GLU M 146 7.86 -30.38 -101.19
CA GLU M 146 6.95 -31.08 -100.29
C GLU M 146 7.50 -32.44 -99.92
N SER M 147 8.31 -33.03 -100.79
CA SER M 147 8.98 -34.29 -100.46
C SER M 147 10.04 -34.09 -99.38
N GLY M 148 10.63 -32.90 -99.31
CA GLY M 148 11.59 -32.62 -98.26
C GLY M 148 10.93 -32.40 -96.91
N LEU M 149 9.69 -31.93 -96.91
CA LEU M 149 8.96 -31.72 -95.66
C LEU M 149 8.53 -33.04 -95.03
N ALA M 150 8.39 -34.10 -95.85
CA ALA M 150 7.96 -35.38 -95.31
C ALA M 150 9.08 -36.10 -94.56
N VAL M 151 10.34 -35.86 -94.94
CA VAL M 151 11.44 -36.55 -94.26
C VAL M 151 11.84 -35.81 -92.99
N ILE M 152 11.50 -34.52 -92.89
CA ILE M 152 11.86 -33.78 -91.68
C ILE M 152 10.86 -34.05 -90.56
N ARG M 153 9.72 -34.67 -90.89
CA ARG M 153 8.74 -35.10 -89.90
C ARG M 153 9.27 -36.21 -88.99
N LYS M 154 10.22 -36.99 -89.51
CA LYS M 154 10.80 -38.10 -88.78
C LYS M 154 11.98 -37.71 -87.90
N GLU M 155 12.43 -36.46 -87.95
CA GLU M 155 13.53 -36.00 -87.11
C GLU M 155 12.99 -35.33 -85.85
N ASP M 156 13.72 -35.50 -84.75
CA ASP M 156 13.28 -35.05 -83.43
C ASP M 156 13.80 -33.67 -83.05
N GLU M 157 15.05 -33.38 -83.34
CA GLU M 157 15.77 -32.21 -82.82
C GLU M 157 15.45 -30.81 -83.38
N PRO M 158 15.15 -30.59 -84.69
CA PRO M 158 14.87 -29.21 -85.13
C PRO M 158 13.63 -28.59 -84.53
N THR M 159 13.68 -27.26 -84.35
CA THR M 159 12.59 -26.48 -83.77
C THR M 159 12.04 -25.42 -84.73
N LEU M 160 12.65 -25.25 -85.91
CA LEU M 160 12.25 -24.19 -86.85
C LEU M 160 12.32 -24.70 -88.29
N LEU M 161 11.32 -24.32 -89.09
CA LEU M 161 11.16 -24.79 -90.47
C LEU M 161 11.29 -23.62 -91.45
N LEU M 162 12.13 -23.77 -92.47
CA LEU M 162 12.38 -22.74 -93.47
C LEU M 162 12.52 -23.34 -94.86
N PHE M 163 12.11 -22.55 -95.88
CA PHE M 163 12.22 -22.91 -97.30
C PHE M 163 12.85 -21.74 -98.04
N PRO M 164 14.17 -21.76 -98.26
CA PRO M 164 14.83 -20.56 -98.81
C PRO M 164 14.60 -20.29 -100.30
N ASP M 165 14.08 -21.25 -101.07
CA ASP M 165 13.91 -21.09 -102.51
C ASP M 165 12.45 -20.81 -102.88
N ALA M 166 11.58 -20.69 -101.89
CA ALA M 166 10.13 -20.77 -102.12
C ALA M 166 9.54 -19.56 -102.82
N THR M 167 10.15 -18.37 -102.73
CA THR M 167 9.61 -17.20 -103.39
C THR M 167 9.78 -17.23 -104.91
N ASN M 168 10.58 -18.15 -105.45
CA ASN M 168 10.75 -18.30 -106.88
C ASN M 168 9.91 -19.43 -107.46
N LEU M 169 8.87 -19.84 -106.75
CA LEU M 169 7.91 -20.84 -107.21
C LEU M 169 7.05 -20.24 -108.33
N PRO M 170 6.53 -21.06 -109.25
CA PRO M 170 5.85 -20.50 -110.44
C PRO M 170 4.54 -19.75 -110.17
N THR M 171 3.65 -20.27 -109.33
CA THR M 171 2.42 -19.57 -109.00
C THR M 171 2.39 -19.25 -107.51
N ASP M 172 1.55 -18.28 -107.14
CA ASP M 172 1.42 -17.93 -105.73
C ASP M 172 0.58 -18.93 -104.97
N ASP M 173 -0.32 -19.65 -105.66
CA ASP M 173 -1.13 -20.68 -105.02
C ASP M 173 -0.28 -21.85 -104.54
N GLU M 174 0.80 -22.16 -105.27
CA GLU M 174 1.73 -23.19 -104.79
C GLU M 174 2.50 -22.70 -103.56
N PHE M 175 2.79 -21.40 -103.52
CA PHE M 175 3.53 -20.82 -102.40
C PHE M 175 2.73 -20.88 -101.11
N TYR M 176 1.44 -20.52 -101.15
CA TYR M 176 0.62 -20.55 -99.94
C TYR M 176 0.29 -21.97 -99.51
N SER M 177 0.12 -22.87 -100.47
CA SER M 177 -0.21 -24.27 -100.15
C SER M 177 0.96 -24.99 -99.49
N LEU M 178 2.19 -24.57 -99.79
CA LEU M 178 3.35 -25.15 -99.13
C LEU M 178 3.42 -24.73 -97.67
N TYR M 179 3.06 -23.47 -97.38
CA TYR M 179 3.12 -23.01 -96.00
C TYR M 179 1.91 -23.44 -95.19
N ASN M 180 0.82 -23.84 -95.85
CA ASN M 180 -0.29 -24.45 -95.12
C ASN M 180 0.07 -25.85 -94.64
N SER M 181 0.97 -26.53 -95.37
CA SER M 181 1.39 -27.88 -94.99
C SER M 181 2.37 -27.85 -93.82
N ALA M 182 3.17 -26.79 -93.72
CA ALA M 182 4.12 -26.68 -92.61
C ALA M 182 3.40 -26.38 -91.30
N LEU M 183 2.32 -25.60 -91.34
CA LEU M 183 1.58 -25.31 -90.11
C LEU M 183 0.76 -26.51 -89.63
N MET M 184 0.38 -27.41 -90.53
CA MET M 184 -0.30 -28.63 -90.11
C MET M 184 0.68 -29.61 -89.46
N GLN M 185 1.94 -29.60 -89.90
CA GLN M 185 2.95 -30.42 -89.23
C GLN M 185 3.29 -29.86 -87.85
N CYS M 186 3.26 -28.53 -87.71
CA CYS M 186 3.56 -27.92 -86.41
C CYS M 186 2.43 -28.14 -85.42
N ASN M 187 1.20 -28.31 -85.91
CA ASN M 187 0.08 -28.65 -85.04
C ASN M 187 0.18 -30.10 -84.56
N ASP M 188 0.58 -31.01 -85.44
CA ASP M 188 0.59 -32.44 -85.09
C ASP M 188 1.74 -32.77 -84.13
N LEU M 189 2.96 -32.35 -84.46
CA LEU M 189 4.10 -32.70 -83.62
C LEU M 189 4.16 -31.83 -82.37
N GLN M 190 3.44 -30.70 -82.39
CA GLN M 190 3.29 -29.68 -81.33
C GLN M 190 4.59 -29.28 -80.64
N ASP M 191 5.71 -29.21 -81.37
CA ASP M 191 6.99 -28.80 -80.80
C ASP M 191 7.82 -27.92 -81.72
N ARG M 192 7.25 -27.35 -82.78
CA ARG M 192 8.00 -26.59 -83.78
C ARG M 192 7.31 -25.25 -84.06
N PHE M 193 7.96 -24.44 -84.88
CA PHE M 193 7.51 -23.09 -85.22
C PHE M 193 7.98 -22.76 -86.65
N THR M 194 7.19 -21.98 -87.37
CA THR M 194 7.45 -21.68 -88.78
C THR M 194 7.65 -20.17 -88.98
N ILE M 195 8.60 -19.81 -89.84
CA ILE M 195 8.87 -18.42 -90.19
C ILE M 195 8.51 -18.21 -91.66
N LEU M 196 7.64 -17.22 -91.92
CA LEU M 196 7.06 -16.99 -93.24
C LEU M 196 7.52 -15.66 -93.82
N ASP M 197 7.44 -15.56 -95.14
CA ASP M 197 7.58 -14.31 -95.88
C ASP M 197 6.37 -14.10 -96.77
N THR M 198 6.34 -12.97 -97.46
CA THR M 198 5.38 -12.73 -98.51
C THR M 198 5.91 -13.28 -99.84
N TYR M 199 5.02 -13.32 -100.83
CA TYR M 199 5.39 -13.84 -102.15
C TYR M 199 6.30 -12.85 -102.88
N SER M 200 6.07 -11.56 -102.69
CA SER M 200 6.88 -10.52 -103.31
C SER M 200 6.94 -9.34 -102.35
N ASP M 201 7.85 -8.42 -102.62
CA ASP M 201 7.93 -7.17 -101.87
C ASP M 201 7.19 -6.03 -102.56
N GLN M 202 6.76 -6.22 -103.80
CA GLN M 202 6.00 -5.23 -104.54
C GLN M 202 4.72 -5.87 -105.07
N THR M 203 3.89 -5.04 -105.71
CA THR M 203 2.69 -5.51 -106.38
C THR M 203 3.05 -6.44 -107.54
N TYR M 204 2.46 -7.63 -107.55
CA TYR M 204 2.78 -8.64 -108.55
C TYR M 204 1.53 -9.00 -109.35
N ASN M 205 1.76 -9.54 -110.54
CA ASN M 205 0.69 -9.95 -111.45
C ASN M 205 0.36 -11.43 -111.24
N ASP M 206 -0.92 -11.73 -111.12
CA ASP M 206 -1.41 -13.08 -110.92
C ASP M 206 -1.80 -13.78 -112.21
N GLY M 207 -1.77 -13.08 -113.34
CA GLY M 207 -2.30 -13.58 -114.58
C GLY M 207 -3.65 -13.01 -114.96
N VAL M 208 -4.51 -12.78 -113.96
CA VAL M 208 -5.77 -12.08 -114.19
C VAL M 208 -5.80 -10.70 -113.55
N GLU M 209 -5.18 -10.50 -112.40
CA GLU M 209 -5.28 -9.24 -111.66
C GLU M 209 -3.91 -8.87 -111.11
N ASP M 210 -3.84 -7.66 -110.56
CA ASP M 210 -2.66 -7.20 -109.82
C ASP M 210 -2.99 -7.19 -108.34
N LEU M 211 -2.08 -7.72 -107.53
CA LEU M 211 -2.35 -7.93 -106.11
C LEU M 211 -1.28 -7.27 -105.25
N ASP M 212 -1.70 -6.74 -104.12
CA ASP M 212 -0.78 -6.21 -103.11
C ASP M 212 -0.28 -7.36 -102.25
N PRO M 213 0.97 -7.31 -101.75
CA PRO M 213 1.55 -8.48 -101.06
C PRO M 213 0.94 -8.84 -99.71
N ILE M 214 0.63 -7.83 -98.90
CA ILE M 214 0.07 -8.07 -97.54
C ILE M 214 -1.34 -8.64 -97.63
N PRO M 215 -2.34 -8.07 -98.36
CA PRO M 215 -3.67 -8.71 -98.41
C PRO M 215 -3.71 -10.04 -99.15
N ALA M 216 -2.72 -10.33 -100.00
CA ALA M 216 -2.70 -11.62 -100.70
C ALA M 216 -2.23 -12.74 -99.78
N LEU M 217 -1.34 -12.42 -98.83
CA LEU M 217 -0.92 -13.41 -97.84
C LEU M 217 -2.03 -13.71 -96.85
N ARG M 218 -2.90 -12.73 -96.58
CA ARG M 218 -4.00 -12.95 -95.65
C ARG M 218 -5.11 -13.81 -96.28
N ASN M 219 -5.19 -13.83 -97.61
CA ASN M 219 -6.13 -14.71 -98.29
C ASN M 219 -5.59 -16.13 -98.43
N GLY M 220 -4.29 -16.29 -98.69
CA GLY M 220 -3.75 -17.60 -99.01
C GLY M 220 -3.65 -18.54 -97.82
N ILE M 221 -3.44 -17.98 -96.62
CA ILE M 221 -3.37 -18.77 -95.39
C ILE M 221 -4.76 -18.79 -94.78
N ASN M 222 -5.47 -19.92 -94.90
CA ASN M 222 -6.89 -19.97 -94.56
C ASN M 222 -7.24 -20.99 -93.48
N LEU M 223 -6.45 -21.06 -92.41
CA LEU M 223 -6.72 -21.99 -91.32
C LEU M 223 -7.16 -21.24 -90.07
N THR M 224 -7.65 -21.98 -89.08
CA THR M 224 -8.12 -21.40 -87.83
C THR M 224 -6.95 -21.16 -86.87
N LYS M 225 -7.28 -20.61 -85.71
CA LYS M 225 -6.28 -20.20 -84.72
C LYS M 225 -5.38 -21.33 -84.24
N ASP M 226 -5.92 -22.54 -84.09
CA ASP M 226 -5.13 -23.65 -83.59
C ASP M 226 -3.98 -24.00 -84.53
N TYR M 227 -3.95 -23.45 -85.73
CA TYR M 227 -2.84 -23.56 -86.66
C TYR M 227 -2.04 -22.29 -86.80
N LEU M 228 -2.70 -21.13 -86.69
CA LEU M 228 -2.05 -19.84 -86.93
C LEU M 228 -1.11 -19.44 -85.79
N LYS M 229 -1.25 -20.06 -84.61
CA LYS M 229 -0.40 -19.75 -83.48
C LYS M 229 1.02 -20.30 -83.61
N TYR M 230 1.29 -21.13 -84.62
CA TYR M 230 2.61 -21.72 -84.83
C TYR M 230 3.44 -21.00 -85.89
N GLY M 231 3.04 -19.81 -86.34
CA GLY M 231 3.81 -19.13 -87.35
C GLY M 231 3.88 -17.62 -87.16
N ALA M 232 4.86 -17.02 -87.84
CA ALA M 232 5.09 -15.58 -87.83
C ALA M 232 5.60 -15.13 -89.20
N ALA M 233 5.23 -13.91 -89.59
CA ALA M 233 5.50 -13.39 -90.92
C ALA M 233 6.18 -12.03 -90.86
N TYR M 234 7.10 -11.78 -91.78
CA TYR M 234 7.92 -10.58 -91.80
C TYR M 234 7.88 -9.93 -93.17
N TYR M 235 8.07 -8.60 -93.18
CA TYR M 235 7.94 -7.78 -94.37
C TYR M 235 8.73 -6.50 -94.15
N PRO M 236 9.36 -5.93 -95.20
CA PRO M 236 9.65 -6.33 -96.59
C PRO M 236 10.95 -7.11 -96.76
N PHE M 237 11.53 -7.08 -97.96
CA PHE M 237 12.80 -7.76 -98.22
C PHE M 237 13.97 -6.91 -97.73
N VAL M 238 15.18 -7.48 -97.74
CA VAL M 238 16.38 -6.79 -97.26
C VAL M 238 17.46 -6.80 -98.34
N GLN M 239 18.20 -5.70 -98.42
CA GLN M 239 19.34 -5.53 -99.34
C GLN M 239 20.63 -5.82 -98.55
N THR M 240 21.51 -6.68 -99.07
CA THR M 240 22.66 -7.18 -98.35
C THR M 240 23.96 -6.59 -98.92
N ILE M 241 25.09 -6.97 -98.33
CA ILE M 241 26.42 -6.55 -98.75
C ILE M 241 27.11 -7.59 -99.62
N LEU M 242 26.41 -8.66 -99.99
CA LEU M 242 27.02 -9.78 -100.70
C LEU M 242 27.08 -9.54 -102.20
N ASN M 243 28.07 -10.15 -102.84
CA ASN M 243 28.22 -10.12 -104.29
C ASN M 243 27.69 -11.41 -104.91
N TYR M 244 27.29 -11.32 -106.17
CA TYR M 244 26.86 -12.48 -106.95
C TYR M 244 28.05 -13.37 -107.27
N GLN M 245 27.78 -14.67 -107.37
CA GLN M 245 28.76 -15.66 -107.78
C GLN M 245 28.79 -15.78 -109.30
N TYR M 246 29.98 -15.65 -109.88
CA TYR M 246 30.11 -15.69 -111.33
C TYR M 246 31.49 -16.22 -111.69
N SER M 247 31.64 -16.60 -112.96
CA SER M 247 32.91 -17.08 -113.49
C SER M 247 33.38 -16.17 -114.62
N ALA M 248 34.67 -15.83 -114.61
CA ALA M 248 35.22 -14.93 -115.62
C ALA M 248 35.43 -15.61 -116.97
N ASP M 249 35.36 -16.93 -117.03
CA ASP M 249 35.49 -17.67 -118.28
C ASP M 249 34.26 -17.57 -119.18
N GLU M 250 33.14 -17.03 -118.66
CA GLU M 250 31.88 -17.01 -119.39
C GLU M 250 31.39 -15.60 -119.69
N ILE M 251 32.19 -14.58 -119.42
CA ILE M 251 31.82 -13.20 -119.68
C ILE M 251 32.43 -12.79 -121.03
N VAL M 252 31.60 -12.28 -121.93
CA VAL M 252 32.03 -11.86 -123.26
C VAL M 252 31.94 -10.35 -123.34
N ILE M 253 32.98 -9.72 -123.90
CA ILE M 253 33.07 -8.27 -124.04
C ILE M 253 32.59 -7.88 -125.43
N GLN M 254 31.85 -6.77 -125.51
CA GLN M 254 31.56 -6.11 -126.79
C GLN M 254 32.15 -4.70 -126.76
N HIS M 255 33.03 -4.43 -127.73
CA HIS M 255 33.88 -3.24 -127.73
C HIS M 255 33.62 -2.44 -129.01
N LEU M 256 33.16 -1.21 -128.85
CA LEU M 256 32.96 -0.28 -129.95
C LEU M 256 34.01 0.83 -129.87
N SER M 257 34.83 0.96 -130.91
CA SER M 257 35.92 1.92 -130.90
C SER M 257 35.94 2.70 -132.20
N TYR M 258 36.50 3.91 -132.15
CA TYR M 258 36.64 4.71 -133.37
C TYR M 258 37.76 4.18 -134.25
N ASN M 259 38.76 3.54 -133.64
CA ASN M 259 39.86 2.94 -134.38
C ASN M 259 39.61 1.44 -134.49
N PRO M 260 39.08 0.94 -135.61
CA PRO M 260 38.80 -0.49 -135.70
C PRO M 260 40.02 -1.30 -136.10
N ASN M 261 40.53 -2.11 -135.19
CA ASN M 261 41.61 -3.05 -135.49
C ASN M 261 41.29 -4.45 -135.00
N ALA M 262 40.02 -4.84 -135.05
CA ALA M 262 39.62 -6.17 -134.60
C ALA M 262 40.11 -7.25 -135.55
N ILE M 263 39.94 -7.03 -136.86
CA ILE M 263 40.35 -8.04 -137.83
C ILE M 263 41.86 -8.02 -138.01
N ALA M 264 42.48 -6.85 -137.87
CA ALA M 264 43.93 -6.73 -138.00
C ALA M 264 44.66 -7.41 -136.85
N THR M 265 44.12 -7.30 -135.63
CA THR M 265 44.73 -7.98 -134.50
C THR M 265 44.48 -9.48 -134.57
N ALA M 266 43.34 -9.88 -135.15
CA ALA M 266 43.07 -11.30 -135.36
C ALA M 266 43.96 -11.88 -136.46
N LEU M 267 44.38 -11.04 -137.41
CA LEU M 267 45.27 -11.50 -138.47
C LEU M 267 46.68 -11.71 -137.96
N ASP M 268 47.15 -10.83 -137.07
CA ASP M 268 48.55 -10.86 -136.62
C ASP M 268 48.84 -12.09 -135.77
N ASN M 269 47.85 -12.54 -134.99
CA ASN M 269 48.03 -13.75 -134.21
C ASN M 269 48.00 -14.99 -135.11
N LEU M 270 47.12 -14.99 -136.11
CA LEU M 270 46.96 -16.18 -136.95
C LEU M 270 48.06 -16.26 -138.00
N ASN M 271 48.64 -15.11 -138.38
CA ASN M 271 49.77 -15.14 -139.29
C ASN M 271 51.03 -15.62 -138.58
N ALA M 272 51.14 -15.32 -137.28
CA ALA M 272 52.32 -15.70 -136.53
C ALA M 272 52.33 -17.18 -136.22
N VAL M 273 51.16 -17.78 -136.00
CA VAL M 273 51.10 -19.20 -135.66
C VAL M 273 51.32 -20.05 -136.92
N ASN M 274 51.09 -19.48 -138.10
CA ASN M 274 51.29 -20.17 -139.36
C ASN M 274 52.75 -19.99 -139.81
N GLY M 275 53.65 -20.63 -139.08
CA GLY M 275 55.07 -20.52 -139.35
C GLY M 275 55.79 -21.85 -139.27
N PRO M 276 57.02 -21.90 -139.78
CA PRO M 276 57.79 -23.16 -139.71
C PRO M 276 58.27 -23.51 -138.31
N THR M 277 58.64 -22.52 -137.50
CA THR M 277 59.09 -22.82 -136.15
C THR M 277 57.92 -23.10 -135.22
N PHE M 278 56.73 -22.62 -135.58
CA PHE M 278 55.61 -22.64 -134.65
C PHE M 278 54.81 -23.94 -134.75
N ILE M 279 54.21 -24.21 -135.91
CA ILE M 279 53.29 -25.32 -136.06
C ILE M 279 53.88 -26.46 -136.90
N ASP M 280 54.89 -26.17 -137.71
CA ASP M 280 55.54 -27.22 -138.48
C ASP M 280 56.52 -28.00 -137.61
N ALA M 281 57.02 -27.38 -136.54
CA ALA M 281 57.93 -28.06 -135.63
C ALA M 281 57.20 -29.04 -134.72
N ILE M 282 55.87 -28.89 -134.61
CA ILE M 282 55.09 -29.85 -133.84
C ILE M 282 54.88 -31.13 -134.64
N LEU M 283 54.79 -31.00 -135.97
CA LEU M 283 54.30 -32.12 -136.77
C LEU M 283 55.41 -33.08 -137.17
N ASP M 284 56.61 -32.56 -137.43
CA ASP M 284 57.71 -33.43 -137.86
C ASP M 284 58.27 -34.23 -136.69
N ASP M 285 58.07 -33.73 -135.46
CA ASP M 285 58.46 -34.48 -134.27
C ASP M 285 57.58 -35.72 -134.11
N LEU M 286 56.30 -35.61 -134.46
CA LEU M 286 55.38 -36.73 -134.30
C LEU M 286 55.68 -37.83 -135.31
N ARG M 287 56.09 -37.46 -136.52
CA ARG M 287 56.47 -38.44 -137.52
C ARG M 287 57.98 -38.47 -137.73
N ASN M 321 61.15 -56.39 -117.44
CA ASN M 321 61.52 -56.09 -116.07
C ASN M 321 61.23 -54.64 -115.72
N SER M 322 61.82 -54.17 -114.61
CA SER M 322 61.55 -52.81 -114.16
C SER M 322 62.33 -51.78 -114.97
N VAL M 323 63.44 -52.20 -115.59
CA VAL M 323 64.25 -51.26 -116.36
C VAL M 323 63.66 -51.07 -117.76
N LYS M 324 62.86 -52.05 -118.23
CA LYS M 324 62.21 -51.91 -119.52
C LYS M 324 60.96 -51.05 -119.43
N VAL M 325 60.27 -51.10 -118.29
CA VAL M 325 59.08 -50.28 -118.09
C VAL M 325 59.47 -48.82 -117.88
N ALA M 326 60.58 -48.59 -117.16
CA ALA M 326 61.02 -47.24 -116.86
C ALA M 326 61.56 -46.54 -118.11
N ASN M 327 62.17 -47.30 -119.03
CA ASN M 327 62.61 -46.71 -120.29
C ASN M 327 61.44 -46.45 -121.21
N PHE M 328 60.44 -47.33 -121.18
CA PHE M 328 59.30 -47.19 -122.07
C PHE M 328 58.40 -46.03 -121.66
N ALA M 329 58.40 -45.68 -120.37
CA ALA M 329 57.58 -44.55 -119.92
C ALA M 329 58.20 -43.22 -120.33
N SER M 330 59.51 -43.19 -120.59
CA SER M 330 60.14 -41.97 -121.06
C SER M 330 59.79 -41.70 -122.52
N LEU M 331 59.53 -42.75 -123.29
CA LEU M 331 59.17 -42.58 -124.70
C LEU M 331 57.73 -42.08 -124.84
N VAL M 332 56.85 -42.50 -123.94
CA VAL M 332 55.45 -42.07 -124.00
C VAL M 332 55.32 -40.62 -123.52
N GLU M 333 56.14 -40.22 -122.55
CA GLU M 333 56.04 -38.87 -122.00
C GLU M 333 56.53 -37.82 -123.00
N SER M 334 57.39 -38.21 -123.94
CA SER M 334 57.82 -37.27 -124.97
C SER M 334 56.76 -37.12 -126.06
N VAL M 335 56.03 -38.20 -126.36
CA VAL M 335 54.96 -38.14 -127.35
C VAL M 335 53.77 -37.38 -126.77
N LEU M 336 53.48 -37.58 -125.49
CA LEU M 336 52.34 -36.91 -124.85
C LEU M 336 52.61 -35.44 -124.66
N SER M 337 53.87 -35.05 -124.48
CA SER M 337 54.21 -33.63 -124.38
C SER M 337 54.08 -32.93 -125.72
N THR M 338 54.25 -33.66 -126.83
CA THR M 338 54.10 -33.05 -128.14
C THR M 338 52.63 -32.82 -128.47
N LEU M 339 51.75 -33.74 -128.04
CA LEU M 339 50.32 -33.62 -128.31
C LEU M 339 49.71 -32.44 -127.55
N ASN M 340 50.22 -32.13 -126.36
CA ASN M 340 49.61 -31.11 -125.52
C ASN M 340 49.83 -29.71 -126.09
N GLU M 341 51.01 -29.45 -126.68
CA GLU M 341 51.25 -28.15 -127.28
C GLU M 341 50.50 -27.99 -128.60
N LEU M 342 50.13 -29.10 -129.23
CA LEU M 342 49.24 -29.02 -130.39
C LEU M 342 47.82 -28.69 -129.96
N ILE M 343 47.38 -29.22 -128.81
CA ILE M 343 46.06 -28.92 -128.29
C ILE M 343 46.02 -27.48 -127.77
N ASP M 344 47.13 -27.01 -127.18
CA ASP M 344 47.21 -25.61 -126.76
C ASP M 344 47.24 -24.66 -127.96
N ALA M 345 47.77 -25.12 -129.09
CA ALA M 345 47.71 -24.31 -130.30
C ALA M 345 46.29 -24.26 -130.85
N LYS M 346 45.50 -25.31 -130.62
CA LYS M 346 44.11 -25.33 -131.07
C LYS M 346 43.27 -24.34 -130.27
N GLU M 347 43.63 -24.12 -129.00
CA GLU M 347 42.83 -23.24 -128.14
C GLU M 347 42.99 -21.77 -128.54
N GLU M 348 44.21 -21.36 -128.90
CA GLU M 348 44.45 -19.96 -129.18
C GLU M 348 43.95 -19.56 -130.57
N ILE M 349 43.79 -20.55 -131.47
CA ILE M 349 43.24 -20.26 -132.78
C ILE M 349 41.76 -19.92 -132.68
N ASN M 350 41.03 -20.63 -131.80
CA ASN M 350 39.58 -20.43 -131.71
C ASN M 350 39.23 -19.09 -131.08
N LYS M 351 40.11 -18.55 -130.23
CA LYS M 351 39.84 -17.25 -129.63
C LYS M 351 40.03 -16.12 -130.64
N ASP M 352 40.84 -16.35 -131.67
CA ASP M 352 41.08 -15.31 -132.68
C ASP M 352 39.94 -15.27 -133.70
N VAL M 353 39.43 -16.44 -134.09
CA VAL M 353 38.37 -16.48 -135.10
C VAL M 353 37.04 -16.04 -134.50
N ASN M 354 36.82 -16.33 -133.21
CA ASN M 354 35.57 -15.94 -132.56
C ASN M 354 35.46 -14.43 -132.41
N SER M 355 36.60 -13.73 -132.27
CA SER M 355 36.56 -12.29 -132.20
C SER M 355 36.35 -11.66 -133.57
N ALA M 356 36.64 -12.40 -134.64
CA ALA M 356 36.41 -11.90 -135.99
C ALA M 356 35.01 -12.24 -136.49
N ILE M 357 34.44 -13.34 -136.00
CA ILE M 357 33.05 -13.68 -136.31
C ILE M 357 32.11 -12.64 -135.71
N ALA M 358 32.36 -12.26 -134.45
CA ALA M 358 31.48 -11.35 -133.75
C ALA M 358 31.64 -9.90 -134.24
N SER M 359 32.79 -9.59 -134.85
CA SER M 359 33.04 -8.21 -135.26
C SER M 359 32.44 -7.92 -136.63
N SER M 360 32.27 -8.94 -137.46
CA SER M 360 31.75 -8.76 -138.81
C SER M 360 30.27 -9.09 -138.87
N GLU M 361 29.47 -8.28 -138.15
CA GLU M 361 28.02 -8.43 -138.23
C GLU M 361 27.49 -7.89 -139.55
N GLU M 362 28.23 -6.98 -140.18
CA GLU M 362 27.93 -6.57 -141.55
C GLU M 362 28.30 -7.69 -142.52
N ASP M 363 27.53 -7.79 -143.60
CA ASP M 363 27.76 -8.70 -144.73
C ASP M 363 27.79 -10.17 -144.28
N ASN M 364 26.59 -10.65 -143.94
CA ASN M 364 26.37 -11.96 -143.33
C ASN M 364 26.92 -13.14 -144.16
N ALA M 365 27.13 -12.93 -145.46
CA ALA M 365 27.75 -13.97 -146.29
C ALA M 365 29.21 -14.19 -145.91
N ILE M 366 29.90 -13.13 -145.48
CA ILE M 366 31.30 -13.27 -145.08
C ILE M 366 31.41 -13.96 -143.73
N LYS M 367 30.45 -13.68 -142.83
CA LYS M 367 30.44 -14.35 -141.53
C LYS M 367 30.18 -15.85 -141.68
N THR M 368 29.38 -16.23 -142.67
CA THR M 368 29.12 -17.66 -142.92
C THR M 368 30.37 -18.35 -143.44
N ALA M 369 31.17 -17.65 -144.24
CA ALA M 369 32.40 -18.25 -144.78
C ALA M 369 33.46 -18.42 -143.69
N ILE M 370 33.54 -17.46 -142.76
CA ILE M 370 34.49 -17.56 -141.66
C ILE M 370 34.06 -18.65 -140.68
N SER M 371 32.75 -18.80 -140.48
CA SER M 371 32.25 -19.84 -139.59
C SER M 371 32.41 -21.22 -140.22
N ASP M 372 32.28 -21.31 -141.55
CA ASP M 372 32.42 -22.61 -142.21
C ASP M 372 33.87 -23.07 -142.24
N ALA M 373 34.81 -22.13 -142.34
CA ALA M 373 36.23 -22.48 -142.35
C ALA M 373 36.70 -22.93 -140.96
N LEU M 374 35.97 -22.56 -139.92
CA LEU M 374 36.42 -22.87 -138.56
C LEU M 374 36.04 -24.29 -138.16
N ASP M 375 34.85 -24.75 -138.56
CA ASP M 375 34.43 -26.09 -138.17
C ASP M 375 35.14 -27.16 -138.98
N VAL M 376 35.59 -26.83 -140.19
CA VAL M 376 36.31 -27.81 -140.98
C VAL M 376 37.74 -27.97 -140.45
N PHE M 377 38.27 -26.91 -139.81
CA PHE M 377 39.55 -27.04 -139.12
C PHE M 377 39.39 -27.81 -137.82
N ASN M 378 38.22 -27.73 -137.20
CA ASN M 378 37.99 -28.42 -135.93
C ASN M 378 37.50 -29.85 -136.12
N GLU M 379 37.60 -30.41 -137.34
CA GLU M 379 37.11 -31.76 -137.58
C GLU M 379 37.98 -32.81 -136.89
N ASP M 380 39.29 -32.80 -137.17
CA ASP M 380 40.18 -33.85 -136.69
C ASP M 380 40.40 -33.75 -135.19
N PHE M 381 40.26 -32.55 -134.62
CA PHE M 381 40.50 -32.37 -133.20
C PHE M 381 39.37 -32.94 -132.36
N GLU M 382 38.12 -32.77 -132.79
CA GLU M 382 36.99 -33.28 -132.02
C GLU M 382 36.09 -34.21 -132.83
N GLY M 383 35.66 -33.78 -134.02
CA GLY M 383 34.58 -34.46 -134.70
C GLY M 383 35.01 -35.68 -135.49
N ALA M 384 36.06 -35.52 -136.30
CA ALA M 384 36.48 -36.62 -137.18
C ALA M 384 37.26 -37.69 -136.42
N ASP M 385 38.41 -37.32 -135.85
CA ASP M 385 39.28 -38.27 -135.18
C ASP M 385 39.35 -37.89 -133.71
N LYS M 386 39.80 -38.82 -132.86
CA LYS M 386 39.81 -38.64 -131.41
C LYS M 386 41.16 -38.11 -130.92
N ILE M 387 41.55 -36.94 -131.43
CA ILE M 387 42.85 -36.37 -131.06
C ILE M 387 42.86 -35.91 -129.60
N GLU M 388 41.81 -35.21 -129.18
CA GLU M 388 41.75 -34.77 -127.78
C GLU M 388 41.32 -35.90 -126.85
N SER M 389 40.91 -37.05 -127.42
CA SER M 389 40.49 -38.17 -126.57
C SER M 389 41.64 -39.14 -126.31
N VAL M 390 42.59 -39.26 -127.24
CA VAL M 390 43.69 -40.20 -127.01
C VAL M 390 44.72 -39.61 -126.06
N ALA M 391 44.77 -38.27 -125.97
CA ALA M 391 45.68 -37.63 -125.03
C ALA M 391 45.25 -37.83 -123.58
N LYS M 392 43.98 -38.14 -123.33
CA LYS M 392 43.49 -38.39 -121.99
C LYS M 392 43.66 -39.85 -121.57
N ASN M 393 43.43 -40.78 -122.51
CA ASN M 393 43.53 -42.20 -122.17
C ASN M 393 44.98 -42.66 -122.06
N LEU M 394 45.90 -42.01 -122.79
CA LEU M 394 47.31 -42.39 -122.67
C LEU M 394 47.88 -41.97 -121.32
N SER M 395 47.36 -40.89 -120.74
CA SER M 395 47.85 -40.43 -119.45
C SER M 395 47.40 -41.35 -118.32
N ASP M 396 46.19 -41.91 -118.41
CA ASP M 396 45.74 -42.85 -117.39
C ASP M 396 46.33 -44.24 -117.64
N LEU M 397 46.62 -44.58 -118.90
CA LEU M 397 47.33 -45.82 -119.17
C LEU M 397 48.78 -45.75 -118.73
N LEU M 398 49.34 -44.53 -118.69
CA LEU M 398 50.73 -44.38 -118.25
C LEU M 398 50.85 -44.59 -116.75
N ILE M 399 49.85 -44.15 -115.99
CA ILE M 399 49.87 -44.34 -114.54
C ILE M 399 49.65 -45.80 -114.19
N LYS M 400 48.86 -46.51 -115.01
CA LYS M 400 48.49 -47.90 -114.72
C LYS M 400 49.68 -48.84 -114.88
N ILE M 401 50.58 -48.55 -115.82
CA ILE M 401 51.70 -49.45 -116.06
C ILE M 401 52.78 -49.28 -114.99
N LYS M 402 52.77 -48.16 -114.27
CA LYS M 402 53.78 -47.96 -113.24
C LYS M 402 53.37 -48.61 -111.92
N GLN M 403 52.06 -48.79 -111.71
CA GLN M 403 51.60 -49.51 -110.52
C GLN M 403 51.56 -51.02 -110.76
N ALA M 404 51.50 -51.44 -112.03
CA ALA M 404 51.28 -52.85 -112.34
C ALA M 404 52.55 -53.67 -112.16
N ASP M 405 53.69 -53.02 -111.95
CA ASP M 405 54.96 -53.72 -111.83
C ASP M 405 55.16 -54.38 -110.47
N THR M 406 54.20 -54.28 -109.56
CA THR M 406 54.37 -54.84 -108.22
C THR M 406 54.15 -56.35 -108.20
N ASN M 407 53.37 -56.89 -109.13
CA ASN M 407 52.98 -58.29 -109.04
C ASN M 407 53.10 -59.08 -110.33
N THR M 408 52.72 -58.54 -111.48
CA THR M 408 52.51 -59.41 -112.63
C THR M 408 53.17 -58.80 -113.84
N LYS M 409 53.85 -59.65 -114.61
CA LYS M 409 54.36 -59.23 -115.91
C LYS M 409 53.29 -59.40 -117.00
N VAL M 410 52.33 -60.29 -116.78
CA VAL M 410 51.22 -60.45 -117.72
C VAL M 410 50.35 -59.20 -117.74
N GLU M 411 50.29 -58.52 -116.59
CA GLU M 411 49.58 -57.24 -116.50
C GLU M 411 50.29 -56.25 -117.41
N ASN M 412 51.62 -56.30 -117.43
CA ASN M 412 52.39 -55.44 -118.33
C ASN M 412 52.40 -55.94 -119.76
N VAL M 413 51.76 -57.07 -120.04
CA VAL M 413 51.66 -57.62 -121.39
C VAL M 413 50.24 -57.51 -121.92
N LEU M 414 49.24 -57.69 -121.03
CA LEU M 414 47.83 -57.62 -121.42
C LEU M 414 47.46 -56.21 -121.89
N SER M 415 48.09 -55.19 -121.31
CA SER M 415 47.76 -53.82 -121.67
C SER M 415 48.42 -53.40 -122.98
N ILE M 416 49.72 -53.68 -123.14
CA ILE M 416 50.48 -53.00 -124.18
C ILE M 416 50.30 -53.70 -125.53
N ASN M 417 49.78 -54.93 -125.54
CA ASN M 417 49.60 -55.67 -126.79
C ASN M 417 48.15 -55.99 -127.06
N ALA M 418 47.44 -56.61 -126.11
CA ALA M 418 46.08 -57.07 -126.38
C ALA M 418 45.07 -55.96 -126.15
N LEU M 419 45.15 -55.26 -125.01
CA LEU M 419 44.20 -54.23 -124.66
C LEU M 419 44.68 -52.86 -125.17
N ASN M 420 44.10 -51.81 -124.60
CA ASN M 420 43.93 -50.46 -125.17
C ASN M 420 45.22 -49.80 -125.66
N PHE M 421 46.39 -50.20 -125.18
CA PHE M 421 47.58 -49.39 -125.42
C PHE M 421 48.13 -49.58 -126.83
N SER M 422 47.97 -50.78 -127.40
CA SER M 422 48.39 -50.99 -128.78
C SER M 422 47.38 -50.40 -129.76
N ALA M 423 46.13 -50.25 -129.32
CA ALA M 423 45.09 -49.74 -130.22
C ALA M 423 45.11 -48.21 -130.30
N GLU M 424 45.58 -47.53 -129.24
CA GLU M 424 45.49 -46.07 -129.21
C GLU M 424 46.55 -45.42 -130.09
N PHE M 425 47.68 -46.10 -130.30
CA PHE M 425 48.73 -45.55 -131.14
C PHE M 425 48.41 -45.60 -132.62
N GLU M 426 47.38 -46.35 -133.03
CA GLU M 426 47.17 -46.58 -134.45
C GLU M 426 46.45 -45.42 -135.12
N LYS M 427 45.80 -44.55 -134.33
CA LYS M 427 44.92 -43.56 -134.91
C LYS M 427 45.69 -42.39 -135.52
N LEU M 428 46.93 -42.17 -135.08
CA LEU M 428 47.74 -41.14 -135.73
C LEU M 428 48.57 -41.75 -136.85
N LEU M 429 49.12 -42.94 -136.63
CA LEU M 429 49.87 -43.67 -137.64
C LEU M 429 49.45 -45.13 -137.59
N THR M 430 48.88 -45.64 -138.68
CA THR M 430 48.31 -46.98 -138.66
C THR M 430 49.36 -48.04 -138.89
N TYR M 431 50.20 -47.89 -139.92
CA TYR M 431 51.19 -48.89 -140.27
C TYR M 431 52.54 -48.22 -140.56
N ASP M 432 52.98 -47.36 -139.64
CA ASP M 432 54.24 -46.64 -139.85
C ASP M 432 55.47 -47.52 -139.63
N VAL M 433 55.28 -48.72 -139.06
CA VAL M 433 56.41 -49.58 -138.72
C VAL M 433 56.93 -50.40 -139.91
N ASN M 434 56.52 -50.08 -141.14
CA ASN M 434 56.97 -50.85 -142.29
C ASN M 434 58.44 -50.59 -142.61
N THR M 435 58.96 -49.45 -142.17
CA THR M 435 60.37 -49.12 -142.38
C THR M 435 60.90 -48.40 -141.15
N GLY M 436 62.14 -47.91 -141.27
CA GLY M 436 62.69 -47.08 -140.20
C GLY M 436 61.97 -45.74 -140.11
N LEU M 437 61.55 -45.20 -141.25
CA LEU M 437 60.78 -43.97 -141.30
C LEU M 437 59.30 -44.29 -141.41
N THR M 438 58.45 -43.31 -141.08
CA THR M 438 57.01 -43.49 -141.19
C THR M 438 56.58 -43.51 -142.64
N ALA M 439 56.22 -44.69 -143.13
CA ALA M 439 55.73 -44.87 -144.48
C ALA M 439 54.45 -45.69 -144.43
N SER M 440 53.91 -46.00 -145.63
CA SER M 440 52.63 -46.68 -145.82
C SER M 440 51.50 -45.97 -145.07
N VAL M 441 51.35 -44.67 -145.34
CA VAL M 441 50.47 -43.81 -144.57
C VAL M 441 49.00 -44.08 -144.92
N THR M 442 48.47 -45.15 -144.30
CA THR M 442 47.07 -45.49 -144.49
C THR M 442 46.15 -44.54 -143.74
N LEU M 443 46.54 -44.13 -142.53
CA LEU M 443 45.71 -43.25 -141.72
C LEU M 443 46.59 -42.14 -141.16
N ASP M 444 46.14 -40.91 -141.33
CA ASP M 444 46.93 -39.76 -140.90
C ASP M 444 46.00 -38.65 -140.46
N LEU M 445 46.03 -38.37 -139.16
CA LEU M 445 45.22 -37.32 -138.56
C LEU M 445 45.87 -35.95 -138.66
N PHE M 446 47.15 -35.89 -139.02
CA PHE M 446 47.88 -34.65 -139.20
C PHE M 446 48.00 -34.32 -140.67
N ALA M 447 48.77 -33.26 -140.96
CA ALA M 447 49.10 -32.75 -142.29
C ALA M 447 47.89 -32.19 -143.05
N ASN M 448 46.73 -32.12 -142.40
CA ASN M 448 45.59 -31.34 -142.89
C ASN M 448 45.47 -30.01 -142.18
N ILE M 449 46.42 -29.70 -141.29
CA ILE M 449 46.34 -28.49 -140.48
C ILE M 449 46.60 -27.26 -141.32
N GLY M 450 47.76 -27.23 -142.00
CA GLY M 450 48.17 -26.09 -142.80
C GLY M 450 47.31 -25.83 -144.02
N THR M 451 46.64 -26.86 -144.52
CA THR M 451 45.67 -26.68 -145.60
C THR M 451 44.44 -25.97 -145.08
N ARG M 452 43.99 -26.33 -143.87
CA ARG M 452 42.80 -25.68 -143.32
C ARG M 452 43.12 -24.33 -142.70
N LEU M 453 44.40 -24.07 -142.39
CA LEU M 453 44.76 -22.80 -141.75
C LEU M 453 44.78 -21.65 -142.75
N ASP M 454 45.45 -21.84 -143.90
CA ASP M 454 45.58 -20.73 -144.84
C ASP M 454 44.27 -20.46 -145.58
N ASP M 455 43.33 -21.41 -145.53
CA ASP M 455 41.97 -21.12 -145.94
C ASP M 455 41.31 -20.11 -145.01
N ILE M 456 41.60 -20.21 -143.71
CA ILE M 456 41.04 -19.27 -142.73
C ILE M 456 41.67 -17.89 -142.89
N ILE M 457 42.96 -17.85 -143.25
CA ILE M 457 43.69 -16.59 -143.40
C ILE M 457 43.11 -15.76 -144.56
N ALA M 458 42.66 -16.43 -145.61
CA ALA M 458 42.04 -15.74 -146.73
C ALA M 458 40.58 -15.43 -146.45
N ALA M 459 39.92 -16.27 -145.65
CA ALA M 459 38.49 -16.08 -145.38
C ALA M 459 38.26 -14.89 -144.47
N VAL M 460 39.13 -14.69 -143.47
CA VAL M 460 38.99 -13.51 -142.61
C VAL M 460 39.65 -12.30 -143.24
N SER M 461 40.32 -12.49 -144.39
CA SER M 461 40.90 -11.35 -145.10
C SER M 461 39.82 -10.54 -145.83
N ALA M 462 38.67 -11.18 -146.14
CA ALA M 462 37.57 -10.44 -146.73
C ALA M 462 36.81 -9.63 -145.70
N ALA M 463 37.00 -9.92 -144.41
CA ALA M 463 36.25 -9.26 -143.35
C ALA M 463 36.86 -7.92 -142.94
N GLU M 464 38.09 -7.62 -143.32
CA GLU M 464 38.70 -6.36 -142.90
C GLU M 464 38.18 -5.08 -143.59
N PRO M 465 37.68 -5.06 -144.83
CA PRO M 465 37.04 -3.82 -145.28
C PRO M 465 35.57 -3.65 -144.93
N ILE M 466 34.94 -4.58 -144.20
CA ILE M 466 33.52 -4.48 -143.91
C ILE M 466 33.26 -4.18 -142.43
N ASP M 467 34.30 -4.14 -141.60
CA ASP M 467 34.15 -3.81 -140.19
C ASP M 467 34.58 -2.37 -139.95
N VAL M 468 33.71 -1.60 -139.31
CA VAL M 468 33.92 -0.15 -139.22
C VAL M 468 33.83 0.37 -137.79
N ASN M 469 33.42 -0.48 -136.83
CA ASN M 469 33.11 0.04 -135.50
C ASN M 469 33.73 -0.75 -134.34
N ASN M 470 34.28 -1.93 -134.58
CA ASN M 470 34.64 -2.83 -133.49
C ASN M 470 36.13 -2.74 -133.19
N GLY M 471 36.47 -2.64 -131.89
CA GLY M 471 37.84 -2.47 -131.45
C GLY M 471 38.54 -3.76 -131.06
N LYS M 472 39.57 -3.60 -130.22
CA LYS M 472 40.52 -4.68 -129.92
C LYS M 472 39.91 -5.84 -129.15
N LEU M 473 39.08 -5.57 -128.16
CA LEU M 473 38.63 -6.59 -127.22
C LEU M 473 37.22 -7.08 -127.51
N ASN M 474 36.71 -6.85 -128.72
CA ASN M 474 35.36 -7.30 -129.06
C ASN M 474 35.33 -8.81 -129.26
N GLY M 475 34.42 -9.48 -128.55
CA GLY M 475 34.26 -10.91 -128.65
C GLY M 475 35.22 -11.74 -127.83
N ARG M 476 35.92 -11.14 -126.87
CA ARG M 476 36.91 -11.83 -126.07
C ARG M 476 36.34 -12.17 -124.70
N LEU M 477 36.86 -13.25 -124.11
CA LEU M 477 36.51 -13.60 -122.75
C LEU M 477 37.20 -12.67 -121.76
N LEU M 478 36.58 -12.49 -120.59
CA LEU M 478 37.10 -11.55 -119.61
C LEU M 478 38.40 -12.07 -118.98
N SER M 479 38.50 -13.39 -118.82
CA SER M 479 39.72 -13.97 -118.24
C SER M 479 40.90 -13.86 -119.19
N ASP M 480 40.64 -13.79 -120.50
CA ASP M 480 41.72 -13.77 -121.47
C ASP M 480 42.28 -12.37 -121.73
N ILE M 481 41.65 -11.31 -121.19
CA ILE M 481 42.19 -9.96 -121.40
C ILE M 481 43.12 -9.52 -120.27
N GLU M 482 43.24 -10.31 -119.20
CA GLU M 482 44.12 -9.95 -118.10
C GLU M 482 45.61 -9.89 -118.48
N PRO M 483 46.17 -10.77 -119.31
CA PRO M 483 47.53 -10.48 -119.79
C PRO M 483 47.57 -9.38 -120.84
N LEU M 484 46.47 -9.15 -121.56
CA LEU M 484 46.50 -8.19 -122.67
C LEU M 484 46.44 -6.76 -122.15
N ASP M 485 45.44 -6.42 -121.35
CA ASP M 485 45.31 -5.08 -120.77
C ASP M 485 44.86 -5.29 -119.32
N ASN M 486 45.81 -5.14 -118.40
CA ASN M 486 45.54 -5.42 -117.00
C ASN M 486 44.71 -4.32 -116.34
N ALA M 487 44.87 -3.08 -116.81
CA ALA M 487 44.16 -1.96 -116.19
C ALA M 487 42.69 -1.94 -116.57
N THR M 488 42.37 -2.42 -117.77
CA THR M 488 40.96 -2.51 -118.18
C THR M 488 40.25 -3.65 -117.46
N TYR M 489 40.96 -4.76 -117.25
CA TYR M 489 40.39 -5.92 -116.57
C TYR M 489 40.04 -5.62 -115.12
N ASN M 490 40.85 -4.81 -114.44
CA ASN M 490 40.57 -4.48 -113.06
C ASN M 490 39.43 -3.48 -112.93
N THR M 491 39.21 -2.67 -113.97
CA THR M 491 38.14 -1.68 -113.92
C THR M 491 36.78 -2.35 -114.14
N ILE M 492 36.74 -3.39 -114.96
CA ILE M 492 35.49 -4.13 -115.20
C ILE M 492 35.08 -4.90 -113.94
N LEU M 493 36.05 -5.36 -113.16
CA LEU M 493 35.76 -6.12 -111.94
C LEU M 493 35.09 -5.26 -110.87
N LEU M 494 35.42 -3.97 -110.82
CA LEU M 494 34.76 -3.07 -109.87
C LEU M 494 33.31 -2.81 -110.25
N GLU M 495 33.03 -2.71 -111.55
CA GLU M 495 31.67 -2.41 -111.98
C GLU M 495 30.75 -3.62 -111.80
N ILE M 496 31.31 -4.83 -111.87
CA ILE M 496 30.52 -6.03 -111.66
C ILE M 496 30.16 -6.17 -110.18
N ASN M 497 31.10 -5.87 -109.29
CA ASN M 497 30.88 -6.04 -107.86
C ASN M 497 30.04 -4.93 -107.23
N SER M 498 29.57 -3.96 -108.01
CA SER M 498 28.74 -2.90 -107.44
C SER M 498 27.27 -3.31 -107.31
N HIS M 499 26.88 -4.47 -107.83
CA HIS M 499 25.51 -4.96 -107.73
C HIS M 499 25.39 -5.93 -106.56
N LYS M 500 24.36 -5.76 -105.75
CA LYS M 500 24.18 -6.53 -104.53
C LYS M 500 22.96 -7.43 -104.60
N VAL M 501 22.91 -8.38 -103.67
CA VAL M 501 21.84 -9.37 -103.62
C VAL M 501 20.73 -8.88 -102.69
N THR M 502 19.48 -9.08 -103.10
CA THR M 502 18.32 -8.85 -102.25
C THR M 502 17.72 -10.20 -101.86
N LEU M 503 17.47 -10.39 -100.58
CA LEU M 503 16.96 -11.65 -100.04
C LEU M 503 15.67 -11.44 -99.27
N PRO M 504 14.83 -12.47 -99.19
CA PRO M 504 13.76 -12.46 -98.20
C PRO M 504 14.33 -12.58 -96.81
N PRO M 505 13.65 -12.01 -95.80
CA PRO M 505 14.29 -11.81 -94.49
C PRO M 505 14.21 -12.99 -93.53
N SER M 506 13.79 -14.19 -93.94
CA SER M 506 13.47 -15.24 -92.97
C SER M 506 14.72 -15.92 -92.41
N SER M 507 15.83 -15.93 -93.15
CA SER M 507 17.02 -16.59 -92.63
C SER M 507 17.84 -15.68 -91.73
N SER M 508 17.74 -14.37 -91.90
CA SER M 508 18.35 -13.45 -90.95
C SER M 508 17.59 -13.43 -89.63
N MET M 509 16.27 -13.66 -89.69
CA MET M 509 15.47 -13.72 -88.47
C MET M 509 15.81 -14.95 -87.65
N ALA M 510 16.12 -16.08 -88.32
CA ALA M 510 16.47 -17.30 -87.60
C ALA M 510 17.79 -17.15 -86.84
N GLY M 511 18.74 -16.41 -87.42
CA GLY M 511 19.98 -16.14 -86.71
C GLY M 511 19.77 -15.25 -85.51
N ALA M 512 18.84 -14.29 -85.63
CA ALA M 512 18.55 -13.40 -84.51
C ALA M 512 17.74 -14.10 -83.42
N TYR M 513 16.98 -15.15 -83.77
CA TYR M 513 16.29 -15.95 -82.75
C TYR M 513 17.30 -16.67 -81.87
N ALA M 514 18.39 -17.17 -82.47
CA ALA M 514 19.37 -17.93 -81.70
C ALA M 514 20.29 -17.01 -80.91
N ARG M 515 20.48 -15.77 -81.38
CA ARG M 515 21.33 -14.82 -80.68
C ARG M 515 20.66 -14.29 -79.40
N VAL M 516 19.34 -14.07 -79.45
CA VAL M 516 18.64 -13.50 -78.31
C VAL M 516 18.37 -14.56 -77.25
N ASP M 517 18.11 -15.80 -77.67
CA ASP M 517 17.85 -16.90 -76.74
C ASP M 517 19.11 -17.25 -75.95
N ASN M 518 20.28 -17.07 -76.56
CA ASN M 518 21.52 -17.33 -75.84
C ASN M 518 21.86 -16.18 -74.89
N ASP M 519 21.48 -14.96 -75.25
CA ASP M 519 21.84 -13.80 -74.44
C ASP M 519 20.87 -13.59 -73.29
N ARG M 520 19.57 -13.68 -73.54
CA ARG M 520 18.56 -13.26 -72.58
C ARG M 520 17.51 -14.33 -72.29
N GLY M 521 17.49 -15.43 -73.01
CA GLY M 521 16.51 -16.48 -72.79
C GLY M 521 15.44 -16.50 -73.86
N VAL M 522 14.62 -17.56 -73.80
CA VAL M 522 13.59 -17.79 -74.81
C VAL M 522 12.31 -17.01 -74.51
N TRP M 523 12.14 -16.49 -73.30
CA TRP M 523 10.98 -15.69 -72.93
C TRP M 523 11.14 -14.21 -73.29
N LYS M 524 12.22 -13.83 -73.94
CA LYS M 524 12.43 -12.44 -74.36
C LYS M 524 12.02 -12.28 -75.81
N SER M 525 11.22 -11.25 -76.09
CA SER M 525 10.70 -11.01 -77.43
C SER M 525 11.83 -10.64 -78.39
N PRO M 526 11.86 -11.22 -79.59
CA PRO M 526 12.91 -10.85 -80.58
C PRO M 526 12.55 -9.62 -81.40
N ALA M 527 12.41 -8.49 -80.73
CA ALA M 527 12.16 -7.20 -81.36
C ALA M 527 12.98 -6.16 -80.64
N ASN M 528 13.02 -4.95 -81.23
CA ASN M 528 13.92 -3.85 -80.84
C ASN M 528 15.38 -4.30 -80.88
N ILE M 529 15.76 -4.88 -82.02
CA ILE M 529 17.08 -5.46 -82.23
C ILE M 529 17.52 -5.16 -83.67
N GLY M 530 18.82 -5.29 -83.91
CA GLY M 530 19.39 -4.98 -85.21
C GLY M 530 19.76 -6.21 -86.03
N LEU M 531 19.95 -5.99 -87.33
CA LEU M 531 20.35 -7.04 -88.27
C LEU M 531 21.71 -6.72 -88.88
N ASN M 532 22.60 -7.70 -88.91
CA ASN M 532 23.93 -7.53 -89.50
C ASN M 532 23.89 -7.85 -90.99
N TYR M 533 24.88 -7.30 -91.71
CA TYR M 533 25.08 -7.44 -93.18
C TYR M 533 23.94 -6.83 -94.00
N VAL M 534 23.18 -5.91 -93.43
CA VAL M 534 22.01 -5.34 -94.09
C VAL M 534 22.21 -3.85 -94.25
N SER M 535 22.04 -3.34 -95.47
CA SER M 535 22.21 -1.91 -95.71
C SER M 535 20.92 -1.13 -95.46
N LYS M 536 19.79 -1.63 -95.94
CA LYS M 536 18.49 -0.97 -95.79
C LYS M 536 17.39 -1.99 -96.07
N PRO M 537 16.15 -1.71 -95.64
CA PRO M 537 15.01 -2.44 -96.19
C PRO M 537 14.77 -2.05 -97.65
N SER M 538 14.08 -2.93 -98.37
CA SER M 538 13.82 -2.69 -99.79
C SER M 538 12.67 -1.71 -99.99
N VAL M 539 11.71 -1.65 -99.06
CA VAL M 539 10.57 -0.76 -99.13
C VAL M 539 10.58 0.05 -97.83
N THR M 540 10.18 1.32 -97.93
CA THR M 540 10.00 2.18 -96.77
C THR M 540 8.60 2.00 -96.22
N VAL M 541 8.52 1.74 -94.90
CA VAL M 541 7.25 1.61 -94.19
C VAL M 541 7.21 2.70 -93.13
N SER M 542 6.20 3.54 -93.19
CA SER M 542 6.09 4.66 -92.27
C SER M 542 5.37 4.26 -90.98
N HIS M 543 5.17 5.24 -90.10
CA HIS M 543 4.45 5.02 -88.86
C HIS M 543 2.98 4.71 -89.13
N GLU M 544 2.39 5.41 -90.08
CA GLU M 544 0.94 5.35 -90.31
C GLU M 544 0.50 4.07 -91.01
N GLU M 545 1.34 3.46 -91.85
CA GLU M 545 0.95 2.23 -92.53
C GLU M 545 1.38 0.96 -91.80
N GLN M 546 2.07 1.06 -90.66
CA GLN M 546 2.30 -0.12 -89.83
C GLN M 546 1.13 -0.42 -88.92
N GLU M 547 0.16 0.49 -88.80
CA GLU M 547 -0.96 0.30 -87.88
C GLU M 547 -1.87 -0.84 -88.33
N SER M 548 -2.16 -0.93 -89.63
CA SER M 548 -2.97 -2.04 -90.12
C SER M 548 -2.13 -3.30 -90.32
N MET M 549 -0.81 -3.20 -90.22
CA MET M 549 0.04 -4.40 -90.18
C MET M 549 0.01 -5.05 -88.80
N ASN M 550 0.08 -4.25 -87.74
CA ASN M 550 0.22 -4.80 -86.38
C ASN M 550 -1.13 -5.25 -85.83
N VAL M 551 -2.18 -4.45 -86.02
CA VAL M 551 -3.50 -4.73 -85.47
C VAL M 551 -4.51 -4.73 -86.62
N HIS M 552 -5.28 -5.80 -86.72
CA HIS M 552 -6.19 -6.01 -87.84
C HIS M 552 -7.41 -6.79 -87.39
N GLY M 553 -8.49 -6.68 -88.16
CA GLY M 553 -9.74 -7.35 -87.81
C GLY M 553 -9.71 -8.86 -88.01
N THR M 554 -8.86 -9.33 -88.92
CA THR M 554 -8.68 -10.78 -89.09
C THR M 554 -7.82 -11.35 -87.97
N GLY M 555 -7.00 -10.53 -87.34
CA GLY M 555 -6.02 -11.00 -86.39
C GLY M 555 -4.71 -11.46 -86.97
N LYS M 556 -4.54 -11.39 -88.30
CA LYS M 556 -3.32 -11.86 -88.96
C LYS M 556 -2.30 -10.72 -89.05
N SER M 557 -1.38 -10.72 -88.09
CA SER M 557 -0.41 -9.63 -87.95
C SER M 557 0.86 -9.91 -88.75
N VAL M 558 1.44 -8.83 -89.28
CA VAL M 558 2.69 -8.90 -90.02
C VAL M 558 3.71 -7.98 -89.36
N ASN M 559 4.90 -8.51 -89.07
CA ASN M 559 5.95 -7.75 -88.41
C ASN M 559 6.77 -6.98 -89.44
N ALA M 560 7.09 -5.72 -89.10
CA ALA M 560 7.71 -4.79 -90.03
C ALA M 560 9.19 -4.57 -89.71
N ILE M 561 9.99 -4.47 -90.76
CA ILE M 561 11.40 -4.08 -90.65
C ILE M 561 11.53 -2.62 -91.07
N ARG M 562 12.01 -1.77 -90.17
CA ARG M 562 11.98 -0.33 -90.36
C ARG M 562 13.34 0.31 -90.07
N SER M 563 13.47 1.58 -90.48
CA SER M 563 14.65 2.38 -90.22
C SER M 563 14.29 3.58 -89.36
N PHE M 564 15.19 3.96 -88.46
CA PHE M 564 15.00 5.08 -87.55
C PHE M 564 16.27 5.93 -87.54
N VAL M 565 16.09 7.25 -87.48
CA VAL M 565 17.24 8.16 -87.51
C VAL M 565 18.04 8.04 -86.22
N GLY M 566 19.34 7.76 -86.37
CA GLY M 566 20.22 7.57 -85.24
C GLY M 566 20.31 6.15 -84.72
N LYS M 567 19.57 5.21 -85.31
CA LYS M 567 19.47 3.86 -84.79
C LYS M 567 19.67 2.76 -85.82
N GLY M 568 19.51 3.05 -87.11
CA GLY M 568 19.68 2.05 -88.13
C GLY M 568 18.43 1.22 -88.39
N THR M 569 18.65 0.08 -89.04
CA THR M 569 17.56 -0.82 -89.41
C THR M 569 17.28 -1.79 -88.26
N LEU M 570 16.01 -1.87 -87.86
CA LEU M 570 15.61 -2.68 -86.72
C LEU M 570 14.43 -3.57 -87.07
N VAL M 571 14.25 -4.63 -86.28
CA VAL M 571 13.02 -5.41 -86.27
C VAL M 571 12.04 -4.74 -85.31
N TRP M 572 10.86 -4.40 -85.80
CA TRP M 572 9.85 -3.68 -85.01
C TRP M 572 8.52 -4.41 -85.12
N GLY M 573 8.33 -5.42 -84.29
CA GLY M 573 7.14 -6.26 -84.25
C GLY M 573 7.46 -7.66 -83.76
N ALA M 574 6.62 -8.18 -82.86
CA ALA M 574 6.85 -9.49 -82.25
C ALA M 574 5.55 -10.27 -82.06
N ARG M 575 4.70 -10.32 -83.08
CA ARG M 575 3.43 -11.04 -82.97
C ARG M 575 3.40 -12.30 -83.84
N THR M 576 2.54 -13.24 -83.46
CA THR M 576 2.21 -14.38 -84.31
C THR M 576 1.01 -14.05 -85.20
N LEU M 577 0.57 -15.03 -85.99
CA LEU M 577 -0.58 -14.88 -86.88
C LEU M 577 -1.91 -15.12 -86.18
N ALA M 578 -1.91 -15.23 -84.85
CA ALA M 578 -3.12 -15.28 -84.03
C ALA M 578 -3.12 -14.06 -83.12
N GLY M 579 -2.92 -12.89 -83.74
CA GLY M 579 -2.63 -11.62 -83.10
C GLY M 579 -3.74 -10.99 -82.27
N ASN M 580 -4.96 -11.54 -82.24
CA ASN M 580 -5.99 -11.08 -81.33
C ASN M 580 -6.29 -12.08 -80.22
N ASP M 581 -5.41 -13.05 -79.99
CA ASP M 581 -5.59 -14.09 -78.97
C ASP M 581 -4.93 -13.64 -77.67
N ASN M 582 -5.65 -13.72 -76.55
CA ASN M 582 -5.08 -13.28 -75.28
C ASN M 582 -4.08 -14.30 -74.72
N GLU M 583 -4.08 -15.52 -75.24
CA GLU M 583 -3.12 -16.51 -74.78
C GLU M 583 -1.92 -16.62 -75.72
N TRP M 584 -2.12 -16.42 -77.02
CA TRP M 584 -1.12 -16.83 -78.00
C TRP M 584 -0.71 -15.75 -79.00
N ARG M 585 -0.73 -14.47 -78.63
CA ARG M 585 -0.43 -13.44 -79.62
C ARG M 585 1.06 -13.10 -79.69
N TYR M 586 1.85 -13.47 -78.70
CA TYR M 586 3.27 -13.13 -78.67
C TYR M 586 4.12 -14.35 -79.01
N ILE M 587 5.19 -14.10 -79.76
CA ILE M 587 6.09 -15.16 -80.21
C ILE M 587 6.80 -15.81 -79.03
N SER M 588 7.19 -15.02 -78.03
CA SER M 588 8.02 -15.53 -76.95
C SER M 588 7.21 -16.37 -75.97
N VAL M 589 5.90 -16.10 -75.84
CA VAL M 589 5.03 -16.92 -74.99
C VAL M 589 4.86 -18.31 -75.61
N ARG M 590 4.59 -18.36 -76.92
CA ARG M 590 4.40 -19.62 -77.64
C ARG M 590 5.67 -20.47 -77.64
N ARG M 591 6.85 -19.84 -77.75
CA ARG M 591 8.07 -20.62 -77.84
C ARG M 591 8.55 -21.07 -76.47
N PHE M 592 8.13 -20.38 -75.39
CA PHE M 592 8.42 -20.87 -74.05
C PHE M 592 7.55 -22.07 -73.68
N PHE M 593 6.28 -22.07 -74.12
CA PHE M 593 5.41 -23.23 -73.93
C PHE M 593 5.90 -24.44 -74.72
N ASN M 594 6.51 -24.21 -75.89
CA ASN M 594 7.08 -25.33 -76.65
C ASN M 594 8.28 -25.94 -75.94
N MET M 595 9.07 -25.13 -75.24
CA MET M 595 10.22 -25.66 -74.53
C MET M 595 9.80 -26.42 -73.28
N ALA M 596 8.91 -25.82 -72.48
CA ALA M 596 8.57 -26.37 -71.17
C ALA M 596 7.76 -27.66 -71.28
N GLU M 597 6.91 -27.78 -72.31
CA GLU M 597 6.08 -28.97 -72.44
C GLU M 597 6.89 -30.17 -72.92
N GLU M 598 7.88 -29.95 -73.80
CA GLU M 598 8.68 -31.05 -74.30
C GLU M 598 9.65 -31.57 -73.24
N SER M 599 10.20 -30.68 -72.41
CA SER M 599 11.14 -31.10 -71.37
C SER M 599 10.44 -31.92 -70.29
N ILE M 600 9.20 -31.57 -69.97
CA ILE M 600 8.44 -32.31 -68.96
C ILE M 600 7.99 -33.66 -69.52
N LYS M 601 7.66 -33.70 -70.82
CA LYS M 601 7.18 -34.93 -71.44
C LYS M 601 8.27 -36.00 -71.52
N LYS M 602 9.51 -35.58 -71.81
CA LYS M 602 10.61 -36.54 -71.88
C LYS M 602 10.97 -37.08 -70.50
N ALA M 603 10.84 -36.26 -69.46
CA ALA M 603 11.18 -36.70 -68.12
C ALA M 603 10.13 -37.63 -67.52
N THR M 604 8.94 -37.71 -68.13
CA THR M 604 7.80 -38.45 -67.60
C THR M 604 7.73 -39.89 -68.13
N GLU M 605 8.50 -40.27 -69.15
CA GLU M 605 8.38 -41.63 -69.69
C GLU M 605 8.99 -42.69 -68.77
N GLN M 606 9.70 -42.29 -67.72
CA GLN M 606 10.19 -43.28 -66.76
C GLN M 606 9.09 -43.73 -65.79
N PHE M 607 7.89 -43.16 -65.88
CA PHE M 607 6.78 -43.44 -64.97
C PHE M 607 5.62 -44.20 -65.62
N VAL M 608 5.79 -44.76 -66.82
CA VAL M 608 4.64 -45.19 -67.62
C VAL M 608 3.92 -46.41 -67.02
N PHE M 609 4.65 -47.46 -66.68
CA PHE M 609 4.04 -48.65 -66.10
C PHE M 609 4.26 -48.75 -64.59
N GLU M 610 4.47 -47.63 -63.92
CA GLU M 610 4.68 -47.58 -62.48
C GLU M 610 3.35 -47.80 -61.74
N PRO M 611 3.39 -48.13 -60.44
CA PRO M 611 2.15 -48.17 -59.65
C PRO M 611 1.49 -46.82 -59.53
N ASN M 612 0.18 -46.79 -59.81
CA ASN M 612 -0.60 -45.55 -59.84
C ASN M 612 -1.22 -45.31 -58.46
N ASP M 613 -0.37 -44.98 -57.49
CA ASP M 613 -0.80 -44.81 -56.11
C ASP M 613 -0.17 -43.56 -55.52
N GLY M 614 -0.35 -43.38 -54.21
CA GLY M 614 0.03 -42.12 -53.55
C GLY M 614 1.53 -41.91 -53.46
N ASN M 615 2.31 -42.99 -53.51
CA ASN M 615 3.76 -42.85 -53.48
C ASN M 615 4.29 -42.28 -54.79
N THR M 616 3.67 -42.63 -55.91
CA THR M 616 4.07 -42.09 -57.21
C THR M 616 3.65 -40.63 -57.37
N TRP M 617 2.46 -40.27 -56.85
CA TRP M 617 1.92 -38.94 -57.08
C TRP M 617 2.70 -37.87 -56.32
N VAL M 618 3.34 -38.25 -55.21
CA VAL M 618 4.17 -37.31 -54.46
C VAL M 618 5.45 -37.00 -55.20
N ARG M 619 6.06 -38.01 -55.82
CA ARG M 619 7.33 -37.79 -56.51
C ARG M 619 7.13 -37.15 -57.88
N VAL M 620 5.99 -37.39 -58.52
CA VAL M 620 5.69 -36.75 -59.81
C VAL M 620 5.46 -35.25 -59.61
N ARG M 621 4.76 -34.88 -58.55
CA ARG M 621 4.48 -33.48 -58.26
C ARG M 621 5.76 -32.71 -57.92
N ALA M 622 6.68 -33.35 -57.19
CA ALA M 622 7.88 -32.66 -56.75
C ALA M 622 8.89 -32.51 -57.88
N MET M 623 8.87 -33.41 -58.86
CA MET M 623 9.76 -33.27 -60.03
C MET M 623 9.36 -32.08 -60.89
N ILE M 624 8.06 -31.87 -61.09
CA ILE M 624 7.60 -30.77 -61.92
C ILE M 624 7.73 -29.44 -61.18
N GLU M 625 7.54 -29.46 -59.86
CA GLU M 625 7.61 -28.24 -59.07
C GLU M 625 9.04 -27.72 -58.95
N ASN M 626 10.02 -28.63 -58.88
CA ASN M 626 11.42 -28.20 -58.79
C ASN M 626 11.89 -27.57 -60.10
N PHE M 627 11.33 -28.02 -61.22
CA PHE M 627 11.70 -27.46 -62.52
C PHE M 627 11.13 -26.05 -62.71
N LEU M 628 9.89 -25.83 -62.28
CA LEU M 628 9.24 -24.55 -62.50
C LEU M 628 9.72 -23.48 -61.53
N ILE M 629 10.32 -23.90 -60.40
CA ILE M 629 10.89 -22.96 -59.44
C ILE M 629 12.16 -22.31 -60.01
N LEU M 630 12.91 -23.07 -60.82
CA LEU M 630 14.07 -22.50 -61.51
C LEU M 630 13.65 -21.51 -62.60
N GLN M 631 12.51 -21.74 -63.24
CA GLN M 631 12.06 -20.82 -64.28
C GLN M 631 11.54 -19.52 -63.68
N TRP M 632 10.95 -19.59 -62.50
CA TRP M 632 10.52 -18.38 -61.79
C TRP M 632 11.71 -17.54 -61.33
N ARG M 633 12.81 -18.19 -60.92
CA ARG M 633 13.94 -17.44 -60.41
C ARG M 633 14.74 -16.79 -61.53
N ALA M 634 14.69 -17.37 -62.73
CA ALA M 634 15.37 -16.78 -63.88
C ALA M 634 14.59 -15.63 -64.50
N GLY M 635 13.33 -15.42 -64.13
CA GLY M 635 12.55 -14.31 -64.63
C GLY M 635 11.51 -14.65 -65.69
N ALA M 636 11.27 -15.93 -65.99
CA ALA M 636 10.31 -16.29 -67.02
C ALA M 636 8.88 -16.28 -66.50
N LEU M 637 8.70 -16.42 -65.19
CA LEU M 637 7.38 -16.40 -64.58
C LEU M 637 7.27 -15.21 -63.65
N ALA M 638 6.16 -14.49 -63.74
CA ALA M 638 5.94 -13.28 -62.96
C ALA M 638 5.27 -13.64 -61.64
N GLY M 639 5.79 -13.10 -60.54
CA GLY M 639 5.19 -13.32 -59.24
C GLY M 639 6.13 -12.90 -58.13
N ALA M 640 5.53 -12.45 -57.03
CA ALA M 640 6.33 -12.09 -55.86
C ALA M 640 6.70 -13.31 -55.04
N LYS M 641 5.94 -14.39 -55.18
CA LYS M 641 6.14 -15.62 -54.44
C LYS M 641 5.81 -16.79 -55.35
N PRO M 642 6.30 -18.01 -55.08
CA PRO M 642 6.11 -19.12 -56.05
C PRO M 642 4.67 -19.57 -56.27
N GLU M 643 3.77 -19.38 -55.31
CA GLU M 643 2.40 -19.84 -55.52
C GLU M 643 1.58 -18.83 -56.33
N HIS M 644 2.15 -17.66 -56.59
CA HIS M 644 1.52 -16.73 -57.52
C HIS M 644 1.91 -17.07 -58.96
N ALA M 645 2.95 -17.87 -59.15
CA ALA M 645 3.48 -18.07 -60.49
C ALA M 645 2.96 -19.35 -61.14
N PHE M 646 2.70 -20.40 -60.35
CA PHE M 646 2.28 -21.67 -60.93
C PHE M 646 1.48 -22.48 -59.91
N TYR M 647 0.92 -23.59 -60.37
CA TYR M 647 0.35 -24.63 -59.52
C TYR M 647 0.48 -25.99 -60.22
N VAL M 648 0.52 -27.06 -59.41
CA VAL M 648 0.56 -28.44 -59.90
C VAL M 648 -0.39 -29.27 -59.06
N LYS M 649 -1.28 -30.03 -59.71
CA LYS M 649 -2.26 -30.89 -59.04
C LYS M 649 -2.26 -32.27 -59.66
N VAL M 650 -2.18 -33.30 -58.81
CA VAL M 650 -2.32 -34.70 -59.23
C VAL M 650 -2.75 -35.54 -58.03
N GLY M 651 -3.72 -36.41 -58.22
CA GLY M 651 -4.13 -37.32 -57.17
C GLY M 651 -5.56 -37.76 -57.31
N LEU M 652 -5.91 -38.77 -56.50
CA LEU M 652 -7.29 -39.27 -56.41
C LEU M 652 -8.12 -38.32 -55.57
N GLY M 653 -9.27 -37.92 -56.10
CA GLY M 653 -10.08 -36.88 -55.49
C GLY M 653 -9.67 -35.47 -55.83
N GLN M 654 -8.60 -35.28 -56.61
CA GLN M 654 -8.19 -33.97 -57.09
C GLN M 654 -8.26 -33.87 -58.61
N THR M 655 -7.67 -34.84 -59.32
CA THR M 655 -7.73 -34.88 -60.77
C THR M 655 -8.32 -36.18 -61.31
N MET M 656 -8.57 -37.18 -60.46
CA MET M 656 -8.89 -38.53 -60.91
C MET M 656 -10.04 -39.11 -60.10
N THR M 657 -10.78 -40.03 -60.71
CA THR M 657 -11.76 -40.85 -60.02
C THR M 657 -11.24 -42.28 -59.85
N ALA M 658 -11.99 -43.09 -59.11
CA ALA M 658 -11.61 -44.49 -58.91
C ALA M 658 -11.82 -45.29 -60.18
N GLN M 659 -12.80 -44.91 -61.00
CA GLN M 659 -12.98 -45.53 -62.31
C GLN M 659 -11.81 -45.20 -63.24
N ASP M 660 -11.17 -44.04 -63.04
CA ASP M 660 -9.99 -43.69 -63.84
C ASP M 660 -8.79 -44.58 -63.51
N ILE M 661 -8.67 -45.00 -62.25
CA ILE M 661 -7.55 -45.85 -61.84
C ILE M 661 -7.65 -47.24 -62.46
N LEU M 662 -8.87 -47.80 -62.53
CA LEU M 662 -9.05 -49.11 -63.12
C LEU M 662 -8.77 -49.13 -64.62
N GLU M 663 -8.99 -48.00 -65.30
CA GLU M 663 -8.67 -47.90 -66.73
C GLU M 663 -7.20 -47.65 -67.00
N GLY M 664 -6.42 -47.25 -65.99
CA GLY M 664 -5.01 -46.98 -66.18
C GLY M 664 -4.66 -45.55 -66.53
N ASN M 665 -5.44 -44.57 -66.06
CA ASN M 665 -5.22 -43.16 -66.37
C ASN M 665 -4.65 -42.44 -65.16
N MET M 666 -3.69 -41.55 -65.41
CA MET M 666 -3.17 -40.62 -64.41
C MET M 666 -3.17 -39.21 -65.01
N ASN M 667 -3.86 -38.27 -64.35
CA ASN M 667 -4.06 -36.92 -64.85
C ASN M 667 -3.24 -35.92 -64.02
N VAL M 668 -2.46 -35.08 -64.70
CA VAL M 668 -1.67 -34.02 -64.07
C VAL M 668 -2.10 -32.68 -64.69
N GLU M 669 -2.36 -31.69 -63.84
CA GLU M 669 -2.82 -30.36 -64.26
C GLU M 669 -1.80 -29.31 -63.85
N ILE M 670 -1.43 -28.45 -64.81
CA ILE M 670 -0.34 -27.48 -64.65
C ILE M 670 -0.82 -26.12 -65.19
N GLY M 671 -0.78 -25.09 -64.34
CA GLY M 671 -1.11 -23.74 -64.76
C GLY M 671 0.05 -22.75 -64.62
N LEU M 672 0.25 -21.87 -65.60
CA LEU M 672 1.43 -21.03 -65.67
C LEU M 672 1.06 -19.55 -65.86
N ALA M 673 1.93 -18.67 -65.37
CA ALA M 673 1.79 -17.22 -65.51
C ALA M 673 3.08 -16.67 -66.14
N VAL M 674 3.10 -16.55 -67.45
CA VAL M 674 4.30 -16.23 -68.22
C VAL M 674 4.35 -14.71 -68.45
N VAL M 675 5.56 -14.14 -68.41
CA VAL M 675 5.73 -12.69 -68.55
C VAL M 675 5.50 -12.21 -69.97
N ARG M 676 4.77 -11.11 -70.11
CA ARG M 676 4.42 -10.51 -71.39
C ARG M 676 5.33 -9.31 -71.69
N PRO M 677 5.53 -8.96 -72.95
CA PRO M 677 6.31 -7.76 -73.26
C PRO M 677 5.53 -6.48 -73.05
N ALA M 678 6.28 -5.37 -72.99
CA ALA M 678 5.72 -4.02 -72.86
C ALA M 678 5.75 -3.35 -74.23
N GLU M 679 4.63 -3.46 -74.93
CA GLU M 679 4.57 -3.05 -76.33
C GLU M 679 4.23 -1.58 -76.49
N PHE M 680 3.34 -1.05 -75.65
CA PHE M 680 2.95 0.35 -75.70
C PHE M 680 3.20 0.98 -74.34
N ILE M 681 3.95 2.08 -74.31
CA ILE M 681 4.28 2.80 -73.08
C ILE M 681 3.63 4.18 -73.16
N ILE M 682 2.76 4.48 -72.20
CA ILE M 682 1.92 5.67 -72.23
C ILE M 682 2.29 6.56 -71.04
N LEU M 683 2.84 7.74 -71.34
CA LEU M 683 3.22 8.72 -70.32
C LEU M 683 2.10 9.74 -70.13
N LYS M 684 1.63 9.89 -68.90
CA LYS M 684 0.50 10.77 -68.58
C LYS M 684 0.98 11.91 -67.68
N PHE M 685 0.97 13.13 -68.21
CA PHE M 685 1.47 14.32 -67.52
C PHE M 685 0.33 15.18 -67.02
N SER M 686 0.51 15.78 -65.84
CA SER M 686 -0.49 16.63 -65.22
C SER M 686 0.16 17.61 -64.25
N HIS M 687 -0.56 18.70 -63.98
CA HIS M 687 -0.16 19.71 -63.00
C HIS M 687 -0.60 19.29 -61.61
N LYS M 688 0.23 19.59 -60.61
CA LYS M 688 -0.17 19.43 -59.21
C LYS M 688 -0.06 20.77 -58.49
N MET M 689 -0.88 20.93 -57.45
CA MET M 689 -0.95 22.20 -56.72
C MET M 689 0.29 22.42 -55.87
N GLN M 690 0.70 23.68 -55.75
CA GLN M 690 1.89 24.07 -54.99
C GLN M 690 1.65 23.93 -53.49
N ALA N 2 -6.18 7.89 -77.99
CA ALA N 2 -6.59 6.94 -76.97
C ALA N 2 -6.44 5.50 -77.48
N THR N 3 -6.24 5.35 -78.78
CA THR N 3 -6.07 4.06 -79.42
C THR N 3 -4.68 3.99 -80.03
N TYR N 4 -3.94 2.93 -79.71
CA TYR N 4 -2.57 2.76 -80.17
C TYR N 4 -2.39 1.41 -80.85
N LYS N 5 -1.88 1.44 -82.07
CA LYS N 5 -1.65 0.25 -82.88
C LYS N 5 -0.20 0.00 -83.21
N THR N 6 0.58 1.04 -83.46
CA THR N 6 2.00 0.81 -83.70
C THR N 6 2.82 0.94 -82.42
N PRO N 7 3.83 0.10 -82.24
CA PRO N 7 4.60 0.11 -80.99
C PRO N 7 5.44 1.38 -80.81
N GLY N 8 5.56 1.80 -79.55
CA GLY N 8 6.42 2.93 -79.20
C GLY N 8 5.99 3.56 -77.89
N VAL N 9 6.39 4.82 -77.72
CA VAL N 9 6.08 5.64 -76.55
C VAL N 9 5.14 6.76 -76.97
N TYR N 10 4.17 7.07 -76.12
CA TYR N 10 3.19 8.10 -76.41
C TYR N 10 3.06 9.05 -75.21
N ILE N 11 2.57 10.26 -75.49
CA ILE N 11 2.46 11.33 -74.49
C ILE N 11 1.01 11.79 -74.43
N GLU N 12 0.45 11.82 -73.22
CA GLU N 12 -0.91 12.28 -72.98
C GLU N 12 -0.89 13.40 -71.94
N GLU N 13 -1.73 14.41 -72.12
CA GLU N 13 -1.90 15.48 -71.15
C GLU N 13 -3.31 15.42 -70.58
N ILE N 14 -3.42 15.52 -69.25
CA ILE N 14 -4.69 15.44 -68.54
C ILE N 14 -5.00 16.80 -67.92
N THR N 15 -6.22 17.28 -68.11
CA THR N 15 -6.67 18.58 -67.64
C THR N 15 -7.31 18.47 -66.26
N LYS N 16 -6.77 19.22 -65.30
CA LYS N 16 -7.28 19.18 -63.93
C LYS N 16 -7.73 20.53 -63.40
N PHE N 17 -6.98 21.59 -63.66
CA PHE N 17 -7.29 22.89 -63.07
C PHE N 17 -8.48 23.54 -63.78
N PRO N 18 -9.35 24.24 -63.07
CA PRO N 18 -10.40 25.02 -63.74
C PRO N 18 -9.85 26.29 -64.35
N PRO N 19 -10.51 26.86 -65.35
CA PRO N 19 -10.12 28.20 -65.82
C PRO N 19 -10.60 29.28 -64.87
N SER N 20 -10.22 30.52 -65.17
CA SER N 20 -10.57 31.66 -64.33
C SER N 20 -11.45 32.63 -65.10
N VAL N 21 -12.26 33.38 -64.34
CA VAL N 21 -13.18 34.38 -64.87
C VAL N 21 -12.46 35.71 -65.02
N ALA N 22 -12.75 36.44 -66.09
CA ALA N 22 -12.18 37.76 -66.37
C ALA N 22 -13.24 38.83 -66.18
N GLN N 23 -12.92 39.83 -65.36
CA GLN N 23 -13.90 40.83 -64.95
C GLN N 23 -14.10 41.92 -66.00
N VAL N 24 -15.35 42.35 -66.16
CA VAL N 24 -15.72 43.34 -67.18
C VAL N 24 -15.73 44.74 -66.57
N GLU N 25 -15.69 45.74 -67.45
CA GLU N 25 -15.79 47.14 -67.04
C GLU N 25 -17.20 47.46 -66.53
N THR N 26 -17.30 48.43 -65.61
CA THR N 26 -18.57 48.71 -64.96
C THR N 26 -19.20 50.05 -65.34
N ALA N 27 -18.42 51.06 -65.73
CA ALA N 27 -18.98 52.38 -66.02
C ALA N 27 -18.40 52.92 -67.34
N ILE N 28 -19.04 52.56 -68.45
CA ILE N 28 -18.77 53.12 -69.77
C ILE N 28 -20.10 53.68 -70.29
N PRO N 29 -20.28 55.00 -70.34
CA PRO N 29 -21.54 55.56 -70.84
C PRO N 29 -21.55 55.78 -72.35
N ALA N 30 -22.75 56.06 -72.85
CA ALA N 30 -22.97 56.40 -74.25
C ALA N 30 -23.82 57.67 -74.34
N PHE N 31 -23.34 58.64 -75.11
CA PHE N 31 -24.04 59.92 -75.29
C PHE N 31 -24.63 59.97 -76.68
N ILE N 32 -25.93 60.28 -76.75
CA ILE N 32 -26.71 60.22 -77.99
C ILE N 32 -27.35 61.59 -78.23
N GLY N 33 -26.94 62.27 -79.29
CA GLY N 33 -27.45 63.60 -79.58
C GLY N 33 -26.76 64.22 -80.78
N TYR N 34 -26.94 65.55 -80.90
CA TYR N 34 -26.49 66.31 -82.07
C TYR N 34 -25.09 66.88 -81.87
N THR N 35 -24.30 66.89 -82.94
CA THR N 35 -22.95 67.44 -82.92
C THR N 35 -22.79 68.51 -83.99
N GLN N 36 -21.59 69.08 -84.09
CA GLN N 36 -21.34 70.12 -85.09
C GLN N 36 -21.02 69.53 -86.46
N PHE N 37 -20.05 68.60 -86.56
CA PHE N 37 -19.85 68.02 -87.89
C PHE N 37 -19.74 66.49 -88.01
N ALA N 38 -19.12 65.78 -87.06
CA ALA N 38 -18.99 64.30 -87.05
C ALA N 38 -18.22 63.76 -88.28
N ARG N 39 -16.91 64.03 -88.31
CA ARG N 39 -16.07 63.63 -89.43
C ARG N 39 -14.98 62.66 -88.99
N THR N 40 -14.66 61.67 -89.85
CA THR N 40 -13.53 60.76 -89.56
C THR N 40 -12.20 61.43 -89.84
N LYS N 41 -12.10 62.15 -90.96
CA LYS N 41 -10.92 62.94 -91.26
C LYS N 41 -11.28 64.41 -91.13
N PRO N 42 -10.65 65.14 -90.20
CA PRO N 42 -11.13 66.50 -89.89
C PRO N 42 -10.90 67.52 -90.99
N SER N 43 -9.94 67.28 -91.90
CA SER N 43 -9.71 68.23 -92.98
C SER N 43 -10.71 68.05 -94.11
N VAL N 44 -11.06 66.81 -94.43
CA VAL N 44 -12.01 66.51 -95.51
C VAL N 44 -13.42 66.69 -95.00
N ASP N 45 -14.22 67.49 -95.71
CA ASP N 45 -15.55 67.93 -95.26
C ASP N 45 -16.60 66.90 -95.67
N SER N 46 -16.77 65.86 -94.87
CA SER N 46 -17.77 64.83 -95.13
C SER N 46 -18.23 64.23 -93.81
N ASP N 47 -19.53 64.27 -93.56
CA ASP N 47 -20.10 63.76 -92.31
C ASP N 47 -20.39 62.27 -92.48
N ASP N 48 -19.36 61.45 -92.37
CA ASP N 48 -19.52 60.01 -92.47
C ASP N 48 -19.60 59.31 -91.11
N LEU N 49 -19.67 60.06 -90.02
CA LEU N 49 -19.86 59.50 -88.69
C LEU N 49 -21.26 59.75 -88.13
N ILE N 50 -22.28 59.78 -88.99
CA ILE N 50 -23.60 60.26 -88.57
C ILE N 50 -24.26 59.30 -87.59
N LEU N 51 -24.40 58.03 -87.97
CA LEU N 51 -24.98 57.06 -87.04
C LEU N 51 -24.04 55.89 -86.77
N LYS N 52 -22.76 56.18 -86.52
CA LYS N 52 -21.76 55.17 -86.19
C LYS N 52 -21.23 55.42 -84.79
N PRO N 53 -21.28 54.45 -83.88
CA PRO N 53 -20.70 54.65 -82.54
C PRO N 53 -19.18 54.66 -82.58
N LYS N 54 -18.59 55.60 -81.85
CA LYS N 54 -17.15 55.78 -81.79
C LYS N 54 -16.69 55.97 -80.36
N ARG N 55 -15.59 55.32 -80.00
CA ARG N 55 -15.05 55.38 -78.66
C ARG N 55 -13.95 56.43 -78.56
N ILE N 56 -14.14 57.43 -77.70
CA ILE N 56 -13.18 58.50 -77.47
C ILE N 56 -12.64 58.38 -76.06
N SER N 57 -11.67 59.22 -75.71
CA SER N 57 -10.98 59.11 -74.43
C SER N 57 -10.86 60.41 -73.66
N SER N 58 -11.03 61.57 -74.30
CA SER N 58 -10.89 62.84 -73.61
C SER N 58 -11.72 63.89 -74.33
N LEU N 59 -11.73 65.10 -73.78
CA LEU N 59 -12.45 66.20 -74.40
C LEU N 59 -11.74 66.68 -75.66
N LEU N 60 -10.41 66.49 -75.74
CA LEU N 60 -9.68 66.90 -76.93
C LEU N 60 -9.95 65.93 -78.09
N ASP N 61 -10.25 64.67 -77.79
CA ASP N 61 -10.66 63.73 -78.82
C ASP N 61 -12.03 64.08 -79.39
N PHE N 62 -12.90 64.68 -78.57
CA PHE N 62 -14.24 64.99 -79.04
C PHE N 62 -14.23 66.14 -80.05
N THR N 63 -13.48 67.20 -79.77
CA THR N 63 -13.52 68.38 -80.64
C THR N 63 -12.77 68.14 -81.95
N THR N 64 -11.90 67.14 -81.97
CA THR N 64 -11.22 66.76 -83.22
C THR N 64 -12.22 66.20 -84.22
N TYR N 65 -13.08 65.28 -83.78
CA TYR N 65 -13.99 64.60 -84.69
C TYR N 65 -15.37 65.25 -84.75
N TYR N 66 -15.79 65.98 -83.71
CA TYR N 66 -17.16 66.47 -83.63
C TYR N 66 -17.29 67.98 -83.46
N GLY N 67 -16.26 68.67 -82.98
CA GLY N 67 -16.33 70.12 -82.83
C GLY N 67 -16.80 70.57 -81.46
N GLY N 68 -17.33 71.80 -81.42
CA GLY N 68 -17.79 72.40 -80.19
C GLY N 68 -19.26 72.77 -80.16
N ALA N 69 -19.62 73.78 -79.37
CA ALA N 69 -21.00 74.20 -79.21
C ALA N 69 -21.41 75.18 -80.31
N GLN N 70 -22.70 75.53 -80.31
CA GLN N 70 -23.25 76.49 -81.25
C GLN N 70 -23.23 77.90 -80.64
N ASN N 71 -22.87 78.88 -81.47
CA ASN N 71 -22.88 80.28 -81.05
C ASN N 71 -24.29 80.75 -80.76
N GLU N 72 -24.46 81.47 -79.64
CA GLU N 72 -25.77 81.97 -79.27
C GLU N 72 -26.16 83.17 -80.12
N GLN N 73 -27.46 83.29 -80.41
CA GLN N 73 -27.97 84.36 -81.25
C GLN N 73 -28.87 85.34 -80.51
N GLY N 74 -29.08 85.17 -79.21
CA GLY N 74 -29.98 86.00 -78.44
C GLY N 74 -29.37 86.99 -77.47
N ILE N 75 -28.17 87.49 -77.76
CA ILE N 75 -27.49 88.44 -76.83
C ILE N 75 -27.61 89.89 -77.36
N THR N 76 -28.02 90.81 -76.49
CA THR N 76 -28.15 92.22 -76.83
C THR N 76 -27.37 93.08 -75.85
N VAL N 77 -26.77 94.16 -76.35
CA VAL N 77 -25.97 95.09 -75.55
C VAL N 77 -26.55 96.48 -75.69
N LYS N 78 -26.72 97.18 -74.57
CA LYS N 78 -27.28 98.53 -74.50
C LYS N 78 -26.30 99.47 -73.82
N LEU N 79 -26.11 100.66 -74.40
CA LEU N 79 -25.25 101.70 -73.84
C LEU N 79 -26.04 102.98 -73.67
N THR N 80 -25.86 103.66 -72.53
CA THR N 80 -26.56 104.90 -72.24
C THR N 80 -25.62 105.89 -71.57
N ASP N 81 -25.55 107.10 -72.12
CA ASP N 81 -24.78 108.20 -71.54
C ASP N 81 -25.75 109.21 -70.92
N THR N 82 -25.45 109.64 -69.70
CA THR N 82 -26.36 110.47 -68.92
C THR N 82 -25.53 111.57 -68.25
N LEU N 83 -26.19 112.65 -67.84
CA LEU N 83 -25.59 113.71 -67.05
C LEU N 83 -26.38 113.88 -65.76
N ILE N 84 -25.71 113.75 -64.63
CA ILE N 84 -26.33 113.86 -63.31
C ILE N 84 -25.65 115.01 -62.58
N GLU N 85 -26.34 116.16 -62.53
CA GLU N 85 -25.88 117.45 -61.98
C GLU N 85 -24.45 117.80 -62.43
N GLY N 86 -24.20 117.67 -63.73
CA GLY N 86 -22.90 118.00 -64.29
C GLY N 86 -21.87 116.89 -64.23
N ALA N 87 -22.23 115.71 -63.76
CA ALA N 87 -21.32 114.57 -63.68
C ALA N 87 -21.75 113.50 -64.65
N GLU N 88 -20.79 112.88 -65.33
CA GLU N 88 -21.10 111.88 -66.34
C GLU N 88 -21.45 110.55 -65.70
N ASN N 89 -22.35 109.81 -66.34
CA ASN N 89 -22.74 108.48 -65.90
C ASN N 89 -22.96 107.61 -67.12
N ARG N 90 -22.30 106.45 -67.15
CA ARG N 90 -22.42 105.49 -68.24
C ARG N 90 -23.03 104.20 -67.71
N THR N 91 -24.04 103.67 -68.41
CA THR N 91 -24.74 102.47 -68.02
C THR N 91 -24.61 101.42 -69.11
N ILE N 92 -24.22 100.20 -68.72
CA ILE N 92 -24.11 99.07 -69.64
C ILE N 92 -25.09 97.99 -69.17
N ASN N 93 -25.98 97.56 -70.06
CA ASN N 93 -27.04 96.63 -69.72
C ASN N 93 -27.02 95.44 -70.67
N VAL N 94 -26.67 94.27 -70.14
CA VAL N 94 -26.76 93.02 -70.87
C VAL N 94 -27.72 92.10 -70.11
N PRO N 95 -28.96 91.93 -70.56
CA PRO N 95 -29.87 91.00 -69.89
C PRO N 95 -29.54 89.56 -70.24
N GLU N 96 -30.01 88.66 -69.40
CA GLU N 96 -29.86 87.24 -69.70
C GLU N 96 -30.82 86.85 -70.82
N PRO N 97 -30.36 86.04 -71.77
CA PRO N 97 -31.19 85.77 -72.96
C PRO N 97 -32.36 84.85 -72.67
N THR N 98 -33.51 85.19 -73.24
CA THR N 98 -34.70 84.37 -73.11
C THR N 98 -34.81 83.30 -74.20
N PHE N 99 -34.03 83.40 -75.27
CA PHE N 99 -34.00 82.41 -76.33
C PHE N 99 -32.60 81.82 -76.39
N LYS N 100 -32.49 80.53 -76.08
CA LYS N 100 -31.21 79.83 -76.04
C LYS N 100 -31.16 78.76 -77.10
N SER N 101 -29.94 78.25 -77.35
CA SER N 101 -29.77 77.14 -78.27
C SER N 101 -30.23 75.84 -77.62
N PRO N 102 -30.88 74.94 -78.34
CA PRO N 102 -31.39 73.71 -77.71
C PRO N 102 -30.37 72.59 -77.59
N TYR N 103 -29.12 72.82 -78.00
CA TYR N 103 -28.10 71.79 -78.04
C TYR N 103 -27.24 71.87 -76.77
N LEU N 104 -27.06 70.73 -76.11
CA LEU N 104 -26.42 70.69 -74.80
C LEU N 104 -25.32 69.64 -74.69
N MET N 105 -24.87 69.06 -75.80
CA MET N 105 -23.99 67.90 -75.74
C MET N 105 -22.56 68.27 -75.34
N PHE N 106 -22.03 69.36 -75.91
CA PHE N 106 -20.67 69.78 -75.59
C PHE N 106 -20.56 70.26 -74.15
N TYR N 107 -21.62 70.89 -73.62
CA TYR N 107 -21.61 71.31 -72.23
C TYR N 107 -21.65 70.13 -71.27
N SER N 108 -22.39 69.08 -71.63
CA SER N 108 -22.53 67.92 -70.75
C SER N 108 -21.26 67.09 -70.70
N LEU N 109 -20.47 67.09 -71.78
CA LEU N 109 -19.22 66.36 -71.76
C LEU N 109 -18.15 67.11 -70.97
N GLN N 110 -18.27 68.43 -70.88
CA GLN N 110 -17.41 69.20 -69.99
C GLN N 110 -17.68 68.87 -68.53
N MET N 111 -18.95 68.64 -68.18
CA MET N 111 -19.30 68.30 -66.81
C MET N 111 -18.88 66.88 -66.47
N TYR N 112 -18.88 65.98 -67.47
CA TYR N 112 -18.55 64.58 -67.25
C TYR N 112 -17.07 64.39 -66.96
N PHE N 113 -16.21 65.04 -67.75
CA PHE N 113 -14.76 64.90 -67.54
C PHE N 113 -14.29 65.67 -66.30
N ALA N 114 -15.05 66.68 -65.88
CA ALA N 114 -14.65 67.45 -64.70
C ALA N 114 -15.00 66.72 -63.41
N ASN N 115 -15.85 65.69 -63.48
CA ASN N 115 -16.27 64.96 -62.30
C ASN N 115 -15.65 63.56 -62.22
N GLY N 116 -14.73 63.23 -63.12
CA GLY N 116 -13.98 62.00 -63.03
C GLY N 116 -14.28 60.95 -64.06
N GLY N 117 -14.81 61.32 -65.23
CA GLY N 117 -15.15 60.33 -66.23
C GLY N 117 -13.95 59.87 -67.03
N GLY N 118 -14.09 58.67 -67.60
CA GLY N 118 -13.08 58.08 -68.45
C GLY N 118 -13.54 57.92 -69.88
N PRO N 119 -13.23 56.77 -70.48
CA PRO N 119 -13.64 56.53 -71.87
C PRO N 119 -15.13 56.31 -72.02
N CYS N 120 -15.69 56.80 -73.13
CA CYS N 120 -17.12 56.76 -73.38
C CYS N 120 -17.36 56.64 -74.88
N TYR N 121 -18.61 56.38 -75.25
CA TYR N 121 -19.01 56.23 -76.64
C TYR N 121 -19.89 57.39 -77.08
N ILE N 122 -19.70 57.83 -78.33
CA ILE N 122 -20.44 58.93 -78.91
C ILE N 122 -21.29 58.40 -80.06
N VAL N 123 -22.58 58.69 -80.02
CA VAL N 123 -23.51 58.39 -81.09
C VAL N 123 -24.16 59.69 -81.56
N SER N 124 -23.71 60.20 -82.69
CA SER N 124 -24.31 61.39 -83.29
C SER N 124 -25.70 61.03 -83.83
N THR N 125 -26.57 62.02 -83.95
CA THR N 125 -27.87 61.83 -84.57
C THR N 125 -28.14 62.81 -85.70
N GLY N 126 -27.16 63.60 -86.07
CA GLY N 126 -27.35 64.66 -87.04
C GLY N 126 -26.49 65.86 -86.66
N VAL N 127 -26.58 66.90 -87.46
CA VAL N 127 -25.81 68.12 -87.23
C VAL N 127 -26.75 69.25 -86.86
N TYR N 128 -26.16 70.39 -86.52
CA TYR N 128 -26.93 71.54 -86.06
C TYR N 128 -27.73 72.15 -87.20
N ASP N 129 -28.91 72.68 -86.89
CA ASP N 129 -29.68 73.49 -87.79
C ASP N 129 -29.48 74.97 -87.45
N ASP N 130 -29.73 75.83 -88.42
CA ASP N 130 -29.53 77.26 -88.27
C ASP N 130 -30.76 77.94 -87.65
N TRP N 131 -30.51 79.07 -87.01
CA TRP N 131 -31.60 79.90 -86.52
C TRP N 131 -32.27 80.62 -87.68
N SER N 132 -33.60 80.68 -87.65
CA SER N 132 -34.32 81.42 -88.68
C SER N 132 -34.21 82.93 -88.48
N ASP N 133 -34.37 83.40 -87.24
CA ASP N 133 -34.01 84.76 -86.87
C ASP N 133 -33.60 84.76 -85.41
N SER N 134 -33.57 85.96 -84.81
CA SER N 134 -32.96 86.10 -83.48
C SER N 134 -33.87 85.61 -82.37
N GLU N 135 -35.13 85.29 -82.67
CA GLU N 135 -36.06 84.80 -81.65
C GLU N 135 -36.70 83.46 -82.00
N THR N 136 -36.13 82.70 -82.93
CA THR N 136 -36.63 81.37 -83.25
C THR N 136 -35.45 80.40 -83.31
N PRO N 137 -35.15 79.70 -82.21
CA PRO N 137 -34.12 78.66 -82.25
C PRO N 137 -34.62 77.42 -82.96
N PRO N 138 -33.73 76.54 -83.42
CA PRO N 138 -34.19 75.30 -84.06
C PRO N 138 -34.82 74.32 -83.08
N THR N 139 -35.40 73.26 -83.64
CA THR N 139 -36.16 72.27 -82.89
C THR N 139 -35.45 70.92 -82.88
N ILE N 140 -35.84 70.09 -81.92
CA ILE N 140 -35.28 68.76 -81.73
C ILE N 140 -36.35 67.73 -82.09
N ASN N 141 -35.99 66.73 -82.90
CA ASN N 141 -36.95 65.78 -83.43
C ASN N 141 -36.89 64.48 -82.65
N PHE N 142 -38.07 63.89 -82.39
CA PHE N 142 -38.16 62.64 -81.66
C PHE N 142 -37.62 61.46 -82.49
N SER N 143 -37.78 61.53 -83.82
CA SER N 143 -37.43 60.40 -84.66
C SER N 143 -35.93 60.25 -84.84
N ASP N 144 -35.15 61.30 -84.59
CA ASP N 144 -33.69 61.19 -84.64
C ASP N 144 -33.12 60.51 -83.40
N LEU N 145 -33.66 60.84 -82.22
CA LEU N 145 -33.15 60.28 -80.97
C LEU N 145 -33.49 58.80 -80.82
N GLU N 146 -34.65 58.38 -81.34
CA GLU N 146 -34.99 56.96 -81.26
C GLU N 146 -34.20 56.14 -82.27
N SER N 147 -33.81 56.78 -83.38
CA SER N 147 -32.94 56.11 -84.36
C SER N 147 -31.55 55.88 -83.79
N GLY N 148 -31.11 56.76 -82.88
CA GLY N 148 -29.81 56.57 -82.25
C GLY N 148 -29.82 55.45 -81.23
N LEU N 149 -30.98 55.20 -80.61
CA LEU N 149 -31.10 54.13 -79.63
C LEU N 149 -31.07 52.75 -80.30
N ALA N 150 -31.45 52.68 -81.58
CA ALA N 150 -31.48 51.40 -82.27
C ALA N 150 -30.08 50.92 -82.65
N VAL N 151 -29.14 51.84 -82.88
CA VAL N 151 -27.80 51.43 -83.27
C VAL N 151 -26.95 51.11 -82.05
N ILE N 152 -27.33 51.62 -80.87
CA ILE N 152 -26.55 51.33 -79.67
C ILE N 152 -26.92 49.95 -79.11
N ARG N 153 -28.02 49.37 -79.60
CA ARG N 153 -28.42 48.01 -79.22
C ARG N 153 -27.44 46.97 -79.75
N LYS N 154 -26.74 47.28 -80.82
CA LYS N 154 -25.79 46.37 -81.46
C LYS N 154 -24.39 46.45 -80.86
N GLU N 155 -24.13 47.38 -79.94
CA GLU N 155 -22.83 47.49 -79.31
C GLU N 155 -22.82 46.76 -77.98
N ASP N 156 -21.67 46.17 -77.65
CA ASP N 156 -21.52 45.30 -76.49
C ASP N 156 -21.02 46.02 -75.24
N GLU N 157 -20.06 46.92 -75.38
CA GLU N 157 -19.31 47.49 -74.27
C GLU N 157 -19.98 48.56 -73.38
N PRO N 158 -20.85 49.49 -73.85
CA PRO N 158 -21.42 50.47 -72.91
C PRO N 158 -22.33 49.88 -71.84
N THR N 159 -22.33 50.52 -70.66
CA THR N 159 -23.13 50.10 -69.52
C THR N 159 -24.15 51.15 -69.08
N LEU N 160 -24.14 52.34 -69.68
CA LEU N 160 -25.01 53.44 -69.25
C LEU N 160 -25.54 54.21 -70.46
N LEU N 161 -26.82 54.59 -70.42
CA LEU N 161 -27.52 55.24 -71.52
C LEU N 161 -27.95 56.65 -71.11
N LEU N 162 -27.63 57.64 -71.95
CA LEU N 162 -27.96 59.05 -71.68
C LEU N 162 -28.39 59.76 -72.96
N PHE N 163 -29.27 60.75 -72.80
CA PHE N 163 -29.76 61.61 -73.88
C PHE N 163 -29.65 63.06 -73.45
N PRO N 164 -28.57 63.76 -73.81
CA PRO N 164 -28.34 65.10 -73.25
C PRO N 164 -29.24 66.22 -73.80
N ASP N 165 -29.94 66.02 -74.91
CA ASP N 165 -30.75 67.07 -75.52
C ASP N 165 -32.23 66.89 -75.24
N ALA N 166 -32.59 65.88 -74.45
CA ALA N 166 -33.97 65.40 -74.37
C ALA N 166 -34.92 66.33 -73.65
N THR N 167 -34.46 67.19 -72.74
CA THR N 167 -35.36 68.10 -72.06
C THR N 167 -35.87 69.24 -72.93
N ASN N 168 -35.30 69.43 -74.12
CA ASN N 168 -35.76 70.44 -75.05
C ASN N 168 -36.66 69.87 -76.14
N LEU N 169 -37.24 68.70 -75.91
CA LEU N 169 -38.19 68.08 -76.80
C LEU N 169 -39.51 68.86 -76.76
N PRO N 170 -40.31 68.83 -77.85
CA PRO N 170 -41.49 69.72 -77.91
C PRO N 170 -42.61 69.41 -76.92
N THR N 171 -42.98 68.14 -76.73
CA THR N 171 -44.00 67.78 -75.75
C THR N 171 -43.39 66.88 -74.68
N ASP N 172 -44.08 66.82 -73.53
CA ASP N 172 -43.61 65.97 -72.45
C ASP N 172 -43.93 64.50 -72.72
N ASP N 173 -44.97 64.23 -73.52
CA ASP N 173 -45.30 62.85 -73.86
C ASP N 173 -44.22 62.20 -74.72
N GLU N 174 -43.55 62.98 -75.56
CA GLU N 174 -42.41 62.46 -76.30
C GLU N 174 -41.23 62.18 -75.38
N PHE N 175 -41.07 62.99 -74.34
CA PHE N 175 -39.98 62.84 -73.39
C PHE N 175 -40.12 61.54 -72.59
N TYR N 176 -41.32 61.24 -72.10
CA TYR N 176 -41.52 60.03 -71.31
C TYR N 176 -41.49 58.78 -72.18
N SER N 177 -41.97 58.88 -73.42
CA SER N 177 -41.99 57.74 -74.32
C SER N 177 -40.58 57.34 -74.76
N LEU N 178 -39.66 58.30 -74.80
CA LEU N 178 -38.27 57.98 -75.12
C LEU N 178 -37.61 57.21 -74.00
N TYR N 179 -37.92 57.55 -72.75
CA TYR N 179 -37.30 56.86 -71.63
C TYR N 179 -37.98 55.53 -71.33
N ASN N 180 -39.21 55.33 -71.81
CA ASN N 180 -39.82 54.01 -71.72
C ASN N 180 -39.15 53.03 -72.68
N SER N 181 -38.60 53.53 -73.79
CA SER N 181 -37.93 52.67 -74.75
C SER N 181 -36.55 52.26 -74.28
N ALA N 182 -35.89 53.12 -73.50
CA ALA N 182 -34.57 52.78 -72.97
C ALA N 182 -34.65 51.71 -71.89
N LEU N 183 -35.71 51.73 -71.08
CA LEU N 183 -35.87 50.73 -70.03
C LEU N 183 -36.26 49.36 -70.61
N MET N 184 -36.91 49.34 -71.77
CA MET N 184 -37.21 48.07 -72.42
C MET N 184 -35.95 47.46 -73.04
N GLN N 185 -35.03 48.29 -73.51
CA GLN N 185 -33.75 47.78 -73.99
C GLN N 185 -32.89 47.25 -72.84
N CYS N 186 -32.99 47.88 -71.66
CA CYS N 186 -32.20 47.42 -70.52
C CYS N 186 -32.75 46.12 -69.95
N ASN N 187 -34.05 45.86 -70.15
CA ASN N 187 -34.63 44.59 -69.75
C ASN N 187 -34.19 43.47 -70.69
N ASP N 188 -34.13 43.75 -72.00
CA ASP N 188 -33.83 42.70 -72.97
C ASP N 188 -32.35 42.30 -72.94
N LEU N 189 -31.44 43.28 -72.98
CA LEU N 189 -30.03 42.96 -73.01
C LEU N 189 -29.51 42.58 -71.64
N GLN N 190 -30.26 42.94 -70.59
CA GLN N 190 -30.03 42.69 -69.15
C GLN N 190 -28.61 42.96 -68.68
N ASP N 191 -27.94 43.99 -69.22
CA ASP N 191 -26.58 44.34 -68.80
C ASP N 191 -26.33 45.84 -68.73
N ARG N 192 -27.37 46.69 -68.74
CA ARG N 192 -27.22 48.14 -68.79
C ARG N 192 -28.08 48.80 -67.73
N PHE N 193 -27.95 50.12 -67.62
CA PHE N 193 -28.63 50.94 -66.63
C PHE N 193 -28.87 52.33 -67.21
N THR N 194 -29.98 52.96 -66.83
CA THR N 194 -30.39 54.25 -67.39
C THR N 194 -30.45 55.32 -66.30
N ILE N 195 -30.01 56.53 -66.63
CA ILE N 195 -30.07 57.69 -65.73
C ILE N 195 -31.06 58.71 -66.29
N LEU N 196 -32.04 59.08 -65.48
CA LEU N 196 -33.16 59.91 -65.90
C LEU N 196 -33.14 61.28 -65.21
N ASP N 197 -33.81 62.24 -65.83
CA ASP N 197 -34.12 63.53 -65.22
C ASP N 197 -35.63 63.79 -65.32
N THR N 198 -36.06 64.91 -64.77
CA THR N 198 -37.42 65.39 -64.98
C THR N 198 -37.46 66.24 -66.24
N TYR N 199 -38.69 66.57 -66.65
CA TYR N 199 -38.89 67.36 -67.86
C TYR N 199 -38.50 68.82 -67.62
N SER N 200 -38.74 69.32 -66.41
CA SER N 200 -38.40 70.67 -66.04
C SER N 200 -38.04 70.68 -64.56
N ASP N 201 -37.43 71.77 -64.11
CA ASP N 201 -37.16 71.97 -62.70
C ASP N 201 -38.23 72.80 -62.00
N GLN N 202 -39.14 73.41 -62.76
CA GLN N 202 -40.25 74.18 -62.21
C GLN N 202 -41.56 73.66 -62.79
N THR N 203 -42.66 74.25 -62.32
CA THR N 203 -43.99 73.96 -62.85
C THR N 203 -44.09 74.42 -64.30
N TYR N 204 -44.49 73.50 -65.18
CA TYR N 204 -44.56 73.78 -66.61
C TYR N 204 -45.99 73.64 -67.12
N ASN N 205 -46.25 74.28 -68.25
CA ASN N 205 -47.57 74.25 -68.88
C ASN N 205 -47.62 73.13 -69.92
N ASP N 206 -48.69 72.34 -69.88
CA ASP N 206 -48.90 71.23 -70.79
C ASP N 206 -49.75 71.60 -71.99
N GLY N 207 -50.28 72.81 -72.04
CA GLY N 207 -51.26 73.20 -73.04
C GLY N 207 -52.69 73.23 -72.52
N VAL N 208 -53.04 72.29 -71.64
CA VAL N 208 -54.33 72.31 -70.96
C VAL N 208 -54.21 72.64 -69.48
N GLU N 209 -53.17 72.18 -68.80
CA GLU N 209 -53.05 72.31 -67.35
C GLU N 209 -51.63 72.70 -66.99
N ASP N 210 -51.43 73.02 -65.72
CA ASP N 210 -50.11 73.24 -65.15
C ASP N 210 -49.75 72.06 -64.27
N LEU N 211 -48.52 71.55 -64.44
CA LEU N 211 -48.12 70.31 -63.78
C LEU N 211 -46.85 70.52 -62.97
N ASP N 212 -46.78 69.83 -61.84
CA ASP N 212 -45.57 69.79 -61.03
C ASP N 212 -44.62 68.73 -61.58
N PRO N 213 -43.30 68.92 -61.50
CA PRO N 213 -42.36 68.01 -62.18
C PRO N 213 -42.27 66.59 -61.64
N ILE N 214 -42.29 66.46 -60.31
CA ILE N 214 -42.17 65.12 -59.67
C ILE N 214 -43.42 64.27 -59.93
N PRO N 215 -44.68 64.70 -59.69
CA PRO N 215 -45.82 63.83 -60.00
C PRO N 215 -46.06 63.59 -61.49
N ALA N 216 -45.53 64.44 -62.37
CA ALA N 216 -45.68 64.22 -63.80
C ALA N 216 -44.75 63.13 -64.30
N LEU N 217 -43.57 63.00 -63.68
CA LEU N 217 -42.66 61.92 -64.04
C LEU N 217 -43.19 60.57 -63.54
N ARG N 218 -43.94 60.57 -62.44
CA ARG N 218 -44.49 59.33 -61.92
C ARG N 218 -45.67 58.83 -62.77
N ASN N 219 -46.32 59.74 -63.49
CA ASN N 219 -47.38 59.34 -64.42
C ASN N 219 -46.83 58.85 -65.76
N GLY N 220 -45.76 59.49 -66.26
CA GLY N 220 -45.29 59.21 -67.60
C GLY N 220 -44.59 57.87 -67.74
N ILE N 221 -43.92 57.41 -66.68
CA ILE N 221 -43.24 56.12 -66.67
C ILE N 221 -44.21 55.09 -66.10
N ASN N 222 -44.79 54.25 -66.96
CA ASN N 222 -45.91 53.40 -66.57
C ASN N 222 -45.64 51.90 -66.75
N LEU N 223 -44.45 51.42 -66.37
CA LEU N 223 -44.12 50.01 -66.49
C LEU N 223 -44.04 49.36 -65.11
N THR N 224 -43.97 48.03 -65.09
CA THR N 224 -43.89 47.27 -63.85
C THR N 224 -42.44 47.20 -63.35
N LYS N 225 -42.28 46.54 -62.21
CA LYS N 225 -41.00 46.49 -61.51
C LYS N 225 -39.87 45.88 -62.34
N ASP N 226 -40.17 44.87 -63.15
CA ASP N 226 -39.13 44.21 -63.94
C ASP N 226 -38.48 45.16 -64.94
N TYR N 227 -39.04 46.34 -65.13
CA TYR N 227 -38.45 47.40 -65.95
C TYR N 227 -37.92 48.56 -65.11
N LEU N 228 -38.58 48.86 -63.98
CA LEU N 228 -38.22 50.01 -63.17
C LEU N 228 -36.92 49.82 -62.40
N LYS N 229 -36.47 48.57 -62.24
CA LYS N 229 -35.25 48.30 -61.51
C LYS N 229 -33.98 48.67 -62.30
N TYR N 230 -34.10 49.03 -63.57
CA TYR N 230 -32.96 49.40 -64.40
C TYR N 230 -32.76 50.90 -64.55
N GLY N 231 -33.43 51.72 -63.74
CA GLY N 231 -33.25 53.16 -63.87
C GLY N 231 -33.26 53.90 -62.55
N ALA N 232 -32.74 55.13 -62.59
CA ALA N 232 -32.67 56.03 -61.44
C ALA N 232 -32.86 57.48 -61.92
N ALA N 233 -33.49 58.29 -61.06
CA ALA N 233 -33.89 59.65 -61.41
C ALA N 233 -33.38 60.64 -60.37
N TYR N 234 -32.99 61.83 -60.84
CA TYR N 234 -32.38 62.86 -60.02
C TYR N 234 -33.09 64.19 -60.21
N TYR N 235 -33.05 65.02 -59.18
CA TYR N 235 -33.77 66.29 -59.12
C TYR N 235 -33.10 67.17 -58.10
N PRO N 236 -33.06 68.50 -58.31
CA PRO N 236 -33.38 69.39 -59.44
C PRO N 236 -32.21 69.61 -60.41
N PHE N 237 -32.22 70.73 -61.13
CA PHE N 237 -31.14 71.06 -62.07
C PHE N 237 -29.96 71.67 -61.30
N VAL N 238 -28.83 71.85 -62.01
CA VAL N 238 -27.62 72.40 -61.39
C VAL N 238 -27.12 73.61 -62.17
N GLN N 239 -26.61 74.60 -61.45
CA GLN N 239 -26.02 75.84 -62.02
C GLN N 239 -24.49 75.63 -62.06
N THR N 240 -23.85 75.89 -63.20
CA THR N 240 -22.46 75.57 -63.43
C THR N 240 -21.61 76.85 -63.49
N ILE N 241 -20.31 76.68 -63.68
CA ILE N 241 -19.35 77.77 -63.79
C ILE N 241 -19.02 78.10 -65.25
N LEU N 242 -19.69 77.46 -66.20
CA LEU N 242 -19.35 77.59 -67.62
C LEU N 242 -19.98 78.82 -68.25
N ASN N 243 -19.32 79.35 -69.27
CA ASN N 243 -19.83 80.46 -70.06
C ASN N 243 -20.45 79.95 -71.36
N TYR N 244 -21.38 80.73 -71.90
CA TYR N 244 -21.98 80.46 -73.20
C TYR N 244 -20.99 80.68 -74.32
N GLN N 245 -21.14 79.91 -75.39
CA GLN N 245 -20.34 80.05 -76.60
C GLN N 245 -20.98 81.08 -77.52
N TYR N 246 -20.19 82.07 -77.95
CA TYR N 246 -20.71 83.12 -78.80
C TYR N 246 -19.58 83.67 -79.67
N SER N 247 -19.97 84.41 -80.70
CA SER N 247 -19.04 85.05 -81.62
C SER N 247 -19.19 86.56 -81.56
N ALA N 248 -18.06 87.28 -81.52
CA ALA N 248 -18.12 88.73 -81.42
C ALA N 248 -18.45 89.40 -82.75
N ASP N 249 -18.41 88.67 -83.86
CA ASP N 249 -18.78 89.21 -85.16
C ASP N 249 -20.28 89.38 -85.34
N GLU N 250 -21.10 88.86 -84.44
CA GLU N 250 -22.56 88.88 -84.58
C GLU N 250 -23.26 89.68 -83.50
N ILE N 251 -22.52 90.39 -82.66
CA ILE N 251 -23.11 91.22 -81.60
C ILE N 251 -23.20 92.64 -82.11
N VAL N 252 -24.39 93.23 -82.03
CA VAL N 252 -24.63 94.60 -82.49
C VAL N 252 -24.89 95.48 -81.27
N ILE N 253 -24.27 96.66 -81.25
CA ILE N 253 -24.39 97.62 -80.15
C ILE N 253 -25.48 98.63 -80.50
N GLN N 254 -26.28 99.01 -79.50
CA GLN N 254 -27.16 100.17 -79.61
C GLN N 254 -26.77 101.19 -78.55
N HIS N 255 -26.44 102.40 -79.00
CA HIS N 255 -25.80 103.42 -78.17
C HIS N 255 -26.67 104.68 -78.17
N LEU N 256 -27.13 105.07 -76.99
CA LEU N 256 -27.88 106.30 -76.80
C LEU N 256 -27.02 107.29 -76.03
N SER N 257 -26.76 108.45 -76.64
CA SER N 257 -25.87 109.44 -76.04
C SER N 257 -26.50 110.82 -76.12
N TYR N 258 -26.11 111.69 -75.19
CA TYR N 258 -26.60 113.06 -75.23
C TYR N 258 -25.93 113.87 -76.33
N ASN N 259 -24.71 113.48 -76.71
CA ASN N 259 -24.00 114.13 -77.79
C ASN N 259 -24.12 113.27 -79.04
N PRO N 260 -25.04 113.56 -79.96
CA PRO N 260 -25.18 112.70 -81.13
C PRO N 260 -24.20 113.05 -82.24
N ASN N 261 -23.26 112.14 -82.51
CA ASN N 261 -22.34 112.28 -83.63
C ASN N 261 -22.27 111.00 -84.45
N ALA N 262 -23.39 110.28 -84.58
CA ALA N 262 -23.41 109.05 -85.35
C ALA N 262 -23.29 109.33 -86.84
N ILE N 263 -24.04 110.32 -87.34
CA ILE N 263 -24.01 110.61 -88.76
C ILE N 263 -22.73 111.37 -89.11
N ALA N 264 -22.24 112.20 -88.19
CA ALA N 264 -21.02 112.95 -88.43
C ALA N 264 -19.79 112.06 -88.48
N THR N 265 -19.75 111.03 -87.64
CA THR N 265 -18.63 110.08 -87.69
C THR N 265 -18.74 109.18 -88.91
N ALA N 266 -19.97 108.90 -89.36
CA ALA N 266 -20.17 108.14 -90.58
C ALA N 266 -19.81 108.97 -91.81
N LEU N 267 -19.94 110.29 -91.72
CA LEU N 267 -19.56 111.15 -92.83
C LEU N 267 -18.05 111.25 -92.98
N ASP N 268 -17.33 111.31 -91.86
CA ASP N 268 -15.89 111.56 -91.89
C ASP N 268 -15.13 110.38 -92.48
N ASN N 269 -15.63 109.15 -92.26
CA ASN N 269 -15.00 107.99 -92.86
C ASN N 269 -15.30 107.92 -94.35
N LEU N 270 -16.53 108.26 -94.74
CA LEU N 270 -16.92 108.13 -96.14
C LEU N 270 -16.40 109.30 -96.98
N ASN N 271 -16.16 110.46 -96.35
CA ASN N 271 -15.55 111.56 -97.07
C ASN N 271 -14.07 111.30 -97.30
N ALA N 272 -13.42 110.59 -96.37
CA ALA N 272 -12.00 110.33 -96.49
C ALA N 272 -11.71 109.27 -97.54
N VAL N 273 -12.61 108.30 -97.69
CA VAL N 273 -12.37 107.23 -98.66
C VAL N 273 -12.65 107.72 -100.08
N ASN N 274 -13.43 108.80 -100.21
CA ASN N 274 -13.73 109.40 -101.50
C ASN N 274 -12.65 110.43 -101.86
N GLY N 275 -11.46 109.92 -102.15
CA GLY N 275 -10.33 110.77 -102.47
C GLY N 275 -9.51 110.25 -103.63
N PRO N 276 -8.64 111.10 -104.18
CA PRO N 276 -7.79 110.65 -105.31
C PRO N 276 -6.72 109.66 -104.92
N THR N 277 -6.13 109.80 -103.73
CA THR N 277 -5.10 108.85 -103.33
C THR N 277 -5.71 107.54 -102.83
N PHE N 278 -6.98 107.57 -102.43
CA PHE N 278 -7.56 106.43 -101.74
C PHE N 278 -8.19 105.44 -102.71
N ILE N 279 -9.21 105.86 -103.46
CA ILE N 279 -9.99 104.96 -104.29
C ILE N 279 -9.72 105.17 -105.78
N ASP N 280 -9.21 106.34 -106.16
CA ASP N 280 -8.86 106.56 -107.56
C ASP N 280 -7.54 105.90 -107.91
N ALA N 281 -6.68 105.69 -106.90
CA ALA N 281 -5.39 105.04 -107.13
C ALA N 281 -5.56 103.54 -107.31
N ILE N 282 -6.70 102.99 -106.89
CA ILE N 282 -6.96 101.57 -107.12
C ILE N 282 -7.38 101.33 -108.56
N LEU N 283 -8.06 102.32 -109.17
CA LEU N 283 -8.74 102.06 -110.42
C LEU N 283 -7.82 102.26 -111.62
N ASP N 284 -6.92 103.24 -111.56
CA ASP N 284 -6.05 103.51 -112.71
C ASP N 284 -4.96 102.45 -112.83
N ASP N 285 -4.64 101.78 -111.72
CA ASP N 285 -3.71 100.67 -111.75
C ASP N 285 -4.28 99.49 -112.51
N LEU N 286 -5.59 99.26 -112.38
CA LEU N 286 -6.23 98.14 -113.05
C LEU N 286 -6.31 98.37 -114.56
N ARG N 287 -6.51 99.61 -114.99
CA ARG N 287 -6.52 99.93 -116.42
C ARG N 287 -5.26 100.69 -116.82
N ASN N 321 8.26 77.41 -121.04
CA ASN N 321 9.18 76.75 -120.12
C ASN N 321 8.93 77.20 -118.69
N SER N 322 9.89 76.92 -117.81
CA SER N 322 9.73 77.25 -116.39
C SER N 322 9.96 78.73 -116.14
N VAL N 323 10.73 79.40 -117.01
CA VAL N 323 11.01 80.82 -116.81
C VAL N 323 9.84 81.67 -117.31
N LYS N 324 9.03 81.13 -118.22
CA LYS N 324 7.86 81.86 -118.70
C LYS N 324 6.70 81.76 -117.71
N VAL N 325 6.59 80.63 -117.01
CA VAL N 325 5.54 80.46 -116.02
C VAL N 325 5.84 81.29 -114.78
N ALA N 326 7.12 81.36 -114.39
CA ALA N 326 7.51 82.11 -113.20
C ALA N 326 7.37 83.61 -113.41
N ASN N 327 7.59 84.09 -114.64
CA ASN N 327 7.38 85.50 -114.91
C ASN N 327 5.89 85.83 -114.99
N PHE N 328 5.09 84.89 -115.51
CA PHE N 328 3.67 85.13 -115.69
C PHE N 328 2.94 85.13 -114.35
N ALA N 329 3.48 84.40 -113.36
CA ALA N 329 2.84 84.38 -112.05
C ALA N 329 3.07 85.68 -111.29
N SER N 330 4.13 86.42 -111.64
CA SER N 330 4.37 87.71 -111.01
C SER N 330 3.38 88.76 -111.52
N LEU N 331 2.91 88.61 -112.76
CA LEU N 331 1.95 89.55 -113.31
C LEU N 331 0.56 89.35 -112.72
N VAL N 332 0.21 88.10 -112.41
CA VAL N 332 -1.11 87.81 -111.85
C VAL N 332 -1.16 88.22 -110.38
N GLU N 333 -0.03 88.10 -109.67
CA GLU N 333 -0.01 88.43 -108.25
C GLU N 333 -0.12 89.93 -108.01
N SER N 334 0.27 90.74 -109.00
CA SER N 334 0.11 92.18 -108.87
C SER N 334 -1.33 92.61 -109.14
N VAL N 335 -2.01 91.91 -110.06
CA VAL N 335 -3.40 92.20 -110.36
C VAL N 335 -4.29 91.73 -109.22
N LEU N 336 -3.96 90.58 -108.62
CA LEU N 336 -4.77 90.03 -107.53
C LEU N 336 -4.59 90.84 -106.25
N SER N 337 -3.41 91.45 -106.08
CA SER N 337 -3.20 92.31 -104.91
C SER N 337 -3.98 93.62 -105.04
N THR N 338 -4.25 94.06 -106.27
CA THR N 338 -5.02 95.28 -106.46
C THR N 338 -6.50 95.03 -106.20
N LEU N 339 -7.00 93.85 -106.55
CA LEU N 339 -8.41 93.52 -106.34
C LEU N 339 -8.74 93.39 -104.85
N ASN N 340 -7.78 92.93 -104.04
CA ASN N 340 -8.07 92.65 -102.64
C ASN N 340 -8.25 93.94 -101.84
N GLU N 341 -7.49 94.99 -102.16
CA GLU N 341 -7.66 96.26 -101.47
C GLU N 341 -8.93 96.98 -101.92
N LEU N 342 -9.43 96.65 -103.11
CA LEU N 342 -10.73 97.15 -103.52
C LEU N 342 -11.86 96.44 -102.76
N ILE N 343 -11.69 95.14 -102.49
CA ILE N 343 -12.66 94.39 -101.72
C ILE N 343 -12.61 94.81 -100.24
N ASP N 344 -11.41 95.13 -99.74
CA ASP N 344 -11.29 95.64 -98.38
C ASP N 344 -11.89 97.04 -98.26
N ALA N 345 -11.87 97.81 -99.35
CA ALA N 345 -12.52 99.11 -99.33
C ALA N 345 -14.04 98.94 -99.33
N LYS N 346 -14.54 97.86 -99.93
CA LYS N 346 -15.97 97.59 -99.94
C LYS N 346 -16.47 97.23 -98.54
N GLU N 347 -15.62 96.59 -97.73
CA GLU N 347 -16.03 96.15 -96.40
C GLU N 347 -16.21 97.32 -95.45
N GLU N 348 -15.33 98.31 -95.52
CA GLU N 348 -15.37 99.42 -94.56
C GLU N 348 -16.46 100.42 -94.91
N ILE N 349 -16.91 100.44 -96.17
CA ILE N 349 -18.01 101.31 -96.56
C ILE N 349 -19.32 100.81 -95.96
N ASN N 350 -19.51 99.49 -95.94
CA ASN N 350 -20.77 98.93 -95.47
C ASN N 350 -20.95 99.09 -93.96
N LYS N 351 -19.84 99.16 -93.21
CA LYS N 351 -19.95 99.35 -91.76
C LYS N 351 -20.34 100.79 -91.43
N ASP N 352 -20.04 101.73 -92.32
CA ASP N 352 -20.37 103.13 -92.06
C ASP N 352 -21.84 103.42 -92.38
N VAL N 353 -22.36 102.82 -93.45
CA VAL N 353 -23.74 103.08 -93.84
C VAL N 353 -24.71 102.35 -92.93
N ASN N 354 -24.31 101.17 -92.41
CA ASN N 354 -25.18 100.41 -91.52
C ASN N 354 -25.36 101.11 -90.18
N SER N 355 -24.34 101.87 -89.74
CA SER N 355 -24.48 102.63 -88.50
C SER N 355 -25.34 103.87 -88.70
N ALA N 356 -25.48 104.34 -89.95
CA ALA N 356 -26.33 105.49 -90.22
C ALA N 356 -27.77 105.07 -90.52
N ILE N 357 -27.96 103.86 -91.06
CA ILE N 357 -29.30 103.32 -91.26
C ILE N 357 -29.97 103.08 -89.91
N ALA N 358 -29.22 102.50 -88.96
CA ALA N 358 -29.80 102.15 -87.67
C ALA N 358 -30.01 103.38 -86.78
N SER N 359 -29.28 104.47 -87.06
CA SER N 359 -29.38 105.64 -86.20
C SER N 359 -30.54 106.53 -86.60
N SER N 360 -30.97 106.49 -87.86
CA SER N 360 -32.04 107.34 -88.35
C SER N 360 -33.36 106.57 -88.38
N GLU N 361 -33.83 106.19 -87.19
CA GLU N 361 -35.14 105.56 -87.09
C GLU N 361 -36.25 106.60 -87.28
N GLU N 362 -35.96 107.86 -87.00
CA GLU N 362 -36.87 108.93 -87.36
C GLU N 362 -36.86 109.15 -88.87
N ASP N 363 -38.02 109.55 -89.41
CA ASP N 363 -38.21 109.94 -90.81
C ASP N 363 -37.85 108.80 -91.77
N ASN N 364 -38.73 107.79 -91.77
CA ASN N 364 -38.52 106.52 -92.47
C ASN N 364 -38.29 106.69 -93.98
N ALA N 365 -38.70 107.82 -94.57
CA ALA N 365 -38.39 108.07 -95.98
C ALA N 365 -36.90 108.29 -96.20
N ILE N 366 -36.21 108.86 -95.23
CA ILE N 366 -34.77 109.09 -95.38
C ILE N 366 -34.01 107.78 -95.23
N LYS N 367 -34.49 106.89 -94.34
CA LYS N 367 -33.87 105.57 -94.18
C LYS N 367 -34.01 104.73 -95.44
N THR N 368 -35.13 104.89 -96.16
CA THR N 368 -35.33 104.16 -97.41
C THR N 368 -34.38 104.65 -98.49
N ALA N 369 -34.09 105.96 -98.50
CA ALA N 369 -33.17 106.51 -99.49
C ALA N 369 -31.73 106.09 -99.23
N ILE N 370 -31.35 105.98 -97.95
CA ILE N 370 -30.00 105.54 -97.60
C ILE N 370 -29.84 104.06 -97.89
N SER N 371 -30.90 103.28 -97.66
CA SER N 371 -30.85 101.85 -97.95
C SER N 371 -30.85 101.59 -99.45
N ASP N 372 -31.54 102.43 -100.22
CA ASP N 372 -31.59 102.23 -101.68
C ASP N 372 -30.26 102.60 -102.33
N ALA N 373 -29.56 103.59 -101.78
CA ALA N 373 -28.26 103.98 -102.33
C ALA N 373 -27.19 102.93 -102.02
N LEU N 374 -27.42 102.09 -101.02
CA LEU N 374 -26.39 101.14 -100.61
C LEU N 374 -26.41 99.89 -101.49
N ASP N 375 -27.60 99.43 -101.89
CA ASP N 375 -27.67 98.21 -102.69
C ASP N 375 -27.30 98.48 -104.14
N VAL N 376 -27.46 99.73 -104.60
CA VAL N 376 -27.06 100.04 -105.97
C VAL N 376 -25.54 100.15 -106.06
N PHE N 377 -24.89 100.51 -104.95
CA PHE N 377 -23.44 100.48 -104.90
C PHE N 377 -22.92 99.05 -104.80
N ASN N 378 -23.70 98.16 -104.18
CA ASN N 378 -23.28 96.78 -104.02
C ASN N 378 -23.67 95.90 -105.21
N GLU N 379 -24.05 96.49 -106.34
CA GLU N 379 -24.46 95.70 -107.50
C GLU N 379 -23.28 94.99 -108.14
N ASP N 380 -22.25 95.74 -108.52
CA ASP N 380 -21.13 95.17 -109.28
C ASP N 380 -20.28 94.24 -108.42
N PHE N 381 -20.28 94.46 -107.10
CA PHE N 381 -19.45 93.64 -106.22
C PHE N 381 -20.04 92.24 -106.04
N GLU N 382 -21.36 92.13 -105.90
CA GLU N 382 -21.97 90.84 -105.71
C GLU N 382 -23.04 90.51 -106.74
N GLY N 383 -23.99 91.43 -106.95
CA GLY N 383 -25.20 91.08 -107.69
C GLY N 383 -25.03 91.14 -109.20
N ALA N 384 -24.47 92.24 -109.71
CA ALA N 384 -24.38 92.41 -111.15
C ALA N 384 -23.25 91.60 -111.75
N ASP N 385 -22.00 91.88 -111.35
CA ASP N 385 -20.84 91.21 -111.92
C ASP N 385 -20.17 90.41 -110.81
N LYS N 386 -19.30 89.47 -111.20
CA LYS N 386 -18.67 88.54 -110.27
C LYS N 386 -17.31 89.05 -109.80
N ILE N 387 -17.28 90.24 -109.19
CA ILE N 387 -16.02 90.83 -108.76
C ILE N 387 -15.42 90.05 -107.59
N GLU N 388 -16.23 89.71 -106.60
CA GLU N 388 -15.72 88.93 -105.47
C GLU N 388 -15.58 87.46 -105.81
N SER N 389 -16.07 87.04 -106.99
CA SER N 389 -15.97 85.64 -107.37
C SER N 389 -14.74 85.38 -108.23
N VAL N 390 -14.28 86.36 -109.00
CA VAL N 390 -13.11 86.13 -109.85
C VAL N 390 -11.84 86.22 -109.03
N ALA N 391 -11.88 86.91 -107.89
CA ALA N 391 -10.71 86.99 -107.02
C ALA N 391 -10.43 85.66 -106.32
N LYS N 392 -11.43 84.78 -106.22
CA LYS N 392 -11.26 83.48 -105.60
C LYS N 392 -10.77 82.44 -106.61
N ASN N 393 -11.30 82.48 -107.83
CA ASN N 393 -10.92 81.48 -108.82
C ASN N 393 -9.53 81.75 -109.41
N LEU N 394 -9.10 83.00 -109.43
CA LEU N 394 -7.75 83.30 -109.93
C LEU N 394 -6.69 82.81 -108.96
N SER N 395 -7.01 82.78 -107.66
CA SER N 395 -6.04 82.32 -106.67
C SER N 395 -5.86 80.81 -106.74
N ASP N 396 -6.92 80.07 -107.02
CA ASP N 396 -6.77 78.62 -107.16
C ASP N 396 -6.22 78.26 -108.54
N LEU N 397 -6.49 79.08 -109.54
CA LEU N 397 -5.86 78.87 -110.85
C LEU N 397 -4.37 79.20 -110.80
N LEU N 398 -3.97 80.09 -109.89
CA LEU N 398 -2.56 80.44 -109.77
C LEU N 398 -1.76 79.30 -109.15
N ILE N 399 -2.37 78.59 -108.20
CA ILE N 399 -1.69 77.45 -107.57
C ILE N 399 -1.60 76.29 -108.55
N LYS N 400 -2.59 76.14 -109.42
CA LYS N 400 -2.65 75.00 -110.33
C LYS N 400 -1.56 75.08 -111.40
N ILE N 401 -1.21 76.29 -111.84
CA ILE N 401 -0.23 76.43 -112.92
C ILE N 401 1.19 76.19 -112.39
N LYS N 402 1.40 76.31 -111.07
CA LYS N 402 2.73 76.11 -110.53
C LYS N 402 3.00 74.63 -110.27
N GLN N 403 1.95 73.83 -110.07
CA GLN N 403 2.14 72.39 -109.93
C GLN N 403 2.13 71.69 -111.29
N ALA N 404 1.56 72.34 -112.31
CA ALA N 404 1.37 71.67 -113.60
C ALA N 404 2.66 71.61 -114.41
N ASP N 405 3.71 72.30 -113.95
CA ASP N 405 4.96 72.35 -114.70
C ASP N 405 5.81 71.09 -114.54
N THR N 406 5.33 70.08 -113.79
CA THR N 406 6.14 68.89 -113.55
C THR N 406 6.10 67.92 -114.73
N ASN N 407 5.03 67.97 -115.54
CA ASN N 407 4.87 66.94 -116.57
C ASN N 407 4.50 67.48 -117.94
N THR N 408 3.59 68.44 -118.05
CA THR N 408 2.98 68.68 -119.35
C THR N 408 2.97 70.17 -119.64
N LYS N 409 3.32 70.52 -120.88
CA LYS N 409 3.15 71.89 -121.33
C LYS N 409 1.75 72.14 -121.86
N VAL N 410 1.07 71.07 -122.30
CA VAL N 410 -0.31 71.20 -122.75
C VAL N 410 -1.22 71.56 -121.58
N GLU N 411 -0.84 71.09 -120.39
CA GLU N 411 -1.56 71.45 -119.16
C GLU N 411 -1.42 72.95 -118.98
N ASN N 412 -0.24 73.50 -119.26
CA ASN N 412 -0.03 74.94 -119.18
C ASN N 412 -0.61 75.69 -120.38
N VAL N 413 -1.19 74.98 -121.34
CA VAL N 413 -1.82 75.60 -122.51
C VAL N 413 -3.33 75.45 -122.45
N LEU N 414 -3.81 74.31 -121.94
CA LEU N 414 -5.24 74.04 -121.84
C LEU N 414 -5.92 75.01 -120.87
N SER N 415 -5.20 75.43 -119.83
CA SER N 415 -5.80 76.31 -118.84
C SER N 415 -5.83 77.77 -119.32
N ILE N 416 -4.71 78.26 -119.87
CA ILE N 416 -4.56 79.70 -120.03
C ILE N 416 -5.24 80.20 -121.29
N ASN N 417 -5.59 79.30 -122.21
CA ASN N 417 -6.22 79.69 -123.47
C ASN N 417 -7.62 79.10 -123.63
N ALA N 418 -7.76 77.78 -123.49
CA ALA N 418 -9.05 77.15 -123.76
C ALA N 418 -9.96 77.20 -122.54
N LEU N 419 -9.44 76.81 -121.37
CA LEU N 419 -10.24 76.75 -120.16
C LEU N 419 -10.17 78.08 -119.41
N ASN N 420 -10.55 78.03 -118.12
CA ASN N 420 -11.07 79.13 -117.30
C ASN N 420 -10.21 80.38 -117.26
N PHE N 421 -8.91 80.30 -117.54
CA PHE N 421 -8.04 81.42 -117.21
C PHE N 421 -8.16 82.55 -118.24
N SER N 422 -8.43 82.22 -119.50
CA SER N 422 -8.65 83.26 -120.50
C SER N 422 -10.04 83.87 -120.37
N ALA N 423 -10.97 83.13 -119.77
CA ALA N 423 -12.34 83.62 -119.66
C ALA N 423 -12.51 84.55 -118.46
N GLU N 424 -11.70 84.37 -117.41
CA GLU N 424 -11.91 85.13 -116.18
C GLU N 424 -11.41 86.56 -116.31
N PHE N 425 -10.42 86.80 -117.18
CA PHE N 425 -9.91 88.15 -117.38
C PHE N 425 -10.84 89.05 -118.17
N GLU N 426 -11.87 88.49 -118.82
CA GLU N 426 -12.66 89.28 -119.76
C GLU N 426 -13.71 90.12 -119.03
N LYS N 427 -14.02 89.77 -117.78
CA LYS N 427 -15.18 90.38 -117.11
C LYS N 427 -14.86 91.80 -116.63
N LEU N 428 -13.59 92.12 -116.43
CA LEU N 428 -13.26 93.50 -116.08
C LEU N 428 -12.94 94.30 -117.34
N LEU N 429 -12.24 93.70 -118.31
CA LEU N 429 -11.95 94.32 -119.58
C LEU N 429 -12.15 93.29 -120.67
N THR N 430 -13.09 93.55 -121.58
CA THR N 430 -13.47 92.54 -122.57
C THR N 430 -12.52 92.55 -123.76
N TYR N 431 -12.25 93.71 -124.33
CA TYR N 431 -11.41 93.81 -125.52
C TYR N 431 -10.41 94.95 -125.38
N ASP N 432 -9.69 94.96 -124.26
CA ASP N 432 -8.73 96.04 -124.00
C ASP N 432 -7.46 95.90 -124.82
N VAL N 433 -7.25 94.74 -125.45
CA VAL N 433 -6.02 94.47 -126.19
C VAL N 433 -5.99 95.07 -127.59
N ASN N 434 -6.93 95.96 -127.93
CA ASN N 434 -6.97 96.54 -129.27
C ASN N 434 -5.82 97.52 -129.49
N THR N 435 -5.26 98.07 -128.42
CA THR N 435 -4.14 98.99 -128.51
C THR N 435 -3.20 98.74 -127.34
N GLY N 436 -2.20 99.61 -127.22
CA GLY N 436 -1.30 99.54 -126.06
C GLY N 436 -2.04 99.94 -124.79
N LEU N 437 -2.96 100.89 -124.89
CA LEU N 437 -3.80 101.30 -123.77
C LEU N 437 -5.15 100.59 -123.83
N THR N 438 -5.84 100.54 -122.69
CA THR N 438 -7.15 99.92 -122.64
C THR N 438 -8.19 100.77 -123.37
N ALA N 439 -8.61 100.29 -124.54
CA ALA N 439 -9.62 100.97 -125.33
C ALA N 439 -10.66 99.94 -125.75
N SER N 440 -11.63 100.40 -126.56
CA SER N 440 -12.80 99.62 -126.99
C SER N 440 -13.54 99.01 -125.80
N VAL N 441 -13.92 99.88 -124.85
CA VAL N 441 -14.45 99.45 -123.56
C VAL N 441 -15.89 98.93 -123.71
N THR N 442 -15.99 97.68 -124.16
CA THR N 442 -17.29 97.04 -124.29
C THR N 442 -17.87 96.65 -122.95
N LEU N 443 -17.03 96.18 -122.02
CA LEU N 443 -17.49 95.75 -120.71
C LEU N 443 -16.57 96.34 -119.65
N ASP N 444 -17.17 96.97 -118.65
CA ASP N 444 -16.40 97.64 -117.62
C ASP N 444 -17.13 97.56 -116.30
N LEU N 445 -16.56 96.80 -115.37
CA LEU N 445 -17.12 96.63 -114.04
C LEU N 445 -16.72 97.75 -113.10
N PHE N 446 -15.75 98.57 -113.47
CA PHE N 446 -15.29 99.68 -112.68
C PHE N 446 -15.87 100.99 -113.23
N ALA N 447 -15.41 102.10 -112.66
CA ALA N 447 -15.75 103.49 -113.01
C ALA N 447 -17.22 103.84 -112.76
N ASN N 448 -17.98 102.94 -112.14
CA ASN N 448 -19.28 103.26 -111.57
C ASN N 448 -19.21 103.45 -110.06
N ILE N 449 -18.00 103.39 -109.50
CA ILE N 449 -17.85 103.45 -108.05
C ILE N 449 -18.09 104.87 -107.55
N GLY N 450 -17.36 105.84 -108.10
CA GLY N 450 -17.45 107.22 -107.66
C GLY N 450 -18.79 107.88 -107.96
N THR N 451 -19.50 107.38 -108.96
CA THR N 451 -20.86 107.85 -109.22
C THR N 451 -21.81 107.36 -108.14
N ARG N 452 -21.65 106.12 -107.70
CA ARG N 452 -22.52 105.59 -106.66
C ARG N 452 -22.08 106.05 -105.27
N LEU N 453 -20.84 106.50 -105.12
CA LEU N 453 -20.37 106.91 -103.80
C LEU N 453 -20.89 108.29 -103.40
N ASP N 454 -20.79 109.28 -104.29
CA ASP N 454 -21.19 110.63 -103.92
C ASP N 454 -22.71 110.76 -103.86
N ASP N 455 -23.43 109.80 -104.45
CA ASP N 455 -24.87 109.69 -104.19
C ASP N 455 -25.14 109.33 -102.73
N ILE N 456 -24.30 108.46 -102.16
CA ILE N 456 -24.46 108.06 -100.76
C ILE N 456 -24.09 109.21 -99.84
N ILE N 457 -23.11 110.04 -100.23
CA ILE N 457 -22.65 111.15 -99.40
C ILE N 457 -23.76 112.19 -99.24
N ALA N 458 -24.56 112.39 -100.30
CA ALA N 458 -25.67 113.32 -100.22
C ALA N 458 -26.88 112.69 -99.55
N ALA N 459 -27.04 111.37 -99.69
CA ALA N 459 -28.20 110.69 -99.13
C ALA N 459 -28.14 110.62 -97.61
N VAL N 460 -26.94 110.38 -97.06
CA VAL N 460 -26.78 110.36 -95.61
C VAL N 460 -26.60 111.78 -95.07
N SER N 461 -26.50 112.77 -95.97
CA SER N 461 -26.41 114.16 -95.54
C SER N 461 -27.77 114.68 -95.08
N ALA N 462 -28.85 114.07 -95.55
CA ALA N 462 -30.18 114.46 -95.08
C ALA N 462 -30.48 113.86 -93.72
N ALA N 463 -29.71 112.86 -93.29
CA ALA N 463 -29.99 112.17 -92.04
C ALA N 463 -29.39 112.87 -90.82
N GLU N 464 -28.48 113.83 -91.00
CA GLU N 464 -27.88 114.49 -89.84
C GLU N 464 -28.77 115.49 -89.09
N PRO N 465 -29.77 116.18 -89.65
CA PRO N 465 -30.67 116.94 -88.77
C PRO N 465 -31.83 116.17 -88.17
N ILE N 466 -31.98 114.87 -88.43
CA ILE N 466 -33.13 114.12 -87.92
C ILE N 466 -32.74 113.13 -86.84
N ASP N 467 -31.45 113.00 -86.53
CA ASP N 467 -30.99 112.11 -85.48
C ASP N 467 -30.64 112.93 -84.23
N VAL N 468 -31.22 112.55 -83.10
CA VAL N 468 -31.13 113.38 -81.90
C VAL N 468 -30.63 112.62 -80.69
N ASN N 469 -30.49 111.29 -80.78
CA ASN N 469 -30.22 110.51 -79.58
C ASN N 469 -29.09 109.48 -79.71
N ASN N 470 -28.59 109.21 -80.90
CA ASN N 470 -27.69 108.08 -81.11
C ASN N 470 -26.24 108.53 -81.14
N GLY N 471 -25.37 107.81 -80.43
CA GLY N 471 -23.98 108.16 -80.27
C GLY N 471 -23.05 107.45 -81.26
N LYS N 472 -21.79 107.36 -80.85
CA LYS N 472 -20.71 106.94 -81.74
C LYS N 472 -20.79 105.47 -82.17
N LEU N 473 -21.11 104.57 -81.25
CA LEU N 473 -21.00 103.14 -81.50
C LEU N 473 -22.34 102.48 -81.80
N ASN N 474 -23.35 103.26 -82.19
CA ASN N 474 -24.66 102.70 -82.50
C ASN N 474 -24.63 101.97 -83.84
N GLY N 475 -25.06 100.71 -83.82
CA GLY N 475 -25.11 99.92 -85.04
C GLY N 475 -23.81 99.26 -85.44
N ARG N 476 -22.82 99.20 -84.55
CA ARG N 476 -21.52 98.65 -84.86
C ARG N 476 -21.39 97.24 -84.30
N LEU N 477 -20.56 96.43 -84.95
CA LEU N 477 -20.23 95.11 -84.44
C LEU N 477 -19.28 95.23 -83.26
N LEU N 478 -19.34 94.23 -82.37
CA LEU N 478 -18.53 94.27 -81.16
C LEU N 478 -17.05 94.06 -81.47
N SER N 479 -16.74 93.25 -82.49
CA SER N 479 -15.35 93.01 -82.86
C SER N 479 -14.72 94.25 -83.49
N ASP N 480 -15.54 95.12 -84.11
CA ASP N 480 -15.01 96.27 -84.81
C ASP N 480 -14.76 97.47 -83.90
N ILE N 481 -15.19 97.42 -82.63
CA ILE N 481 -14.93 98.56 -81.74
C ILE N 481 -13.65 98.39 -80.93
N GLU N 482 -13.00 97.23 -81.01
CA GLU N 482 -11.76 97.02 -80.27
C GLU N 482 -10.59 97.93 -80.69
N PRO N 483 -10.38 98.26 -81.98
CA PRO N 483 -9.41 99.35 -82.24
C PRO N 483 -9.94 100.72 -81.92
N LEU N 484 -11.26 100.91 -81.93
CA LEU N 484 -11.82 102.25 -81.74
C LEU N 484 -11.78 102.67 -80.28
N ASP N 485 -12.35 101.87 -79.39
CA ASP N 485 -12.35 102.15 -77.96
C ASP N 485 -12.09 100.81 -77.25
N ASN N 486 -10.85 100.63 -76.80
CA ASN N 486 -10.45 99.36 -76.21
C ASN N 486 -11.00 99.18 -74.81
N ALA N 487 -11.19 100.28 -74.08
CA ALA N 487 -11.65 100.16 -72.69
C ALA N 487 -13.14 99.84 -72.63
N THR N 488 -13.92 100.29 -73.61
CA THR N 488 -15.34 99.96 -73.66
C THR N 488 -15.54 98.50 -74.07
N TYR N 489 -14.72 98.02 -75.00
CA TYR N 489 -14.80 96.64 -75.48
C TYR N 489 -14.50 95.63 -74.37
N ASN N 490 -13.56 95.94 -73.48
CA ASN N 490 -13.23 95.02 -72.41
C ASN N 490 -14.29 95.02 -71.32
N THR N 491 -15.02 96.13 -71.18
CA THR N 491 -16.05 96.21 -70.16
C THR N 491 -17.30 95.42 -70.57
N ILE N 492 -17.59 95.40 -71.88
CA ILE N 492 -18.74 94.64 -72.38
C ILE N 492 -18.48 93.14 -72.26
N LEU N 493 -17.22 92.72 -72.39
CA LEU N 493 -16.87 91.31 -72.29
C LEU N 493 -17.08 90.75 -70.89
N LEU N 494 -16.89 91.58 -69.86
CA LEU N 494 -17.14 91.13 -68.49
C LEU N 494 -18.63 90.95 -68.21
N GLU N 495 -19.47 91.81 -68.79
CA GLU N 495 -20.90 91.72 -68.54
C GLU N 495 -21.52 90.53 -69.27
N ILE N 496 -20.93 90.13 -70.40
CA ILE N 496 -21.43 88.98 -71.12
C ILE N 496 -21.09 87.69 -70.38
N ASN N 497 -19.89 87.62 -69.82
CA ASN N 497 -19.42 86.41 -69.13
C ASN N 497 -20.01 86.23 -67.73
N SER N 498 -20.87 87.15 -67.28
CA SER N 498 -21.47 86.98 -65.95
C SER N 498 -22.67 86.06 -65.95
N HIS N 499 -23.15 85.62 -67.12
CA HIS N 499 -24.28 84.70 -67.22
C HIS N 499 -23.76 83.27 -67.36
N LYS N 500 -24.36 82.35 -66.59
CA LYS N 500 -23.89 80.98 -66.52
C LYS N 500 -24.92 80.02 -67.08
N VAL N 501 -24.46 78.79 -67.35
CA VAL N 501 -25.31 77.76 -67.93
C VAL N 501 -25.93 76.91 -66.84
N THR N 502 -27.21 76.57 -67.00
CA THR N 502 -27.89 75.61 -66.13
C THR N 502 -28.12 74.33 -66.93
N LEU N 503 -27.76 73.19 -66.34
CA LEU N 503 -27.86 71.89 -66.99
C LEU N 503 -28.69 70.92 -66.17
N PRO N 504 -29.30 69.94 -66.81
CA PRO N 504 -29.82 68.78 -66.08
C PRO N 504 -28.68 67.97 -65.51
N PRO N 505 -28.90 67.29 -64.38
CA PRO N 505 -27.78 66.72 -63.63
C PRO N 505 -27.31 65.34 -64.05
N SER N 506 -27.75 64.79 -65.20
CA SER N 506 -27.50 63.38 -65.46
C SER N 506 -26.07 63.10 -65.93
N SER N 507 -25.41 64.08 -66.56
CA SER N 507 -24.05 63.84 -67.03
C SER N 507 -23.00 64.04 -65.93
N SER N 508 -23.31 64.88 -64.93
CA SER N 508 -22.43 64.96 -63.77
C SER N 508 -22.53 63.71 -62.91
N MET N 509 -23.70 63.09 -62.88
CA MET N 509 -23.87 61.85 -62.13
C MET N 509 -23.09 60.71 -62.75
N ALA N 510 -23.00 60.67 -64.09
CA ALA N 510 -22.25 59.62 -64.77
C ALA N 510 -20.76 59.71 -64.47
N GLY N 511 -20.23 60.93 -64.35
CA GLY N 511 -18.84 61.09 -63.97
C GLY N 511 -18.59 60.65 -62.54
N ALA N 512 -19.55 60.88 -61.66
CA ALA N 512 -19.41 60.47 -60.27
C ALA N 512 -19.59 58.96 -60.10
N TYR N 513 -20.32 58.31 -61.01
CA TYR N 513 -20.41 56.85 -60.99
C TYR N 513 -19.05 56.23 -61.29
N ALA N 514 -18.29 56.82 -62.22
CA ALA N 514 -17.00 56.26 -62.59
C ALA N 514 -15.92 56.59 -61.57
N ARG N 515 -16.08 57.70 -60.85
CA ARG N 515 -15.10 58.08 -59.83
C ARG N 515 -15.19 57.19 -58.60
N VAL N 516 -16.41 56.82 -58.21
CA VAL N 516 -16.59 56.03 -56.99
C VAL N 516 -16.26 54.55 -57.24
N ASP N 517 -16.56 54.06 -58.44
CA ASP N 517 -16.27 52.67 -58.78
C ASP N 517 -14.76 52.42 -58.87
N ASN N 518 -14.01 53.45 -59.26
CA ASN N 518 -12.56 53.30 -59.31
C ASN N 518 -11.95 53.41 -57.91
N ASP N 519 -12.56 54.20 -57.03
CA ASP N 519 -12.00 54.42 -55.71
C ASP N 519 -12.37 53.32 -54.74
N ARG N 520 -13.63 52.90 -54.72
CA ARG N 520 -14.16 52.04 -53.67
C ARG N 520 -14.87 50.80 -54.19
N GLY N 521 -15.08 50.68 -55.49
CA GLY N 521 -15.77 49.53 -56.04
C GLY N 521 -17.18 49.83 -56.47
N VAL N 522 -17.79 48.86 -57.15
CA VAL N 522 -19.13 49.02 -57.71
C VAL N 522 -20.22 48.71 -56.68
N TRP N 523 -19.88 48.07 -55.56
CA TRP N 523 -20.84 47.78 -54.50
C TRP N 523 -20.99 48.92 -53.50
N LYS N 524 -20.36 50.06 -53.73
CA LYS N 524 -20.49 51.23 -52.87
C LYS N 524 -21.52 52.19 -53.45
N SER N 525 -22.45 52.63 -52.61
CA SER N 525 -23.53 53.51 -53.04
C SER N 525 -22.98 54.88 -53.47
N PRO N 526 -23.43 55.42 -54.60
CA PRO N 526 -22.96 56.77 -55.03
C PRO N 526 -23.77 57.91 -54.40
N ALA N 527 -23.70 57.99 -53.08
CA ALA N 527 -24.33 59.07 -52.33
C ALA N 527 -23.38 59.49 -51.22
N ASN N 528 -23.73 60.61 -50.56
CA ASN N 528 -22.87 61.32 -49.60
C ASN N 528 -21.53 61.69 -50.27
N ILE N 529 -21.63 62.35 -51.43
CA ILE N 529 -20.49 62.72 -52.26
C ILE N 529 -20.76 64.09 -52.86
N GLY N 530 -19.70 64.74 -53.35
CA GLY N 530 -19.80 66.07 -53.89
C GLY N 530 -19.71 66.13 -55.41
N LEU N 531 -20.13 67.25 -55.97
CA LEU N 531 -20.08 67.49 -57.42
C LEU N 531 -19.17 68.67 -57.72
N ASN N 532 -18.29 68.51 -58.70
CA ASN N 532 -17.38 69.57 -59.13
C ASN N 532 -18.05 70.45 -60.19
N TYR N 533 -17.54 71.69 -60.31
CA TYR N 533 -18.00 72.73 -61.26
C TYR N 533 -19.43 73.20 -61.00
N VAL N 534 -19.95 72.99 -59.80
CA VAL N 534 -21.35 73.28 -59.49
C VAL N 534 -21.38 74.33 -58.38
N SER N 535 -22.13 75.42 -58.61
CA SER N 535 -22.21 76.47 -57.59
C SER N 535 -23.32 76.19 -56.58
N LYS N 536 -24.51 75.79 -57.05
CA LYS N 536 -25.66 75.52 -56.20
C LYS N 536 -26.66 74.68 -56.98
N PRO N 537 -27.60 74.02 -56.30
CA PRO N 537 -28.80 73.53 -57.00
C PRO N 537 -29.70 74.68 -57.43
N SER N 538 -30.53 74.42 -58.42
CA SER N 538 -31.42 75.46 -58.94
C SER N 538 -32.64 75.69 -58.05
N VAL N 539 -33.07 74.66 -57.32
CA VAL N 539 -34.22 74.73 -56.42
C VAL N 539 -33.73 74.26 -55.05
N THR N 540 -34.24 74.89 -54.00
CA THR N 540 -33.97 74.47 -52.64
C THR N 540 -34.95 73.39 -52.23
N VAL N 541 -34.44 72.27 -51.71
CA VAL N 541 -35.23 71.16 -51.20
C VAL N 541 -34.90 71.00 -49.73
N SER N 542 -35.92 71.11 -48.88
CA SER N 542 -35.71 71.03 -47.44
C SER N 542 -35.75 69.59 -46.94
N HIS N 543 -35.64 69.43 -45.63
CA HIS N 543 -35.72 68.12 -45.00
C HIS N 543 -37.11 67.53 -45.14
N GLU N 544 -38.13 68.36 -44.98
CA GLU N 544 -39.51 67.88 -44.90
C GLU N 544 -40.09 67.48 -46.25
N GLU N 545 -39.65 68.08 -47.35
CA GLU N 545 -40.18 67.72 -48.66
C GLU N 545 -39.35 66.66 -49.38
N GLN N 546 -38.25 66.19 -48.80
CA GLN N 546 -37.56 65.03 -49.36
C GLN N 546 -38.17 63.71 -48.90
N GLU N 547 -39.07 63.74 -47.91
CA GLU N 547 -39.65 62.52 -47.37
C GLU N 547 -40.55 61.81 -48.39
N SER N 548 -41.37 62.57 -49.12
CA SER N 548 -42.20 61.96 -50.15
C SER N 548 -41.41 61.74 -51.45
N MET N 549 -40.20 62.27 -51.55
CA MET N 549 -39.31 61.91 -52.65
C MET N 549 -38.66 60.55 -52.43
N ASN N 550 -38.21 60.28 -51.20
CA ASN N 550 -37.43 59.06 -50.95
C ASN N 550 -38.35 57.85 -50.78
N VAL N 551 -39.45 58.00 -50.04
CA VAL N 551 -40.36 56.91 -49.73
C VAL N 551 -41.76 57.30 -50.18
N HIS N 552 -42.39 56.44 -50.97
CA HIS N 552 -43.68 56.76 -51.59
C HIS N 552 -44.49 55.49 -51.76
N GLY N 553 -45.80 55.66 -51.91
CA GLY N 553 -46.70 54.51 -52.03
C GLY N 553 -46.61 53.81 -53.39
N THR N 554 -46.21 54.55 -54.42
CA THR N 554 -45.98 53.92 -55.73
C THR N 554 -44.66 53.16 -55.75
N GLY N 555 -43.73 53.51 -54.87
CA GLY N 555 -42.39 52.97 -54.92
C GLY N 555 -41.44 53.68 -55.86
N LYS N 556 -41.88 54.73 -56.54
CA LYS N 556 -41.04 55.45 -57.50
C LYS N 556 -40.28 56.57 -56.80
N SER N 557 -39.04 56.27 -56.44
CA SER N 557 -38.21 57.19 -55.65
C SER N 557 -37.41 58.13 -56.53
N VAL N 558 -37.23 59.36 -56.05
CA VAL N 558 -36.43 60.38 -56.74
C VAL N 558 -35.33 60.83 -55.79
N ASN N 559 -34.08 60.82 -56.29
CA ASN N 559 -32.93 61.22 -55.50
C ASN N 559 -32.72 62.72 -55.57
N ALA N 560 -32.41 63.32 -54.42
CA ALA N 560 -32.36 64.77 -54.26
C ALA N 560 -30.93 65.29 -54.18
N ILE N 561 -30.68 66.42 -54.81
CA ILE N 561 -29.41 67.15 -54.69
C ILE N 561 -29.63 68.33 -53.73
N ARG N 562 -28.88 68.36 -52.64
CA ARG N 562 -29.14 69.31 -51.56
C ARG N 562 -27.86 70.02 -51.11
N SER N 563 -28.04 71.07 -50.32
CA SER N 563 -26.95 71.84 -49.74
C SER N 563 -27.01 71.74 -48.22
N PHE N 564 -25.85 71.70 -47.57
CA PHE N 564 -25.73 71.60 -46.13
C PHE N 564 -24.68 72.59 -45.66
N VAL N 565 -24.93 73.22 -44.50
CA VAL N 565 -24.02 74.24 -43.98
C VAL N 565 -22.71 73.58 -43.53
N GLY N 566 -21.60 74.05 -44.07
CA GLY N 566 -20.30 73.51 -43.76
C GLY N 566 -19.85 72.39 -44.66
N LYS N 567 -20.67 71.97 -45.62
CA LYS N 567 -20.40 70.78 -46.43
C LYS N 567 -20.58 70.99 -47.92
N GLY N 568 -21.31 72.00 -48.36
CA GLY N 568 -21.51 72.25 -49.77
C GLY N 568 -22.66 71.43 -50.36
N THR N 569 -22.64 71.35 -51.69
CA THR N 569 -23.69 70.66 -52.44
C THR N 569 -23.34 69.18 -52.56
N LEU N 570 -24.28 68.32 -52.18
CA LEU N 570 -24.06 66.88 -52.15
C LEU N 570 -25.18 66.14 -52.86
N VAL N 571 -24.89 64.91 -53.27
CA VAL N 571 -25.91 63.95 -53.68
C VAL N 571 -26.42 63.23 -52.43
N TRP N 572 -27.73 63.28 -52.20
CA TRP N 572 -28.34 62.71 -51.01
C TRP N 572 -29.51 61.82 -51.42
N GLY N 573 -29.21 60.57 -51.77
CA GLY N 573 -30.17 59.59 -52.23
C GLY N 573 -29.53 58.57 -53.17
N ALA N 574 -29.84 57.30 -52.95
CA ALA N 574 -29.24 56.22 -53.74
C ALA N 574 -30.24 55.10 -54.04
N ARG N 575 -31.44 55.44 -54.47
CA ARG N 575 -32.46 54.43 -54.78
C ARG N 575 -32.74 54.33 -56.28
N THR N 576 -33.25 53.18 -56.69
CA THR N 576 -33.81 53.01 -58.04
C THR N 576 -35.30 53.33 -58.03
N LEU N 577 -35.95 53.16 -59.19
CA LEU N 577 -37.38 53.40 -59.34
C LEU N 577 -38.24 52.21 -58.92
N ALA N 578 -37.64 51.19 -58.29
CA ALA N 578 -38.35 50.08 -57.67
C ALA N 578 -38.06 50.12 -56.17
N GLY N 579 -38.28 51.30 -55.58
CA GLY N 579 -37.86 51.68 -54.25
C GLY N 579 -38.54 50.99 -53.09
N ASN N 580 -39.57 50.15 -53.31
CA ASN N 580 -40.13 49.33 -52.24
C ASN N 580 -39.81 47.85 -52.39
N ASP N 581 -38.84 47.50 -53.23
CA ASP N 581 -38.44 46.12 -53.48
C ASP N 581 -37.32 45.72 -52.53
N ASN N 582 -37.46 44.57 -51.87
CA ASN N 582 -36.43 44.15 -50.92
C ASN N 582 -35.20 43.60 -51.63
N GLU N 583 -35.31 43.27 -52.92
CA GLU N 583 -34.15 42.79 -53.65
C GLU N 583 -33.49 43.90 -54.47
N TRP N 584 -34.26 44.85 -54.97
CA TRP N 584 -33.75 45.74 -56.02
C TRP N 584 -33.94 47.22 -55.75
N ARG N 585 -33.92 47.67 -54.48
CA ARG N 585 -34.18 49.08 -54.24
C ARG N 585 -32.93 49.95 -54.27
N TYR N 586 -31.75 49.35 -54.17
CA TYR N 586 -30.50 50.12 -54.13
C TYR N 586 -29.77 50.02 -55.47
N ILE N 587 -29.17 51.14 -55.87
CA ILE N 587 -28.46 51.24 -57.14
C ILE N 587 -27.24 50.32 -57.16
N SER N 588 -26.54 50.23 -56.03
CA SER N 588 -25.27 49.51 -56.00
C SER N 588 -25.47 47.99 -56.03
N VAL N 589 -26.61 47.51 -55.50
CA VAL N 589 -26.93 46.09 -55.56
C VAL N 589 -27.23 45.67 -56.99
N ARG N 590 -28.04 46.47 -57.70
CA ARG N 590 -28.39 46.18 -59.10
C ARG N 590 -27.18 46.23 -60.02
N ARG N 591 -26.24 47.16 -59.78
CA ARG N 591 -25.11 47.29 -60.69
C ARG N 591 -24.03 46.25 -60.39
N PHE N 592 -24.01 45.71 -59.17
CA PHE N 592 -23.11 44.59 -58.89
C PHE N 592 -23.61 43.29 -59.51
N PHE N 593 -24.93 43.08 -59.52
CA PHE N 593 -25.50 41.93 -60.22
C PHE N 593 -25.30 42.01 -61.73
N ASN N 594 -25.29 43.22 -62.28
CA ASN N 594 -25.01 43.38 -63.71
C ASN N 594 -23.57 43.02 -64.05
N MET N 595 -22.63 43.31 -63.15
CA MET N 595 -21.24 42.97 -63.39
C MET N 595 -21.00 41.48 -63.27
N ALA N 596 -21.49 40.88 -62.19
CA ALA N 596 -21.16 39.50 -61.86
C ALA N 596 -21.80 38.51 -62.84
N GLU N 597 -23.01 38.83 -63.34
CA GLU N 597 -23.69 37.91 -64.24
C GLU N 597 -23.06 37.90 -65.63
N GLU N 598 -22.59 39.07 -66.09
CA GLU N 598 -21.99 39.13 -67.42
C GLU N 598 -20.61 38.49 -67.44
N SER N 599 -19.84 38.63 -66.36
CA SER N 599 -18.50 38.04 -66.30
C SER N 599 -18.56 36.51 -66.26
N ILE N 600 -19.56 35.96 -65.58
CA ILE N 600 -19.73 34.52 -65.50
C ILE N 600 -20.26 33.96 -66.83
N LYS N 601 -21.11 34.73 -67.51
CA LYS N 601 -21.69 34.29 -68.78
C LYS N 601 -20.65 34.20 -69.89
N LYS N 602 -19.72 35.14 -69.94
CA LYS N 602 -18.67 35.10 -70.96
C LYS N 602 -17.68 33.97 -70.71
N ALA N 603 -17.43 33.64 -69.44
CA ALA N 603 -16.48 32.57 -69.13
C ALA N 603 -17.06 31.19 -69.39
N THR N 604 -18.38 31.08 -69.56
CA THR N 604 -19.10 29.82 -69.68
C THR N 604 -19.25 29.34 -71.14
N GLU N 605 -18.99 30.19 -72.14
CA GLU N 605 -19.19 29.74 -73.53
C GLU N 605 -18.14 28.75 -74.01
N GLN N 606 -17.08 28.52 -73.24
CA GLN N 606 -16.12 27.48 -73.61
C GLN N 606 -16.63 26.07 -73.26
N PHE N 607 -17.80 25.97 -72.62
CA PHE N 607 -18.36 24.70 -72.16
C PHE N 607 -19.60 24.25 -72.93
N VAL N 608 -19.93 24.86 -74.08
CA VAL N 608 -21.27 24.71 -74.67
C VAL N 608 -21.52 23.30 -75.20
N PHE N 609 -20.61 22.76 -76.01
CA PHE N 609 -20.80 21.42 -76.55
C PHE N 609 -19.92 20.38 -75.86
N GLU N 610 -19.55 20.62 -74.61
CA GLU N 610 -18.73 19.71 -73.83
C GLU N 610 -19.57 18.51 -73.36
N PRO N 611 -18.92 17.41 -72.94
CA PRO N 611 -19.67 16.30 -72.32
C PRO N 611 -20.35 16.71 -71.02
N ASN N 612 -21.64 16.38 -70.92
CA ASN N 612 -22.47 16.78 -69.78
C ASN N 612 -22.44 15.68 -68.72
N ASP N 613 -21.28 15.52 -68.08
CA ASP N 613 -21.07 14.45 -67.12
C ASP N 613 -20.38 15.00 -65.87
N GLY N 614 -19.98 14.09 -64.98
CA GLY N 614 -19.48 14.48 -63.68
C GLY N 614 -18.11 15.15 -63.71
N ASN N 615 -17.35 14.92 -64.77
CA ASN N 615 -16.04 15.57 -64.90
C ASN N 615 -16.21 17.05 -65.22
N THR N 616 -17.22 17.40 -66.02
CA THR N 616 -17.49 18.79 -66.36
C THR N 616 -18.07 19.55 -65.16
N TRP N 617 -18.94 18.90 -64.39
CA TRP N 617 -19.65 19.58 -63.31
C TRP N 617 -18.73 19.97 -62.15
N VAL N 618 -17.63 19.24 -61.99
CA VAL N 618 -16.66 19.56 -60.95
C VAL N 618 -15.87 20.81 -61.33
N ARG N 619 -15.50 20.94 -62.61
CA ARG N 619 -14.69 22.07 -63.03
C ARG N 619 -15.53 23.33 -63.21
N VAL N 620 -16.81 23.18 -63.55
CA VAL N 620 -17.70 24.33 -63.68
C VAL N 620 -17.97 24.95 -62.30
N ARG N 621 -18.17 24.10 -61.29
CA ARG N 621 -18.43 24.57 -59.94
C ARG N 621 -17.22 25.29 -59.35
N ALA N 622 -16.01 24.79 -59.64
CA ALA N 622 -14.81 25.37 -59.05
C ALA N 622 -14.42 26.69 -59.72
N MET N 623 -14.77 26.86 -61.00
CA MET N 623 -14.51 28.14 -61.67
C MET N 623 -15.36 29.26 -61.09
N ILE N 624 -16.64 28.99 -60.80
CA ILE N 624 -17.52 30.01 -60.26
C ILE N 624 -17.21 30.28 -58.79
N GLU N 625 -16.79 29.25 -58.06
CA GLU N 625 -16.50 29.40 -56.64
C GLU N 625 -15.22 30.20 -56.40
N ASN N 626 -14.23 30.05 -57.29
CA ASN N 626 -12.98 30.81 -57.14
C ASN N 626 -13.21 32.29 -57.42
N PHE N 627 -14.15 32.61 -58.31
CA PHE N 627 -14.45 34.00 -58.61
C PHE N 627 -15.18 34.69 -57.46
N LEU N 628 -16.13 33.99 -56.82
CA LEU N 628 -16.92 34.60 -55.76
C LEU N 628 -16.16 34.72 -54.45
N ILE N 629 -15.10 33.92 -54.29
CA ILE N 629 -14.25 34.01 -53.10
C ILE N 629 -13.44 35.31 -53.11
N LEU N 630 -13.05 35.77 -54.30
CA LEU N 630 -12.38 37.06 -54.41
C LEU N 630 -13.32 38.23 -54.12
N GLN N 631 -14.61 38.08 -54.46
CA GLN N 631 -15.57 39.16 -54.19
C GLN N 631 -15.88 39.25 -52.70
N TRP N 632 -15.88 38.11 -52.00
CA TRP N 632 -16.07 38.10 -50.56
C TRP N 632 -14.89 38.75 -49.83
N ARG N 633 -13.67 38.55 -50.33
CA ARG N 633 -12.50 39.08 -49.64
C ARG N 633 -12.35 40.57 -49.87
N ALA N 634 -12.86 41.09 -50.98
CA ALA N 634 -12.82 42.52 -51.24
C ALA N 634 -13.91 43.30 -50.50
N GLY N 635 -14.88 42.63 -49.90
CA GLY N 635 -15.91 43.27 -49.13
C GLY N 635 -17.27 43.42 -49.80
N ALA N 636 -17.49 42.80 -50.97
CA ALA N 636 -18.77 42.95 -51.65
C ALA N 636 -19.81 41.98 -51.10
N LEU N 637 -19.39 40.89 -50.47
CA LEU N 637 -20.29 39.91 -49.88
C LEU N 637 -20.09 39.87 -48.38
N ALA N 638 -21.19 39.89 -47.64
CA ALA N 638 -21.17 39.92 -46.19
C ALA N 638 -21.15 38.49 -45.64
N GLY N 639 -20.26 38.24 -44.70
CA GLY N 639 -20.19 36.93 -44.07
C GLY N 639 -18.90 36.77 -43.29
N ALA N 640 -19.00 35.99 -42.21
CA ALA N 640 -17.81 35.70 -41.43
C ALA N 640 -17.00 34.57 -42.04
N LYS N 641 -17.64 33.75 -42.87
CA LYS N 641 -17.00 32.60 -43.50
C LYS N 641 -17.59 32.46 -44.91
N PRO N 642 -16.91 31.78 -45.85
CA PRO N 642 -17.40 31.76 -47.25
C PRO N 642 -18.74 31.08 -47.48
N GLU N 643 -19.14 30.11 -46.65
CA GLU N 643 -20.41 29.44 -46.89
C GLU N 643 -21.59 30.24 -46.35
N HIS N 644 -21.31 31.34 -45.64
CA HIS N 644 -22.37 32.27 -45.28
C HIS N 644 -22.64 33.26 -46.40
N ALA N 645 -21.71 33.38 -47.35
CA ALA N 645 -21.81 34.44 -48.34
C ALA N 645 -22.43 33.95 -49.64
N PHE N 646 -22.21 32.70 -50.03
CA PHE N 646 -22.72 32.22 -51.32
C PHE N 646 -22.91 30.71 -51.28
N TYR N 647 -23.50 30.18 -52.34
CA TYR N 647 -23.54 28.74 -52.62
C TYR N 647 -23.59 28.53 -54.14
N VAL N 648 -23.10 27.37 -54.58
CA VAL N 648 -23.14 26.96 -56.00
C VAL N 648 -23.54 25.49 -56.05
N LYS N 649 -24.54 25.17 -56.86
CA LYS N 649 -25.04 23.80 -57.02
C LYS N 649 -25.17 23.45 -58.50
N VAL N 650 -24.62 22.30 -58.90
CA VAL N 650 -24.80 21.76 -60.25
C VAL N 650 -24.57 20.25 -60.20
N GLY N 651 -25.44 19.49 -60.86
CA GLY N 651 -25.25 18.05 -60.95
C GLY N 651 -26.55 17.30 -61.13
N LEU N 652 -26.40 16.02 -61.46
CA LEU N 652 -27.53 15.10 -61.58
C LEU N 652 -28.00 14.70 -60.18
N GLY N 653 -29.31 14.82 -59.94
CA GLY N 653 -29.86 14.63 -58.62
C GLY N 653 -29.78 15.84 -57.71
N GLN N 654 -29.19 16.95 -58.17
CA GLN N 654 -29.16 18.20 -57.44
C GLN N 654 -29.90 19.31 -58.17
N THR N 655 -29.60 19.53 -59.45
CA THR N 655 -30.29 20.51 -60.26
C THR N 655 -30.92 19.91 -61.52
N MET N 656 -30.68 18.65 -61.83
CA MET N 656 -31.03 18.07 -63.13
C MET N 656 -31.64 16.68 -62.96
N THR N 657 -32.48 16.29 -63.91
CA THR N 657 -32.97 14.93 -64.03
C THR N 657 -32.29 14.22 -65.20
N ALA N 658 -32.56 12.92 -65.33
CA ALA N 658 -31.99 12.15 -66.43
C ALA N 658 -32.66 12.51 -67.75
N GLN N 659 -33.93 12.91 -67.70
CA GLN N 659 -34.61 13.43 -68.89
C GLN N 659 -34.00 14.76 -69.34
N ASP N 660 -33.46 15.54 -68.39
CA ASP N 660 -32.80 16.80 -68.75
C ASP N 660 -31.50 16.55 -69.52
N ILE N 661 -30.80 15.46 -69.20
CA ILE N 661 -29.53 15.15 -69.87
C ILE N 661 -29.76 14.78 -71.32
N LEU N 662 -30.82 14.01 -71.61
CA LEU N 662 -31.11 13.61 -72.98
C LEU N 662 -31.52 14.80 -73.85
N GLU N 663 -32.13 15.82 -73.26
CA GLU N 663 -32.48 17.02 -74.01
C GLU N 663 -31.31 17.97 -74.22
N GLY N 664 -30.21 17.80 -73.48
CA GLY N 664 -29.08 18.68 -73.62
C GLY N 664 -29.05 19.87 -72.69
N ASN N 665 -29.63 19.77 -71.50
CA ASN N 665 -29.71 20.87 -70.54
C ASN N 665 -28.73 20.65 -69.40
N MET N 666 -28.08 21.73 -68.98
CA MET N 666 -27.27 21.77 -67.77
C MET N 666 -27.68 22.99 -66.93
N ASN N 667 -28.08 22.76 -65.69
CA ASN N 667 -28.61 23.79 -64.81
C ASN N 667 -27.61 24.11 -63.69
N VAL N 668 -27.30 25.39 -63.51
CA VAL N 668 -26.43 25.86 -62.43
C VAL N 668 -27.20 26.88 -61.60
N GLU N 669 -27.17 26.73 -60.27
CA GLU N 669 -27.88 27.58 -59.34
C GLU N 669 -26.91 28.31 -58.44
N ILE N 670 -27.08 29.63 -58.32
CA ILE N 670 -26.14 30.52 -57.62
C ILE N 670 -26.93 31.46 -56.72
N GLY N 671 -26.62 31.46 -55.42
CA GLY N 671 -27.23 32.39 -54.47
C GLY N 671 -26.23 33.33 -53.80
N LEU N 672 -26.57 34.61 -53.66
CA LEU N 672 -25.63 35.62 -53.21
C LEU N 672 -26.18 36.42 -52.04
N ALA N 673 -25.29 36.94 -51.20
CA ALA N 673 -25.62 37.81 -50.06
C ALA N 673 -24.79 39.09 -50.18
N VAL N 674 -25.37 40.11 -50.80
CA VAL N 674 -24.67 41.34 -51.17
C VAL N 674 -24.87 42.38 -50.06
N VAL N 675 -23.83 43.18 -49.79
CA VAL N 675 -23.88 44.16 -48.70
C VAL N 675 -24.76 45.35 -49.05
N ARG N 676 -25.58 45.76 -48.09
CA ARG N 676 -26.51 46.88 -48.23
C ARG N 676 -25.95 48.13 -47.57
N PRO N 677 -26.37 49.33 -48.00
CA PRO N 677 -25.92 50.55 -47.33
C PRO N 677 -26.65 50.80 -46.03
N ALA N 678 -26.06 51.69 -45.22
CA ALA N 678 -26.64 52.12 -43.94
C ALA N 678 -27.28 53.49 -44.14
N GLU N 679 -28.59 53.47 -44.42
CA GLU N 679 -29.29 54.67 -44.84
C GLU N 679 -29.81 55.48 -43.66
N PHE N 680 -30.29 54.81 -42.61
CA PHE N 680 -30.79 55.47 -41.40
C PHE N 680 -30.02 54.95 -40.19
N ILE N 681 -29.46 55.87 -39.41
CA ILE N 681 -28.68 55.54 -38.21
C ILE N 681 -29.44 56.09 -37.01
N ILE N 682 -29.82 55.22 -36.08
CA ILE N 682 -30.70 55.56 -34.98
C ILE N 682 -29.93 55.37 -33.66
N LEU N 683 -29.69 56.48 -32.95
CA LEU N 683 -28.99 56.46 -31.67
C LEU N 683 -30.01 56.44 -30.53
N LYS N 684 -29.91 55.44 -29.64
CA LYS N 684 -30.85 55.25 -28.55
C LYS N 684 -30.15 55.45 -27.21
N PHE N 685 -30.51 56.51 -26.50
CA PHE N 685 -29.86 56.90 -25.25
C PHE N 685 -30.75 56.55 -24.05
N SER N 686 -30.12 56.12 -22.96
CA SER N 686 -30.83 55.75 -21.75
C SER N 686 -29.92 55.88 -20.53
N HIS N 687 -30.55 55.99 -19.36
CA HIS N 687 -29.86 56.03 -18.07
C HIS N 687 -29.60 54.61 -17.58
N LYS N 688 -28.44 54.42 -16.93
CA LYS N 688 -28.17 53.17 -16.24
C LYS N 688 -27.88 53.44 -14.76
N MET N 689 -28.18 52.46 -13.92
CA MET N 689 -28.04 52.63 -12.47
C MET N 689 -26.57 52.65 -12.05
N GLN N 690 -26.28 53.46 -11.03
CA GLN N 690 -24.93 53.62 -10.51
C GLN N 690 -24.46 52.37 -9.76
N ALA O 2 -40.69 57.57 -34.83
CA ALA O 2 -40.50 56.13 -34.99
C ALA O 2 -40.45 55.75 -36.46
N THR O 3 -40.84 56.68 -37.33
CA THR O 3 -40.84 56.47 -38.78
C THR O 3 -39.86 57.45 -39.41
N TYR O 4 -38.95 56.92 -40.25
CA TYR O 4 -37.92 57.73 -40.87
C TYR O 4 -37.93 57.53 -42.38
N LYS O 5 -38.02 58.63 -43.11
CA LYS O 5 -38.05 58.63 -44.57
C LYS O 5 -36.88 59.33 -45.21
N THR O 6 -36.39 60.43 -44.64
CA THR O 6 -35.21 61.05 -45.22
C THR O 6 -33.93 60.55 -44.55
N PRO O 7 -32.87 60.37 -45.33
CA PRO O 7 -31.63 59.80 -44.76
C PRO O 7 -30.92 60.72 -43.79
N GLY O 8 -30.30 60.12 -42.77
CA GLY O 8 -29.49 60.86 -41.82
C GLY O 8 -29.35 60.10 -40.51
N VAL O 9 -29.06 60.87 -39.46
CA VAL O 9 -28.89 60.36 -38.10
C VAL O 9 -30.02 60.90 -37.24
N TYR O 10 -30.54 60.06 -36.34
CA TYR O 10 -31.65 60.44 -35.47
C TYR O 10 -31.33 60.07 -34.03
N ILE O 11 -32.00 60.75 -33.10
CA ILE O 11 -31.77 60.60 -31.66
C ILE O 11 -33.08 60.21 -30.99
N GLU O 12 -33.05 59.14 -30.20
CA GLU O 12 -34.21 58.66 -29.45
C GLU O 12 -33.83 58.55 -27.98
N GLU O 13 -34.76 58.90 -27.10
CA GLU O 13 -34.59 58.74 -25.66
C GLU O 13 -35.59 57.71 -25.14
N ILE O 14 -35.12 56.78 -24.32
CA ILE O 14 -35.93 55.69 -23.78
C ILE O 14 -36.05 55.89 -22.27
N THR O 15 -37.29 55.79 -21.76
CA THR O 15 -37.60 56.01 -20.35
C THR O 15 -37.55 54.69 -19.58
N LYS O 16 -36.72 54.65 -18.54
CA LYS O 16 -36.56 53.43 -17.74
C LYS O 16 -36.87 53.64 -16.26
N PHE O 17 -36.42 54.74 -15.66
CA PHE O 17 -36.56 54.91 -14.22
C PHE O 17 -38.00 55.30 -13.88
N PRO O 18 -38.53 54.83 -12.75
CA PRO O 18 -39.84 55.30 -12.29
C PRO O 18 -39.74 56.69 -11.67
N PRO O 19 -40.83 57.46 -11.63
CA PRO O 19 -40.82 58.70 -10.87
C PRO O 19 -40.93 58.44 -9.37
N SER O 20 -40.84 59.51 -8.59
CA SER O 20 -40.90 59.41 -7.14
C SER O 20 -42.11 60.13 -6.59
N VAL O 21 -42.58 59.67 -5.43
CA VAL O 21 -43.73 60.24 -4.73
C VAL O 21 -43.28 61.39 -3.84
N ALA O 22 -44.10 62.45 -3.78
CA ALA O 22 -43.83 63.63 -2.97
C ALA O 22 -44.80 63.65 -1.78
N GLN O 23 -44.26 63.78 -0.57
CA GLN O 23 -45.04 63.63 0.65
C GLN O 23 -45.79 64.92 1.00
N VAL O 24 -47.03 64.76 1.49
CA VAL O 24 -47.90 65.89 1.81
C VAL O 24 -47.78 66.24 3.30
N GLU O 25 -48.22 67.45 3.63
CA GLU O 25 -48.27 67.90 5.03
C GLU O 25 -49.32 67.13 5.81
N THR O 26 -49.11 66.99 7.12
CA THR O 26 -49.98 66.16 7.94
C THR O 26 -50.84 66.91 8.94
N ALA O 27 -50.42 68.09 9.42
CA ALA O 27 -51.18 68.82 10.44
C ALA O 27 -51.29 70.30 10.06
N ILE O 28 -52.31 70.62 9.28
CA ILE O 28 -52.72 71.99 8.97
C ILE O 28 -54.18 72.13 9.39
N PRO O 29 -54.50 72.83 10.47
CA PRO O 29 -55.89 72.98 10.89
C PRO O 29 -56.59 74.18 10.25
N ALA O 30 -57.91 74.20 10.42
CA ALA O 30 -58.76 75.30 9.97
C ALA O 30 -59.67 75.72 11.11
N PHE O 31 -59.69 77.02 11.41
CA PHE O 31 -60.50 77.58 12.50
C PHE O 31 -61.67 78.36 11.89
N ILE O 32 -62.88 78.05 12.33
CA ILE O 32 -64.12 78.58 11.75
C ILE O 32 -64.93 79.25 12.85
N GLY O 33 -65.09 80.57 12.76
CA GLY O 33 -65.81 81.31 13.79
C GLY O 33 -65.79 82.80 13.52
N TYR O 34 -66.13 83.56 14.57
CA TYR O 34 -66.31 85.01 14.47
C TYR O 34 -65.03 85.76 14.80
N THR O 35 -64.80 86.86 14.09
CA THR O 35 -63.64 87.72 14.31
C THR O 35 -64.08 89.16 14.57
N GLN O 36 -63.10 90.04 14.78
CA GLN O 36 -63.42 91.44 15.03
C GLN O 36 -63.68 92.22 13.75
N PHE O 37 -62.78 92.19 12.76
CA PHE O 37 -63.13 92.89 11.52
C PHE O 37 -62.93 92.16 10.19
N ALA O 38 -61.89 91.33 10.02
CA ALA O 38 -61.62 90.55 8.78
C ALA O 38 -61.43 91.43 7.53
N ARG O 39 -60.30 92.15 7.51
CA ARG O 39 -60.00 93.08 6.41
C ARG O 39 -58.74 92.68 5.66
N THR O 40 -58.74 92.85 4.33
CA THR O 40 -57.52 92.61 3.55
C THR O 40 -56.52 93.74 3.69
N LYS O 41 -57.00 94.98 3.66
CA LYS O 41 -56.15 96.14 3.93
C LYS O 41 -56.55 96.72 5.27
N PRO O 42 -55.66 96.73 6.27
CA PRO O 42 -56.08 97.07 7.64
C PRO O 42 -56.46 98.53 7.83
N SER O 43 -55.98 99.44 6.97
CA SER O 43 -56.34 100.84 7.12
C SER O 43 -57.72 101.13 6.54
N VAL O 44 -58.05 100.52 5.40
CA VAL O 44 -59.34 100.74 4.74
C VAL O 44 -60.40 99.88 5.42
N ASP O 45 -61.50 100.50 5.83
CA ASP O 45 -62.53 99.87 6.67
C ASP O 45 -63.55 99.16 5.80
N SER O 46 -63.24 97.93 5.40
CA SER O 46 -64.16 97.12 4.60
C SER O 46 -63.91 95.64 4.91
N ASP O 47 -64.98 94.94 5.32
CA ASP O 47 -64.89 93.53 5.68
C ASP O 47 -65.08 92.69 4.42
N ASP O 48 -64.02 92.59 3.62
CA ASP O 48 -64.07 91.77 2.41
C ASP O 48 -63.47 90.38 2.58
N LEU O 49 -63.12 89.99 3.81
CA LEU O 49 -62.65 88.64 4.10
C LEU O 49 -63.68 87.81 4.86
N ILE O 50 -64.98 88.02 4.61
CA ILE O 50 -66.01 87.45 5.47
C ILE O 50 -66.07 85.93 5.33
N LEU O 51 -66.24 85.42 4.11
CA LEU O 51 -66.26 83.97 3.91
C LEU O 51 -65.18 83.50 2.94
N LYS O 52 -63.96 84.01 3.08
CA LYS O 52 -62.82 83.63 2.25
C LYS O 52 -61.75 83.00 3.13
N PRO O 53 -61.31 81.77 2.84
CA PRO O 53 -60.22 81.17 3.63
C PRO O 53 -58.88 81.84 3.34
N LYS O 54 -58.13 82.09 4.41
CA LYS O 54 -56.84 82.75 4.32
C LYS O 54 -55.81 82.02 5.19
N ARG O 55 -54.61 81.86 4.65
CA ARG O 55 -53.52 81.15 5.33
C ARG O 55 -52.62 82.15 6.04
N ILE O 56 -52.50 82.00 7.37
CA ILE O 56 -51.65 82.84 8.20
C ILE O 56 -50.54 81.99 8.77
N SER O 57 -49.60 82.63 9.47
CA SER O 57 -48.40 81.93 9.95
C SER O 57 -48.08 82.16 11.42
N SER O 58 -48.63 83.20 12.04
CA SER O 58 -48.33 83.48 13.45
C SER O 58 -49.49 84.25 14.05
N LEU O 59 -49.37 84.53 15.35
CA LEU O 59 -50.40 85.30 16.03
C LEU O 59 -50.36 86.77 15.63
N LEU O 60 -49.19 87.26 15.19
CA LEU O 60 -49.10 88.64 14.75
C LEU O 60 -49.77 88.82 13.38
N ASP O 61 -49.78 87.76 12.56
CA ASP O 61 -50.50 87.80 11.30
C ASP O 61 -52.01 87.84 11.52
N PHE O 62 -52.49 87.23 12.62
CA PHE O 62 -53.93 87.19 12.86
C PHE O 62 -54.47 88.55 13.25
N THR O 63 -53.78 89.27 14.13
CA THR O 63 -54.31 90.53 14.64
C THR O 63 -54.20 91.64 13.60
N THR O 64 -53.33 91.47 12.60
CA THR O 64 -53.25 92.42 11.49
C THR O 64 -54.52 92.41 10.66
N TYR O 65 -55.01 91.22 10.31
CA TYR O 65 -56.16 91.10 9.42
C TYR O 65 -57.48 90.94 10.16
N TYR O 66 -57.46 90.43 11.40
CA TYR O 66 -58.69 90.08 12.10
C TYR O 66 -58.89 90.77 13.44
N GLY O 67 -57.83 91.23 14.09
CA GLY O 67 -57.96 91.91 15.37
C GLY O 67 -57.82 91.00 16.57
N GLY O 68 -58.39 91.45 17.69
CA GLY O 68 -58.32 90.71 18.93
C GLY O 68 -59.66 90.30 19.51
N ALA O 69 -59.72 90.14 20.83
CA ALA O 69 -60.93 89.70 21.52
C ALA O 69 -61.88 90.86 21.80
N GLN O 70 -63.06 90.53 22.32
CA GLN O 70 -64.06 91.51 22.70
C GLN O 70 -63.91 91.88 24.16
N ASN O 71 -64.05 93.18 24.46
CA ASN O 71 -64.01 93.66 25.84
C ASN O 71 -65.19 93.13 26.64
N GLU O 72 -64.92 92.67 27.86
CA GLU O 72 -65.97 92.14 28.72
C GLU O 72 -66.82 93.27 29.30
N GLN O 73 -68.11 93.00 29.48
CA GLN O 73 -69.04 93.99 29.99
C GLN O 73 -69.61 93.65 31.36
N GLY O 74 -69.20 92.53 31.96
CA GLY O 74 -69.76 92.08 33.22
C GLY O 74 -68.88 92.20 34.45
N ILE O 75 -67.97 93.19 34.49
CA ILE O 75 -67.06 93.34 35.65
C ILE O 75 -67.54 94.48 36.57
N THR O 76 -67.61 94.21 37.87
CA THR O 76 -68.03 95.20 38.87
C THR O 76 -66.98 95.30 39.97
N VAL O 77 -66.77 96.52 40.48
CA VAL O 77 -65.79 96.80 41.53
C VAL O 77 -66.51 97.45 42.70
N LYS O 78 -66.23 96.97 43.91
CA LYS O 78 -66.83 97.45 45.14
C LYS O 78 -65.75 97.91 46.12
N LEU O 79 -65.95 99.07 46.74
CA LEU O 79 -65.04 99.61 47.74
C LEU O 79 -65.80 99.89 49.03
N THR O 80 -65.20 99.53 50.17
CA THR O 80 -65.81 99.72 51.48
C THR O 80 -64.78 100.20 52.49
N ASP O 81 -65.07 101.30 53.16
CA ASP O 81 -64.24 101.83 54.25
C ASP O 81 -64.94 101.56 55.58
N THR O 82 -64.17 101.05 56.54
CA THR O 82 -64.72 100.58 57.82
C THR O 82 -63.79 101.06 58.92
N LEU O 83 -64.31 101.11 60.16
CA LEU O 83 -63.52 101.39 61.34
C LEU O 83 -63.68 100.25 62.34
N ILE O 84 -62.57 99.64 62.72
CA ILE O 84 -62.55 98.50 63.64
C ILE O 84 -61.74 98.92 64.85
N GLU O 85 -62.44 99.24 65.95
CA GLU O 85 -61.92 99.77 67.22
C GLU O 85 -60.87 100.88 67.01
N GLY O 86 -61.21 101.84 66.15
CA GLY O 86 -60.33 102.96 65.88
C GLY O 86 -59.27 102.73 64.83
N ALA O 87 -59.27 101.56 64.18
CA ALA O 87 -58.30 101.25 63.13
C ALA O 87 -59.02 101.15 61.80
N GLU O 88 -58.40 101.69 60.75
CA GLU O 88 -59.03 101.72 59.43
C GLU O 88 -58.93 100.37 58.75
N ASN O 89 -59.94 100.03 57.96
CA ASN O 89 -59.96 98.80 57.18
C ASN O 89 -60.61 99.09 55.84
N ARG O 90 -59.92 98.73 54.75
CA ARG O 90 -60.42 98.92 53.39
C ARG O 90 -60.60 97.56 52.73
N THR O 91 -61.75 97.36 52.10
CA THR O 91 -62.09 96.10 51.45
C THR O 91 -62.35 96.34 49.98
N ILE O 92 -61.72 95.54 49.12
CA ILE O 92 -61.92 95.60 47.68
C ILE O 92 -62.47 94.26 47.22
N ASN O 93 -63.62 94.28 46.55
CA ASN O 93 -64.33 93.06 46.16
C ASN O 93 -64.60 93.08 44.66
N VAL O 94 -63.95 92.20 43.92
CA VAL O 94 -64.23 91.97 42.51
C VAL O 94 -64.66 90.51 42.34
N PRO O 95 -65.94 90.23 42.19
CA PRO O 95 -66.37 88.85 41.96
C PRO O 95 -66.09 88.41 40.51
N GLU O 96 -66.04 87.11 40.32
CA GLU O 96 -65.91 86.58 38.97
C GLU O 96 -67.22 86.76 38.21
N PRO O 97 -67.16 87.19 36.95
CA PRO O 97 -68.39 87.54 36.23
C PRO O 97 -69.21 86.32 35.85
N THR O 98 -70.52 86.44 36.02
CA THR O 98 -71.46 85.39 35.62
C THR O 98 -71.93 85.52 34.18
N PHE O 99 -71.72 86.67 33.54
CA PHE O 99 -72.06 86.88 32.14
C PHE O 99 -70.78 87.17 31.38
N LYS O 100 -70.42 86.28 30.47
CA LYS O 100 -69.19 86.38 29.70
C LYS O 100 -69.51 86.55 28.22
N SER O 101 -68.49 86.95 27.46
CA SER O 101 -68.62 87.05 26.01
C SER O 101 -68.62 85.65 25.38
N PRO O 102 -69.43 85.39 24.36
CA PRO O 102 -69.48 84.03 23.79
C PRO O 102 -68.40 83.74 22.75
N TYR O 103 -67.51 84.69 22.50
CA TYR O 103 -66.50 84.56 21.46
C TYR O 103 -65.19 84.05 22.06
N LEU O 104 -64.62 83.01 21.44
CA LEU O 104 -63.47 82.32 22.01
C LEU O 104 -62.34 82.09 21.01
N MET O 105 -62.37 82.76 19.85
CA MET O 105 -61.45 82.41 18.77
C MET O 105 -60.04 82.94 19.04
N PHE O 106 -59.92 84.18 19.53
CA PHE O 106 -58.61 84.76 19.81
C PHE O 106 -57.92 84.05 20.96
N TYR O 107 -58.69 83.58 21.95
CA TYR O 107 -58.11 82.83 23.06
C TYR O 107 -57.61 81.46 22.62
N SER O 108 -58.32 80.81 21.69
CA SER O 108 -57.95 79.48 21.25
C SER O 108 -56.70 79.50 20.37
N LEU O 109 -56.49 80.60 19.64
CA LEU O 109 -55.29 80.71 18.83
C LEU O 109 -54.06 81.00 19.68
N GLN O 110 -54.26 81.63 20.85
CA GLN O 110 -53.16 81.79 21.80
C GLN O 110 -52.73 80.44 22.36
N MET O 111 -53.69 79.54 22.60
CA MET O 111 -53.36 78.21 23.12
C MET O 111 -52.70 77.35 22.06
N TYR O 112 -53.06 77.56 20.79
CA TYR O 112 -52.52 76.75 19.69
C TYR O 112 -51.05 77.06 19.44
N PHE O 113 -50.69 78.34 19.39
CA PHE O 113 -49.31 78.71 19.12
C PHE O 113 -48.42 78.46 20.34
N ALA O 114 -49.00 78.41 21.54
CA ALA O 114 -48.20 78.16 22.74
C ALA O 114 -47.86 76.68 22.90
N ASN O 115 -48.56 75.81 22.18
CA ASN O 115 -48.34 74.37 22.30
C ASN O 115 -47.62 73.78 21.09
N GLY O 116 -47.16 74.62 20.16
CA GLY O 116 -46.33 74.17 19.07
C GLY O 116 -46.95 74.19 17.68
N GLY O 117 -47.97 75.01 17.45
CA GLY O 117 -48.62 75.03 16.17
C GLY O 117 -47.87 75.84 15.13
N GLY O 118 -48.12 75.51 13.87
CA GLY O 118 -47.54 76.21 12.74
C GLY O 118 -48.57 76.94 11.91
N PRO O 119 -48.45 76.86 10.58
CA PRO O 119 -49.40 77.55 9.70
C PRO O 119 -50.77 76.90 9.71
N CYS O 120 -51.80 77.75 9.61
CA CYS O 120 -53.19 77.30 9.70
C CYS O 120 -54.06 78.21 8.83
N TYR O 121 -55.31 77.81 8.64
CA TYR O 121 -56.26 78.54 7.83
C TYR O 121 -57.36 79.16 8.70
N ILE O 122 -57.78 80.36 8.34
CA ILE O 122 -58.81 81.11 9.07
C ILE O 122 -60.01 81.27 8.16
N VAL O 123 -61.18 80.86 8.66
CA VAL O 123 -62.45 81.08 7.98
C VAL O 123 -63.35 81.88 8.91
N SER O 124 -63.51 83.17 8.64
CA SER O 124 -64.42 84.00 9.39
C SER O 124 -65.87 83.62 9.04
N THR O 125 -66.79 83.89 9.96
CA THR O 125 -68.21 83.69 9.69
C THR O 125 -69.05 84.94 9.93
N GLY O 126 -68.41 86.07 10.21
CA GLY O 126 -69.11 87.27 10.57
C GLY O 126 -68.29 88.03 11.61
N VAL O 127 -68.84 89.15 12.05
CA VAL O 127 -68.16 90.00 13.03
C VAL O 127 -68.95 89.97 14.33
N TYR O 128 -68.38 90.62 15.35
CA TYR O 128 -68.98 90.63 16.68
C TYR O 128 -70.26 91.46 16.70
N ASP O 129 -71.22 91.04 17.51
CA ASP O 129 -72.39 91.83 17.83
C ASP O 129 -72.20 92.50 19.18
N ASP O 130 -72.94 93.58 19.41
CA ASP O 130 -72.84 94.35 20.63
C ASP O 130 -73.72 93.79 21.74
N TRP O 131 -73.34 94.07 22.98
CA TRP O 131 -74.17 93.73 24.12
C TRP O 131 -75.35 94.69 24.19
N SER O 132 -76.53 94.15 24.49
CA SER O 132 -77.69 95.00 24.67
C SER O 132 -77.66 95.75 26.00
N ASP O 133 -77.30 95.08 27.08
CA ASP O 133 -76.96 95.73 28.35
C ASP O 133 -75.93 94.85 29.06
N SER O 134 -75.76 95.11 30.37
CA SER O 134 -74.65 94.50 31.10
C SER O 134 -74.92 93.05 31.46
N GLU O 135 -76.14 92.56 31.26
CA GLU O 135 -76.47 91.17 31.58
C GLU O 135 -77.07 90.40 30.40
N THR O 136 -76.90 90.88 29.18
CA THR O 136 -77.34 90.14 27.99
C THR O 136 -76.23 90.12 26.96
N PRO O 137 -75.41 89.08 26.94
CA PRO O 137 -74.40 88.93 25.88
C PRO O 137 -75.05 88.53 24.56
N PRO O 138 -74.37 88.74 23.43
CA PRO O 138 -74.93 88.31 22.14
C PRO O 138 -74.97 86.79 21.98
N THR O 139 -75.64 86.35 20.92
CA THR O 139 -75.89 84.94 20.66
C THR O 139 -75.11 84.47 19.43
N ILE O 140 -74.97 83.16 19.33
CA ILE O 140 -74.25 82.50 18.25
C ILE O 140 -75.26 81.73 17.40
N ASN O 141 -75.19 81.90 16.08
CA ASN O 141 -76.20 81.34 15.18
C ASN O 141 -75.67 80.08 14.53
N PHE O 142 -76.55 79.07 14.40
CA PHE O 142 -76.18 77.81 13.77
C PHE O 142 -75.96 77.96 12.27
N SER O 143 -76.70 78.88 11.64
CA SER O 143 -76.64 78.99 10.18
C SER O 143 -75.35 79.66 9.69
N ASP O 144 -74.65 80.39 10.55
CA ASP O 144 -73.37 80.97 10.17
C ASP O 144 -72.25 79.95 10.20
N LEU O 145 -72.23 79.06 11.20
CA LEU O 145 -71.17 78.07 11.32
C LEU O 145 -71.28 76.98 10.26
N GLU O 146 -72.50 76.63 9.83
CA GLU O 146 -72.63 75.63 8.78
C GLU O 146 -72.29 76.23 7.41
N SER O 147 -72.49 77.53 7.26
CA SER O 147 -72.08 78.21 6.03
C SER O 147 -70.56 78.27 5.91
N GLY O 148 -69.85 78.29 7.03
CA GLY O 148 -68.40 78.26 6.99
C GLY O 148 -67.85 76.90 6.63
N LEU O 149 -68.59 75.84 6.96
CA LEU O 149 -68.16 74.49 6.64
C LEU O 149 -68.30 74.20 5.14
N ALA O 150 -69.19 74.91 4.45
CA ALA O 150 -69.40 74.67 3.03
C ALA O 150 -68.27 75.26 2.18
N VAL O 151 -67.63 76.33 2.66
CA VAL O 151 -66.56 76.93 1.86
C VAL O 151 -65.23 76.23 2.11
N ILE O 152 -65.10 75.52 3.23
CA ILE O 152 -63.85 74.82 3.50
C ILE O 152 -63.79 73.49 2.75
N ARG O 153 -64.93 73.05 2.20
CA ARG O 153 -65.00 71.86 1.37
C ARG O 153 -64.25 72.04 0.06
N LYS O 154 -64.13 73.28 -0.40
CA LYS O 154 -63.47 73.61 -1.66
C LYS O 154 -61.96 73.82 -1.52
N GLU O 155 -61.43 73.80 -0.30
CA GLU O 155 -59.99 73.94 -0.11
C GLU O 155 -59.32 72.58 0.01
N ASP O 156 -58.09 72.49 -0.49
CA ASP O 156 -57.37 71.23 -0.59
C ASP O 156 -56.44 70.96 0.58
N GLU O 157 -55.74 71.97 1.07
CA GLU O 157 -54.63 71.80 2.01
C GLU O 157 -54.94 71.49 3.49
N PRO O 158 -56.01 71.99 4.15
CA PRO O 158 -56.21 71.64 5.57
C PRO O 158 -56.49 70.17 5.82
N THR O 159 -56.02 69.69 6.98
CA THR O 159 -56.19 68.30 7.41
C THR O 159 -57.01 68.16 8.70
N LEU O 160 -57.39 69.26 9.35
CA LEU O 160 -58.08 69.22 10.63
C LEU O 160 -59.16 70.30 10.71
N LEU O 161 -60.32 69.94 11.26
CA LEU O 161 -61.50 70.81 11.33
C LEU O 161 -61.84 71.13 12.78
N LEU O 162 -62.03 72.43 13.08
CA LEU O 162 -62.34 72.89 14.43
C LEU O 162 -63.35 74.03 14.41
N PHE O 163 -64.17 74.11 15.46
CA PHE O 163 -65.17 75.15 15.67
C PHE O 163 -65.02 75.71 17.08
N PRO O 164 -64.28 76.81 17.25
CA PRO O 164 -63.96 77.27 18.62
C PRO O 164 -65.10 77.91 19.40
N ASP O 165 -66.20 78.30 18.75
CA ASP O 165 -67.30 79.00 19.42
C ASP O 165 -68.48 78.08 19.69
N ALA O 166 -68.35 76.79 19.36
CA ALA O 166 -69.50 75.90 19.25
C ALA O 166 -70.13 75.52 20.59
N THR O 167 -69.39 75.54 21.69
CA THR O 167 -69.98 75.19 22.99
C THR O 167 -70.94 76.25 23.53
N ASN O 168 -70.97 77.44 22.94
CA ASN O 168 -71.89 78.49 23.34
C ASN O 168 -73.12 78.57 22.45
N LEU O 169 -73.41 77.50 21.71
CA LEU O 169 -74.60 77.39 20.89
C LEU O 169 -75.84 77.26 21.79
N PRO O 170 -77.02 77.69 21.31
CA PRO O 170 -78.19 77.75 22.22
C PRO O 170 -78.72 76.39 22.70
N THR O 171 -78.85 75.39 21.84
CA THR O 171 -79.30 74.07 22.26
C THR O 171 -78.19 73.04 21.99
N ASP O 172 -78.29 71.91 22.69
CA ASP O 172 -77.30 70.84 22.49
C ASP O 172 -77.57 70.07 21.21
N ASP O 173 -78.83 70.07 20.73
CA ASP O 173 -79.14 69.39 19.47
C ASP O 173 -78.49 70.09 18.28
N GLU O 174 -78.34 71.41 18.34
CA GLU O 174 -77.60 72.12 17.31
C GLU O 174 -76.11 71.79 17.37
N PHE O 175 -75.59 71.58 18.57
CA PHE O 175 -74.18 71.26 18.77
C PHE O 175 -73.82 69.90 18.17
N TYR O 176 -74.65 68.88 18.40
CA TYR O 176 -74.36 67.54 17.87
C TYR O 176 -74.59 67.48 16.36
N SER O 177 -75.58 68.23 15.87
CA SER O 177 -75.88 68.22 14.43
C SER O 177 -74.79 68.88 13.62
N LEU O 178 -74.08 69.84 14.22
CA LEU O 178 -72.95 70.47 13.53
C LEU O 178 -71.79 69.50 13.40
N TYR O 179 -71.55 68.67 14.42
CA TYR O 179 -70.43 67.74 14.35
C TYR O 179 -70.78 66.50 13.54
N ASN O 180 -72.07 66.22 13.33
CA ASN O 180 -72.43 65.15 12.40
C ASN O 180 -72.17 65.56 10.96
N SER O 181 -72.22 66.86 10.68
CA SER O 181 -71.96 67.35 9.32
C SER O 181 -70.48 67.35 9.00
N ALA O 182 -69.63 67.55 10.01
CA ALA O 182 -68.18 67.54 9.78
C ALA O 182 -67.68 66.12 9.51
N LEU O 183 -68.27 65.11 10.16
CA LEU O 183 -67.85 63.74 9.92
C LEU O 183 -68.32 63.22 8.56
N MET O 184 -69.41 63.76 8.03
CA MET O 184 -69.84 63.39 6.68
C MET O 184 -68.93 64.01 5.62
N GLN O 185 -68.39 65.20 5.89
CA GLN O 185 -67.42 65.78 4.97
C GLN O 185 -66.09 65.02 5.02
N CYS O 186 -65.72 64.49 6.19
CA CYS O 186 -64.47 63.74 6.30
C CYS O 186 -64.59 62.37 5.64
N ASN O 187 -65.80 61.83 5.55
CA ASN O 187 -66.02 60.59 4.82
C ASN O 187 -65.93 60.81 3.31
N ASP O 188 -66.48 61.92 2.82
CA ASP O 188 -66.54 62.16 1.38
C ASP O 188 -65.17 62.52 0.81
N LEU O 189 -64.47 63.47 1.42
CA LEU O 189 -63.19 63.91 0.89
C LEU O 189 -62.09 62.92 1.24
N GLN O 190 -62.33 62.06 2.24
CA GLN O 190 -61.47 61.00 2.77
C GLN O 190 -60.01 61.40 3.00
N ASP O 191 -59.76 62.65 3.43
CA ASP O 191 -58.40 63.11 3.69
C ASP O 191 -58.29 64.01 4.92
N ARG O 192 -59.30 64.05 5.79
CA ARG O 192 -59.33 64.97 6.93
C ARG O 192 -59.69 64.23 8.21
N PHE O 193 -59.66 64.96 9.32
CA PHE O 193 -59.91 64.42 10.65
C PHE O 193 -60.51 65.53 11.52
N THR O 194 -61.39 65.15 12.45
CA THR O 194 -62.14 66.11 13.28
C THR O 194 -61.82 65.91 14.76
N ILE O 195 -61.69 67.02 15.49
CA ILE O 195 -61.45 67.00 16.93
C ILE O 195 -62.69 67.56 17.65
N LEU O 196 -63.24 66.78 18.57
CA LEU O 196 -64.51 67.09 19.23
C LEU O 196 -64.32 67.37 20.70
N ASP O 197 -65.28 68.09 21.28
CA ASP O 197 -65.42 68.25 22.72
C ASP O 197 -66.83 67.84 23.14
N THR O 198 -67.08 67.90 24.44
CA THR O 198 -68.43 67.76 24.97
C THR O 198 -69.12 69.12 25.00
N TYR O 199 -70.42 69.09 25.25
CA TYR O 199 -71.20 70.32 25.29
C TYR O 199 -70.90 71.12 26.55
N SER O 200 -70.63 70.44 27.65
CA SER O 200 -70.29 71.09 28.91
C SER O 200 -69.31 70.18 29.65
N ASP O 201 -68.69 70.73 30.69
CA ASP O 201 -67.84 69.95 31.56
C ASP O 201 -68.57 69.48 32.81
N GLN O 202 -69.78 69.97 33.07
CA GLN O 202 -70.60 69.56 34.19
C GLN O 202 -71.97 69.15 33.69
N THR O 203 -72.81 68.68 34.63
CA THR O 203 -74.19 68.35 34.33
C THR O 203 -74.97 69.60 33.94
N TYR O 204 -75.63 69.55 32.78
CA TYR O 204 -76.35 70.70 32.24
C TYR O 204 -77.83 70.38 32.10
N ASN O 205 -78.63 71.44 32.07
CA ASN O 205 -80.08 71.33 31.93
C ASN O 205 -80.47 71.42 30.46
N ASP O 206 -81.33 70.49 30.03
CA ASP O 206 -81.81 70.44 28.66
C ASP O 206 -83.15 71.15 28.46
N GLY O 207 -83.76 71.65 29.52
CA GLY O 207 -85.11 72.17 29.47
C GLY O 207 -86.15 71.23 30.02
N VAL O 208 -85.99 69.93 29.80
CA VAL O 208 -86.84 68.92 30.42
C VAL O 208 -86.11 68.09 31.47
N GLU O 209 -84.83 67.78 31.29
CA GLU O 209 -84.11 66.87 32.16
C GLU O 209 -82.71 67.42 32.42
N ASP O 210 -82.01 66.78 33.34
CA ASP O 210 -80.61 67.04 33.60
C ASP O 210 -79.77 65.90 33.03
N LEU O 211 -78.71 66.23 32.31
CA LEU O 211 -77.94 65.24 31.57
C LEU O 211 -76.46 65.30 31.96
N ASP O 212 -75.83 64.13 32.00
CA ASP O 212 -74.39 64.03 32.19
C ASP O 212 -73.69 64.23 30.85
N PRO O 213 -72.49 64.82 30.81
CA PRO O 213 -71.87 65.19 29.52
C PRO O 213 -71.41 64.03 28.65
N ILE O 214 -70.83 63.01 29.26
CA ILE O 214 -70.31 61.85 28.49
C ILE O 214 -71.44 61.04 27.87
N PRO O 215 -72.51 60.57 28.59
CA PRO O 215 -73.59 59.84 27.91
C PRO O 215 -74.43 60.67 26.94
N ALA O 216 -74.42 61.99 27.07
CA ALA O 216 -75.18 62.83 26.14
C ALA O 216 -74.46 62.96 24.80
N LEU O 217 -73.12 62.93 24.82
CA LEU O 217 -72.36 62.95 23.57
C LEU O 217 -72.48 61.61 22.83
N ARG O 218 -72.67 60.52 23.57
CA ARG O 218 -72.81 59.22 22.93
C ARG O 218 -74.17 59.06 22.28
N ASN O 219 -75.18 59.81 22.74
CA ASN O 219 -76.48 59.81 22.09
C ASN O 219 -76.53 60.72 20.88
N GLY O 220 -75.87 61.88 20.93
CA GLY O 220 -76.01 62.88 19.89
C GLY O 220 -75.31 62.50 18.59
N ILE O 221 -74.21 61.77 18.67
CA ILE O 221 -73.47 61.32 17.50
C ILE O 221 -73.98 59.93 17.14
N ASN O 222 -74.79 59.83 16.08
CA ASN O 222 -75.54 58.60 15.80
C ASN O 222 -75.23 58.00 14.43
N LEU O 223 -73.96 57.96 14.03
CA LEU O 223 -73.58 57.38 12.75
C LEU O 223 -72.83 56.05 12.95
N THR O 224 -72.63 55.33 11.84
CA THR O 224 -71.94 54.05 11.88
C THR O 224 -70.42 54.24 11.85
N LYS O 225 -69.71 53.13 11.90
CA LYS O 225 -68.25 53.13 12.01
C LYS O 225 -67.54 53.85 10.85
N ASP O 226 -68.08 53.73 9.64
CA ASP O 226 -67.44 54.36 8.49
C ASP O 226 -67.39 55.87 8.60
N TYR O 227 -68.09 56.45 9.57
CA TYR O 227 -68.03 57.87 9.89
C TYR O 227 -67.30 58.14 11.20
N LEU O 228 -67.41 57.24 12.17
CA LEU O 228 -66.86 57.46 13.50
C LEU O 228 -65.33 57.34 13.53
N LYS O 229 -64.74 56.70 12.51
CA LYS O 229 -63.30 56.54 12.45
C LYS O 229 -62.55 57.83 12.11
N TYR O 230 -63.26 58.90 11.74
CA TYR O 230 -62.64 60.17 11.37
C TYR O 230 -62.67 61.20 12.50
N GLY O 231 -63.00 60.82 13.73
CA GLY O 231 -63.02 61.79 14.81
C GLY O 231 -62.53 61.26 16.14
N ALA O 232 -62.21 62.21 17.03
CA ALA O 232 -61.73 61.93 18.37
C ALA O 232 -62.24 62.99 19.33
N ALA O 233 -62.51 62.59 20.58
CA ALA O 233 -63.15 63.43 21.57
C ALA O 233 -62.33 63.47 22.87
N TYR O 234 -62.32 64.63 23.51
CA TYR O 234 -61.51 64.87 24.70
C TYR O 234 -62.36 65.47 25.81
N TYR O 235 -61.95 65.21 27.05
CA TYR O 235 -62.69 65.59 28.24
C TYR O 235 -61.73 65.64 29.41
N PRO O 236 -61.91 66.56 30.37
CA PRO O 236 -62.78 67.74 30.54
C PRO O 236 -62.17 69.03 30.00
N PHE O 237 -62.63 70.18 30.51
CA PHE O 237 -62.10 71.47 30.08
C PHE O 237 -60.78 71.77 30.78
N VAL O 238 -60.10 72.85 30.35
CA VAL O 238 -58.80 73.22 30.92
C VAL O 238 -58.82 74.67 31.39
N GLN O 239 -58.14 74.92 32.51
CA GLN O 239 -57.98 76.26 33.11
C GLN O 239 -56.62 76.81 32.65
N THR O 240 -56.58 78.03 32.12
CA THR O 240 -55.40 78.59 31.49
C THR O 240 -54.80 79.71 32.35
N ILE O 241 -53.70 80.30 31.87
CA ILE O 241 -53.00 81.39 32.53
C ILE O 241 -53.38 82.75 31.95
N LEU O 242 -54.34 82.80 31.03
CA LEU O 242 -54.67 84.02 30.30
C LEU O 242 -55.64 84.90 31.08
N ASN O 243 -55.55 86.21 30.84
CA ASN O 243 -56.46 87.17 31.42
C ASN O 243 -57.54 87.56 30.41
N TYR O 244 -58.68 88.01 30.92
CA TYR O 244 -59.76 88.52 30.09
C TYR O 244 -59.38 89.87 29.48
N GLN O 245 -59.93 90.14 28.30
CA GLN O 245 -59.76 91.41 27.62
C GLN O 245 -60.84 92.39 28.08
N TYR O 246 -60.41 93.57 28.50
CA TYR O 246 -61.36 94.56 29.01
C TYR O 246 -60.79 95.95 28.78
N SER O 247 -61.67 96.95 28.90
CA SER O 247 -61.29 98.35 28.75
C SER O 247 -61.56 99.09 30.05
N ALA O 248 -60.61 99.93 30.47
CA ALA O 248 -60.75 100.68 31.72
C ALA O 248 -61.71 101.85 31.61
N ASP O 249 -62.08 102.25 30.39
CA ASP O 249 -63.04 103.33 30.20
C ASP O 249 -64.48 102.94 30.51
N GLU O 250 -64.76 101.65 30.72
CA GLU O 250 -66.12 101.16 30.91
C GLU O 250 -66.35 100.55 32.28
N ILE O 251 -65.39 100.66 33.19
CA ILE O 251 -65.52 100.12 34.55
C ILE O 251 -65.97 101.26 35.46
N VAL O 252 -67.06 101.04 36.20
CA VAL O 252 -67.61 102.03 37.12
C VAL O 252 -67.39 101.56 38.54
N ILE O 253 -66.94 102.46 39.41
CA ILE O 253 -66.66 102.17 40.81
C ILE O 253 -67.88 102.55 41.65
N GLN O 254 -68.20 101.71 42.65
CA GLN O 254 -69.14 102.07 43.70
C GLN O 254 -68.42 102.05 45.05
N HIS O 255 -68.44 103.20 45.73
CA HIS O 255 -67.61 103.45 46.91
C HIS O 255 -68.50 103.79 48.08
N LEU O 256 -68.44 102.98 49.13
CA LEU O 256 -69.14 103.23 50.38
C LEU O 256 -68.13 103.60 51.46
N SER O 257 -68.27 104.79 52.04
CA SER O 257 -67.32 105.29 53.01
C SER O 257 -68.06 105.86 54.21
N TYR O 258 -67.38 105.86 55.37
CA TYR O 258 -67.96 106.45 56.56
C TYR O 258 -67.94 107.98 56.50
N ASN O 259 -66.97 108.53 55.76
CA ASN O 259 -66.88 109.97 55.56
C ASN O 259 -67.46 110.32 54.20
N PRO O 260 -68.71 110.75 54.11
CA PRO O 260 -69.28 111.05 52.80
C PRO O 260 -68.91 112.44 52.30
N ASN O 261 -68.10 112.51 51.24
CA ASN O 261 -67.79 113.77 50.58
C ASN O 261 -67.97 113.67 49.07
N ALA O 262 -68.95 112.90 48.62
CA ALA O 262 -69.20 112.73 47.19
C ALA O 262 -69.77 114.01 46.58
N ILE O 263 -70.76 114.61 47.26
CA ILE O 263 -71.39 115.81 46.72
C ILE O 263 -70.48 117.02 46.92
N ALA O 264 -69.71 117.03 48.01
CA ALA O 264 -68.80 118.14 48.29
C ALA O 264 -67.64 118.18 47.30
N THR O 265 -67.13 117.01 46.90
CA THR O 265 -66.07 116.97 45.91
C THR O 265 -66.61 117.28 44.52
N ALA O 266 -67.88 116.94 44.27
CA ALA O 266 -68.52 117.31 43.01
C ALA O 266 -68.83 118.80 42.96
N LEU O 267 -69.03 119.42 44.12
CA LEU O 267 -69.27 120.86 44.15
C LEU O 267 -68.00 121.66 43.89
N ASP O 268 -66.87 121.18 44.42
CA ASP O 268 -65.61 121.94 44.34
C ASP O 268 -65.08 122.01 42.91
N ASN O 269 -65.30 120.96 42.13
CA ASN O 269 -64.90 120.99 40.72
C ASN O 269 -65.82 121.89 39.91
N LEU O 270 -67.12 121.85 40.21
CA LEU O 270 -68.07 122.61 39.40
C LEU O 270 -68.10 124.09 39.81
N ASN O 271 -67.72 124.39 41.06
CA ASN O 271 -67.60 125.78 41.46
C ASN O 271 -66.35 126.42 40.86
N ALA O 272 -65.30 125.62 40.68
CA ALA O 272 -64.05 126.14 40.14
C ALA O 272 -64.15 126.41 38.65
N VAL O 273 -64.93 125.61 37.93
CA VAL O 273 -65.04 125.80 36.48
C VAL O 273 -65.95 126.97 36.17
N ASN O 274 -66.82 127.35 37.12
CA ASN O 274 -67.72 128.48 36.96
C ASN O 274 -67.01 129.76 37.41
N GLY O 275 -66.03 130.18 36.62
CA GLY O 275 -65.24 131.35 36.95
C GLY O 275 -64.98 132.23 35.74
N PRO O 276 -64.52 133.47 35.99
CA PRO O 276 -64.23 134.37 34.86
C PRO O 276 -63.00 133.98 34.06
N THR O 277 -61.96 133.45 34.71
CA THR O 277 -60.77 133.06 33.97
C THR O 277 -60.96 131.72 33.28
N PHE O 278 -61.92 130.91 33.74
CA PHE O 278 -62.03 129.54 33.29
C PHE O 278 -62.92 129.41 32.06
N ILE O 279 -64.20 129.76 32.18
CA ILE O 279 -65.18 129.52 31.13
C ILE O 279 -65.61 130.81 30.44
N ASP O 280 -65.44 131.95 31.10
CA ASP O 280 -65.77 133.22 30.46
C ASP O 280 -64.67 133.65 29.49
N ALA O 281 -63.45 133.17 29.72
CA ALA O 281 -62.34 133.50 28.84
C ALA O 281 -62.41 132.71 27.53
N ILE O 282 -63.19 131.63 27.51
CA ILE O 282 -63.39 130.88 26.27
C ILE O 282 -64.37 131.61 25.37
N LEU O 283 -65.34 132.31 25.96
CA LEU O 283 -66.49 132.78 25.19
C LEU O 283 -66.21 134.13 24.54
N ASP O 284 -65.48 135.02 25.21
CA ASP O 284 -65.23 136.34 24.66
C ASP O 284 -64.21 136.28 23.54
N ASP O 285 -63.37 135.24 23.53
CA ASP O 285 -62.43 135.04 22.43
C ASP O 285 -63.18 134.67 21.15
N LEU O 286 -64.27 133.92 21.27
CA LEU O 286 -65.03 133.50 20.10
C LEU O 286 -65.78 134.66 19.48
N ARG O 287 -66.27 135.59 20.30
CA ARG O 287 -66.94 136.78 19.79
C ARG O 287 -66.06 138.01 19.97
N ASN O 321 -53.59 133.52 -3.84
CA ASN O 321 -52.30 132.86 -4.04
C ASN O 321 -51.93 131.99 -2.85
N SER O 322 -50.65 131.60 -2.76
CA SER O 322 -50.21 130.71 -1.70
C SER O 322 -50.03 131.46 -0.38
N VAL O 323 -49.80 132.77 -0.45
CA VAL O 323 -49.60 133.54 0.78
C VAL O 323 -50.95 133.90 1.40
N LYS O 324 -52.02 133.91 0.62
CA LYS O 324 -53.34 134.18 1.17
C LYS O 324 -53.94 132.94 1.82
N VAL O 325 -53.61 131.76 1.31
CA VAL O 325 -54.10 130.52 1.89
C VAL O 325 -53.36 130.22 3.19
N ALA O 326 -52.06 130.52 3.22
CA ALA O 326 -51.26 130.26 4.42
C ALA O 326 -51.61 131.19 5.56
N ASN O 327 -52.01 132.43 5.24
CA ASN O 327 -52.46 133.33 6.29
C ASN O 327 -53.85 132.96 6.78
N PHE O 328 -54.70 132.47 5.87
CA PHE O 328 -56.08 132.14 6.24
C PHE O 328 -56.13 130.88 7.09
N ALA O 329 -55.15 129.98 6.94
CA ALA O 329 -55.13 128.77 7.74
C ALA O 329 -54.73 129.06 9.18
N SER O 330 -54.01 130.17 9.41
CA SER O 330 -53.64 130.54 10.76
C SER O 330 -54.85 131.08 11.52
N LEU O 331 -55.80 131.69 10.81
CA LEU O 331 -56.99 132.22 11.46
C LEU O 331 -57.95 131.11 11.85
N VAL O 332 -58.01 130.04 11.06
CA VAL O 332 -58.90 128.92 11.37
C VAL O 332 -58.35 128.09 12.52
N GLU O 333 -57.01 127.98 12.60
CA GLU O 333 -56.40 127.16 13.64
C GLU O 333 -56.54 127.80 15.02
N SER O 334 -56.71 129.12 15.08
CA SER O 334 -56.94 129.77 16.36
C SER O 334 -58.38 129.60 16.81
N VAL O 335 -59.32 129.59 15.86
CA VAL O 335 -60.73 129.39 16.19
C VAL O 335 -60.97 127.94 16.58
N LEU O 336 -60.30 127.00 15.90
CA LEU O 336 -60.49 125.59 16.19
C LEU O 336 -59.84 125.20 17.52
N SER O 337 -58.78 125.90 17.91
CA SER O 337 -58.16 125.65 19.21
C SER O 337 -59.04 126.15 20.35
N THR O 338 -59.86 127.17 20.10
CA THR O 338 -60.76 127.67 21.13
C THR O 338 -61.94 126.73 21.34
N LEU O 339 -62.42 126.11 20.25
CA LEU O 339 -63.55 125.19 20.36
C LEU O 339 -63.18 123.92 21.11
N ASN O 340 -61.92 123.48 21.00
CA ASN O 340 -61.53 122.20 21.59
C ASN O 340 -61.47 122.28 23.12
N GLU O 341 -61.04 123.42 23.66
CA GLU O 341 -61.01 123.56 25.12
C GLU O 341 -62.41 123.77 25.69
N LEU O 342 -63.34 124.23 24.85
CA LEU O 342 -64.74 124.26 25.28
C LEU O 342 -65.33 122.84 25.32
N ILE O 343 -64.93 122.00 24.36
CA ILE O 343 -65.39 120.61 24.34
C ILE O 343 -64.74 119.82 25.47
N ASP O 344 -63.47 120.14 25.80
CA ASP O 344 -62.82 119.51 26.93
C ASP O 344 -63.43 119.96 28.25
N ALA O 345 -63.97 121.18 28.29
CA ALA O 345 -64.67 121.63 29.48
C ALA O 345 -66.01 120.91 29.62
N LYS O 346 -66.62 120.51 28.50
CA LYS O 346 -67.88 119.78 28.53
C LYS O 346 -67.67 118.36 29.07
N GLU O 347 -66.49 117.78 28.85
CA GLU O 347 -66.22 116.41 29.28
C GLU O 347 -66.08 116.32 30.79
N GLU O 348 -65.42 117.30 31.40
CA GLU O 348 -65.14 117.22 32.84
C GLU O 348 -66.37 117.58 33.66
N ILE O 349 -67.32 118.31 33.07
CA ILE O 349 -68.56 118.61 33.78
C ILE O 349 -69.42 117.36 33.93
N ASN O 350 -69.46 116.53 32.90
CA ASN O 350 -70.31 115.34 32.92
C ASN O 350 -69.82 114.29 33.90
N LYS O 351 -68.51 114.25 34.16
CA LYS O 351 -67.99 113.28 35.13
C LYS O 351 -68.31 113.69 36.56
N ASP O 352 -68.54 114.99 36.79
CA ASP O 352 -68.86 115.45 38.14
C ASP O 352 -70.34 115.23 38.46
N VAL O 353 -71.22 115.44 37.49
CA VAL O 353 -72.65 115.30 37.73
C VAL O 353 -73.04 113.83 37.80
N ASN O 354 -72.34 112.97 37.05
CA ASN O 354 -72.65 111.54 37.06
C ASN O 354 -72.29 110.90 38.40
N SER O 355 -71.26 111.44 39.08
CA SER O 355 -70.92 110.92 40.40
C SER O 355 -71.89 111.41 41.46
N ALA O 356 -72.61 112.50 41.19
CA ALA O 356 -73.60 113.00 42.13
C ALA O 356 -74.98 112.39 41.89
N ILE O 357 -75.26 112.00 40.64
CA ILE O 357 -76.50 111.28 40.33
C ILE O 357 -76.47 109.90 40.98
N ALA O 358 -75.34 109.21 40.89
CA ALA O 358 -75.25 107.85 41.42
C ALA O 358 -75.16 107.82 42.94
N SER O 359 -74.74 108.94 43.55
CA SER O 359 -74.56 108.95 45.00
C SER O 359 -75.86 109.25 45.72
N SER O 360 -76.78 109.95 45.07
CA SER O 360 -78.06 110.34 45.70
C SER O 360 -79.17 109.38 45.29
N GLU O 361 -79.02 108.12 45.71
CA GLU O 361 -80.09 107.15 45.48
C GLU O 361 -81.26 107.40 46.42
N GLU O 362 -81.01 108.04 47.56
CA GLU O 362 -82.08 108.53 48.41
C GLU O 362 -82.76 109.73 47.77
N ASP O 363 -84.06 109.86 48.00
CA ASP O 363 -84.90 111.00 47.59
C ASP O 363 -84.88 111.19 46.07
N ASN O 364 -85.57 110.26 45.41
CA ASN O 364 -85.57 110.13 43.94
C ASN O 364 -86.04 111.39 43.22
N ALA O 365 -86.77 112.28 43.90
CA ALA O 365 -87.15 113.55 43.29
C ALA O 365 -85.95 114.46 43.08
N ILE O 366 -84.94 114.38 43.96
CA ILE O 366 -83.76 115.21 43.80
C ILE O 366 -82.88 114.67 42.67
N LYS O 367 -82.83 113.34 42.51
CA LYS O 367 -82.08 112.75 41.41
C LYS O 367 -82.68 113.11 40.05
N THR O 368 -84.01 113.25 40.00
CA THR O 368 -84.67 113.64 38.75
C THR O 368 -84.35 115.09 38.40
N ALA O 369 -84.21 115.95 39.41
CA ALA O 369 -83.89 117.35 39.16
C ALA O 369 -82.45 117.52 38.70
N ILE O 370 -81.53 116.72 39.25
CA ILE O 370 -80.13 116.77 38.83
C ILE O 370 -79.98 116.21 37.42
N SER O 371 -80.75 115.17 37.10
CA SER O 371 -80.69 114.59 35.76
C SER O 371 -81.32 115.51 34.73
N ASP O 372 -82.37 116.26 35.12
CA ASP O 372 -83.02 117.15 34.18
C ASP O 372 -82.17 118.38 33.89
N ALA O 373 -81.39 118.83 34.87
CA ALA O 373 -80.52 119.99 34.67
C ALA O 373 -79.33 119.62 33.79
N LEU O 374 -79.00 118.34 33.68
CA LEU O 374 -77.81 117.94 32.93
C LEU O 374 -78.10 117.85 31.44
N ASP O 375 -79.28 117.38 31.06
CA ASP O 375 -79.58 117.23 29.63
C ASP O 375 -79.93 118.58 29.00
N VAL O 376 -80.39 119.54 29.79
CA VAL O 376 -80.67 120.87 29.24
C VAL O 376 -79.36 121.62 29.01
N PHE O 377 -78.32 121.30 29.80
CA PHE O 377 -77.00 121.86 29.53
C PHE O 377 -76.36 121.19 28.32
N ASN O 378 -76.70 119.93 28.08
CA ASN O 378 -76.11 119.20 26.95
C ASN O 378 -76.90 119.39 25.65
N GLU O 379 -77.80 120.38 25.59
CA GLU O 379 -78.60 120.59 24.39
C GLU O 379 -77.76 121.13 23.25
N ASP O 380 -77.07 122.26 23.47
CA ASP O 380 -76.36 122.94 22.38
C ASP O 380 -75.13 122.15 21.94
N PHE O 381 -74.56 121.33 22.84
CA PHE O 381 -73.36 120.59 22.49
C PHE O 381 -73.67 119.43 21.56
N GLU O 382 -74.77 118.72 21.78
CA GLU O 382 -75.11 117.59 20.93
C GLU O 382 -76.49 117.70 20.29
N GLY O 383 -77.52 117.99 21.10
CA GLY O 383 -78.88 117.81 20.62
C GLY O 383 -79.41 118.99 19.82
N ALA O 384 -79.24 120.20 20.35
CA ALA O 384 -79.82 121.38 19.68
C ALA O 384 -78.98 121.81 18.48
N ASP O 385 -77.73 122.20 18.71
CA ASP O 385 -76.88 122.72 17.65
C ASP O 385 -75.71 121.75 17.48
N LYS O 386 -75.01 121.86 16.35
CA LYS O 386 -73.96 120.93 15.97
C LYS O 386 -72.57 121.45 16.40
N ILE O 387 -72.41 121.69 17.71
CA ILE O 387 -71.15 122.25 18.19
C ILE O 387 -70.02 121.23 18.09
N GLU O 388 -70.27 119.98 18.49
CA GLU O 388 -69.24 118.95 18.38
C GLU O 388 -69.12 118.42 16.95
N SER O 389 -70.04 118.81 16.07
CA SER O 389 -69.98 118.34 14.68
C SER O 389 -69.24 119.33 13.78
N VAL O 390 -69.26 120.62 14.09
CA VAL O 390 -68.57 121.58 13.23
C VAL O 390 -67.07 121.57 13.51
N ALA O 391 -66.69 121.13 14.72
CA ALA O 391 -65.27 121.04 15.04
C ALA O 391 -64.58 119.90 14.29
N LYS O 392 -65.33 118.92 13.80
CA LYS O 392 -64.77 117.82 13.03
C LYS O 392 -64.69 118.15 11.54
N ASN O 393 -65.70 118.82 11.01
CA ASN O 393 -65.71 119.13 9.58
C ASN O 393 -64.75 120.27 9.23
N LEU O 394 -64.50 121.19 10.18
CA LEU O 394 -63.55 122.26 9.91
C LEU O 394 -62.13 121.73 9.84
N SER O 395 -61.84 120.66 10.59
CA SER O 395 -60.49 120.09 10.57
C SER O 395 -60.21 119.37 9.25
N ASP O 396 -61.20 118.69 8.69
CA ASP O 396 -60.99 118.04 7.40
C ASP O 396 -61.08 119.05 6.26
N LEU O 397 -61.84 120.13 6.43
CA LEU O 397 -61.83 121.20 5.43
C LEU O 397 -60.52 121.98 5.47
N LEU O 398 -59.84 121.99 6.62
CA LEU O 398 -58.57 122.68 6.72
C LEU O 398 -57.47 121.93 5.97
N ILE O 399 -57.51 120.60 6.02
CA ILE O 399 -56.53 119.78 5.31
C ILE O 399 -56.75 119.87 3.81
N LYS O 400 -58.02 120.00 3.40
CA LYS O 400 -58.37 119.99 1.97
C LYS O 400 -57.87 121.24 1.26
N ILE O 401 -57.87 122.39 1.95
CA ILE O 401 -57.48 123.63 1.30
C ILE O 401 -55.95 123.71 1.14
N LYS O 402 -55.21 122.93 1.92
CA LYS O 402 -53.76 122.98 1.81
C LYS O 402 -53.25 122.07 0.68
N GLN O 403 -54.03 121.05 0.33
CA GLN O 403 -53.66 120.20 -0.81
C GLN O 403 -54.20 120.78 -2.12
N ALA O 404 -55.21 121.64 -2.05
CA ALA O 404 -55.89 122.10 -3.26
C ALA O 404 -55.09 123.18 -3.98
N ASP O 405 -54.02 123.68 -3.36
CA ASP O 405 -53.23 124.76 -3.94
C ASP O 405 -52.29 124.28 -5.04
N THR O 406 -52.29 122.98 -5.37
CA THR O 406 -51.34 122.47 -6.36
C THR O 406 -51.81 122.76 -7.79
N ASN O 407 -53.12 122.92 -8.01
CA ASN O 407 -53.61 123.01 -9.38
C ASN O 407 -54.61 124.13 -9.61
N THR O 408 -55.56 124.38 -8.72
CA THR O 408 -56.70 125.19 -9.12
C THR O 408 -56.98 126.23 -8.06
N LYS O 409 -57.24 127.46 -8.51
CA LYS O 409 -57.73 128.48 -7.59
C LYS O 409 -59.24 128.42 -7.43
N VAL O 410 -59.94 127.86 -8.42
CA VAL O 410 -61.39 127.68 -8.32
C VAL O 410 -61.71 126.66 -7.23
N GLU O 411 -60.81 125.70 -7.02
CA GLU O 411 -60.92 124.73 -5.94
C GLU O 411 -60.88 125.51 -4.63
N ASN O 412 -60.00 126.51 -4.54
CA ASN O 412 -59.92 127.35 -3.36
C ASN O 412 -61.04 128.39 -3.30
N VAL O 413 -61.91 128.43 -4.29
CA VAL O 413 -63.04 129.35 -4.31
C VAL O 413 -64.35 128.60 -4.14
N LEU O 414 -64.44 127.39 -4.71
CA LEU O 414 -65.65 126.57 -4.62
C LEU O 414 -65.93 126.15 -3.17
N SER O 415 -64.87 125.94 -2.39
CA SER O 415 -65.06 125.49 -1.02
C SER O 415 -65.43 126.65 -0.09
N ILE O 416 -64.72 127.77 -0.17
CA ILE O 416 -64.80 128.77 0.90
C ILE O 416 -66.02 129.67 0.73
N ASN O 417 -66.64 129.66 -0.44
CA ASN O 417 -67.80 130.52 -0.68
C ASN O 417 -69.05 129.73 -1.01
N ALA O 418 -68.99 128.83 -1.99
CA ALA O 418 -70.20 128.13 -2.42
C ALA O 418 -70.48 126.91 -1.56
N LEU O 419 -69.47 126.07 -1.34
CA LEU O 419 -69.64 124.83 -0.58
C LEU O 419 -69.38 125.07 0.90
N ASN O 420 -69.14 123.97 1.63
CA ASN O 420 -69.36 123.79 3.07
C ASN O 420 -68.69 124.83 3.96
N PHE O 421 -67.64 125.52 3.52
CA PHE O 421 -66.83 126.29 4.46
C PHE O 421 -67.50 127.60 4.84
N SER O 422 -68.27 128.20 3.94
CA SER O 422 -69.00 129.41 4.29
C SER O 422 -70.24 129.08 5.10
N ALA O 423 -70.75 127.86 4.98
CA ALA O 423 -71.97 127.48 5.70
C ALA O 423 -71.67 127.08 7.14
N GLU O 424 -70.47 126.56 7.41
CA GLU O 424 -70.19 126.03 8.75
C GLU O 424 -69.94 127.14 9.76
N PHE O 425 -69.47 128.30 9.30
CA PHE O 425 -69.23 129.42 10.22
C PHE O 425 -70.50 130.10 10.69
N GLU O 426 -71.65 129.83 10.05
CA GLU O 426 -72.85 130.61 10.35
C GLU O 426 -73.54 130.13 11.62
N LYS O 427 -73.24 128.91 12.07
CA LYS O 427 -74.03 128.31 13.14
C LYS O 427 -73.68 128.89 14.50
N LEU O 428 -72.49 129.46 14.65
CA LEU O 428 -72.18 130.13 15.90
C LEU O 428 -72.52 131.61 15.83
N LEU O 429 -72.26 132.24 14.68
CA LEU O 429 -72.62 133.64 14.45
C LEU O 429 -73.19 133.74 13.04
N THR O 430 -74.46 134.15 12.93
CA THR O 430 -75.13 134.12 11.63
C THR O 430 -74.81 135.37 10.81
N TYR O 431 -74.93 136.55 11.41
CA TYR O 431 -74.72 137.80 10.69
C TYR O 431 -73.86 138.76 11.53
N ASP O 432 -72.73 138.26 12.03
CA ASP O 432 -71.87 139.09 12.88
C ASP O 432 -71.09 140.12 12.08
N VAL O 433 -71.07 140.00 10.75
CA VAL O 433 -70.26 140.89 9.92
C VAL O 433 -70.91 142.24 9.64
N ASN O 434 -71.99 142.59 10.35
CA ASN O 434 -72.67 143.87 10.11
C ASN O 434 -71.84 145.04 10.58
N THR O 435 -70.93 144.83 11.52
CA THR O 435 -70.05 145.88 12.02
C THR O 435 -68.68 145.29 12.28
N GLY O 436 -67.81 146.10 12.88
CA GLY O 436 -66.50 145.62 13.30
C GLY O 436 -66.63 144.63 14.45
N LEU O 437 -67.60 144.85 15.34
CA LEU O 437 -67.88 143.92 16.43
C LEU O 437 -69.05 143.02 16.05
N THR O 438 -69.16 141.89 16.76
CA THR O 438 -70.24 140.95 16.52
C THR O 438 -71.57 141.53 17.00
N ALA O 439 -72.42 141.92 16.05
CA ALA O 439 -73.74 142.45 16.35
C ALA O 439 -74.75 141.73 15.47
N SER O 440 -76.01 142.16 15.57
CA SER O 440 -77.17 141.55 14.91
C SER O 440 -77.25 140.05 15.19
N VAL O 441 -77.26 139.71 16.48
CA VAL O 441 -77.11 138.31 16.93
C VAL O 441 -78.42 137.55 16.68
N THR O 442 -78.58 137.11 15.43
CA THR O 442 -79.73 136.31 15.06
C THR O 442 -79.62 134.87 15.58
N LEU O 443 -78.42 134.31 15.55
CA LEU O 443 -78.21 132.94 16.00
C LEU O 443 -76.98 132.90 16.88
N ASP O 444 -77.14 132.29 18.06
CA ASP O 444 -76.05 132.26 19.03
C ASP O 444 -76.12 130.96 19.81
N LEU O 445 -75.13 130.11 19.59
CA LEU O 445 -75.02 128.83 20.27
C LEU O 445 -74.36 128.95 21.63
N PHE O 446 -73.73 130.08 21.93
CA PHE O 446 -73.09 130.34 23.20
C PHE O 446 -73.97 131.23 24.06
N ALA O 447 -73.42 131.64 25.21
CA ALA O 447 -74.02 132.53 26.22
C ALA O 447 -75.25 131.94 26.90
N ASN O 448 -75.57 130.67 26.64
CA ASN O 448 -76.50 129.90 27.44
C ASN O 448 -75.80 128.97 28.41
N ILE O 449 -74.47 129.03 28.45
CA ILE O 449 -73.68 128.09 29.26
C ILE O 449 -73.82 128.43 30.73
N GLY O 450 -73.52 129.67 31.11
CA GLY O 450 -73.55 130.11 32.49
C GLY O 450 -74.93 130.14 33.11
N THR O 451 -75.96 130.28 32.28
CA THR O 451 -77.33 130.16 32.77
C THR O 451 -77.65 128.72 33.13
N ARG O 452 -77.18 127.77 32.32
CA ARG O 452 -77.46 126.36 32.60
C ARG O 452 -76.50 125.82 33.66
N LEU O 453 -75.37 126.48 33.88
CA LEU O 453 -74.41 125.96 34.86
C LEU O 453 -74.83 126.24 36.29
N ASP O 454 -75.23 127.47 36.60
CA ASP O 454 -75.56 127.81 37.99
C ASP O 454 -76.90 127.21 38.40
N ASP O 455 -77.71 126.78 37.42
CA ASP O 455 -78.86 125.95 37.72
C ASP O 455 -78.43 124.59 38.28
N ILE O 456 -77.34 124.03 37.72
CA ILE O 456 -76.83 122.74 38.18
C ILE O 456 -76.21 122.88 39.57
N ILE O 457 -75.58 124.04 39.84
CA ILE O 457 -74.92 124.27 41.14
C ILE O 457 -75.94 124.29 42.27
N ALA O 458 -77.14 124.82 42.01
CA ALA O 458 -78.19 124.83 43.01
C ALA O 458 -78.91 123.49 43.07
N ALA O 459 -78.98 122.78 41.94
CA ALA O 459 -79.71 121.52 41.90
C ALA O 459 -78.96 120.41 42.65
N VAL O 460 -77.64 120.39 42.54
CA VAL O 460 -76.86 119.41 43.29
C VAL O 460 -76.60 119.90 44.71
N SER O 461 -77.00 121.14 45.01
CA SER O 461 -76.86 121.65 46.37
C SER O 461 -77.92 121.06 47.30
N ALA O 462 -79.05 120.60 46.73
CA ALA O 462 -80.05 119.93 47.55
C ALA O 462 -79.66 118.49 47.85
N ALA O 463 -78.69 117.94 47.12
CA ALA O 463 -78.31 116.54 47.28
C ALA O 463 -77.31 116.32 48.42
N GLU O 464 -76.68 117.36 48.94
CA GLU O 464 -75.70 117.16 50.00
C GLU O 464 -76.25 116.81 51.39
N PRO O 465 -77.46 117.19 51.82
CA PRO O 465 -77.94 116.62 53.10
C PRO O 465 -78.65 115.27 53.00
N ILE O 466 -78.77 114.66 51.82
CA ILE O 466 -79.50 113.40 51.68
C ILE O 466 -78.57 112.23 51.40
N ASP O 467 -77.27 112.47 51.22
CA ASP O 467 -76.31 111.41 50.98
C ASP O 467 -75.53 111.13 52.27
N VAL O 468 -75.51 109.86 52.68
CA VAL O 468 -74.98 109.52 53.99
C VAL O 468 -73.93 108.42 53.94
N ASN O 469 -73.72 107.80 52.78
CA ASN O 469 -72.87 106.61 52.74
C ASN O 469 -71.82 106.60 51.63
N ASN O 470 -71.86 107.51 50.67
CA ASN O 470 -71.05 107.39 49.46
C ASN O 470 -69.81 108.27 49.56
N GLY O 471 -68.65 107.71 49.20
CA GLY O 471 -67.38 108.38 49.31
C GLY O 471 -66.91 109.06 48.03
N LYS O 472 -65.60 109.25 47.95
CA LYS O 472 -64.98 110.09 46.94
C LYS O 472 -65.10 109.53 45.52
N LEU O 473 -64.90 108.24 45.33
CA LEU O 473 -64.77 107.66 44.00
C LEU O 473 -66.04 106.95 43.54
N ASN O 474 -67.18 107.24 44.15
CA ASN O 474 -68.43 106.60 43.76
C ASN O 474 -68.92 107.16 42.43
N GLY O 475 -69.18 106.26 41.47
CA GLY O 475 -69.68 106.65 40.17
C GLY O 475 -68.63 107.11 39.18
N ARG O 476 -67.35 106.86 39.44
CA ARG O 476 -66.27 107.31 38.58
C ARG O 476 -65.77 106.16 37.71
N LEU O 477 -65.24 106.52 36.55
CA LEU O 477 -64.60 105.54 35.69
C LEU O 477 -63.24 105.15 36.25
N LEU O 478 -62.79 103.93 35.93
CA LEU O 478 -61.53 103.43 36.48
C LEU O 478 -60.34 104.16 35.87
N SER O 479 -60.44 104.55 34.60
CA SER O 479 -59.34 105.25 33.95
C SER O 479 -59.18 106.67 34.51
N ASP O 480 -60.27 107.25 35.03
CA ASP O 480 -60.21 108.63 35.50
C ASP O 480 -59.71 108.76 36.93
N ILE O 481 -59.52 107.65 37.67
CA ILE O 481 -59.01 107.76 39.03
C ILE O 481 -57.49 107.61 39.10
N GLU O 482 -56.83 107.29 37.98
CA GLU O 482 -55.38 107.16 37.99
C GLU O 482 -54.62 108.46 38.30
N PRO O 483 -55.03 109.65 37.83
CA PRO O 483 -54.38 110.85 38.41
C PRO O 483 -54.85 111.18 39.81
N LEU O 484 -56.06 110.75 40.20
CA LEU O 484 -56.60 111.13 41.50
C LEU O 484 -55.95 110.34 42.64
N ASP O 485 -56.00 109.02 42.56
CA ASP O 485 -55.39 108.15 43.58
C ASP O 485 -54.72 107.01 42.81
N ASN O 486 -53.39 107.10 42.69
CA ASN O 486 -52.65 106.13 41.88
C ASN O 486 -52.51 104.79 42.61
N ALA O 487 -52.46 104.81 43.94
CA ALA O 487 -52.25 103.57 44.69
C ALA O 487 -53.52 102.71 44.72
N THR O 488 -54.68 103.36 44.69
CA THR O 488 -55.94 102.61 44.65
C THR O 488 -56.17 102.00 43.27
N TYR O 489 -55.78 102.73 42.21
CA TYR O 489 -55.94 102.26 40.84
C TYR O 489 -55.10 101.03 40.56
N ASN O 490 -53.89 100.96 41.13
CA ASN O 490 -53.03 99.81 40.90
C ASN O 490 -53.50 98.60 41.68
N THR O 491 -54.19 98.82 42.80
CA THR O 491 -54.67 97.69 43.60
C THR O 491 -55.88 97.04 42.95
N ILE O 492 -56.73 97.83 42.28
CA ILE O 492 -57.90 97.29 41.59
C ILE O 492 -57.47 96.46 40.38
N LEU O 493 -56.36 96.84 39.74
CA LEU O 493 -55.87 96.12 38.57
C LEU O 493 -55.38 94.72 38.91
N LEU O 494 -54.84 94.52 40.12
CA LEU O 494 -54.41 93.19 40.54
C LEU O 494 -55.61 92.28 40.81
N GLU O 495 -56.68 92.83 41.35
CA GLU O 495 -57.85 92.00 41.67
C GLU O 495 -58.61 91.60 40.42
N ILE O 496 -58.54 92.42 39.37
CA ILE O 496 -59.19 92.08 38.11
C ILE O 496 -58.43 90.97 37.40
N ASN O 497 -57.09 91.02 37.43
CA ASN O 497 -56.27 90.04 36.73
C ASN O 497 -56.16 88.70 37.45
N SER O 498 -56.82 88.53 38.60
CA SER O 498 -56.74 87.25 39.30
C SER O 498 -57.73 86.22 38.76
N HIS O 499 -58.62 86.61 37.84
CA HIS O 499 -59.58 85.70 37.24
C HIS O 499 -59.05 85.20 35.90
N LYS O 500 -59.15 83.90 35.67
CA LYS O 500 -58.57 83.26 34.50
C LYS O 500 -59.65 82.69 33.59
N VAL O 501 -59.24 82.38 32.36
CA VAL O 501 -60.14 81.87 31.34
C VAL O 501 -60.13 80.34 31.36
N THR O 502 -61.31 79.74 31.21
CA THR O 502 -61.44 78.30 31.02
C THR O 502 -61.87 78.04 29.58
N LEU O 503 -61.18 77.14 28.91
CA LEU O 503 -61.42 76.83 27.50
C LEU O 503 -61.72 75.35 27.30
N PRO O 504 -62.45 75.00 26.25
CA PRO O 504 -62.48 73.61 25.80
C PRO O 504 -61.13 73.22 25.23
N PRO O 505 -60.76 71.93 25.33
CA PRO O 505 -59.37 71.55 25.07
C PRO O 505 -59.00 71.26 23.62
N SER O 506 -59.84 71.58 22.64
CA SER O 506 -59.60 71.08 21.29
C SER O 506 -58.51 71.85 20.55
N SER O 507 -58.28 73.12 20.90
CA SER O 507 -57.26 73.89 20.20
C SER O 507 -55.87 73.66 20.77
N SER O 508 -55.77 73.29 22.06
CA SER O 508 -54.48 72.88 22.60
C SER O 508 -54.08 71.51 22.07
N MET O 509 -55.05 70.65 21.77
CA MET O 509 -54.75 69.34 21.19
C MET O 509 -54.22 69.47 19.78
N ALA O 510 -54.73 70.44 19.01
CA ALA O 510 -54.25 70.64 17.64
C ALA O 510 -52.79 71.10 17.61
N GLY O 511 -52.39 71.92 18.58
CA GLY O 511 -51.00 72.31 18.67
C GLY O 511 -50.09 71.15 19.04
N ALA O 512 -50.59 70.25 19.89
CA ALA O 512 -49.81 69.08 20.28
C ALA O 512 -49.74 68.05 19.17
N TYR O 513 -50.74 68.02 18.26
CA TYR O 513 -50.66 67.14 17.09
C TYR O 513 -49.52 67.57 16.17
N ALA O 514 -49.31 68.88 16.02
CA ALA O 514 -48.28 69.37 15.13
C ALA O 514 -46.89 69.28 15.76
N ARG O 515 -46.82 69.32 17.09
CA ARG O 515 -45.54 69.22 17.79
C ARG O 515 -44.99 67.80 17.75
N VAL O 516 -45.86 66.80 17.87
CA VAL O 516 -45.41 65.41 17.91
C VAL O 516 -45.09 64.90 16.52
N ASP O 517 -45.84 65.35 15.51
CA ASP O 517 -45.59 64.92 14.13
C ASP O 517 -44.26 65.47 13.61
N ASN O 518 -43.86 66.64 14.10
CA ASN O 518 -42.57 67.20 13.70
C ASN O 518 -41.42 66.52 14.44
N ASP O 519 -41.66 66.08 15.67
CA ASP O 519 -40.60 65.50 16.48
C ASP O 519 -40.39 64.02 16.17
N ARG O 520 -41.47 63.26 16.06
CA ARG O 520 -41.39 61.80 16.02
C ARG O 520 -42.13 61.17 14.84
N GLY O 521 -42.89 61.95 14.08
CA GLY O 521 -43.63 61.41 12.94
C GLY O 521 -45.11 61.30 13.22
N VAL O 522 -45.86 60.98 12.16
CA VAL O 522 -47.31 60.91 12.23
C VAL O 522 -47.80 59.55 12.74
N TRP O 523 -46.94 58.53 12.76
CA TRP O 523 -47.30 57.22 13.26
C TRP O 523 -47.11 57.09 14.78
N LYS O 524 -46.75 58.16 15.48
CA LYS O 524 -46.60 58.15 16.92
C LYS O 524 -47.87 58.68 17.57
N SER O 525 -48.38 57.94 18.56
CA SER O 525 -49.62 58.30 19.24
C SER O 525 -49.45 59.59 20.03
N PRO O 526 -50.40 60.53 19.95
CA PRO O 526 -50.31 61.79 20.72
C PRO O 526 -50.86 61.65 22.14
N ALA O 527 -50.23 60.78 22.92
CA ALA O 527 -50.57 60.58 24.33
C ALA O 527 -49.27 60.42 25.10
N ASN O 528 -49.39 60.44 26.44
CA ASN O 528 -48.27 60.52 27.39
C ASN O 528 -47.41 61.75 27.11
N ILE O 529 -48.08 62.91 27.02
CA ILE O 529 -47.46 64.19 26.67
C ILE O 529 -48.11 65.28 27.52
N GLY O 530 -47.44 66.43 27.60
CA GLY O 530 -47.90 67.54 28.41
C GLY O 530 -48.49 68.68 27.61
N LEU O 531 -49.22 69.55 28.31
CA LEU O 531 -49.84 70.73 27.70
C LEU O 531 -49.28 71.99 28.35
N ASN O 532 -48.90 72.97 27.52
CA ASN O 532 -48.39 74.24 28.00
C ASN O 532 -49.53 75.23 28.26
N TYR O 533 -49.26 76.22 29.12
CA TYR O 533 -50.19 77.30 29.54
C TYR O 533 -51.40 76.78 30.31
N VAL O 534 -51.32 75.59 30.90
CA VAL O 534 -52.45 74.96 31.56
C VAL O 534 -52.09 74.74 33.02
N SER O 535 -52.96 75.21 33.93
CA SER O 535 -52.69 75.03 35.35
C SER O 535 -53.22 73.70 35.88
N LYS O 536 -54.44 73.33 35.50
CA LYS O 536 -55.05 72.08 35.95
C LYS O 536 -56.22 71.75 35.02
N PRO O 537 -56.70 70.50 35.02
CA PRO O 537 -58.02 70.22 34.45
C PRO O 537 -59.12 70.81 35.32
N SER O 538 -60.29 71.02 34.71
CA SER O 538 -61.41 71.61 35.44
C SER O 538 -62.12 70.60 36.32
N VAL O 539 -62.09 69.32 35.96
CA VAL O 539 -62.71 68.24 36.72
C VAL O 539 -61.63 67.21 36.99
N THR O 540 -61.69 66.59 38.16
CA THR O 540 -60.81 65.50 38.52
C THR O 540 -61.40 64.19 38.03
N VAL O 541 -60.59 63.40 37.31
CA VAL O 541 -60.98 62.08 36.81
C VAL O 541 -60.01 61.08 37.42
N SER O 542 -60.56 60.11 38.15
CA SER O 542 -59.73 59.12 38.83
C SER O 542 -59.40 57.94 37.93
N HIS O 543 -58.70 56.96 38.50
CA HIS O 543 -58.37 55.74 37.77
C HIS O 543 -59.62 54.93 37.46
N GLU O 544 -60.54 54.85 38.41
CA GLU O 544 -61.69 53.96 38.32
C GLU O 544 -62.76 54.46 37.35
N GLU O 545 -62.91 55.76 37.17
CA GLU O 545 -63.92 56.28 36.25
C GLU O 545 -63.40 56.53 34.84
N GLN O 546 -62.12 56.31 34.58
CA GLN O 546 -61.64 56.35 33.19
C GLN O 546 -61.85 55.02 32.47
N GLU O 547 -62.22 53.96 33.20
CA GLU O 547 -62.38 52.64 32.59
C GLU O 547 -63.56 52.59 31.63
N SER O 548 -64.69 53.21 32.00
CA SER O 548 -65.83 53.25 31.09
C SER O 548 -65.67 54.37 30.05
N MET O 549 -64.68 55.25 30.22
CA MET O 549 -64.35 56.21 29.17
C MET O 549 -63.54 55.55 28.06
N ASN O 550 -62.56 54.71 28.42
CA ASN O 550 -61.65 54.17 27.42
C ASN O 550 -62.26 52.98 26.68
N VAL O 551 -62.93 52.08 27.40
CA VAL O 551 -63.51 50.85 26.84
C VAL O 551 -64.99 50.82 27.17
N HIS O 552 -65.82 50.64 26.16
CA HIS O 552 -67.27 50.73 26.30
C HIS O 552 -67.94 49.80 25.30
N GLY O 553 -69.20 49.45 25.60
CA GLY O 553 -69.94 48.53 24.75
C GLY O 553 -70.38 49.14 23.43
N THR O 554 -70.56 50.46 23.40
CA THR O 554 -70.88 51.13 22.14
C THR O 554 -69.63 51.26 21.26
N GLY O 555 -68.45 51.23 21.86
CA GLY O 555 -67.22 51.51 21.16
C GLY O 555 -66.85 52.97 21.06
N LYS O 556 -67.66 53.87 21.63
CA LYS O 556 -67.39 55.31 21.54
C LYS O 556 -66.52 55.76 22.70
N SER O 557 -65.22 55.84 22.43
CA SER O 557 -64.23 56.14 23.46
C SER O 557 -64.00 57.64 23.62
N VAL O 558 -63.74 58.06 24.85
CA VAL O 558 -63.43 59.45 25.17
C VAL O 558 -62.06 59.50 25.85
N ASN O 559 -61.18 60.36 25.35
CA ASN O 559 -59.84 60.49 25.91
C ASN O 559 -59.83 61.49 27.07
N ALA O 560 -59.11 61.12 28.14
CA ALA O 560 -59.14 61.86 29.39
C ALA O 560 -57.87 62.67 29.61
N ILE O 561 -58.03 63.88 30.15
CA ILE O 561 -56.92 64.72 30.58
C ILE O 561 -56.81 64.62 32.10
N ARG O 562 -55.66 64.17 32.60
CA ARG O 562 -55.51 63.82 34.00
C ARG O 562 -54.24 64.43 34.60
N SER O 563 -54.16 64.39 35.92
CA SER O 563 -53.01 64.85 36.68
C SER O 563 -52.38 63.69 37.43
N PHE O 564 -51.05 63.69 37.54
CA PHE O 564 -50.31 62.64 38.23
C PHE O 564 -49.26 63.31 39.11
N VAL O 565 -49.03 62.74 40.29
CA VAL O 565 -48.08 63.31 41.25
C VAL O 565 -46.66 63.16 40.72
N GLY O 566 -45.95 64.28 40.62
CA GLY O 566 -44.60 64.30 40.10
C GLY O 566 -44.48 64.49 38.61
N LYS O 567 -45.61 64.59 37.90
CA LYS O 567 -45.61 64.61 36.44
C LYS O 567 -46.44 65.72 35.83
N GLY O 568 -47.38 66.31 36.56
CA GLY O 568 -48.21 67.36 36.02
C GLY O 568 -49.42 66.85 35.24
N THR O 569 -49.98 67.76 34.45
CA THR O 569 -51.17 67.47 33.66
C THR O 569 -50.77 66.87 32.31
N LEU O 570 -51.36 65.72 31.98
CA LEU O 570 -51.01 64.98 30.77
C LEU O 570 -52.25 64.60 29.99
N VAL O 571 -52.05 64.32 28.70
CA VAL O 571 -53.05 63.64 27.88
C VAL O 571 -52.88 62.14 28.05
N TRP O 572 -53.95 61.46 28.45
CA TRP O 572 -53.92 60.04 28.74
C TRP O 572 -55.05 59.35 28.00
N GLY O 573 -54.82 59.01 26.74
CA GLY O 573 -55.78 58.38 25.85
C GLY O 573 -55.53 58.75 24.40
N ALA O 574 -55.59 57.75 23.52
CA ALA O 574 -55.28 57.94 22.11
C ALA O 574 -56.20 57.12 21.20
N ARG O 575 -57.50 57.13 21.45
CA ARG O 575 -58.44 56.35 20.65
C ARG O 575 -59.35 57.25 19.80
N THR O 576 -59.87 56.68 18.72
CA THR O 576 -60.94 57.31 17.95
C THR O 576 -62.31 56.86 18.48
N LEU O 577 -63.38 57.34 17.83
CA LEU O 577 -64.74 56.99 18.20
C LEU O 577 -65.21 55.65 17.61
N ALA O 578 -64.30 54.88 17.01
CA ALA O 578 -64.55 53.52 16.56
C ALA O 578 -63.64 52.58 17.37
N GLY O 579 -63.68 52.75 18.69
CA GLY O 579 -62.75 52.18 19.64
C GLY O 579 -62.78 50.67 19.84
N ASN O 580 -63.71 49.93 19.22
CA ASN O 580 -63.66 48.48 19.23
C ASN O 580 -63.30 47.89 17.86
N ASP O 581 -62.77 48.69 16.95
CA ASP O 581 -62.40 48.26 15.60
C ASP O 581 -60.94 47.82 15.60
N ASN O 582 -60.66 46.64 15.04
CA ASN O 582 -59.27 46.15 15.03
C ASN O 582 -58.43 46.85 13.97
N GLU O 583 -59.07 47.54 13.02
CA GLU O 583 -58.31 48.27 12.02
C GLU O 583 -58.19 49.75 12.37
N TRP O 584 -59.19 50.33 13.01
CA TRP O 584 -59.29 51.79 13.07
C TRP O 584 -59.48 52.35 14.48
N ARG O 585 -58.96 51.72 15.53
CA ARG O 585 -59.22 52.24 16.87
C ARG O 585 -58.20 53.27 17.33
N TYR O 586 -57.04 53.35 16.69
CA TYR O 586 -55.99 54.27 17.12
C TYR O 586 -55.91 55.47 16.18
N ILE O 587 -55.67 56.63 16.77
CA ILE O 587 -55.61 57.90 16.03
C ILE O 587 -54.44 57.89 15.05
N SER O 588 -53.30 57.34 15.46
CA SER O 588 -52.08 57.43 14.65
C SER O 588 -52.13 56.50 13.44
N VAL O 589 -52.86 55.39 13.53
CA VAL O 589 -53.04 54.50 12.40
C VAL O 589 -53.90 55.16 11.32
N ARG O 590 -55.00 55.78 11.74
CA ARG O 590 -55.90 56.47 10.82
C ARG O 590 -55.23 57.66 10.14
N ARG O 591 -54.39 58.40 10.86
CA ARG O 591 -53.79 59.58 10.27
C ARG O 591 -52.60 59.24 9.38
N PHE O 592 -51.98 58.06 9.59
CA PHE O 592 -50.94 57.62 8.68
C PHE O 592 -51.54 57.11 7.36
N PHE O 593 -52.71 56.46 7.41
CA PHE O 593 -53.41 56.06 6.19
C PHE O 593 -53.90 57.28 5.40
N ASN O 594 -54.26 58.37 6.09
CA ASN O 594 -54.66 59.58 5.40
C ASN O 594 -53.49 60.22 4.66
N MET O 595 -52.28 60.12 5.22
CA MET O 595 -51.12 60.69 4.57
C MET O 595 -50.69 59.86 3.36
N ALA O 596 -50.60 58.54 3.55
CA ALA O 596 -50.03 57.67 2.53
C ALA O 596 -50.93 57.54 1.31
N GLU O 597 -52.26 57.58 1.51
CA GLU O 597 -53.17 57.42 0.38
C GLU O 597 -53.23 58.67 -0.49
N GLU O 598 -53.13 59.86 0.13
CA GLU O 598 -53.18 61.09 -0.65
C GLU O 598 -51.89 61.31 -1.44
N SER O 599 -50.74 60.94 -0.87
CA SER O 599 -49.47 61.12 -1.56
C SER O 599 -49.36 60.21 -2.77
N ILE O 600 -49.90 59.00 -2.67
CA ILE O 600 -49.87 58.05 -3.79
C ILE O 600 -50.87 58.47 -4.88
N LYS O 601 -52.02 59.04 -4.46
CA LYS O 601 -53.04 59.44 -5.41
C LYS O 601 -52.59 60.62 -6.27
N LYS O 602 -51.88 61.57 -5.68
CA LYS O 602 -51.39 62.72 -6.46
C LYS O 602 -50.28 62.31 -7.43
N ALA O 603 -49.46 61.32 -7.06
CA ALA O 603 -48.37 60.90 -7.94
C ALA O 603 -48.88 60.05 -9.11
N THR O 604 -50.12 59.57 -9.06
CA THR O 604 -50.69 58.65 -10.03
C THR O 604 -51.42 59.36 -11.18
N GLU O 605 -51.71 60.66 -11.08
CA GLU O 605 -52.46 61.32 -12.17
C GLU O 605 -51.64 61.53 -13.43
N GLN O 606 -50.33 61.29 -13.39
CA GLN O 606 -49.54 61.37 -14.62
C GLN O 606 -49.71 60.12 -15.49
N PHE O 607 -50.45 59.12 -15.02
CA PHE O 607 -50.62 57.84 -15.71
C PHE O 607 -52.02 57.61 -16.27
N VAL O 608 -52.88 58.64 -16.34
CA VAL O 608 -54.33 58.42 -16.53
C VAL O 608 -54.64 57.91 -17.94
N PHE O 609 -54.14 58.56 -18.98
CA PHE O 609 -54.42 58.12 -20.35
C PHE O 609 -53.23 57.40 -20.98
N GLU O 610 -52.37 56.79 -20.17
CA GLU O 610 -51.20 56.06 -20.64
C GLU O 610 -51.63 54.70 -21.22
N PRO O 611 -50.75 54.05 -22.00
CA PRO O 611 -51.04 52.67 -22.44
C PRO O 611 -51.12 51.70 -21.28
N ASN O 612 -52.19 50.90 -21.27
CA ASN O 612 -52.46 49.96 -20.17
C ASN O 612 -51.87 48.60 -20.51
N ASP O 613 -50.54 48.53 -20.49
CA ASP O 613 -49.81 47.33 -20.87
C ASP O 613 -48.70 47.04 -19.88
N GLY O 614 -47.86 46.05 -20.21
CA GLY O 614 -46.88 45.55 -19.26
C GLY O 614 -45.74 46.51 -18.97
N ASN O 615 -45.50 47.45 -19.89
CA ASN O 615 -44.46 48.46 -19.65
C ASN O 615 -44.89 49.47 -18.59
N THR O 616 -46.18 49.81 -18.56
CA THR O 616 -46.71 50.72 -17.55
C THR O 616 -46.77 50.06 -16.17
N TRP O 617 -47.14 48.77 -16.12
CA TRP O 617 -47.38 48.09 -14.86
C TRP O 617 -46.08 47.88 -14.08
N VAL O 618 -44.95 47.79 -14.78
CA VAL O 618 -43.66 47.64 -14.13
C VAL O 618 -43.24 48.94 -13.45
N ARG O 619 -43.49 50.08 -14.11
CA ARG O 619 -43.06 51.36 -13.55
C ARG O 619 -44.02 51.85 -12.47
N VAL O 620 -45.30 51.47 -12.54
CA VAL O 620 -46.26 51.84 -11.50
C VAL O 620 -45.95 51.10 -10.21
N ARG O 621 -45.60 49.81 -10.33
CA ARG O 621 -45.28 49.00 -9.14
C ARG O 621 -44.01 49.49 -8.46
N ALA O 622 -43.01 49.93 -9.24
CA ALA O 622 -41.74 50.33 -8.66
C ALA O 622 -41.81 51.71 -8.03
N MET O 623 -42.71 52.57 -8.50
CA MET O 623 -42.91 53.88 -7.88
C MET O 623 -43.51 53.75 -6.48
N ILE O 624 -44.49 52.85 -6.32
CA ILE O 624 -45.15 52.68 -5.03
C ILE O 624 -44.25 51.92 -4.07
N GLU O 625 -43.45 50.99 -4.59
CA GLU O 625 -42.58 50.17 -3.74
C GLU O 625 -41.41 50.99 -3.19
N ASN O 626 -40.90 51.95 -3.97
CA ASN O 626 -39.80 52.79 -3.49
C ASN O 626 -40.26 53.73 -2.39
N PHE O 627 -41.53 54.15 -2.43
CA PHE O 627 -42.07 55.03 -1.41
C PHE O 627 -42.28 54.29 -0.08
N LEU O 628 -42.77 53.06 -0.14
CA LEU O 628 -43.08 52.31 1.08
C LEU O 628 -41.83 51.76 1.74
N ILE O 629 -40.73 51.63 1.00
CA ILE O 629 -39.46 51.19 1.56
C ILE O 629 -38.87 52.26 2.48
N LEU O 630 -39.09 53.53 2.14
CA LEU O 630 -38.67 54.62 3.01
C LEU O 630 -39.49 54.67 4.29
N GLN O 631 -40.77 54.30 4.22
CA GLN O 631 -41.61 54.31 5.42
C GLN O 631 -41.25 53.18 6.37
N TRP O 632 -40.83 52.04 5.82
CA TRP O 632 -40.36 50.92 6.63
C TRP O 632 -39.05 51.26 7.34
N ARG O 633 -38.17 52.01 6.68
CA ARG O 633 -36.87 52.31 7.28
C ARG O 633 -36.98 53.37 8.36
N ALA O 634 -37.98 54.24 8.27
CA ALA O 634 -38.20 55.25 9.29
C ALA O 634 -38.91 54.71 10.52
N GLY O 635 -39.45 53.50 10.47
CA GLY O 635 -40.10 52.88 11.62
C GLY O 635 -41.62 52.88 11.60
N ALA O 636 -42.27 53.27 10.51
CA ALA O 636 -43.72 53.32 10.48
C ALA O 636 -44.32 51.94 10.18
N LEU O 637 -43.56 51.06 9.55
CA LEU O 637 -44.01 49.71 9.22
C LEU O 637 -43.17 48.70 9.98
N ALA O 638 -43.82 47.73 10.59
CA ALA O 638 -43.16 46.71 11.40
C ALA O 638 -42.77 45.52 10.53
N GLY O 639 -41.53 45.08 10.67
CA GLY O 639 -41.06 43.92 9.93
C GLY O 639 -39.55 43.81 9.99
N ALA O 640 -39.09 42.56 9.95
CA ALA O 640 -37.65 42.32 9.93
C ALA O 640 -37.08 42.47 8.51
N LYS O 641 -37.94 42.33 7.51
CA LYS O 641 -37.54 42.40 6.11
C LYS O 641 -38.68 43.08 5.33
N PRO O 642 -38.42 43.65 4.15
CA PRO O 642 -39.47 44.43 3.46
C PRO O 642 -40.70 43.66 3.01
N GLU O 643 -40.59 42.36 2.75
CA GLU O 643 -41.77 41.62 2.29
C GLU O 643 -42.67 41.21 3.45
N HIS O 644 -42.21 41.42 4.69
CA HIS O 644 -43.08 41.24 5.84
C HIS O 644 -43.91 42.50 6.09
N ALA O 645 -43.51 43.63 5.50
CA ALA O 645 -44.14 44.89 5.85
C ALA O 645 -45.23 45.29 4.86
N PHE O 646 -45.08 44.95 3.58
CA PHE O 646 -46.05 45.39 2.58
C PHE O 646 -46.06 44.43 1.39
N TYR O 647 -47.00 44.64 0.48
CA TYR O 647 -47.01 44.03 -0.84
C TYR O 647 -47.72 44.97 -1.82
N VAL O 648 -47.36 44.83 -3.11
CA VAL O 648 -47.98 45.58 -4.20
C VAL O 648 -48.21 44.63 -5.36
N LYS O 649 -49.43 44.62 -5.90
CA LYS O 649 -49.81 43.74 -7.02
C LYS O 649 -50.55 44.55 -8.08
N VAL O 650 -50.12 44.42 -9.34
CA VAL O 650 -50.82 45.01 -10.49
C VAL O 650 -50.46 44.21 -11.74
N GLY O 651 -51.44 43.88 -12.55
CA GLY O 651 -51.17 43.23 -13.82
C GLY O 651 -52.33 42.39 -14.30
N LEU O 652 -52.22 41.97 -15.56
CA LEU O 652 -53.20 41.05 -16.17
C LEU O 652 -52.97 39.64 -15.66
N GLY O 653 -54.02 39.00 -15.20
CA GLY O 653 -53.92 37.71 -14.54
C GLY O 653 -53.57 37.79 -13.07
N GLN O 654 -53.36 38.98 -12.52
CA GLN O 654 -53.13 39.18 -11.10
C GLN O 654 -54.22 40.01 -10.45
N THR O 655 -54.54 41.18 -11.03
CA THR O 655 -55.61 42.03 -10.54
C THR O 655 -56.67 42.33 -11.59
N MET O 656 -56.46 41.94 -12.85
CA MET O 656 -57.29 42.39 -13.96
C MET O 656 -57.63 41.23 -14.89
N THR O 657 -58.76 41.36 -15.58
CA THR O 657 -59.11 40.47 -16.68
C THR O 657 -58.96 41.18 -18.02
N ALA O 658 -59.12 40.42 -19.10
CA ALA O 658 -59.03 41.01 -20.43
C ALA O 658 -60.25 41.89 -20.74
N GLN O 659 -61.40 41.54 -20.16
CA GLN O 659 -62.57 42.40 -20.26
C GLN O 659 -62.36 43.72 -19.53
N ASP O 660 -61.53 43.71 -18.47
CA ASP O 660 -61.23 44.95 -17.75
C ASP O 660 -60.39 45.90 -18.60
N ILE O 661 -59.51 45.35 -19.45
CA ILE O 661 -58.64 46.18 -20.29
C ILE O 661 -59.45 46.92 -21.35
N LEU O 662 -60.45 46.24 -21.93
CA LEU O 662 -61.28 46.86 -22.96
C LEU O 662 -62.14 48.00 -22.39
N GLU O 663 -62.52 47.91 -21.12
CA GLU O 663 -63.28 48.97 -20.48
C GLU O 663 -62.43 50.13 -20.02
N GLY O 664 -61.10 49.97 -19.96
CA GLY O 664 -60.23 51.03 -19.52
C GLY O 664 -59.92 51.06 -18.04
N ASN O 665 -59.90 49.91 -17.37
CA ASN O 665 -59.66 49.81 -15.93
C ASN O 665 -58.26 49.28 -15.66
N MET O 666 -57.60 49.86 -14.67
CA MET O 666 -56.34 49.35 -14.13
C MET O 666 -56.46 49.27 -12.61
N ASN O 667 -56.25 48.09 -12.04
CA ASN O 667 -56.44 47.82 -10.61
C ASN O 667 -55.08 47.62 -9.93
N VAL O 668 -54.85 48.34 -8.84
CA VAL O 668 -53.64 48.20 -8.02
C VAL O 668 -54.07 47.86 -6.60
N GLU O 669 -53.43 46.84 -6.01
CA GLU O 669 -53.74 46.36 -4.67
C GLU O 669 -52.54 46.53 -3.75
N ILE O 670 -52.77 47.12 -2.58
CA ILE O 670 -51.71 47.51 -1.63
C ILE O 670 -52.12 47.08 -0.23
N GLY O 671 -51.27 46.28 0.41
CA GLY O 671 -51.49 45.87 1.81
C GLY O 671 -50.39 46.33 2.77
N LEU O 672 -50.75 46.80 3.95
CA LEU O 672 -49.81 47.45 4.86
C LEU O 672 -49.88 46.84 6.25
N ALA O 673 -48.75 46.91 6.97
CA ALA O 673 -48.63 46.45 8.36
C ALA O 673 -48.07 47.59 9.20
N VAL O 674 -48.96 48.38 9.80
CA VAL O 674 -48.62 49.61 10.48
C VAL O 674 -48.42 49.33 11.97
N VAL O 675 -47.44 50.02 12.60
CA VAL O 675 -47.09 49.78 14.00
C VAL O 675 -48.16 50.33 14.94
N ARG O 676 -48.51 49.54 15.95
CA ARG O 676 -49.50 49.88 16.96
C ARG O 676 -48.83 50.35 18.24
N PRO O 677 -49.52 51.16 19.05
CA PRO O 677 -48.95 51.55 20.35
C PRO O 677 -49.04 50.46 21.39
N ALA O 678 -48.25 50.63 22.45
CA ALA O 678 -48.25 49.72 23.61
C ALA O 678 -49.04 50.38 24.74
N GLU O 679 -50.32 50.01 24.80
CA GLU O 679 -51.26 50.70 25.69
C GLU O 679 -51.28 50.10 27.09
N PHE O 680 -51.16 48.77 27.20
CA PHE O 680 -51.15 48.08 28.47
C PHE O 680 -49.89 47.25 28.57
N ILE O 681 -49.12 47.44 29.65
CA ILE O 681 -47.88 46.71 29.89
C ILE O 681 -48.07 45.85 31.14
N ILE O 682 -47.91 44.54 30.99
CA ILE O 682 -48.25 43.58 32.03
C ILE O 682 -46.97 42.86 32.45
N LEU O 683 -46.55 43.07 33.69
CA LEU O 683 -45.36 42.43 34.25
C LEU O 683 -45.75 41.18 35.05
N LYS O 684 -45.18 40.04 34.68
CA LYS O 684 -45.52 38.76 35.29
C LYS O 684 -44.31 38.19 36.05
N PHE O 685 -44.43 38.14 37.38
CA PHE O 685 -43.34 37.73 38.26
C PHE O 685 -43.58 36.32 38.78
N SER O 686 -42.49 35.55 38.91
CA SER O 686 -42.54 34.18 39.40
C SER O 686 -41.21 33.77 40.00
N HIS O 687 -41.27 32.73 40.84
CA HIS O 687 -40.09 32.14 41.45
C HIS O 687 -39.49 31.09 40.52
N LYS O 688 -38.17 30.99 40.50
CA LYS O 688 -37.48 29.90 39.80
C LYS O 688 -36.61 29.13 40.78
N MET O 689 -36.40 27.84 40.48
CA MET O 689 -35.66 26.97 41.38
C MET O 689 -34.17 27.28 41.37
N GLN O 690 -33.53 27.12 42.53
CA GLN O 690 -32.12 27.40 42.71
C GLN O 690 -31.25 26.37 42.00
N ALA P 2 -57.29 40.46 35.55
CA ALA P 2 -57.06 39.85 34.25
C ALA P 2 -57.63 40.71 33.12
N THR P 3 -58.45 41.69 33.48
CA THR P 3 -59.06 42.60 32.52
C THR P 3 -58.57 44.01 32.80
N TYR P 4 -58.07 44.69 31.76
CA TYR P 4 -57.50 46.01 31.90
C TYR P 4 -58.16 46.97 30.91
N LYS P 5 -58.67 48.08 31.43
CA LYS P 5 -59.34 49.10 30.65
C LYS P 5 -58.65 50.45 30.66
N THR P 6 -58.07 50.86 31.78
CA THR P 6 -57.33 52.11 31.77
C THR P 6 -55.84 51.88 31.48
N PRO P 7 -55.22 52.78 30.73
CA PRO P 7 -53.81 52.58 30.34
C PRO P 7 -52.82 52.69 31.51
N GLY P 8 -51.78 51.88 31.45
CA GLY P 8 -50.71 51.95 32.44
C GLY P 8 -49.93 50.64 32.51
N VAL P 9 -49.28 50.45 33.65
CA VAL P 9 -48.47 49.27 33.94
C VAL P 9 -49.17 48.49 35.05
N TYR P 10 -49.15 47.16 34.95
CA TYR P 10 -49.80 46.29 35.93
C TYR P 10 -48.83 45.19 36.35
N ILE P 11 -49.08 44.63 37.54
CA ILE P 11 -48.23 43.61 38.15
C ILE P 11 -49.07 42.37 38.43
N GLU P 12 -48.60 41.22 37.98
CA GLU P 12 -49.24 39.92 38.19
C GLU P 12 -48.25 38.97 38.85
N GLU P 13 -48.73 38.15 39.78
CA GLU P 13 -47.92 37.10 40.39
C GLU P 13 -48.49 35.73 40.02
N ILE P 14 -47.61 34.83 39.61
CA ILE P 14 -47.98 33.49 39.16
C ILE P 14 -47.45 32.47 40.17
N THR P 15 -48.31 31.54 40.59
CA THR P 15 -48.00 30.53 41.58
C THR P 15 -47.49 29.26 40.91
N LYS P 16 -46.28 28.83 41.30
CA LYS P 16 -45.67 27.65 40.71
C LYS P 16 -45.31 26.57 41.73
N PHE P 17 -44.75 26.95 42.88
CA PHE P 17 -44.26 25.96 43.83
C PHE P 17 -45.43 25.33 44.59
N PRO P 18 -45.36 24.04 44.91
CA PRO P 18 -46.37 23.44 45.79
C PRO P 18 -46.13 23.83 47.25
N PRO P 19 -47.17 23.78 48.08
CA PRO P 19 -46.95 23.94 49.53
C PRO P 19 -46.37 22.68 50.14
N SER P 20 -46.05 22.75 51.42
CA SER P 20 -45.44 21.64 52.14
C SER P 20 -46.36 21.16 53.26
N VAL P 21 -46.22 19.87 53.59
CA VAL P 21 -46.99 19.21 54.64
C VAL P 21 -46.31 19.42 55.99
N ALA P 22 -47.11 19.63 57.04
CA ALA P 22 -46.63 19.83 58.40
C ALA P 22 -46.98 18.60 59.24
N GLN P 23 -45.96 18.02 59.90
CA GLN P 23 -46.11 16.75 60.58
C GLN P 23 -46.76 16.91 61.97
N VAL P 24 -47.62 15.96 62.33
CA VAL P 24 -48.37 16.00 63.57
C VAL P 24 -47.65 15.20 64.65
N GLU P 25 -48.01 15.45 65.91
CA GLU P 25 -47.49 14.70 67.05
C GLU P 25 -48.00 13.25 67.02
N THR P 26 -47.22 12.33 67.59
CA THR P 26 -47.56 10.92 67.50
C THR P 26 -47.95 10.28 68.83
N ALA P 27 -47.48 10.77 69.98
CA ALA P 27 -47.78 10.14 71.26
C ALA P 27 -48.20 11.19 72.29
N ILE P 28 -49.48 11.51 72.30
CA ILE P 28 -50.11 12.33 73.33
C ILE P 28 -51.25 11.51 73.94
N PRO P 29 -51.12 11.00 75.15
CA PRO P 29 -52.20 10.21 75.75
C PRO P 29 -53.22 11.05 76.52
N ALA P 30 -54.33 10.39 76.87
CA ALA P 30 -55.38 10.98 77.68
C ALA P 30 -55.74 10.03 78.81
N PHE P 31 -55.75 10.54 80.04
CA PHE P 31 -56.06 9.75 81.23
C PHE P 31 -57.44 10.13 81.74
N ILE P 32 -58.30 9.14 81.95
CA ILE P 32 -59.71 9.34 82.29
C ILE P 32 -60.00 8.59 83.59
N GLY P 33 -60.32 9.34 84.65
CA GLY P 33 -60.58 8.72 85.93
C GLY P 33 -60.82 9.76 87.02
N TYR P 34 -60.73 9.30 88.27
CA TYR P 34 -61.09 10.11 89.44
C TYR P 34 -59.87 10.83 90.01
N THR P 35 -60.08 12.06 90.48
CA THR P 35 -59.03 12.86 91.10
C THR P 35 -59.47 13.31 92.49
N GLN P 36 -58.58 14.06 93.16
CA GLN P 36 -58.88 14.54 94.51
C GLN P 36 -59.77 15.79 94.50
N PHE P 37 -59.39 16.85 93.76
CA PHE P 37 -60.32 17.98 93.72
C PHE P 37 -60.66 18.61 92.36
N ALA P 38 -59.73 18.70 91.40
CA ALA P 38 -59.95 19.25 90.04
C ALA P 38 -60.42 20.71 90.06
N ARG P 39 -59.50 21.61 90.43
CA ARG P 39 -59.80 23.04 90.54
C ARG P 39 -58.96 23.87 89.57
N THR P 40 -59.57 24.92 89.00
CA THR P 40 -58.81 25.84 88.15
C THR P 40 -57.96 26.80 88.98
N LYS P 41 -58.52 27.32 90.07
CA LYS P 41 -57.76 28.14 91.01
C LYS P 41 -57.58 27.33 92.29
N PRO P 42 -56.34 27.00 92.68
CA PRO P 42 -56.15 26.05 93.78
C PRO P 42 -56.55 26.57 95.15
N SER P 43 -56.60 27.89 95.34
CA SER P 43 -56.99 28.43 96.63
C SER P 43 -58.50 28.43 96.80
N VAL P 44 -59.24 28.77 95.75
CA VAL P 44 -60.69 28.82 95.79
C VAL P 44 -61.26 27.41 95.64
N ASP P 45 -62.12 27.01 96.58
CA ASP P 45 -62.61 25.64 96.71
C ASP P 45 -63.84 25.43 95.82
N SER P 46 -63.62 25.15 94.55
CA SER P 46 -64.70 24.88 93.61
C SER P 46 -64.21 23.93 92.52
N ASP P 47 -64.90 22.81 92.37
CA ASP P 47 -64.53 21.79 91.39
C ASP P 47 -65.17 22.14 90.05
N ASP P 48 -64.57 23.09 89.33
CA ASP P 48 -65.07 23.48 88.01
C ASP P 48 -64.32 22.80 86.86
N LEU P 49 -63.44 21.86 87.15
CA LEU P 49 -62.75 21.09 86.12
C LEU P 49 -63.25 19.65 86.03
N ILE P 50 -64.53 19.41 86.29
CA ILE P 50 -65.03 18.04 86.48
C ILE P 50 -65.00 17.26 85.17
N LEU P 51 -65.64 17.77 84.13
CA LEU P 51 -65.60 17.09 82.84
C LEU P 51 -65.02 17.96 81.73
N LYS P 52 -63.92 18.66 82.01
CA LYS P 52 -63.23 19.50 81.03
C LYS P 52 -61.83 18.96 80.80
N PRO P 53 -61.44 18.67 79.56
CA PRO P 53 -60.07 18.22 79.31
C PRO P 53 -59.06 19.35 79.45
N LYS P 54 -57.94 19.05 80.10
CA LYS P 54 -56.88 20.02 80.37
C LYS P 54 -55.53 19.41 80.05
N ARG P 55 -54.68 20.20 79.42
CA ARG P 55 -53.34 19.76 79.02
C ARG P 55 -52.30 20.20 80.05
N ILE P 56 -51.61 19.21 80.63
CA ILE P 56 -50.57 19.45 81.63
C ILE P 56 -49.23 19.02 81.03
N SER P 57 -48.15 19.28 81.77
CA SER P 57 -46.81 19.03 81.25
C SER P 57 -45.90 18.24 82.18
N SER P 58 -46.20 18.16 83.47
CA SER P 58 -45.35 17.44 84.41
C SER P 58 -46.20 16.96 85.58
N LEU P 59 -45.54 16.23 86.49
CA LEU P 59 -46.22 15.76 87.68
C LEU P 59 -46.52 16.90 88.65
N LEU P 60 -45.72 17.96 88.62
CA LEU P 60 -45.97 19.11 89.49
C LEU P 60 -47.18 19.91 89.00
N ASP P 61 -47.45 19.89 87.70
CA ASP P 61 -48.66 20.51 87.18
C ASP P 61 -49.91 19.75 87.60
N PHE P 62 -49.80 18.43 87.78
CA PHE P 62 -50.97 17.63 88.13
C PHE P 62 -51.42 17.90 89.56
N THR P 63 -50.47 17.96 90.50
CA THR P 63 -50.85 18.08 91.91
C THR P 63 -51.32 19.50 92.24
N THR P 64 -50.97 20.47 91.39
CA THR P 64 -51.47 21.84 91.54
C THR P 64 -52.98 21.89 91.32
N TYR P 65 -53.45 21.28 90.24
CA TYR P 65 -54.86 21.37 89.87
C TYR P 65 -55.68 20.20 90.38
N TYR P 66 -55.08 19.03 90.62
CA TYR P 66 -55.84 17.83 90.94
C TYR P 66 -55.48 17.18 92.26
N GLY P 67 -54.29 17.41 92.80
CA GLY P 67 -53.91 16.83 94.09
C GLY P 67 -53.17 15.52 93.97
N GLY P 68 -53.23 14.73 95.05
CA GLY P 68 -52.54 13.46 95.11
C GLY P 68 -53.44 12.25 95.32
N ALA P 69 -52.91 11.20 95.93
CA ALA P 69 -53.63 9.96 96.15
C ALA P 69 -54.47 10.03 97.42
N GLN P 70 -55.26 8.98 97.64
CA GLN P 70 -56.08 8.85 98.84
C GLN P 70 -55.34 8.06 99.92
N ASN P 71 -55.47 8.52 101.16
CA ASN P 71 -54.87 7.83 102.29
C ASN P 71 -55.51 6.47 102.51
N GLU P 72 -54.69 5.46 102.75
CA GLU P 72 -55.20 4.11 102.96
C GLU P 72 -55.80 3.97 104.37
N GLN P 73 -56.85 3.16 104.47
CA GLN P 73 -57.56 2.97 105.73
C GLN P 73 -57.43 1.56 106.29
N GLY P 74 -56.69 0.67 105.63
CA GLY P 74 -56.59 -0.71 106.04
C GLY P 74 -55.27 -1.16 106.66
N ILE P 75 -54.55 -0.25 107.33
CA ILE P 75 -53.22 -0.62 107.92
C ILE P 75 -53.37 -0.83 109.43
N THR P 76 -52.82 -1.94 109.95
CA THR P 76 -52.85 -2.27 111.37
C THR P 76 -51.44 -2.56 111.87
N VAL P 77 -51.15 -2.16 113.10
CA VAL P 77 -49.85 -2.34 113.73
C VAL P 77 -50.03 -3.11 115.03
N LYS P 78 -49.20 -4.13 115.23
CA LYS P 78 -49.24 -4.99 116.41
C LYS P 78 -47.88 -4.97 117.12
N LEU P 79 -47.90 -4.85 118.45
CA LEU P 79 -46.71 -4.88 119.27
C LEU P 79 -46.84 -5.96 120.34
N THR P 80 -45.77 -6.73 120.56
CA THR P 80 -45.76 -7.81 121.54
C THR P 80 -44.44 -7.83 122.29
N ASP P 81 -44.51 -7.81 123.61
CA ASP P 81 -43.34 -7.94 124.49
C ASP P 81 -43.34 -9.33 125.11
N THR P 82 -42.19 -9.99 125.10
CA THR P 82 -42.07 -11.38 125.49
C THR P 82 -40.80 -11.52 126.32
N LEU P 83 -40.73 -12.60 127.13
CA LEU P 83 -39.52 -12.95 127.86
C LEU P 83 -39.13 -14.37 127.49
N ILE P 84 -37.90 -14.53 126.99
CA ILE P 84 -37.37 -15.82 126.56
C ILE P 84 -36.14 -16.12 127.42
N GLU P 85 -36.33 -17.01 128.41
CA GLU P 85 -35.34 -17.40 129.44
C GLU P 85 -34.61 -16.19 130.05
N GLY P 86 -35.38 -15.18 130.43
CA GLY P 86 -34.83 -13.98 131.03
C GLY P 86 -34.34 -12.93 130.09
N ALA P 87 -34.50 -13.11 128.78
CA ALA P 87 -34.07 -12.15 127.78
C ALA P 87 -35.29 -11.55 127.10
N GLU P 88 -35.25 -10.24 126.87
CA GLU P 88 -36.39 -9.54 126.29
C GLU P 88 -36.47 -9.78 124.79
N ASN P 89 -37.69 -9.83 124.26
CA ASN P 89 -37.94 -9.97 122.83
C ASN P 89 -39.14 -9.11 122.46
N ARG P 90 -38.97 -8.26 121.45
CA ARG P 90 -40.03 -7.39 120.96
C ARG P 90 -40.34 -7.76 119.51
N THR P 91 -41.63 -7.90 119.20
CA THR P 91 -42.10 -8.29 117.88
C THR P 91 -43.00 -7.20 117.33
N ILE P 92 -42.73 -6.78 116.09
CA ILE P 92 -43.56 -5.80 115.38
C ILE P 92 -44.12 -6.46 114.14
N ASN P 93 -45.45 -6.45 114.00
CA ASN P 93 -46.13 -7.15 112.92
C ASN P 93 -47.04 -6.17 112.16
N VAL P 94 -46.70 -5.88 110.92
CA VAL P 94 -47.55 -5.12 110.01
C VAL P 94 -47.86 -5.99 108.81
N PRO P 95 -49.05 -6.59 108.72
CA PRO P 95 -49.39 -7.37 107.53
C PRO P 95 -49.74 -6.47 106.36
N GLU P 96 -49.66 -7.05 105.17
CA GLU P 96 -50.08 -6.33 103.98
C GLU P 96 -51.60 -6.23 103.95
N PRO P 97 -52.14 -5.05 103.59
CA PRO P 97 -53.59 -4.86 103.71
C PRO P 97 -54.38 -5.61 102.65
N THR P 98 -55.49 -6.21 103.08
CA THR P 98 -56.38 -6.90 102.17
C THR P 98 -57.46 -6.01 101.58
N PHE P 99 -57.66 -4.81 102.13
CA PHE P 99 -58.61 -3.84 101.61
C PHE P 99 -57.84 -2.59 101.20
N LYS P 100 -57.83 -2.29 99.90
CA LYS P 100 -57.07 -1.19 99.35
C LYS P 100 -58.02 -0.16 98.75
N SER P 101 -57.49 1.03 98.47
CA SER P 101 -58.26 2.07 97.79
C SER P 101 -58.40 1.73 96.31
N PRO P 102 -59.54 1.98 95.69
CA PRO P 102 -59.71 1.59 94.28
C PRO P 102 -59.18 2.61 93.28
N TYR P 103 -58.58 3.71 93.75
CA TYR P 103 -58.13 4.79 92.90
C TYR P 103 -56.66 4.62 92.57
N LEU P 104 -56.31 4.72 91.29
CA LEU P 104 -54.97 4.40 90.82
C LEU P 104 -54.37 5.46 89.90
N MET P 105 -54.97 6.64 89.81
CA MET P 105 -54.60 7.60 88.78
C MET P 105 -53.28 8.29 89.10
N PHE P 106 -53.08 8.69 90.36
CA PHE P 106 -51.84 9.36 90.76
C PHE P 106 -50.64 8.42 90.68
N TYR P 107 -50.86 7.13 90.96
CA TYR P 107 -49.77 6.15 90.85
C TYR P 107 -49.39 5.91 89.40
N SER P 108 -50.37 5.90 88.50
CA SER P 108 -50.11 5.63 87.09
C SER P 108 -49.38 6.79 86.41
N LEU P 109 -49.62 8.01 86.87
CA LEU P 109 -48.91 9.16 86.30
C LEU P 109 -47.47 9.22 86.79
N GLN P 110 -47.19 8.66 87.97
CA GLN P 110 -45.82 8.52 88.43
C GLN P 110 -45.04 7.53 87.55
N MET P 111 -45.71 6.46 87.11
CA MET P 111 -45.06 5.48 86.25
C MET P 111 -44.85 6.02 84.84
N TYR P 112 -45.74 6.90 84.39
CA TYR P 112 -45.68 7.44 83.04
C TYR P 112 -44.51 8.41 82.88
N PHE P 113 -44.34 9.32 83.85
CA PHE P 113 -43.24 10.29 83.76
C PHE P 113 -41.90 9.65 84.05
N ALA P 114 -41.89 8.53 84.77
CA ALA P 114 -40.62 7.85 85.08
C ALA P 114 -40.10 7.05 83.89
N ASN P 115 -40.95 6.79 82.90
CA ASN P 115 -40.57 5.98 81.75
C ASN P 115 -40.41 6.81 80.48
N GLY P 116 -40.49 8.14 80.58
CA GLY P 116 -40.18 9.01 79.47
C GLY P 116 -41.34 9.75 78.85
N GLY P 117 -42.43 9.95 79.58
CA GLY P 117 -43.58 10.61 79.01
C GLY P 117 -43.45 12.12 78.97
N GLY P 118 -44.20 12.73 78.07
CA GLY P 118 -44.24 14.17 77.92
C GLY P 118 -45.60 14.76 78.25
N PRO P 119 -46.07 15.69 77.44
CA PRO P 119 -47.37 16.32 77.69
C PRO P 119 -48.54 15.39 77.42
N CYS P 120 -49.58 15.50 78.24
CA CYS P 120 -50.74 14.62 78.17
C CYS P 120 -51.98 15.39 78.60
N TYR P 121 -53.14 14.78 78.39
CA TYR P 121 -54.42 15.37 78.72
C TYR P 121 -55.07 14.64 79.90
N ILE P 122 -55.72 15.41 80.77
CA ILE P 122 -56.39 14.89 81.95
C ILE P 122 -57.89 15.12 81.81
N VAL P 123 -58.68 14.06 81.96
CA VAL P 123 -60.13 14.13 82.00
C VAL P 123 -60.60 13.54 83.31
N SER P 124 -60.98 14.40 84.25
CA SER P 124 -61.55 13.96 85.51
C SER P 124 -62.95 13.39 85.27
N THR P 125 -63.40 12.50 86.16
CA THR P 125 -64.77 11.99 86.09
C THR P 125 -65.52 12.18 87.40
N GLY P 126 -64.95 12.88 88.36
CA GLY P 126 -65.52 13.01 89.67
C GLY P 126 -64.42 13.03 90.71
N VAL P 127 -64.82 13.13 91.97
CA VAL P 127 -63.87 13.19 93.07
C VAL P 127 -63.99 11.91 93.91
N TYR P 128 -63.09 11.79 94.88
CA TYR P 128 -63.05 10.60 95.72
C TYR P 128 -64.26 10.52 96.64
N ASP P 129 -64.71 9.31 96.91
CA ASP P 129 -65.70 9.04 97.94
C ASP P 129 -65.00 8.53 99.19
N ASP P 130 -65.66 8.66 100.33
CA ASP P 130 -65.10 8.28 101.62
C ASP P 130 -65.36 6.81 101.91
N TRP P 131 -64.49 6.24 102.74
CA TRP P 131 -64.70 4.88 103.24
C TRP P 131 -65.81 4.88 104.28
N SER P 132 -66.68 3.88 104.21
CA SER P 132 -67.72 3.74 105.22
C SER P 132 -67.18 3.23 106.54
N ASP P 133 -66.30 2.23 106.51
CA ASP P 133 -65.51 1.83 107.67
C ASP P 133 -64.21 1.25 107.17
N SER P 134 -63.49 0.54 108.05
CA SER P 134 -62.13 0.13 107.75
C SER P 134 -62.06 -1.06 106.80
N GLU P 135 -63.19 -1.70 106.51
CA GLU P 135 -63.22 -2.84 105.62
C GLU P 135 -64.18 -2.68 104.45
N THR P 136 -64.62 -1.47 104.13
CA THR P 136 -65.47 -1.23 102.97
C THR P 136 -64.93 -0.03 102.19
N PRO P 137 -64.11 -0.27 101.18
CA PRO P 137 -63.66 0.83 100.30
C PRO P 137 -64.78 1.27 99.38
N PRO P 138 -64.70 2.48 98.81
CA PRO P 138 -65.72 2.92 97.86
C PRO P 138 -65.67 2.16 96.54
N THR P 139 -66.69 2.40 95.71
CA THR P 139 -66.89 1.68 94.46
C THR P 139 -66.71 2.62 93.27
N ILE P 140 -66.49 2.01 92.11
CA ILE P 140 -66.26 2.71 90.85
C ILE P 140 -67.46 2.46 89.94
N ASN P 141 -68.00 3.52 89.36
CA ASN P 141 -69.25 3.44 88.59
C ASN P 141 -68.94 3.41 87.09
N PHE P 142 -69.67 2.57 86.36
CA PHE P 142 -69.50 2.45 84.92
C PHE P 142 -69.98 3.70 84.18
N SER P 143 -71.00 4.37 84.72
CA SER P 143 -71.61 5.50 84.02
C SER P 143 -70.74 6.75 84.06
N ASP P 144 -69.81 6.86 85.01
CA ASP P 144 -68.89 7.97 85.05
C ASP P 144 -67.77 7.84 84.02
N LEU P 145 -67.23 6.63 83.83
CA LEU P 145 -66.14 6.43 82.90
C LEU P 145 -66.60 6.53 81.45
N GLU P 146 -67.84 6.13 81.15
CA GLU P 146 -68.32 6.27 79.78
C GLU P 146 -68.68 7.71 79.46
N SER P 147 -69.05 8.48 80.49
CA SER P 147 -69.30 9.91 80.31
C SER P 147 -68.00 10.66 80.01
N GLY P 148 -66.88 10.17 80.52
CA GLY P 148 -65.60 10.79 80.21
C GLY P 148 -65.13 10.50 78.80
N LEU P 149 -65.53 9.36 78.25
CA LEU P 149 -65.16 9.00 76.88
C LEU P 149 -65.92 9.85 75.85
N ALA P 150 -67.09 10.38 76.23
CA ALA P 150 -67.87 11.17 75.29
C ALA P 150 -67.30 12.57 75.11
N VAL P 151 -66.62 13.11 76.12
CA VAL P 151 -66.09 14.46 76.00
C VAL P 151 -64.72 14.43 75.32
N ILE P 152 -64.03 13.29 75.32
CA ILE P 152 -62.73 13.21 74.68
C ILE P 152 -62.89 13.03 73.17
N ARG P 153 -64.09 12.70 72.72
CA ARG P 153 -64.40 12.59 71.29
C ARG P 153 -64.34 13.95 70.59
N LYS P 154 -64.57 15.03 71.35
CA LYS P 154 -64.56 16.37 70.81
C LYS P 154 -63.17 17.02 70.78
N GLU P 155 -62.15 16.36 71.33
CA GLU P 155 -60.79 16.90 71.31
C GLU P 155 -60.01 16.32 70.14
N ASP P 156 -59.14 17.14 69.57
CA ASP P 156 -58.41 16.81 68.35
C ASP P 156 -57.04 16.20 68.60
N GLU P 157 -56.29 16.71 69.56
CA GLU P 157 -54.87 16.41 69.75
C GLU P 157 -54.46 15.05 70.35
N PRO P 158 -55.18 14.41 71.30
CA PRO P 158 -54.69 13.13 71.82
C PRO P 158 -54.69 11.99 70.80
N THR P 159 -53.72 11.08 70.96
CA THR P 159 -53.55 9.92 70.09
C THR P 159 -53.69 8.59 70.82
N LEU P 160 -53.85 8.59 72.13
CA LEU P 160 -53.90 7.36 72.92
C LEU P 160 -54.94 7.47 74.04
N LEU P 161 -55.68 6.39 74.26
CA LEU P 161 -56.79 6.35 75.22
C LEU P 161 -56.49 5.34 76.34
N LEU P 162 -56.65 5.78 77.59
CA LEU P 162 -56.37 4.96 78.77
C LEU P 162 -57.41 5.19 79.87
N PHE P 163 -57.67 4.14 80.66
CA PHE P 163 -58.58 4.17 81.80
C PHE P 163 -57.87 3.55 82.99
N PRO P 164 -57.24 4.35 83.87
CA PRO P 164 -56.40 3.76 84.92
C PRO P 164 -57.14 3.09 86.07
N ASP P 165 -58.44 3.31 86.24
CA ASP P 165 -59.19 2.78 87.37
C ASP P 165 -60.04 1.58 86.98
N ALA P 166 -59.95 1.14 85.73
CA ALA P 166 -60.94 0.24 85.14
C ALA P 166 -60.87 -1.19 85.66
N THR P 167 -59.72 -1.66 86.16
CA THR P 167 -59.64 -3.03 86.67
C THR P 167 -60.37 -3.21 88.01
N ASN P 168 -60.77 -2.14 88.67
CA ASN P 168 -61.52 -2.22 89.92
C ASN P 168 -63.01 -2.03 89.71
N LEU P 169 -63.50 -2.24 88.49
CA LEU P 169 -64.92 -2.20 88.16
C LEU P 169 -65.61 -3.43 88.76
N PRO P 170 -66.91 -3.35 89.08
CA PRO P 170 -67.56 -4.45 89.82
C PRO P 170 -67.68 -5.77 89.07
N THR P 171 -68.08 -5.77 87.80
CA THR P 171 -68.16 -7.01 87.02
C THR P 171 -67.20 -6.93 85.85
N ASP P 172 -66.87 -8.11 85.31
CA ASP P 172 -65.98 -8.16 84.16
C ASP P 172 -66.70 -7.79 82.87
N ASP P 173 -68.02 -7.97 82.82
CA ASP P 173 -68.80 -7.59 81.65
C ASP P 173 -68.81 -6.07 81.46
N GLU P 174 -68.78 -5.31 82.55
CA GLU P 174 -68.65 -3.86 82.43
C GLU P 174 -67.26 -3.47 81.92
N PHE P 175 -66.24 -4.25 82.31
CA PHE P 175 -64.86 -3.97 81.90
C PHE P 175 -64.68 -4.16 80.40
N TYR P 176 -65.23 -5.25 79.84
CA TYR P 176 -65.06 -5.51 78.41
C TYR P 176 -65.93 -4.56 77.57
N SER P 177 -67.10 -4.20 78.09
CA SER P 177 -68.01 -3.30 77.36
C SER P 177 -67.45 -1.89 77.26
N LEU P 178 -66.65 -1.48 78.25
CA LEU P 178 -66.01 -0.18 78.20
C LEU P 178 -64.94 -0.13 77.11
N TYR P 179 -64.19 -1.24 76.95
CA TYR P 179 -63.12 -1.25 75.94
C TYR P 179 -63.68 -1.52 74.55
N ASN P 180 -64.89 -2.05 74.44
CA ASN P 180 -65.52 -2.15 73.13
C ASN P 180 -65.96 -0.78 72.63
N SER P 181 -66.25 0.14 73.55
CA SER P 181 -66.68 1.49 73.16
C SER P 181 -65.50 2.34 72.72
N ALA P 182 -64.31 2.08 73.29
CA ALA P 182 -63.12 2.82 72.90
C ALA P 182 -62.64 2.44 71.50
N LEU P 183 -62.79 1.16 71.13
CA LEU P 183 -62.39 0.73 69.79
C LEU P 183 -63.35 1.21 68.72
N MET P 184 -64.62 1.44 69.06
CA MET P 184 -65.55 2.01 68.10
C MET P 184 -65.28 3.50 67.87
N GLN P 185 -64.79 4.20 68.90
CA GLN P 185 -64.37 5.59 68.71
C GLN P 185 -63.10 5.68 67.87
N CYS P 186 -62.20 4.70 68.01
CA CYS P 186 -60.97 4.72 67.22
C CYS P 186 -61.23 4.37 65.76
N ASN P 187 -62.31 3.61 65.49
CA ASN P 187 -62.70 3.34 64.11
C ASN P 187 -63.31 4.58 63.45
N ASP P 188 -64.12 5.33 64.20
CA ASP P 188 -64.83 6.48 63.62
C ASP P 188 -63.89 7.64 63.35
N LEU P 189 -63.10 8.04 64.35
CA LEU P 189 -62.22 9.20 64.19
C LEU P 189 -60.99 8.86 63.37
N GLN P 190 -60.68 7.56 63.25
CA GLN P 190 -59.58 6.93 62.52
C GLN P 190 -58.22 7.61 62.71
N ASP P 191 -57.93 8.10 63.92
CA ASP P 191 -56.64 8.74 64.21
C ASP P 191 -56.08 8.41 65.59
N ARG P 192 -56.62 7.40 66.28
CA ARG P 192 -56.23 7.10 67.66
C ARG P 192 -55.92 5.61 67.81
N PHE P 193 -55.46 5.24 69.01
CA PHE P 193 -55.05 3.88 69.33
C PHE P 193 -55.31 3.63 70.82
N THR P 194 -55.65 2.39 71.18
CA THR P 194 -56.05 2.03 72.54
C THR P 194 -55.08 1.00 73.13
N ILE P 195 -54.76 1.15 74.41
CA ILE P 195 -53.91 0.22 75.14
C ILE P 195 -54.75 -0.49 76.20
N LEU P 196 -54.76 -1.82 76.16
CA LEU P 196 -55.63 -2.64 77.00
C LEU P 196 -54.84 -3.46 78.01
N ASP P 197 -55.51 -3.87 79.08
CA ASP P 197 -55.02 -4.87 80.03
C ASP P 197 -56.05 -5.98 80.17
N THR P 198 -55.70 -6.98 80.97
CA THR P 198 -56.66 -7.99 81.38
C THR P 198 -57.40 -7.53 82.63
N TYR P 199 -58.45 -8.27 82.98
CA TYR P 199 -59.25 -7.93 84.15
C TYR P 199 -58.49 -8.23 85.44
N SER P 200 -57.71 -9.30 85.43
CA SER P 200 -56.91 -9.70 86.59
C SER P 200 -55.62 -10.34 86.07
N ASP P 201 -54.66 -10.50 86.97
CA ASP P 201 -53.44 -11.22 86.66
C ASP P 201 -53.49 -12.68 87.07
N GLN P 202 -54.50 -13.08 87.84
CA GLN P 202 -54.71 -14.46 88.26
C GLN P 202 -56.11 -14.90 87.89
N THR P 203 -56.40 -16.18 88.16
CA THR P 203 -57.73 -16.74 87.99
C THR P 203 -58.72 -16.07 88.93
N TYR P 204 -59.82 -15.55 88.38
CA TYR P 204 -60.80 -14.81 89.15
C TYR P 204 -62.15 -15.50 89.09
N ASN P 205 -62.99 -15.21 90.08
CA ASN P 205 -64.33 -15.77 90.17
C ASN P 205 -65.34 -14.84 89.52
N ASP P 206 -66.21 -15.42 88.69
CA ASP P 206 -67.24 -14.67 87.98
C ASP P 206 -68.58 -14.67 88.69
N GLY P 207 -68.71 -15.41 89.79
CA GLY P 207 -69.98 -15.63 90.43
C GLY P 207 -70.57 -17.00 90.15
N VAL P 208 -70.41 -17.50 88.93
CA VAL P 208 -70.80 -18.87 88.59
C VAL P 208 -69.61 -19.78 88.36
N GLU P 209 -68.51 -19.29 87.76
CA GLU P 209 -67.40 -20.13 87.37
C GLU P 209 -66.09 -19.43 87.72
N ASP P 210 -64.99 -20.16 87.56
CA ASP P 210 -63.65 -19.60 87.66
C ASP P 210 -63.05 -19.50 86.27
N LEU P 211 -62.45 -18.36 85.96
CA LEU P 211 -61.98 -18.07 84.60
C LEU P 211 -60.51 -17.71 84.61
N ASP P 212 -59.82 -18.13 83.55
CA ASP P 212 -58.44 -17.72 83.32
C ASP P 212 -58.42 -16.37 82.62
N PRO P 213 -57.42 -15.50 82.89
CA PRO P 213 -57.47 -14.12 82.37
C PRO P 213 -57.34 -13.95 80.86
N ILE P 214 -56.45 -14.73 80.24
CA ILE P 214 -56.20 -14.62 78.78
C ILE P 214 -57.41 -15.11 77.99
N PRO P 215 -58.00 -16.32 78.18
CA PRO P 215 -59.20 -16.69 77.40
C PRO P 215 -60.45 -15.89 77.71
N ALA P 216 -60.52 -15.23 78.87
CA ALA P 216 -61.69 -14.41 79.18
C ALA P 216 -61.64 -13.07 78.43
N LEU P 217 -60.44 -12.55 78.18
CA LEU P 217 -60.32 -11.34 77.38
C LEU P 217 -60.62 -11.61 75.90
N ARG P 218 -60.35 -12.84 75.44
CA ARG P 218 -60.63 -13.18 74.05
C ARG P 218 -62.12 -13.36 73.80
N ASN P 219 -62.89 -13.69 74.86
CA ASN P 219 -64.34 -13.77 74.74
C ASN P 219 -65.01 -12.40 74.84
N GLY P 220 -64.50 -11.51 75.70
CA GLY P 220 -65.19 -10.27 75.97
C GLY P 220 -65.10 -9.25 74.83
N ILE P 221 -64.01 -9.27 74.08
CA ILE P 221 -63.82 -8.38 72.94
C ILE P 221 -64.30 -9.13 71.69
N ASN P 222 -65.48 -8.76 71.18
CA ASN P 222 -66.16 -9.55 70.15
C ASN P 222 -66.43 -8.79 68.86
N LEU P 223 -65.47 -8.00 68.38
CA LEU P 223 -65.64 -7.26 67.14
C LEU P 223 -64.75 -7.83 66.04
N THR P 224 -64.99 -7.38 64.81
CA THR P 224 -64.22 -7.84 63.66
C THR P 224 -62.90 -7.07 63.53
N LYS P 225 -62.14 -7.44 62.51
CA LYS P 225 -60.79 -6.92 62.31
C LYS P 225 -60.73 -5.39 62.14
N ASP P 226 -61.73 -4.81 61.48
CA ASP P 226 -61.74 -3.37 61.25
C ASP P 226 -61.79 -2.58 62.55
N TYR P 227 -62.05 -3.23 63.67
CA TYR P 227 -61.99 -2.64 65.00
C TYR P 227 -60.79 -3.11 65.81
N LEU P 228 -60.38 -4.37 65.61
CA LEU P 228 -59.31 -4.96 66.41
C LEU P 228 -57.93 -4.42 66.05
N LYS P 229 -57.79 -3.80 64.88
CA LYS P 229 -56.50 -3.25 64.46
C LYS P 229 -56.12 -1.98 65.20
N TYR P 230 -57.01 -1.39 66.00
CA TYR P 230 -56.75 -0.17 66.72
C TYR P 230 -56.39 -0.40 68.20
N GLY P 231 -56.09 -1.63 68.61
CA GLY P 231 -55.74 -1.86 70.00
C GLY P 231 -54.66 -2.90 70.19
N ALA P 232 -54.07 -2.87 71.40
CA ALA P 232 -53.02 -3.80 71.81
C ALA P 232 -53.17 -4.09 73.30
N ALA P 233 -52.81 -5.32 73.69
CA ALA P 233 -53.02 -5.82 75.04
C ALA P 233 -51.73 -6.39 75.63
N TYR P 234 -51.55 -6.18 76.93
CA TYR P 234 -50.33 -6.56 77.63
C TYR P 234 -50.66 -7.36 78.87
N TYR P 235 -49.72 -8.22 79.26
CA TYR P 235 -49.89 -9.17 80.35
C TYR P 235 -48.51 -9.57 80.86
N PRO P 236 -48.35 -9.82 82.17
CA PRO P 236 -49.16 -9.64 83.38
C PRO P 236 -48.99 -8.27 84.04
N PHE P 237 -49.27 -8.17 85.34
CA PHE P 237 -49.13 -6.92 86.07
C PHE P 237 -47.66 -6.71 86.46
N VAL P 238 -47.35 -5.52 86.99
CA VAL P 238 -45.98 -5.17 87.37
C VAL P 238 -45.93 -4.70 88.82
N GLN P 239 -44.85 -5.08 89.51
CA GLN P 239 -44.59 -4.67 90.91
C GLN P 239 -43.62 -3.47 90.86
N THR P 240 -43.94 -2.39 91.57
CA THR P 240 -43.22 -1.13 91.48
C THR P 240 -42.42 -0.87 92.75
N ILE P 241 -41.71 0.26 92.78
CA ILE P 241 -40.90 0.70 93.91
C ILE P 241 -41.62 1.72 94.78
N LEU P 242 -42.89 2.01 94.48
CA LEU P 242 -43.62 3.08 95.14
C LEU P 242 -44.22 2.61 96.48
N ASN P 243 -44.39 3.56 97.39
CA ASN P 243 -45.04 3.32 98.67
C ASN P 243 -46.48 3.81 98.62
N TYR P 244 -47.32 3.23 99.48
CA TYR P 244 -48.70 3.65 99.64
C TYR P 244 -48.76 5.00 100.35
N GLN P 245 -49.80 5.77 100.01
CA GLN P 245 -50.07 7.05 100.66
C GLN P 245 -50.93 6.82 101.89
N TYR P 246 -50.48 7.36 103.03
CA TYR P 246 -51.20 7.18 104.29
C TYR P 246 -50.93 8.36 105.20
N SER P 247 -51.74 8.48 106.25
CA SER P 247 -51.62 9.52 107.24
C SER P 247 -51.36 8.90 108.61
N ALA P 248 -50.41 9.48 109.35
CA ALA P 248 -50.05 8.94 110.66
C ALA P 248 -51.06 9.29 111.74
N ASP P 249 -51.98 10.22 111.48
CA ASP P 249 -53.03 10.58 112.42
C ASP P 249 -54.13 9.53 112.53
N GLU P 250 -54.16 8.54 111.64
CA GLU P 250 -55.24 7.58 111.58
C GLU P 250 -54.78 6.15 111.88
N ILE P 251 -53.54 5.95 112.29
CA ILE P 251 -53.00 4.64 112.60
C ILE P 251 -53.12 4.43 114.11
N VAL P 252 -53.74 3.33 114.53
CA VAL P 252 -53.93 3.01 115.95
C VAL P 252 -53.06 1.81 116.29
N ILE P 253 -52.36 1.89 117.43
CA ILE P 253 -51.46 0.84 117.89
C ILE P 253 -52.21 -0.05 118.87
N GLN P 254 -51.98 -1.37 118.79
CA GLN P 254 -52.40 -2.31 119.83
C GLN P 254 -51.16 -2.98 120.41
N HIS P 255 -50.98 -2.83 121.72
CA HIS P 255 -49.75 -3.18 122.42
C HIS P 255 -50.06 -4.20 123.52
N LEU P 256 -49.46 -5.38 123.40
CA LEU P 256 -49.56 -6.43 124.41
C LEU P 256 -48.22 -6.57 125.11
N SER P 257 -48.21 -6.37 126.43
CA SER P 257 -46.97 -6.38 127.20
C SER P 257 -47.16 -7.23 128.46
N TYR P 258 -46.05 -7.76 128.96
CA TYR P 258 -46.10 -8.53 130.21
C TYR P 258 -46.24 -7.61 131.41
N ASN P 259 -45.78 -6.37 131.29
CA ASN P 259 -45.92 -5.39 132.34
C ASN P 259 -47.07 -4.46 131.99
N PRO P 260 -48.26 -4.66 132.54
CA PRO P 260 -49.38 -3.79 132.16
C PRO P 260 -49.42 -2.50 132.96
N ASN P 261 -49.17 -1.37 132.30
CA ASN P 261 -49.30 -0.06 132.92
C ASN P 261 -50.12 0.88 132.05
N ALA P 262 -51.11 0.36 131.35
CA ALA P 262 -51.94 1.20 130.47
C ALA P 262 -52.85 2.10 131.30
N ILE P 263 -53.49 1.56 132.33
CA ILE P 263 -54.41 2.36 133.14
C ILE P 263 -53.63 3.27 134.08
N ALA P 264 -52.46 2.81 134.54
CA ALA P 264 -51.63 3.62 135.43
C ALA P 264 -51.04 4.83 134.72
N THR P 265 -50.65 4.67 133.45
CA THR P 265 -50.12 5.80 132.69
C THR P 265 -51.26 6.74 132.29
N ALA P 266 -52.46 6.20 132.10
CA ALA P 266 -53.63 7.04 131.83
C ALA P 266 -54.06 7.79 133.08
N LEU P 267 -53.79 7.23 134.26
CA LEU P 267 -54.15 7.91 135.50
C LEU P 267 -53.20 9.08 135.79
N ASP P 268 -51.91 8.91 135.48
CA ASP P 268 -50.91 9.91 135.84
C ASP P 268 -51.07 11.18 135.02
N ASN P 269 -51.51 11.06 133.76
CA ASN P 269 -51.77 12.24 132.96
C ASN P 269 -53.03 12.96 133.42
N LEU P 270 -54.06 12.18 133.78
CA LEU P 270 -55.34 12.79 134.15
C LEU P 270 -55.33 13.32 135.57
N ASN P 271 -54.47 12.76 136.44
CA ASN P 271 -54.32 13.31 137.78
C ASN P 271 -53.53 14.61 137.75
N ALA P 272 -52.60 14.73 136.80
CA ALA P 272 -51.77 15.93 136.71
C ALA P 272 -52.55 17.10 136.14
N VAL P 273 -53.48 16.84 135.22
CA VAL P 273 -54.24 17.93 134.62
C VAL P 273 -55.31 18.44 135.58
N ASN P 274 -55.69 17.62 136.56
CA ASN P 274 -56.67 18.00 137.56
C ASN P 274 -55.98 18.68 138.74
N GLY P 275 -55.48 19.89 138.47
CA GLY P 275 -54.76 20.65 139.46
C GLY P 275 -55.14 22.11 139.48
N PRO P 276 -54.75 22.83 140.55
CA PRO P 276 -55.07 24.27 140.62
C PRO P 276 -54.28 25.12 139.65
N THR P 277 -53.02 24.79 139.39
CA THR P 277 -52.24 25.60 138.44
C THR P 277 -52.60 25.25 137.00
N PHE P 278 -53.16 24.06 136.77
CA PHE P 278 -53.32 23.58 135.41
C PHE P 278 -54.65 24.00 134.80
N ILE P 279 -55.78 23.59 135.38
CA ILE P 279 -57.08 23.80 134.79
C ILE P 279 -57.91 24.83 135.55
N ASP P 280 -57.57 25.08 136.82
CA ASP P 280 -58.27 26.12 137.56
C ASP P 280 -57.76 27.50 137.20
N ALA P 281 -56.52 27.58 136.70
CA ALA P 281 -55.96 28.86 136.30
C ALA P 281 -56.51 29.31 134.95
N ILE P 282 -57.12 28.39 134.20
CA ILE P 282 -57.77 28.77 132.95
C ILE P 282 -59.12 29.42 133.23
N LEU P 283 -59.79 28.98 134.30
CA LEU P 283 -61.19 29.33 134.46
C LEU P 283 -61.37 30.67 135.17
N ASP P 284 -60.50 30.99 136.13
CA ASP P 284 -60.66 32.24 136.88
C ASP P 284 -60.22 33.44 136.03
N ASP P 285 -59.38 33.20 135.02
CA ASP P 285 -59.01 34.26 134.08
C ASP P 285 -60.20 34.66 133.23
N LEU P 286 -61.05 33.68 132.87
CA LEU P 286 -62.20 33.97 132.02
C LEU P 286 -63.26 34.76 132.78
N ARG P 287 -63.43 34.49 134.07
CA ARG P 287 -64.36 35.25 134.89
C ARG P 287 -63.63 36.19 135.85
N ASN P 321 -62.55 55.82 116.98
CA ASN P 321 -61.44 56.13 116.10
C ASN P 321 -60.49 54.94 115.96
N SER P 322 -59.28 55.20 115.47
CA SER P 322 -58.33 54.11 115.23
C SER P 322 -57.66 53.67 116.54
N VAL P 323 -57.62 54.56 117.53
CA VAL P 323 -56.97 54.20 118.79
C VAL P 323 -57.92 53.39 119.68
N LYS P 324 -59.23 53.52 119.43
CA LYS P 324 -60.20 52.73 120.20
C LYS P 324 -60.31 51.32 119.65
N VAL P 325 -60.14 51.16 118.33
CA VAL P 325 -60.20 49.83 117.72
C VAL P 325 -58.94 49.04 118.05
N ALA P 326 -57.78 49.73 118.08
CA ALA P 326 -56.52 49.06 118.37
C ALA P 326 -56.43 48.61 119.83
N ASN P 327 -57.04 49.38 120.74
CA ASN P 327 -57.07 48.96 122.13
C ASN P 327 -58.06 47.82 122.34
N PHE P 328 -59.16 47.84 121.60
CA PHE P 328 -60.20 46.83 121.76
C PHE P 328 -59.75 45.48 121.21
N ALA P 329 -58.86 45.49 120.22
CA ALA P 329 -58.37 44.23 119.66
C ALA P 329 -57.39 43.55 120.61
N SER P 330 -56.77 44.30 121.50
CA SER P 330 -55.88 43.70 122.49
C SER P 330 -56.68 42.97 123.56
N LEU P 331 -57.89 43.43 123.84
CA LEU P 331 -58.73 42.77 124.84
C LEU P 331 -59.30 41.45 124.32
N VAL P 332 -59.59 41.39 123.01
CA VAL P 332 -60.15 40.17 122.43
C VAL P 332 -59.05 39.11 122.26
N GLU P 333 -57.83 39.54 121.99
CA GLU P 333 -56.73 38.59 121.77
C GLU P 333 -56.32 37.90 123.07
N SER P 334 -56.57 38.55 124.22
CA SER P 334 -56.27 37.90 125.49
C SER P 334 -57.34 36.88 125.85
N VAL P 335 -58.59 37.16 125.50
CA VAL P 335 -59.68 36.23 125.77
C VAL P 335 -59.59 35.03 124.83
N LEU P 336 -59.21 35.27 123.57
CA LEU P 336 -59.10 34.19 122.59
C LEU P 336 -57.91 33.29 122.89
N SER P 337 -56.84 33.85 123.49
CA SER P 337 -55.70 33.04 123.87
C SER P 337 -56.03 32.14 125.07
N THR P 338 -56.97 32.55 125.91
CA THR P 338 -57.37 31.73 127.05
C THR P 338 -58.23 30.56 126.60
N LEU P 339 -59.08 30.78 125.58
CA LEU P 339 -59.95 29.73 125.08
C LEU P 339 -59.17 28.61 124.39
N ASN P 340 -58.06 28.97 123.74
CA ASN P 340 -57.32 27.99 122.95
C ASN P 340 -56.60 26.97 123.83
N GLU P 341 -56.08 27.40 124.99
CA GLU P 341 -55.43 26.46 125.89
C GLU P 341 -56.45 25.59 126.62
N LEU P 342 -57.70 26.05 126.70
CA LEU P 342 -58.76 25.19 127.21
C LEU P 342 -59.13 24.12 126.18
N ILE P 343 -59.12 24.49 124.89
CA ILE P 343 -59.40 23.52 123.83
C ILE P 343 -58.23 22.54 123.68
N ASP P 344 -57.00 23.02 123.89
CA ASP P 344 -55.84 22.12 123.87
C ASP P 344 -55.85 21.18 125.07
N ALA P 345 -56.44 21.62 126.19
CA ALA P 345 -56.59 20.73 127.33
C ALA P 345 -57.65 19.67 127.05
N LYS P 346 -58.64 20.01 126.23
CA LYS P 346 -59.68 19.04 125.87
C LYS P 346 -59.12 17.93 124.96
N GLU P 347 -58.11 18.26 124.16
CA GLU P 347 -57.55 17.30 123.22
C GLU P 347 -56.74 16.22 123.94
N GLU P 348 -55.98 16.61 124.97
CA GLU P 348 -55.09 15.66 125.63
C GLU P 348 -55.86 14.76 126.59
N ILE P 349 -57.03 15.19 127.03
CA ILE P 349 -57.87 14.35 127.89
C ILE P 349 -58.44 13.18 127.11
N ASN P 350 -58.84 13.43 125.85
CA ASN P 350 -59.50 12.40 125.05
C ASN P 350 -58.51 11.31 124.63
N LYS P 351 -57.23 11.64 124.51
CA LYS P 351 -56.24 10.63 124.15
C LYS P 351 -55.94 9.69 125.32
N ASP P 352 -56.17 10.16 126.55
CA ASP P 352 -55.91 9.33 127.72
C ASP P 352 -57.05 8.36 127.98
N VAL P 353 -58.29 8.81 127.78
CA VAL P 353 -59.44 7.96 128.05
C VAL P 353 -59.62 6.91 126.95
N ASN P 354 -59.24 7.27 125.72
CA ASN P 354 -59.37 6.32 124.61
C ASN P 354 -58.39 5.16 124.75
N SER P 355 -57.24 5.39 125.37
CA SER P 355 -56.29 4.31 125.60
C SER P 355 -56.74 3.42 126.76
N ALA P 356 -57.61 3.92 127.63
CA ALA P 356 -58.13 3.12 128.73
C ALA P 356 -59.41 2.38 128.34
N ILE P 357 -60.17 2.94 127.40
CA ILE P 357 -61.33 2.25 126.86
C ILE P 357 -60.90 1.01 126.08
N ALA P 358 -59.85 1.15 125.27
CA ALA P 358 -59.41 0.06 124.41
C ALA P 358 -58.65 -1.00 125.21
N SER P 359 -58.12 -0.65 126.37
CA SER P 359 -57.32 -1.60 127.15
C SER P 359 -58.19 -2.48 128.02
N SER P 360 -59.38 -2.02 128.40
CA SER P 360 -60.26 -2.76 129.29
C SER P 360 -61.35 -3.48 128.47
N GLU P 361 -60.91 -4.42 127.65
CA GLU P 361 -61.87 -5.25 126.92
C GLU P 361 -62.53 -6.27 127.85
N GLU P 362 -61.87 -6.61 128.94
CA GLU P 362 -62.49 -7.40 129.99
C GLU P 362 -63.49 -6.53 130.76
N ASP P 363 -64.57 -7.18 131.22
CA ASP P 363 -65.60 -6.59 132.08
C ASP P 363 -66.27 -5.39 131.42
N ASN P 364 -67.09 -5.72 130.40
CA ASN P 364 -67.72 -4.75 129.51
C ASN P 364 -68.59 -3.71 130.24
N ALA P 365 -69.03 -4.00 131.46
CA ALA P 365 -69.77 -3.00 132.24
C ALA P 365 -68.88 -1.84 132.65
N ILE P 366 -67.58 -2.10 132.89
CA ILE P 366 -66.67 -1.02 133.27
C ILE P 366 -66.33 -0.16 132.05
N LYS P 367 -66.23 -0.78 130.88
CA LYS P 367 -65.98 -0.02 129.64
C LYS P 367 -67.15 0.90 129.32
N THR P 368 -68.37 0.47 129.64
CA THR P 368 -69.55 1.31 129.41
C THR P 368 -69.57 2.51 130.34
N ALA P 369 -69.08 2.33 131.57
CA ALA P 369 -69.05 3.44 132.53
C ALA P 369 -67.98 4.47 132.15
N ILE P 370 -66.84 4.00 131.63
CA ILE P 370 -65.78 4.91 131.20
C ILE P 370 -66.20 5.66 129.94
N SER P 371 -66.93 4.99 129.05
CA SER P 371 -67.42 5.63 127.84
C SER P 371 -68.53 6.62 128.15
N ASP P 372 -69.35 6.33 129.16
CA ASP P 372 -70.44 7.24 129.51
C ASP P 372 -69.93 8.49 130.20
N ALA P 373 -68.85 8.37 130.97
CA ALA P 373 -68.28 9.53 131.64
C ALA P 373 -67.56 10.46 130.65
N LEU P 374 -67.19 9.94 129.48
CA LEU P 374 -66.42 10.74 128.54
C LEU P 374 -67.33 11.64 127.69
N ASP P 375 -68.51 11.14 127.31
CA ASP P 375 -69.40 11.95 126.48
C ASP P 375 -70.10 13.03 127.30
N VAL P 376 -70.27 12.81 128.60
CA VAL P 376 -70.89 13.84 129.43
C VAL P 376 -69.90 14.97 129.70
N PHE P 377 -68.60 14.66 129.67
CA PHE P 377 -67.58 15.71 129.75
C PHE P 377 -67.48 16.46 128.44
N ASN P 378 -67.77 15.78 127.32
CA ASN P 378 -67.68 16.42 126.00
C ASN P 378 -68.96 17.13 125.60
N GLU P 379 -69.89 17.35 126.54
CA GLU P 379 -71.16 18.00 126.20
C GLU P 379 -70.97 19.48 125.87
N ASP P 380 -70.36 20.24 126.79
CA ASP P 380 -70.27 21.69 126.63
C ASP P 380 -69.29 22.07 125.53
N PHE P 381 -68.32 21.21 125.25
CA PHE P 381 -67.32 21.53 124.23
C PHE P 381 -67.89 21.42 122.83
N GLU P 382 -68.71 20.41 122.56
CA GLU P 382 -69.28 20.23 121.23
C GLU P 382 -70.81 20.19 121.23
N GLY P 383 -71.39 19.33 122.08
CA GLY P 383 -72.80 19.01 121.92
C GLY P 383 -73.73 20.03 122.55
N ALA P 384 -73.46 20.41 123.80
CA ALA P 384 -74.39 21.30 124.50
C ALA P 384 -74.22 22.75 124.05
N ASP P 385 -73.04 23.33 124.28
CA ASP P 385 -72.80 24.73 123.98
C ASP P 385 -71.74 24.79 122.87
N LYS P 386 -71.62 25.95 122.23
CA LYS P 386 -70.76 26.14 121.07
C LYS P 386 -69.39 26.69 121.49
N ILE P 387 -68.69 25.97 122.36
CA ILE P 387 -67.39 26.46 122.85
C ILE P 387 -66.34 26.42 121.76
N GLU P 388 -66.27 25.33 121.00
CA GLU P 388 -65.30 25.26 119.91
C GLU P 388 -65.77 26.02 118.68
N SER P 389 -67.02 26.50 118.69
CA SER P 389 -67.53 27.24 117.54
C SER P 389 -67.36 28.74 117.72
N VAL P 390 -67.38 29.25 118.95
CA VAL P 390 -67.23 30.68 119.14
C VAL P 390 -65.77 31.10 119.03
N ALA P 391 -64.84 30.16 119.25
CA ALA P 391 -63.43 30.46 119.10
C ALA P 391 -63.03 30.65 117.64
N LYS P 392 -63.83 30.13 116.70
CA LYS P 392 -63.56 30.28 115.28
C LYS P 392 -64.17 31.57 114.72
N ASN P 393 -65.38 31.91 115.17
CA ASN P 393 -66.04 33.10 114.65
C ASN P 393 -65.46 34.38 115.22
N LEU P 394 -64.91 34.33 116.44
CA LEU P 394 -64.28 35.53 117.00
C LEU P 394 -62.98 35.87 116.28
N SER P 395 -62.30 34.86 115.75
CA SER P 395 -61.05 35.10 115.04
C SER P 395 -61.30 35.75 113.68
N ASP P 396 -62.38 35.36 113.00
CA ASP P 396 -62.70 36.00 111.73
C ASP P 396 -63.37 37.35 111.93
N LEU P 397 -64.08 37.52 113.06
CA LEU P 397 -64.62 38.83 113.39
C LEU P 397 -63.51 39.80 113.81
N LEU P 398 -62.39 39.26 114.34
CA LEU P 398 -61.28 40.11 114.73
C LEU P 398 -60.56 40.67 113.50
N ILE P 399 -60.45 39.87 112.45
CA ILE P 399 -59.81 40.32 111.22
C ILE P 399 -60.68 41.36 110.51
N LYS P 400 -62.00 41.20 110.61
CA LYS P 400 -62.93 42.06 109.89
C LYS P 400 -62.94 43.48 110.45
N ILE P 401 -62.74 43.64 111.76
CA ILE P 401 -62.80 44.96 112.36
C ILE P 401 -61.52 45.76 112.07
N LYS P 402 -60.43 45.06 111.71
CA LYS P 402 -59.18 45.79 111.43
C LYS P 402 -59.15 46.27 109.99
N GLN P 403 -59.90 45.64 109.09
CA GLN P 403 -59.99 46.12 107.72
C GLN P 403 -61.09 47.17 107.57
N ALA P 404 -62.06 47.17 108.50
CA ALA P 404 -63.24 48.02 108.34
C ALA P 404 -62.95 49.47 108.69
N ASP P 405 -61.77 49.75 109.25
CA ASP P 405 -61.43 51.11 109.68
C ASP P 405 -61.03 52.01 108.51
N THR P 406 -61.04 51.52 107.28
CA THR P 406 -60.59 52.32 106.15
C THR P 406 -61.66 53.32 105.69
N ASN P 407 -62.94 53.02 105.94
CA ASN P 407 -64.00 53.84 105.35
C ASN P 407 -65.10 54.24 106.32
N THR P 408 -65.58 53.34 107.18
CA THR P 408 -66.85 53.61 107.82
C THR P 408 -66.73 53.32 109.32
N LYS P 409 -67.28 54.22 110.13
CA LYS P 409 -67.41 53.95 111.55
C LYS P 409 -68.69 53.17 111.84
N VAL P 410 -69.69 53.27 110.98
CA VAL P 410 -70.92 52.49 111.14
C VAL P 410 -70.63 51.00 110.96
N GLU P 411 -69.63 50.70 110.12
CA GLU P 411 -69.17 49.32 109.94
C GLU P 411 -68.63 48.84 111.29
N ASN P 412 -67.91 49.72 111.99
CA ASN P 412 -67.39 49.38 113.31
C ASN P 412 -68.46 49.45 114.40
N VAL P 413 -69.69 49.82 114.05
CA VAL P 413 -70.80 49.89 115.00
C VAL P 413 -71.81 48.79 114.71
N LEU P 414 -72.03 48.48 113.42
CA LEU P 414 -72.98 47.46 113.02
C LEU P 414 -72.55 46.07 113.50
N SER P 415 -71.24 45.83 113.57
CA SER P 415 -70.75 44.53 113.99
C SER P 415 -70.80 44.36 115.50
N ILE P 416 -70.32 45.35 116.24
CA ILE P 416 -70.00 45.11 117.66
C ILE P 416 -71.25 45.23 118.52
N ASN P 417 -72.33 45.81 118.00
CA ASN P 417 -73.55 45.98 118.78
C ASN P 417 -74.74 45.25 118.18
N ALA P 418 -75.03 45.47 116.89
CA ALA P 418 -76.23 44.88 116.29
C ALA P 418 -75.98 43.46 115.81
N LEU P 419 -74.90 43.24 115.07
CA LEU P 419 -74.59 41.95 114.50
C LEU P 419 -73.73 41.12 115.46
N ASN P 420 -73.09 40.09 114.90
CA ASN P 420 -72.63 38.87 115.58
C ASN P 420 -71.74 39.09 116.79
N PHE P 421 -71.08 40.24 116.93
CA PHE P 421 -70.01 40.32 117.92
C PHE P 421 -70.56 40.52 119.33
N SER P 422 -71.71 41.18 119.47
CA SER P 422 -72.32 41.31 120.78
C SER P 422 -73.03 40.03 121.18
N ALA P 423 -73.42 39.21 120.20
CA ALA P 423 -74.16 37.99 120.50
C ALA P 423 -73.22 36.85 120.90
N GLU P 424 -71.97 36.87 120.42
CA GLU P 424 -71.09 35.73 120.66
C GLU P 424 -70.52 35.73 122.07
N PHE P 425 -70.43 36.91 122.69
CA PHE P 425 -69.91 36.99 124.06
C PHE P 425 -70.91 36.51 125.10
N GLU P 426 -72.18 36.33 124.75
CA GLU P 426 -73.20 36.07 125.75
C GLU P 426 -73.22 34.60 126.17
N LYS P 427 -72.63 33.72 125.37
CA LYS P 427 -72.80 32.29 125.60
C LYS P 427 -71.94 31.78 126.74
N LEU P 428 -70.87 32.50 127.08
CA LEU P 428 -70.09 32.10 128.26
C LEU P 428 -70.59 32.85 129.48
N LEU P 429 -70.93 34.13 129.34
CA LEU P 429 -71.49 34.93 130.42
C LEU P 429 -72.62 35.77 129.85
N THR P 430 -73.84 35.55 130.34
CA THR P 430 -75.01 36.19 129.74
C THR P 430 -75.20 37.61 130.26
N TYR P 431 -75.17 37.79 131.57
CA TYR P 431 -75.43 39.10 132.17
C TYR P 431 -74.38 39.39 133.26
N ASP P 432 -73.10 39.23 132.92
CA ASP P 432 -72.04 39.44 133.89
C ASP P 432 -71.79 40.92 134.18
N VAL P 433 -72.36 41.82 133.35
CA VAL P 433 -72.09 43.25 133.49
C VAL P 433 -72.93 43.93 134.55
N ASN P 434 -73.61 43.17 135.42
CA ASN P 434 -74.44 43.79 136.45
C ASN P 434 -73.61 44.47 137.54
N THR P 435 -72.35 44.04 137.70
CA THR P 435 -71.46 44.64 138.68
C THR P 435 -70.06 44.70 138.09
N GLY P 436 -69.10 45.09 138.93
CA GLY P 436 -67.71 45.06 138.52
C GLY P 436 -67.22 43.62 138.36
N LEU P 437 -67.71 42.71 139.19
CA LEU P 437 -67.39 41.30 139.09
C LEU P 437 -68.50 40.57 138.34
N THR P 438 -68.18 39.39 137.83
CA THR P 438 -69.17 38.57 137.12
C THR P 438 -70.19 38.01 138.10
N ALA P 439 -71.40 38.55 138.05
CA ALA P 439 -72.51 38.09 138.88
C ALA P 439 -73.73 37.90 137.99
N SER P 440 -74.85 37.54 138.63
CA SER P 440 -76.12 37.19 137.97
C SER P 440 -75.91 36.11 136.91
N VAL P 441 -75.32 34.99 137.33
CA VAL P 441 -74.86 33.95 136.42
C VAL P 441 -76.06 33.15 135.88
N THR P 442 -76.70 33.74 134.87
CA THR P 442 -77.82 33.06 134.21
C THR P 442 -77.35 31.93 133.32
N LEU P 443 -76.23 32.13 132.61
CA LEU P 443 -75.71 31.13 131.69
C LEU P 443 -74.23 30.97 131.93
N ASP P 444 -73.79 29.73 132.09
CA ASP P 444 -72.39 29.48 132.40
C ASP P 444 -71.98 28.15 131.76
N LEU P 445 -71.10 28.24 130.78
CA LEU P 445 -70.59 27.08 130.08
C LEU P 445 -69.41 26.44 130.80
N PHE P 446 -68.83 27.14 131.77
CA PHE P 446 -67.72 26.64 132.55
C PHE P 446 -68.21 26.15 133.91
N ALA P 447 -67.25 25.80 134.78
CA ALA P 447 -67.44 25.34 136.17
C ALA P 447 -68.18 24.00 136.27
N ASN P 448 -68.45 23.34 135.15
CA ASN P 448 -68.86 21.94 135.12
C ASN P 448 -67.71 21.03 134.75
N ILE P 449 -66.50 21.58 134.58
CA ILE P 449 -65.36 20.80 134.12
C ILE P 449 -64.86 19.88 135.22
N GLY P 450 -64.55 20.44 136.39
CA GLY P 450 -64.00 19.69 137.51
C GLY P 450 -64.97 18.69 138.12
N THR P 451 -66.27 18.93 137.97
CA THR P 451 -67.26 17.95 138.38
C THR P 451 -67.25 16.75 137.45
N ARG P 452 -67.10 16.98 136.14
CA ARG P 452 -67.08 15.87 135.20
C ARG P 452 -65.71 15.20 135.15
N LEU P 453 -64.66 15.88 135.61
CA LEU P 453 -63.32 15.30 135.55
C LEU P 453 -63.11 14.26 136.63
N ASP P 454 -63.44 14.57 137.88
CA ASP P 454 -63.16 13.63 138.97
C ASP P 454 -64.11 12.44 138.94
N ASP P 455 -65.22 12.56 138.21
CA ASP P 455 -66.04 11.39 137.89
C ASP P 455 -65.27 10.42 137.01
N ILE P 456 -64.50 10.95 136.05
CA ILE P 456 -63.70 10.11 135.16
C ILE P 456 -62.55 9.45 135.92
N ILE P 457 -61.99 10.16 136.89
CA ILE P 457 -60.85 9.65 137.67
C ILE P 457 -61.26 8.43 138.48
N ALA P 458 -62.50 8.43 138.98
CA ALA P 458 -62.99 7.27 139.73
C ALA P 458 -63.47 6.17 138.80
N ALA P 459 -63.98 6.55 137.61
CA ALA P 459 -64.52 5.56 136.68
C ALA P 459 -63.42 4.72 136.05
N VAL P 460 -62.27 5.34 135.74
CA VAL P 460 -61.15 4.57 135.20
C VAL P 460 -60.34 3.94 136.33
N SER P 461 -60.68 4.26 137.58
CA SER P 461 -60.01 3.63 138.72
C SER P 461 -60.50 2.20 138.92
N ALA P 462 -61.69 1.88 138.43
CA ALA P 462 -62.17 0.50 138.51
C ALA P 462 -61.56 -0.37 137.43
N ALA P 463 -60.96 0.24 136.41
CA ALA P 463 -60.40 -0.50 135.28
C ALA P 463 -59.00 -1.03 135.54
N GLU P 464 -58.31 -0.54 136.57
CA GLU P 464 -56.94 -1.01 136.80
C GLU P 464 -56.78 -2.43 137.38
N PRO P 465 -57.71 -3.04 138.13
CA PRO P 465 -57.52 -4.46 138.44
C PRO P 465 -58.06 -5.44 137.41
N ILE P 466 -58.62 -4.99 136.29
CA ILE P 466 -59.21 -5.91 135.32
C ILE P 466 -58.40 -5.98 134.03
N ASP P 467 -57.35 -5.18 133.90
CA ASP P 467 -56.48 -5.21 132.72
C ASP P 467 -55.20 -5.96 133.06
N VAL P 468 -54.88 -6.96 132.24
CA VAL P 468 -53.79 -7.88 132.57
C VAL P 468 -52.76 -8.01 131.46
N ASN P 469 -53.03 -7.45 130.28
CA ASN P 469 -52.18 -7.75 129.13
C ASN P 469 -51.73 -6.53 128.33
N ASN P 470 -52.28 -5.34 128.56
CA ASN P 470 -52.08 -4.22 127.66
C ASN P 470 -51.01 -3.26 128.21
N GLY P 471 -50.08 -2.85 127.35
CA GLY P 471 -48.96 -2.02 127.74
C GLY P 471 -49.17 -0.54 127.51
N LYS P 472 -48.05 0.18 127.39
CA LYS P 472 -48.04 1.64 127.41
C LYS P 472 -48.71 2.29 126.22
N LEU P 473 -48.49 1.77 125.01
CA LEU P 473 -48.91 2.44 123.79
C LEU P 473 -50.17 1.84 123.18
N ASN P 474 -50.95 1.10 123.96
CA ASN P 474 -52.17 0.50 123.44
C ASN P 474 -53.25 1.56 123.26
N GLY P 475 -53.82 1.63 122.06
CA GLY P 475 -54.87 2.58 121.77
C GLY P 475 -54.42 3.98 121.41
N ARG P 476 -53.14 4.18 121.12
CA ARG P 476 -52.59 5.49 120.82
C ARG P 476 -52.42 5.67 119.33
N LEU P 477 -52.51 6.93 118.88
CA LEU P 477 -52.21 7.27 117.50
C LEU P 477 -50.72 7.20 117.25
N LEU P 478 -50.33 6.93 116.00
CA LEU P 478 -48.93 6.77 115.66
C LEU P 478 -48.20 8.11 115.70
N SER P 479 -48.88 9.21 115.35
CA SER P 479 -48.26 10.52 115.38
C SER P 479 -48.01 10.99 116.82
N ASP P 480 -48.81 10.48 117.77
CA ASP P 480 -48.68 10.96 119.15
C ASP P 480 -47.62 10.21 119.95
N ILE P 481 -47.01 9.15 119.40
CA ILE P 481 -45.97 8.44 120.13
C ILE P 481 -44.57 8.93 119.78
N GLU P 482 -44.45 9.82 118.80
CA GLU P 482 -43.13 10.35 118.43
C GLU P 482 -42.44 11.17 119.53
N PRO P 483 -43.12 12.02 120.33
CA PRO P 483 -42.42 12.55 121.51
C PRO P 483 -42.25 11.54 122.62
N LEU P 484 -43.10 10.52 122.69
CA LEU P 484 -43.06 9.59 123.82
C LEU P 484 -41.91 8.59 123.67
N ASP P 485 -41.85 7.88 122.55
CA ASP P 485 -40.77 6.93 122.29
C ASP P 485 -40.39 7.09 120.81
N ASN P 486 -39.28 7.78 120.58
CA ASN P 486 -38.88 8.11 119.21
C ASN P 486 -38.31 6.91 118.49
N ALA P 487 -37.67 5.99 119.22
CA ALA P 487 -37.03 4.84 118.56
C ALA P 487 -38.07 3.82 118.11
N THR P 488 -39.19 3.71 118.83
CA THR P 488 -40.25 2.80 118.42
C THR P 488 -41.00 3.35 117.21
N TYR P 489 -41.19 4.66 117.17
CA TYR P 489 -41.90 5.32 116.07
C TYR P 489 -41.14 5.17 114.75
N ASN P 490 -39.81 5.23 114.79
CA ASN P 490 -39.03 5.10 113.57
C ASN P 490 -38.99 3.66 113.08
N THR P 491 -39.14 2.70 113.99
CA THR P 491 -39.09 1.30 113.60
C THR P 491 -40.41 0.89 112.93
N ILE P 492 -41.53 1.47 113.35
CA ILE P 492 -42.82 1.17 112.75
C ILE P 492 -42.90 1.74 111.33
N LEU P 493 -42.21 2.87 111.10
CA LEU P 493 -42.23 3.51 109.78
C LEU P 493 -41.51 2.67 108.73
N LEU P 494 -40.46 1.93 109.13
CA LEU P 494 -39.78 1.05 108.19
C LEU P 494 -40.63 -0.15 107.81
N GLU P 495 -41.41 -0.68 108.75
CA GLU P 495 -42.23 -1.85 108.44
C GLU P 495 -43.42 -1.50 107.56
N ILE P 496 -43.90 -0.25 107.66
CA ILE P 496 -45.01 0.17 106.81
C ILE P 496 -44.52 0.36 105.37
N ASN P 497 -43.33 0.94 105.20
CA ASN P 497 -42.80 1.22 103.88
C ASN P 497 -42.26 -0.01 103.14
N SER P 498 -42.31 -1.19 103.74
CA SER P 498 -41.82 -2.39 103.07
C SER P 498 -42.85 -2.98 102.11
N HIS P 499 -44.07 -2.48 102.09
CA HIS P 499 -45.11 -2.96 101.18
C HIS P 499 -45.17 -2.06 99.95
N LYS P 500 -45.24 -2.68 98.77
CA LYS P 500 -45.18 -1.96 97.50
C LYS P 500 -46.49 -2.08 96.74
N VAL P 501 -46.63 -1.21 95.74
CA VAL P 501 -47.84 -1.15 94.92
C VAL P 501 -47.67 -2.01 93.68
N THR P 502 -48.73 -2.74 93.33
CA THR P 502 -48.79 -3.47 92.06
C THR P 502 -49.78 -2.76 91.15
N LEU P 503 -49.37 -2.51 89.91
CA LEU P 503 -50.18 -1.78 88.94
C LEU P 503 -50.39 -2.59 87.67
N PRO P 504 -51.48 -2.34 86.95
CA PRO P 504 -51.56 -2.81 85.57
C PRO P 504 -50.57 -2.07 84.69
N PRO P 505 -50.07 -2.71 83.63
CA PRO P 505 -48.90 -2.17 82.92
C PRO P 505 -49.19 -1.15 81.83
N SER P 506 -50.41 -0.60 81.71
CA SER P 506 -50.73 0.18 80.51
C SER P 506 -50.16 1.59 80.55
N SER P 507 -49.93 2.15 81.74
CA SER P 507 -49.40 3.51 81.81
C SER P 507 -47.89 3.55 81.68
N SER P 508 -47.20 2.46 82.06
CA SER P 508 -45.76 2.37 81.79
C SER P 508 -45.50 2.15 80.31
N MET P 509 -46.42 1.47 79.61
CA MET P 509 -46.28 1.27 78.17
C MET P 509 -46.44 2.57 77.41
N ALA P 510 -47.33 3.46 77.88
CA ALA P 510 -47.53 4.75 77.22
C ALA P 510 -46.29 5.63 77.32
N GLY P 511 -45.58 5.57 78.45
CA GLY P 511 -44.33 6.30 78.58
C GLY P 511 -43.25 5.76 77.66
N ALA P 512 -43.24 4.44 77.47
CA ALA P 512 -42.25 3.83 76.59
C ALA P 512 -42.58 4.07 75.11
N TYR P 513 -43.86 4.28 74.78
CA TYR P 513 -44.22 4.66 73.42
C TYR P 513 -43.65 6.02 73.07
N ALA P 514 -43.66 6.95 74.01
CA ALA P 514 -43.18 8.30 73.74
C ALA P 514 -41.65 8.37 73.77
N ARG P 515 -41.01 7.47 74.51
CA ARG P 515 -39.55 7.45 74.58
C ARG P 515 -38.94 6.90 73.29
N VAL P 516 -39.57 5.90 72.69
CA VAL P 516 -39.01 5.27 71.50
C VAL P 516 -39.29 6.11 70.26
N ASP P 517 -40.45 6.78 70.21
CA ASP P 517 -40.79 7.62 69.08
C ASP P 517 -39.89 8.85 69.00
N ASN P 518 -39.42 9.33 70.15
CA ASN P 518 -38.51 10.46 70.16
C ASN P 518 -37.09 10.03 69.80
N ASP P 519 -36.72 8.80 70.15
CA ASP P 519 -35.36 8.34 69.92
C ASP P 519 -35.17 7.81 68.51
N ARG P 520 -36.10 7.00 68.02
CA ARG P 520 -35.91 6.25 66.79
C ARG P 520 -37.03 6.44 65.76
N GLY P 521 -38.12 7.10 66.12
CA GLY P 521 -39.22 7.29 65.19
C GLY P 521 -40.40 6.42 65.52
N VAL P 522 -41.51 6.69 64.81
CA VAL P 522 -42.77 6.00 65.05
C VAL P 522 -42.85 4.67 64.31
N TRP P 523 -41.98 4.44 63.33
CA TRP P 523 -41.94 3.18 62.59
C TRP P 523 -41.09 2.10 63.27
N LYS P 524 -40.57 2.37 64.46
CA LYS P 524 -39.79 1.39 65.22
C LYS P 524 -40.70 0.69 66.23
N SER P 525 -40.64 -0.64 66.26
CA SER P 525 -41.49 -1.43 67.14
C SER P 525 -41.11 -1.20 68.61
N PRO P 526 -42.09 -1.00 69.49
CA PRO P 526 -41.78 -0.82 70.93
C PRO P 526 -41.64 -2.13 71.68
N ALA P 527 -40.64 -2.93 71.29
CA ALA P 527 -40.31 -4.17 71.96
C ALA P 527 -38.79 -4.28 72.01
N ASN P 528 -38.32 -5.28 72.78
CA ASN P 528 -36.90 -5.44 73.16
C ASN P 528 -36.39 -4.19 73.86
N ILE P 529 -37.13 -3.75 74.88
CA ILE P 529 -36.86 -2.52 75.62
C ILE P 529 -37.17 -2.78 77.09
N GLY P 530 -36.65 -1.91 77.96
CA GLY P 530 -36.80 -2.06 79.39
C GLY P 530 -37.80 -1.08 80.01
N LEU P 531 -38.23 -1.39 81.23
CA LEU P 531 -39.16 -0.56 81.98
C LEU P 531 -38.50 -0.07 83.26
N ASN P 532 -38.63 1.22 83.54
CA ASN P 532 -38.09 1.81 84.77
C ASN P 532 -39.08 1.71 85.91
N TYR P 533 -38.56 1.77 87.14
CA TYR P 533 -39.30 1.70 88.42
C TYR P 533 -39.99 0.34 88.64
N VAL P 534 -39.55 -0.71 87.95
CA VAL P 534 -40.20 -2.01 88.00
C VAL P 534 -39.21 -3.02 88.57
N SER P 535 -39.64 -3.77 89.60
CA SER P 535 -38.75 -4.77 90.18
C SER P 535 -38.87 -6.12 89.46
N LYS P 536 -40.08 -6.56 89.16
CA LYS P 536 -40.31 -7.85 88.50
C LYS P 536 -41.74 -7.85 87.93
N PRO P 537 -42.03 -8.75 87.00
CA PRO P 537 -43.43 -9.04 86.69
C PRO P 537 -44.09 -9.80 87.85
N SER P 538 -45.42 -9.73 87.90
CA SER P 538 -46.16 -10.39 88.98
C SER P 538 -46.31 -11.88 88.75
N VAL P 539 -46.30 -12.33 87.50
CA VAL P 539 -46.43 -13.73 87.14
C VAL P 539 -45.24 -14.06 86.24
N THR P 540 -44.72 -15.28 86.39
CA THR P 540 -43.65 -15.78 85.53
C THR P 540 -44.28 -16.42 84.29
N VAL P 541 -43.80 -16.01 83.11
CA VAL P 541 -44.23 -16.56 81.83
C VAL P 541 -43.00 -17.16 81.17
N SER P 542 -43.07 -18.45 80.86
CA SER P 542 -41.94 -19.15 80.28
C SER P 542 -41.94 -19.04 78.76
N HIS P 543 -40.96 -19.71 78.14
CA HIS P 543 -40.87 -19.74 76.69
C HIS P 543 -42.04 -20.49 76.08
N GLU P 544 -42.43 -21.60 76.69
CA GLU P 544 -43.41 -22.51 76.12
C GLU P 544 -44.84 -21.99 76.19
N GLU P 545 -45.19 -21.18 77.19
CA GLU P 545 -46.54 -20.65 77.29
C GLU P 545 -46.73 -19.29 76.64
N GLN P 546 -45.67 -18.68 76.09
CA GLN P 546 -45.85 -17.48 75.28
C GLN P 546 -46.24 -17.81 73.84
N GLU P 547 -46.15 -19.08 73.43
CA GLU P 547 -46.43 -19.45 72.04
C GLU P 547 -47.90 -19.28 71.70
N SER P 548 -48.81 -19.66 72.60
CA SER P 548 -50.22 -19.45 72.35
C SER P 548 -50.66 -18.03 72.68
N MET P 549 -49.78 -17.25 73.31
CA MET P 549 -50.04 -15.81 73.47
C MET P 549 -49.74 -15.06 72.17
N ASN P 550 -48.63 -15.38 71.50
CA ASN P 550 -48.20 -14.60 70.35
C ASN P 550 -48.97 -14.99 69.09
N VAL P 551 -49.16 -16.29 68.87
CA VAL P 551 -49.78 -16.82 67.66
C VAL P 551 -50.96 -17.69 68.08
N HIS P 552 -52.14 -17.41 67.52
CA HIS P 552 -53.37 -18.07 67.94
C HIS P 552 -54.33 -18.16 66.76
N GLY P 553 -55.28 -19.09 66.85
CA GLY P 553 -56.22 -19.31 65.76
C GLY P 553 -57.26 -18.21 65.63
N THR P 554 -57.57 -17.51 66.72
CA THR P 554 -58.46 -16.36 66.64
C THR P 554 -57.76 -15.15 66.06
N GLY P 555 -56.43 -15.11 66.14
CA GLY P 555 -55.68 -13.94 65.76
C GLY P 555 -55.54 -12.89 66.84
N LYS P 556 -56.09 -13.12 68.04
CA LYS P 556 -56.04 -12.13 69.12
C LYS P 556 -54.79 -12.35 69.97
N SER P 557 -53.75 -11.57 69.67
CA SER P 557 -52.44 -11.73 70.28
C SER P 557 -52.30 -10.89 71.55
N VAL P 558 -51.57 -11.43 72.52
CA VAL P 558 -51.30 -10.75 73.78
C VAL P 558 -49.79 -10.64 73.96
N ASN P 559 -49.31 -9.43 74.23
CA ASN P 559 -47.88 -9.19 74.40
C ASN P 559 -47.45 -9.46 75.84
N ALA P 560 -46.31 -10.13 75.99
CA ALA P 560 -45.84 -10.62 77.29
C ALA P 560 -44.69 -9.79 77.85
N ILE P 561 -44.72 -9.57 79.15
CA ILE P 561 -43.63 -8.94 79.89
C ILE P 561 -42.85 -10.04 80.60
N ARG P 562 -41.55 -10.17 80.30
CA ARG P 562 -40.76 -11.30 80.75
C ARG P 562 -39.44 -10.85 81.35
N SER P 563 -38.77 -11.80 82.02
CA SER P 563 -37.45 -11.59 82.61
C SER P 563 -36.45 -12.53 81.95
N PHE P 564 -35.22 -12.06 81.77
CA PHE P 564 -34.14 -12.81 81.16
C PHE P 564 -32.89 -12.64 81.99
N VAL P 565 -32.11 -13.71 82.13
CA VAL P 565 -30.90 -13.68 82.94
C VAL P 565 -29.84 -12.81 82.28
N GLY P 566 -29.37 -11.80 83.01
CA GLY P 566 -28.39 -10.87 82.51
C GLY P 566 -28.96 -9.65 81.83
N LYS P 567 -30.28 -9.54 81.73
CA LYS P 567 -30.92 -8.49 80.95
C LYS P 567 -32.04 -7.77 81.68
N GLY P 568 -32.63 -8.35 82.72
CA GLY P 568 -33.71 -7.72 83.44
C GLY P 568 -35.08 -7.95 82.82
N THR P 569 -36.02 -7.11 83.23
CA THR P 569 -37.40 -7.20 82.78
C THR P 569 -37.58 -6.41 81.48
N LEU P 570 -38.14 -7.07 80.47
CA LEU P 570 -38.29 -6.48 79.14
C LEU P 570 -39.71 -6.65 78.63
N VAL P 571 -40.05 -5.80 77.66
CA VAL P 571 -41.25 -6.00 76.84
C VAL P 571 -40.87 -6.91 75.68
N TRP P 572 -41.59 -8.02 75.53
CA TRP P 572 -41.28 -9.03 74.50
C TRP P 572 -42.57 -9.35 73.73
N GLY P 573 -42.89 -8.54 72.74
CA GLY P 573 -44.07 -8.66 71.91
C GLY P 573 -44.51 -7.31 71.37
N ALA P 574 -44.85 -7.28 70.09
CA ALA P 574 -45.24 -6.03 69.43
C ALA P 574 -46.38 -6.23 68.41
N ARG P 575 -47.43 -6.94 68.80
CA ARG P 575 -48.54 -7.19 67.89
C ARG P 575 -49.80 -6.46 68.32
N THR P 576 -50.70 -6.23 67.37
CA THR P 576 -52.06 -5.76 67.66
C THR P 576 -53.00 -6.96 67.83
N LEU P 577 -54.28 -6.68 68.05
CA LEU P 577 -55.31 -7.71 68.20
C LEU P 577 -55.85 -8.23 66.87
N ALA P 578 -55.23 -7.86 65.76
CA ALA P 578 -55.51 -8.42 64.44
C ALA P 578 -54.26 -9.13 63.94
N GLY P 579 -53.73 -10.01 64.80
CA GLY P 579 -52.42 -10.63 64.69
C GLY P 579 -52.22 -11.63 63.57
N ASN P 580 -53.24 -11.98 62.79
CA ASN P 580 -53.05 -12.79 61.59
C ASN P 580 -53.28 -12.00 60.30
N ASP P 581 -53.29 -10.67 60.37
CA ASP P 581 -53.50 -9.80 59.21
C ASP P 581 -52.16 -9.44 58.58
N ASN P 582 -52.05 -9.59 57.27
CA ASN P 582 -50.76 -9.29 56.62
C ASN P 582 -50.55 -7.78 56.47
N GLU P 583 -51.61 -6.98 56.63
CA GLU P 583 -51.44 -5.54 56.55
C GLU P 583 -51.32 -4.90 57.93
N TRP P 584 -52.00 -5.45 58.94
CA TRP P 584 -52.20 -4.72 60.18
C TRP P 584 -51.80 -5.48 61.45
N ARG P 585 -50.81 -6.37 61.40
CA ARG P 585 -50.50 -7.14 62.60
C ARG P 585 -49.48 -6.47 63.51
N TYR P 586 -48.74 -5.48 63.03
CA TYR P 586 -47.71 -4.83 63.82
C TYR P 586 -48.17 -3.46 64.28
N ILE P 587 -47.80 -3.12 65.52
CA ILE P 587 -48.20 -1.86 66.14
C ILE P 587 -47.59 -0.67 65.40
N SER P 588 -46.34 -0.81 64.95
CA SER P 588 -45.62 0.33 64.38
C SER P 588 -46.10 0.65 62.96
N VAL P 589 -46.60 -0.35 62.24
CA VAL P 589 -47.18 -0.11 60.91
C VAL P 589 -48.48 0.67 61.02
N ARG P 590 -49.35 0.27 61.96
CA ARG P 590 -50.63 0.94 62.19
C ARG P 590 -50.45 2.38 62.68
N ARG P 591 -49.45 2.62 63.52
CA ARG P 591 -49.29 3.96 64.07
C ARG P 591 -48.58 4.89 63.09
N PHE P 592 -47.82 4.34 62.13
CA PHE P 592 -47.25 5.17 61.07
C PHE P 592 -48.32 5.58 60.05
N PHE P 593 -49.28 4.69 59.75
CA PHE P 593 -50.40 5.05 58.90
C PHE P 593 -51.31 6.09 59.54
N ASN P 594 -51.43 6.07 60.87
CA ASN P 594 -52.22 7.08 61.57
C ASN P 594 -51.55 8.45 61.48
N MET P 595 -50.22 8.50 61.49
CA MET P 595 -49.52 9.78 61.39
C MET P 595 -49.59 10.34 59.98
N ALA P 596 -49.30 9.51 58.98
CA ALA P 596 -49.16 9.97 57.61
C ALA P 596 -50.49 10.40 57.00
N GLU P 597 -51.59 9.73 57.37
CA GLU P 597 -52.88 10.05 56.80
C GLU P 597 -53.44 11.36 57.36
N GLU P 598 -53.19 11.63 58.65
CA GLU P 598 -53.71 12.85 59.25
C GLU P 598 -52.93 14.09 58.78
N SER P 599 -51.62 13.94 58.57
CA SER P 599 -50.80 15.06 58.11
C SER P 599 -51.15 15.47 56.69
N ILE P 600 -51.46 14.49 55.84
CA ILE P 600 -51.84 14.78 54.46
C ILE P 600 -53.25 15.37 54.40
N LYS P 601 -54.13 14.91 55.28
CA LYS P 601 -55.52 15.39 55.29
C LYS P 601 -55.62 16.86 55.70
N LYS P 602 -54.80 17.27 56.68
CA LYS P 602 -54.82 18.68 57.10
C LYS P 602 -54.23 19.60 56.05
N ALA P 603 -53.24 19.12 55.28
CA ALA P 603 -52.61 19.95 54.26
C ALA P 603 -53.49 20.11 53.02
N THR P 604 -54.54 19.29 52.89
CA THR P 604 -55.38 19.22 51.71
C THR P 604 -56.61 20.13 51.78
N GLU P 605 -56.95 20.69 52.96
CA GLU P 605 -58.16 21.51 53.05
C GLU P 605 -58.00 22.88 52.39
N GLN P 606 -56.80 23.26 51.98
CA GLN P 606 -56.65 24.50 51.23
C GLN P 606 -57.05 24.35 49.77
N PHE P 607 -57.42 23.14 49.33
CA PHE P 607 -57.74 22.84 47.94
C PHE P 607 -59.22 22.53 47.70
N VAL P 608 -60.12 22.81 48.67
CA VAL P 608 -61.46 22.23 48.63
C VAL P 608 -62.33 22.80 47.50
N PHE P 609 -62.40 24.12 47.38
CA PHE P 609 -63.20 24.73 46.33
C PHE P 609 -62.35 25.28 45.18
N GLU P 610 -61.17 24.71 44.97
CA GLU P 610 -60.26 25.12 43.90
C GLU P 610 -60.76 24.59 42.55
N PRO P 611 -60.27 25.14 41.44
CA PRO P 611 -60.59 24.56 40.12
C PRO P 611 -60.04 23.15 39.95
N ASN P 612 -60.91 22.24 39.51
CA ASN P 612 -60.59 20.82 39.39
C ASN P 612 -60.07 20.53 37.98
N ASP P 613 -58.87 21.04 37.70
CA ASP P 613 -58.28 20.93 36.36
C ASP P 613 -56.81 20.53 36.47
N GLY P 614 -56.12 20.56 35.33
CA GLY P 614 -54.77 20.01 35.26
C GLY P 614 -53.73 20.81 36.01
N ASN P 615 -54.00 22.10 36.24
CA ASN P 615 -53.07 22.93 37.00
C ASN P 615 -53.09 22.56 38.48
N THR P 616 -54.26 22.19 39.01
CA THR P 616 -54.36 21.77 40.41
C THR P 616 -53.76 20.38 40.61
N TRP P 617 -53.94 19.48 39.65
CA TRP P 617 -53.52 18.08 39.83
C TRP P 617 -52.00 17.95 39.84
N VAL P 618 -51.30 18.87 39.19
CA VAL P 618 -49.83 18.85 39.19
C VAL P 618 -49.29 19.28 40.55
N ARG P 619 -49.92 20.28 41.17
CA ARG P 619 -49.42 20.78 42.44
C ARG P 619 -49.84 19.89 43.61
N VAL P 620 -50.98 19.20 43.49
CA VAL P 620 -51.41 18.27 44.53
C VAL P 620 -50.49 17.05 44.57
N ARG P 621 -50.10 16.55 43.39
CA ARG P 621 -49.22 15.39 43.30
C ARG P 621 -47.82 15.70 43.85
N ALA P 622 -47.33 16.92 43.60
CA ALA P 622 -45.98 17.26 44.02
C ALA P 622 -45.90 17.55 45.52
N MET P 623 -47.00 18.01 46.12
CA MET P 623 -47.01 18.22 47.58
C MET P 623 -46.94 16.90 48.34
N ILE P 624 -47.65 15.88 47.86
CA ILE P 624 -47.65 14.58 48.54
C ILE P 624 -46.34 13.83 48.27
N GLU P 625 -45.77 14.01 47.08
CA GLU P 625 -44.54 13.31 46.72
C GLU P 625 -43.33 13.85 47.48
N ASN P 626 -43.32 15.17 47.76
CA ASN P 626 -42.21 15.76 48.51
C ASN P 626 -42.23 15.31 49.95
N PHE P 627 -43.42 15.05 50.50
CA PHE P 627 -43.53 14.60 51.88
C PHE P 627 -43.07 13.16 52.03
N LEU P 628 -43.40 12.29 51.08
CA LEU P 628 -43.07 10.87 51.18
C LEU P 628 -41.61 10.59 50.87
N ILE P 629 -40.95 11.52 50.17
CA ILE P 629 -39.52 11.39 49.87
C ILE P 629 -38.70 11.59 51.15
N LEU P 630 -39.17 12.46 52.05
CA LEU P 630 -38.51 12.63 53.35
C LEU P 630 -38.69 11.39 54.23
N GLN P 631 -39.82 10.70 54.11
CA GLN P 631 -40.05 9.51 54.93
C GLN P 631 -39.19 8.34 54.44
N TRP P 632 -38.95 8.26 53.13
CA TRP P 632 -38.07 7.25 52.58
C TRP P 632 -36.62 7.47 53.01
N ARG P 633 -36.19 8.74 53.11
CA ARG P 633 -34.80 9.01 53.44
C ARG P 633 -34.52 8.80 54.92
N ALA P 634 -35.55 8.94 55.77
CA ALA P 634 -35.39 8.69 57.19
C ALA P 634 -35.43 7.21 57.54
N GLY P 635 -35.82 6.34 56.62
CA GLY P 635 -35.82 4.91 56.86
C GLY P 635 -37.18 4.28 57.12
N ALA P 636 -38.29 5.02 56.95
CA ALA P 636 -39.60 4.45 57.24
C ALA P 636 -40.13 3.65 56.05
N LEU P 637 -39.64 3.92 54.85
CA LEU P 637 -40.06 3.19 53.65
C LEU P 637 -38.87 2.43 53.08
N ALA P 638 -39.09 1.18 52.72
CA ALA P 638 -38.05 0.30 52.22
C ALA P 638 -37.96 0.42 50.70
N GLY P 639 -36.75 0.58 50.19
CA GLY P 639 -36.55 0.65 48.76
C GLY P 639 -35.17 1.17 48.43
N ALA P 640 -34.64 0.68 47.30
CA ALA P 640 -33.34 1.17 46.84
C ALA P 640 -33.48 2.49 46.09
N LYS P 641 -34.67 2.78 45.58
CA LYS P 641 -34.95 3.98 44.80
C LYS P 641 -36.36 4.44 45.14
N PRO P 642 -36.71 5.72 44.91
CA PRO P 642 -38.03 6.22 45.37
C PRO P 642 -39.25 5.59 44.72
N GLU P 643 -39.14 5.09 43.49
CA GLU P 643 -40.32 4.51 42.85
C GLU P 643 -40.57 3.08 43.30
N HIS P 644 -39.64 2.51 44.06
CA HIS P 644 -39.89 1.22 44.70
C HIS P 644 -40.65 1.41 46.01
N ALA P 645 -40.66 2.63 46.54
CA ALA P 645 -41.19 2.83 47.89
C ALA P 645 -42.64 3.32 47.88
N PHE P 646 -43.03 4.10 46.87
CA PHE P 646 -44.38 4.65 46.85
C PHE P 646 -44.81 4.97 45.43
N TYR P 647 -46.09 5.34 45.28
CA TYR P 647 -46.62 5.93 44.06
C TYR P 647 -47.76 6.87 44.41
N VAL P 648 -48.01 7.86 43.54
CA VAL P 648 -49.11 8.82 43.68
C VAL P 648 -49.74 9.01 42.30
N LYS P 649 -51.07 8.87 42.22
CA LYS P 649 -51.82 9.03 40.96
C LYS P 649 -53.02 9.93 41.17
N VAL P 650 -53.18 10.92 40.31
CA VAL P 650 -54.37 11.79 40.29
C VAL P 650 -54.52 12.39 38.89
N GLY P 651 -55.72 12.39 38.36
CA GLY P 651 -55.97 13.03 37.08
C GLY P 651 -57.14 12.41 36.35
N LEU P 652 -57.56 13.12 35.29
CA LEU P 652 -58.61 12.63 34.39
C LEU P 652 -58.04 11.58 33.46
N GLY P 653 -58.72 10.44 33.38
CA GLY P 653 -58.21 9.29 32.66
C GLY P 653 -57.25 8.42 33.46
N GLN P 654 -56.93 8.79 34.70
CA GLN P 654 -56.12 7.98 35.59
C GLN P 654 -56.89 7.54 36.83
N THR P 655 -57.55 8.48 37.53
CA THR P 655 -58.37 8.17 38.68
C THR P 655 -59.81 8.64 38.54
N MET P 656 -60.14 9.41 37.50
CA MET P 656 -61.42 10.12 37.42
C MET P 656 -62.01 9.98 36.02
N THR P 657 -63.34 10.08 35.94
CA THR P 657 -64.05 10.21 34.69
C THR P 657 -64.57 11.64 34.51
N ALA P 658 -65.12 11.92 33.33
CA ALA P 658 -65.69 13.25 33.08
C ALA P 658 -66.99 13.44 33.85
N GLN P 659 -67.72 12.36 34.08
CA GLN P 659 -68.91 12.42 34.95
C GLN P 659 -68.52 12.73 36.38
N ASP P 660 -67.32 12.32 36.81
CA ASP P 660 -66.84 12.63 38.16
C ASP P 660 -66.56 14.12 38.33
N ILE P 661 -66.10 14.78 37.26
CA ILE P 661 -65.77 16.21 37.32
C ILE P 661 -67.04 17.05 37.50
N LEU P 662 -68.13 16.67 36.80
CA LEU P 662 -69.38 17.41 36.91
C LEU P 662 -70.00 17.29 38.29
N GLU P 663 -69.78 16.16 38.98
CA GLU P 663 -70.28 15.99 40.34
C GLU P 663 -69.43 16.68 41.39
N GLY P 664 -68.20 17.09 41.05
CA GLY P 664 -67.33 17.74 42.01
C GLY P 664 -66.40 16.82 42.78
N ASN P 665 -65.98 15.71 42.20
CA ASN P 665 -65.12 14.73 42.86
C ASN P 665 -63.71 14.81 42.31
N MET P 666 -62.73 14.70 43.21
CA MET P 666 -61.32 14.55 42.86
C MET P 666 -60.74 13.38 43.66
N ASN P 667 -60.19 12.38 42.94
CA ASN P 667 -59.71 11.14 43.53
C ASN P 667 -58.18 11.10 43.50
N VAL P 668 -57.56 10.82 44.65
CA VAL P 668 -56.11 10.66 44.76
C VAL P 668 -55.82 9.27 45.33
N GLU P 669 -54.90 8.55 44.70
CA GLU P 669 -54.54 7.18 45.09
C GLU P 669 -53.08 7.13 45.51
N ILE P 670 -52.83 6.52 46.67
CA ILE P 670 -51.50 6.52 47.31
C ILE P 670 -51.20 5.09 47.80
N GLY P 671 -50.08 4.54 47.35
CA GLY P 671 -49.62 3.23 47.81
C GLY P 671 -48.27 3.26 48.51
N LEU P 672 -48.11 2.53 49.61
CA LEU P 672 -46.94 2.63 50.46
C LEU P 672 -46.32 1.27 50.73
N ALA P 673 -45.01 1.26 50.98
CA ALA P 673 -44.24 0.06 51.33
C ALA P 673 -43.49 0.33 52.63
N VAL P 674 -44.09 -0.02 53.75
CA VAL P 674 -43.60 0.34 55.08
C VAL P 674 -42.74 -0.80 55.62
N VAL P 675 -41.67 -0.45 56.35
CA VAL P 675 -40.71 -1.45 56.85
C VAL P 675 -41.30 -2.26 58.01
N ARG P 676 -41.09 -3.56 57.98
CA ARG P 676 -41.56 -4.50 58.98
C ARG P 676 -40.45 -4.88 59.95
N PRO P 677 -40.78 -5.29 61.17
CA PRO P 677 -39.74 -5.75 62.09
C PRO P 677 -39.25 -7.15 61.78
N ALA P 678 -38.08 -7.49 62.35
CA ALA P 678 -37.49 -8.82 62.24
C ALA P 678 -37.76 -9.59 63.53
N GLU P 679 -38.85 -10.37 63.50
CA GLU P 679 -39.36 -11.00 64.71
C GLU P 679 -38.69 -12.35 64.98
N PHE P 680 -38.42 -13.13 63.93
CA PHE P 680 -37.78 -14.43 64.06
C PHE P 680 -36.52 -14.44 63.20
N ILE P 681 -35.38 -14.79 63.81
CA ILE P 681 -34.10 -14.85 63.11
C ILE P 681 -33.64 -16.31 63.13
N ILE P 682 -33.43 -16.88 61.94
CA ILE P 682 -33.17 -18.30 61.77
C ILE P 682 -31.78 -18.48 61.19
N LEU P 683 -30.87 -19.06 61.97
CA LEU P 683 -29.50 -19.34 61.54
C LEU P 683 -29.39 -20.76 61.01
N LYS P 684 -28.92 -20.92 59.78
CA LYS P 684 -28.83 -22.22 59.11
C LYS P 684 -27.37 -22.58 58.86
N PHE P 685 -26.88 -23.60 59.55
CA PHE P 685 -25.48 -24.02 59.50
C PHE P 685 -25.32 -25.28 58.66
N SER P 686 -24.21 -25.35 57.92
CA SER P 686 -23.92 -26.50 57.07
C SER P 686 -22.43 -26.61 56.81
N HIS P 687 -22.01 -27.81 56.43
CA HIS P 687 -20.62 -28.11 56.06
C HIS P 687 -20.40 -27.78 54.59
N LYS P 688 -19.22 -27.27 54.25
CA LYS P 688 -18.81 -27.10 52.87
C LYS P 688 -17.52 -27.88 52.61
N MET P 689 -17.34 -28.30 51.35
CA MET P 689 -16.20 -29.13 50.99
C MET P 689 -14.91 -28.33 50.98
N GLN P 690 -13.81 -28.98 51.36
CA GLN P 690 -12.50 -28.36 51.44
C GLN P 690 -11.93 -28.08 50.05
N ALA Q 2 -39.39 -26.32 62.75
CA ALA Q 2 -39.70 -25.64 61.51
C ALA Q 2 -40.79 -24.58 61.69
N THR Q 3 -41.46 -24.63 62.84
CA THR Q 3 -42.52 -23.69 63.19
C THR Q 3 -42.08 -22.89 64.41
N TYR Q 4 -42.17 -21.56 64.31
CA TYR Q 4 -41.72 -20.67 65.36
C TYR Q 4 -42.84 -19.71 65.73
N LYS Q 5 -43.17 -19.65 67.01
CA LYS Q 5 -44.22 -18.80 67.54
C LYS Q 5 -43.74 -17.75 68.53
N THR Q 6 -42.75 -18.09 69.37
CA THR Q 6 -42.23 -17.07 70.26
C THR Q 6 -41.00 -16.38 69.65
N PRO Q 7 -40.86 -15.07 69.87
CA PRO Q 7 -39.75 -14.32 69.23
C PRO Q 7 -38.38 -14.68 69.79
N GLY Q 8 -37.40 -14.67 68.91
CA GLY Q 8 -36.02 -14.89 69.31
C GLY Q 8 -35.16 -15.36 68.14
N VAL Q 9 -34.06 -16.00 68.48
CA VAL Q 9 -33.09 -16.55 67.53
C VAL Q 9 -33.15 -18.07 67.61
N TYR Q 10 -33.05 -18.74 66.47
CA TYR Q 10 -33.11 -20.19 66.41
C TYR Q 10 -31.95 -20.72 65.55
N ILE Q 11 -31.60 -21.99 65.79
CA ILE Q 11 -30.47 -22.65 65.14
C ILE Q 11 -30.97 -23.90 64.42
N GLU Q 12 -30.64 -24.02 63.14
CA GLU Q 12 -30.99 -25.18 62.31
C GLU Q 12 -29.71 -25.77 61.71
N GLU Q 13 -29.65 -27.09 61.63
CA GLU Q 13 -28.55 -27.79 60.96
C GLU Q 13 -29.09 -28.52 59.74
N ILE Q 14 -28.40 -28.38 58.62
CA ILE Q 14 -28.81 -28.98 57.34
C ILE Q 14 -27.80 -30.04 56.96
N THR Q 15 -28.29 -31.23 56.58
CA THR Q 15 -27.47 -32.38 56.23
C THR Q 15 -27.17 -32.40 54.74
N LYS Q 16 -25.90 -32.42 54.38
CA LYS Q 16 -25.49 -32.42 52.97
C LYS Q 16 -24.62 -33.60 52.59
N PHE Q 17 -23.65 -33.97 53.42
CA PHE Q 17 -22.69 -35.01 53.04
C PHE Q 17 -23.34 -36.39 53.15
N PRO Q 18 -23.01 -37.32 52.26
CA PRO Q 18 -23.47 -38.70 52.42
C PRO Q 18 -22.65 -39.43 53.49
N PRO Q 19 -23.19 -40.48 54.08
CA PRO Q 19 -22.39 -41.33 54.96
C PRO Q 19 -21.47 -42.24 54.15
N SER Q 20 -20.62 -42.98 54.86
CA SER Q 20 -19.66 -43.87 54.23
C SER Q 20 -19.94 -45.32 54.60
N VAL Q 21 -19.54 -46.23 53.71
CA VAL Q 21 -19.70 -47.67 53.88
C VAL Q 21 -18.53 -48.23 54.66
N ALA Q 22 -18.80 -49.19 55.55
CA ALA Q 22 -17.78 -49.85 56.36
C ALA Q 22 -17.60 -51.29 55.87
N GLN Q 23 -16.35 -51.66 55.57
CA GLN Q 23 -16.06 -52.94 54.93
C GLN Q 23 -16.04 -54.10 55.93
N VAL Q 24 -16.56 -55.25 55.50
CA VAL Q 24 -16.67 -56.43 56.35
C VAL Q 24 -15.48 -57.35 56.14
N GLU Q 25 -15.27 -58.25 57.10
CA GLU Q 25 -14.23 -59.28 57.00
C GLU Q 25 -14.56 -60.29 55.90
N THR Q 26 -13.53 -60.89 55.31
CA THR Q 26 -13.73 -61.77 54.17
C THR Q 26 -13.42 -63.24 54.43
N ALA Q 27 -12.55 -63.58 55.38
CA ALA Q 27 -12.19 -64.98 55.61
C ALA Q 27 -12.21 -65.29 57.11
N ILE Q 28 -13.38 -65.66 57.62
CA ILE Q 28 -13.57 -66.20 58.95
C ILE Q 28 -14.24 -67.56 58.82
N PRO Q 29 -13.52 -68.66 59.03
CA PRO Q 29 -14.15 -69.98 58.90
C PRO Q 29 -14.81 -70.48 60.19
N ALA Q 30 -15.58 -71.56 60.04
CA ALA Q 30 -16.22 -72.24 61.16
C ALA Q 30 -15.95 -73.73 61.05
N PHE Q 31 -15.47 -74.33 62.14
CA PHE Q 31 -15.14 -75.76 62.20
C PHE Q 31 -16.18 -76.47 63.03
N ILE Q 32 -16.76 -77.54 62.49
CA ILE Q 32 -17.89 -78.25 63.09
C ILE Q 32 -17.51 -79.72 63.24
N GLY Q 33 -17.39 -80.19 64.48
CA GLY Q 33 -17.00 -81.56 64.73
C GLY Q 33 -16.84 -81.85 66.20
N TYR Q 34 -16.16 -82.97 66.50
CA TYR Q 34 -16.04 -83.50 67.85
C TYR Q 34 -14.77 -82.99 68.54
N THR Q 35 -14.88 -82.72 69.85
CA THR Q 35 -13.74 -82.27 70.64
C THR Q 35 -13.55 -83.19 71.85
N GLN Q 36 -12.55 -82.88 72.67
CA GLN Q 36 -12.27 -83.70 73.85
C GLN Q 36 -13.19 -83.35 75.03
N PHE Q 37 -13.28 -82.08 75.43
CA PHE Q 37 -14.24 -81.79 76.50
C PHE Q 37 -15.20 -80.61 76.34
N ALA Q 38 -14.80 -79.49 75.71
CA ALA Q 38 -15.66 -78.30 75.47
C ALA Q 38 -16.21 -77.68 76.78
N ARG Q 39 -15.30 -77.05 77.53
CA ARG Q 39 -15.67 -76.45 78.83
C ARG Q 39 -15.43 -74.94 78.83
N THR Q 40 -16.33 -74.19 79.49
CA THR Q 40 -16.12 -72.75 79.64
C THR Q 40 -15.09 -72.46 80.73
N LYS Q 41 -15.15 -73.17 81.85
CA LYS Q 41 -14.14 -73.07 82.89
C LYS Q 41 -13.34 -74.36 82.90
N PRO Q 42 -12.04 -74.31 82.62
CA PRO Q 42 -11.28 -75.56 82.40
C PRO Q 42 -11.08 -76.40 83.65
N SER Q 43 -11.17 -75.81 84.84
CA SER Q 43 -11.00 -76.59 86.05
C SER Q 43 -12.28 -77.34 86.43
N VAL Q 44 -13.43 -76.70 86.25
CA VAL Q 44 -14.72 -77.31 86.58
C VAL Q 44 -15.15 -78.24 85.45
N ASP Q 45 -15.47 -79.49 85.78
CA ASP Q 45 -15.71 -80.56 84.81
C ASP Q 45 -17.18 -80.56 84.38
N SER Q 46 -17.51 -79.71 83.41
CA SER Q 46 -18.87 -79.64 82.89
C SER Q 46 -18.82 -79.20 81.43
N ASP Q 47 -19.39 -80.00 80.54
CA ASP Q 47 -19.40 -79.72 79.11
C ASP Q 47 -20.59 -78.84 78.78
N ASP Q 48 -20.47 -77.55 79.06
CA ASP Q 48 -21.53 -76.59 78.75
C ASP Q 48 -21.31 -75.84 77.45
N LEU Q 49 -20.30 -76.21 76.67
CA LEU Q 49 -20.06 -75.63 75.35
C LEU Q 49 -20.40 -76.58 74.21
N ILE Q 50 -21.41 -77.44 74.39
CA ILE Q 50 -21.63 -78.55 73.46
C ILE Q 50 -22.11 -78.04 72.10
N LEU Q 51 -23.19 -77.27 72.06
CA LEU Q 51 -23.65 -76.71 70.79
C LEU Q 51 -23.71 -75.18 70.80
N LYS Q 52 -22.68 -74.54 71.34
CA LYS Q 52 -22.57 -73.08 71.38
C LYS Q 52 -21.37 -72.64 70.55
N PRO Q 53 -21.55 -71.76 69.57
CA PRO Q 53 -20.39 -71.26 68.81
C PRO Q 53 -19.54 -70.31 69.64
N LYS Q 54 -18.22 -70.48 69.55
CA LYS Q 54 -17.26 -69.69 70.30
C LYS Q 54 -16.13 -69.24 69.38
N ARG Q 55 -15.73 -67.98 69.54
CA ARG Q 55 -14.67 -67.39 68.73
C ARG Q 55 -13.33 -67.46 69.45
N ILE Q 56 -12.36 -68.14 68.83
CA ILE Q 56 -11.00 -68.28 69.38
C ILE Q 56 -10.04 -67.55 68.47
N SER Q 57 -8.77 -67.48 68.89
CA SER Q 57 -7.78 -66.69 68.16
C SER Q 57 -6.48 -67.42 67.85
N SER Q 58 -6.18 -68.52 68.55
CA SER Q 58 -4.94 -69.23 68.32
C SER Q 58 -5.12 -70.69 68.71
N LEU Q 59 -4.07 -71.48 68.50
CA LEU Q 59 -4.11 -72.89 68.87
C LEU Q 59 -4.06 -73.06 70.39
N LEU Q 60 -3.46 -72.10 71.09
CA LEU Q 60 -3.41 -72.18 72.55
C LEU Q 60 -4.78 -71.89 73.17
N ASP Q 61 -5.59 -71.08 72.48
CA ASP Q 61 -6.97 -70.86 72.93
C ASP Q 61 -7.82 -72.11 72.76
N PHE Q 62 -7.51 -72.93 71.75
CA PHE Q 62 -8.33 -74.11 71.50
C PHE Q 62 -8.12 -75.17 72.57
N THR Q 63 -6.87 -75.43 72.97
CA THR Q 63 -6.59 -76.52 73.91
C THR Q 63 -7.00 -76.14 75.33
N THR Q 64 -7.16 -74.84 75.61
CA THR Q 64 -7.68 -74.40 76.89
C THR Q 64 -9.13 -74.83 77.09
N TYR Q 65 -9.97 -74.59 76.08
CA TYR Q 65 -11.40 -74.86 76.21
C TYR Q 65 -11.79 -76.23 75.67
N TYR Q 66 -11.02 -76.81 74.75
CA TYR Q 66 -11.44 -78.03 74.07
C TYR Q 66 -10.48 -79.20 74.18
N GLY Q 67 -9.20 -78.96 74.46
CA GLY Q 67 -8.25 -80.05 74.62
C GLY Q 67 -7.51 -80.39 73.34
N GLY Q 68 -7.01 -81.63 73.29
CA GLY Q 68 -6.24 -82.11 72.16
C GLY Q 68 -6.83 -83.31 71.44
N ALA Q 69 -5.97 -84.12 70.81
CA ALA Q 69 -6.42 -85.28 70.05
C ALA Q 69 -6.60 -86.50 70.95
N GLN Q 70 -7.11 -87.58 70.35
CA GLN Q 70 -7.30 -88.84 71.04
C GLN Q 70 -6.08 -89.74 70.85
N ASN Q 71 -5.69 -90.43 71.93
CA ASN Q 71 -4.59 -91.38 71.87
C ASN Q 71 -4.94 -92.57 70.98
N GLU Q 72 -4.01 -92.97 70.13
CA GLU Q 72 -4.24 -94.10 69.24
C GLU Q 72 -4.14 -95.41 69.99
N GLN Q 73 -4.95 -96.39 69.58
CA GLN Q 73 -5.01 -97.69 70.23
C GLN Q 73 -4.51 -98.84 69.35
N GLY Q 74 -4.05 -98.56 68.14
CA GLY Q 74 -3.64 -99.59 67.20
C GLY Q 74 -2.15 -99.73 66.94
N ILE Q 75 -1.30 -99.40 67.92
CA ILE Q 75 0.18 -99.48 67.70
C ILE Q 75 0.73 -100.74 68.37
N THR Q 76 1.56 -101.51 67.65
CA THR Q 76 2.19 -102.71 68.16
C THR Q 76 3.70 -102.65 67.93
N VAL Q 77 4.46 -103.18 68.89
CA VAL Q 77 5.92 -103.19 68.85
C VAL Q 77 6.40 -104.63 68.96
N LYS Q 78 7.34 -105.02 68.09
CA LYS Q 78 7.90 -106.35 68.02
C LYS Q 78 9.42 -106.28 68.18
N LEU Q 79 9.98 -107.17 69.02
CA LEU Q 79 11.42 -107.29 69.22
C LEU Q 79 11.88 -108.71 68.93
N THR Q 80 12.99 -108.85 68.23
CA THR Q 80 13.55 -110.16 67.88
C THR Q 80 15.05 -110.16 68.04
N ASP Q 81 15.58 -111.12 68.79
CA ASP Q 81 17.01 -111.34 68.95
C ASP Q 81 17.43 -112.57 68.15
N THR Q 82 18.51 -112.45 67.38
CA THR Q 82 18.93 -113.48 66.44
C THR Q 82 20.44 -113.62 66.55
N LEU Q 83 20.96 -114.76 66.09
CA LEU Q 83 22.40 -114.99 65.99
C LEU Q 83 22.73 -115.36 64.54
N ILE Q 84 23.61 -114.58 63.92
CA ILE Q 84 24.03 -114.79 62.54
C ILE Q 84 25.53 -115.05 62.54
N GLU Q 85 25.89 -116.34 62.39
CA GLU Q 85 27.27 -116.89 62.45
C GLU Q 85 28.07 -116.34 63.63
N GLY Q 86 27.44 -116.35 64.81
CA GLY Q 86 28.09 -115.90 66.02
C GLY Q 86 28.01 -114.41 66.29
N ALA Q 87 27.30 -113.66 65.45
CA ALA Q 87 27.15 -112.22 65.62
C ALA Q 87 25.69 -111.89 65.97
N GLU Q 88 25.51 -110.97 66.91
CA GLU Q 88 24.17 -110.64 67.37
C GLU Q 88 23.46 -109.74 66.37
N ASN Q 89 22.13 -109.90 66.27
CA ASN Q 89 21.30 -109.05 65.41
C ASN Q 89 19.99 -108.81 66.13
N ARG Q 90 19.61 -107.53 66.25
CA ARG Q 90 18.36 -107.13 66.88
C ARG Q 90 17.48 -106.44 65.85
N THR Q 91 16.21 -106.84 65.79
CA THR Q 91 15.24 -106.30 64.84
C THR Q 91 14.09 -105.66 65.59
N ILE Q 92 13.74 -104.43 65.22
CA ILE Q 92 12.60 -103.71 65.79
C ILE Q 92 11.61 -103.44 64.67
N ASN Q 93 10.36 -103.87 64.84
CA ASN Q 93 9.34 -103.78 63.81
C ASN Q 93 8.11 -103.09 64.35
N VAL Q 94 7.84 -101.88 63.85
CA VAL Q 94 6.60 -101.16 64.14
C VAL Q 94 5.88 -100.92 62.82
N PRO Q 95 4.84 -101.68 62.50
CA PRO Q 95 4.08 -101.42 61.27
C PRO Q 95 3.17 -100.22 61.43
N GLU Q 96 2.77 -99.67 60.30
CA GLU Q 96 1.81 -98.58 60.31
C GLU Q 96 0.42 -99.13 60.66
N PRO Q 97 -0.33 -98.44 61.52
CA PRO Q 97 -1.59 -99.02 62.01
C PRO Q 97 -2.69 -99.02 60.95
N THR Q 98 -3.43 -100.12 60.89
CA THR Q 98 -4.56 -100.24 59.99
C THR Q 98 -5.87 -99.74 60.60
N PHE Q 99 -5.92 -99.55 61.92
CA PHE Q 99 -7.10 -99.02 62.59
C PHE Q 99 -6.71 -97.71 63.26
N LYS Q 100 -7.30 -96.61 62.79
CA LYS Q 100 -6.98 -95.27 63.26
C LYS Q 100 -8.19 -94.66 63.95
N SER Q 101 -7.96 -93.57 64.69
CA SER Q 101 -9.05 -92.83 65.30
C SER Q 101 -9.78 -92.01 64.24
N PRO Q 102 -11.11 -91.90 64.31
CA PRO Q 102 -11.84 -91.18 63.26
C PRO Q 102 -11.91 -89.67 63.46
N TYR Q 103 -11.27 -89.15 64.51
CA TYR Q 103 -11.36 -87.74 64.85
C TYR Q 103 -10.17 -86.99 64.27
N LEU Q 104 -10.44 -85.87 63.58
CA LEU Q 104 -9.41 -85.17 62.83
C LEU Q 104 -9.39 -83.66 63.09
N MET Q 105 -10.08 -83.18 64.12
CA MET Q 105 -10.29 -81.74 64.28
C MET Q 105 -9.04 -81.04 64.78
N PHE Q 106 -8.35 -81.64 65.76
CA PHE Q 106 -7.14 -81.02 66.30
C PHE Q 106 -6.00 -81.00 65.27
N TYR Q 107 -5.95 -82.03 64.41
CA TYR Q 107 -4.93 -82.04 63.36
C TYR Q 107 -5.20 -80.98 62.30
N SER Q 108 -6.48 -80.75 61.97
CA SER Q 108 -6.84 -79.79 60.94
C SER Q 108 -6.60 -78.35 61.39
N LEU Q 109 -6.73 -78.08 62.69
CA LEU Q 109 -6.46 -76.74 63.19
C LEU Q 109 -4.97 -76.45 63.25
N GLN Q 110 -4.15 -77.50 63.38
CA GLN Q 110 -2.70 -77.34 63.26
C GLN Q 110 -2.31 -76.95 61.85
N MET Q 111 -2.99 -77.51 60.85
CA MET Q 111 -2.69 -77.18 59.46
C MET Q 111 -3.18 -75.79 59.10
N TYR Q 112 -4.26 -75.34 59.73
CA TYR Q 112 -4.86 -74.03 59.43
C TYR Q 112 -3.97 -72.90 59.94
N PHE Q 113 -3.49 -73.00 61.17
CA PHE Q 113 -2.64 -71.94 61.72
C PHE Q 113 -1.25 -71.95 61.11
N ALA Q 114 -0.81 -73.09 60.58
CA ALA Q 114 0.51 -73.16 59.98
C ALA Q 114 0.53 -72.55 58.57
N ASN Q 115 -0.63 -72.36 57.97
CA ASN Q 115 -0.73 -71.82 56.62
C ASN Q 115 -1.22 -70.38 56.58
N GLY Q 116 -1.37 -69.74 57.74
CA GLY Q 116 -1.67 -68.32 57.79
C GLY Q 116 -3.05 -67.95 58.27
N GLY Q 117 -3.73 -68.81 59.02
CA GLY Q 117 -5.07 -68.50 59.47
C GLY Q 117 -5.11 -67.57 60.66
N GLY Q 118 -6.25 -66.89 60.81
CA GLY Q 118 -6.49 -65.99 61.91
C GLY Q 118 -7.61 -66.47 62.82
N PRO Q 119 -8.48 -65.55 63.22
CA PRO Q 119 -9.59 -65.92 64.11
C PRO Q 119 -10.66 -66.73 63.40
N CYS Q 120 -11.24 -67.68 64.13
CA CYS Q 120 -12.22 -68.62 63.58
C CYS Q 120 -13.21 -69.00 64.66
N TYR Q 121 -14.28 -69.68 64.25
CA TYR Q 121 -15.34 -70.11 65.16
C TYR Q 121 -15.33 -71.63 65.31
N ILE Q 122 -15.59 -72.09 66.52
CA ILE Q 122 -15.61 -73.51 66.86
C ILE Q 122 -17.03 -73.90 67.24
N VAL Q 123 -17.57 -74.93 66.59
CA VAL Q 123 -18.86 -75.51 66.93
C VAL Q 123 -18.64 -76.99 67.25
N SER Q 124 -18.65 -77.32 68.53
CA SER Q 124 -18.56 -78.71 68.95
C SER Q 124 -19.86 -79.44 68.61
N THR Q 125 -19.78 -80.76 68.45
CA THR Q 125 -20.98 -81.57 68.24
C THR Q 125 -21.09 -82.71 69.25
N GLY Q 126 -20.23 -82.76 70.24
CA GLY Q 126 -20.17 -83.86 71.16
C GLY Q 126 -18.73 -84.14 71.54
N VAL Q 127 -18.55 -85.15 72.37
CA VAL Q 127 -17.22 -85.51 72.85
C VAL Q 127 -16.84 -86.87 72.28
N TYR Q 128 -15.59 -87.27 72.55
CA TYR Q 128 -15.07 -88.52 72.02
C TYR Q 128 -15.74 -89.72 72.68
N ASP Q 129 -15.90 -90.79 71.91
CA ASP Q 129 -16.30 -92.08 72.43
C ASP Q 129 -15.07 -92.97 72.56
N ASP Q 130 -15.18 -93.98 73.41
CA ASP Q 130 -14.07 -94.88 73.70
C ASP Q 130 -14.02 -96.03 72.69
N TRP Q 131 -12.83 -96.59 72.53
CA TRP Q 131 -12.66 -97.80 71.72
C TRP Q 131 -13.19 -99.00 72.49
N SER Q 132 -13.90 -99.87 71.78
CA SER Q 132 -14.37 -101.10 72.41
C SER Q 132 -13.25 -102.11 72.62
N ASP Q 133 -12.39 -102.30 71.62
CA ASP Q 133 -11.14 -103.01 71.78
C ASP Q 133 -10.13 -102.44 70.79
N SER Q 134 -9.04 -103.18 70.56
CA SER Q 134 -7.91 -102.62 69.82
C SER Q 134 -8.15 -102.59 68.33
N GLU Q 135 -9.23 -103.22 67.84
CA GLU Q 135 -9.53 -103.23 66.41
C GLU Q 135 -10.92 -102.71 66.08
N THR Q 136 -11.58 -101.98 66.99
CA THR Q 136 -12.87 -101.37 66.71
C THR Q 136 -12.85 -99.92 67.17
N PRO Q 137 -12.54 -98.98 66.27
CA PRO Q 137 -12.63 -97.56 66.61
C PRO Q 137 -14.09 -97.11 66.68
N PRO Q 138 -14.38 -95.99 67.33
CA PRO Q 138 -15.76 -95.48 67.37
C PRO Q 138 -16.22 -94.95 66.03
N THR Q 139 -17.52 -94.65 65.95
CA THR Q 139 -18.17 -94.24 64.72
C THR Q 139 -18.63 -92.78 64.80
N ILE Q 140 -18.88 -92.20 63.63
CA ILE Q 140 -19.31 -90.82 63.48
C ILE Q 140 -20.75 -90.81 63.00
N ASN Q 141 -21.60 -90.01 63.64
CA ASN Q 141 -23.04 -90.03 63.38
C ASN Q 141 -23.42 -88.86 62.49
N PHE Q 142 -24.32 -89.11 61.54
CA PHE Q 142 -24.79 -88.07 60.62
C PHE Q 142 -25.67 -87.04 61.34
N SER Q 143 -26.40 -87.48 62.37
CA SER Q 143 -27.37 -86.60 63.01
C SER Q 143 -26.70 -85.55 63.91
N ASP Q 144 -25.46 -85.79 64.34
CA ASP Q 144 -24.73 -84.79 65.11
C ASP Q 144 -24.17 -83.67 64.25
N LEU Q 145 -23.65 -84.00 63.07
CA LEU Q 145 -23.07 -83.00 62.19
C LEU Q 145 -24.13 -82.09 61.56
N GLU Q 146 -25.32 -82.62 61.30
CA GLU Q 146 -26.37 -81.76 60.75
C GLU Q 146 -26.98 -80.88 61.83
N SER Q 147 -26.94 -81.32 63.08
CA SER Q 147 -27.37 -80.49 64.19
C SER Q 147 -26.42 -79.31 64.42
N GLY Q 148 -25.14 -79.49 64.08
CA GLY Q 148 -24.19 -78.40 64.21
C GLY Q 148 -24.37 -77.35 63.12
N LEU Q 149 -24.86 -77.77 61.95
CA LEU Q 149 -25.11 -76.85 60.85
C LEU Q 149 -26.32 -75.95 61.12
N ALA Q 150 -27.24 -76.40 61.96
CA ALA Q 150 -28.43 -75.61 62.25
C ALA Q 150 -28.15 -74.45 63.19
N VAL Q 151 -27.14 -74.59 64.07
CA VAL Q 151 -26.84 -73.51 65.01
C VAL Q 151 -25.92 -72.48 64.38
N ILE Q 152 -25.20 -72.85 63.32
CA ILE Q 152 -24.32 -71.88 62.67
C ILE Q 152 -25.11 -70.98 61.73
N ARG Q 153 -26.35 -71.34 61.43
CA ARG Q 153 -27.24 -70.51 60.62
C ARG Q 153 -27.63 -69.23 61.34
N LYS Q 154 -27.60 -69.24 62.66
CA LYS Q 154 -27.96 -68.10 63.48
C LYS Q 154 -26.80 -67.14 63.75
N GLU Q 155 -25.59 -67.48 63.33
CA GLU Q 155 -24.44 -66.60 63.51
C GLU Q 155 -24.20 -65.76 62.26
N ASP Q 156 -23.74 -64.53 62.47
CA ASP Q 156 -23.61 -63.54 61.40
C ASP Q 156 -22.22 -63.50 60.79
N GLU Q 157 -21.17 -63.59 61.60
CA GLU Q 157 -19.79 -63.30 61.21
C GLU Q 157 -19.03 -64.33 60.34
N PRO Q 158 -19.19 -65.67 60.46
CA PRO Q 158 -18.39 -66.56 59.60
C PRO Q 158 -18.73 -66.48 58.12
N THR Q 159 -17.71 -66.69 57.28
CA THR Q 159 -17.82 -66.65 55.83
C THR Q 159 -17.51 -67.98 55.16
N LEU Q 160 -17.06 -69.00 55.90
CA LEU Q 160 -16.64 -70.27 55.34
C LEU Q 160 -17.08 -71.44 56.22
N LEU Q 161 -17.55 -72.52 55.59
CA LEU Q 161 -18.11 -73.68 56.28
C LEU Q 161 -17.25 -74.92 56.01
N LEU Q 162 -16.88 -75.63 57.07
CA LEU Q 162 -16.03 -76.83 56.98
C LEU Q 162 -16.50 -77.91 57.96
N PHE Q 163 -16.28 -79.17 57.57
CA PHE Q 163 -16.59 -80.34 58.39
C PHE Q 163 -15.37 -81.26 58.40
N PRO Q 164 -14.50 -81.17 59.41
CA PRO Q 164 -13.22 -81.91 59.35
C PRO Q 164 -13.32 -83.42 59.58
N ASP Q 165 -14.43 -83.94 60.07
CA ASP Q 165 -14.54 -85.37 60.39
C ASP Q 165 -15.36 -86.12 59.34
N ALA Q 166 -15.78 -85.42 58.29
CA ALA Q 166 -16.83 -85.93 57.40
C ALA Q 166 -16.41 -87.08 56.50
N THR Q 167 -15.12 -87.23 56.18
CA THR Q 167 -14.69 -88.34 55.32
C THR Q 167 -14.73 -89.69 56.03
N ASN Q 168 -14.89 -89.72 57.34
CA ASN Q 168 -15.01 -90.96 58.08
C ASN Q 168 -16.46 -91.33 58.39
N LEU Q 169 -17.40 -90.78 57.64
CA LEU Q 169 -18.80 -91.12 57.75
C LEU Q 169 -19.05 -92.53 57.19
N PRO Q 170 -20.08 -93.24 57.67
CA PRO Q 170 -20.23 -94.66 57.29
C PRO Q 170 -20.54 -94.92 55.82
N THR Q 171 -21.45 -94.18 55.19
CA THR Q 171 -21.74 -94.36 53.78
C THR Q 171 -21.40 -93.09 53.02
N ASP Q 172 -21.24 -93.22 51.70
CA ASP Q 172 -20.94 -92.06 50.87
C ASP Q 172 -22.20 -91.23 50.62
N ASP Q 173 -23.38 -91.85 50.67
CA ASP Q 173 -24.62 -91.11 50.49
C ASP Q 173 -24.87 -90.12 51.63
N GLU Q 174 -24.43 -90.46 52.85
CA GLU Q 174 -24.50 -89.50 53.94
C GLU Q 174 -23.53 -88.35 53.74
N PHE Q 175 -22.38 -88.64 53.13
CA PHE Q 175 -21.35 -87.63 52.89
C PHE Q 175 -21.83 -86.58 51.88
N TYR Q 176 -22.46 -87.02 50.78
CA TYR Q 176 -22.93 -86.07 49.77
C TYR Q 176 -24.16 -85.31 50.24
N SER Q 177 -25.01 -85.95 51.03
CA SER Q 177 -26.23 -85.31 51.53
C SER Q 177 -25.91 -84.22 52.54
N LEU Q 178 -24.80 -84.35 53.26
CA LEU Q 178 -24.38 -83.31 54.19
C LEU Q 178 -23.91 -82.07 53.44
N TYR Q 179 -23.21 -82.26 52.32
CA TYR Q 179 -22.70 -81.11 51.57
C TYR Q 179 -23.78 -80.49 50.68
N ASN Q 180 -24.86 -81.23 50.40
CA ASN Q 180 -25.99 -80.61 49.73
C ASN Q 180 -26.73 -79.65 50.66
N SER Q 181 -26.68 -79.92 51.97
CA SER Q 181 -27.36 -79.06 52.93
C SER Q 181 -26.58 -77.78 53.18
N ALA Q 182 -25.25 -77.82 53.07
CA ALA Q 182 -24.44 -76.63 53.25
C ALA Q 182 -24.59 -75.66 52.09
N LEU Q 183 -24.76 -76.17 50.87
CA LEU Q 183 -24.94 -75.30 49.71
C LEU Q 183 -26.33 -74.66 49.69
N MET Q 184 -27.33 -75.31 50.30
CA MET Q 184 -28.64 -74.68 50.42
C MET Q 184 -28.65 -73.57 51.45
N GLN Q 185 -27.83 -73.70 52.51
CA GLN Q 185 -27.67 -72.61 53.47
C GLN Q 185 -26.92 -71.43 52.85
N CYS Q 186 -25.96 -71.71 51.97
CA CYS Q 186 -25.21 -70.63 51.33
C CYS Q 186 -26.06 -69.88 50.30
N ASN Q 187 -27.06 -70.56 49.73
CA ASN Q 187 -27.99 -69.90 48.82
C ASN Q 187 -28.94 -68.98 49.59
N ASP Q 188 -29.41 -69.43 50.77
CA ASP Q 188 -30.41 -68.66 51.51
C ASP Q 188 -29.80 -67.42 52.16
N LEU Q 189 -28.70 -67.58 52.88
CA LEU Q 189 -28.10 -66.46 53.59
C LEU Q 189 -27.32 -65.55 52.64
N GLN Q 190 -26.98 -66.07 51.46
CA GLN Q 190 -26.26 -65.44 50.34
C GLN Q 190 -25.02 -64.63 50.76
N ASP Q 191 -24.28 -65.10 51.77
CA ASP Q 191 -23.07 -64.41 52.21
C ASP Q 191 -21.93 -65.35 52.61
N ARG Q 192 -22.00 -66.64 52.24
CA ARG Q 192 -21.02 -67.63 52.67
C ARG Q 192 -20.52 -68.45 51.48
N PHE Q 193 -19.55 -69.32 51.75
CA PHE Q 193 -18.91 -70.16 50.74
C PHE Q 193 -18.47 -71.46 51.39
N THR Q 194 -18.49 -72.56 50.63
CA THR Q 194 -18.21 -73.90 51.14
C THR Q 194 -16.98 -74.49 50.45
N ILE Q 195 -16.15 -75.19 51.21
CA ILE Q 195 -14.97 -75.88 50.68
C ILE Q 195 -15.19 -77.40 50.84
N LEU Q 196 -15.08 -78.12 49.72
CA LEU Q 196 -15.41 -79.54 49.67
C LEU Q 196 -14.18 -80.40 49.40
N ASP Q 197 -14.27 -81.67 49.76
CA ASP Q 197 -13.31 -82.70 49.37
C ASP Q 197 -14.05 -83.86 48.72
N THR Q 198 -13.30 -84.85 48.28
CA THR Q 198 -13.87 -86.12 47.84
C THR Q 198 -14.03 -87.06 49.03
N TYR Q 199 -14.74 -88.16 48.80
CA TYR Q 199 -14.97 -89.13 49.87
C TYR Q 199 -13.69 -89.91 50.17
N SER Q 200 -12.89 -90.19 49.16
CA SER Q 200 -11.64 -90.89 49.31
C SER Q 200 -10.65 -90.35 48.29
N ASP Q 201 -9.38 -90.69 48.47
CA ASP Q 201 -8.36 -90.37 47.49
C ASP Q 201 -8.08 -91.52 46.53
N GLN Q 202 -8.60 -92.70 46.79
CA GLN Q 202 -8.47 -93.86 45.93
C GLN Q 202 -9.84 -94.43 45.62
N THR Q 203 -9.85 -95.47 44.77
CA THR Q 203 -11.06 -96.21 44.46
C THR Q 203 -11.59 -96.92 45.69
N TYR Q 204 -12.86 -96.69 46.01
CA TYR Q 204 -13.46 -97.23 47.22
C TYR Q 204 -14.64 -98.14 46.86
N ASN Q 205 -14.97 -99.03 47.79
CA ASN Q 205 -16.07 -99.97 47.61
C ASN Q 205 -17.36 -99.39 48.21
N ASP Q 206 -18.45 -99.48 47.44
CA ASP Q 206 -19.74 -98.98 47.85
C ASP Q 206 -20.63 -100.04 48.47
N GLY Q 207 -20.19 -101.30 48.49
CA GLY Q 207 -21.02 -102.41 48.88
C GLY Q 207 -21.54 -103.23 47.72
N VAL Q 208 -21.87 -102.57 46.61
CA VAL Q 208 -22.24 -103.26 45.37
C VAL Q 208 -21.19 -103.11 44.28
N GLU Q 209 -20.52 -101.97 44.17
CA GLU Q 209 -19.62 -101.69 43.06
C GLU Q 209 -18.38 -101.00 43.60
N ASP Q 210 -17.39 -100.84 42.72
CA ASP Q 210 -16.20 -100.05 42.99
C ASP Q 210 -16.29 -98.75 42.21
N LEU Q 211 -16.01 -97.63 42.87
CA LEU Q 211 -16.22 -96.32 42.28
C LEU Q 211 -14.94 -95.49 42.32
N ASP Q 212 -14.74 -94.70 41.28
CA ASP Q 212 -13.65 -93.73 41.24
C ASP Q 212 -14.08 -92.46 41.97
N PRO Q 213 -13.15 -91.74 42.64
CA PRO Q 213 -13.56 -90.61 43.50
C PRO Q 213 -14.13 -89.38 42.79
N ILE Q 214 -13.52 -89.02 41.66
CA ILE Q 214 -13.96 -87.81 40.92
C ILE Q 214 -15.35 -88.02 40.30
N PRO Q 215 -15.66 -89.09 39.52
CA PRO Q 215 -17.04 -89.24 38.99
C PRO Q 215 -18.10 -89.53 40.04
N ALA Q 216 -17.72 -90.00 41.23
CA ALA Q 216 -18.70 -90.25 42.28
C ALA Q 216 -19.12 -88.95 42.97
N LEU Q 217 -18.22 -87.97 43.03
CA LEU Q 217 -18.57 -86.67 43.58
C LEU Q 217 -19.46 -85.89 42.60
N ARG Q 218 -19.31 -86.14 41.30
CA ARG Q 218 -20.14 -85.45 40.32
C ARG Q 218 -21.56 -86.00 40.30
N ASN Q 219 -21.75 -87.25 40.74
CA ASN Q 219 -23.09 -87.82 40.87
C ASN Q 219 -23.77 -87.39 42.16
N GLY Q 220 -23.02 -87.30 43.26
CA GLY Q 220 -23.65 -87.07 44.57
C GLY Q 220 -24.16 -85.65 44.75
N ILE Q 221 -23.53 -84.67 44.14
CA ILE Q 221 -23.95 -83.27 44.21
C ILE Q 221 -24.86 -83.01 43.02
N ASN Q 222 -26.16 -82.92 43.25
CA ASN Q 222 -27.14 -82.92 42.16
C ASN Q 222 -28.03 -81.67 42.13
N LEU Q 223 -27.47 -80.49 42.34
CA LEU Q 223 -28.24 -79.25 42.31
C LEU Q 223 -27.88 -78.43 41.07
N THR Q 224 -28.67 -77.39 40.82
CA THR Q 224 -28.45 -76.51 39.67
C THR Q 224 -27.40 -75.43 40.00
N LYS Q 225 -27.14 -74.60 39.00
CA LYS Q 225 -26.08 -73.60 39.09
C LYS Q 225 -26.25 -72.60 40.24
N ASP Q 226 -27.48 -72.22 40.54
CA ASP Q 226 -27.73 -71.24 41.58
C ASP Q 226 -27.28 -71.74 42.97
N TYR Q 227 -26.96 -73.02 43.08
CA TYR Q 227 -26.38 -73.60 44.27
C TYR Q 227 -24.90 -73.96 44.11
N LEU Q 228 -24.50 -74.35 42.90
CA LEU Q 228 -23.14 -74.81 42.66
C LEU Q 228 -22.12 -73.68 42.67
N LYS Q 229 -22.57 -72.43 42.51
CA LYS Q 229 -21.66 -71.30 42.50
C LYS Q 229 -21.12 -70.94 43.87
N TYR Q 230 -21.62 -71.55 44.95
CA TYR Q 230 -21.19 -71.28 46.30
C TYR Q 230 -20.19 -72.30 46.85
N GLY Q 231 -19.62 -73.17 46.00
CA GLY Q 231 -18.68 -74.15 46.52
C GLY Q 231 -17.53 -74.42 45.58
N ALA Q 232 -16.47 -75.02 46.15
CA ALA Q 232 -15.26 -75.40 45.42
C ALA Q 232 -14.70 -76.70 46.02
N ALA Q 233 -14.09 -77.52 45.16
CA ALA Q 233 -13.63 -78.85 45.53
C ALA Q 233 -12.17 -79.05 45.14
N TYR Q 234 -11.45 -79.80 45.99
CA TYR Q 234 -10.01 -80.00 45.84
C TYR Q 234 -9.69 -81.48 45.92
N TYR Q 235 -8.59 -81.85 45.26
CA TYR Q 235 -8.17 -83.23 45.10
C TYR Q 235 -6.68 -83.25 44.80
N PRO Q 236 -5.93 -84.26 45.28
CA PRO Q 236 -6.14 -85.37 46.23
C PRO Q 236 -5.83 -84.99 47.69
N PHE Q 237 -5.52 -85.98 48.52
CA PHE Q 237 -5.19 -85.74 49.93
C PHE Q 237 -3.73 -85.29 50.04
N VAL Q 238 -3.34 -84.86 51.25
CA VAL Q 238 -1.98 -84.37 51.50
C VAL Q 238 -1.34 -85.12 52.66
N GLN Q 239 -0.04 -85.37 52.54
CA GLN Q 239 0.78 -86.04 53.58
C GLN Q 239 1.50 -84.93 54.37
N THR Q 240 1.43 -84.95 55.70
CA THR Q 240 1.90 -83.88 56.56
C THR Q 240 3.16 -84.30 57.32
N ILE Q 241 3.69 -83.39 58.13
CA ILE Q 241 4.87 -83.62 58.95
C ILE Q 241 4.50 -83.96 60.40
N LEU Q 242 3.22 -84.12 60.70
CA LEU Q 242 2.75 -84.30 62.07
C LEU Q 242 2.84 -85.75 62.51
N ASN Q 243 3.01 -85.94 63.82
CA ASN Q 243 3.02 -87.26 64.43
C ASN Q 243 1.66 -87.55 65.07
N TYR Q 244 1.34 -88.83 65.21
CA TYR Q 244 0.14 -89.29 65.90
C TYR Q 244 0.27 -89.05 67.40
N GLN Q 245 -0.87 -88.81 68.03
CA GLN Q 245 -0.96 -88.66 69.48
C GLN Q 245 -1.16 -90.02 70.13
N TYR Q 246 -0.32 -90.34 71.10
CA TYR Q 246 -0.38 -91.64 71.75
C TYR Q 246 0.15 -91.52 73.18
N SER Q 247 -0.13 -92.54 73.98
CA SER Q 247 0.32 -92.61 75.36
C SER Q 247 1.22 -93.82 75.55
N ALA Q 248 2.33 -93.64 76.26
CA ALA Q 248 3.28 -94.73 76.46
C ALA Q 248 2.82 -95.72 77.52
N ASP Q 249 1.79 -95.39 78.30
CA ASP Q 249 1.25 -96.29 79.30
C ASP Q 249 0.40 -97.42 78.70
N GLU Q 250 0.09 -97.35 77.40
CA GLU Q 250 -0.81 -98.31 76.77
C GLU Q 250 -0.13 -99.13 75.68
N ILE Q 251 1.19 -99.02 75.52
CA ILE Q 251 1.92 -99.77 74.52
C ILE Q 251 2.50 -101.00 75.20
N VAL Q 252 2.24 -102.18 74.63
CA VAL Q 252 2.73 -103.45 75.17
C VAL Q 252 3.78 -104.02 74.22
N ILE Q 253 4.89 -104.49 74.77
CA ILE Q 253 6.00 -105.04 74.01
C ILE Q 253 5.85 -106.55 73.94
N GLN Q 254 6.15 -107.15 72.78
CA GLN Q 254 6.33 -108.59 72.65
C GLN Q 254 7.76 -108.87 72.19
N HIS Q 255 8.48 -109.65 73.00
CA HIS Q 255 9.92 -109.83 72.87
C HIS Q 255 10.23 -111.32 72.68
N LEU Q 256 10.83 -111.66 71.54
CA LEU Q 256 11.29 -113.00 71.26
C LEU Q 256 12.81 -113.04 71.28
N SER Q 257 13.38 -113.86 72.16
CA SER Q 257 14.82 -113.90 72.35
C SER Q 257 15.29 -115.36 72.37
N TYR Q 258 16.55 -115.55 72.00
CA TYR Q 258 17.13 -116.89 72.05
C TYR Q 258 17.45 -117.29 73.49
N ASN Q 259 17.70 -116.31 74.37
CA ASN Q 259 17.94 -116.58 75.77
C ASN Q 259 16.67 -116.27 76.55
N PRO Q 260 15.85 -117.27 76.89
CA PRO Q 260 14.60 -116.98 77.60
C PRO Q 260 14.81 -116.83 79.10
N ASN Q 261 14.63 -115.62 79.61
CA ASN Q 261 14.65 -115.39 81.05
C ASN Q 261 13.44 -114.57 81.50
N ALA Q 262 12.29 -114.77 80.87
CA ALA Q 262 11.09 -114.03 81.24
C ALA Q 262 10.55 -114.47 82.58
N ILE Q 263 10.50 -115.79 82.81
CA ILE Q 263 9.95 -116.30 84.07
C ILE Q 263 10.98 -116.12 85.19
N ALA Q 264 12.27 -116.23 84.86
CA ALA Q 264 13.31 -116.07 85.86
C ALA Q 264 13.41 -114.63 86.35
N THR Q 265 13.22 -113.65 85.46
CA THR Q 265 13.23 -112.26 85.89
C THR Q 265 11.95 -111.92 86.64
N ALA Q 266 10.86 -112.59 86.30
CA ALA Q 266 9.62 -112.40 87.06
C ALA Q 266 9.70 -113.05 88.43
N LEU Q 267 10.52 -114.09 88.56
CA LEU Q 267 10.68 -114.74 89.87
C LEU Q 267 11.54 -113.88 90.80
N ASP Q 268 12.58 -113.24 90.26
CA ASP Q 268 13.53 -112.51 91.10
C ASP Q 268 12.89 -111.28 91.73
N ASN Q 269 11.97 -110.63 91.02
CA ASN Q 269 11.26 -109.49 91.60
C ASN Q 269 10.27 -109.95 92.67
N LEU Q 270 9.58 -111.07 92.42
CA LEU Q 270 8.55 -111.51 93.34
C LEU Q 270 9.14 -112.23 94.55
N ASN Q 271 10.33 -112.81 94.40
CA ASN Q 271 11.01 -113.40 95.55
C ASN Q 271 11.57 -112.31 96.47
N ALA Q 272 11.97 -111.18 95.87
CA ALA Q 272 12.56 -110.11 96.66
C ALA Q 272 11.50 -109.35 97.46
N VAL Q 273 10.28 -109.24 96.91
CA VAL Q 273 9.24 -108.49 97.61
C VAL Q 273 8.65 -109.34 98.75
N ASN Q 274 8.83 -110.66 98.67
CA ASN Q 274 8.35 -111.57 99.71
C ASN Q 274 9.43 -111.74 100.78
N GLY Q 275 9.63 -110.66 101.54
CA GLY Q 275 10.64 -110.63 102.57
C GLY Q 275 10.16 -109.98 103.85
N PRO Q 276 10.92 -110.18 104.94
CA PRO Q 276 10.53 -109.55 106.22
C PRO Q 276 10.71 -108.05 106.25
N THR Q 277 11.75 -107.53 105.61
CA THR Q 277 11.95 -106.07 105.62
C THR Q 277 11.03 -105.39 104.61
N PHE Q 278 10.55 -106.13 103.62
CA PHE Q 278 9.85 -105.50 102.50
C PHE Q 278 8.36 -105.37 102.77
N ILE Q 279 7.65 -106.49 102.94
CA ILE Q 279 6.19 -106.49 103.02
C ILE Q 279 5.70 -106.79 104.44
N ASP Q 280 6.54 -107.41 105.27
CA ASP Q 280 6.14 -107.65 106.65
C ASP Q 280 6.29 -106.40 107.49
N ALA Q 281 7.17 -105.49 107.07
CA ALA Q 281 7.37 -104.24 107.79
C ALA Q 281 6.23 -103.26 107.54
N ILE Q 282 5.45 -103.50 106.48
CA ILE Q 282 4.29 -102.65 106.22
C ILE Q 282 3.15 -103.04 107.15
N LEU Q 283 3.06 -104.33 107.49
CA LEU Q 283 1.85 -104.84 108.12
C LEU Q 283 1.87 -104.66 109.64
N ASP Q 284 3.03 -104.80 110.27
CA ASP Q 284 3.10 -104.70 111.72
C ASP Q 284 3.00 -103.24 112.16
N ASP Q 285 3.34 -102.31 111.27
CA ASP Q 285 3.14 -100.89 111.56
C ASP Q 285 1.67 -100.54 111.64
N LEU Q 286 0.85 -101.18 110.80
CA LEU Q 286 -0.59 -100.90 110.78
C LEU Q 286 -1.28 -101.43 112.03
N ARG Q 287 -0.83 -102.57 112.54
CA ARG Q 287 -1.37 -103.12 113.78
C ARG Q 287 -0.39 -102.98 114.93
N ASN Q 321 -9.67 -77.98 120.57
CA ASN Q 321 -9.09 -76.71 120.15
C ASN Q 321 -8.18 -76.89 118.93
N SER Q 322 -7.36 -75.89 118.66
CA SER Q 322 -6.50 -75.94 117.47
C SER Q 322 -5.29 -76.85 117.69
N VAL Q 323 -4.90 -77.05 118.96
CA VAL Q 323 -3.73 -77.87 119.23
C VAL Q 323 -4.12 -79.35 119.23
N LYS Q 324 -5.40 -79.65 119.42
CA LYS Q 324 -5.84 -81.05 119.37
C LYS Q 324 -6.06 -81.49 117.92
N VAL Q 325 -6.46 -80.58 117.05
CA VAL Q 325 -6.66 -80.91 115.64
C VAL Q 325 -5.30 -81.06 114.94
N ALA Q 326 -4.33 -80.23 115.32
CA ALA Q 326 -3.01 -80.29 114.70
C ALA Q 326 -2.25 -81.53 115.12
N ASN Q 327 -2.46 -82.01 116.35
CA ASN Q 327 -1.84 -83.26 116.77
C ASN Q 327 -2.52 -84.46 116.13
N PHE Q 328 -3.83 -84.38 115.94
CA PHE Q 328 -4.57 -85.50 115.39
C PHE Q 328 -4.30 -85.67 113.89
N ALA Q 329 -3.94 -84.59 113.21
CA ALA Q 329 -3.62 -84.68 111.78
C ALA Q 329 -2.27 -85.35 111.55
N SER Q 330 -1.39 -85.31 112.56
CA SER Q 330 -0.10 -85.99 112.43
C SER Q 330 -0.26 -87.50 112.56
N LEU Q 331 -1.28 -87.94 113.30
CA LEU Q 331 -1.52 -89.38 113.46
C LEU Q 331 -2.12 -89.96 112.20
N VAL Q 332 -2.96 -89.20 111.49
CA VAL Q 332 -3.59 -89.70 110.27
C VAL Q 332 -2.59 -89.73 109.13
N GLU Q 333 -1.65 -88.77 109.11
CA GLU Q 333 -0.68 -88.71 108.02
C GLU Q 333 0.33 -89.85 108.08
N SER Q 334 0.55 -90.41 109.28
CA SER Q 334 1.44 -91.56 109.39
C SER Q 334 0.74 -92.84 108.94
N VAL Q 335 -0.56 -92.94 109.20
CA VAL Q 335 -1.32 -94.11 108.78
C VAL Q 335 -1.53 -94.08 107.26
N LEU Q 336 -1.77 -92.89 106.71
CA LEU Q 336 -2.00 -92.76 105.28
C LEU Q 336 -0.72 -92.98 104.48
N SER Q 337 0.44 -92.65 105.08
CA SER Q 337 1.71 -92.92 104.42
C SER Q 337 2.04 -94.40 104.39
N THR Q 338 1.52 -95.17 105.35
CA THR Q 338 1.75 -96.61 105.37
C THR Q 338 0.90 -97.30 104.31
N LEU Q 339 -0.33 -96.81 104.10
CA LEU Q 339 -1.23 -97.41 103.12
C LEU Q 339 -0.73 -97.21 101.69
N ASN Q 340 -0.05 -96.09 101.43
CA ASN Q 340 0.35 -95.77 100.06
C ASN Q 340 1.48 -96.68 99.58
N GLU Q 341 2.41 -97.04 100.47
CA GLU Q 341 3.49 -97.95 100.07
C GLU Q 341 2.98 -99.37 99.93
N LEU Q 342 1.86 -99.70 100.58
CA LEU Q 342 1.22 -100.99 100.33
C LEU Q 342 0.54 -101.00 98.98
N ILE Q 343 -0.05 -99.89 98.57
CA ILE Q 343 -0.68 -99.78 97.26
C ILE Q 343 0.40 -99.75 96.16
N ASP Q 344 1.54 -99.11 96.44
CA ASP Q 344 2.65 -99.13 95.50
C ASP Q 344 3.26 -100.51 95.37
N ALA Q 345 3.19 -101.31 96.45
CA ALA Q 345 3.65 -102.70 96.36
C ALA Q 345 2.69 -103.53 95.53
N LYS Q 346 1.40 -103.17 95.54
CA LYS Q 346 0.41 -103.88 94.73
C LYS Q 346 0.63 -103.63 93.25
N GLU Q 347 1.13 -102.44 92.89
CA GLU Q 347 1.32 -102.10 91.49
C GLU Q 347 2.45 -102.88 90.86
N GLU Q 348 3.55 -103.07 91.59
CA GLU Q 348 4.73 -103.71 91.01
C GLU Q 348 4.55 -105.23 90.93
N ILE Q 349 3.66 -105.79 91.74
CA ILE Q 349 3.38 -107.22 91.67
C ILE Q 349 2.64 -107.55 90.39
N ASN Q 350 1.70 -106.69 89.99
CA ASN Q 350 0.87 -106.97 88.81
C ASN Q 350 1.66 -106.88 87.51
N LYS Q 351 2.72 -106.07 87.49
CA LYS Q 351 3.55 -105.97 86.28
C LYS Q 351 4.41 -107.21 86.11
N ASP Q 352 4.71 -107.92 87.20
CA ASP Q 352 5.54 -109.12 87.11
C ASP Q 352 4.73 -110.33 86.66
N VAL Q 353 3.49 -110.45 87.14
CA VAL Q 353 2.67 -111.60 86.80
C VAL Q 353 2.12 -111.47 85.38
N ASN Q 354 1.89 -110.23 84.92
CA ASN Q 354 1.38 -110.03 83.57
C ASN Q 354 2.42 -110.38 82.52
N SER Q 355 3.70 -110.21 82.85
CA SER Q 355 4.76 -110.60 81.91
C SER Q 355 4.96 -112.11 81.89
N ALA Q 356 4.51 -112.82 82.94
CA ALA Q 356 4.61 -114.27 82.97
C ALA Q 356 3.37 -114.93 82.37
N ILE Q 357 2.22 -114.26 82.47
CA ILE Q 357 1.02 -114.75 81.80
C ILE Q 357 1.18 -114.71 80.29
N ALA Q 358 1.74 -113.61 79.77
CA ALA Q 358 1.87 -113.45 78.33
C ALA Q 358 3.00 -114.30 77.76
N SER Q 359 3.95 -114.70 78.60
CA SER Q 359 5.10 -115.45 78.08
C SER Q 359 4.79 -116.94 77.99
N SER Q 360 3.85 -117.43 78.80
CA SER Q 360 3.53 -118.87 78.82
C SER Q 360 2.27 -119.14 77.99
N GLU Q 361 2.39 -118.90 76.69
CA GLU Q 361 1.30 -119.24 75.78
C GLU Q 361 1.21 -120.76 75.58
N GLU Q 362 2.33 -121.45 75.77
CA GLU Q 362 2.31 -122.90 75.81
C GLU Q 362 1.67 -123.38 77.11
N ASP Q 363 0.98 -124.52 77.02
CA ASP Q 363 0.38 -125.23 78.17
C ASP Q 363 -0.64 -124.36 78.91
N ASN Q 364 -1.79 -124.16 78.23
CA ASN Q 364 -2.83 -123.24 78.65
C ASN Q 364 -3.39 -123.52 80.05
N ALA Q 365 -3.21 -124.75 80.56
CA ALA Q 365 -3.62 -125.06 81.93
C ALA Q 365 -2.76 -124.32 82.95
N ILE Q 366 -1.48 -124.10 82.63
CA ILE Q 366 -0.60 -123.38 83.56
C ILE Q 366 -0.91 -121.89 83.56
N LYS Q 367 -1.28 -121.35 82.38
CA LYS Q 367 -1.69 -119.94 82.29
C LYS Q 367 -2.96 -119.68 83.08
N THR Q 368 -3.87 -120.65 83.13
CA THR Q 368 -5.10 -120.50 83.89
C THR Q 368 -4.83 -120.50 85.39
N ALA Q 369 -3.83 -121.28 85.83
CA ALA Q 369 -3.49 -121.32 87.24
C ALA Q 369 -2.80 -120.04 87.69
N ILE Q 370 -1.97 -119.45 86.82
CA ILE Q 370 -1.29 -118.19 87.14
C ILE Q 370 -2.30 -117.05 87.15
N SER Q 371 -3.28 -117.10 86.24
CA SER Q 371 -4.31 -116.07 86.20
C SER Q 371 -5.27 -116.19 87.38
N ASP Q 372 -5.53 -117.41 87.84
CA ASP Q 372 -6.44 -117.60 88.97
C ASP Q 372 -5.79 -117.17 90.28
N ALA Q 373 -4.48 -117.34 90.41
CA ALA Q 373 -3.78 -116.93 91.62
C ALA Q 373 -3.68 -115.41 91.71
N LEU Q 374 -3.80 -114.71 90.57
CA LEU Q 374 -3.61 -113.27 90.59
C LEU Q 374 -4.88 -112.54 91.03
N ASP Q 375 -6.06 -113.04 90.63
CA ASP Q 375 -7.29 -112.34 91.01
C ASP Q 375 -7.67 -112.61 92.45
N VAL Q 376 -7.22 -113.74 93.02
CA VAL Q 376 -7.51 -114.01 94.42
C VAL Q 376 -6.62 -113.15 95.31
N PHE Q 377 -5.44 -112.77 94.82
CA PHE Q 377 -4.60 -111.81 95.53
C PHE Q 377 -5.16 -110.41 95.41
N ASN Q 378 -5.85 -110.10 94.31
CA ASN Q 378 -6.41 -108.78 94.10
C ASN Q 378 -7.80 -108.62 94.69
N GLU Q 379 -8.23 -109.54 95.55
CA GLU Q 379 -9.58 -109.46 96.13
C GLU Q 379 -9.69 -108.31 97.12
N ASP Q 380 -8.83 -108.30 98.13
CA ASP Q 380 -8.96 -107.33 99.22
C ASP Q 380 -8.60 -105.92 98.76
N PHE Q 381 -7.79 -105.80 97.72
CA PHE Q 381 -7.37 -104.48 97.26
C PHE Q 381 -8.49 -103.77 96.50
N GLU Q 382 -9.24 -104.50 95.68
CA GLU Q 382 -10.32 -103.88 94.91
C GLU Q 382 -11.68 -104.54 95.14
N GLY Q 383 -11.73 -105.87 95.02
CA GLY Q 383 -13.02 -106.53 94.92
C GLY Q 383 -13.68 -106.79 96.26
N ALA Q 384 -12.93 -107.36 97.20
CA ALA Q 384 -13.53 -107.74 98.48
C ALA Q 384 -13.72 -106.54 99.40
N ASP Q 385 -12.63 -105.87 99.78
CA ASP Q 385 -12.69 -104.76 100.72
C ASP Q 385 -12.23 -103.50 99.99
N LYS Q 386 -12.53 -102.34 100.56
CA LYS Q 386 -12.28 -101.05 99.93
C LYS Q 386 -10.94 -100.47 100.37
N ILE Q 387 -9.86 -101.21 100.12
CA ILE Q 387 -8.53 -100.75 100.56
C ILE Q 387 -8.06 -99.54 99.74
N GLU Q 388 -8.23 -99.60 98.41
CA GLU Q 388 -7.83 -98.45 97.60
C GLU Q 388 -8.87 -97.34 97.64
N SER Q 389 -10.04 -97.60 98.25
CA SER Q 389 -11.07 -96.57 98.34
C SER Q 389 -10.99 -95.77 99.64
N VAL Q 390 -10.51 -96.38 100.72
CA VAL Q 390 -10.43 -95.65 101.98
C VAL Q 390 -9.22 -94.73 101.99
N ALA Q 391 -8.20 -95.03 101.18
CA ALA Q 391 -7.03 -94.16 101.09
C ALA Q 391 -7.35 -92.85 100.38
N LYS Q 392 -8.42 -92.80 99.58
CA LYS Q 392 -8.82 -91.59 98.89
C LYS Q 392 -9.73 -90.72 99.74
N ASN Q 393 -10.65 -91.35 100.50
CA ASN Q 393 -11.59 -90.58 101.30
C ASN Q 393 -10.95 -90.02 102.56
N LEU Q 394 -9.91 -90.69 103.08
CA LEU Q 394 -9.21 -90.16 104.26
C LEU Q 394 -8.41 -88.91 103.91
N SER Q 395 -7.93 -88.82 102.67
CA SER Q 395 -7.16 -87.66 102.26
C SER Q 395 -8.04 -86.43 102.10
N ASP Q 396 -9.27 -86.61 101.61
CA ASP Q 396 -10.18 -85.47 101.50
C ASP Q 396 -10.82 -85.14 102.84
N LEU Q 397 -10.97 -86.13 103.71
CA LEU Q 397 -11.43 -85.85 105.07
C LEU Q 397 -10.35 -85.16 105.88
N LEU Q 398 -9.08 -85.36 105.53
CA LEU Q 398 -7.99 -84.70 106.24
C LEU Q 398 -7.95 -83.22 105.90
N ILE Q 399 -8.24 -82.87 104.66
CA ILE Q 399 -8.24 -81.46 104.25
C ILE Q 399 -9.44 -80.74 104.86
N LYS Q 400 -10.55 -81.45 105.03
CA LYS Q 400 -11.79 -80.84 105.51
C LYS Q 400 -11.68 -80.43 106.98
N ILE Q 401 -10.94 -81.20 107.78
CA ILE Q 401 -10.86 -80.90 109.20
C ILE Q 401 -9.93 -79.72 109.47
N LYS Q 402 -9.04 -79.40 108.52
CA LYS Q 402 -8.13 -78.29 108.73
C LYS Q 402 -8.77 -76.96 108.34
N GLN Q 403 -9.78 -76.99 107.46
CA GLN Q 403 -10.51 -75.77 107.13
C GLN Q 403 -11.67 -75.54 108.10
N ALA Q 404 -12.12 -76.59 108.78
CA ALA Q 404 -13.33 -76.50 109.60
C ALA Q 404 -13.05 -75.81 110.93
N ASP Q 405 -11.79 -75.55 111.25
CA ASP Q 405 -11.43 -74.95 112.54
C ASP Q 405 -11.67 -73.45 112.57
N THR Q 406 -12.18 -72.85 111.50
CA THR Q 406 -12.36 -71.41 111.47
C THR Q 406 -13.61 -70.96 112.23
N ASN Q 407 -14.61 -71.84 112.34
CA ASN Q 407 -15.89 -71.40 112.88
C ASN Q 407 -16.49 -72.32 113.93
N THR Q 408 -16.45 -73.64 113.76
CA THR Q 408 -17.32 -74.48 114.55
C THR Q 408 -16.53 -75.65 115.10
N LYS Q 409 -16.76 -75.95 116.39
CA LYS Q 409 -16.22 -77.17 116.96
C LYS Q 409 -17.14 -78.35 116.71
N VAL Q 410 -18.44 -78.09 116.49
CA VAL Q 410 -19.39 -79.16 116.17
C VAL Q 410 -19.06 -79.76 114.80
N GLU Q 411 -18.51 -78.91 113.92
CA GLU Q 411 -18.05 -79.37 112.61
C GLU Q 411 -16.92 -80.37 112.84
N ASN Q 412 -16.05 -80.08 113.82
CA ASN Q 412 -14.97 -81.00 114.17
C ASN Q 412 -15.45 -82.18 115.00
N VAL Q 413 -16.74 -82.23 115.34
CA VAL Q 413 -17.32 -83.33 116.11
C VAL Q 413 -18.25 -84.16 115.23
N LEU Q 414 -18.98 -83.51 114.32
CA LEU Q 414 -19.90 -84.20 113.44
C LEU Q 414 -19.17 -85.14 112.48
N SER Q 415 -17.95 -84.78 112.08
CA SER Q 415 -17.20 -85.61 111.15
C SER Q 415 -16.56 -86.81 111.85
N ILE Q 416 -15.89 -86.58 112.99
CA ILE Q 416 -14.97 -87.60 113.50
C ILE Q 416 -15.72 -88.67 114.29
N ASN Q 417 -16.96 -88.41 114.68
CA ASN Q 417 -17.72 -89.37 115.46
C ASN Q 417 -18.98 -89.86 114.73
N ALA Q 418 -19.83 -88.93 114.27
CA ALA Q 418 -21.10 -89.33 113.68
C ALA Q 418 -20.95 -89.69 112.21
N LEU Q 419 -20.29 -88.83 111.44
CA LEU Q 419 -20.15 -89.03 110.01
C LEU Q 419 -18.87 -89.82 109.71
N ASN Q 420 -18.45 -89.75 108.43
CA ASN Q 420 -17.62 -90.71 107.71
C ASN Q 420 -16.31 -91.10 108.40
N PHE Q 421 -15.77 -90.27 109.29
CA PHE Q 421 -14.39 -90.49 109.71
C PHE Q 421 -14.28 -91.61 110.74
N SER Q 422 -15.31 -91.81 111.56
CA SER Q 422 -15.30 -92.92 112.50
C SER Q 422 -15.63 -94.23 111.79
N ALA Q 423 -16.32 -94.16 110.66
CA ALA Q 423 -16.72 -95.36 109.95
C ALA Q 423 -15.60 -95.91 109.06
N GLU Q 424 -14.70 -95.04 108.59
CA GLU Q 424 -13.70 -95.48 107.62
C GLU Q 424 -12.57 -96.25 108.30
N PHE Q 425 -12.33 -95.99 109.58
CA PHE Q 425 -11.27 -96.71 110.30
C PHE Q 425 -11.66 -98.14 110.65
N GLU Q 426 -12.93 -98.50 110.54
CA GLU Q 426 -13.37 -99.80 111.06
C GLU Q 426 -13.06 -100.94 110.09
N LYS Q 427 -12.80 -100.61 108.82
CA LYS Q 427 -12.71 -101.66 107.79
C LYS Q 427 -11.39 -102.41 107.86
N LEU Q 428 -10.35 -101.80 108.43
CA LEU Q 428 -9.11 -102.54 108.61
C LEU Q 428 -9.08 -103.20 109.99
N LEU Q 429 -9.57 -102.52 111.01
CA LEU Q 429 -9.67 -103.06 112.35
C LEU Q 429 -11.01 -102.65 112.93
N THR Q 430 -11.87 -103.64 113.24
CA THR Q 430 -13.24 -103.33 113.65
C THR Q 430 -13.32 -102.98 115.13
N TYR Q 431 -12.73 -103.81 115.99
CA TYR Q 431 -12.81 -103.60 117.43
C TYR Q 431 -11.44 -103.78 118.07
N ASP Q 432 -10.43 -103.10 117.53
CA ASP Q 432 -9.07 -103.23 118.04
C ASP Q 432 -8.87 -102.48 119.36
N VAL Q 433 -9.82 -101.64 119.75
CA VAL Q 433 -9.67 -100.81 120.95
C VAL Q 433 -10.01 -101.54 122.24
N ASN Q 434 -10.16 -102.87 122.22
CA ASN Q 434 -10.51 -103.61 123.43
C ASN Q 434 -9.35 -103.66 124.42
N THR Q 435 -8.12 -103.49 123.94
CA THR Q 435 -6.96 -103.48 124.81
C THR Q 435 -5.97 -102.44 124.28
N GLY Q 436 -4.78 -102.43 124.89
CA GLY Q 436 -3.70 -101.57 124.38
C GLY Q 436 -3.21 -102.06 123.03
N LEU Q 437 -3.19 -103.37 122.82
CA LEU Q 437 -2.82 -103.97 121.56
C LEU Q 437 -4.06 -104.31 120.76
N THR Q 438 -3.88 -104.47 119.44
CA THR Q 438 -4.99 -104.83 118.57
C THR Q 438 -5.43 -106.28 118.81
N ALA Q 439 -6.58 -106.44 119.46
CA ALA Q 439 -7.16 -107.75 119.72
C ALA Q 439 -8.62 -107.73 119.31
N SER Q 440 -9.30 -108.85 119.57
CA SER Q 440 -10.69 -109.11 119.14
C SER Q 440 -10.87 -108.88 117.64
N VAL Q 441 -10.05 -109.57 116.84
CA VAL Q 441 -9.94 -109.31 115.41
C VAL Q 441 -11.16 -109.87 114.68
N THR Q 442 -12.24 -109.08 114.73
CA THR Q 442 -13.47 -109.47 114.02
C THR Q 442 -13.33 -109.26 112.51
N LEU Q 443 -12.67 -108.18 112.09
CA LEU Q 443 -12.51 -107.87 110.68
C LEU Q 443 -11.06 -107.50 110.42
N ASP Q 444 -10.47 -108.15 109.41
CA ASP Q 444 -9.07 -107.93 109.11
C ASP Q 444 -8.85 -108.06 107.62
N LEU Q 445 -8.52 -106.94 106.99
CA LEU Q 445 -8.25 -106.88 105.56
C LEU Q 445 -6.81 -107.26 105.22
N PHE Q 446 -5.94 -107.33 106.23
CA PHE Q 446 -4.55 -107.71 106.04
C PHE Q 446 -4.35 -109.16 106.47
N ALA Q 447 -3.08 -109.57 106.47
CA ALA Q 447 -2.58 -110.90 106.89
C ALA Q 447 -3.06 -112.04 105.97
N ASN Q 448 -3.74 -111.72 104.87
CA ASN Q 448 -3.98 -112.65 103.79
C ASN Q 448 -3.02 -112.43 102.63
N ILE Q 449 -2.08 -111.51 102.78
CA ILE Q 449 -1.19 -111.14 101.69
C ILE Q 449 -0.17 -112.24 101.44
N GLY Q 450 0.57 -112.62 102.49
CA GLY Q 450 1.62 -113.62 102.38
C GLY Q 450 1.13 -115.02 102.06
N THR Q 451 -0.12 -115.31 102.41
CA THR Q 451 -0.73 -116.58 102.01
C THR Q 451 -1.01 -116.59 100.51
N ARG Q 452 -1.48 -115.46 99.96
CA ARG Q 452 -1.76 -115.40 98.54
C ARG Q 452 -0.50 -115.18 97.71
N LEU Q 453 0.58 -114.69 98.34
CA LEU Q 453 1.79 -114.42 97.59
C LEU Q 453 2.57 -115.68 97.28
N ASP Q 454 2.80 -116.55 98.28
CA ASP Q 454 3.62 -117.73 98.04
C ASP Q 454 2.87 -118.78 97.23
N ASP Q 455 1.55 -118.65 97.13
CA ASP Q 455 0.79 -119.42 96.15
C ASP Q 455 1.18 -119.01 94.73
N ILE Q 456 1.39 -117.72 94.51
CA ILE Q 456 1.79 -117.22 93.19
C ILE Q 456 3.22 -117.66 92.85
N ILE Q 457 4.08 -117.73 93.87
CA ILE Q 457 5.49 -118.09 93.65
C ILE Q 457 5.60 -119.52 93.18
N ALA Q 458 4.72 -120.40 93.67
CA ALA Q 458 4.72 -121.79 93.22
C ALA Q 458 3.98 -121.94 91.90
N ALA Q 459 2.98 -121.10 91.65
CA ALA Q 459 2.18 -121.21 90.43
C ALA Q 459 2.97 -120.79 89.21
N VAL Q 460 3.79 -119.73 89.33
CA VAL Q 460 4.63 -119.32 88.21
C VAL Q 460 5.91 -120.15 88.16
N SER Q 461 6.13 -121.00 89.17
CA SER Q 461 7.29 -121.89 89.14
C SER Q 461 7.09 -123.04 88.17
N ALA Q 462 5.83 -123.37 87.86
CA ALA Q 462 5.58 -124.40 86.86
C ALA Q 462 5.74 -123.86 85.44
N ALA Q 463 5.76 -122.54 85.29
CA ALA Q 463 5.83 -121.93 83.96
C ALA Q 463 7.25 -121.82 83.42
N GLU Q 464 8.28 -122.00 84.25
CA GLU Q 464 9.64 -121.86 83.75
C GLU Q 464 10.17 -123.01 82.87
N PRO Q 465 9.73 -124.27 82.96
CA PRO Q 465 10.18 -125.22 81.92
C PRO Q 465 9.34 -125.26 80.65
N ILE Q 466 8.30 -124.44 80.51
CA ILE Q 466 7.43 -124.51 79.34
C ILE Q 466 7.60 -123.29 78.43
N ASP Q 467 8.40 -122.32 78.83
CA ASP Q 467 8.66 -121.13 78.01
C ASP Q 467 10.02 -121.26 77.34
N VAL Q 468 10.05 -121.10 76.02
CA VAL Q 468 11.25 -121.42 75.26
C VAL Q 468 11.70 -120.26 74.36
N ASN Q 469 10.89 -119.21 74.23
CA ASN Q 469 11.16 -118.21 73.21
C ASN Q 469 11.10 -116.76 73.69
N ASN Q 470 10.58 -116.49 74.89
CA ASN Q 470 10.26 -115.13 75.29
C ASN Q 470 11.36 -114.54 76.17
N GLY Q 471 11.76 -113.30 75.87
CA GLY Q 471 12.86 -112.65 76.56
C GLY Q 471 12.42 -111.74 77.70
N LYS Q 472 13.30 -110.77 78.01
CA LYS Q 472 13.18 -109.98 79.23
C LYS Q 472 11.99 -109.03 79.23
N LEU Q 473 11.70 -108.37 78.10
CA LEU Q 473 10.72 -107.29 78.07
C LEU Q 473 9.39 -107.72 77.47
N ASN Q 474 9.12 -109.02 77.43
CA ASN Q 474 7.85 -109.49 76.87
C ASN Q 474 6.71 -109.21 77.84
N GLY Q 475 5.66 -108.55 77.34
CA GLY Q 475 4.50 -108.24 78.14
C GLY Q 475 4.62 -107.02 79.02
N ARG Q 476 5.60 -106.16 78.80
CA ARG Q 476 5.83 -104.99 79.62
C ARG Q 476 5.31 -103.74 78.93
N LEU Q 477 4.91 -102.75 79.73
CA LEU Q 477 4.54 -101.46 79.19
C LEU Q 477 5.77 -100.69 78.74
N LEU Q 478 5.58 -99.79 77.77
CA LEU Q 478 6.70 -99.05 77.20
C LEU Q 478 7.24 -98.02 78.19
N SER Q 479 6.37 -97.45 79.02
CA SER Q 479 6.82 -96.46 80.00
C SER Q 479 7.61 -97.12 81.12
N ASP Q 480 7.38 -98.41 81.38
CA ASP Q 480 8.05 -99.08 82.48
C ASP Q 480 9.43 -99.63 82.11
N ILE Q 481 9.82 -99.59 80.84
CA ILE Q 481 11.15 -100.08 80.47
C ILE Q 481 12.19 -98.97 80.43
N GLU Q 482 11.79 -97.72 80.61
CA GLU Q 482 12.74 -96.61 80.60
C GLU Q 482 13.76 -96.65 81.75
N PRO Q 483 13.43 -97.02 83.01
CA PRO Q 483 14.52 -97.27 83.95
C PRO Q 483 15.26 -98.57 83.70
N LEU Q 484 14.63 -99.55 83.06
CA LEU Q 484 15.26 -100.86 82.89
C LEU Q 484 16.32 -100.83 81.80
N ASP Q 485 15.94 -100.41 80.59
CA ASP Q 485 16.89 -100.32 79.47
C ASP Q 485 16.55 -99.01 78.75
N ASN Q 486 17.38 -97.99 78.99
CA ASN Q 486 17.10 -96.67 78.44
C ASN Q 486 17.41 -96.58 76.95
N ALA Q 487 18.39 -97.37 76.48
CA ALA Q 487 18.78 -97.28 75.08
C ALA Q 487 17.76 -97.96 74.17
N THR Q 488 17.09 -99.00 74.67
CA THR Q 488 16.05 -99.67 73.89
C THR Q 488 14.80 -98.80 73.82
N TYR Q 489 14.47 -98.11 74.92
CA TYR Q 489 13.29 -97.24 74.98
C TYR Q 489 13.40 -96.08 74.00
N ASN Q 490 14.61 -95.52 73.84
CA ASN Q 490 14.77 -94.39 72.93
C ASN Q 490 14.73 -94.85 71.47
N THR Q 491 15.10 -96.09 71.21
CA THR Q 491 15.10 -96.59 69.84
C THR Q 491 13.67 -96.88 69.36
N ILE Q 492 12.80 -97.33 70.27
CA ILE Q 492 11.41 -97.60 69.93
C ILE Q 492 10.66 -96.30 69.65
N LEU Q 493 11.06 -95.21 70.32
CA LEU Q 493 10.40 -93.92 70.13
C LEU Q 493 10.66 -93.34 68.75
N LEU Q 494 11.85 -93.62 68.17
CA LEU Q 494 12.13 -93.15 66.82
C LEU Q 494 11.32 -93.90 65.77
N GLU Q 495 11.08 -95.20 65.99
CA GLU Q 495 10.35 -95.99 65.01
C GLU Q 495 8.85 -95.66 65.03
N ILE Q 496 8.35 -95.22 66.19
CA ILE Q 496 6.95 -94.83 66.28
C ILE Q 496 6.72 -93.50 65.56
N ASN Q 497 7.65 -92.55 65.73
CA ASN Q 497 7.51 -91.22 65.15
C ASN Q 497 7.80 -91.17 63.65
N SER Q 498 8.12 -92.29 63.01
CA SER Q 498 8.38 -92.27 61.58
C SER Q 498 7.10 -92.35 60.74
N HIS Q 499 5.95 -92.56 61.37
CA HIS Q 499 4.67 -92.63 60.67
C HIS Q 499 3.99 -91.27 60.74
N LYS Q 500 3.46 -90.80 59.61
CA LYS Q 500 2.90 -89.47 59.50
C LYS Q 500 1.40 -89.53 59.22
N VAL Q 501 0.74 -88.38 59.42
CA VAL Q 501 -0.70 -88.26 59.24
C VAL Q 501 -1.01 -87.79 57.82
N THR Q 502 -2.03 -88.39 57.22
CA THR Q 502 -2.58 -87.93 55.95
C THR Q 502 -3.94 -87.28 56.22
N LEU Q 503 -4.15 -86.09 55.68
CA LEU Q 503 -5.37 -85.32 55.89
C LEU Q 503 -6.03 -84.95 54.57
N PRO Q 504 -7.35 -84.75 54.57
CA PRO Q 504 -7.98 -84.06 53.44
C PRO Q 504 -7.56 -82.61 53.40
N PRO Q 505 -7.52 -82.01 52.21
CA PRO Q 505 -6.84 -80.71 52.06
C PRO Q 505 -7.68 -79.48 52.36
N SER Q 506 -8.87 -79.59 52.96
CA SER Q 506 -9.77 -78.43 53.01
C SER Q 506 -9.38 -77.43 54.08
N SER Q 507 -8.70 -77.87 55.15
CA SER Q 507 -8.34 -76.93 56.21
C SER Q 507 -7.04 -76.18 55.89
N SER Q 508 -6.16 -76.79 55.09
CA SER Q 508 -4.99 -76.04 54.61
C SER Q 508 -5.38 -75.00 53.57
N MET Q 509 -6.45 -75.27 52.81
CA MET Q 509 -6.93 -74.30 51.83
C MET Q 509 -7.54 -73.09 52.52
N ALA Q 510 -8.21 -73.28 53.66
CA ALA Q 510 -8.81 -72.17 54.39
C ALA Q 510 -7.75 -71.23 54.95
N GLY Q 511 -6.61 -71.78 55.38
CA GLY Q 511 -5.51 -70.93 55.82
C GLY Q 511 -4.89 -70.14 54.69
N ALA Q 512 -4.84 -70.75 53.50
CA ALA Q 512 -4.29 -70.05 52.34
C ALA Q 512 -5.25 -69.00 51.79
N TYR Q 513 -6.57 -69.17 52.02
CA TYR Q 513 -7.52 -68.13 51.65
C TYR Q 513 -7.31 -66.87 52.49
N ALA Q 514 -6.99 -67.03 53.76
CA ALA Q 514 -6.81 -65.87 54.63
C ALA Q 514 -5.44 -65.22 54.43
N ARG Q 515 -4.46 -66.00 53.99
CA ARG Q 515 -3.12 -65.45 53.74
C ARG Q 515 -3.10 -64.58 52.49
N VAL Q 516 -3.81 -64.99 51.45
CA VAL Q 516 -3.78 -64.26 50.17
C VAL Q 516 -4.66 -63.01 50.25
N ASP Q 517 -5.78 -63.09 50.97
CA ASP Q 517 -6.67 -61.94 51.11
C ASP Q 517 -6.02 -60.82 51.92
N ASN Q 518 -5.15 -61.18 52.85
CA ASN Q 518 -4.44 -60.16 53.63
C ASN Q 518 -3.28 -59.56 52.82
N ASP Q 519 -2.67 -60.36 51.94
CA ASP Q 519 -1.52 -59.89 51.18
C ASP Q 519 -1.92 -59.09 49.95
N ARG Q 520 -2.90 -59.58 49.19
CA ARG Q 520 -3.19 -59.05 47.88
C ARG Q 520 -4.65 -58.68 47.66
N GLY Q 521 -5.54 -59.01 48.60
CA GLY Q 521 -6.95 -58.70 48.46
C GLY Q 521 -7.78 -59.92 48.12
N VAL Q 522 -9.10 -59.72 48.16
CA VAL Q 522 -10.05 -60.80 47.94
C VAL Q 522 -10.32 -61.06 46.46
N TRP Q 523 -9.95 -60.12 45.59
CA TRP Q 523 -10.12 -60.29 44.15
C TRP Q 523 -8.96 -61.03 43.49
N LYS Q 524 -7.99 -61.52 44.26
CA LYS Q 524 -6.88 -62.29 43.73
C LYS Q 524 -7.16 -63.78 43.87
N SER Q 525 -6.97 -64.53 42.77
CA SER Q 525 -7.26 -65.96 42.75
C SER Q 525 -6.30 -66.71 43.68
N PRO Q 526 -6.80 -67.64 44.50
CA PRO Q 526 -5.92 -68.43 45.38
C PRO Q 526 -5.32 -69.66 44.68
N ALA Q 527 -4.54 -69.40 43.64
CA ALA Q 527 -3.81 -70.44 42.93
C ALA Q 527 -2.43 -69.92 42.59
N ASN Q 528 -1.57 -70.83 42.10
CA ASN Q 528 -0.12 -70.61 41.92
C ASN Q 528 0.52 -70.19 43.24
N ILE Q 529 0.27 -70.98 44.29
CA ILE Q 529 0.72 -70.71 45.64
C ILE Q 529 1.12 -72.03 46.30
N GLY Q 530 1.88 -71.94 47.38
CA GLY Q 530 2.39 -73.10 48.07
C GLY Q 530 1.68 -73.40 49.38
N LEU Q 531 1.86 -74.64 49.87
CA LEU Q 531 1.28 -75.08 51.13
C LEU Q 531 2.39 -75.45 52.11
N ASN Q 532 2.27 -74.98 53.35
CA ASN Q 532 3.23 -75.30 54.39
C ASN Q 532 2.86 -76.59 55.12
N TYR Q 533 3.86 -77.21 55.74
CA TYR Q 533 3.78 -78.48 56.51
C TYR Q 533 3.38 -79.68 55.64
N VAL Q 534 3.58 -79.60 54.32
CA VAL Q 534 3.14 -80.64 53.41
C VAL Q 534 4.38 -81.20 52.70
N SER Q 535 4.52 -82.53 52.72
CA SER Q 535 5.67 -83.15 52.06
C SER Q 535 5.38 -83.44 50.58
N LYS Q 536 4.21 -83.99 50.27
CA LYS Q 536 3.84 -84.34 48.90
C LYS Q 536 2.32 -84.52 48.85
N PRO Q 537 1.73 -84.48 47.66
CA PRO Q 537 0.37 -85.02 47.50
C PRO Q 537 0.37 -86.54 47.63
N SER Q 538 -0.80 -87.09 47.95
CA SER Q 538 -0.92 -88.53 48.13
C SER Q 538 -1.00 -89.27 46.80
N VAL Q 539 -1.52 -88.63 45.76
CA VAL Q 539 -1.64 -89.22 44.44
C VAL Q 539 -0.95 -88.27 43.46
N THR Q 540 -0.30 -88.85 42.46
CA THR Q 540 0.32 -88.08 41.38
C THR Q 540 -0.72 -87.80 40.30
N VAL Q 541 -0.86 -86.54 39.91
CA VAL Q 541 -1.75 -86.10 38.84
C VAL Q 541 -0.88 -85.47 37.76
N SER Q 542 -0.95 -86.01 36.56
CA SER Q 542 -0.13 -85.52 35.46
C SER Q 542 -0.81 -84.37 34.73
N HIS Q 543 -0.15 -83.90 33.67
CA HIS Q 543 -0.71 -82.84 32.83
C HIS Q 543 -1.95 -83.32 32.09
N GLU Q 544 -1.92 -84.54 31.58
CA GLU Q 544 -2.95 -85.05 30.70
C GLU Q 544 -4.24 -85.40 31.43
N GLU Q 545 -4.20 -85.80 32.70
CA GLU Q 545 -5.41 -86.14 33.43
C GLU Q 545 -6.00 -84.98 34.23
N GLN Q 546 -5.36 -83.81 34.23
CA GLN Q 546 -5.99 -82.63 34.81
C GLN Q 546 -6.94 -81.95 33.82
N GLU Q 547 -6.92 -82.33 32.55
CA GLU Q 547 -7.74 -81.67 31.54
C GLU Q 547 -9.23 -81.93 31.76
N SER Q 548 -9.60 -83.17 32.09
CA SER Q 548 -10.99 -83.46 32.38
C SER Q 548 -11.37 -83.07 33.81
N MET Q 549 -10.39 -82.72 34.64
CA MET Q 549 -10.70 -82.13 35.94
C MET Q 549 -11.08 -80.65 35.81
N ASN Q 550 -10.35 -79.90 34.97
CA ASN Q 550 -10.55 -78.46 34.91
C ASN Q 550 -11.75 -78.09 34.04
N VAL Q 551 -11.89 -78.75 32.89
CA VAL Q 551 -12.93 -78.44 31.92
C VAL Q 551 -13.71 -79.72 31.63
N HIS Q 552 -15.04 -79.65 31.78
CA HIS Q 552 -15.88 -80.83 31.68
C HIS Q 552 -17.25 -80.44 31.13
N GLY Q 553 -17.97 -81.43 30.60
CA GLY Q 553 -19.26 -81.17 29.99
C GLY Q 553 -20.36 -80.88 31.00
N THR Q 554 -20.22 -81.39 32.23
CA THR Q 554 -21.16 -81.05 33.29
C THR Q 554 -20.91 -79.66 33.83
N GLY Q 555 -19.69 -79.16 33.68
CA GLY Q 555 -19.30 -77.91 34.29
C GLY Q 555 -18.80 -78.03 35.72
N LYS Q 556 -18.75 -79.24 36.28
CA LYS Q 556 -18.32 -79.44 37.67
C LYS Q 556 -16.81 -79.65 37.72
N SER Q 557 -16.10 -78.56 38.02
CA SER Q 557 -14.65 -78.54 37.99
C SER Q 557 -14.04 -78.93 39.34
N VAL Q 558 -12.91 -79.62 39.29
CA VAL Q 558 -12.17 -80.03 40.49
C VAL Q 558 -10.76 -79.46 40.40
N ASN Q 559 -10.33 -78.77 41.45
CA ASN Q 559 -9.00 -78.17 41.48
C ASN Q 559 -7.96 -79.17 41.98
N ALA Q 560 -6.80 -79.18 41.30
CA ALA Q 560 -5.77 -80.19 41.52
C ALA Q 560 -4.58 -79.63 42.31
N ILE Q 561 -4.05 -80.46 43.21
CA ILE Q 561 -2.82 -80.18 43.92
C ILE Q 561 -1.69 -80.98 43.27
N ARG Q 562 -0.66 -80.30 42.77
CA ARG Q 562 0.35 -80.93 41.94
C ARG Q 562 1.76 -80.56 42.39
N SER Q 563 2.74 -81.29 41.86
CA SER Q 563 4.16 -81.05 42.11
C SER Q 563 4.85 -80.70 40.81
N PHE Q 564 5.82 -79.79 40.88
CA PHE Q 564 6.59 -79.34 39.74
C PHE Q 564 8.06 -79.31 40.10
N VAL Q 565 8.92 -79.69 39.15
CA VAL Q 565 10.36 -79.76 39.42
C VAL Q 565 10.92 -78.35 39.58
N GLY Q 566 11.57 -78.11 40.71
CA GLY Q 566 12.12 -76.81 41.04
C GLY Q 566 11.20 -75.88 41.78
N LYS Q 567 9.97 -76.30 42.04
CA LYS Q 567 8.95 -75.42 42.59
C LYS Q 567 8.20 -75.99 43.78
N GLY Q 568 8.19 -77.30 43.97
CA GLY Q 568 7.48 -77.91 45.08
C GLY Q 568 6.00 -78.16 44.80
N THR Q 569 5.27 -78.37 45.88
CA THR Q 569 3.85 -78.67 45.81
C THR Q 569 3.04 -77.38 45.77
N LEU Q 570 2.15 -77.26 44.79
CA LEU Q 570 1.38 -76.05 44.58
C LEU Q 570 -0.10 -76.35 44.41
N VAL Q 571 -0.92 -75.33 44.64
CA VAL Q 571 -2.32 -75.36 44.25
C VAL Q 571 -2.41 -74.88 42.80
N TRP Q 572 -3.01 -75.70 41.93
CA TRP Q 572 -3.09 -75.41 40.50
C TRP Q 572 -4.54 -75.58 40.05
N GLY Q 573 -5.34 -74.55 40.23
CA GLY Q 573 -6.75 -74.51 39.89
C GLY Q 573 -7.52 -73.55 40.79
N ALA Q 574 -8.39 -72.75 40.17
CA ALA Q 574 -9.15 -71.74 40.90
C ALA Q 574 -10.59 -71.60 40.39
N ARG Q 575 -11.28 -72.71 40.20
CA ARG Q 575 -12.65 -72.66 39.71
C ARG Q 575 -13.66 -73.09 40.78
N THR Q 576 -14.91 -72.65 40.59
CA THR Q 576 -16.04 -73.15 41.38
C THR Q 576 -16.69 -74.34 40.66
N LEU Q 577 -17.76 -74.87 41.24
CA LEU Q 577 -18.51 -75.99 40.67
C LEU Q 577 -19.53 -75.55 39.62
N ALA Q 578 -19.50 -74.29 39.20
CA ALA Q 578 -20.28 -73.78 38.07
C ALA Q 578 -19.31 -73.31 36.99
N GLY Q 579 -18.37 -74.20 36.65
CA GLY Q 579 -17.20 -73.93 35.85
C GLY Q 579 -17.41 -73.61 34.38
N ASN Q 580 -18.63 -73.68 33.86
CA ASN Q 580 -18.92 -73.20 32.51
C ASN Q 580 -19.76 -71.92 32.48
N ASP Q 581 -19.87 -71.23 33.61
CA ASP Q 581 -20.65 -70.00 33.74
C ASP Q 581 -19.77 -68.79 33.46
N ASN Q 582 -20.23 -67.89 32.59
CA ASN Q 582 -19.41 -66.72 32.26
C ASN Q 582 -19.43 -65.68 33.37
N GLU Q 583 -20.38 -65.78 34.31
CA GLU Q 583 -20.41 -64.84 35.41
C GLU Q 583 -19.75 -65.41 36.66
N TRP Q 584 -19.86 -66.72 36.88
CA TRP Q 584 -19.56 -67.28 38.20
C TRP Q 584 -18.58 -68.45 38.20
N ARG Q 585 -17.62 -68.51 37.26
CA ARG Q 585 -16.75 -69.67 37.22
C ARG Q 585 -15.50 -69.51 38.09
N TYR Q 586 -15.15 -68.31 38.50
CA TYR Q 586 -13.94 -68.08 39.28
C TYR Q 586 -14.28 -67.83 40.74
N ILE Q 587 -13.44 -68.37 41.62
CA ILE Q 587 -13.65 -68.26 43.07
C ILE Q 587 -13.55 -66.81 43.53
N SER Q 588 -12.61 -66.06 42.95
CA SER Q 588 -12.34 -64.70 43.44
C SER Q 588 -13.43 -63.71 43.02
N VAL Q 589 -14.09 -63.96 41.89
CA VAL Q 589 -15.21 -63.12 41.47
C VAL Q 589 -16.40 -63.30 42.41
N ARG Q 590 -16.72 -64.56 42.75
CA ARG Q 590 -17.83 -64.87 43.64
C ARG Q 590 -17.59 -64.33 45.06
N ARG Q 591 -16.36 -64.38 45.54
CA ARG Q 591 -16.11 -63.95 46.91
C ARG Q 591 -16.00 -62.43 47.01
N PHE Q 592 -15.69 -61.75 45.90
CA PHE Q 592 -15.73 -60.29 45.90
C PHE Q 592 -17.17 -59.77 45.88
N PHE Q 593 -18.06 -60.46 45.16
CA PHE Q 593 -19.48 -60.11 45.19
C PHE Q 593 -20.11 -60.36 46.56
N ASN Q 594 -19.62 -61.37 47.28
CA ASN Q 594 -20.12 -61.62 48.63
C ASN Q 594 -19.70 -60.51 49.59
N MET Q 595 -18.51 -59.94 49.39
CA MET Q 595 -18.06 -58.85 50.26
C MET Q 595 -18.80 -57.57 49.97
N ALA Q 596 -18.89 -57.20 48.69
CA ALA Q 596 -19.42 -55.89 48.30
C ALA Q 596 -20.92 -55.78 48.55
N GLU Q 597 -21.67 -56.88 48.41
CA GLU Q 597 -23.11 -56.82 48.60
C GLU Q 597 -23.49 -56.72 50.07
N GLU Q 598 -22.72 -57.38 50.95
CA GLU Q 598 -23.03 -57.32 52.37
C GLU Q 598 -22.67 -55.98 52.98
N SER Q 599 -21.57 -55.37 52.53
CA SER Q 599 -21.15 -54.07 53.04
C SER Q 599 -22.14 -52.96 52.66
N ILE Q 600 -22.70 -53.05 51.45
CA ILE Q 600 -23.67 -52.06 51.00
C ILE Q 600 -25.01 -52.26 51.71
N LYS Q 601 -25.37 -53.52 51.98
CA LYS Q 601 -26.65 -53.82 52.62
C LYS Q 601 -26.70 -53.34 54.06
N LYS Q 602 -25.58 -53.46 54.79
CA LYS Q 602 -25.55 -52.97 56.18
C LYS Q 602 -25.58 -51.45 56.25
N ALA Q 603 -24.98 -50.78 55.27
CA ALA Q 603 -24.96 -49.32 55.28
C ALA Q 603 -26.31 -48.70 54.89
N THR Q 604 -27.21 -49.51 54.33
CA THR Q 604 -28.48 -49.05 53.78
C THR Q 604 -29.64 -49.10 54.80
N GLU Q 605 -29.47 -49.77 55.95
CA GLU Q 605 -30.59 -49.87 56.89
C GLU Q 605 -30.88 -48.56 57.63
N GLN Q 606 -30.02 -47.56 57.50
CA GLN Q 606 -30.34 -46.25 58.09
C GLN Q 606 -31.33 -45.46 57.24
N PHE Q 607 -31.73 -45.98 56.07
CA PHE Q 607 -32.61 -45.30 55.13
C PHE Q 607 -34.00 -45.91 55.02
N VAL Q 608 -34.40 -46.82 55.91
CA VAL Q 608 -35.56 -47.68 55.66
C VAL Q 608 -36.88 -46.91 55.69
N PHE Q 609 -37.12 -46.10 56.72
CA PHE Q 609 -38.37 -45.34 56.78
C PHE Q 609 -38.17 -43.86 56.45
N GLU Q 610 -37.15 -43.54 55.66
CA GLU Q 610 -36.85 -42.18 55.25
C GLU Q 610 -37.85 -41.71 54.18
N PRO Q 611 -37.95 -40.40 53.92
CA PRO Q 611 -38.76 -39.92 52.79
C PRO Q 611 -38.21 -40.38 51.45
N ASN Q 612 -39.10 -40.93 50.62
CA ASN Q 612 -38.71 -41.51 49.33
C ASN Q 612 -38.85 -40.45 48.24
N ASP Q 613 -37.95 -39.46 48.28
CA ASP Q 613 -38.00 -38.33 47.37
C ASP Q 613 -36.60 -38.03 46.83
N GLY Q 614 -36.49 -36.91 46.11
CA GLY Q 614 -35.26 -36.61 45.37
C GLY Q 614 -34.08 -36.26 46.26
N ASN Q 615 -34.35 -35.81 47.48
CA ASN Q 615 -33.27 -35.50 48.41
C ASN Q 615 -32.60 -36.78 48.92
N THR Q 616 -33.37 -37.84 49.12
CA THR Q 616 -32.81 -39.11 49.55
C THR Q 616 -32.04 -39.81 48.42
N TRP Q 617 -32.54 -39.71 47.18
CA TRP Q 617 -31.95 -40.44 46.07
C TRP Q 617 -30.57 -39.89 45.68
N VAL Q 618 -30.32 -38.62 45.96
CA VAL Q 618 -29.01 -38.02 45.69
C VAL Q 618 -27.98 -38.52 46.67
N ARG Q 619 -28.36 -38.66 47.95
CA ARG Q 619 -27.40 -39.08 48.96
C ARG Q 619 -27.18 -40.59 48.94
N VAL Q 620 -28.18 -41.37 48.52
CA VAL Q 620 -28.01 -42.81 48.39
C VAL Q 620 -27.06 -43.15 47.25
N ARG Q 621 -27.18 -42.43 46.14
CA ARG Q 621 -26.32 -42.66 44.98
C ARG Q 621 -24.86 -42.29 45.29
N ALA Q 622 -24.65 -41.22 46.05
CA ALA Q 622 -23.29 -40.76 46.32
C ALA Q 622 -22.59 -41.63 47.35
N MET Q 623 -23.35 -42.27 48.26
CA MET Q 623 -22.74 -43.19 49.22
C MET Q 623 -22.21 -44.45 48.53
N ILE Q 624 -22.95 -44.98 47.57
CA ILE Q 624 -22.53 -46.19 46.88
C ILE Q 624 -21.41 -45.89 45.89
N GLU Q 625 -21.44 -44.70 45.28
CA GLU Q 625 -20.43 -44.33 44.29
C GLU Q 625 -19.07 -44.06 44.94
N ASN Q 626 -19.07 -43.51 46.15
CA ASN Q 626 -17.80 -43.25 46.85
C ASN Q 626 -17.14 -44.56 47.27
N PHE Q 627 -17.93 -45.58 47.58
CA PHE Q 627 -17.38 -46.87 47.97
C PHE Q 627 -16.76 -47.60 46.79
N LEU Q 628 -17.40 -47.54 45.62
CA LEU Q 628 -16.92 -48.28 44.46
C LEU Q 628 -15.73 -47.60 43.80
N ILE Q 629 -15.53 -46.31 44.04
CA ILE Q 629 -14.38 -45.58 43.53
C ILE Q 629 -13.10 -46.03 44.24
N LEU Q 630 -13.21 -46.38 45.53
CA LEU Q 630 -12.06 -46.94 46.25
C LEU Q 630 -11.71 -48.34 45.76
N GLN Q 631 -12.71 -49.12 45.33
CA GLN Q 631 -12.43 -50.47 44.84
C GLN Q 631 -11.77 -50.43 43.45
N TRP Q 632 -12.13 -49.43 42.64
CA TRP Q 632 -11.48 -49.24 41.34
C TRP Q 632 -10.02 -48.82 41.51
N ARG Q 633 -9.72 -48.00 42.52
CA ARG Q 633 -8.35 -47.50 42.67
C ARG Q 633 -7.43 -48.57 43.26
N ALA Q 634 -7.99 -49.51 44.02
CA ALA Q 634 -7.20 -50.61 44.55
C ALA Q 634 -6.93 -51.72 43.54
N GLY Q 635 -7.60 -51.70 42.39
CA GLY Q 635 -7.37 -52.68 41.35
C GLY Q 635 -8.40 -53.79 41.23
N ALA Q 636 -9.52 -53.71 41.93
CA ALA Q 636 -10.52 -54.78 41.86
C ALA Q 636 -11.44 -54.61 40.65
N LEU Q 637 -11.56 -53.40 40.13
CA LEU Q 637 -12.39 -53.12 38.96
C LEU Q 637 -11.51 -52.64 37.82
N ALA Q 638 -11.74 -53.20 36.64
CA ALA Q 638 -10.94 -52.90 35.45
C ALA Q 638 -11.55 -51.71 34.71
N GLY Q 639 -10.70 -50.75 34.35
CA GLY Q 639 -11.16 -49.61 33.58
C GLY Q 639 -10.13 -48.51 33.59
N ALA Q 640 -10.11 -47.75 32.49
CA ALA Q 640 -9.20 -46.60 32.40
C ALA Q 640 -9.79 -45.38 33.09
N LYS Q 641 -11.10 -45.36 33.27
CA LYS Q 641 -11.80 -44.24 33.88
C LYS Q 641 -12.97 -44.81 34.70
N PRO Q 642 -13.50 -44.07 35.69
CA PRO Q 642 -14.52 -44.67 36.58
C PRO Q 642 -15.84 -45.06 35.92
N GLU Q 643 -16.24 -44.41 34.82
CA GLU Q 643 -17.52 -44.77 34.22
C GLU Q 643 -17.39 -46.00 33.33
N HIS Q 644 -16.17 -46.49 33.11
CA HIS Q 644 -15.99 -47.78 32.45
C HIS Q 644 -16.11 -48.91 33.45
N ALA Q 645 -16.01 -48.62 34.75
CA ALA Q 645 -15.90 -49.67 35.73
C ALA Q 645 -17.25 -49.99 36.38
N PHE Q 646 -18.12 -49.01 36.55
CA PHE Q 646 -19.39 -49.24 37.24
C PHE Q 646 -20.43 -48.22 36.79
N TYR Q 647 -21.67 -48.43 37.25
CA TYR Q 647 -22.74 -47.44 37.16
C TYR Q 647 -23.70 -47.64 38.34
N VAL Q 648 -24.39 -46.57 38.71
CA VAL Q 648 -25.41 -46.58 39.76
C VAL Q 648 -26.60 -45.75 39.29
N LYS Q 649 -27.81 -46.32 39.37
CA LYS Q 649 -29.03 -45.65 38.96
C LYS Q 649 -30.11 -45.80 40.02
N VAL Q 650 -30.73 -44.68 40.40
CA VAL Q 650 -31.88 -44.67 41.32
C VAL Q 650 -32.69 -43.39 41.07
N GLY Q 651 -34.00 -43.52 40.98
CA GLY Q 651 -34.86 -42.35 40.86
C GLY Q 651 -36.16 -42.65 40.17
N LEU Q 652 -37.07 -41.67 40.25
CA LEU Q 652 -38.36 -41.74 39.55
C LEU Q 652 -38.15 -41.44 38.07
N GLY Q 653 -38.68 -42.30 37.22
CA GLY Q 653 -38.42 -42.22 35.80
C GLY Q 653 -37.13 -42.88 35.35
N GLN Q 654 -36.35 -43.44 36.27
CA GLN Q 654 -35.15 -44.20 35.94
C GLN Q 654 -35.25 -45.64 36.39
N THR Q 655 -35.61 -45.87 37.65
CA THR Q 655 -35.81 -47.22 38.17
C THR Q 655 -37.20 -47.45 38.75
N MET Q 656 -38.03 -46.42 38.87
CA MET Q 656 -39.27 -46.48 39.62
C MET Q 656 -40.40 -45.80 38.87
N THR Q 657 -41.64 -46.25 39.14
CA THR Q 657 -42.84 -45.58 38.70
C THR Q 657 -43.52 -44.86 39.87
N ALA Q 658 -44.56 -44.09 39.55
CA ALA Q 658 -45.31 -43.40 40.60
C ALA Q 658 -46.15 -44.36 41.41
N GLN Q 659 -46.59 -45.46 40.79
CA GLN Q 659 -47.27 -46.52 41.53
C GLN Q 659 -46.33 -47.22 42.49
N ASP Q 660 -45.03 -47.26 42.16
CA ASP Q 660 -44.03 -47.85 43.07
C ASP Q 660 -43.85 -47.01 44.33
N ILE Q 661 -43.98 -45.68 44.21
CA ILE Q 661 -43.81 -44.79 45.36
C ILE Q 661 -44.94 -44.97 46.36
N LEU Q 662 -46.18 -45.13 45.87
CA LEU Q 662 -47.32 -45.31 46.76
C LEU Q 662 -47.24 -46.63 47.53
N GLU Q 663 -46.64 -47.66 46.93
CA GLU Q 663 -46.47 -48.94 47.63
C GLU Q 663 -45.31 -48.94 48.60
N GLY Q 664 -44.41 -47.96 48.54
CA GLY Q 664 -43.27 -47.92 49.44
C GLY Q 664 -42.01 -48.59 48.94
N ASN Q 665 -41.79 -48.64 47.63
CA ASN Q 665 -40.63 -49.30 47.03
C ASN Q 665 -39.62 -48.28 46.55
N MET Q 666 -38.33 -48.58 46.78
CA MET Q 666 -37.22 -47.83 46.22
C MET Q 666 -36.24 -48.82 45.57
N ASN Q 667 -35.97 -48.64 44.27
CA ASN Q 667 -35.15 -49.57 43.50
C ASN Q 667 -33.80 -48.93 43.17
N VAL Q 668 -32.72 -49.64 43.46
CA VAL Q 668 -31.36 -49.22 43.12
C VAL Q 668 -30.72 -50.28 42.24
N GLU Q 669 -30.10 -49.87 41.14
CA GLU Q 669 -29.47 -50.76 40.18
C GLU Q 669 -27.97 -50.50 40.09
N ILE Q 670 -27.17 -51.56 40.19
CA ILE Q 670 -25.71 -51.48 40.29
C ILE Q 670 -25.09 -52.49 39.33
N GLY Q 671 -24.24 -52.02 38.43
CA GLY Q 671 -23.50 -52.89 37.52
C GLY Q 671 -21.99 -52.81 37.68
N LEU Q 672 -21.29 -53.95 37.65
CA LEU Q 672 -19.88 -54.02 38.00
C LEU Q 672 -19.07 -54.72 36.91
N ALA Q 673 -17.80 -54.36 36.81
CA ALA Q 673 -16.83 -54.96 35.87
C ALA Q 673 -15.62 -55.42 36.68
N VAL Q 674 -15.62 -56.68 37.10
CA VAL Q 674 -14.63 -57.22 38.04
C VAL Q 674 -13.51 -57.90 37.23
N VAL Q 675 -12.27 -57.77 37.73
CA VAL Q 675 -11.10 -58.29 37.01
C VAL Q 675 -11.04 -59.82 37.08
N ARG Q 676 -10.74 -60.44 35.95
CA ARG Q 676 -10.63 -61.89 35.82
C ARG Q 676 -9.17 -62.33 35.83
N PRO Q 677 -8.88 -63.57 36.22
CA PRO Q 677 -7.50 -64.06 36.16
C PRO Q 677 -7.06 -64.43 34.75
N ALA Q 678 -5.74 -64.54 34.58
CA ALA Q 678 -5.13 -64.96 33.33
C ALA Q 678 -4.73 -66.43 33.44
N GLU Q 679 -5.64 -67.30 32.98
CA GLU Q 679 -5.50 -68.74 33.21
C GLU Q 679 -4.65 -69.41 32.13
N PHE Q 680 -4.79 -68.99 30.87
CA PHE Q 680 -4.04 -69.55 29.76
C PHE Q 680 -3.29 -68.42 29.06
N ILE Q 681 -1.98 -68.57 28.90
CA ILE Q 681 -1.13 -67.59 28.24
C ILE Q 681 -0.57 -68.22 26.97
N ILE Q 682 -0.85 -67.61 25.83
CA ILE Q 682 -0.55 -68.20 24.52
C ILE Q 682 0.44 -67.29 23.81
N LEU Q 683 1.66 -67.81 23.59
CA LEU Q 683 2.71 -67.08 22.89
C LEU Q 683 2.72 -67.47 21.41
N LYS Q 684 2.62 -66.47 20.53
CA LYS Q 684 2.52 -66.70 19.08
C LYS Q 684 3.75 -66.11 18.39
N PHE Q 685 4.60 -66.98 17.84
CA PHE Q 685 5.86 -66.60 17.23
C PHE Q 685 5.76 -66.65 15.70
N SER Q 686 6.43 -65.70 15.04
CA SER Q 686 6.42 -65.61 13.59
C SER Q 686 7.65 -64.88 13.08
N HIS Q 687 7.98 -65.12 11.82
CA HIS Q 687 9.07 -64.43 11.13
C HIS Q 687 8.59 -63.10 10.56
N LYS Q 688 9.46 -62.10 10.58
CA LYS Q 688 9.19 -60.84 9.89
C LYS Q 688 10.30 -60.55 8.89
N MET Q 689 9.94 -59.83 7.83
CA MET Q 689 10.89 -59.56 6.74
C MET Q 689 11.95 -58.56 7.17
N GLN Q 690 13.17 -58.75 6.64
CA GLN Q 690 14.31 -57.91 6.96
C GLN Q 690 14.18 -56.52 6.33
N ALA R 2 -4.89 -75.99 19.60
CA ALA R 2 -5.78 -74.84 19.53
C ALA R 2 -6.77 -74.83 20.68
N THR R 3 -6.86 -75.96 21.39
CA THR R 3 -7.74 -76.12 22.54
C THR R 3 -6.89 -76.35 23.79
N TYR R 4 -7.15 -75.56 24.83
CA TYR R 4 -6.37 -75.64 26.06
C TYR R 4 -7.31 -75.81 27.26
N LYS R 5 -7.04 -76.84 28.05
CA LYS R 5 -7.83 -77.17 29.24
C LYS R 5 -7.05 -77.09 30.53
N THR R 6 -5.78 -77.47 30.55
CA THR R 6 -5.02 -77.31 31.77
C THR R 6 -4.26 -75.98 31.79
N PRO R 7 -4.17 -75.32 32.95
CA PRO R 7 -3.53 -74.01 33.02
C PRO R 7 -2.03 -74.04 32.78
N GLY R 8 -1.53 -72.99 32.13
CA GLY R 8 -0.11 -72.82 31.93
C GLY R 8 0.18 -71.90 30.75
N VAL R 9 1.38 -72.05 30.21
CA VAL R 9 1.88 -71.28 29.08
C VAL R 9 2.02 -72.22 27.88
N TYR R 10 1.67 -71.73 26.69
CA TYR R 10 1.73 -72.53 25.47
C TYR R 10 2.43 -71.75 24.38
N ILE R 11 2.98 -72.48 23.40
CA ILE R 11 3.76 -71.92 22.30
C ILE R 11 3.12 -72.32 20.98
N GLU R 12 2.87 -71.34 20.12
CA GLU R 12 2.30 -71.54 18.78
C GLU R 12 3.23 -70.92 17.75
N GLU R 13 3.38 -71.58 16.61
CA GLU R 13 4.13 -71.05 15.48
C GLU R 13 3.18 -70.81 14.31
N ILE R 14 3.29 -69.64 13.68
CA ILE R 14 2.42 -69.23 12.57
C ILE R 14 3.27 -69.15 11.31
N THR R 15 2.77 -69.74 10.22
CA THR R 15 3.46 -69.81 8.95
C THR R 15 3.06 -68.63 8.06
N LYS R 16 4.05 -67.85 7.62
CA LYS R 16 3.79 -66.68 6.78
C LYS R 16 4.52 -66.71 5.45
N PHE R 17 5.79 -67.12 5.43
CA PHE R 17 6.57 -67.03 4.20
C PHE R 17 6.18 -68.16 3.25
N PRO R 18 6.17 -67.91 1.94
CA PRO R 18 5.97 -68.99 0.97
C PRO R 18 7.24 -69.82 0.81
N PRO R 19 7.12 -71.08 0.37
CA PRO R 19 8.32 -71.84 0.00
C PRO R 19 8.87 -71.40 -1.34
N SER R 20 10.01 -71.96 -1.71
CA SER R 20 10.67 -71.62 -2.96
C SER R 20 10.73 -72.82 -3.90
N VAL R 21 10.78 -72.53 -5.20
CA VAL R 21 10.85 -73.53 -6.26
C VAL R 21 12.30 -73.92 -6.51
N ALA R 22 12.54 -75.20 -6.76
CA ALA R 22 13.87 -75.74 -7.04
C ALA R 22 13.95 -76.12 -8.52
N GLN R 23 14.98 -75.61 -9.21
CA GLN R 23 15.08 -75.74 -10.66
C GLN R 23 15.65 -77.10 -11.07
N VAL R 24 15.11 -77.66 -12.15
CA VAL R 24 15.50 -78.99 -12.64
C VAL R 24 16.56 -78.85 -13.73
N GLU R 25 17.26 -79.97 -13.99
CA GLU R 25 18.24 -80.03 -15.06
C GLU R 25 17.56 -79.97 -16.42
N THR R 26 18.28 -79.45 -17.42
CA THR R 26 17.69 -79.21 -18.73
C THR R 26 18.21 -80.09 -19.84
N ALA R 27 19.45 -80.61 -19.77
CA ALA R 27 20.01 -81.41 -20.86
C ALA R 27 20.68 -82.67 -20.29
N ILE R 28 19.89 -83.72 -20.11
CA ILE R 28 20.37 -85.06 -19.78
C ILE R 28 19.85 -86.00 -20.86
N PRO R 29 20.68 -86.49 -21.78
CA PRO R 29 20.20 -87.41 -22.82
C PRO R 29 20.23 -88.88 -22.40
N ALA R 30 19.58 -89.69 -23.23
CA ALA R 30 19.57 -91.14 -23.07
C ALA R 30 19.91 -91.80 -24.40
N PHE R 31 20.88 -92.71 -24.39
CA PHE R 31 21.34 -93.41 -25.58
C PHE R 31 20.85 -94.85 -25.53
N ILE R 32 20.19 -95.30 -26.60
CA ILE R 32 19.52 -96.60 -26.65
C ILE R 32 20.07 -97.38 -27.85
N GLY R 33 20.77 -98.48 -27.57
CA GLY R 33 21.36 -99.27 -28.64
C GLY R 33 22.19 -100.42 -28.09
N TYR R 34 23.02 -100.98 -28.97
CA TYR R 34 23.78 -102.19 -28.69
C TYR R 34 25.16 -101.88 -28.13
N THR R 35 25.62 -102.70 -27.19
CA THR R 35 26.94 -102.55 -26.57
C THR R 35 27.73 -103.85 -26.72
N GLN R 36 28.96 -103.84 -26.19
CA GLN R 36 29.81 -105.03 -26.27
C GLN R 36 29.47 -106.05 -25.18
N PHE R 37 29.45 -105.66 -23.90
CA PHE R 37 29.04 -106.66 -22.91
C PHE R 37 27.99 -106.28 -21.86
N ALA R 38 27.97 -105.04 -21.35
CA ALA R 38 26.98 -104.55 -20.36
C ALA R 38 27.00 -105.35 -19.04
N ARG R 39 28.07 -105.17 -18.27
CA ARG R 39 28.27 -105.90 -17.02
C ARG R 39 28.33 -104.96 -15.82
N THR R 40 27.75 -105.38 -14.68
CA THR R 40 27.87 -104.59 -13.45
C THR R 40 29.23 -104.77 -12.81
N LYS R 41 29.74 -106.00 -12.77
CA LYS R 41 31.09 -106.26 -12.31
C LYS R 41 31.94 -106.66 -13.50
N PRO R 42 32.97 -105.90 -13.84
CA PRO R 42 33.67 -106.13 -15.12
C PRO R 42 34.48 -107.41 -15.17
N SER R 43 34.87 -107.97 -14.02
CA SER R 43 35.63 -109.21 -14.04
C SER R 43 34.72 -110.42 -14.22
N VAL R 44 33.56 -110.42 -13.59
CA VAL R 44 32.62 -111.53 -13.67
C VAL R 44 31.82 -111.42 -14.97
N ASP R 45 31.81 -112.50 -15.76
CA ASP R 45 31.27 -112.51 -17.12
C ASP R 45 29.77 -112.81 -17.08
N SER R 46 28.96 -111.77 -16.86
CA SER R 46 27.52 -111.93 -16.85
C SER R 46 26.87 -110.61 -17.29
N ASP R 47 26.05 -110.68 -18.33
CA ASP R 47 25.38 -109.50 -18.88
C ASP R 47 24.09 -109.26 -18.12
N ASP R 48 24.20 -108.68 -16.92
CA ASP R 48 23.02 -108.36 -16.12
C ASP R 48 22.57 -106.91 -16.25
N LEU R 49 23.16 -106.14 -17.16
CA LEU R 49 22.74 -104.78 -17.44
C LEU R 49 22.02 -104.65 -18.78
N ILE R 50 21.28 -105.67 -19.21
CA ILE R 50 20.78 -105.73 -20.58
C ILE R 50 19.71 -104.67 -20.82
N LEU R 51 18.65 -104.66 -20.02
CA LEU R 51 17.62 -103.63 -20.17
C LEU R 51 17.42 -102.81 -18.90
N LYS R 52 18.52 -102.38 -18.27
CA LYS R 52 18.49 -101.55 -17.08
C LYS R 52 19.15 -100.22 -17.37
N PRO R 53 18.47 -99.08 -17.15
CA PRO R 53 19.13 -97.78 -17.36
C PRO R 53 20.16 -97.49 -16.28
N LYS R 54 21.31 -96.97 -16.71
CA LYS R 54 22.43 -96.66 -15.82
C LYS R 54 22.99 -95.28 -16.15
N ARG R 55 23.29 -94.51 -15.11
CA ARG R 55 23.81 -93.16 -15.26
C ARG R 55 25.34 -93.16 -15.16
N ILE R 56 26.00 -92.71 -16.23
CA ILE R 56 27.46 -92.62 -16.29
C ILE R 56 27.85 -91.15 -16.35
N SER R 57 29.16 -90.88 -16.30
CA SER R 57 29.64 -89.52 -16.23
C SER R 57 30.74 -89.17 -17.22
N SER R 58 31.42 -90.16 -17.80
CA SER R 58 32.50 -89.88 -18.73
C SER R 58 32.64 -91.06 -19.68
N LEU R 59 33.57 -90.91 -20.63
CA LEU R 59 33.84 -91.99 -21.58
C LEU R 59 34.57 -93.14 -20.90
N LEU R 60 35.32 -92.86 -19.84
CA LEU R 60 36.02 -93.93 -19.12
C LEU R 60 35.04 -94.77 -18.30
N ASP R 61 33.93 -94.16 -17.85
CA ASP R 61 32.88 -94.93 -17.19
C ASP R 61 32.17 -95.86 -18.16
N PHE R 62 32.08 -95.48 -19.44
CA PHE R 62 31.36 -96.31 -20.40
C PHE R 62 32.12 -97.59 -20.72
N THR R 63 33.43 -97.49 -20.93
CA THR R 63 34.20 -98.66 -21.36
C THR R 63 34.42 -99.64 -20.22
N THR R 64 34.27 -99.17 -18.97
CA THR R 64 34.34 -100.05 -17.81
C THR R 64 33.18 -101.03 -17.80
N TYR R 65 31.96 -100.53 -18.01
CA TYR R 65 30.77 -101.36 -17.90
C TYR R 65 30.31 -101.92 -19.24
N TYR R 66 30.64 -101.27 -20.36
CA TYR R 66 30.08 -101.64 -21.66
C TYR R 66 31.12 -101.98 -22.72
N GLY R 67 32.35 -101.52 -22.60
CA GLY R 67 33.38 -101.85 -23.58
C GLY R 67 33.51 -100.82 -24.69
N GLY R 68 34.06 -101.28 -25.82
CA GLY R 68 34.29 -100.43 -26.97
C GLY R 68 33.56 -100.84 -28.23
N ALA R 69 34.12 -100.49 -29.39
CA ALA R 69 33.51 -100.78 -30.68
C ALA R 69 33.86 -102.18 -31.16
N GLN R 70 33.25 -102.57 -32.28
CA GLN R 70 33.51 -103.86 -32.90
C GLN R 70 34.59 -103.74 -33.97
N ASN R 71 35.48 -104.72 -34.02
CA ASN R 71 36.53 -104.76 -35.02
C ASN R 71 35.95 -104.95 -36.41
N GLU R 72 36.45 -104.18 -37.37
CA GLU R 72 35.96 -104.27 -38.74
C GLU R 72 36.51 -105.51 -39.43
N GLN R 73 35.70 -106.10 -40.31
CA GLN R 73 36.06 -107.32 -41.01
C GLN R 73 36.24 -107.14 -42.52
N GLY R 74 36.07 -105.92 -43.03
CA GLY R 74 36.14 -105.67 -44.46
C GLY R 74 37.36 -104.94 -44.99
N ILE R 75 38.51 -105.10 -44.33
CA ILE R 75 39.75 -104.38 -44.78
C ILE R 75 40.67 -105.34 -45.55
N THR R 76 41.15 -104.91 -46.71
CA THR R 76 42.06 -105.69 -47.54
C THR R 76 43.30 -104.87 -47.88
N VAL R 77 44.46 -105.54 -47.93
CA VAL R 77 45.74 -104.90 -48.23
C VAL R 77 46.36 -105.59 -49.44
N LYS R 78 46.85 -104.81 -50.39
CA LYS R 78 47.45 -105.29 -51.63
C LYS R 78 48.87 -104.72 -51.76
N LEU R 79 49.82 -105.59 -52.13
CA LEU R 79 51.20 -105.20 -52.37
C LEU R 79 51.63 -105.61 -53.78
N THR R 80 52.33 -104.72 -54.47
CA THR R 80 52.79 -104.99 -55.84
C THR R 80 54.22 -104.47 -56.02
N ASP R 81 55.11 -105.33 -56.50
CA ASP R 81 56.48 -104.97 -56.84
C ASP R 81 56.61 -104.93 -58.36
N THR R 82 57.23 -103.86 -58.87
CA THR R 82 57.29 -103.59 -60.30
C THR R 82 58.70 -103.12 -60.63
N LEU R 83 59.08 -103.23 -61.90
CA LEU R 83 60.33 -102.68 -62.42
C LEU R 83 60.03 -101.72 -63.55
N ILE R 84 60.47 -100.48 -63.41
CA ILE R 84 60.24 -99.43 -64.41
C ILE R 84 61.61 -98.95 -64.89
N GLU R 85 61.99 -99.42 -66.09
CA GLU R 85 63.30 -99.21 -66.76
C GLU R 85 64.48 -99.40 -65.80
N GLY R 86 64.45 -100.52 -65.07
CA GLY R 86 65.51 -100.86 -64.15
C GLY R 86 65.41 -100.24 -62.77
N ALA R 87 64.33 -99.52 -62.48
CA ALA R 87 64.14 -98.89 -61.18
C ALA R 87 62.97 -99.56 -60.48
N GLU R 88 63.12 -99.78 -59.17
CA GLU R 88 62.10 -100.48 -58.41
C GLU R 88 60.93 -99.55 -58.08
N ASN R 89 59.72 -100.12 -58.03
CA ASN R 89 58.52 -99.38 -57.66
C ASN R 89 57.63 -100.30 -56.83
N ARG R 90 57.23 -99.82 -55.66
CA ARG R 90 56.36 -100.56 -54.76
C ARG R 90 55.05 -99.80 -54.59
N THR R 91 53.93 -100.52 -54.71
CA THR R 91 52.60 -99.94 -54.64
C THR R 91 51.84 -100.59 -53.49
N ILE R 92 51.24 -99.78 -52.62
CA ILE R 92 50.40 -100.25 -51.52
C ILE R 92 49.00 -99.70 -51.72
N ASN R 93 48.01 -100.59 -51.77
CA ASN R 93 46.63 -100.22 -52.07
C ASN R 93 45.70 -100.73 -50.98
N VAL R 94 45.12 -99.80 -50.22
CA VAL R 94 44.07 -100.11 -49.25
C VAL R 94 42.83 -99.33 -49.64
N PRO R 95 41.83 -99.97 -50.25
CA PRO R 95 40.59 -99.26 -50.57
C PRO R 95 39.73 -99.07 -49.33
N GLU R 96 38.82 -98.11 -49.42
CA GLU R 96 37.85 -97.92 -48.35
C GLU R 96 36.82 -99.05 -48.37
N PRO R 97 36.46 -99.59 -47.20
CA PRO R 97 35.61 -100.79 -47.18
C PRO R 97 34.17 -100.48 -47.56
N THR R 98 33.59 -101.37 -48.37
CA THR R 98 32.19 -101.26 -48.75
C THR R 98 31.24 -101.96 -47.78
N PHE R 99 31.76 -102.82 -46.89
CA PHE R 99 30.96 -103.48 -45.88
C PHE R 99 31.47 -103.06 -44.51
N LYS R 100 30.63 -102.36 -43.76
CA LYS R 100 30.99 -101.80 -42.46
C LYS R 100 30.16 -102.46 -41.37
N SER R 101 30.58 -102.27 -40.13
CA SER R 101 29.81 -102.73 -38.98
C SER R 101 28.60 -101.83 -38.76
N PRO R 102 27.44 -102.36 -38.40
CA PRO R 102 26.26 -101.51 -38.24
C PRO R 102 26.14 -100.83 -36.89
N TYR R 103 27.11 -101.02 -35.99
CA TYR R 103 27.05 -100.50 -34.64
C TYR R 103 27.78 -99.17 -34.56
N LEU R 104 27.14 -98.16 -33.97
CA LEU R 104 27.65 -96.80 -33.98
C LEU R 104 27.63 -96.12 -32.61
N MET R 105 27.43 -96.88 -31.54
CA MET R 105 27.16 -96.27 -30.23
C MET R 105 28.43 -95.71 -29.60
N PHE R 106 29.54 -96.45 -29.69
CA PHE R 106 30.80 -96.00 -29.10
C PHE R 106 31.35 -94.78 -29.84
N TYR R 107 31.13 -94.72 -31.16
CA TYR R 107 31.57 -93.56 -31.94
C TYR R 107 30.75 -92.31 -31.59
N SER R 108 29.45 -92.48 -31.35
CA SER R 108 28.58 -91.35 -31.06
C SER R 108 28.85 -90.76 -29.68
N LEU R 109 29.28 -91.59 -28.73
CA LEU R 109 29.61 -91.09 -27.41
C LEU R 109 30.94 -90.34 -27.41
N GLN R 110 31.83 -90.69 -28.34
CA GLN R 110 33.05 -89.91 -28.52
C GLN R 110 32.75 -88.52 -29.05
N MET R 111 31.75 -88.40 -29.93
CA MET R 111 31.38 -87.10 -30.47
C MET R 111 30.64 -86.26 -29.43
N TYR R 112 29.90 -86.92 -28.53
CA TYR R 112 29.12 -86.21 -27.51
C TYR R 112 30.02 -85.56 -26.47
N PHE R 113 31.01 -86.30 -25.96
CA PHE R 113 31.89 -85.74 -24.94
C PHE R 113 32.88 -84.74 -25.53
N ALA R 114 33.14 -84.82 -26.84
CA ALA R 114 34.07 -83.87 -27.46
C ALA R 114 33.41 -82.52 -27.74
N ASN R 115 32.08 -82.46 -27.69
CA ASN R 115 31.35 -81.23 -27.97
C ASN R 115 30.76 -80.60 -26.72
N GLY R 116 31.06 -81.12 -25.54
CA GLY R 116 30.68 -80.49 -24.30
C GLY R 116 29.62 -81.19 -23.48
N GLY R 117 29.44 -82.50 -23.65
CA GLY R 117 28.40 -83.20 -22.92
C GLY R 117 28.80 -83.55 -21.50
N GLY R 118 27.78 -83.73 -20.66
CA GLY R 118 27.98 -84.11 -19.29
C GLY R 118 27.41 -85.49 -18.98
N PRO R 119 26.73 -85.63 -17.84
CA PRO R 119 26.17 -86.94 -17.46
C PRO R 119 24.98 -87.32 -18.33
N CYS R 120 24.88 -88.63 -18.61
CA CYS R 120 23.85 -89.16 -19.50
C CYS R 120 23.48 -90.57 -19.05
N TYR R 121 22.41 -91.09 -19.64
CA TYR R 121 21.92 -92.43 -19.31
C TYR R 121 22.14 -93.40 -20.47
N ILE R 122 22.49 -94.63 -20.14
CA ILE R 122 22.75 -95.68 -21.12
C ILE R 122 21.68 -96.77 -20.98
N VAL R 123 21.03 -97.10 -22.08
CA VAL R 123 20.08 -98.21 -22.14
C VAL R 123 20.56 -99.18 -23.22
N SER R 124 21.15 -100.29 -22.79
CA SER R 124 21.55 -101.33 -23.72
C SER R 124 20.32 -102.03 -24.27
N THR R 125 20.44 -102.63 -25.46
CA THR R 125 19.36 -103.44 -26.02
C THR R 125 19.81 -104.84 -26.38
N GLY R 126 21.02 -105.22 -26.04
CA GLY R 126 21.59 -106.48 -26.45
C GLY R 126 23.07 -106.30 -26.73
N VAL R 127 23.71 -107.40 -27.14
CA VAL R 127 25.14 -107.39 -27.41
C VAL R 127 25.36 -107.59 -28.91
N TYR R 128 26.62 -107.50 -29.30
CA TYR R 128 26.98 -107.60 -30.72
C TYR R 128 26.79 -109.02 -31.23
N ASP R 129 26.41 -109.15 -32.49
CA ASP R 129 26.41 -110.41 -33.20
C ASP R 129 27.65 -110.50 -34.08
N ASP R 130 28.03 -111.73 -34.42
CA ASP R 130 29.23 -111.98 -35.21
C ASP R 130 28.94 -111.88 -36.70
N TRP R 131 29.99 -111.59 -37.46
CA TRP R 131 29.90 -111.62 -38.91
C TRP R 131 29.88 -113.07 -39.39
N SER R 132 29.02 -113.35 -40.36
CA SER R 132 29.00 -114.69 -40.96
C SER R 132 30.18 -114.94 -41.86
N ASP R 133 30.54 -113.98 -42.72
CA ASP R 133 31.80 -113.98 -43.44
C ASP R 133 32.20 -112.53 -43.69
N SER R 134 33.15 -112.33 -44.61
CA SER R 134 33.77 -111.02 -44.77
C SER R 134 32.89 -110.03 -45.51
N GLU R 135 31.78 -110.48 -46.08
CA GLU R 135 30.88 -109.60 -46.82
C GLU R 135 29.45 -109.65 -46.33
N THR R 136 29.19 -110.15 -45.13
CA THR R 136 27.86 -110.15 -44.54
C THR R 136 27.94 -109.64 -43.10
N PRO R 137 27.72 -108.35 -42.87
CA PRO R 137 27.65 -107.83 -41.50
C PRO R 137 26.34 -108.22 -40.85
N PRO R 138 26.26 -108.18 -39.51
CA PRO R 138 25.00 -108.49 -38.83
C PRO R 138 23.93 -107.42 -39.04
N THR R 139 22.72 -107.74 -38.60
CA THR R 139 21.55 -106.90 -38.82
C THR R 139 21.04 -106.34 -37.50
N ILE R 140 20.23 -105.28 -37.62
CA ILE R 140 19.65 -104.56 -36.49
C ILE R 140 18.15 -104.81 -36.49
N ASN R 141 17.60 -105.17 -35.33
CA ASN R 141 16.21 -105.59 -35.23
C ASN R 141 15.36 -104.46 -34.68
N PHE R 142 14.16 -104.28 -35.25
CA PHE R 142 13.24 -103.24 -34.81
C PHE R 142 12.67 -103.54 -33.42
N SER R 143 12.50 -104.82 -33.09
CA SER R 143 11.84 -105.18 -31.83
C SER R 143 12.74 -104.96 -30.61
N ASP R 144 14.05 -104.89 -30.80
CA ASP R 144 14.95 -104.58 -29.69
C ASP R 144 14.96 -103.09 -29.35
N LEU R 145 14.93 -102.22 -30.35
CA LEU R 145 14.97 -100.79 -30.11
C LEU R 145 13.66 -100.27 -29.52
N GLU R 146 12.52 -100.87 -29.87
CA GLU R 146 11.26 -100.44 -29.29
C GLU R 146 11.11 -100.96 -27.86
N SER R 147 11.75 -102.08 -27.56
CA SER R 147 11.77 -102.59 -26.19
C SER R 147 12.60 -101.69 -25.28
N GLY R 148 13.61 -101.02 -25.83
CA GLY R 148 14.39 -100.09 -25.04
C GLY R 148 13.66 -98.80 -24.74
N LEU R 149 12.75 -98.41 -25.63
CA LEU R 149 11.95 -97.21 -25.42
C LEU R 149 10.91 -97.39 -24.32
N ALA R 150 10.50 -98.64 -24.07
CA ALA R 150 9.48 -98.89 -23.05
C ALA R 150 10.04 -98.79 -21.64
N VAL R 151 11.34 -99.08 -21.46
CA VAL R 151 11.91 -99.02 -20.12
C VAL R 151 12.36 -97.60 -19.78
N ILE R 152 12.57 -96.76 -20.79
CA ILE R 152 12.97 -95.38 -20.51
C ILE R 152 11.77 -94.52 -20.14
N ARG R 153 10.56 -95.02 -20.37
CA ARG R 153 9.33 -94.36 -19.98
C ARG R 153 9.18 -94.30 -18.46
N LYS R 154 9.79 -95.25 -17.76
CA LYS R 154 9.71 -95.34 -16.30
C LYS R 154 10.77 -94.50 -15.59
N GLU R 155 11.70 -93.89 -16.31
CA GLU R 155 12.73 -93.05 -15.70
C GLU R 155 12.30 -91.59 -15.73
N ASP R 156 12.69 -90.85 -14.69
CA ASP R 156 12.23 -89.48 -14.49
C ASP R 156 13.20 -88.43 -15.03
N GLU R 157 14.50 -88.64 -14.86
CA GLU R 157 15.53 -87.61 -15.08
C GLU R 157 15.92 -87.26 -16.52
N PRO R 158 15.97 -88.17 -17.53
CA PRO R 158 16.39 -87.73 -18.87
C PRO R 158 15.42 -86.76 -19.54
N THR R 159 15.99 -85.87 -20.36
CA THR R 159 15.24 -84.86 -21.10
C THR R 159 15.36 -84.99 -22.61
N LEU R 160 16.18 -85.91 -23.12
CA LEU R 160 16.44 -86.05 -24.55
C LEU R 160 16.54 -87.52 -24.95
N LEU R 161 15.95 -87.87 -26.10
CA LEU R 161 15.88 -89.25 -26.57
C LEU R 161 16.64 -89.41 -27.88
N LEU R 162 17.51 -90.42 -27.95
CA LEU R 162 18.34 -90.67 -29.14
C LEU R 162 18.47 -92.17 -29.41
N PHE R 163 18.61 -92.52 -30.68
CA PHE R 163 18.81 -93.89 -31.16
C PHE R 163 20.00 -93.91 -32.12
N PRO R 164 21.20 -94.22 -31.64
CA PRO R 164 22.39 -94.06 -32.51
C PRO R 164 22.55 -95.11 -33.61
N ASP R 165 21.84 -96.23 -33.57
CA ASP R 165 22.01 -97.30 -34.55
C ASP R 165 20.90 -97.32 -35.59
N ALA R 166 19.97 -96.34 -35.53
CA ALA R 166 18.70 -96.43 -36.23
C ALA R 166 18.80 -96.27 -37.74
N THR R 167 19.82 -95.58 -38.27
CA THR R 167 19.94 -95.42 -39.71
C THR R 167 20.34 -96.70 -40.43
N ASN R 168 20.77 -97.73 -39.72
CA ASN R 168 21.13 -99.01 -40.31
C ASN R 168 20.01 -100.03 -40.19
N LEU R 169 18.78 -99.58 -39.98
CA LEU R 169 17.60 -100.43 -39.94
C LEU R 169 17.28 -100.93 -41.35
N PRO R 170 16.64 -102.10 -41.50
CA PRO R 170 16.48 -102.68 -42.85
C PRO R 170 15.58 -101.91 -43.80
N THR R 171 14.42 -101.43 -43.37
CA THR R 171 13.56 -100.64 -44.23
C THR R 171 13.39 -99.24 -43.66
N ASP R 172 12.98 -98.31 -44.52
CA ASP R 172 12.76 -96.94 -44.07
C ASP R 172 11.44 -96.80 -43.30
N ASP R 173 10.48 -97.69 -43.57
CA ASP R 173 9.21 -97.65 -42.84
C ASP R 173 9.40 -98.01 -41.37
N GLU R 174 10.36 -98.89 -41.07
CA GLU R 174 10.68 -99.17 -39.67
C GLU R 174 11.35 -97.96 -39.01
N PHE R 175 12.14 -97.21 -39.78
CA PHE R 175 12.85 -96.04 -39.27
C PHE R 175 11.87 -94.94 -38.87
N TYR R 176 10.87 -94.66 -39.72
CA TYR R 176 9.92 -93.59 -39.41
C TYR R 176 8.95 -94.01 -38.31
N SER R 177 8.61 -95.30 -38.25
CA SER R 177 7.67 -95.79 -37.24
C SER R 177 8.29 -95.76 -35.84
N LEU R 178 9.62 -95.90 -35.76
CA LEU R 178 10.30 -95.79 -34.47
C LEU R 178 10.27 -94.36 -33.95
N TYR R 179 10.42 -93.38 -34.84
CA TYR R 179 10.43 -91.99 -34.40
C TYR R 179 9.01 -91.46 -34.18
N ASN R 180 8.00 -92.11 -34.74
CA ASN R 180 6.63 -91.75 -34.39
C ASN R 180 6.28 -92.18 -32.98
N SER R 181 6.94 -93.25 -32.49
CA SER R 181 6.67 -93.74 -31.14
C SER R 181 7.35 -92.86 -30.10
N ALA R 182 8.48 -92.26 -30.44
CA ALA R 182 9.18 -91.39 -29.50
C ALA R 182 8.43 -90.07 -29.31
N LEU R 183 7.79 -89.55 -30.37
CA LEU R 183 7.04 -88.31 -30.24
C LEU R 183 5.73 -88.51 -29.48
N MET R 184 5.17 -89.73 -29.49
CA MET R 184 3.99 -90.00 -28.69
C MET R 184 4.33 -90.12 -27.21
N GLN R 185 5.54 -90.60 -26.89
CA GLN R 185 5.99 -90.61 -25.50
C GLN R 185 6.28 -89.18 -25.01
N CYS R 186 6.78 -88.31 -25.89
CA CYS R 186 7.06 -86.95 -25.48
C CYS R 186 5.78 -86.14 -25.29
N ASN R 187 4.70 -86.53 -25.98
CA ASN R 187 3.40 -85.89 -25.75
C ASN R 187 2.80 -86.32 -24.41
N ASP R 188 2.94 -87.60 -24.06
CA ASP R 188 2.30 -88.12 -22.84
C ASP R 188 3.01 -87.64 -21.58
N LEU R 189 4.34 -87.78 -21.53
CA LEU R 189 5.07 -87.40 -20.32
C LEU R 189 5.25 -85.89 -20.23
N GLN R 190 5.09 -85.20 -21.36
CA GLN R 190 5.18 -83.75 -21.58
C GLN R 190 6.39 -83.08 -20.92
N ASP R 191 7.54 -83.75 -20.88
CA ASP R 191 8.75 -83.18 -20.29
C ASP R 191 10.03 -83.51 -21.05
N ARG R 192 9.93 -84.01 -22.29
CA ARG R 192 11.09 -84.47 -23.05
C ARG R 192 11.09 -83.88 -24.45
N PHE R 193 12.16 -84.15 -25.19
CA PHE R 193 12.37 -83.64 -26.55
C PHE R 193 13.18 -84.66 -27.34
N THR R 194 12.93 -84.74 -28.65
CA THR R 194 13.54 -85.75 -29.52
C THR R 194 14.38 -85.08 -30.61
N ILE R 195 15.53 -85.67 -30.91
CA ILE R 195 16.42 -85.21 -31.98
C ILE R 195 16.44 -86.25 -33.10
N LEU R 196 16.12 -85.82 -34.32
CA LEU R 196 15.94 -86.72 -35.46
C LEU R 196 17.01 -86.50 -36.52
N ASP R 197 17.21 -87.52 -37.34
CA ASP R 197 17.99 -87.42 -38.58
C ASP R 197 17.15 -87.92 -39.76
N THR R 198 17.73 -87.85 -40.94
CA THR R 198 17.15 -88.48 -42.11
C THR R 198 17.63 -89.93 -42.20
N TYR R 199 17.00 -90.67 -43.11
CA TYR R 199 17.36 -92.09 -43.29
C TYR R 199 18.71 -92.23 -43.99
N SER R 200 19.00 -91.31 -44.91
CA SER R 200 20.26 -91.30 -45.63
C SER R 200 20.63 -89.86 -45.92
N ASP R 201 21.87 -89.65 -46.33
CA ASP R 201 22.33 -88.34 -46.78
C ASP R 201 22.27 -88.19 -48.29
N GLN R 202 22.03 -89.27 -49.02
CA GLN R 202 21.89 -89.25 -50.47
C GLN R 202 20.58 -89.92 -50.86
N THR R 203 20.30 -89.89 -52.17
CA THR R 203 19.16 -90.60 -52.73
C THR R 203 19.30 -92.10 -52.55
N TYR R 204 18.28 -92.73 -51.95
CA TYR R 204 18.32 -94.15 -51.63
C TYR R 204 17.21 -94.88 -52.36
N ASN R 205 17.40 -96.19 -52.53
CA ASN R 205 16.43 -97.05 -53.20
C ASN R 205 15.50 -97.68 -52.17
N ASP R 206 14.20 -97.64 -52.47
CA ASP R 206 13.17 -98.18 -51.60
C ASP R 206 12.76 -99.60 -51.98
N GLY R 207 13.28 -100.13 -53.08
CA GLY R 207 12.82 -101.39 -53.63
C GLY R 207 11.93 -101.23 -54.84
N VAL R 208 11.07 -100.21 -54.84
CA VAL R 208 10.27 -99.87 -56.01
C VAL R 208 10.71 -98.57 -56.67
N GLU R 209 11.14 -97.56 -55.91
CA GLU R 209 11.43 -96.24 -56.45
C GLU R 209 12.71 -95.71 -55.81
N ASP R 210 13.19 -94.60 -56.34
CA ASP R 210 14.30 -93.84 -55.76
C ASP R 210 13.74 -92.59 -55.10
N LEU R 211 14.18 -92.31 -53.87
CA LEU R 211 13.60 -91.24 -53.07
C LEU R 211 14.68 -90.27 -52.61
N ASP R 212 14.32 -89.00 -52.56
CA ASP R 212 15.18 -87.97 -51.99
C ASP R 212 15.00 -87.96 -50.47
N PRO R 213 16.04 -87.64 -49.68
CA PRO R 213 15.95 -87.80 -48.22
C PRO R 213 15.01 -86.83 -47.49
N ILE R 214 15.02 -85.57 -47.92
CA ILE R 214 14.18 -84.53 -47.25
C ILE R 214 12.69 -84.78 -47.51
N PRO R 215 12.17 -84.96 -48.75
CA PRO R 215 10.73 -85.25 -48.91
C PRO R 215 10.27 -86.60 -48.39
N ALA R 216 11.18 -87.55 -48.20
CA ALA R 216 10.79 -88.85 -47.66
C ALA R 216 10.59 -88.77 -46.14
N LEU R 217 11.34 -87.90 -45.47
CA LEU R 217 11.12 -87.70 -44.04
C LEU R 217 9.83 -86.94 -43.78
N ARG R 218 9.41 -86.09 -44.72
CA ARG R 218 8.17 -85.34 -44.53
C ARG R 218 6.95 -86.23 -44.75
N ASN R 219 7.10 -87.33 -45.49
CA ASN R 219 6.02 -88.29 -45.64
C ASN R 219 5.93 -89.26 -44.48
N GLY R 220 7.08 -89.69 -43.93
CA GLY R 220 7.07 -90.74 -42.93
C GLY R 220 6.56 -90.29 -41.56
N ILE R 221 6.76 -89.03 -41.21
CA ILE R 221 6.28 -88.48 -39.96
C ILE R 221 4.92 -87.84 -40.22
N ASN R 222 3.83 -88.51 -39.79
CA ASN R 222 2.49 -88.13 -40.21
C ASN R 222 1.56 -87.77 -39.05
N LEU R 223 2.05 -87.02 -38.06
CA LEU R 223 1.22 -86.62 -36.93
C LEU R 223 0.92 -85.12 -36.98
N THR R 224 -0.01 -84.69 -36.13
CA THR R 224 -0.40 -83.29 -36.06
C THR R 224 0.57 -82.48 -35.19
N LYS R 225 0.29 -81.18 -35.09
CA LYS R 225 1.17 -80.24 -34.42
C LYS R 225 1.43 -80.57 -32.95
N ASP R 226 0.43 -81.08 -32.25
CA ASP R 226 0.57 -81.38 -30.84
C ASP R 226 1.62 -82.45 -30.58
N TYR R 227 2.09 -83.13 -31.62
CA TYR R 227 3.20 -84.07 -31.55
C TYR R 227 4.47 -83.53 -32.19
N LEU R 228 4.34 -82.73 -33.25
CA LEU R 228 5.50 -82.26 -34.01
C LEU R 228 6.30 -81.20 -33.25
N LYS R 229 5.70 -80.57 -32.24
CA LYS R 229 6.38 -79.54 -31.47
C LYS R 229 7.45 -80.10 -30.52
N TYR R 230 7.54 -81.42 -30.36
CA TYR R 230 8.49 -82.05 -29.47
C TYR R 230 9.72 -82.60 -30.19
N GLY R 231 9.94 -82.26 -31.46
CA GLY R 231 11.11 -82.78 -32.16
C GLY R 231 11.75 -81.79 -33.11
N ALA R 232 13.00 -82.10 -33.47
CA ALA R 232 13.79 -81.29 -34.40
C ALA R 232 14.69 -82.22 -35.23
N ALA R 233 14.93 -81.82 -36.48
CA ALA R 233 15.62 -82.64 -37.45
C ALA R 233 16.79 -81.88 -38.09
N TYR R 234 17.87 -82.60 -38.36
CA TYR R 234 19.11 -82.01 -38.87
C TYR R 234 19.58 -82.76 -40.10
N TYR R 235 20.30 -82.04 -40.96
CA TYR R 235 20.75 -82.54 -42.26
C TYR R 235 21.95 -81.71 -42.70
N PRO R 236 22.93 -82.32 -43.41
CA PRO R 236 23.26 -83.71 -43.75
C PRO R 236 24.14 -84.41 -42.70
N PHE R 237 24.88 -85.43 -43.12
CA PHE R 237 25.77 -86.15 -42.22
C PHE R 237 27.09 -85.39 -42.04
N VAL R 238 27.93 -85.85 -41.10
CA VAL R 238 29.20 -85.18 -40.81
C VAL R 238 30.35 -86.16 -40.91
N GLN R 239 31.49 -85.69 -41.42
CA GLN R 239 32.74 -86.46 -41.55
C GLN R 239 33.62 -86.10 -40.34
N THR R 240 34.15 -87.10 -39.62
CA THR R 240 34.84 -86.90 -38.36
C THR R 240 36.34 -87.17 -38.52
N ILE R 241 37.08 -87.01 -37.43
CA ILE R 241 38.52 -87.24 -37.37
C ILE R 241 38.87 -88.62 -36.80
N LEU R 242 37.86 -89.46 -36.54
CA LEU R 242 38.07 -90.72 -35.86
C LEU R 242 38.50 -91.82 -36.82
N ASN R 243 39.23 -92.79 -36.30
CA ASN R 243 39.65 -93.97 -37.05
C ASN R 243 38.74 -95.16 -36.69
N TYR R 244 38.64 -96.11 -37.62
CA TYR R 244 37.92 -97.35 -37.40
C TYR R 244 38.67 -98.24 -36.41
N GLN R 245 37.91 -99.03 -35.66
CA GLN R 245 38.46 -100.02 -34.74
C GLN R 245 38.70 -101.33 -35.48
N TYR R 246 39.91 -101.85 -35.36
CA TYR R 246 40.27 -103.08 -36.05
C TYR R 246 41.36 -103.81 -35.27
N SER R 247 41.57 -105.07 -35.62
CA SER R 247 42.58 -105.91 -35.01
C SER R 247 43.58 -106.36 -36.07
N ALA R 248 44.87 -106.29 -35.72
CA ALA R 248 45.92 -106.67 -36.68
C ALA R 248 46.07 -108.17 -36.84
N ASP R 249 45.47 -108.97 -35.95
CA ASP R 249 45.50 -110.42 -36.06
C ASP R 249 44.60 -110.98 -37.15
N GLU R 250 43.74 -110.15 -37.74
CA GLU R 250 42.76 -110.60 -38.72
C GLU R 250 42.96 -110.01 -40.10
N ILE R 251 44.05 -109.29 -40.33
CA ILE R 251 44.34 -108.68 -41.62
C ILE R 251 45.28 -109.62 -42.38
N VAL R 252 44.91 -109.99 -43.60
CA VAL R 252 45.71 -110.88 -44.44
C VAL R 252 46.28 -110.10 -45.61
N ILE R 253 47.56 -110.30 -45.89
CA ILE R 253 48.27 -109.60 -46.96
C ILE R 253 48.26 -110.47 -48.21
N GLN R 254 48.07 -109.85 -49.37
CA GLN R 254 48.31 -110.49 -50.66
C GLN R 254 49.41 -109.73 -51.40
N HIS R 255 50.49 -110.45 -51.73
CA HIS R 255 51.74 -109.87 -52.21
C HIS R 255 52.07 -110.44 -53.58
N LEU R 256 52.14 -109.57 -54.58
CA LEU R 256 52.55 -109.94 -55.93
C LEU R 256 53.92 -109.34 -56.21
N SER R 257 54.90 -110.20 -56.50
CA SER R 257 56.28 -109.76 -56.70
C SER R 257 56.84 -110.39 -57.96
N TYR R 258 57.83 -109.72 -58.56
CA TYR R 258 58.50 -110.27 -59.72
C TYR R 258 59.45 -111.39 -59.33
N ASN R 259 59.95 -111.36 -58.10
CA ASN R 259 60.82 -112.42 -57.59
C ASN R 259 60.00 -113.33 -56.70
N PRO R 260 59.52 -114.47 -57.18
CA PRO R 260 58.70 -115.33 -56.33
C PRO R 260 59.52 -116.24 -55.44
N ASN R 261 59.47 -116.00 -54.12
CA ASN R 261 60.10 -116.88 -53.16
C ASN R 261 59.15 -117.24 -52.02
N ALA R 262 57.86 -117.38 -52.32
CA ALA R 262 56.88 -117.71 -51.31
C ALA R 262 57.03 -119.16 -50.84
N ILE R 263 57.21 -120.08 -51.78
CA ILE R 263 57.33 -121.49 -51.42
C ILE R 263 58.72 -121.78 -50.86
N ALA R 264 59.73 -121.06 -51.34
CA ALA R 264 61.10 -121.25 -50.86
C ALA R 264 61.26 -120.75 -49.43
N THR R 265 60.60 -119.64 -49.09
CA THR R 265 60.67 -119.15 -47.71
C THR R 265 59.83 -120.03 -46.79
N ALA R 266 58.76 -120.63 -47.33
CA ALA R 266 57.97 -121.57 -46.54
C ALA R 266 58.70 -122.88 -46.34
N LEU R 267 59.61 -123.22 -47.27
CA LEU R 267 60.39 -124.45 -47.12
C LEU R 267 61.47 -124.28 -46.07
N ASP R 268 62.11 -123.10 -46.01
CA ASP R 268 63.25 -122.89 -45.13
C ASP R 268 62.85 -122.91 -43.66
N ASN R 269 61.65 -122.43 -43.35
CA ASN R 269 61.16 -122.50 -41.98
C ASN R 269 60.79 -123.92 -41.60
N LEU R 270 60.17 -124.66 -42.53
CA LEU R 270 59.70 -126.00 -42.21
C LEU R 270 60.83 -127.02 -42.24
N ASN R 271 61.89 -126.74 -43.01
CA ASN R 271 63.05 -127.62 -42.98
C ASN R 271 63.85 -127.43 -41.71
N ALA R 272 63.84 -126.20 -41.16
CA ALA R 272 64.61 -125.91 -39.96
C ALA R 272 63.93 -126.49 -38.72
N VAL R 273 62.60 -126.55 -38.70
CA VAL R 273 61.90 -127.06 -37.53
C VAL R 273 61.96 -128.59 -37.50
N ASN R 274 62.22 -129.21 -38.65
CA ASN R 274 62.34 -130.66 -38.75
C ASN R 274 63.79 -131.07 -38.50
N GLY R 275 64.20 -130.93 -37.24
CA GLY R 275 65.55 -131.22 -36.84
C GLY R 275 65.63 -131.97 -35.53
N PRO R 276 66.80 -132.55 -35.22
CA PRO R 276 66.95 -133.27 -33.95
C PRO R 276 66.99 -132.36 -32.73
N THR R 277 67.58 -131.18 -32.83
CA THR R 277 67.62 -130.28 -31.68
C THR R 277 66.29 -129.56 -31.49
N PHE R 278 65.49 -129.47 -32.56
CA PHE R 278 64.32 -128.60 -32.52
C PHE R 278 63.09 -129.34 -32.01
N ILE R 279 62.65 -130.39 -32.70
CA ILE R 279 61.38 -131.06 -32.41
C ILE R 279 61.59 -132.44 -31.79
N ASP R 280 62.77 -133.04 -32.00
CA ASP R 280 63.04 -134.33 -31.38
C ASP R 280 63.43 -134.15 -29.91
N ALA R 281 63.94 -132.97 -29.56
CA ALA R 281 64.32 -132.70 -28.17
C ALA R 281 63.09 -132.43 -27.31
N ILE R 282 61.95 -132.14 -27.93
CA ILE R 282 60.72 -131.96 -27.16
C ILE R 282 60.14 -133.32 -26.79
N LEU R 283 60.34 -134.33 -27.63
CA LEU R 283 59.59 -135.57 -27.50
C LEU R 283 60.26 -136.53 -26.53
N ASP R 284 61.60 -136.59 -26.52
CA ASP R 284 62.28 -137.53 -25.64
C ASP R 284 62.24 -137.07 -24.19
N ASP R 285 62.05 -135.77 -23.98
CA ASP R 285 61.88 -135.26 -22.61
C ASP R 285 60.56 -135.73 -22.03
N LEU R 286 59.51 -135.83 -22.86
CA LEU R 286 58.20 -136.25 -22.38
C LEU R 286 58.19 -137.73 -22.02
N ARG R 287 58.93 -138.55 -22.75
CA ARG R 287 59.04 -139.97 -22.43
C ARG R 287 60.41 -140.30 -21.87
N ASN R 321 52.18 -134.08 3.36
CA ASN R 321 52.38 -132.83 4.07
C ASN R 321 52.67 -131.68 3.08
N SER R 322 53.19 -130.57 3.61
CA SER R 322 53.43 -129.41 2.78
C SER R 322 54.70 -129.57 1.95
N VAL R 323 55.63 -130.42 2.40
CA VAL R 323 56.87 -130.60 1.66
C VAL R 323 56.68 -131.59 0.50
N LYS R 324 55.64 -132.44 0.60
CA LYS R 324 55.35 -133.37 -0.49
C LYS R 324 54.58 -132.68 -1.61
N VAL R 325 53.74 -131.70 -1.26
CA VAL R 325 52.98 -130.96 -2.26
C VAL R 325 53.90 -130.00 -3.01
N ALA R 326 54.85 -129.39 -2.29
CA ALA R 326 55.75 -128.43 -2.92
C ALA R 326 56.75 -129.11 -3.85
N ASN R 327 57.14 -130.35 -3.54
CA ASN R 327 58.01 -131.09 -4.45
C ASN R 327 57.24 -131.60 -5.65
N PHE R 328 55.97 -131.96 -5.45
CA PHE R 328 55.17 -132.51 -6.54
C PHE R 328 54.78 -131.42 -7.54
N ALA R 329 54.69 -130.17 -7.10
CA ALA R 329 54.35 -129.09 -8.01
C ALA R 329 55.53 -128.74 -8.91
N SER R 330 56.75 -129.06 -8.49
CA SER R 330 57.91 -128.82 -9.34
C SER R 330 57.97 -129.83 -10.49
N LEU R 331 57.44 -131.03 -10.26
CA LEU R 331 57.43 -132.04 -11.31
C LEU R 331 56.39 -131.73 -12.38
N VAL R 332 55.26 -131.15 -11.98
CA VAL R 332 54.21 -130.82 -12.94
C VAL R 332 54.60 -129.60 -13.77
N GLU R 333 55.33 -128.67 -13.17
CA GLU R 333 55.72 -127.44 -13.87
C GLU R 333 56.75 -127.71 -14.95
N SER R 334 57.53 -128.79 -14.80
CA SER R 334 58.49 -129.15 -15.84
C SER R 334 57.79 -129.84 -17.01
N VAL R 335 56.76 -130.63 -16.72
CA VAL R 335 56.00 -131.30 -17.77
C VAL R 335 55.15 -130.29 -18.54
N LEU R 336 54.57 -129.32 -17.82
CA LEU R 336 53.72 -128.32 -18.44
C LEU R 336 54.55 -127.34 -19.28
N SER R 337 55.80 -127.10 -18.90
CA SER R 337 56.67 -126.25 -19.71
C SER R 337 57.09 -126.94 -21.00
N THR R 338 57.14 -128.27 -21.01
CA THR R 338 57.49 -128.99 -22.22
C THR R 338 56.33 -128.99 -23.22
N LEU R 339 55.09 -129.07 -22.71
CA LEU R 339 53.92 -129.08 -23.58
C LEU R 339 53.72 -127.74 -24.28
N ASN R 340 54.09 -126.64 -23.62
CA ASN R 340 53.81 -125.32 -24.17
C ASN R 340 54.70 -125.02 -25.38
N GLU R 341 55.96 -125.46 -25.37
CA GLU R 341 56.83 -125.25 -26.51
C GLU R 341 56.46 -126.16 -27.68
N LEU R 342 55.78 -127.28 -27.39
CA LEU R 342 55.22 -128.09 -28.46
C LEU R 342 54.02 -127.41 -29.10
N ILE R 343 53.20 -126.74 -28.28
CA ILE R 343 52.05 -126.00 -28.80
C ILE R 343 52.52 -124.76 -29.55
N ASP R 344 53.60 -124.13 -29.09
CA ASP R 344 54.18 -123.00 -29.82
C ASP R 344 54.81 -123.44 -31.13
N ALA R 345 55.30 -124.68 -31.20
CA ALA R 345 55.80 -125.22 -32.46
C ALA R 345 54.66 -125.49 -33.41
N LYS R 346 53.48 -125.82 -32.89
CA LYS R 346 52.31 -126.06 -33.74
C LYS R 346 51.82 -124.77 -34.38
N GLU R 347 52.00 -123.64 -33.69
CA GLU R 347 51.51 -122.36 -34.19
C GLU R 347 52.32 -121.88 -35.38
N GLU R 348 53.65 -122.06 -35.34
CA GLU R 348 54.50 -121.52 -36.40
C GLU R 348 54.46 -122.39 -37.65
N ILE R 349 54.08 -123.65 -37.50
CA ILE R 349 53.93 -124.53 -38.67
C ILE R 349 52.74 -124.10 -39.51
N ASN R 350 51.64 -123.72 -38.85
CA ASN R 350 50.40 -123.38 -39.57
C ASN R 350 50.54 -122.07 -40.34
N LYS R 351 51.39 -121.17 -39.88
CA LYS R 351 51.59 -119.91 -40.61
C LYS R 351 52.40 -120.11 -41.87
N ASP R 352 53.22 -121.18 -41.91
CA ASP R 352 54.03 -121.44 -43.09
C ASP R 352 53.23 -122.14 -44.18
N VAL R 353 52.35 -123.06 -43.80
CA VAL R 353 51.58 -123.82 -44.77
C VAL R 353 50.45 -122.95 -45.35
N ASN R 354 49.92 -122.03 -44.54
CA ASN R 354 48.85 -121.16 -45.02
C ASN R 354 49.35 -120.17 -46.06
N SER R 355 50.62 -119.78 -45.98
CA SER R 355 51.19 -118.90 -46.99
C SER R 355 51.51 -119.65 -48.27
N ALA R 356 51.64 -120.98 -48.20
CA ALA R 356 51.88 -121.77 -49.40
C ALA R 356 50.58 -122.24 -50.04
N ILE R 357 49.53 -122.40 -49.24
CA ILE R 357 48.21 -122.71 -49.78
C ILE R 357 47.69 -121.54 -50.61
N ALA R 358 47.85 -120.32 -50.08
CA ALA R 358 47.31 -119.14 -50.75
C ALA R 358 48.15 -118.74 -51.96
N SER R 359 49.41 -119.18 -52.02
CA SER R 359 50.28 -118.76 -53.12
C SER R 359 50.12 -119.66 -54.34
N SER R 360 49.68 -120.90 -54.13
CA SER R 360 49.54 -121.86 -55.23
C SER R 360 48.08 -121.94 -55.67
N GLU R 361 47.58 -120.83 -56.22
CA GLU R 361 46.24 -120.83 -56.79
C GLU R 361 46.23 -121.56 -58.14
N GLU R 362 47.37 -121.64 -58.80
CA GLU R 362 47.52 -122.49 -59.96
C GLU R 362 47.57 -123.95 -59.53
N ASP R 363 47.02 -124.83 -60.39
CA ASP R 363 47.05 -126.28 -60.24
C ASP R 363 46.40 -126.74 -58.94
N ASN R 364 45.06 -126.63 -58.95
CA ASN R 364 44.22 -126.84 -57.76
C ASN R 364 44.37 -128.24 -57.15
N ALA R 365 44.87 -129.22 -57.90
CA ALA R 365 45.14 -130.54 -57.33
C ALA R 365 46.29 -130.49 -56.33
N ILE R 366 47.27 -129.61 -56.55
CA ILE R 366 48.39 -129.50 -55.61
C ILE R 366 47.96 -128.79 -54.34
N LYS R 367 47.05 -127.81 -54.47
CA LYS R 367 46.52 -127.11 -53.29
C LYS R 367 45.70 -128.05 -52.41
N THR R 368 45.00 -129.01 -53.04
CA THR R 368 44.23 -129.98 -52.27
C THR R 368 45.14 -130.93 -51.51
N ALA R 369 46.30 -131.28 -52.08
CA ALA R 369 47.24 -132.17 -51.41
C ALA R 369 47.92 -131.47 -50.24
N ILE R 370 48.22 -130.18 -50.37
CA ILE R 370 48.84 -129.42 -49.29
C ILE R 370 47.84 -129.20 -48.17
N SER R 371 46.57 -128.99 -48.52
CA SER R 371 45.53 -128.80 -47.52
C SER R 371 45.20 -130.11 -46.80
N ASP R 372 45.30 -131.24 -47.51
CA ASP R 372 45.00 -132.52 -46.89
C ASP R 372 46.11 -132.95 -45.94
N ALA R 373 47.36 -132.59 -46.26
CA ALA R 373 48.47 -132.93 -45.38
C ALA R 373 48.46 -132.10 -44.10
N LEU R 374 47.78 -130.96 -44.12
CA LEU R 374 47.81 -130.07 -42.96
C LEU R 374 46.80 -130.50 -41.89
N ASP R 375 45.62 -130.98 -42.31
CA ASP R 375 44.61 -131.37 -41.32
C ASP R 375 44.95 -132.71 -40.69
N VAL R 376 45.70 -133.56 -41.38
CA VAL R 376 46.10 -134.83 -40.79
C VAL R 376 47.20 -134.62 -39.76
N PHE R 377 47.99 -133.56 -39.93
CA PHE R 377 48.97 -133.18 -38.90
C PHE R 377 48.27 -132.54 -37.71
N ASN R 378 47.14 -131.86 -37.95
CA ASN R 378 46.43 -131.20 -36.88
C ASN R 378 45.43 -132.11 -36.18
N GLU R 379 45.50 -133.43 -36.38
CA GLU R 379 44.55 -134.35 -35.76
C GLU R 379 44.78 -134.46 -34.26
N ASP R 380 46.00 -134.82 -33.85
CA ASP R 380 46.26 -135.09 -32.44
C ASP R 380 46.23 -133.83 -31.60
N PHE R 381 46.50 -132.67 -32.21
CA PHE R 381 46.54 -131.43 -31.45
C PHE R 381 45.14 -130.96 -31.09
N GLU R 382 44.18 -131.09 -32.00
CA GLU R 382 42.82 -130.64 -31.72
C GLU R 382 41.77 -131.74 -31.89
N GLY R 383 41.80 -132.42 -33.03
CA GLY R 383 40.66 -133.26 -33.39
C GLY R 383 40.69 -134.64 -32.76
N ALA R 384 41.84 -135.32 -32.85
CA ALA R 384 41.90 -136.70 -32.36
C ALA R 384 42.02 -136.75 -30.85
N ASP R 385 43.09 -136.20 -30.28
CA ASP R 385 43.36 -136.27 -28.86
C ASP R 385 43.32 -134.84 -28.30
N LYS R 386 43.19 -134.72 -26.98
CA LYS R 386 43.00 -133.44 -26.31
C LYS R 386 44.33 -132.86 -25.83
N ILE R 387 45.27 -132.66 -26.77
CA ILE R 387 46.60 -132.16 -26.40
C ILE R 387 46.54 -130.71 -25.94
N GLU R 388 45.81 -129.87 -26.66
CA GLU R 388 45.69 -128.47 -26.25
C GLU R 388 44.67 -128.30 -25.12
N SER R 389 43.94 -129.36 -24.79
CA SER R 389 42.94 -129.27 -23.72
C SER R 389 43.52 -129.71 -22.38
N VAL R 390 44.48 -130.64 -22.38
CA VAL R 390 45.04 -131.09 -21.09
C VAL R 390 46.03 -130.08 -20.55
N ALA R 391 46.61 -129.25 -21.43
CA ALA R 391 47.52 -128.21 -20.97
C ALA R 391 46.80 -127.09 -20.23
N LYS R 392 45.49 -126.94 -20.44
CA LYS R 392 44.70 -125.92 -19.74
C LYS R 392 44.19 -126.43 -18.40
N ASN R 393 43.75 -127.69 -18.35
CA ASN R 393 43.20 -128.23 -17.10
C ASN R 393 44.27 -128.54 -16.07
N LEU R 394 45.49 -128.87 -16.53
CA LEU R 394 46.58 -129.11 -15.58
C LEU R 394 47.02 -127.83 -14.89
N SER R 395 46.90 -126.70 -15.58
CA SER R 395 47.29 -125.42 -14.98
C SER R 395 46.31 -124.98 -13.91
N ASP R 396 45.01 -125.24 -14.11
CA ASP R 396 44.04 -124.90 -13.07
C ASP R 396 44.03 -125.94 -11.95
N LEU R 397 44.38 -127.18 -12.26
CA LEU R 397 44.54 -128.18 -11.21
C LEU R 397 45.79 -127.93 -10.39
N LEU R 398 46.80 -127.26 -10.99
CA LEU R 398 48.01 -126.95 -10.25
C LEU R 398 47.76 -125.85 -9.22
N ILE R 399 46.92 -124.88 -9.56
CA ILE R 399 46.60 -123.80 -8.63
C ILE R 399 45.73 -124.32 -7.49
N LYS R 400 44.87 -125.31 -7.79
CA LYS R 400 43.92 -125.82 -6.80
C LYS R 400 44.62 -126.60 -5.68
N ILE R 401 45.72 -127.29 -6.01
CA ILE R 401 46.39 -128.11 -5.01
C ILE R 401 47.22 -127.24 -4.07
N LYS R 402 47.55 -126.02 -4.48
CA LYS R 402 48.36 -125.16 -3.61
C LYS R 402 47.48 -124.40 -2.62
N GLN R 403 46.20 -124.21 -2.94
CA GLN R 403 45.28 -123.59 -1.99
C GLN R 403 44.66 -124.64 -1.06
N ALA R 404 44.65 -125.91 -1.48
CA ALA R 404 43.93 -126.93 -0.73
C ALA R 404 44.70 -127.38 0.50
N ASP R 405 45.95 -126.95 0.66
CA ASP R 405 46.77 -127.37 1.79
C ASP R 405 46.43 -126.65 3.08
N THR R 406 45.44 -125.75 3.08
CA THR R 406 45.12 -124.99 4.28
C THR R 406 44.30 -125.79 5.28
N ASN R 407 43.54 -126.79 4.81
CA ASN R 407 42.59 -127.46 5.70
C ASN R 407 42.61 -128.98 5.61
N THR R 408 42.70 -129.57 4.43
CA THR R 408 42.36 -130.99 4.33
C THR R 408 43.42 -131.71 3.52
N LYS R 409 43.81 -132.88 4.02
CA LYS R 409 44.66 -133.76 3.23
C LYS R 409 43.84 -134.64 2.29
N VAL R 410 42.57 -134.88 2.62
CA VAL R 410 41.68 -135.63 1.73
C VAL R 410 41.43 -134.86 0.45
N GLU R 411 41.45 -133.52 0.56
CA GLU R 411 41.33 -132.65 -0.61
C GLU R 411 42.54 -132.92 -1.51
N ASN R 412 43.71 -133.09 -0.90
CA ASN R 412 44.91 -133.42 -1.66
C ASN R 412 44.97 -134.88 -2.07
N VAL R 413 43.98 -135.68 -1.71
CA VAL R 413 43.91 -137.09 -2.08
C VAL R 413 42.78 -137.31 -3.09
N LEU R 414 41.66 -136.59 -2.91
CA LEU R 414 40.51 -136.74 -3.79
C LEU R 414 40.84 -136.29 -5.21
N SER R 415 41.71 -135.29 -5.34
CA SER R 415 42.05 -134.78 -6.67
C SER R 415 43.05 -135.69 -7.38
N ILE R 416 44.13 -136.09 -6.71
CA ILE R 416 45.27 -136.65 -7.42
C ILE R 416 45.06 -138.14 -7.74
N ASN R 417 44.09 -138.78 -7.09
CA ASN R 417 43.85 -140.20 -7.32
C ASN R 417 42.46 -140.48 -7.89
N ALA R 418 41.41 -139.97 -7.23
CA ALA R 418 40.05 -140.31 -7.66
C ALA R 418 39.57 -139.40 -8.77
N LEU R 419 39.74 -138.09 -8.60
CA LEU R 419 39.25 -137.12 -9.57
C LEU R 419 40.33 -136.82 -10.62
N ASN R 420 40.14 -135.69 -11.32
CA ASN R 420 40.67 -135.38 -12.66
C ASN R 420 42.17 -135.55 -12.83
N PHE R 421 42.96 -135.49 -11.76
CA PHE R 421 44.40 -135.35 -11.95
C PHE R 421 45.06 -136.66 -12.34
N SER R 422 44.53 -137.79 -11.87
CA SER R 422 45.06 -139.09 -12.28
C SER R 422 44.58 -139.45 -13.67
N ALA R 423 43.45 -138.89 -14.11
CA ALA R 423 42.90 -139.22 -15.41
C ALA R 423 43.56 -138.44 -16.54
N GLU R 424 44.07 -137.23 -16.24
CA GLU R 424 44.59 -136.38 -17.31
C GLU R 424 45.97 -136.83 -17.78
N PHE R 425 46.72 -137.50 -16.90
CA PHE R 425 48.05 -137.98 -17.29
C PHE R 425 48.00 -139.19 -18.21
N GLU R 426 46.86 -139.85 -18.35
CA GLU R 426 46.82 -141.12 -19.05
C GLU R 426 46.78 -140.95 -20.56
N LYS R 427 46.42 -139.75 -21.03
CA LYS R 427 46.15 -139.58 -22.46
C LYS R 427 47.43 -139.50 -23.27
N LEU R 428 48.55 -139.13 -22.65
CA LEU R 428 49.81 -139.17 -23.38
C LEU R 428 50.50 -140.51 -23.19
N LEU R 429 50.45 -141.05 -21.98
CA LEU R 429 51.01 -142.37 -21.67
C LEU R 429 50.02 -143.10 -20.78
N THR R 430 49.49 -144.23 -21.28
CA THR R 430 48.43 -144.91 -20.56
C THR R 430 48.97 -145.81 -19.45
N TYR R 431 49.95 -146.64 -19.76
CA TYR R 431 50.49 -147.59 -18.79
C TYR R 431 52.02 -147.58 -18.83
N ASP R 432 52.62 -146.39 -18.75
CA ASP R 432 54.06 -146.27 -18.83
C ASP R 432 54.76 -146.71 -17.54
N VAL R 433 54.00 -146.90 -16.45
CA VAL R 433 54.58 -147.23 -15.16
C VAL R 433 54.92 -148.70 -14.99
N ASN R 434 54.90 -149.50 -16.07
CA ASN R 434 55.20 -150.93 -15.94
C ASN R 434 56.67 -151.19 -15.66
N THR R 435 57.54 -150.23 -16.00
CA THR R 435 58.96 -150.36 -15.72
C THR R 435 59.51 -149.00 -15.34
N GLY R 436 60.84 -148.92 -15.21
CA GLY R 436 61.49 -147.64 -14.98
C GLY R 436 61.38 -146.74 -16.20
N LEU R 437 61.44 -147.33 -17.40
CA LEU R 437 61.27 -146.60 -18.64
C LEU R 437 59.84 -146.73 -19.13
N THR R 438 59.43 -145.82 -20.01
CA THR R 438 58.10 -145.86 -20.58
C THR R 438 57.96 -147.03 -21.55
N ALA R 439 57.23 -148.06 -21.13
CA ALA R 439 56.96 -149.22 -21.97
C ALA R 439 55.47 -149.52 -21.91
N SER R 440 55.09 -150.62 -22.57
CA SER R 440 53.68 -151.04 -22.76
C SER R 440 52.84 -149.92 -23.35
N VAL R 441 53.29 -149.39 -24.49
CA VAL R 441 52.72 -148.17 -25.08
C VAL R 441 51.37 -148.48 -25.72
N THR R 442 50.35 -148.52 -24.86
CA THR R 442 48.98 -148.74 -25.33
C THR R 442 48.42 -147.49 -26.02
N LEU R 443 48.72 -146.31 -25.48
CA LEU R 443 48.21 -145.06 -26.02
C LEU R 443 49.35 -144.06 -26.12
N ASP R 444 49.49 -143.47 -27.30
CA ASP R 444 50.59 -142.55 -27.54
C ASP R 444 50.13 -141.46 -28.49
N LEU R 445 50.05 -140.24 -27.97
CA LEU R 445 49.66 -139.08 -28.76
C LEU R 445 50.83 -138.46 -29.50
N PHE R 446 52.05 -138.84 -29.17
CA PHE R 446 53.24 -138.36 -29.83
C PHE R 446 53.76 -139.40 -30.82
N ALA R 447 54.94 -139.11 -31.38
CA ALA R 447 55.68 -139.94 -32.35
C ALA R 447 54.97 -140.13 -33.69
N ASN R 448 53.84 -139.44 -33.90
CA ASN R 448 53.25 -139.30 -35.22
C ASN R 448 53.56 -137.96 -35.84
N ILE R 449 54.39 -137.14 -35.16
CA ILE R 449 54.66 -135.78 -35.62
C ILE R 449 55.57 -135.81 -36.84
N GLY R 450 56.73 -136.45 -36.71
CA GLY R 450 57.72 -136.51 -37.78
C GLY R 450 57.27 -137.28 -39.01
N THR R 451 56.34 -138.21 -38.83
CA THR R 451 55.74 -138.89 -39.98
C THR R 451 54.83 -137.94 -40.76
N ARG R 452 54.07 -137.11 -40.05
CA ARG R 452 53.18 -136.18 -40.72
C ARG R 452 53.91 -134.94 -41.21
N LEU R 453 55.11 -134.67 -40.66
CA LEU R 453 55.83 -133.47 -41.06
C LEU R 453 56.51 -133.64 -42.41
N ASP R 454 57.23 -134.75 -42.62
CA ASP R 454 57.99 -134.91 -43.86
C ASP R 454 57.06 -135.23 -45.03
N ASP R 455 55.82 -135.63 -44.74
CA ASP R 455 54.79 -135.68 -45.77
C ASP R 455 54.47 -134.28 -46.28
N ILE R 456 54.44 -133.29 -45.37
CA ILE R 456 54.16 -131.91 -45.76
C ILE R 456 55.32 -131.33 -46.55
N ILE R 457 56.56 -131.73 -46.21
CA ILE R 457 57.75 -131.20 -46.87
C ILE R 457 57.78 -131.63 -48.34
N ALA R 458 57.31 -132.84 -48.63
CA ALA R 458 57.24 -133.29 -50.01
C ALA R 458 56.01 -132.74 -50.72
N ALA R 459 54.93 -132.50 -49.98
CA ALA R 459 53.69 -132.04 -50.59
C ALA R 459 53.81 -130.58 -51.06
N VAL R 460 54.50 -129.75 -50.28
CA VAL R 460 54.70 -128.36 -50.70
C VAL R 460 55.91 -128.26 -51.63
N SER R 461 56.63 -129.37 -51.82
CA SER R 461 57.74 -129.38 -52.77
C SER R 461 57.24 -129.41 -54.21
N ALA R 462 56.02 -129.90 -54.42
CA ALA R 462 55.45 -129.87 -55.77
C ALA R 462 54.92 -128.49 -56.12
N ALA R 463 54.74 -127.62 -55.12
CA ALA R 463 54.16 -126.30 -55.36
C ALA R 463 55.17 -125.27 -55.81
N GLU R 464 56.47 -125.53 -55.70
CA GLU R 464 57.46 -124.53 -56.09
C GLU R 464 57.65 -124.34 -57.61
N PRO R 465 57.43 -125.29 -58.53
CA PRO R 465 57.46 -124.90 -59.94
C PRO R 465 56.16 -124.36 -60.52
N ILE R 466 55.08 -124.24 -59.74
CA ILE R 466 53.80 -123.79 -60.28
C ILE R 466 53.43 -122.39 -59.80
N ASP R 467 54.22 -121.78 -58.92
CA ASP R 467 53.98 -120.44 -58.45
C ASP R 467 54.91 -119.47 -59.16
N VAL R 468 54.34 -118.42 -59.76
CA VAL R 468 55.11 -117.55 -60.65
C VAL R 468 54.99 -116.08 -60.28
N ASN R 469 54.10 -115.73 -59.33
CA ASN R 469 53.81 -114.32 -59.11
C ASN R 469 53.82 -113.87 -57.65
N ASN R 470 53.86 -114.78 -56.68
CA ASN R 470 53.62 -114.43 -55.29
C ASN R 470 54.94 -114.28 -54.53
N GLY R 471 55.04 -113.21 -53.74
CA GLY R 471 56.26 -112.87 -53.03
C GLY R 471 56.28 -113.35 -51.59
N LYS R 472 57.11 -112.66 -50.79
CA LYS R 472 57.46 -113.13 -49.45
C LYS R 472 56.30 -113.09 -48.46
N LEU R 473 55.49 -112.04 -48.47
CA LEU R 473 54.49 -111.81 -47.43
C LEU R 473 53.09 -112.18 -47.88
N ASN R 474 52.94 -113.00 -48.91
CA ASN R 474 51.62 -113.39 -49.37
C ASN R 474 50.99 -114.40 -48.42
N GLY R 475 49.78 -114.10 -47.95
CA GLY R 475 49.07 -114.98 -47.06
C GLY R 475 49.44 -114.87 -45.59
N ARG R 476 50.14 -113.82 -45.20
CA ARG R 476 50.59 -113.65 -43.83
C ARG R 476 49.69 -112.66 -43.09
N LEU R 477 49.60 -112.84 -41.77
CA LEU R 477 48.90 -111.89 -40.93
C LEU R 477 49.72 -110.62 -40.77
N LEU R 478 49.04 -109.49 -40.52
CA LEU R 478 49.71 -108.21 -40.43
C LEU R 478 50.54 -108.12 -39.14
N SER R 479 50.06 -108.74 -38.06
CA SER R 479 50.80 -108.71 -36.81
C SER R 479 52.07 -109.54 -36.88
N ASP R 480 52.10 -110.56 -37.76
CA ASP R 480 53.26 -111.44 -37.82
C ASP R 480 54.37 -110.92 -38.72
N ILE R 481 54.16 -109.82 -39.45
CA ILE R 481 55.23 -109.28 -40.29
C ILE R 481 56.03 -108.19 -39.59
N GLU R 482 55.63 -107.78 -38.39
CA GLU R 482 56.37 -106.76 -37.66
C GLU R 482 57.79 -107.18 -37.25
N PRO R 483 58.07 -108.41 -36.81
CA PRO R 483 59.50 -108.78 -36.70
C PRO R 483 60.18 -109.03 -38.04
N LEU R 484 59.43 -109.38 -39.08
CA LEU R 484 60.04 -109.74 -40.34
C LEU R 484 60.50 -108.51 -41.11
N ASP R 485 59.59 -107.57 -41.36
CA ASP R 485 59.93 -106.32 -42.06
C ASP R 485 59.19 -105.20 -41.33
N ASN R 486 59.92 -104.45 -40.50
CA ASN R 486 59.30 -103.43 -39.66
C ASN R 486 58.92 -102.20 -40.46
N ALA R 487 59.66 -101.89 -41.53
CA ALA R 487 59.38 -100.68 -42.30
C ALA R 487 58.13 -100.85 -43.17
N THR R 488 57.87 -102.07 -43.62
CA THR R 488 56.66 -102.32 -44.40
C THR R 488 55.42 -102.30 -43.52
N TYR R 489 55.55 -102.82 -42.30
CA TYR R 489 54.43 -102.87 -41.34
C TYR R 489 53.99 -101.46 -40.93
N ASN R 490 54.94 -100.54 -40.78
CA ASN R 490 54.58 -99.18 -40.38
C ASN R 490 53.94 -98.42 -41.53
N THR R 491 54.27 -98.78 -42.77
CA THR R 491 53.71 -98.08 -43.93
C THR R 491 52.27 -98.50 -44.17
N ILE R 492 51.94 -99.76 -43.88
CA ILE R 492 50.57 -100.25 -44.04
C ILE R 492 49.65 -99.62 -42.99
N LEU R 493 50.20 -99.33 -41.80
CA LEU R 493 49.40 -98.74 -40.73
C LEU R 493 48.97 -97.31 -41.06
N LEU R 494 49.79 -96.56 -41.81
CA LEU R 494 49.40 -95.22 -42.22
C LEU R 494 48.28 -95.23 -43.26
N GLU R 495 48.30 -96.22 -44.16
CA GLU R 495 47.28 -96.27 -45.20
C GLU R 495 45.94 -96.72 -44.65
N ILE R 496 45.95 -97.51 -43.57
CA ILE R 496 44.70 -97.94 -42.96
C ILE R 496 44.06 -96.76 -42.21
N ASN R 497 44.87 -95.96 -41.52
CA ASN R 497 44.36 -94.86 -40.71
C ASN R 497 43.94 -93.64 -41.54
N SER R 498 44.07 -93.68 -42.86
CA SER R 498 43.66 -92.54 -43.67
C SER R 498 42.16 -92.51 -43.96
N HIS R 499 41.43 -93.56 -43.59
CA HIS R 499 39.99 -93.62 -43.79
C HIS R 499 39.27 -93.19 -42.51
N LYS R 500 38.26 -92.34 -42.66
CA LYS R 500 37.57 -91.75 -41.51
C LYS R 500 36.12 -92.20 -41.45
N VAL R 501 35.52 -91.97 -40.29
CA VAL R 501 34.14 -92.38 -40.03
C VAL R 501 33.19 -91.23 -40.36
N THR R 502 32.06 -91.55 -41.00
CA THR R 502 30.97 -90.61 -41.20
C THR R 502 29.82 -91.00 -40.29
N LEU R 503 29.27 -90.03 -39.57
CA LEU R 503 28.21 -90.25 -38.60
C LEU R 503 27.00 -89.38 -38.90
N PRO R 504 25.81 -89.82 -38.50
CA PRO R 504 24.67 -88.89 -38.43
C PRO R 504 24.89 -87.87 -37.35
N PRO R 505 24.34 -86.65 -37.50
CA PRO R 505 24.75 -85.54 -36.65
C PRO R 505 24.02 -85.40 -35.32
N SER R 506 23.22 -86.37 -34.87
CA SER R 506 22.33 -86.14 -33.74
C SER R 506 23.06 -86.18 -32.40
N SER R 507 24.18 -86.90 -32.29
CA SER R 507 24.88 -86.98 -31.02
C SER R 507 25.83 -85.80 -30.81
N SER R 508 26.31 -85.19 -31.90
CA SER R 508 27.08 -83.95 -31.76
C SER R 508 26.16 -82.79 -31.40
N MET R 509 24.90 -82.83 -31.84
CA MET R 509 23.95 -81.79 -31.50
C MET R 509 23.59 -81.85 -30.01
N ALA R 510 23.51 -83.05 -29.44
CA ALA R 510 23.19 -83.19 -28.02
C ALA R 510 24.29 -82.62 -27.13
N GLY R 511 25.55 -82.76 -27.56
CA GLY R 511 26.64 -82.16 -26.81
C GLY R 511 26.61 -80.64 -26.89
N ALA R 512 26.20 -80.11 -28.04
CA ALA R 512 26.11 -78.66 -28.20
C ALA R 512 24.91 -78.09 -27.46
N TYR R 513 23.85 -78.88 -27.25
CA TYR R 513 22.73 -78.44 -26.43
C TYR R 513 23.17 -78.22 -24.98
N ALA R 514 24.04 -79.10 -24.48
CA ALA R 514 24.46 -78.99 -23.09
C ALA R 514 25.53 -77.91 -22.90
N ARG R 515 26.29 -77.62 -23.96
CA ARG R 515 27.33 -76.58 -23.89
C ARG R 515 26.71 -75.18 -23.86
N VAL R 516 25.64 -74.97 -24.62
CA VAL R 516 25.04 -73.65 -24.73
C VAL R 516 24.17 -73.35 -23.51
N ASP R 517 23.50 -74.38 -22.97
CA ASP R 517 22.65 -74.19 -21.80
C ASP R 517 23.48 -73.87 -20.56
N ASN R 518 24.71 -74.38 -20.50
CA ASN R 518 25.58 -74.07 -19.37
C ASN R 518 26.20 -72.67 -19.52
N ASP R 519 26.42 -72.24 -20.76
CA ASP R 519 27.08 -70.96 -21.00
C ASP R 519 26.10 -69.80 -20.94
N ARG R 520 24.94 -69.94 -21.58
CA ARG R 520 24.04 -68.81 -21.81
C ARG R 520 22.61 -69.06 -21.36
N GLY R 521 22.27 -70.28 -20.97
CA GLY R 521 20.92 -70.59 -20.54
C GLY R 521 20.15 -71.39 -21.57
N VAL R 522 18.96 -71.84 -21.15
CA VAL R 522 18.13 -72.70 -21.98
C VAL R 522 17.26 -71.90 -22.95
N TRP R 523 17.11 -70.59 -22.73
CA TRP R 523 16.34 -69.73 -23.61
C TRP R 523 17.15 -69.19 -24.79
N LYS R 524 18.41 -69.61 -24.95
CA LYS R 524 19.24 -69.20 -26.06
C LYS R 524 19.19 -70.27 -27.15
N SER R 525 18.96 -69.83 -28.40
CA SER R 525 18.84 -70.74 -29.53
C SER R 525 20.17 -71.43 -29.82
N PRO R 526 20.18 -72.75 -30.04
CA PRO R 526 21.43 -73.46 -30.37
C PRO R 526 21.77 -73.40 -31.86
N ALA R 527 21.99 -72.19 -32.37
CA ALA R 527 22.42 -71.96 -33.74
C ALA R 527 23.46 -70.85 -33.74
N ASN R 528 24.10 -70.67 -34.90
CA ASN R 528 25.29 -69.81 -35.07
C ASN R 528 26.40 -70.24 -34.13
N ILE R 529 26.71 -71.55 -34.16
CA ILE R 529 27.69 -72.18 -33.28
C ILE R 529 28.46 -73.22 -34.09
N GLY R 530 29.61 -73.63 -33.56
CA GLY R 530 30.48 -74.57 -34.23
C GLY R 530 30.45 -75.97 -33.63
N LEU R 531 30.95 -76.93 -34.41
CA LEU R 531 31.04 -78.33 -33.99
C LEU R 531 32.49 -78.77 -33.96
N ASN R 532 32.89 -79.44 -32.88
CA ASN R 532 34.24 -79.97 -32.74
C ASN R 532 34.35 -81.37 -33.33
N TYR R 533 35.58 -81.75 -33.69
CA TYR R 533 35.97 -83.04 -34.30
C TYR R 533 35.35 -83.27 -35.68
N VAL R 534 34.94 -82.20 -36.37
CA VAL R 534 34.25 -82.31 -37.64
C VAL R 534 35.10 -81.62 -38.71
N SER R 535 35.36 -82.32 -39.81
CA SER R 535 36.15 -81.72 -40.89
C SER R 535 35.27 -80.95 -41.87
N LYS R 536 34.15 -81.52 -42.28
CA LYS R 536 33.25 -80.90 -43.24
C LYS R 536 31.88 -81.59 -43.15
N PRO R 537 30.83 -80.96 -43.66
CA PRO R 537 29.59 -81.71 -43.95
C PRO R 537 29.80 -82.66 -45.12
N SER R 538 28.95 -83.69 -45.19
CA SER R 538 29.07 -84.68 -46.25
C SER R 538 28.48 -84.19 -47.57
N VAL R 539 27.50 -83.30 -47.52
CA VAL R 539 26.86 -82.74 -48.70
C VAL R 539 26.96 -81.22 -48.58
N THR R 540 27.15 -80.55 -49.71
CA THR R 540 27.15 -79.10 -49.77
C THR R 540 25.72 -78.60 -49.95
N VAL R 541 25.30 -77.66 -49.10
CA VAL R 541 23.99 -77.02 -49.17
C VAL R 541 24.23 -75.54 -49.39
N SER R 542 23.68 -75.00 -50.48
CA SER R 542 23.89 -73.61 -50.82
C SER R 542 22.84 -72.72 -50.14
N HIS R 543 22.92 -71.42 -50.46
CA HIS R 543 21.95 -70.46 -49.95
C HIS R 543 20.56 -70.72 -50.51
N GLU R 544 20.49 -71.03 -51.80
CA GLU R 544 19.23 -71.12 -52.51
C GLU R 544 18.42 -72.37 -52.17
N GLU R 545 19.07 -73.48 -51.82
CA GLU R 545 18.34 -74.70 -51.48
C GLU R 545 18.05 -74.86 -49.99
N GLN R 546 18.51 -73.93 -49.15
CA GLN R 546 18.09 -73.95 -47.75
C GLN R 546 16.74 -73.26 -47.56
N GLU R 547 16.24 -72.54 -48.57
CA GLU R 547 14.99 -71.80 -48.42
C GLU R 547 13.79 -72.71 -48.26
N SER R 548 13.73 -73.80 -49.03
CA SER R 548 12.63 -74.75 -48.86
C SER R 548 12.89 -75.71 -47.69
N MET R 549 14.10 -75.70 -47.13
CA MET R 549 14.34 -76.42 -45.88
C MET R 549 13.80 -75.65 -44.68
N ASN R 550 14.01 -74.33 -44.64
CA ASN R 550 13.66 -73.56 -43.45
C ASN R 550 12.17 -73.22 -43.42
N VAL R 551 11.60 -72.83 -44.55
CA VAL R 551 10.21 -72.39 -44.65
C VAL R 551 9.52 -73.24 -45.71
N HIS R 552 8.39 -73.85 -45.35
CA HIS R 552 7.72 -74.80 -46.22
C HIS R 552 6.21 -74.75 -45.94
N GLY R 553 5.43 -75.23 -46.92
CA GLY R 553 3.99 -75.19 -46.79
C GLY R 553 3.42 -76.20 -45.81
N THR R 554 4.14 -77.31 -45.60
CA THR R 554 3.72 -78.27 -44.58
C THR R 554 4.06 -77.77 -43.17
N GLY R 555 5.03 -76.85 -43.06
CA GLY R 555 5.53 -76.44 -41.78
C GLY R 555 6.61 -77.32 -41.19
N LYS R 556 7.02 -78.37 -41.89
CA LYS R 556 8.04 -79.30 -41.37
C LYS R 556 9.43 -78.83 -41.78
N SER R 557 10.09 -78.13 -40.86
CA SER R 557 11.38 -77.51 -41.13
C SER R 557 12.55 -78.43 -40.81
N VAL R 558 13.60 -78.32 -41.61
CA VAL R 558 14.83 -79.10 -41.42
C VAL R 558 15.99 -78.13 -41.26
N ASN R 559 16.77 -78.31 -40.19
CA ASN R 559 17.91 -77.44 -39.92
C ASN R 559 19.16 -77.93 -40.66
N ALA R 560 19.89 -76.97 -41.24
CA ALA R 560 21.00 -77.27 -42.14
C ALA R 560 22.36 -77.02 -41.47
N ILE R 561 23.31 -77.91 -41.75
CA ILE R 561 24.70 -77.75 -41.36
C ILE R 561 25.49 -77.27 -42.57
N ARG R 562 26.13 -76.10 -42.47
CA ARG R 562 26.73 -75.45 -43.62
C ARG R 562 28.15 -74.98 -43.32
N SER R 563 28.86 -74.60 -44.38
CA SER R 563 30.22 -74.06 -44.30
C SER R 563 30.22 -72.65 -44.84
N PHE R 564 31.03 -71.78 -44.23
CA PHE R 564 31.16 -70.39 -44.62
C PHE R 564 32.64 -70.03 -44.66
N VAL R 565 33.03 -69.20 -45.64
CA VAL R 565 34.42 -68.83 -45.81
C VAL R 565 34.86 -67.92 -44.67
N GLY R 566 35.92 -68.33 -43.97
CA GLY R 566 36.43 -67.60 -42.84
C GLY R 566 35.84 -67.98 -41.50
N LYS R 567 34.90 -68.92 -41.47
CA LYS R 567 34.15 -69.24 -40.27
C LYS R 567 34.05 -70.73 -39.97
N GLY R 568 34.26 -71.60 -40.94
CA GLY R 568 34.18 -73.03 -40.70
C GLY R 568 32.76 -73.58 -40.80
N THR R 569 32.60 -74.78 -40.26
CA THR R 569 31.33 -75.48 -40.28
C THR R 569 30.47 -75.07 -39.10
N LEU R 570 29.23 -74.66 -39.38
CA LEU R 570 28.33 -74.14 -38.36
C LEU R 570 26.97 -74.81 -38.44
N VAL R 571 26.24 -74.75 -37.32
CA VAL R 571 24.82 -75.05 -37.31
C VAL R 571 24.05 -73.80 -37.68
N TRP R 572 23.21 -73.89 -38.73
CA TRP R 572 22.48 -72.74 -39.26
C TRP R 572 21.00 -73.11 -39.37
N GLY R 573 20.26 -72.98 -38.29
CA GLY R 573 18.85 -73.31 -38.20
C GLY R 573 18.47 -73.72 -36.78
N ALA R 574 17.34 -73.20 -36.30
CA ALA R 574 16.89 -73.46 -34.94
C ALA R 574 15.37 -73.62 -34.84
N ARG R 575 14.77 -74.40 -35.73
CA ARG R 575 13.32 -74.59 -35.72
C ARG R 575 12.94 -76.00 -35.31
N THR R 576 11.71 -76.14 -34.82
CA THR R 576 11.10 -77.46 -34.60
C THR R 576 10.32 -77.88 -35.86
N LEU R 577 9.67 -79.04 -35.78
CA LEU R 577 8.86 -79.57 -36.87
C LEU R 577 7.44 -79.00 -36.91
N ALA R 578 7.16 -77.98 -36.11
CA ALA R 578 5.91 -77.21 -36.16
C ALA R 578 6.26 -75.77 -36.54
N GLY R 579 7.03 -75.64 -37.62
CA GLY R 579 7.70 -74.43 -38.05
C GLY R 579 6.83 -73.29 -38.54
N ASN R 580 5.52 -73.46 -38.67
CA ASN R 580 4.62 -72.33 -38.96
C ASN R 580 3.73 -71.96 -37.77
N ASP R 581 4.07 -72.42 -36.56
CA ASP R 581 3.30 -72.15 -35.35
C ASP R 581 3.85 -70.89 -34.67
N ASN R 582 2.96 -69.96 -34.32
CA ASN R 582 3.44 -68.72 -33.70
C ASN R 582 3.80 -68.93 -32.22
N GLU R 583 3.38 -70.05 -31.63
CA GLU R 583 3.75 -70.32 -30.25
C GLU R 583 4.95 -71.27 -30.16
N TRP R 584 5.08 -72.21 -31.10
CA TRP R 584 5.97 -73.33 -30.89
C TRP R 584 6.96 -73.58 -32.03
N ARG R 585 7.41 -72.55 -32.75
CA ARG R 585 8.29 -72.81 -33.89
C ARG R 585 9.77 -72.83 -33.52
N TYR R 586 10.15 -72.30 -32.36
CA TYR R 586 11.55 -72.23 -31.97
C TYR R 586 11.86 -73.27 -30.90
N ILE R 587 13.06 -73.86 -31.01
CA ILE R 587 13.50 -74.92 -30.10
C ILE R 587 13.64 -74.38 -28.68
N SER R 588 14.15 -73.16 -28.54
CA SER R 588 14.48 -72.63 -27.23
C SER R 588 13.23 -72.23 -26.44
N VAL R 589 12.17 -71.84 -27.14
CA VAL R 589 10.89 -71.53 -26.48
C VAL R 589 10.27 -72.79 -25.90
N ARG R 590 10.25 -73.87 -26.70
CA ARG R 590 9.69 -75.15 -26.26
C ARG R 590 10.47 -75.75 -25.10
N ARG R 591 11.79 -75.62 -25.10
CA ARG R 591 12.57 -76.24 -24.04
C ARG R 591 12.57 -75.42 -22.76
N PHE R 592 12.29 -74.11 -22.86
CA PHE R 592 12.11 -73.31 -21.65
C PHE R 592 10.77 -73.60 -20.99
N PHE R 593 9.72 -73.84 -21.78
CA PHE R 593 8.43 -74.25 -21.22
C PHE R 593 8.50 -75.63 -20.57
N ASN R 594 9.35 -76.51 -21.10
CA ASN R 594 9.53 -77.82 -20.48
C ASN R 594 10.21 -77.71 -19.12
N MET R 595 11.13 -76.75 -18.97
CA MET R 595 11.82 -76.57 -17.70
C MET R 595 10.90 -75.94 -16.66
N ALA R 596 10.21 -74.86 -17.04
CA ALA R 596 9.44 -74.07 -16.09
C ALA R 596 8.21 -74.81 -15.59
N GLU R 597 7.58 -75.63 -16.44
CA GLU R 597 6.37 -76.33 -16.02
C GLU R 597 6.68 -77.48 -15.07
N GLU R 598 7.81 -78.17 -15.28
CA GLU R 598 8.15 -79.28 -14.40
C GLU R 598 8.62 -78.80 -13.03
N SER R 599 9.33 -77.68 -12.97
CA SER R 599 9.82 -77.14 -11.70
C SER R 599 8.65 -76.66 -10.83
N ILE R 600 7.63 -76.07 -11.45
CA ILE R 600 6.47 -75.59 -10.71
C ILE R 600 5.60 -76.77 -10.25
N LYS R 601 5.52 -77.83 -11.07
CA LYS R 601 4.70 -78.98 -10.75
C LYS R 601 5.24 -79.75 -9.55
N LYS R 602 6.57 -79.88 -9.45
CA LYS R 602 7.17 -80.59 -8.32
C LYS R 602 7.02 -79.80 -7.02
N ALA R 603 7.06 -78.46 -7.12
CA ALA R 603 6.94 -77.64 -5.90
C ALA R 603 5.51 -77.58 -5.38
N THR R 604 4.53 -78.00 -6.18
CA THR R 604 3.11 -77.88 -5.87
C THR R 604 2.53 -79.12 -5.16
N GLU R 605 3.26 -80.25 -5.11
CA GLU R 605 2.68 -81.44 -4.48
C GLU R 605 2.62 -81.35 -2.95
N GLN R 606 3.23 -80.33 -2.35
CA GLN R 606 3.08 -80.15 -0.91
C GLN R 606 1.74 -79.50 -0.54
N PHE R 607 0.92 -79.14 -1.53
CA PHE R 607 -0.34 -78.44 -1.32
C PHE R 607 -1.58 -79.28 -1.65
N VAL R 608 -1.45 -80.60 -1.82
CA VAL R 608 -2.51 -81.39 -2.46
C VAL R 608 -3.76 -81.51 -1.58
N PHE R 609 -3.60 -81.89 -0.31
CA PHE R 609 -4.75 -82.03 0.56
C PHE R 609 -4.86 -80.88 1.57
N GLU R 610 -4.34 -79.71 1.22
CA GLU R 610 -4.38 -78.52 2.05
C GLU R 610 -5.79 -77.91 2.03
N PRO R 611 -6.12 -77.04 2.99
CA PRO R 611 -7.39 -76.29 2.91
C PRO R 611 -7.44 -75.36 1.71
N ASN R 612 -8.55 -75.45 0.97
CA ASN R 612 -8.72 -74.70 -0.28
C ASN R 612 -9.42 -73.37 0.02
N ASP R 613 -8.70 -72.48 0.69
CA ASP R 613 -9.26 -71.20 1.13
C ASP R 613 -8.28 -70.07 0.83
N GLY R 614 -8.61 -68.88 1.34
CA GLY R 614 -7.87 -67.67 0.97
C GLY R 614 -6.46 -67.61 1.53
N ASN R 615 -6.20 -68.35 2.60
CA ASN R 615 -4.85 -68.40 3.17
C ASN R 615 -3.91 -69.19 2.28
N THR R 616 -4.41 -70.25 1.66
CA THR R 616 -3.59 -71.05 0.74
C THR R 616 -3.34 -70.31 -0.57
N TRP R 617 -4.34 -69.58 -1.08
CA TRP R 617 -4.23 -68.95 -2.39
C TRP R 617 -3.22 -67.80 -2.39
N VAL R 618 -3.00 -67.17 -1.24
CA VAL R 618 -2.01 -66.10 -1.14
C VAL R 618 -0.60 -66.66 -1.20
N ARG R 619 -0.37 -67.81 -0.55
CA ARG R 619 0.97 -68.37 -0.52
C ARG R 619 1.31 -69.11 -1.81
N VAL R 620 0.30 -69.66 -2.49
CA VAL R 620 0.54 -70.32 -3.78
C VAL R 620 0.92 -69.30 -4.84
N ARG R 621 0.25 -68.14 -4.83
CA ARG R 621 0.53 -67.09 -5.81
C ARG R 621 1.93 -66.50 -5.60
N ALA R 622 2.36 -66.36 -4.35
CA ALA R 622 3.64 -65.72 -4.07
C ALA R 622 4.81 -66.67 -4.35
N MET R 623 4.59 -67.98 -4.24
CA MET R 623 5.64 -68.94 -4.58
C MET R 623 5.94 -68.94 -6.08
N ILE R 624 4.91 -68.85 -6.91
CA ILE R 624 5.09 -68.87 -8.35
C ILE R 624 5.63 -67.53 -8.84
N GLU R 625 5.22 -66.44 -8.19
CA GLU R 625 5.64 -65.10 -8.60
C GLU R 625 7.11 -64.85 -8.27
N ASN R 626 7.60 -65.41 -7.17
CA ASN R 626 9.01 -65.23 -6.80
C ASN R 626 9.92 -65.99 -7.75
N PHE R 627 9.45 -67.11 -8.29
CA PHE R 627 10.24 -67.90 -9.23
C PHE R 627 10.34 -67.20 -10.59
N LEU R 628 9.25 -66.60 -11.06
CA LEU R 628 9.24 -65.99 -12.39
C LEU R 628 9.94 -64.65 -12.40
N ILE R 629 10.10 -64.01 -11.23
CA ILE R 629 10.83 -62.75 -11.12
C ILE R 629 12.33 -62.98 -11.34
N LEU R 630 12.83 -64.14 -10.91
CA LEU R 630 14.23 -64.50 -11.18
C LEU R 630 14.46 -64.79 -12.66
N GLN R 631 13.46 -65.34 -13.36
CA GLN R 631 13.62 -65.62 -14.78
C GLN R 631 13.60 -64.36 -15.61
N TRP R 632 12.82 -63.36 -15.18
CA TRP R 632 12.81 -62.06 -15.84
C TRP R 632 14.14 -61.32 -15.66
N ARG R 633 14.78 -61.46 -14.50
CA ARG R 633 16.02 -60.73 -14.25
C ARG R 633 17.20 -61.36 -14.97
N ALA R 634 17.13 -62.67 -15.24
CA ALA R 634 18.18 -63.34 -15.98
C ALA R 634 18.08 -63.13 -17.49
N GLY R 635 16.98 -62.59 -17.99
CA GLY R 635 16.82 -62.29 -19.39
C GLY R 635 15.95 -63.26 -20.19
N ALA R 636 15.25 -64.19 -19.53
CA ALA R 636 14.44 -65.15 -20.27
C ALA R 636 13.07 -64.57 -20.62
N LEU R 637 12.61 -63.56 -19.89
CA LEU R 637 11.33 -62.92 -20.15
C LEU R 637 11.56 -61.47 -20.53
N ALA R 638 10.89 -61.03 -21.60
CA ALA R 638 11.05 -59.68 -22.13
C ALA R 638 10.06 -58.74 -21.46
N GLY R 639 10.56 -57.59 -21.02
CA GLY R 639 9.71 -56.60 -20.41
C GLY R 639 10.52 -55.54 -19.69
N ALA R 640 9.98 -54.32 -19.68
CA ALA R 640 10.64 -53.23 -18.95
C ALA R 640 10.30 -53.28 -17.47
N LYS R 641 9.20 -53.94 -17.12
CA LYS R 641 8.74 -54.04 -15.74
C LYS R 641 8.12 -55.43 -15.55
N PRO R 642 8.00 -55.94 -14.31
CA PRO R 642 7.55 -57.33 -14.13
C PRO R 642 6.12 -57.63 -14.57
N GLU R 643 5.21 -56.65 -14.57
CA GLU R 643 3.84 -56.95 -14.96
C GLU R 643 3.68 -56.96 -16.48
N HIS R 644 4.72 -56.57 -17.21
CA HIS R 644 4.71 -56.75 -18.66
C HIS R 644 5.17 -58.15 -19.03
N ALA R 645 5.80 -58.86 -18.11
CA ALA R 645 6.43 -60.13 -18.46
C ALA R 645 5.55 -61.33 -18.13
N PHE R 646 4.75 -61.26 -17.06
CA PHE R 646 3.94 -62.40 -16.65
C PHE R 646 2.72 -61.95 -15.87
N TYR R 647 1.83 -62.90 -15.58
CA TYR R 647 0.74 -62.72 -14.62
C TYR R 647 0.43 -64.07 -13.98
N VAL R 648 -0.13 -64.03 -12.76
CA VAL R 648 -0.57 -65.20 -12.02
C VAL R 648 -1.92 -64.89 -11.39
N LYS R 649 -2.91 -65.77 -11.59
CA LYS R 649 -4.25 -65.60 -11.06
C LYS R 649 -4.73 -66.89 -10.39
N VAL R 650 -5.23 -66.79 -9.16
CA VAL R 650 -5.85 -67.92 -8.46
C VAL R 650 -6.80 -67.35 -7.40
N GLY R 651 -8.01 -67.91 -7.31
CA GLY R 651 -8.93 -67.52 -6.26
C GLY R 651 -10.37 -67.74 -6.65
N LEU R 652 -11.24 -67.62 -5.65
CA LEU R 652 -12.69 -67.70 -5.85
C LEU R 652 -13.19 -66.38 -6.45
N GLY R 653 -13.96 -66.48 -7.53
CA GLY R 653 -14.36 -65.31 -8.28
C GLY R 653 -13.34 -64.83 -9.30
N GLN R 654 -12.18 -65.47 -9.38
CA GLN R 654 -11.18 -65.17 -10.40
C GLN R 654 -10.93 -66.35 -11.32
N THR R 655 -10.67 -67.54 -10.77
CA THR R 655 -10.50 -68.74 -11.56
C THR R 655 -11.46 -69.86 -11.18
N MET R 656 -12.25 -69.71 -10.12
CA MET R 656 -13.01 -70.81 -9.53
C MET R 656 -14.42 -70.35 -9.18
N THR R 657 -15.36 -71.31 -9.18
CA THR R 657 -16.70 -71.11 -8.65
C THR R 657 -16.85 -71.83 -7.32
N ALA R 658 -18.00 -71.59 -6.67
CA ALA R 658 -18.27 -72.25 -5.40
C ALA R 658 -18.56 -73.74 -5.60
N GLN R 659 -19.13 -74.09 -6.76
CA GLN R 659 -19.31 -75.49 -7.10
C GLN R 659 -17.97 -76.19 -7.32
N ASP R 660 -16.95 -75.44 -7.76
CA ASP R 660 -15.61 -76.00 -7.93
C ASP R 660 -14.97 -76.36 -6.59
N ILE R 661 -15.27 -75.58 -5.54
CA ILE R 661 -14.69 -75.82 -4.22
C ILE R 661 -15.24 -77.11 -3.61
N LEU R 662 -16.55 -77.36 -3.80
CA LEU R 662 -17.16 -78.58 -3.25
C LEU R 662 -16.63 -79.83 -3.93
N GLU R 663 -16.25 -79.74 -5.21
CA GLU R 663 -15.67 -80.88 -5.91
C GLU R 663 -14.20 -81.10 -5.59
N GLY R 664 -13.52 -80.13 -4.98
CA GLY R 664 -12.12 -80.27 -4.66
C GLY R 664 -11.14 -79.78 -5.71
N ASN R 665 -11.52 -78.77 -6.51
CA ASN R 665 -10.68 -78.25 -7.58
C ASN R 665 -10.09 -76.91 -7.18
N MET R 666 -8.81 -76.70 -7.54
CA MET R 666 -8.14 -75.41 -7.43
C MET R 666 -7.46 -75.11 -8.76
N ASN R 667 -7.80 -73.97 -9.37
CA ASN R 667 -7.32 -73.59 -10.69
C ASN R 667 -6.33 -72.44 -10.59
N VAL R 668 -5.17 -72.60 -11.22
CA VAL R 668 -4.14 -71.56 -11.29
C VAL R 668 -3.85 -71.27 -12.77
N GLU R 669 -3.83 -69.99 -13.13
CA GLU R 669 -3.61 -69.55 -14.51
C GLU R 669 -2.33 -68.71 -14.60
N ILE R 670 -1.48 -69.05 -15.56
CA ILE R 670 -0.14 -68.46 -15.69
C ILE R 670 0.09 -68.10 -17.16
N GLY R 671 0.41 -66.84 -17.42
CA GLY R 671 0.76 -66.37 -18.76
C GLY R 671 2.17 -65.82 -18.88
N LEU R 672 2.89 -66.15 -19.95
CA LEU R 672 4.31 -65.85 -20.07
C LEU R 672 4.62 -65.13 -21.38
N ALA R 673 5.67 -64.32 -21.37
CA ALA R 673 6.18 -63.60 -22.54
C ALA R 673 7.67 -63.92 -22.70
N VAL R 674 7.97 -64.94 -23.50
CA VAL R 674 9.32 -65.50 -23.61
C VAL R 674 10.03 -64.85 -24.80
N VAL R 675 11.34 -64.61 -24.66
CA VAL R 675 12.12 -63.91 -25.68
C VAL R 675 12.36 -64.80 -26.91
N ARG R 676 12.19 -64.22 -28.09
CA ARG R 676 12.37 -64.89 -29.36
C ARG R 676 13.73 -64.54 -29.98
N PRO R 677 14.27 -65.41 -30.84
CA PRO R 677 15.52 -65.06 -31.52
C PRO R 677 15.33 -64.08 -32.66
N ALA R 678 16.44 -63.48 -33.08
CA ALA R 678 16.48 -62.56 -34.22
C ALA R 678 17.03 -63.31 -35.44
N GLU R 679 16.10 -63.84 -36.24
CA GLU R 679 16.46 -64.76 -37.31
C GLU R 679 16.81 -64.03 -38.61
N PHE R 680 16.09 -62.95 -38.92
CA PHE R 680 16.33 -62.16 -40.12
C PHE R 680 16.58 -60.70 -39.71
N ILE R 681 17.69 -60.14 -40.16
CA ILE R 681 18.06 -58.76 -39.86
C ILE R 681 18.06 -57.98 -41.16
N ILE R 682 17.24 -56.94 -41.23
CA ILE R 682 16.98 -56.20 -42.48
C ILE R 682 17.47 -54.77 -42.31
N LEU R 683 18.52 -54.41 -43.06
CA LEU R 683 19.07 -53.06 -43.05
C LEU R 683 18.47 -52.21 -44.16
N LYS R 684 17.88 -51.07 -43.81
CA LYS R 684 17.19 -50.20 -44.76
C LYS R 684 17.92 -48.86 -44.87
N PHE R 685 18.51 -48.61 -46.04
CA PHE R 685 19.34 -47.43 -46.29
C PHE R 685 18.58 -46.42 -47.13
N SER R 686 18.79 -45.13 -46.84
CA SER R 686 18.13 -44.05 -47.55
C SER R 686 18.95 -42.77 -47.45
N HIS R 687 18.70 -41.86 -48.39
CA HIS R 687 19.31 -40.53 -48.40
C HIS R 687 18.50 -39.57 -47.54
N LYS R 688 19.18 -38.66 -46.85
CA LYS R 688 18.51 -37.57 -46.15
C LYS R 688 19.03 -36.23 -46.65
N MET R 689 18.17 -35.21 -46.57
CA MET R 689 18.51 -33.89 -47.12
C MET R 689 19.56 -33.19 -46.26
N GLN R 690 20.42 -32.42 -46.91
CA GLN R 690 21.50 -31.69 -46.25
C GLN R 690 20.97 -30.52 -45.45
#